data_9FNA
#
_entry.id   9FNA
#
_cell.length_a   1.00
_cell.length_b   1.00
_cell.length_c   1.00
_cell.angle_alpha   90.00
_cell.angle_beta   90.00
_cell.angle_gamma   90.00
#
_symmetry.space_group_name_H-M   'P 1'
#
_entity_poly.entity_id   1
_entity_poly.type   'polypeptide(L)'
_entity_poly.pdbx_seq_one_letter_code
;MNNLYRDLAPITESAWAEIELEATRTFKRHIAGRRVVDVSGPNGPTTASVSTGHLLDVSPPGDGVIAHLRDAKPLVRLRV
PFTVARRDIDDVERGSQDSDWDPVKDAAKKLAFVEDRAIFEGYAAASIEGIRSSSSNPALALPDDAREIPDVIAQALSEL
RLAGVDGPYSVLLSAETYTKVSETTAHGYPIREHINRLVDGEIIWAPAIDGAFVLSTRGGDFDLQLGTDVSIGYLSHDAE
VVHLYMEETMTFLCYTAEASVALTPELWSHPQFEK
;
_entity_poly.pdbx_strand_id   A,AA,AB,B,BA,BB,C,CA,CB,D,DA,DB,E,EA,EB,F,FA,FB,G,GA,GB,H,HA,HB,I,IA,IB,J,JA,K,KA,L,LA,M,MA,N,NA,O,OA,P,PA,Q,QA,R,RA,S,SA,T,TA,UA,V,VA,W,WA,X,XA,Y,YA,Z,ZA
#
# COMPACT_ATOMS: atom_id res chain seq x y z
N ASN A 2 -1.26 -46.21 -77.96
CA ASN A 2 -0.08 -47.00 -78.29
C ASN A 2 -0.30 -47.80 -79.57
N ASN A 3 0.66 -48.66 -79.90
CA ASN A 3 0.60 -49.40 -81.15
C ASN A 3 -0.47 -50.48 -81.16
N LEU A 4 -1.07 -50.79 -80.00
CA LEU A 4 -2.13 -51.79 -79.96
C LEU A 4 -3.37 -51.30 -80.70
N TYR A 5 -3.65 -50.00 -80.61
CA TYR A 5 -4.82 -49.41 -81.26
C TYR A 5 -6.11 -50.04 -80.74
N ARG A 6 -6.20 -50.21 -79.42
CA ARG A 6 -7.40 -50.75 -78.81
C ARG A 6 -8.55 -49.75 -78.81
N ASP A 7 -8.25 -48.45 -78.71
CA ASP A 7 -9.29 -47.44 -78.69
C ASP A 7 -10.13 -47.45 -79.95
N LEU A 8 -9.61 -48.03 -81.05
CA LEU A 8 -10.33 -48.09 -82.31
C LEU A 8 -11.18 -49.34 -82.45
N ALA A 9 -11.11 -50.28 -81.50
CA ALA A 9 -11.83 -51.53 -81.64
C ALA A 9 -13.25 -51.36 -81.10
N PRO A 10 -14.25 -52.02 -81.72
CA PRO A 10 -15.63 -51.95 -81.22
C PRO A 10 -15.88 -52.93 -80.08
N ILE A 11 -15.18 -52.71 -78.96
CA ILE A 11 -15.25 -53.58 -77.79
C ILE A 11 -15.34 -52.71 -76.55
N THR A 12 -16.20 -53.13 -75.61
CA THR A 12 -16.41 -52.40 -74.38
C THR A 12 -15.36 -52.76 -73.33
N GLU A 13 -15.32 -51.96 -72.27
CA GLU A 13 -14.35 -52.19 -71.20
C GLU A 13 -14.59 -53.54 -70.54
N SER A 14 -15.85 -53.91 -70.30
CA SER A 14 -16.15 -55.18 -69.65
C SER A 14 -15.69 -56.36 -70.51
N ALA A 15 -15.96 -56.31 -71.81
CA ALA A 15 -15.52 -57.40 -72.68
C ALA A 15 -14.00 -57.45 -72.78
N TRP A 16 -13.35 -56.28 -72.81
CA TRP A 16 -11.89 -56.26 -72.78
C TRP A 16 -11.38 -56.94 -71.53
N ALA A 17 -11.97 -56.63 -70.37
CA ALA A 17 -11.54 -57.25 -69.12
C ALA A 17 -11.75 -58.76 -69.16
N GLU A 18 -12.90 -59.20 -69.67
CA GLU A 18 -13.15 -60.64 -69.75
C GLU A 18 -12.11 -61.33 -70.63
N ILE A 19 -11.82 -60.75 -71.79
CA ILE A 19 -10.85 -61.36 -72.70
C ILE A 19 -9.47 -61.41 -72.05
N GLU A 20 -9.06 -60.31 -71.43
CA GLU A 20 -7.75 -60.29 -70.78
C GLU A 20 -7.67 -61.34 -69.68
N LEU A 21 -8.71 -61.44 -68.86
CA LEU A 21 -8.71 -62.42 -67.77
C LEU A 21 -8.63 -63.84 -68.32
N GLU A 22 -9.42 -64.13 -69.34
CA GLU A 22 -9.43 -65.48 -69.91
C GLU A 22 -8.09 -65.83 -70.52
N ALA A 23 -7.46 -64.91 -71.23
CA ALA A 23 -6.16 -65.19 -71.82
C ALA A 23 -5.08 -65.37 -70.75
N THR A 24 -5.09 -64.50 -69.74
CA THR A 24 -4.09 -64.60 -68.67
C THR A 24 -4.20 -65.93 -67.95
N ARG A 25 -5.43 -66.35 -67.61
CA ARG A 25 -5.61 -67.61 -66.90
C ARG A 25 -5.05 -68.78 -67.70
N THR A 26 -5.41 -68.86 -68.98
CA THR A 26 -4.99 -69.99 -69.80
C THR A 26 -3.48 -70.00 -70.00
N PHE A 27 -2.89 -68.82 -70.26
CA PHE A 27 -1.44 -68.77 -70.45
C PHE A 27 -0.71 -69.18 -69.18
N LYS A 28 -1.14 -68.67 -68.03
CA LYS A 28 -0.50 -69.03 -66.77
C LYS A 28 -0.69 -70.50 -66.46
N ARG A 29 -1.78 -71.09 -66.95
CA ARG A 29 -1.96 -72.54 -66.82
C ARG A 29 -0.95 -73.29 -67.66
N HIS A 30 -0.82 -72.92 -68.94
CA HIS A 30 -0.07 -73.72 -69.90
C HIS A 30 1.41 -73.39 -69.94
N ILE A 31 1.88 -72.40 -69.20
CA ILE A 31 3.27 -71.98 -69.23
C ILE A 31 4.02 -72.66 -68.09
N ALA A 32 5.27 -73.08 -68.37
CA ALA A 32 6.08 -73.80 -67.40
C ALA A 32 7.47 -73.22 -67.21
N GLY A 33 8.13 -72.73 -68.27
CA GLY A 33 9.50 -72.27 -68.14
C GLY A 33 9.63 -71.11 -67.18
N ARG A 34 8.63 -70.23 -67.15
CA ARG A 34 8.66 -69.05 -66.27
C ARG A 34 8.74 -69.43 -64.80
N ARG A 35 8.39 -70.66 -64.45
CA ARG A 35 8.44 -71.12 -63.07
C ARG A 35 9.80 -71.66 -62.67
N VAL A 36 10.71 -71.87 -63.62
CA VAL A 36 12.01 -72.46 -63.31
C VAL A 36 13.15 -71.66 -63.94
N VAL A 37 12.83 -70.53 -64.58
CA VAL A 37 13.85 -69.69 -65.20
C VAL A 37 13.71 -68.27 -64.68
N ASP A 38 14.86 -67.62 -64.44
CA ASP A 38 14.85 -66.22 -64.08
C ASP A 38 14.30 -65.38 -65.23
N VAL A 39 13.52 -64.37 -64.89
CA VAL A 39 12.85 -63.52 -65.88
C VAL A 39 13.36 -62.10 -65.69
N SER A 40 13.93 -61.54 -66.75
CA SER A 40 14.32 -60.14 -66.78
C SER A 40 13.12 -59.32 -67.25
N GLY A 41 12.53 -58.55 -66.33
CA GLY A 41 11.30 -57.84 -66.59
C GLY A 41 11.37 -57.02 -67.87
N PRO A 42 10.21 -56.61 -68.37
CA PRO A 42 10.18 -55.84 -69.63
C PRO A 42 11.06 -54.60 -69.53
N ASN A 43 11.91 -54.43 -70.54
CA ASN A 43 12.80 -53.28 -70.62
C ASN A 43 12.29 -52.21 -71.56
N GLY A 44 11.12 -52.40 -72.16
CA GLY A 44 10.50 -51.39 -73.00
C GLY A 44 10.53 -51.76 -74.47
N PRO A 45 9.67 -51.12 -75.27
CA PRO A 45 9.66 -51.40 -76.70
C PRO A 45 10.95 -51.02 -77.42
N THR A 46 11.76 -50.14 -76.83
CA THR A 46 13.02 -49.73 -77.44
C THR A 46 14.08 -50.82 -77.37
N THR A 47 13.88 -51.84 -76.54
CA THR A 47 14.87 -52.90 -76.39
C THR A 47 14.81 -53.85 -77.58
N ALA A 48 15.98 -54.13 -78.17
CA ALA A 48 16.07 -54.96 -79.36
C ALA A 48 17.06 -56.11 -79.24
N SER A 49 18.02 -56.04 -78.34
CA SER A 49 19.04 -57.08 -78.25
C SER A 49 19.59 -57.12 -76.83
N VAL A 50 20.27 -58.22 -76.52
CA VAL A 50 20.89 -58.43 -75.22
C VAL A 50 22.38 -58.66 -75.43
N SER A 51 23.21 -57.83 -74.81
CA SER A 51 24.65 -57.95 -74.93
C SER A 51 25.12 -59.22 -74.25
N THR A 52 26.14 -59.88 -74.82
CA THR A 52 26.74 -61.05 -74.19
C THR A 52 28.09 -60.74 -73.56
N GLY A 53 28.67 -59.58 -73.85
CA GLY A 53 29.97 -59.23 -73.32
C GLY A 53 31.14 -59.87 -74.04
N HIS A 54 30.89 -60.62 -75.10
CA HIS A 54 31.92 -61.25 -75.89
C HIS A 54 32.31 -60.37 -77.08
N LEU A 55 33.44 -60.70 -77.69
CA LEU A 55 33.96 -59.96 -78.83
C LEU A 55 34.16 -60.92 -80.01
N LEU A 56 34.01 -60.38 -81.21
CA LEU A 56 34.19 -61.13 -82.44
C LEU A 56 35.24 -60.44 -83.31
N ASP A 57 36.11 -61.24 -83.91
CA ASP A 57 37.16 -60.71 -84.76
C ASP A 57 36.59 -60.17 -86.06
N VAL A 58 37.20 -59.10 -86.57
CA VAL A 58 36.73 -58.42 -87.76
C VAL A 58 37.90 -57.74 -88.46
N SER A 59 37.79 -57.60 -89.77
CA SER A 59 38.85 -56.99 -90.56
C SER A 59 39.09 -55.55 -90.12
N PRO A 60 40.34 -55.12 -89.96
CA PRO A 60 40.58 -53.77 -89.44
C PRO A 60 40.30 -52.72 -90.52
N PRO A 61 39.95 -51.49 -90.12
CA PRO A 61 39.87 -50.42 -91.11
C PRO A 61 41.19 -50.15 -91.82
N GLY A 62 42.31 -50.29 -91.12
CA GLY A 62 43.59 -49.95 -91.70
C GLY A 62 44.74 -50.51 -90.89
N ASP A 63 45.94 -50.06 -91.23
CA ASP A 63 47.14 -50.57 -90.60
C ASP A 63 47.27 -50.09 -89.17
N GLY A 64 47.81 -50.95 -88.31
CA GLY A 64 48.04 -50.58 -86.92
C GLY A 64 46.79 -50.49 -86.08
N VAL A 65 45.68 -51.06 -86.54
CA VAL A 65 44.40 -50.97 -85.85
C VAL A 65 43.87 -52.38 -85.64
N ILE A 66 43.42 -52.65 -84.41
CA ILE A 66 42.80 -53.93 -84.06
C ILE A 66 41.32 -53.68 -83.84
N ALA A 67 40.48 -54.44 -84.53
CA ALA A 67 39.04 -54.23 -84.53
C ALA A 67 38.33 -55.47 -84.01
N HIS A 68 37.31 -55.26 -83.18
CA HIS A 68 36.48 -56.33 -82.65
C HIS A 68 35.03 -55.86 -82.61
N LEU A 69 34.10 -56.79 -82.84
CA LEU A 69 32.68 -56.49 -82.80
C LEU A 69 32.05 -57.03 -81.53
N ARG A 70 31.22 -56.22 -80.90
CA ARG A 70 30.48 -56.63 -79.72
C ARG A 70 29.37 -57.60 -80.11
N ASP A 71 29.13 -58.59 -79.26
CA ASP A 71 28.20 -59.67 -79.57
C ASP A 71 26.89 -59.49 -78.80
N ALA A 72 25.79 -59.61 -79.53
CA ALA A 72 24.47 -59.42 -78.95
C ALA A 72 23.52 -60.48 -79.52
N LYS A 73 22.50 -60.79 -78.71
CA LYS A 73 21.47 -61.74 -79.09
C LYS A 73 20.20 -60.96 -79.43
N PRO A 74 19.67 -61.07 -80.64
CA PRO A 74 18.46 -60.31 -81.00
C PRO A 74 17.23 -60.88 -80.33
N LEU A 75 16.22 -60.03 -80.20
CA LEU A 75 14.92 -60.40 -79.66
C LEU A 75 13.96 -60.70 -80.80
N VAL A 76 13.07 -61.67 -80.58
CA VAL A 76 12.12 -62.11 -81.59
C VAL A 76 10.72 -61.81 -81.08
N ARG A 77 9.86 -61.32 -81.97
CA ARG A 77 8.48 -60.98 -81.67
C ARG A 77 7.58 -62.08 -82.19
N LEU A 78 6.74 -62.63 -81.32
CA LEU A 78 5.79 -63.69 -81.67
C LEU A 78 4.40 -63.08 -81.60
N ARG A 79 3.65 -63.24 -82.69
CA ARG A 79 2.30 -62.71 -82.82
C ARG A 79 1.37 -63.83 -83.28
N VAL A 80 0.30 -64.06 -82.51
CA VAL A 80 -0.69 -65.08 -82.84
C VAL A 80 -2.03 -64.40 -83.06
N PRO A 81 -2.59 -64.44 -84.26
CA PRO A 81 -3.88 -63.79 -84.50
C PRO A 81 -5.06 -64.71 -84.20
N PHE A 82 -6.18 -64.07 -83.86
CA PHE A 82 -7.43 -64.78 -83.63
C PHE A 82 -8.60 -63.84 -83.92
N THR A 83 -9.80 -64.42 -83.99
CA THR A 83 -11.00 -63.70 -84.38
C THR A 83 -12.07 -63.87 -83.31
N VAL A 84 -12.82 -62.81 -83.06
CA VAL A 84 -13.86 -62.80 -82.04
C VAL A 84 -15.16 -62.28 -82.65
N ALA A 85 -16.28 -62.71 -82.08
CA ALA A 85 -17.60 -62.37 -82.59
C ALA A 85 -18.21 -61.17 -81.87
N ARG A 86 -18.67 -60.21 -82.66
CA ARG A 86 -19.27 -59.00 -82.12
C ARG A 86 -20.54 -59.28 -81.33
N ARG A 87 -21.25 -60.36 -81.64
CA ARG A 87 -22.42 -60.72 -80.85
C ARG A 87 -22.04 -61.14 -79.43
N ASP A 88 -21.01 -61.99 -79.29
CA ASP A 88 -20.51 -62.34 -77.97
C ASP A 88 -19.95 -61.12 -77.26
N ILE A 89 -19.31 -60.21 -78.00
CA ILE A 89 -18.84 -58.97 -77.38
C ILE A 89 -20.01 -58.16 -76.83
N ASP A 90 -21.06 -58.00 -77.63
CA ASP A 90 -22.17 -57.13 -77.24
C ASP A 90 -22.97 -57.73 -76.09
N ASP A 91 -23.08 -59.06 -76.04
CA ASP A 91 -23.89 -59.68 -74.99
C ASP A 91 -23.38 -59.37 -73.59
N VAL A 92 -22.10 -59.02 -73.45
CA VAL A 92 -21.53 -58.82 -72.12
C VAL A 92 -22.23 -57.66 -71.41
N GLU A 93 -22.43 -56.54 -72.11
CA GLU A 93 -23.06 -55.39 -71.48
C GLU A 93 -24.51 -55.66 -71.10
N ARG A 94 -25.10 -56.73 -71.63
CA ARG A 94 -26.43 -57.19 -71.24
C ARG A 94 -26.41 -58.12 -70.04
N GLY A 95 -25.31 -58.13 -69.28
CA GLY A 95 -25.19 -59.03 -68.15
C GLY A 95 -25.08 -60.49 -68.55
N SER A 96 -24.53 -60.78 -69.72
CA SER A 96 -24.27 -62.15 -70.13
C SER A 96 -22.89 -62.57 -69.65
N GLN A 97 -22.82 -63.77 -69.09
CA GLN A 97 -21.57 -64.33 -68.59
C GLN A 97 -21.37 -65.79 -69.00
N ASP A 98 -21.78 -66.16 -70.20
CA ASP A 98 -21.42 -67.43 -70.82
C ASP A 98 -20.83 -67.23 -72.20
N SER A 99 -20.25 -66.07 -72.48
CA SER A 99 -19.75 -65.75 -73.81
C SER A 99 -18.59 -66.67 -74.19
N ASP A 100 -18.46 -66.91 -75.50
CA ASP A 100 -17.46 -67.83 -76.03
C ASP A 100 -16.13 -67.09 -76.22
N TRP A 101 -15.08 -67.59 -75.57
CA TRP A 101 -13.74 -67.05 -75.69
C TRP A 101 -12.75 -68.15 -76.08
N ASP A 102 -13.26 -69.18 -76.74
CA ASP A 102 -12.41 -70.31 -77.15
C ASP A 102 -11.28 -69.88 -78.07
N PRO A 103 -11.48 -69.02 -79.07
CA PRO A 103 -10.32 -68.56 -79.86
C PRO A 103 -9.27 -67.87 -79.00
N VAL A 104 -9.69 -67.10 -78.00
CA VAL A 104 -8.75 -66.47 -77.09
C VAL A 104 -7.93 -67.54 -76.37
N LYS A 105 -8.61 -68.56 -75.85
CA LYS A 105 -7.90 -69.61 -75.12
C LYS A 105 -6.94 -70.36 -76.04
N ASP A 106 -7.36 -70.65 -77.27
CA ASP A 106 -6.50 -71.35 -78.21
C ASP A 106 -5.26 -70.53 -78.55
N ALA A 107 -5.43 -69.23 -78.79
CA ALA A 107 -4.28 -68.38 -79.10
C ALA A 107 -3.33 -68.32 -77.91
N ALA A 108 -3.86 -68.21 -76.70
CA ALA A 108 -3.00 -68.20 -75.52
C ALA A 108 -2.22 -69.51 -75.41
N LYS A 109 -2.90 -70.64 -75.65
CA LYS A 109 -2.22 -71.93 -75.60
C LYS A 109 -1.10 -71.98 -76.64
N LYS A 110 -1.38 -71.50 -77.86
CA LYS A 110 -0.39 -71.52 -78.93
C LYS A 110 0.84 -70.69 -78.54
N LEU A 111 0.61 -69.49 -78.00
CA LEU A 111 1.73 -68.63 -77.62
C LEU A 111 2.55 -69.27 -76.50
N ALA A 112 1.87 -69.83 -75.50
CA ALA A 112 2.60 -70.49 -74.42
C ALA A 112 3.43 -71.66 -74.96
N PHE A 113 2.85 -72.42 -75.89
CA PHE A 113 3.57 -73.58 -76.42
C PHE A 113 4.80 -73.15 -77.19
N VAL A 114 4.67 -72.12 -78.03
CA VAL A 114 5.84 -71.67 -78.78
C VAL A 114 6.91 -71.14 -77.83
N GLU A 115 6.52 -70.39 -76.80
CA GLU A 115 7.51 -69.86 -75.86
C GLU A 115 8.24 -71.01 -75.15
N ASP A 116 7.48 -71.99 -74.64
CA ASP A 116 8.11 -73.07 -73.90
C ASP A 116 8.97 -73.94 -74.81
N ARG A 117 8.53 -74.15 -76.05
CA ARG A 117 9.32 -74.94 -76.99
C ARG A 117 10.60 -74.22 -77.40
N ALA A 118 10.57 -72.90 -77.55
CA ALA A 118 11.80 -72.16 -77.78
C ALA A 118 12.74 -72.24 -76.58
N ILE A 119 12.18 -72.18 -75.36
CA ILE A 119 13.02 -72.26 -74.17
C ILE A 119 13.69 -73.62 -74.07
N PHE A 120 12.93 -74.69 -74.28
CA PHE A 120 13.40 -76.04 -73.95
C PHE A 120 13.95 -76.82 -75.13
N GLU A 121 13.75 -76.36 -76.36
CA GLU A 121 14.14 -77.11 -77.55
C GLU A 121 14.94 -76.29 -78.55
N GLY A 122 14.72 -74.98 -78.60
CA GLY A 122 15.50 -74.10 -79.46
C GLY A 122 14.69 -73.61 -80.65
N TYR A 123 14.93 -72.34 -81.02
CA TYR A 123 14.35 -71.72 -82.20
C TYR A 123 15.53 -71.12 -82.97
N ALA A 124 16.06 -71.91 -83.92
CA ALA A 124 17.35 -71.59 -84.51
C ALA A 124 17.34 -70.24 -85.23
N ALA A 125 16.30 -69.97 -86.02
CA ALA A 125 16.27 -68.75 -86.81
C ALA A 125 16.37 -67.52 -85.92
N ALA A 126 15.93 -67.61 -84.68
CA ALA A 126 16.09 -66.54 -83.70
C ALA A 126 17.40 -66.65 -82.92
N SER A 127 18.30 -67.54 -83.34
CA SER A 127 19.58 -67.75 -82.67
C SER A 127 19.38 -68.23 -81.23
N ILE A 128 18.27 -68.92 -80.96
CA ILE A 128 17.96 -69.40 -79.63
C ILE A 128 18.37 -70.87 -79.56
N GLU A 129 19.39 -71.15 -78.75
CA GLU A 129 19.79 -72.52 -78.46
C GLU A 129 19.11 -72.98 -77.20
N GLY A 130 18.39 -74.09 -77.28
CA GLY A 130 17.58 -74.56 -76.18
C GLY A 130 18.39 -75.24 -75.09
N ILE A 131 17.72 -75.48 -73.97
CA ILE A 131 18.34 -76.17 -72.85
C ILE A 131 18.79 -77.56 -73.25
N ARG A 132 18.01 -78.27 -74.06
CA ARG A 132 18.37 -79.61 -74.48
C ARG A 132 19.72 -79.64 -75.20
N SER A 133 19.92 -78.75 -76.17
CA SER A 133 21.18 -78.71 -76.90
C SER A 133 22.31 -78.16 -76.04
N SER A 134 22.04 -77.09 -75.29
CA SER A 134 23.09 -76.45 -74.50
C SER A 134 23.53 -77.32 -73.32
N SER A 135 22.74 -78.32 -72.94
CA SER A 135 23.11 -79.16 -71.81
C SER A 135 24.37 -79.96 -72.12
N SER A 136 25.27 -80.02 -71.14
CA SER A 136 26.50 -80.77 -71.26
C SER A 136 26.42 -82.16 -70.66
N ASN A 137 25.60 -82.35 -69.63
CA ASN A 137 25.45 -83.67 -69.03
C ASN A 137 24.81 -84.62 -70.03
N PRO A 138 25.17 -85.90 -70.02
CA PRO A 138 24.63 -86.82 -71.02
C PRO A 138 23.12 -86.95 -70.91
N ALA A 139 22.47 -87.09 -72.07
CA ALA A 139 21.04 -87.25 -72.12
C ALA A 139 20.63 -88.69 -71.86
N LEU A 140 19.44 -88.86 -71.30
CA LEU A 140 18.91 -90.18 -70.99
C LEU A 140 17.68 -90.47 -71.84
N ALA A 141 17.19 -91.70 -71.74
CA ALA A 141 16.02 -92.16 -72.48
C ALA A 141 14.90 -92.49 -71.51
N LEU A 142 13.71 -91.96 -71.79
CA LEU A 142 12.56 -92.20 -70.94
C LEU A 142 12.01 -93.60 -71.25
N PRO A 143 11.94 -94.51 -70.27
CA PRO A 143 11.45 -95.85 -70.59
C PRO A 143 10.00 -95.83 -71.05
N ASP A 144 9.67 -96.77 -71.94
CA ASP A 144 8.31 -96.88 -72.43
C ASP A 144 7.34 -97.15 -71.28
N ASP A 145 7.73 -98.02 -70.35
CA ASP A 145 6.92 -98.29 -69.17
C ASP A 145 7.02 -97.14 -68.18
N ALA A 146 5.98 -96.98 -67.37
CA ALA A 146 5.96 -95.90 -66.39
C ALA A 146 6.61 -96.28 -65.07
N ARG A 147 6.95 -97.55 -64.86
CA ARG A 147 7.44 -97.99 -63.56
C ARG A 147 8.93 -97.70 -63.38
N GLU A 148 9.67 -97.56 -64.48
CA GLU A 148 11.11 -97.36 -64.44
C GLU A 148 11.52 -95.89 -64.51
N ILE A 149 10.56 -94.97 -64.67
CA ILE A 149 10.90 -93.56 -64.78
C ILE A 149 11.63 -93.05 -63.55
N PRO A 150 11.21 -93.37 -62.32
CA PRO A 150 11.94 -92.85 -61.15
C PRO A 150 13.40 -93.24 -61.11
N ASP A 151 13.75 -94.43 -61.60
CA ASP A 151 15.15 -94.82 -61.65
C ASP A 151 15.95 -93.90 -62.56
N VAL A 152 15.39 -93.56 -63.72
CA VAL A 152 16.08 -92.67 -64.65
C VAL A 152 16.20 -91.27 -64.05
N ILE A 153 15.16 -90.82 -63.32
CA ILE A 153 15.24 -89.52 -62.67
C ILE A 153 16.33 -89.52 -61.60
N ALA A 154 16.44 -90.62 -60.85
CA ALA A 154 17.51 -90.71 -59.86
C ALA A 154 18.88 -90.70 -60.53
N GLN A 155 19.01 -91.36 -61.68
CA GLN A 155 20.25 -91.31 -62.44
C GLN A 155 20.58 -89.88 -62.88
N ALA A 156 19.58 -89.14 -63.35
CA ALA A 156 19.81 -87.76 -63.78
C ALA A 156 20.21 -86.88 -62.61
N LEU A 157 19.56 -87.05 -61.46
CA LEU A 157 19.97 -86.34 -60.28
C LEU A 157 21.40 -86.68 -59.92
N SER A 158 21.77 -87.96 -60.02
CA SER A 158 23.15 -88.36 -59.77
C SER A 158 24.10 -87.66 -60.71
N GLU A 159 23.71 -87.49 -61.98
CA GLU A 159 24.61 -86.83 -62.93
C GLU A 159 24.81 -85.35 -62.58
N LEU A 160 23.71 -84.60 -62.44
CA LEU A 160 23.80 -83.20 -62.01
C LEU A 160 24.65 -83.08 -60.76
N ARG A 161 24.34 -83.93 -59.79
CA ARG A 161 24.82 -83.80 -58.43
C ARG A 161 26.23 -84.36 -58.29
N LEU A 162 26.65 -85.16 -59.27
CA LEU A 162 28.07 -85.38 -59.51
C LEU A 162 28.72 -84.13 -60.06
N ALA A 163 28.11 -83.53 -61.08
CA ALA A 163 28.72 -82.39 -61.77
C ALA A 163 28.94 -81.22 -60.82
N GLY A 164 28.21 -81.17 -59.73
CA GLY A 164 28.50 -80.21 -58.68
C GLY A 164 27.50 -79.08 -58.54
N VAL A 165 26.33 -79.21 -59.12
CA VAL A 165 25.31 -78.18 -59.02
C VAL A 165 24.47 -78.40 -57.78
N ASP A 166 24.02 -77.30 -57.18
CA ASP A 166 23.24 -77.35 -55.95
C ASP A 166 21.92 -76.59 -56.10
N GLY A 167 21.20 -76.42 -55.00
CA GLY A 167 19.92 -75.75 -55.01
C GLY A 167 18.79 -76.71 -55.29
N PRO A 168 17.56 -76.27 -55.06
CA PRO A 168 16.41 -77.16 -55.25
C PRO A 168 16.36 -77.69 -56.68
N TYR A 169 16.01 -78.95 -56.81
CA TYR A 169 15.89 -79.60 -58.11
C TYR A 169 14.42 -79.76 -58.49
N SER A 170 14.16 -79.73 -59.78
CA SER A 170 12.79 -79.73 -60.28
C SER A 170 12.70 -80.59 -61.53
N VAL A 171 11.56 -81.24 -61.69
CA VAL A 171 11.29 -82.14 -62.81
C VAL A 171 10.14 -81.55 -63.61
N LEU A 172 10.39 -81.31 -64.89
CA LEU A 172 9.36 -80.86 -65.83
C LEU A 172 9.03 -82.04 -66.74
N LEU A 173 7.76 -82.43 -66.74
CA LEU A 173 7.32 -83.60 -67.48
C LEU A 173 6.41 -83.20 -68.64
N SER A 174 6.46 -83.99 -69.71
CA SER A 174 5.66 -83.73 -70.90
C SER A 174 4.19 -84.05 -70.59
N ALA A 175 3.31 -83.69 -71.52
CA ALA A 175 1.90 -84.03 -71.35
C ALA A 175 1.72 -85.55 -71.37
N GLU A 176 2.33 -86.23 -72.33
CA GLU A 176 2.14 -87.67 -72.46
C GLU A 176 2.76 -88.41 -71.29
N THR A 177 3.92 -87.95 -70.82
CA THR A 177 4.57 -88.59 -69.68
C THR A 177 3.83 -88.31 -68.38
N TYR A 178 3.35 -87.08 -68.19
CA TYR A 178 2.61 -86.75 -66.99
C TYR A 178 1.29 -87.52 -66.92
N THR A 179 0.59 -87.63 -68.05
CA THR A 179 -0.61 -88.47 -68.10
C THR A 179 -0.28 -89.90 -67.70
N LYS A 180 0.85 -90.42 -68.19
CA LYS A 180 1.23 -91.79 -67.88
C LYS A 180 1.48 -91.97 -66.39
N VAL A 181 2.33 -91.11 -65.81
CA VAL A 181 2.68 -91.26 -64.40
C VAL A 181 1.47 -91.00 -63.52
N SER A 182 0.51 -90.19 -63.99
CA SER A 182 -0.67 -89.91 -63.20
C SER A 182 -1.64 -91.09 -63.22
N GLU A 183 -1.98 -91.57 -64.41
CA GLU A 183 -2.92 -92.70 -64.51
C GLU A 183 -2.34 -93.95 -63.87
N THR A 184 -1.06 -94.23 -64.13
CA THR A 184 -0.42 -95.40 -63.56
C THR A 184 -0.30 -95.26 -62.05
N THR A 185 -0.43 -96.38 -61.34
CA THR A 185 -0.41 -96.40 -59.89
C THR A 185 0.40 -97.58 -59.39
N ALA A 186 0.86 -97.47 -58.15
CA ALA A 186 1.63 -98.54 -57.52
C ALA A 186 1.47 -98.44 -56.02
N HIS A 187 1.14 -99.57 -55.38
CA HIS A 187 0.98 -99.63 -53.92
C HIS A 187 0.00 -98.58 -53.42
N GLY A 188 -0.98 -98.22 -54.26
CA GLY A 188 -1.97 -97.25 -53.87
C GLY A 188 -1.53 -95.81 -53.97
N TYR A 189 -0.43 -95.53 -54.67
CA TYR A 189 -0.03 -94.15 -54.96
C TYR A 189 0.37 -94.03 -56.43
N PRO A 190 0.12 -92.89 -57.06
CA PRO A 190 0.57 -92.70 -58.44
C PRO A 190 2.08 -92.69 -58.58
N ILE A 191 2.53 -93.09 -59.77
CA ILE A 191 3.94 -93.04 -60.11
C ILE A 191 4.42 -91.60 -60.05
N ARG A 192 3.53 -90.62 -60.25
CA ARG A 192 3.91 -89.23 -60.10
C ARG A 192 4.29 -88.90 -58.67
N GLU A 193 3.52 -89.39 -57.69
CA GLU A 193 3.92 -89.20 -56.30
C GLU A 193 5.23 -89.94 -56.02
N HIS A 194 5.38 -91.14 -56.57
CA HIS A 194 6.66 -91.83 -56.48
C HIS A 194 7.81 -90.92 -56.93
N ILE A 195 7.64 -90.25 -58.06
CA ILE A 195 8.67 -89.34 -58.55
C ILE A 195 8.87 -88.18 -57.58
N ASN A 196 7.76 -87.56 -57.15
CA ASN A 196 7.84 -86.39 -56.28
C ASN A 196 8.64 -86.70 -55.02
N ARG A 197 8.55 -87.92 -54.53
CA ARG A 197 9.23 -88.28 -53.27
C ARG A 197 10.72 -87.98 -53.31
N LEU A 198 11.34 -88.00 -54.49
CA LEU A 198 12.79 -87.88 -54.59
C LEU A 198 13.28 -86.44 -54.51
N VAL A 199 12.67 -85.55 -55.29
CA VAL A 199 13.18 -84.19 -55.43
C VAL A 199 12.77 -83.34 -54.25
N ASP A 200 13.46 -82.21 -54.09
CA ASP A 200 13.15 -81.22 -53.06
C ASP A 200 12.25 -80.12 -53.58
N GLY A 201 12.19 -79.89 -54.88
CA GLY A 201 11.40 -78.82 -55.45
C GLY A 201 9.98 -79.22 -55.79
N GLU A 202 9.62 -79.09 -57.06
CA GLU A 202 8.24 -79.32 -57.49
C GLU A 202 8.23 -80.16 -58.77
N ILE A 203 7.09 -80.75 -59.05
CA ILE A 203 6.81 -81.42 -60.32
C ILE A 203 6.00 -80.48 -61.18
N ILE A 204 6.40 -80.27 -62.43
CA ILE A 204 5.82 -79.25 -63.30
C ILE A 204 5.31 -79.88 -64.60
N TRP A 205 4.16 -79.40 -65.05
CA TRP A 205 3.60 -79.71 -66.37
C TRP A 205 4.37 -78.97 -67.44
N ALA A 206 4.79 -79.69 -68.48
CA ALA A 206 5.42 -79.07 -69.63
C ALA A 206 4.83 -79.64 -70.91
N PRO A 207 3.61 -79.27 -71.30
CA PRO A 207 2.99 -79.92 -72.46
C PRO A 207 3.72 -79.62 -73.74
N ALA A 208 4.26 -78.41 -73.87
CA ALA A 208 4.93 -77.99 -75.09
C ALA A 208 6.18 -78.81 -75.35
N ILE A 209 6.92 -79.17 -74.30
CA ILE A 209 8.18 -79.89 -74.47
C ILE A 209 7.86 -81.36 -74.74
N ASP A 210 8.86 -82.10 -75.20
CA ASP A 210 8.74 -83.52 -75.49
C ASP A 210 9.80 -84.26 -74.69
N GLY A 211 9.37 -85.13 -73.78
CA GLY A 211 10.29 -85.89 -72.95
C GLY A 211 10.19 -85.52 -71.49
N ALA A 212 11.33 -85.23 -70.87
CA ALA A 212 11.36 -84.81 -69.47
C ALA A 212 12.66 -84.05 -69.23
N PHE A 213 12.68 -83.27 -68.15
CA PHE A 213 13.86 -82.46 -67.83
C PHE A 213 14.02 -82.40 -66.32
N VAL A 214 15.24 -82.63 -65.85
CA VAL A 214 15.56 -82.46 -64.43
C VAL A 214 16.59 -81.35 -64.32
N LEU A 215 16.28 -80.28 -63.60
CA LEU A 215 17.17 -79.12 -63.59
C LEU A 215 17.21 -78.47 -62.22
N SER A 216 18.27 -77.70 -61.99
CA SER A 216 18.43 -76.97 -60.75
C SER A 216 17.77 -75.60 -60.85
N THR A 217 17.35 -75.08 -59.69
CA THR A 217 16.71 -73.77 -59.60
C THR A 217 17.43 -72.86 -58.61
N ARG A 218 18.73 -73.07 -58.42
CA ARG A 218 19.50 -72.17 -57.57
C ARG A 218 19.46 -70.74 -58.09
N GLY A 219 19.54 -70.57 -59.41
CA GLY A 219 19.50 -69.26 -60.02
C GLY A 219 20.77 -68.91 -60.76
N GLY A 220 20.66 -68.05 -61.76
CA GLY A 220 21.81 -67.61 -62.52
C GLY A 220 22.22 -68.50 -63.66
N ASP A 221 21.41 -69.50 -64.01
CA ASP A 221 21.74 -70.41 -65.10
C ASP A 221 20.85 -70.26 -66.34
N PHE A 222 19.63 -69.77 -66.18
CA PHE A 222 18.72 -69.56 -67.31
C PHE A 222 18.14 -68.17 -67.20
N ASP A 223 18.02 -67.48 -68.33
CA ASP A 223 17.52 -66.11 -68.37
C ASP A 223 16.53 -65.97 -69.54
N LEU A 224 15.28 -65.64 -69.21
CA LEU A 224 14.27 -65.31 -70.22
C LEU A 224 14.17 -63.80 -70.29
N GLN A 225 14.70 -63.22 -71.36
CA GLN A 225 14.69 -61.78 -71.53
C GLN A 225 13.43 -61.36 -72.30
N LEU A 226 12.68 -60.43 -71.73
CA LEU A 226 11.46 -59.91 -72.34
C LEU A 226 11.64 -58.43 -72.64
N GLY A 227 11.28 -58.03 -73.86
CA GLY A 227 11.20 -56.62 -74.19
C GLY A 227 9.86 -56.07 -73.78
N THR A 228 8.80 -56.75 -74.21
CA THR A 228 7.44 -56.45 -73.79
C THR A 228 6.74 -57.76 -73.46
N ASP A 229 5.95 -57.75 -72.38
CA ASP A 229 5.25 -58.95 -71.94
C ASP A 229 4.08 -59.22 -72.89
N VAL A 230 3.27 -60.24 -72.55
CA VAL A 230 2.16 -60.62 -73.40
C VAL A 230 1.17 -59.46 -73.47
N SER A 231 0.73 -59.13 -74.69
CA SER A 231 -0.22 -58.04 -74.90
C SER A 231 -1.22 -58.47 -75.96
N ILE A 232 -2.40 -57.84 -75.93
CA ILE A 232 -3.47 -58.12 -76.89
C ILE A 232 -3.75 -56.85 -77.69
N GLY A 233 -3.81 -56.99 -79.01
CA GLY A 233 -4.02 -55.86 -79.88
C GLY A 233 -5.13 -56.04 -80.89
N TYR A 234 -5.30 -55.05 -81.75
CA TYR A 234 -6.40 -54.99 -82.73
C TYR A 234 -5.84 -54.71 -84.10
N LEU A 235 -6.28 -55.47 -85.12
CA LEU A 235 -5.86 -55.23 -86.49
C LEU A 235 -6.96 -54.58 -87.33
N SER A 236 -8.13 -55.20 -87.38
CA SER A 236 -9.23 -54.71 -88.19
C SER A 236 -10.52 -55.30 -87.65
N HIS A 237 -11.65 -54.93 -88.27
CA HIS A 237 -12.94 -55.39 -87.79
C HIS A 237 -13.93 -55.36 -88.95
N ASP A 238 -15.07 -56.02 -88.73
CA ASP A 238 -16.10 -56.20 -89.74
C ASP A 238 -17.45 -56.08 -89.04
N ALA A 239 -18.53 -56.17 -89.82
CA ALA A 239 -19.87 -56.12 -89.25
C ALA A 239 -20.17 -57.29 -88.33
N GLU A 240 -19.36 -58.34 -88.37
CA GLU A 240 -19.62 -59.55 -87.59
C GLU A 240 -18.48 -59.94 -86.65
N VAL A 241 -17.24 -59.63 -87.00
CA VAL A 241 -16.09 -60.13 -86.28
C VAL A 241 -15.08 -59.01 -86.06
N VAL A 242 -14.14 -59.25 -85.14
CA VAL A 242 -13.00 -58.39 -84.91
C VAL A 242 -11.76 -59.27 -84.89
N HIS A 243 -10.69 -58.80 -85.53
CA HIS A 243 -9.43 -59.54 -85.59
C HIS A 243 -8.44 -58.94 -84.60
N LEU A 244 -7.95 -59.78 -83.69
CA LEU A 244 -7.02 -59.38 -82.64
C LEU A 244 -5.79 -60.28 -82.72
N TYR A 245 -4.77 -59.93 -81.93
CA TYR A 245 -3.57 -60.74 -81.87
C TYR A 245 -3.00 -60.69 -80.46
N MET A 246 -2.28 -61.75 -80.09
CA MET A 246 -1.51 -61.78 -78.86
C MET A 246 -0.03 -61.75 -79.21
N GLU A 247 0.71 -60.84 -78.58
CA GLU A 247 2.06 -60.48 -79.00
C GLU A 247 2.99 -60.52 -77.79
N GLU A 248 4.22 -61.00 -78.02
CA GLU A 248 5.26 -60.90 -77.01
C GLU A 248 6.64 -60.92 -77.67
N THR A 249 7.55 -60.10 -77.15
CA THR A 249 8.91 -60.00 -77.67
C THR A 249 9.89 -60.56 -76.64
N MET A 250 10.65 -61.58 -77.04
CA MET A 250 11.42 -62.34 -76.06
C MET A 250 12.69 -62.91 -76.70
N THR A 251 13.56 -63.41 -75.83
CA THR A 251 14.66 -64.28 -76.18
C THR A 251 15.05 -65.08 -74.93
N PHE A 252 15.81 -66.14 -75.14
CA PHE A 252 16.21 -67.03 -74.04
C PHE A 252 17.70 -67.29 -74.10
N LEU A 253 18.34 -67.32 -72.93
CA LEU A 253 19.76 -67.58 -72.81
C LEU A 253 20.02 -68.63 -71.72
N CYS A 254 20.91 -69.57 -72.02
CA CYS A 254 21.39 -70.54 -71.03
C CYS A 254 22.87 -70.27 -70.80
N TYR A 255 23.26 -70.15 -69.53
CA TYR A 255 24.64 -69.83 -69.16
C TYR A 255 25.38 -71.03 -68.60
N THR A 256 24.71 -71.87 -67.81
CA THR A 256 25.32 -73.03 -67.20
C THR A 256 24.79 -74.28 -67.91
N ALA A 257 25.69 -75.00 -68.57
CA ALA A 257 25.31 -76.18 -69.33
C ALA A 257 25.18 -77.42 -68.45
N GLU A 258 25.66 -77.36 -67.21
CA GLU A 258 25.68 -78.51 -66.33
C GLU A 258 24.56 -78.52 -65.30
N ALA A 259 23.61 -77.58 -65.38
CA ALA A 259 22.55 -77.48 -64.40
C ALA A 259 21.26 -78.18 -64.83
N SER A 260 21.30 -78.95 -65.91
CA SER A 260 20.09 -79.61 -66.41
C SER A 260 20.46 -80.96 -67.02
N VAL A 261 19.47 -81.84 -67.06
CA VAL A 261 19.58 -83.16 -67.68
C VAL A 261 18.31 -83.38 -68.47
N ALA A 262 18.46 -83.86 -69.70
CA ALA A 262 17.34 -84.05 -70.61
C ALA A 262 17.08 -85.54 -70.81
N LEU A 263 15.80 -85.90 -70.87
CA LEU A 263 15.37 -87.26 -71.11
C LEU A 263 14.47 -87.27 -72.35
N THR A 264 14.86 -88.05 -73.35
CA THR A 264 14.16 -88.06 -74.63
C THR A 264 13.18 -89.23 -74.68
N PRO A 265 12.03 -89.05 -75.36
CA PRO A 265 11.03 -90.11 -75.44
C PRO A 265 11.57 -91.40 -76.03
N ASN B 2 -74.91 30.45 -40.94
CA ASN B 2 -76.16 29.75 -40.65
C ASN B 2 -77.33 30.45 -41.32
N ASN B 3 -78.55 29.99 -41.02
CA ASN B 3 -79.74 30.51 -41.68
C ASN B 3 -80.09 31.93 -41.25
N LEU B 4 -79.46 32.45 -40.19
CA LEU B 4 -79.72 33.81 -39.77
C LEU B 4 -79.23 34.82 -40.79
N TYR B 5 -78.11 34.52 -41.46
CA TYR B 5 -77.53 35.41 -42.46
C TYR B 5 -77.18 36.76 -41.85
N ARG B 6 -76.56 36.74 -40.67
CA ARG B 6 -76.14 37.98 -40.03
C ARG B 6 -74.92 38.59 -40.70
N ASP B 7 -74.04 37.75 -41.27
CA ASP B 7 -72.84 38.28 -41.92
C ASP B 7 -73.17 39.20 -43.09
N LEU B 8 -74.40 39.10 -43.63
CA LEU B 8 -74.81 39.94 -44.74
C LEU B 8 -75.45 41.25 -44.31
N ALA B 9 -75.67 41.44 -43.01
CA ALA B 9 -76.35 42.65 -42.55
C ALA B 9 -75.36 43.79 -42.37
N PRO B 10 -75.75 45.04 -42.67
CA PRO B 10 -74.86 46.19 -42.46
C PRO B 10 -74.86 46.67 -41.02
N ILE B 11 -74.41 45.80 -40.12
CA ILE B 11 -74.40 46.09 -38.68
C ILE B 11 -73.06 45.65 -38.11
N THR B 12 -72.51 46.46 -37.21
CA THR B 12 -71.22 46.20 -36.61
C THR B 12 -71.37 45.27 -35.40
N GLU B 13 -70.24 44.77 -34.92
CA GLU B 13 -70.24 43.86 -33.78
C GLU B 13 -70.79 44.55 -32.54
N SER B 14 -70.40 45.81 -32.32
CA SER B 14 -70.87 46.52 -31.13
C SER B 14 -72.39 46.72 -31.16
N ALA B 15 -72.93 47.10 -32.31
CA ALA B 15 -74.38 47.28 -32.41
C ALA B 15 -75.10 45.95 -32.27
N TRP B 16 -74.53 44.88 -32.83
CA TRP B 16 -75.11 43.55 -32.63
C TRP B 16 -75.17 43.21 -31.15
N ALA B 17 -74.08 43.47 -30.42
CA ALA B 17 -74.04 43.19 -28.99
C ALA B 17 -75.10 44.00 -28.25
N GLU B 18 -75.21 45.30 -28.59
CA GLU B 18 -76.20 46.13 -27.93
C GLU B 18 -77.62 45.60 -28.16
N ILE B 19 -77.93 45.24 -29.40
CA ILE B 19 -79.27 44.75 -29.72
C ILE B 19 -79.53 43.44 -28.97
N GLU B 20 -78.57 42.52 -28.98
CA GLU B 20 -78.75 41.26 -28.28
C GLU B 20 -78.98 41.48 -26.79
N LEU B 21 -78.18 42.35 -26.18
CA LEU B 21 -78.32 42.63 -24.75
C LEU B 21 -79.70 43.22 -24.45
N GLU B 22 -80.12 44.19 -25.25
CA GLU B 22 -81.41 44.84 -25.01
C GLU B 22 -82.56 43.86 -25.16
N ALA B 23 -82.52 42.99 -26.17
CA ALA B 23 -83.58 42.02 -26.35
C ALA B 23 -83.60 40.99 -25.22
N THR B 24 -82.42 40.50 -24.83
CA THR B 24 -82.34 39.51 -23.76
C THR B 24 -82.90 40.07 -22.46
N ARG B 25 -82.51 41.30 -22.12
CA ARG B 25 -82.99 41.91 -20.87
C ARG B 25 -84.50 42.00 -20.85
N THR B 26 -85.09 42.51 -21.93
CA THR B 26 -86.53 42.72 -21.95
C THR B 26 -87.28 41.39 -21.93
N PHE B 27 -86.80 40.41 -22.69
CA PHE B 27 -87.46 39.10 -22.70
C PHE B 27 -87.40 38.45 -21.32
N LYS B 28 -86.23 38.48 -20.68
CA LYS B 28 -86.09 37.89 -19.36
C LYS B 28 -86.94 38.64 -18.34
N ARG B 29 -87.18 39.93 -18.58
CA ARG B 29 -88.10 40.68 -17.73
C ARG B 29 -89.53 40.20 -17.89
N HIS B 30 -89.98 40.08 -19.14
CA HIS B 30 -91.39 39.87 -19.44
C HIS B 30 -91.80 38.40 -19.45
N ILE B 31 -90.87 37.48 -19.29
CA ILE B 31 -91.16 36.05 -19.37
C ILE B 31 -91.37 35.52 -17.95
N ALA B 32 -92.35 34.61 -17.80
CA ALA B 32 -92.70 34.05 -16.51
C ALA B 32 -92.76 32.53 -16.47
N GLY B 33 -93.24 31.88 -17.54
CA GLY B 33 -93.40 30.44 -17.49
C GLY B 33 -92.09 29.70 -17.28
N ARG B 34 -91.01 30.23 -17.85
CA ARG B 34 -89.69 29.61 -17.75
C ARG B 34 -89.22 29.51 -16.30
N ARG B 35 -89.79 30.29 -15.39
CA ARG B 35 -89.42 30.27 -13.99
C ARG B 35 -90.18 29.21 -13.19
N VAL B 36 -91.22 28.60 -13.77
CA VAL B 36 -92.02 27.64 -13.03
C VAL B 36 -92.25 26.36 -13.83
N VAL B 37 -91.63 26.25 -15.01
CA VAL B 37 -91.76 25.07 -15.84
C VAL B 37 -90.38 24.53 -16.17
N ASP B 38 -90.25 23.20 -16.17
CA ASP B 38 -89.03 22.57 -16.62
C ASP B 38 -88.79 22.86 -18.09
N VAL B 39 -87.54 23.10 -18.45
CA VAL B 39 -87.16 23.46 -19.81
C VAL B 39 -86.23 22.39 -20.35
N SER B 40 -86.61 21.78 -21.46
CA SER B 40 -85.76 20.85 -22.17
C SER B 40 -84.90 21.64 -23.15
N GLY B 41 -83.60 21.72 -22.88
CA GLY B 41 -82.71 22.57 -23.63
C GLY B 41 -82.81 22.34 -25.12
N PRO B 42 -82.28 23.27 -25.91
CA PRO B 42 -82.37 23.13 -27.37
C PRO B 42 -81.78 21.81 -27.84
N ASN B 43 -82.54 21.10 -28.66
CA ASN B 43 -82.11 19.83 -29.23
C ASN B 43 -81.61 19.96 -30.66
N GLY B 44 -81.58 21.17 -31.21
CA GLY B 44 -81.02 21.41 -32.52
C GLY B 44 -82.09 21.72 -33.55
N PRO B 45 -81.67 22.33 -34.68
CA PRO B 45 -82.64 22.64 -35.73
C PRO B 45 -83.28 21.42 -36.36
N THR B 46 -82.66 20.25 -36.24
CA THR B 46 -83.21 19.02 -36.80
C THR B 46 -84.42 18.51 -36.03
N THR B 47 -84.65 19.01 -34.81
CA THR B 47 -85.76 18.55 -34.00
C THR B 47 -87.07 19.14 -34.50
N ALA B 48 -88.07 18.30 -34.69
CA ALA B 48 -89.36 18.71 -35.24
C ALA B 48 -90.55 18.28 -34.41
N SER B 49 -90.43 17.27 -33.55
CA SER B 49 -91.58 16.78 -32.80
C SER B 49 -91.08 16.12 -31.53
N VAL B 50 -92.01 15.94 -30.59
CA VAL B 50 -91.74 15.29 -29.30
C VAL B 50 -92.65 14.09 -29.17
N SER B 51 -92.05 12.91 -28.99
CA SER B 51 -92.81 11.68 -28.84
C SER B 51 -93.58 11.71 -27.53
N THR B 52 -94.79 11.14 -27.53
CA THR B 52 -95.56 11.01 -26.30
C THR B 52 -95.57 9.59 -25.77
N GLY B 53 -95.11 8.61 -26.55
CA GLY B 53 -95.12 7.23 -26.12
C GLY B 53 -96.46 6.54 -26.24
N HIS B 54 -97.47 7.22 -26.76
CA HIS B 54 -98.79 6.64 -26.95
C HIS B 54 -98.93 6.09 -28.37
N LEU B 55 -99.97 5.29 -28.56
CA LEU B 55 -100.25 4.65 -29.84
C LEU B 55 -101.67 5.03 -30.30
N LEU B 56 -101.84 5.09 -31.61
CA LEU B 56 -103.13 5.39 -32.21
C LEU B 56 -103.52 4.28 -33.18
N ASP B 57 -104.80 3.91 -33.14
CA ASP B 57 -105.29 2.84 -34.01
C ASP B 57 -105.35 3.30 -35.45
N VAL B 58 -105.09 2.37 -36.37
CA VAL B 58 -105.01 2.66 -37.79
C VAL B 58 -105.38 1.41 -38.58
N SER B 59 -105.92 1.62 -39.77
CA SER B 59 -106.35 0.50 -40.61
C SER B 59 -105.15 -0.36 -40.98
N PRO B 60 -105.26 -1.69 -40.91
CA PRO B 60 -104.10 -2.53 -41.17
C PRO B 60 -103.78 -2.58 -42.66
N PRO B 61 -102.52 -2.84 -43.02
CA PRO B 61 -102.21 -3.09 -44.44
C PRO B 61 -102.95 -4.30 -45.00
N GLY B 62 -103.15 -5.33 -44.19
CA GLY B 62 -103.75 -6.55 -44.70
C GLY B 62 -104.21 -7.45 -43.58
N ASP B 63 -104.56 -8.68 -43.95
CA ASP B 63 -105.11 -9.63 -42.99
C ASP B 63 -104.04 -10.12 -42.03
N GLY B 64 -104.45 -10.37 -40.79
CA GLY B 64 -103.53 -10.91 -39.79
C GLY B 64 -102.50 -9.92 -39.29
N VAL B 65 -102.69 -8.63 -39.53
CA VAL B 65 -101.73 -7.60 -39.16
C VAL B 65 -102.43 -6.56 -38.30
N ILE B 66 -101.79 -6.20 -37.19
CA ILE B 66 -102.29 -5.16 -36.29
C ILE B 66 -101.37 -3.96 -36.42
N ALA B 67 -101.94 -2.80 -36.71
CA ALA B 67 -101.19 -1.59 -37.00
C ALA B 67 -101.53 -0.50 -36.01
N HIS B 68 -100.50 0.23 -35.56
CA HIS B 68 -100.66 1.36 -34.65
C HIS B 68 -99.69 2.45 -35.05
N LEU B 69 -100.11 3.71 -34.87
CA LEU B 69 -99.27 4.86 -35.17
C LEU B 69 -98.73 5.48 -33.90
N ARG B 70 -97.44 5.82 -33.92
CA ARG B 70 -96.81 6.50 -32.80
C ARG B 70 -97.27 7.95 -32.76
N ASP B 71 -97.45 8.48 -31.55
CA ASP B 71 -98.02 9.80 -31.35
C ASP B 71 -96.93 10.81 -30.98
N ALA B 72 -96.95 11.94 -31.67
CA ALA B 72 -95.95 12.98 -31.45
C ALA B 72 -96.62 14.34 -31.48
N LYS B 73 -96.01 15.29 -30.77
CA LYS B 73 -96.47 16.67 -30.72
C LYS B 73 -95.54 17.51 -31.59
N PRO B 74 -96.05 18.20 -32.61
CA PRO B 74 -95.17 19.01 -33.46
C PRO B 74 -94.72 20.28 -32.75
N LEU B 75 -93.60 20.80 -33.22
CA LEU B 75 -93.04 22.06 -32.75
C LEU B 75 -93.47 23.19 -33.66
N VAL B 76 -93.69 24.37 -33.08
CA VAL B 76 -94.16 25.54 -33.82
C VAL B 76 -93.08 26.62 -33.73
N ARG B 77 -92.83 27.29 -34.85
CA ARG B 77 -91.85 28.35 -34.96
C ARG B 77 -92.55 29.69 -34.92
N LEU B 78 -92.14 30.56 -34.00
CA LEU B 78 -92.71 31.89 -33.86
C LEU B 78 -91.64 32.89 -34.30
N ARG B 79 -92.02 33.77 -35.23
CA ARG B 79 -91.14 34.77 -35.80
C ARG B 79 -91.81 36.14 -35.71
N VAL B 80 -91.13 37.09 -35.08
CA VAL B 80 -91.64 38.46 -34.93
C VAL B 80 -90.70 39.41 -35.65
N PRO B 81 -91.13 40.09 -36.71
CA PRO B 81 -90.24 41.00 -37.42
C PRO B 81 -90.26 42.41 -36.83
N PHE B 82 -89.14 43.10 -37.03
CA PHE B 82 -89.02 44.50 -36.62
C PHE B 82 -87.99 45.19 -37.51
N THR B 83 -87.95 46.51 -37.42
CA THR B 83 -87.13 47.35 -38.28
C THR B 83 -86.24 48.24 -37.43
N VAL B 84 -85.00 48.44 -37.89
CA VAL B 84 -84.02 49.25 -37.16
C VAL B 84 -83.42 50.28 -38.12
N ALA B 85 -82.96 51.39 -37.56
CA ALA B 85 -82.44 52.50 -38.34
C ALA B 85 -80.92 52.44 -38.44
N ARG B 86 -80.44 52.56 -39.67
CA ARG B 86 -79.00 52.52 -39.94
C ARG B 86 -78.26 53.68 -39.31
N ARG B 87 -78.92 54.82 -39.08
CA ARG B 87 -78.28 55.92 -38.37
C ARG B 87 -78.00 55.56 -36.91
N ASP B 88 -78.97 54.98 -36.21
CA ASP B 88 -78.74 54.50 -34.86
C ASP B 88 -77.70 53.41 -34.84
N ILE B 89 -77.69 52.54 -35.86
CA ILE B 89 -76.65 51.52 -35.93
C ILE B 89 -75.27 52.16 -36.05
N ASP B 90 -75.13 53.14 -36.95
CA ASP B 90 -73.82 53.73 -37.22
C ASP B 90 -73.32 54.55 -36.04
N ASP B 91 -74.22 55.20 -35.32
CA ASP B 91 -73.78 56.06 -34.21
C ASP B 91 -73.03 55.28 -33.14
N VAL B 92 -73.23 53.97 -33.04
CA VAL B 92 -72.61 53.21 -31.95
C VAL B 92 -71.09 53.26 -32.06
N GLU B 93 -70.55 53.06 -33.27
CA GLU B 93 -69.10 53.06 -33.44
C GLU B 93 -68.50 54.43 -33.16
N ARG B 94 -69.32 55.48 -33.11
CA ARG B 94 -68.89 56.81 -32.72
C ARG B 94 -68.95 57.03 -31.21
N GLY B 95 -69.02 55.96 -30.43
CA GLY B 95 -69.13 56.08 -28.99
C GLY B 95 -70.46 56.64 -28.53
N SER B 96 -71.53 56.41 -29.29
CA SER B 96 -72.86 56.81 -28.87
C SER B 96 -73.50 55.68 -28.06
N GLN B 97 -74.12 56.05 -26.95
CA GLN B 97 -74.79 55.09 -26.08
C GLN B 97 -76.16 55.58 -25.62
N ASP B 98 -76.89 56.27 -26.49
CA ASP B 98 -78.31 56.55 -26.28
C ASP B 98 -79.15 56.11 -27.47
N SER B 99 -78.68 55.12 -28.24
CA SER B 99 -79.36 54.72 -29.46
C SER B 99 -80.72 54.12 -29.15
N ASP B 100 -81.65 54.27 -30.09
CA ASP B 100 -83.03 53.82 -29.92
C ASP B 100 -83.14 52.34 -30.30
N TRP B 101 -83.61 51.52 -29.36
CA TRP B 101 -83.84 50.10 -29.58
C TRP B 101 -85.27 49.72 -29.19
N ASP B 102 -86.17 50.69 -29.26
CA ASP B 102 -87.57 50.46 -28.90
C ASP B 102 -88.22 49.39 -29.75
N PRO B 103 -88.03 49.33 -31.07
CA PRO B 103 -88.60 48.19 -31.82
C PRO B 103 -88.07 46.86 -31.34
N VAL B 104 -86.79 46.78 -30.97
CA VAL B 104 -86.24 45.55 -30.41
C VAL B 104 -86.99 45.18 -29.14
N LYS B 105 -87.18 46.15 -28.25
CA LYS B 105 -87.86 45.85 -26.98
C LYS B 105 -89.30 45.42 -27.24
N ASP B 106 -89.99 46.07 -28.18
CA ASP B 106 -91.37 45.71 -28.48
C ASP B 106 -91.47 44.31 -29.04
N ALA B 107 -90.56 43.94 -29.95
CA ALA B 107 -90.58 42.60 -30.51
C ALA B 107 -90.31 41.56 -29.42
N ALA B 108 -89.36 41.83 -28.53
CA ALA B 108 -89.09 40.90 -27.44
C ALA B 108 -90.32 40.75 -26.56
N LYS B 109 -91.00 41.86 -26.24
CA LYS B 109 -92.20 41.78 -25.43
C LYS B 109 -93.27 40.93 -26.13
N LYS B 110 -93.43 41.14 -27.44
CA LYS B 110 -94.44 40.39 -28.19
C LYS B 110 -94.14 38.89 -28.16
N LEU B 111 -92.87 38.52 -28.38
CA LEU B 111 -92.50 37.11 -28.36
C LEU B 111 -92.72 36.50 -26.99
N ALA B 112 -92.32 37.20 -25.93
CA ALA B 112 -92.54 36.70 -24.59
C ALA B 112 -94.03 36.51 -24.31
N PHE B 113 -94.84 37.46 -24.75
CA PHE B 113 -96.28 37.37 -24.50
C PHE B 113 -96.89 36.19 -25.22
N VAL B 114 -96.52 35.97 -26.49
CA VAL B 114 -97.08 34.83 -27.21
C VAL B 114 -96.64 33.52 -26.54
N GLU B 115 -95.37 33.43 -26.14
CA GLU B 115 -94.89 32.21 -25.50
C GLU B 115 -95.67 31.94 -24.20
N ASP B 116 -95.79 32.96 -23.35
CA ASP B 116 -96.47 32.76 -22.07
C ASP B 116 -97.95 32.46 -22.27
N ARG B 117 -98.59 33.10 -23.25
CA ARG B 117 -99.99 32.84 -23.52
C ARG B 117 -100.21 31.45 -24.08
N ALA B 118 -99.31 30.94 -24.91
CA ALA B 118 -99.40 29.55 -25.33
C ALA B 118 -99.22 28.59 -24.16
N ILE B 119 -98.29 28.91 -23.25
CA ILE B 119 -98.07 28.03 -22.11
C ILE B 119 -99.30 27.99 -21.21
N PHE B 120 -99.88 29.15 -20.91
CA PHE B 120 -100.90 29.25 -19.86
C PHE B 120 -102.33 29.23 -20.37
N GLU B 121 -102.56 29.38 -21.67
CA GLU B 121 -103.90 29.50 -22.21
C GLU B 121 -104.16 28.56 -23.39
N GLY B 122 -103.14 28.21 -24.15
CA GLY B 122 -103.27 27.26 -25.24
C GLY B 122 -103.20 27.92 -26.60
N TYR B 123 -102.57 27.23 -27.54
CA TYR B 123 -102.49 27.64 -28.94
C TYR B 123 -102.96 26.43 -29.75
N ALA B 124 -104.26 26.40 -30.06
CA ALA B 124 -104.88 25.18 -30.56
C ALA B 124 -104.27 24.72 -31.88
N ALA B 125 -104.05 25.65 -32.81
CA ALA B 125 -103.56 25.26 -34.13
C ALA B 125 -102.21 24.54 -34.04
N ALA B 126 -101.44 24.82 -33.00
CA ALA B 126 -100.20 24.10 -32.72
C ALA B 126 -100.42 22.87 -31.84
N SER B 127 -101.67 22.49 -31.61
CA SER B 127 -102.01 21.34 -30.77
C SER B 127 -101.52 21.53 -29.33
N ILE B 128 -101.42 22.77 -28.88
CA ILE B 128 -100.93 23.10 -27.55
C ILE B 128 -102.15 23.33 -26.66
N GLU B 129 -102.35 22.43 -25.70
CA GLU B 129 -103.38 22.59 -24.69
C GLU B 129 -102.76 23.24 -23.46
N GLY B 130 -103.32 24.37 -23.04
CA GLY B 130 -102.74 25.15 -21.98
C GLY B 130 -103.00 24.58 -20.60
N ILE B 131 -102.30 25.14 -19.62
CA ILE B 131 -102.48 24.72 -18.23
C ILE B 131 -103.91 24.94 -17.76
N ARG B 132 -104.53 26.05 -18.18
CA ARG B 132 -105.89 26.34 -17.77
C ARG B 132 -106.86 25.23 -18.18
N SER B 133 -106.80 24.81 -19.44
CA SER B 133 -107.69 23.75 -19.91
C SER B 133 -107.30 22.39 -19.34
N SER B 134 -106.00 22.08 -19.32
CA SER B 134 -105.55 20.78 -18.85
C SER B 134 -105.74 20.60 -17.35
N SER B 135 -105.95 21.68 -16.61
CA SER B 135 -106.12 21.56 -15.16
C SER B 135 -107.40 20.80 -14.85
N SER B 136 -107.30 19.89 -13.86
CA SER B 136 -108.44 19.11 -13.41
C SER B 136 -109.11 19.69 -12.18
N ASN B 137 -108.36 20.38 -11.33
CA ASN B 137 -108.95 20.98 -10.15
C ASN B 137 -109.91 22.09 -10.56
N PRO B 138 -111.00 22.30 -9.82
CA PRO B 138 -111.99 23.30 -10.24
C PRO B 138 -111.39 24.70 -10.28
N ALA B 139 -111.84 25.48 -11.25
CA ALA B 139 -111.38 26.85 -11.40
C ALA B 139 -112.13 27.78 -10.46
N LEU B 140 -111.46 28.86 -10.06
CA LEU B 140 -112.05 29.85 -9.17
C LEU B 140 -112.20 31.18 -9.88
N ALA B 141 -112.85 32.12 -9.20
CA ALA B 141 -113.09 33.46 -9.73
C ALA B 141 -112.35 34.48 -8.89
N LEU B 142 -111.61 35.37 -9.56
CA LEU B 142 -110.85 36.40 -8.87
C LEU B 142 -111.81 37.51 -8.45
N PRO B 143 -111.93 37.83 -7.17
CA PRO B 143 -112.89 38.88 -6.78
C PRO B 143 -112.51 40.22 -7.36
N ASP B 144 -113.55 41.02 -7.64
CA ASP B 144 -113.31 42.37 -8.17
C ASP B 144 -112.49 43.20 -7.20
N ASP B 145 -112.80 43.10 -5.90
CA ASP B 145 -112.04 43.79 -4.88
C ASP B 145 -110.70 43.09 -4.66
N ALA B 146 -109.72 43.84 -4.19
CA ALA B 146 -108.39 43.30 -3.95
C ALA B 146 -108.24 42.70 -2.55
N ARG B 147 -109.22 42.91 -1.66
CA ARG B 147 -109.05 42.48 -0.28
C ARG B 147 -109.37 41.00 -0.09
N GLU B 148 -110.15 40.40 -0.99
CA GLU B 148 -110.59 39.02 -0.86
C GLU B 148 -109.72 38.05 -1.65
N ILE B 149 -108.73 38.54 -2.39
CA ILE B 149 -107.89 37.65 -3.20
C ILE B 149 -107.17 36.64 -2.34
N PRO B 150 -106.57 37.00 -1.19
CA PRO B 150 -105.87 35.98 -0.40
C PRO B 150 -106.75 34.81 0.02
N ASP B 151 -108.03 35.07 0.29
CA ASP B 151 -108.93 33.97 0.64
C ASP B 151 -109.07 32.99 -0.51
N VAL B 152 -109.20 33.50 -1.73
CA VAL B 152 -109.33 32.63 -2.89
C VAL B 152 -108.03 31.86 -3.12
N ILE B 153 -106.88 32.51 -2.88
CA ILE B 153 -105.61 31.80 -3.01
C ILE B 153 -105.49 30.69 -1.98
N ALA B 154 -105.96 30.95 -0.75
CA ALA B 154 -105.95 29.91 0.26
C ALA B 154 -106.86 28.75 -0.14
N GLN B 155 -108.02 29.07 -0.73
CA GLN B 155 -108.90 28.02 -1.23
C GLN B 155 -108.22 27.18 -2.31
N ALA B 156 -107.51 27.84 -3.23
CA ALA B 156 -106.82 27.10 -4.29
C ALA B 156 -105.71 26.23 -3.73
N LEU B 157 -104.96 26.74 -2.76
CA LEU B 157 -103.97 25.90 -2.10
C LEU B 157 -104.64 24.72 -1.42
N SER B 158 -105.79 24.95 -0.78
CA SER B 158 -106.52 23.84 -0.18
C SER B 158 -106.91 22.81 -1.23
N GLU B 159 -107.30 23.25 -2.43
CA GLU B 159 -107.69 22.29 -3.46
C GLU B 159 -106.49 21.45 -3.93
N LEU B 160 -105.41 22.10 -4.36
CA LEU B 160 -104.19 21.38 -4.72
C LEU B 160 -103.79 20.40 -3.62
N ARG B 161 -103.77 20.92 -2.42
CA ARG B 161 -103.15 20.26 -1.27
C ARG B 161 -104.08 19.20 -0.68
N LEU B 162 -105.36 19.28 -1.02
CA LEU B 162 -106.25 18.14 -0.92
C LEU B 162 -105.90 17.09 -1.97
N ALA B 163 -105.74 17.52 -3.22
CA ALA B 163 -105.52 16.59 -4.31
C ALA B 163 -104.25 15.77 -4.11
N GLY B 164 -103.32 16.27 -3.31
CA GLY B 164 -102.18 15.48 -2.92
C GLY B 164 -100.86 15.88 -3.52
N VAL B 165 -100.77 17.06 -4.09
CA VAL B 165 -99.53 17.53 -4.70
C VAL B 165 -98.68 18.22 -3.64
N ASP B 166 -97.36 18.10 -3.78
CA ASP B 166 -96.42 18.66 -2.83
C ASP B 166 -95.39 19.54 -3.52
N GLY B 167 -94.38 19.98 -2.78
CA GLY B 167 -93.35 20.84 -3.31
C GLY B 167 -93.74 22.31 -3.18
N PRO B 168 -92.77 23.20 -3.38
CA PRO B 168 -93.05 24.63 -3.22
C PRO B 168 -94.18 25.07 -4.15
N TYR B 169 -95.03 25.94 -3.63
CA TYR B 169 -96.15 26.48 -4.39
C TYR B 169 -95.86 27.91 -4.79
N SER B 170 -96.41 28.31 -5.94
CA SER B 170 -96.10 29.60 -6.53
C SER B 170 -97.36 30.20 -7.13
N VAL B 171 -97.44 31.52 -7.07
CA VAL B 171 -98.59 32.28 -7.56
C VAL B 171 -98.10 33.18 -8.69
N LEU B 172 -98.71 33.01 -9.86
CA LEU B 172 -98.45 33.85 -11.02
C LEU B 172 -99.65 34.77 -11.20
N LEU B 173 -99.41 36.07 -11.15
CA LEU B 173 -100.49 37.06 -11.21
C LEU B 173 -100.43 37.86 -12.51
N SER B 174 -101.59 38.28 -12.98
CA SER B 174 -101.70 39.04 -14.21
C SER B 174 -101.16 40.45 -13.97
N ALA B 175 -101.02 41.21 -15.06
CA ALA B 175 -100.59 42.61 -14.92
C ALA B 175 -101.64 43.41 -14.15
N GLU B 176 -102.91 43.26 -14.52
CA GLU B 176 -103.96 44.06 -13.89
C GLU B 176 -104.14 43.65 -12.43
N THR B 177 -104.04 42.36 -12.13
CA THR B 177 -104.17 41.90 -10.75
C THR B 177 -102.97 42.27 -9.90
N TYR B 178 -101.76 42.17 -10.46
CA TYR B 178 -100.57 42.56 -9.73
C TYR B 178 -100.55 44.05 -9.44
N THR B 179 -100.94 44.87 -10.41
CA THR B 179 -101.08 46.31 -10.16
C THR B 179 -102.06 46.56 -9.03
N LYS B 180 -103.18 45.83 -9.01
CA LYS B 180 -104.18 46.02 -7.98
C LYS B 180 -103.63 45.68 -6.60
N VAL B 181 -103.04 44.48 -6.46
CA VAL B 181 -102.55 44.05 -5.16
C VAL B 181 -101.38 44.92 -4.71
N SER B 182 -100.64 45.50 -5.66
CA SER B 182 -99.51 46.35 -5.29
C SER B 182 -99.99 47.71 -4.81
N GLU B 183 -100.83 48.37 -5.60
CA GLU B 183 -101.32 49.69 -5.21
C GLU B 183 -102.15 49.61 -3.94
N THR B 184 -103.02 48.61 -3.84
CA THR B 184 -103.86 48.46 -2.66
C THR B 184 -103.00 48.08 -1.45
N THR B 185 -103.40 48.58 -0.28
CA THR B 185 -102.65 48.41 0.95
C THR B 185 -103.59 48.11 2.10
N ALA B 186 -103.05 47.48 3.14
CA ALA B 186 -103.82 47.16 4.33
C ALA B 186 -102.88 47.07 5.53
N HIS B 187 -103.23 47.76 6.61
CA HIS B 187 -102.44 47.75 7.85
C HIS B 187 -100.99 48.13 7.58
N GLY B 188 -100.76 48.96 6.57
CA GLY B 188 -99.42 49.39 6.25
C GLY B 188 -98.60 48.40 5.45
N TYR B 189 -99.22 47.38 4.85
CA TYR B 189 -98.54 46.48 3.94
C TYR B 189 -99.39 46.26 2.69
N PRO B 190 -98.78 46.09 1.52
CA PRO B 190 -99.56 45.78 0.32
C PRO B 190 -100.26 44.44 0.40
N ILE B 191 -101.38 44.36 -0.33
CA ILE B 191 -102.11 43.12 -0.46
C ILE B 191 -101.22 42.07 -1.11
N ARG B 192 -100.23 42.48 -1.92
CA ARG B 192 -99.28 41.54 -2.48
C ARG B 192 -98.44 40.87 -1.41
N GLU B 193 -97.96 41.64 -0.43
CA GLU B 193 -97.25 41.03 0.70
C GLU B 193 -98.19 40.13 1.49
N HIS B 194 -99.43 40.57 1.68
CA HIS B 194 -100.43 39.69 2.29
C HIS B 194 -100.48 38.34 1.58
N ILE B 195 -100.52 38.36 0.25
CA ILE B 195 -100.53 37.11 -0.51
C ILE B 195 -99.25 36.33 -0.29
N ASN B 196 -98.10 37.00 -0.40
CA ASN B 196 -96.81 36.33 -0.27
C ASN B 196 -96.71 35.58 1.04
N ARG B 197 -97.31 36.11 2.10
CA ARG B 197 -97.18 35.49 3.42
C ARG B 197 -97.61 34.03 3.42
N LEU B 198 -98.51 33.63 2.53
CA LEU B 198 -99.09 32.29 2.56
C LEU B 198 -98.19 31.24 1.93
N VAL B 199 -97.68 31.51 0.73
CA VAL B 199 -96.98 30.50 -0.05
C VAL B 199 -95.54 30.36 0.44
N ASP B 200 -94.92 29.25 0.06
CA ASP B 200 -93.52 28.97 0.36
C ASP B 200 -92.60 29.39 -0.78
N GLY B 201 -93.10 29.52 -2.00
CA GLY B 201 -92.29 29.85 -3.14
C GLY B 201 -92.17 31.34 -3.39
N GLU B 202 -92.59 31.78 -4.58
CA GLU B 202 -92.41 33.16 -4.99
C GLU B 202 -93.71 33.68 -5.62
N ILE B 203 -93.81 35.00 -5.69
CA ILE B 203 -94.86 35.69 -6.43
C ILE B 203 -94.28 36.14 -7.76
N ILE B 204 -94.97 35.85 -8.86
CA ILE B 204 -94.43 36.05 -10.20
C ILE B 204 -95.38 36.93 -11.02
N TRP B 205 -94.77 37.83 -11.80
CA TRP B 205 -95.47 38.64 -12.81
C TRP B 205 -95.82 37.77 -14.01
N ALA B 206 -97.07 37.82 -14.44
CA ALA B 206 -97.49 37.15 -15.66
C ALA B 206 -98.35 38.08 -16.50
N PRO B 207 -97.77 39.07 -17.18
CA PRO B 207 -98.60 40.05 -17.89
C PRO B 207 -99.37 39.43 -19.03
N ALA B 208 -98.77 38.45 -19.71
CA ALA B 208 -99.39 37.82 -20.86
C ALA B 208 -100.66 37.08 -20.48
N ILE B 209 -100.67 36.43 -19.33
CA ILE B 209 -101.82 35.62 -18.92
C ILE B 209 -102.91 36.56 -18.41
N ASP B 210 -104.12 36.03 -18.27
CA ASP B 210 -105.27 36.78 -17.78
C ASP B 210 -105.84 36.02 -16.58
N GLY B 211 -105.82 36.66 -15.40
CA GLY B 211 -106.32 36.05 -14.19
C GLY B 211 -105.23 35.80 -13.17
N ALA B 212 -105.16 34.57 -12.67
CA ALA B 212 -104.12 34.19 -11.72
C ALA B 212 -103.98 32.67 -11.74
N PHE B 213 -102.83 32.18 -11.26
CA PHE B 213 -102.57 30.75 -11.27
C PHE B 213 -101.79 30.38 -10.02
N VAL B 214 -102.22 29.32 -9.34
CA VAL B 214 -101.47 28.79 -8.20
C VAL B 214 -101.03 27.37 -8.56
N LEU B 215 -99.73 27.11 -8.57
CA LEU B 215 -99.25 25.83 -9.06
C LEU B 215 -98.05 25.35 -8.25
N SER B 216 -97.80 24.04 -8.33
CA SER B 216 -96.68 23.43 -7.66
C SER B 216 -95.44 23.46 -8.55
N THR B 217 -94.27 23.47 -7.92
CA THR B 217 -92.99 23.50 -8.62
C THR B 217 -92.09 22.34 -8.18
N ARG B 218 -92.69 21.24 -7.74
CA ARG B 218 -91.91 20.05 -7.41
C ARG B 218 -91.11 19.56 -8.61
N GLY B 219 -91.72 19.59 -9.79
CA GLY B 219 -91.06 19.15 -11.00
C GLY B 219 -91.73 17.96 -11.64
N GLY B 220 -91.58 17.82 -12.96
CA GLY B 220 -92.14 16.70 -13.69
C GLY B 220 -93.58 16.85 -14.11
N ASP B 221 -94.16 18.05 -13.98
CA ASP B 221 -95.54 18.27 -14.36
C ASP B 221 -95.71 19.16 -15.59
N PHE B 222 -94.76 20.04 -15.88
CA PHE B 222 -94.83 20.91 -17.05
C PHE B 222 -93.50 20.84 -17.77
N ASP B 223 -93.54 20.80 -19.11
CA ASP B 223 -92.34 20.68 -19.93
C ASP B 223 -92.45 21.65 -21.10
N LEU B 224 -91.51 22.60 -21.17
CA LEU B 224 -91.38 23.50 -22.32
C LEU B 224 -90.26 22.97 -23.19
N GLN B 225 -90.62 22.38 -24.33
CA GLN B 225 -89.65 21.80 -25.25
C GLN B 225 -89.22 22.86 -26.26
N LEU B 226 -87.91 23.08 -26.38
CA LEU B 226 -87.35 24.03 -27.32
C LEU B 226 -86.49 23.29 -28.34
N GLY B 227 -86.70 23.60 -29.62
CA GLY B 227 -85.80 23.12 -30.65
C GLY B 227 -84.61 24.05 -30.77
N THR B 228 -84.90 25.34 -30.90
CA THR B 228 -83.89 26.38 -30.88
C THR B 228 -84.38 27.52 -30.00
N ASP B 229 -83.48 28.08 -29.21
CA ASP B 229 -83.83 29.16 -28.29
C ASP B 229 -84.04 30.45 -29.09
N VAL B 230 -84.27 31.54 -28.38
CA VAL B 230 -84.54 32.82 -29.04
C VAL B 230 -83.30 33.24 -29.83
N SER B 231 -83.53 33.65 -31.08
CA SER B 231 -82.44 34.08 -31.96
C SER B 231 -82.90 35.29 -32.75
N ILE B 232 -81.93 36.09 -33.21
CA ILE B 232 -82.20 37.28 -34.00
C ILE B 232 -81.57 37.11 -35.38
N GLY B 233 -82.34 37.39 -36.42
CA GLY B 233 -81.89 37.21 -37.78
C GLY B 233 -82.08 38.42 -38.67
N TYR B 234 -81.74 38.26 -39.95
CA TYR B 234 -81.76 39.35 -40.92
C TYR B 234 -82.52 38.89 -42.16
N LEU B 235 -83.43 39.75 -42.67
CA LEU B 235 -84.16 39.45 -43.89
C LEU B 235 -83.67 40.27 -45.07
N SER B 236 -83.66 41.59 -44.94
CA SER B 236 -83.28 42.48 -46.02
C SER B 236 -82.88 43.82 -45.42
N HIS B 237 -82.46 44.75 -46.27
CA HIS B 237 -82.00 46.05 -45.80
C HIS B 237 -82.19 47.07 -46.91
N ASP B 238 -82.08 48.34 -46.53
CA ASP B 238 -82.31 49.47 -47.42
C ASP B 238 -81.29 50.56 -47.06
N ALA B 239 -81.32 51.66 -47.81
CA ALA B 239 -80.41 52.76 -47.54
C ALA B 239 -80.66 53.40 -46.18
N GLU B 240 -81.80 53.13 -45.54
CA GLU B 240 -82.17 53.77 -44.28
C GLU B 240 -82.43 52.79 -43.15
N VAL B 241 -82.91 51.58 -43.45
CA VAL B 241 -83.38 50.66 -42.42
C VAL B 241 -82.85 49.26 -42.71
N VAL B 242 -82.94 48.41 -41.68
CA VAL B 242 -82.66 46.98 -41.80
C VAL B 242 -83.82 46.24 -41.16
N HIS B 243 -84.27 45.16 -41.80
CA HIS B 243 -85.37 44.34 -41.30
C HIS B 243 -84.82 43.07 -40.66
N LEU B 244 -85.15 42.88 -39.39
CA LEU B 244 -84.69 41.74 -38.60
C LEU B 244 -85.91 41.02 -38.03
N TYR B 245 -85.66 39.86 -37.43
CA TYR B 245 -86.72 39.09 -36.80
C TYR B 245 -86.18 38.39 -35.56
N MET B 246 -87.06 38.15 -34.60
CA MET B 246 -86.76 37.30 -33.45
C MET B 246 -87.54 36.01 -33.59
N GLU B 247 -86.84 34.88 -33.44
CA GLU B 247 -87.37 33.57 -33.80
C GLU B 247 -87.15 32.60 -32.65
N GLU B 248 -88.13 31.72 -32.44
CA GLU B 248 -87.96 30.61 -31.51
C GLU B 248 -88.90 29.47 -31.86
N THR B 249 -88.41 28.24 -31.75
CA THR B 249 -89.18 27.04 -32.06
C THR B 249 -89.45 26.26 -30.79
N MET B 250 -90.73 26.06 -30.47
CA MET B 250 -91.10 25.56 -29.16
C MET B 250 -92.38 24.74 -29.22
N THR B 251 -92.66 24.06 -28.11
CA THR B 251 -93.95 23.48 -27.80
C THR B 251 -94.03 23.30 -26.30
N PHE B 252 -95.25 23.09 -25.79
CA PHE B 252 -95.48 22.96 -24.36
C PHE B 252 -96.33 21.74 -24.08
N LEU B 253 -96.00 21.02 -23.00
CA LEU B 253 -96.73 19.84 -22.58
C LEU B 253 -97.02 19.91 -21.08
N CYS B 254 -98.25 19.55 -20.71
CA CYS B 254 -98.64 19.38 -19.32
C CYS B 254 -98.94 17.92 -19.07
N TYR B 255 -98.34 17.35 -18.03
CA TYR B 255 -98.49 15.94 -17.70
C TYR B 255 -99.39 15.69 -16.50
N THR B 256 -99.29 16.55 -15.49
CA THR B 256 -100.09 16.42 -14.27
C THR B 256 -101.16 17.50 -14.27
N ALA B 257 -102.42 17.07 -14.33
CA ALA B 257 -103.53 18.02 -14.39
C ALA B 257 -103.92 18.54 -13.01
N GLU B 258 -103.42 17.91 -11.94
CA GLU B 258 -103.82 18.27 -10.58
C GLU B 258 -102.80 19.16 -9.86
N ALA B 259 -101.76 19.62 -10.55
CA ALA B 259 -100.71 20.41 -9.92
C ALA B 259 -100.92 21.92 -10.07
N SER B 260 -102.08 22.35 -10.57
CA SER B 260 -102.32 23.75 -10.80
C SER B 260 -103.80 24.08 -10.54
N VAL B 261 -104.05 25.34 -10.22
CA VAL B 261 -105.41 25.87 -10.02
C VAL B 261 -105.46 27.21 -10.74
N ALA B 262 -106.52 27.44 -11.50
CA ALA B 262 -106.67 28.64 -12.30
C ALA B 262 -107.76 29.53 -11.72
N LEU B 263 -107.53 30.83 -11.73
CA LEU B 263 -108.49 31.82 -11.27
C LEU B 263 -108.77 32.78 -12.41
N THR B 264 -110.04 32.90 -12.79
CA THR B 264 -110.43 33.69 -13.94
C THR B 264 -110.91 35.07 -13.51
N PRO B 265 -110.66 36.10 -14.32
CA PRO B 265 -111.06 37.47 -13.94
C PRO B 265 -112.55 37.60 -13.68
N ASN C 2 62.52 -37.05 54.15
CA ASN C 2 62.18 -37.21 55.55
C ASN C 2 63.29 -37.94 56.30
N ASN C 3 63.04 -38.27 57.58
CA ASN C 3 64.05 -38.88 58.42
C ASN C 3 64.35 -40.32 58.03
N LEU C 4 63.54 -40.93 57.17
CA LEU C 4 63.82 -42.30 56.73
C LEU C 4 65.09 -42.37 55.89
N TYR C 5 65.34 -41.33 55.09
CA TYR C 5 66.51 -41.28 54.21
C TYR C 5 66.52 -42.46 53.24
N ARG C 6 65.36 -42.72 52.63
CA ARG C 6 65.26 -43.78 51.64
C ARG C 6 65.90 -43.39 50.32
N ASP C 7 65.89 -42.11 49.97
CA ASP C 7 66.48 -41.67 48.71
C ASP C 7 67.97 -41.97 48.64
N LEU C 8 68.62 -42.18 49.78
CA LEU C 8 70.05 -42.48 49.83
C LEU C 8 70.36 -43.97 49.75
N ALA C 9 69.33 -44.83 49.78
CA ALA C 9 69.58 -46.26 49.79
C ALA C 9 69.74 -46.78 48.36
N PRO C 10 70.63 -47.77 48.14
CA PRO C 10 70.79 -48.35 46.80
C PRO C 10 69.74 -49.40 46.49
N ILE C 11 68.48 -48.96 46.44
CA ILE C 11 67.34 -49.85 46.22
C ILE C 11 66.41 -49.19 45.20
N THR C 12 65.89 -50.01 44.28
CA THR C 12 65.01 -49.51 43.24
C THR C 12 63.56 -49.44 43.73
N GLU C 13 62.72 -48.78 42.94
CA GLU C 13 61.32 -48.62 43.30
C GLU C 13 60.62 -49.97 43.38
N SER C 14 60.91 -50.87 42.44
CA SER C 14 60.27 -52.18 42.45
C SER C 14 60.64 -52.98 43.69
N ALA C 15 61.93 -52.98 44.06
CA ALA C 15 62.34 -53.71 45.26
C ALA C 15 61.76 -53.07 46.51
N TRP C 16 61.68 -51.74 46.54
CA TRP C 16 61.02 -51.08 47.66
C TRP C 16 59.57 -51.52 47.79
N ALA C 17 58.86 -51.59 46.65
CA ALA C 17 57.47 -52.03 46.68
C ALA C 17 57.36 -53.47 47.17
N GLU C 18 58.24 -54.35 46.69
CA GLU C 18 58.20 -55.74 47.13
C GLU C 18 58.42 -55.84 48.63
N ILE C 19 59.41 -55.12 49.16
CA ILE C 19 59.70 -55.17 50.59
C ILE C 19 58.53 -54.65 51.39
N GLU C 20 57.95 -53.52 50.97
CA GLU C 20 56.82 -52.96 51.69
C GLU C 20 55.65 -53.93 51.69
N LEU C 21 55.34 -54.53 50.54
CA LEU C 21 54.24 -55.48 50.45
C LEU C 21 54.47 -56.68 51.36
N GLU C 22 55.68 -57.23 51.34
CA GLU C 22 55.97 -58.41 52.14
C GLU C 22 55.88 -58.09 53.63
N ALA C 23 56.38 -56.93 54.07
CA ALA C 23 56.28 -56.58 55.48
C ALA C 23 54.85 -56.33 55.90
N THR C 24 54.08 -55.61 55.07
CA THR C 24 52.69 -55.33 55.40
C THR C 24 51.89 -56.62 55.54
N ARG C 25 52.06 -57.55 54.60
CA ARG C 25 51.31 -58.80 54.66
C ARG C 25 51.59 -59.55 55.96
N THR C 26 52.88 -59.71 56.29
CA THR C 26 53.25 -60.47 57.47
C THR C 26 52.77 -59.80 58.75
N PHE C 27 52.92 -58.48 58.84
CA PHE C 27 52.47 -57.77 60.04
C PHE C 27 50.96 -57.89 60.20
N LYS C 28 50.20 -57.70 59.12
CA LYS C 28 48.76 -57.81 59.19
C LYS C 28 48.33 -59.24 59.53
N ARG C 29 49.15 -60.22 59.14
CA ARG C 29 48.89 -61.59 59.55
C ARG C 29 49.08 -61.78 61.05
N HIS C 30 50.21 -61.30 61.58
CA HIS C 30 50.62 -61.62 62.94
C HIS C 30 50.06 -60.67 63.99
N ILE C 31 49.35 -59.63 63.59
CA ILE C 31 48.83 -58.63 64.52
C ILE C 31 47.40 -58.97 64.87
N ALA C 32 47.03 -58.79 66.15
CA ALA C 32 45.71 -59.13 66.65
C ALA C 32 45.02 -58.00 67.41
N GLY C 33 45.75 -57.21 68.20
CA GLY C 33 45.10 -56.20 69.01
C GLY C 33 44.37 -55.15 68.20
N ARG C 34 44.92 -54.82 67.03
CA ARG C 34 44.32 -53.81 66.15
C ARG C 34 42.92 -54.20 65.70
N ARG C 35 42.56 -55.48 65.78
CA ARG C 35 41.25 -55.96 65.38
C ARG C 35 40.22 -55.86 66.49
N VAL C 36 40.63 -55.59 67.73
CA VAL C 36 39.70 -55.55 68.85
C VAL C 36 39.88 -54.30 69.69
N VAL C 37 40.76 -53.39 69.26
CA VAL C 37 40.99 -52.15 70.00
C VAL C 37 40.81 -50.97 69.05
N ASP C 38 40.21 -49.90 69.57
CA ASP C 38 40.10 -48.67 68.80
C ASP C 38 41.49 -48.10 68.56
N VAL C 39 41.69 -47.55 67.36
CA VAL C 39 42.98 -47.04 66.94
C VAL C 39 42.82 -45.55 66.65
N SER C 40 43.61 -44.72 67.34
CA SER C 40 43.66 -43.29 67.08
C SER C 40 44.72 -43.08 66.01
N GLY C 41 44.29 -42.68 64.81
CA GLY C 41 45.18 -42.59 63.67
C GLY C 41 46.41 -41.75 63.96
N PRO C 42 47.42 -41.87 63.10
CA PRO C 42 48.66 -41.12 63.34
C PRO C 42 48.39 -39.63 63.46
N ASN C 43 48.94 -39.02 64.52
CA ASN C 43 48.80 -37.60 64.77
C ASN C 43 50.03 -36.81 64.35
N GLY C 44 51.03 -37.46 63.79
CA GLY C 44 52.20 -36.79 63.27
C GLY C 44 53.44 -37.00 64.12
N PRO C 45 54.61 -36.76 63.53
CA PRO C 45 55.86 -36.93 64.32
C PRO C 45 55.98 -35.98 65.49
N THR C 46 55.26 -34.86 65.48
CA THR C 46 55.30 -33.91 66.57
C THR C 46 54.61 -34.41 67.83
N THR C 47 53.80 -35.47 67.73
CA THR C 47 53.08 -35.98 68.87
C THR C 47 54.01 -36.78 69.78
N ALA C 48 53.98 -36.48 71.07
CA ALA C 48 54.87 -37.11 72.04
C ALA C 48 54.15 -37.70 73.25
N SER C 49 52.93 -37.27 73.56
CA SER C 49 52.25 -37.75 74.75
C SER C 49 50.75 -37.63 74.54
N VAL C 50 50.01 -38.34 75.40
CA VAL C 50 48.55 -38.34 75.38
C VAL C 50 48.05 -37.87 76.74
N SER C 51 47.27 -36.79 76.75
CA SER C 51 46.73 -36.26 77.99
C SER C 51 45.72 -37.23 78.58
N THR C 52 45.69 -37.34 79.91
CA THR C 52 44.69 -38.15 80.59
C THR C 52 43.58 -37.31 81.23
N GLY C 53 43.77 -36.00 81.33
CA GLY C 53 42.79 -35.15 81.95
C GLY C 53 42.82 -35.15 83.46
N HIS C 54 43.75 -35.88 84.07
CA HIS C 54 43.90 -35.93 85.52
C HIS C 54 44.92 -34.90 85.98
N LEU C 55 44.92 -34.66 87.28
CA LEU C 55 45.82 -33.70 87.91
C LEU C 55 46.62 -34.38 89.00
N LEU C 56 47.85 -33.89 89.22
CA LEU C 56 48.74 -34.41 90.24
C LEU C 56 49.17 -33.28 91.17
N ASP C 57 49.20 -33.57 92.46
CA ASP C 57 49.57 -32.57 93.45
C ASP C 57 51.05 -32.25 93.36
N VAL C 58 51.40 -31.00 93.64
CA VAL C 58 52.78 -30.53 93.53
C VAL C 58 52.98 -29.36 94.48
N SER C 59 54.22 -29.20 94.93
CA SER C 59 54.54 -28.15 95.88
C SER C 59 54.28 -26.78 95.25
N PRO C 60 53.65 -25.84 95.98
CA PRO C 60 53.30 -24.57 95.36
C PRO C 60 54.53 -23.69 95.19
N PRO C 61 54.52 -22.76 94.23
CA PRO C 61 55.60 -21.77 94.17
C PRO C 61 55.70 -20.90 95.41
N GLY C 62 54.56 -20.58 96.03
CA GLY C 62 54.58 -19.67 97.16
C GLY C 62 53.27 -19.72 97.91
N ASP C 63 53.13 -18.76 98.82
CA ASP C 63 51.96 -18.72 99.70
C ASP C 63 50.71 -18.32 98.93
N GLY C 64 49.57 -18.90 99.32
CA GLY C 64 48.31 -18.57 98.72
C GLY C 64 48.12 -19.08 97.32
N VAL C 65 48.93 -20.05 96.89
CA VAL C 65 48.88 -20.59 95.54
C VAL C 65 48.71 -22.10 95.62
N ILE C 66 47.78 -22.62 94.81
CA ILE C 66 47.53 -24.05 94.70
C ILE C 66 48.02 -24.50 93.34
N ALA C 67 48.88 -25.51 93.31
CA ALA C 67 49.55 -25.96 92.09
C ALA C 67 49.20 -27.41 91.83
N HIS C 68 48.94 -27.73 90.55
CA HIS C 68 48.68 -29.09 90.11
C HIS C 68 49.35 -29.31 88.77
N LEU C 69 49.80 -30.55 88.54
CA LEU C 69 50.44 -30.91 87.28
C LEU C 69 49.50 -31.75 86.43
N ARG C 70 49.43 -31.43 85.14
CA ARG C 70 48.64 -32.20 84.20
C ARG C 70 49.32 -33.53 83.91
N ASP C 71 48.52 -34.58 83.75
CA ASP C 71 49.02 -35.93 83.62
C ASP C 71 48.95 -36.40 82.17
N ALA C 72 50.06 -36.95 81.69
CA ALA C 72 50.15 -37.41 80.31
C ALA C 72 50.90 -38.73 80.27
N LYS C 73 50.59 -39.52 79.24
CA LYS C 73 51.23 -40.80 78.98
C LYS C 73 52.19 -40.64 77.83
N PRO C 74 53.49 -40.90 78.02
CA PRO C 74 54.44 -40.74 76.92
C PRO C 74 54.30 -41.84 75.87
N LEU C 75 54.75 -41.53 74.67
CA LEU C 75 54.79 -42.47 73.56
C LEU C 75 56.17 -43.10 73.46
N VAL C 76 56.21 -44.37 73.07
CA VAL C 76 57.45 -45.12 72.97
C VAL C 76 57.66 -45.51 71.51
N ARG C 77 58.91 -45.38 71.05
CA ARG C 77 59.29 -45.71 69.69
C ARG C 77 59.97 -47.07 69.68
N LEU C 78 59.48 -47.98 68.86
CA LEU C 78 60.04 -49.33 68.71
C LEU C 78 60.68 -49.41 67.33
N ARG C 79 61.95 -49.80 67.31
CA ARG C 79 62.74 -49.93 66.10
C ARG C 79 63.37 -51.32 66.05
N VAL C 80 63.13 -52.03 64.95
CA VAL C 80 63.68 -53.37 64.76
C VAL C 80 64.57 -53.35 63.52
N PRO C 81 65.88 -53.56 63.65
CA PRO C 81 66.75 -53.53 62.47
C PRO C 81 66.86 -54.89 61.79
N PHE C 82 67.16 -54.84 60.50
CA PHE C 82 67.38 -56.04 59.71
C PHE C 82 68.29 -55.69 58.54
N THR C 83 68.78 -56.74 57.88
CA THR C 83 69.76 -56.61 56.81
C THR C 83 69.26 -57.30 55.55
N VAL C 84 69.52 -56.70 54.40
CA VAL C 84 69.07 -57.23 53.11
C VAL C 84 70.26 -57.29 52.16
N ALA C 85 70.18 -58.21 51.20
CA ALA C 85 71.27 -58.47 50.27
C ALA C 85 71.06 -57.70 48.96
N ARG C 86 72.12 -56.99 48.55
CA ARG C 86 72.09 -56.21 47.32
C ARG C 86 71.91 -57.07 46.08
N ARG C 87 72.33 -58.34 46.12
CA ARG C 87 72.07 -59.24 44.99
C ARG C 87 70.59 -59.52 44.82
N ASP C 88 69.88 -59.83 45.91
CA ASP C 88 68.44 -60.00 45.85
C ASP C 88 67.76 -58.71 45.45
N ILE C 89 68.27 -57.57 45.91
CA ILE C 89 67.71 -56.29 45.48
C ILE C 89 67.86 -56.11 43.96
N ASP C 90 69.05 -56.39 43.44
CA ASP C 90 69.32 -56.13 42.03
C ASP C 90 68.56 -57.08 41.13
N ASP C 91 68.35 -58.33 41.57
CA ASP C 91 67.69 -59.31 40.72
C ASP C 91 66.27 -58.89 40.34
N VAL C 92 65.64 -58.02 41.14
CA VAL C 92 64.24 -57.67 40.89
C VAL C 92 64.09 -56.99 39.53
N GLU C 93 64.97 -56.04 39.22
CA GLU C 93 64.86 -55.32 37.96
C GLU C 93 65.13 -56.23 36.77
N ARG C 94 65.68 -57.42 36.99
CA ARG C 94 65.85 -58.44 35.96
C ARG C 94 64.63 -59.33 35.82
N GLY C 95 63.49 -58.91 36.33
CA GLY C 95 62.29 -59.74 36.29
C GLY C 95 62.36 -60.96 37.17
N SER C 96 63.11 -60.90 38.26
CA SER C 96 63.15 -61.99 39.23
C SER C 96 62.06 -61.79 40.27
N GLN C 97 61.35 -62.86 40.58
CA GLN C 97 60.27 -62.83 41.56
C GLN C 97 60.32 -64.02 42.51
N ASP C 98 61.52 -64.47 42.90
CA ASP C 98 61.70 -65.40 43.99
C ASP C 98 62.71 -64.88 45.02
N SER C 99 62.88 -63.56 45.11
CA SER C 99 63.89 -62.97 45.97
C SER C 99 63.59 -63.26 47.44
N ASP C 100 64.64 -63.34 48.24
CA ASP C 100 64.54 -63.69 49.65
C ASP C 100 64.24 -62.43 50.47
N TRP C 101 63.13 -62.45 51.21
CA TRP C 101 62.74 -61.35 52.09
C TRP C 101 62.48 -61.87 53.51
N ASP C 102 63.13 -62.99 53.84
CA ASP C 102 62.95 -63.59 55.16
C ASP C 102 63.33 -62.66 56.30
N PRO C 103 64.45 -61.91 56.24
CA PRO C 103 64.70 -60.93 57.30
C PRO C 103 63.60 -59.91 57.45
N VAL C 104 63.02 -59.46 56.33
CA VAL C 104 61.89 -58.54 56.40
C VAL C 104 60.73 -59.18 57.16
N LYS C 105 60.41 -60.43 56.81
CA LYS C 105 59.29 -61.10 57.47
C LYS C 105 59.57 -61.28 58.97
N ASP C 106 60.81 -61.65 59.31
CA ASP C 106 61.15 -61.83 60.72
C ASP C 106 61.04 -60.54 61.50
N ALA C 107 61.52 -59.43 60.93
CA ALA C 107 61.42 -58.15 61.61
C ALA C 107 59.97 -57.74 61.79
N ALA C 108 59.14 -57.95 60.77
CA ALA C 108 57.72 -57.64 60.91
C ALA C 108 57.08 -58.47 62.01
N LYS C 109 57.41 -59.76 62.06
CA LYS C 109 56.89 -60.62 63.12
C LYS C 109 57.32 -60.11 64.49
N LYS C 110 58.59 -59.73 64.62
CA LYS C 110 59.09 -59.25 65.91
C LYS C 110 58.35 -57.98 66.34
N LEU C 111 58.16 -57.05 65.41
CA LEU C 111 57.46 -55.81 65.75
C LEU C 111 56.02 -56.08 66.16
N ALA C 112 55.32 -56.94 65.40
CA ALA C 112 53.96 -57.27 65.75
C ALA C 112 53.89 -57.92 67.13
N PHE C 113 54.84 -58.80 67.43
CA PHE C 113 54.83 -59.49 68.72
C PHE C 113 55.05 -58.50 69.86
N VAL C 114 56.00 -57.58 69.71
CA VAL C 114 56.23 -56.61 70.78
C VAL C 114 55.00 -55.73 70.97
N GLU C 115 54.38 -55.30 69.87
CA GLU C 115 53.19 -54.45 69.99
C GLU C 115 52.06 -55.19 70.72
N ASP C 116 51.78 -56.43 70.30
CA ASP C 116 50.69 -57.18 70.91
C ASP C 116 50.99 -57.51 72.37
N ARG C 117 52.25 -57.82 72.68
CA ARG C 117 52.61 -58.11 74.05
C ARG C 117 52.54 -56.88 74.95
N ALA C 118 52.88 -55.70 74.44
CA ALA C 118 52.66 -54.48 75.19
C ALA C 118 51.17 -54.22 75.41
N ILE C 119 50.35 -54.48 74.40
CA ILE C 119 48.92 -54.25 74.54
C ILE C 119 48.32 -55.18 75.59
N PHE C 120 48.67 -56.47 75.54
CA PHE C 120 47.97 -57.48 76.32
C PHE C 120 48.66 -57.87 77.63
N GLU C 121 49.92 -57.47 77.83
CA GLU C 121 50.68 -57.89 79.00
C GLU C 121 51.34 -56.73 79.73
N GLY C 122 51.69 -55.66 79.04
CA GLY C 122 52.25 -54.48 79.68
C GLY C 122 53.73 -54.32 79.39
N TYR C 123 54.14 -53.06 79.21
CA TYR C 123 55.54 -52.68 79.03
C TYR C 123 55.80 -51.58 80.06
N ALA C 124 56.29 -51.99 81.24
CA ALA C 124 56.30 -51.09 82.39
C ALA C 124 57.16 -49.86 82.14
N ALA C 125 58.35 -50.03 81.58
CA ALA C 125 59.24 -48.90 81.40
C ALA C 125 58.61 -47.80 80.55
N ALA C 126 57.68 -48.16 79.68
CA ALA C 126 56.92 -47.19 78.91
C ALA C 126 55.63 -46.76 79.62
N SER C 127 55.48 -47.13 80.89
CA SER C 127 54.29 -46.80 81.67
C SER C 127 53.03 -47.40 81.07
N ILE C 128 53.16 -48.51 80.37
CA ILE C 128 52.05 -49.18 79.70
C ILE C 128 51.57 -50.30 80.61
N GLU C 129 50.37 -50.15 81.17
CA GLU C 129 49.73 -51.22 81.93
C GLU C 129 48.83 -52.02 81.00
N GLY C 130 49.05 -53.33 80.94
CA GLY C 130 48.35 -54.17 80.00
C GLY C 130 46.93 -54.48 80.42
N ILE C 131 46.19 -55.06 79.48
CA ILE C 131 44.82 -55.48 79.74
C ILE C 131 44.76 -56.50 80.87
N ARG C 132 45.72 -57.43 80.92
CA ARG C 132 45.72 -58.44 81.96
C ARG C 132 45.77 -57.82 83.36
N SER C 133 46.68 -56.88 83.58
CA SER C 133 46.78 -56.24 84.89
C SER C 133 45.61 -55.30 85.15
N SER C 134 45.23 -54.51 84.15
CA SER C 134 44.16 -53.52 84.34
C SER C 134 42.80 -54.17 84.50
N SER C 135 42.66 -55.45 84.14
CA SER C 135 41.36 -56.10 84.25
C SER C 135 40.96 -56.24 85.72
N SER C 136 39.69 -55.95 86.00
CA SER C 136 39.15 -56.08 87.34
C SER C 136 38.43 -57.40 87.59
N ASN C 137 37.85 -57.99 86.55
CA ASN C 137 37.18 -59.27 86.71
C ASN C 137 38.20 -60.34 87.06
N PRO C 138 37.83 -61.33 87.88
CA PRO C 138 38.81 -62.33 88.31
C PRO C 138 39.36 -63.13 87.12
N ALA C 139 40.64 -63.47 87.21
CA ALA C 139 41.30 -64.23 86.16
C ALA C 139 41.01 -65.72 86.34
N LEU C 140 41.01 -66.44 85.22
CA LEU C 140 40.76 -67.87 85.22
C LEU C 140 42.01 -68.63 84.76
N ALA C 141 41.94 -69.95 84.86
CA ALA C 141 43.04 -70.83 84.47
C ALA C 141 42.61 -71.68 83.29
N LEU C 142 43.46 -71.72 82.26
CA LEU C 142 43.18 -72.50 81.07
C LEU C 142 43.47 -73.96 81.37
N PRO C 143 42.50 -74.87 81.25
CA PRO C 143 42.78 -76.27 81.57
C PRO C 143 43.82 -76.86 80.64
N ASP C 144 44.61 -77.80 81.19
CA ASP C 144 45.63 -78.47 80.39
C ASP C 144 44.99 -79.21 79.22
N ASP C 145 43.86 -79.88 79.46
CA ASP C 145 43.13 -80.56 78.40
C ASP C 145 42.38 -79.54 77.55
N ALA C 146 42.14 -79.90 76.28
CA ALA C 146 41.45 -79.00 75.37
C ALA C 146 39.93 -79.13 75.43
N ARG C 147 39.40 -80.14 76.13
CA ARG C 147 37.97 -80.39 76.11
C ARG C 147 37.21 -79.50 77.07
N GLU C 148 37.88 -78.96 78.09
CA GLU C 148 37.24 -78.15 79.12
C GLU C 148 37.35 -76.65 78.85
N ILE C 149 38.05 -76.25 77.79
CA ILE C 149 38.23 -74.82 77.52
C ILE C 149 36.89 -74.12 77.31
N PRO C 150 35.94 -74.68 76.56
CA PRO C 150 34.66 -73.96 76.37
C PRO C 150 33.94 -73.66 77.67
N ASP C 151 34.03 -74.54 78.65
CA ASP C 151 33.40 -74.27 79.95
C ASP C 151 34.00 -73.03 80.59
N VAL C 152 35.33 -72.91 80.54
CA VAL C 152 35.98 -71.75 81.13
C VAL C 152 35.62 -70.48 80.36
N ILE C 153 35.50 -70.58 79.04
CA ILE C 153 35.08 -69.42 78.25
C ILE C 153 33.66 -69.01 78.61
N ALA C 154 32.78 -69.99 78.82
CA ALA C 154 31.42 -69.66 79.25
C ALA C 154 31.42 -69.00 80.62
N GLN C 155 32.29 -69.46 81.53
CA GLN C 155 32.42 -68.81 82.82
C GLN C 155 32.88 -67.36 82.68
N ALA C 156 33.86 -67.12 81.81
CA ALA C 156 34.36 -65.76 81.61
C ALA C 156 33.28 -64.86 81.01
N LEU C 157 32.52 -65.38 80.05
CA LEU C 157 31.39 -64.62 79.53
C LEU C 157 30.39 -64.33 80.63
N SER C 158 30.12 -65.30 81.49
CA SER C 158 29.24 -65.06 82.62
C SER C 158 29.78 -63.94 83.51
N GLU C 159 31.10 -63.90 83.72
CA GLU C 159 31.66 -62.84 84.58
C GLU C 159 31.48 -61.46 83.96
N LEU C 160 31.95 -61.28 82.72
CA LEU C 160 31.75 -60.02 82.01
C LEU C 160 30.29 -59.61 82.05
N ARG C 161 29.43 -60.57 81.70
CA ARG C 161 28.03 -60.33 81.41
C ARG C 161 27.22 -60.21 82.69
N LEU C 162 27.77 -60.67 83.81
CA LEU C 162 27.33 -60.23 85.12
C LEU C 162 27.73 -58.79 85.36
N ALA C 163 29.00 -58.46 85.09
CA ALA C 163 29.51 -57.14 85.41
C ALA C 163 28.76 -56.04 84.66
N GLY C 164 28.11 -56.40 83.55
CA GLY C 164 27.21 -55.46 82.90
C GLY C 164 27.69 -54.90 81.58
N VAL C 165 28.70 -55.51 80.98
CA VAL C 165 29.22 -55.04 79.70
C VAL C 165 28.44 -55.69 78.56
N ASP C 166 28.28 -54.94 77.48
CA ASP C 166 27.52 -55.40 76.32
C ASP C 166 28.35 -55.31 75.05
N GLY C 167 27.71 -55.54 73.90
CA GLY C 167 28.38 -55.51 72.63
C GLY C 167 28.97 -56.85 72.26
N PRO C 168 29.37 -57.01 71.01
CA PRO C 168 29.91 -58.31 70.57
C PRO C 168 31.12 -58.70 71.41
N TYR C 169 31.20 -60.00 71.73
CA TYR C 169 32.29 -60.54 72.51
C TYR C 169 33.24 -61.32 71.60
N SER C 170 34.51 -61.32 71.97
CA SER C 170 35.55 -61.90 71.12
C SER C 170 36.56 -62.63 71.99
N VAL C 171 37.11 -63.72 71.44
CA VAL C 171 38.07 -64.57 72.12
C VAL C 171 39.38 -64.50 71.35
N LEU C 172 40.44 -64.09 72.03
CA LEU C 172 41.79 -64.08 71.47
C LEU C 172 42.55 -65.23 72.11
N LEU C 173 43.05 -66.14 71.28
CA LEU C 173 43.72 -67.34 71.77
C LEU C 173 45.20 -67.32 71.41
N SER C 174 46.00 -67.92 72.27
CA SER C 174 47.45 -67.99 72.09
C SER C 174 47.77 -68.92 70.93
N ALA C 175 49.03 -68.94 70.51
CA ALA C 175 49.45 -69.89 69.49
C ALA C 175 49.31 -71.32 69.97
N GLU C 176 49.79 -71.60 71.19
CA GLU C 176 49.77 -72.96 71.71
C GLU C 176 48.34 -73.42 71.96
N THR C 177 47.49 -72.52 72.46
CA THR C 177 46.10 -72.88 72.72
C THR C 177 45.30 -73.04 71.43
N TYR C 178 45.54 -72.17 70.45
CA TYR C 178 44.85 -72.28 69.17
C TYR C 178 45.25 -73.55 68.43
N THR C 179 46.54 -73.90 68.45
CA THR C 179 46.97 -75.17 67.89
C THR C 179 46.26 -76.32 68.56
N LYS C 180 46.12 -76.27 69.89
CA LYS C 180 45.47 -77.34 70.62
C LYS C 180 44.01 -77.48 70.21
N VAL C 181 43.26 -76.37 70.25
CA VAL C 181 41.83 -76.45 69.94
C VAL C 181 41.61 -76.80 68.47
N SER C 182 42.57 -76.46 67.60
CA SER C 182 42.44 -76.80 66.19
C SER C 182 42.69 -78.27 65.94
N GLU C 183 43.82 -78.78 66.42
CA GLU C 183 44.15 -80.19 66.20
C GLU C 183 43.14 -81.10 66.90
N THR C 184 42.76 -80.76 68.12
CA THR C 184 41.80 -81.56 68.87
C THR C 184 40.42 -81.47 68.21
N THR C 185 39.68 -82.57 68.25
CA THR C 185 38.39 -82.68 67.60
C THR C 185 37.41 -83.41 68.51
N ALA C 186 36.12 -83.19 68.26
CA ALA C 186 35.07 -83.85 69.02
C ALA C 186 33.81 -83.91 68.17
N HIS C 187 33.22 -85.11 68.07
CA HIS C 187 31.99 -85.33 67.32
C HIS C 187 32.13 -84.85 65.87
N GLY C 188 33.35 -84.92 65.35
CA GLY C 188 33.59 -84.51 63.98
C GLY C 188 33.71 -83.01 63.77
N TYR C 189 33.89 -82.22 64.83
CA TYR C 189 34.19 -80.81 64.71
C TYR C 189 35.34 -80.43 65.65
N PRO C 190 36.19 -79.48 65.25
CA PRO C 190 37.25 -79.03 66.17
C PRO C 190 36.71 -78.34 67.40
N ILE C 191 37.51 -78.44 68.46
CA ILE C 191 37.20 -77.73 69.70
C ILE C 191 37.16 -76.24 69.45
N ARG C 192 37.88 -75.75 68.43
CA ARG C 192 37.80 -74.33 68.08
C ARG C 192 36.40 -73.96 67.58
N GLU C 193 35.80 -74.80 66.73
CA GLU C 193 34.42 -74.55 66.33
C GLU C 193 33.49 -74.64 67.54
N HIS C 194 33.73 -75.62 68.41
CA HIS C 194 32.98 -75.68 69.66
C HIS C 194 33.02 -74.33 70.38
N ILE C 195 34.21 -73.73 70.49
CA ILE C 195 34.33 -72.42 71.15
C ILE C 195 33.56 -71.37 70.37
N ASN C 196 33.76 -71.32 69.04
CA ASN C 196 33.13 -70.30 68.21
C ASN C 196 31.62 -70.30 68.40
N ARG C 197 31.03 -71.47 68.61
CA ARG C 197 29.57 -71.56 68.71
C ARG C 197 29.00 -70.63 69.78
N LEU C 198 29.77 -70.30 70.81
CA LEU C 198 29.25 -69.54 71.95
C LEU C 198 29.18 -68.05 71.68
N VAL C 199 30.28 -67.47 71.18
CA VAL C 199 30.39 -66.02 71.08
C VAL C 199 29.64 -65.52 69.86
N ASP C 200 29.39 -64.20 69.85
CA ASP C 200 28.76 -63.52 68.73
C ASP C 200 29.78 -62.90 67.79
N GLY C 201 31.00 -62.65 68.25
CA GLY C 201 32.00 -62.00 67.44
C GLY C 201 32.87 -62.97 66.66
N GLU C 202 34.18 -62.94 66.89
CA GLU C 202 35.13 -63.72 66.12
C GLU C 202 36.13 -64.39 67.05
N ILE C 203 36.79 -65.41 66.52
CA ILE C 203 37.92 -66.06 67.17
C ILE C 203 39.19 -65.52 66.53
N ILE C 204 40.16 -65.08 67.34
CA ILE C 204 41.34 -64.37 66.85
C ILE C 204 42.61 -65.08 67.31
N TRP C 205 43.59 -65.13 66.40
CA TRP C 205 44.95 -65.58 66.70
C TRP C 205 45.69 -64.51 67.49
N ALA C 206 46.30 -64.90 68.60
CA ALA C 206 47.16 -63.99 69.36
C ALA C 206 48.46 -64.69 69.73
N PRO C 207 49.39 -64.87 68.79
CA PRO C 207 50.60 -65.66 69.11
C PRO C 207 51.46 -64.99 70.15
N ALA C 208 51.52 -63.65 70.11
CA ALA C 208 52.37 -62.90 71.03
C ALA C 208 51.93 -63.08 72.48
N ILE C 209 50.62 -63.13 72.72
CA ILE C 209 50.11 -63.21 74.08
C ILE C 209 50.25 -64.64 74.58
N ASP C 210 50.11 -64.83 75.88
CA ASP C 210 50.21 -66.14 76.51
C ASP C 210 48.92 -66.38 77.29
N GLY C 211 48.17 -67.41 76.90
CA GLY C 211 46.92 -67.73 77.56
C GLY C 211 45.73 -67.53 76.66
N ALA C 212 44.73 -66.80 77.15
CA ALA C 212 43.54 -66.51 76.36
C ALA C 212 42.87 -65.27 76.94
N PHE C 213 42.03 -64.62 76.13
CA PHE C 213 41.36 -63.40 76.58
C PHE C 213 39.96 -63.37 75.99
N VAL C 214 38.97 -63.06 76.81
CA VAL C 214 37.60 -62.86 76.35
C VAL C 214 37.22 -61.41 76.65
N LEU C 215 36.88 -60.64 75.61
CA LEU C 215 36.67 -59.21 75.82
C LEU C 215 35.53 -58.70 74.94
N SER C 216 34.99 -57.56 75.35
CA SER C 216 33.92 -56.90 74.60
C SER C 216 34.51 -55.97 73.55
N THR C 217 33.75 -55.75 72.48
CA THR C 217 34.16 -54.88 71.38
C THR C 217 33.11 -53.81 71.11
N ARG C 218 32.34 -53.43 72.13
CA ARG C 218 31.39 -52.34 71.97
C ARG C 218 32.09 -51.04 71.57
N GLY C 219 33.25 -50.78 72.17
CA GLY C 219 34.01 -49.58 71.87
C GLY C 219 34.16 -48.67 73.06
N GLY C 220 35.23 -47.88 73.07
CA GLY C 220 35.47 -46.92 74.13
C GLY C 220 36.17 -47.47 75.36
N ASP C 221 36.69 -48.70 75.30
CA ASP C 221 37.37 -49.31 76.44
C ASP C 221 38.86 -49.48 76.24
N PHE C 222 39.34 -49.60 75.00
CA PHE C 222 40.77 -49.75 74.74
C PHE C 222 41.15 -48.76 73.63
N ASP C 223 42.31 -48.13 73.78
CA ASP C 223 42.76 -47.13 72.82
C ASP C 223 44.24 -47.36 72.52
N LEU C 224 44.56 -47.64 71.26
CA LEU C 224 45.94 -47.74 70.79
C LEU C 224 46.29 -46.43 70.10
N GLN C 225 47.09 -45.59 70.77
CA GLN C 225 47.47 -44.31 70.23
C GLN C 225 48.76 -44.44 69.43
N LEU C 226 48.73 -43.97 68.19
CA LEU C 226 49.89 -44.02 67.29
C LEU C 226 50.30 -42.61 66.94
N GLY C 227 51.60 -42.33 67.06
CA GLY C 227 52.14 -41.08 66.56
C GLY C 227 52.45 -41.20 65.08
N THR C 228 53.18 -42.26 64.74
CA THR C 228 53.45 -42.62 63.35
C THR C 228 53.27 -44.12 63.19
N ASP C 229 52.65 -44.52 62.09
CA ASP C 229 52.38 -45.94 61.84
C ASP C 229 53.69 -46.63 61.47
N VAL C 230 53.59 -47.92 61.12
CA VAL C 230 54.77 -48.70 60.79
C VAL C 230 55.44 -48.10 59.56
N SER C 231 56.76 -47.92 59.64
CA SER C 231 57.54 -47.37 58.53
C SER C 231 58.85 -48.12 58.41
N ILE C 232 59.43 -48.09 57.22
CA ILE C 232 60.70 -48.75 56.93
C ILE C 232 61.72 -47.70 56.54
N GLY C 233 62.90 -47.76 57.16
CA GLY C 233 63.94 -46.78 56.93
C GLY C 233 65.30 -47.38 56.59
N TYR C 234 66.30 -46.51 56.43
CA TYR C 234 67.63 -46.89 56.00
C TYR C 234 68.65 -46.30 56.96
N LEU C 235 69.63 -47.11 57.39
CA LEU C 235 70.71 -46.62 58.25
C LEU C 235 72.03 -46.49 57.50
N SER C 236 72.49 -47.56 56.87
CA SER C 236 73.77 -47.55 56.17
C SER C 236 73.76 -48.69 55.15
N HIS C 237 74.84 -48.81 54.40
CA HIS C 237 74.92 -49.83 53.36
C HIS C 237 76.38 -50.17 53.11
N ASP C 238 76.59 -51.27 52.39
CA ASP C 238 77.90 -51.82 52.12
C ASP C 238 77.89 -52.37 50.69
N ALA C 239 79.04 -52.87 50.24
CA ALA C 239 79.13 -53.45 48.91
C ALA C 239 78.25 -54.68 48.74
N GLU C 240 77.77 -55.28 49.83
CA GLU C 240 77.01 -56.52 49.79
C GLU C 240 75.63 -56.42 50.40
N VAL C 241 75.44 -55.57 51.42
CA VAL C 241 74.21 -55.55 52.19
C VAL C 241 73.76 -54.11 52.42
N VAL C 242 72.49 -53.98 52.83
CA VAL C 242 71.93 -52.71 53.26
C VAL C 242 71.24 -52.96 54.59
N HIS C 243 71.40 -52.02 55.52
CA HIS C 243 70.79 -52.12 56.85
C HIS C 243 69.57 -51.21 56.92
N LEU C 244 68.42 -51.79 57.23
CA LEU C 244 67.15 -51.10 57.32
C LEU C 244 66.54 -51.34 58.69
N TYR C 245 65.46 -50.63 58.98
CA TYR C 245 64.75 -50.82 60.24
C TYR C 245 63.26 -50.62 60.02
N MET C 246 62.47 -51.27 60.85
CA MET C 246 61.02 -51.03 60.91
C MET C 246 60.71 -50.33 62.22
N GLU C 247 59.96 -49.22 62.12
CA GLU C 247 59.79 -48.29 63.22
C GLU C 247 58.31 -47.98 63.41
N GLU C 248 57.91 -47.85 64.68
CA GLU C 248 56.57 -47.35 64.99
C GLU C 248 56.55 -46.73 66.38
N THR C 249 55.82 -45.63 66.52
CA THR C 249 55.71 -44.90 67.78
C THR C 249 54.28 -45.02 68.31
N MET C 250 54.14 -45.58 69.51
CA MET C 250 52.83 -45.98 69.99
C MET C 250 52.75 -45.89 71.52
N THR C 251 51.52 -46.00 72.00
CA THR C 251 51.22 -46.28 73.40
C THR C 251 49.82 -46.89 73.45
N PHE C 252 49.50 -47.49 74.60
CA PHE C 252 48.22 -48.18 74.78
C PHE C 252 47.58 -47.73 76.09
N LEU C 253 46.26 -47.56 76.06
CA LEU C 253 45.50 -47.18 77.24
C LEU C 253 44.27 -48.05 77.37
N CYS C 254 43.99 -48.49 78.60
CA CYS C 254 42.76 -49.19 78.93
C CYS C 254 41.95 -48.32 79.88
N TYR C 255 40.68 -48.11 79.55
CA TYR C 255 39.79 -47.25 80.32
C TYR C 255 38.78 -48.02 81.15
N THR C 256 38.25 -49.12 80.62
CA THR C 256 37.26 -49.93 81.30
C THR C 256 37.92 -51.24 81.74
N ALA C 257 38.01 -51.44 83.06
CA ALA C 257 38.67 -52.63 83.59
C ALA C 257 37.75 -53.84 83.60
N GLU C 258 36.45 -53.64 83.39
CA GLU C 258 35.47 -54.73 83.50
C GLU C 258 35.05 -55.29 82.14
N ALA C 259 35.68 -54.87 81.05
CA ALA C 259 35.30 -55.30 79.71
C ALA C 259 36.13 -56.47 79.19
N SER C 260 36.95 -57.08 80.05
CA SER C 260 37.83 -58.17 79.61
C SER C 260 37.98 -59.18 80.75
N VAL C 261 38.31 -60.41 80.35
CA VAL C 261 38.61 -61.50 81.28
C VAL C 261 39.84 -62.21 80.75
N ALA C 262 40.79 -62.50 81.62
CA ALA C 262 42.05 -63.11 81.24
C ALA C 262 42.11 -64.54 81.75
N LEU C 263 42.68 -65.42 80.93
CA LEU C 263 42.87 -66.83 81.28
C LEU C 263 44.35 -67.15 81.14
N THR C 264 44.94 -67.62 82.23
CA THR C 264 46.38 -67.86 82.28
C THR C 264 46.69 -69.33 82.03
N PRO C 265 47.81 -69.63 81.36
CA PRO C 265 48.16 -71.02 81.06
C PRO C 265 48.24 -71.90 82.30
N ASN D 2 41.70 45.06 -66.67
CA ASN D 2 42.99 44.56 -67.11
C ASN D 2 43.50 45.36 -68.30
N ASN D 3 44.62 44.91 -68.89
CA ASN D 3 45.26 45.64 -69.97
C ASN D 3 44.47 45.59 -71.27
N LEU D 4 43.46 44.73 -71.36
CA LEU D 4 42.64 44.67 -72.58
C LEU D 4 41.84 45.95 -72.76
N TYR D 5 41.38 46.54 -71.65
CA TYR D 5 40.57 47.76 -71.69
C TYR D 5 39.29 47.55 -72.50
N ARG D 6 38.62 46.42 -72.25
CA ARG D 6 37.36 46.14 -72.92
C ARG D 6 36.22 46.98 -72.38
N ASP D 7 36.26 47.35 -71.09
CA ASP D 7 35.19 48.15 -70.51
C ASP D 7 35.06 49.51 -71.19
N LEU D 8 36.10 49.97 -71.88
CA LEU D 8 36.07 51.25 -72.57
C LEU D 8 35.56 51.16 -74.00
N ALA D 9 35.32 49.94 -74.51
CA ALA D 9 34.92 49.80 -75.90
C ALA D 9 33.40 49.96 -76.03
N PRO D 10 32.91 50.57 -77.12
CA PRO D 10 31.46 50.69 -77.33
C PRO D 10 30.84 49.43 -77.91
N ILE D 11 30.91 48.35 -77.14
CA ILE D 11 30.42 47.04 -77.58
C ILE D 11 29.63 46.42 -76.43
N THR D 12 28.51 45.79 -76.77
CA THR D 12 27.65 45.17 -75.78
C THR D 12 28.12 43.75 -75.44
N GLU D 13 27.54 43.20 -74.38
CA GLU D 13 27.92 41.86 -73.94
C GLU D 13 27.59 40.83 -75.01
N SER D 14 26.43 40.96 -75.65
CA SER D 14 26.05 39.99 -76.68
C SER D 14 27.00 40.02 -77.86
N ALA D 15 27.38 41.22 -78.33
CA ALA D 15 28.31 41.31 -79.44
C ALA D 15 29.69 40.80 -79.04
N TRP D 16 30.10 41.07 -77.81
CA TRP D 16 31.36 40.52 -77.32
C TRP D 16 31.33 38.99 -77.36
N ALA D 17 30.22 38.40 -76.91
CA ALA D 17 30.10 36.94 -76.93
C ALA D 17 30.15 36.41 -78.36
N GLU D 18 29.44 37.07 -79.28
CA GLU D 18 29.45 36.62 -80.66
C GLU D 18 30.86 36.66 -81.24
N ILE D 19 31.59 37.75 -81.00
CA ILE D 19 32.94 37.89 -81.53
C ILE D 19 33.85 36.82 -80.95
N GLU D 20 33.77 36.61 -79.62
CA GLU D 20 34.60 35.60 -79.00
C GLU D 20 34.30 34.22 -79.56
N LEU D 21 33.02 33.87 -79.70
CA LEU D 21 32.65 32.57 -80.24
C LEU D 21 33.17 32.40 -81.66
N GLU D 22 33.00 33.41 -82.50
CA GLU D 22 33.43 33.30 -83.88
C GLU D 22 34.95 33.16 -83.98
N ALA D 23 35.71 33.91 -83.18
CA ALA D 23 37.16 33.77 -83.22
C ALA D 23 37.61 32.42 -82.70
N THR D 24 37.02 31.95 -81.60
CA THR D 24 37.41 30.66 -81.04
C THR D 24 37.15 29.54 -82.05
N ARG D 25 35.98 29.54 -82.68
CA ARG D 25 35.66 28.49 -83.63
C ARG D 25 36.68 28.44 -84.76
N THR D 26 36.97 29.60 -85.36
CA THR D 26 37.88 29.64 -86.50
C THR D 26 39.29 29.24 -86.10
N PHE D 27 39.77 29.73 -84.95
CA PHE D 27 41.12 29.37 -84.51
C PHE D 27 41.22 27.87 -84.24
N LYS D 28 40.23 27.30 -83.55
CA LYS D 28 40.25 25.87 -83.27
C LYS D 28 40.15 25.05 -84.55
N ARG D 29 39.50 25.61 -85.58
CA ARG D 29 39.49 24.96 -86.88
C ARG D 29 40.87 24.96 -87.52
N HIS D 30 41.53 26.12 -87.54
CA HIS D 30 42.74 26.30 -88.33
C HIS D 30 44.01 25.91 -87.60
N ILE D 31 43.93 25.54 -86.33
CA ILE D 31 45.11 25.22 -85.52
C ILE D 31 45.32 23.72 -85.53
N ALA D 32 46.59 23.30 -85.62
CA ALA D 32 46.95 21.90 -85.69
C ALA D 32 48.00 21.45 -84.68
N GLY D 33 49.00 22.29 -84.38
CA GLY D 33 50.07 21.86 -83.49
C GLY D 33 49.58 21.52 -82.10
N ARG D 34 48.57 22.24 -81.62
CA ARG D 34 48.02 22.01 -80.29
C ARG D 34 47.46 20.61 -80.12
N ARG D 35 47.15 19.92 -81.22
CA ARG D 35 46.61 18.57 -81.18
C ARG D 35 47.69 17.51 -81.11
N VAL D 36 48.96 17.86 -81.32
CA VAL D 36 50.03 16.87 -81.33
C VAL D 36 51.20 17.30 -80.46
N VAL D 37 51.07 18.42 -79.76
CA VAL D 37 52.15 18.90 -78.89
C VAL D 37 51.58 19.13 -77.49
N ASP D 38 52.38 18.79 -76.49
CA ASP D 38 52.01 19.08 -75.11
C ASP D 38 51.96 20.59 -74.91
N VAL D 39 50.98 21.04 -74.13
CA VAL D 39 50.74 22.46 -73.89
C VAL D 39 50.90 22.72 -72.41
N SER D 40 51.82 23.63 -72.07
CA SER D 40 51.98 24.09 -70.69
C SER D 40 51.04 25.27 -70.49
N GLY D 41 50.00 25.07 -69.68
CA GLY D 41 48.95 26.05 -69.53
C GLY D 41 49.49 27.42 -69.18
N PRO D 42 48.65 28.45 -69.34
CA PRO D 42 49.11 29.82 -69.06
C PRO D 42 49.66 29.94 -67.65
N ASN D 43 50.85 30.53 -67.55
CA ASN D 43 51.52 30.75 -66.27
C ASN D 43 51.36 32.17 -65.77
N GLY D 44 50.65 33.02 -66.50
CA GLY D 44 50.36 34.38 -66.06
C GLY D 44 51.12 35.42 -66.84
N PRO D 45 50.65 36.66 -66.79
CA PRO D 45 51.36 37.74 -67.52
C PRO D 45 52.77 38.00 -67.00
N THR D 46 53.07 37.60 -65.77
CA THR D 46 54.40 37.79 -65.21
C THR D 46 55.45 36.88 -65.83
N THR D 47 55.03 35.83 -66.54
CA THR D 47 55.96 34.89 -67.13
C THR D 47 56.61 35.49 -68.38
N ALA D 48 57.93 35.42 -68.45
CA ALA D 48 58.68 36.01 -69.55
C ALA D 48 59.66 35.05 -70.22
N SER D 49 60.06 33.97 -69.57
CA SER D 49 61.05 33.08 -70.16
C SER D 49 60.87 31.69 -69.57
N VAL D 50 61.48 30.71 -70.24
CA VAL D 50 61.43 29.31 -69.82
C VAL D 50 62.87 28.83 -69.64
N SER D 51 63.18 28.36 -68.43
CA SER D 51 64.52 27.87 -68.13
C SER D 51 64.78 26.59 -68.91
N THR D 52 66.02 26.40 -69.36
CA THR D 52 66.42 25.15 -70.01
C THR D 52 67.26 24.26 -69.11
N GLY D 53 67.74 24.77 -67.99
CA GLY D 53 68.58 24.01 -67.10
C GLY D 53 70.02 23.90 -67.53
N HIS D 54 70.40 24.54 -68.63
CA HIS D 54 71.77 24.53 -69.12
C HIS D 54 72.53 25.74 -68.60
N LEU D 55 73.85 25.68 -68.73
CA LEU D 55 74.74 26.74 -68.29
C LEU D 55 75.60 27.23 -69.44
N LEU D 56 75.96 28.51 -69.39
CA LEU D 56 76.79 29.14 -70.41
C LEU D 56 78.02 29.76 -69.74
N ASP D 57 79.17 29.58 -70.38
CA ASP D 57 80.42 30.11 -69.84
C ASP D 57 80.44 31.63 -69.94
N VAL D 58 81.08 32.27 -68.97
CA VAL D 58 81.13 33.73 -68.89
C VAL D 58 82.38 34.14 -68.14
N SER D 59 82.88 35.33 -68.46
CA SER D 59 84.10 35.82 -67.85
C SER D 59 83.90 36.00 -66.34
N PRO D 60 84.86 35.57 -65.51
CA PRO D 60 84.63 35.64 -64.06
C PRO D 60 84.75 37.07 -63.56
N PRO D 61 84.10 37.40 -62.44
CA PRO D 61 84.34 38.71 -61.81
C PRO D 61 85.79 38.90 -61.39
N GLY D 62 86.46 37.84 -60.95
CA GLY D 62 87.81 37.99 -60.43
C GLY D 62 88.50 36.65 -60.32
N ASP D 63 89.65 36.68 -59.65
CA ASP D 63 90.48 35.49 -59.53
C ASP D 63 89.85 34.47 -58.60
N GLY D 64 90.04 33.19 -58.92
CA GLY D 64 89.54 32.12 -58.09
C GLY D 64 88.05 31.94 -58.12
N VAL D 65 87.36 32.49 -59.12
CA VAL D 65 85.91 32.43 -59.22
C VAL D 65 85.54 31.87 -60.58
N ILE D 66 84.61 30.91 -60.58
CA ILE D 66 84.08 30.30 -61.79
C ILE D 66 82.65 30.78 -61.96
N ALA D 67 82.35 31.34 -63.13
CA ALA D 67 81.06 31.97 -63.38
C ALA D 67 80.37 31.28 -64.55
N HIS D 68 79.06 31.07 -64.41
CA HIS D 68 78.23 30.50 -65.46
C HIS D 68 76.89 31.20 -65.48
N LEU D 69 76.31 31.34 -66.67
CA LEU D 69 75.01 31.97 -66.84
C LEU D 69 73.94 30.92 -67.11
N ARG D 70 72.81 31.07 -66.44
CA ARG D 70 71.67 30.19 -66.67
C ARG D 70 71.01 30.52 -68.00
N ASP D 71 70.54 29.49 -68.69
CA ASP D 71 70.02 29.63 -70.04
C ASP D 71 68.50 29.57 -70.04
N ALA D 72 67.89 30.54 -70.73
CA ALA D 72 66.44 30.63 -70.79
C ALA D 72 66.02 30.99 -72.21
N LYS D 73 64.80 30.59 -72.56
CA LYS D 73 64.19 30.89 -73.84
C LYS D 73 63.15 31.97 -73.64
N PRO D 74 63.26 33.12 -74.30
CA PRO D 74 62.28 34.18 -74.12
C PRO D 74 60.95 33.86 -74.80
N LEU D 75 59.90 34.48 -74.30
CA LEU D 75 58.56 34.37 -74.87
C LEU D 75 58.30 35.54 -75.80
N VAL D 76 57.56 35.28 -76.88
CA VAL D 76 57.25 36.28 -77.89
C VAL D 76 55.75 36.52 -77.90
N ARG D 77 55.37 37.79 -78.00
CA ARG D 77 53.97 38.19 -78.04
C ARG D 77 53.57 38.49 -79.48
N LEU D 78 52.51 37.85 -79.95
CA LEU D 78 51.98 38.05 -81.30
C LEU D 78 50.65 38.78 -81.17
N ARG D 79 50.53 39.88 -81.88
CA ARG D 79 49.34 40.73 -81.88
C ARG D 79 48.90 40.97 -83.32
N VAL D 80 47.64 40.65 -83.60
CA VAL D 80 47.07 40.84 -84.94
C VAL D 80 45.90 41.82 -84.82
N PRO D 81 45.98 43.01 -85.42
CA PRO D 81 44.87 43.97 -85.31
C PRO D 81 43.83 43.77 -86.40
N PHE D 82 42.61 44.19 -86.08
CA PHE D 82 41.50 44.17 -87.03
C PHE D 82 40.50 45.24 -86.63
N THR D 83 39.57 45.49 -87.55
CA THR D 83 38.60 46.57 -87.41
C THR D 83 37.19 46.02 -87.55
N VAL D 84 36.26 46.54 -86.75
CA VAL D 84 34.87 46.10 -86.76
C VAL D 84 33.96 47.31 -86.89
N ALA D 85 32.77 47.07 -87.43
CA ALA D 85 31.81 48.13 -87.71
C ALA D 85 30.79 48.27 -86.60
N ARG D 86 30.62 49.51 -86.13
CA ARG D 86 29.67 49.80 -85.06
C ARG D 86 28.23 49.52 -85.45
N ARG D 87 27.90 49.57 -86.74
CA ARG D 87 26.56 49.20 -87.18
C ARG D 87 26.30 47.72 -86.98
N ASP D 88 27.23 46.86 -87.37
CA ASP D 88 27.11 45.43 -87.10
C ASP D 88 27.09 45.16 -85.61
N ILE D 89 27.87 45.91 -84.84
CA ILE D 89 27.83 45.75 -83.39
C ILE D 89 26.44 46.09 -82.84
N ASP D 90 25.87 47.21 -83.29
CA ASP D 90 24.60 47.67 -82.73
C ASP D 90 23.45 46.77 -83.14
N ASP D 91 23.51 46.20 -84.36
CA ASP D 91 22.40 45.38 -84.83
C ASP D 91 22.14 44.17 -83.95
N VAL D 92 23.15 43.72 -83.19
CA VAL D 92 23.00 42.50 -82.40
C VAL D 92 21.89 42.66 -81.36
N GLU D 93 21.89 43.79 -80.65
CA GLU D 93 20.88 44.00 -79.61
C GLU D 93 19.49 44.11 -80.18
N ARG D 94 19.36 44.31 -81.50
CA ARG D 94 18.08 44.30 -82.19
C ARG D 94 17.67 42.90 -82.63
N GLY D 95 18.26 41.87 -82.06
CA GLY D 95 17.97 40.51 -82.47
C GLY D 95 18.45 40.16 -83.86
N SER D 96 19.53 40.80 -84.32
CA SER D 96 20.13 40.46 -85.60
C SER D 96 21.16 39.37 -85.39
N GLN D 97 21.14 38.37 -86.27
CA GLN D 97 22.07 37.25 -86.22
C GLN D 97 22.63 36.89 -87.59
N ASP D 98 22.89 37.89 -88.44
CA ASP D 98 23.66 37.71 -89.66
C ASP D 98 24.81 38.73 -89.75
N SER D 99 25.28 39.22 -88.60
CA SER D 99 26.30 40.27 -88.59
C SER D 99 27.61 39.76 -89.18
N ASP D 100 28.37 40.68 -89.77
CA ASP D 100 29.61 40.35 -90.45
C ASP D 100 30.76 40.33 -89.43
N TRP D 101 31.45 39.19 -89.35
CA TRP D 101 32.61 39.01 -88.48
C TRP D 101 33.80 38.50 -89.28
N ASP D 102 33.80 38.79 -90.58
CA ASP D 102 34.89 38.34 -91.45
C ASP D 102 36.25 38.84 -91.02
N PRO D 103 36.43 40.12 -90.63
CA PRO D 103 37.73 40.52 -90.09
C PRO D 103 38.16 39.71 -88.88
N VAL D 104 37.22 39.39 -88.00
CA VAL D 104 37.53 38.54 -86.85
C VAL D 104 38.05 37.19 -87.34
N LYS D 105 37.36 36.58 -88.29
CA LYS D 105 37.78 35.27 -88.77
C LYS D 105 39.16 35.34 -89.43
N ASP D 106 39.40 36.40 -90.21
CA ASP D 106 40.69 36.55 -90.88
C ASP D 106 41.82 36.72 -89.87
N ALA D 107 41.60 37.52 -88.83
CA ALA D 107 42.63 37.71 -87.82
C ALA D 107 42.90 36.41 -87.08
N ALA D 108 41.85 35.65 -86.75
CA ALA D 108 42.06 34.35 -86.11
C ALA D 108 42.86 33.42 -87.00
N LYS D 109 42.54 33.39 -88.29
CA LYS D 109 43.29 32.56 -89.23
C LYS D 109 44.75 32.98 -89.26
N LYS D 110 45.01 34.28 -89.31
CA LYS D 110 46.38 34.78 -89.35
C LYS D 110 47.16 34.36 -88.11
N LEU D 111 46.54 34.51 -86.94
CA LEU D 111 47.22 34.14 -85.70
C LEU D 111 47.51 32.64 -85.66
N ALA D 112 46.53 31.82 -86.04
CA ALA D 112 46.74 30.38 -86.06
C ALA D 112 47.88 30.02 -87.02
N PHE D 113 47.92 30.67 -88.18
CA PHE D 113 48.94 30.35 -89.17
C PHE D 113 50.32 30.72 -88.64
N VAL D 114 50.46 31.89 -88.02
CA VAL D 114 51.78 32.26 -87.49
C VAL D 114 52.20 31.30 -86.39
N GLU D 115 51.27 30.93 -85.51
CA GLU D 115 51.62 30.00 -84.43
C GLU D 115 52.08 28.65 -85.00
N ASP D 116 51.32 28.09 -85.94
CA ASP D 116 51.66 26.79 -86.49
C ASP D 116 52.96 26.85 -87.28
N ARG D 117 53.18 27.95 -88.01
CA ARG D 117 54.42 28.09 -88.76
C ARG D 117 55.63 28.26 -87.86
N ALA D 118 55.50 28.95 -86.73
CA ALA D 118 56.57 28.99 -85.76
C ALA D 118 56.84 27.61 -85.16
N ILE D 119 55.78 26.85 -84.88
CA ILE D 119 55.96 25.53 -84.31
C ILE D 119 56.69 24.60 -85.29
N PHE D 120 56.27 24.61 -86.55
CA PHE D 120 56.71 23.59 -87.51
C PHE D 120 57.86 24.03 -88.42
N GLU D 121 58.19 25.32 -88.46
CA GLU D 121 59.19 25.83 -89.38
C GLU D 121 60.23 26.70 -88.71
N GLY D 122 59.90 27.38 -87.63
CA GLY D 122 60.85 28.17 -86.89
C GLY D 122 60.64 29.66 -87.08
N TYR D 123 60.85 30.41 -85.99
CA TYR D 123 60.81 31.87 -85.98
C TYR D 123 62.12 32.32 -85.33
N ALA D 124 63.13 32.57 -86.17
CA ALA D 124 64.49 32.70 -85.66
C ALA D 124 64.63 33.87 -84.70
N ALA D 125 64.05 35.02 -85.05
CA ALA D 125 64.22 36.21 -84.20
C ALA D 125 63.73 35.97 -82.78
N ALA D 126 62.78 35.06 -82.61
CA ALA D 126 62.32 34.66 -81.29
C ALA D 126 63.11 33.48 -80.73
N SER D 127 64.21 33.11 -81.38
CA SER D 127 65.04 31.98 -80.96
C SER D 127 64.27 30.67 -80.99
N ILE D 128 63.28 30.56 -81.86
CA ILE D 128 62.43 29.38 -81.97
C ILE D 128 62.97 28.54 -83.12
N GLU D 129 63.52 27.38 -82.80
CA GLU D 129 63.93 26.41 -83.81
C GLU D 129 62.80 25.42 -84.03
N GLY D 130 62.36 25.30 -85.28
CA GLY D 130 61.20 24.49 -85.60
C GLY D 130 61.50 23.00 -85.60
N ILE D 131 60.41 22.23 -85.67
CA ILE D 131 60.53 20.78 -85.74
C ILE D 131 61.30 20.34 -86.97
N ARG D 132 61.10 21.01 -88.10
CA ARG D 132 61.79 20.65 -89.33
C ARG D 132 63.31 20.72 -89.15
N SER D 133 63.81 21.82 -88.61
CA SER D 133 65.25 21.96 -88.42
C SER D 133 65.76 21.08 -87.29
N SER D 134 65.03 21.01 -86.18
CA SER D 134 65.49 20.23 -85.03
C SER D 134 65.44 18.73 -85.29
N SER D 135 64.71 18.29 -86.32
CA SER D 135 64.61 16.86 -86.59
C SER D 135 65.97 16.31 -87.01
N SER D 136 66.30 15.14 -86.47
CA SER D 136 67.55 14.45 -86.80
C SER D 136 67.39 13.40 -87.88
N ASN D 137 66.21 12.78 -87.98
CA ASN D 137 65.98 11.78 -89.00
C ASN D 137 66.01 12.44 -90.38
N PRO D 138 66.50 11.75 -91.41
CA PRO D 138 66.63 12.38 -92.72
C PRO D 138 65.27 12.82 -93.27
N ALA D 139 65.27 13.94 -93.97
CA ALA D 139 64.05 14.47 -94.57
C ALA D 139 63.78 13.78 -95.90
N LEU D 140 62.50 13.69 -96.25
CA LEU D 140 62.08 13.08 -97.50
C LEU D 140 61.43 14.12 -98.41
N ALA D 141 61.14 13.69 -99.64
CA ALA D 141 60.53 14.55 -100.65
C ALA D 141 59.14 14.03 -100.98
N LEU D 142 58.16 14.92 -100.97
CA LEU D 142 56.78 14.56 -101.27
C LEU D 142 56.64 14.42 -102.78
N PRO D 143 56.25 13.26 -103.31
CA PRO D 143 56.15 13.13 -104.77
C PRO D 143 55.10 14.06 -105.34
N ASP D 144 55.36 14.51 -106.57
CA ASP D 144 54.41 15.39 -107.26
C ASP D 144 53.07 14.69 -107.43
N ASP D 145 53.09 13.40 -107.80
CA ASP D 145 51.86 12.63 -107.92
C ASP D 145 51.34 12.26 -106.54
N ALA D 146 50.03 12.05 -106.45
CA ALA D 146 49.40 11.71 -105.18
C ALA D 146 49.40 10.21 -104.89
N ARG D 147 49.77 9.38 -105.86
CA ARG D 147 49.66 7.94 -105.68
C ARG D 147 50.83 7.35 -104.91
N GLU D 148 51.97 8.04 -104.89
CA GLU D 148 53.19 7.55 -104.25
C GLU D 148 53.37 8.07 -102.83
N ILE D 149 52.48 8.95 -102.36
CA ILE D 149 52.65 9.53 -101.03
C ILE D 149 52.63 8.45 -99.95
N PRO D 150 51.74 7.45 -99.98
CA PRO D 150 51.75 6.44 -98.92
C PRO D 150 53.07 5.71 -98.79
N ASP D 151 53.76 5.46 -99.91
CA ASP D 151 55.07 4.81 -99.84
C ASP D 151 56.05 5.65 -99.05
N VAL D 152 56.06 6.97 -99.30
CA VAL D 152 56.97 7.85 -98.58
C VAL D 152 56.60 7.91 -97.10
N ILE D 153 55.31 7.89 -96.79
CA ILE D 153 54.89 7.88 -95.39
C ILE D 153 55.33 6.59 -94.71
N ALA D 154 55.24 5.46 -95.42
CA ALA D 154 55.72 4.20 -94.86
C ALA D 154 57.23 4.25 -94.63
N GLN D 155 57.97 4.88 -95.55
CA GLN D 155 59.40 5.05 -95.35
C GLN D 155 59.70 5.89 -94.11
N ALA D 156 58.95 6.98 -93.92
CA ALA D 156 59.16 7.83 -92.75
C ALA D 156 58.85 7.09 -91.46
N LEU D 157 57.76 6.32 -91.45
CA LEU D 157 57.47 5.49 -90.30
C LEU D 157 58.60 4.50 -90.05
N SER D 158 59.13 3.90 -91.11
CA SER D 158 60.27 3.01 -90.96
C SER D 158 61.46 3.74 -90.33
N GLU D 159 61.68 5.00 -90.72
CA GLU D 159 62.82 5.73 -90.14
C GLU D 159 62.63 5.99 -88.65
N LEU D 160 61.50 6.61 -88.28
CA LEU D 160 61.19 6.82 -86.86
C LEU D 160 61.33 5.52 -86.08
N ARG D 161 60.71 4.47 -86.63
CA ARG D 161 60.48 3.22 -85.93
C ARG D 161 61.73 2.35 -85.95
N LEU D 162 62.67 2.65 -86.84
CA LEU D 162 64.05 2.23 -86.68
C LEU D 162 64.71 2.97 -85.53
N ALA D 163 64.56 4.30 -85.51
CA ALA D 163 65.26 5.11 -84.53
C ALA D 163 64.86 4.75 -83.10
N GLY D 164 63.69 4.14 -82.93
CA GLY D 164 63.32 3.58 -81.64
C GLY D 164 62.24 4.31 -80.90
N VAL D 165 61.50 5.18 -81.58
CA VAL D 165 60.42 5.93 -80.93
C VAL D 165 59.13 5.11 -80.99
N ASP D 166 58.31 5.26 -79.96
CA ASP D 166 57.06 4.52 -79.85
C ASP D 166 55.88 5.46 -79.64
N GLY D 167 54.71 4.89 -79.36
CA GLY D 167 53.51 5.66 -79.16
C GLY D 167 52.77 5.91 -80.46
N PRO D 168 51.52 6.37 -80.37
CA PRO D 168 50.74 6.58 -81.59
C PRO D 168 51.45 7.56 -82.53
N TYR D 169 51.37 7.26 -83.83
CA TYR D 169 51.97 8.09 -84.85
C TYR D 169 50.88 8.88 -85.58
N SER D 170 51.25 10.07 -86.04
CA SER D 170 50.28 10.98 -86.63
C SER D 170 50.92 11.69 -87.83
N VAL D 171 50.08 11.97 -88.82
CA VAL D 171 50.49 12.61 -90.06
C VAL D 171 49.79 13.95 -90.15
N LEU D 172 50.57 15.02 -90.27
CA LEU D 172 50.06 16.37 -90.48
C LEU D 172 50.34 16.73 -91.93
N LEU D 173 49.29 17.04 -92.68
CA LEU D 173 49.42 17.33 -94.10
C LEU D 173 49.10 18.78 -94.40
N SER D 174 49.76 19.31 -95.42
CA SER D 174 49.57 20.70 -95.82
C SER D 174 48.20 20.87 -96.46
N ALA D 175 47.81 22.11 -96.72
CA ALA D 175 46.56 22.36 -97.42
C ALA D 175 46.60 21.80 -98.83
N GLU D 176 47.69 22.08 -99.56
CA GLU D 176 47.78 21.64 -100.95
C GLU D 176 47.87 20.13 -101.04
N THR D 177 48.61 19.50 -100.12
CA THR D 177 48.73 18.05 -100.13
C THR D 177 47.43 17.36 -99.69
N TYR D 178 46.76 17.91 -98.68
CA TYR D 178 45.49 17.34 -98.24
C TYR D 178 44.42 17.46 -99.31
N THR D 179 44.35 18.61 -100.00
CA THR D 179 43.45 18.73 -101.13
C THR D 179 43.75 17.68 -102.17
N LYS D 180 45.03 17.44 -102.45
CA LYS D 180 45.41 16.46 -103.46
C LYS D 180 44.95 15.06 -103.06
N VAL D 181 45.30 14.63 -101.85
CA VAL D 181 44.96 13.28 -101.42
C VAL D 181 43.46 13.10 -101.28
N SER D 182 42.74 14.20 -101.00
CA SER D 182 41.29 14.11 -100.87
C SER D 182 40.62 13.99 -102.23
N GLU D 183 40.95 14.89 -103.15
CA GLU D 183 40.33 14.85 -104.48
C GLU D 183 40.72 13.57 -105.22
N THR D 184 41.98 13.19 -105.14
CA THR D 184 42.44 11.98 -105.82
C THR D 184 41.83 10.74 -105.16
N THR D 185 41.53 9.74 -105.98
CA THR D 185 40.86 8.53 -105.53
C THR D 185 41.50 7.31 -106.18
N ALA D 186 41.31 6.16 -105.55
CA ALA D 186 41.84 4.90 -106.06
C ALA D 186 40.98 3.76 -105.53
N HIS D 187 40.53 2.88 -106.44
CA HIS D 187 39.73 1.72 -106.09
C HIS D 187 38.48 2.12 -105.29
N GLY D 188 37.98 3.32 -105.55
CA GLY D 188 36.80 3.79 -104.86
C GLY D 188 37.04 4.32 -103.45
N TYR D 189 38.28 4.60 -103.08
CA TYR D 189 38.59 5.27 -101.83
C TYR D 189 39.61 6.39 -102.06
N PRO D 190 39.53 7.49 -101.32
CA PRO D 190 40.54 8.54 -101.46
C PRO D 190 41.92 8.09 -101.02
N ILE D 191 42.92 8.73 -101.63
CA ILE D 191 44.30 8.51 -101.23
C ILE D 191 44.50 8.89 -99.78
N ARG D 192 43.68 9.80 -99.25
CA ARG D 192 43.76 10.14 -97.83
C ARG D 192 43.37 8.94 -96.96
N GLU D 193 42.31 8.22 -97.32
CA GLU D 193 41.98 7.00 -96.60
C GLU D 193 43.10 5.97 -96.75
N HIS D 194 43.64 5.86 -97.97
CA HIS D 194 44.82 5.01 -98.15
C HIS D 194 45.90 5.33 -97.12
N ILE D 195 46.20 6.62 -96.94
CA ILE D 195 47.21 7.03 -95.96
C ILE D 195 46.76 6.64 -94.56
N ASN D 196 45.51 6.97 -94.20
CA ASN D 196 45.01 6.72 -92.85
C ASN D 196 45.17 5.24 -92.48
N ARG D 197 45.02 4.35 -93.44
CA ARG D 197 45.07 2.92 -93.15
C ARG D 197 46.36 2.51 -92.43
N LEU D 198 47.45 3.24 -92.63
CA LEU D 198 48.76 2.83 -92.11
C LEU D 198 48.94 3.20 -90.64
N VAL D 199 48.64 4.45 -90.28
CA VAL D 199 48.97 4.95 -88.95
C VAL D 199 47.94 4.48 -87.94
N ASP D 200 48.32 4.59 -86.66
CA ASP D 200 47.44 4.27 -85.54
C ASP D 200 46.74 5.50 -84.99
N GLY D 201 47.27 6.69 -85.24
CA GLY D 201 46.69 7.91 -84.70
C GLY D 201 45.67 8.55 -85.62
N GLU D 202 45.92 9.79 -86.02
CA GLU D 202 44.96 10.57 -86.79
C GLU D 202 45.66 11.26 -87.94
N ILE D 203 44.88 11.68 -88.92
CA ILE D 203 45.32 12.53 -90.02
C ILE D 203 44.87 13.96 -89.70
N ILE D 204 45.80 14.93 -89.80
CA ILE D 204 45.55 16.29 -89.34
C ILE D 204 45.80 17.28 -90.48
N TRP D 205 44.93 18.29 -90.55
CA TRP D 205 45.10 19.45 -91.43
C TRP D 205 46.18 20.37 -90.87
N ALA D 206 47.14 20.75 -91.71
CA ALA D 206 48.13 21.74 -91.32
C ALA D 206 48.30 22.76 -92.44
N PRO D 207 47.36 23.70 -92.60
CA PRO D 207 47.46 24.62 -93.75
C PRO D 207 48.65 25.53 -93.67
N ALA D 208 49.01 25.94 -92.45
CA ALA D 208 50.12 26.87 -92.25
C ALA D 208 51.45 26.26 -92.69
N ILE D 209 51.65 24.97 -92.44
CA ILE D 209 52.92 24.34 -92.75
C ILE D 209 52.97 24.05 -94.24
N ASP D 210 54.16 23.74 -94.74
CA ASP D 210 54.38 23.42 -96.14
C ASP D 210 55.04 22.05 -96.21
N GLY D 211 54.35 21.09 -96.84
CA GLY D 211 54.88 19.75 -96.97
C GLY D 211 54.06 18.74 -96.20
N ALA D 212 54.72 17.93 -95.39
CA ALA D 212 54.04 16.94 -94.56
C ALA D 212 54.95 16.57 -93.40
N PHE D 213 54.36 16.02 -92.34
CA PHE D 213 55.13 15.65 -91.16
C PHE D 213 54.56 14.37 -90.56
N VAL D 214 55.43 13.42 -90.24
CA VAL D 214 55.02 12.21 -89.54
C VAL D 214 55.73 12.20 -88.19
N LEU D 215 54.96 12.18 -87.09
CA LEU D 215 55.58 12.33 -85.78
C LEU D 215 54.88 11.46 -84.74
N SER D 216 55.60 11.20 -83.66
CA SER D 216 55.05 10.43 -82.55
C SER D 216 54.33 11.34 -81.56
N THR D 217 53.36 10.77 -80.85
CA THR D 217 52.57 11.49 -79.86
C THR D 217 52.61 10.80 -78.51
N ARG D 218 53.69 10.06 -78.23
CA ARG D 218 53.85 9.45 -76.91
C ARG D 218 53.85 10.50 -75.81
N GLY D 219 54.52 11.62 -76.05
CA GLY D 219 54.59 12.71 -75.09
C GLY D 219 56.00 12.98 -74.62
N GLY D 220 56.25 14.22 -74.20
CA GLY D 220 57.55 14.60 -73.69
C GLY D 220 58.57 15.01 -74.72
N ASP D 221 58.17 15.18 -75.99
CA ASP D 221 59.08 15.57 -77.05
C ASP D 221 58.86 16.98 -77.58
N PHE D 222 57.65 17.52 -77.47
CA PHE D 222 57.37 18.88 -77.94
C PHE D 222 56.61 19.61 -76.83
N ASP D 223 56.95 20.87 -76.62
CA ASP D 223 56.33 21.67 -75.56
C ASP D 223 56.00 23.05 -76.11
N LEU D 224 54.71 23.40 -76.10
CA LEU D 224 54.26 24.75 -76.45
C LEU D 224 53.99 25.49 -75.15
N GLN D 225 54.88 26.42 -74.80
CA GLN D 225 54.74 27.18 -73.57
C GLN D 225 53.96 28.45 -73.84
N LEU D 226 52.91 28.67 -73.05
CA LEU D 226 52.05 29.85 -73.17
C LEU D 226 52.14 30.65 -71.89
N GLY D 227 52.34 31.96 -72.03
CA GLY D 227 52.25 32.86 -70.90
C GLY D 227 50.80 33.26 -70.69
N THR D 228 50.17 33.71 -71.77
CA THR D 228 48.74 34.01 -71.79
C THR D 228 48.15 33.45 -73.08
N ASP D 229 46.97 32.86 -72.96
CA ASP D 229 46.31 32.25 -74.12
C ASP D 229 45.77 33.36 -75.02
N VAL D 230 45.06 32.95 -76.08
CA VAL D 230 44.53 33.91 -77.04
C VAL D 230 43.54 34.82 -76.33
N SER D 231 43.68 36.13 -76.56
CA SER D 231 42.79 37.13 -75.96
C SER D 231 42.48 38.20 -76.99
N ILE D 232 41.35 38.88 -76.80
CA ILE D 232 40.90 39.95 -77.67
C ILE D 232 40.85 41.24 -76.89
N GLY D 233 41.44 42.30 -77.45
CA GLY D 233 41.52 43.58 -76.78
C GLY D 233 41.04 44.76 -77.61
N TYR D 234 41.16 45.96 -77.05
CA TYR D 234 40.65 47.18 -77.65
C TYR D 234 41.75 48.23 -77.67
N LEU D 235 41.93 48.91 -78.81
CA LEU D 235 42.92 49.99 -78.90
C LEU D 235 42.25 51.35 -78.93
N SER D 236 41.34 51.59 -79.88
CA SER D 236 40.69 52.88 -80.04
C SER D 236 39.39 52.66 -80.79
N HIS D 237 38.65 53.74 -81.00
CA HIS D 237 37.35 53.64 -81.67
C HIS D 237 37.03 54.98 -82.33
N ASP D 238 36.03 54.95 -83.20
CA ASP D 238 35.63 56.09 -84.00
C ASP D 238 34.10 56.07 -84.10
N ALA D 239 33.53 57.08 -84.76
CA ALA D 239 32.09 57.14 -84.94
C ALA D 239 31.56 55.99 -85.78
N GLU D 240 32.42 55.27 -86.50
CA GLU D 240 32.00 54.21 -87.41
C GLU D 240 32.60 52.86 -87.10
N VAL D 241 33.82 52.80 -86.55
CA VAL D 241 34.55 51.56 -86.40
C VAL D 241 35.18 51.48 -85.02
N VAL D 242 35.60 50.26 -84.66
CA VAL D 242 36.37 50.02 -83.45
C VAL D 242 37.57 49.17 -83.85
N HIS D 243 38.73 49.48 -83.30
CA HIS D 243 39.96 48.75 -83.59
C HIS D 243 40.28 47.81 -82.43
N LEU D 244 40.40 46.52 -82.72
CA LEU D 244 40.66 45.48 -81.76
C LEU D 244 41.90 44.70 -82.19
N TYR D 245 42.36 43.82 -81.31
CA TYR D 245 43.51 42.97 -81.63
C TYR D 245 43.34 41.62 -80.97
N MET D 246 43.94 40.60 -81.57
CA MET D 246 44.04 39.28 -80.97
C MET D 246 45.49 39.04 -80.59
N GLU D 247 45.71 38.63 -79.35
CA GLU D 247 47.03 38.61 -78.73
C GLU D 247 47.29 37.25 -78.10
N GLU D 248 48.54 36.78 -78.22
CA GLU D 248 48.96 35.60 -77.47
C GLU D 248 50.47 35.61 -77.28
N THR D 249 50.92 35.20 -76.10
CA THR D 249 52.33 35.15 -75.76
C THR D 249 52.79 33.70 -75.61
N MET D 250 53.78 33.31 -76.42
CA MET D 250 54.10 31.90 -76.55
C MET D 250 55.58 31.70 -76.87
N THR D 251 55.99 30.44 -76.76
CA THR D 251 57.25 29.95 -77.32
C THR D 251 57.10 28.45 -77.50
N PHE D 252 58.01 27.86 -78.28
CA PHE D 252 57.98 26.44 -78.60
C PHE D 252 59.34 25.83 -78.38
N LEU D 253 59.36 24.60 -77.84
CA LEU D 253 60.58 23.86 -77.60
C LEU D 253 60.44 22.44 -78.10
N CYS D 254 61.47 21.94 -78.77
CA CYS D 254 61.57 20.54 -79.15
C CYS D 254 62.72 19.90 -78.39
N TYR D 255 62.45 18.77 -77.75
CA TYR D 255 63.43 18.08 -76.92
C TYR D 255 63.99 16.82 -77.58
N THR D 256 63.15 16.07 -78.29
CA THR D 256 63.55 14.84 -78.95
C THR D 256 63.59 15.09 -80.45
N ALA D 257 64.80 15.00 -81.02
CA ALA D 257 64.96 15.26 -82.46
C ALA D 257 64.61 14.06 -83.31
N GLU D 258 64.44 12.88 -82.71
CA GLU D 258 64.22 11.65 -83.46
C GLU D 258 62.75 11.22 -83.48
N ALA D 259 61.84 12.04 -82.97
CA ALA D 259 60.43 11.69 -82.89
C ALA D 259 59.60 12.23 -84.05
N SER D 260 60.25 12.77 -85.08
CA SER D 260 59.53 13.36 -86.20
C SER D 260 60.31 13.14 -87.49
N VAL D 261 59.58 13.16 -88.60
CA VAL D 261 60.15 13.07 -89.95
C VAL D 261 59.44 14.12 -90.80
N ALA D 262 60.21 14.87 -91.57
CA ALA D 262 59.69 15.96 -92.38
C ALA D 262 59.75 15.59 -93.85
N LEU D 263 58.72 15.97 -94.60
CA LEU D 263 58.64 15.74 -96.03
C LEU D 263 58.43 17.09 -96.71
N THR D 264 59.35 17.44 -97.61
CA THR D 264 59.34 18.75 -98.25
C THR D 264 58.67 18.68 -99.62
N PRO D 265 57.96 19.74 -100.02
CA PRO D 265 57.27 19.73 -101.32
C PRO D 265 58.20 19.46 -102.49
N ASN E 2 -19.67 -47.85 -74.41
CA ASN E 2 -20.81 -48.75 -74.34
C ASN E 2 -21.08 -49.40 -75.71
N ASN E 3 -22.18 -50.14 -75.81
CA ASN E 3 -22.48 -50.88 -77.03
C ASN E 3 -22.89 -49.98 -78.18
N LEU E 4 -23.14 -48.69 -77.93
CA LEU E 4 -23.49 -47.79 -79.03
C LEU E 4 -22.30 -47.57 -79.96
N TYR E 5 -21.09 -47.55 -79.41
CA TYR E 5 -19.87 -47.33 -80.20
C TYR E 5 -19.93 -45.99 -80.93
N ARG E 6 -20.35 -44.95 -80.20
CA ARG E 6 -20.37 -43.61 -80.78
C ARG E 6 -18.99 -43.00 -80.92
N ASP E 7 -18.05 -43.36 -80.03
CA ASP E 7 -16.71 -42.81 -80.11
C ASP E 7 -16.02 -43.18 -81.41
N LEU E 8 -16.48 -44.21 -82.10
CA LEU E 8 -15.89 -44.64 -83.36
C LEU E 8 -16.50 -43.95 -84.58
N ALA E 9 -17.57 -43.17 -84.39
CA ALA E 9 -18.25 -42.56 -85.53
C ALA E 9 -17.56 -41.25 -85.92
N PRO E 10 -17.49 -40.93 -87.22
CA PRO E 10 -16.89 -39.65 -87.65
C PRO E 10 -17.87 -38.49 -87.54
N ILE E 11 -18.29 -38.19 -86.31
CA ILE E 11 -19.28 -37.15 -86.05
C ILE E 11 -18.80 -36.32 -84.86
N THR E 12 -18.98 -35.01 -84.95
CA THR E 12 -18.54 -34.10 -83.91
C THR E 12 -19.60 -33.98 -82.81
N GLU E 13 -19.21 -33.36 -81.70
CA GLU E 13 -20.11 -33.19 -80.58
C GLU E 13 -21.31 -32.33 -80.96
N SER E 14 -21.07 -31.26 -81.72
CA SER E 14 -22.17 -30.38 -82.11
C SER E 14 -23.18 -31.11 -82.99
N ALA E 15 -22.70 -31.88 -83.97
CA ALA E 15 -23.61 -32.61 -84.84
C ALA E 15 -24.35 -33.69 -84.06
N TRP E 16 -23.67 -34.34 -83.12
CA TRP E 16 -24.34 -35.30 -82.24
C TRP E 16 -25.48 -34.63 -81.48
N ALA E 17 -25.21 -33.44 -80.93
CA ALA E 17 -26.24 -32.71 -80.19
C ALA E 17 -27.41 -32.35 -81.09
N GLU E 18 -27.12 -31.88 -82.30
CA GLU E 18 -28.19 -31.52 -83.23
C GLU E 18 -29.05 -32.73 -83.56
N ILE E 19 -28.43 -33.87 -83.83
CA ILE E 19 -29.18 -35.08 -84.18
C ILE E 19 -30.04 -35.53 -83.00
N GLU E 20 -29.46 -35.53 -81.79
CA GLU E 20 -30.22 -35.94 -80.62
C GLU E 20 -31.41 -35.03 -80.39
N LEU E 21 -31.20 -33.70 -80.51
CA LEU E 21 -32.29 -32.76 -80.31
C LEU E 21 -33.39 -32.97 -81.34
N GLU E 22 -33.01 -33.14 -82.60
CA GLU E 22 -34.01 -33.30 -83.66
C GLU E 22 -34.80 -34.59 -83.46
N ALA E 23 -34.15 -35.69 -83.09
CA ALA E 23 -34.87 -36.93 -82.87
C ALA E 23 -35.79 -36.84 -81.66
N THR E 24 -35.29 -36.25 -80.56
CA THR E 24 -36.11 -36.13 -79.36
C THR E 24 -37.36 -35.30 -79.63
N ARG E 25 -37.21 -34.18 -80.32
CA ARG E 25 -38.36 -33.32 -80.60
C ARG E 25 -39.42 -34.07 -81.39
N THR E 26 -39.01 -34.75 -82.46
CA THR E 26 -39.97 -35.43 -83.32
C THR E 26 -40.64 -36.59 -82.59
N PHE E 27 -39.87 -37.36 -81.83
CA PHE E 27 -40.46 -38.48 -81.10
C PHE E 27 -41.46 -37.98 -80.07
N LYS E 28 -41.11 -36.94 -79.31
CA LYS E 28 -42.02 -36.40 -78.31
C LYS E 28 -43.25 -35.80 -78.98
N ARG E 29 -43.12 -35.32 -80.22
CA ARG E 29 -44.28 -34.86 -80.95
C ARG E 29 -45.20 -36.02 -81.31
N HIS E 30 -44.64 -37.10 -81.86
CA HIS E 30 -45.43 -38.16 -82.46
C HIS E 30 -45.86 -39.25 -81.48
N ILE E 31 -45.42 -39.17 -80.23
CA ILE E 31 -45.72 -40.20 -79.23
C ILE E 31 -46.92 -39.76 -78.42
N ALA E 32 -47.81 -40.72 -78.10
CA ALA E 32 -49.04 -40.44 -77.38
C ALA E 32 -49.26 -41.34 -76.16
N GLY E 33 -48.90 -42.62 -76.22
CA GLY E 33 -49.19 -43.52 -75.12
C GLY E 33 -48.50 -43.11 -73.83
N ARG E 34 -47.29 -42.56 -73.94
CA ARG E 34 -46.53 -42.14 -72.77
C ARG E 34 -47.23 -41.07 -71.96
N ARG E 35 -48.20 -40.37 -72.56
CA ARG E 35 -48.95 -39.32 -71.87
C ARG E 35 -50.15 -39.86 -71.10
N VAL E 36 -50.53 -41.12 -71.31
CA VAL E 36 -51.71 -41.67 -70.67
C VAL E 36 -51.43 -43.01 -70.01
N VAL E 37 -50.17 -43.45 -70.03
CA VAL E 37 -49.80 -44.73 -69.42
C VAL E 37 -48.66 -44.50 -68.44
N ASP E 38 -48.71 -45.19 -67.32
CA ASP E 38 -47.61 -45.17 -66.37
C ASP E 38 -46.37 -45.78 -67.00
N VAL E 39 -45.21 -45.18 -66.72
CA VAL E 39 -43.94 -45.59 -67.31
C VAL E 39 -43.03 -46.04 -66.19
N SER E 40 -42.56 -47.29 -66.25
CA SER E 40 -41.56 -47.80 -65.33
C SER E 40 -40.18 -47.47 -65.91
N GLY E 41 -39.47 -46.56 -65.26
CA GLY E 41 -38.23 -46.05 -65.78
C GLY E 41 -37.26 -47.14 -66.16
N PRO E 42 -36.23 -46.80 -66.93
CA PRO E 42 -35.27 -47.83 -67.37
C PRO E 42 -34.67 -48.56 -66.18
N ASN E 43 -34.67 -49.88 -66.26
CA ASN E 43 -34.11 -50.73 -65.22
C ASN E 43 -32.73 -51.26 -65.57
N GLY E 44 -32.19 -50.87 -66.73
CA GLY E 44 -30.84 -51.24 -67.11
C GLY E 44 -30.81 -52.26 -68.23
N PRO E 45 -29.67 -52.38 -68.91
CA PRO E 45 -29.56 -53.37 -69.99
C PRO E 45 -29.67 -54.80 -69.51
N THR E 46 -29.45 -55.07 -68.23
CA THR E 46 -29.57 -56.41 -67.70
C THR E 46 -31.01 -56.89 -67.59
N THR E 47 -31.98 -55.99 -67.69
CA THR E 47 -33.38 -56.36 -67.56
C THR E 47 -33.86 -57.03 -68.84
N ALA E 48 -34.52 -58.19 -68.69
CA ALA E 48 -34.97 -58.97 -69.83
C ALA E 48 -36.44 -59.36 -69.78
N SER E 49 -37.07 -59.34 -68.60
CA SER E 49 -38.45 -59.79 -68.48
C SER E 49 -39.09 -59.11 -67.28
N VAL E 50 -40.42 -59.16 -67.25
CA VAL E 50 -41.21 -58.60 -66.15
C VAL E 50 -42.07 -59.71 -65.56
N SER E 51 -41.90 -59.95 -64.26
CA SER E 51 -42.66 -60.99 -63.59
C SER E 51 -44.13 -60.58 -63.51
N THR E 52 -45.03 -61.56 -63.64
CA THR E 52 -46.46 -61.31 -63.48
C THR E 52 -46.99 -61.81 -62.13
N GLY E 53 -46.22 -62.61 -61.41
CA GLY E 53 -46.67 -63.14 -60.14
C GLY E 53 -47.58 -64.35 -60.26
N HIS E 54 -47.85 -64.81 -61.47
CA HIS E 54 -48.69 -65.97 -61.70
C HIS E 54 -47.84 -67.23 -61.81
N LEU E 55 -48.50 -68.39 -61.73
CA LEU E 55 -47.86 -69.68 -61.79
C LEU E 55 -48.47 -70.51 -62.92
N LEU E 56 -47.65 -71.37 -63.50
CA LEU E 56 -48.08 -72.25 -64.58
C LEU E 56 -47.78 -73.70 -64.20
N ASP E 57 -48.74 -74.59 -64.49
CA ASP E 57 -48.57 -75.99 -64.16
C ASP E 57 -47.52 -76.64 -65.05
N VAL E 58 -46.79 -77.61 -64.49
CA VAL E 58 -45.71 -78.27 -65.19
C VAL E 58 -45.53 -79.67 -64.62
N SER E 59 -45.03 -80.57 -65.46
CA SER E 59 -44.85 -81.96 -65.06
C SER E 59 -43.84 -82.03 -63.91
N PRO E 60 -44.11 -82.82 -62.86
CA PRO E 60 -43.20 -82.84 -61.71
C PRO E 60 -41.93 -83.60 -62.04
N PRO E 61 -40.83 -83.30 -61.36
CA PRO E 61 -39.63 -84.15 -61.49
C PRO E 61 -39.86 -85.58 -61.06
N GLY E 62 -40.69 -85.80 -60.04
CA GLY E 62 -40.87 -87.14 -59.51
C GLY E 62 -42.08 -87.22 -58.61
N ASP E 63 -42.19 -88.34 -57.92
CA ASP E 63 -43.35 -88.61 -57.09
C ASP E 63 -43.34 -87.73 -55.85
N GLY E 64 -44.54 -87.32 -55.41
CA GLY E 64 -44.67 -86.54 -54.20
C GLY E 64 -44.20 -85.11 -54.33
N VAL E 65 -44.04 -84.60 -55.55
CA VAL E 65 -43.53 -83.26 -55.79
C VAL E 65 -44.51 -82.52 -56.67
N ILE E 66 -44.83 -81.28 -56.28
CA ILE E 66 -45.71 -80.40 -57.04
C ILE E 66 -44.83 -79.29 -57.62
N ALA E 67 -44.92 -79.10 -58.94
CA ALA E 67 -44.04 -78.17 -59.65
C ALA E 67 -44.89 -77.12 -60.35
N HIS E 68 -44.42 -75.86 -60.30
CA HIS E 68 -45.05 -74.75 -60.98
C HIS E 68 -43.98 -73.84 -61.54
N LEU E 69 -44.27 -73.22 -62.68
CA LEU E 69 -43.35 -72.29 -63.32
C LEU E 69 -43.82 -70.86 -63.14
N ARG E 70 -42.88 -69.99 -62.80
CA ARG E 70 -43.17 -68.57 -62.66
C ARG E 70 -43.36 -67.95 -64.04
N ASP E 71 -44.30 -67.00 -64.13
CA ASP E 71 -44.69 -66.42 -65.41
C ASP E 71 -44.10 -65.03 -65.57
N ALA E 72 -43.49 -64.79 -66.74
CA ALA E 72 -42.85 -63.52 -67.02
C ALA E 72 -43.15 -63.12 -68.46
N LYS E 73 -43.13 -61.81 -68.69
CA LYS E 73 -43.34 -61.22 -70.01
C LYS E 73 -41.99 -60.77 -70.55
N PRO E 74 -41.54 -61.26 -71.69
CA PRO E 74 -40.25 -60.84 -72.23
C PRO E 74 -40.30 -59.44 -72.80
N LEU E 75 -39.13 -58.81 -72.86
CA LEU E 75 -38.96 -57.49 -73.44
C LEU E 75 -38.49 -57.62 -74.88
N VAL E 76 -38.94 -56.72 -75.73
CA VAL E 76 -38.61 -56.74 -77.15
C VAL E 76 -37.81 -55.49 -77.48
N ARG E 77 -36.76 -55.65 -78.29
CA ARG E 77 -35.90 -54.56 -78.71
C ARG E 77 -36.28 -54.15 -80.13
N LEU E 78 -36.56 -52.86 -80.32
CA LEU E 78 -36.91 -52.30 -81.61
C LEU E 78 -35.75 -51.43 -82.06
N ARG E 79 -35.26 -51.69 -83.28
CA ARG E 79 -34.14 -50.97 -83.87
C ARG E 79 -34.53 -50.49 -85.26
N VAL E 80 -34.40 -49.18 -85.49
CA VAL E 80 -34.73 -48.58 -86.78
C VAL E 80 -33.45 -47.96 -87.35
N PRO E 81 -32.93 -48.46 -88.47
CA PRO E 81 -31.70 -47.87 -89.03
C PRO E 81 -31.99 -46.71 -89.99
N PHE E 82 -31.00 -45.84 -90.09
CA PHE E 82 -31.06 -44.71 -91.01
C PHE E 82 -29.64 -44.30 -91.38
N THR E 83 -29.54 -43.45 -92.40
CA THR E 83 -28.28 -43.05 -92.98
C THR E 83 -28.16 -41.53 -92.99
N VAL E 84 -26.96 -41.02 -92.72
CA VAL E 84 -26.72 -39.59 -92.66
C VAL E 84 -25.51 -39.25 -93.53
N ALA E 85 -25.47 -38.02 -94.02
CA ALA E 85 -24.44 -37.57 -94.95
C ALA E 85 -23.32 -36.85 -94.22
N ARG E 86 -22.09 -37.28 -94.49
CA ARG E 86 -20.91 -36.69 -93.88
C ARG E 86 -20.72 -35.22 -94.24
N ARG E 87 -21.23 -34.79 -95.40
CA ARG E 87 -21.18 -33.37 -95.73
C ARG E 87 -22.05 -32.53 -94.82
N ASP E 88 -23.28 -32.96 -94.57
CA ASP E 88 -24.14 -32.29 -93.60
C ASP E 88 -23.54 -32.35 -92.21
N ILE E 89 -22.90 -33.46 -91.86
CA ILE E 89 -22.22 -33.54 -90.56
C ILE E 89 -21.11 -32.50 -90.47
N ASP E 90 -20.28 -32.40 -91.51
CA ASP E 90 -19.12 -31.53 -91.45
C ASP E 90 -19.52 -30.06 -91.46
N ASP E 91 -20.61 -29.72 -92.17
CA ASP E 91 -20.99 -28.32 -92.27
C ASP E 91 -21.31 -27.69 -90.92
N VAL E 92 -21.66 -28.51 -89.92
CA VAL E 92 -22.08 -27.96 -88.63
C VAL E 92 -20.94 -27.17 -87.99
N GLU E 93 -19.74 -27.73 -87.99
CA GLU E 93 -18.61 -27.05 -87.35
C GLU E 93 -18.24 -25.76 -88.08
N ARG E 94 -18.75 -25.57 -89.30
CA ARG E 94 -18.58 -24.32 -90.04
C ARG E 94 -19.67 -23.31 -89.72
N GLY E 95 -20.39 -23.49 -88.62
CA GLY E 95 -21.48 -22.60 -88.27
C GLY E 95 -22.67 -22.71 -89.20
N SER E 96 -22.90 -23.89 -89.79
CA SER E 96 -24.08 -24.12 -90.60
C SER E 96 -25.20 -24.62 -89.71
N GLN E 97 -26.40 -24.07 -89.92
CA GLN E 97 -27.58 -24.44 -89.16
C GLN E 97 -28.81 -24.62 -90.05
N ASP E 98 -28.64 -25.16 -91.26
CA ASP E 98 -29.74 -25.63 -92.08
C ASP E 98 -29.52 -27.07 -92.55
N SER E 99 -28.74 -27.85 -91.79
CA SER E 99 -28.39 -29.20 -92.21
C SER E 99 -29.62 -30.09 -92.26
N ASP E 100 -29.58 -31.08 -93.15
CA ASP E 100 -30.70 -31.98 -93.38
C ASP E 100 -30.66 -33.13 -92.38
N TRP E 101 -31.75 -33.28 -91.61
CA TRP E 101 -31.90 -34.36 -90.64
C TRP E 101 -33.20 -35.12 -90.88
N ASP E 102 -33.68 -35.08 -92.12
CA ASP E 102 -34.93 -35.75 -92.48
C ASP E 102 -34.89 -37.25 -92.21
N PRO E 103 -33.83 -37.98 -92.53
CA PRO E 103 -33.79 -39.41 -92.13
C PRO E 103 -33.92 -39.60 -90.64
N VAL E 104 -33.30 -38.72 -89.84
CA VAL E 104 -33.45 -38.80 -88.40
C VAL E 104 -34.92 -38.65 -88.01
N LYS E 105 -35.58 -37.64 -88.57
CA LYS E 105 -36.98 -37.41 -88.23
C LYS E 105 -37.85 -38.59 -88.65
N ASP E 106 -37.59 -39.15 -89.83
CA ASP E 106 -38.37 -40.29 -90.30
C ASP E 106 -38.19 -41.50 -89.40
N ALA E 107 -36.95 -41.78 -88.99
CA ALA E 107 -36.70 -42.91 -88.10
C ALA E 107 -37.39 -42.71 -86.75
N ALA E 108 -37.33 -41.48 -86.22
CA ALA E 108 -38.02 -41.21 -84.96
C ALA E 108 -39.53 -41.42 -85.11
N LYS E 109 -40.10 -40.96 -86.22
CA LYS E 109 -41.53 -41.17 -86.47
C LYS E 109 -41.84 -42.65 -86.53
N LYS E 110 -41.02 -43.43 -87.22
CA LYS E 110 -41.25 -44.86 -87.35
C LYS E 110 -41.23 -45.54 -85.99
N LEU E 111 -40.23 -45.20 -85.17
CA LEU E 111 -40.13 -45.81 -83.85
C LEU E 111 -41.32 -45.45 -82.97
N ALA E 112 -41.73 -44.18 -82.99
CA ALA E 112 -42.89 -43.76 -82.21
C ALA E 112 -44.13 -44.51 -82.68
N PHE E 113 -44.30 -44.67 -84.00
CA PHE E 113 -45.48 -45.33 -84.52
C PHE E 113 -45.52 -46.80 -84.09
N VAL E 114 -44.38 -47.49 -84.18
CA VAL E 114 -44.38 -48.89 -83.77
C VAL E 114 -44.67 -49.02 -82.28
N GLU E 115 -44.09 -48.13 -81.46
CA GLU E 115 -44.35 -48.19 -80.02
C GLU E 115 -45.84 -47.98 -79.73
N ASP E 116 -46.43 -46.93 -80.31
CA ASP E 116 -47.83 -46.62 -80.03
C ASP E 116 -48.75 -47.72 -80.56
N ARG E 117 -48.42 -48.28 -81.73
CA ARG E 117 -49.23 -49.37 -82.28
C ARG E 117 -49.13 -50.64 -81.45
N ALA E 118 -47.97 -50.95 -80.89
CA ALA E 118 -47.87 -52.06 -79.96
C ALA E 118 -48.68 -51.80 -78.69
N ILE E 119 -48.65 -50.56 -78.19
CA ILE E 119 -49.40 -50.25 -76.98
C ILE E 119 -50.90 -50.38 -77.22
N PHE E 120 -51.40 -49.85 -78.33
CA PHE E 120 -52.84 -49.70 -78.55
C PHE E 120 -53.48 -50.79 -79.39
N GLU E 121 -52.69 -51.62 -80.07
CA GLU E 121 -53.22 -52.62 -80.98
C GLU E 121 -52.66 -54.01 -80.75
N GLY E 122 -51.44 -54.13 -80.25
CA GLY E 122 -50.87 -55.42 -79.92
C GLY E 122 -49.77 -55.83 -80.90
N TYR E 123 -48.74 -56.47 -80.36
CA TYR E 123 -47.64 -57.04 -81.13
C TYR E 123 -47.52 -58.49 -80.66
N ALA E 124 -48.20 -59.40 -81.36
CA ALA E 124 -48.40 -60.74 -80.83
C ALA E 124 -47.09 -61.49 -80.63
N ALA E 125 -46.17 -61.40 -81.60
CA ALA E 125 -44.93 -62.16 -81.51
C ALA E 125 -44.15 -61.80 -80.25
N ALA E 126 -44.32 -60.59 -79.74
CA ALA E 126 -43.73 -60.16 -78.49
C ALA E 126 -44.63 -60.45 -77.29
N SER E 127 -45.72 -61.21 -77.49
CA SER E 127 -46.67 -61.54 -76.44
C SER E 127 -47.32 -60.29 -75.87
N ILE E 128 -47.45 -59.25 -76.67
CA ILE E 128 -48.03 -57.98 -76.24
C ILE E 128 -49.48 -57.95 -76.69
N GLU E 129 -50.40 -58.01 -75.73
CA GLU E 129 -51.81 -57.84 -76.01
C GLU E 129 -52.19 -56.38 -75.81
N GLY E 130 -52.76 -55.78 -76.85
CA GLY E 130 -53.04 -54.35 -76.84
C GLY E 130 -54.26 -53.99 -76.01
N ILE E 131 -54.41 -52.69 -75.80
CA ILE E 131 -55.57 -52.18 -75.07
C ILE E 131 -56.87 -52.53 -75.77
N ARG E 132 -56.89 -52.49 -77.10
CA ARG E 132 -58.10 -52.80 -77.85
C ARG E 132 -58.59 -54.22 -77.55
N SER E 133 -57.70 -55.20 -77.62
CA SER E 133 -58.09 -56.58 -77.35
C SER E 133 -58.36 -56.80 -75.86
N SER E 134 -57.51 -56.27 -74.99
CA SER E 134 -57.67 -56.50 -73.56
C SER E 134 -58.89 -55.78 -72.98
N SER E 135 -59.46 -54.82 -73.70
CA SER E 135 -60.61 -54.10 -73.20
C SER E 135 -61.81 -55.03 -73.07
N SER E 136 -62.53 -54.91 -71.95
CA SER E 136 -63.73 -55.70 -71.71
C SER E 136 -65.01 -54.97 -72.07
N ASN E 137 -65.03 -53.65 -71.97
CA ASN E 137 -66.21 -52.89 -72.33
C ASN E 137 -66.46 -53.03 -73.84
N PRO E 138 -67.73 -53.04 -74.27
CA PRO E 138 -68.02 -53.25 -75.68
C PRO E 138 -67.42 -52.15 -76.54
N ALA E 139 -66.96 -52.52 -77.73
CA ALA E 139 -66.38 -51.57 -78.67
C ALA E 139 -67.48 -50.87 -79.45
N LEU E 140 -67.20 -49.64 -79.86
CA LEU E 140 -68.14 -48.84 -80.64
C LEU E 140 -67.58 -48.58 -82.04
N ALA E 141 -68.43 -47.98 -82.88
CA ALA E 141 -68.08 -47.66 -84.26
C ALA E 141 -68.04 -46.15 -84.43
N LEU E 142 -66.98 -45.64 -85.03
CA LEU E 142 -66.83 -44.22 -85.27
C LEU E 142 -67.67 -43.84 -86.48
N PRO E 143 -68.65 -42.94 -86.35
CA PRO E 143 -69.47 -42.60 -87.52
C PRO E 143 -68.66 -41.98 -88.64
N ASP E 144 -69.08 -42.24 -89.87
CA ASP E 144 -68.40 -41.67 -91.03
C ASP E 144 -68.45 -40.14 -90.97
N ASP E 145 -69.60 -39.58 -90.59
CA ASP E 145 -69.72 -38.15 -90.43
C ASP E 145 -69.04 -37.69 -89.16
N ALA E 146 -68.60 -36.43 -89.14
CA ALA E 146 -67.91 -35.89 -87.98
C ALA E 146 -68.86 -35.31 -86.94
N ARG E 147 -70.15 -35.16 -87.26
CA ARG E 147 -71.07 -34.48 -86.36
C ARG E 147 -71.58 -35.39 -85.25
N GLU E 148 -71.53 -36.70 -85.46
CA GLU E 148 -72.07 -37.67 -84.50
C GLU E 148 -71.01 -38.23 -83.57
N ILE E 149 -69.74 -37.86 -83.76
CA ILE E 149 -68.68 -38.43 -82.93
C ILE E 149 -68.89 -38.10 -81.45
N PRO E 150 -69.26 -36.88 -81.07
CA PRO E 150 -69.45 -36.59 -79.63
C PRO E 150 -70.48 -37.49 -78.97
N ASP E 151 -71.54 -37.86 -79.69
CA ASP E 151 -72.53 -38.77 -79.11
C ASP E 151 -71.91 -40.11 -78.77
N VAL E 152 -71.06 -40.64 -79.67
CA VAL E 152 -70.42 -41.92 -79.43
C VAL E 152 -69.44 -41.80 -78.26
N ILE E 153 -68.74 -40.67 -78.16
CA ILE E 153 -67.84 -40.47 -77.03
C ILE E 153 -68.61 -40.42 -75.72
N ALA E 154 -69.77 -39.76 -75.73
CA ALA E 154 -70.61 -39.75 -74.53
C ALA E 154 -71.08 -41.15 -74.18
N GLN E 155 -71.42 -41.96 -75.18
CA GLN E 155 -71.79 -43.35 -74.93
C GLN E 155 -70.63 -44.12 -74.29
N ALA E 156 -69.42 -43.92 -74.81
CA ALA E 156 -68.26 -44.63 -74.25
C ALA E 156 -67.98 -44.20 -72.82
N LEU E 157 -68.10 -42.89 -72.54
CA LEU E 157 -67.97 -42.43 -71.17
C LEU E 157 -69.04 -43.07 -70.30
N SER E 158 -70.27 -43.17 -70.80
CA SER E 158 -71.32 -43.83 -70.05
C SER E 158 -70.95 -45.28 -69.76
N GLU E 159 -70.32 -45.97 -70.72
CA GLU E 159 -69.95 -47.37 -70.48
C GLU E 159 -68.89 -47.50 -69.39
N LEU E 160 -67.76 -46.79 -69.55
CA LEU E 160 -66.73 -46.78 -68.52
C LEU E 160 -67.33 -46.46 -67.16
N ARG E 161 -68.13 -45.40 -67.15
CA ARG E 161 -68.59 -44.75 -65.93
C ARG E 161 -69.76 -45.50 -65.31
N LEU E 162 -70.40 -46.37 -66.10
CA LEU E 162 -71.21 -47.44 -65.56
C LEU E 162 -70.33 -48.49 -64.91
N ALA E 163 -69.28 -48.92 -65.62
CA ALA E 163 -68.45 -50.02 -65.13
C ALA E 163 -67.79 -49.68 -63.80
N GLY E 164 -67.65 -48.40 -63.48
CA GLY E 164 -67.23 -48.00 -62.16
C GLY E 164 -65.84 -47.43 -62.06
N VAL E 165 -65.25 -47.04 -63.18
CA VAL E 165 -63.91 -46.47 -63.17
C VAL E 165 -64.00 -44.96 -62.96
N ASP E 166 -63.00 -44.42 -62.28
CA ASP E 166 -62.97 -42.99 -61.96
C ASP E 166 -61.67 -42.36 -62.43
N GLY E 167 -61.44 -41.10 -62.04
CA GLY E 167 -60.27 -40.37 -62.44
C GLY E 167 -60.48 -39.65 -63.75
N PRO E 168 -59.57 -38.74 -64.09
CA PRO E 168 -59.73 -37.96 -65.32
C PRO E 168 -59.80 -38.88 -66.54
N TYR E 169 -60.68 -38.53 -67.47
CA TYR E 169 -60.86 -39.27 -68.70
C TYR E 169 -60.21 -38.54 -69.86
N SER E 170 -59.73 -39.31 -70.83
CA SER E 170 -58.97 -38.76 -71.94
C SER E 170 -59.35 -39.46 -73.23
N VAL E 171 -59.32 -38.70 -74.33
CA VAL E 171 -59.68 -39.18 -75.65
C VAL E 171 -58.44 -39.09 -76.53
N LEU E 172 -58.05 -40.23 -77.09
CA LEU E 172 -56.95 -40.30 -78.05
C LEU E 172 -57.57 -40.53 -79.42
N LEU E 173 -57.30 -39.62 -80.35
CA LEU E 173 -57.90 -39.67 -81.68
C LEU E 173 -56.85 -39.97 -82.74
N SER E 174 -57.28 -40.64 -83.80
CA SER E 174 -56.39 -41.01 -84.89
C SER E 174 -56.03 -39.76 -85.69
N ALA E 175 -55.09 -39.90 -86.62
CA ALA E 175 -54.76 -38.79 -87.49
C ALA E 175 -55.94 -38.42 -88.37
N GLU E 176 -56.57 -39.41 -88.99
CA GLU E 176 -57.67 -39.14 -89.92
C GLU E 176 -58.87 -38.58 -89.17
N THR E 177 -59.15 -39.09 -87.97
CA THR E 177 -60.28 -38.59 -87.19
C THR E 177 -60.01 -37.19 -86.64
N TYR E 178 -58.79 -36.94 -86.17
CA TYR E 178 -58.44 -35.62 -85.65
C TYR E 178 -58.48 -34.57 -86.75
N THR E 179 -57.97 -34.91 -87.94
CA THR E 179 -58.09 -33.99 -89.08
C THR E 179 -59.55 -33.69 -89.35
N LYS E 180 -60.42 -34.71 -89.29
CA LYS E 180 -61.83 -34.51 -89.57
C LYS E 180 -62.46 -33.56 -88.55
N VAL E 181 -62.27 -33.85 -87.26
CA VAL E 181 -62.91 -33.04 -86.23
C VAL E 181 -62.32 -31.63 -86.22
N SER E 182 -61.07 -31.48 -86.65
CA SER E 182 -60.46 -30.16 -86.68
C SER E 182 -60.99 -29.33 -87.84
N GLU E 183 -60.95 -29.88 -89.06
CA GLU E 183 -61.43 -29.14 -90.22
C GLU E 183 -62.93 -28.86 -90.11
N THR E 184 -63.70 -29.85 -89.69
CA THR E 184 -65.14 -29.67 -89.55
C THR E 184 -65.44 -28.68 -88.42
N THR E 185 -66.50 -27.89 -88.61
CA THR E 185 -66.86 -26.83 -87.68
C THR E 185 -68.38 -26.82 -87.49
N ALA E 186 -68.81 -26.25 -86.37
CA ALA E 186 -70.23 -26.12 -86.08
C ALA E 186 -70.43 -24.94 -85.14
N HIS E 187 -71.37 -24.06 -85.49
CA HIS E 187 -71.70 -22.89 -84.67
C HIS E 187 -70.47 -22.05 -84.37
N GLY E 188 -69.51 -22.06 -85.30
CA GLY E 188 -68.30 -21.29 -85.12
C GLY E 188 -67.27 -21.91 -84.20
N TYR E 189 -67.39 -23.19 -83.87
CA TYR E 189 -66.35 -23.90 -83.14
C TYR E 189 -66.08 -25.26 -83.80
N PRO E 190 -64.84 -25.74 -83.77
CA PRO E 190 -64.56 -27.08 -84.31
C PRO E 190 -65.24 -28.19 -83.53
N ILE E 191 -65.51 -29.27 -84.25
CA ILE E 191 -66.04 -30.47 -83.63
C ILE E 191 -65.07 -30.99 -82.59
N ARG E 192 -63.78 -30.71 -82.74
CA ARG E 192 -62.81 -31.10 -81.71
C ARG E 192 -63.06 -30.36 -80.41
N GLU E 193 -63.34 -29.06 -80.46
CA GLU E 193 -63.72 -28.35 -79.24
C GLU E 193 -65.02 -28.89 -78.68
N HIS E 194 -65.99 -29.19 -79.56
CA HIS E 194 -67.20 -29.86 -79.12
C HIS E 194 -66.87 -31.10 -78.29
N ILE E 195 -65.94 -31.93 -78.79
CA ILE E 195 -65.55 -33.13 -78.05
C ILE E 195 -64.89 -32.75 -76.72
N ASN E 196 -63.94 -31.81 -76.77
CA ASN E 196 -63.21 -31.42 -75.56
C ASN E 196 -64.16 -30.99 -74.45
N ARG E 197 -65.27 -30.36 -74.80
CA ARG E 197 -66.19 -29.85 -73.79
C ARG E 197 -66.64 -30.93 -72.80
N LEU E 198 -66.67 -32.19 -73.22
CA LEU E 198 -67.24 -33.26 -72.40
C LEU E 198 -66.27 -33.76 -71.34
N VAL E 199 -65.03 -34.07 -71.74
CA VAL E 199 -64.10 -34.74 -70.85
C VAL E 199 -63.47 -33.75 -69.88
N ASP E 200 -62.87 -34.29 -68.82
CA ASP E 200 -62.15 -33.51 -67.83
C ASP E 200 -60.65 -33.47 -68.11
N GLY E 201 -60.13 -34.42 -68.88
CA GLY E 201 -58.71 -34.48 -69.16
C GLY E 201 -58.29 -33.71 -70.39
N GLU E 202 -57.70 -34.41 -71.35
CA GLU E 202 -57.12 -33.77 -72.54
C GLU E 202 -57.52 -34.55 -73.79
N ILE E 203 -57.41 -33.89 -74.93
CA ILE E 203 -57.54 -34.51 -76.24
C ILE E 203 -56.15 -34.74 -76.78
N ILE E 204 -55.87 -35.96 -77.26
CA ILE E 204 -54.51 -36.36 -77.63
C ILE E 204 -54.49 -36.86 -79.08
N TRP E 205 -53.42 -36.50 -79.78
CA TRP E 205 -53.11 -37.02 -81.12
C TRP E 205 -52.59 -38.45 -81.00
N ALA E 206 -53.15 -39.36 -81.78
CA ALA E 206 -52.64 -40.72 -81.86
C ALA E 206 -52.54 -41.16 -83.31
N PRO E 207 -51.55 -40.69 -84.07
CA PRO E 207 -51.52 -41.01 -85.50
C PRO E 207 -51.31 -42.48 -85.76
N ALA E 208 -50.50 -43.13 -84.92
CA ALA E 208 -50.18 -44.54 -85.10
C ALA E 208 -51.42 -45.42 -84.98
N ILE E 209 -52.32 -45.09 -84.06
CA ILE E 209 -53.48 -45.93 -83.82
C ILE E 209 -54.51 -45.67 -84.90
N ASP E 210 -55.50 -46.54 -85.00
CA ASP E 210 -56.57 -46.43 -85.98
C ASP E 210 -57.90 -46.44 -85.23
N GLY E 211 -58.65 -45.35 -85.34
CA GLY E 211 -59.92 -45.23 -84.66
C GLY E 211 -59.92 -44.17 -83.59
N ALA E 212 -60.36 -44.53 -82.39
CA ALA E 212 -60.36 -43.60 -81.26
C ALA E 212 -60.40 -44.42 -79.98
N PHE E 213 -60.00 -43.79 -78.87
CA PHE E 213 -59.96 -44.48 -77.58
C PHE E 213 -60.35 -43.51 -76.48
N VAL E 214 -61.24 -43.93 -75.60
CA VAL E 214 -61.59 -43.15 -74.42
C VAL E 214 -61.17 -43.96 -73.18
N LEU E 215 -60.29 -43.40 -72.37
CA LEU E 215 -59.74 -44.18 -71.26
C LEU E 215 -59.54 -43.32 -70.03
N SER E 216 -59.45 -43.99 -68.88
CA SER E 216 -59.21 -43.33 -67.61
C SER E 216 -57.70 -43.18 -67.36
N THR E 217 -57.35 -42.16 -66.59
CA THR E 217 -55.96 -41.89 -66.24
C THR E 217 -55.77 -41.81 -64.73
N ARG E 218 -56.61 -42.50 -63.97
CA ARG E 218 -56.43 -42.55 -62.52
C ARG E 218 -55.07 -43.14 -62.16
N GLY E 219 -54.65 -44.18 -62.88
CA GLY E 219 -53.37 -44.81 -62.63
C GLY E 219 -53.51 -46.26 -62.21
N GLY E 220 -52.48 -47.06 -62.48
CA GLY E 220 -52.47 -48.45 -62.08
C GLY E 220 -53.15 -49.41 -63.04
N ASP E 221 -53.52 -48.95 -64.24
CA ASP E 221 -54.19 -49.80 -65.22
C ASP E 221 -53.34 -50.13 -66.43
N PHE E 222 -52.38 -49.28 -66.79
CA PHE E 222 -51.51 -49.53 -67.94
C PHE E 222 -50.06 -49.30 -67.50
N ASP E 223 -49.15 -50.16 -67.95
CA ASP E 223 -47.75 -50.07 -67.56
C ASP E 223 -46.88 -50.29 -68.81
N LEU E 224 -46.08 -49.28 -69.14
CA LEU E 224 -45.09 -49.38 -70.21
C LEU E 224 -43.73 -49.62 -69.55
N GLN E 225 -43.24 -50.85 -69.63
CA GLN E 225 -41.96 -51.21 -69.02
C GLN E 225 -40.84 -51.00 -70.02
N LEU E 226 -39.83 -50.25 -69.62
CA LEU E 226 -38.66 -49.96 -70.45
C LEU E 226 -37.43 -50.55 -69.80
N GLY E 227 -36.62 -51.26 -70.59
CA GLY E 227 -35.32 -51.68 -70.12
C GLY E 227 -34.31 -50.58 -70.35
N THR E 228 -34.28 -50.06 -71.57
CA THR E 228 -33.48 -48.91 -71.93
C THR E 228 -34.33 -47.98 -72.78
N ASP E 229 -34.21 -46.68 -72.54
CA ASP E 229 -35.00 -45.69 -73.25
C ASP E 229 -34.43 -45.54 -74.67
N VAL E 230 -35.00 -44.60 -75.43
CA VAL E 230 -34.58 -44.40 -76.81
C VAL E 230 -33.11 -43.98 -76.84
N SER E 231 -32.33 -44.63 -77.71
CA SER E 231 -30.91 -44.33 -77.84
C SER E 231 -30.53 -44.36 -79.31
N ILE E 232 -29.46 -43.66 -79.66
CA ILE E 232 -28.94 -43.59 -81.02
C ILE E 232 -27.55 -44.19 -81.05
N GLY E 233 -27.32 -45.09 -82.01
CA GLY E 233 -26.05 -45.78 -82.12
C GLY E 233 -25.43 -45.73 -83.50
N TYR E 234 -24.30 -46.41 -83.65
CA TYR E 234 -23.50 -46.40 -84.88
C TYR E 234 -23.19 -47.83 -85.31
N LEU E 235 -23.38 -48.13 -86.59
CA LEU E 235 -23.05 -49.45 -87.12
C LEU E 235 -21.77 -49.42 -87.96
N SER E 236 -21.73 -48.58 -88.98
CA SER E 236 -20.59 -48.52 -89.89
C SER E 236 -20.60 -47.16 -90.57
N HIS E 237 -19.60 -46.92 -91.42
CA HIS E 237 -19.49 -45.63 -92.09
C HIS E 237 -18.73 -45.82 -93.40
N ASP E 238 -18.79 -44.79 -94.24
CA ASP E 238 -18.20 -44.80 -95.56
C ASP E 238 -17.64 -43.42 -95.83
N ALA E 239 -17.00 -43.24 -96.99
CA ALA E 239 -16.45 -41.95 -97.36
C ALA E 239 -17.52 -40.88 -97.53
N GLU E 240 -18.79 -41.26 -97.63
CA GLU E 240 -19.88 -40.32 -97.89
C GLU E 240 -20.97 -40.34 -96.83
N VAL E 241 -21.22 -41.48 -96.18
CA VAL E 241 -22.37 -41.64 -95.30
C VAL E 241 -21.95 -42.34 -94.03
N VAL E 242 -22.83 -42.26 -93.03
CA VAL E 242 -22.70 -43.00 -91.78
C VAL E 242 -24.04 -43.67 -91.51
N HIS E 243 -24.00 -44.92 -91.08
CA HIS E 243 -25.21 -45.68 -90.76
C HIS E 243 -25.42 -45.72 -89.25
N LEU E 244 -26.57 -45.24 -88.80
CA LEU E 244 -26.94 -45.17 -87.41
C LEU E 244 -28.26 -45.90 -87.19
N TYR E 245 -28.64 -46.06 -85.93
CA TYR E 245 -29.91 -46.70 -85.60
C TYR E 245 -30.49 -46.06 -84.35
N MET E 246 -31.80 -46.09 -84.24
CA MET E 246 -32.50 -45.71 -83.03
C MET E 246 -33.09 -46.97 -82.39
N GLU E 247 -32.82 -47.15 -81.10
CA GLU E 247 -33.06 -48.41 -80.41
C GLU E 247 -33.83 -48.15 -79.12
N GLU E 248 -34.77 -49.06 -78.81
CA GLU E 248 -35.42 -49.05 -77.50
C GLU E 248 -35.94 -50.43 -77.16
N THR E 249 -35.81 -50.81 -75.88
CA THR E 249 -36.25 -52.10 -75.40
C THR E 249 -37.43 -51.93 -74.46
N MET E 250 -38.56 -52.54 -74.79
CA MET E 250 -39.80 -52.23 -74.11
C MET E 250 -40.73 -53.44 -74.08
N THR E 251 -41.78 -53.30 -73.26
CA THR E 251 -42.97 -54.14 -73.31
C THR E 251 -44.11 -53.36 -72.68
N PHE E 252 -45.34 -53.83 -72.91
CA PHE E 252 -46.53 -53.16 -72.43
C PHE E 252 -47.44 -54.16 -71.74
N LEU E 253 -48.06 -53.73 -70.65
CA LEU E 253 -49.00 -54.55 -69.89
C LEU E 253 -50.25 -53.76 -69.57
N CYS E 254 -51.41 -54.41 -69.72
CA CYS E 254 -52.69 -53.85 -69.30
C CYS E 254 -53.23 -54.72 -68.17
N TYR E 255 -53.61 -54.08 -67.07
CA TYR E 255 -54.09 -54.78 -65.88
C TYR E 255 -55.60 -54.67 -65.70
N THR E 256 -56.18 -53.51 -66.00
CA THR E 256 -57.60 -53.27 -65.85
C THR E 256 -58.24 -53.23 -67.23
N ALA E 257 -59.11 -54.19 -67.51
CA ALA E 257 -59.75 -54.28 -68.82
C ALA E 257 -60.94 -53.34 -68.95
N GLU E 258 -61.41 -52.77 -67.84
CA GLU E 258 -62.63 -51.96 -67.85
C GLU E 258 -62.34 -50.46 -67.83
N ALA E 259 -61.08 -50.05 -67.95
CA ALA E 259 -60.71 -48.64 -67.88
C ALA E 259 -60.58 -47.97 -69.24
N SER E 260 -61.00 -48.65 -70.31
CA SER E 260 -60.86 -48.11 -71.65
C SER E 260 -62.04 -48.56 -72.51
N VAL E 261 -62.30 -47.77 -73.55
CA VAL E 261 -63.32 -48.07 -74.56
C VAL E 261 -62.71 -47.77 -75.91
N ALA E 262 -62.88 -48.67 -76.87
CA ALA E 262 -62.29 -48.55 -78.19
C ALA E 262 -63.38 -48.26 -79.21
N LEU E 263 -63.06 -47.40 -80.17
CA LEU E 263 -63.95 -47.06 -81.27
C LEU E 263 -63.24 -47.35 -82.58
N THR E 264 -63.83 -48.20 -83.40
CA THR E 264 -63.21 -48.66 -84.63
C THR E 264 -63.71 -47.85 -85.82
N PRO E 265 -62.84 -47.62 -86.82
CA PRO E 265 -63.25 -46.82 -87.99
C PRO E 265 -64.46 -47.39 -88.71
N ASN F 2 47.90 62.92 44.30
CA ASN F 2 47.64 63.06 45.72
C ASN F 2 48.59 64.07 46.34
N ASN F 3 48.56 64.20 47.66
CA ASN F 3 49.35 65.21 48.35
C ASN F 3 50.85 64.89 48.36
N LEU F 4 51.23 63.68 47.97
CA LEU F 4 52.66 63.35 47.91
C LEU F 4 53.36 64.15 46.82
N TYR F 5 52.69 64.40 45.71
CA TYR F 5 53.26 65.14 44.59
C TYR F 5 54.49 64.43 44.04
N ARG F 6 54.40 63.11 43.88
CA ARG F 6 55.49 62.34 43.31
C ARG F 6 55.64 62.56 41.82
N ASP F 7 54.54 62.82 41.11
CA ASP F 7 54.61 63.03 39.67
C ASP F 7 55.48 64.23 39.30
N LEU F 8 55.73 65.14 40.24
CA LEU F 8 56.53 66.32 40.01
C LEU F 8 58.02 66.10 40.30
N ALA F 9 58.38 64.95 40.85
CA ALA F 9 59.77 64.72 41.23
C ALA F 9 60.57 64.19 40.04
N PRO F 10 61.84 64.59 39.90
CA PRO F 10 62.68 64.08 38.80
C PRO F 10 63.27 62.70 39.11
N ILE F 11 62.39 61.72 39.27
CA ILE F 11 62.79 60.36 39.63
C ILE F 11 62.02 59.38 38.76
N THR F 12 62.71 58.34 38.29
CA THR F 12 62.12 57.34 37.43
C THR F 12 61.40 56.27 38.23
N GLU F 13 60.61 55.45 37.53
CA GLU F 13 59.85 54.39 38.18
C GLU F 13 60.79 53.39 38.86
N SER F 14 61.88 53.03 38.18
CA SER F 14 62.81 52.06 38.75
C SER F 14 63.45 52.58 40.04
N ALA F 15 63.88 53.84 40.03
CA ALA F 15 64.48 54.41 41.24
C ALA F 15 63.44 54.54 42.35
N TRP F 16 62.20 54.90 42.00
CA TRP F 16 61.14 54.92 43.00
C TRP F 16 60.96 53.55 43.62
N ALA F 17 60.95 52.50 42.80
CA ALA F 17 60.80 51.15 43.33
C ALA F 17 61.95 50.78 44.24
N GLU F 18 63.18 51.12 43.83
CA GLU F 18 64.34 50.80 44.67
C GLU F 18 64.24 51.50 46.01
N ILE F 19 63.88 52.78 46.01
CA ILE F 19 63.78 53.53 47.26
C ILE F 19 62.70 52.94 48.16
N GLU F 20 61.53 52.64 47.58
CA GLU F 20 60.45 52.07 48.37
C GLU F 20 60.87 50.73 48.97
N LEU F 21 61.51 49.87 48.18
CA LEU F 21 61.94 48.57 48.68
C LEU F 21 62.94 48.73 49.81
N GLU F 22 63.92 49.61 49.63
CA GLU F 22 64.95 49.80 50.65
C GLU F 22 64.35 50.34 51.95
N ALA F 23 63.42 51.30 51.86
CA ALA F 23 62.81 51.83 53.07
C ALA F 23 61.94 50.79 53.75
N THR F 24 61.15 50.04 52.98
CA THR F 24 60.28 49.03 53.57
C THR F 24 61.10 47.97 54.30
N ARG F 25 62.18 47.49 53.68
CA ARG F 25 63.01 46.46 54.31
C ARG F 25 63.55 46.95 55.64
N THR F 26 64.13 48.15 55.66
CA THR F 26 64.75 48.65 56.88
C THR F 26 63.72 48.90 57.97
N PHE F 27 62.57 49.47 57.61
CA PHE F 27 61.54 49.72 58.62
C PHE F 27 61.03 48.41 59.20
N LYS F 28 60.76 47.42 58.35
CA LYS F 28 60.28 46.14 58.83
C LYS F 28 61.33 45.44 59.68
N ARG F 29 62.61 45.72 59.41
CA ARG F 29 63.67 45.20 60.27
C ARG F 29 63.63 45.86 61.65
N HIS F 30 63.54 47.19 61.69
CA HIS F 30 63.75 47.92 62.92
C HIS F 30 62.48 48.10 63.75
N ILE F 31 61.33 47.66 63.26
CA ILE F 31 60.06 47.85 63.94
C ILE F 31 59.74 46.59 64.75
N ALA F 32 59.20 46.80 65.95
CA ALA F 32 58.88 45.70 66.86
C ALA F 32 57.46 45.71 67.40
N GLY F 33 56.90 46.88 67.70
CA GLY F 33 55.57 46.91 68.31
C GLY F 33 54.50 46.30 67.43
N ARG F 34 54.62 46.47 66.11
CA ARG F 34 53.65 45.95 65.18
C ARG F 34 53.53 44.43 65.24
N ARG F 35 54.54 43.74 65.80
CA ARG F 35 54.52 42.30 65.92
C ARG F 35 53.82 41.82 67.19
N VAL F 36 53.51 42.70 68.12
CA VAL F 36 52.90 42.30 69.39
C VAL F 36 51.68 43.15 69.73
N VAL F 37 51.29 44.06 68.83
CA VAL F 37 50.14 44.91 69.06
C VAL F 37 49.18 44.78 67.89
N ASP F 38 47.88 44.75 68.20
CA ASP F 38 46.87 44.77 67.15
C ASP F 38 46.94 46.09 66.39
N VAL F 39 46.76 46.00 65.08
CA VAL F 39 46.87 47.16 64.19
C VAL F 39 45.52 47.37 63.53
N SER F 40 44.95 48.56 63.71
CA SER F 40 43.74 48.96 63.00
C SER F 40 44.15 49.59 61.68
N GLY F 41 43.86 48.90 60.58
CA GLY F 41 44.34 49.30 59.27
C GLY F 41 44.01 50.75 58.96
N PRO F 42 44.66 51.30 57.94
CA PRO F 42 44.43 52.71 57.60
C PRO F 42 42.96 52.97 57.34
N ASN F 43 42.43 54.02 57.98
CA ASN F 43 41.05 54.43 57.82
C ASN F 43 40.90 55.61 56.87
N GLY F 44 41.99 56.10 56.28
CA GLY F 44 41.92 57.15 55.30
C GLY F 44 42.45 58.47 55.81
N PRO F 45 42.80 59.38 54.91
CA PRO F 45 43.30 60.69 55.33
C PRO F 45 42.27 61.52 56.08
N THR F 46 40.99 61.22 55.93
CA THR F 46 39.94 61.95 56.63
C THR F 46 39.89 61.63 58.12
N THR F 47 40.54 60.56 58.56
CA THR F 47 40.51 60.16 59.96
C THR F 47 41.43 61.06 60.77
N ALA F 48 40.90 61.59 61.88
CA ALA F 48 41.64 62.52 62.73
C ALA F 48 41.68 62.14 64.20
N SER F 49 40.75 61.31 64.67
CA SER F 49 40.70 60.99 66.09
C SER F 49 40.04 59.63 66.26
N VAL F 50 40.22 59.06 67.45
CA VAL F 50 39.65 57.76 67.82
C VAL F 50 38.79 57.96 69.05
N SER F 51 37.50 57.61 68.95
CA SER F 51 36.59 57.74 70.07
C SER F 51 36.96 56.75 71.16
N THR F 52 36.80 57.17 72.42
CA THR F 52 37.00 56.27 73.55
C THR F 52 35.70 55.79 74.18
N GLY F 53 34.58 56.40 73.83
CA GLY F 53 33.30 56.02 74.40
C GLY F 53 33.04 56.59 75.78
N HIS F 54 33.96 57.40 76.30
CA HIS F 54 33.79 58.03 77.60
C HIS F 54 33.17 59.42 77.45
N LEU F 55 32.72 59.95 78.57
CA LEU F 55 32.09 61.27 78.62
C LEU F 55 32.82 62.15 79.61
N LEU F 56 32.81 63.46 79.34
CA LEU F 56 33.45 64.45 80.19
C LEU F 56 32.42 65.50 80.59
N ASP F 57 32.45 65.90 81.86
CA ASP F 57 31.51 66.89 82.36
C ASP F 57 31.83 68.27 81.80
N VAL F 58 30.78 69.07 81.57
CA VAL F 58 30.92 70.38 80.96
C VAL F 58 29.77 71.26 81.43
N SER F 59 30.03 72.57 81.47
CA SER F 59 29.02 73.51 81.93
C SER F 59 27.81 73.48 81.01
N PRO F 60 26.59 73.48 81.56
CA PRO F 60 25.42 73.35 80.70
C PRO F 60 25.13 74.64 79.95
N PRO F 61 24.48 74.58 78.80
CA PRO F 61 24.02 75.82 78.15
C PRO F 61 23.05 76.61 79.00
N GLY F 62 22.19 75.93 79.77
CA GLY F 62 21.18 76.63 80.53
C GLY F 62 20.56 75.73 81.58
N ASP F 63 19.47 76.22 82.16
CA ASP F 63 18.82 75.52 83.26
C ASP F 63 18.11 74.27 82.76
N GLY F 64 18.11 73.24 83.60
CA GLY F 64 17.43 72.00 83.27
C GLY F 64 18.08 71.18 82.20
N VAL F 65 19.35 71.44 81.89
CA VAL F 65 20.06 70.75 80.82
C VAL F 65 21.35 70.16 81.39
N ILE F 66 21.59 68.89 81.06
CA ILE F 66 22.81 68.19 81.47
C ILE F 66 23.65 67.99 80.22
N ALA F 67 24.90 68.43 80.28
CA ALA F 67 25.80 68.44 79.12
C ALA F 67 27.03 67.59 79.41
N HIS F 68 27.44 66.81 78.40
CA HIS F 68 28.65 66.00 78.48
C HIS F 68 29.36 66.03 77.14
N LEU F 69 30.69 65.97 77.18
CA LEU F 69 31.50 65.97 75.97
C LEU F 69 32.04 64.58 75.69
N ARG F 70 31.97 64.17 74.44
CA ARG F 70 32.53 62.88 74.02
C ARG F 70 34.05 62.98 73.98
N ASP F 71 34.71 61.88 74.36
CA ASP F 71 36.15 61.87 74.52
C ASP F 71 36.81 61.14 73.35
N ALA F 72 37.84 61.77 72.77
CA ALA F 72 38.53 61.22 71.63
C ALA F 72 40.02 61.45 71.80
N LYS F 73 40.80 60.57 71.18
CA LYS F 73 42.26 60.64 71.16
C LYS F 73 42.70 61.14 69.80
N PRO F 74 43.41 62.26 69.70
CA PRO F 74 43.84 62.76 68.39
C PRO F 74 44.98 61.92 67.82
N LEU F 75 45.09 61.99 66.50
CA LEU F 75 46.16 61.33 65.77
C LEU F 75 47.28 62.32 65.50
N VAL F 76 48.52 61.82 65.51
CA VAL F 76 49.71 62.65 65.32
C VAL F 76 50.41 62.19 64.04
N ARG F 77 50.86 63.16 63.26
CA ARG F 77 51.56 62.91 62.00
C ARG F 77 53.06 63.10 62.22
N LEU F 78 53.84 62.08 61.88
CA LEU F 78 55.29 62.10 62.01
C LEU F 78 55.87 62.15 60.60
N ARG F 79 56.74 63.14 60.36
CA ARG F 79 57.37 63.36 59.08
C ARG F 79 58.89 63.48 59.29
N VAL F 80 59.64 62.65 58.57
CA VAL F 80 61.10 62.66 58.65
C VAL F 80 61.66 63.00 57.27
N PRO F 81 62.33 64.14 57.10
CA PRO F 81 62.87 64.49 55.79
C PRO F 81 64.26 63.92 55.56
N PHE F 82 64.56 63.73 54.28
CA PHE F 82 65.88 63.29 53.86
C PHE F 82 66.15 63.78 52.43
N THR F 83 67.40 63.64 52.01
CA THR F 83 67.87 64.17 50.74
C THR F 83 68.52 63.06 49.94
N VAL F 84 68.30 63.07 48.62
CA VAL F 84 68.84 62.06 47.72
C VAL F 84 69.54 62.74 46.56
N ALA F 85 70.51 62.03 45.98
CA ALA F 85 71.34 62.58 44.91
C ALA F 85 70.81 62.18 43.54
N ARG F 86 70.66 63.19 42.67
CA ARG F 86 70.18 62.96 41.32
C ARG F 86 71.10 62.09 40.49
N ARG F 87 72.40 62.08 40.79
CA ARG F 87 73.32 61.18 40.11
C ARG F 87 73.03 59.72 40.43
N ASP F 88 72.84 59.40 41.71
CA ASP F 88 72.43 58.04 42.09
C ASP F 88 71.07 57.70 41.50
N ILE F 89 70.16 58.67 41.44
CA ILE F 89 68.87 58.41 40.81
C ILE F 89 69.05 58.07 39.33
N ASP F 90 69.87 58.84 38.61
CA ASP F 90 69.99 58.67 37.18
C ASP F 90 70.73 57.37 36.84
N ASP F 91 71.68 56.97 37.68
CA ASP F 91 72.46 55.77 37.38
C ASP F 91 71.60 54.52 37.28
N VAL F 92 70.42 54.52 37.91
CA VAL F 92 69.61 53.31 37.94
C VAL F 92 69.18 52.90 36.52
N GLU F 93 68.72 53.86 35.73
CA GLU F 93 68.27 53.54 34.38
C GLU F 93 69.42 53.06 33.50
N ARG F 94 70.66 53.26 33.92
CA ARG F 94 71.83 52.72 33.23
C ARG F 94 72.19 51.33 33.70
N GLY F 95 71.26 50.63 34.34
CA GLY F 95 71.55 49.30 34.87
C GLY F 95 72.52 49.30 36.03
N SER F 96 72.55 50.38 36.81
CA SER F 96 73.38 50.42 38.02
C SER F 96 72.56 49.88 39.19
N GLN F 97 73.20 49.03 39.99
CA GLN F 97 72.58 48.44 41.16
C GLN F 97 73.49 48.46 42.38
N ASP F 98 74.29 49.52 42.55
CA ASP F 98 75.01 49.77 43.80
C ASP F 98 74.74 51.19 44.30
N SER F 99 73.59 51.77 43.95
CA SER F 99 73.31 53.15 44.29
C SER F 99 73.18 53.32 45.80
N ASP F 100 73.51 54.52 46.28
CA ASP F 100 73.51 54.82 47.71
C ASP F 100 72.12 55.24 48.15
N TRP F 101 71.57 54.52 49.13
CA TRP F 101 70.26 54.83 49.71
C TRP F 101 70.37 54.94 51.23
N ASP F 102 71.56 55.29 51.71
CA ASP F 102 71.80 55.42 53.14
C ASP F 102 70.89 56.45 53.80
N PRO F 103 70.67 57.63 53.22
CA PRO F 103 69.69 58.55 53.84
C PRO F 103 68.31 57.94 53.96
N VAL F 104 67.88 57.17 52.94
CA VAL F 104 66.60 56.48 53.03
C VAL F 104 66.59 55.53 54.22
N LYS F 105 67.64 54.74 54.37
CA LYS F 105 67.69 53.79 55.47
C LYS F 105 67.69 54.50 56.82
N ASP F 106 68.44 55.60 56.93
CA ASP F 106 68.49 56.35 58.18
C ASP F 106 67.12 56.94 58.53
N ALA F 107 66.43 57.50 57.54
CA ALA F 107 65.10 58.06 57.80
C ALA F 107 64.13 56.97 58.23
N ALA F 108 64.19 55.80 57.58
CA ALA F 108 63.32 54.70 57.98
C ALA F 108 63.61 54.27 59.41
N LYS F 109 64.90 54.18 59.77
CA LYS F 109 65.27 53.83 61.14
C LYS F 109 64.72 54.85 62.12
N LYS F 110 64.85 56.14 61.79
CA LYS F 110 64.37 57.19 62.68
C LYS F 110 62.87 57.09 62.90
N LEU F 111 62.12 56.88 61.82
CA LEU F 111 60.66 56.77 61.94
C LEU F 111 60.27 55.55 62.76
N ALA F 112 60.92 54.41 62.52
CA ALA F 112 60.62 53.21 63.30
C ALA F 112 60.92 53.46 64.77
N PHE F 113 62.03 54.13 65.08
CA PHE F 113 62.41 54.37 66.46
C PHE F 113 61.40 55.27 67.16
N VAL F 114 60.97 56.33 66.49
CA VAL F 114 59.99 57.22 67.12
C VAL F 114 58.67 56.48 67.34
N GLU F 115 58.25 55.67 66.38
CA GLU F 115 56.99 54.93 66.54
C GLU F 115 57.09 53.97 67.72
N ASP F 116 58.16 53.20 67.79
CA ASP F 116 58.31 52.22 68.86
C ASP F 116 58.45 52.89 70.22
N ARG F 117 59.17 54.02 70.27
CA ARG F 117 59.31 54.74 71.52
C ARG F 117 58.01 55.37 71.98
N ALA F 118 57.18 55.85 71.07
CA ALA F 118 55.85 56.32 71.45
C ALA F 118 54.99 55.16 71.96
N ILE F 119 55.09 53.99 71.33
CA ILE F 119 54.30 52.85 71.77
C ILE F 119 54.71 52.41 73.17
N PHE F 120 56.01 52.31 73.42
CA PHE F 120 56.51 51.66 74.63
C PHE F 120 56.88 52.60 75.76
N GLU F 121 56.98 53.90 75.50
CA GLU F 121 57.44 54.86 76.49
C GLU F 121 56.53 56.07 76.64
N GLY F 122 55.82 56.46 75.59
CA GLY F 122 54.86 57.54 75.66
C GLY F 122 55.34 58.80 74.95
N TYR F 123 54.42 59.50 74.31
CA TYR F 123 54.65 60.78 73.66
C TYR F 123 53.57 61.72 74.20
N ALA F 124 53.91 62.44 75.27
CA ALA F 124 52.89 63.14 76.05
C ALA F 124 52.15 64.18 75.22
N ALA F 125 52.89 64.98 74.45
CA ALA F 125 52.25 66.06 73.70
C ALA F 125 51.18 65.54 72.77
N ALA F 126 51.29 64.30 72.32
CA ALA F 126 50.26 63.65 71.52
C ALA F 126 49.24 62.91 72.38
N SER F 127 49.27 63.11 73.70
CA SER F 127 48.37 62.44 74.64
C SER F 127 48.52 60.93 74.58
N ILE F 128 49.72 60.45 74.25
CA ILE F 128 50.00 59.02 74.14
C ILE F 128 50.66 58.58 75.44
N GLU F 129 49.95 57.77 76.21
CA GLU F 129 50.52 57.14 77.40
C GLU F 129 51.05 55.77 77.04
N GLY F 130 52.33 55.54 77.32
CA GLY F 130 53.00 54.33 76.90
C GLY F 130 52.64 53.13 77.75
N ILE F 131 53.06 51.96 77.26
CA ILE F 131 52.83 50.72 77.99
C ILE F 131 53.53 50.75 79.34
N ARG F 132 54.72 51.33 79.42
CA ARG F 132 55.45 51.39 80.68
C ARG F 132 54.65 52.11 81.75
N SER F 133 54.11 53.29 81.43
CA SER F 133 53.34 54.04 82.41
C SER F 133 51.98 53.40 82.67
N SER F 134 51.31 52.95 81.61
CA SER F 134 49.97 52.39 81.78
C SER F 134 49.99 51.03 82.49
N SER F 135 51.14 50.38 82.57
CA SER F 135 51.21 49.08 83.22
C SER F 135 50.90 49.21 84.71
N SER F 136 50.10 48.27 85.21
CA SER F 136 49.74 48.24 86.63
C SER F 136 50.61 47.28 87.43
N ASN F 137 51.11 46.22 86.82
CA ASN F 137 51.97 45.29 87.54
C ASN F 137 53.27 45.99 87.91
N PRO F 138 53.87 45.64 89.06
CA PRO F 138 55.08 46.34 89.49
C PRO F 138 56.21 46.16 88.50
N ALA F 139 57.01 47.22 88.35
CA ALA F 139 58.15 47.19 87.45
C ALA F 139 59.35 46.53 88.13
N LEU F 140 60.21 45.91 87.33
CA LEU F 140 61.40 45.25 87.82
C LEU F 140 62.65 45.95 87.30
N ALA F 141 63.80 45.52 87.81
CA ALA F 141 65.09 46.07 87.44
C ALA F 141 65.92 45.01 86.71
N LEU F 142 66.48 45.38 85.57
CA LEU F 142 67.28 44.46 84.79
C LEU F 142 68.67 44.37 85.42
N PRO F 143 69.12 43.19 85.85
CA PRO F 143 70.43 43.12 86.49
C PRO F 143 71.55 43.53 85.54
N ASP F 144 72.60 44.13 86.12
CA ASP F 144 73.75 44.52 85.32
C ASP F 144 74.39 43.31 84.65
N ASP F 145 74.49 42.20 85.37
CA ASP F 145 75.01 40.97 84.79
C ASP F 145 73.97 40.32 83.89
N ALA F 146 74.43 39.55 82.92
CA ALA F 146 73.53 38.89 81.99
C ALA F 146 73.04 37.53 82.48
N ARG F 147 73.61 37.01 83.57
CA ARG F 147 73.28 35.66 84.00
C ARG F 147 71.98 35.61 84.81
N GLU F 148 71.58 36.72 85.41
CA GLU F 148 70.41 36.78 86.28
C GLU F 148 69.15 37.24 85.55
N ILE F 149 69.26 37.61 84.28
CA ILE F 149 68.10 38.11 83.55
C ILE F 149 66.98 37.08 83.50
N PRO F 150 67.25 35.79 83.22
CA PRO F 150 66.13 34.82 83.17
C PRO F 150 65.34 34.74 84.46
N ASP F 151 65.99 34.91 85.62
CA ASP F 151 65.25 34.89 86.87
C ASP F 151 64.26 36.03 86.93
N VAL F 152 64.67 37.22 86.50
CA VAL F 152 63.77 38.38 86.51
C VAL F 152 62.63 38.18 85.53
N ILE F 153 62.93 37.57 84.37
CA ILE F 153 61.85 37.27 83.41
C ILE F 153 60.86 36.28 83.99
N ALA F 154 61.36 35.27 84.71
CA ALA F 154 60.45 34.33 85.36
C ALA F 154 59.61 35.03 86.42
N GLN F 155 60.19 35.97 87.15
CA GLN F 155 59.42 36.75 88.12
C GLN F 155 58.32 37.56 87.42
N ALA F 156 58.65 38.18 86.29
CA ALA F 156 57.65 38.97 85.56
C ALA F 156 56.53 38.08 85.04
N LEU F 157 56.88 36.91 84.51
CA LEU F 157 55.85 35.97 84.10
C LEU F 157 54.99 35.58 85.28
N SER F 158 55.60 35.34 86.44
CA SER F 158 54.83 35.04 87.64
C SER F 158 53.88 36.18 87.97
N GLU F 159 54.31 37.43 87.80
CA GLU F 159 53.42 38.55 88.12
C GLU F 159 52.22 38.61 87.17
N LEU F 160 52.47 38.64 85.86
CA LEU F 160 51.39 38.60 84.88
C LEU F 160 50.43 37.45 85.18
N ARG F 161 51.03 36.28 85.38
CA ARG F 161 50.33 35.01 85.42
C ARG F 161 49.66 34.78 86.76
N LEU F 162 50.09 35.52 87.78
CA LEU F 162 49.27 35.74 88.96
C LEU F 162 48.08 36.63 88.64
N ALA F 163 48.33 37.75 87.97
CA ALA F 163 47.28 38.72 87.71
C ALA F 163 46.14 38.13 86.91
N GLY F 164 46.40 37.06 86.17
CA GLY F 164 45.34 36.32 85.52
C GLY F 164 45.26 36.45 84.02
N VAL F 165 46.31 36.94 83.39
CA VAL F 165 46.33 37.09 81.93
C VAL F 165 46.82 35.80 81.30
N ASP F 166 46.29 35.49 80.12
CA ASP F 166 46.62 34.27 79.40
C ASP F 166 47.08 34.58 77.98
N GLY F 167 47.26 33.54 77.18
CA GLY F 167 47.73 33.68 75.82
C GLY F 167 49.24 33.66 75.74
N PRO F 168 49.78 33.51 74.53
CA PRO F 168 51.23 33.43 74.38
C PRO F 168 51.91 34.67 74.96
N TYR F 169 53.05 34.45 75.62
CA TYR F 169 53.83 35.53 76.20
C TYR F 169 55.06 35.79 75.35
N SER F 170 55.49 37.05 75.36
CA SER F 170 56.58 37.48 74.48
C SER F 170 57.48 38.46 75.23
N VAL F 171 58.77 38.40 74.92
CA VAL F 171 59.79 39.23 75.54
C VAL F 171 60.38 40.13 74.46
N LEU F 172 60.31 41.43 74.68
CA LEU F 172 60.93 42.43 73.80
C LEU F 172 62.15 42.97 74.54
N LEU F 173 63.31 42.84 73.93
CA LEU F 173 64.57 43.22 74.57
C LEU F 173 65.19 44.41 73.84
N SER F 174 65.90 45.24 74.61
CA SER F 174 66.55 46.42 74.07
C SER F 174 67.74 46.00 73.21
N ALA F 175 68.32 46.96 72.49
CA ALA F 175 69.53 46.67 71.73
C ALA F 175 70.67 46.27 72.65
N GLU F 176 70.89 47.04 73.72
CA GLU F 176 72.02 46.78 74.61
C GLU F 176 71.82 45.48 75.36
N THR F 177 70.59 45.19 75.77
CA THR F 177 70.32 43.94 76.49
C THR F 177 70.39 42.73 75.56
N TYR F 178 69.88 42.86 74.34
CA TYR F 178 69.94 41.77 73.38
C TYR F 178 71.37 41.46 72.98
N THR F 179 72.20 42.49 72.76
CA THR F 179 73.61 42.27 72.52
C THR F 179 74.25 41.52 73.68
N LYS F 180 73.90 41.89 74.91
CA LYS F 180 74.48 41.25 76.08
C LYS F 180 74.10 39.77 76.13
N VAL F 181 72.81 39.47 76.03
CA VAL F 181 72.37 38.08 76.14
C VAL F 181 72.87 37.26 74.96
N SER F 182 73.11 37.89 73.81
CA SER F 182 73.61 37.17 72.65
C SER F 182 75.09 36.85 72.80
N GLU F 183 75.91 37.86 73.10
CA GLU F 183 77.35 37.63 73.25
C GLU F 183 77.63 36.70 74.42
N THR F 184 76.95 36.92 75.55
CA THR F 184 77.17 36.08 76.72
C THR F 184 76.66 34.67 76.45
N THR F 185 77.36 33.69 77.02
CA THR F 185 77.07 32.28 76.80
C THR F 185 77.18 31.51 78.10
N ALA F 186 76.51 30.36 78.15
CA ALA F 186 76.55 29.50 79.33
C ALA F 186 76.29 28.07 78.89
N HIS F 187 77.15 27.14 79.33
CA HIS F 187 77.00 25.72 79.03
C HIS F 187 76.90 25.48 77.52
N GLY F 188 77.53 26.34 76.74
CA GLY F 188 77.50 26.20 75.30
C GLY F 188 76.25 26.69 74.62
N TYR F 189 75.41 27.47 75.31
CA TYR F 189 74.28 28.13 74.69
C TYR F 189 74.21 29.60 75.12
N PRO F 190 73.76 30.50 74.26
CA PRO F 190 73.59 31.89 74.67
C PRO F 190 72.54 32.08 75.75
N ILE F 191 72.74 33.13 76.53
CA ILE F 191 71.76 33.52 77.53
C ILE F 191 70.44 33.86 76.86
N ARG F 192 70.47 34.28 75.59
CA ARG F 192 69.23 34.52 74.86
C ARG F 192 68.44 33.23 74.67
N GLU F 193 69.12 32.13 74.31
CA GLU F 193 68.42 30.85 74.22
C GLU F 193 67.91 30.44 75.60
N HIS F 194 68.74 30.66 76.63
CA HIS F 194 68.25 30.42 77.99
C HIS F 194 66.93 31.13 78.24
N ILE F 195 66.83 32.40 77.85
CA ILE F 195 65.59 33.15 78.01
C ILE F 195 64.47 32.53 77.17
N ASN F 196 64.76 32.24 75.90
CA ASN F 196 63.74 31.70 75.01
C ASN F 196 63.12 30.43 75.56
N ARG F 197 63.89 29.62 76.27
CA ARG F 197 63.39 28.36 76.77
C ARG F 197 62.12 28.52 77.62
N LEU F 198 61.94 29.66 78.27
CA LEU F 198 60.85 29.85 79.22
C LEU F 198 59.52 30.17 78.53
N VAL F 199 59.52 31.12 77.62
CA VAL F 199 58.28 31.64 77.06
C VAL F 199 57.76 30.71 75.98
N ASP F 200 56.48 30.89 75.64
CA ASP F 200 55.82 30.14 74.59
C ASP F 200 55.83 30.90 73.25
N GLY F 201 56.00 32.22 73.28
CA GLY F 201 55.97 33.02 72.08
C GLY F 201 57.32 33.20 71.43
N GLU F 202 57.76 34.44 71.29
CA GLU F 202 58.99 34.76 70.57
C GLU F 202 59.80 35.77 71.35
N ILE F 203 61.09 35.84 71.00
CA ILE F 203 61.99 36.88 71.50
C ILE F 203 62.12 37.93 70.41
N ILE F 204 61.96 39.20 70.77
CA ILE F 204 61.87 40.29 69.78
C ILE F 204 62.91 41.36 70.08
N TRP F 205 63.52 41.88 69.03
CA TRP F 205 64.40 43.05 69.07
C TRP F 205 63.58 44.31 69.27
N ALA F 206 63.97 45.13 70.24
CA ALA F 206 63.34 46.43 70.44
C ALA F 206 64.42 47.50 70.64
N PRO F 207 65.11 47.92 69.59
CA PRO F 207 66.23 48.86 69.80
C PRO F 207 65.78 50.20 70.33
N ALA F 208 64.61 50.66 69.88
CA ALA F 208 64.09 51.95 70.26
C ALA F 208 63.81 52.03 71.76
N ILE F 209 63.30 50.95 72.34
CA ILE F 209 62.92 50.96 73.75
C ILE F 209 64.18 50.82 74.60
N ASP F 210 64.05 51.11 75.88
CA ASP F 210 65.16 51.00 76.83
C ASP F 210 64.72 50.07 77.95
N GLY F 211 65.43 48.96 78.11
CA GLY F 211 65.10 47.99 79.14
C GLY F 211 64.62 46.67 78.58
N ALA F 212 63.48 46.19 79.06
CA ALA F 212 62.89 44.96 78.56
C ALA F 212 61.42 44.96 78.90
N PHE F 213 60.65 44.13 78.18
CA PHE F 213 59.20 44.08 78.39
C PHE F 213 58.73 42.64 78.21
N VAL F 214 57.92 42.15 79.14
CA VAL F 214 57.28 40.85 79.01
C VAL F 214 55.78 41.07 78.96
N LEU F 215 55.13 40.65 77.86
CA LEU F 215 53.73 40.98 77.68
C LEU F 215 52.99 39.83 77.01
N SER F 216 51.66 39.85 77.19
CA SER F 216 50.79 38.85 76.58
C SER F 216 50.38 39.28 75.19
N THR F 217 50.09 38.28 74.34
CA THR F 217 49.66 38.52 72.97
C THR F 217 48.33 37.84 72.67
N ARG F 218 47.50 37.64 73.69
CA ARG F 218 46.17 37.08 73.46
C ARG F 218 45.36 37.96 72.52
N GLY F 219 45.46 39.27 72.69
CA GLY F 219 44.73 40.21 71.84
C GLY F 219 43.75 41.05 72.62
N GLY F 220 43.46 42.24 72.10
CA GLY F 220 42.50 43.13 72.72
C GLY F 220 43.04 44.01 73.83
N ASP F 221 44.36 44.07 74.02
CA ASP F 221 44.96 44.88 75.06
C ASP F 221 45.74 46.08 74.53
N PHE F 222 46.26 46.02 73.32
CA PHE F 222 47.00 47.13 72.74
C PHE F 222 46.47 47.38 71.34
N ASP F 223 46.32 48.65 70.96
CA ASP F 223 45.78 49.03 69.65
C ASP F 223 46.63 50.15 69.07
N LEU F 224 47.24 49.89 67.91
CA LEU F 224 47.96 50.92 67.15
C LEU F 224 47.03 51.38 66.03
N GLN F 225 46.48 52.58 66.18
CA GLN F 225 45.56 53.13 65.20
C GLN F 225 46.34 53.94 64.17
N LEU F 226 46.14 53.61 62.89
CA LEU F 226 46.79 54.30 61.78
C LEU F 226 45.75 54.98 60.92
N GLY F 227 45.98 56.24 60.60
CA GLY F 227 45.16 56.93 59.62
C GLY F 227 45.67 56.64 58.23
N THR F 228 46.97 56.84 58.04
CA THR F 228 47.66 56.47 56.81
C THR F 228 48.97 55.79 57.17
N ASP F 229 49.30 54.72 56.44
CA ASP F 229 50.51 53.97 56.71
C ASP F 229 51.72 54.76 56.24
N VAL F 230 52.90 54.16 56.33
CA VAL F 230 54.13 54.83 55.95
C VAL F 230 54.08 55.17 54.47
N SER F 231 54.42 56.42 54.13
CA SER F 231 54.43 56.88 52.75
C SER F 231 55.65 57.75 52.52
N ILE F 232 56.07 57.85 51.27
CA ILE F 232 57.22 58.67 50.87
C ILE F 232 56.73 59.75 49.92
N GLY F 233 57.15 60.99 50.20
CA GLY F 233 56.70 62.13 49.41
C GLY F 233 57.84 63.02 48.92
N TYR F 234 57.48 64.12 48.26
CA TYR F 234 58.42 65.02 47.63
C TYR F 234 58.12 66.45 48.05
N LEU F 235 59.15 67.21 48.43
CA LEU F 235 58.97 68.62 48.79
C LEU F 235 59.50 69.55 47.71
N SER F 236 60.77 69.41 47.34
CA SER F 236 61.39 70.28 46.36
C SER F 236 62.60 69.56 45.78
N HIS F 237 63.28 70.21 44.84
CA HIS F 237 64.42 69.59 44.17
C HIS F 237 65.34 70.68 43.66
N ASP F 238 66.55 70.26 43.28
CA ASP F 238 67.61 71.16 42.86
C ASP F 238 68.36 70.47 41.72
N ALA F 239 69.35 71.16 41.15
CA ALA F 239 70.15 70.58 40.08
C ALA F 239 70.96 69.38 40.53
N GLU F 240 71.10 69.16 41.84
CA GLU F 240 71.93 68.08 42.37
C GLU F 240 71.18 67.12 43.26
N VAL F 241 70.15 67.58 43.99
CA VAL F 241 69.50 66.78 45.02
C VAL F 241 68.00 66.90 44.92
N VAL F 242 67.31 65.97 45.58
CA VAL F 242 65.86 66.02 45.74
C VAL F 242 65.56 65.82 47.22
N HIS F 243 64.61 66.59 47.75
CA HIS F 243 64.22 66.49 49.14
C HIS F 243 62.90 65.72 49.25
N LEU F 244 62.92 64.63 50.02
CA LEU F 244 61.79 63.76 50.23
C LEU F 244 61.51 63.64 51.72
N TYR F 245 60.39 63.00 52.06
CA TYR F 245 60.05 62.78 53.45
C TYR F 245 59.33 61.45 53.58
N MET F 246 59.44 60.84 54.76
CA MET F 246 58.66 59.67 55.12
C MET F 246 57.65 60.07 56.19
N GLU F 247 56.39 59.73 55.95
CA GLU F 247 55.27 60.25 56.72
C GLU F 247 54.38 59.11 57.20
N GLU F 248 53.87 59.25 58.43
CA GLU F 248 52.84 58.33 58.92
C GLU F 248 52.02 59.01 60.00
N THR F 249 50.71 58.76 59.99
CA THR F 249 49.78 59.32 60.96
C THR F 249 49.24 58.22 61.85
N MET F 250 49.46 58.36 63.16
CA MET F 250 49.21 57.24 64.07
C MET F 250 48.81 57.74 65.46
N THR F 251 48.35 56.80 66.26
CA THR F 251 48.21 56.94 67.71
C THR F 251 48.21 55.55 68.31
N PHE F 252 48.42 55.49 69.62
CA PHE F 252 48.50 54.21 70.34
C PHE F 252 47.61 54.25 71.56
N LEU F 253 46.94 53.13 71.85
CA LEU F 253 46.07 52.99 73.00
C LEU F 253 46.37 51.68 73.71
N CYS F 254 46.42 51.74 75.05
CA CYS F 254 46.51 50.56 75.89
C CYS F 254 45.23 50.45 76.70
N TYR F 255 44.61 49.28 76.67
CA TYR F 255 43.34 49.04 77.36
C TYR F 255 43.49 48.21 78.61
N THR F 256 44.37 47.21 78.60
CA THR F 256 44.59 46.32 79.73
C THR F 256 45.93 46.66 80.36
N ALA F 257 45.91 47.14 81.59
CA ALA F 257 47.14 47.55 82.27
C ALA F 257 47.87 46.36 82.89
N GLU F 258 47.23 45.21 82.99
CA GLU F 258 47.80 44.05 83.66
C GLU F 258 48.39 43.02 82.70
N ALA F 259 48.47 43.31 81.41
CA ALA F 259 48.95 42.37 80.41
C ALA F 259 50.43 42.55 80.08
N SER F 260 51.15 43.39 80.82
CA SER F 260 52.54 43.67 80.53
C SER F 260 53.31 43.90 81.82
N VAL F 261 54.61 43.67 81.76
CA VAL F 261 55.55 43.92 82.85
C VAL F 261 56.77 44.59 82.25
N ALA F 262 57.23 45.65 82.90
CA ALA F 262 58.35 46.44 82.40
C ALA F 262 59.57 46.23 83.28
N LEU F 263 60.74 46.15 82.65
CA LEU F 263 62.01 46.02 83.35
C LEU F 263 62.91 47.17 82.92
N THR F 264 63.37 47.95 83.91
CA THR F 264 64.13 49.15 83.64
C THR F 264 65.63 48.87 83.77
N PRO F 265 66.46 49.54 82.96
CA PRO F 265 67.91 49.30 83.01
C PRO F 265 68.51 49.54 84.40
N ASN G 2 61.41 58.47 32.00
CA ASN G 2 62.82 58.13 31.81
C ASN G 2 63.72 59.26 32.31
N ASN G 3 65.02 59.12 32.06
CA ASN G 3 65.98 60.09 32.57
C ASN G 3 65.92 61.44 31.86
N LEU G 4 65.19 61.53 30.74
CA LEU G 4 65.06 62.81 30.05
C LEU G 4 64.26 63.80 30.89
N TYR G 5 63.26 63.33 31.62
CA TYR G 5 62.41 64.18 32.45
C TYR G 5 61.70 65.22 31.60
N ARG G 6 61.16 64.80 30.46
CA ARG G 6 60.41 65.70 29.61
C ARG G 6 59.04 66.04 30.19
N ASP G 7 58.43 65.12 30.93
CA ASP G 7 57.11 65.38 31.50
C ASP G 7 57.12 66.57 32.46
N LEU G 8 58.29 66.95 32.97
CA LEU G 8 58.42 68.06 33.89
C LEU G 8 58.66 69.40 33.19
N ALA G 9 58.85 69.40 31.88
CA ALA G 9 59.16 70.63 31.17
C ALA G 9 57.88 71.37 30.79
N PRO G 10 57.88 72.71 30.84
CA PRO G 10 56.69 73.48 30.44
C PRO G 10 56.60 73.65 28.92
N ILE G 11 56.45 72.53 28.22
CA ILE G 11 56.40 72.52 26.76
C ILE G 11 55.26 71.61 26.32
N THR G 12 54.53 72.03 25.30
CA THR G 12 53.40 71.28 24.79
C THR G 12 53.85 70.23 23.78
N GLU G 13 52.92 69.33 23.46
CA GLU G 13 53.22 68.26 22.51
C GLU G 13 53.59 68.82 21.14
N SER G 14 52.85 69.84 20.69
CA SER G 14 53.13 70.42 19.38
C SER G 14 54.51 71.05 19.32
N ALA G 15 54.89 71.81 20.36
CA ALA G 15 56.21 72.41 20.38
C ALA G 15 57.30 71.35 20.48
N TRP G 16 57.05 70.29 21.25
CA TRP G 16 58.00 69.18 21.30
C TRP G 16 58.19 68.58 19.92
N ALA G 17 57.10 68.37 19.18
CA ALA G 17 57.20 67.82 17.83
C ALA G 17 57.98 68.74 16.92
N GLU G 18 57.70 70.05 16.99
CA GLU G 18 58.43 71.00 16.15
C GLU G 18 59.92 70.96 16.45
N ILE G 19 60.29 70.96 17.72
CA ILE G 19 61.70 70.94 18.09
C ILE G 19 62.38 69.66 17.60
N GLU G 20 61.72 68.52 17.82
CA GLU G 20 62.29 67.26 17.38
C GLU G 20 62.48 67.24 15.87
N LEU G 21 61.48 67.71 15.11
CA LEU G 21 61.57 67.73 13.66
C LEU G 21 62.72 68.62 13.21
N GLU G 22 62.82 69.82 13.79
CA GLU G 22 63.87 70.75 13.39
C GLU G 22 65.25 70.20 13.69
N ALA G 23 65.43 69.57 14.86
CA ALA G 23 66.74 69.01 15.18
C ALA G 23 67.08 67.84 14.28
N THR G 24 66.11 66.95 14.03
CA THR G 24 66.37 65.80 13.18
C THR G 24 66.77 66.23 11.78
N ARG G 25 66.04 67.20 11.21
CA ARG G 25 66.35 67.66 9.85
C ARG G 25 67.78 68.19 9.78
N THR G 26 68.16 69.06 10.71
CA THR G 26 69.48 69.67 10.66
C THR G 26 70.57 68.65 10.87
N PHE G 27 70.39 67.73 11.83
CA PHE G 27 71.40 66.71 12.06
C PHE G 27 71.58 65.81 10.84
N LYS G 28 70.47 65.38 10.25
CA LYS G 28 70.55 64.53 9.07
C LYS G 28 71.17 65.28 7.90
N ARG G 29 71.01 66.60 7.87
CA ARG G 29 71.70 67.40 6.85
C ARG G 29 73.20 67.41 7.08
N HIS G 30 73.62 67.67 8.31
CA HIS G 30 75.03 67.95 8.59
C HIS G 30 75.85 66.70 8.88
N ILE G 31 75.24 65.52 8.93
CA ILE G 31 75.93 64.29 9.28
C ILE G 31 76.33 63.58 8.00
N ALA G 32 77.53 62.99 8.00
CA ALA G 32 78.08 62.32 6.82
C ALA G 32 78.58 60.91 7.08
N GLY G 33 79.20 60.65 8.23
CA GLY G 33 79.78 59.33 8.47
C GLY G 33 78.74 58.22 8.46
N ARG G 34 77.53 58.50 8.94
CA ARG G 34 76.47 57.52 8.99
C ARG G 34 76.09 57.00 7.62
N ARG G 35 76.43 57.73 6.55
CA ARG G 35 76.13 57.32 5.19
C ARG G 35 77.18 56.40 4.59
N VAL G 36 78.33 56.25 5.23
CA VAL G 36 79.42 55.44 4.68
C VAL G 36 79.98 54.46 5.71
N VAL G 37 79.38 54.41 6.90
CA VAL G 37 79.84 53.51 7.94
C VAL G 37 78.67 52.66 8.42
N ASP G 38 78.93 51.38 8.67
CA ASP G 38 77.93 50.51 9.27
C ASP G 38 77.59 51.00 10.67
N VAL G 39 76.31 50.93 11.00
CA VAL G 39 75.80 51.43 12.28
C VAL G 39 75.21 50.25 13.05
N SER G 40 75.72 50.01 14.25
CA SER G 40 75.15 49.02 15.15
C SER G 40 74.08 49.71 15.98
N GLY G 41 72.82 49.34 15.73
CA GLY G 41 71.69 50.03 16.33
C GLY G 41 71.81 50.13 17.84
N PRO G 42 71.01 51.00 18.45
CA PRO G 42 71.10 51.18 19.90
C PRO G 42 70.90 49.86 20.63
N ASN G 43 71.82 49.58 21.57
CA ASN G 43 71.77 48.38 22.37
C ASN G 43 71.20 48.62 23.77
N GLY G 44 70.80 49.86 24.07
CA GLY G 44 70.16 50.17 25.33
C GLY G 44 71.05 50.98 26.24
N PRO G 45 70.45 51.64 27.23
CA PRO G 45 71.25 52.43 28.18
C PRO G 45 72.20 51.58 29.02
N THR G 46 71.95 50.28 29.15
CA THR G 46 72.82 49.41 29.92
C THR G 46 74.15 49.14 29.23
N THR G 47 74.26 49.44 27.94
CA THR G 47 75.48 49.18 27.20
C THR G 47 76.54 50.22 27.53
N ALA G 48 77.75 49.75 27.85
CA ALA G 48 78.84 50.62 28.27
C ALA G 48 80.13 50.42 27.50
N SER G 49 80.33 49.27 26.87
CA SER G 49 81.59 49.00 26.20
C SER G 49 81.35 47.99 25.08
N VAL G 50 82.32 47.90 24.17
CA VAL G 50 82.28 46.97 23.05
C VAL G 50 83.51 46.08 23.13
N SER G 51 83.29 44.76 23.19
CA SER G 51 84.39 43.82 23.26
C SER G 51 85.15 43.81 21.94
N THR G 52 86.48 43.64 22.02
CA THR G 52 87.29 43.50 20.83
C THR G 52 87.74 42.06 20.57
N GLY G 53 87.56 41.18 21.55
CA GLY G 53 87.98 39.79 21.40
C GLY G 53 89.46 39.57 21.61
N HIS G 54 90.21 40.60 21.96
CA HIS G 54 91.64 40.50 22.22
C HIS G 54 91.89 40.28 23.71
N LEU G 55 93.12 39.89 24.02
CA LEU G 55 93.53 39.63 25.38
C LEU G 55 94.75 40.47 25.72
N LEU G 56 94.88 40.84 27.00
CA LEU G 56 96.00 41.63 27.49
C LEU G 56 96.67 40.88 28.64
N ASP G 57 98.00 40.91 28.65
CA ASP G 57 98.75 40.21 29.67
C ASP G 57 98.63 40.93 31.01
N VAL G 58 98.63 40.16 32.10
CA VAL G 58 98.43 40.70 33.43
C VAL G 58 99.13 39.79 34.44
N SER G 59 99.55 40.38 35.56
CA SER G 59 100.26 39.62 36.58
C SER G 59 99.36 38.53 37.14
N PRO G 60 99.86 37.31 37.33
CA PRO G 60 98.99 36.23 37.79
C PRO G 60 98.65 36.38 39.26
N PRO G 61 97.52 35.84 39.70
CA PRO G 61 97.25 35.78 41.15
C PRO G 61 98.29 34.98 41.92
N GLY G 62 98.81 33.91 41.32
CA GLY G 62 99.73 33.06 42.04
C GLY G 62 100.46 32.12 41.09
N ASP G 63 101.15 31.15 41.69
CA ASP G 63 101.98 30.24 40.92
C ASP G 63 101.13 29.27 40.10
N GLY G 64 101.63 28.92 38.92
CA GLY G 64 100.95 27.97 38.08
C GLY G 64 99.69 28.47 37.43
N VAL G 65 99.49 29.79 37.40
CA VAL G 65 98.27 30.39 36.86
C VAL G 65 98.66 31.41 35.80
N ILE G 66 97.98 31.35 34.66
CA ILE G 66 98.18 32.29 33.56
C ILE G 66 96.93 33.17 33.49
N ALA G 67 97.14 34.48 33.53
CA ALA G 67 96.04 35.44 33.60
C ALA G 67 96.07 36.37 32.39
N HIS G 68 94.90 36.65 31.84
CA HIS G 68 94.75 37.59 30.74
C HIS G 68 93.49 38.41 30.94
N LEU G 69 93.52 39.67 30.50
CA LEU G 69 92.38 40.56 30.61
C LEU G 69 91.71 40.74 29.26
N ARG G 70 90.39 40.68 29.25
CA ARG G 70 89.62 40.91 28.03
C ARG G 70 89.63 42.40 27.70
N ASP G 71 89.68 42.71 26.41
CA ASP G 71 89.85 44.07 25.94
C ASP G 71 88.52 44.62 25.40
N ALA G 72 88.17 45.83 25.86
CA ALA G 72 86.92 46.45 25.47
C ALA G 72 87.17 47.93 25.22
N LYS G 73 86.33 48.50 24.36
CA LYS G 73 86.36 49.92 24.03
C LYS G 73 85.21 50.61 24.74
N PRO G 74 85.46 51.60 25.60
CA PRO G 74 84.35 52.26 26.29
C PRO G 74 83.58 53.18 25.37
N LEU G 75 82.34 53.44 25.76
CA LEU G 75 81.45 54.36 25.06
C LEU G 75 81.50 55.72 25.73
N VAL G 76 81.38 56.78 24.92
CA VAL G 76 81.46 58.14 25.41
C VAL G 76 80.11 58.83 25.14
N ARG G 77 79.66 59.59 26.12
CA ARG G 77 78.39 60.32 26.04
C ARG G 77 78.67 61.78 25.73
N LEU G 78 78.06 62.29 24.67
CA LEU G 78 78.21 63.68 24.25
C LEU G 78 76.88 64.38 24.52
N ARG G 79 76.96 65.50 25.26
CA ARG G 79 75.80 66.29 25.64
C ARG G 79 76.05 67.75 25.26
N VAL G 80 75.13 68.32 24.49
CA VAL G 80 75.23 69.71 24.06
C VAL G 80 74.02 70.47 24.60
N PRO G 81 74.20 71.44 25.50
CA PRO G 81 73.06 72.17 26.04
C PRO G 81 72.69 73.38 25.20
N PHE G 82 71.41 73.74 25.29
CA PHE G 82 70.90 74.93 24.63
C PHE G 82 69.68 75.44 25.39
N THR G 83 69.25 76.65 25.04
CA THR G 83 68.20 77.36 25.74
C THR G 83 67.12 77.77 24.77
N VAL G 84 65.86 77.68 25.21
CA VAL G 84 64.71 78.02 24.37
C VAL G 84 63.81 78.98 25.13
N ALA G 85 63.06 79.77 24.36
CA ALA G 85 62.21 80.81 24.93
C ALA G 85 60.77 80.34 25.10
N ARG G 86 60.23 80.54 26.30
CA ARG G 86 58.87 80.14 26.61
C ARG G 86 57.84 80.88 25.78
N ARG G 87 58.14 82.09 25.32
CA ARG G 87 57.23 82.80 24.42
C ARG G 87 57.10 82.10 23.07
N ASP G 88 58.23 81.72 22.47
CA ASP G 88 58.19 80.93 21.24
C ASP G 88 57.52 79.59 21.47
N ILE G 89 57.73 78.98 22.64
CA ILE G 89 57.03 77.73 22.94
C ILE G 89 55.52 77.95 22.98
N ASP G 90 55.07 79.01 23.66
CA ASP G 90 53.65 79.22 23.86
C ASP G 90 52.96 79.61 22.56
N ASP G 91 53.65 80.34 21.69
CA ASP G 91 53.02 80.81 20.46
C ASP G 91 52.55 79.65 19.57
N VAL G 92 53.14 78.45 19.73
CA VAL G 92 52.80 77.36 18.84
C VAL G 92 51.32 76.97 18.97
N GLU G 93 50.84 76.86 20.21
CA GLU G 93 49.45 76.47 20.42
C GLU G 93 48.48 77.52 19.90
N ARG G 94 48.96 78.74 19.62
CA ARG G 94 48.16 79.78 18.98
C ARG G 94 48.20 79.71 17.47
N GLY G 95 48.59 78.57 16.91
CA GLY G 95 48.72 78.44 15.47
C GLY G 95 49.83 79.27 14.87
N SER G 96 50.90 79.51 15.63
CA SER G 96 52.07 80.19 15.11
C SER G 96 53.03 79.17 14.52
N GLN G 97 53.55 79.48 13.33
CA GLN G 97 54.49 78.61 12.63
C GLN G 97 55.68 79.37 12.05
N ASP G 98 56.16 80.40 12.76
CA ASP G 98 57.43 81.05 12.44
C ASP G 98 58.33 81.12 13.68
N SER G 99 58.14 80.20 14.63
CA SER G 99 58.88 80.27 15.89
C SER G 99 60.36 80.04 15.66
N ASP G 100 61.18 80.64 16.53
CA ASP G 100 62.63 80.59 16.42
C ASP G 100 63.17 79.31 17.07
N TRP G 101 63.88 78.50 16.29
CA TRP G 101 64.50 77.27 16.78
C TRP G 101 65.99 77.27 16.43
N ASP G 102 66.57 78.46 16.28
CA ASP G 102 67.98 78.58 15.94
C ASP G 102 68.90 77.93 16.95
N PRO G 103 68.69 78.08 18.26
CA PRO G 103 69.54 77.32 19.20
C PRO G 103 69.45 75.83 19.01
N VAL G 104 68.25 75.31 18.70
CA VAL G 104 68.12 73.89 18.40
C VAL G 104 68.98 73.51 17.20
N LYS G 105 68.91 74.30 16.14
CA LYS G 105 69.68 73.99 14.94
C LYS G 105 71.18 74.05 15.22
N ASP G 106 71.61 75.05 15.99
CA ASP G 106 73.03 75.18 16.32
C ASP G 106 73.52 73.99 17.15
N ALA G 107 72.72 73.56 18.14
CA ALA G 107 73.12 72.41 18.95
C ALA G 107 73.20 71.15 18.10
N ALA G 108 72.24 70.95 17.20
CA ALA G 108 72.29 69.80 16.31
C ALA G 108 73.53 69.83 15.43
N LYS G 109 73.87 71.01 14.90
CA LYS G 109 75.08 71.14 14.09
C LYS G 109 76.30 70.79 14.90
N LYS G 110 76.37 71.29 16.15
CA LYS G 110 77.53 71.02 16.99
C LYS G 110 77.69 69.54 17.27
N LEU G 111 76.58 68.86 17.59
CA LEU G 111 76.64 67.43 17.86
C LEU G 111 77.07 66.65 16.62
N ALA G 112 76.51 66.99 15.46
CA ALA G 112 76.90 66.31 14.23
C ALA G 112 78.39 66.53 13.96
N PHE G 113 78.88 67.75 14.18
CA PHE G 113 80.28 68.04 13.90
C PHE G 113 81.20 67.24 14.82
N VAL G 114 80.87 67.17 16.11
CA VAL G 114 81.71 66.41 17.02
C VAL G 114 81.70 64.93 16.65
N GLU G 115 80.53 64.39 16.30
CA GLU G 115 80.45 62.98 15.92
C GLU G 115 81.31 62.71 14.69
N ASP G 116 81.15 63.53 13.65
CA ASP G 116 81.89 63.30 12.41
C ASP G 116 83.39 63.49 12.62
N ARG G 117 83.78 64.48 13.44
CA ARG G 117 85.19 64.69 13.71
C ARG G 117 85.80 63.57 14.53
N ALA G 118 85.05 62.98 15.47
CA ALA G 118 85.54 61.79 16.15
C ALA G 118 85.68 60.61 15.19
N ILE G 119 84.73 60.45 14.27
CA ILE G 119 84.80 59.35 13.32
C ILE G 119 86.02 59.50 12.41
N PHE G 120 86.25 60.70 11.88
CA PHE G 120 87.22 60.88 10.81
C PHE G 120 88.58 61.39 11.25
N GLU G 121 88.71 61.85 12.50
CA GLU G 121 89.95 62.45 12.97
C GLU G 121 90.44 61.88 14.29
N GLY G 122 89.54 61.41 15.14
CA GLY G 122 89.91 60.77 16.39
C GLY G 122 89.61 61.63 17.60
N TYR G 123 89.19 60.98 18.68
CA TYR G 123 88.95 61.61 19.97
C TYR G 123 89.73 60.78 20.99
N ALA G 124 90.96 61.20 21.26
CA ALA G 124 91.90 60.33 21.97
C ALA G 124 91.41 59.97 23.37
N ALA G 125 90.91 60.96 24.11
CA ALA G 125 90.50 60.71 25.49
C ALA G 125 89.44 59.62 25.58
N ALA G 126 88.65 59.45 24.52
CA ALA G 126 87.69 58.36 24.44
C ALA G 126 88.28 57.11 23.81
N SER G 127 89.60 57.07 23.61
CA SER G 127 90.29 55.94 23.00
C SER G 127 89.79 55.69 21.58
N ILE G 128 89.35 56.74 20.89
CA ILE G 128 88.83 56.64 19.54
C ILE G 128 89.95 57.04 18.58
N GLU G 129 90.44 56.06 17.82
CA GLU G 129 91.40 56.33 16.75
C GLU G 129 90.65 56.52 15.44
N GLY G 130 90.88 57.65 14.80
CA GLY G 130 90.12 58.01 13.61
C GLY G 130 90.59 57.27 12.37
N ILE G 131 89.78 57.41 11.32
CA ILE G 131 90.11 56.79 10.04
C ILE G 131 91.42 57.34 9.50
N ARG G 132 91.68 58.63 9.67
CA ARG G 132 92.92 59.23 9.17
C ARG G 132 94.14 58.55 9.76
N SER G 133 94.17 58.38 11.09
CA SER G 133 95.32 57.74 11.72
C SER G 133 95.36 56.24 11.44
N SER G 134 94.21 55.58 11.51
CA SER G 134 94.18 54.14 11.32
C SER G 134 94.46 53.72 9.87
N SER G 135 94.37 54.65 8.93
CA SER G 135 94.61 54.31 7.54
C SER G 135 96.06 53.91 7.33
N SER G 136 96.26 52.84 6.55
CA SER G 136 97.59 52.36 6.23
C SER G 136 98.10 52.86 4.88
N ASN G 137 97.21 53.11 3.94
CA ASN G 137 97.63 53.63 2.64
C ASN G 137 98.21 55.03 2.82
N PRO G 138 99.21 55.40 2.01
CA PRO G 138 99.85 56.70 2.19
C PRO G 138 98.87 57.84 1.98
N ALA G 139 99.03 58.90 2.76
CA ALA G 139 98.19 60.07 2.67
C ALA G 139 98.66 60.98 1.54
N LEU G 140 97.72 61.72 0.95
CA LEU G 140 98.02 62.64 -0.13
C LEU G 140 97.74 64.07 0.31
N ALA G 141 98.11 65.01 -0.55
CA ALA G 141 97.93 66.43 -0.30
C ALA G 141 96.94 67.01 -1.31
N LEU G 142 95.96 67.76 -0.81
CA LEU G 142 94.96 68.36 -1.66
C LEU G 142 95.55 69.61 -2.31
N PRO G 143 95.62 69.68 -3.64
CA PRO G 143 96.23 70.86 -4.26
C PRO G 143 95.46 72.14 -3.93
N ASP G 144 96.20 73.25 -3.83
CA ASP G 144 95.56 74.53 -3.57
C ASP G 144 94.58 74.89 -4.68
N ASP G 145 94.94 74.62 -5.93
CA ASP G 145 94.04 74.85 -7.04
C ASP G 145 92.98 73.76 -7.09
N ALA G 146 91.83 74.08 -7.67
CA ALA G 146 90.73 73.13 -7.76
C ALA G 146 90.79 72.26 -9.00
N ARG G 147 91.69 72.57 -9.94
CA ARG G 147 91.70 71.85 -11.21
C ARG G 147 92.44 70.52 -11.12
N GLU G 148 93.34 70.37 -10.15
CA GLU G 148 94.17 69.18 -10.01
C GLU G 148 93.59 68.17 -9.03
N ILE G 149 92.48 68.48 -8.37
CA ILE G 149 91.92 67.57 -7.38
C ILE G 149 91.55 66.23 -8.00
N PRO G 150 90.92 66.17 -9.18
CA PRO G 150 90.57 64.85 -9.74
C PRO G 150 91.77 63.95 -9.95
N ASP G 151 92.93 64.50 -10.30
CA ASP G 151 94.12 63.67 -10.46
C ASP G 151 94.50 63.02 -9.15
N VAL G 152 94.43 63.77 -8.05
CA VAL G 152 94.77 63.22 -6.74
C VAL G 152 93.76 62.16 -6.33
N ILE G 153 92.48 62.39 -6.65
CA ILE G 153 91.46 61.37 -6.35
C ILE G 153 91.71 60.10 -7.15
N ALA G 154 92.11 60.24 -8.41
CA ALA G 154 92.45 59.06 -9.21
C ALA G 154 93.65 58.34 -8.62
N GLN G 155 94.64 59.08 -8.13
CA GLN G 155 95.78 58.46 -7.46
C GLN G 155 95.34 57.68 -6.22
N ALA G 156 94.44 58.27 -5.42
CA ALA G 156 93.97 57.58 -4.22
C ALA G 156 93.19 56.32 -4.57
N LEU G 157 92.35 56.40 -5.60
CA LEU G 157 91.66 55.21 -6.05
C LEU G 157 92.67 54.16 -6.50
N SER G 158 93.72 54.57 -7.21
CA SER G 158 94.76 53.65 -7.61
C SER G 158 95.40 53.00 -6.38
N GLU G 159 95.61 53.76 -5.31
CA GLU G 159 96.23 53.17 -4.12
C GLU G 159 95.33 52.13 -3.47
N LEU G 160 94.09 52.50 -3.14
CA LEU G 160 93.13 51.54 -2.60
C LEU G 160 93.06 50.29 -3.48
N ARG G 161 92.92 50.53 -4.77
CA ARG G 161 92.57 49.52 -5.75
C ARG G 161 93.78 48.69 -6.15
N LEU G 162 94.98 49.20 -5.87
CA LEU G 162 96.16 48.37 -5.76
C LEU G 162 96.09 47.49 -4.53
N ALA G 163 95.78 48.09 -3.38
CA ALA G 163 95.81 47.36 -2.12
C ALA G 163 94.85 46.20 -2.12
N GLY G 164 93.84 46.23 -2.97
CA GLY G 164 92.99 45.07 -3.17
C GLY G 164 91.59 45.18 -2.62
N VAL G 165 91.14 46.37 -2.28
CA VAL G 165 89.80 46.56 -1.75
C VAL G 165 88.82 46.76 -2.90
N ASP G 166 87.59 46.27 -2.70
CA ASP G 166 86.55 46.34 -3.71
C ASP G 166 85.29 47.00 -3.17
N GLY G 167 84.22 46.97 -3.95
CA GLY G 167 82.97 47.58 -3.57
C GLY G 167 82.91 49.03 -3.99
N PRO G 168 81.71 49.62 -3.94
CA PRO G 168 81.57 51.01 -4.38
C PRO G 168 82.49 51.94 -3.60
N TYR G 169 83.07 52.91 -4.30
CA TYR G 169 83.96 53.89 -3.69
C TYR G 169 83.24 55.22 -3.56
N SER G 170 83.62 55.97 -2.53
CA SER G 170 82.92 57.21 -2.20
C SER G 170 83.94 58.26 -1.76
N VAL G 171 83.63 59.51 -2.09
CA VAL G 171 84.49 60.65 -1.78
C VAL G 171 83.73 61.56 -0.83
N LEU G 172 84.32 61.82 0.33
CA LEU G 172 83.78 62.76 1.31
C LEU G 172 84.66 64.00 1.27
N LEU G 173 84.05 65.14 0.98
CA LEU G 173 84.79 66.39 0.81
C LEU G 173 84.45 67.37 1.93
N SER G 174 85.44 68.20 2.27
CA SER G 174 85.27 69.19 3.33
C SER G 174 84.35 70.29 2.84
N ALA G 175 83.95 71.18 3.77
CA ALA G 175 83.15 72.33 3.37
C ALA G 175 83.93 73.24 2.42
N GLU G 176 85.19 73.55 2.77
CA GLU G 176 85.97 74.49 1.98
C GLU G 176 86.30 73.88 0.62
N THR G 177 86.60 72.57 0.58
CA THR G 177 86.91 71.92 -0.68
C THR G 177 85.67 71.75 -1.56
N TYR G 178 84.53 71.41 -0.96
CA TYR G 178 83.30 71.27 -1.71
C TYR G 178 82.85 72.60 -2.28
N THR G 179 82.94 73.68 -1.51
CA THR G 179 82.67 75.01 -2.04
C THR G 179 83.56 75.31 -3.23
N LYS G 180 84.84 74.96 -3.13
CA LYS G 180 85.79 75.23 -4.21
C LYS G 180 85.40 74.47 -5.48
N VAL G 181 85.19 73.17 -5.36
CA VAL G 181 84.88 72.36 -6.55
C VAL G 181 83.52 72.74 -7.11
N SER G 182 82.61 73.24 -6.28
CA SER G 182 81.30 73.64 -6.76
C SER G 182 81.37 74.96 -7.51
N GLU G 183 81.96 75.98 -6.90
CA GLU G 183 82.06 77.29 -7.56
C GLU G 183 82.91 77.21 -8.81
N THR G 184 84.04 76.50 -8.74
CA THR G 184 84.91 76.38 -9.90
C THR G 184 84.24 75.55 -10.97
N THR G 185 84.50 75.90 -12.23
CA THR G 185 83.87 75.27 -13.38
C THR G 185 84.90 75.05 -14.48
N ALA G 186 84.59 74.10 -15.36
CA ALA G 186 85.47 73.80 -16.50
C ALA G 186 84.63 73.21 -17.61
N HIS G 187 84.79 73.75 -18.83
CA HIS G 187 84.08 73.26 -20.00
C HIS G 187 82.57 73.24 -19.78
N GLY G 188 82.08 74.15 -18.95
CA GLY G 188 80.66 74.22 -18.67
C GLY G 188 80.14 73.20 -17.68
N TYR G 189 81.02 72.55 -16.92
CA TYR G 189 80.61 71.69 -15.82
C TYR G 189 81.45 71.98 -14.58
N PRO G 190 80.88 71.86 -13.38
CA PRO G 190 81.68 72.03 -12.17
C PRO G 190 82.75 70.97 -12.00
N ILE G 191 83.81 71.37 -11.30
CA ILE G 191 84.87 70.43 -10.95
C ILE G 191 84.31 69.32 -10.08
N ARG G 192 83.22 69.59 -9.35
CA ARG G 192 82.58 68.53 -8.58
C ARG G 192 82.00 67.45 -9.48
N GLU G 193 81.34 67.84 -10.59
CA GLU G 193 80.88 66.84 -11.54
C GLU G 193 82.07 66.11 -12.16
N HIS G 194 83.13 66.86 -12.48
CA HIS G 194 84.35 66.21 -12.94
C HIS G 194 84.78 65.10 -11.98
N ILE G 195 84.78 65.38 -10.68
CA ILE G 195 85.14 64.37 -9.68
C ILE G 195 84.14 63.21 -9.71
N ASN G 196 82.85 63.53 -9.70
CA ASN G 196 81.82 62.50 -9.66
C ASN G 196 81.97 61.51 -10.80
N ARG G 197 82.42 61.98 -11.96
CA ARG G 197 82.52 61.11 -13.12
C ARG G 197 83.36 59.85 -12.86
N LEU G 198 84.32 59.92 -11.94
CA LEU G 198 85.26 58.83 -11.72
C LEU G 198 84.68 57.71 -10.86
N VAL G 199 84.09 58.05 -9.74
CA VAL G 199 83.69 57.05 -8.75
C VAL G 199 82.38 56.40 -9.16
N ASP G 200 82.10 55.25 -8.55
CA ASP G 200 80.86 54.53 -8.76
C ASP G 200 79.81 54.86 -7.69
N GLY G 201 80.22 55.37 -6.53
CA GLY G 201 79.31 55.66 -5.45
C GLY G 201 78.76 57.07 -5.49
N GLU G 202 78.99 57.84 -4.43
CA GLU G 202 78.41 59.16 -4.28
C GLU G 202 79.47 60.14 -3.80
N ILE G 203 79.17 61.43 -4.00
CA ILE G 203 79.97 62.52 -3.44
C ILE G 203 79.23 63.03 -2.21
N ILE G 204 79.95 63.17 -1.09
CA ILE G 204 79.32 63.48 0.20
C ILE G 204 79.94 64.73 0.81
N TRP G 205 79.09 65.55 1.41
CA TRP G 205 79.48 66.70 2.22
C TRP G 205 80.03 66.22 3.56
N ALA G 206 81.21 66.73 3.93
CA ALA G 206 81.77 66.45 5.25
C ALA G 206 82.29 67.75 5.87
N PRO G 207 81.42 68.63 6.35
CA PRO G 207 81.91 69.93 6.84
C PRO G 207 82.80 69.80 8.05
N ALA G 208 82.49 68.84 8.93
CA ALA G 208 83.23 68.65 10.16
C ALA G 208 84.67 68.27 9.89
N ILE G 209 84.91 67.43 8.88
CA ILE G 209 86.26 66.94 8.60
C ILE G 209 87.03 68.03 7.89
N ASP G 210 88.36 67.86 7.83
CA ASP G 210 89.25 68.80 7.16
C ASP G 210 90.04 68.03 6.12
N GLY G 211 89.87 68.40 4.85
CA GLY G 211 90.57 67.74 3.77
C GLY G 211 89.64 66.98 2.84
N ALA G 212 89.94 65.71 2.59
CA ALA G 212 89.08 64.87 1.76
C ALA G 212 89.40 63.41 2.09
N PHE G 213 88.46 62.53 1.74
CA PHE G 213 88.63 61.10 2.04
C PHE G 213 88.03 60.29 0.90
N VAL G 214 88.76 59.29 0.43
CA VAL G 214 88.25 58.34 -0.56
C VAL G 214 88.24 56.96 0.09
N LEU G 215 87.07 56.34 0.18
CA LEU G 215 86.97 55.10 0.93
C LEU G 215 85.98 54.14 0.27
N SER G 216 86.14 52.86 0.61
CA SER G 216 85.26 51.82 0.10
C SER G 216 84.04 51.67 1.00
N THR G 217 82.93 51.21 0.41
CA THR G 217 81.68 50.99 1.13
C THR G 217 81.19 49.56 0.96
N ARG G 218 82.09 48.61 0.73
CA ARG G 218 81.70 47.21 0.64
C ARG G 218 81.05 46.75 1.94
N GLY G 219 81.59 47.18 3.07
CA GLY G 219 81.04 46.82 4.38
C GLY G 219 82.02 46.02 5.22
N GLY G 220 81.88 46.11 6.53
CA GLY G 220 82.72 45.36 7.44
C GLY G 220 84.04 46.01 7.80
N ASP G 221 84.25 47.27 7.42
CA ASP G 221 85.50 47.97 7.70
C ASP G 221 85.35 49.08 8.73
N PHE G 222 84.18 49.68 8.87
CA PHE G 222 83.96 50.74 9.85
C PHE G 222 82.69 50.43 10.61
N ASP G 223 82.70 50.66 11.93
CA ASP G 223 81.56 50.37 12.79
C ASP G 223 81.34 51.54 13.74
N LEU G 224 80.16 52.15 13.66
CA LEU G 224 79.74 53.19 14.61
C LEU G 224 78.79 52.53 15.60
N GLN G 225 79.28 52.31 16.83
CA GLN G 225 78.50 51.66 17.86
C GLN G 225 77.76 52.72 18.67
N LEU G 226 76.44 52.56 18.78
CA LEU G 226 75.59 53.47 19.53
C LEU G 226 74.96 52.74 20.69
N GLY G 227 75.02 53.33 21.88
CA GLY G 227 74.28 52.81 23.01
C GLY G 227 72.87 53.36 22.99
N THR G 228 72.76 54.67 22.86
CA THR G 228 71.49 55.35 22.67
C THR G 228 71.64 56.39 21.57
N ASP G 229 70.64 56.49 20.70
CA ASP G 229 70.69 57.43 19.59
C ASP G 229 70.49 58.85 20.12
N VAL G 230 70.41 59.81 19.20
CA VAL G 230 70.26 61.20 19.58
C VAL G 230 68.94 61.39 20.32
N SER G 231 69.00 62.08 21.46
CA SER G 231 67.81 62.34 22.27
C SER G 231 67.86 63.76 22.79
N ILE G 232 66.70 64.31 23.11
CA ILE G 232 66.57 65.66 23.65
C ILE G 232 65.98 65.58 25.05
N GLY G 233 66.61 66.27 26.00
CA GLY G 233 66.19 66.23 27.38
C GLY G 233 65.99 67.59 28.02
N TYR G 234 65.68 67.61 29.31
CA TYR G 234 65.36 68.81 30.05
C TYR G 234 66.18 68.86 31.33
N LEU G 235 66.77 70.01 31.63
CA LEU G 235 67.53 70.19 32.87
C LEU G 235 66.77 71.04 33.88
N SER G 236 66.39 72.25 33.50
CA SER G 236 65.72 73.18 34.40
C SER G 236 64.97 74.20 33.56
N HIS G 237 64.27 75.12 34.23
CA HIS G 237 63.47 76.11 33.52
C HIS G 237 63.32 77.33 34.40
N ASP G 238 62.84 78.41 33.79
CA ASP G 238 62.70 79.71 34.43
C ASP G 238 61.43 80.36 33.90
N ALA G 239 61.10 81.54 34.41
CA ALA G 239 59.92 82.25 33.96
C ALA G 239 60.01 82.67 32.50
N GLU G 240 61.20 82.62 31.89
CA GLU G 240 61.40 83.08 30.53
C GLU G 240 61.96 82.02 29.60
N VAL G 241 62.78 81.09 30.11
CA VAL G 241 63.52 80.16 29.27
C VAL G 241 63.44 78.76 29.83
N VAL G 242 63.79 77.79 29.00
CA VAL G 242 63.94 76.40 29.40
C VAL G 242 65.29 75.91 28.88
N HIS G 243 66.01 75.16 29.71
CA HIS G 243 67.31 74.62 29.34
C HIS G 243 67.17 73.14 28.98
N LEU G 244 67.59 72.80 27.76
CA LEU G 244 67.52 71.46 27.22
C LEU G 244 68.90 71.02 26.77
N TYR G 245 69.02 69.75 26.40
CA TYR G 245 70.29 69.23 25.91
C TYR G 245 70.01 68.17 24.86
N MET G 246 70.96 68.01 23.94
CA MET G 246 70.95 66.91 22.98
C MET G 246 72.07 65.95 23.33
N GLU G 247 71.73 64.67 23.44
CA GLU G 247 72.60 63.67 24.03
C GLU G 247 72.72 62.46 23.10
N GLU G 248 73.93 61.90 23.02
CA GLU G 248 74.11 60.62 22.34
C GLU G 248 75.33 59.91 22.89
N THR G 249 75.23 58.59 23.03
CA THR G 249 76.32 57.76 23.55
C THR G 249 76.84 56.86 22.43
N MET G 250 78.13 56.98 22.13
CA MET G 250 78.67 56.36 20.93
C MET G 250 80.14 55.98 21.11
N THR G 251 80.62 55.21 20.14
CA THR G 251 82.05 54.98 19.92
C THR G 251 82.22 54.55 18.47
N PHE G 252 83.45 54.61 17.99
CA PHE G 252 83.76 54.29 16.60
C PHE G 252 84.94 53.33 16.54
N LEU G 253 84.87 52.36 15.62
CA LEU G 253 85.92 51.38 15.41
C LEU G 253 86.22 51.25 13.93
N CYS G 254 87.52 51.19 13.60
CA CYS G 254 87.98 50.88 12.25
C CYS G 254 88.70 49.55 12.29
N TYR G 255 88.32 48.65 11.39
CA TYR G 255 88.89 47.30 11.35
C TYR G 255 89.85 47.10 10.19
N THR G 256 89.55 47.68 9.03
CA THR G 256 90.38 47.55 7.84
C THR G 256 91.09 48.87 7.59
N ALA G 257 92.42 48.86 7.70
CA ALA G 257 93.20 50.08 7.54
C ALA G 257 93.46 50.41 6.07
N GLU G 258 93.19 49.47 5.17
CA GLU G 258 93.51 49.66 3.75
C GLU G 258 92.30 50.04 2.91
N ALA G 259 91.15 50.32 3.51
CA ALA G 259 89.92 50.63 2.79
C ALA G 259 89.68 52.12 2.63
N SER G 260 90.64 52.96 3.00
CA SER G 260 90.46 54.40 2.94
C SER G 260 91.78 55.08 2.58
N VAL G 261 91.67 56.28 2.02
CA VAL G 261 92.80 57.14 1.68
C VAL G 261 92.44 58.54 2.12
N ALA G 262 93.37 59.21 2.79
CA ALA G 262 93.14 60.54 3.34
C ALA G 262 93.93 61.57 2.55
N LEU G 263 93.33 62.73 2.33
CA LEU G 263 93.98 63.85 1.65
C LEU G 263 93.92 65.05 2.58
N THR G 264 95.09 65.61 2.89
CA THR G 264 95.20 66.69 3.85
C THR G 264 95.26 68.03 3.14
N PRO G 265 94.69 69.09 3.74
CA PRO G 265 94.69 70.41 3.10
C PRO G 265 96.09 70.91 2.77
N ASN H 2 34.35 -83.80 3.65
CA ASN H 2 33.41 -84.89 3.85
C ASN H 2 34.13 -86.23 3.78
N ASN H 3 33.35 -87.33 3.82
CA ASN H 3 33.94 -88.66 3.87
C ASN H 3 34.58 -89.07 2.54
N LEU H 4 34.35 -88.31 1.47
CA LEU H 4 34.99 -88.64 0.19
C LEU H 4 36.50 -88.45 0.25
N TYR H 5 36.95 -87.44 1.00
CA TYR H 5 38.37 -87.14 1.13
C TYR H 5 39.00 -86.83 -0.23
N ARG H 6 38.31 -86.02 -1.02
CA ARG H 6 38.83 -85.61 -2.31
C ARG H 6 39.96 -84.60 -2.19
N ASP H 7 39.93 -83.76 -1.15
CA ASP H 7 40.99 -82.76 -0.98
C ASP H 7 42.36 -83.39 -0.80
N LEU H 8 42.42 -84.67 -0.43
CA LEU H 8 43.67 -85.36 -0.24
C LEU H 8 44.19 -86.05 -1.50
N ALA H 9 43.41 -86.05 -2.58
CA ALA H 9 43.81 -86.76 -3.78
C ALA H 9 44.69 -85.87 -4.66
N PRO H 10 45.70 -86.43 -5.33
CA PRO H 10 46.56 -85.64 -6.23
C PRO H 10 45.92 -85.43 -7.60
N ILE H 11 44.79 -84.73 -7.61
CA ILE H 11 44.02 -84.50 -8.83
C ILE H 11 43.59 -83.04 -8.86
N THR H 12 43.67 -82.42 -10.04
CA THR H 12 43.32 -81.03 -10.22
C THR H 12 41.82 -80.86 -10.44
N GLU H 13 41.37 -79.61 -10.36
CA GLU H 13 39.95 -79.32 -10.54
C GLU H 13 39.49 -79.70 -11.95
N SER H 14 40.31 -79.42 -12.95
CA SER H 14 39.92 -79.73 -14.32
C SER H 14 39.78 -81.24 -14.53
N ALA H 15 40.72 -82.03 -14.01
CA ALA H 15 40.62 -83.48 -14.14
C ALA H 15 39.44 -84.02 -13.36
N TRP H 16 39.18 -83.45 -12.19
CA TRP H 16 37.98 -83.84 -11.43
C TRP H 16 36.73 -83.59 -12.25
N ALA H 17 36.64 -82.43 -12.89
CA ALA H 17 35.48 -82.11 -13.71
C ALA H 17 35.35 -83.08 -14.87
N GLU H 18 36.47 -83.40 -15.53
CA GLU H 18 36.41 -84.33 -16.66
C GLU H 18 35.92 -85.70 -16.20
N ILE H 19 36.44 -86.19 -15.08
CA ILE H 19 36.04 -87.51 -14.59
C ILE H 19 34.55 -87.51 -14.22
N GLU H 20 34.10 -86.46 -13.52
CA GLU H 20 32.69 -86.39 -13.14
C GLU H 20 31.80 -86.37 -14.37
N LEU H 21 32.16 -85.56 -15.38
CA LEU H 21 31.37 -85.47 -16.60
C LEU H 21 31.30 -86.82 -17.30
N GLU H 22 32.45 -87.49 -17.43
CA GLU H 22 32.49 -88.77 -18.13
C GLU H 22 31.66 -89.82 -17.41
N ALA H 23 31.75 -89.87 -16.08
CA ALA H 23 30.95 -90.86 -15.34
C ALA H 23 29.47 -90.55 -15.43
N THR H 24 29.09 -89.27 -15.30
CA THR H 24 27.68 -88.91 -15.36
C THR H 24 27.09 -89.27 -16.72
N ARG H 25 27.80 -88.96 -17.80
CA ARG H 25 27.29 -89.26 -19.14
C ARG H 25 27.05 -90.75 -19.31
N THR H 26 28.02 -91.57 -18.93
CA THR H 26 27.90 -93.02 -19.14
C THR H 26 26.79 -93.60 -18.27
N PHE H 27 26.70 -93.16 -17.00
CA PHE H 27 25.65 -93.69 -16.13
C PHE H 27 24.27 -93.30 -16.66
N LYS H 28 24.10 -92.05 -17.07
CA LYS H 28 22.81 -91.61 -17.60
C LYS H 28 22.48 -92.33 -18.90
N ARG H 29 23.51 -92.74 -19.64
CA ARG H 29 23.27 -93.57 -20.83
C ARG H 29 22.77 -94.95 -20.44
N HIS H 30 23.44 -95.61 -19.50
CA HIS H 30 23.20 -97.02 -19.23
C HIS H 30 22.09 -97.27 -18.22
N ILE H 31 21.51 -96.23 -17.63
CA ILE H 31 20.50 -96.37 -16.60
C ILE H 31 19.12 -96.28 -17.25
N ALA H 32 18.19 -97.11 -16.78
CA ALA H 32 16.84 -97.17 -17.34
C ALA H 32 15.73 -97.06 -16.30
N GLY H 33 15.89 -97.66 -15.13
CA GLY H 33 14.80 -97.65 -14.15
C GLY H 33 14.41 -96.26 -13.72
N ARG H 34 15.38 -95.36 -13.62
CA ARG H 34 15.13 -93.99 -13.18
C ARG H 34 14.17 -93.26 -14.10
N ARG H 35 14.01 -93.73 -15.34
CA ARG H 35 13.10 -93.11 -16.30
C ARG H 35 11.67 -93.60 -16.18
N VAL H 36 11.41 -94.66 -15.41
CA VAL H 36 10.07 -95.22 -15.31
C VAL H 36 9.66 -95.45 -13.85
N VAL H 37 10.51 -95.04 -12.91
CA VAL H 37 10.20 -95.20 -11.49
C VAL H 37 10.33 -93.86 -10.80
N ASP H 38 9.40 -93.59 -9.87
CA ASP H 38 9.50 -92.40 -9.04
C ASP H 38 10.75 -92.48 -8.17
N VAL H 39 11.41 -91.34 -8.02
CA VAL H 39 12.67 -91.26 -7.27
C VAL H 39 12.46 -90.33 -6.09
N SER H 40 12.70 -90.84 -4.88
CA SER H 40 12.69 -90.03 -3.68
C SER H 40 14.09 -89.46 -3.48
N GLY H 41 14.21 -88.15 -3.67
CA GLY H 41 15.51 -87.50 -3.67
C GLY H 41 16.33 -87.84 -2.44
N PRO H 42 17.64 -87.56 -2.49
CA PRO H 42 18.50 -87.89 -1.37
C PRO H 42 18.00 -87.26 -0.08
N ASN H 43 17.91 -88.09 0.96
CA ASN H 43 17.47 -87.64 2.28
C ASN H 43 18.63 -87.41 3.24
N GLY H 44 19.87 -87.61 2.79
CA GLY H 44 21.03 -87.33 3.60
C GLY H 44 21.74 -88.59 4.05
N PRO H 45 23.01 -88.45 4.45
CA PRO H 45 23.76 -89.62 4.93
C PRO H 45 23.18 -90.22 6.20
N THR H 46 22.40 -89.47 6.96
CA THR H 46 21.80 -89.98 8.19
C THR H 46 20.67 -90.98 7.92
N THR H 47 20.16 -91.04 6.69
CA THR H 47 19.06 -91.93 6.37
C THR H 47 19.56 -93.37 6.24
N ALA H 48 18.88 -94.29 6.91
CA ALA H 48 19.29 -95.69 6.93
C ALA H 48 18.19 -96.68 6.57
N SER H 49 16.93 -96.29 6.68
CA SER H 49 15.84 -97.22 6.42
C SER H 49 14.61 -96.44 5.99
N VAL H 50 13.65 -97.16 5.40
CA VAL H 50 12.39 -96.59 4.94
C VAL H 50 11.26 -97.33 5.64
N SER H 51 10.42 -96.59 6.36
CA SER H 51 9.30 -97.20 7.07
C SER H 51 8.27 -97.71 6.07
N THR H 52 7.64 -98.83 6.39
CA THR H 52 6.55 -99.35 5.57
C THR H 52 5.17 -99.12 6.18
N GLY H 53 5.11 -98.71 7.44
CA GLY H 53 3.84 -98.50 8.10
C GLY H 53 3.16 -99.76 8.59
N HIS H 54 3.80 -100.92 8.42
CA HIS H 54 3.26 -102.18 8.89
C HIS H 54 3.79 -102.51 10.27
N LEU H 55 3.15 -103.49 10.91
CA LEU H 55 3.50 -103.93 12.25
C LEU H 55 3.79 -105.43 12.24
N LEU H 56 4.69 -105.85 13.12
CA LEU H 56 5.07 -107.25 13.26
C LEU H 56 4.85 -107.69 14.70
N ASP H 57 4.31 -108.89 14.87
CA ASP H 57 4.03 -109.41 16.20
C ASP H 57 5.33 -109.77 16.92
N VAL H 58 5.34 -109.59 18.24
CA VAL H 58 6.52 -109.81 19.05
C VAL H 58 6.10 -110.18 20.46
N SER H 59 6.94 -110.95 21.14
CA SER H 59 6.63 -111.40 22.49
C SER H 59 6.51 -110.20 23.42
N PRO H 60 5.50 -110.17 24.29
CA PRO H 60 5.31 -108.99 25.13
C PRO H 60 6.35 -108.93 26.25
N PRO H 61 6.66 -107.75 26.76
CA PRO H 61 7.49 -107.68 27.98
C PRO H 61 6.87 -108.37 29.17
N GLY H 62 5.55 -108.32 29.31
CA GLY H 62 4.92 -108.87 30.48
C GLY H 62 3.42 -109.02 30.27
N ASP H 63 2.73 -109.30 31.38
CA ASP H 63 1.31 -109.57 31.33
C ASP H 63 0.51 -108.30 31.05
N GLY H 64 -0.58 -108.45 30.31
CA GLY H 64 -1.45 -107.33 30.02
C GLY H 64 -0.89 -106.33 29.04
N VAL H 65 0.15 -106.69 28.29
CA VAL H 65 0.82 -105.79 27.37
C VAL H 65 0.84 -106.42 25.99
N ILE H 66 0.48 -105.64 24.98
CA ILE H 66 0.51 -106.07 23.58
C ILE H 66 1.63 -105.31 22.90
N ALA H 67 2.53 -106.04 22.26
CA ALA H 67 3.74 -105.48 21.66
C ALA H 67 3.77 -105.75 20.17
N HIS H 68 4.18 -104.74 19.40
CA HIS H 68 4.34 -104.85 17.97
C HIS H 68 5.58 -104.09 17.54
N LEU H 69 6.26 -104.60 16.51
CA LEU H 69 7.45 -103.95 15.98
C LEU H 69 7.15 -103.25 14.65
N ARG H 70 7.65 -102.03 14.52
CA ARG H 70 7.49 -101.29 13.27
C ARG H 70 8.41 -101.88 12.21
N ASP H 71 7.94 -101.89 10.97
CA ASP H 71 8.62 -102.54 9.88
C ASP H 71 9.30 -101.52 8.97
N ALA H 72 10.57 -101.77 8.67
CA ALA H 72 11.35 -100.86 7.84
C ALA H 72 12.21 -101.67 6.88
N LYS H 73 12.52 -101.04 5.75
CA LYS H 73 13.37 -101.61 4.72
C LYS H 73 14.74 -100.96 4.81
N PRO H 74 15.82 -101.71 5.03
CA PRO H 74 17.14 -101.08 5.12
C PRO H 74 17.66 -100.65 3.75
N LEU H 75 18.57 -99.69 3.79
CA LEU H 75 19.25 -99.19 2.60
C LEU H 75 20.59 -99.90 2.45
N VAL H 76 20.99 -100.13 1.19
CA VAL H 76 22.22 -100.83 0.87
C VAL H 76 23.14 -99.88 0.13
N ARG H 77 24.42 -99.91 0.48
CA ARG H 77 25.44 -99.07 -0.13
C ARG H 77 26.23 -99.90 -1.13
N LEU H 78 26.31 -99.42 -2.37
CA LEU H 78 27.04 -100.08 -3.44
C LEU H 78 28.26 -99.22 -3.76
N ARG H 79 29.44 -99.85 -3.73
CA ARG H 79 30.71 -99.19 -3.98
C ARG H 79 31.48 -99.98 -5.04
N VAL H 80 31.87 -99.29 -6.10
CA VAL H 80 32.63 -99.91 -7.19
C VAL H 80 33.98 -99.20 -7.29
N PRO H 81 35.10 -99.89 -7.03
CA PRO H 81 36.40 -99.24 -7.11
C PRO H 81 37.00 -99.30 -8.51
N PHE H 82 37.85 -98.32 -8.79
CA PHE H 82 38.59 -98.27 -10.04
C PHE H 82 39.88 -97.49 -9.82
N THR H 83 40.76 -97.58 -10.82
CA THR H 83 42.10 -97.01 -10.74
C THR H 83 42.34 -96.08 -11.92
N VAL H 84 43.03 -94.97 -11.66
CA VAL H 84 43.32 -93.97 -12.68
C VAL H 84 44.81 -93.66 -12.68
N ALA H 85 45.30 -93.22 -13.84
CA ALA H 85 46.73 -92.97 -14.02
C ALA H 85 47.06 -91.49 -13.82
N ARG H 86 48.08 -91.25 -12.98
CA ARG H 86 48.51 -89.90 -12.69
C ARG H 86 49.05 -89.17 -13.91
N ARG H 87 49.57 -89.89 -14.90
CA ARG H 87 50.00 -89.25 -16.15
C ARG H 87 48.82 -88.68 -16.92
N ASP H 88 47.75 -89.45 -17.07
CA ASP H 88 46.54 -88.93 -17.69
C ASP H 88 45.95 -87.79 -16.87
N ILE H 89 46.03 -87.87 -15.54
CA ILE H 89 45.56 -86.76 -14.72
C ILE H 89 46.38 -85.51 -14.99
N ASP H 90 47.71 -85.64 -15.04
CA ASP H 90 48.57 -84.46 -15.17
C ASP H 90 48.45 -83.84 -16.56
N ASP H 91 48.24 -84.66 -17.59
CA ASP H 91 48.19 -84.13 -18.95
C ASP H 91 47.07 -83.11 -19.13
N VAL H 92 46.02 -83.16 -18.30
CA VAL H 92 44.88 -82.28 -18.50
C VAL H 92 45.29 -80.81 -18.37
N GLU H 93 46.07 -80.48 -17.34
CA GLU H 93 46.47 -79.10 -17.14
C GLU H 93 47.38 -78.60 -18.26
N ARG H 94 47.93 -79.50 -19.07
CA ARG H 94 48.68 -79.14 -20.26
C ARG H 94 47.81 -78.96 -21.48
N GLY H 95 46.51 -78.76 -21.30
CA GLY H 95 45.60 -78.63 -22.43
C GLY H 95 45.43 -79.91 -23.22
N SER H 96 45.56 -81.06 -22.57
CA SER H 96 45.29 -82.34 -23.23
C SER H 96 43.83 -82.69 -23.05
N GLN H 97 43.21 -83.14 -24.14
CA GLN H 97 41.80 -83.54 -24.14
C GLN H 97 41.56 -84.84 -24.89
N ASP H 98 42.49 -85.80 -24.79
CA ASP H 98 42.27 -87.17 -25.22
C ASP H 98 42.60 -88.16 -24.11
N SER H 99 42.51 -87.74 -22.85
CA SER H 99 42.91 -88.59 -21.73
C SER H 99 42.00 -89.81 -21.61
N ASP H 100 42.56 -90.89 -21.09
CA ASP H 100 41.86 -92.16 -20.98
C ASP H 100 41.04 -92.19 -19.69
N TRP H 101 39.74 -92.39 -19.82
CA TRP H 101 38.82 -92.51 -18.68
C TRP H 101 38.01 -93.80 -18.78
N ASP H 102 38.57 -94.79 -19.46
CA ASP H 102 37.89 -96.07 -19.63
C ASP H 102 37.56 -96.75 -18.31
N PRO H 103 38.45 -96.81 -17.32
CA PRO H 103 38.04 -97.36 -16.03
C PRO H 103 36.87 -96.63 -15.41
N VAL H 104 36.83 -95.31 -15.54
CA VAL H 104 35.68 -94.55 -15.06
C VAL H 104 34.40 -95.01 -15.74
N LYS H 105 34.45 -95.13 -17.07
CA LYS H 105 33.27 -95.54 -17.81
C LYS H 105 32.83 -96.95 -17.41
N ASP H 106 33.80 -97.86 -17.24
CA ASP H 106 33.47 -99.23 -16.86
C ASP H 106 32.83 -99.28 -15.47
N ALA H 107 33.37 -98.52 -14.52
CA ALA H 107 32.79 -98.49 -13.18
C ALA H 107 31.37 -97.92 -13.21
N ALA H 108 31.15 -96.86 -13.98
CA ALA H 108 29.81 -96.31 -14.10
C ALA H 108 28.85 -97.34 -14.69
N LYS H 109 29.29 -98.06 -15.73
CA LYS H 109 28.45 -99.09 -16.32
C LYS H 109 28.11 -100.17 -15.30
N LYS H 110 29.11 -100.59 -14.51
CA LYS H 110 28.89 -101.62 -13.52
C LYS H 110 27.87 -101.18 -12.47
N LEU H 111 28.00 -99.94 -11.98
CA LEU H 111 27.07 -99.43 -10.99
C LEU H 111 25.66 -99.33 -11.56
N ALA H 112 25.52 -98.82 -12.79
CA ALA H 112 24.21 -98.74 -13.40
C ALA H 112 23.60 -100.12 -13.56
N PHE H 113 24.41 -101.11 -13.95
CA PHE H 113 23.89 -102.45 -14.16
C PHE H 113 23.41 -103.06 -12.85
N VAL H 114 24.18 -102.89 -11.78
CA VAL H 114 23.74 -103.46 -10.49
C VAL H 114 22.47 -102.77 -10.02
N GLU H 115 22.37 -101.45 -10.19
CA GLU H 115 21.17 -100.74 -9.76
C GLU H 115 19.95 -101.24 -10.54
N ASP H 116 20.07 -101.32 -11.87
CA ASP H 116 18.94 -101.72 -12.68
C ASP H 116 18.56 -103.17 -12.42
N ARG H 117 19.55 -104.04 -12.21
CA ARG H 117 19.26 -105.44 -11.91
C ARG H 117 18.62 -105.61 -10.55
N ALA H 118 19.00 -104.82 -9.55
CA ALA H 118 18.28 -104.84 -8.28
C ALA H 118 16.84 -104.35 -8.44
N ILE H 119 16.64 -103.32 -9.25
CA ILE H 119 15.28 -102.80 -9.46
C ILE H 119 14.40 -103.84 -10.14
N PHE H 120 14.91 -104.49 -11.19
CA PHE H 120 14.07 -105.29 -12.06
C PHE H 120 14.11 -106.79 -11.78
N GLU H 121 15.06 -107.26 -10.97
CA GLU H 121 15.23 -108.68 -10.73
C GLU H 121 15.31 -109.05 -9.26
N GLY H 122 15.79 -108.15 -8.42
CA GLY H 122 15.81 -108.39 -6.98
C GLY H 122 17.22 -108.63 -6.46
N TYR H 123 17.50 -108.12 -5.27
CA TYR H 123 18.75 -108.32 -4.55
C TYR H 123 18.35 -108.80 -3.15
N ALA H 124 18.29 -110.12 -2.99
CA ALA H 124 17.63 -110.69 -1.82
C ALA H 124 18.32 -110.29 -0.53
N ALA H 125 19.65 -110.34 -0.49
CA ALA H 125 20.36 -110.05 0.75
C ALA H 125 20.05 -108.65 1.26
N ALA H 126 19.70 -107.73 0.37
CA ALA H 126 19.25 -106.40 0.75
C ALA H 126 17.75 -106.33 0.96
N SER H 127 17.06 -107.47 0.99
CA SER H 127 15.62 -107.53 1.17
C SER H 127 14.88 -106.81 0.05
N ILE H 128 15.48 -106.76 -1.14
CA ILE H 128 14.90 -106.08 -2.29
C ILE H 128 14.22 -107.13 -3.16
N GLU H 129 12.89 -107.07 -3.22
CA GLU H 129 12.12 -107.91 -4.12
C GLU H 129 11.87 -107.15 -5.42
N GLY H 130 12.28 -107.74 -6.53
CA GLY H 130 12.23 -107.06 -7.81
C GLY H 130 10.83 -107.01 -8.40
N ILE H 131 10.71 -106.20 -9.46
CA ILE H 131 9.44 -106.08 -10.16
C ILE H 131 9.00 -107.42 -10.74
N ARG H 132 9.94 -108.21 -11.24
CA ARG H 132 9.59 -109.51 -11.82
C ARG H 132 8.89 -110.41 -10.81
N SER H 133 9.46 -110.53 -9.61
CA SER H 133 8.85 -111.38 -8.58
C SER H 133 7.58 -110.75 -8.02
N SER H 134 7.61 -109.45 -7.76
CA SER H 134 6.46 -108.79 -7.15
C SER H 134 5.27 -108.70 -8.11
N SER H 135 5.49 -108.88 -9.41
CA SER H 135 4.40 -108.77 -10.36
C SER H 135 3.38 -109.88 -10.14
N SER H 136 2.10 -109.52 -10.19
CA SER H 136 1.01 -110.47 -10.03
C SER H 136 0.46 -110.97 -11.36
N ASN H 137 0.52 -110.14 -12.40
CA ASN H 137 0.03 -110.57 -13.71
C ASN H 137 0.91 -111.70 -14.24
N PRO H 138 0.33 -112.66 -14.98
CA PRO H 138 1.12 -113.81 -15.44
C PRO H 138 2.26 -113.36 -16.34
N ALA H 139 3.39 -114.06 -16.22
CA ALA H 139 4.56 -113.78 -17.05
C ALA H 139 4.43 -114.44 -18.41
N LEU H 140 5.05 -113.83 -19.41
CA LEU H 140 5.04 -114.34 -20.78
C LEU H 140 6.44 -114.75 -21.20
N ALA H 141 6.52 -115.36 -22.37
CA ALA H 141 7.78 -115.84 -22.95
C ALA H 141 8.08 -115.06 -24.22
N LEU H 142 9.30 -114.56 -24.31
CA LEU H 142 9.72 -113.79 -25.48
C LEU H 142 10.04 -114.77 -26.61
N PRO H 143 9.36 -114.70 -27.76
CA PRO H 143 9.65 -115.66 -28.83
C PRO H 143 11.09 -115.53 -29.32
N ASP H 144 11.64 -116.68 -29.74
CA ASP H 144 12.99 -116.69 -30.28
C ASP H 144 13.08 -115.80 -31.52
N ASP H 145 12.07 -115.86 -32.38
CA ASP H 145 12.02 -115.00 -33.55
C ASP H 145 11.64 -113.58 -33.16
N ALA H 146 12.06 -112.61 -33.95
CA ALA H 146 11.77 -111.21 -33.67
C ALA H 146 10.43 -110.75 -34.24
N ARG H 147 9.79 -111.56 -35.07
CA ARG H 147 8.58 -111.11 -35.75
C ARG H 147 7.33 -111.23 -34.88
N GLU H 148 7.36 -112.09 -33.87
CA GLU H 148 6.22 -112.36 -33.01
C GLU H 148 6.23 -111.55 -31.72
N ILE H 149 7.28 -110.76 -31.48
CA ILE H 149 7.37 -110.00 -30.24
C ILE H 149 6.21 -109.03 -30.10
N PRO H 150 5.80 -108.29 -31.13
CA PRO H 150 4.68 -107.35 -30.96
C PRO H 150 3.40 -108.02 -30.49
N ASP H 151 3.14 -109.25 -30.93
CA ASP H 151 1.94 -109.95 -30.48
C ASP H 151 2.00 -110.19 -28.97
N VAL H 152 3.17 -110.59 -28.46
CA VAL H 152 3.31 -110.82 -27.03
C VAL H 152 3.17 -109.52 -26.26
N ILE H 153 3.70 -108.43 -26.81
CA ILE H 153 3.54 -107.14 -26.15
C ILE H 153 2.07 -106.72 -26.11
N ALA H 154 1.34 -106.98 -27.20
CA ALA H 154 -0.09 -106.68 -27.19
C ALA H 154 -0.81 -107.53 -26.16
N GLN H 155 -0.42 -108.80 -26.01
CA GLN H 155 -1.00 -109.64 -24.97
C GLN H 155 -0.73 -109.08 -23.58
N ALA H 156 0.50 -108.62 -23.34
CA ALA H 156 0.84 -108.06 -22.04
C ALA H 156 0.05 -106.79 -21.75
N LEU H 157 -0.09 -105.93 -22.77
CA LEU H 157 -0.93 -104.76 -22.60
C LEU H 157 -2.35 -105.16 -22.30
N SER H 158 -2.86 -106.20 -22.98
CA SER H 158 -4.20 -106.69 -22.68
C SER H 158 -4.29 -107.15 -21.22
N GLU H 159 -3.25 -107.80 -20.71
CA GLU H 159 -3.31 -108.26 -19.32
C GLU H 159 -3.36 -107.09 -18.33
N LEU H 160 -2.39 -106.18 -18.42
CA LEU H 160 -2.41 -104.98 -17.58
C LEU H 160 -3.76 -104.29 -17.65
N ARG H 161 -4.21 -104.09 -18.88
CA ARG H 161 -5.33 -103.23 -19.21
C ARG H 161 -6.67 -103.92 -18.95
N LEU H 162 -6.64 -105.25 -18.83
CA LEU H 162 -7.69 -105.98 -18.15
C LEU H 162 -7.65 -105.71 -16.66
N ALA H 163 -6.47 -105.82 -16.06
CA ALA H 163 -6.35 -105.71 -14.61
C ALA H 163 -6.81 -104.35 -14.11
N GLY H 164 -6.81 -103.35 -14.97
CA GLY H 164 -7.42 -102.07 -14.64
C GLY H 164 -6.46 -100.93 -14.41
N VAL H 165 -5.21 -101.08 -14.83
CA VAL H 165 -4.23 -100.02 -14.64
C VAL H 165 -4.28 -99.07 -15.84
N ASP H 166 -4.02 -97.79 -15.57
CA ASP H 166 -4.08 -96.75 -16.59
C ASP H 166 -2.78 -95.97 -16.64
N GLY H 167 -2.76 -94.89 -17.42
CA GLY H 167 -1.58 -94.07 -17.59
C GLY H 167 -0.71 -94.57 -18.73
N PRO H 168 0.25 -93.74 -19.15
CA PRO H 168 1.10 -94.14 -20.28
C PRO H 168 1.81 -95.46 -19.99
N TYR H 169 1.91 -96.30 -21.02
CA TYR H 169 2.58 -97.58 -20.91
C TYR H 169 3.93 -97.52 -21.60
N SER H 170 4.87 -98.30 -21.09
CA SER H 170 6.26 -98.23 -21.56
C SER H 170 6.84 -99.64 -21.62
N VAL H 171 7.71 -99.85 -22.59
CA VAL H 171 8.36 -101.14 -22.84
C VAL H 171 9.85 -100.95 -22.62
N LEU H 172 10.41 -101.74 -21.71
CA LEU H 172 11.85 -101.78 -21.45
C LEU H 172 12.37 -103.09 -22.03
N LEU H 173 13.32 -102.98 -22.96
CA LEU H 173 13.84 -104.14 -23.67
C LEU H 173 15.29 -104.39 -23.30
N SER H 174 15.67 -105.67 -23.32
CA SER H 174 17.03 -106.07 -22.99
C SER H 174 17.98 -105.65 -24.09
N ALA H 175 19.29 -105.77 -23.85
CA ALA H 175 20.26 -105.48 -24.89
C ALA H 175 20.10 -106.44 -26.07
N GLU H 176 19.99 -107.75 -25.78
CA GLU H 176 19.92 -108.74 -26.84
C GLU H 176 18.61 -108.62 -27.61
N THR H 177 17.51 -108.34 -26.91
CA THR H 177 16.22 -108.17 -27.59
C THR H 177 16.16 -106.88 -28.39
N TYR H 178 16.70 -105.79 -27.85
CA TYR H 178 16.72 -104.52 -28.57
C TYR H 178 17.58 -104.61 -29.82
N THR H 179 18.75 -105.25 -29.72
CA THR H 179 19.56 -105.48 -30.91
C THR H 179 18.78 -106.26 -31.95
N LYS H 180 18.03 -107.28 -31.51
CA LYS H 180 17.26 -108.10 -32.45
C LYS H 180 16.20 -107.27 -33.15
N VAL H 181 15.38 -106.55 -32.39
CA VAL H 181 14.29 -105.79 -32.99
C VAL H 181 14.84 -104.66 -33.84
N SER H 182 16.03 -104.16 -33.52
CA SER H 182 16.61 -103.07 -34.31
C SER H 182 17.16 -103.60 -35.63
N GLU H 183 18.00 -104.64 -35.60
CA GLU H 183 18.57 -105.18 -36.82
C GLU H 183 17.48 -105.75 -37.72
N THR H 184 16.53 -106.49 -37.15
CA THR H 184 15.46 -107.07 -37.93
C THR H 184 14.55 -105.98 -38.48
N THR H 185 14.03 -106.20 -39.68
CA THR H 185 13.23 -105.23 -40.39
C THR H 185 12.05 -105.91 -41.06
N ALA H 186 11.01 -105.13 -41.34
CA ALA H 186 9.82 -105.65 -42.01
C ALA H 186 9.14 -104.50 -42.75
N HIS H 187 8.83 -104.72 -44.03
CA HIS H 187 8.14 -103.72 -44.84
C HIS H 187 8.88 -102.39 -44.84
N GLY H 188 10.20 -102.44 -44.68
CA GLY H 188 10.98 -101.23 -44.67
C GLY H 188 10.98 -100.46 -43.37
N TYR H 189 10.53 -101.07 -42.27
CA TYR H 189 10.66 -100.48 -40.95
C TYR H 189 11.18 -101.52 -39.95
N PRO H 190 11.97 -101.11 -38.96
CA PRO H 190 12.40 -102.05 -37.94
C PRO H 190 11.26 -102.59 -37.09
N ILE H 191 11.48 -103.81 -36.59
CA ILE H 191 10.54 -104.40 -35.66
C ILE H 191 10.41 -103.55 -34.42
N ARG H 192 11.45 -102.78 -34.09
CA ARG H 192 11.35 -101.85 -32.96
C ARG H 192 10.32 -100.77 -33.22
N GLU H 193 10.29 -100.20 -34.43
CA GLU H 193 9.24 -99.24 -34.76
C GLU H 193 7.88 -99.92 -34.74
N HIS H 194 7.82 -101.15 -35.27
CA HIS H 194 6.58 -101.92 -35.15
C HIS H 194 6.10 -101.96 -33.70
N ILE H 195 7.00 -102.24 -32.76
CA ILE H 195 6.63 -102.27 -31.35
C ILE H 195 6.18 -100.89 -30.88
N ASN H 196 6.96 -99.86 -31.21
CA ASN H 196 6.65 -98.50 -30.76
C ASN H 196 5.26 -98.08 -31.17
N ARG H 197 4.80 -98.53 -32.33
CA ARG H 197 3.49 -98.11 -32.83
C ARG H 197 2.36 -98.38 -31.84
N LEU H 198 2.50 -99.38 -30.98
CA LEU H 198 1.41 -99.81 -30.10
C LEU H 198 1.29 -98.92 -28.86
N VAL H 199 2.38 -98.67 -28.17
CA VAL H 199 2.33 -98.02 -26.86
C VAL H 199 2.19 -96.52 -27.03
N ASP H 200 1.79 -95.86 -25.95
CA ASP H 200 1.66 -94.41 -25.89
C ASP H 200 2.91 -93.75 -25.31
N GLY H 201 3.73 -94.49 -24.57
CA GLY H 201 4.90 -93.92 -23.93
C GLY H 201 6.15 -94.01 -24.78
N GLU H 202 7.18 -94.68 -24.27
CA GLU H 202 8.48 -94.73 -24.92
C GLU H 202 9.02 -96.15 -24.91
N ILE H 203 9.98 -96.41 -25.78
CA ILE H 203 10.75 -97.64 -25.80
C ILE H 203 12.08 -97.35 -25.13
N ILE H 204 12.48 -98.20 -24.18
CA ILE H 204 13.65 -97.93 -23.34
C ILE H 204 14.64 -99.09 -23.43
N TRP H 205 15.93 -98.74 -23.45
CA TRP H 205 17.03 -99.68 -23.33
C TRP H 205 17.16 -100.15 -21.89
N ALA H 206 17.24 -101.46 -21.70
CA ALA H 206 17.50 -102.02 -20.38
C ALA H 206 18.56 -103.12 -20.47
N PRO H 207 19.84 -102.76 -20.65
CA PRO H 207 20.85 -103.81 -20.87
C PRO H 207 21.02 -104.71 -19.67
N ALA H 208 20.92 -104.14 -18.47
CA ALA H 208 21.12 -104.88 -17.25
C ALA H 208 20.09 -105.99 -17.07
N ILE H 209 18.84 -105.72 -17.45
CA ILE H 209 17.77 -106.68 -17.25
C ILE H 209 17.86 -107.76 -18.32
N ASP H 210 17.15 -108.86 -18.12
CA ASP H 210 17.11 -109.98 -19.06
C ASP H 210 15.66 -110.24 -19.43
N GLY H 211 15.34 -110.07 -20.70
CA GLY H 211 13.98 -110.28 -21.17
C GLY H 211 13.32 -109.00 -21.66
N ALA H 212 12.13 -108.72 -21.16
CA ALA H 212 11.42 -107.49 -21.51
C ALA H 212 10.38 -107.20 -20.43
N PHE H 213 9.95 -105.94 -20.37
CA PHE H 213 8.98 -105.54 -19.34
C PHE H 213 8.04 -104.52 -19.95
N VAL H 214 6.73 -104.70 -19.71
CA VAL H 214 5.73 -103.70 -20.10
C VAL H 214 5.06 -103.21 -18.84
N LEU H 215 5.15 -101.90 -18.57
CA LEU H 215 4.67 -101.38 -17.30
C LEU H 215 4.02 -100.02 -17.48
N SER H 216 3.20 -99.66 -16.49
CA SER H 216 2.53 -98.37 -16.47
C SER H 216 3.40 -97.33 -15.79
N THR H 217 3.21 -96.07 -16.18
CA THR H 217 3.95 -94.94 -15.62
C THR H 217 3.02 -93.87 -15.08
N ARG H 218 1.82 -94.26 -14.65
CA ARG H 218 0.91 -93.30 -14.02
C ARG H 218 1.54 -92.69 -12.78
N GLY H 219 2.23 -93.51 -11.99
CA GLY H 219 2.88 -93.03 -10.77
C GLY H 219 2.33 -93.68 -9.52
N GLY H 220 3.15 -93.75 -8.49
CA GLY H 220 2.73 -94.32 -7.22
C GLY H 220 2.85 -95.82 -7.10
N ASP H 221 3.49 -96.49 -8.06
CA ASP H 221 3.63 -97.94 -8.03
C ASP H 221 5.05 -98.42 -7.77
N PHE H 222 6.06 -97.62 -8.13
CA PHE H 222 7.45 -98.00 -7.90
C PHE H 222 8.17 -96.82 -7.26
N ASP H 223 9.03 -97.10 -6.29
CA ASP H 223 9.75 -96.05 -5.54
C ASP H 223 11.20 -96.47 -5.40
N LEU H 224 12.10 -95.66 -5.94
CA LEU H 224 13.55 -95.84 -5.75
C LEU H 224 13.99 -94.84 -4.69
N GLN H 225 14.27 -95.33 -3.49
CA GLN H 225 14.67 -94.49 -2.38
C GLN H 225 16.19 -94.37 -2.36
N LEU H 226 16.69 -93.13 -2.36
CA LEU H 226 18.12 -92.85 -2.31
C LEU H 226 18.45 -92.12 -1.03
N GLY H 227 19.50 -92.58 -0.34
CA GLY H 227 20.02 -91.84 0.79
C GLY H 227 21.00 -90.79 0.29
N THR H 228 21.95 -91.23 -0.53
CA THR H 228 22.89 -90.35 -1.21
C THR H 228 23.00 -90.78 -2.66
N ASP H 229 23.03 -89.82 -3.57
CA ASP H 229 23.11 -90.11 -4.99
C ASP H 229 24.52 -90.59 -5.34
N VAL H 230 24.78 -90.81 -6.62
CA VAL H 230 26.07 -91.30 -7.06
C VAL H 230 27.14 -90.29 -6.71
N SER H 231 28.24 -90.77 -6.11
CA SER H 231 29.35 -89.92 -5.73
C SER H 231 30.66 -90.63 -6.04
N ILE H 232 31.72 -89.85 -6.21
CA ILE H 232 33.06 -90.37 -6.49
C ILE H 232 33.98 -89.99 -5.35
N GLY H 233 34.74 -90.97 -4.85
CA GLY H 233 35.61 -90.75 -3.71
C GLY H 233 37.04 -91.23 -3.94
N TYR H 234 37.86 -91.11 -2.90
CA TYR H 234 39.29 -91.42 -2.96
C TYR H 234 39.66 -92.34 -1.81
N LEU H 235 40.41 -93.40 -2.09
CA LEU H 235 40.89 -94.31 -1.05
C LEU H 235 42.37 -94.12 -0.75
N SER H 236 43.22 -94.24 -1.77
CA SER H 236 44.66 -94.13 -1.59
C SER H 236 45.28 -93.78 -2.93
N HIS H 237 46.60 -93.62 -2.95
CA HIS H 237 47.29 -93.22 -4.17
C HIS H 237 48.73 -93.71 -4.10
N ASP H 238 49.39 -93.66 -5.25
CA ASP H 238 50.75 -94.16 -5.41
C ASP H 238 51.48 -93.22 -6.37
N ALA H 239 52.75 -93.49 -6.60
CA ALA H 239 53.54 -92.67 -7.52
C ALA H 239 53.03 -92.73 -8.95
N GLU H 240 52.18 -93.70 -9.28
CA GLU H 240 51.71 -93.90 -10.64
C GLU H 240 50.20 -93.84 -10.78
N VAL H 241 49.44 -94.25 -9.76
CA VAL H 241 48.00 -94.43 -9.88
C VAL H 241 47.30 -93.83 -8.67
N VAL H 242 45.99 -93.63 -8.81
CA VAL H 242 45.12 -93.24 -7.71
C VAL H 242 43.92 -94.18 -7.71
N HIS H 243 43.51 -94.62 -6.53
CA HIS H 243 42.37 -95.52 -6.39
C HIS H 243 41.15 -94.73 -5.93
N LEU H 244 40.07 -94.81 -6.70
CA LEU H 244 38.83 -94.11 -6.46
C LEU H 244 37.69 -95.11 -6.42
N TYR H 245 36.50 -94.64 -6.04
CA TYR H 245 35.33 -95.50 -6.02
C TYR H 245 34.11 -94.67 -6.37
N MET H 246 33.10 -95.33 -6.94
CA MET H 246 31.79 -94.74 -7.15
C MET H 246 30.80 -95.40 -6.21
N GLU H 247 30.06 -94.58 -5.49
CA GLU H 247 29.26 -95.02 -4.34
C GLU H 247 27.83 -94.49 -4.47
N GLU H 248 26.87 -95.33 -4.08
CA GLU H 248 25.49 -94.87 -3.95
C GLU H 248 24.74 -95.75 -2.95
N THR H 249 23.89 -95.12 -2.15
CA THR H 249 23.10 -95.81 -1.13
C THR H 249 21.62 -95.76 -1.52
N MET H 250 21.01 -96.94 -1.67
CA MET H 250 19.69 -97.01 -2.28
C MET H 250 18.89 -98.19 -1.74
N THR H 251 17.61 -98.18 -2.08
CA THR H 251 16.73 -99.33 -1.97
C THR H 251 15.57 -99.12 -2.93
N PHE H 252 14.84 -100.20 -3.20
CA PHE H 252 13.74 -100.16 -4.15
C PHE H 252 12.50 -100.81 -3.54
N LEU H 253 11.33 -100.22 -3.81
CA LEU H 253 10.06 -100.73 -3.33
C LEU H 253 9.05 -100.76 -4.46
N CYS H 254 8.29 -101.86 -4.54
CA CYS H 254 7.16 -101.97 -5.45
C CYS H 254 5.89 -102.07 -4.62
N TYR H 255 4.90 -101.24 -4.93
CA TYR H 255 3.65 -101.18 -4.18
C TYR H 255 2.49 -101.80 -4.93
N THR H 256 2.42 -101.63 -6.24
CA THR H 256 1.35 -102.18 -7.07
C THR H 256 1.89 -103.34 -7.89
N ALA H 257 1.39 -104.54 -7.62
CA ALA H 257 1.87 -105.73 -8.30
C ALA H 257 1.23 -105.91 -9.67
N GLU H 258 0.17 -105.17 -9.97
CA GLU H 258 -0.58 -105.35 -11.21
C GLU H 258 -0.24 -104.32 -12.27
N ALA H 259 0.77 -103.48 -12.05
CA ALA H 259 1.12 -102.41 -12.98
C ALA H 259 2.25 -102.79 -13.94
N SER H 260 2.66 -104.06 -13.96
CA SER H 260 3.76 -104.49 -14.80
C SER H 260 3.51 -105.92 -15.28
N VAL H 261 4.15 -106.25 -16.41
CA VAL H 261 4.13 -107.59 -16.99
C VAL H 261 5.54 -107.90 -17.42
N ALA H 262 6.00 -109.10 -17.10
CA ALA H 262 7.37 -109.52 -17.38
C ALA H 262 7.38 -110.56 -18.48
N LEU H 263 8.38 -110.48 -19.36
CA LEU H 263 8.57 -111.44 -20.44
C LEU H 263 9.97 -112.01 -20.31
N THR H 264 10.05 -113.34 -20.19
CA THR H 264 11.31 -114.01 -19.94
C THR H 264 11.89 -114.55 -21.25
N PRO H 265 13.24 -114.55 -21.38
CA PRO H 265 13.87 -115.02 -22.61
C PRO H 265 13.48 -116.45 -22.99
N ASN I 2 -46.11 77.52 8.90
CA ASN I 2 -46.61 77.85 10.23
C ASN I 2 -47.26 79.23 10.23
N ASN I 3 -47.64 79.70 11.42
CA ASN I 3 -48.36 80.97 11.53
C ASN I 3 -47.49 82.18 11.24
N LEU I 4 -46.17 82.01 11.14
CA LEU I 4 -45.30 83.14 10.82
C LEU I 4 -45.54 83.62 9.39
N TYR I 5 -45.83 82.70 8.48
CA TYR I 5 -46.06 83.04 7.07
C TYR I 5 -44.84 83.71 6.46
N ARG I 6 -43.66 83.16 6.74
CA ARG I 6 -42.43 83.69 6.16
C ARG I 6 -42.29 83.34 4.68
N ASP I 7 -42.84 82.21 4.25
CA ASP I 7 -42.73 81.83 2.84
C ASP I 7 -43.40 82.83 1.92
N LEU I 8 -44.30 83.66 2.45
CA LEU I 8 -45.00 84.66 1.65
C LEU I 8 -44.28 86.00 1.60
N ALA I 9 -43.19 86.16 2.36
CA ALA I 9 -42.52 87.45 2.40
C ALA I 9 -41.51 87.57 1.26
N PRO I 10 -41.35 88.76 0.68
CA PRO I 10 -40.34 88.95 -0.39
C PRO I 10 -38.94 89.15 0.15
N ILE I 11 -38.42 88.13 0.83
CA ILE I 11 -37.11 88.19 1.47
C ILE I 11 -36.37 86.90 1.15
N THR I 12 -35.08 87.02 0.86
CA THR I 12 -34.24 85.87 0.53
C THR I 12 -33.71 85.19 1.79
N GLU I 13 -33.14 84.00 1.59
CA GLU I 13 -32.61 83.23 2.71
C GLU I 13 -31.47 83.99 3.39
N SER I 14 -30.60 84.59 2.59
CA SER I 14 -29.46 85.31 3.16
C SER I 14 -29.92 86.50 4.02
N ALA I 15 -30.88 87.27 3.52
CA ALA I 15 -31.39 88.40 4.29
C ALA I 15 -32.12 87.93 5.54
N TRP I 16 -32.86 86.83 5.44
CA TRP I 16 -33.48 86.24 6.62
C TRP I 16 -32.43 85.89 7.67
N ALA I 17 -31.34 85.26 7.23
CA ALA I 17 -30.27 84.89 8.15
C ALA I 17 -29.65 86.12 8.80
N GLU I 18 -29.40 87.16 8.00
CA GLU I 18 -28.82 88.39 8.56
C GLU I 18 -29.74 88.99 9.60
N ILE I 19 -31.04 89.07 9.31
CA ILE I 19 -31.98 89.67 10.26
C ILE I 19 -32.04 88.84 11.54
N GLU I 20 -32.12 87.52 11.41
CA GLU I 20 -32.17 86.67 12.58
C GLU I 20 -30.91 86.84 13.43
N LEU I 21 -29.74 86.85 12.80
CA LEU I 21 -28.50 87.00 13.54
C LEU I 21 -28.45 88.34 14.26
N GLU I 22 -28.83 89.42 13.57
CA GLU I 22 -28.79 90.74 14.19
C GLU I 22 -29.75 90.84 15.37
N ALA I 23 -30.95 90.30 15.24
CA ALA I 23 -31.90 90.35 16.34
C ALA I 23 -31.42 89.50 17.52
N THR I 24 -30.92 88.30 17.24
CA THR I 24 -30.45 87.43 18.32
C THR I 24 -29.31 88.09 19.09
N ARG I 25 -28.34 88.67 18.38
CA ARG I 25 -27.22 89.30 19.05
C ARG I 25 -27.67 90.41 19.98
N THR I 26 -28.54 91.30 19.48
CA THR I 26 -28.97 92.44 20.28
C THR I 26 -29.80 92.00 21.48
N PHE I 27 -30.70 91.03 21.28
CA PHE I 27 -31.52 90.56 22.40
C PHE I 27 -30.65 89.90 23.46
N LYS I 28 -29.70 89.05 23.05
CA LYS I 28 -28.82 88.40 24.02
C LYS I 28 -27.94 89.42 24.72
N ARG I 29 -27.64 90.55 24.05
CA ARG I 29 -26.92 91.63 24.72
C ARG I 29 -27.78 92.28 25.79
N HIS I 30 -29.01 92.63 25.46
CA HIS I 30 -29.83 93.48 26.30
C HIS I 30 -30.64 92.71 27.34
N ILE I 31 -30.60 91.39 27.32
CA ILE I 31 -31.39 90.56 28.24
C ILE I 31 -30.54 90.18 29.43
N ALA I 32 -31.16 90.20 30.62
CA ALA I 32 -30.46 89.91 31.86
C ALA I 32 -31.12 88.85 32.74
N GLY I 33 -32.46 88.81 32.80
CA GLY I 33 -33.12 87.88 33.70
C GLY I 33 -32.83 86.44 33.36
N ARG I 34 -32.69 86.13 32.08
CA ARG I 34 -32.42 84.76 31.63
C ARG I 34 -31.11 84.22 32.19
N ARG I 35 -30.21 85.08 32.63
CA ARG I 35 -28.94 84.67 33.19
C ARG I 35 -29.00 84.35 34.67
N VAL I 36 -30.10 84.69 35.35
CA VAL I 36 -30.20 84.49 36.79
C VAL I 36 -31.51 83.80 37.17
N VAL I 37 -32.32 83.41 36.17
CA VAL I 37 -33.58 82.73 36.43
C VAL I 37 -33.62 81.43 35.65
N ASP I 38 -34.16 80.39 36.28
CA ASP I 38 -34.39 79.13 35.59
C ASP I 38 -35.40 79.33 34.48
N VAL I 39 -35.15 78.68 33.34
CA VAL I 39 -35.99 78.81 32.15
C VAL I 39 -36.59 77.46 31.83
N SER I 40 -37.91 77.38 31.79
CA SER I 40 -38.62 76.19 31.34
C SER I 40 -38.78 76.28 29.83
N GLY I 41 -38.07 75.42 29.11
CA GLY I 41 -38.00 75.50 27.67
C GLY I 41 -39.37 75.54 27.03
N PRO I 42 -39.43 75.93 25.76
CA PRO I 42 -40.73 76.04 25.08
C PRO I 42 -41.51 74.73 25.15
N ASN I 43 -42.77 74.83 25.56
CA ASN I 43 -43.64 73.67 25.65
C ASN I 43 -44.59 73.56 24.47
N GLY I 44 -44.50 74.47 23.49
CA GLY I 44 -45.29 74.39 22.28
C GLY I 44 -46.37 75.45 22.23
N PRO I 45 -46.88 75.71 21.02
CA PRO I 45 -47.96 76.71 20.88
C PRO I 45 -49.24 76.33 21.60
N THR I 46 -49.45 75.04 21.88
CA THR I 46 -50.64 74.60 22.58
C THR I 46 -50.65 74.99 24.06
N THR I 47 -49.50 75.39 24.61
CA THR I 47 -49.42 75.74 26.02
C THR I 47 -50.02 77.12 26.26
N ALA I 48 -50.90 77.21 27.25
CA ALA I 48 -51.62 78.45 27.55
C ALA I 48 -51.52 78.89 29.00
N SER I 49 -51.23 77.99 29.92
CA SER I 49 -51.22 78.35 31.34
C SER I 49 -50.29 77.40 32.08
N VAL I 50 -49.93 77.81 33.29
CA VAL I 50 -49.04 77.04 34.17
C VAL I 50 -49.79 76.77 35.47
N SER I 51 -49.96 75.50 35.82
CA SER I 51 -50.65 75.14 37.04
C SER I 51 -49.81 75.54 38.25
N THR I 52 -50.49 75.98 39.33
CA THR I 52 -49.80 76.29 40.57
C THR I 52 -49.99 75.22 41.63
N GLY I 53 -50.91 74.28 41.42
CA GLY I 53 -51.18 73.25 42.40
C GLY I 53 -52.05 73.68 43.56
N HIS I 54 -52.51 74.93 43.55
CA HIS I 54 -53.39 75.44 44.60
C HIS I 54 -54.85 75.27 44.20
N LEU I 55 -55.73 75.44 45.19
CA LEU I 55 -57.17 75.30 45.00
C LEU I 55 -57.87 76.58 45.45
N LEU I 56 -58.98 76.88 44.80
CA LEU I 56 -59.79 78.06 45.12
C LEU I 56 -61.21 77.62 45.44
N ASP I 57 -61.80 78.22 46.46
CA ASP I 57 -63.15 77.88 46.87
C ASP I 57 -64.16 78.39 45.86
N VAL I 58 -65.25 77.63 45.68
CA VAL I 58 -66.27 77.94 44.69
C VAL I 58 -67.61 77.37 45.16
N SER I 59 -68.68 78.01 44.73
CA SER I 59 -70.01 77.60 45.13
C SER I 59 -70.29 76.18 44.63
N PRO I 60 -70.86 75.29 45.45
CA PRO I 60 -71.06 73.91 45.01
C PRO I 60 -72.19 73.81 44.00
N PRO I 61 -72.18 72.80 43.14
CA PRO I 61 -73.36 72.54 42.30
C PRO I 61 -74.61 72.24 43.10
N GLY I 62 -74.47 71.55 44.23
CA GLY I 62 -75.64 71.14 44.97
C GLY I 62 -75.26 70.69 46.37
N ASP I 63 -76.25 70.09 47.05
CA ASP I 63 -76.07 69.69 48.44
C ASP I 63 -75.13 68.50 48.55
N GLY I 64 -74.35 68.48 49.62
CA GLY I 64 -73.45 67.38 49.89
C GLY I 64 -72.24 67.32 48.98
N VAL I 65 -71.93 68.40 48.29
CA VAL I 65 -70.84 68.44 47.32
C VAL I 65 -69.89 69.58 47.68
N ILE I 66 -68.60 69.30 47.70
CA ILE I 66 -67.56 70.30 47.96
C ILE I 66 -66.83 70.53 46.65
N ALA I 67 -66.74 71.79 46.24
CA ALA I 67 -66.19 72.17 44.94
C ALA I 67 -64.99 73.10 45.14
N HIS I 68 -63.94 72.87 44.35
CA HIS I 68 -62.75 73.70 44.35
C HIS I 68 -62.25 73.85 42.92
N LEU I 69 -61.70 75.02 42.63
CA LEU I 69 -61.15 75.31 41.31
C LEU I 69 -59.62 75.26 41.33
N ARG I 70 -59.06 74.62 40.32
CA ARG I 70 -57.61 74.57 40.18
C ARG I 70 -57.08 75.91 39.71
N ASP I 71 -55.91 76.29 40.22
CA ASP I 71 -55.35 77.61 39.98
C ASP I 71 -54.22 77.55 38.96
N ALA I 72 -54.29 78.45 37.97
CA ALA I 72 -53.30 78.49 36.91
C ALA I 72 -52.96 79.93 36.60
N LYS I 73 -51.75 80.12 36.09
CA LYS I 73 -51.23 81.42 35.68
C LYS I 73 -51.26 81.48 34.16
N PRO I 74 -51.98 82.42 33.55
CA PRO I 74 -52.02 82.49 32.08
C PRO I 74 -50.71 83.02 31.51
N LEU I 75 -50.48 82.67 30.25
CA LEU I 75 -49.33 83.15 29.49
C LEU I 75 -49.74 84.35 28.64
N VAL I 76 -48.80 85.29 28.49
CA VAL I 76 -49.05 86.52 27.75
C VAL I 76 -48.13 86.55 26.54
N ARG I 77 -48.68 86.97 25.40
CA ARG I 77 -47.94 87.06 24.14
C ARG I 77 -47.56 88.52 23.90
N LEU I 78 -46.27 88.77 23.69
CA LEU I 78 -45.75 90.09 23.41
C LEU I 78 -45.31 90.13 21.95
N ARG I 79 -45.82 91.10 21.21
CA ARG I 79 -45.53 91.28 19.79
C ARG I 79 -45.07 92.72 19.55
N VAL I 80 -43.91 92.87 18.95
CA VAL I 80 -43.36 94.19 18.64
C VAL I 80 -43.19 94.29 17.12
N PRO I 81 -43.93 95.18 16.45
CA PRO I 81 -43.80 95.29 14.99
C PRO I 81 -42.69 96.26 14.59
N PHE I 82 -42.16 96.03 13.38
CA PHE I 82 -41.16 96.90 12.79
C PHE I 82 -41.24 96.78 11.27
N THR I 83 -40.55 97.69 10.59
CA THR I 83 -40.60 97.81 9.15
C THR I 83 -39.20 97.76 8.57
N VAL I 84 -39.06 97.09 7.42
CA VAL I 84 -37.77 96.93 6.76
C VAL I 84 -37.89 97.35 5.31
N ALA I 85 -36.77 97.78 4.73
CA ALA I 85 -36.74 98.29 3.37
C ALA I 85 -36.33 97.22 2.37
N ARG I 86 -37.14 97.09 1.32
CA ARG I 86 -36.87 96.11 0.27
C ARG I 86 -35.57 96.36 -0.47
N ARG I 87 -35.11 97.61 -0.52
CA ARG I 87 -33.81 97.90 -1.13
C ARG I 87 -32.67 97.29 -0.31
N ASP I 88 -32.68 97.48 1.00
CA ASP I 88 -31.70 96.84 1.86
C ASP I 88 -31.81 95.33 1.79
N ILE I 89 -33.03 94.80 1.68
CA ILE I 89 -33.20 93.37 1.52
C ILE I 89 -32.54 92.89 0.24
N ASP I 90 -32.78 93.59 -0.87
CA ASP I 90 -32.31 93.13 -2.18
C ASP I 90 -30.79 93.26 -2.28
N ASP I 91 -30.21 94.27 -1.65
CA ASP I 91 -28.77 94.48 -1.77
C ASP I 91 -27.96 93.31 -1.25
N VAL I 92 -28.53 92.48 -0.36
CA VAL I 92 -27.77 91.40 0.25
C VAL I 92 -27.30 90.41 -0.81
N GLU I 93 -28.20 90.01 -1.71
CA GLU I 93 -27.84 89.03 -2.73
C GLU I 93 -26.80 89.57 -3.70
N ARG I 94 -26.57 90.89 -3.71
CA ARG I 94 -25.50 91.51 -4.47
C ARG I 94 -24.18 91.55 -3.72
N GLY I 95 -24.04 90.75 -2.67
CA GLY I 95 -22.84 90.78 -1.87
C GLY I 95 -22.66 92.04 -1.06
N SER I 96 -23.76 92.69 -0.68
CA SER I 96 -23.69 93.86 0.19
C SER I 96 -23.75 93.39 1.65
N GLN I 97 -22.88 93.98 2.47
CA GLN I 97 -22.82 93.67 3.89
C GLN I 97 -22.69 94.91 4.76
N ASP I 98 -23.36 96.00 4.38
CA ASP I 98 -23.55 97.16 5.25
C ASP I 98 -25.02 97.54 5.36
N SER I 99 -25.93 96.59 5.16
CA SER I 99 -27.36 96.88 5.14
C SER I 99 -27.84 97.36 6.50
N ASP I 100 -28.88 98.19 6.48
CA ASP I 100 -29.40 98.80 7.70
C ASP I 100 -30.42 97.86 8.35
N TRP I 101 -30.17 97.50 9.61
CA TRP I 101 -31.06 96.65 10.40
C TRP I 101 -31.40 97.33 11.72
N ASP I 102 -31.34 98.65 11.74
CA ASP I 102 -31.62 99.41 12.96
C ASP I 102 -33.03 99.17 13.49
N PRO I 103 -34.08 99.13 12.66
CA PRO I 103 -35.40 98.77 13.20
C PRO I 103 -35.41 97.41 13.86
N VAL I 104 -34.70 96.44 13.28
CA VAL I 104 -34.60 95.12 13.90
C VAL I 104 -33.98 95.24 15.28
N LYS I 105 -32.87 95.98 15.38
CA LYS I 105 -32.19 96.11 16.67
C LYS I 105 -33.09 96.81 17.69
N ASP I 106 -33.81 97.86 17.25
CA ASP I 106 -34.69 98.58 18.16
C ASP I 106 -35.82 97.68 18.66
N ALA I 107 -36.42 96.89 17.77
CA ALA I 107 -37.48 95.99 18.19
C ALA I 107 -36.96 94.95 19.18
N ALA I 108 -35.78 94.40 18.91
CA ALA I 108 -35.20 93.44 19.85
C ALA I 108 -34.95 94.08 21.20
N LYS I 109 -34.44 95.31 21.21
CA LYS I 109 -34.23 96.02 22.48
C LYS I 109 -35.55 96.20 23.22
N LYS I 110 -36.59 96.60 22.49
CA LYS I 110 -37.90 96.82 23.12
C LYS I 110 -38.43 95.54 23.74
N LEU I 111 -38.33 94.42 23.01
CA LEU I 111 -38.83 93.15 23.53
C LEU I 111 -38.04 92.72 24.77
N ALA I 112 -36.71 92.86 24.71
CA ALA I 112 -35.90 92.50 25.88
C ALA I 112 -36.27 93.36 27.08
N PHE I 113 -36.50 94.66 26.85
CA PHE I 113 -36.81 95.55 27.95
C PHE I 113 -38.15 95.19 28.58
N VAL I 114 -39.16 94.91 27.76
CA VAL I 114 -40.45 94.54 28.32
C VAL I 114 -40.35 93.23 29.10
N GLU I 115 -39.61 92.26 28.57
CA GLU I 115 -39.46 90.99 29.28
C GLU I 115 -38.78 91.19 30.62
N ASP I 116 -37.67 91.93 30.64
CA ASP I 116 -36.92 92.12 31.88
C ASP I 116 -37.74 92.95 32.88
N ARG I 117 -38.48 93.95 32.40
CA ARG I 117 -39.30 94.75 33.28
C ARG I 117 -40.46 93.96 33.86
N ALA I 118 -41.06 93.05 33.10
CA ALA I 118 -42.06 92.16 33.66
C ALA I 118 -41.45 91.23 34.70
N ILE I 119 -40.25 90.72 34.45
CA ILE I 119 -39.61 89.83 35.41
C ILE I 119 -39.31 90.55 36.72
N PHE I 120 -38.75 91.76 36.63
CA PHE I 120 -38.19 92.43 37.81
C PHE I 120 -39.11 93.46 38.45
N GLU I 121 -40.20 93.85 37.80
CA GLU I 121 -41.07 94.91 38.30
C GLU I 121 -42.54 94.53 38.30
N GLY I 122 -42.97 93.65 37.41
CA GLY I 122 -44.34 93.17 37.41
C GLY I 122 -45.15 93.73 36.25
N TYR I 123 -46.02 92.90 35.70
CA TYR I 123 -46.96 93.27 34.65
C TYR I 123 -48.33 92.80 35.14
N ALA I 124 -49.05 93.71 35.81
CA ALA I 124 -50.22 93.31 36.59
C ALA I 124 -51.30 92.69 35.72
N ALA I 125 -51.59 93.31 34.56
CA ALA I 125 -52.67 92.81 33.73
C ALA I 125 -52.46 91.36 33.30
N ALA I 126 -51.20 90.92 33.24
CA ALA I 126 -50.88 89.53 32.98
C ALA I 126 -50.77 88.72 34.27
N SER I 127 -51.18 89.27 35.40
CA SER I 127 -51.11 88.60 36.70
C SER I 127 -49.67 88.25 37.07
N ILE I 128 -48.71 89.03 36.59
CA ILE I 128 -47.29 88.80 36.85
C ILE I 128 -46.88 89.71 37.99
N GLU I 129 -46.57 89.11 39.14
CA GLU I 129 -46.00 89.83 40.27
C GLU I 129 -44.49 89.75 40.20
N GLY I 130 -43.82 90.91 40.19
CA GLY I 130 -42.40 90.97 40.00
C GLY I 130 -41.61 90.58 41.24
N ILE I 131 -40.31 90.41 41.03
CA ILE I 131 -39.40 90.09 42.14
C ILE I 131 -39.42 91.20 43.19
N ARG I 132 -39.48 92.46 42.77
CA ARG I 132 -39.49 93.57 43.71
C ARG I 132 -40.65 93.47 44.69
N SER I 133 -41.87 93.25 44.17
CA SER I 133 -43.02 93.15 45.05
C SER I 133 -43.03 91.85 45.84
N SER I 134 -42.69 90.73 45.19
CA SER I 134 -42.74 89.44 45.86
C SER I 134 -41.64 89.29 46.91
N SER I 135 -40.62 90.14 46.88
CA SER I 135 -39.54 90.03 47.86
C SER I 135 -40.05 90.32 49.25
N SER I 136 -39.62 89.50 50.22
CA SER I 136 -39.99 89.68 51.61
C SER I 136 -38.94 90.44 52.41
N ASN I 137 -37.67 90.33 52.04
CA ASN I 137 -36.63 91.06 52.75
C ASN I 137 -36.81 92.55 52.54
N PRO I 138 -36.48 93.37 53.54
CA PRO I 138 -36.71 94.82 53.40
C PRO I 138 -35.92 95.42 52.25
N ALA I 139 -36.53 96.38 51.58
CA ALA I 139 -35.89 97.07 50.47
C ALA I 139 -34.96 98.16 50.98
N LEU I 140 -33.91 98.43 50.20
CA LEU I 140 -32.93 99.46 50.54
C LEU I 140 -32.99 100.59 49.52
N ALA I 141 -32.24 101.65 49.81
CA ALA I 141 -32.16 102.83 48.96
C ALA I 141 -30.75 102.96 48.40
N LEU I 142 -30.65 103.16 47.09
CA LEU I 142 -29.36 103.31 46.44
C LEU I 142 -28.85 104.73 46.68
N PRO I 143 -27.69 104.92 47.32
CA PRO I 143 -27.23 106.28 47.57
C PRO I 143 -26.99 107.06 46.29
N ASP I 144 -27.22 108.37 46.37
CA ASP I 144 -26.98 109.22 45.21
C ASP I 144 -25.51 109.16 44.79
N ASP I 145 -24.60 109.17 45.75
CA ASP I 145 -23.18 109.04 45.45
C ASP I 145 -22.85 107.60 45.11
N ALA I 146 -21.78 107.42 44.33
CA ALA I 146 -21.37 106.09 43.92
C ALA I 146 -20.43 105.42 44.91
N ARG I 147 -19.95 106.14 45.92
CA ARG I 147 -18.94 105.59 46.81
C ARG I 147 -19.55 104.73 47.90
N GLU I 148 -20.82 104.92 48.22
CA GLU I 148 -21.49 104.22 49.31
C GLU I 148 -22.27 102.99 48.83
N ILE I 149 -22.32 102.75 47.52
CA ILE I 149 -23.10 101.61 47.01
C ILE I 149 -22.59 100.29 47.57
N PRO I 150 -21.27 100.03 47.64
CA PRO I 150 -20.83 98.73 48.18
C PRO I 150 -21.30 98.46 49.59
N ASP I 151 -21.41 99.50 50.43
CA ASP I 151 -21.91 99.30 51.78
C ASP I 151 -23.35 98.80 51.76
N VAL I 152 -24.18 99.38 50.88
CA VAL I 152 -25.57 98.95 50.79
C VAL I 152 -25.66 97.53 50.25
N ILE I 153 -24.78 97.18 49.30
CA ILE I 153 -24.76 95.81 48.79
C ILE I 153 -24.36 94.83 49.89
N ALA I 154 -23.39 95.21 50.71
CA ALA I 154 -23.02 94.36 51.84
C ALA I 154 -24.17 94.20 52.82
N GLN I 155 -24.93 95.28 53.05
CA GLN I 155 -26.11 95.18 53.90
C GLN I 155 -27.13 94.22 53.31
N ALA I 156 -27.36 94.29 52.00
CA ALA I 156 -28.33 93.40 51.36
C ALA I 156 -27.88 91.95 51.44
N LEU I 157 -26.58 91.70 51.22
CA LEU I 157 -26.06 90.36 51.40
C LEU I 157 -26.26 89.90 52.83
N SER I 158 -26.03 90.78 53.80
CA SER I 158 -26.28 90.44 55.19
C SER I 158 -27.75 90.06 55.41
N GLU I 159 -28.67 90.77 54.76
CA GLU I 159 -30.08 90.45 54.95
C GLU I 159 -30.44 89.07 54.38
N LEU I 160 -30.12 88.83 53.10
CA LEU I 160 -30.33 87.52 52.50
C LEU I 160 -29.72 86.43 53.37
N ARG I 161 -28.47 86.66 53.76
CA ARG I 161 -27.62 85.65 54.35
C ARG I 161 -27.91 85.47 55.84
N LEU I 162 -28.60 86.45 56.42
CA LEU I 162 -29.34 86.23 57.66
C LEU I 162 -30.54 85.33 57.41
N ALA I 163 -31.34 85.66 56.38
CA ALA I 163 -32.58 84.95 56.14
C ALA I 163 -32.34 83.47 55.88
N GLY I 164 -31.13 83.10 55.46
CA GLY I 164 -30.77 81.71 55.37
C GLY I 164 -30.63 81.15 53.98
N VAL I 165 -30.54 82.00 52.97
CA VAL I 165 -30.41 81.54 51.60
C VAL I 165 -28.94 81.35 51.27
N ASP I 166 -28.65 80.36 50.42
CA ASP I 166 -27.29 80.02 50.05
C ASP I 166 -27.12 80.02 48.53
N GLY I 167 -25.96 79.57 48.06
CA GLY I 167 -25.66 79.54 46.65
C GLY I 167 -25.03 80.84 46.19
N PRO I 168 -24.46 80.83 44.98
CA PRO I 168 -23.79 82.03 44.49
C PRO I 168 -24.74 83.23 44.46
N TYR I 169 -24.23 84.39 44.83
CA TYR I 169 -25.00 85.62 44.84
C TYR I 169 -24.60 86.49 43.65
N SER I 170 -25.56 87.26 43.16
CA SER I 170 -25.36 88.05 41.95
C SER I 170 -26.03 89.41 42.10
N VAL I 171 -25.42 90.41 41.48
CA VAL I 171 -25.88 91.79 41.54
C VAL I 171 -26.26 92.20 40.12
N LEU I 172 -27.50 92.62 39.94
CA LEU I 172 -27.99 93.17 38.68
C LEU I 172 -28.15 94.67 38.87
N LEU I 173 -27.45 95.44 38.04
CA LEU I 173 -27.44 96.89 38.17
C LEU I 173 -28.12 97.55 36.98
N SER I 174 -28.73 98.71 37.25
CA SER I 174 -29.44 99.45 36.23
C SER I 174 -28.44 100.06 35.25
N ALA I 175 -28.94 100.62 34.16
CA ALA I 175 -28.06 101.32 33.23
C ALA I 175 -27.43 102.54 33.88
N GLU I 176 -28.23 103.35 34.57
CA GLU I 176 -27.72 104.58 35.17
C GLU I 176 -26.76 104.27 36.30
N THR I 177 -27.05 103.24 37.10
CA THR I 177 -26.17 102.86 38.20
C THR I 177 -24.88 102.22 37.70
N TYR I 178 -24.97 101.37 36.68
CA TYR I 178 -23.78 100.75 36.11
C TYR I 178 -22.87 101.78 35.46
N THR I 179 -23.44 102.74 34.73
CA THR I 179 -22.65 103.84 34.20
C THR I 179 -21.93 104.59 35.32
N LYS I 180 -22.64 104.82 36.42
CA LYS I 180 -22.04 105.55 37.54
C LYS I 180 -20.87 104.78 38.13
N VAL I 181 -21.08 103.51 38.48
CA VAL I 181 -20.02 102.74 39.11
C VAL I 181 -18.87 102.51 38.14
N SER I 182 -19.14 102.50 36.84
CA SER I 182 -18.07 102.31 35.87
C SER I 182 -17.23 103.56 35.72
N GLU I 183 -17.87 104.70 35.46
CA GLU I 183 -17.13 105.95 35.28
C GLU I 183 -16.40 106.34 36.56
N THR I 184 -17.07 106.20 37.71
CA THR I 184 -16.44 106.55 38.97
C THR I 184 -15.32 105.57 39.30
N THR I 185 -14.27 106.09 39.94
CA THR I 185 -13.08 105.32 40.22
C THR I 185 -12.59 105.64 41.63
N ALA I 186 -11.81 104.71 42.20
CA ALA I 186 -11.23 104.90 43.52
C ALA I 186 -9.97 104.07 43.63
N HIS I 187 -8.88 104.69 44.08
CA HIS I 187 -7.60 104.01 44.27
C HIS I 187 -7.15 103.31 42.99
N GLY I 188 -7.54 103.85 41.85
CA GLY I 188 -7.15 103.27 40.58
C GLY I 188 -7.96 102.08 40.15
N TYR I 189 -9.11 101.83 40.75
CA TYR I 189 -10.04 100.81 40.29
C TYR I 189 -11.47 101.37 40.27
N PRO I 190 -12.30 100.94 39.32
CA PRO I 190 -13.70 101.38 39.32
C PRO I 190 -14.48 100.88 40.52
N ILE I 191 -15.49 101.67 40.87
CA ILE I 191 -16.40 101.28 41.93
C ILE I 191 -17.10 99.98 41.56
N ARG I 192 -17.24 99.69 40.26
CA ARG I 192 -17.81 98.41 39.85
C ARG I 192 -16.92 97.24 40.27
N GLU I 193 -15.60 97.37 40.09
CA GLU I 193 -14.70 96.33 40.58
C GLU I 193 -14.77 96.25 42.10
N HIS I 194 -14.85 97.40 42.77
CA HIS I 194 -15.08 97.39 44.21
C HIS I 194 -16.28 96.52 44.57
N ILE I 195 -17.39 96.70 43.86
CA ILE I 195 -18.58 95.90 44.10
C ILE I 195 -18.30 94.42 43.82
N ASN I 196 -17.70 94.13 42.67
CA ASN I 196 -17.45 92.75 42.27
C ASN I 196 -16.66 92.00 43.34
N ARG I 197 -15.75 92.69 44.02
CA ARG I 197 -14.90 92.02 45.01
C ARG I 197 -15.69 91.27 46.06
N LEU I 198 -16.92 91.69 46.36
CA LEU I 198 -17.69 91.12 47.46
C LEU I 198 -18.37 89.81 47.09
N VAL I 199 -19.06 89.78 45.96
CA VAL I 199 -19.91 88.65 45.61
C VAL I 199 -19.07 87.51 45.05
N ASP I 200 -19.67 86.32 45.02
CA ASP I 200 -19.06 85.13 44.45
C ASP I 200 -19.50 84.91 43.01
N GLY I 201 -20.63 85.47 42.59
CA GLY I 201 -21.14 85.26 41.25
C GLY I 201 -20.65 86.28 40.25
N GLU I 202 -21.57 86.99 39.62
CA GLU I 202 -21.24 87.91 38.54
C GLU I 202 -21.97 89.23 38.74
N ILE I 203 -21.48 90.27 38.06
CA ILE I 203 -22.14 91.56 37.97
C ILE I 203 -22.85 91.62 36.61
N ILE I 204 -24.12 91.99 36.60
CA ILE I 204 -24.96 91.90 35.40
C ILE I 204 -25.56 93.27 35.08
N TRP I 205 -25.61 93.58 33.78
CA TRP I 205 -26.32 94.73 33.23
C TRP I 205 -27.81 94.47 33.26
N ALA I 206 -28.58 95.41 33.79
CA ALA I 206 -30.03 95.34 33.74
C ALA I 206 -30.62 96.68 33.32
N PRO I 207 -30.52 97.07 32.05
CA PRO I 207 -30.97 98.41 31.67
C PRO I 207 -32.45 98.61 31.86
N ALA I 208 -33.24 97.57 31.62
CA ALA I 208 -34.69 97.65 31.72
C ALA I 208 -35.14 97.96 33.13
N ILE I 209 -34.47 97.38 34.13
CA ILE I 209 -34.89 97.55 35.51
C ILE I 209 -34.43 98.91 36.00
N ASP I 210 -34.97 99.36 37.13
CA ASP I 210 -34.62 100.64 37.74
C ASP I 210 -34.16 100.36 39.17
N GLY I 211 -32.91 100.69 39.46
CA GLY I 211 -32.36 100.47 40.78
C GLY I 211 -31.25 99.44 40.79
N ALA I 212 -31.35 98.47 41.67
CA ALA I 212 -30.38 97.38 41.75
C ALA I 212 -31.03 96.19 42.45
N PHE I 213 -30.44 95.01 42.24
CA PHE I 213 -31.00 93.79 42.84
C PHE I 213 -29.86 92.88 43.22
N VAL I 214 -29.92 92.33 44.45
CA VAL I 214 -28.96 91.32 44.89
C VAL I 214 -29.74 90.04 45.16
N LEU I 215 -29.41 88.96 44.45
CA LEU I 215 -30.22 87.75 44.56
C LEU I 215 -29.36 86.50 44.50
N SER I 216 -29.92 85.41 45.00
CA SER I 216 -29.25 84.11 44.98
C SER I 216 -29.54 83.39 43.68
N THR I 217 -28.61 82.51 43.28
CA THR I 217 -28.74 81.72 42.07
C THR I 217 -28.59 80.23 42.34
N ARG I 218 -28.93 79.81 43.56
CA ARG I 218 -28.89 78.39 43.88
C ARG I 218 -29.83 77.61 42.96
N GLY I 219 -31.00 78.15 42.69
CA GLY I 219 -31.97 77.50 41.83
C GLY I 219 -33.27 77.18 42.53
N GLY I 220 -34.36 77.11 41.79
CA GLY I 220 -35.65 76.76 42.34
C GLY I 220 -36.43 77.90 42.94
N ASP I 221 -36.00 79.14 42.75
CA ASP I 221 -36.68 80.31 43.30
C ASP I 221 -37.37 81.17 42.25
N PHE I 222 -36.89 81.18 41.02
CA PHE I 222 -37.50 81.97 39.95
C PHE I 222 -37.66 81.08 38.73
N ASP I 223 -38.80 81.22 38.04
CA ASP I 223 -39.11 80.39 36.88
C ASP I 223 -39.69 81.27 35.78
N LEU I 224 -39.00 81.32 34.64
CA LEU I 224 -39.50 81.99 33.45
C LEU I 224 -40.07 80.93 32.52
N GLN I 225 -41.40 80.87 32.43
CA GLN I 225 -42.07 79.87 31.61
C GLN I 225 -42.30 80.44 30.21
N LEU I 226 -41.85 79.71 29.20
CA LEU I 226 -42.01 80.10 27.80
C LEU I 226 -42.88 79.09 27.09
N GLY I 227 -43.87 79.58 26.35
CA GLY I 227 -44.62 78.72 25.47
C GLY I 227 -43.91 78.58 24.14
N THR I 228 -43.53 79.71 23.56
CA THR I 228 -42.71 79.77 22.37
C THR I 228 -41.65 80.84 22.55
N ASP I 229 -40.43 80.53 22.12
CA ASP I 229 -39.32 81.46 22.28
C ASP I 229 -39.47 82.61 21.28
N VAL I 230 -38.48 83.50 21.25
CA VAL I 230 -38.54 84.66 20.37
C VAL I 230 -38.59 84.19 18.92
N SER I 231 -39.51 84.76 18.15
CA SER I 231 -39.67 84.41 16.74
C SER I 231 -39.94 85.68 15.94
N ILE I 232 -39.64 85.63 14.65
CA ILE I 232 -39.85 86.75 13.73
C ILE I 232 -40.84 86.33 12.67
N GLY I 233 -41.85 87.17 12.44
CA GLY I 233 -42.90 86.86 11.49
C GLY I 233 -43.17 87.96 10.47
N TYR I 234 -44.16 87.74 9.62
CA TYR I 234 -44.50 88.64 8.53
C TYR I 234 -45.99 88.95 8.56
N LEU I 235 -46.34 90.24 8.41
CA LEU I 235 -47.73 90.64 8.36
C LEU I 235 -48.17 91.02 6.95
N SER I 236 -47.48 91.96 6.31
CA SER I 236 -47.85 92.43 4.99
C SER I 236 -46.61 93.07 4.36
N HIS I 237 -46.75 93.53 3.12
CA HIS I 237 -45.63 94.11 2.40
C HIS I 237 -46.16 95.08 1.35
N ASP I 238 -45.23 95.87 0.81
CA ASP I 238 -45.55 96.94 -0.13
C ASP I 238 -44.42 96.98 -1.16
N ALA I 239 -44.56 97.86 -2.14
CA ALA I 239 -43.53 98.01 -3.16
C ALA I 239 -42.20 98.50 -2.59
N GLU I 240 -42.19 99.03 -1.37
CA GLU I 240 -41.00 99.62 -0.78
C GLU I 240 -40.59 98.97 0.53
N VAL I 241 -41.53 98.47 1.33
CA VAL I 241 -41.26 98.03 2.68
C VAL I 241 -41.93 96.69 2.94
N VAL I 242 -41.50 96.03 4.03
CA VAL I 242 -42.13 94.83 4.54
C VAL I 242 -42.34 95.03 6.03
N HIS I 243 -43.50 94.62 6.53
CA HIS I 243 -43.83 94.74 7.95
C HIS I 243 -43.67 93.37 8.63
N LEU I 244 -42.83 93.34 9.65
CA LEU I 244 -42.53 92.13 10.40
C LEU I 244 -42.80 92.39 11.88
N TYR I 245 -42.72 91.32 12.68
CA TYR I 245 -42.92 91.45 14.12
C TYR I 245 -42.03 90.45 14.82
N MET I 246 -41.64 90.78 16.05
CA MET I 246 -40.96 89.85 16.94
C MET I 246 -41.92 89.47 18.07
N GLU I 247 -42.07 88.17 18.29
CA GLU I 247 -43.11 87.62 19.14
C GLU I 247 -42.53 86.65 20.15
N GLU I 248 -43.08 86.68 21.37
CA GLU I 248 -42.75 85.67 22.36
C GLU I 248 -43.88 85.53 23.38
N THR I 249 -44.16 84.30 23.78
CA THR I 249 -45.22 84.01 24.74
C THR I 249 -44.60 83.50 26.04
N MET I 250 -44.88 84.20 27.14
CA MET I 250 -44.14 83.96 28.37
C MET I 250 -45.00 84.27 29.59
N THR I 251 -44.48 83.84 30.74
CA THR I 251 -44.93 84.30 32.05
C THR I 251 -43.79 84.07 33.03
N PHE I 252 -43.89 84.70 34.20
CA PHE I 252 -42.84 84.64 35.21
C PHE I 252 -43.45 84.30 36.56
N LEU I 253 -42.76 83.47 37.33
CA LEU I 253 -43.19 83.07 38.66
C LEU I 253 -42.02 83.17 39.65
N CYS I 254 -42.30 83.71 40.83
CA CYS I 254 -41.36 83.73 41.94
C CYS I 254 -41.91 82.86 43.05
N TYR I 255 -41.09 81.93 43.54
CA TYR I 255 -41.51 80.98 44.57
C TYR I 255 -40.93 81.30 45.94
N THR I 256 -39.68 81.76 45.99
CA THR I 256 -39.00 82.09 47.24
C THR I 256 -38.89 83.60 47.36
N ALA I 257 -39.57 84.17 48.35
CA ALA I 257 -39.57 85.61 48.52
C ALA I 257 -38.34 86.12 49.25
N GLU I 258 -37.57 85.22 49.86
CA GLU I 258 -36.43 85.61 50.68
C GLU I 258 -35.08 85.48 49.95
N ALA I 259 -35.08 85.18 48.66
CA ALA I 259 -33.85 84.95 47.91
C ALA I 259 -33.38 86.19 47.16
N SER I 260 -33.99 87.34 47.40
CA SER I 260 -33.64 88.55 46.67
C SER I 260 -33.79 89.77 47.59
N VAL I 261 -33.06 90.82 47.25
CA VAL I 261 -33.13 92.11 47.94
C VAL I 261 -33.13 93.18 46.86
N ALA I 262 -34.02 94.15 47.00
CA ALA I 262 -34.21 95.20 46.01
C ALA I 262 -33.70 96.53 46.56
N LEU I 263 -33.06 97.31 45.70
CA LEU I 263 -32.58 98.64 46.05
C LEU I 263 -33.18 99.63 45.08
N THR I 264 -33.87 100.62 45.61
CA THR I 264 -34.62 101.58 44.81
C THR I 264 -33.80 102.86 44.62
N PRO I 265 -33.92 103.52 43.45
CA PRO I 265 -33.15 104.74 43.19
C PRO I 265 -33.38 105.83 44.22
N ASN J 2 30.65 -24.53 81.70
CA ASN J 2 32.01 -25.04 81.77
C ASN J 2 32.41 -25.31 83.22
N ASN J 3 33.68 -25.65 83.42
CA ASN J 3 34.15 -26.02 84.76
C ASN J 3 34.24 -24.84 85.71
N LEU J 4 34.11 -23.61 85.21
CA LEU J 4 34.15 -22.44 86.09
C LEU J 4 32.92 -22.41 87.00
N TYR J 5 31.77 -22.85 86.49
CA TYR J 5 30.52 -22.84 87.25
C TYR J 5 30.15 -21.44 87.70
N ARG J 6 30.28 -20.47 86.78
CA ARG J 6 29.90 -19.10 87.08
C ARG J 6 28.38 -18.92 87.14
N ASP J 7 27.63 -19.70 86.37
CA ASP J 7 26.17 -19.57 86.38
C ASP J 7 25.57 -19.86 87.75
N LEU J 8 26.31 -20.55 88.61
CA LEU J 8 25.83 -20.88 89.95
C LEU J 8 26.19 -19.83 90.99
N ALA J 9 26.97 -18.82 90.63
CA ALA J 9 27.40 -17.83 91.60
C ALA J 9 26.36 -16.72 91.75
N PRO J 10 26.15 -16.20 92.96
CA PRO J 10 25.20 -15.08 93.15
C PRO J 10 25.80 -13.74 92.79
N ILE J 11 26.15 -13.57 91.52
CA ILE J 11 26.80 -12.36 91.03
C ILE J 11 26.13 -11.96 89.72
N THR J 12 25.90 -10.66 89.55
CA THR J 12 25.25 -10.13 88.36
C THR J 12 26.27 -9.92 87.23
N GLU J 13 25.73 -9.68 86.03
CA GLU J 13 26.59 -9.48 84.86
C GLU J 13 27.47 -8.24 85.05
N SER J 14 26.90 -7.17 85.58
CA SER J 14 27.67 -5.94 85.76
C SER J 14 28.83 -6.15 86.74
N ALA J 15 28.56 -6.83 87.86
CA ALA J 15 29.63 -7.08 88.83
C ALA J 15 30.68 -8.02 88.25
N TRP J 16 30.25 -9.01 87.47
CA TRP J 16 31.20 -9.88 86.79
C TRP J 16 32.11 -9.06 85.88
N ALA J 17 31.52 -8.14 85.11
CA ALA J 17 32.30 -7.30 84.21
C ALA J 17 33.30 -6.44 84.99
N GLU J 18 32.84 -5.85 86.10
CA GLU J 18 33.74 -5.02 86.90
C GLU J 18 34.91 -5.84 87.43
N ILE J 19 34.63 -7.04 87.95
CA ILE J 19 35.70 -7.87 88.50
C ILE J 19 36.68 -8.27 87.40
N GLU J 20 36.17 -8.68 86.25
CA GLU J 20 37.04 -9.07 85.15
C GLU J 20 37.92 -7.90 84.71
N LEU J 21 37.33 -6.71 84.57
CA LEU J 21 38.10 -5.55 84.16
C LEU J 21 39.18 -5.22 85.17
N GLU J 22 38.84 -5.23 86.46
CA GLU J 22 39.81 -4.90 87.49
C GLU J 22 40.96 -5.90 87.53
N ALA J 23 40.66 -7.19 87.40
CA ALA J 23 41.71 -8.19 87.41
C ALA J 23 42.60 -8.07 86.17
N THR J 24 41.99 -7.87 85.00
CA THR J 24 42.77 -7.76 83.77
C THR J 24 43.71 -6.57 83.84
N ARG J 25 43.21 -5.41 84.30
CA ARG J 25 44.05 -4.23 84.37
C ARG J 25 45.27 -4.46 85.26
N THR J 26 45.04 -5.01 86.46
CA THR J 26 46.13 -5.20 87.41
C THR J 26 47.14 -6.22 86.91
N PHE J 27 46.65 -7.32 86.33
CA PHE J 27 47.57 -8.34 85.81
C PHE J 27 48.41 -7.78 84.66
N LYS J 28 47.78 -7.06 83.73
CA LYS J 28 48.52 -6.48 82.62
C LYS J 28 49.51 -5.43 83.11
N ARG J 29 49.20 -4.78 84.25
CA ARG J 29 50.16 -3.86 84.85
C ARG J 29 51.37 -4.61 85.40
N HIS J 30 51.13 -5.67 86.16
CA HIS J 30 52.19 -6.31 86.94
C HIS J 30 52.94 -7.39 86.17
N ILE J 31 52.53 -7.71 84.94
CA ILE J 31 53.16 -8.77 84.15
C ILE J 31 54.20 -8.16 83.23
N ALA J 32 55.33 -8.86 83.09
CA ALA J 32 56.44 -8.39 82.28
C ALA J 32 56.96 -9.38 81.26
N GLY J 33 56.99 -10.68 81.58
CA GLY J 33 57.57 -11.65 80.66
C GLY J 33 56.82 -11.72 79.34
N ARG J 34 55.51 -11.55 79.38
CA ARG J 34 54.68 -11.61 78.18
C ARG J 34 55.07 -10.55 77.15
N ARG J 35 55.76 -9.50 77.57
CA ARG J 35 56.19 -8.44 76.68
C ARG J 35 57.52 -8.73 75.99
N VAL J 36 58.25 -9.76 76.42
CA VAL J 36 59.56 -10.04 75.86
C VAL J 36 59.70 -11.52 75.49
N VAL J 37 58.63 -12.30 75.64
CA VAL J 37 58.67 -13.71 75.29
C VAL J 37 57.53 -14.03 74.33
N ASP J 38 57.83 -14.88 73.35
CA ASP J 38 56.79 -15.37 72.45
C ASP J 38 55.77 -16.18 73.23
N VAL J 39 54.50 -16.01 72.88
CA VAL J 39 53.39 -16.67 73.57
C VAL J 39 52.68 -17.57 72.58
N SER J 40 52.60 -18.85 72.90
CA SER J 40 51.82 -19.81 72.13
C SER J 40 50.39 -19.80 72.68
N GLY J 41 49.46 -19.27 71.88
CA GLY J 41 48.11 -19.05 72.33
C GLY J 41 47.49 -20.30 72.94
N PRO J 42 46.39 -20.13 73.67
CA PRO J 42 45.75 -21.28 74.32
C PRO J 42 45.43 -22.38 73.32
N ASN J 43 45.83 -23.60 73.64
CA ASN J 43 45.57 -24.77 72.81
C ASN J 43 44.39 -25.59 73.30
N GLY J 44 43.73 -25.17 74.38
CA GLY J 44 42.54 -25.83 74.86
C GLY J 44 42.78 -26.58 76.16
N PRO J 45 41.70 -26.89 76.87
CA PRO J 45 41.85 -27.64 78.13
C PRO J 45 42.40 -29.04 77.95
N THR J 46 42.30 -29.61 76.74
CA THR J 46 42.82 -30.93 76.48
C THR J 46 44.35 -30.98 76.43
N THR J 47 45.00 -29.83 76.32
CA THR J 47 46.45 -29.79 76.23
C THR J 47 47.08 -30.03 77.60
N ALA J 48 48.04 -30.93 77.65
CA ALA J 48 48.68 -31.32 78.91
C ALA J 48 50.19 -31.26 78.89
N SER J 49 50.82 -31.30 77.72
CA SER J 49 52.28 -31.33 77.65
C SER J 49 52.73 -30.75 76.31
N VAL J 50 54.01 -30.41 76.25
CA VAL J 50 54.63 -29.85 75.05
C VAL J 50 55.79 -30.76 74.65
N SER J 51 55.75 -31.29 73.44
CA SER J 51 56.80 -32.16 72.95
C SER J 51 58.09 -31.37 72.75
N THR J 52 59.23 -32.00 73.04
CA THR J 52 60.52 -31.38 72.79
C THR J 52 61.22 -31.94 71.57
N GLY J 53 60.73 -33.06 71.02
CA GLY J 53 61.36 -33.68 69.87
C GLY J 53 62.58 -34.51 70.20
N HIS J 54 62.94 -34.63 71.47
CA HIS J 54 64.08 -35.43 71.90
C HIS J 54 63.62 -36.84 72.27
N LEU J 55 64.61 -37.73 72.39
CA LEU J 55 64.37 -39.13 72.73
C LEU J 55 65.16 -39.50 73.97
N LEU J 56 64.62 -40.43 74.74
CA LEU J 56 65.26 -40.92 75.96
C LEU J 56 65.42 -42.44 75.87
N ASP J 57 66.57 -42.93 76.31
CA ASP J 57 66.84 -44.36 76.25
C ASP J 57 66.01 -45.10 77.28
N VAL J 58 65.60 -46.33 76.95
CA VAL J 58 64.73 -47.13 77.79
C VAL J 58 64.99 -48.61 77.52
N SER J 59 64.76 -49.43 78.52
CA SER J 59 65.00 -50.86 78.41
C SER J 59 64.10 -51.46 77.33
N PRO J 60 64.62 -52.32 76.44
CA PRO J 60 63.79 -52.82 75.36
C PRO J 60 62.79 -53.85 75.86
N PRO J 61 61.66 -54.02 75.16
CA PRO J 61 60.77 -55.14 75.49
C PRO J 61 61.43 -56.50 75.34
N GLY J 62 62.31 -56.65 74.36
CA GLY J 62 62.89 -57.96 74.11
C GLY J 62 64.10 -57.85 73.20
N ASP J 63 64.55 -59.01 72.73
CA ASP J 63 65.77 -59.08 71.94
C ASP J 63 65.54 -58.50 70.54
N GLY J 64 66.57 -57.86 70.01
CA GLY J 64 66.50 -57.31 68.66
C GLY J 64 65.63 -56.09 68.53
N VAL J 65 65.30 -55.43 69.62
CA VAL J 65 64.40 -54.28 69.62
C VAL J 65 65.10 -53.11 70.30
N ILE J 66 65.04 -51.95 69.67
CA ILE J 66 65.60 -50.71 70.23
C ILE J 66 64.43 -49.82 70.60
N ALA J 67 64.40 -49.37 71.85
CA ALA J 67 63.28 -48.61 72.40
C ALA J 67 63.76 -47.23 72.86
N HIS J 68 62.95 -46.21 72.57
CA HIS J 68 63.21 -44.85 73.00
C HIS J 68 61.89 -44.20 73.40
N LEU J 69 61.96 -43.33 74.40
CA LEU J 69 60.79 -42.60 74.88
C LEU J 69 60.82 -41.15 74.39
N ARG J 70 59.67 -40.68 73.93
CA ARG J 70 59.54 -39.29 73.52
C ARG J 70 59.50 -38.38 74.73
N ASP J 71 60.11 -37.21 74.61
CA ASP J 71 60.28 -36.30 75.73
C ASP J 71 59.30 -35.14 75.64
N ALA J 72 58.61 -34.87 76.76
CA ALA J 72 57.62 -33.81 76.81
C ALA J 72 57.75 -33.07 78.13
N LYS J 73 57.34 -31.81 78.10
CA LYS J 73 57.33 -30.93 79.27
C LYS J 73 55.90 -30.80 79.75
N PRO J 74 55.58 -31.18 80.99
CA PRO J 74 54.20 -31.06 81.47
C PRO J 74 53.82 -29.61 81.75
N LEU J 75 52.52 -29.37 81.72
CA LEU J 75 51.95 -28.06 82.04
C LEU J 75 51.49 -28.06 83.49
N VAL J 76 51.62 -26.90 84.14
CA VAL J 76 51.28 -26.74 85.54
C VAL J 76 50.14 -25.73 85.64
N ARG J 77 49.17 -26.04 86.50
CA ARG J 77 48.00 -25.19 86.73
C ARG J 77 48.20 -24.42 88.03
N LEU J 78 48.09 -23.09 87.96
CA LEU J 78 48.22 -22.22 89.10
C LEU J 78 46.84 -21.64 89.42
N ARG J 79 46.41 -21.81 90.66
CA ARG J 79 45.11 -21.34 91.14
C ARG J 79 45.30 -20.50 92.40
N VAL J 80 44.79 -19.29 92.38
CA VAL J 80 44.89 -18.38 93.52
C VAL J 80 43.47 -18.05 93.99
N PRO J 81 43.07 -18.45 95.21
CA PRO J 81 41.72 -18.16 95.68
C PRO J 81 41.63 -16.82 96.37
N PHE J 82 40.42 -16.25 96.33
CA PHE J 82 40.12 -15.00 97.02
C PHE J 82 38.63 -14.96 97.34
N THR J 83 38.26 -14.00 98.19
CA THR J 83 36.91 -13.88 98.71
C THR J 83 36.36 -12.49 98.43
N VAL J 84 35.07 -12.43 98.10
CA VAL J 84 34.42 -11.17 97.77
C VAL J 84 33.14 -11.04 98.59
N ALA J 85 32.73 -9.80 98.83
CA ALA J 85 31.59 -9.51 99.67
C ALA J 85 30.32 -9.30 98.85
N ARG J 86 29.26 -10.01 99.25
CA ARG J 86 27.98 -9.92 98.56
C ARG J 86 27.36 -8.53 98.64
N ARG J 87 27.68 -7.75 99.67
CA ARG J 87 27.21 -6.38 99.74
C ARG J 87 27.82 -5.51 98.63
N ASP J 88 29.14 -5.60 98.44
CA ASP J 88 29.78 -4.91 97.34
C ASP J 88 29.27 -5.41 96.00
N ILE J 89 28.99 -6.71 95.89
CA ILE J 89 28.41 -7.24 94.67
C ILE J 89 27.05 -6.61 94.40
N ASP J 90 26.20 -6.55 95.42
CA ASP J 90 24.82 -6.09 95.23
C ASP J 90 24.78 -4.60 94.95
N ASP J 91 25.69 -3.83 95.54
CA ASP J 91 25.65 -2.38 95.36
C ASP J 91 25.82 -1.96 93.91
N VAL J 92 26.42 -2.82 93.07
CA VAL J 92 26.69 -2.43 91.69
C VAL J 92 25.40 -2.15 90.94
N GLU J 93 24.40 -3.02 91.08
CA GLU J 93 23.15 -2.85 90.36
C GLU J 93 22.40 -1.61 90.83
N ARG J 94 22.78 -1.04 91.98
CA ARG J 94 22.24 0.22 92.47
C ARG J 94 22.99 1.43 91.92
N GLY J 95 23.76 1.25 90.85
CA GLY J 95 24.55 2.34 90.32
C GLY J 95 25.70 2.77 91.21
N SER J 96 26.24 1.85 92.00
CA SER J 96 27.41 2.14 92.81
C SER J 96 28.67 1.83 92.00
N GLN J 97 29.64 2.74 92.07
CA GLN J 97 30.91 2.58 91.36
C GLN J 97 32.10 2.95 92.23
N ASP J 98 32.05 2.63 93.53
CA ASP J 98 33.22 2.67 94.40
C ASP J 98 33.42 1.35 95.13
N SER J 99 32.93 0.25 94.57
CA SER J 99 32.98 -1.04 95.25
C SER J 99 34.41 -1.51 95.44
N ASP J 100 34.63 -2.28 96.51
CA ASP J 100 35.97 -2.74 96.88
C ASP J 100 36.30 -4.02 96.11
N TRP J 101 37.40 -3.99 95.36
CA TRP J 101 37.90 -5.15 94.61
C TRP J 101 39.35 -5.42 94.96
N ASP J 102 39.76 -5.01 96.16
CA ASP J 102 41.14 -5.20 96.59
C ASP J 102 41.55 -6.66 96.62
N PRO J 103 40.74 -7.60 97.11
CA PRO J 103 41.14 -9.01 97.00
C PRO J 103 41.37 -9.45 95.57
N VAL J 104 40.54 -8.97 94.64
CA VAL J 104 40.74 -9.28 93.23
C VAL J 104 42.11 -8.78 92.78
N LYS J 105 42.44 -7.54 93.12
CA LYS J 105 43.72 -6.97 92.69
C LYS J 105 44.88 -7.75 93.31
N ASP J 106 44.76 -8.12 94.59
CA ASP J 106 45.83 -8.86 95.24
C ASP J 106 46.03 -10.23 94.60
N ALA J 107 44.94 -10.93 94.29
CA ALA J 107 45.07 -12.23 93.64
C ALA J 107 45.71 -12.10 92.27
N ALA J 108 45.31 -11.08 91.51
CA ALA J 108 45.93 -10.86 90.20
C ALA J 108 47.42 -10.59 90.34
N LYS J 109 47.79 -9.77 91.33
CA LYS J 109 49.21 -9.50 91.56
C LYS J 109 49.96 -10.79 91.90
N LYS J 110 49.36 -11.62 92.76
CA LYS J 110 50.01 -12.87 93.15
C LYS J 110 50.23 -13.78 91.96
N LEU J 111 49.20 -13.91 91.11
CA LEU J 111 49.32 -14.77 89.93
C LEU J 111 50.39 -14.24 88.97
N ALA J 112 50.39 -12.93 88.73
CA ALA J 112 51.41 -12.36 87.86
C ALA J 112 52.80 -12.59 88.42
N PHE J 113 52.97 -12.45 89.74
CA PHE J 113 54.28 -12.62 90.34
C PHE J 113 54.75 -14.05 90.21
N VAL J 114 53.87 -15.02 90.47
CA VAL J 114 54.29 -16.42 90.33
C VAL J 114 54.65 -16.74 88.89
N GLU J 115 53.87 -16.23 87.93
CA GLU J 115 54.18 -16.49 86.53
C GLU J 115 55.53 -15.91 86.15
N ASP J 116 55.77 -14.65 86.51
CA ASP J 116 57.03 -14.00 86.13
C ASP J 116 58.22 -14.66 86.84
N ARG J 117 58.04 -15.06 88.10
CA ARG J 117 59.10 -15.72 88.82
C ARG J 117 59.41 -17.10 88.27
N ALA J 118 58.41 -17.84 87.81
CA ALA J 118 58.67 -19.09 87.11
C ALA J 118 59.40 -18.85 85.80
N ILE J 119 59.03 -17.80 85.07
CA ILE J 119 59.69 -17.52 83.80
C ILE J 119 61.16 -17.17 84.02
N PHE J 120 61.44 -16.31 84.99
CA PHE J 120 62.76 -15.70 85.12
C PHE J 120 63.67 -16.37 86.14
N GLU J 121 63.14 -17.24 86.99
CA GLU J 121 63.91 -17.85 88.07
C GLU J 121 63.80 -19.36 88.14
N GLY J 122 62.68 -19.92 87.70
CA GLY J 122 62.52 -21.36 87.64
C GLY J 122 61.57 -21.88 88.70
N TYR J 123 60.78 -22.89 88.34
CA TYR J 123 59.88 -23.59 89.24
C TYR J 123 60.20 -25.08 89.06
N ALA J 124 61.09 -25.59 89.91
CA ALA J 124 61.71 -26.89 89.65
C ALA J 124 60.67 -28.01 89.63
N ALA J 125 59.75 -28.01 90.59
CA ALA J 125 58.79 -29.11 90.68
C ALA J 125 57.96 -29.25 89.40
N ALA J 126 57.79 -28.15 88.66
CA ALA J 126 57.14 -28.18 87.37
C ALA J 126 58.13 -28.42 86.23
N SER J 127 59.37 -28.77 86.54
CA SER J 127 60.41 -29.00 85.54
C SER J 127 60.69 -27.75 84.71
N ILE J 128 60.47 -26.58 85.30
CA ILE J 128 60.67 -25.30 84.62
C ILE J 128 62.03 -24.77 85.01
N GLU J 129 62.96 -24.74 84.06
CA GLU J 129 64.25 -24.11 84.25
C GLU J 129 64.18 -22.67 83.77
N GLY J 130 64.52 -21.73 84.64
CA GLY J 130 64.38 -20.33 84.35
C GLY J 130 65.46 -19.80 83.43
N ILE J 131 65.23 -18.57 82.97
CA ILE J 131 66.20 -17.90 82.12
C ILE J 131 67.53 -17.71 82.84
N ARG J 132 67.50 -17.40 84.13
CA ARG J 132 68.72 -17.20 84.89
C ARG J 132 69.62 -18.43 84.85
N SER J 133 69.04 -19.61 85.14
CA SER J 133 69.84 -20.83 85.13
C SER J 133 70.21 -21.25 83.71
N SER J 134 69.26 -21.16 82.77
CA SER J 134 69.52 -21.61 81.41
C SER J 134 70.50 -20.70 80.67
N SER J 135 70.74 -19.50 81.17
CA SER J 135 71.65 -18.57 80.50
C SER J 135 73.07 -19.12 80.53
N SER J 136 73.75 -19.02 79.38
CA SER J 136 75.13 -19.45 79.26
C SER J 136 76.13 -18.32 79.44
N ASN J 137 75.76 -17.09 79.08
CA ASN J 137 76.65 -15.97 79.26
C ASN J 137 76.90 -15.73 80.75
N PRO J 138 78.10 -15.29 81.13
CA PRO J 138 78.39 -15.12 82.56
C PRO J 138 77.48 -14.09 83.21
N ALA J 139 77.11 -14.35 84.46
CA ALA J 139 76.26 -13.45 85.21
C ALA J 139 77.08 -12.32 85.81
N LEU J 140 76.43 -11.17 85.98
CA LEU J 140 77.07 -9.99 86.56
C LEU J 140 76.42 -9.64 87.89
N ALA J 141 77.02 -8.67 88.58
CA ALA J 141 76.55 -8.20 89.87
C ALA J 141 76.08 -6.76 89.75
N LEU J 142 74.88 -6.49 90.28
CA LEU J 142 74.32 -5.15 90.23
C LEU J 142 74.98 -4.31 91.32
N PRO J 143 75.65 -3.21 90.99
CA PRO J 143 76.30 -2.43 92.04
C PRO J 143 75.31 -1.87 93.05
N ASP J 144 75.76 -1.75 94.29
CA ASP J 144 74.91 -1.18 95.33
C ASP J 144 74.51 0.25 94.98
N ASP J 145 75.44 1.03 94.47
CA ASP J 145 75.14 2.39 94.03
C ASP J 145 74.40 2.36 92.70
N ALA J 146 73.61 3.41 92.46
CA ALA J 146 72.83 3.48 91.23
C ALA J 146 73.60 4.12 90.08
N ARG J 147 74.77 4.68 90.34
CA ARG J 147 75.48 5.42 89.28
C ARG J 147 76.26 4.50 88.36
N GLU J 148 76.60 3.30 88.82
CA GLU J 148 77.43 2.37 88.05
C GLU J 148 76.61 1.34 87.28
N ILE J 149 75.28 1.35 87.43
CA ILE J 149 74.45 0.35 86.75
C ILE J 149 74.61 0.44 85.24
N PRO J 150 74.61 1.62 84.61
CA PRO J 150 74.75 1.65 83.14
C PRO J 150 76.02 0.99 82.63
N ASP J 151 77.12 1.09 83.38
CA ASP J 151 78.34 0.42 82.97
C ASP J 151 78.16 -1.09 82.91
N VAL J 152 77.48 -1.65 83.93
CA VAL J 152 77.24 -3.09 83.95
C VAL J 152 76.31 -3.49 82.82
N ILE J 153 75.31 -2.66 82.51
CA ILE J 153 74.43 -2.95 81.39
C ILE J 153 75.20 -2.93 80.08
N ALA J 154 76.11 -1.97 79.93
CA ALA J 154 76.94 -1.95 78.73
C ALA J 154 77.82 -3.19 78.63
N GLN J 155 78.35 -3.65 79.77
CA GLN J 155 79.11 -4.89 79.78
C GLN J 155 78.25 -6.08 79.34
N ALA J 156 77.02 -6.15 79.84
CA ALA J 156 76.13 -7.26 79.47
C ALA J 156 75.79 -7.22 77.99
N LEU J 157 75.52 -6.02 77.45
CA LEU J 157 75.31 -5.89 76.03
C LEU J 157 76.53 -6.34 75.26
N SER J 158 77.73 -5.98 75.73
CA SER J 158 78.95 -6.44 75.11
C SER J 158 79.03 -7.96 75.12
N GLU J 159 78.60 -8.60 76.21
CA GLU J 159 78.67 -10.06 76.25
C GLU J 159 77.72 -10.71 75.25
N LEU J 160 76.43 -10.35 75.30
CA LEU J 160 75.47 -10.84 74.32
C LEU J 160 75.99 -10.63 72.90
N ARG J 161 76.44 -9.41 72.65
CA ARG J 161 76.73 -8.91 71.32
C ARG J 161 78.09 -9.38 70.83
N LEU J 162 78.93 -9.84 71.76
CA LEU J 162 80.04 -10.72 71.41
C LEU J 162 79.52 -12.09 71.00
N ALA J 163 78.62 -12.67 71.81
CA ALA J 163 78.17 -14.03 71.57
C ALA J 163 77.48 -14.16 70.22
N GLY J 164 76.99 -13.06 69.66
CA GLY J 164 76.51 -13.08 68.30
C GLY J 164 75.01 -12.96 68.14
N VAL J 165 74.29 -12.56 69.17
CA VAL J 165 72.85 -12.41 69.10
C VAL J 165 72.50 -11.02 68.60
N ASP J 166 71.41 -10.94 67.85
CA ASP J 166 70.97 -9.68 67.26
C ASP J 166 69.51 -9.37 67.63
N GLY J 167 68.95 -8.34 67.02
CA GLY J 167 67.60 -7.93 67.30
C GLY J 167 67.54 -6.93 68.44
N PRO J 168 66.39 -6.28 68.61
CA PRO J 168 66.29 -5.26 69.66
C PRO J 168 66.59 -5.86 71.03
N TYR J 169 67.30 -5.10 71.86
CA TYR J 169 67.66 -5.51 73.20
C TYR J 169 66.78 -4.78 74.21
N SER J 170 66.53 -5.45 75.33
CA SER J 170 65.59 -4.94 76.33
C SER J 170 66.14 -5.23 77.73
N VAL J 171 65.85 -4.32 78.65
CA VAL J 171 66.30 -4.41 80.03
C VAL J 171 65.06 -4.52 80.91
N LEU J 172 65.00 -5.59 81.69
CA LEU J 172 63.95 -5.80 82.68
C LEU J 172 64.57 -5.57 84.05
N LEU J 173 64.01 -4.62 84.80
CA LEU J 173 64.56 -4.23 86.09
C LEU J 173 63.61 -4.60 87.22
N SER J 174 64.20 -4.90 88.38
CA SER J 174 63.43 -5.29 89.55
C SER J 174 62.69 -4.08 90.10
N ALA J 175 61.80 -4.30 91.06
CA ALA J 175 61.12 -3.19 91.71
C ALA J 175 62.11 -2.32 92.47
N GLU J 176 63.00 -2.94 93.25
CA GLU J 176 63.94 -2.18 94.07
C GLU J 176 64.95 -1.45 93.20
N THR J 177 65.40 -2.08 92.11
CA THR J 177 66.35 -1.44 91.22
C THR J 177 65.70 -0.32 90.40
N TYR J 178 64.48 -0.54 89.93
CA TYR J 178 63.77 0.49 89.19
C TYR J 178 63.46 1.71 90.06
N THR J 179 63.03 1.48 91.30
CA THR J 179 62.86 2.59 92.24
C THR J 179 64.16 3.36 92.41
N LYS J 180 65.28 2.64 92.51
CA LYS J 180 66.56 3.30 92.70
C LYS J 180 66.92 4.17 91.50
N VAL J 181 66.87 3.59 90.31
CA VAL J 181 67.26 4.35 89.12
C VAL J 181 66.29 5.48 88.85
N SER J 182 65.04 5.34 89.28
CA SER J 182 64.07 6.41 89.07
C SER J 182 64.30 7.57 90.04
N GLU J 183 64.38 7.28 91.34
CA GLU J 183 64.59 8.34 92.32
C GLU J 183 65.94 9.02 92.11
N THR J 184 66.98 8.23 91.86
CA THR J 184 68.30 8.80 91.65
C THR J 184 68.34 9.59 90.34
N THR J 185 69.11 10.68 90.34
CA THR J 185 69.18 11.59 89.22
C THR J 185 70.62 12.01 88.99
N ALA J 186 70.90 12.46 87.76
CA ALA J 186 72.23 12.94 87.40
C ALA J 186 72.11 13.92 86.25
N HIS J 187 72.74 15.08 86.39
CA HIS J 187 72.73 16.12 85.36
C HIS J 187 71.31 16.49 84.94
N GLY J 188 70.37 16.37 85.88
CA GLY J 188 68.99 16.70 85.58
C GLY J 188 68.22 15.65 84.83
N TYR J 189 68.71 14.42 84.76
CA TYR J 189 67.96 13.30 84.21
C TYR J 189 68.07 12.08 85.13
N PRO J 190 67.04 11.26 85.24
CA PRO J 190 67.15 10.03 86.03
C PRO J 190 68.14 9.04 85.46
N ILE J 191 68.69 8.25 86.37
CA ILE J 191 69.58 7.17 85.97
C ILE J 191 68.84 6.19 85.08
N ARG J 192 67.51 6.10 85.22
CA ARG J 192 66.73 5.26 84.32
C ARG J 192 66.79 5.76 82.87
N GLU J 193 66.68 7.07 82.67
CA GLU J 193 66.86 7.61 81.32
C GLU J 193 68.29 7.38 80.85
N HIS J 194 69.26 7.55 81.74
CA HIS J 194 70.63 7.19 81.40
C HIS J 194 70.71 5.77 80.84
N ILE J 195 70.07 4.82 81.51
CA ILE J 195 70.05 3.44 81.04
C ILE J 195 69.36 3.35 79.68
N ASN J 196 68.18 3.96 79.56
CA ASN J 196 67.39 3.87 78.34
C ASN J 196 68.20 4.33 77.13
N ARG J 197 69.07 5.31 77.32
CA ARG J 197 69.83 5.87 76.20
C ARG J 197 70.60 4.80 75.44
N LEU J 198 70.99 3.71 76.08
CA LEU J 198 71.87 2.72 75.47
C LEU J 198 71.12 1.75 74.56
N VAL J 199 70.03 1.19 75.04
CA VAL J 199 69.35 0.10 74.34
C VAL J 199 68.49 0.66 73.21
N ASP J 200 68.11 -0.23 72.29
CA ASP J 200 67.22 0.10 71.19
C ASP J 200 65.77 -0.25 71.51
N GLY J 201 65.52 -1.14 72.46
CA GLY J 201 64.18 -1.56 72.78
C GLY J 201 63.52 -0.73 73.86
N GLU J 202 63.12 -1.36 74.95
CA GLU J 202 62.36 -0.70 76.00
C GLU J 202 62.92 -1.07 77.36
N ILE J 203 62.58 -0.26 78.36
CA ILE J 203 62.87 -0.55 79.76
C ILE J 203 61.58 -1.08 80.39
N ILE J 204 61.66 -2.20 81.09
CA ILE J 204 60.48 -2.91 81.58
C ILE J 204 60.56 -3.10 83.10
N TRP J 205 59.41 -2.94 83.75
CA TRP J 205 59.22 -3.27 85.16
C TRP J 205 59.14 -4.77 85.34
N ALA J 206 59.92 -5.30 86.27
CA ALA J 206 59.84 -6.72 86.63
C ALA J 206 59.82 -6.88 88.14
N PRO J 207 58.72 -6.57 88.82
CA PRO J 207 58.74 -6.61 90.29
C PRO J 207 58.97 -7.99 90.84
N ALA J 208 58.42 -9.00 90.17
CA ALA J 208 58.52 -10.38 90.62
C ALA J 208 59.95 -10.86 90.64
N ILE J 209 60.75 -10.47 89.65
CA ILE J 209 62.11 -10.95 89.53
C ILE J 209 62.99 -10.20 90.52
N ASP J 210 64.19 -10.71 90.76
CA ASP J 210 65.16 -10.09 91.67
C ASP J 210 66.45 -9.86 90.89
N GLY J 211 66.84 -8.60 90.76
CA GLY J 211 68.04 -8.25 90.04
C GLY J 211 67.76 -7.46 88.78
N ALA J 212 68.32 -7.90 87.67
CA ALA J 212 68.08 -7.26 86.37
C ALA J 212 68.40 -8.26 85.27
N PHE J 213 67.86 -8.00 84.08
CA PHE J 213 68.07 -8.91 82.95
C PHE J 213 68.18 -8.10 81.68
N VAL J 214 69.19 -8.41 80.85
CA VAL J 214 69.32 -7.80 79.53
C VAL J 214 69.20 -8.92 78.50
N LEU J 215 68.21 -8.82 77.61
CA LEU J 215 67.95 -9.93 76.70
C LEU J 215 67.53 -9.43 75.33
N SER J 216 67.69 -10.30 74.34
CA SER J 216 67.30 -10.00 72.97
C SER J 216 65.83 -10.35 72.75
N THR J 217 65.21 -9.65 71.80
CA THR J 217 63.81 -9.87 71.44
C THR J 217 63.65 -10.15 69.96
N ARG J 218 64.69 -10.70 69.33
CA ARG J 218 64.57 -11.07 67.92
C ARG J 218 63.45 -12.09 67.72
N GLY J 219 63.33 -13.05 68.63
CA GLY J 219 62.31 -14.07 68.54
C GLY J 219 62.87 -15.46 68.42
N GLY J 220 62.12 -16.46 68.86
CA GLY J 220 62.53 -17.85 68.75
C GLY J 220 63.43 -18.35 69.86
N ASP J 221 63.62 -17.59 70.93
CA ASP J 221 64.48 -17.98 72.03
C ASP J 221 63.72 -18.31 73.31
N PHE J 222 62.55 -17.73 73.54
CA PHE J 222 61.76 -18.01 74.72
C PHE J 222 60.32 -18.29 74.29
N ASP J 223 59.69 -19.28 74.93
CA ASP J 223 58.34 -19.69 74.58
C ASP J 223 57.53 -19.90 75.85
N LEU J 224 56.46 -19.12 76.02
CA LEU J 224 55.52 -19.31 77.11
C LEU J 224 54.31 -20.06 76.56
N GLN J 225 54.19 -21.34 76.89
CA GLN J 225 53.10 -22.16 76.40
C GLN J 225 51.94 -22.11 77.38
N LEU J 226 50.76 -21.77 76.86
CA LEU J 226 49.53 -21.68 77.65
C LEU J 226 48.55 -22.73 77.17
N GLY J 227 47.97 -23.47 78.10
CA GLY J 227 46.86 -24.34 77.76
C GLY J 227 45.56 -23.57 77.81
N THR J 228 45.35 -22.85 78.90
CA THR J 228 44.23 -21.93 79.05
C THR J 228 44.74 -20.65 79.69
N ASP J 229 44.25 -19.52 79.19
CA ASP J 229 44.69 -18.22 79.69
C ASP J 229 44.07 -17.97 81.05
N VAL J 230 44.31 -16.78 81.61
CA VAL J 230 43.81 -16.45 82.93
C VAL J 230 42.29 -16.49 82.92
N SER J 231 41.71 -17.14 83.91
CA SER J 231 40.25 -17.26 84.03
C SER J 231 39.85 -17.11 85.49
N ILE J 232 38.61 -16.71 85.72
CA ILE J 232 38.06 -16.53 87.07
C ILE J 232 36.91 -17.49 87.25
N GLY J 233 36.92 -18.20 88.38
CA GLY J 233 35.91 -19.21 88.65
C GLY J 233 35.26 -19.08 90.01
N TYR J 234 34.37 -20.02 90.33
CA TYR J 234 33.58 -20.00 91.55
C TYR J 234 33.69 -21.34 92.26
N LEU J 235 33.92 -21.32 93.57
CA LEU J 235 33.97 -22.55 94.35
C LEU J 235 32.72 -22.74 95.21
N SER J 236 32.40 -21.76 96.06
CA SER J 236 31.27 -21.87 96.96
C SER J 236 30.87 -20.45 97.37
N HIS J 237 29.81 -20.35 98.19
CA HIS J 237 29.30 -19.05 98.59
C HIS J 237 28.59 -19.20 99.94
N ASP J 238 28.32 -18.05 100.55
CA ASP J 238 27.73 -17.99 101.88
C ASP J 238 26.77 -16.80 101.89
N ALA J 239 26.09 -16.60 103.01
CA ALA J 239 25.16 -15.47 103.14
C ALA J 239 25.88 -14.13 103.06
N GLU J 240 27.20 -14.10 103.20
CA GLU J 240 27.95 -12.85 103.24
C GLU J 240 29.02 -12.75 102.17
N VAL J 241 29.62 -13.86 101.76
CA VAL J 241 30.79 -13.84 100.89
C VAL J 241 30.64 -14.87 99.78
N VAL J 242 31.49 -14.73 98.75
CA VAL J 242 31.61 -15.71 97.68
C VAL J 242 33.09 -15.99 97.51
N HIS J 243 33.44 -17.27 97.32
CA HIS J 243 34.83 -17.68 97.13
C HIS J 243 35.07 -17.95 95.65
N LEU J 244 36.06 -17.26 95.09
CA LEU J 244 36.42 -17.35 93.69
C LEU J 244 37.91 -17.69 93.59
N TYR J 245 38.36 -17.97 92.36
CA TYR J 245 39.77 -18.26 92.14
C TYR J 245 40.16 -17.74 90.77
N MET J 246 41.44 -17.40 90.62
CA MET J 246 42.03 -17.07 89.34
C MET J 246 42.98 -18.20 88.94
N GLU J 247 42.81 -18.70 87.73
CA GLU J 247 43.44 -19.93 87.28
C GLU J 247 44.14 -19.73 85.94
N GLU J 248 45.30 -20.36 85.79
CA GLU J 248 45.95 -20.41 84.49
C GLU J 248 46.87 -21.62 84.40
N THR J 249 46.89 -22.26 83.23
CA THR J 249 47.71 -23.44 83.00
C THR J 249 48.81 -23.11 81.99
N MET J 250 50.07 -23.29 82.41
CA MET J 250 51.18 -22.77 81.64
C MET J 250 52.43 -23.62 81.83
N THR J 251 53.41 -23.35 80.97
CA THR J 251 54.79 -23.78 81.15
C THR J 251 55.67 -22.84 80.35
N PHE J 252 56.97 -22.87 80.63
CA PHE J 252 57.94 -21.99 79.99
C PHE J 252 59.12 -22.79 79.48
N LEU J 253 59.62 -22.41 78.30
CA LEU J 253 60.77 -23.06 77.69
C LEU J 253 61.76 -22.00 77.18
N CYS J 254 63.04 -22.24 77.43
CA CYS J 254 64.12 -21.43 76.88
C CYS J 254 64.92 -22.30 75.91
N TYR J 255 65.13 -21.81 74.70
CA TYR J 255 65.83 -22.55 73.66
C TYR J 255 67.24 -22.04 73.41
N THR J 256 67.43 -20.72 73.47
CA THR J 256 68.74 -20.11 73.22
C THR J 256 69.29 -19.62 74.55
N ALA J 257 70.40 -20.21 74.99
CA ALA J 257 70.99 -19.84 76.27
C ALA J 257 71.85 -18.59 76.19
N GLU J 258 72.18 -18.15 74.97
CA GLU J 258 73.09 -17.03 74.78
C GLU J 258 72.38 -15.71 74.48
N ALA J 259 71.06 -15.66 74.57
CA ALA J 259 70.29 -14.47 74.22
C ALA J 259 69.93 -13.62 75.44
N SER J 260 70.50 -13.92 76.60
CA SER J 260 70.16 -13.19 77.82
C SER J 260 71.39 -13.10 78.72
N VAL J 261 71.39 -12.09 79.58
CA VAL J 261 72.42 -11.88 80.58
C VAL J 261 71.70 -11.50 81.87
N ALA J 262 72.11 -12.11 82.98
CA ALA J 262 71.47 -11.92 84.26
C ALA J 262 72.40 -11.13 85.19
N LEU J 263 71.81 -10.23 85.97
CA LEU J 263 72.53 -9.44 86.95
C LEU J 263 71.88 -9.66 88.31
N THR J 264 72.69 -10.12 89.26
CA THR J 264 72.19 -10.50 90.57
C THR J 264 72.39 -9.36 91.57
N PRO J 265 71.46 -9.19 92.54
CA PRO J 265 71.58 -8.10 93.51
C PRO J 265 72.89 -8.14 94.29
N ASN K 2 12.48 -27.71 85.39
CA ASN K 2 11.57 -28.72 85.90
C ASN K 2 11.98 -29.16 87.30
N ASN K 3 11.31 -30.18 87.83
CA ASN K 3 11.54 -30.62 89.20
C ASN K 3 12.88 -31.31 89.38
N LEU K 4 13.57 -31.65 88.29
CA LEU K 4 14.89 -32.29 88.42
C LEU K 4 15.90 -31.31 89.01
N TYR K 5 15.79 -30.03 88.66
CA TYR K 5 16.72 -29.01 89.14
C TYR K 5 18.15 -29.32 88.71
N ARG K 6 18.32 -29.72 87.45
CA ARG K 6 19.66 -29.99 86.93
C ARG K 6 20.45 -28.72 86.69
N ASP K 7 19.78 -27.60 86.36
CA ASP K 7 20.49 -26.35 86.11
C ASP K 7 21.26 -25.88 87.34
N LEU K 8 20.90 -26.36 88.52
CA LEU K 8 21.57 -25.95 89.75
C LEU K 8 22.74 -26.85 90.11
N ALA K 9 22.97 -27.94 89.37
CA ALA K 9 24.03 -28.86 89.73
C ALA K 9 25.37 -28.40 89.12
N PRO K 10 26.49 -28.59 89.83
CA PRO K 10 27.81 -28.22 89.28
C PRO K 10 28.35 -29.29 88.34
N ILE K 11 27.65 -29.50 87.23
CA ILE K 11 28.02 -30.53 86.26
C ILE K 11 27.90 -29.93 84.86
N THR K 12 28.85 -30.25 84.00
CA THR K 12 28.88 -29.73 82.64
C THR K 12 28.01 -30.59 81.71
N GLU K 13 27.78 -30.07 80.51
CA GLU K 13 26.95 -30.77 79.54
C GLU K 13 27.59 -32.10 79.15
N SER K 14 28.90 -32.10 78.95
CA SER K 14 29.58 -33.33 78.55
C SER K 14 29.47 -34.41 79.63
N ALA K 15 29.67 -34.04 80.89
CA ALA K 15 29.55 -35.01 81.97
C ALA K 15 28.11 -35.48 82.12
N TRP K 16 27.15 -34.58 81.94
CA TRP K 16 25.75 -34.99 81.94
C TRP K 16 25.48 -36.03 80.87
N ALA K 17 26.00 -35.79 79.66
CA ALA K 17 25.82 -36.74 78.57
C ALA K 17 26.45 -38.08 78.89
N GLU K 18 27.66 -38.07 79.45
CA GLU K 18 28.33 -39.32 79.80
C GLU K 18 27.51 -40.09 80.82
N ILE K 19 27.02 -39.42 81.86
CA ILE K 19 26.25 -40.09 82.90
C ILE K 19 24.97 -40.67 82.31
N GLU K 20 24.27 -39.88 81.50
CA GLU K 20 23.03 -40.37 80.89
C GLU K 20 23.29 -41.60 80.03
N LEU K 21 24.33 -41.55 79.21
CA LEU K 21 24.65 -42.67 78.33
C LEU K 21 24.98 -43.92 79.15
N GLU K 22 25.80 -43.76 80.19
CA GLU K 22 26.18 -44.91 81.00
C GLU K 22 24.99 -45.52 81.71
N ALA K 23 24.09 -44.69 82.26
CA ALA K 23 22.92 -45.23 82.93
C ALA K 23 21.98 -45.91 81.94
N THR K 24 21.76 -45.30 80.78
CA THR K 24 20.86 -45.89 79.79
C THR K 24 21.38 -47.25 79.34
N ARG K 25 22.68 -47.35 79.05
CA ARG K 25 23.24 -48.60 78.58
C ARG K 25 23.04 -49.71 79.61
N THR K 26 23.37 -49.43 80.87
CA THR K 26 23.27 -50.45 81.90
C THR K 26 21.83 -50.86 82.16
N PHE K 27 20.91 -49.89 82.20
CA PHE K 27 19.51 -50.22 82.42
C PHE K 27 18.96 -51.07 81.27
N LYS K 28 19.26 -50.69 80.03
CA LYS K 28 18.79 -51.45 78.88
C LYS K 28 19.41 -52.84 78.86
N ARG K 29 20.62 -52.98 79.43
CA ARG K 29 21.21 -54.31 79.57
C ARG K 29 20.45 -55.14 80.58
N HIS K 30 20.16 -54.59 81.76
CA HIS K 30 19.67 -55.36 82.88
C HIS K 30 18.15 -55.49 82.90
N ILE K 31 17.44 -54.84 81.99
CA ILE K 31 15.97 -54.85 81.98
C ILE K 31 15.49 -55.93 81.02
N ALA K 32 14.43 -56.64 81.41
CA ALA K 32 13.88 -57.74 80.63
C ALA K 32 12.39 -57.64 80.36
N GLY K 33 11.60 -57.17 81.33
CA GLY K 33 10.15 -57.17 81.14
C GLY K 33 9.71 -56.30 79.99
N ARG K 34 10.40 -55.19 79.76
CA ARG K 34 10.06 -54.28 78.67
C ARG K 34 10.14 -54.94 77.30
N ARG K 35 10.85 -56.05 77.18
CA ARG K 35 10.97 -56.77 75.93
C ARG K 35 9.84 -57.75 75.68
N VAL K 36 9.00 -58.03 76.68
CA VAL K 36 7.95 -59.02 76.53
C VAL K 36 6.60 -58.48 77.02
N VAL K 37 6.56 -57.21 77.43
CA VAL K 37 5.32 -56.61 77.89
C VAL K 37 5.05 -55.34 77.10
N ASP K 38 3.78 -55.12 76.78
CA ASP K 38 3.37 -53.86 76.14
C ASP K 38 3.62 -52.71 77.10
N VAL K 39 4.09 -51.59 76.55
CA VAL K 39 4.43 -50.41 77.33
C VAL K 39 3.54 -49.26 76.89
N SER K 40 2.80 -48.70 77.83
CA SER K 40 2.01 -47.49 77.59
C SER K 40 2.91 -46.29 77.85
N GLY K 41 3.26 -45.57 76.80
CA GLY K 41 4.23 -44.50 76.89
C GLY K 41 3.89 -43.51 77.98
N PRO K 42 4.87 -42.67 78.35
CA PRO K 42 4.63 -41.70 79.43
C PRO K 42 3.43 -40.83 79.12
N ASN K 43 2.53 -40.71 80.11
CA ASN K 43 1.34 -39.88 79.98
C ASN K 43 1.49 -38.54 80.69
N GLY K 44 2.65 -38.26 81.28
CA GLY K 44 2.91 -36.98 81.89
C GLY K 44 2.95 -37.04 83.40
N PRO K 45 3.55 -36.03 84.03
CA PRO K 45 3.61 -36.01 85.50
C PRO K 45 2.24 -35.90 86.16
N THR K 46 1.23 -35.41 85.43
CA THR K 46 -0.10 -35.30 85.99
C THR K 46 -0.80 -36.64 86.16
N THR K 47 -0.29 -37.71 85.55
CA THR K 47 -0.91 -39.01 85.63
C THR K 47 -0.62 -39.65 86.99
N ALA K 48 -1.67 -40.14 87.64
CA ALA K 48 -1.54 -40.71 88.98
C ALA K 48 -2.15 -42.10 89.12
N SER K 49 -3.07 -42.50 88.24
CA SER K 49 -3.73 -43.78 88.39
C SER K 49 -4.21 -44.26 87.02
N VAL K 50 -4.52 -45.55 86.95
CA VAL K 50 -5.01 -46.19 85.73
C VAL K 50 -6.38 -46.80 86.03
N SER K 51 -7.40 -46.38 85.29
CA SER K 51 -8.74 -46.90 85.48
C SER K 51 -8.79 -48.36 85.06
N THR K 52 -9.59 -49.16 85.78
CA THR K 52 -9.80 -50.55 85.40
C THR K 52 -11.16 -50.79 84.77
N GLY K 53 -12.07 -49.81 84.84
CA GLY K 53 -13.40 -49.98 84.30
C GLY K 53 -14.35 -50.76 85.16
N HIS K 54 -13.91 -51.20 86.34
CA HIS K 54 -14.75 -51.94 87.27
C HIS K 54 -15.40 -50.99 88.27
N LEU K 55 -16.40 -51.52 88.97
CA LEU K 55 -17.16 -50.76 89.96
C LEU K 55 -17.10 -51.47 91.30
N LEU K 56 -17.15 -50.70 92.38
CA LEU K 56 -17.14 -51.22 93.74
C LEU K 56 -18.37 -50.71 94.48
N ASP K 57 -18.98 -51.59 95.27
CA ASP K 57 -20.17 -51.23 96.01
C ASP K 57 -19.82 -50.31 97.16
N VAL K 58 -20.73 -49.39 97.47
CA VAL K 58 -20.52 -48.38 98.51
C VAL K 58 -21.86 -47.96 99.08
N SER K 59 -21.83 -47.53 100.34
CA SER K 59 -23.05 -47.14 101.03
C SER K 59 -23.68 -45.94 100.32
N PRO K 60 -25.00 -45.93 100.11
CA PRO K 60 -25.61 -44.84 99.36
C PRO K 60 -25.67 -43.57 100.19
N PRO K 61 -25.70 -42.39 99.56
CA PRO K 61 -25.98 -41.17 100.32
C PRO K 61 -27.33 -41.17 101.00
N GLY K 62 -28.33 -41.77 100.37
CA GLY K 62 -29.67 -41.72 100.91
C GLY K 62 -30.58 -42.73 100.26
N ASP K 63 -31.87 -42.59 100.54
CA ASP K 63 -32.85 -43.56 100.06
C ASP K 63 -33.08 -43.41 98.57
N GLY K 64 -33.32 -44.54 97.91
CA GLY K 64 -33.61 -44.54 96.49
C GLY K 64 -32.41 -44.25 95.60
N VAL K 65 -31.20 -44.36 96.13
CA VAL K 65 -29.98 -44.04 95.41
C VAL K 65 -29.05 -45.25 95.45
N ILE K 66 -28.50 -45.60 94.30
CA ILE K 66 -27.53 -46.69 94.17
C ILE K 66 -26.19 -46.06 93.86
N ALA K 67 -25.18 -46.39 94.67
CA ALA K 67 -23.86 -45.78 94.58
C ALA K 67 -22.80 -46.83 94.30
N HIS K 68 -21.86 -46.49 93.41
CA HIS K 68 -20.74 -47.35 93.08
C HIS K 68 -19.49 -46.49 92.90
N LEU K 69 -18.35 -47.05 93.28
CA LEU K 69 -17.07 -46.36 93.14
C LEU K 69 -16.28 -46.93 91.97
N ARG K 70 -15.70 -46.04 91.19
CA ARG K 70 -14.84 -46.45 90.09
C ARG K 70 -13.50 -46.94 90.62
N ASP K 71 -12.96 -47.97 89.97
CA ASP K 71 -11.76 -48.65 90.46
C ASP K 71 -10.54 -48.25 89.64
N ALA K 72 -9.47 -47.89 90.34
CA ALA K 72 -8.25 -47.45 89.70
C ALA K 72 -7.05 -48.04 90.42
N LYS K 73 -5.96 -48.19 89.67
CA LYS K 73 -4.70 -48.69 90.18
C LYS K 73 -3.74 -47.52 90.33
N PRO K 74 -3.23 -47.24 91.53
CA PRO K 74 -2.31 -46.11 91.69
C PRO K 74 -0.93 -46.41 91.11
N LEU K 75 -0.23 -45.34 90.79
CA LEU K 75 1.14 -45.41 90.29
C LEU K 75 2.11 -45.19 91.45
N VAL K 76 3.25 -45.88 91.39
CA VAL K 76 4.26 -45.81 92.44
C VAL K 76 5.53 -45.22 91.84
N ARG K 77 6.17 -44.33 92.60
CA ARG K 77 7.40 -43.68 92.19
C ARG K 77 8.58 -44.33 92.89
N LEU K 78 9.56 -44.78 92.11
CA LEU K 78 10.76 -45.41 92.63
C LEU K 78 11.93 -44.45 92.41
N ARG K 79 12.64 -44.16 93.49
CA ARG K 79 13.78 -43.24 93.47
C ARG K 79 14.99 -43.94 94.11
N VAL K 80 16.09 -43.97 93.38
CA VAL K 80 17.33 -44.59 93.86
C VAL K 80 18.41 -43.51 93.90
N PRO K 81 18.93 -43.14 95.08
CA PRO K 81 19.95 -42.11 95.14
C PRO K 81 21.36 -42.68 94.99
N PHE K 82 22.26 -41.83 94.51
CA PHE K 82 23.67 -42.17 94.39
C PHE K 82 24.50 -40.89 94.45
N THR K 83 25.81 -41.06 94.59
CA THR K 83 26.74 -39.97 94.80
C THR K 83 27.84 -40.02 93.76
N VAL K 84 28.25 -38.84 93.28
CA VAL K 84 29.28 -38.74 92.25
C VAL K 84 30.35 -37.75 92.71
N ALA K 85 31.56 -37.94 92.19
CA ALA K 85 32.70 -37.13 92.60
C ALA K 85 32.95 -35.97 91.64
N ARG K 86 33.08 -34.78 92.21
CA ARG K 86 33.32 -33.58 91.42
C ARG K 86 34.64 -33.62 90.68
N ARG K 87 35.63 -34.36 91.16
CA ARG K 87 36.88 -34.52 90.43
C ARG K 87 36.67 -35.29 89.13
N ASP K 88 35.95 -36.42 89.18
CA ASP K 88 35.61 -37.14 87.97
C ASP K 88 34.74 -36.30 87.05
N ILE K 89 33.84 -35.50 87.62
CA ILE K 89 33.05 -34.60 86.78
C ILE K 89 33.93 -33.60 86.06
N ASP K 90 34.87 -32.99 86.78
CA ASP K 90 35.69 -31.93 86.19
C ASP K 90 36.66 -32.47 85.16
N ASP K 91 37.15 -33.69 85.37
CA ASP K 91 38.15 -34.24 84.43
C ASP K 91 37.61 -34.37 83.02
N VAL K 92 36.29 -34.45 82.85
CA VAL K 92 35.73 -34.68 81.52
C VAL K 92 36.08 -33.54 80.58
N GLU K 93 35.92 -32.30 81.04
CA GLU K 93 36.20 -31.15 80.18
C GLU K 93 37.67 -31.06 79.82
N ARG K 94 38.54 -31.78 80.53
CA ARG K 94 39.95 -31.89 80.20
C ARG K 94 40.24 -33.01 79.20
N GLY K 95 39.22 -33.48 78.49
CA GLY K 95 39.41 -34.58 77.57
C GLY K 95 39.72 -35.90 78.23
N SER K 96 39.24 -36.11 79.46
CA SER K 96 39.38 -37.39 80.13
C SER K 96 38.20 -38.28 79.78
N GLN K 97 38.50 -39.54 79.48
CA GLN K 97 37.48 -40.53 79.13
C GLN K 97 37.71 -41.87 79.81
N ASP K 98 38.18 -41.85 81.07
CA ASP K 98 38.19 -43.03 81.92
C ASP K 98 37.52 -42.75 83.26
N SER K 99 36.61 -41.78 83.32
CA SER K 99 36.01 -41.37 84.58
C SER K 99 35.16 -42.50 85.17
N ASP K 100 35.07 -42.51 86.50
CA ASP K 100 34.37 -43.56 87.23
C ASP K 100 32.88 -43.22 87.31
N TRP K 101 32.04 -44.12 86.80
CA TRP K 101 30.58 -43.99 86.85
C TRP K 101 29.96 -45.22 87.48
N ASP K 102 30.73 -45.92 88.31
CA ASP K 102 30.24 -47.14 88.96
C ASP K 102 29.00 -46.90 89.81
N PRO K 103 28.91 -45.83 90.62
CA PRO K 103 27.65 -45.59 91.33
C PRO K 103 26.47 -45.42 90.39
N VAL K 104 26.68 -44.77 89.24
CA VAL K 104 25.61 -44.65 88.26
C VAL K 104 25.17 -46.02 87.79
N LYS K 105 26.13 -46.88 87.45
CA LYS K 105 25.78 -48.21 86.96
C LYS K 105 25.05 -49.01 88.04
N ASP K 106 25.51 -48.91 89.29
CA ASP K 106 24.86 -49.65 90.37
C ASP K 106 23.43 -49.17 90.59
N ALA K 107 23.20 -47.86 90.56
CA ALA K 107 21.85 -47.35 90.73
C ALA K 107 20.95 -47.80 89.58
N ALA K 108 21.46 -47.77 88.35
CA ALA K 108 20.67 -48.25 87.23
C ALA K 108 20.32 -49.73 87.39
N LYS K 109 21.29 -50.54 87.83
CA LYS K 109 21.02 -51.95 88.06
C LYS K 109 19.94 -52.13 89.12
N LYS K 110 20.03 -51.36 90.21
CA LYS K 110 19.05 -51.47 91.28
C LYS K 110 17.66 -51.12 90.80
N LEU K 111 17.53 -50.04 90.03
CA LEU K 111 16.22 -49.64 89.52
C LEU K 111 15.66 -50.68 88.57
N ALA K 112 16.50 -51.21 87.67
CA ALA K 112 16.03 -52.25 86.76
C ALA K 112 15.56 -53.48 87.53
N PHE K 113 16.31 -53.85 88.58
CA PHE K 113 15.96 -55.04 89.35
C PHE K 113 14.62 -54.85 90.06
N VAL K 114 14.42 -53.68 90.68
CA VAL K 114 13.14 -53.46 91.36
C VAL K 114 11.99 -53.46 90.36
N GLU K 115 12.19 -52.85 89.19
CA GLU K 115 11.12 -52.84 88.20
C GLU K 115 10.77 -54.25 87.75
N ASP K 116 11.80 -55.04 87.40
CA ASP K 116 11.55 -56.39 86.91
C ASP K 116 10.94 -57.27 88.00
N ARG K 117 11.39 -57.11 89.25
CA ARG K 117 10.84 -57.89 90.35
C ARG K 117 9.40 -57.52 90.65
N ALA K 118 9.03 -56.24 90.53
CA ALA K 118 7.63 -55.86 90.65
C ALA K 118 6.80 -56.46 89.51
N ILE K 119 7.35 -56.46 88.29
CA ILE K 119 6.60 -57.01 87.16
C ILE K 119 6.36 -58.51 87.35
N PHE K 120 7.39 -59.25 87.75
CA PHE K 120 7.36 -60.71 87.70
C PHE K 120 7.03 -61.37 89.03
N GLU K 121 7.05 -60.64 90.14
CA GLU K 121 6.86 -61.23 91.46
C GLU K 121 5.83 -60.50 92.30
N GLY K 122 5.65 -59.20 92.09
CA GLY K 122 4.63 -58.44 92.79
C GLY K 122 5.20 -57.50 93.83
N TYR K 123 4.60 -56.33 93.96
CA TYR K 123 4.94 -55.34 94.97
C TYR K 123 3.61 -54.98 95.65
N ALA K 124 3.31 -55.67 96.74
CA ALA K 124 1.96 -55.65 97.30
C ALA K 124 1.56 -54.25 97.75
N ALA K 125 2.46 -53.54 98.44
CA ALA K 125 2.10 -52.23 98.96
C ALA K 125 1.66 -51.28 97.86
N ALA K 126 2.15 -51.48 96.64
CA ALA K 126 1.71 -50.71 95.49
C ALA K 126 0.52 -51.35 94.79
N SER K 127 -0.10 -52.36 95.39
CA SER K 127 -1.24 -53.08 94.81
C SER K 127 -0.87 -53.74 93.49
N ILE K 128 0.40 -54.11 93.33
CA ILE K 128 0.89 -54.74 92.11
C ILE K 128 0.92 -56.24 92.33
N GLU K 129 0.05 -56.96 91.62
CA GLU K 129 0.07 -58.42 91.63
C GLU K 129 0.91 -58.90 90.44
N GLY K 130 1.92 -59.71 90.73
CA GLY K 130 2.86 -60.13 89.72
C GLY K 130 2.31 -61.20 88.81
N ILE K 131 3.07 -61.45 87.73
CA ILE K 131 2.71 -62.51 86.79
C ILE K 131 2.67 -63.86 87.47
N ARG K 132 3.60 -64.13 88.38
CA ARG K 132 3.64 -65.41 89.07
C ARG K 132 2.34 -65.70 89.81
N SER K 133 1.86 -64.73 90.59
CA SER K 133 0.62 -64.92 91.33
C SER K 133 -0.59 -64.90 90.42
N SER K 134 -0.63 -63.96 89.47
CA SER K 134 -1.80 -63.84 88.60
C SER K 134 -1.93 -65.00 87.62
N SER K 135 -0.87 -65.78 87.43
CA SER K 135 -0.94 -66.90 86.49
C SER K 135 -1.92 -67.95 86.99
N SER K 136 -2.73 -68.46 86.06
CA SER K 136 -3.70 -69.51 86.37
C SER K 136 -3.19 -70.90 86.05
N ASN K 137 -2.32 -71.03 85.05
CA ASN K 137 -1.77 -72.35 84.72
C ASN K 137 -0.91 -72.86 85.86
N PRO K 138 -0.88 -74.16 86.11
CA PRO K 138 -0.12 -74.68 87.26
C PRO K 138 1.37 -74.37 87.13
N ALA K 139 1.99 -74.09 88.27
CA ALA K 139 3.41 -73.79 88.32
C ALA K 139 4.22 -75.08 88.32
N LEU K 140 5.43 -75.00 87.77
CA LEU K 140 6.34 -76.14 87.71
C LEU K 140 7.57 -75.88 88.56
N ALA K 141 8.40 -76.91 88.70
CA ALA K 141 9.63 -76.85 89.47
C ALA K 141 10.83 -77.02 88.55
N LEU K 142 11.80 -76.13 88.69
CA LEU K 142 13.00 -76.17 87.87
C LEU K 142 13.93 -77.25 88.42
N PRO K 143 14.28 -78.28 87.65
CA PRO K 143 15.14 -79.33 88.19
C PRO K 143 16.51 -78.79 88.61
N ASP K 144 17.06 -79.41 89.65
CA ASP K 144 18.39 -79.01 90.11
C ASP K 144 19.42 -79.21 89.01
N ASP K 145 19.34 -80.32 88.28
CA ASP K 145 20.23 -80.56 87.16
C ASP K 145 19.81 -79.71 85.97
N ALA K 146 20.79 -79.41 85.10
CA ALA K 146 20.52 -78.58 83.93
C ALA K 146 20.06 -79.38 82.73
N ARG K 147 20.11 -80.71 82.79
CA ARG K 147 19.80 -81.52 81.61
C ARG K 147 18.31 -81.72 81.43
N GLU K 148 17.52 -81.59 82.49
CA GLU K 148 16.08 -81.84 82.45
C GLU K 148 15.26 -80.57 82.24
N ILE K 149 15.91 -79.41 82.19
CA ILE K 149 15.16 -78.15 82.05
C ILE K 149 14.35 -78.13 80.76
N PRO K 150 14.88 -78.55 79.60
CA PRO K 150 14.07 -78.50 78.37
C PRO K 150 12.78 -79.31 78.46
N ASP K 151 12.79 -80.43 79.18
CA ASP K 151 11.56 -81.20 79.34
C ASP K 151 10.50 -80.39 80.07
N VAL K 152 10.91 -79.69 81.13
CA VAL K 152 9.96 -78.87 81.89
C VAL K 152 9.45 -77.72 81.03
N ILE K 153 10.32 -77.13 80.21
CA ILE K 153 9.88 -76.06 79.31
C ILE K 153 8.88 -76.59 78.30
N ALA K 154 9.12 -77.80 77.78
CA ALA K 154 8.16 -78.40 76.87
C ALA K 154 6.82 -78.66 77.56
N GLN K 155 6.87 -79.08 78.82
CA GLN K 155 5.64 -79.25 79.59
C GLN K 155 4.89 -77.93 79.74
N ALA K 156 5.62 -76.85 80.04
CA ALA K 156 4.98 -75.54 80.20
C ALA K 156 4.36 -75.06 78.89
N LEU K 157 5.08 -75.26 77.78
CA LEU K 157 4.50 -74.94 76.49
C LEU K 157 3.25 -75.76 76.24
N SER K 158 3.27 -77.04 76.60
CA SER K 158 2.08 -77.87 76.48
C SER K 158 0.94 -77.30 77.30
N GLU K 159 1.22 -76.79 78.50
CA GLU K 159 0.14 -76.24 79.32
C GLU K 159 -0.47 -74.98 78.70
N LEU K 160 0.36 -73.99 78.38
CA LEU K 160 -0.12 -72.79 77.70
C LEU K 160 -0.93 -73.17 76.46
N ARG K 161 -0.36 -74.05 75.67
CA ARG K 161 -0.82 -74.35 74.33
C ARG K 161 -1.99 -75.32 74.34
N LEU K 162 -2.19 -75.99 75.47
CA LEU K 162 -3.49 -76.57 75.79
C LEU K 162 -4.50 -75.49 76.11
N ALA K 163 -4.12 -74.54 76.98
CA ALA K 163 -5.06 -73.53 77.44
C ALA K 163 -5.59 -72.69 76.29
N GLY K 164 -4.87 -72.63 75.18
CA GLY K 164 -5.39 -72.02 73.98
C GLY K 164 -4.77 -70.70 73.59
N VAL K 165 -3.62 -70.36 74.15
CA VAL K 165 -2.95 -69.11 73.83
C VAL K 165 -2.04 -69.32 72.63
N ASP K 166 -1.93 -68.27 71.81
CA ASP K 166 -1.13 -68.33 70.59
C ASP K 166 -0.10 -67.20 70.56
N GLY K 167 0.58 -67.04 69.43
CA GLY K 167 1.60 -66.04 69.26
C GLY K 167 2.96 -66.55 69.69
N PRO K 168 4.01 -65.82 69.34
CA PRO K 168 5.36 -66.28 69.67
C PRO K 168 5.52 -66.48 71.17
N TYR K 169 6.23 -67.53 71.54
CA TYR K 169 6.48 -67.86 72.94
C TYR K 169 7.93 -67.50 73.28
N SER K 170 8.13 -67.14 74.55
CA SER K 170 9.43 -66.65 75.00
C SER K 170 9.73 -67.18 76.39
N VAL K 171 11.01 -67.42 76.64
CA VAL K 171 11.49 -67.97 77.90
C VAL K 171 12.39 -66.92 78.54
N LEU K 172 12.05 -66.52 79.75
CA LEU K 172 12.86 -65.61 80.55
C LEU K 172 13.50 -66.44 81.66
N LEU K 173 14.83 -66.43 81.71
CA LEU K 173 15.57 -67.26 82.65
C LEU K 173 16.30 -66.39 83.67
N SER K 174 16.44 -66.94 84.88
CA SER K 174 17.10 -66.23 85.97
C SER K 174 18.60 -66.15 85.69
N ALA K 175 19.31 -65.37 86.50
CA ALA K 175 20.76 -65.32 86.37
C ALA K 175 21.38 -66.68 86.67
N GLU K 176 20.98 -67.30 87.77
CA GLU K 176 21.57 -68.57 88.17
C GLU K 176 21.23 -69.68 87.19
N THR K 177 20.00 -69.69 86.67
CA THR K 177 19.60 -70.69 85.69
C THR K 177 20.26 -70.47 84.34
N TYR K 178 20.37 -69.22 83.90
CA TYR K 178 21.03 -68.92 82.64
C TYR K 178 22.51 -69.27 82.69
N THR K 179 23.18 -68.94 83.79
CA THR K 179 24.57 -69.36 83.97
C THR K 179 24.68 -70.88 83.86
N LYS K 180 23.74 -71.60 84.48
CA LYS K 180 23.79 -73.06 84.45
C LYS K 180 23.64 -73.59 83.04
N VAL K 181 22.60 -73.15 82.33
CA VAL K 181 22.36 -73.67 80.99
C VAL K 181 23.47 -73.24 80.03
N SER K 182 24.11 -72.10 80.30
CA SER K 182 25.20 -71.65 79.44
C SER K 182 26.47 -72.47 79.66
N GLU K 183 26.91 -72.59 80.91
CA GLU K 183 28.12 -73.34 81.21
C GLU K 183 27.95 -74.81 80.84
N THR K 184 26.80 -75.39 81.18
CA THR K 184 26.56 -76.79 80.87
C THR K 184 26.43 -76.98 79.36
N THR K 185 26.91 -78.14 78.89
CA THR K 185 26.95 -78.43 77.47
C THR K 185 26.54 -79.88 77.23
N ALA K 186 26.09 -80.16 76.00
CA ALA K 186 25.70 -81.51 75.62
C ALA K 186 25.86 -81.66 74.13
N HIS K 187 26.53 -82.74 73.70
CA HIS K 187 26.75 -83.03 72.29
C HIS K 187 27.39 -81.86 71.56
N GLY K 188 28.20 -81.08 72.29
CA GLY K 188 28.86 -79.96 71.68
C GLY K 188 28.01 -78.72 71.51
N TYR K 189 26.86 -78.63 72.17
CA TYR K 189 26.06 -77.42 72.21
C TYR K 189 25.60 -77.14 73.64
N PRO K 190 25.49 -75.86 74.03
CA PRO K 190 24.97 -75.55 75.36
C PRO K 190 23.51 -75.95 75.54
N ILE K 191 23.18 -76.23 76.80
CA ILE K 191 21.80 -76.52 77.15
C ILE K 191 20.92 -75.33 76.83
N ARG K 192 21.48 -74.12 76.82
CA ARG K 192 20.71 -72.96 76.41
C ARG K 192 20.28 -73.04 74.95
N GLU K 193 21.19 -73.46 74.06
CA GLU K 193 20.80 -73.68 72.67
C GLU K 193 19.78 -74.80 72.58
N HIS K 194 19.97 -75.86 73.36
CA HIS K 194 18.95 -76.91 73.44
C HIS K 194 17.57 -76.31 73.74
N ILE K 195 17.50 -75.41 74.72
CA ILE K 195 16.24 -74.76 75.06
C ILE K 195 15.74 -73.92 73.88
N ASN K 196 16.62 -73.10 73.30
CA ASN K 196 16.23 -72.21 72.23
C ASN K 196 15.59 -72.97 71.07
N ARG K 197 16.05 -74.19 70.82
CA ARG K 197 15.55 -74.96 69.68
C ARG K 197 14.04 -75.11 69.70
N LEU K 198 13.41 -75.08 70.88
CA LEU K 198 11.99 -75.38 71.01
C LEU K 198 11.11 -74.19 70.66
N VAL K 199 11.40 -73.03 71.23
CA VAL K 199 10.51 -71.88 71.12
C VAL K 199 10.68 -71.19 69.77
N ASP K 200 9.70 -70.37 69.43
CA ASP K 200 9.73 -69.56 68.22
C ASP K 200 10.26 -68.15 68.47
N GLY K 201 10.20 -67.67 69.72
CA GLY K 201 10.63 -66.33 70.04
C GLY K 201 12.09 -66.23 70.41
N GLU K 202 12.37 -65.74 71.62
CA GLU K 202 13.73 -65.47 72.05
C GLU K 202 13.94 -66.00 73.46
N ILE K 203 15.22 -66.16 73.82
CA ILE K 203 15.63 -66.47 75.18
C ILE K 203 16.11 -65.17 75.82
N ILE K 204 15.62 -64.86 77.02
CA ILE K 204 15.86 -63.56 77.66
C ILE K 204 16.49 -63.75 79.03
N TRP K 205 17.44 -62.87 79.35
CA TRP K 205 18.02 -62.75 80.69
C TRP K 205 17.04 -62.06 81.62
N ALA K 206 16.81 -62.67 82.78
CA ALA K 206 16.00 -62.03 83.82
C ALA K 206 16.69 -62.16 85.17
N PRO K 207 17.74 -61.37 85.43
CA PRO K 207 18.49 -61.57 86.68
C PRO K 207 17.66 -61.26 87.91
N ALA K 208 16.79 -60.26 87.81
CA ALA K 208 15.98 -59.83 88.94
C ALA K 208 15.03 -60.91 89.39
N ILE K 209 14.46 -61.67 88.46
CA ILE K 209 13.47 -62.68 88.80
C ILE K 209 14.18 -63.90 89.33
N ASP K 210 13.44 -64.80 89.96
CA ASP K 210 13.97 -66.05 90.52
C ASP K 210 13.18 -67.20 89.91
N GLY K 211 13.88 -68.07 89.18
CA GLY K 211 13.25 -69.20 88.54
C GLY K 211 13.28 -69.12 87.04
N ALA K 212 12.13 -69.30 86.41
CA ALA K 212 12.01 -69.19 84.95
C ALA K 212 10.56 -68.91 84.60
N PHE K 213 10.34 -68.39 83.40
CA PHE K 213 8.98 -68.04 82.96
C PHE K 213 8.86 -68.33 81.48
N VAL K 214 7.77 -68.99 81.08
CA VAL K 214 7.46 -69.20 79.67
C VAL K 214 6.14 -68.49 79.38
N LEU K 215 6.16 -67.54 78.46
CA LEU K 215 4.97 -66.71 78.25
C LEU K 215 4.78 -66.38 76.78
N SER K 216 3.55 -66.02 76.44
CA SER K 216 3.20 -65.62 75.08
C SER K 216 3.45 -64.13 74.89
N THR K 217 3.71 -63.75 73.65
CA THR K 217 3.95 -62.35 73.28
C THR K 217 3.03 -61.90 72.15
N ARG K 218 1.85 -62.52 72.06
CA ARG K 218 0.88 -62.07 71.06
C ARG K 218 0.49 -60.62 71.30
N GLY K 219 0.31 -60.23 72.55
CA GLY K 219 -0.05 -58.87 72.89
C GLY K 219 -1.38 -58.77 73.60
N GLY K 220 -1.57 -57.74 74.40
CA GLY K 220 -2.82 -57.52 75.10
C GLY K 220 -2.98 -58.25 76.40
N ASP K 221 -1.93 -58.88 76.93
CA ASP K 221 -1.99 -59.62 78.17
C ASP K 221 -1.24 -58.97 79.32
N PHE K 222 -0.20 -58.18 79.05
CA PHE K 222 0.56 -57.51 80.09
C PHE K 222 0.72 -56.05 79.69
N ASP K 223 0.59 -55.15 80.67
CA ASP K 223 0.68 -53.71 80.42
C ASP K 223 1.53 -53.06 81.50
N LEU K 224 2.64 -52.45 81.09
CA LEU K 224 3.48 -51.66 81.98
C LEU K 224 3.14 -50.19 81.75
N GLN K 225 2.43 -49.59 82.70
CA GLN K 225 2.01 -48.20 82.59
C GLN K 225 3.06 -47.30 83.22
N LEU K 226 3.53 -46.32 82.46
CA LEU K 226 4.52 -45.36 82.92
C LEU K 226 3.91 -43.97 82.94
N GLY K 227 4.10 -43.25 84.04
CA GLY K 227 3.74 -41.85 84.08
C GLY K 227 4.88 -41.01 83.54
N THR K 228 6.08 -41.26 84.05
CA THR K 228 7.30 -40.66 83.55
C THR K 228 8.37 -41.74 83.46
N ASP K 229 9.14 -41.71 82.38
CA ASP K 229 10.18 -42.71 82.16
C ASP K 229 11.35 -42.44 83.10
N VAL K 230 12.42 -43.22 82.96
CA VAL K 230 13.58 -43.08 83.83
C VAL K 230 14.18 -41.69 83.64
N SER K 231 14.47 -41.02 84.75
CA SER K 231 15.05 -39.69 84.73
C SER K 231 16.11 -39.58 85.81
N ILE K 232 17.05 -38.65 85.63
CA ILE K 232 18.12 -38.42 86.59
C ILE K 232 18.00 -36.99 87.12
N GLY K 233 18.06 -36.84 88.44
CA GLY K 233 17.88 -35.56 89.08
C GLY K 233 18.98 -35.19 90.06
N TYR K 234 18.83 -34.05 90.72
CA TYR K 234 19.82 -33.49 91.62
C TYR K 234 19.16 -33.12 92.94
N LEU K 235 19.78 -33.50 94.06
CA LEU K 235 19.27 -33.13 95.37
C LEU K 235 20.11 -32.04 96.03
N SER K 236 21.41 -32.27 96.18
CA SER K 236 22.29 -31.33 96.85
C SER K 236 23.72 -31.61 96.39
N HIS K 237 24.67 -30.81 96.88
CA HIS K 237 26.05 -30.95 96.47
C HIS K 237 26.95 -30.41 97.58
N ASP K 238 28.24 -30.73 97.45
CA ASP K 238 29.24 -30.40 98.45
C ASP K 238 30.52 -30.03 97.71
N ALA K 239 31.55 -29.64 98.45
CA ALA K 239 32.83 -29.31 97.85
C ALA K 239 33.49 -30.50 97.15
N GLU K 240 33.03 -31.72 97.42
CA GLU K 240 33.66 -32.92 96.90
C GLU K 240 32.71 -33.80 96.07
N VAL K 241 31.42 -33.81 96.40
CA VAL K 241 30.49 -34.76 95.82
C VAL K 241 29.20 -34.05 95.41
N VAL K 242 28.41 -34.74 94.59
CA VAL K 242 27.06 -34.31 94.22
C VAL K 242 26.14 -35.50 94.43
N HIS K 243 24.96 -35.25 94.99
CA HIS K 243 23.97 -36.30 95.22
C HIS K 243 22.88 -36.23 94.16
N LEU K 244 22.69 -37.32 93.45
CA LEU K 244 21.72 -37.43 92.37
C LEU K 244 20.80 -38.61 92.65
N TYR K 245 19.75 -38.75 91.84
CA TYR K 245 18.82 -39.86 91.98
C TYR K 245 18.32 -40.27 90.61
N MET K 246 17.95 -41.54 90.48
CA MET K 246 17.27 -42.04 89.30
C MET K 246 15.83 -42.37 89.68
N GLU K 247 14.88 -41.86 88.91
CA GLU K 247 13.47 -41.84 89.28
C GLU K 247 12.62 -42.39 88.14
N GLU K 248 11.59 -43.14 88.49
CA GLU K 248 10.59 -43.56 87.51
C GLU K 248 9.26 -43.85 88.20
N THR K 249 8.17 -43.46 87.56
CA THR K 249 6.83 -43.66 88.10
C THR K 249 6.08 -44.67 87.22
N MET K 250 5.64 -45.77 87.83
CA MET K 250 5.15 -46.91 87.05
C MET K 250 4.10 -47.68 87.82
N THR K 251 3.44 -48.57 87.07
CA THR K 251 2.63 -49.65 87.64
C THR K 251 2.53 -50.74 86.58
N PHE K 252 2.11 -51.93 87.01
CA PHE K 252 2.02 -53.08 86.12
C PHE K 252 0.67 -53.75 86.27
N LEU K 253 0.11 -54.20 85.15
CA LEU K 253 -1.18 -54.90 85.13
C LEU K 253 -1.08 -56.15 84.27
N CYS K 254 -1.66 -57.24 84.76
CA CYS K 254 -1.82 -58.47 84.00
C CYS K 254 -3.29 -58.71 83.77
N TYR K 255 -3.67 -58.96 82.51
CA TYR K 255 -5.06 -59.13 82.13
C TYR K 255 -5.41 -60.58 81.83
N THR K 256 -4.50 -61.32 81.21
CA THR K 256 -4.71 -62.72 80.84
C THR K 256 -3.87 -63.59 81.77
N ALA K 257 -4.54 -64.39 82.59
CA ALA K 257 -3.84 -65.25 83.55
C ALA K 257 -3.32 -66.53 82.92
N GLU K 258 -3.78 -66.86 81.71
CA GLU K 258 -3.43 -68.12 81.07
C GLU K 258 -2.32 -68.00 80.03
N ALA K 259 -1.69 -66.83 79.91
CA ALA K 259 -0.68 -66.59 78.88
C ALA K 259 0.75 -66.79 79.41
N SER K 260 0.90 -67.32 80.61
CA SER K 260 2.22 -67.48 81.20
C SER K 260 2.26 -68.73 82.06
N VAL K 261 3.46 -69.27 82.24
CA VAL K 261 3.72 -70.41 83.11
C VAL K 261 4.98 -70.09 83.90
N ALA K 262 4.95 -70.35 85.20
CA ALA K 262 6.04 -70.01 86.09
C ALA K 262 6.73 -71.29 86.57
N LEU K 263 8.05 -71.24 86.67
CA LEU K 263 8.85 -72.35 87.16
C LEU K 263 9.68 -71.85 88.34
N THR K 264 9.51 -72.50 89.49
CA THR K 264 10.14 -72.06 90.72
C THR K 264 11.42 -72.84 90.98
N PRO K 265 12.44 -72.21 91.58
CA PRO K 265 13.72 -72.89 91.83
C PRO K 265 13.56 -74.15 92.67
N ASN L 2 -89.58 -13.41 -3.14
CA ASN L 2 -90.32 -13.28 -1.89
C ASN L 2 -91.82 -13.44 -2.13
N ASN L 3 -92.61 -13.19 -1.09
CA ASN L 3 -94.05 -13.39 -1.17
C ASN L 3 -94.75 -12.35 -2.03
N LEU L 4 -94.06 -11.28 -2.42
CA LEU L 4 -94.68 -10.28 -3.29
C LEU L 4 -94.95 -10.85 -4.67
N TYR L 5 -94.07 -11.72 -5.16
CA TYR L 5 -94.20 -12.32 -6.49
C TYR L 5 -94.22 -11.25 -7.57
N ARG L 6 -93.31 -10.28 -7.46
CA ARG L 6 -93.19 -9.24 -8.48
C ARG L 6 -92.56 -9.75 -9.77
N ASP L 7 -91.67 -10.74 -9.68
CA ASP L 7 -91.02 -11.26 -10.87
C ASP L 7 -92.01 -11.86 -11.85
N LEU L 8 -93.21 -12.22 -11.38
CA LEU L 8 -94.24 -12.81 -12.22
C LEU L 8 -95.15 -11.77 -12.87
N ALA L 9 -95.01 -10.49 -12.51
CA ALA L 9 -95.92 -9.48 -13.03
C ALA L 9 -95.42 -8.97 -14.38
N PRO L 10 -96.32 -8.66 -15.32
CA PRO L 10 -95.90 -8.11 -16.62
C PRO L 10 -95.64 -6.60 -16.55
N ILE L 11 -94.64 -6.23 -15.77
CA ILE L 11 -94.30 -4.82 -15.54
C ILE L 11 -92.78 -4.68 -15.64
N THR L 12 -92.33 -3.60 -16.27
CA THR L 12 -90.91 -3.35 -16.46
C THR L 12 -90.32 -2.64 -15.24
N GLU L 13 -88.99 -2.59 -15.20
CA GLU L 13 -88.30 -1.95 -14.08
C GLU L 13 -88.65 -0.47 -14.01
N SER L 14 -88.71 0.21 -15.14
CA SER L 14 -89.02 1.63 -15.14
C SER L 14 -90.42 1.90 -14.60
N ALA L 15 -91.40 1.10 -15.03
CA ALA L 15 -92.76 1.29 -14.53
C ALA L 15 -92.85 0.96 -13.05
N TRP L 16 -92.13 -0.08 -12.62
CA TRP L 16 -92.08 -0.39 -11.19
C TRP L 16 -91.53 0.80 -10.41
N ALA L 17 -90.45 1.41 -10.90
CA ALA L 17 -89.88 2.56 -10.22
C ALA L 17 -90.87 3.72 -10.17
N GLU L 18 -91.55 3.99 -11.28
CA GLU L 18 -92.53 5.07 -11.30
C GLU L 18 -93.64 4.83 -10.28
N ILE L 19 -94.16 3.60 -10.23
CA ILE L 19 -95.24 3.29 -9.30
C ILE L 19 -94.76 3.44 -7.86
N GLU L 20 -93.57 2.91 -7.56
CA GLU L 20 -93.04 3.03 -6.20
C GLU L 20 -92.86 4.48 -5.81
N LEU L 21 -92.29 5.30 -6.70
CA LEU L 21 -92.08 6.70 -6.40
C LEU L 21 -93.40 7.41 -6.15
N GLU L 22 -94.40 7.16 -7.01
CA GLU L 22 -95.68 7.84 -6.87
C GLU L 22 -96.37 7.45 -5.57
N ALA L 23 -96.32 6.16 -5.20
CA ALA L 23 -96.94 5.74 -3.94
C ALA L 23 -96.22 6.32 -2.74
N THR L 24 -94.88 6.29 -2.75
CA THR L 24 -94.11 6.82 -1.64
C THR L 24 -94.40 8.30 -1.43
N ARG L 25 -94.42 9.08 -2.51
CA ARG L 25 -94.66 10.51 -2.38
C ARG L 25 -96.03 10.77 -1.74
N THR L 26 -97.07 10.11 -2.24
CA THR L 26 -98.41 10.37 -1.74
C THR L 26 -98.56 9.93 -0.29
N PHE L 27 -98.01 8.77 0.05
CA PHE L 27 -98.10 8.30 1.43
C PHE L 27 -97.37 9.25 2.37
N LYS L 28 -96.16 9.66 2.01
CA LYS L 28 -95.41 10.58 2.86
C LYS L 28 -96.11 11.93 2.96
N ARG L 29 -96.88 12.30 1.93
CA ARG L 29 -97.69 13.51 2.03
C ARG L 29 -98.81 13.34 3.03
N HIS L 30 -99.56 12.24 2.95
CA HIS L 30 -100.81 12.09 3.68
C HIS L 30 -100.61 11.50 5.08
N ILE L 31 -99.40 11.12 5.45
CA ILE L 31 -99.14 10.49 6.75
C ILE L 31 -98.69 11.55 7.74
N ALA L 32 -99.16 11.44 8.98
CA ALA L 32 -98.86 12.41 10.03
C ALA L 32 -98.33 11.80 11.32
N GLY L 33 -98.82 10.64 11.74
CA GLY L 33 -98.41 10.09 13.01
C GLY L 33 -96.93 9.78 13.07
N ARG L 34 -96.36 9.34 11.95
CA ARG L 34 -94.95 9.00 11.88
C ARG L 34 -94.04 10.17 12.21
N ARG L 35 -94.55 11.40 12.11
CA ARG L 35 -93.78 12.60 12.41
C ARG L 35 -93.80 12.97 13.89
N VAL L 36 -94.65 12.35 14.70
CA VAL L 36 -94.78 12.70 16.10
C VAL L 36 -94.74 11.47 17.00
N VAL L 37 -94.52 10.28 16.42
CA VAL L 37 -94.46 9.06 17.20
C VAL L 37 -93.16 8.33 16.89
N ASP L 38 -92.54 7.76 17.92
CA ASP L 38 -91.37 6.93 17.72
C ASP L 38 -91.74 5.70 16.92
N VAL L 39 -90.85 5.31 16.01
CA VAL L 39 -91.07 4.19 15.10
C VAL L 39 -90.03 3.13 15.38
N SER L 40 -90.48 1.93 15.70
CA SER L 40 -89.60 0.77 15.85
C SER L 40 -89.46 0.12 14.48
N GLY L 41 -88.28 0.22 13.89
CA GLY L 41 -88.05 -0.22 12.54
C GLY L 41 -88.51 -1.64 12.29
N PRO L 42 -88.64 -2.02 11.03
CA PRO L 42 -89.13 -3.36 10.72
C PRO L 42 -88.26 -4.43 11.38
N ASN L 43 -88.92 -5.37 12.06
CA ASN L 43 -88.24 -6.47 12.73
C ASN L 43 -88.30 -7.77 11.92
N GLY L 44 -88.89 -7.75 10.74
CA GLY L 44 -88.91 -8.89 9.86
C GLY L 44 -90.27 -9.54 9.77
N PRO L 45 -90.49 -10.33 8.72
CA PRO L 45 -91.78 -11.02 8.58
C PRO L 45 -92.08 -12.01 9.68
N THR L 46 -91.06 -12.49 10.39
CA THR L 46 -91.25 -13.44 11.48
C THR L 46 -91.88 -12.80 12.71
N THR L 47 -91.90 -11.47 12.80
CA THR L 47 -92.44 -10.78 13.96
C THR L 47 -93.96 -10.80 13.92
N ALA L 48 -94.57 -11.20 15.03
CA ALA L 48 -96.02 -11.33 15.12
C ALA L 48 -96.65 -10.61 16.29
N SER L 49 -95.90 -10.29 17.33
CA SER L 49 -96.47 -9.67 18.52
C SER L 49 -95.40 -8.86 19.24
N VAL L 50 -95.85 -7.99 20.13
CA VAL L 50 -94.97 -7.15 20.94
C VAL L 50 -95.26 -7.42 22.40
N SER L 51 -94.24 -7.84 23.14
CA SER L 51 -94.41 -8.12 24.56
C SER L 51 -94.68 -6.83 25.33
N THR L 52 -95.53 -6.91 26.35
CA THR L 52 -95.77 -5.76 27.22
C THR L 52 -95.08 -5.88 28.57
N GLY L 53 -94.55 -7.06 28.91
CA GLY L 53 -93.91 -7.27 30.18
C GLY L 53 -94.85 -7.49 31.34
N HIS L 54 -96.16 -7.52 31.09
CA HIS L 54 -97.16 -7.76 32.12
C HIS L 54 -97.51 -9.23 32.18
N LEU L 55 -98.18 -9.61 33.27
CA LEU L 55 -98.59 -10.98 33.52
C LEU L 55 -100.10 -11.04 33.73
N LEU L 56 -100.69 -12.16 33.34
CA LEU L 56 -102.11 -12.40 33.49
C LEU L 56 -102.34 -13.68 34.28
N ASP L 57 -103.30 -13.64 35.20
CA ASP L 57 -103.60 -14.79 36.04
C ASP L 57 -104.27 -15.88 35.21
N VAL L 58 -103.98 -17.14 35.58
CA VAL L 58 -104.48 -18.29 34.84
C VAL L 58 -104.57 -19.48 35.79
N SER L 59 -105.50 -20.38 35.49
CA SER L 59 -105.71 -21.55 36.34
C SER L 59 -104.45 -22.41 36.37
N PRO L 60 -104.03 -22.90 37.55
CA PRO L 60 -102.78 -23.65 37.61
C PRO L 60 -102.95 -25.05 37.02
N PRO L 61 -101.87 -25.65 36.53
CA PRO L 61 -101.95 -27.07 36.16
C PRO L 61 -102.30 -27.99 37.31
N GLY L 62 -101.85 -27.68 38.51
CA GLY L 62 -102.07 -28.56 39.64
C GLY L 62 -101.78 -27.87 40.95
N ASP L 63 -101.75 -28.68 42.01
CA ASP L 63 -101.58 -28.16 43.35
C ASP L 63 -100.15 -27.65 43.57
N GLY L 64 -100.03 -26.59 44.35
CA GLY L 64 -98.73 -26.05 44.69
C GLY L 64 -98.03 -25.33 43.55
N VAL L 65 -98.76 -24.96 42.51
CA VAL L 65 -98.19 -24.32 41.33
C VAL L 65 -98.92 -23.02 41.07
N ILE L 66 -98.15 -21.96 40.83
CA ILE L 66 -98.70 -20.65 40.50
C ILE L 66 -98.39 -20.39 39.03
N ALA L 67 -99.41 -20.07 38.24
CA ALA L 67 -99.29 -19.92 36.80
C ALA L 67 -99.69 -18.51 36.38
N HIS L 68 -98.92 -17.93 35.46
CA HIS L 68 -99.21 -16.63 34.88
C HIS L 68 -98.89 -16.66 33.40
N LEU L 69 -99.67 -15.90 32.62
CA LEU L 69 -99.47 -15.80 31.18
C LEU L 69 -98.84 -14.47 30.82
N ARG L 70 -97.84 -14.52 29.93
CA ARG L 70 -97.20 -13.32 29.45
C ARG L 70 -98.13 -12.60 28.47
N ASP L 71 -98.11 -11.28 28.51
CA ASP L 71 -99.03 -10.46 27.75
C ASP L 71 -98.35 -9.84 26.54
N ALA L 72 -99.00 -9.97 25.38
CA ALA L 72 -98.44 -9.48 24.13
C ALA L 72 -99.56 -8.83 23.32
N LYS L 73 -99.16 -7.89 22.47
CA LYS L 73 -100.05 -7.19 21.57
C LYS L 73 -99.84 -7.72 20.16
N PRO L 74 -100.85 -8.28 19.50
CA PRO L 74 -100.66 -8.82 18.16
C PRO L 74 -100.52 -7.71 17.13
N LEU L 75 -99.88 -8.06 16.01
CA LEU L 75 -99.72 -7.17 14.88
C LEU L 75 -100.81 -7.46 13.84
N VAL L 76 -101.26 -6.40 13.16
CA VAL L 76 -102.33 -6.50 12.18
C VAL L 76 -101.77 -6.12 10.82
N ARG L 77 -102.15 -6.86 9.80
CA ARG L 77 -101.71 -6.64 8.43
C ARG L 77 -102.83 -5.95 7.66
N LEU L 78 -102.51 -4.80 7.05
CA LEU L 78 -103.46 -4.03 6.26
C LEU L 78 -103.04 -4.16 4.80
N ARG L 79 -103.99 -4.56 3.95
CA ARG L 79 -103.77 -4.75 2.52
C ARG L 79 -104.85 -3.99 1.75
N VAL L 80 -104.41 -3.13 0.84
CA VAL L 80 -105.31 -2.35 0.01
C VAL L 80 -105.08 -2.72 -1.45
N PRO L 81 -106.03 -3.32 -2.14
CA PRO L 81 -105.82 -3.69 -3.54
C PRO L 81 -106.18 -2.56 -4.50
N PHE L 82 -105.54 -2.60 -5.66
CA PHE L 82 -105.82 -1.66 -6.74
C PHE L 82 -105.46 -2.31 -8.07
N THR L 83 -105.89 -1.66 -9.15
CA THR L 83 -105.76 -2.19 -10.50
C THR L 83 -105.05 -1.17 -11.38
N VAL L 84 -104.18 -1.66 -12.27
CA VAL L 84 -103.41 -0.81 -13.16
C VAL L 84 -103.57 -1.30 -14.60
N ALA L 85 -103.40 -0.39 -15.55
CA ALA L 85 -103.61 -0.68 -16.96
C ALA L 85 -102.30 -1.02 -17.65
N ARG L 86 -102.29 -2.14 -18.37
CA ARG L 86 -101.12 -2.59 -19.10
C ARG L 86 -100.70 -1.62 -20.19
N ARG L 87 -101.64 -0.85 -20.75
CA ARG L 87 -101.27 0.17 -21.72
C ARG L 87 -100.43 1.28 -21.11
N ASP L 88 -100.85 1.80 -19.94
CA ASP L 88 -100.05 2.77 -19.23
C ASP L 88 -98.71 2.18 -18.80
N ILE L 89 -98.70 0.90 -18.42
CA ILE L 89 -97.43 0.25 -18.09
C ILE L 89 -96.51 0.22 -19.30
N ASP L 90 -97.04 -0.17 -20.46
CA ASP L 90 -96.20 -0.35 -21.64
C ASP L 90 -95.69 0.99 -22.17
N ASP L 91 -96.51 2.04 -22.06
CA ASP L 91 -96.10 3.33 -22.61
C ASP L 91 -94.81 3.85 -21.99
N VAL L 92 -94.47 3.42 -20.78
CA VAL L 92 -93.31 3.97 -20.10
C VAL L 92 -92.03 3.69 -20.88
N GLU L 93 -91.86 2.46 -21.36
CA GLU L 93 -90.65 2.11 -22.09
C GLU L 93 -90.55 2.85 -23.41
N ARG L 94 -91.64 3.45 -23.87
CA ARG L 94 -91.64 4.32 -25.05
C ARG L 94 -91.31 5.76 -24.73
N GLY L 95 -90.72 6.02 -23.56
CA GLY L 95 -90.42 7.37 -23.14
C GLY L 95 -91.64 8.21 -22.84
N SER L 96 -92.73 7.58 -22.39
CA SER L 96 -93.91 8.30 -21.95
C SER L 96 -93.78 8.63 -20.48
N GLN L 97 -94.13 9.87 -20.13
CA GLN L 97 -94.07 10.33 -18.76
C GLN L 97 -95.31 11.15 -18.36
N ASP L 98 -96.48 10.75 -18.86
CA ASP L 98 -97.76 11.25 -18.37
C ASP L 98 -98.71 10.12 -17.99
N SER L 99 -98.17 8.95 -17.65
CA SER L 99 -98.98 7.78 -17.38
C SER L 99 -99.86 7.98 -16.15
N ASP L 100 -101.02 7.33 -16.14
CA ASP L 100 -102.00 7.48 -15.07
C ASP L 100 -101.67 6.53 -13.93
N TRP L 101 -101.46 7.09 -12.73
CA TRP L 101 -101.20 6.32 -11.53
C TRP L 101 -102.19 6.70 -10.41
N ASP L 102 -103.36 7.18 -10.83
CA ASP L 102 -104.39 7.59 -9.86
C ASP L 102 -104.82 6.46 -8.94
N PRO L 103 -105.04 5.23 -9.40
CA PRO L 103 -105.34 4.15 -8.45
C PRO L 103 -104.23 3.95 -7.43
N VAL L 104 -102.97 4.07 -7.86
CA VAL L 104 -101.85 3.97 -6.91
C VAL L 104 -101.97 5.06 -5.85
N LYS L 105 -102.22 6.29 -6.27
CA LYS L 105 -102.32 7.38 -5.31
C LYS L 105 -103.49 7.18 -4.36
N ASP L 106 -104.62 6.71 -4.88
CA ASP L 106 -105.79 6.47 -4.03
C ASP L 106 -105.53 5.39 -3.01
N ALA L 107 -104.88 4.29 -3.42
CA ALA L 107 -104.56 3.23 -2.48
C ALA L 107 -103.60 3.71 -1.41
N ALA L 108 -102.60 4.50 -1.81
CA ALA L 108 -101.67 5.04 -0.81
C ALA L 108 -102.41 5.94 0.19
N LYS L 109 -103.31 6.78 -0.32
CA LYS L 109 -104.10 7.63 0.57
C LYS L 109 -104.93 6.79 1.54
N LYS L 110 -105.55 5.74 1.04
CA LYS L 110 -106.39 4.88 1.88
C LYS L 110 -105.56 4.23 2.98
N LEU L 111 -104.38 3.72 2.62
CA LEU L 111 -103.52 3.07 3.62
C LEU L 111 -103.06 4.07 4.67
N ALA L 112 -102.64 5.26 4.23
CA ALA L 112 -102.22 6.28 5.19
C ALA L 112 -103.36 6.65 6.12
N PHE L 113 -104.57 6.77 5.58
CA PHE L 113 -105.71 7.16 6.40
C PHE L 113 -106.02 6.09 7.45
N VAL L 114 -106.01 4.83 7.05
CA VAL L 114 -106.29 3.77 8.01
C VAL L 114 -105.22 3.74 9.09
N GLU L 115 -103.96 3.90 8.71
CA GLU L 115 -102.88 3.89 9.70
C GLU L 115 -103.05 5.03 10.69
N ASP L 116 -103.28 6.24 10.19
CA ASP L 116 -103.40 7.40 11.08
C ASP L 116 -104.64 7.30 11.95
N ARG L 117 -105.73 6.78 11.40
CA ARG L 117 -106.95 6.62 12.19
C ARG L 117 -106.79 5.55 13.27
N ALA L 118 -106.07 4.47 13.00
CA ALA L 118 -105.76 3.52 14.05
C ALA L 118 -104.88 4.13 15.13
N ILE L 119 -103.91 4.95 14.73
CA ILE L 119 -103.02 5.58 15.70
C ILE L 119 -103.81 6.52 16.61
N PHE L 120 -104.66 7.37 16.02
CA PHE L 120 -105.25 8.49 16.75
C PHE L 120 -106.66 8.23 17.26
N GLU L 121 -107.31 7.16 16.83
CA GLU L 121 -108.71 6.90 17.19
C GLU L 121 -108.94 5.49 17.72
N GLY L 122 -108.16 4.51 17.27
CA GLY L 122 -108.27 3.15 17.77
C GLY L 122 -108.88 2.22 16.76
N TYR L 123 -108.36 0.99 16.73
CA TYR L 123 -108.87 -0.10 15.91
C TYR L 123 -109.08 -1.28 16.87
N ALA L 124 -110.30 -1.39 17.40
CA ALA L 124 -110.54 -2.27 18.54
C ALA L 124 -110.24 -3.72 18.21
N ALA L 125 -110.69 -4.20 17.04
CA ALA L 125 -110.52 -5.61 16.71
C ALA L 125 -109.06 -6.01 16.71
N ALA L 126 -108.16 -5.07 16.46
CA ALA L 126 -106.73 -5.30 16.55
C ALA L 126 -106.18 -5.01 17.94
N SER L 127 -107.06 -4.79 18.92
CA SER L 127 -106.66 -4.48 20.29
C SER L 127 -105.85 -3.19 20.37
N ILE L 128 -106.10 -2.27 19.43
CA ILE L 128 -105.38 -1.00 19.37
C ILE L 128 -106.24 0.06 20.03
N GLU L 129 -105.79 0.56 21.18
CA GLU L 129 -106.43 1.68 21.84
C GLU L 129 -105.75 2.97 21.40
N GLY L 130 -106.54 3.91 20.88
CA GLY L 130 -105.99 5.11 20.31
C GLY L 130 -105.56 6.13 21.35
N ILE L 131 -104.86 7.16 20.87
CA ILE L 131 -104.43 8.24 21.73
C ILE L 131 -105.61 8.94 22.37
N ARG L 132 -106.70 9.13 21.61
CA ARG L 132 -107.88 9.80 22.15
C ARG L 132 -108.43 9.10 23.37
N SER L 133 -108.62 7.78 23.30
CA SER L 133 -109.14 7.04 24.43
C SER L 133 -108.11 6.91 25.55
N SER L 134 -106.85 6.63 25.20
CA SER L 134 -105.83 6.43 26.22
C SER L 134 -105.46 7.72 26.94
N SER L 135 -105.82 8.87 26.39
CA SER L 135 -105.47 10.13 27.03
C SER L 135 -106.20 10.28 28.36
N SER L 136 -105.47 10.75 29.37
CA SER L 136 -106.03 10.98 30.69
C SER L 136 -106.46 12.42 30.92
N ASN L 137 -105.78 13.37 30.27
CA ASN L 137 -106.16 14.77 30.43
C ASN L 137 -107.55 15.00 29.83
N PRO L 138 -108.35 15.90 30.41
CA PRO L 138 -109.71 16.09 29.91
C PRO L 138 -109.73 16.57 28.47
N ALA L 139 -110.71 16.09 27.72
CA ALA L 139 -110.87 16.47 26.33
C ALA L 139 -111.58 17.81 26.21
N LEU L 140 -111.28 18.54 25.15
CA LEU L 140 -111.88 19.84 24.89
C LEU L 140 -112.74 19.79 23.62
N ALA L 141 -113.45 20.88 23.38
CA ALA L 141 -114.33 21.01 22.21
C ALA L 141 -113.79 22.10 21.30
N LEU L 142 -113.69 21.78 20.01
CA LEU L 142 -113.19 22.73 19.03
C LEU L 142 -114.32 23.71 18.69
N PRO L 143 -114.16 25.00 18.90
CA PRO L 143 -115.25 25.93 18.61
C PRO L 143 -115.62 25.93 17.13
N ASP L 144 -116.90 26.16 16.86
CA ASP L 144 -117.37 26.22 15.48
C ASP L 144 -116.66 27.34 14.72
N ASP L 145 -116.49 28.50 15.37
CA ASP L 145 -115.76 29.60 14.76
C ASP L 145 -114.27 29.32 14.80
N ALA L 146 -113.54 29.93 13.86
CA ALA L 146 -112.10 29.73 13.77
C ALA L 146 -111.31 30.70 14.63
N ARG L 147 -111.96 31.72 15.21
CA ARG L 147 -111.23 32.75 15.92
C ARG L 147 -110.89 32.34 17.35
N GLU L 148 -111.64 31.39 17.92
CA GLU L 148 -111.45 30.97 19.30
C GLU L 148 -110.58 29.73 19.44
N ILE L 149 -110.13 29.14 18.33
CA ILE L 149 -109.32 27.93 18.42
C ILE L 149 -108.03 28.16 19.19
N PRO L 150 -107.30 29.26 18.99
CA PRO L 150 -106.05 29.44 19.75
C PRO L 150 -106.26 29.44 21.26
N ASP L 151 -107.38 29.98 21.74
CA ASP L 151 -107.65 29.95 23.17
C ASP L 151 -107.76 28.51 23.67
N VAL L 152 -108.44 27.66 22.92
CA VAL L 152 -108.59 26.25 23.33
C VAL L 152 -107.23 25.55 23.28
N ILE L 153 -106.41 25.88 22.29
CA ILE L 153 -105.08 25.29 22.24
C ILE L 153 -104.23 25.73 23.43
N ALA L 154 -104.35 27.00 23.82
CA ALA L 154 -103.63 27.46 25.00
C ALA L 154 -104.13 26.74 26.25
N GLN L 155 -105.44 26.50 26.35
CA GLN L 155 -105.97 25.73 27.46
C GLN L 155 -105.40 24.32 27.48
N ALA L 156 -105.31 23.67 26.32
CA ALA L 156 -104.77 22.31 26.26
C ALA L 156 -103.29 22.29 26.66
N LEU L 157 -102.53 23.28 26.18
CA LEU L 157 -101.14 23.39 26.62
C LEU L 157 -101.07 23.57 28.12
N SER L 158 -101.96 24.40 28.68
CA SER L 158 -102.00 24.57 30.12
C SER L 158 -102.28 23.24 30.82
N GLU L 159 -103.16 22.41 30.25
CA GLU L 159 -103.46 21.13 30.89
C GLU L 159 -102.25 20.20 30.89
N LEU L 160 -101.68 19.95 29.71
CA LEU L 160 -100.47 19.13 29.62
C LEU L 160 -99.40 19.65 30.57
N ARG L 161 -99.19 20.95 30.54
CA ARG L 161 -98.06 21.61 31.15
C ARG L 161 -98.29 21.82 32.64
N LEU L 162 -99.54 21.73 33.07
CA LEU L 162 -99.86 21.45 34.46
C LEU L 162 -99.49 20.02 34.82
N ALA L 163 -99.90 19.06 34.00
CA ALA L 163 -99.70 17.65 34.32
C ALA L 163 -98.23 17.31 34.46
N GLY L 164 -97.35 18.11 33.86
CA GLY L 164 -95.92 17.97 34.12
C GLY L 164 -95.11 17.42 32.97
N VAL L 165 -95.66 17.40 31.77
CA VAL L 165 -94.94 16.89 30.61
C VAL L 165 -94.12 18.01 29.98
N ASP L 166 -92.97 17.65 29.43
CA ASP L 166 -92.07 18.62 28.82
C ASP L 166 -91.72 18.23 27.40
N GLY L 167 -90.77 18.93 26.79
CA GLY L 167 -90.36 18.69 25.44
C GLY L 167 -91.20 19.49 24.45
N PRO L 168 -90.75 19.55 23.20
CA PRO L 168 -91.49 20.34 22.20
C PRO L 168 -92.92 19.85 22.06
N TYR L 169 -93.84 20.81 21.93
CA TYR L 169 -95.24 20.51 21.76
C TYR L 169 -95.66 20.71 20.31
N SER L 170 -96.64 19.93 19.87
CA SER L 170 -97.04 19.91 18.47
C SER L 170 -98.55 19.80 18.38
N VAL L 171 -99.11 20.43 17.35
CA VAL L 171 -100.54 20.47 17.10
C VAL L 171 -100.80 19.76 15.78
N LEU L 172 -101.63 18.73 15.82
CA LEU L 172 -102.09 18.02 14.62
C LEU L 172 -103.54 18.42 14.39
N LEU L 173 -103.81 18.98 13.21
CA LEU L 173 -105.13 19.49 12.89
C LEU L 173 -105.78 18.66 11.78
N SER L 174 -107.10 18.58 11.83
CA SER L 174 -107.86 17.82 10.85
C SER L 174 -107.85 18.55 9.52
N ALA L 175 -108.34 17.88 8.47
CA ALA L 175 -108.45 18.55 7.18
C ALA L 175 -109.42 19.71 7.25
N GLU L 176 -110.59 19.50 7.85
CA GLU L 176 -111.61 20.54 7.88
C GLU L 176 -111.17 21.70 8.77
N THR L 177 -110.50 21.41 9.88
CA THR L 177 -110.02 22.46 10.77
C THR L 177 -108.85 23.22 10.16
N TYR L 178 -107.93 22.51 9.51
CA TYR L 178 -106.79 23.17 8.87
C TYR L 178 -107.25 24.06 7.72
N THR L 179 -108.20 23.59 6.91
CA THR L 179 -108.78 24.45 5.88
C THR L 179 -109.37 25.70 6.49
N LYS L 180 -110.08 25.56 7.62
CA LYS L 180 -110.71 26.70 8.26
C LYS L 180 -109.66 27.71 8.73
N VAL L 181 -108.66 27.24 9.48
CA VAL L 181 -107.67 28.17 10.02
C VAL L 181 -106.82 28.77 8.90
N SER L 182 -106.69 28.07 7.78
CA SER L 182 -105.91 28.59 6.67
C SER L 182 -106.69 29.67 5.92
N GLU L 183 -107.92 29.37 5.52
CA GLU L 183 -108.72 30.34 4.79
C GLU L 183 -109.02 31.56 5.64
N THR L 184 -109.38 31.34 6.91
CA THR L 184 -109.67 32.46 7.80
C THR L 184 -108.40 33.25 8.09
N THR L 185 -108.58 34.57 8.24
CA THR L 185 -107.47 35.49 8.44
C THR L 185 -107.83 36.52 9.49
N ALA L 186 -106.80 37.12 10.08
CA ALA L 186 -106.98 38.16 11.09
C ALA L 186 -105.75 39.05 11.11
N HIS L 187 -105.97 40.37 11.05
CA HIS L 187 -104.89 41.35 11.08
C HIS L 187 -103.85 41.07 10.01
N GLY L 188 -104.28 40.49 8.89
CA GLY L 188 -103.37 40.20 7.81
C GLY L 188 -102.53 38.96 7.99
N TYR L 189 -102.87 38.08 8.93
CA TYR L 189 -102.23 36.78 9.05
C TYR L 189 -103.29 35.70 9.23
N PRO L 190 -103.05 34.49 8.71
CA PRO L 190 -103.99 33.39 8.95
C PRO L 190 -104.07 32.98 10.41
N ILE L 191 -105.26 32.46 10.76
CA ILE L 191 -105.45 31.91 12.09
C ILE L 191 -104.49 30.75 12.33
N ARG L 192 -104.04 30.08 11.27
CA ARG L 192 -103.03 29.04 11.42
C ARG L 192 -101.71 29.61 11.92
N GLU L 193 -101.28 30.74 11.38
CA GLU L 193 -100.07 31.39 11.91
C GLU L 193 -100.31 31.84 13.34
N HIS L 194 -101.50 32.37 13.62
CA HIS L 194 -101.84 32.68 15.00
C HIS L 194 -101.61 31.48 15.91
N ILE L 195 -102.07 30.30 15.50
CA ILE L 195 -101.86 29.09 16.28
C ILE L 195 -100.36 28.79 16.40
N ASN L 196 -99.66 28.81 15.28
CA ASN L 196 -98.23 28.47 15.26
C ASN L 196 -97.44 29.31 16.25
N ARG L 197 -97.85 30.57 16.44
CA ARG L 197 -97.09 31.46 17.31
C ARG L 197 -96.92 30.90 18.72
N LEU L 198 -97.83 30.05 19.18
CA LEU L 198 -97.83 29.60 20.57
C LEU L 198 -96.84 28.46 20.81
N VAL L 199 -96.88 27.43 19.96
CA VAL L 199 -96.12 26.21 20.22
C VAL L 199 -94.67 26.39 19.81
N ASP L 200 -93.83 25.49 20.32
CA ASP L 200 -92.42 25.45 19.99
C ASP L 200 -92.11 24.49 18.85
N GLY L 201 -92.99 23.52 18.59
CA GLY L 201 -92.74 22.52 17.57
C GLY L 201 -93.28 22.91 16.20
N GLU L 202 -94.18 22.10 15.66
CA GLU L 202 -94.69 22.29 14.31
C GLU L 202 -96.19 22.12 14.29
N ILE L 203 -96.80 22.64 13.22
CA ILE L 203 -98.21 22.42 12.92
C ILE L 203 -98.28 21.34 11.84
N ILE L 204 -99.12 20.32 12.06
CA ILE L 204 -99.14 19.14 11.20
C ILE L 204 -100.55 18.91 10.65
N TRP L 205 -100.62 18.50 9.38
CA TRP L 205 -101.83 18.03 8.72
C TRP L 205 -102.19 16.64 9.22
N ALA L 206 -103.43 16.46 9.63
CA ALA L 206 -103.92 15.13 9.99
C ALA L 206 -105.30 14.89 9.36
N PRO L 207 -105.36 14.63 8.05
CA PRO L 207 -106.68 14.52 7.40
C PRO L 207 -107.48 13.35 7.91
N ALA L 208 -106.80 12.24 8.22
CA ALA L 208 -107.46 11.03 8.66
C ALA L 208 -108.18 11.23 9.99
N ILE L 209 -107.58 12.00 10.90
CA ILE L 209 -108.15 12.17 12.22
C ILE L 209 -109.29 13.17 12.12
N ASP L 210 -110.11 13.23 13.18
CA ASP L 210 -111.24 14.15 13.26
C ASP L 210 -111.08 14.98 14.52
N GLY L 211 -110.93 16.30 14.36
CA GLY L 211 -110.77 17.19 15.49
C GLY L 211 -109.41 17.84 15.52
N ALA L 212 -108.73 17.76 16.65
CA ALA L 212 -107.38 18.32 16.79
C ALA L 212 -106.70 17.62 17.97
N PHE L 213 -105.36 17.70 17.98
CA PHE L 213 -104.60 17.04 19.04
C PHE L 213 -103.39 17.90 19.38
N VAL L 214 -103.15 18.12 20.66
CA VAL L 214 -101.95 18.80 21.13
C VAL L 214 -101.15 17.82 21.96
N LEU L 215 -99.91 17.52 21.57
CA LEU L 215 -99.17 16.47 22.24
C LEU L 215 -97.69 16.82 22.34
N SER L 216 -97.01 16.17 23.27
CA SER L 216 -95.58 16.35 23.46
C SER L 216 -94.80 15.40 22.58
N THR L 217 -93.57 15.81 22.23
CA THR L 217 -92.68 15.02 21.39
C THR L 217 -91.34 14.79 22.05
N ARG L 218 -91.31 14.79 23.39
CA ARG L 218 -90.07 14.50 24.10
C ARG L 218 -89.57 13.10 23.74
N GLY L 219 -90.48 12.13 23.63
CA GLY L 219 -90.11 10.77 23.30
C GLY L 219 -90.45 9.78 24.39
N GLY L 220 -90.68 8.53 24.01
CA GLY L 220 -90.97 7.49 24.97
C GLY L 220 -92.43 7.36 25.38
N ASP L 221 -93.34 8.07 24.70
CA ASP L 221 -94.75 8.01 25.04
C ASP L 221 -95.61 7.30 24.00
N PHE L 222 -95.20 7.29 22.74
CA PHE L 222 -95.96 6.62 21.68
C PHE L 222 -95.00 5.77 20.88
N ASP L 223 -95.44 4.56 20.51
CA ASP L 223 -94.59 3.61 19.78
C ASP L 223 -95.41 2.99 18.65
N LEU L 224 -94.97 3.21 17.41
CA LEU L 224 -95.55 2.55 16.25
C LEU L 224 -94.64 1.38 15.88
N GLN L 225 -95.10 0.16 16.17
CA GLN L 225 -94.32 -1.04 15.89
C GLN L 225 -94.66 -1.55 14.50
N LEU L 226 -93.63 -1.74 13.68
CA LEU L 226 -93.79 -2.26 12.32
C LEU L 226 -93.09 -3.60 12.21
N GLY L 227 -93.77 -4.59 11.63
CA GLY L 227 -93.14 -5.83 11.28
C GLY L 227 -92.48 -5.72 9.93
N THR L 228 -93.25 -5.24 8.96
CA THR L 228 -92.76 -4.92 7.62
C THR L 228 -93.35 -3.59 7.19
N ASP L 229 -92.51 -2.76 6.57
CA ASP L 229 -92.94 -1.44 6.14
C ASP L 229 -93.86 -1.57 4.92
N VAL L 230 -94.26 -0.44 4.35
CA VAL L 230 -95.17 -0.45 3.21
C VAL L 230 -94.50 -1.14 2.04
N SER L 231 -95.23 -2.06 1.41
CA SER L 231 -94.72 -2.81 0.26
C SER L 231 -95.82 -2.94 -0.78
N ILE L 232 -95.42 -3.15 -2.03
CA ILE L 232 -96.34 -3.31 -3.15
C ILE L 232 -96.15 -4.70 -3.74
N GLY L 233 -97.26 -5.41 -3.94
CA GLY L 233 -97.22 -6.76 -4.43
C GLY L 233 -98.13 -7.02 -5.62
N TYR L 234 -98.17 -8.27 -6.08
CA TYR L 234 -98.89 -8.68 -7.26
C TYR L 234 -99.78 -9.88 -6.94
N LEU L 235 -101.05 -9.85 -7.37
CA LEU L 235 -101.95 -10.97 -7.17
C LEU L 235 -102.19 -11.75 -8.46
N SER L 236 -102.66 -11.06 -9.51
CA SER L 236 -102.98 -11.71 -10.77
C SER L 236 -102.95 -10.65 -11.87
N HIS L 237 -103.20 -11.08 -13.10
CA HIS L 237 -103.14 -10.18 -14.23
C HIS L 237 -104.03 -10.71 -15.34
N ASP L 238 -104.29 -9.83 -16.32
CA ASP L 238 -105.19 -10.12 -17.42
C ASP L 238 -104.60 -9.48 -18.68
N ALA L 239 -105.26 -9.67 -19.81
CA ALA L 239 -104.80 -9.08 -21.06
C ALA L 239 -104.84 -7.55 -21.04
N GLU L 240 -105.53 -6.95 -20.08
CA GLU L 240 -105.70 -5.51 -20.03
C GLU L 240 -105.21 -4.88 -18.74
N VAL L 241 -105.27 -5.59 -17.62
CA VAL L 241 -105.01 -5.00 -16.31
C VAL L 241 -104.11 -5.92 -15.49
N VAL L 242 -103.56 -5.35 -14.42
CA VAL L 242 -102.82 -6.10 -13.41
C VAL L 242 -103.35 -5.68 -12.05
N HIS L 243 -103.53 -6.66 -11.16
CA HIS L 243 -104.03 -6.40 -9.82
C HIS L 243 -102.87 -6.44 -8.83
N LEU L 244 -102.69 -5.35 -8.09
CA LEU L 244 -101.62 -5.19 -7.12
C LEU L 244 -102.24 -4.83 -5.77
N TYR L 245 -101.39 -4.80 -4.74
CA TYR L 245 -101.84 -4.42 -3.42
C TYR L 245 -100.72 -3.69 -2.69
N MET L 246 -101.10 -2.82 -1.77
CA MET L 246 -100.16 -2.19 -0.85
C MET L 246 -100.41 -2.75 0.54
N GLU L 247 -99.33 -3.20 1.18
CA GLU L 247 -99.40 -4.00 2.40
C GLU L 247 -98.49 -3.42 3.46
N GLU L 248 -98.95 -3.46 4.71
CA GLU L 248 -98.09 -3.12 5.85
C GLU L 248 -98.60 -3.81 7.11
N THR L 249 -97.68 -4.29 7.93
CA THR L 249 -98.00 -4.98 9.18
C THR L 249 -97.55 -4.12 10.35
N MET L 250 -98.49 -3.75 11.23
CA MET L 250 -98.21 -2.74 12.23
C MET L 250 -99.05 -2.97 13.48
N THR L 251 -98.68 -2.23 14.53
CA THR L 251 -99.50 -2.02 15.71
C THR L 251 -99.03 -0.73 16.38
N PHE L 252 -99.85 -0.22 17.28
CA PHE L 252 -99.57 1.05 17.95
C PHE L 252 -99.76 0.90 19.45
N LEU L 253 -98.87 1.51 20.23
CA LEU L 253 -98.94 1.49 21.68
C LEU L 253 -98.75 2.90 22.23
N CYS L 254 -99.57 3.24 23.23
CA CYS L 254 -99.41 4.47 23.99
C CYS L 254 -99.06 4.11 25.42
N TYR L 255 -98.00 4.72 25.94
CA TYR L 255 -97.48 4.43 27.27
C TYR L 255 -97.81 5.52 28.28
N THR L 256 -97.74 6.79 27.85
CA THR L 256 -97.99 7.93 28.73
C THR L 256 -99.34 8.53 28.34
N ALA L 257 -100.30 8.47 29.26
CA ALA L 257 -101.64 8.98 28.99
C ALA L 257 -101.74 10.48 29.18
N GLU L 258 -100.74 11.11 29.79
CA GLU L 258 -100.80 12.52 30.13
C GLU L 258 -100.02 13.40 29.16
N ALA L 259 -99.50 12.85 28.06
CA ALA L 259 -98.68 13.60 27.12
C ALA L 259 -99.47 14.13 25.92
N SER L 260 -100.80 14.03 25.95
CA SER L 260 -101.62 14.46 24.83
C SER L 260 -102.94 15.03 25.35
N VAL L 261 -103.54 15.88 24.52
CA VAL L 261 -104.86 16.47 24.78
C VAL L 261 -105.62 16.40 23.47
N ALA L 262 -106.87 15.98 23.55
CA ALA L 262 -107.71 15.78 22.37
C ALA L 262 -108.80 16.83 22.34
N LEU L 263 -109.11 17.33 21.14
CA LEU L 263 -110.17 18.31 20.92
C LEU L 263 -111.13 17.74 19.89
N THR L 264 -112.40 17.62 20.28
CA THR L 264 -113.40 16.97 19.44
C THR L 264 -114.19 18.02 18.67
N PRO L 265 -114.62 17.70 17.43
CA PRO L 265 -115.36 18.67 16.62
C PRO L 265 -116.64 19.17 17.30
N ASN M 2 -8.09 -89.22 13.74
CA ASN M 2 -6.86 -90.01 13.73
C ASN M 2 -7.16 -91.46 14.08
N ASN M 3 -6.10 -92.26 14.23
CA ASN M 3 -6.26 -93.69 14.47
C ASN M 3 -6.79 -94.01 15.87
N LEU M 4 -6.84 -93.02 16.76
CA LEU M 4 -7.38 -93.27 18.10
C LEU M 4 -8.87 -93.55 18.03
N TYR M 5 -9.58 -92.88 17.12
CA TYR M 5 -11.03 -93.04 16.97
C TYR M 5 -11.75 -92.68 18.27
N ARG M 6 -11.35 -91.56 18.87
CA ARG M 6 -12.01 -91.07 20.08
C ARG M 6 -13.39 -90.48 19.79
N ASP M 7 -13.58 -89.90 18.61
CA ASP M 7 -14.87 -89.30 18.28
C ASP M 7 -15.99 -90.32 18.27
N LEU M 8 -15.66 -91.61 18.15
CA LEU M 8 -16.65 -92.67 18.13
C LEU M 8 -16.98 -93.22 19.52
N ALA M 9 -16.25 -92.77 20.56
CA ALA M 9 -16.47 -93.32 21.89
C ALA M 9 -17.60 -92.58 22.59
N PRO M 10 -18.42 -93.28 23.39
CA PRO M 10 -19.50 -92.61 24.14
C PRO M 10 -18.99 -91.96 25.43
N ILE M 11 -18.12 -90.98 25.27
CA ILE M 11 -17.48 -90.30 26.41
C ILE M 11 -17.51 -88.80 26.14
N THR M 12 -17.80 -88.02 27.18
CA THR M 12 -17.88 -86.57 27.06
C THR M 12 -16.50 -85.93 27.21
N GLU M 13 -16.43 -84.64 26.87
CA GLU M 13 -15.17 -83.92 26.95
C GLU M 13 -14.67 -83.87 28.39
N SER M 14 -15.55 -83.64 29.35
CA SER M 14 -15.14 -83.56 30.74
C SER M 14 -14.56 -84.89 31.23
N ALA M 15 -15.22 -86.00 30.90
CA ALA M 15 -14.70 -87.30 31.31
C ALA M 15 -13.39 -87.61 30.62
N TRP M 16 -13.27 -87.24 29.34
CA TRP M 16 -11.99 -87.40 28.65
C TRP M 16 -10.89 -86.63 29.36
N ALA M 17 -11.17 -85.39 29.76
CA ALA M 17 -10.18 -84.60 30.47
C ALA M 17 -9.80 -85.25 31.79
N GLU M 18 -10.79 -85.73 32.54
CA GLU M 18 -10.50 -86.38 33.82
C GLU M 18 -9.61 -87.60 33.62
N ILE M 19 -9.93 -88.44 32.63
CA ILE M 19 -9.15 -89.64 32.38
C ILE M 19 -7.72 -89.27 31.99
N GLU M 20 -7.57 -88.30 31.09
CA GLU M 20 -6.23 -87.89 30.67
C GLU M 20 -5.43 -87.37 31.85
N LEU M 21 -6.04 -86.52 32.68
CA LEU M 21 -5.34 -85.97 33.83
C LEU M 21 -4.91 -87.08 34.78
N GLU M 22 -5.82 -88.02 35.07
CA GLU M 22 -5.50 -89.09 36.01
C GLU M 22 -4.38 -89.97 35.49
N ALA M 23 -4.40 -90.31 34.19
CA ALA M 23 -3.33 -91.13 33.63
C ALA M 23 -2.00 -90.40 33.62
N THR M 24 -2.00 -89.12 33.22
CA THR M 24 -0.77 -88.34 33.18
C THR M 24 -0.15 -88.25 34.56
N ARG M 25 -0.95 -87.96 35.58
CA ARG M 25 -0.41 -87.82 36.93
C ARG M 25 0.26 -89.12 37.38
N THR M 26 -0.43 -90.25 37.21
CA THR M 26 0.11 -91.52 37.68
C THR M 26 1.37 -91.91 36.91
N PHE M 27 1.36 -91.72 35.60
CA PHE M 27 2.55 -92.07 34.81
C PHE M 27 3.73 -91.21 35.21
N LYS M 28 3.52 -89.90 35.36
CA LYS M 28 4.61 -89.01 35.75
C LYS M 28 5.09 -89.34 37.16
N ARG M 29 4.21 -89.88 38.00
CA ARG M 29 4.64 -90.35 39.32
C ARG M 29 5.54 -91.57 39.20
N HIS M 30 5.13 -92.57 38.42
CA HIS M 30 5.77 -93.87 38.43
C HIS M 30 6.94 -93.97 37.44
N ILE M 31 7.19 -92.94 36.65
CA ILE M 31 8.25 -92.99 35.64
C ILE M 31 9.52 -92.37 36.21
N ALA M 32 10.67 -92.96 35.89
CA ALA M 32 11.96 -92.51 36.40
C ALA M 32 13.01 -92.29 35.34
N GLY M 33 13.07 -93.11 34.29
CA GLY M 33 14.13 -92.99 33.32
C GLY M 33 14.12 -91.65 32.61
N ARG M 34 12.92 -91.11 32.35
CA ARG M 34 12.77 -89.84 31.66
C ARG M 34 13.44 -88.69 32.39
N ARG M 35 13.71 -88.84 33.69
CA ARG M 35 14.36 -87.82 34.49
C ARG M 35 15.88 -87.87 34.42
N VAL M 36 16.45 -88.94 33.87
CA VAL M 36 17.90 -89.09 33.84
C VAL M 36 18.40 -89.47 32.45
N VAL M 37 17.50 -89.52 31.46
CA VAL M 37 17.89 -89.86 30.10
C VAL M 37 17.39 -88.77 29.16
N ASP M 38 18.22 -88.43 28.17
CA ASP M 38 17.80 -87.51 27.13
C ASP M 38 16.67 -88.11 26.32
N VAL M 39 15.69 -87.28 25.97
CA VAL M 39 14.49 -87.70 25.26
C VAL M 39 14.46 -87.01 23.91
N SER M 40 14.41 -87.79 22.84
CA SER M 40 14.23 -87.27 21.50
C SER M 40 12.72 -87.18 21.24
N GLY M 41 12.21 -85.96 21.16
CA GLY M 41 10.79 -85.73 21.07
C GLY M 41 10.13 -86.53 19.97
N PRO M 42 8.81 -86.64 20.00
CA PRO M 42 8.11 -87.43 18.99
C PRO M 42 8.44 -86.94 17.59
N ASN M 43 8.80 -87.88 16.71
CA ASN M 43 9.13 -87.59 15.33
C ASN M 43 7.99 -87.91 14.38
N GLY M 44 6.85 -88.37 14.90
CA GLY M 44 5.67 -88.60 14.09
C GLY M 44 5.38 -90.07 13.91
N PRO M 45 4.14 -90.40 13.53
CA PRO M 45 3.79 -91.81 13.30
C PRO M 45 4.54 -92.45 12.16
N THR M 46 5.10 -91.67 11.24
CA THR M 46 5.86 -92.21 10.12
C THR M 46 7.22 -92.76 10.54
N THR M 47 7.69 -92.43 11.75
CA THR M 47 8.99 -92.87 12.21
C THR M 47 8.93 -94.33 12.63
N ALA M 48 9.87 -95.14 12.13
CA ALA M 48 9.89 -96.56 12.39
C ALA M 48 11.22 -97.09 12.91
N SER M 49 12.32 -96.39 12.69
CA SER M 49 13.62 -96.89 13.10
C SER M 49 14.56 -95.71 13.33
N VAL M 50 15.66 -95.99 14.02
CA VAL M 50 16.69 -95.00 14.32
C VAL M 50 18.01 -95.49 13.74
N SER M 51 18.61 -94.70 12.87
CA SER M 51 19.89 -95.06 12.26
C SER M 51 20.99 -95.05 13.31
N THR M 52 21.93 -95.98 13.19
CA THR M 52 23.10 -95.99 14.07
C THR M 52 24.36 -95.49 13.39
N GLY M 53 24.34 -95.33 12.06
CA GLY M 53 25.51 -94.88 11.34
C GLY M 53 26.54 -95.96 11.08
N HIS M 54 26.27 -97.20 11.49
CA HIS M 54 27.18 -98.31 11.26
C HIS M 54 26.80 -99.05 9.99
N LEU M 55 27.72 -99.90 9.53
CA LEU M 55 27.56 -100.67 8.31
C LEU M 55 27.71 -102.15 8.63
N LEU M 56 27.01 -102.99 7.87
CA LEU M 56 27.07 -104.43 8.01
C LEU M 56 27.44 -105.07 6.67
N ASP M 57 28.32 -106.06 6.73
CA ASP M 57 28.78 -106.73 5.53
C ASP M 57 27.66 -107.59 4.94
N VAL M 58 27.65 -107.68 3.60
CA VAL M 58 26.60 -108.39 2.89
C VAL M 58 27.16 -108.88 1.56
N SER M 59 26.59 -109.99 1.08
CA SER M 59 27.06 -110.58 -0.17
C SER M 59 26.85 -109.60 -1.33
N PRO M 60 27.84 -109.44 -2.22
CA PRO M 60 27.70 -108.45 -3.28
C PRO M 60 26.72 -108.92 -4.35
N PRO M 61 26.09 -108.00 -5.08
CA PRO M 61 25.31 -108.41 -6.25
C PRO M 61 26.14 -109.11 -7.31
N GLY M 62 27.39 -108.70 -7.49
CA GLY M 62 28.20 -109.25 -8.56
C GLY M 62 29.66 -108.92 -8.37
N ASP M 63 30.43 -109.20 -9.42
CA ASP M 63 31.88 -109.03 -9.35
C ASP M 63 32.25 -107.55 -9.35
N GLY M 64 33.31 -107.22 -8.63
CA GLY M 64 33.81 -105.86 -8.59
C GLY M 64 32.94 -104.89 -7.81
N VAL M 65 32.04 -105.39 -6.98
CA VAL M 65 31.11 -104.56 -6.22
C VAL M 65 31.24 -104.90 -4.75
N ILE M 66 31.33 -103.86 -3.92
CA ILE M 66 31.39 -104.00 -2.47
C ILE M 66 30.06 -103.49 -1.90
N ALA M 67 29.39 -104.32 -1.11
CA ALA M 67 28.06 -104.03 -0.61
C ALA M 67 28.07 -104.00 0.91
N HIS M 68 27.35 -103.02 1.48
CA HIS M 68 27.19 -102.90 2.92
C HIS M 68 25.77 -102.46 3.22
N LEU M 69 25.24 -102.94 4.35
CA LEU M 69 23.90 -102.58 4.79
C LEU M 69 23.95 -101.59 5.93
N ARG M 70 23.10 -100.56 5.85
CA ARG M 70 22.99 -99.58 6.91
C ARG M 70 22.25 -100.18 8.10
N ASP M 71 22.68 -99.81 9.31
CA ASP M 71 22.19 -100.42 10.53
C ASP M 71 21.22 -99.48 11.23
N ALA M 72 20.06 -100.03 11.62
CA ALA M 72 19.02 -99.25 12.27
C ALA M 72 18.42 -100.08 13.40
N LYS M 73 17.89 -99.36 14.39
CA LYS M 73 17.22 -99.94 15.54
C LYS M 73 15.73 -99.75 15.38
N PRO M 74 14.92 -100.81 15.33
CA PRO M 74 13.47 -100.64 15.16
C PRO M 74 12.82 -100.11 16.43
N LEU M 75 11.66 -99.49 16.23
CA LEU M 75 10.84 -98.99 17.32
C LEU M 75 9.75 -100.01 17.65
N VAL M 76 9.40 -100.10 18.93
CA VAL M 76 8.42 -101.06 19.42
C VAL M 76 7.24 -100.30 19.99
N ARG M 77 6.04 -100.77 19.70
CA ARG M 77 4.80 -100.15 20.16
C ARG M 77 4.25 -100.97 21.32
N LEU M 78 4.01 -100.31 22.46
CA LEU M 78 3.47 -100.94 23.65
C LEU M 78 2.05 -100.43 23.82
N ARG M 79 1.10 -101.37 23.95
CA ARG M 79 -0.32 -101.07 24.11
C ARG M 79 -0.85 -101.83 25.32
N VAL M 80 -1.46 -101.10 26.25
CA VAL M 80 -2.04 -101.69 27.46
C VAL M 80 -3.54 -101.41 27.46
N PRO M 81 -4.38 -102.42 27.36
CA PRO M 81 -5.82 -102.18 27.35
C PRO M 81 -6.42 -102.14 28.76
N PHE M 82 -7.53 -101.42 28.87
CA PHE M 82 -8.29 -101.35 30.10
C PHE M 82 -9.75 -101.04 29.78
N THR M 83 -10.59 -101.18 30.79
CA THR M 83 -12.04 -101.07 30.65
C THR M 83 -12.57 -100.04 31.63
N VAL M 84 -13.56 -99.25 31.18
CA VAL M 84 -14.15 -98.20 31.99
C VAL M 84 -15.67 -98.35 31.98
N ALA M 85 -16.30 -97.85 33.04
CA ALA M 85 -17.74 -98.00 33.22
C ALA M 85 -18.49 -96.77 32.74
N ARG M 86 -19.50 -96.99 31.91
CA ARG M 86 -20.31 -95.92 31.36
C ARG M 86 -21.07 -95.16 32.44
N ARG M 87 -21.40 -95.80 33.56
CA ARG M 87 -22.02 -95.08 34.67
C ARG M 87 -21.09 -94.04 35.29
N ASP M 88 -19.83 -94.42 35.56
CA ASP M 88 -18.85 -93.46 36.03
C ASP M 88 -18.60 -92.37 34.98
N ILE M 89 -18.62 -92.74 33.70
CA ILE M 89 -18.47 -91.72 32.66
C ILE M 89 -19.63 -90.73 32.71
N ASP M 90 -20.85 -91.23 32.82
CA ASP M 90 -22.03 -90.36 32.74
C ASP M 90 -22.14 -89.47 33.98
N ASP M 91 -21.74 -89.98 35.14
CA ASP M 91 -21.88 -89.20 36.37
C ASP M 91 -21.11 -87.88 36.32
N VAL M 92 -20.08 -87.79 35.48
CA VAL M 92 -19.25 -86.59 35.47
C VAL M 92 -20.06 -85.36 35.08
N GLU M 93 -20.88 -85.48 34.03
CA GLU M 93 -21.66 -84.34 33.57
C GLU M 93 -22.71 -83.92 34.59
N ARG M 94 -22.99 -84.77 35.58
CA ARG M 94 -23.87 -84.43 36.70
C ARG M 94 -23.12 -83.76 37.85
N GLY M 95 -21.92 -83.23 37.59
CA GLY M 95 -21.12 -82.62 38.63
C GLY M 95 -20.61 -83.61 39.66
N SER M 96 -20.37 -84.86 39.26
CA SER M 96 -19.76 -85.85 40.14
C SER M 96 -18.25 -85.77 40.00
N GLN M 97 -17.56 -85.81 41.13
CA GLN M 97 -16.11 -85.76 41.16
C GLN M 97 -15.52 -86.76 42.14
N ASP M 98 -16.11 -87.95 42.25
CA ASP M 98 -15.52 -89.09 42.94
C ASP M 98 -15.50 -90.34 42.05
N SER M 99 -15.51 -90.16 40.73
CA SER M 99 -15.61 -91.28 39.81
C SER M 99 -14.38 -92.18 39.90
N ASP M 100 -14.58 -93.46 39.63
CA ASP M 100 -13.53 -94.47 39.74
C ASP M 100 -12.71 -94.51 38.46
N TRP M 101 -11.39 -94.28 38.58
CA TRP M 101 -10.47 -94.35 37.46
C TRP M 101 -9.31 -95.29 37.79
N ASP M 102 -9.58 -96.26 38.67
CA ASP M 102 -8.54 -97.22 39.07
C ASP M 102 -7.99 -98.02 37.89
N PRO M 103 -8.80 -98.52 36.96
CA PRO M 103 -8.21 -99.18 35.78
C PRO M 103 -7.29 -98.27 35.00
N VAL M 104 -7.64 -96.99 34.88
CA VAL M 104 -6.75 -96.03 34.21
C VAL M 104 -5.42 -95.96 34.94
N LYS M 105 -5.47 -95.83 36.26
CA LYS M 105 -4.23 -95.73 37.03
C LYS M 105 -3.39 -96.99 36.90
N ASP M 106 -4.04 -98.15 36.94
CA ASP M 106 -3.32 -99.42 36.82
C ASP M 106 -2.65 -99.55 35.46
N ALA M 107 -3.36 -99.18 34.38
CA ALA M 107 -2.77 -99.24 33.05
C ALA M 107 -1.59 -98.29 32.93
N ALA M 108 -1.73 -97.08 33.48
CA ALA M 108 -0.60 -96.14 33.45
C ALA M 108 0.61 -96.71 34.19
N LYS M 109 0.36 -97.31 35.36
CA LYS M 109 1.45 -97.92 36.12
C LYS M 109 2.12 -99.03 35.31
N LYS M 110 1.32 -99.86 34.66
CA LYS M 110 1.86 -100.96 33.88
C LYS M 110 2.73 -100.45 32.74
N LEU M 111 2.26 -99.42 32.03
CA LEU M 111 3.03 -98.86 30.92
C LEU M 111 4.33 -98.25 31.42
N ALA M 112 4.27 -97.49 32.52
CA ALA M 112 5.49 -96.91 33.07
C ALA M 112 6.47 -97.99 33.47
N PHE M 113 5.98 -99.08 34.07
CA PHE M 113 6.87 -100.14 34.52
C PHE M 113 7.54 -100.83 33.34
N VAL M 114 6.78 -101.10 32.28
CA VAL M 114 7.40 -101.75 31.12
C VAL M 114 8.44 -100.83 30.50
N GLU M 115 8.13 -99.54 30.39
CA GLU M 115 9.09 -98.61 29.80
C GLU M 115 10.37 -98.55 30.62
N ASP M 116 10.24 -98.41 31.94
CA ASP M 116 11.43 -98.30 32.79
C ASP M 116 12.22 -99.60 32.80
N ARG M 117 11.53 -100.73 32.79
CA ARG M 117 12.22 -102.02 32.76
C ARG M 117 12.94 -102.26 31.44
N ALA M 118 12.37 -101.82 30.32
CA ALA M 118 13.09 -101.88 29.06
C ALA M 118 14.32 -100.97 29.08
N ILE M 119 14.19 -99.78 29.67
CA ILE M 119 15.32 -98.86 29.73
C ILE M 119 16.45 -99.44 30.56
N PHE M 120 16.13 -99.98 31.75
CA PHE M 120 17.15 -100.32 32.73
C PHE M 120 17.55 -101.79 32.75
N GLU M 121 16.81 -102.66 32.07
CA GLU M 121 17.06 -104.10 32.12
C GLU M 121 17.14 -104.75 30.75
N GLY M 122 16.44 -104.22 29.76
CA GLY M 122 16.52 -104.73 28.40
C GLY M 122 15.26 -105.46 27.99
N TYR M 123 14.89 -105.29 26.72
CA TYR M 123 13.78 -106.00 26.09
C TYR M 123 14.35 -106.60 24.81
N ALA M 124 14.80 -107.85 24.90
CA ALA M 124 15.63 -108.42 23.84
C ALA M 124 14.89 -108.49 22.51
N ALA M 125 13.64 -108.94 22.53
CA ALA M 125 12.90 -109.11 21.28
C ALA M 125 12.81 -107.82 20.50
N ALA M 126 12.85 -106.68 21.18
CA ALA M 126 12.89 -105.38 20.54
C ALA M 126 14.31 -104.91 20.26
N SER M 127 15.30 -105.78 20.44
CA SER M 127 16.71 -105.45 20.23
C SER M 127 17.17 -104.34 21.17
N ILE M 128 16.54 -104.24 22.34
CA ILE M 128 16.87 -103.21 23.32
C ILE M 128 17.80 -103.82 24.36
N GLU M 129 19.05 -103.36 24.37
CA GLU M 129 20.00 -103.74 25.40
C GLU M 129 19.97 -102.71 26.52
N GLY M 130 19.73 -103.16 27.74
CA GLY M 130 19.55 -102.27 28.85
C GLY M 130 20.85 -101.68 29.38
N ILE M 131 20.70 -100.69 30.26
CA ILE M 131 21.85 -100.07 30.89
C ILE M 131 22.65 -101.08 31.69
N ARG M 132 21.97 -102.00 32.38
CA ARG M 132 22.66 -103.00 33.19
C ARG M 132 23.62 -103.84 32.34
N SER M 133 23.16 -104.36 31.21
CA SER M 133 24.02 -105.16 30.35
C SER M 133 25.06 -104.31 29.64
N SER M 134 24.66 -103.15 29.13
CA SER M 134 25.59 -102.32 28.38
C SER M 134 26.67 -101.68 29.26
N SER M 135 26.47 -101.68 30.57
CA SER M 135 27.45 -101.07 31.45
C SER M 135 28.76 -101.86 31.42
N SER M 136 29.87 -101.12 31.36
CA SER M 136 31.19 -101.73 31.37
C SER M 136 31.83 -101.77 32.75
N ASN M 137 31.50 -100.81 33.61
CA ASN M 137 32.05 -100.82 34.95
C ASN M 137 31.54 -102.04 35.73
N PRO M 138 32.35 -102.62 36.61
CA PRO M 138 31.90 -103.83 37.30
C PRO M 138 30.66 -103.58 38.15
N ALA M 139 29.79 -104.58 38.20
CA ALA M 139 28.57 -104.50 38.98
C ALA M 139 28.85 -104.82 40.45
N LEU M 140 28.05 -104.24 41.33
CA LEU M 140 28.17 -104.44 42.76
C LEU M 140 26.93 -105.16 43.31
N ALA M 141 27.01 -105.53 44.58
CA ALA M 141 25.93 -106.23 45.27
C ALA M 141 25.38 -105.33 46.37
N LEU M 142 24.06 -105.20 46.40
CA LEU M 142 23.40 -104.38 47.41
C LEU M 142 23.35 -105.18 48.72
N PRO M 143 23.93 -104.69 49.80
CA PRO M 143 23.91 -105.46 51.05
C PRO M 143 22.50 -105.68 51.57
N ASP M 144 22.29 -106.82 52.20
CA ASP M 144 20.98 -107.13 52.78
C ASP M 144 20.60 -106.08 53.82
N ASP M 145 21.55 -105.67 54.66
CA ASP M 145 21.31 -104.62 55.64
C ASP M 145 21.28 -103.26 54.95
N ALA M 146 20.57 -102.32 55.56
CA ALA M 146 20.44 -100.98 55.00
C ALA M 146 21.56 -100.05 55.43
N ARG M 147 22.40 -100.45 56.39
CA ARG M 147 23.40 -99.55 56.93
C ARG M 147 24.65 -99.47 56.06
N GLU M 148 24.90 -100.49 55.24
CA GLU M 148 26.10 -100.55 54.41
C GLU M 148 25.88 -100.05 53.00
N ILE M 149 24.65 -99.68 52.64
CA ILE M 149 24.38 -99.23 51.27
C ILE M 149 25.22 -98.00 50.91
N PRO M 150 25.36 -96.99 51.76
CA PRO M 150 26.16 -95.81 51.37
C PRO M 150 27.59 -96.15 51.01
N ASP M 151 28.19 -97.14 51.68
CA ASP M 151 29.55 -97.54 51.33
C ASP M 151 29.61 -98.07 49.91
N VAL M 152 28.63 -98.89 49.52
CA VAL M 152 28.60 -99.44 48.16
C VAL M 152 28.38 -98.32 47.15
N ILE M 153 27.53 -97.35 47.49
CA ILE M 153 27.31 -96.21 46.59
C ILE M 153 28.61 -95.40 46.43
N ALA M 154 29.35 -95.22 47.51
CA ALA M 154 30.62 -94.52 47.41
C ALA M 154 31.60 -95.30 46.55
N GLN M 155 31.60 -96.63 46.66
CA GLN M 155 32.43 -97.46 45.79
C GLN M 155 32.05 -97.28 44.33
N ALA M 156 30.75 -97.26 44.04
CA ALA M 156 30.30 -97.09 42.65
C ALA M 156 30.68 -95.73 42.11
N LEU M 157 30.54 -94.69 42.93
CA LEU M 157 31.01 -93.37 42.52
C LEU M 157 32.50 -93.39 42.25
N SER M 158 33.26 -94.07 43.11
CA SER M 158 34.69 -94.20 42.87
C SER M 158 34.96 -94.89 41.53
N GLU M 159 34.16 -95.90 41.18
CA GLU M 159 34.40 -96.59 39.91
C GLU M 159 34.13 -95.67 38.71
N LEU M 160 32.94 -95.08 38.65
CA LEU M 160 32.63 -94.12 37.59
C LEU M 160 33.71 -93.05 37.49
N ARG M 161 34.06 -92.50 38.65
CA ARG M 161 34.85 -91.30 38.76
C ARG M 161 36.34 -91.61 38.60
N LEU M 162 36.71 -92.88 38.75
CA LEU M 162 37.95 -93.39 38.19
C LEU M 162 37.88 -93.44 36.68
N ALA M 163 36.80 -94.01 36.15
CA ALA M 163 36.70 -94.23 34.71
C ALA M 163 36.75 -92.92 33.94
N GLY M 164 36.43 -91.80 34.59
CA GLY M 164 36.65 -90.50 33.99
C GLY M 164 35.40 -89.76 33.58
N VAL M 165 34.24 -90.18 34.05
CA VAL M 165 32.99 -89.51 33.69
C VAL M 165 32.73 -88.37 34.68
N ASP M 166 32.12 -87.30 34.17
CA ASP M 166 31.83 -86.12 34.97
C ASP M 166 30.36 -85.76 34.91
N GLY M 167 30.00 -84.60 35.46
CA GLY M 167 28.64 -84.15 35.50
C GLY M 167 27.91 -84.65 36.74
N PRO M 168 26.74 -84.08 37.02
CA PRO M 168 26.02 -84.49 38.23
C PRO M 168 25.72 -85.98 38.23
N TYR M 169 25.86 -86.59 39.40
CA TYR M 169 25.59 -88.00 39.57
C TYR M 169 24.25 -88.21 40.27
N SER M 170 23.60 -89.32 39.95
CA SER M 170 22.25 -89.58 40.43
C SER M 170 22.11 -91.05 40.79
N VAL M 171 21.30 -91.31 41.81
CA VAL M 171 21.06 -92.66 42.32
C VAL M 171 19.58 -92.96 42.11
N LEU M 172 19.31 -94.05 41.38
CA LEU M 172 17.95 -94.56 41.19
C LEU M 172 17.82 -95.82 42.03
N LEU M 173 16.86 -95.82 42.95
CA LEU M 173 16.68 -96.93 43.88
C LEU M 173 15.37 -97.66 43.61
N SER M 174 15.38 -98.96 43.90
CA SER M 174 14.22 -99.80 43.68
C SER M 174 13.15 -99.46 44.71
N ALA M 175 11.95 -100.02 44.53
CA ALA M 175 10.90 -99.83 45.53
C ALA M 175 11.30 -100.45 46.86
N GLU M 176 11.80 -101.69 46.83
CA GLU M 176 12.13 -102.40 48.06
C GLU M 176 13.32 -101.75 48.76
N THR M 177 14.30 -101.29 47.98
CA THR M 177 15.47 -100.63 48.57
C THR M 177 15.13 -99.25 49.10
N TYR M 178 14.30 -98.49 48.38
CA TYR M 178 13.90 -97.16 48.85
C TYR M 178 13.06 -97.26 50.11
N THR M 179 12.14 -98.22 50.17
CA THR M 179 11.39 -98.45 51.41
C THR M 179 12.33 -98.75 52.56
N LYS M 180 13.37 -99.56 52.31
CA LYS M 180 14.31 -99.93 53.35
C LYS M 180 15.06 -98.70 53.86
N VAL M 181 15.66 -97.93 52.94
CA VAL M 181 16.46 -96.79 53.36
C VAL M 181 15.58 -95.71 53.98
N SER M 182 14.30 -95.66 53.61
CA SER M 182 13.40 -94.67 54.19
C SER M 182 12.99 -95.06 55.61
N GLU M 183 12.50 -96.29 55.79
CA GLU M 183 12.08 -96.72 57.11
C GLU M 183 13.25 -96.77 58.08
N THR M 184 14.39 -97.29 57.62
CA THR M 184 15.57 -97.36 58.48
C THR M 184 16.09 -95.97 58.78
N THR M 185 16.63 -95.80 59.99
CA THR M 185 17.08 -94.50 60.46
C THR M 185 18.40 -94.67 61.23
N ALA M 186 19.15 -93.59 61.32
CA ALA M 186 20.41 -93.58 62.04
C ALA M 186 20.72 -92.16 62.52
N HIS M 187 21.04 -92.02 63.80
CA HIS M 187 21.38 -90.73 64.39
C HIS M 187 20.28 -89.70 64.14
N GLY M 188 19.04 -90.16 64.04
CA GLY M 188 17.93 -89.27 63.82
C GLY M 188 17.75 -88.80 62.39
N TYR M 189 18.38 -89.45 61.42
CA TYR M 189 18.13 -89.19 60.01
C TYR M 189 17.97 -90.52 59.26
N PRO M 190 17.12 -90.56 58.23
CA PRO M 190 17.02 -91.78 57.42
C PRO M 190 18.29 -92.10 56.66
N ILE M 191 18.46 -93.41 56.41
CA ILE M 191 19.56 -93.86 55.60
C ILE M 191 19.46 -93.27 54.20
N ARG M 192 18.26 -92.92 53.75
CA ARG M 192 18.11 -92.24 52.47
C ARG M 192 18.77 -90.87 52.49
N GLU M 193 18.59 -90.10 53.55
CA GLU M 193 19.30 -88.83 53.66
C GLU M 193 20.80 -89.06 53.74
N HIS M 194 21.21 -90.09 54.48
CA HIS M 194 22.62 -90.47 54.48
C HIS M 194 23.14 -90.65 53.06
N ILE M 195 22.39 -91.37 52.22
CA ILE M 195 22.79 -91.56 50.83
C ILE M 195 22.83 -90.22 50.10
N ASN M 196 21.77 -89.42 50.23
CA ASN M 196 21.67 -88.15 49.52
C ASN M 196 22.88 -87.26 49.80
N ARG M 197 23.42 -87.33 51.02
CA ARG M 197 24.53 -86.45 51.38
C ARG M 197 25.71 -86.57 50.43
N LEU M 198 25.89 -87.71 49.78
CA LEU M 198 27.09 -87.96 48.98
C LEU M 198 26.99 -87.34 47.58
N VAL M 199 25.88 -87.56 46.89
CA VAL M 199 25.78 -87.19 45.48
C VAL M 199 25.46 -85.71 45.35
N ASP M 200 25.69 -85.19 44.14
CA ASP M 200 25.38 -83.81 43.80
C ASP M 200 24.02 -83.66 43.15
N GLY M 201 23.48 -84.74 42.58
CA GLY M 201 22.21 -84.68 41.88
C GLY M 201 21.01 -84.96 42.77
N GLU M 202 20.25 -85.99 42.42
CA GLU M 202 19.00 -86.29 43.12
C GLU M 202 18.91 -87.78 43.40
N ILE M 203 18.04 -88.13 44.34
CA ILE M 203 17.66 -89.51 44.62
C ILE M 203 16.32 -89.76 43.94
N ILE M 204 16.21 -90.86 43.18
CA ILE M 204 15.04 -91.12 42.34
C ILE M 204 14.44 -92.47 42.68
N TRP M 205 13.10 -92.53 42.67
CA TRP M 205 12.32 -93.75 42.78
C TRP M 205 12.38 -94.51 41.46
N ALA M 206 12.70 -95.79 41.52
CA ALA M 206 12.65 -96.65 40.34
C ALA M 206 11.96 -97.97 40.69
N PRO M 207 10.63 -97.98 40.83
CA PRO M 207 9.96 -99.21 41.27
C PRO M 207 10.10 -100.34 40.28
N ALA M 208 10.07 -100.01 38.99
CA ALA M 208 10.13 -101.01 37.94
C ALA M 208 11.45 -101.76 37.96
N ILE M 209 12.55 -101.08 38.24
CA ILE M 209 13.86 -101.70 38.19
C ILE M 209 14.05 -102.52 39.46
N ASP M 210 15.06 -103.39 39.45
CA ASP M 210 15.40 -104.24 40.59
C ASP M 210 16.85 -103.98 40.96
N GLY M 211 17.08 -103.48 42.17
CA GLY M 211 18.43 -103.19 42.63
C GLY M 211 18.66 -101.72 42.84
N ALA M 212 19.73 -101.19 42.26
CA ALA M 212 20.04 -99.76 42.35
C ALA M 212 20.97 -99.40 41.19
N PHE M 213 21.02 -98.10 40.88
CA PHE M 213 21.86 -97.64 39.77
C PHE M 213 22.44 -96.29 40.12
N VAL M 214 23.74 -96.12 39.90
CA VAL M 214 24.40 -94.83 40.06
C VAL M 214 24.92 -94.40 38.70
N LEU M 215 24.47 -93.26 38.19
CA LEU M 215 24.82 -92.88 36.83
C LEU M 215 25.03 -91.39 36.71
N SER M 216 25.74 -90.99 35.66
CA SER M 216 26.00 -89.59 35.37
C SER M 216 24.88 -89.01 34.53
N THR M 217 24.68 -87.69 34.66
CA THR M 217 23.66 -86.97 33.91
C THR M 217 24.24 -85.80 33.14
N ARG M 218 25.52 -85.90 32.76
CA ARG M 218 26.13 -84.86 31.94
C ARG M 218 25.39 -84.71 30.61
N GLY M 219 24.98 -85.83 30.02
CA GLY M 219 24.27 -85.81 28.75
C GLY M 219 25.02 -86.50 27.64
N GLY M 220 24.29 -87.01 26.66
CA GLY M 220 24.89 -87.66 25.51
C GLY M 220 25.23 -89.13 25.69
N ASP M 221 24.78 -89.76 26.79
CA ASP M 221 25.07 -91.16 27.04
C ASP M 221 23.86 -92.07 26.92
N PHE M 222 22.65 -91.56 27.14
CA PHE M 222 21.44 -92.37 27.04
C PHE M 222 20.43 -91.60 26.20
N ASP M 223 19.72 -92.30 25.32
CA ASP M 223 18.75 -91.68 24.41
C ASP M 223 17.48 -92.52 24.39
N LEU M 224 16.37 -91.92 24.81
CA LEU M 224 15.05 -92.54 24.69
C LEU M 224 14.36 -91.95 23.47
N GLN M 225 14.28 -92.73 22.39
CA GLN M 225 13.67 -92.28 21.15
C GLN M 225 12.19 -92.61 21.16
N LEU M 226 11.36 -91.60 20.92
CA LEU M 226 9.91 -91.76 20.87
C LEU M 226 9.42 -91.43 19.48
N GLY M 227 8.57 -92.30 18.92
CA GLY M 227 7.88 -91.98 17.69
C GLY M 227 6.62 -91.20 18.00
N THR M 228 5.82 -91.73 18.92
CA THR M 228 4.65 -91.03 19.45
C THR M 228 4.62 -91.20 20.95
N ASP M 229 4.28 -90.12 21.66
CA ASP M 229 4.25 -90.14 23.11
C ASP M 229 3.03 -90.95 23.58
N VAL M 230 2.82 -90.97 24.89
CA VAL M 230 1.71 -91.74 25.46
C VAL M 230 0.39 -91.17 24.95
N SER M 231 -0.49 -92.06 24.49
CA SER M 231 -1.79 -91.66 23.98
C SER M 231 -2.84 -92.65 24.46
N ILE M 232 -4.09 -92.20 24.50
CA ILE M 232 -5.22 -93.02 24.93
C ILE M 232 -6.19 -93.16 23.76
N GLY M 233 -6.60 -94.39 23.48
CA GLY M 233 -7.47 -94.67 22.36
C GLY M 233 -8.70 -95.49 22.71
N TYR M 234 -9.50 -95.82 21.69
CA TYR M 234 -10.76 -96.51 21.85
C TYR M 234 -10.81 -97.71 20.91
N LEU M 235 -11.23 -98.88 21.42
CA LEU M 235 -11.39 -100.06 20.58
C LEU M 235 -12.85 -100.38 20.30
N SER M 236 -13.65 -100.54 21.35
CA SER M 236 -15.05 -100.91 21.19
C SER M 236 -15.79 -100.49 22.46
N HIS M 237 -17.10 -100.73 22.48
CA HIS M 237 -17.92 -100.33 23.61
C HIS M 237 -19.14 -101.22 23.68
N ASP M 238 -19.82 -101.14 24.83
CA ASP M 238 -20.98 -101.98 25.13
C ASP M 238 -21.98 -101.12 25.90
N ALA M 239 -23.13 -101.70 26.22
CA ALA M 239 -24.15 -100.98 26.98
C ALA M 239 -23.67 -100.62 28.39
N GLU M 240 -22.59 -101.21 28.87
CA GLU M 240 -22.13 -100.99 30.23
C GLU M 240 -20.70 -100.48 30.32
N VAL M 241 -19.84 -100.83 29.37
CA VAL M 241 -18.41 -100.55 29.47
C VAL M 241 -17.88 -100.01 28.15
N VAL M 242 -16.69 -99.43 28.21
CA VAL M 242 -15.93 -99.01 27.04
C VAL M 242 -14.52 -99.55 27.19
N HIS M 243 -13.96 -100.06 26.10
CA HIS M 243 -12.60 -100.60 26.10
C HIS M 243 -11.65 -99.59 25.46
N LEU M 244 -10.62 -99.20 26.21
CA LEU M 244 -9.64 -98.22 25.78
C LEU M 244 -8.25 -98.84 25.92
N TYR M 245 -7.24 -98.12 25.42
CA TYR M 245 -5.87 -98.57 25.53
C TYR M 245 -4.95 -97.37 25.68
N MET M 246 -3.82 -97.59 26.33
CA MET M 246 -2.74 -96.61 26.39
C MET M 246 -1.58 -97.13 25.56
N GLU M 247 -1.08 -96.28 24.67
CA GLU M 247 -0.16 -96.67 23.62
C GLU M 247 1.04 -95.74 23.59
N GLU M 248 2.22 -96.31 23.34
CA GLU M 248 3.41 -95.50 23.09
C GLU M 248 4.41 -96.29 22.25
N THR M 249 5.06 -95.61 21.32
CA THR M 249 6.05 -96.22 20.43
C THR M 249 7.43 -95.68 20.77
N MET M 250 8.36 -96.56 21.12
CA MET M 250 9.63 -96.12 21.70
C MET M 250 10.74 -97.11 21.38
N THR M 251 11.97 -96.65 21.66
CA THR M 251 13.14 -97.50 21.75
C THR M 251 14.17 -96.76 22.62
N PHE M 252 15.17 -97.50 23.07
CA PHE M 252 16.19 -96.96 23.97
C PHE M 252 17.57 -97.32 23.47
N LEU M 253 18.51 -96.38 23.57
CA LEU M 253 19.89 -96.58 23.16
C LEU M 253 20.83 -96.09 24.25
N CYS M 254 21.87 -96.87 24.52
CA CYS M 254 22.96 -96.47 25.39
C CYS M 254 24.23 -96.36 24.56
N TYR M 255 24.92 -95.23 24.68
CA TYR M 255 26.12 -94.94 23.90
C TYR M 255 27.39 -95.05 24.71
N THR M 256 27.36 -94.62 25.97
CA THR M 256 28.53 -94.64 26.85
C THR M 256 28.32 -95.74 27.89
N ALA M 257 29.16 -96.76 27.85
CA ALA M 257 29.03 -97.89 28.77
C ALA M 257 29.66 -97.60 30.12
N GLU M 258 30.44 -96.53 30.24
CA GLU M 258 31.18 -96.25 31.47
C GLU M 258 30.52 -95.17 32.32
N ALA M 259 29.31 -94.71 31.98
CA ALA M 259 28.64 -93.64 32.70
C ALA M 259 27.65 -94.14 33.74
N SER M 260 27.63 -95.45 34.01
CA SER M 260 26.67 -96.01 34.95
C SER M 260 27.32 -97.18 35.70
N VAL M 261 26.77 -97.46 36.88
CA VAL M 261 27.17 -98.59 37.72
C VAL M 261 25.89 -99.22 38.24
N ALA M 262 25.82 -100.54 38.18
CA ALA M 262 24.63 -101.28 38.56
C ALA M 262 24.89 -102.06 39.85
N LEU M 263 23.89 -102.09 40.72
CA LEU M 263 23.95 -102.83 41.97
C LEU M 263 22.79 -103.80 42.01
N THR M 264 23.11 -105.09 42.15
CA THR M 264 22.10 -106.15 42.07
C THR M 264 21.67 -106.56 43.47
N PRO M 265 20.38 -106.93 43.64
CA PRO M 265 19.88 -107.31 44.97
C PRO M 265 20.66 -108.47 45.59
N ASN N 2 -55.04 42.90 57.83
CA ASN N 2 -56.14 42.13 58.40
C ASN N 2 -56.91 42.96 59.42
N ASN N 3 -57.85 42.32 60.12
CA ASN N 3 -58.71 43.03 61.05
C ASN N 3 -57.98 43.46 62.32
N LEU N 4 -56.76 42.98 62.54
CA LEU N 4 -56.01 43.40 63.73
C LEU N 4 -55.62 44.87 63.63
N TYR N 5 -55.32 45.35 62.42
CA TYR N 5 -54.91 46.72 62.20
C TYR N 5 -53.65 47.07 62.99
N ARG N 6 -52.67 46.15 62.95
CA ARG N 6 -51.40 46.39 63.62
C ARG N 6 -50.54 47.41 62.89
N ASP N 7 -50.65 47.49 61.56
CA ASP N 7 -49.85 48.44 60.80
C ASP N 7 -50.14 49.88 61.20
N LEU N 8 -51.29 50.14 61.83
CA LEU N 8 -51.66 51.48 62.24
C LEU N 8 -51.20 51.83 63.65
N ALA N 9 -50.62 50.86 64.38
CA ALA N 9 -50.23 51.11 65.76
C ALA N 9 -48.84 51.73 65.81
N PRO N 10 -48.58 52.66 66.75
CA PRO N 10 -47.23 53.25 66.88
C PRO N 10 -46.29 52.36 67.68
N ILE N 11 -46.01 51.18 67.14
CA ILE N 11 -45.17 50.17 67.80
C ILE N 11 -44.20 49.60 66.78
N THR N 12 -42.96 49.41 67.20
CA THR N 12 -41.91 48.89 66.32
C THR N 12 -41.95 47.36 66.29
N GLU N 13 -41.20 46.81 65.33
CA GLU N 13 -41.16 45.36 65.18
C GLU N 13 -40.57 44.69 66.41
N SER N 14 -39.52 45.28 66.99
CA SER N 14 -38.90 44.69 68.17
C SER N 14 -39.85 44.67 69.35
N ALA N 15 -40.57 45.77 69.58
CA ALA N 15 -41.52 45.80 70.68
C ALA N 15 -42.67 44.84 70.44
N TRP N 16 -43.13 44.73 69.19
CA TRP N 16 -44.15 43.74 68.85
C TRP N 16 -43.67 42.34 69.19
N ALA N 17 -42.42 42.02 68.82
CA ALA N 17 -41.88 40.71 69.13
C ALA N 17 -41.81 40.47 70.63
N GLU N 18 -41.36 41.47 71.38
CA GLU N 18 -41.28 41.32 72.83
C GLU N 18 -42.65 41.05 73.44
N ILE N 19 -43.66 41.82 73.00
CA ILE N 19 -45.01 41.64 73.54
C ILE N 19 -45.54 40.26 73.20
N GLU N 20 -45.37 39.84 71.94
CA GLU N 20 -45.85 38.51 71.54
C GLU N 20 -45.18 37.42 72.36
N LEU N 21 -43.86 37.51 72.53
CA LEU N 21 -43.13 36.50 73.29
C LEU N 21 -43.62 36.46 74.73
N GLU N 22 -43.78 37.62 75.36
CA GLU N 22 -44.20 37.66 76.76
C GLU N 22 -45.60 37.10 76.93
N ALA N 23 -46.53 37.43 76.01
CA ALA N 23 -47.88 36.88 76.12
C ALA N 23 -47.90 35.38 75.89
N THR N 24 -47.17 34.90 74.88
CA THR N 24 -47.13 33.47 74.59
C THR N 24 -46.60 32.70 75.78
N ARG N 25 -45.50 33.17 76.38
CA ARG N 25 -44.91 32.45 77.51
C ARG N 25 -45.91 32.33 78.65
N THR N 26 -46.55 33.44 79.02
CA THR N 26 -47.45 33.43 80.16
C THR N 26 -48.68 32.57 79.89
N PHE N 27 -49.24 32.66 78.69
CA PHE N 27 -50.40 31.84 78.36
C PHE N 27 -50.05 30.35 78.39
N LYS N 28 -48.92 29.98 77.80
CA LYS N 28 -48.52 28.58 77.79
C LYS N 28 -48.21 28.10 79.21
N ARG N 29 -47.79 29.01 80.09
CA ARG N 29 -47.62 28.66 81.49
C ARG N 29 -48.96 28.38 82.15
N HIS N 30 -49.94 29.27 81.98
CA HIS N 30 -51.16 29.23 82.75
C HIS N 30 -52.25 28.36 82.14
N ILE N 31 -52.02 27.79 80.97
CA ILE N 31 -53.03 26.99 80.27
C ILE N 31 -52.80 25.52 80.59
N ALA N 32 -53.89 24.78 80.78
CA ALA N 32 -53.82 23.37 81.14
C ALA N 32 -54.67 22.45 80.26
N GLY N 33 -55.85 22.89 79.84
CA GLY N 33 -56.72 21.99 79.08
C GLY N 33 -56.11 21.54 77.78
N ARG N 34 -55.35 22.43 77.13
CA ARG N 34 -54.72 22.11 75.86
C ARG N 34 -53.76 20.94 75.94
N ARG N 35 -53.29 20.60 77.14
CA ARG N 35 -52.39 19.48 77.36
C ARG N 35 -53.10 18.15 77.52
N VAL N 36 -54.42 18.15 77.70
CA VAL N 36 -55.16 16.91 77.94
C VAL N 36 -56.38 16.80 77.04
N VAL N 37 -56.57 17.75 76.13
CA VAL N 37 -57.70 17.72 75.21
C VAL N 37 -57.20 17.83 73.78
N ASP N 38 -57.81 17.07 72.88
CA ASP N 38 -57.51 17.19 71.46
C ASP N 38 -57.91 18.58 70.97
N VAL N 39 -57.08 19.15 70.10
CA VAL N 39 -57.26 20.49 69.58
C VAL N 39 -57.45 20.40 68.07
N SER N 40 -58.57 20.91 67.58
CA SER N 40 -58.83 21.03 66.16
C SER N 40 -58.27 22.37 65.71
N GLY N 41 -57.19 22.33 64.92
CA GLY N 41 -56.48 23.53 64.55
C GLY N 41 -57.38 24.59 63.96
N PRO N 42 -56.89 25.83 63.88
CA PRO N 42 -57.72 26.91 63.36
C PRO N 42 -58.24 26.59 61.97
N ASN N 43 -59.55 26.76 61.79
CA ASN N 43 -60.21 26.53 60.51
C ASN N 43 -60.47 27.82 59.74
N GLY N 44 -60.05 28.97 60.27
CA GLY N 44 -60.17 30.22 59.57
C GLY N 44 -61.22 31.13 60.16
N PRO N 45 -61.14 32.42 59.84
CA PRO N 45 -62.15 33.36 60.36
C PRO N 45 -63.55 33.10 59.85
N THR N 46 -63.69 32.39 58.74
CA THR N 46 -65.01 32.07 58.18
C THR N 46 -65.75 31.03 59.00
N THR N 47 -65.06 30.32 59.90
CA THR N 47 -65.70 29.27 60.68
C THR N 47 -66.52 29.89 61.80
N ALA N 48 -67.77 29.44 61.93
CA ALA N 48 -68.70 29.98 62.91
C ALA N 48 -69.37 28.95 63.79
N SER N 49 -69.42 27.69 63.38
CA SER N 49 -70.12 26.67 64.15
C SER N 49 -69.52 25.31 63.85
N VAL N 50 -69.83 24.34 64.70
CA VAL N 50 -69.37 22.97 64.57
C VAL N 50 -70.59 22.06 64.52
N SER N 51 -70.72 21.30 63.44
CA SER N 51 -71.85 20.39 63.29
C SER N 51 -71.74 19.25 64.30
N THR N 52 -72.88 18.81 64.81
CA THR N 52 -72.92 17.66 65.71
C THR N 52 -73.43 16.39 65.02
N GLY N 53 -74.01 16.52 63.83
CA GLY N 53 -74.56 15.37 63.14
C GLY N 53 -75.92 14.93 63.63
N HIS N 54 -76.50 15.64 64.60
CA HIS N 54 -77.82 15.32 65.12
C HIS N 54 -78.88 16.13 64.39
N LEU N 55 -80.14 15.72 64.57
CA LEU N 55 -81.29 16.35 63.95
C LEU N 55 -82.27 16.79 65.02
N LEU N 56 -83.00 17.86 64.74
CA LEU N 56 -84.00 18.40 65.62
C LEU N 56 -85.35 18.49 64.90
N ASP N 57 -86.42 18.11 65.59
CA ASP N 57 -87.74 18.14 64.98
C ASP N 57 -88.21 19.58 64.81
N VAL N 58 -88.98 19.80 63.73
CA VAL N 58 -89.45 21.13 63.38
C VAL N 58 -90.75 21.00 62.59
N SER N 59 -91.58 22.03 62.70
CA SER N 59 -92.88 22.03 62.03
C SER N 59 -92.69 21.95 60.52
N PRO N 60 -93.45 21.11 59.81
CA PRO N 60 -93.23 20.96 58.38
C PRO N 60 -93.74 22.16 57.61
N PRO N 61 -93.18 22.44 56.43
CA PRO N 61 -93.78 23.47 55.57
C PRO N 61 -95.21 23.14 55.15
N GLY N 62 -95.52 21.88 54.95
CA GLY N 62 -96.83 21.52 54.45
C GLY N 62 -97.10 20.04 54.62
N ASP N 63 -98.19 19.60 53.99
CA ASP N 63 -98.63 18.21 54.13
C ASP N 63 -97.70 17.26 53.40
N GLY N 64 -97.52 16.07 53.97
CA GLY N 64 -96.70 15.05 53.34
C GLY N 64 -95.21 15.33 53.37
N VAL N 65 -94.76 16.24 54.22
CA VAL N 65 -93.36 16.64 54.29
C VAL N 65 -92.87 16.48 55.72
N ILE N 66 -91.71 15.85 55.87
CA ILE N 66 -91.07 15.67 57.17
C ILE N 66 -89.85 16.58 57.20
N ALA N 67 -89.75 17.43 58.22
CA ALA N 67 -88.70 18.44 58.32
C ALA N 67 -87.88 18.23 59.57
N HIS N 68 -86.56 18.38 59.44
CA HIS N 68 -85.63 18.29 60.56
C HIS N 68 -84.56 19.35 60.40
N LEU N 69 -84.09 19.89 61.53
CA LEU N 69 -83.03 20.88 61.53
C LEU N 69 -81.71 20.28 61.97
N ARG N 70 -80.65 20.62 61.25
CA ARG N 70 -79.31 20.17 61.60
C ARG N 70 -78.82 20.93 62.83
N ASP N 71 -78.08 20.24 63.69
CA ASP N 71 -77.68 20.78 64.98
C ASP N 71 -76.20 21.17 64.95
N ALA N 72 -75.92 22.39 65.41
CA ALA N 72 -74.57 22.91 65.41
C ALA N 72 -74.32 23.66 66.72
N LYS N 73 -73.04 23.71 67.10
CA LYS N 73 -72.59 24.41 68.28
C LYS N 73 -71.90 25.69 67.85
N PRO N 74 -72.37 26.87 68.27
CA PRO N 74 -71.73 28.12 67.85
C PRO N 74 -70.39 28.32 68.55
N LEU N 75 -69.55 29.13 67.91
CA LEU N 75 -68.26 29.52 68.45
C LEU N 75 -68.39 30.89 69.13
N VAL N 76 -67.62 31.07 70.21
CA VAL N 76 -67.66 32.29 70.99
C VAL N 76 -66.31 32.95 70.92
N ARG N 77 -66.30 34.27 70.77
CA ARG N 77 -65.09 35.07 70.67
C ARG N 77 -64.84 35.75 72.01
N LEU N 78 -63.65 35.55 72.57
CA LEU N 78 -63.25 36.15 73.84
C LEU N 78 -62.19 37.20 73.53
N ARG N 79 -62.41 38.41 74.01
CA ARG N 79 -61.52 39.55 73.82
C ARG N 79 -61.21 40.19 75.16
N VAL N 80 -59.93 40.32 75.46
CA VAL N 80 -59.47 40.92 76.71
C VAL N 80 -58.65 42.15 76.38
N PRO N 81 -59.08 43.36 76.73
CA PRO N 81 -58.31 44.56 76.41
C PRO N 81 -57.28 44.90 77.49
N PHE N 82 -56.23 45.58 77.05
CA PHE N 82 -55.20 46.07 77.95
C PHE N 82 -54.54 47.29 77.34
N THR N 83 -53.75 47.99 78.15
CA THR N 83 -53.14 49.25 77.78
C THR N 83 -51.63 49.18 77.99
N VAL N 84 -50.88 49.79 77.07
CA VAL N 84 -49.43 49.77 77.12
C VAL N 84 -48.91 51.20 76.99
N ALA N 85 -47.71 51.44 77.53
CA ALA N 85 -47.12 52.77 77.58
C ALA N 85 -46.16 52.98 76.41
N ARG N 86 -46.34 54.10 75.71
CA ARG N 86 -45.50 54.44 74.58
C ARG N 86 -44.05 54.67 74.98
N ARG N 87 -43.79 55.08 76.23
CA ARG N 87 -42.41 55.21 76.69
C ARG N 87 -41.71 53.86 76.77
N ASP N 88 -42.37 52.85 77.36
CA ASP N 88 -41.82 51.50 77.36
C ASP N 88 -41.68 50.96 75.95
N ILE N 89 -42.62 51.29 75.07
CA ILE N 89 -42.49 50.87 73.68
C ILE N 89 -41.25 51.48 73.04
N ASP N 90 -41.05 52.78 73.24
CA ASP N 90 -39.96 53.48 72.57
C ASP N 90 -38.59 53.05 73.11
N ASP N 91 -38.53 52.75 74.42
CA ASP N 91 -37.24 52.40 75.01
C ASP N 91 -36.62 51.16 74.36
N VAL N 92 -37.42 50.30 73.74
CA VAL N 92 -36.88 49.05 73.20
C VAL N 92 -35.85 49.32 72.12
N GLU N 93 -36.16 50.24 71.20
CA GLU N 93 -35.23 50.52 70.11
C GLU N 93 -33.94 51.16 70.61
N ARG N 94 -33.93 51.64 71.85
CA ARG N 94 -32.72 52.14 72.50
C ARG N 94 -31.92 51.05 73.20
N GLY N 95 -32.18 49.78 72.86
CA GLY N 95 -31.51 48.67 73.51
C GLY N 95 -31.90 48.49 74.96
N SER N 96 -33.13 48.85 75.31
CA SER N 96 -33.65 48.61 76.65
C SER N 96 -34.30 47.24 76.69
N GLN N 97 -34.01 46.48 77.74
CA GLN N 97 -34.58 45.15 77.94
C GLN N 97 -35.04 44.92 79.37
N ASP N 98 -35.61 45.94 80.01
CA ASP N 98 -36.33 45.79 81.27
C ASP N 98 -37.73 46.42 81.19
N SER N 99 -38.29 46.51 79.98
CA SER N 99 -39.57 47.19 79.80
C SER N 99 -40.69 46.46 80.51
N ASP N 100 -41.71 47.21 80.94
CA ASP N 100 -42.82 46.66 81.70
C ASP N 100 -43.87 46.11 80.75
N TRP N 101 -44.19 44.82 80.90
CA TRP N 101 -45.23 44.15 80.13
C TRP N 101 -46.24 43.47 81.05
N ASP N 102 -46.37 43.99 82.26
CA ASP N 102 -47.29 43.42 83.23
C ASP N 102 -48.74 43.41 82.74
N PRO N 103 -49.26 44.48 82.13
CA PRO N 103 -50.62 44.37 81.57
C PRO N 103 -50.75 43.25 80.55
N VAL N 104 -49.72 43.05 79.71
CA VAL N 104 -49.75 41.94 78.77
C VAL N 104 -49.86 40.62 79.51
N LYS N 105 -49.05 40.44 80.55
CA LYS N 105 -49.08 39.18 81.29
C LYS N 105 -50.44 38.97 81.97
N ASP N 106 -51.00 40.04 82.53
CA ASP N 106 -52.29 39.94 83.19
C ASP N 106 -53.39 39.56 82.20
N ALA N 107 -53.39 40.18 81.02
CA ALA N 107 -54.39 39.85 80.01
C ALA N 107 -54.26 38.40 79.56
N ALA N 108 -53.02 37.94 79.36
CA ALA N 108 -52.81 36.55 78.98
C ALA N 108 -53.34 35.61 80.06
N LYS N 109 -53.05 35.93 81.32
CA LYS N 109 -53.56 35.11 82.43
C LYS N 109 -55.08 35.08 82.42
N LYS N 110 -55.71 36.23 82.22
CA LYS N 110 -57.16 36.31 82.21
C LYS N 110 -57.75 35.45 81.09
N LEU N 111 -57.17 35.54 79.90
CA LEU N 111 -57.67 34.75 78.77
C LEU N 111 -57.51 33.25 79.02
N ALA N 112 -56.34 32.86 79.54
CA ALA N 112 -56.13 31.45 79.85
C ALA N 112 -57.13 30.96 80.89
N PHE N 113 -57.40 31.79 81.90
CA PHE N 113 -58.31 31.38 82.96
C PHE N 113 -59.73 31.21 82.42
N VAL N 114 -60.18 32.14 81.58
CA VAL N 114 -61.52 32.01 81.03
C VAL N 114 -61.62 30.76 80.15
N GLU N 115 -60.59 30.52 79.34
CA GLU N 115 -60.62 29.33 78.48
C GLU N 115 -60.69 28.05 79.30
N ASP N 116 -59.82 27.95 80.31
CA ASP N 116 -59.78 26.72 81.11
C ASP N 116 -61.06 26.55 81.91
N ARG N 117 -61.62 27.65 82.43
CA ARG N 117 -62.87 27.57 83.17
C ARG N 117 -64.05 27.20 82.28
N ALA N 118 -64.08 27.67 81.04
CA ALA N 118 -65.10 27.19 80.11
C ALA N 118 -64.93 25.71 79.80
N ILE N 119 -63.69 25.26 79.64
CA ILE N 119 -63.46 23.85 79.35
C ILE N 119 -63.91 22.97 80.50
N PHE N 120 -63.55 23.33 81.74
CA PHE N 120 -63.70 22.44 82.88
C PHE N 120 -64.94 22.69 83.72
N GLU N 121 -65.64 23.80 83.53
CA GLU N 121 -66.77 24.17 84.36
C GLU N 121 -68.01 24.55 83.57
N GLY N 122 -67.86 25.07 82.36
CA GLY N 122 -68.99 25.39 81.50
C GLY N 122 -69.22 26.88 81.39
N TYR N 123 -69.61 27.32 80.19
CA TYR N 123 -70.00 28.69 79.90
C TYR N 123 -71.36 28.60 79.21
N ALA N 124 -72.42 28.70 80.01
CA ALA N 124 -73.75 28.33 79.54
C ALA N 124 -74.20 29.19 78.37
N ALA N 125 -73.99 30.51 78.46
CA ALA N 125 -74.48 31.40 77.41
C ALA N 125 -73.91 31.04 76.05
N ALA N 126 -72.72 30.44 76.02
CA ALA N 126 -72.12 29.94 74.80
C ALA N 126 -72.52 28.50 74.50
N SER N 127 -73.48 27.95 75.24
CA SER N 127 -73.94 26.57 75.08
C SER N 127 -72.81 25.57 75.33
N ILE N 128 -71.85 25.95 76.18
CA ILE N 128 -70.71 25.10 76.49
C ILE N 128 -70.99 24.39 77.81
N GLU N 129 -71.18 23.07 77.73
CA GLU N 129 -71.31 22.24 78.92
C GLU N 129 -69.94 21.69 79.29
N GLY N 130 -69.53 21.94 80.54
CA GLY N 130 -68.20 21.59 80.97
C GLY N 130 -68.04 20.11 81.26
N ILE N 131 -66.78 19.72 81.46
CA ILE N 131 -66.47 18.34 81.81
C ILE N 131 -67.12 17.94 83.12
N ARG N 132 -67.14 18.86 84.10
CA ARG N 132 -67.74 18.55 85.39
C ARG N 132 -69.21 18.14 85.25
N SER N 133 -70.00 18.92 84.51
CA SER N 133 -71.40 18.59 84.34
C SER N 133 -71.60 17.38 83.43
N SER N 134 -70.85 17.33 82.32
CA SER N 134 -71.02 16.24 81.37
C SER N 134 -70.54 14.90 81.91
N SER N 135 -69.75 14.90 82.98
CA SER N 135 -69.25 13.65 83.52
C SER N 135 -70.39 12.81 84.08
N SER N 136 -70.35 11.51 83.79
CA SER N 136 -71.34 10.58 84.29
C SER N 136 -70.91 9.84 85.55
N ASN N 137 -69.61 9.62 85.72
CA ASN N 137 -69.13 8.97 86.92
C ASN N 137 -69.40 9.84 88.14
N PRO N 138 -69.69 9.24 89.30
CA PRO N 138 -70.04 10.05 90.47
C PRO N 138 -68.88 10.96 90.88
N ALA N 139 -69.23 12.15 91.35
CA ALA N 139 -68.24 13.12 91.80
C ALA N 139 -67.82 12.81 93.24
N LEU N 140 -66.59 13.18 93.56
CA LEU N 140 -66.03 12.97 94.88
C LEU N 140 -65.75 14.31 95.55
N ALA N 141 -65.37 14.24 96.83
CA ALA N 141 -65.07 15.41 97.63
C ALA N 141 -63.60 15.40 98.02
N LEU N 142 -62.93 16.53 97.81
CA LEU N 142 -61.51 16.65 98.14
C LEU N 142 -61.38 16.86 99.65
N PRO N 143 -60.70 15.98 100.38
CA PRO N 143 -60.59 16.17 101.82
C PRO N 143 -59.88 17.47 102.18
N ASP N 144 -60.30 18.05 103.30
CA ASP N 144 -59.67 19.28 103.77
C ASP N 144 -58.19 19.06 104.04
N ASP N 145 -57.84 17.92 104.65
CA ASP N 145 -56.45 17.58 104.88
C ASP N 145 -55.80 17.12 103.58
N ALA N 146 -54.48 17.29 103.50
CA ALA N 146 -53.74 16.92 102.30
C ALA N 146 -53.30 15.45 102.31
N ARG N 147 -53.44 14.75 103.44
CA ARG N 147 -52.90 13.41 103.54
C ARG N 147 -53.83 12.36 102.93
N GLU N 148 -55.12 12.66 102.80
CA GLU N 148 -56.11 11.72 102.31
C GLU N 148 -56.40 11.88 100.82
N ILE N 149 -55.80 12.87 100.18
CA ILE N 149 -56.08 13.10 98.76
C ILE N 149 -55.72 11.90 97.91
N PRO N 150 -54.58 11.23 98.11
CA PRO N 150 -54.26 10.07 97.25
C PRO N 150 -55.30 8.97 97.32
N ASP N 151 -55.92 8.76 98.48
CA ASP N 151 -56.97 7.75 98.57
C ASP N 151 -58.14 8.10 97.67
N VAL N 152 -58.53 9.37 97.65
CA VAL N 152 -59.65 9.79 96.80
C VAL N 152 -59.27 9.67 95.33
N ILE N 153 -58.02 9.96 94.99
CA ILE N 153 -57.57 9.80 93.61
C ILE N 153 -57.60 8.33 93.21
N ALA N 154 -57.20 7.45 94.12
CA ALA N 154 -57.27 6.01 93.83
C ALA N 154 -58.72 5.57 93.64
N GLN N 155 -59.64 6.12 94.45
CA GLN N 155 -61.06 5.83 94.26
C GLN N 155 -61.54 6.28 92.89
N ALA N 156 -61.14 7.48 92.47
CA ALA N 156 -61.56 7.99 91.16
C ALA N 156 -61.00 7.14 90.03
N LEU N 157 -59.74 6.73 90.14
CA LEU N 157 -59.18 5.81 89.16
C LEU N 157 -59.96 4.52 89.14
N SER N 158 -60.33 4.01 90.32
CA SER N 158 -61.16 2.80 90.38
C SER N 158 -62.48 3.02 89.66
N GLU N 159 -63.08 4.20 89.78
CA GLU N 159 -64.36 4.45 89.12
C GLU N 159 -64.21 4.46 87.60
N LEU N 160 -63.31 5.29 87.08
CA LEU N 160 -63.04 5.30 85.64
C LEU N 160 -62.76 3.89 85.14
N ARG N 161 -61.88 3.20 85.86
CA ARG N 161 -61.27 1.96 85.42
C ARG N 161 -62.20 0.78 85.64
N LEU N 162 -63.21 0.97 86.48
CA LEU N 162 -64.40 0.13 86.44
C LEU N 162 -65.22 0.41 85.20
N ALA N 163 -65.47 1.69 84.91
CA ALA N 163 -66.35 2.06 83.81
C ALA N 163 -65.81 1.56 82.48
N GLY N 164 -64.51 1.29 82.38
CA GLY N 164 -63.96 0.63 81.22
C GLY N 164 -63.11 1.49 80.32
N VAL N 165 -62.68 2.65 80.78
CA VAL N 165 -61.86 3.54 79.98
C VAL N 165 -60.39 3.17 80.17
N ASP N 166 -59.61 3.34 79.10
CA ASP N 166 -58.20 3.00 79.10
C ASP N 166 -57.34 4.19 78.67
N GLY N 167 -56.05 3.94 78.47
CA GLY N 167 -55.13 4.98 78.09
C GLY N 167 -54.53 5.68 79.29
N PRO N 168 -53.48 6.46 79.08
CA PRO N 168 -52.83 7.13 80.22
C PRO N 168 -53.81 8.01 80.97
N TYR N 169 -53.69 8.01 82.29
CA TYR N 169 -54.53 8.81 83.15
C TYR N 169 -53.75 10.01 83.68
N SER N 170 -54.46 11.11 83.91
CA SER N 170 -53.84 12.36 84.29
C SER N 170 -54.67 13.06 85.34
N VAL N 171 -53.98 13.77 86.24
CA VAL N 171 -54.60 14.49 87.34
C VAL N 171 -54.32 15.96 87.14
N LEU N 172 -55.39 16.76 87.07
CA LEU N 172 -55.30 18.22 87.00
C LEU N 172 -55.73 18.76 88.36
N LEU N 173 -54.84 19.51 89.01
CA LEU N 173 -55.08 20.01 90.35
C LEU N 173 -55.22 21.52 90.34
N SER N 174 -56.02 22.02 91.27
CA SER N 174 -56.28 23.46 91.39
C SER N 174 -55.03 24.14 91.94
N ALA N 175 -55.04 25.47 91.94
CA ALA N 175 -53.93 26.20 92.54
C ALA N 175 -53.85 25.93 94.03
N GLU N 176 -54.98 26.02 94.72
CA GLU N 176 -54.99 25.86 96.18
C GLU N 176 -54.64 24.43 96.56
N THR N 177 -55.12 23.44 95.81
CA THR N 177 -54.82 22.05 96.10
C THR N 177 -53.37 21.72 95.76
N TYR N 178 -52.85 22.23 94.64
CA TYR N 178 -51.46 21.98 94.28
C TYR N 178 -50.51 22.62 95.28
N THR N 179 -50.80 23.84 95.73
CA THR N 179 -49.99 24.45 96.79
C THR N 179 -50.00 23.56 98.03
N LYS N 180 -51.16 23.02 98.39
CA LYS N 180 -51.27 22.20 99.58
C LYS N 180 -50.42 20.94 99.45
N VAL N 181 -50.59 20.20 98.35
CA VAL N 181 -49.85 18.94 98.19
C VAL N 181 -48.36 19.21 98.03
N SER N 182 -47.99 20.38 97.53
CA SER N 182 -46.57 20.70 97.37
C SER N 182 -45.94 21.05 98.71
N GLU N 183 -46.54 21.98 99.45
CA GLU N 183 -45.98 22.38 100.74
C GLU N 183 -45.99 21.22 101.72
N THR N 184 -47.10 20.47 101.76
CA THR N 184 -47.19 19.33 102.67
C THR N 184 -46.22 18.23 102.25
N THR N 185 -45.68 17.53 103.24
CA THR N 185 -44.66 16.51 103.01
C THR N 185 -44.93 15.31 103.91
N ALA N 186 -44.40 14.16 103.50
CA ALA N 186 -44.54 12.93 104.27
C ALA N 186 -43.37 12.01 103.95
N HIS N 187 -42.72 11.50 105.00
CA HIS N 187 -41.59 10.57 104.85
C HIS N 187 -40.51 11.16 103.96
N GLY N 188 -40.39 12.49 103.95
CA GLY N 188 -39.37 13.14 103.15
C GLY N 188 -39.71 13.29 101.69
N TYR N 189 -40.98 13.11 101.30
CA TYR N 189 -41.43 13.41 99.95
C TYR N 189 -42.73 14.20 99.99
N PRO N 190 -42.96 15.11 99.05
CA PRO N 190 -44.24 15.83 99.01
C PRO N 190 -45.42 14.91 98.70
N ILE N 191 -46.58 15.34 99.20
CA ILE N 191 -47.81 14.65 98.91
C ILE N 191 -48.08 14.67 97.42
N ARG N 192 -47.55 15.66 96.70
CA ARG N 192 -47.67 15.67 95.25
C ARG N 192 -46.93 14.49 94.61
N GLU N 193 -45.72 14.19 95.07
CA GLU N 193 -45.02 13.01 94.58
C GLU N 193 -45.78 11.76 94.97
N HIS N 194 -46.32 11.72 96.20
CA HIS N 194 -47.19 10.61 96.58
C HIS N 194 -48.29 10.41 95.55
N ILE N 195 -48.95 11.49 95.13
CA ILE N 195 -50.00 11.38 94.11
C ILE N 195 -49.41 10.88 92.79
N ASN N 196 -48.31 11.47 92.34
CA ASN N 196 -47.71 11.13 91.06
C ASN N 196 -47.42 9.63 90.98
N ARG N 197 -47.05 9.02 92.11
CA ARG N 197 -46.67 7.61 92.09
C ARG N 197 -47.76 6.72 91.50
N LEU N 198 -49.02 7.12 91.59
CA LEU N 198 -50.13 6.25 91.20
C LEU N 198 -50.37 6.25 89.69
N VAL N 199 -50.45 7.43 89.09
CA VAL N 199 -50.87 7.55 87.69
C VAL N 199 -49.72 7.22 86.76
N ASP N 200 -50.07 6.96 85.50
CA ASP N 200 -49.11 6.69 84.44
C ASP N 200 -48.77 7.95 83.65
N GLY N 201 -49.64 8.96 83.67
CA GLY N 201 -49.44 10.16 82.88
C GLY N 201 -48.67 11.24 83.63
N GLU N 202 -49.29 12.41 83.78
CA GLU N 202 -48.62 13.57 84.36
C GLU N 202 -49.53 14.24 85.38
N ILE N 203 -48.93 15.05 86.25
CA ILE N 203 -49.65 15.93 87.16
C ILE N 203 -49.62 17.33 86.56
N ILE N 204 -50.79 17.98 86.48
CA ILE N 204 -50.94 19.25 85.77
C ILE N 204 -51.50 20.32 86.69
N TRP N 205 -50.99 21.54 86.55
CA TRP N 205 -51.50 22.74 87.19
C TRP N 205 -52.79 23.17 86.48
N ALA N 206 -53.83 23.42 87.26
CA ALA N 206 -55.07 23.97 86.73
C ALA N 206 -55.56 25.10 87.62
N PRO N 207 -54.95 26.28 87.58
CA PRO N 207 -55.34 27.33 88.53
C PRO N 207 -56.75 27.82 88.30
N ALA N 208 -57.18 27.87 87.04
CA ALA N 208 -58.50 28.37 86.70
C ALA N 208 -59.61 27.50 87.28
N ILE N 209 -59.41 26.18 87.30
CA ILE N 209 -60.45 25.27 87.77
C ILE N 209 -60.46 25.28 89.29
N ASP N 210 -61.52 24.74 89.87
CA ASP N 210 -61.68 24.65 91.31
C ASP N 210 -61.90 23.19 91.67
N GLY N 211 -60.99 22.62 92.45
CA GLY N 211 -61.10 21.23 92.86
C GLY N 211 -59.99 20.37 92.27
N ALA N 212 -60.37 19.26 91.65
CA ALA N 212 -59.39 18.38 91.01
C ALA N 212 -60.13 17.54 89.97
N PHE N 213 -59.36 16.99 89.02
CA PHE N 213 -59.96 16.19 87.96
C PHE N 213 -59.02 15.05 87.61
N VAL N 214 -59.56 13.84 87.50
CA VAL N 214 -58.80 12.68 87.03
C VAL N 214 -59.43 12.20 85.74
N LEU N 215 -58.66 12.20 84.64
CA LEU N 215 -59.26 11.91 83.35
C LEU N 215 -58.30 11.10 82.47
N SER N 216 -58.87 10.43 81.48
CA SER N 216 -58.10 9.64 80.53
C SER N 216 -57.65 10.52 79.36
N THR N 217 -56.53 10.13 78.75
CA THR N 217 -55.96 10.84 77.61
C THR N 217 -55.76 9.91 76.42
N ARG N 218 -56.57 8.86 76.32
CA ARG N 218 -56.49 7.99 75.16
C ARG N 218 -56.78 8.76 73.87
N GLY N 219 -57.76 9.66 73.91
CA GLY N 219 -58.11 10.46 72.75
C GLY N 219 -59.52 10.22 72.29
N GLY N 220 -60.11 11.22 71.64
CA GLY N 220 -61.45 11.09 71.11
C GLY N 220 -62.58 11.38 72.07
N ASP N 221 -62.27 11.90 73.27
CA ASP N 221 -63.29 12.20 74.26
C ASP N 221 -63.52 13.69 74.49
N PHE N 222 -62.52 14.54 74.25
CA PHE N 222 -62.66 15.97 74.43
C PHE N 222 -62.11 16.66 73.19
N ASP N 223 -62.80 17.71 72.74
CA ASP N 223 -62.42 18.44 71.53
C ASP N 223 -62.52 19.94 71.79
N LEU N 224 -61.40 20.64 71.68
CA LEU N 224 -61.36 22.09 71.74
C LEU N 224 -61.29 22.62 70.31
N GLN N 225 -62.40 23.16 69.82
CA GLN N 225 -62.47 23.67 68.46
C GLN N 225 -62.09 25.15 68.45
N LEU N 226 -61.12 25.50 67.61
CA LEU N 226 -60.66 26.88 67.47
C LEU N 226 -60.95 27.36 66.06
N GLY N 227 -61.53 28.55 65.95
CA GLY N 227 -61.66 29.20 64.66
C GLY N 227 -60.40 29.96 64.33
N THR N 228 -59.96 30.77 65.29
CA THR N 228 -58.68 31.48 65.21
C THR N 228 -58.00 31.37 66.56
N ASP N 229 -56.68 31.15 66.53
CA ASP N 229 -55.91 31.00 67.76
C ASP N 229 -55.74 32.36 68.42
N VAL N 230 -54.98 32.41 69.50
CA VAL N 230 -54.78 33.65 70.24
C VAL N 230 -54.08 34.65 69.35
N SER N 231 -54.61 35.88 69.32
CA SER N 231 -54.04 36.95 68.52
C SER N 231 -54.08 38.25 69.31
N ILE N 232 -53.19 39.18 68.94
CA ILE N 232 -53.11 40.48 69.59
C ILE N 232 -53.42 41.55 68.57
N GLY N 233 -54.30 42.49 68.93
CA GLY N 233 -54.74 43.53 68.02
C GLY N 233 -54.65 44.93 68.60
N TYR N 234 -55.09 45.91 67.82
CA TYR N 234 -54.99 47.32 68.16
C TYR N 234 -56.35 47.98 68.00
N LEU N 235 -56.76 48.79 68.99
CA LEU N 235 -58.01 49.52 68.90
C LEU N 235 -57.79 51.01 68.64
N SER N 236 -57.01 51.67 69.49
CA SER N 236 -56.78 53.11 69.39
C SER N 236 -55.49 53.43 70.13
N HIS N 237 -55.10 54.70 70.11
CA HIS N 237 -53.86 55.13 70.74
C HIS N 237 -53.97 56.60 71.11
N ASP N 238 -53.02 57.03 71.95
CA ASP N 238 -52.99 58.38 72.49
C ASP N 238 -51.54 58.82 72.55
N ALA N 239 -51.31 60.06 72.98
CA ALA N 239 -49.95 60.57 73.11
C ALA N 239 -49.13 59.82 74.15
N GLU N 240 -49.76 59.03 75.01
CA GLU N 240 -49.08 58.35 76.10
C GLU N 240 -49.25 56.84 76.07
N VAL N 241 -50.37 56.33 75.58
CA VAL N 241 -50.71 54.91 75.70
C VAL N 241 -51.25 54.38 74.38
N VAL N 242 -51.27 53.06 74.27
CA VAL N 242 -51.91 52.35 73.16
C VAL N 242 -52.81 51.28 73.75
N HIS N 243 -54.01 51.14 73.19
CA HIS N 243 -54.97 50.14 73.64
C HIS N 243 -54.96 48.95 72.70
N LEU N 244 -54.71 47.77 73.25
CA LEU N 244 -54.63 46.52 72.50
C LEU N 244 -55.59 45.52 73.12
N TYR N 245 -55.75 44.37 72.45
CA TYR N 245 -56.60 43.32 72.96
C TYR N 245 -56.02 41.97 72.57
N MET N 246 -56.31 40.96 73.38
CA MET N 246 -56.01 39.58 73.04
C MET N 246 -57.32 38.85 72.77
N GLU N 247 -57.37 38.16 71.62
CA GLU N 247 -58.61 37.63 71.08
C GLU N 247 -58.44 36.16 70.72
N GLU N 248 -59.49 35.37 70.97
CA GLU N 248 -59.52 34.00 70.48
C GLU N 248 -60.97 33.53 70.33
N THR N 249 -61.23 32.78 69.27
CA THR N 249 -62.57 32.27 68.97
C THR N 249 -62.56 30.75 69.14
N MET N 250 -63.42 30.24 70.03
CA MET N 250 -63.32 28.85 70.44
C MET N 250 -64.68 28.30 70.84
N THR N 251 -64.71 26.97 70.99
CA THR N 251 -65.77 26.26 71.67
C THR N 251 -65.20 24.92 72.14
N PHE N 252 -65.93 24.26 73.04
CA PHE N 252 -65.48 23.01 73.63
C PHE N 252 -66.59 21.98 73.58
N LEU N 253 -66.23 20.73 73.28
CA LEU N 253 -67.18 19.63 73.23
C LEU N 253 -66.63 18.44 73.99
N CYS N 254 -67.50 17.79 74.76
CA CYS N 254 -67.20 16.53 75.43
C CYS N 254 -68.08 15.45 74.84
N TYR N 255 -67.48 14.35 74.43
CA TYR N 255 -68.18 13.25 73.77
C TYR N 255 -68.37 12.05 74.68
N THR N 256 -67.36 11.72 75.49
CA THR N 256 -67.40 10.58 76.40
C THR N 256 -67.57 11.09 77.82
N ALA N 257 -68.70 10.76 78.44
CA ALA N 257 -68.99 11.23 79.78
C ALA N 257 -68.32 10.39 80.85
N GLU N 258 -67.80 9.21 80.49
CA GLU N 258 -67.24 8.28 81.45
C GLU N 258 -65.72 8.31 81.52
N ALA N 259 -65.06 9.25 80.83
CA ALA N 259 -63.61 9.31 80.78
C ALA N 259 -63.01 10.28 81.79
N SER N 260 -63.82 10.81 82.71
CA SER N 260 -63.34 11.79 83.67
C SER N 260 -64.07 11.60 85.00
N VAL N 261 -63.42 12.05 86.07
CA VAL N 261 -63.97 12.06 87.41
C VAL N 261 -63.62 13.42 88.03
N ALA N 262 -64.60 14.04 88.67
CA ALA N 262 -64.44 15.37 89.23
C ALA N 262 -64.44 15.29 90.75
N LEU N 263 -63.59 16.10 91.38
CA LEU N 263 -63.49 16.19 92.82
C LEU N 263 -63.70 17.64 93.22
N THR N 264 -64.71 17.88 94.07
CA THR N 264 -65.11 19.23 94.43
C THR N 264 -64.48 19.62 95.77
N PRO N 265 -64.13 20.91 95.94
CA PRO N 265 -63.50 21.35 97.19
C PRO N 265 -64.34 21.05 98.43
N ASN O 2 32.06 59.82 -60.08
CA ASN O 2 32.22 61.18 -59.62
C ASN O 2 32.87 62.04 -60.71
N ASN O 3 33.20 63.28 -60.37
CA ASN O 3 33.73 64.22 -61.36
C ASN O 3 35.15 63.89 -61.79
N LEU O 4 35.83 62.96 -61.10
CA LEU O 4 37.18 62.58 -61.50
C LEU O 4 37.16 61.84 -62.84
N TYR O 5 36.12 61.05 -63.09
CA TYR O 5 36.00 60.28 -64.32
C TYR O 5 37.17 59.33 -64.50
N ARG O 6 37.53 58.63 -63.41
CA ARG O 6 38.60 57.65 -63.47
C ARG O 6 38.17 56.37 -64.20
N ASP O 7 36.90 56.01 -64.13
CA ASP O 7 36.44 54.80 -64.79
C ASP O 7 36.63 54.86 -66.30
N LEU O 8 36.79 56.06 -66.86
CA LEU O 8 36.99 56.24 -68.29
C LEU O 8 38.45 56.20 -68.71
N ALA O 9 39.38 56.15 -67.75
CA ALA O 9 40.79 56.21 -68.09
C ALA O 9 41.31 54.81 -68.42
N PRO O 10 42.24 54.68 -69.38
CA PRO O 10 42.82 53.37 -69.70
C PRO O 10 43.94 52.98 -68.75
N ILE O 11 43.59 52.82 -67.48
CA ILE O 11 44.56 52.51 -66.42
C ILE O 11 43.98 51.42 -65.54
N THR O 12 44.84 50.46 -65.16
CA THR O 12 44.42 49.34 -64.33
C THR O 12 44.44 49.72 -62.85
N GLU O 13 43.84 48.84 -62.03
CA GLU O 13 43.78 49.09 -60.60
C GLU O 13 45.18 49.13 -60.00
N SER O 14 46.07 48.23 -60.43
CA SER O 14 47.41 48.20 -59.88
C SER O 14 48.18 49.48 -60.20
N ALA O 15 48.08 49.96 -61.44
CA ALA O 15 48.77 51.20 -61.80
C ALA O 15 48.16 52.39 -61.07
N TRP O 16 46.84 52.40 -60.90
CA TRP O 16 46.20 53.44 -60.10
C TRP O 16 46.76 53.44 -58.69
N ALA O 17 46.89 52.26 -58.08
CA ALA O 17 47.42 52.17 -56.72
C ALA O 17 48.86 52.67 -56.67
N GLU O 18 49.68 52.28 -57.65
CA GLU O 18 51.07 52.75 -57.67
C GLU O 18 51.14 54.26 -57.76
N ILE O 19 50.34 54.86 -58.66
CA ILE O 19 50.37 56.31 -58.83
C ILE O 19 49.92 57.00 -57.55
N GLU O 20 48.83 56.51 -56.95
CA GLU O 20 48.35 57.12 -55.71
C GLU O 20 49.40 57.04 -54.61
N LEU O 21 50.03 55.87 -54.46
CA LEU O 21 51.06 55.71 -53.43
C LEU O 21 52.23 56.66 -53.67
N GLU O 22 52.69 56.74 -54.90
CA GLU O 22 53.83 57.60 -55.21
C GLU O 22 53.52 59.06 -54.96
N ALA O 23 52.33 59.52 -55.35
CA ALA O 23 51.96 60.90 -55.11
C ALA O 23 51.81 61.19 -53.62
N THR O 24 51.16 60.30 -52.89
CA THR O 24 50.97 60.51 -51.45
C THR O 24 52.31 60.60 -50.74
N ARG O 25 53.24 59.69 -51.05
CA ARG O 25 54.53 59.70 -50.38
C ARG O 25 55.25 61.03 -50.61
N THR O 26 55.31 61.48 -51.86
CA THR O 26 56.04 62.70 -52.18
C THR O 26 55.39 63.93 -51.55
N PHE O 27 54.06 64.00 -51.61
CA PHE O 27 53.38 65.15 -51.00
C PHE O 27 53.60 65.18 -49.50
N LYS O 28 53.47 64.03 -48.82
CA LYS O 28 53.68 63.99 -47.39
C LYS O 28 55.13 64.31 -47.04
N ARG O 29 56.05 64.01 -47.96
CA ARG O 29 57.45 64.42 -47.75
C ARG O 29 57.60 65.93 -47.83
N HIS O 30 57.05 66.54 -48.87
CA HIS O 30 57.33 67.94 -49.18
C HIS O 30 56.41 68.92 -48.47
N ILE O 31 55.41 68.45 -47.73
CA ILE O 31 54.44 69.32 -47.07
C ILE O 31 54.89 69.55 -45.63
N ALA O 32 54.71 70.79 -45.15
CA ALA O 32 55.14 71.18 -43.82
C ALA O 32 54.06 71.86 -42.99
N GLY O 33 53.21 72.70 -43.59
CA GLY O 33 52.24 73.44 -42.81
C GLY O 33 51.26 72.55 -42.08
N ARG O 34 50.90 71.42 -42.70
CA ARG O 34 49.94 70.49 -42.10
C ARG O 34 50.43 69.92 -40.78
N ARG O 35 51.74 70.00 -40.51
CA ARG O 35 52.31 69.49 -39.27
C ARG O 35 52.27 70.51 -38.14
N VAL O 36 51.95 71.78 -38.43
CA VAL O 36 51.97 72.81 -37.41
C VAL O 36 50.70 73.65 -37.43
N VAL O 37 49.74 73.28 -38.28
CA VAL O 37 48.48 74.01 -38.36
C VAL O 37 47.32 73.04 -38.19
N ASP O 38 46.30 73.48 -37.45
CA ASP O 38 45.08 72.69 -37.34
C ASP O 38 44.41 72.56 -38.70
N VAL O 39 43.87 71.37 -38.96
CA VAL O 39 43.26 71.05 -40.25
C VAL O 39 41.80 70.73 -40.01
N SER O 40 40.91 71.48 -40.66
CA SER O 40 39.49 71.19 -40.65
C SER O 40 39.20 70.22 -41.79
N GLY O 41 38.87 68.98 -41.43
CA GLY O 41 38.72 67.91 -42.40
C GLY O 41 37.79 68.29 -43.54
N PRO O 42 37.84 67.53 -44.63
CA PRO O 42 37.00 67.85 -45.79
C PRO O 42 35.52 67.93 -45.40
N ASN O 43 34.88 69.02 -45.82
CA ASN O 43 33.47 69.24 -45.56
C ASN O 43 32.60 68.92 -46.76
N GLY O 44 33.18 68.45 -47.86
CA GLY O 44 32.43 68.02 -49.01
C GLY O 44 32.56 68.98 -50.19
N PRO O 45 32.24 68.50 -51.39
CA PRO O 45 32.31 69.37 -52.56
C PRO O 45 31.34 70.54 -52.52
N THR O 46 30.28 70.45 -51.72
CA THR O 46 29.31 71.54 -51.61
C THR O 46 29.85 72.74 -50.85
N THR O 47 30.96 72.58 -50.13
CA THR O 47 31.52 73.67 -49.34
C THR O 47 32.24 74.65 -50.26
N ALA O 48 31.93 75.94 -50.08
CA ALA O 48 32.48 76.98 -50.93
C ALA O 48 33.12 78.14 -50.16
N SER O 49 32.77 78.34 -48.90
CA SER O 49 33.28 79.48 -48.15
C SER O 49 33.27 79.15 -46.67
N VAL O 50 34.02 79.94 -45.90
CA VAL O 50 34.12 79.80 -44.45
C VAL O 50 33.68 81.11 -43.81
N SER O 51 32.65 81.04 -42.96
CA SER O 51 32.15 82.22 -42.28
C SER O 51 33.19 82.73 -41.29
N THR O 52 33.28 84.06 -41.15
CA THR O 52 34.15 84.65 -40.15
C THR O 52 33.39 85.19 -38.95
N GLY O 53 32.07 85.28 -39.03
CA GLY O 53 31.28 85.82 -37.94
C GLY O 53 31.27 87.32 -37.84
N HIS O 54 31.92 88.02 -38.77
CA HIS O 54 31.95 89.46 -38.80
C HIS O 54 30.85 90.00 -39.70
N LEU O 55 30.59 91.30 -39.57
CA LEU O 55 29.56 91.99 -40.34
C LEU O 55 30.18 93.15 -41.10
N LEU O 56 29.61 93.46 -42.26
CA LEU O 56 30.06 94.56 -43.10
C LEU O 56 28.88 95.51 -43.36
N ASP O 57 29.16 96.80 -43.30
CA ASP O 57 28.12 97.81 -43.52
C ASP O 57 27.71 97.84 -44.97
N VAL O 58 26.43 98.12 -45.22
CA VAL O 58 25.87 98.12 -46.56
C VAL O 58 24.68 99.07 -46.60
N SER O 59 24.43 99.62 -47.78
CA SER O 59 23.34 100.57 -47.95
C SER O 59 22.00 99.91 -47.64
N PRO O 60 21.10 100.56 -46.89
CA PRO O 60 19.86 99.90 -46.51
C PRO O 60 18.90 99.83 -47.69
N PRO O 61 17.99 98.84 -47.70
CA PRO O 61 16.92 98.86 -48.72
C PRO O 61 16.05 100.09 -48.63
N GLY O 62 15.79 100.61 -47.44
CA GLY O 62 14.88 101.72 -47.29
C GLY O 62 15.00 102.37 -45.93
N ASP O 63 14.05 103.24 -45.63
CA ASP O 63 14.09 104.01 -44.40
C ASP O 63 13.78 103.13 -43.19
N GLY O 64 14.44 103.44 -42.08
CA GLY O 64 14.20 102.72 -40.84
C GLY O 64 14.74 101.32 -40.81
N VAL O 65 15.65 100.98 -41.72
CA VAL O 65 16.20 99.64 -41.83
C VAL O 65 17.72 99.71 -41.76
N ILE O 66 18.32 98.85 -40.94
CA ILE O 66 19.76 98.75 -40.80
C ILE O 66 20.19 97.43 -41.43
N ALA O 67 21.13 97.50 -42.36
CA ALA O 67 21.55 96.35 -43.16
C ALA O 67 23.02 96.08 -42.94
N HIS O 68 23.37 94.79 -42.81
CA HIS O 68 24.75 94.35 -42.68
C HIS O 68 24.94 93.06 -43.47
N LEU O 69 26.13 92.89 -44.03
CA LEU O 69 26.47 91.70 -44.80
C LEU O 69 27.38 90.79 -43.99
N ARG O 70 27.08 89.50 -44.02
CA ARG O 70 27.91 88.50 -43.36
C ARG O 70 29.19 88.30 -44.16
N ASP O 71 30.30 88.09 -43.45
CA ASP O 71 31.62 88.01 -44.06
C ASP O 71 32.10 86.57 -44.14
N ALA O 72 32.57 86.19 -45.32
CA ALA O 72 33.03 84.83 -45.56
C ALA O 72 34.30 84.87 -46.39
N LYS O 73 35.12 83.83 -46.23
CA LYS O 73 36.35 83.66 -46.97
C LYS O 73 36.14 82.58 -48.03
N PRO O 74 36.30 82.89 -49.31
CA PRO O 74 36.09 81.87 -50.35
C PRO O 74 37.20 80.84 -50.37
N LEU O 75 36.88 79.67 -50.91
CA LEU O 75 37.82 78.58 -51.09
C LEU O 75 38.35 78.60 -52.52
N VAL O 76 39.62 78.24 -52.69
CA VAL O 76 40.28 78.27 -53.98
C VAL O 76 40.67 76.84 -54.34
N ARG O 77 40.46 76.47 -55.60
CA ARG O 77 40.78 75.16 -56.13
C ARG O 77 42.08 75.22 -56.90
N LEU O 78 43.04 74.38 -56.54
CA LEU O 78 44.33 74.30 -57.20
C LEU O 78 44.38 72.98 -57.97
N ARG O 79 44.70 73.08 -59.26
CA ARG O 79 44.77 71.94 -60.15
C ARG O 79 46.11 71.96 -60.88
N VAL O 80 46.85 70.86 -60.78
CA VAL O 80 48.15 70.73 -61.45
C VAL O 80 48.08 69.57 -62.43
N PRO O 81 48.19 69.82 -63.73
CA PRO O 81 48.11 68.71 -64.70
C PRO O 81 49.48 68.08 -64.96
N PHE O 82 49.41 66.81 -65.35
CA PHE O 82 50.61 66.06 -65.73
C PHE O 82 50.21 64.96 -66.71
N THR O 83 51.22 64.35 -67.34
CA THR O 83 51.04 63.37 -68.39
C THR O 83 51.77 62.10 -68.04
N VAL O 84 51.16 60.95 -68.36
CA VAL O 84 51.73 59.65 -68.07
C VAL O 84 51.72 58.80 -69.34
N ALA O 85 52.65 57.84 -69.39
CA ALA O 85 52.84 57.01 -70.57
C ALA O 85 52.10 55.68 -70.44
N ARG O 86 51.33 55.35 -71.47
CA ARG O 86 50.56 54.12 -71.49
C ARG O 86 51.45 52.88 -71.47
N ARG O 87 52.68 52.97 -71.97
CA ARG O 87 53.59 51.85 -71.88
C ARG O 87 53.99 51.55 -70.44
N ASP O 88 54.35 52.58 -69.66
CA ASP O 88 54.61 52.41 -68.25
C ASP O 88 53.38 51.92 -67.51
N ILE O 89 52.19 52.40 -67.90
CA ILE O 89 50.96 51.90 -67.30
C ILE O 89 50.79 50.41 -67.56
N ASP O 90 50.99 49.99 -68.81
CA ASP O 90 50.72 48.60 -69.18
C ASP O 90 51.75 47.66 -68.57
N ASP O 91 52.98 48.10 -68.42
CA ASP O 91 54.02 47.21 -67.89
C ASP O 91 53.71 46.72 -66.49
N VAL O 92 52.88 47.44 -65.73
CA VAL O 92 52.63 47.06 -64.34
C VAL O 92 51.98 45.69 -64.26
N GLU O 93 50.96 45.44 -65.09
CA GLU O 93 50.27 44.16 -65.06
C GLU O 93 51.17 43.01 -65.47
N ARG O 94 52.31 43.30 -66.10
CA ARG O 94 53.32 42.30 -66.41
C ARG O 94 54.31 42.08 -65.28
N GLY O 95 53.96 42.49 -64.06
CA GLY O 95 54.86 42.35 -62.94
C GLY O 95 56.08 43.26 -63.02
N SER O 96 55.95 44.40 -63.67
CA SER O 96 57.03 45.39 -63.70
C SER O 96 56.89 46.32 -62.51
N GLN O 97 58.01 46.59 -61.86
CA GLN O 97 58.06 47.48 -60.70
C GLN O 97 59.23 48.44 -60.74
N ASP O 98 59.58 48.94 -61.93
CA ASP O 98 60.50 50.07 -62.09
C ASP O 98 59.89 51.16 -62.96
N SER O 99 58.57 51.24 -63.03
CA SER O 99 57.90 52.18 -63.93
C SER O 99 58.19 53.62 -63.51
N ASP O 100 58.19 54.51 -64.50
CA ASP O 100 58.52 55.92 -64.30
C ASP O 100 57.28 56.68 -63.85
N TRP O 101 57.37 57.33 -62.69
CA TRP O 101 56.31 58.15 -62.14
C TRP O 101 56.83 59.55 -61.80
N ASP O 102 57.89 59.96 -62.50
CA ASP O 102 58.50 61.27 -62.24
C ASP O 102 57.52 62.41 -62.47
N PRO O 103 56.70 62.44 -63.52
CA PRO O 103 55.70 63.51 -63.62
C PRO O 103 54.75 63.55 -62.44
N VAL O 104 54.35 62.38 -61.92
CA VAL O 104 53.52 62.33 -60.73
C VAL O 104 54.23 63.00 -59.57
N LYS O 105 55.50 62.65 -59.36
CA LYS O 105 56.24 63.22 -58.24
C LYS O 105 56.39 64.73 -58.40
N ASP O 106 56.67 65.20 -59.62
CA ASP O 106 56.81 66.62 -59.86
C ASP O 106 55.52 67.37 -59.59
N ALA O 107 54.39 66.83 -60.05
CA ALA O 107 53.11 67.48 -59.80
C ALA O 107 52.80 67.53 -58.31
N ALA O 108 53.08 66.44 -57.59
CA ALA O 108 52.87 66.45 -56.15
C ALA O 108 53.73 67.51 -55.47
N LYS O 109 55.00 67.61 -55.88
CA LYS O 109 55.88 68.63 -55.33
C LYS O 109 55.33 70.03 -55.60
N LYS O 110 54.85 70.27 -56.83
CA LYS O 110 54.32 71.58 -57.19
C LYS O 110 53.11 71.93 -56.32
N LEU O 111 52.19 70.97 -56.15
CA LEU O 111 51.01 71.23 -55.34
C LEU O 111 51.38 71.51 -53.89
N ALA O 112 52.29 70.71 -53.33
CA ALA O 112 52.73 70.96 -51.96
C ALA O 112 53.35 72.33 -51.82
N PHE O 113 54.16 72.73 -52.81
CA PHE O 113 54.83 74.03 -52.73
C PHE O 113 53.83 75.16 -52.78
N VAL O 114 52.85 75.08 -53.68
CA VAL O 114 51.85 76.15 -53.75
C VAL O 114 51.06 76.22 -52.45
N GLU O 115 50.68 75.06 -51.89
CA GLU O 115 49.92 75.07 -50.64
C GLU O 115 50.74 75.72 -49.51
N ASP O 116 52.00 75.29 -49.36
CA ASP O 116 52.81 75.82 -48.27
C ASP O 116 53.10 77.30 -48.46
N ARG O 117 53.32 77.73 -49.71
CA ARG O 117 53.57 79.13 -49.98
C ARG O 117 52.34 79.99 -49.74
N ALA O 118 51.14 79.50 -50.05
CA ALA O 118 49.94 80.21 -49.68
C ALA O 118 49.78 80.30 -48.16
N ILE O 119 50.10 79.21 -47.44
CA ILE O 119 49.97 79.24 -46.00
C ILE O 119 50.93 80.25 -45.38
N PHE O 120 52.19 80.25 -45.82
CA PHE O 120 53.25 80.99 -45.13
C PHE O 120 53.57 82.35 -45.72
N GLU O 121 53.08 82.66 -46.92
CA GLU O 121 53.44 83.89 -47.61
C GLU O 121 52.24 84.65 -48.12
N GLY O 122 51.14 83.99 -48.46
CA GLY O 122 49.92 84.65 -48.87
C GLY O 122 49.65 84.47 -50.36
N TYR O 123 48.38 84.32 -50.70
CA TYR O 123 47.91 84.25 -52.08
C TYR O 123 46.78 85.28 -52.18
N ALA O 124 47.14 86.50 -52.59
CA ALA O 124 46.24 87.64 -52.44
C ALA O 124 44.94 87.44 -53.22
N ALA O 125 45.04 86.98 -54.47
CA ALA O 125 43.84 86.86 -55.30
C ALA O 125 42.80 85.95 -54.66
N ALA O 126 43.23 85.00 -53.84
CA ALA O 126 42.33 84.15 -53.07
C ALA O 126 41.99 84.76 -51.71
N SER O 127 42.35 86.02 -51.48
CA SER O 127 42.10 86.69 -50.21
C SER O 127 42.79 85.99 -49.04
N ILE O 128 43.91 85.31 -49.32
CA ILE O 128 44.65 84.57 -48.31
C ILE O 128 45.80 85.46 -47.84
N GLU O 129 45.73 85.90 -46.58
CA GLU O 129 46.83 86.62 -45.96
C GLU O 129 47.69 85.63 -45.20
N GLY O 130 48.98 85.62 -45.51
CA GLY O 130 49.89 84.63 -44.96
C GLY O 130 50.29 84.93 -43.53
N ILE O 131 50.94 83.93 -42.92
CA ILE O 131 51.44 84.10 -41.56
C ILE O 131 52.45 85.22 -41.48
N ARG O 132 53.31 85.37 -42.48
CA ARG O 132 54.31 86.43 -42.48
C ARG O 132 53.68 87.81 -42.35
N SER O 133 52.67 88.10 -43.17
CA SER O 133 52.01 89.40 -43.12
C SER O 133 51.15 89.55 -41.87
N SER O 134 50.39 88.50 -41.52
CA SER O 134 49.49 88.59 -40.39
C SER O 134 50.24 88.65 -39.05
N SER O 135 51.51 88.29 -39.03
CA SER O 135 52.27 88.31 -37.78
C SER O 135 52.41 89.73 -37.26
N SER O 136 52.22 89.90 -35.95
CA SER O 136 52.36 91.19 -35.31
C SER O 136 53.73 91.40 -34.67
N ASN O 137 54.37 90.32 -34.22
CA ASN O 137 55.69 90.45 -33.64
C ASN O 137 56.69 90.90 -34.69
N PRO O 138 57.69 91.70 -34.32
CA PRO O 138 58.62 92.22 -35.33
C PRO O 138 59.38 91.10 -36.03
N ALA O 139 59.63 91.30 -37.32
CA ALA O 139 60.36 90.34 -38.11
C ALA O 139 61.86 90.50 -37.92
N LEU O 140 62.59 89.40 -38.06
CA LEU O 140 64.04 89.40 -37.92
C LEU O 140 64.70 89.06 -39.25
N ALA O 141 66.03 89.17 -39.27
CA ALA O 141 66.83 88.89 -40.44
C ALA O 141 67.72 87.68 -40.18
N LEU O 142 67.71 86.74 -41.12
CA LEU O 142 68.52 85.54 -40.99
C LEU O 142 69.96 85.88 -41.36
N PRO O 143 70.93 85.70 -40.46
CA PRO O 143 72.31 86.06 -40.81
C PRO O 143 72.84 85.23 -41.97
N ASP O 144 73.71 85.86 -42.77
CA ASP O 144 74.31 85.16 -43.89
C ASP O 144 75.11 83.95 -43.41
N ASP O 145 75.85 84.11 -42.31
CA ASP O 145 76.58 83.00 -41.73
C ASP O 145 75.63 82.06 -40.99
N ALA O 146 76.03 80.80 -40.88
CA ALA O 146 75.19 79.81 -40.21
C ALA O 146 75.43 79.75 -38.70
N ARG O 147 76.46 80.42 -38.19
CA ARG O 147 76.80 80.28 -36.79
C ARG O 147 75.95 81.16 -35.89
N GLU O 148 75.37 82.23 -36.42
CA GLU O 148 74.60 83.18 -35.65
C GLU O 148 73.10 82.90 -35.68
N ILE O 149 72.65 81.89 -36.43
CA ILE O 149 71.21 81.62 -36.54
C ILE O 149 70.62 81.29 -35.18
N PRO O 150 71.25 80.46 -34.33
CA PRO O 150 70.62 80.16 -33.03
C PRO O 150 70.37 81.38 -32.18
N ASP O 151 71.22 82.39 -32.25
CA ASP O 151 70.98 83.62 -31.49
C ASP O 151 69.70 84.30 -31.95
N VAL O 152 69.48 84.35 -33.26
CA VAL O 152 68.27 84.98 -33.78
C VAL O 152 67.04 84.16 -33.39
N ILE O 153 67.17 82.83 -33.40
CA ILE O 153 66.05 82.00 -32.98
C ILE O 153 65.73 82.23 -31.50
N ALA O 154 66.77 82.38 -30.68
CA ALA O 154 66.53 82.68 -29.27
C ALA O 154 65.86 84.04 -29.10
N GLN O 155 66.25 85.02 -29.92
CA GLN O 155 65.59 86.32 -29.90
C GLN O 155 64.11 86.19 -30.26
N ALA O 156 63.81 85.40 -31.29
CA ALA O 156 62.41 85.22 -31.71
C ALA O 156 61.60 84.53 -30.63
N LEU O 157 62.18 83.51 -29.99
CA LEU O 157 61.50 82.88 -28.87
C LEU O 157 61.27 83.89 -27.76
N SER O 158 62.25 84.74 -27.48
CA SER O 158 62.07 85.80 -26.49
C SER O 158 60.91 86.71 -26.87
N GLU O 159 60.76 87.02 -28.16
CA GLU O 159 59.67 87.91 -28.56
C GLU O 159 58.31 87.25 -28.36
N LEU O 160 58.11 86.06 -28.91
CA LEU O 160 56.87 85.31 -28.69
C LEU O 160 56.56 85.22 -27.20
N ARG O 161 57.57 84.82 -26.45
CA ARG O 161 57.44 84.41 -25.06
C ARG O 161 57.37 85.61 -24.13
N LEU O 162 57.79 86.77 -24.62
CA LEU O 162 57.36 88.04 -24.05
C LEU O 162 55.90 88.29 -24.32
N ALA O 163 55.48 88.13 -25.58
CA ALA O 163 54.12 88.46 -25.97
C ALA O 163 53.09 87.64 -25.21
N GLY O 164 53.49 86.48 -24.69
CA GLY O 164 52.64 85.75 -23.78
C GLY O 164 52.06 84.46 -24.34
N VAL O 165 52.59 83.96 -25.43
CA VAL O 165 52.10 82.72 -26.02
C VAL O 165 52.81 81.54 -25.40
N ASP O 166 52.09 80.42 -25.27
CA ASP O 166 52.62 79.22 -24.66
C ASP O 166 52.46 78.02 -25.57
N GLY O 167 52.76 76.83 -25.05
CA GLY O 167 52.68 75.62 -25.83
C GLY O 167 54.00 75.32 -26.54
N PRO O 168 54.14 74.11 -27.06
CA PRO O 168 55.39 73.75 -27.72
C PRO O 168 55.70 74.68 -28.88
N TYR O 169 56.98 75.03 -29.01
CA TYR O 169 57.44 75.91 -30.08
C TYR O 169 58.16 75.08 -31.15
N SER O 170 58.07 75.57 -32.38
CA SER O 170 58.58 74.83 -33.52
C SER O 170 59.23 75.78 -34.51
N VAL O 171 60.27 75.30 -35.17
CA VAL O 171 61.05 76.07 -36.13
C VAL O 171 60.90 75.40 -37.49
N LEU O 172 60.41 76.17 -38.46
CA LEU O 172 60.32 75.72 -39.85
C LEU O 172 61.40 76.44 -40.63
N LEU O 173 62.28 75.68 -41.26
CA LEU O 173 63.42 76.24 -41.97
C LEU O 173 63.30 76.01 -43.47
N SER O 174 63.85 76.95 -44.24
CA SER O 174 63.80 76.88 -45.69
C SER O 174 64.73 75.78 -46.18
N ALA O 175 64.66 75.46 -47.46
CA ALA O 175 65.59 74.49 -48.03
C ALA O 175 67.02 74.98 -47.95
N GLU O 176 67.25 76.24 -48.35
CA GLU O 176 68.61 76.77 -48.38
C GLU O 176 69.16 76.92 -46.97
N THR O 177 68.33 77.33 -46.02
CA THR O 177 68.77 77.47 -44.63
C THR O 177 69.00 76.12 -43.97
N TYR O 178 68.12 75.15 -44.22
CA TYR O 178 68.29 73.82 -43.66
C TYR O 178 69.54 73.15 -44.20
N THR O 179 69.79 73.27 -45.51
CA THR O 179 71.04 72.76 -46.07
C THR O 179 72.25 73.40 -45.38
N LYS O 180 72.17 74.71 -45.13
CA LYS O 180 73.29 75.40 -44.49
C LYS O 180 73.53 74.87 -43.09
N VAL O 181 72.48 74.83 -42.26
CA VAL O 181 72.65 74.39 -40.88
C VAL O 181 73.04 72.92 -40.82
N SER O 182 72.65 72.13 -41.82
CA SER O 182 73.00 70.72 -41.82
C SER O 182 74.46 70.52 -42.20
N GLU O 183 74.88 71.10 -43.32
CA GLU O 183 76.26 70.93 -43.76
C GLU O 183 77.23 71.55 -42.76
N THR O 184 76.92 72.74 -42.26
CA THR O 184 77.77 73.40 -41.28
C THR O 184 77.78 72.63 -39.98
N THR O 185 78.94 72.63 -39.31
CA THR O 185 79.14 71.87 -38.08
C THR O 185 79.93 72.70 -37.08
N ALA O 186 79.79 72.34 -35.81
CA ALA O 186 80.52 73.03 -34.74
C ALA O 186 80.69 72.06 -33.58
N HIS O 187 81.92 71.95 -33.08
CA HIS O 187 82.23 71.09 -31.93
C HIS O 187 81.76 69.66 -32.17
N GLY O 188 81.75 69.23 -33.44
CA GLY O 188 81.33 67.89 -33.75
C GLY O 188 79.84 67.67 -33.80
N TYR O 189 79.03 68.72 -33.82
CA TYR O 189 77.60 68.60 -34.03
C TYR O 189 77.12 69.63 -35.07
N PRO O 190 76.13 69.30 -35.88
CA PRO O 190 75.58 70.29 -36.82
C PRO O 190 74.93 71.46 -36.13
N ILE O 191 74.96 72.59 -36.85
CA ILE O 191 74.27 73.78 -36.38
C ILE O 191 72.78 73.50 -36.26
N ARG O 192 72.26 72.55 -37.03
CA ARG O 192 70.86 72.17 -36.88
C ARG O 192 70.59 71.55 -35.52
N GLU O 193 71.47 70.67 -35.05
CA GLU O 193 71.32 70.15 -33.69
C GLU O 193 71.47 71.27 -32.67
N HIS O 194 72.41 72.18 -32.90
CA HIS O 194 72.51 73.36 -32.05
C HIS O 194 71.16 74.07 -31.93
N ILE O 195 70.48 74.26 -33.06
CA ILE O 195 69.16 74.90 -33.04
C ILE O 195 68.16 74.04 -32.27
N ASN O 196 68.12 72.74 -32.58
CA ASN O 196 67.15 71.85 -31.95
C ASN O 196 67.26 71.89 -30.43
N ARG O 197 68.46 72.08 -29.91
CA ARG O 197 68.66 72.06 -28.46
C ARG O 197 67.76 73.06 -27.74
N LEU O 198 67.36 74.15 -28.39
CA LEU O 198 66.64 75.22 -27.72
C LEU O 198 65.15 74.94 -27.58
N VAL O 199 64.50 74.52 -28.67
CA VAL O 199 63.05 74.41 -28.69
C VAL O 199 62.61 73.12 -28.02
N ASP O 200 61.32 73.07 -27.67
CA ASP O 200 60.69 71.89 -27.10
C ASP O 200 60.01 71.02 -28.14
N GLY O 201 59.67 71.59 -29.30
CA GLY O 201 58.96 70.85 -30.33
C GLY O 201 59.88 70.16 -31.32
N GLU O 202 59.74 70.50 -32.59
CA GLU O 202 60.47 69.82 -33.66
C GLU O 202 61.06 70.85 -34.63
N ILE O 203 62.04 70.40 -35.40
CA ILE O 203 62.60 71.15 -36.51
C ILE O 203 61.98 70.60 -37.79
N ILE O 204 61.47 71.49 -38.65
CA ILE O 204 60.68 71.09 -39.81
C ILE O 204 61.29 71.66 -41.09
N TRP O 205 61.28 70.86 -42.14
CA TRP O 205 61.63 71.27 -43.50
C TRP O 205 60.50 72.11 -44.09
N ALA O 206 60.84 73.27 -44.64
CA ALA O 206 59.87 74.07 -45.36
C ALA O 206 60.47 74.57 -46.67
N PRO O 207 60.59 73.72 -47.69
CA PRO O 207 61.29 74.15 -48.91
C PRO O 207 60.55 75.24 -49.63
N ALA O 208 59.22 75.20 -49.61
CA ALA O 208 58.40 76.16 -50.32
C ALA O 208 58.59 77.57 -49.77
N ILE O 209 58.73 77.71 -48.46
CA ILE O 209 58.83 79.02 -47.83
C ILE O 209 60.25 79.55 -48.05
N ASP O 210 60.44 80.84 -47.81
CA ASP O 210 61.73 81.50 -47.93
C ASP O 210 62.05 82.16 -46.60
N GLY O 211 63.13 81.74 -45.96
CA GLY O 211 63.54 82.29 -44.68
C GLY O 211 63.44 81.29 -43.56
N ALA O 212 62.77 81.68 -42.47
CA ALA O 212 62.57 80.78 -41.33
C ALA O 212 61.37 81.29 -40.54
N PHE O 213 60.79 80.40 -39.73
CA PHE O 213 59.62 80.77 -38.94
C PHE O 213 59.68 80.06 -37.60
N VAL O 214 59.44 80.80 -36.52
CA VAL O 214 59.34 80.20 -35.18
C VAL O 214 57.92 80.45 -34.68
N LEU O 215 57.18 79.39 -34.39
CA LEU O 215 55.77 79.55 -34.05
C LEU O 215 55.35 78.58 -32.97
N SER O 216 54.24 78.92 -32.30
CA SER O 216 53.67 78.07 -31.27
C SER O 216 52.71 77.05 -31.88
N THR O 217 52.56 75.92 -31.20
CA THR O 217 51.67 74.85 -31.64
C THR O 217 50.67 74.48 -30.54
N ARG O 218 50.34 75.43 -29.67
CA ARG O 218 49.32 75.16 -28.65
C ARG O 218 47.99 74.81 -29.30
N GLY O 219 47.64 75.50 -30.38
CA GLY O 219 46.39 75.23 -31.07
C GLY O 219 45.45 76.42 -31.07
N GLY O 220 44.60 76.51 -32.08
CA GLY O 220 43.62 77.58 -32.16
C GLY O 220 44.10 78.87 -32.78
N ASP O 221 45.30 78.87 -33.38
CA ASP O 221 45.84 80.07 -34.00
C ASP O 221 45.91 80.00 -35.52
N PHE O 222 46.00 78.82 -36.11
CA PHE O 222 46.05 78.67 -37.56
C PHE O 222 45.06 77.60 -37.96
N ASP O 223 44.34 77.82 -39.06
CA ASP O 223 43.32 76.90 -39.54
C ASP O 223 43.45 76.73 -41.05
N LEU O 224 43.72 75.50 -41.48
CA LEU O 224 43.72 75.16 -42.91
C LEU O 224 42.40 74.48 -43.21
N GLN O 225 41.51 75.20 -43.90
CA GLN O 225 40.19 74.67 -44.23
C GLN O 225 40.25 73.98 -45.59
N LEU O 226 39.80 72.73 -45.64
CA LEU O 226 39.77 71.95 -46.86
C LEU O 226 38.33 71.62 -47.21
N GLY O 227 37.96 71.83 -48.47
CA GLY O 227 36.69 71.36 -48.97
C GLY O 227 36.80 69.92 -49.41
N THR O 228 37.81 69.65 -50.24
CA THR O 228 38.16 68.30 -50.65
C THR O 228 39.68 68.16 -50.58
N ASP O 229 40.13 67.01 -50.10
CA ASP O 229 41.56 66.76 -49.95
C ASP O 229 42.17 66.50 -51.32
N VAL O 230 43.45 66.17 -51.35
CA VAL O 230 44.15 65.95 -52.60
C VAL O 230 43.53 64.77 -53.33
N SER O 231 43.26 64.96 -54.63
CA SER O 231 42.65 63.92 -55.45
C SER O 231 43.32 63.92 -56.81
N ILE O 232 43.25 62.78 -57.50
CA ILE O 232 43.83 62.60 -58.83
C ILE O 232 42.70 62.29 -59.81
N GLY O 233 42.68 63.01 -60.93
CA GLY O 233 41.64 62.85 -61.92
C GLY O 233 42.14 62.64 -63.33
N TYR O 234 41.21 62.56 -64.27
CA TYR O 234 41.49 62.24 -65.68
C TYR O 234 40.83 63.27 -66.57
N LEU O 235 41.56 63.79 -67.55
CA LEU O 235 40.99 64.74 -68.51
C LEU O 235 40.77 64.10 -69.88
N SER O 236 41.81 63.53 -70.47
CA SER O 236 41.72 62.94 -71.80
C SER O 236 42.86 61.95 -71.95
N HIS O 237 42.92 61.28 -73.11
CA HIS O 237 43.94 60.28 -73.35
C HIS O 237 44.18 60.16 -74.84
N ASP O 238 45.27 59.47 -75.18
CA ASP O 238 45.73 59.33 -76.55
C ASP O 238 46.29 57.91 -76.70
N ALA O 239 46.72 57.57 -77.91
CA ALA O 239 47.29 56.26 -78.16
C ALA O 239 48.59 56.03 -77.39
N GLU O 240 49.21 57.09 -76.86
CA GLU O 240 50.49 57.00 -76.19
C GLU O 240 50.49 57.49 -74.75
N VAL O 241 49.64 58.47 -74.43
CA VAL O 241 49.71 59.14 -73.14
C VAL O 241 48.30 59.30 -72.56
N VAL O 242 48.25 59.61 -71.27
CA VAL O 242 47.03 59.96 -70.57
C VAL O 242 47.30 61.24 -69.79
N HIS O 243 46.36 62.17 -69.82
CA HIS O 243 46.48 63.44 -69.11
C HIS O 243 45.65 63.38 -67.82
N LEU O 244 46.32 63.62 -66.69
CA LEU O 244 45.71 63.57 -65.37
C LEU O 244 45.99 64.89 -64.66
N TYR O 245 45.35 65.08 -63.51
CA TYR O 245 45.57 66.28 -62.72
C TYR O 245 45.48 65.93 -61.24
N MET O 246 46.18 66.71 -60.42
CA MET O 246 46.05 66.64 -58.97
C MET O 246 45.35 67.90 -58.49
N GLU O 247 44.30 67.73 -57.69
CA GLU O 247 43.36 68.79 -57.35
C GLU O 247 43.16 68.86 -55.85
N GLU O 248 43.06 70.08 -55.33
CA GLU O 248 42.64 70.27 -53.94
C GLU O 248 42.02 71.65 -53.76
N THR O 249 40.96 71.70 -52.95
CA THR O 249 40.24 72.94 -52.67
C THR O 249 40.45 73.35 -51.22
N MET O 250 41.01 74.54 -51.02
CA MET O 250 41.49 74.91 -49.69
C MET O 250 41.39 76.42 -49.48
N THR O 251 41.59 76.81 -48.22
CA THR O 251 41.87 78.17 -47.82
C THR O 251 42.57 78.12 -46.47
N PHE O 252 43.19 79.25 -46.10
CA PHE O 252 43.96 79.33 -44.86
C PHE O 252 43.56 80.56 -44.08
N LEU O 253 43.47 80.43 -42.76
CA LEU O 253 43.13 81.53 -41.87
C LEU O 253 44.09 81.57 -40.69
N CYS O 254 44.54 82.77 -40.34
CA CYS O 254 45.33 83.02 -39.14
C CYS O 254 44.50 83.87 -38.20
N TYR O 255 44.39 83.44 -36.94
CA TYR O 255 43.58 84.12 -35.94
C TYR O 255 44.41 84.87 -34.92
N THR O 256 45.54 84.31 -34.51
CA THR O 256 46.43 84.92 -33.52
C THR O 256 47.68 85.44 -34.24
N ALA O 257 47.86 86.75 -34.23
CA ALA O 257 48.99 87.36 -34.92
C ALA O 257 50.27 87.32 -34.09
N GLU O 258 50.16 86.98 -32.80
CA GLU O 258 51.31 87.03 -31.90
C GLU O 258 51.92 85.65 -31.63
N ALA O 259 51.46 84.61 -32.33
CA ALA O 259 51.94 83.25 -32.08
C ALA O 259 53.05 82.83 -33.03
N SER O 260 53.59 83.75 -33.82
CA SER O 260 54.62 83.41 -34.80
C SER O 260 55.60 84.56 -34.94
N VAL O 261 56.81 84.23 -35.38
CA VAL O 261 57.87 85.19 -35.67
C VAL O 261 58.50 84.77 -36.99
N ALA O 262 58.71 85.73 -37.88
CA ALA O 262 59.23 85.46 -39.20
C ALA O 262 60.65 86.00 -39.33
N LEU O 263 61.51 85.25 -40.01
CA LEU O 263 62.88 85.63 -40.27
C LEU O 263 63.10 85.62 -41.78
N THR O 264 63.52 86.78 -42.31
CA THR O 264 63.65 86.95 -43.75
C THR O 264 65.11 86.74 -44.17
N PRO O 265 65.34 86.18 -45.38
CA PRO O 265 66.70 85.92 -45.84
C PRO O 265 67.56 87.18 -45.87
N ASN P 2 -39.47 52.29 62.63
CA ASN P 2 -38.63 52.76 63.72
C ASN P 2 -39.41 53.72 64.63
N ASN P 3 -38.72 54.33 65.57
CA ASN P 3 -39.38 55.19 66.56
C ASN P 3 -39.87 56.50 65.98
N LEU P 4 -39.47 56.84 64.74
CA LEU P 4 -39.96 58.07 64.13
C LEU P 4 -41.45 57.99 63.83
N TYR P 5 -41.93 56.80 63.46
CA TYR P 5 -43.34 56.60 63.13
C TYR P 5 -43.77 57.49 61.97
N ARG P 6 -42.93 57.54 60.93
CA ARG P 6 -43.26 58.31 59.74
C ARG P 6 -44.34 57.64 58.90
N ASP P 7 -44.40 56.31 58.90
CA ASP P 7 -45.39 55.61 58.11
C ASP P 7 -46.82 55.95 58.53
N LEU P 8 -47.00 56.47 59.74
CA LEU P 8 -48.31 56.85 60.24
C LEU P 8 -48.69 58.28 59.91
N ALA P 9 -47.79 59.06 59.35
CA ALA P 9 -48.08 60.47 59.09
C ALA P 9 -48.79 60.63 57.75
N PRO P 10 -49.74 61.57 57.64
CA PRO P 10 -50.42 61.81 56.36
C PRO P 10 -49.61 62.70 55.42
N ILE P 11 -48.45 62.20 55.02
CA ILE P 11 -47.52 62.95 54.17
C ILE P 11 -47.00 62.02 53.09
N THR P 12 -46.91 62.54 51.86
CA THR P 12 -46.45 61.77 50.72
C THR P 12 -44.92 61.76 50.64
N GLU P 13 -44.41 60.87 49.78
CA GLU P 13 -42.97 60.74 49.62
C GLU P 13 -42.36 62.04 49.10
N SER P 14 -43.03 62.69 48.15
CA SER P 14 -42.49 63.92 47.59
C SER P 14 -42.41 65.03 48.64
N ALA P 15 -43.46 65.18 49.45
CA ALA P 15 -43.43 66.20 50.49
C ALA P 15 -42.39 65.87 51.56
N TRP P 16 -42.24 64.58 51.89
CA TRP P 16 -41.18 64.17 52.80
C TRP P 16 -39.82 64.58 52.25
N ALA P 17 -39.58 64.33 50.97
CA ALA P 17 -38.31 64.69 50.36
C ALA P 17 -38.09 66.19 50.40
N GLU P 18 -39.13 66.97 50.08
CA GLU P 18 -39.00 68.42 50.13
C GLU P 18 -38.64 68.91 51.52
N ILE P 19 -39.33 68.39 52.54
CA ILE P 19 -39.07 68.82 53.91
C ILE P 19 -37.65 68.45 54.32
N GLU P 20 -37.23 67.22 54.01
CA GLU P 20 -35.87 66.80 54.36
C GLU P 20 -34.84 67.68 53.68
N LEU P 21 -35.02 67.96 52.39
CA LEU P 21 -34.07 68.81 51.67
C LEU P 21 -34.01 70.20 52.28
N GLU P 22 -35.16 70.79 52.56
CA GLU P 22 -35.19 72.14 53.12
C GLU P 22 -34.53 72.20 54.48
N ALA P 23 -34.77 71.21 55.34
CA ALA P 23 -34.15 71.21 56.65
C ALA P 23 -32.64 71.00 56.55
N THR P 24 -32.21 70.07 55.70
CA THR P 24 -30.78 69.80 55.55
C THR P 24 -30.05 71.05 55.06
N ARG P 25 -30.61 71.72 54.06
CA ARG P 25 -29.95 72.91 53.51
C ARG P 25 -29.77 73.97 54.60
N THR P 26 -30.83 74.26 55.34
CA THR P 26 -30.77 75.33 56.34
C THR P 26 -29.82 74.96 57.48
N PHE P 27 -29.86 73.71 57.93
CA PHE P 27 -28.96 73.31 59.01
C PHE P 27 -27.50 73.39 58.56
N LYS P 28 -27.20 72.89 57.36
CA LYS P 28 -25.84 72.95 56.86
C LYS P 28 -25.39 74.39 56.65
N ARG P 29 -26.34 75.29 56.37
CA ARG P 29 -26.02 76.71 56.30
C ARG P 29 -25.64 77.26 57.66
N HIS P 30 -26.47 76.99 58.67
CA HIS P 30 -26.35 77.66 59.96
C HIS P 30 -25.40 76.97 60.92
N ILE P 31 -24.83 75.82 60.56
CA ILE P 31 -23.96 75.06 61.45
C ILE P 31 -22.51 75.42 61.14
N ALA P 32 -21.69 75.53 62.19
CA ALA P 32 -20.30 75.91 62.06
C ALA P 32 -19.32 74.99 62.76
N GLY P 33 -19.66 74.45 63.93
CA GLY P 33 -18.70 73.64 64.67
C GLY P 33 -18.29 72.40 63.92
N ARG P 34 -19.21 71.81 63.16
CA ARG P 34 -18.93 70.59 62.41
C ARG P 34 -17.82 70.78 61.38
N ARG P 35 -17.53 72.03 61.01
CA ARG P 35 -16.48 72.33 60.04
C ARG P 35 -15.10 72.45 60.67
N VAL P 36 -15.01 72.51 62.00
CA VAL P 36 -13.73 72.71 62.67
C VAL P 36 -13.52 71.72 63.80
N VAL P 37 -14.46 70.77 63.96
CA VAL P 37 -14.34 69.76 65.02
C VAL P 37 -14.47 68.38 64.39
N ASP P 38 -13.65 67.45 64.89
CA ASP P 38 -13.79 66.05 64.47
C ASP P 38 -15.14 65.51 64.91
N VAL P 39 -15.74 64.70 64.05
CA VAL P 39 -17.08 64.16 64.29
C VAL P 39 -16.96 62.64 64.34
N SER P 40 -17.38 62.05 65.45
CA SER P 40 -17.47 60.60 65.58
C SER P 40 -18.85 60.18 65.09
N GLY P 41 -18.88 59.49 63.95
CA GLY P 41 -20.11 59.15 63.29
C GLY P 41 -21.10 58.48 64.21
N PRO P 42 -22.36 58.43 63.80
CA PRO P 42 -23.39 57.81 64.65
C PRO P 42 -23.02 56.39 65.03
N ASN P 43 -23.10 56.10 66.33
CA ASN P 43 -22.81 54.78 66.85
C ASN P 43 -24.06 53.96 67.14
N GLY P 44 -25.24 54.51 66.85
CA GLY P 44 -26.48 53.78 66.99
C GLY P 44 -27.32 54.27 68.15
N PRO P 45 -28.62 53.94 68.14
CA PRO P 45 -29.48 54.36 69.25
C PRO P 45 -29.11 53.74 70.58
N THR P 46 -28.38 52.62 70.57
CA THR P 46 -27.97 51.97 71.81
C THR P 46 -26.89 52.73 72.55
N THR P 47 -26.23 53.69 71.90
CA THR P 47 -25.15 54.44 72.52
C THR P 47 -25.73 55.47 73.48
N ALA P 48 -25.19 55.51 74.70
CA ALA P 48 -25.68 56.39 75.74
C ALA P 48 -24.60 57.23 76.41
N SER P 49 -23.34 56.84 76.34
CA SER P 49 -22.28 57.56 77.03
C SER P 49 -20.96 57.32 76.32
N VAL P 50 -19.99 58.18 76.62
CA VAL P 50 -18.65 58.10 76.06
C VAL P 50 -17.65 57.96 77.21
N SER P 51 -16.87 56.88 77.19
CA SER P 51 -15.88 56.65 78.23
C SER P 51 -14.78 57.68 78.14
N THR P 52 -14.25 58.10 79.29
CA THR P 52 -13.11 59.01 79.31
C THR P 52 -11.81 58.31 79.69
N GLY P 53 -11.88 57.07 80.17
CA GLY P 53 -10.69 56.36 80.57
C GLY P 53 -10.15 56.73 81.93
N HIS P 54 -10.83 57.63 82.64
CA HIS P 54 -10.43 58.04 83.98
C HIS P 54 -11.15 57.21 85.03
N LEU P 55 -10.65 57.30 86.26
CA LEU P 55 -11.20 56.57 87.40
C LEU P 55 -11.58 57.54 88.50
N LEU P 56 -12.60 57.18 89.27
CA LEU P 56 -13.07 57.98 90.39
C LEU P 56 -13.06 57.13 91.66
N ASP P 57 -12.62 57.74 92.75
CA ASP P 57 -12.55 57.03 94.03
C ASP P 57 -13.93 56.78 94.58
N VAL P 58 -14.10 55.65 95.27
CA VAL P 58 -15.39 55.22 95.80
C VAL P 58 -15.17 54.35 97.01
N SER P 59 -16.13 54.37 97.92
CA SER P 59 -16.03 53.59 99.15
C SER P 59 -15.95 52.10 98.83
N PRO P 60 -15.05 51.34 99.46
CA PRO P 60 -14.90 49.94 99.11
C PRO P 60 -16.06 49.11 99.64
N PRO P 61 -16.37 47.98 98.99
CA PRO P 61 -17.35 47.05 99.59
C PRO P 61 -16.92 46.52 100.95
N GLY P 62 -15.63 46.31 101.16
CA GLY P 62 -15.17 45.71 102.39
C GLY P 62 -13.68 45.88 102.57
N ASP P 63 -13.16 45.17 103.56
CA ASP P 63 -11.75 45.29 103.92
C ASP P 63 -10.86 44.65 102.86
N GLY P 64 -9.69 45.25 102.65
CA GLY P 64 -8.72 44.71 101.72
C GLY P 64 -9.10 44.87 100.26
N VAL P 65 -10.05 45.73 99.95
CA VAL P 65 -10.55 45.92 98.59
C VAL P 65 -10.44 47.38 98.21
N ILE P 66 -9.90 47.65 97.03
CA ILE P 66 -9.78 49.00 96.49
C ILE P 66 -10.76 49.12 95.33
N ALA P 67 -11.62 50.13 95.39
CA ALA P 67 -12.71 50.30 94.44
C ALA P 67 -12.56 51.62 93.71
N HIS P 68 -12.82 51.60 92.40
CA HIS P 68 -12.80 52.80 91.56
C HIS P 68 -13.93 52.71 90.56
N LEU P 69 -14.51 53.86 90.21
CA LEU P 69 -15.58 53.94 89.24
C LEU P 69 -15.07 54.50 87.92
N ARG P 70 -15.47 53.87 86.83
CA ARG P 70 -15.13 54.34 85.49
C ARG P 70 -15.93 55.59 85.17
N ASP P 71 -15.30 56.53 84.47
CA ASP P 71 -15.89 57.84 84.20
C ASP P 71 -16.38 57.92 82.76
N ALA P 72 -17.61 58.39 82.61
CA ALA P 72 -18.24 58.49 81.30
C ALA P 72 -19.01 59.80 81.20
N LYS P 73 -19.14 60.29 79.98
CA LYS P 73 -19.89 61.50 79.67
C LYS P 73 -21.22 61.10 79.05
N PRO P 74 -22.36 61.47 79.63
CA PRO P 74 -23.65 61.09 79.04
C PRO P 74 -23.95 61.89 77.79
N LEU P 75 -24.82 61.31 76.96
CA LEU P 75 -25.30 61.95 75.75
C LEU P 75 -26.65 62.60 76.02
N VAL P 76 -26.90 63.74 75.37
CA VAL P 76 -28.12 64.50 75.57
C VAL P 76 -28.88 64.53 74.25
N ARG P 77 -30.20 64.35 74.32
CA ARG P 77 -31.08 64.35 73.17
C ARG P 77 -31.79 65.70 73.08
N LEU P 78 -31.68 66.36 71.93
CA LEU P 78 -32.32 67.64 71.68
C LEU P 78 -33.43 67.41 70.67
N ARG P 79 -34.63 67.86 71.03
CA ARG P 79 -35.82 67.71 70.21
C ARG P 79 -36.50 69.07 70.06
N VAL P 80 -36.71 69.48 68.81
CA VAL P 80 -37.37 70.76 68.51
C VAL P 80 -38.65 70.47 67.74
N PRO P 81 -39.82 70.77 68.30
CA PRO P 81 -41.07 70.49 67.58
C PRO P 81 -41.49 71.66 66.68
N PHE P 82 -42.24 71.30 65.64
CA PHE P 82 -42.81 72.28 64.73
C PHE P 82 -44.07 71.70 64.10
N THR P 83 -44.83 72.56 63.43
CA THR P 83 -46.13 72.23 62.87
C THR P 83 -46.16 72.56 61.40
N VAL P 84 -46.81 71.70 60.61
CA VAL P 84 -46.90 71.87 59.17
C VAL P 84 -48.37 71.77 58.74
N ALA P 85 -48.69 72.40 57.62
CA ALA P 85 -50.06 72.48 57.13
C ALA P 85 -50.33 71.41 56.08
N ARG P 86 -51.42 70.68 56.28
CA ARG P 86 -51.81 69.61 55.37
C ARG P 86 -52.15 70.13 53.98
N ARG P 87 -52.58 71.38 53.86
CA ARG P 87 -52.81 71.96 52.54
C ARG P 87 -51.52 72.12 51.75
N ASP P 88 -50.47 72.66 52.39
CA ASP P 88 -49.16 72.74 51.76
C ASP P 88 -48.62 71.35 51.45
N ILE P 89 -48.87 70.38 52.33
CA ILE P 89 -48.45 69.01 52.05
C ILE P 89 -49.14 68.48 50.81
N ASP P 90 -50.46 68.67 50.71
CA ASP P 90 -51.22 68.09 49.62
C ASP P 90 -50.90 68.76 48.29
N ASP P 91 -50.61 70.05 48.31
CA ASP P 91 -50.35 70.76 47.05
C ASP P 91 -49.16 70.19 46.30
N VAL P 92 -48.24 69.52 46.98
CA VAL P 92 -47.02 69.05 46.32
C VAL P 92 -47.36 68.05 45.22
N GLU P 93 -48.24 67.09 45.51
CA GLU P 93 -48.59 66.08 44.52
C GLU P 93 -49.31 66.68 43.32
N ARG P 94 -49.81 67.91 43.44
CA ARG P 94 -50.39 68.64 42.33
C ARG P 94 -49.36 69.43 41.53
N GLY P 95 -48.08 69.09 41.66
CA GLY P 95 -47.03 69.81 40.97
C GLY P 95 -46.83 71.22 41.49
N SER P 96 -47.12 71.47 42.76
CA SER P 96 -46.84 72.77 43.37
C SER P 96 -45.43 72.77 43.92
N GLN P 97 -44.72 73.86 43.68
CA GLN P 97 -43.35 74.02 44.17
C GLN P 97 -43.09 75.40 44.74
N ASP P 98 -44.08 75.99 45.42
CA ASP P 98 -43.89 77.18 46.24
C ASP P 98 -44.41 76.97 47.65
N SER P 99 -44.47 75.72 48.13
CA SER P 99 -45.06 75.43 49.42
C SER P 99 -44.23 76.04 50.55
N ASP P 100 -44.92 76.37 51.64
CA ASP P 100 -44.31 77.05 52.78
C ASP P 100 -43.67 76.02 53.71
N TRP P 101 -42.37 76.17 53.95
CA TRP P 101 -41.62 75.31 54.86
C TRP P 101 -40.88 76.16 55.90
N ASP P 102 -41.41 77.34 56.17
CA ASP P 102 -40.77 78.25 57.13
C ASP P 102 -40.66 77.64 58.52
N PRO P 103 -41.67 76.96 59.07
CA PRO P 103 -41.47 76.29 60.36
C PRO P 103 -40.34 75.28 60.33
N VAL P 104 -40.19 74.54 59.23
CA VAL P 104 -39.08 73.61 59.09
C VAL P 104 -37.76 74.36 59.18
N LYS P 105 -37.65 75.47 58.44
CA LYS P 105 -36.40 76.23 58.44
C LYS P 105 -36.11 76.78 59.84
N ASP P 106 -37.14 77.28 60.53
CA ASP P 106 -36.95 77.83 61.86
C ASP P 106 -36.49 76.76 62.84
N ALA P 107 -37.10 75.57 62.78
CA ALA P 107 -36.68 74.49 63.67
C ALA P 107 -35.25 74.08 63.39
N ALA P 108 -34.88 73.99 62.11
CA ALA P 108 -33.50 73.65 61.78
C ALA P 108 -32.53 74.69 62.32
N LYS P 109 -32.88 75.98 62.17
CA LYS P 109 -32.04 77.04 62.71
C LYS P 109 -31.89 76.91 64.23
N LYS P 110 -33.00 76.63 64.91
CA LYS P 110 -32.98 76.50 66.37
C LYS P 110 -32.06 75.35 66.79
N LEU P 111 -32.18 74.20 66.13
CA LEU P 111 -31.35 73.06 66.47
C LEU P 111 -29.87 73.35 66.22
N ALA P 112 -29.57 73.96 65.07
CA ALA P 112 -28.18 74.31 64.79
C ALA P 112 -27.63 75.27 65.84
N PHE P 113 -28.45 76.24 66.25
CA PHE P 113 -27.98 77.22 67.23
C PHE P 113 -27.71 76.57 68.57
N VAL P 114 -28.61 75.68 69.03
CA VAL P 114 -28.37 75.02 70.31
C VAL P 114 -27.12 74.16 70.23
N GLU P 115 -26.93 73.43 69.12
CA GLU P 115 -25.75 72.59 69.00
C GLU P 115 -24.46 73.44 69.05
N ASP P 116 -24.43 74.51 68.26
CA ASP P 116 -23.22 75.33 68.21
C ASP P 116 -22.97 76.03 69.54
N ARG P 117 -24.03 76.47 70.22
CA ARG P 117 -23.87 77.10 71.52
C ARG P 117 -23.41 76.13 72.58
N ALA P 118 -23.86 74.88 72.55
CA ALA P 118 -23.31 73.88 73.45
C ALA P 118 -21.84 73.60 73.15
N ILE P 119 -21.47 73.56 71.86
CA ILE P 119 -20.08 73.30 71.52
C ILE P 119 -19.18 74.44 72.00
N PHE P 120 -19.59 75.69 71.77
CA PHE P 120 -18.70 76.83 71.96
C PHE P 120 -18.86 77.55 73.28
N GLU P 121 -19.92 77.28 74.04
CA GLU P 121 -20.22 78.02 75.26
C GLU P 121 -20.50 77.11 76.45
N GLY P 122 -21.02 75.92 76.23
CA GLY P 122 -21.25 74.96 77.30
C GLY P 122 -22.72 74.80 77.63
N TYR P 123 -23.11 73.57 77.94
CA TYR P 123 -24.45 73.23 78.40
C TYR P 123 -24.26 72.43 79.69
N ALA P 124 -24.29 73.13 80.81
CA ALA P 124 -23.82 72.56 82.07
C ALA P 124 -24.64 71.33 82.48
N ALA P 125 -25.97 71.42 82.37
CA ALA P 125 -26.81 70.32 82.83
C ALA P 125 -26.49 69.02 82.11
N ALA P 126 -25.97 69.10 80.89
CA ALA P 126 -25.50 67.94 80.15
C ALA P 126 -24.03 67.64 80.42
N SER P 127 -23.43 68.31 81.41
CA SER P 127 -22.02 68.12 81.75
C SER P 127 -21.11 68.49 80.58
N ILE P 128 -21.55 69.41 79.73
CA ILE P 128 -20.79 69.83 78.56
C ILE P 128 -20.07 71.12 78.92
N GLU P 129 -18.74 71.05 78.99
CA GLU P 129 -17.92 72.23 79.17
C GLU P 129 -17.48 72.74 77.81
N GLY P 130 -17.76 74.00 77.52
CA GLY P 130 -17.51 74.55 76.21
C GLY P 130 -16.05 74.89 75.97
N ILE P 131 -15.75 75.19 74.70
CA ILE P 131 -14.39 75.59 74.33
C ILE P 131 -13.97 76.85 75.06
N ARG P 132 -14.88 77.80 75.24
CA ARG P 132 -14.55 79.04 75.93
C ARG P 132 -14.03 78.79 77.34
N SER P 133 -14.75 77.98 78.12
CA SER P 133 -14.32 77.69 79.48
C SER P 133 -13.10 76.78 79.51
N SER P 134 -13.09 75.74 78.66
CA SER P 134 -11.98 74.80 78.68
C SER P 134 -10.68 75.40 78.15
N SER P 135 -10.75 76.53 77.46
CA SER P 135 -9.54 77.14 76.92
C SER P 135 -8.63 77.60 78.04
N SER P 136 -7.32 77.34 77.89
CA SER P 136 -6.33 77.76 78.85
C SER P 136 -5.64 79.06 78.48
N ASN P 137 -5.52 79.35 77.19
CA ASN P 137 -4.91 80.60 76.77
C ASN P 137 -5.77 81.78 77.20
N PRO P 138 -5.17 82.91 77.55
CA PRO P 138 -5.96 84.04 78.05
C PRO P 138 -6.95 84.53 77.00
N ALA P 139 -8.12 84.95 77.47
CA ALA P 139 -9.15 85.48 76.59
C ALA P 139 -8.90 86.94 76.27
N LEU P 140 -9.35 87.36 75.10
CA LEU P 140 -9.19 88.73 74.65
C LEU P 140 -10.56 89.41 74.52
N ALA P 141 -10.53 90.71 74.25
CA ALA P 141 -11.72 91.52 74.10
C ALA P 141 -11.82 92.02 72.66
N LEU P 142 -12.99 91.86 72.06
CA LEU P 142 -13.21 92.30 70.70
C LEU P 142 -13.44 93.81 70.71
N PRO P 143 -12.63 94.60 70.02
CA PRO P 143 -12.84 96.06 70.06
C PRO P 143 -14.18 96.46 69.47
N ASP P 144 -14.75 97.53 70.03
CA ASP P 144 -16.02 98.03 69.52
C ASP P 144 -15.90 98.43 68.06
N ASP P 145 -14.79 99.08 67.69
CA ASP P 145 -14.56 99.43 66.30
C ASP P 145 -14.14 98.19 65.51
N ALA P 146 -14.40 98.23 64.21
CA ALA P 146 -14.06 97.10 63.35
C ALA P 146 -12.63 97.18 62.80
N ARG P 147 -11.93 98.30 62.99
CA ARG P 147 -10.63 98.46 62.37
C ARG P 147 -9.52 97.79 63.17
N GLU P 148 -9.73 97.56 64.46
CA GLU P 148 -8.72 97.00 65.34
C GLU P 148 -8.85 95.49 65.51
N ILE P 149 -9.87 94.87 64.92
CA ILE P 149 -10.07 93.43 65.10
C ILE P 149 -8.87 92.64 64.59
N PRO P 150 -8.30 92.94 63.41
CA PRO P 150 -7.15 92.14 62.95
C PRO P 150 -5.98 92.13 63.91
N ASP P 151 -5.74 93.24 64.62
CA ASP P 151 -4.66 93.26 65.60
C ASP P 151 -4.91 92.25 66.71
N VAL P 152 -6.15 92.18 67.18
CA VAL P 152 -6.49 91.23 68.25
C VAL P 152 -6.37 89.80 67.74
N ILE P 153 -6.76 89.57 66.48
CA ILE P 153 -6.62 88.23 65.91
C ILE P 153 -5.15 87.85 65.80
N ALA P 154 -4.30 88.81 65.42
CA ALA P 154 -2.86 88.53 65.37
C ALA P 154 -2.32 88.23 66.77
N GLN P 155 -2.80 88.94 67.78
CA GLN P 155 -2.41 88.65 69.15
C GLN P 155 -2.82 87.23 69.55
N ALA P 156 -4.04 86.83 69.20
CA ALA P 156 -4.51 85.48 69.54
C ALA P 156 -3.69 84.42 68.83
N LEU P 157 -3.37 84.64 67.55
CA LEU P 157 -2.49 83.72 66.86
C LEU P 157 -1.14 83.65 67.54
N SER P 158 -0.61 84.80 67.97
CA SER P 158 0.64 84.81 68.72
C SER P 158 0.54 83.98 69.99
N GLU P 159 -0.61 84.04 70.67
CA GLU P 159 -0.75 83.26 71.91
C GLU P 159 -0.76 81.76 71.63
N LEU P 160 -1.65 81.30 70.75
CA LEU P 160 -1.66 79.90 70.34
C LEU P 160 -0.27 79.44 69.93
N ARG P 161 0.34 80.23 69.08
CA ARG P 161 1.54 79.87 68.35
C ARG P 161 2.78 80.03 69.21
N LEU P 162 2.66 80.78 70.30
CA LEU P 162 3.58 80.66 71.42
C LEU P 162 3.37 79.34 72.14
N ALA P 163 2.11 79.02 72.46
CA ALA P 163 1.82 77.84 73.26
C ALA P 163 2.29 76.56 72.58
N GLY P 164 2.46 76.59 71.26
CA GLY P 164 3.10 75.49 70.57
C GLY P 164 2.18 74.65 69.71
N VAL P 165 1.00 75.13 69.40
CA VAL P 165 0.07 74.38 68.57
C VAL P 165 0.32 74.70 67.11
N ASP P 166 0.11 73.70 66.25
CA ASP P 166 0.35 73.83 64.83
C ASP P 166 -0.89 73.44 64.02
N GLY P 167 -0.73 73.36 62.70
CA GLY P 167 -1.83 73.04 61.82
C GLY P 167 -2.58 74.29 61.38
N PRO P 168 -3.43 74.15 60.37
CA PRO P 168 -4.15 75.33 59.87
C PRO P 168 -4.98 75.97 60.96
N TYR P 169 -4.99 77.31 60.96
CA TYR P 169 -5.75 78.08 61.94
C TYR P 169 -7.00 78.65 61.27
N SER P 170 -8.04 78.81 62.09
CA SER P 170 -9.34 79.22 61.58
C SER P 170 -9.99 80.19 62.55
N VAL P 171 -10.76 81.12 61.99
CA VAL P 171 -11.44 82.17 62.75
C VAL P 171 -12.93 81.97 62.55
N LEU P 172 -13.65 81.80 63.66
CA LEU P 172 -15.11 81.71 63.67
C LEU P 172 -15.63 83.01 64.25
N LEU P 173 -16.44 83.72 63.48
CA LEU P 173 -16.94 85.04 63.86
C LEU P 173 -18.44 85.00 64.11
N SER P 174 -18.90 85.84 65.03
CA SER P 174 -20.30 85.92 65.38
C SER P 174 -21.08 86.57 64.24
N ALA P 175 -22.40 86.53 64.33
CA ALA P 175 -23.22 87.22 63.33
C ALA P 175 -22.98 88.72 63.36
N GLU P 176 -22.98 89.31 64.56
CA GLU P 176 -22.84 90.76 64.67
C GLU P 176 -21.45 91.20 64.26
N THR P 177 -20.42 90.41 64.61
CA THR P 177 -19.05 90.75 64.23
C THR P 177 -18.81 90.55 62.74
N TYR P 178 -19.35 89.47 62.17
CA TYR P 178 -19.20 89.23 60.74
C TYR P 178 -19.90 90.30 59.92
N THR P 179 -21.11 90.69 60.33
CA THR P 179 -21.78 91.81 59.67
C THR P 179 -20.93 93.06 59.72
N LYS P 180 -20.29 93.32 60.87
CA LYS P 180 -19.47 94.52 61.02
C LYS P 180 -18.28 94.48 60.07
N VAL P 181 -17.51 93.38 60.10
CA VAL P 181 -16.32 93.30 59.27
C VAL P 181 -16.68 93.27 57.79
N SER P 182 -17.88 92.78 57.45
CA SER P 182 -18.29 92.75 56.06
C SER P 182 -18.69 94.13 55.56
N GLU P 183 -19.59 94.80 56.29
CA GLU P 183 -20.05 96.12 55.87
C GLU P 183 -18.89 97.11 55.89
N THR P 184 -18.07 97.07 56.94
CA THR P 184 -16.93 97.99 57.03
C THR P 184 -15.91 97.67 55.96
N THR P 185 -15.26 98.71 55.45
CA THR P 185 -14.30 98.59 54.34
C THR P 185 -13.09 99.47 54.61
N ALA P 186 -11.99 99.13 53.97
CA ALA P 186 -10.75 99.91 54.09
C ALA P 186 -9.92 99.71 52.84
N HIS P 187 -9.46 100.81 52.25
CA HIS P 187 -8.61 100.77 51.05
C HIS P 187 -9.26 99.97 49.93
N GLY P 188 -10.60 99.96 49.90
CA GLY P 188 -11.30 99.23 48.87
C GLY P 188 -11.43 97.74 49.10
N TYR P 189 -11.16 97.24 50.30
CA TYR P 189 -11.41 95.86 50.65
C TYR P 189 -12.11 95.78 52.02
N PRO P 190 -12.99 94.81 52.23
CA PRO P 190 -13.61 94.64 53.54
C PRO P 190 -12.61 94.26 54.62
N ILE P 191 -12.96 94.65 55.84
CA ILE P 191 -12.18 94.26 57.00
C ILE P 191 -12.16 92.75 57.13
N ARG P 192 -13.19 92.06 56.62
CA ARG P 192 -13.17 90.61 56.61
C ARG P 192 -12.06 90.05 55.75
N GLU P 193 -11.85 90.63 54.56
CA GLU P 193 -10.71 90.22 53.75
C GLU P 193 -9.40 90.56 54.45
N HIS P 194 -9.34 91.73 55.08
CA HIS P 194 -8.18 92.06 55.90
C HIS P 194 -7.88 90.94 56.90
N ILE P 195 -8.91 90.44 57.58
CA ILE P 195 -8.72 89.35 58.53
C ILE P 195 -8.25 88.09 57.81
N ASN P 196 -8.93 87.73 56.72
CA ASN P 196 -8.60 86.51 55.99
C ASN P 196 -7.13 86.48 55.58
N ARG P 197 -6.57 87.63 55.27
CA ARG P 197 -5.18 87.68 54.80
C ARG P 197 -4.21 87.01 55.76
N LEU P 198 -4.52 86.98 57.05
CA LEU P 198 -3.58 86.51 58.06
C LEU P 198 -3.54 84.99 58.18
N VAL P 199 -4.71 84.36 58.28
CA VAL P 199 -4.78 82.94 58.59
C VAL P 199 -4.53 82.11 57.34
N ASP P 200 -4.22 80.83 57.57
CA ASP P 200 -4.03 79.86 56.50
C ASP P 200 -5.30 79.07 56.19
N GLY P 201 -6.24 79.00 57.12
CA GLY P 201 -7.45 78.23 56.93
C GLY P 201 -8.59 79.02 56.31
N GLU P 202 -9.71 79.10 57.02
CA GLU P 202 -10.91 79.72 56.49
C GLU P 202 -11.53 80.65 57.53
N ILE P 203 -12.39 81.54 57.05
CA ILE P 203 -13.23 82.38 57.90
C ILE P 203 -14.61 81.76 57.93
N ILE P 204 -15.19 81.59 59.13
CA ILE P 204 -16.42 80.83 59.30
C ILE P 204 -17.47 81.69 60.01
N TRP P 205 -18.71 81.57 59.57
CA TRP P 205 -19.89 82.14 60.23
C TRP P 205 -20.22 81.34 61.48
N ALA P 206 -20.40 82.02 62.60
CA ALA P 206 -20.86 81.37 63.81
C ALA P 206 -21.96 82.20 64.47
N PRO P 207 -23.18 82.19 63.93
CA PRO P 207 -24.21 83.09 64.47
C PRO P 207 -24.59 82.74 65.89
N ALA P 208 -24.60 81.45 66.22
CA ALA P 208 -25.01 80.98 67.52
C ALA P 208 -24.07 81.49 68.62
N ILE P 209 -22.77 81.53 68.34
CA ILE P 209 -21.79 81.92 69.34
C ILE P 209 -21.82 83.44 69.48
N ASP P 210 -21.21 83.94 70.55
CA ASP P 210 -21.12 85.37 70.82
C ASP P 210 -19.64 85.73 70.98
N GLY P 211 -19.14 86.59 70.10
CA GLY P 211 -17.76 87.01 70.14
C GLY P 211 -16.97 86.54 68.93
N ALA P 212 -15.83 85.90 69.18
CA ALA P 212 -15.01 85.35 68.10
C ALA P 212 -14.12 84.27 68.68
N PHE P 213 -13.61 83.40 67.80
CA PHE P 213 -12.76 82.30 68.25
C PHE P 213 -11.68 82.05 67.20
N VAL P 214 -10.44 81.91 67.65
CA VAL P 214 -9.34 81.53 66.76
C VAL P 214 -8.81 80.19 67.25
N LEU P 215 -8.85 79.16 66.40
CA LEU P 215 -8.49 77.82 66.85
C LEU P 215 -7.75 77.06 65.78
N SER P 216 -7.03 76.03 66.21
CA SER P 216 -6.30 75.16 65.31
C SER P 216 -7.20 74.02 64.82
N THR P 217 -6.88 73.51 63.63
CA THR P 217 -7.62 72.42 63.02
C THR P 217 -6.69 71.26 62.65
N ARG P 218 -5.58 71.11 63.37
CA ARG P 218 -4.71 69.96 63.13
C ARG P 218 -5.44 68.65 63.37
N GLY P 219 -6.28 68.60 64.40
CA GLY P 219 -7.04 67.40 64.70
C GLY P 219 -6.70 66.82 66.05
N GLY P 220 -7.64 66.11 66.66
CA GLY P 220 -7.42 65.45 67.93
C GLY P 220 -7.63 66.33 69.15
N ASP P 221 -8.19 67.53 68.99
CA ASP P 221 -8.42 68.43 70.11
C ASP P 221 -9.89 68.62 70.45
N PHE P 222 -10.80 68.45 69.50
CA PHE P 222 -12.23 68.60 69.75
C PHE P 222 -12.94 67.40 69.15
N ASP P 223 -13.94 66.87 69.87
CA ASP P 223 -14.68 65.69 69.44
C ASP P 223 -16.18 65.92 69.67
N LEU P 224 -16.95 65.89 68.58
CA LEU P 224 -18.41 65.93 68.67
C LEU P 224 -18.91 64.51 68.50
N GLN P 225 -19.37 63.92 69.60
CA GLN P 225 -19.86 62.54 69.58
C GLN P 225 -21.36 62.55 69.31
N LEU P 226 -21.78 61.79 68.30
CA LEU P 226 -23.18 61.66 67.93
C LEU P 226 -23.63 60.23 68.13
N GLY P 227 -24.77 60.05 68.78
CA GLY P 227 -25.40 58.75 68.84
C GLY P 227 -26.25 58.52 67.61
N THR P 228 -27.11 59.49 67.31
CA THR P 228 -27.89 59.51 66.09
C THR P 228 -27.85 60.92 65.51
N ASP P 229 -27.72 61.00 64.19
CA ASP P 229 -27.63 62.29 63.52
C ASP P 229 -29.01 62.94 63.50
N VAL P 230 -29.12 64.09 62.83
CA VAL P 230 -30.37 64.82 62.78
C VAL P 230 -31.42 63.98 62.08
N SER P 231 -32.61 63.89 62.69
CA SER P 231 -33.70 63.11 62.13
C SER P 231 -35.00 63.87 62.32
N ILE P 232 -35.99 63.58 61.48
CA ILE P 232 -37.31 64.21 61.54
C ILE P 232 -38.35 63.13 61.83
N GLY P 233 -39.21 63.41 62.81
CA GLY P 233 -40.22 62.46 63.24
C GLY P 233 -41.62 63.02 63.29
N TYR P 234 -42.56 62.19 63.75
CA TYR P 234 -43.99 62.52 63.76
C TYR P 234 -44.55 62.23 65.15
N LEU P 235 -45.33 63.17 65.69
CA LEU P 235 -45.97 62.97 66.99
C LEU P 235 -47.47 62.71 66.85
N SER P 236 -48.19 63.61 66.19
CA SER P 236 -49.63 63.50 66.04
C SER P 236 -50.06 64.35 64.85
N HIS P 237 -51.36 64.33 64.55
CA HIS P 237 -51.87 65.06 63.40
C HIS P 237 -53.33 65.40 63.64
N ASP P 238 -53.84 66.31 62.80
CA ASP P 238 -55.18 66.83 62.92
C ASP P 238 -55.73 67.01 61.50
N ALA P 239 -56.99 67.44 61.40
CA ALA P 239 -57.60 67.67 60.10
C ALA P 239 -56.92 68.78 59.32
N GLU P 240 -56.09 69.61 59.98
CA GLU P 240 -55.46 70.75 59.34
C GLU P 240 -53.94 70.73 59.39
N VAL P 241 -53.36 70.16 60.44
CA VAL P 241 -51.93 70.27 60.69
C VAL P 241 -51.35 68.92 61.06
N VAL P 242 -50.02 68.83 61.00
CA VAL P 242 -49.27 67.68 61.48
C VAL P 242 -48.14 68.21 62.35
N HIS P 243 -47.91 67.55 63.48
CA HIS P 243 -46.85 67.94 64.41
C HIS P 243 -45.65 67.01 64.23
N LEU P 244 -44.49 67.61 63.95
CA LEU P 244 -43.25 66.89 63.72
C LEU P 244 -42.19 67.44 64.65
N TYR P 245 -41.03 66.77 64.68
CA TYR P 245 -39.93 67.22 65.50
C TYR P 245 -38.62 66.90 64.80
N MET P 246 -37.59 67.70 65.08
CA MET P 246 -36.23 67.42 64.65
C MET P 246 -35.41 67.03 65.88
N GLU P 247 -34.71 65.91 65.79
CA GLU P 247 -34.09 65.26 66.93
C GLU P 247 -32.63 64.95 66.64
N GLU P 248 -31.78 65.11 67.65
CA GLU P 248 -30.40 64.64 67.55
C GLU P 248 -29.83 64.39 68.94
N THR P 249 -29.05 63.32 69.06
CA THR P 249 -28.43 62.92 70.32
C THR P 249 -26.93 63.10 70.24
N MET P 250 -26.37 63.93 71.12
CA MET P 250 -24.99 64.37 70.96
C MET P 250 -24.35 64.65 72.31
N THR P 251 -23.03 64.83 72.26
CA THR P 251 -22.24 65.42 73.33
C THR P 251 -20.96 65.95 72.71
N PHE P 252 -20.26 66.81 73.46
CA PHE P 252 -19.05 67.45 72.98
C PHE P 252 -17.94 67.32 74.00
N LEU P 253 -16.72 67.08 73.54
CA LEU P 253 -15.55 66.96 74.40
C LEU P 253 -14.40 67.78 73.84
N CYS P 254 -13.71 68.50 74.72
CA CYS P 254 -12.48 69.20 74.39
C CYS P 254 -11.34 68.55 75.14
N TYR P 255 -10.27 68.20 74.43
CA TYR P 255 -9.12 67.52 75.00
C TYR P 255 -7.91 68.42 75.17
N THR P 256 -7.67 69.32 74.23
CA THR P 256 -6.54 70.23 74.26
C THR P 256 -7.05 71.64 74.58
N ALA P 257 -6.66 72.15 75.74
CA ALA P 257 -7.12 73.47 76.18
C ALA P 257 -6.32 74.61 75.54
N GLU P 258 -5.19 74.30 74.91
CA GLU P 258 -4.31 75.32 74.38
C GLU P 258 -4.44 75.52 72.87
N ALA P 259 -5.42 74.87 72.23
CA ALA P 259 -5.58 74.94 70.78
C ALA P 259 -6.60 75.99 70.35
N SER P 260 -7.07 76.83 71.26
CA SER P 260 -8.10 77.81 70.93
C SER P 260 -7.87 79.08 71.75
N VAL P 261 -8.38 80.19 71.23
CA VAL P 261 -8.36 81.49 71.89
C VAL P 261 -9.74 82.11 71.70
N ALA P 262 -10.30 82.64 72.77
CA ALA P 262 -11.64 83.20 72.74
C ALA P 262 -11.58 84.71 72.87
N LEU P 263 -12.44 85.40 72.13
CA LEU P 263 -12.57 86.85 72.17
C LEU P 263 -14.00 87.20 72.52
N THR P 264 -14.17 87.95 73.61
CA THR P 264 -15.50 88.27 74.13
C THR P 264 -15.94 89.64 73.65
N PRO P 265 -17.26 89.82 73.40
CA PRO P 265 -17.75 91.12 72.91
C PRO P 265 -17.41 92.28 73.83
N ASN Q 2 74.70 -29.91 41.71
CA ASN Q 2 75.89 -29.08 41.61
C ASN Q 2 77.03 -29.66 42.46
N ASN Q 3 78.12 -28.92 42.56
CA ASN Q 3 79.31 -29.43 43.25
C ASN Q 3 79.13 -29.49 44.76
N LEU Q 4 78.05 -28.91 45.30
CA LEU Q 4 77.82 -28.98 46.74
C LEU Q 4 77.49 -30.41 47.17
N TYR Q 5 76.79 -31.15 46.32
CA TYR Q 5 76.39 -32.53 46.61
C TYR Q 5 75.54 -32.60 47.88
N ARG Q 6 74.57 -31.68 47.98
CA ARG Q 6 73.66 -31.68 49.11
C ARG Q 6 72.64 -32.81 49.03
N ASP Q 7 72.25 -33.23 47.82
CA ASP Q 7 71.27 -34.29 47.68
C ASP Q 7 71.76 -35.60 48.28
N LEU Q 8 73.06 -35.75 48.47
CA LEU Q 8 73.64 -36.96 49.04
C LEU Q 8 73.74 -36.92 50.56
N ALA Q 9 73.44 -35.79 51.19
CA ALA Q 9 73.61 -35.67 52.63
C ALA Q 9 72.36 -36.19 53.35
N PRO Q 10 72.52 -36.84 54.51
CA PRO Q 10 71.36 -37.30 55.28
C PRO Q 10 70.73 -36.20 56.13
N ILE Q 11 70.22 -35.18 55.45
CA ILE Q 11 69.64 -34.01 56.12
C ILE Q 11 68.34 -33.66 55.42
N THR Q 12 67.32 -33.31 56.22
CA THR Q 12 66.00 -32.97 55.70
C THR Q 12 65.95 -31.50 55.27
N GLU Q 13 64.87 -31.16 54.55
CA GLU Q 13 64.70 -29.80 54.07
C GLU Q 13 64.59 -28.82 55.24
N SER Q 14 63.86 -29.20 56.29
CA SER Q 14 63.70 -28.31 57.43
C SER Q 14 65.03 -28.03 58.13
N ALA Q 15 65.83 -29.08 58.33
CA ALA Q 15 67.13 -28.88 58.97
C ALA Q 15 68.06 -28.07 58.08
N TRP Q 16 68.00 -28.30 56.77
CA TRP Q 16 68.77 -27.47 55.84
C TRP Q 16 68.38 -26.01 55.98
N ALA Q 17 67.09 -25.73 56.04
CA ALA Q 17 66.62 -24.35 56.18
C ALA Q 17 67.10 -23.75 57.50
N GLU Q 18 67.02 -24.51 58.59
CA GLU Q 18 67.49 -24.00 59.88
C GLU Q 18 68.97 -23.66 59.83
N ILE Q 19 69.78 -24.56 59.26
CA ILE Q 19 71.22 -24.32 59.20
C ILE Q 19 71.52 -23.10 58.35
N GLU Q 20 70.87 -22.99 57.19
CA GLU Q 20 71.10 -21.83 56.32
C GLU Q 20 70.72 -20.54 57.03
N LEU Q 21 69.57 -20.52 57.70
CA LEU Q 21 69.14 -19.32 58.41
C LEU Q 21 70.13 -18.94 59.50
N GLU Q 22 70.56 -19.92 60.29
CA GLU Q 22 71.49 -19.64 61.38
C GLU Q 22 72.81 -19.12 60.87
N ALA Q 23 73.35 -19.70 59.80
CA ALA Q 23 74.61 -19.22 59.25
C ALA Q 23 74.46 -17.82 58.66
N THR Q 24 73.39 -17.58 57.93
CA THR Q 24 73.18 -16.26 57.32
C THR Q 24 73.09 -15.19 58.40
N ARG Q 25 72.32 -15.44 59.46
CA ARG Q 25 72.16 -14.44 60.51
C ARG Q 25 73.51 -14.09 61.13
N THR Q 26 74.29 -15.10 61.50
CA THR Q 26 75.56 -14.86 62.17
C THR Q 26 76.55 -14.15 61.25
N PHE Q 27 76.62 -14.57 59.99
CA PHE Q 27 77.54 -13.91 59.06
C PHE Q 27 77.16 -12.45 58.86
N LYS Q 28 75.86 -12.18 58.65
CA LYS Q 28 75.42 -10.81 58.45
C LYS Q 28 75.65 -9.98 59.71
N ARG Q 29 75.63 -10.63 60.88
CA ARG Q 29 75.98 -9.92 62.12
C ARG Q 29 77.45 -9.55 62.14
N HIS Q 30 78.33 -10.51 61.85
CA HIS Q 30 79.76 -10.34 62.07
C HIS Q 30 80.49 -9.70 60.90
N ILE Q 31 79.82 -9.43 59.78
CA ILE Q 31 80.45 -8.88 58.59
C ILE Q 31 80.28 -7.36 58.60
N ALA Q 32 81.33 -6.64 58.18
CA ALA Q 32 81.33 -5.19 58.18
C ALA Q 32 81.74 -4.57 56.85
N GLY Q 33 82.70 -5.14 56.13
CA GLY Q 33 83.18 -4.51 54.92
C GLY Q 33 82.11 -4.37 53.87
N ARG Q 34 81.19 -5.34 53.79
CA ARG Q 34 80.12 -5.33 52.80
C ARG Q 34 79.21 -4.11 52.96
N ARG Q 35 79.22 -3.47 54.12
CA ARG Q 35 78.40 -2.29 54.37
C ARG Q 35 79.05 -1.00 53.92
N VAL Q 36 80.35 -1.02 53.58
CA VAL Q 36 81.06 0.20 53.22
C VAL Q 36 81.85 0.03 51.93
N VAL Q 37 81.72 -1.13 51.28
CA VAL Q 37 82.43 -1.38 50.03
C VAL Q 37 81.43 -1.82 48.97
N ASP Q 38 81.64 -1.33 47.74
CA ASP Q 38 80.83 -1.79 46.62
C ASP Q 38 81.08 -3.27 46.38
N VAL Q 39 80.01 -3.98 46.04
CA VAL Q 39 80.06 -5.43 45.85
C VAL Q 39 79.66 -5.72 44.41
N SER Q 40 80.55 -6.39 43.68
CA SER Q 40 80.25 -6.87 42.34
C SER Q 40 79.63 -8.26 42.47
N GLY Q 41 78.34 -8.36 42.17
CA GLY Q 41 77.59 -9.57 42.39
C GLY Q 41 78.26 -10.79 41.79
N PRO Q 42 77.84 -11.98 42.21
CA PRO Q 42 78.46 -13.21 41.70
C PRO Q 42 78.41 -13.26 40.18
N ASN Q 43 79.57 -13.55 39.58
CA ASN Q 43 79.68 -13.66 38.13
C ASN Q 43 79.70 -15.10 37.66
N GLY Q 44 79.57 -16.07 38.57
CA GLY Q 44 79.47 -17.46 38.21
C GLY Q 44 80.72 -18.25 38.58
N PRO Q 45 80.59 -19.57 38.65
CA PRO Q 45 81.76 -20.40 38.96
C PRO Q 45 82.86 -20.34 37.91
N THR Q 46 82.53 -19.93 36.68
CA THR Q 46 83.53 -19.83 35.63
C THR Q 46 84.48 -18.66 35.82
N THR Q 47 84.14 -17.71 36.69
CA THR Q 47 84.97 -16.54 36.90
C THR Q 47 86.18 -16.90 37.75
N ALA Q 48 87.37 -16.49 37.29
CA ALA Q 48 88.61 -16.83 37.95
C ALA Q 48 89.51 -15.63 38.24
N SER Q 49 89.35 -14.52 37.54
CA SER Q 49 90.23 -13.38 37.71
C SER Q 49 89.50 -12.11 37.32
N VAL Q 50 90.06 -10.98 37.75
CA VAL Q 50 89.51 -9.66 37.45
C VAL Q 50 90.58 -8.85 36.73
N SER Q 51 90.26 -8.38 35.52
CA SER Q 51 91.20 -7.59 34.74
C SER Q 51 91.43 -6.25 35.41
N THR Q 52 92.66 -5.74 35.33
CA THR Q 52 92.96 -4.41 35.83
C THR Q 52 93.13 -3.38 34.72
N GLY Q 53 93.22 -3.82 33.46
CA GLY Q 53 93.42 -2.91 32.36
C GLY Q 53 94.83 -2.42 32.18
N HIS Q 54 95.77 -2.90 33.00
CA HIS Q 54 97.17 -2.54 32.89
C HIS Q 54 97.92 -3.54 32.04
N LEU Q 55 99.13 -3.16 31.64
CA LEU Q 55 99.99 -3.98 30.80
C LEU Q 55 101.33 -4.19 31.50
N LEU Q 56 101.95 -5.34 31.24
CA LEU Q 56 103.25 -5.69 31.80
C LEU Q 56 104.21 -6.02 30.66
N ASP Q 57 105.44 -5.54 30.79
CA ASP Q 57 106.45 -5.78 29.76
C ASP Q 57 106.89 -7.23 29.77
N VAL Q 58 107.21 -7.76 28.59
CA VAL Q 58 107.57 -9.15 28.42
C VAL Q 58 108.48 -9.29 27.21
N SER Q 59 109.34 -10.30 27.24
CA SER Q 59 110.29 -10.52 26.16
C SER Q 59 109.55 -10.81 24.86
N PRO Q 60 109.95 -10.21 23.73
CA PRO Q 60 109.19 -10.40 22.50
C PRO Q 60 109.44 -11.79 21.92
N PRO Q 61 108.49 -12.32 21.14
CA PRO Q 61 108.78 -13.56 20.40
C PRO Q 61 109.92 -13.41 19.42
N GLY Q 62 110.08 -12.26 18.80
CA GLY Q 62 111.10 -12.09 17.78
C GLY Q 62 111.34 -10.64 17.46
N ASP Q 63 112.08 -10.41 16.38
CA ASP Q 63 112.47 -9.06 16.01
C ASP Q 63 111.29 -8.27 15.46
N GLY Q 64 111.27 -6.98 15.75
CA GLY Q 64 110.24 -6.10 15.24
C GLY Q 64 108.89 -6.29 15.89
N VAL Q 65 108.83 -6.94 17.04
CA VAL Q 65 107.58 -7.24 17.72
C VAL Q 65 107.65 -6.71 19.14
N ILE Q 66 106.60 -6.01 19.57
CA ILE Q 66 106.48 -5.49 20.92
C ILE Q 66 105.40 -6.29 21.63
N ALA Q 67 105.74 -6.85 22.78
CA ALA Q 67 104.87 -7.76 23.52
C ALA Q 67 104.56 -7.20 24.89
N HIS Q 68 103.30 -7.33 25.30
CA HIS Q 68 102.85 -6.91 26.63
C HIS Q 68 101.84 -7.93 27.15
N LEU Q 69 101.85 -8.14 28.46
CA LEU Q 69 100.93 -9.06 29.11
C LEU Q 69 99.84 -8.30 29.84
N ARG Q 70 98.60 -8.75 29.68
CA ARG Q 70 97.47 -8.17 30.39
C ARG Q 70 97.52 -8.57 31.86
N ASP Q 71 97.13 -7.65 32.74
CA ASP Q 71 97.25 -7.85 34.18
C ASP Q 71 95.89 -8.16 34.79
N ALA Q 72 95.87 -9.21 35.61
CA ALA Q 72 94.64 -9.65 36.25
C ALA Q 72 94.92 -10.04 37.69
N LYS Q 73 93.89 -9.92 38.52
CA LYS Q 73 93.95 -10.28 39.92
C LYS Q 73 93.21 -11.61 40.11
N PRO Q 74 93.87 -12.66 40.60
CA PRO Q 74 93.18 -13.95 40.78
C PRO Q 74 92.21 -13.91 41.95
N LEU Q 75 91.24 -14.81 41.89
CA LEU Q 75 90.26 -14.99 42.95
C LEU Q 75 90.69 -16.14 43.85
N VAL Q 76 90.40 -16.02 45.15
CA VAL Q 76 90.80 -17.00 46.14
C VAL Q 76 89.53 -17.60 46.74
N ARG Q 77 89.54 -18.92 46.93
CA ARG Q 77 88.42 -19.66 47.50
C ARG Q 77 88.72 -19.97 48.96
N LEU Q 78 87.82 -19.58 49.85
CA LEU Q 78 87.95 -19.83 51.28
C LEU Q 78 86.90 -20.86 51.66
N ARG Q 79 87.36 -21.93 52.31
CA ARG Q 79 86.52 -23.04 52.74
C ARG Q 79 86.76 -23.31 54.23
N VAL Q 80 85.69 -23.29 55.01
CA VAL Q 80 85.77 -23.55 56.45
C VAL Q 80 84.93 -24.79 56.76
N PRO Q 81 85.54 -25.88 57.21
CA PRO Q 81 84.75 -27.09 57.50
C PRO Q 81 84.23 -27.09 58.94
N PHE Q 82 83.12 -27.81 59.11
CA PHE Q 82 82.53 -28.01 60.43
C PHE Q 82 81.74 -29.32 60.42
N THR Q 83 81.35 -29.76 61.62
CA THR Q 83 80.70 -31.04 61.83
C THR Q 83 79.38 -30.84 62.55
N VAL Q 84 78.37 -31.62 62.17
CA VAL Q 84 77.04 -31.52 62.75
C VAL Q 84 76.58 -32.92 63.18
N ALA Q 85 75.69 -32.95 64.17
CA ALA Q 85 75.23 -34.20 64.76
C ALA Q 85 73.90 -34.64 64.14
N ARG Q 86 73.87 -35.91 63.72
CA ARG Q 86 72.68 -36.47 63.11
C ARG Q 86 71.50 -36.53 64.07
N ARG Q 87 71.75 -36.60 65.37
CA ARG Q 87 70.65 -36.55 66.33
C ARG Q 87 69.97 -35.19 66.34
N ASP Q 88 70.74 -34.09 66.37
CA ASP Q 88 70.18 -32.77 66.24
C ASP Q 88 69.49 -32.58 64.90
N ILE Q 89 70.05 -33.16 63.83
CA ILE Q 89 69.38 -33.10 62.53
C ILE Q 89 68.03 -33.78 62.59
N ASP Q 90 67.98 -34.99 63.16
CA ASP Q 90 66.74 -35.77 63.14
C ASP Q 90 65.68 -35.16 64.04
N ASP Q 91 66.08 -34.54 65.14
CA ASP Q 91 65.09 -33.99 66.07
C ASP Q 91 64.22 -32.92 65.43
N VAL Q 92 64.68 -32.28 64.35
CA VAL Q 92 63.93 -31.17 63.76
C VAL Q 92 62.58 -31.66 63.25
N GLU Q 93 62.57 -32.79 62.53
CA GLU Q 93 61.32 -33.29 61.98
C GLU Q 93 60.34 -33.72 63.06
N ARG Q 94 60.81 -33.88 64.30
CA ARG Q 94 59.95 -34.14 65.44
C ARG Q 94 59.43 -32.86 66.10
N GLY Q 95 59.48 -31.74 65.39
CA GLY Q 95 59.04 -30.48 65.95
C GLY Q 95 59.95 -29.96 67.05
N SER Q 96 61.23 -30.29 67.01
CA SER Q 96 62.20 -29.74 67.95
C SER Q 96 62.75 -28.44 67.40
N GLN Q 97 62.85 -27.44 68.26
CA GLN Q 97 63.37 -26.13 67.90
C GLN Q 97 64.33 -25.56 68.94
N ASP Q 98 65.14 -26.43 69.56
CA ASP Q 98 66.28 -26.00 70.37
C ASP Q 98 67.56 -26.69 69.93
N SER Q 99 67.64 -27.12 68.68
CA SER Q 99 68.79 -27.89 68.20
C SER Q 99 70.06 -27.04 68.23
N ASP Q 100 71.19 -27.72 68.42
CA ASP Q 100 72.49 -27.06 68.55
C ASP Q 100 73.08 -26.81 67.17
N TRP Q 101 73.37 -25.54 66.87
CA TRP Q 101 74.00 -25.13 65.62
C TRP Q 101 75.25 -24.30 65.90
N ASP Q 102 75.85 -24.52 67.06
CA ASP Q 102 77.05 -23.76 67.45
C ASP Q 102 78.20 -23.95 66.47
N PRO Q 103 78.50 -25.15 65.98
CA PRO Q 103 79.54 -25.25 64.95
C PRO Q 103 79.24 -24.43 63.71
N VAL Q 104 77.97 -24.39 63.29
CA VAL Q 104 77.57 -23.55 62.17
C VAL Q 104 77.90 -22.10 62.46
N LYS Q 105 77.52 -21.62 63.65
CA LYS Q 105 77.76 -20.22 64.00
C LYS Q 105 79.26 -19.93 64.04
N ASP Q 106 80.05 -20.84 64.60
CA ASP Q 106 81.49 -20.65 64.67
C ASP Q 106 82.12 -20.58 63.29
N ALA Q 107 81.71 -21.47 62.39
CA ALA Q 107 82.24 -21.45 61.03
C ALA Q 107 81.87 -20.16 60.32
N ALA Q 108 80.63 -19.70 60.49
CA ALA Q 108 80.23 -18.44 59.88
C ALA Q 108 81.07 -17.29 60.42
N LYS Q 109 81.30 -17.26 61.74
CA LYS Q 109 82.14 -16.22 62.33
C LYS Q 109 83.55 -16.26 61.75
N LYS Q 110 84.11 -17.47 61.61
CA LYS Q 110 85.46 -17.61 61.08
C LYS Q 110 85.54 -17.07 59.65
N LEU Q 111 84.56 -17.44 58.81
CA LEU Q 111 84.57 -16.97 57.43
C LEU Q 111 84.44 -15.46 57.35
N ALA Q 112 83.52 -14.89 58.15
CA ALA Q 112 83.38 -13.44 58.16
C ALA Q 112 84.66 -12.76 58.59
N PHE Q 113 85.33 -13.33 59.60
CA PHE Q 113 86.56 -12.71 60.10
C PHE Q 113 87.65 -12.75 59.05
N VAL Q 114 87.82 -13.88 58.37
CA VAL Q 114 88.85 -13.95 57.33
C VAL Q 114 88.54 -12.98 56.21
N GLU Q 115 87.27 -12.88 55.80
CA GLU Q 115 86.92 -11.96 54.72
C GLU Q 115 87.23 -10.51 55.13
N ASP Q 116 86.80 -10.11 56.33
CA ASP Q 116 87.00 -8.73 56.75
C ASP Q 116 88.49 -8.43 56.95
N ARG Q 117 89.25 -9.40 57.46
CA ARG Q 117 90.68 -9.20 57.64
C ARG Q 117 91.41 -9.11 56.32
N ALA Q 118 91.01 -9.88 55.31
CA ALA Q 118 91.58 -9.70 53.98
C ALA Q 118 91.24 -8.33 53.40
N ILE Q 119 90.00 -7.87 53.62
CA ILE Q 119 89.61 -6.57 53.09
C ILE Q 119 90.42 -5.45 53.74
N PHE Q 120 90.56 -5.49 55.06
CA PHE Q 120 91.09 -4.35 55.81
C PHE Q 120 92.56 -4.44 56.16
N GLU Q 121 93.19 -5.60 56.00
CA GLU Q 121 94.57 -5.80 56.41
C GLU Q 121 95.44 -6.42 55.33
N GLY Q 122 94.87 -7.23 54.44
CA GLY Q 122 95.61 -7.80 53.33
C GLY Q 122 95.86 -9.28 53.50
N TYR Q 123 95.79 -10.01 52.39
CA TYR Q 123 96.11 -11.44 52.33
C TYR Q 123 97.11 -11.58 51.19
N ALA Q 124 98.39 -11.53 51.52
CA ALA Q 124 99.44 -11.36 50.52
C ALA Q 124 99.45 -12.51 49.51
N ALA Q 125 99.36 -13.75 49.99
CA ALA Q 125 99.46 -14.89 49.09
C ALA Q 125 98.40 -14.86 48.01
N ALA Q 126 97.26 -14.22 48.28
CA ALA Q 126 96.22 -14.01 47.29
C ALA Q 126 96.41 -12.70 46.52
N SER Q 127 97.56 -12.04 46.69
CA SER Q 127 97.85 -10.77 46.03
C SER Q 127 96.85 -9.69 46.43
N ILE Q 128 96.30 -9.79 47.64
CA ILE Q 128 95.31 -8.84 48.13
C ILE Q 128 96.04 -7.84 49.03
N GLU Q 129 96.11 -6.59 48.56
CA GLU Q 129 96.64 -5.50 49.38
C GLU Q 129 95.49 -4.82 50.08
N GLY Q 130 95.58 -4.73 51.40
CA GLY Q 130 94.49 -4.21 52.21
C GLY Q 130 94.39 -2.71 52.17
N ILE Q 131 93.26 -2.21 52.71
CA ILE Q 131 93.05 -0.77 52.80
C ILE Q 131 94.11 -0.10 53.64
N ARG Q 132 94.55 -0.74 54.72
CA ARG Q 132 95.58 -0.16 55.58
C ARG Q 132 96.86 0.14 54.80
N SER Q 133 97.36 -0.84 54.05
CA SER Q 133 98.58 -0.63 53.28
C SER Q 133 98.36 0.30 52.10
N SER Q 134 97.24 0.11 51.37
CA SER Q 134 97.00 0.92 50.19
C SER Q 134 96.69 2.38 50.53
N SER Q 135 96.35 2.68 51.77
CA SER Q 135 96.03 4.06 52.14
C SER Q 135 97.25 4.95 52.00
N SER Q 136 97.05 6.14 51.44
CA SER Q 136 98.11 7.11 51.27
C SER Q 136 98.14 8.16 52.38
N ASN Q 137 96.99 8.47 52.97
CA ASN Q 137 96.96 9.43 54.06
C ASN Q 137 97.71 8.88 55.27
N PRO Q 138 98.39 9.72 56.04
CA PRO Q 138 99.18 9.21 57.16
C PRO Q 138 98.31 8.49 58.19
N ALA Q 139 98.87 7.43 58.77
CA ALA Q 139 98.17 6.67 59.78
C ALA Q 139 98.30 7.33 61.14
N LEU Q 140 97.29 7.11 61.98
CA LEU Q 140 97.27 7.67 63.33
C LEU Q 140 97.33 6.56 64.36
N ALA Q 141 97.45 6.95 65.63
CA ALA Q 141 97.53 6.04 66.75
C ALA Q 141 96.30 6.21 67.64
N LEU Q 142 95.66 5.10 67.98
CA LEU Q 142 94.49 5.14 68.83
C LEU Q 142 94.94 5.32 70.28
N PRO Q 143 94.52 6.37 70.97
CA PRO Q 143 94.99 6.55 72.36
C PRO Q 143 94.52 5.42 73.26
N ASP Q 144 95.36 5.11 74.26
CA ASP Q 144 95.01 4.07 75.21
C ASP Q 144 93.73 4.43 75.95
N ASP Q 145 93.58 5.70 76.34
CA ASP Q 145 92.36 6.15 76.98
C ASP Q 145 91.25 6.30 75.96
N ALA Q 146 90.01 6.19 76.42
CA ALA Q 146 88.86 6.29 75.53
C ALA Q 146 88.38 7.73 75.35
N ARG Q 147 88.89 8.68 76.12
CA ARG Q 147 88.37 10.03 76.08
C ARG Q 147 88.94 10.84 74.93
N GLU Q 148 90.11 10.46 74.42
CA GLU Q 148 90.80 11.20 73.38
C GLU Q 148 90.52 10.66 71.98
N ILE Q 149 89.76 9.57 71.86
CA ILE Q 149 89.51 8.98 70.54
C ILE Q 149 88.80 9.97 69.62
N PRO Q 150 87.78 10.71 70.06
CA PRO Q 150 87.11 11.64 69.14
C PRO Q 150 88.04 12.67 68.54
N ASP Q 151 89.05 13.13 69.28
CA ASP Q 151 90.00 14.08 68.72
C ASP Q 151 90.77 13.46 67.56
N VAL Q 152 91.18 12.21 67.71
CA VAL Q 152 91.92 11.54 66.64
C VAL Q 152 91.01 11.32 65.44
N ILE Q 153 89.74 11.00 65.68
CA ILE Q 153 88.81 10.83 64.57
C ILE Q 153 88.61 12.16 63.84
N ALA Q 154 88.54 13.26 64.59
CA ALA Q 154 88.42 14.57 63.94
C ALA Q 154 89.67 14.88 63.13
N GLN Q 155 90.85 14.51 63.63
CA GLN Q 155 92.08 14.67 62.87
C GLN Q 155 92.04 13.87 61.57
N ALA Q 156 91.57 12.63 61.64
CA ALA Q 156 91.49 11.79 60.44
C ALA Q 156 90.51 12.36 59.43
N LEU Q 157 89.36 12.84 59.90
CA LEU Q 157 88.44 13.51 59.00
C LEU Q 157 89.09 14.73 58.37
N SER Q 158 89.84 15.49 59.16
CA SER Q 158 90.58 16.63 58.61
C SER Q 158 91.55 16.19 57.52
N GLU Q 159 92.20 15.04 57.71
CA GLU Q 159 93.15 14.59 56.69
C GLU Q 159 92.45 14.20 55.39
N LEU Q 160 91.46 13.31 55.47
CA LEU Q 160 90.66 12.96 54.29
C LEU Q 160 90.15 14.21 53.60
N ARG Q 161 89.57 15.09 54.39
CA ARG Q 161 88.78 16.22 53.92
C ARG Q 161 89.67 17.37 53.47
N LEU Q 162 90.93 17.35 53.91
CA LEU Q 162 91.98 18.09 53.22
C LEU Q 162 92.28 17.47 51.87
N ALA Q 163 92.47 16.15 51.84
CA ALA Q 163 92.89 15.48 50.61
C ALA Q 163 91.87 15.66 49.49
N GLY Q 164 90.62 15.95 49.84
CA GLY Q 164 89.64 16.34 48.84
C GLY Q 164 88.56 15.32 48.57
N VAL Q 165 88.39 14.34 49.43
CA VAL Q 165 87.37 13.33 49.23
C VAL Q 165 86.07 13.79 49.86
N ASP Q 166 84.95 13.40 49.24
CA ASP Q 166 83.63 13.80 49.68
C ASP Q 166 82.73 12.59 49.90
N GLY Q 167 81.44 12.84 50.15
CA GLY Q 167 80.50 11.78 50.41
C GLY Q 167 80.43 11.44 51.89
N PRO Q 168 79.41 10.69 52.29
CA PRO Q 168 79.27 10.35 53.71
C PRO Q 168 80.50 9.62 54.23
N TYR Q 169 80.89 9.96 55.46
CA TYR Q 169 82.03 9.35 56.12
C TYR Q 169 81.55 8.36 57.17
N SER Q 170 82.37 7.33 57.39
CA SER Q 170 81.98 6.24 58.26
C SER Q 170 83.18 5.78 59.07
N VAL Q 171 82.92 5.35 60.29
CA VAL Q 171 83.94 4.90 61.23
C VAL Q 171 83.68 3.43 61.53
N LEU Q 172 84.68 2.59 61.26
CA LEU Q 172 84.64 1.17 61.60
C LEU Q 172 85.57 0.97 62.78
N LEU Q 173 85.03 0.44 63.87
CA LEU Q 173 85.78 0.28 65.11
C LEU Q 173 85.98 -1.20 65.43
N SER Q 174 87.10 -1.50 66.08
CA SER Q 174 87.44 -2.86 66.44
C SER Q 174 86.53 -3.33 67.58
N ALA Q 175 86.59 -4.61 67.89
CA ALA Q 175 85.83 -5.12 69.03
C ALA Q 175 86.29 -4.49 70.33
N GLU Q 176 87.62 -4.46 70.54
CA GLU Q 176 88.15 -3.94 71.80
C GLU Q 176 87.91 -2.45 71.92
N THR Q 177 88.02 -1.71 70.82
CA THR Q 177 87.77 -0.27 70.85
C THR Q 177 86.29 0.05 71.01
N TYR Q 178 85.42 -0.70 70.33
CA TYR Q 178 83.99 -0.48 70.46
C TYR Q 178 83.51 -0.80 71.87
N THR Q 179 84.00 -1.89 72.46
CA THR Q 179 83.69 -2.18 73.86
C THR Q 179 84.12 -1.02 74.76
N LYS Q 180 85.30 -0.46 74.50
CA LYS Q 180 85.80 0.63 75.32
C LYS Q 180 84.91 1.85 75.21
N VAL Q 181 84.62 2.29 73.98
CA VAL Q 181 83.82 3.50 73.80
C VAL Q 181 82.39 3.28 74.29
N SER Q 182 81.91 2.03 74.27
CA SER Q 182 80.56 1.76 74.74
C SER Q 182 80.49 1.79 76.26
N GLU Q 183 81.37 1.03 76.92
CA GLU Q 183 81.35 0.99 78.38
C GLU Q 183 81.67 2.36 78.97
N THR Q 184 82.67 3.04 78.42
CA THR Q 184 83.04 4.36 78.90
C THR Q 184 81.94 5.36 78.62
N THR Q 185 81.76 6.31 79.54
CA THR Q 185 80.69 7.30 79.46
C THR Q 185 81.22 8.67 79.86
N ALA Q 186 80.52 9.70 79.41
CA ALA Q 186 80.88 11.08 79.74
C ALA Q 186 79.63 11.94 79.68
N HIS Q 187 79.40 12.73 80.72
CA HIS Q 187 78.25 13.65 80.78
C HIS Q 187 76.94 12.92 80.54
N GLY Q 188 76.88 11.63 80.91
CA GLY Q 188 75.68 10.86 80.73
C GLY Q 188 75.46 10.33 79.33
N TYR Q 189 76.47 10.35 78.47
CA TYR Q 189 76.40 9.70 77.17
C TYR Q 189 77.67 8.88 76.91
N PRO Q 190 77.57 7.76 76.21
CA PRO Q 190 78.77 6.99 75.86
C PRO Q 190 79.70 7.75 74.93
N ILE Q 191 80.98 7.40 75.05
CA ILE Q 191 81.98 7.94 74.15
C ILE Q 191 81.66 7.54 72.72
N ARG Q 192 80.96 6.43 72.53
CA ARG Q 192 80.53 6.05 71.19
C ARG Q 192 79.55 7.06 70.61
N GLU Q 193 78.59 7.52 71.40
CA GLU Q 193 77.70 8.58 70.93
C GLU Q 193 78.50 9.86 70.68
N HIS Q 194 79.44 10.17 71.56
CA HIS Q 194 80.34 11.29 71.31
C HIS Q 194 80.97 11.19 69.92
N ILE Q 195 81.46 10.00 69.56
CA ILE Q 195 82.05 9.81 68.24
C ILE Q 195 81.00 9.99 67.15
N ASN Q 196 79.84 9.35 67.32
CA ASN Q 196 78.79 9.41 66.30
C ASN Q 196 78.41 10.85 65.98
N ARG Q 197 78.46 11.73 66.96
CA ARG Q 197 78.03 13.11 66.75
C ARG Q 197 78.77 13.78 65.59
N LEU Q 198 80.00 13.35 65.30
CA LEU Q 198 80.84 14.04 64.32
C LEU Q 198 80.50 13.66 62.88
N VAL Q 199 80.40 12.36 62.60
CA VAL Q 199 80.28 11.88 61.23
C VAL Q 199 78.85 12.02 60.75
N ASP Q 200 78.69 11.96 59.42
CA ASP Q 200 77.38 11.98 58.77
C ASP Q 200 76.84 10.59 58.49
N GLY Q 201 77.70 9.58 58.43
CA GLY Q 201 77.27 8.23 58.12
C GLY Q 201 76.90 7.41 59.33
N GLU Q 202 77.59 6.29 59.52
CA GLU Q 202 77.24 5.35 60.58
C GLU Q 202 78.51 4.90 61.32
N ILE Q 203 78.30 4.36 62.51
CA ILE Q 203 79.35 3.70 63.28
C ILE Q 203 79.17 2.20 63.10
N ILE Q 204 80.26 1.49 62.76
CA ILE Q 204 80.19 0.09 62.37
C ILE Q 204 81.11 -0.76 63.26
N TRP Q 205 80.63 -1.94 63.62
CA TRP Q 205 81.41 -2.98 64.29
C TRP Q 205 82.37 -3.63 63.29
N ALA Q 206 83.64 -3.73 63.66
CA ALA Q 206 84.60 -4.45 62.85
C ALA Q 206 85.46 -5.35 63.75
N PRO Q 207 84.93 -6.48 64.23
CA PRO Q 207 85.69 -7.28 65.20
C PRO Q 207 86.94 -7.87 64.59
N ALA Q 208 86.87 -8.25 63.31
CA ALA Q 208 87.98 -8.89 62.63
C ALA Q 208 89.19 -7.96 62.53
N ILE Q 209 88.95 -6.67 62.29
CA ILE Q 209 90.03 -5.72 62.08
C ILE Q 209 90.62 -5.36 63.45
N ASP Q 210 91.79 -4.74 63.44
CA ASP Q 210 92.47 -4.30 64.65
C ASP Q 210 92.74 -2.81 64.52
N GLY Q 211 92.17 -2.01 65.42
CA GLY Q 211 92.35 -0.58 65.40
C GLY Q 211 91.06 0.16 65.09
N ALA Q 212 91.12 1.07 64.11
CA ALA Q 212 89.94 1.81 63.69
C ALA Q 212 90.19 2.33 62.28
N PHE Q 213 89.10 2.67 61.57
CA PHE Q 213 89.22 3.14 60.20
C PHE Q 213 88.16 4.21 59.96
N VAL Q 214 88.57 5.33 59.36
CA VAL Q 214 87.61 6.36 58.94
C VAL Q 214 87.69 6.47 57.43
N LEU Q 215 86.58 6.25 56.73
CA LEU Q 215 86.63 6.19 55.28
C LEU Q 215 85.38 6.80 54.66
N SER Q 216 85.51 7.17 53.39
CA SER Q 216 84.39 7.73 52.64
C SER Q 216 83.58 6.61 51.98
N THR Q 217 82.30 6.90 51.76
CA THR Q 217 81.39 5.95 51.13
C THR Q 217 80.71 6.57 49.91
N ARG Q 218 81.36 7.53 49.26
CA ARG Q 218 80.81 8.08 48.02
C ARG Q 218 80.64 7.01 46.96
N GLY Q 219 81.60 6.09 46.86
CA GLY Q 219 81.53 5.02 45.89
C GLY Q 219 82.66 5.07 44.88
N GLY Q 220 83.01 3.91 44.33
CA GLY Q 220 84.04 3.84 43.32
C GLY Q 220 85.46 3.74 43.84
N ASP Q 221 85.65 3.55 45.15
CA ASP Q 221 86.99 3.45 45.72
C ASP Q 221 87.35 2.06 46.21
N PHE Q 222 86.38 1.24 46.58
CA PHE Q 222 86.64 -0.12 47.05
C PHE Q 222 85.71 -1.07 46.31
N ASP Q 223 86.23 -2.23 45.91
CA ASP Q 223 85.46 -3.21 45.15
C ASP Q 223 85.73 -4.61 45.72
N LEU Q 224 84.67 -5.25 46.21
CA LEU Q 224 84.75 -6.65 46.64
C LEU Q 224 84.17 -7.50 45.52
N GLN Q 225 85.03 -8.20 44.80
CA GLN Q 225 84.61 -9.03 43.68
C GLN Q 225 84.33 -10.45 44.18
N LEU Q 226 83.13 -10.95 43.88
CA LEU Q 226 82.73 -12.29 44.26
C LEU Q 226 82.49 -13.13 43.01
N GLY Q 227 83.04 -14.33 42.99
CA GLY Q 227 82.72 -15.29 41.96
C GLY Q 227 81.46 -16.04 42.32
N THR Q 228 81.45 -16.59 43.54
CA THR Q 228 80.28 -17.21 44.12
C THR Q 228 80.14 -16.74 45.56
N ASP Q 229 78.90 -16.47 45.97
CA ASP Q 229 78.64 -15.98 47.32
C ASP Q 229 78.79 -17.13 48.31
N VAL Q 230 78.49 -16.87 49.58
CA VAL Q 230 78.64 -17.87 50.61
C VAL Q 230 77.71 -19.04 50.33
N SER Q 231 78.25 -20.26 50.42
CA SER Q 231 77.47 -21.46 50.16
C SER Q 231 77.86 -22.52 51.18
N ILE Q 232 76.96 -23.47 51.42
CA ILE Q 232 77.18 -24.57 52.35
C ILE Q 232 77.14 -25.88 51.58
N GLY Q 233 78.14 -26.73 51.80
CA GLY Q 233 78.25 -27.99 51.09
C GLY Q 233 78.45 -29.19 51.98
N TYR Q 234 78.63 -30.36 51.37
CA TYR Q 234 78.73 -31.64 52.06
C TYR Q 234 79.95 -32.38 51.57
N LEU Q 235 80.74 -32.94 52.50
CA LEU Q 235 81.91 -33.73 52.13
C LEU Q 235 81.68 -35.22 52.36
N SER Q 236 81.31 -35.61 53.57
CA SER Q 236 81.12 -37.01 53.91
C SER Q 236 80.23 -37.08 55.14
N HIS Q 237 79.91 -38.31 55.58
CA HIS Q 237 79.03 -38.49 56.71
C HIS Q 237 79.34 -39.83 57.37
N ASP Q 238 78.79 -40.00 58.58
CA ASP Q 238 79.04 -41.16 59.41
C ASP Q 238 77.73 -41.51 60.12
N ALA Q 239 77.75 -42.59 60.90
CA ALA Q 239 76.57 -42.99 61.64
C ALA Q 239 76.15 -41.97 62.68
N GLU Q 240 77.03 -41.02 63.03
CA GLU Q 240 76.77 -40.05 64.08
C GLU Q 240 76.83 -38.60 63.63
N VAL Q 241 77.67 -38.29 62.63
CA VAL Q 241 77.96 -36.91 62.28
C VAL Q 241 77.93 -36.75 60.75
N VAL Q 242 77.86 -35.49 60.32
CA VAL Q 242 77.98 -35.12 58.93
C VAL Q 242 78.99 -33.98 58.85
N HIS Q 243 79.88 -34.04 57.86
CA HIS Q 243 80.90 -33.01 57.67
C HIS Q 243 80.47 -32.09 56.52
N LEU Q 244 80.39 -30.79 56.83
CA LEU Q 244 79.97 -29.77 55.88
C LEU Q 244 81.04 -28.69 55.82
N TYR Q 245 80.89 -27.77 54.88
CA TYR Q 245 81.82 -26.66 54.75
C TYR Q 245 81.07 -25.42 54.29
N MET Q 246 81.59 -24.25 54.66
CA MET Q 246 81.12 -22.98 54.13
C MET Q 246 82.18 -22.41 53.22
N GLU Q 247 81.78 -22.03 52.00
CA GLU Q 247 82.69 -21.71 50.91
C GLU Q 247 82.33 -20.37 50.30
N GLU Q 248 83.36 -19.60 49.94
CA GLU Q 248 83.14 -18.40 49.14
C GLU Q 248 84.40 -18.05 48.36
N THR Q 249 84.21 -17.60 47.12
CA THR Q 249 85.32 -17.23 46.23
C THR Q 249 85.30 -15.73 46.00
N MET Q 250 86.40 -15.06 46.36
CA MET Q 250 86.39 -13.60 46.42
C MET Q 250 87.77 -13.04 46.12
N THR Q 251 87.80 -11.72 45.92
CA THR Q 251 89.00 -10.91 45.95
C THR Q 251 88.58 -9.48 46.25
N PHE Q 252 89.56 -8.65 46.63
CA PHE Q 252 89.30 -7.27 47.01
C PHE Q 252 90.26 -6.34 46.30
N LEU Q 253 89.76 -5.19 45.86
CA LEU Q 253 90.56 -4.18 45.18
C LEU Q 253 90.28 -2.80 45.77
N CYS Q 254 91.34 -2.03 45.99
CA CYS Q 254 91.25 -0.63 46.39
C CYS Q 254 91.79 0.22 45.25
N TYR Q 255 91.02 1.22 44.83
CA TYR Q 255 91.39 2.09 43.72
C TYR Q 255 91.83 3.46 44.16
N THR Q 256 91.19 4.02 45.18
CA THR Q 256 91.51 5.35 45.69
C THR Q 256 92.22 5.20 47.04
N ALA Q 257 93.48 5.61 47.09
CA ALA Q 257 94.28 5.47 48.30
C ALA Q 257 94.02 6.60 49.29
N GLU Q 258 93.34 7.66 48.87
CA GLU Q 258 93.14 8.83 49.71
C GLU Q 258 91.75 8.89 50.35
N ALA Q 259 90.94 7.84 50.21
CA ALA Q 259 89.57 7.85 50.72
C ALA Q 259 89.45 7.19 52.09
N SER Q 260 90.56 6.87 52.74
CA SER Q 260 90.53 6.18 54.03
C SER Q 260 91.68 6.65 54.89
N VAL Q 261 91.50 6.51 56.20
CA VAL Q 261 92.52 6.81 57.20
C VAL Q 261 92.50 5.67 58.21
N ALA Q 262 93.67 5.17 58.57
CA ALA Q 262 93.79 4.03 59.46
C ALA Q 262 94.36 4.48 60.80
N LEU Q 263 93.84 3.91 61.88
CA LEU Q 263 94.30 4.17 63.23
C LEU Q 263 94.72 2.85 63.86
N THR Q 264 95.98 2.79 64.30
CA THR Q 264 96.55 1.55 64.81
C THR Q 264 96.49 1.53 66.34
N PRO Q 265 96.29 0.35 66.95
CA PRO Q 265 96.19 0.26 68.41
C PRO Q 265 97.42 0.81 69.12
N ASN R 2 -66.54 47.22 -39.45
CA ASN R 2 -66.67 48.62 -39.07
C ASN R 2 -67.77 49.30 -39.90
N ASN R 3 -67.91 50.63 -39.74
CA ASN R 3 -68.97 51.35 -40.40
C ASN R 3 -68.75 51.49 -41.90
N LEU R 4 -67.57 51.16 -42.41
CA LEU R 4 -67.34 51.23 -43.85
C LEU R 4 -68.17 50.19 -44.59
N TYR R 5 -68.37 49.02 -43.99
CA TYR R 5 -69.14 47.94 -44.61
C TYR R 5 -68.51 47.51 -45.93
N ARG R 6 -67.18 47.36 -45.94
CA ARG R 6 -66.49 46.90 -47.13
C ARG R 6 -66.70 45.41 -47.39
N ASP R 7 -66.88 44.61 -46.34
CA ASP R 7 -67.08 43.18 -46.52
C ASP R 7 -68.33 42.87 -47.34
N LEU R 8 -69.27 43.82 -47.43
CA LEU R 8 -70.50 43.63 -48.18
C LEU R 8 -70.38 44.05 -49.64
N ALA R 9 -69.26 44.65 -50.03
CA ALA R 9 -69.14 45.15 -51.39
C ALA R 9 -68.66 44.03 -52.33
N PRO R 10 -69.14 44.00 -53.58
CA PRO R 10 -68.69 42.98 -54.54
C PRO R 10 -67.36 43.37 -55.20
N ILE R 11 -66.31 43.46 -54.38
CA ILE R 11 -64.99 43.89 -54.83
C ILE R 11 -63.95 42.95 -54.21
N THR R 12 -62.96 42.57 -55.01
CA THR R 12 -61.91 41.67 -54.57
C THR R 12 -60.80 42.43 -53.85
N GLU R 13 -59.92 41.67 -53.19
CA GLU R 13 -58.82 42.28 -52.46
C GLU R 13 -57.89 43.04 -53.39
N SER R 14 -57.60 42.47 -54.56
CA SER R 14 -56.71 43.13 -55.50
C SER R 14 -57.28 44.46 -55.99
N ALA R 15 -58.57 44.48 -56.34
CA ALA R 15 -59.19 45.71 -56.78
C ALA R 15 -59.26 46.74 -55.65
N TRP R 16 -59.53 46.28 -54.44
CA TRP R 16 -59.48 47.17 -53.29
C TRP R 16 -58.11 47.82 -53.15
N ALA R 17 -57.05 47.00 -53.28
CA ALA R 17 -55.70 47.53 -53.17
C ALA R 17 -55.42 48.54 -54.27
N GLU R 18 -55.83 48.23 -55.51
CA GLU R 18 -55.61 49.17 -56.61
C GLU R 18 -56.32 50.50 -56.35
N ILE R 19 -57.57 50.44 -55.89
CA ILE R 19 -58.32 51.68 -55.64
C ILE R 19 -57.67 52.48 -54.53
N GLU R 20 -57.28 51.81 -53.44
CA GLU R 20 -56.63 52.51 -52.34
C GLU R 20 -55.34 53.17 -52.79
N LEU R 21 -54.52 52.45 -53.55
CA LEU R 21 -53.26 53.00 -54.03
C LEU R 21 -53.50 54.21 -54.92
N GLU R 22 -54.45 54.11 -55.84
CA GLU R 22 -54.72 55.21 -56.77
C GLU R 22 -55.22 56.43 -56.02
N ALA R 23 -56.12 56.26 -55.05
CA ALA R 23 -56.62 57.40 -54.29
C ALA R 23 -55.52 58.03 -53.44
N THR R 24 -54.71 57.20 -52.77
CA THR R 24 -53.64 57.73 -51.93
C THR R 24 -52.65 58.54 -52.76
N ARG R 25 -52.25 58.02 -53.93
CA ARG R 25 -51.28 58.73 -54.75
C ARG R 25 -51.81 60.11 -55.15
N THR R 26 -53.05 60.15 -55.64
CA THR R 26 -53.61 61.41 -56.12
C THR R 26 -53.79 62.40 -54.99
N PHE R 27 -54.29 61.94 -53.83
CA PHE R 27 -54.47 62.85 -52.70
C PHE R 27 -53.14 63.41 -52.23
N LYS R 28 -52.12 62.55 -52.10
CA LYS R 28 -50.80 63.02 -51.68
C LYS R 28 -50.20 63.96 -52.71
N ARG R 29 -50.57 63.80 -53.98
CA ARG R 29 -50.13 64.75 -54.99
C ARG R 29 -50.79 66.11 -54.80
N HIS R 30 -52.11 66.12 -54.61
CA HIS R 30 -52.88 67.36 -54.66
C HIS R 30 -52.98 68.07 -53.32
N ILE R 31 -52.44 67.49 -52.25
CA ILE R 31 -52.55 68.06 -50.90
C ILE R 31 -51.29 68.86 -50.61
N ALA R 32 -51.45 70.01 -49.94
CA ALA R 32 -50.35 70.91 -49.64
C ALA R 32 -50.27 71.33 -48.18
N GLY R 33 -51.39 71.55 -47.51
CA GLY R 33 -51.35 72.04 -46.14
C GLY R 33 -50.65 71.09 -45.19
N ARG R 34 -50.81 69.79 -45.42
CA ARG R 34 -50.21 68.77 -44.56
C ARG R 34 -48.69 68.86 -44.54
N ARG R 35 -48.09 69.51 -45.54
CA ARG R 35 -46.64 69.65 -45.62
C ARG R 35 -46.12 70.85 -44.85
N VAL R 36 -47.00 71.75 -44.40
CA VAL R 36 -46.57 72.97 -43.72
C VAL R 36 -47.32 73.19 -42.42
N VAL R 37 -48.19 72.25 -42.04
CA VAL R 37 -48.96 72.37 -40.80
C VAL R 37 -48.75 71.12 -39.97
N ASP R 38 -48.64 71.32 -38.65
CA ASP R 38 -48.59 70.19 -37.73
C ASP R 38 -49.89 69.41 -37.78
N VAL R 39 -49.78 68.09 -37.71
CA VAL R 39 -50.93 67.20 -37.82
C VAL R 39 -51.05 66.42 -36.53
N SER R 40 -52.20 66.53 -35.87
CA SER R 40 -52.50 65.72 -34.68
C SER R 40 -53.15 64.43 -35.17
N GLY R 41 -52.42 63.32 -35.02
CA GLY R 41 -52.85 62.05 -35.58
C GLY R 41 -54.26 61.69 -35.18
N PRO R 42 -54.85 60.73 -35.88
CA PRO R 42 -56.24 60.34 -35.58
C PRO R 42 -56.39 59.95 -34.12
N ASN R 43 -57.41 60.53 -33.47
CA ASN R 43 -57.72 60.25 -32.08
C ASN R 43 -58.88 59.27 -31.93
N GLY R 44 -59.43 58.78 -33.02
CA GLY R 44 -60.47 57.76 -32.98
C GLY R 44 -61.83 58.31 -33.37
N PRO R 45 -62.76 57.41 -33.73
CA PRO R 45 -64.10 57.86 -34.10
C PRO R 45 -64.86 58.51 -32.95
N THR R 46 -64.47 58.26 -31.71
CA THR R 46 -65.13 58.85 -30.55
C THR R 46 -64.82 60.34 -30.40
N THR R 47 -63.80 60.85 -31.09
CA THR R 47 -63.42 62.24 -30.97
C THR R 47 -64.39 63.12 -31.74
N ALA R 48 -64.89 64.18 -31.10
CA ALA R 48 -65.88 65.06 -31.69
C ALA R 48 -65.52 66.54 -31.62
N SER R 49 -64.62 66.95 -30.72
CA SER R 49 -64.31 68.36 -30.57
C SER R 49 -62.91 68.50 -29.99
N VAL R 50 -62.37 69.71 -30.12
CA VAL R 50 -61.04 70.04 -29.61
C VAL R 50 -61.19 71.19 -28.62
N SER R 51 -60.74 70.99 -27.39
CA SER R 51 -60.83 72.02 -26.37
C SER R 51 -59.87 73.16 -26.71
N THR R 52 -60.29 74.40 -26.41
CA THR R 52 -59.43 75.55 -26.59
C THR R 52 -58.85 76.07 -25.27
N GLY R 53 -59.38 75.62 -24.14
CA GLY R 53 -58.92 76.09 -22.86
C GLY R 53 -59.48 77.42 -22.44
N HIS R 54 -60.35 78.02 -23.24
CA HIS R 54 -60.98 79.29 -22.92
C HIS R 54 -62.32 79.06 -22.23
N LEU R 55 -62.85 80.13 -21.64
CA LEU R 55 -64.11 80.10 -20.92
C LEU R 55 -65.06 81.15 -21.50
N LEU R 56 -66.35 80.85 -21.43
CA LEU R 56 -67.39 81.74 -21.92
C LEU R 56 -68.37 82.03 -20.79
N ASP R 57 -68.78 83.29 -20.69
CA ASP R 57 -69.71 83.70 -19.64
C ASP R 57 -71.11 83.14 -19.91
N VAL R 58 -71.82 82.81 -18.83
CA VAL R 58 -73.14 82.20 -18.93
C VAL R 58 -73.94 82.56 -17.69
N SER R 59 -75.26 82.60 -17.85
CA SER R 59 -76.15 82.96 -16.75
C SER R 59 -76.01 81.94 -15.62
N PRO R 60 -75.93 82.38 -14.35
CA PRO R 60 -75.71 81.42 -13.27
C PRO R 60 -76.97 80.64 -12.97
N PRO R 61 -76.85 79.44 -12.42
CA PRO R 61 -78.05 78.73 -11.93
C PRO R 61 -78.78 79.49 -10.84
N GLY R 62 -78.05 80.19 -9.98
CA GLY R 62 -78.68 80.85 -8.85
C GLY R 62 -77.75 81.86 -8.21
N ASP R 63 -78.17 82.34 -7.04
CA ASP R 63 -77.44 83.39 -6.35
C ASP R 63 -76.14 82.85 -5.77
N GLY R 64 -75.10 83.70 -5.78
CA GLY R 64 -73.83 83.33 -5.20
C GLY R 64 -73.04 82.34 -6.01
N VAL R 65 -73.38 82.13 -7.27
CA VAL R 65 -72.74 81.14 -8.12
C VAL R 65 -72.25 81.82 -9.38
N ILE R 66 -70.99 81.54 -9.76
CA ILE R 66 -70.38 82.05 -10.98
C ILE R 66 -70.24 80.88 -11.94
N ALA R 67 -70.76 81.04 -13.15
CA ALA R 67 -70.82 79.96 -14.13
C ALA R 67 -70.06 80.37 -15.39
N HIS R 68 -69.31 79.41 -15.94
CA HIS R 68 -68.58 79.61 -17.18
C HIS R 68 -68.66 78.33 -18.01
N LEU R 69 -68.69 78.48 -19.33
CA LEU R 69 -68.73 77.35 -20.24
C LEU R 69 -67.38 77.15 -20.90
N ARG R 70 -66.95 75.89 -20.96
CA ARG R 70 -65.71 75.54 -21.64
C ARG R 70 -65.91 75.62 -23.15
N ASP R 71 -64.87 76.08 -23.85
CA ASP R 71 -64.96 76.35 -25.27
C ASP R 71 -64.26 75.26 -26.07
N ALA R 72 -64.96 74.77 -27.09
CA ALA R 72 -64.44 73.69 -27.93
C ALA R 72 -64.79 73.98 -29.38
N LYS R 73 -63.95 73.44 -30.27
CA LYS R 73 -64.13 73.55 -31.71
C LYS R 73 -64.65 72.22 -32.24
N PRO R 74 -65.81 72.17 -32.87
CA PRO R 74 -66.33 70.89 -33.37
C PRO R 74 -65.56 70.42 -34.61
N LEU R 75 -65.63 69.12 -34.84
CA LEU R 75 -65.04 68.49 -36.01
C LEU R 75 -66.10 68.30 -37.08
N VAL R 76 -65.69 68.43 -38.34
CA VAL R 76 -66.59 68.32 -39.47
C VAL R 76 -66.19 67.13 -40.31
N ARG R 77 -67.18 66.36 -40.77
CA ARG R 77 -66.96 65.18 -41.59
C ARG R 77 -67.25 65.52 -43.04
N LEU R 78 -66.29 65.27 -43.91
CA LEU R 78 -66.41 65.51 -45.35
C LEU R 78 -66.49 64.16 -46.04
N ARG R 79 -67.54 63.99 -46.85
CA ARG R 79 -67.79 62.75 -47.58
C ARG R 79 -68.01 63.08 -49.05
N VAL R 80 -67.23 62.44 -49.92
CA VAL R 80 -67.34 62.64 -51.36
C VAL R 80 -67.71 61.31 -52.01
N PRO R 81 -68.89 61.19 -52.63
CA PRO R 81 -69.27 59.92 -53.24
C PRO R 81 -68.80 59.82 -54.69
N PHE R 82 -68.62 58.57 -55.12
CA PHE R 82 -68.26 58.27 -56.50
C PHE R 82 -68.75 56.87 -56.84
N THR R 83 -68.71 56.56 -58.13
CA THR R 83 -69.25 55.32 -58.67
C THR R 83 -68.18 54.59 -59.47
N VAL R 84 -68.17 53.26 -59.35
CA VAL R 84 -67.18 52.43 -60.04
C VAL R 84 -67.91 51.32 -60.79
N ALA R 85 -67.27 50.83 -61.85
CA ALA R 85 -67.86 49.83 -62.73
C ALA R 85 -67.42 48.42 -62.35
N ARG R 86 -68.39 47.54 -62.21
CA ARG R 86 -68.13 46.15 -61.85
C ARG R 86 -67.31 45.42 -62.91
N ARG R 87 -67.40 45.83 -64.18
CA ARG R 87 -66.55 45.23 -65.20
C ARG R 87 -65.08 45.55 -64.99
N ASP R 88 -64.75 46.81 -64.71
CA ASP R 88 -63.38 47.18 -64.37
C ASP R 88 -62.94 46.49 -63.09
N ILE R 89 -63.85 46.33 -62.12
CA ILE R 89 -63.50 45.59 -60.91
C ILE R 89 -63.14 44.14 -61.24
N ASP R 90 -63.97 43.49 -62.06
CA ASP R 90 -63.78 42.07 -62.32
C ASP R 90 -62.54 41.82 -63.17
N ASP R 91 -62.21 42.74 -64.08
CA ASP R 91 -61.07 42.52 -64.96
C ASP R 91 -59.76 42.37 -64.20
N VAL R 92 -59.68 42.90 -62.97
CA VAL R 92 -58.41 42.88 -62.24
C VAL R 92 -57.97 41.45 -61.97
N GLU R 93 -58.89 40.59 -61.52
CA GLU R 93 -58.52 39.22 -61.20
C GLU R 93 -58.11 38.44 -62.45
N ARG R 94 -58.41 38.96 -63.64
CA ARG R 94 -57.96 38.38 -64.90
C ARG R 94 -56.58 38.91 -65.31
N GLY R 95 -55.83 39.48 -64.39
CA GLY R 95 -54.53 40.05 -64.72
C GLY R 95 -54.60 41.28 -65.58
N SER R 96 -55.69 42.05 -65.48
CA SER R 96 -55.80 43.32 -66.18
C SER R 96 -55.22 44.42 -65.32
N GLN R 97 -54.43 45.30 -65.94
CA GLN R 97 -53.81 46.42 -65.26
C GLN R 97 -53.89 47.71 -66.06
N ASP R 98 -55.01 47.94 -66.77
CA ASP R 98 -55.33 49.23 -67.35
C ASP R 98 -56.73 49.68 -66.94
N SER R 99 -57.23 49.23 -65.80
CA SER R 99 -58.59 49.53 -65.38
C SER R 99 -58.76 51.02 -65.12
N ASP R 100 -59.98 51.51 -65.33
CA ASP R 100 -60.29 52.92 -65.19
C ASP R 100 -60.62 53.24 -63.73
N TRP R 101 -59.87 54.17 -63.14
CA TRP R 101 -60.09 54.64 -61.78
C TRP R 101 -60.23 56.16 -61.75
N ASP R 102 -60.66 56.73 -62.87
CA ASP R 102 -60.82 58.18 -62.97
C ASP R 102 -61.80 58.74 -61.95
N PRO R 103 -62.96 58.13 -61.69
CA PRO R 103 -63.81 58.65 -60.61
C PRO R 103 -63.10 58.66 -59.26
N VAL R 104 -62.29 57.63 -58.98
CA VAL R 104 -61.52 57.61 -57.75
C VAL R 104 -60.59 58.81 -57.69
N LYS R 105 -59.87 59.06 -58.79
CA LYS R 105 -58.93 60.18 -58.80
C LYS R 105 -59.66 61.52 -58.63
N ASP R 106 -60.81 61.66 -59.30
CA ASP R 106 -61.57 62.90 -59.18
C ASP R 106 -62.06 63.12 -57.76
N ALA R 107 -62.56 62.07 -57.11
CA ALA R 107 -63.03 62.21 -55.73
C ALA R 107 -61.87 62.58 -54.81
N ALA R 108 -60.71 61.95 -54.99
CA ALA R 108 -59.55 62.29 -54.18
C ALA R 108 -59.16 63.76 -54.39
N LYS R 109 -59.17 64.22 -55.63
CA LYS R 109 -58.86 65.62 -55.92
C LYS R 109 -59.85 66.53 -55.22
N LYS R 110 -61.13 66.20 -55.29
CA LYS R 110 -62.16 67.03 -54.66
C LYS R 110 -61.95 67.12 -53.15
N LEU R 111 -61.68 65.98 -52.52
CA LEU R 111 -61.47 65.97 -51.07
C LEU R 111 -60.24 66.79 -50.69
N ALA R 112 -59.15 66.61 -51.43
CA ALA R 112 -57.94 67.39 -51.15
C ALA R 112 -58.21 68.88 -51.29
N PHE R 113 -58.97 69.26 -52.34
CA PHE R 113 -59.23 70.66 -52.57
C PHE R 113 -60.07 71.26 -51.45
N VAL R 114 -61.10 70.54 -51.00
CA VAL R 114 -61.92 71.07 -49.91
C VAL R 114 -61.10 71.20 -48.64
N GLU R 115 -60.25 70.20 -48.36
CA GLU R 115 -59.42 70.28 -47.15
C GLU R 115 -58.49 71.49 -47.20
N ASP R 116 -57.78 71.66 -48.33
CA ASP R 116 -56.82 72.75 -48.43
C ASP R 116 -57.52 74.10 -48.41
N ARG R 117 -58.69 74.19 -49.05
CA ARG R 117 -59.45 75.44 -49.04
C ARG R 117 -59.98 75.78 -47.66
N ALA R 118 -60.40 74.79 -46.88
CA ALA R 118 -60.77 75.05 -45.50
C ALA R 118 -59.56 75.50 -44.67
N ILE R 119 -58.40 74.91 -44.91
CA ILE R 119 -57.21 75.28 -44.16
C ILE R 119 -56.81 76.73 -44.48
N PHE R 120 -56.80 77.09 -45.76
CA PHE R 120 -56.20 78.34 -46.19
C PHE R 120 -57.18 79.49 -46.41
N GLU R 121 -58.48 79.22 -46.44
CA GLU R 121 -59.48 80.23 -46.74
C GLU R 121 -60.62 80.28 -45.74
N GLY R 122 -60.95 79.17 -45.10
CA GLY R 122 -61.97 79.15 -44.06
C GLY R 122 -63.25 78.46 -44.52
N TYR R 123 -63.86 77.74 -43.60
CA TYR R 123 -65.16 77.09 -43.80
C TYR R 123 -66.02 77.52 -42.62
N ALA R 124 -66.78 78.60 -42.81
CA ALA R 124 -67.41 79.28 -41.69
C ALA R 124 -68.39 78.38 -40.96
N ALA R 125 -69.23 77.65 -41.69
CA ALA R 125 -70.26 76.84 -41.05
C ALA R 125 -69.65 75.83 -40.09
N ALA R 126 -68.42 75.41 -40.34
CA ALA R 126 -67.69 74.54 -39.43
C ALA R 126 -66.89 75.32 -38.39
N SER R 127 -67.10 76.63 -38.30
CA SER R 127 -66.39 77.49 -37.36
C SER R 127 -64.89 77.49 -37.62
N ILE R 128 -64.50 77.26 -38.87
CA ILE R 128 -63.08 77.19 -39.26
C ILE R 128 -62.70 78.55 -39.83
N GLU R 129 -61.84 79.28 -39.12
CA GLU R 129 -61.28 80.52 -39.62
C GLU R 129 -59.94 80.22 -40.28
N GLY R 130 -59.80 80.61 -41.55
CA GLY R 130 -58.63 80.26 -42.33
C GLY R 130 -57.42 81.10 -41.98
N ILE R 131 -56.28 80.67 -42.52
CA ILE R 131 -55.03 81.40 -42.33
C ILE R 131 -55.12 82.81 -42.89
N ARG R 132 -55.78 82.97 -44.04
CA ARG R 132 -55.91 84.29 -44.65
C ARG R 132 -56.59 85.29 -43.71
N SER R 133 -57.73 84.91 -43.13
CA SER R 133 -58.43 85.80 -42.22
C SER R 133 -57.69 85.95 -40.89
N SER R 134 -57.19 84.85 -40.33
CA SER R 134 -56.54 84.91 -39.04
C SER R 134 -55.19 85.63 -39.09
N SER R 135 -54.63 85.83 -40.28
CA SER R 135 -53.34 86.50 -40.38
C SER R 135 -53.46 87.95 -39.93
N SER R 136 -52.48 88.40 -39.15
CA SER R 136 -52.42 89.78 -38.69
C SER R 136 -51.55 90.67 -39.54
N ASN R 137 -50.51 90.11 -40.16
CA ASN R 137 -49.65 90.92 -41.02
C ASN R 137 -50.45 91.39 -42.24
N PRO R 138 -50.15 92.59 -42.76
CA PRO R 138 -50.94 93.12 -43.87
C PRO R 138 -50.83 92.22 -45.11
N ALA R 139 -51.93 92.13 -45.84
CA ALA R 139 -51.97 91.33 -47.05
C ALA R 139 -51.41 92.12 -48.22
N LEU R 140 -50.84 91.40 -49.19
CA LEU R 140 -50.27 92.01 -50.38
C LEU R 140 -51.05 91.58 -51.62
N ALA R 141 -50.71 92.19 -52.74
CA ALA R 141 -51.35 91.92 -54.03
C ALA R 141 -50.34 91.29 -54.97
N LEU R 142 -50.73 90.19 -55.60
CA LEU R 142 -49.87 89.49 -56.54
C LEU R 142 -49.88 90.25 -57.86
N PRO R 143 -48.74 90.72 -58.36
CA PRO R 143 -48.77 91.48 -59.62
C PRO R 143 -49.25 90.62 -60.78
N ASP R 144 -49.92 91.28 -61.73
CA ASP R 144 -50.39 90.57 -62.92
C ASP R 144 -49.22 89.97 -63.69
N ASP R 145 -48.13 90.71 -63.81
CA ASP R 145 -46.93 90.20 -64.47
C ASP R 145 -46.21 89.23 -63.54
N ALA R 146 -45.45 88.31 -64.14
CA ALA R 146 -44.72 87.32 -63.37
C ALA R 146 -43.35 87.79 -62.93
N ARG R 147 -42.87 88.94 -63.44
CA ARG R 147 -41.50 89.36 -63.17
C ARG R 147 -41.37 90.05 -61.82
N GLU R 148 -42.47 90.60 -61.29
CA GLU R 148 -42.45 91.36 -60.05
C GLU R 148 -42.81 90.52 -58.83
N ILE R 149 -43.17 89.25 -59.02
CA ILE R 149 -43.59 88.42 -57.88
C ILE R 149 -42.47 88.29 -56.86
N PRO R 150 -41.21 88.07 -57.23
CA PRO R 150 -40.16 87.93 -56.20
C PRO R 150 -40.04 89.15 -55.30
N ASP R 151 -40.25 90.35 -55.84
CA ASP R 151 -40.21 91.55 -55.00
C ASP R 151 -41.28 91.50 -53.92
N VAL R 152 -42.49 91.08 -54.29
CA VAL R 152 -43.57 91.01 -53.33
C VAL R 152 -43.28 89.93 -52.29
N ILE R 153 -42.68 88.82 -52.71
CA ILE R 153 -42.31 87.77 -51.76
C ILE R 153 -41.25 88.28 -50.79
N ALA R 154 -40.29 89.05 -51.29
CA ALA R 154 -39.30 89.64 -50.41
C ALA R 154 -39.94 90.61 -49.42
N GLN R 155 -40.93 91.38 -49.87
CA GLN R 155 -41.67 92.26 -48.98
C GLN R 155 -42.38 91.47 -47.88
N ALA R 156 -43.02 90.36 -48.26
CA ALA R 156 -43.72 89.54 -47.28
C ALA R 156 -42.76 88.93 -46.27
N LEU R 157 -41.61 88.45 -46.74
CA LEU R 157 -40.59 87.97 -45.82
C LEU R 157 -40.15 89.08 -44.89
N SER R 158 -39.97 90.30 -45.42
CA SER R 158 -39.63 91.42 -44.57
C SER R 158 -40.70 91.66 -43.51
N GLU R 159 -41.97 91.50 -43.87
CA GLU R 159 -43.04 91.73 -42.88
C GLU R 159 -43.00 90.69 -41.77
N LEU R 160 -43.03 89.40 -42.13
CA LEU R 160 -42.91 88.33 -41.13
C LEU R 160 -41.69 88.57 -40.24
N ARG R 161 -40.57 88.84 -40.89
CA ARG R 161 -39.26 88.83 -40.28
C ARG R 161 -39.00 90.12 -39.52
N LEU R 162 -39.78 91.15 -39.80
CA LEU R 162 -39.95 92.26 -38.88
C LEU R 162 -40.74 91.83 -37.66
N ALA R 163 -41.88 91.15 -37.89
CA ALA R 163 -42.78 90.80 -36.80
C ALA R 163 -42.10 89.91 -35.78
N GLY R 164 -41.04 89.20 -36.18
CA GLY R 164 -40.22 88.49 -35.22
C GLY R 164 -40.33 86.99 -35.27
N VAL R 165 -40.88 86.43 -36.33
CA VAL R 165 -41.02 84.99 -36.47
C VAL R 165 -39.76 84.41 -37.10
N ASP R 166 -39.41 83.20 -36.68
CA ASP R 166 -38.21 82.53 -37.16
C ASP R 166 -38.53 81.16 -37.73
N GLY R 167 -37.50 80.38 -38.05
CA GLY R 167 -37.66 79.07 -38.62
C GLY R 167 -37.74 79.11 -40.13
N PRO R 168 -37.63 77.96 -40.78
CA PRO R 168 -37.64 77.94 -42.24
C PRO R 168 -38.94 78.54 -42.78
N TYR R 169 -38.80 79.30 -43.87
CA TYR R 169 -39.93 79.94 -44.51
C TYR R 169 -40.28 79.19 -45.80
N SER R 170 -41.56 79.21 -46.14
CA SER R 170 -42.06 78.43 -47.27
C SER R 170 -43.10 79.23 -48.02
N VAL R 171 -43.14 79.03 -49.34
CA VAL R 171 -44.04 79.72 -50.24
C VAL R 171 -44.97 78.68 -50.86
N LEU R 172 -46.27 78.88 -50.68
CA LEU R 172 -47.29 78.05 -51.30
C LEU R 172 -47.93 78.88 -52.41
N LEU R 173 -47.86 78.37 -53.64
CA LEU R 173 -48.35 79.10 -54.80
C LEU R 173 -49.58 78.41 -55.40
N SER R 174 -50.46 79.22 -55.98
CA SER R 174 -51.68 78.71 -56.59
C SER R 174 -51.34 77.97 -57.87
N ALA R 175 -52.33 77.29 -58.45
CA ALA R 175 -52.11 76.64 -59.73
C ALA R 175 -51.80 77.66 -60.83
N GLU R 176 -52.60 78.73 -60.89
CA GLU R 176 -52.43 79.71 -61.95
C GLU R 176 -51.12 80.47 -61.79
N THR R 177 -50.74 80.78 -60.54
CA THR R 177 -49.49 81.48 -60.30
C THR R 177 -48.28 80.59 -60.54
N TYR R 178 -48.36 79.33 -60.12
CA TYR R 178 -47.26 78.40 -60.35
C TYR R 178 -47.05 78.13 -61.83
N THR R 179 -48.14 77.95 -62.58
CA THR R 179 -48.02 77.83 -64.03
C THR R 179 -47.33 79.06 -64.62
N LYS R 180 -47.69 80.25 -64.13
CA LYS R 180 -47.10 81.47 -64.65
C LYS R 180 -45.59 81.51 -64.38
N VAL R 181 -45.20 81.31 -63.12
CA VAL R 181 -43.79 81.40 -62.78
C VAL R 181 -42.99 80.29 -63.44
N SER R 182 -43.63 79.15 -63.72
CA SER R 182 -42.93 78.05 -64.38
C SER R 182 -42.71 78.34 -65.85
N GLU R 183 -43.78 78.68 -66.57
CA GLU R 183 -43.66 78.95 -68.00
C GLU R 183 -42.77 80.16 -68.24
N THR R 184 -42.95 81.22 -67.47
CA THR R 184 -42.13 82.42 -67.63
C THR R 184 -40.68 82.13 -67.25
N THR R 185 -39.75 82.78 -67.96
CA THR R 185 -38.33 82.55 -67.79
C THR R 185 -37.59 83.88 -67.84
N ALA R 186 -36.39 83.88 -67.26
CA ALA R 186 -35.55 85.07 -67.26
C ALA R 186 -34.10 84.64 -67.12
N HIS R 187 -33.23 85.16 -68.01
CA HIS R 187 -31.81 84.86 -67.99
C HIS R 187 -31.54 83.35 -68.03
N GLY R 188 -32.45 82.61 -68.66
CA GLY R 188 -32.28 81.19 -68.78
C GLY R 188 -32.68 80.40 -67.54
N TYR R 189 -33.41 81.00 -66.60
CA TYR R 189 -33.98 80.27 -65.47
C TYR R 189 -35.44 80.69 -65.28
N PRO R 190 -36.30 79.77 -64.84
CA PRO R 190 -37.69 80.14 -64.55
C PRO R 190 -37.81 81.12 -63.39
N ILE R 191 -38.87 81.91 -63.46
CA ILE R 191 -39.20 82.81 -62.36
C ILE R 191 -39.45 82.02 -61.09
N ARG R 192 -39.86 80.76 -61.20
CA ARG R 192 -40.00 79.92 -60.01
C ARG R 192 -38.66 79.68 -59.34
N GLU R 193 -37.61 79.39 -60.11
CA GLU R 193 -36.28 79.27 -59.52
C GLU R 193 -35.84 80.61 -58.92
N HIS R 194 -36.12 81.70 -59.64
CA HIS R 194 -35.88 83.02 -59.06
C HIS R 194 -36.49 83.14 -57.66
N ILE R 195 -37.75 82.72 -57.52
CA ILE R 195 -38.41 82.77 -56.21
C ILE R 195 -37.70 81.85 -55.22
N ASN R 196 -37.42 80.61 -55.63
CA ASN R 196 -36.81 79.63 -54.74
C ASN R 196 -35.50 80.17 -54.15
N ARG R 197 -34.76 80.95 -54.92
CA ARG R 197 -33.46 81.43 -54.47
C ARG R 197 -33.54 82.16 -53.12
N LEU R 198 -34.68 82.76 -52.81
CA LEU R 198 -34.79 83.63 -51.63
C LEU R 198 -35.01 82.83 -50.35
N VAL R 199 -35.96 81.89 -50.36
CA VAL R 199 -36.38 81.22 -49.14
C VAL R 199 -35.40 80.11 -48.77
N ASP R 200 -35.48 79.68 -47.52
CA ASP R 200 -34.68 78.57 -47.01
C ASP R 200 -35.43 77.24 -47.08
N GLY R 201 -36.76 77.26 -47.16
CA GLY R 201 -37.55 76.05 -47.17
C GLY R 201 -37.81 75.51 -48.56
N GLU R 202 -39.08 75.38 -48.92
CA GLU R 202 -39.48 74.76 -50.17
C GLU R 202 -40.55 75.61 -50.86
N ILE R 203 -40.72 75.37 -52.15
CA ILE R 203 -41.80 75.92 -52.94
C ILE R 203 -42.86 74.83 -53.09
N ILE R 204 -44.13 75.15 -52.81
CA ILE R 204 -45.19 74.15 -52.73
C ILE R 204 -46.33 74.52 -53.67
N TRP R 205 -46.89 73.50 -54.32
CA TRP R 205 -48.11 73.61 -55.12
C TRP R 205 -49.32 73.72 -54.19
N ALA R 206 -50.17 74.71 -54.43
CA ALA R 206 -51.43 74.83 -53.71
C ALA R 206 -52.57 75.11 -54.68
N PRO R 207 -53.03 74.12 -55.44
CA PRO R 207 -54.05 74.41 -56.47
C PRO R 207 -55.35 74.87 -55.89
N ALA R 208 -55.72 74.31 -54.73
CA ALA R 208 -56.99 74.64 -54.09
C ALA R 208 -57.06 76.09 -53.67
N ILE R 209 -55.95 76.66 -53.20
CA ILE R 209 -55.95 78.03 -52.70
C ILE R 209 -55.90 78.97 -53.88
N ASP R 210 -56.19 80.25 -53.63
CA ASP R 210 -56.18 81.29 -54.65
C ASP R 210 -55.23 82.38 -54.18
N GLY R 211 -54.17 82.62 -54.96
CA GLY R 211 -53.19 83.63 -54.61
C GLY R 211 -51.84 83.05 -54.27
N ALA R 212 -51.28 83.44 -53.13
CA ALA R 212 -50.00 82.90 -52.67
C ALA R 212 -49.90 83.12 -51.18
N PHE R 213 -49.02 82.36 -50.53
CA PHE R 213 -48.86 82.45 -49.08
C PHE R 213 -47.40 82.25 -48.73
N VAL R 214 -46.87 83.11 -47.87
CA VAL R 214 -45.52 82.94 -47.34
C VAL R 214 -45.63 82.75 -45.83
N LEU R 215 -45.16 81.62 -45.32
CA LEU R 215 -45.38 81.31 -43.91
C LEU R 215 -44.18 80.61 -43.31
N SER R 216 -44.09 80.67 -41.98
CA SER R 216 -43.03 80.01 -41.24
C SER R 216 -43.42 78.57 -40.92
N THR R 217 -42.41 77.72 -40.76
CA THR R 217 -42.60 76.31 -40.45
C THR R 217 -41.82 75.90 -39.20
N ARG R 218 -41.58 76.86 -38.29
CA ARG R 218 -40.92 76.54 -37.03
C ARG R 218 -41.73 75.51 -36.24
N GLY R 219 -43.06 75.66 -36.24
CA GLY R 219 -43.93 74.74 -35.53
C GLY R 219 -44.71 75.42 -34.43
N GLY R 220 -45.87 74.87 -34.10
CA GLY R 220 -46.69 75.39 -33.03
C GLY R 220 -47.62 76.53 -33.41
N ASP R 221 -47.77 76.83 -34.70
CA ASP R 221 -48.63 77.91 -35.16
C ASP R 221 -49.87 77.42 -35.89
N PHE R 222 -49.84 76.26 -36.52
CA PHE R 222 -51.00 75.72 -37.23
C PHE R 222 -51.20 74.28 -36.80
N ASP R 223 -52.45 73.88 -36.60
CA ASP R 223 -52.77 72.53 -36.15
C ASP R 223 -53.96 72.00 -36.96
N LEU R 224 -53.72 70.90 -37.68
CA LEU R 224 -54.78 70.19 -38.39
C LEU R 224 -55.17 68.98 -37.53
N GLN R 225 -56.33 69.06 -36.89
CA GLN R 225 -56.81 67.99 -36.02
C GLN R 225 -57.65 67.03 -36.83
N LEU R 226 -57.31 65.74 -36.76
CA LEU R 226 -58.02 64.68 -37.46
C LEU R 226 -58.63 63.73 -36.45
N GLY R 227 -59.91 63.41 -36.63
CA GLY R 227 -60.52 62.36 -35.84
C GLY R 227 -60.26 61.01 -36.48
N THR R 228 -60.54 60.92 -37.78
CA THR R 228 -60.21 59.77 -38.60
C THR R 228 -59.62 60.25 -39.91
N ASP R 229 -58.59 59.57 -40.37
CA ASP R 229 -57.90 59.95 -41.61
C ASP R 229 -58.79 59.57 -42.79
N VAL R 230 -58.26 59.78 -44.00
CA VAL R 230 -59.02 59.48 -45.21
C VAL R 230 -59.34 58.00 -45.27
N SER R 231 -60.61 57.68 -45.55
CA SER R 231 -61.05 56.29 -45.65
C SER R 231 -62.01 56.16 -46.81
N ILE R 232 -62.13 54.93 -47.33
CA ILE R 232 -63.02 54.63 -48.44
C ILE R 232 -64.06 53.62 -47.97
N GLY R 233 -65.33 53.92 -48.27
CA GLY R 233 -66.42 53.08 -47.83
C GLY R 233 -67.39 52.68 -48.94
N TYR R 234 -68.44 51.97 -48.56
CA TYR R 234 -69.42 51.40 -49.49
C TYR R 234 -70.82 51.78 -49.05
N LEU R 235 -71.65 52.24 -49.99
CA LEU R 235 -73.04 52.56 -49.69
C LEU R 235 -74.00 51.51 -50.25
N SER R 236 -73.94 51.25 -51.54
CA SER R 236 -74.85 50.31 -52.19
C SER R 236 -74.21 49.84 -53.48
N HIS R 237 -74.90 48.95 -54.19
CA HIS R 237 -74.35 48.40 -55.43
C HIS R 237 -75.51 47.95 -56.31
N ASP R 238 -75.17 47.69 -57.58
CA ASP R 238 -76.13 47.33 -58.60
C ASP R 238 -75.49 46.27 -59.50
N ALA R 239 -76.24 45.78 -60.48
CA ALA R 239 -75.72 44.79 -61.41
C ALA R 239 -74.57 45.33 -62.25
N GLU R 240 -74.37 46.65 -62.30
CA GLU R 240 -73.36 47.27 -63.15
C GLU R 240 -72.36 48.11 -62.40
N VAL R 241 -72.75 48.73 -61.28
CA VAL R 241 -71.91 49.72 -60.61
C VAL R 241 -71.93 49.48 -59.11
N VAL R 242 -70.97 50.11 -58.43
CA VAL R 242 -70.91 50.14 -56.98
C VAL R 242 -70.70 51.59 -56.56
N HIS R 243 -71.41 52.02 -55.53
CA HIS R 243 -71.29 53.39 -55.02
C HIS R 243 -70.44 53.39 -53.75
N LEU R 244 -69.36 54.18 -53.78
CA LEU R 244 -68.42 54.29 -52.69
C LEU R 244 -68.28 55.77 -52.30
N TYR R 245 -67.57 56.02 -51.21
CA TYR R 245 -67.34 57.38 -50.76
C TYR R 245 -65.96 57.47 -50.12
N MET R 246 -65.38 58.66 -50.18
CA MET R 246 -64.16 58.97 -49.46
C MET R 246 -64.50 59.94 -48.34
N GLU R 247 -64.06 59.61 -47.12
CA GLU R 247 -64.51 60.27 -45.90
C GLU R 247 -63.32 60.69 -45.06
N GLU R 248 -63.43 61.87 -44.44
CA GLU R 248 -62.45 62.28 -43.44
C GLU R 248 -63.08 63.29 -42.48
N THR R 249 -62.73 63.16 -41.20
CA THR R 249 -63.24 64.04 -40.15
C THR R 249 -62.12 64.91 -39.61
N MET R 250 -62.28 66.23 -39.71
CA MET R 250 -61.16 67.13 -39.47
C MET R 250 -61.65 68.46 -38.92
N THR R 251 -60.67 69.24 -38.45
CA THR R 251 -60.83 70.66 -38.18
C THR R 251 -59.44 71.29 -38.23
N PHE R 252 -59.39 72.62 -38.33
CA PHE R 252 -58.15 73.35 -38.43
C PHE R 252 -58.13 74.50 -37.44
N LEU R 253 -56.98 74.74 -36.83
CA LEU R 253 -56.78 75.83 -35.88
C LEU R 253 -55.51 76.58 -36.19
N CYS R 254 -55.58 77.90 -36.13
CA CYS R 254 -54.41 78.77 -36.23
C CYS R 254 -54.22 79.48 -34.90
N TYR R 255 -53.01 79.42 -34.36
CA TYR R 255 -52.69 79.99 -33.06
C TYR R 255 -51.88 81.27 -33.16
N THR R 256 -50.94 81.35 -34.10
CA THR R 256 -50.09 82.50 -34.28
C THR R 256 -50.52 83.23 -35.55
N ALA R 257 -51.02 84.46 -35.38
CA ALA R 257 -51.51 85.23 -36.52
C ALA R 257 -50.39 85.93 -37.27
N GLU R 258 -49.18 85.98 -36.70
CA GLU R 258 -48.09 86.72 -37.29
C GLU R 258 -47.09 85.84 -38.04
N ALA R 259 -47.38 84.56 -38.20
CA ALA R 259 -46.46 83.62 -38.84
C ALA R 259 -46.74 83.40 -40.32
N SER R 260 -47.63 84.19 -40.90
CA SER R 260 -48.01 84.01 -42.30
C SER R 260 -48.30 85.36 -42.93
N VAL R 261 -48.16 85.41 -44.26
CA VAL R 261 -48.49 86.58 -45.07
C VAL R 261 -49.24 86.07 -46.30
N ALA R 262 -50.34 86.74 -46.63
CA ALA R 262 -51.20 86.32 -47.73
C ALA R 262 -51.08 87.31 -48.88
N LEU R 263 -51.09 86.78 -50.10
CA LEU R 263 -51.04 87.58 -51.31
C LEU R 263 -52.25 87.22 -52.17
N THR R 264 -53.07 88.23 -52.47
CA THR R 264 -54.32 88.02 -53.18
C THR R 264 -54.15 88.28 -54.67
N PRO R 265 -54.87 87.53 -55.53
CA PRO R 265 -54.73 87.70 -56.98
C PRO R 265 -55.02 89.13 -57.43
N ASN S 2 -24.72 -47.60 73.05
CA ASN S 2 -23.95 -47.40 74.27
C ASN S 2 -24.55 -48.20 75.43
N ASN S 3 -24.01 -47.99 76.64
CA ASN S 3 -24.44 -48.76 77.80
C ASN S 3 -25.83 -48.37 78.28
N LEU S 4 -26.40 -47.27 77.78
CA LEU S 4 -27.76 -46.89 78.18
C LEU S 4 -28.78 -47.90 77.66
N TYR S 5 -28.55 -48.46 76.48
CA TYR S 5 -29.47 -49.42 75.87
C TYR S 5 -30.85 -48.81 75.67
N ARG S 6 -30.89 -47.57 75.16
CA ARG S 6 -32.15 -46.92 74.88
C ARG S 6 -32.84 -47.48 73.65
N ASP S 7 -32.07 -47.98 72.67
CA ASP S 7 -32.67 -48.53 71.47
C ASP S 7 -33.55 -49.73 71.76
N LEU S 8 -33.37 -50.37 72.91
CA LEU S 8 -34.16 -51.54 73.29
C LEU S 8 -35.43 -51.17 74.05
N ALA S 9 -35.62 -49.90 74.40
CA ALA S 9 -36.77 -49.52 75.20
C ALA S 9 -37.99 -49.27 74.30
N PRO S 10 -39.20 -49.63 74.76
CA PRO S 10 -40.41 -49.36 73.97
C PRO S 10 -40.91 -47.93 74.12
N ILE S 11 -40.08 -46.98 73.69
CA ILE S 11 -40.38 -45.55 73.83
C ILE S 11 -40.05 -44.87 72.51
N THR S 12 -40.91 -43.93 72.10
CA THR S 12 -40.73 -43.21 70.86
C THR S 12 -39.81 -42.01 71.04
N GLU S 13 -39.40 -41.43 69.91
CA GLU S 13 -38.50 -40.28 69.96
C GLU S 13 -39.16 -39.10 70.66
N SER S 14 -40.44 -38.86 70.38
CA SER S 14 -41.13 -37.74 70.99
C SER S 14 -41.22 -37.90 72.51
N ALA S 15 -41.56 -39.10 72.99
CA ALA S 15 -41.63 -39.32 74.42
C ALA S 15 -40.25 -39.22 75.07
N TRP S 16 -39.23 -39.72 74.38
CA TRP S 16 -37.86 -39.54 74.87
C TRP S 16 -37.52 -38.07 75.04
N ALA S 17 -37.87 -37.25 74.03
CA ALA S 17 -37.60 -35.82 74.11
C ALA S 17 -38.36 -35.18 75.27
N GLU S 18 -39.63 -35.55 75.44
CA GLU S 18 -40.40 -34.99 76.54
C GLU S 18 -39.78 -35.34 77.89
N ILE S 19 -39.37 -36.59 78.06
CA ILE S 19 -38.78 -37.01 79.34
C ILE S 19 -37.48 -36.28 79.58
N GLU S 20 -36.63 -36.19 78.56
CA GLU S 20 -35.36 -35.48 78.71
C GLU S 20 -35.58 -34.03 79.07
N LEU S 21 -36.51 -33.35 78.39
CA LEU S 21 -36.79 -31.95 78.68
C LEU S 21 -37.29 -31.78 80.11
N GLU S 22 -38.21 -32.63 80.54
CA GLU S 22 -38.77 -32.51 81.88
C GLU S 22 -37.71 -32.74 82.94
N ALA S 23 -36.84 -33.73 82.76
CA ALA S 23 -35.79 -33.98 83.74
C ALA S 23 -34.78 -32.84 83.77
N THR S 24 -34.37 -32.35 82.59
CA THR S 24 -33.40 -31.26 82.55
C THR S 24 -33.94 -30.02 83.24
N ARG S 25 -35.20 -29.66 82.98
CA ARG S 25 -35.77 -28.47 83.59
C ARG S 25 -35.76 -28.57 85.11
N THR S 26 -36.23 -29.71 85.64
CA THR S 26 -36.32 -29.87 87.09
C THR S 26 -34.95 -29.88 87.73
N PHE S 27 -33.99 -30.59 87.13
CA PHE S 27 -32.64 -30.63 87.70
C PHE S 27 -32.01 -29.25 87.71
N LYS S 28 -32.13 -28.51 86.59
CA LYS S 28 -31.57 -27.16 86.54
C LYS S 28 -32.27 -26.24 87.52
N ARG S 29 -33.54 -26.51 87.83
CA ARG S 29 -34.22 -25.75 88.86
C ARG S 29 -33.64 -26.04 90.24
N HIS S 30 -33.48 -27.31 90.57
CA HIS S 30 -33.17 -27.72 91.94
C HIS S 30 -31.68 -27.75 92.24
N ILE S 31 -30.82 -27.49 91.26
CA ILE S 31 -29.37 -27.57 91.45
C ILE S 31 -28.84 -26.18 91.74
N ALA S 32 -27.87 -26.09 92.66
CA ALA S 32 -27.30 -24.83 93.09
C ALA S 32 -25.79 -24.77 93.04
N GLY S 33 -25.08 -25.86 93.38
CA GLY S 33 -23.63 -25.81 93.44
C GLY S 33 -23.00 -25.49 92.10
N ARG S 34 -23.60 -25.97 91.02
CA ARG S 34 -23.07 -25.74 89.68
C ARG S 34 -23.01 -24.26 89.32
N ARG S 35 -23.76 -23.42 90.03
CA ARG S 35 -23.77 -21.98 89.77
C ARG S 35 -22.68 -21.24 90.52
N VAL S 36 -22.00 -21.88 91.46
CA VAL S 36 -20.98 -21.21 92.27
C VAL S 36 -19.69 -22.00 92.33
N VAL S 37 -19.61 -23.12 91.60
CA VAL S 37 -18.40 -23.94 91.59
C VAL S 37 -17.97 -24.15 90.14
N ASP S 38 -16.65 -24.12 89.93
CA ASP S 38 -16.10 -24.45 88.63
C ASP S 38 -16.40 -25.90 88.29
N VAL S 39 -16.72 -26.15 87.02
CA VAL S 39 -17.10 -27.48 86.56
C VAL S 39 -16.09 -27.92 85.52
N SER S 40 -15.44 -29.06 85.76
CA SER S 40 -14.55 -29.67 84.78
C SER S 40 -15.41 -30.60 83.90
N GLY S 41 -15.57 -30.21 82.64
CA GLY S 41 -16.48 -30.90 81.75
C GLY S 41 -16.23 -32.39 81.70
N PRO S 42 -17.19 -33.14 81.18
CA PRO S 42 -17.03 -34.61 81.13
C PRO S 42 -15.75 -35.00 80.41
N ASN S 43 -14.98 -35.88 81.05
CA ASN S 43 -13.73 -36.38 80.49
C ASN S 43 -13.89 -37.77 79.87
N GLY S 44 -15.09 -38.33 79.88
CA GLY S 44 -15.36 -39.60 79.23
C GLY S 44 -15.59 -40.72 80.22
N PRO S 45 -16.21 -41.81 79.76
CA PRO S 45 -16.45 -42.95 80.65
C PRO S 45 -15.17 -43.61 81.14
N THR S 46 -14.05 -43.42 80.45
CA THR S 46 -12.78 -44.00 80.87
C THR S 46 -12.20 -43.33 82.10
N THR S 47 -12.69 -42.16 82.48
CA THR S 47 -12.16 -41.43 83.61
C THR S 47 -12.65 -42.05 84.91
N ALA S 48 -11.73 -42.31 85.84
CA ALA S 48 -12.06 -42.97 87.09
C ALA S 48 -11.55 -42.24 88.33
N SER S 49 -10.56 -41.37 88.21
CA SER S 49 -9.99 -40.70 89.37
C SER S 49 -9.39 -39.37 88.94
N VAL S 50 -9.14 -38.52 89.94
CA VAL S 50 -8.54 -37.20 89.73
C VAL S 50 -7.26 -37.13 90.55
N SER S 51 -6.14 -36.88 89.90
CA SER S 51 -4.86 -36.78 90.59
C SER S 51 -4.84 -35.53 91.46
N THR S 52 -4.20 -35.63 92.63
CA THR S 52 -4.02 -34.48 93.49
C THR S 52 -2.60 -33.91 93.45
N GLY S 53 -1.66 -34.64 92.86
CA GLY S 53 -0.29 -34.20 92.81
C GLY S 53 0.50 -34.42 94.07
N HIS S 54 -0.10 -35.03 95.09
CA HIS S 54 0.57 -35.32 96.35
C HIS S 54 1.14 -36.74 96.32
N LEU S 55 2.01 -37.01 97.29
CA LEU S 55 2.68 -38.30 97.41
C LEU S 55 2.41 -38.88 98.80
N LEU S 56 2.38 -40.20 98.88
CA LEU S 56 2.16 -40.92 100.12
C LEU S 56 3.31 -41.89 100.35
N ASP S 57 3.77 -41.96 101.60
CA ASP S 57 4.88 -42.84 101.94
C ASP S 57 4.44 -44.30 101.89
N VAL S 58 5.37 -45.18 101.49
CA VAL S 58 5.08 -46.59 101.33
C VAL S 58 6.36 -47.39 101.54
N SER S 59 6.20 -48.62 101.99
CA SER S 59 7.35 -49.49 102.26
C SER S 59 8.13 -49.73 100.98
N PRO S 60 9.47 -49.65 101.00
CA PRO S 60 10.23 -49.80 99.76
C PRO S 60 10.27 -51.25 99.32
N PRO S 61 10.44 -51.51 98.02
CA PRO S 61 10.69 -52.89 97.58
C PRO S 61 11.95 -53.49 98.17
N GLY S 62 12.98 -52.68 98.37
CA GLY S 62 14.25 -53.22 98.84
C GLY S 62 15.17 -52.13 99.33
N ASP S 63 16.41 -52.51 99.56
CA ASP S 63 17.40 -51.59 100.13
C ASP S 63 17.81 -50.54 99.11
N GLY S 64 18.06 -49.33 99.60
CA GLY S 64 18.52 -48.25 98.75
C GLY S 64 17.47 -47.68 97.83
N VAL S 65 16.19 -47.95 98.09
CA VAL S 65 15.10 -47.51 97.24
C VAL S 65 14.10 -46.74 98.08
N ILE S 66 13.68 -45.58 97.57
CA ILE S 66 12.67 -44.74 98.21
C ILE S 66 11.41 -44.82 97.36
N ALA S 67 10.29 -45.16 97.99
CA ALA S 67 9.04 -45.42 97.29
C ALA S 67 7.97 -44.47 97.79
N HIS S 68 7.17 -43.94 96.86
CA HIS S 68 6.04 -43.08 97.18
C HIS S 68 4.88 -43.41 96.26
N LEU S 69 3.67 -43.28 96.77
CA LEU S 69 2.46 -43.53 95.99
C LEU S 69 1.79 -42.22 95.61
N ARG S 70 1.37 -42.14 94.36
CA ARG S 70 0.63 -40.98 93.88
C ARG S 70 -0.79 -41.00 94.43
N ASP S 71 -1.31 -39.82 94.75
CA ASP S 71 -2.60 -39.70 95.42
C ASP S 71 -3.67 -39.24 94.44
N ALA S 72 -4.80 -39.95 94.47
CA ALA S 72 -5.91 -39.66 93.57
C ALA S 72 -7.22 -39.78 94.34
N LYS S 73 -8.22 -39.03 93.85
CA LYS S 73 -9.56 -39.04 94.40
C LYS S 73 -10.46 -39.84 93.47
N PRO S 74 -11.10 -40.91 93.93
CA PRO S 74 -11.96 -41.69 93.05
C PRO S 74 -13.27 -40.97 92.74
N LEU S 75 -13.87 -41.36 91.63
CA LEU S 75 -15.16 -40.85 91.21
C LEU S 75 -16.25 -41.81 91.63
N VAL S 76 -17.42 -41.27 91.98
CA VAL S 76 -18.55 -42.06 92.46
C VAL S 76 -19.70 -41.91 91.47
N ARG S 77 -20.36 -43.02 91.18
CA ARG S 77 -21.49 -43.04 90.26
C ARG S 77 -22.79 -43.09 91.07
N LEU S 78 -23.68 -42.15 90.80
CA LEU S 78 -24.99 -42.07 91.45
C LEU S 78 -26.05 -42.44 90.43
N ARG S 79 -26.88 -43.42 90.79
CA ARG S 79 -27.95 -43.92 89.93
C ARG S 79 -29.26 -43.91 90.70
N VAL S 80 -30.27 -43.24 90.14
CA VAL S 80 -31.59 -43.16 90.75
C VAL S 80 -32.60 -43.81 89.82
N PRO S 81 -33.24 -44.91 90.21
CA PRO S 81 -34.21 -45.56 89.32
C PRO S 81 -35.62 -45.00 89.50
N PHE S 82 -36.39 -45.12 88.42
CA PHE S 82 -37.79 -44.72 88.42
C PHE S 82 -38.53 -45.53 87.37
N THR S 83 -39.86 -45.45 87.43
CA THR S 83 -40.74 -46.25 86.59
C THR S 83 -41.71 -45.34 85.85
N VAL S 84 -41.99 -45.69 84.59
CA VAL S 84 -42.88 -44.90 83.74
C VAL S 84 -43.93 -45.82 83.13
N ALA S 85 -45.08 -45.23 82.80
CA ALA S 85 -46.22 -45.99 82.29
C ALA S 85 -46.26 -45.97 80.77
N ARG S 86 -46.40 -47.15 80.19
CA ARG S 86 -46.47 -47.30 78.74
C ARG S 86 -47.68 -46.61 78.13
N ARG S 87 -48.77 -46.46 78.89
CA ARG S 87 -49.92 -45.72 78.39
C ARG S 87 -49.60 -44.24 78.21
N ASP S 88 -48.96 -43.62 79.20
CA ASP S 88 -48.50 -42.24 79.05
C ASP S 88 -47.48 -42.12 77.94
N ILE S 89 -46.61 -43.12 77.78
CA ILE S 89 -45.66 -43.09 76.67
C ILE S 89 -46.40 -43.11 75.33
N ASP S 90 -47.39 -44.00 75.19
CA ASP S 90 -48.05 -44.17 73.91
C ASP S 90 -48.92 -42.96 73.56
N ASP S 91 -49.51 -42.32 74.57
CA ASP S 91 -50.41 -41.20 74.29
C ASP S 91 -49.71 -40.05 73.57
N VAL S 92 -48.38 -39.95 73.69
CA VAL S 92 -47.67 -38.81 73.12
C VAL S 92 -47.83 -38.79 71.60
N GLU S 93 -47.66 -39.94 70.95
CA GLU S 93 -47.76 -39.98 69.49
C GLU S 93 -49.17 -39.68 69.01
N ARG S 94 -50.16 -39.71 69.91
CA ARG S 94 -51.52 -39.31 69.60
C ARG S 94 -51.75 -37.82 69.81
N GLY S 95 -50.69 -37.03 69.86
CA GLY S 95 -50.82 -35.60 70.11
C GLY S 95 -51.28 -35.27 71.51
N SER S 96 -50.97 -36.11 72.49
CA SER S 96 -51.27 -35.81 73.88
C SER S 96 -50.12 -35.05 74.49
N GLN S 97 -50.45 -33.99 75.25
CA GLN S 97 -49.45 -33.16 75.91
C GLN S 97 -49.84 -32.83 77.35
N ASP S 98 -50.47 -33.77 78.06
CA ASP S 98 -50.65 -33.68 79.50
C ASP S 98 -50.15 -34.94 80.21
N SER S 99 -49.20 -35.65 79.60
CA SER S 99 -48.73 -36.92 80.15
C SER S 99 -48.04 -36.71 81.49
N ASP S 100 -48.11 -37.73 82.34
CA ASP S 100 -47.57 -37.67 83.69
C ASP S 100 -46.09 -38.04 83.67
N TRP S 101 -45.24 -37.13 84.15
CA TRP S 101 -43.80 -37.34 84.26
C TRP S 101 -43.33 -37.08 85.69
N ASP S 102 -44.24 -37.23 86.65
CA ASP S 102 -43.91 -36.99 88.05
C ASP S 102 -42.78 -37.88 88.56
N PRO S 103 -42.73 -39.17 88.26
CA PRO S 103 -41.55 -39.96 88.66
C PRO S 103 -40.25 -39.41 88.10
N VAL S 104 -40.27 -38.93 86.85
CA VAL S 104 -39.09 -38.31 86.27
C VAL S 104 -38.68 -37.10 87.09
N LYS S 105 -39.64 -36.24 87.43
CA LYS S 105 -39.32 -35.04 88.20
C LYS S 105 -38.77 -35.40 89.58
N ASP S 106 -39.38 -36.40 90.22
CA ASP S 106 -38.91 -36.82 91.55
C ASP S 106 -37.50 -37.36 91.50
N ALA S 107 -37.18 -38.19 90.48
CA ALA S 107 -35.84 -38.72 90.36
C ALA S 107 -34.83 -37.61 90.11
N ALA S 108 -35.18 -36.64 89.26
CA ALA S 108 -34.28 -35.52 89.03
C ALA S 108 -34.05 -34.73 90.32
N LYS S 109 -35.11 -34.50 91.09
CA LYS S 109 -34.96 -33.80 92.37
C LYS S 109 -34.03 -34.57 93.29
N LYS S 110 -34.21 -35.89 93.37
CA LYS S 110 -33.38 -36.72 94.24
C LYS S 110 -31.92 -36.63 93.85
N LEU S 111 -31.64 -36.73 92.55
CA LEU S 111 -30.26 -36.67 92.08
C LEU S 111 -29.63 -35.31 92.37
N ALA S 112 -30.38 -34.24 92.11
CA ALA S 112 -29.87 -32.90 92.41
C ALA S 112 -29.58 -32.76 93.90
N PHE S 113 -30.47 -33.28 94.75
CA PHE S 113 -30.29 -33.13 96.18
C PHE S 113 -29.06 -33.89 96.65
N VAL S 114 -28.85 -35.11 96.15
CA VAL S 114 -27.66 -35.86 96.57
C VAL S 114 -26.40 -35.15 96.10
N GLU S 115 -26.40 -34.64 94.87
CA GLU S 115 -25.22 -33.93 94.37
C GLU S 115 -24.90 -32.71 95.23
N ASP S 116 -25.92 -31.88 95.50
CA ASP S 116 -25.69 -30.66 96.26
C ASP S 116 -25.28 -30.98 97.69
N ARG S 117 -25.88 -32.02 98.29
CA ARG S 117 -25.52 -32.41 99.64
C ARG S 117 -24.10 -32.96 99.73
N ALA S 118 -23.65 -33.70 98.72
CA ALA S 118 -22.25 -34.11 98.67
C ALA S 118 -21.32 -32.92 98.52
N ILE S 119 -21.71 -31.93 97.71
CA ILE S 119 -20.87 -30.76 97.51
C ILE S 119 -20.74 -29.97 98.82
N PHE S 120 -21.86 -29.74 99.50
CA PHE S 120 -21.90 -28.79 100.61
C PHE S 120 -21.78 -29.41 101.99
N GLU S 121 -21.90 -30.73 102.12
CA GLU S 121 -21.91 -31.39 103.41
C GLU S 121 -20.95 -32.56 103.50
N GLY S 122 -20.67 -33.23 102.40
CA GLY S 122 -19.70 -34.31 102.37
C GLY S 122 -20.35 -35.68 102.23
N TYR S 123 -19.70 -36.55 101.48
CA TYR S 123 -20.10 -37.95 101.30
C TYR S 123 -18.85 -38.77 101.62
N ALA S 124 -18.73 -39.20 102.88
CA ALA S 124 -17.46 -39.73 103.37
C ALA S 124 -17.04 -40.98 102.62
N ALA S 125 -17.96 -41.91 102.38
CA ALA S 125 -17.60 -43.17 101.75
C ALA S 125 -16.98 -42.95 100.38
N ALA S 126 -17.32 -41.85 99.71
CA ALA S 126 -16.69 -41.47 98.46
C ALA S 126 -15.46 -40.59 98.66
N SER S 127 -14.99 -40.45 99.91
CA SER S 127 -13.84 -39.62 100.23
C SER S 127 -14.07 -38.16 99.88
N ILE S 128 -15.32 -37.73 99.90
CA ILE S 128 -15.70 -36.36 99.56
C ILE S 128 -15.84 -35.57 100.86
N GLU S 129 -14.93 -34.63 101.09
CA GLU S 129 -15.04 -33.71 102.20
C GLU S 129 -15.75 -32.44 101.73
N GLY S 130 -16.84 -32.09 102.41
CA GLY S 130 -17.67 -30.98 101.98
C GLY S 130 -17.08 -29.63 102.31
N ILE S 131 -17.70 -28.60 101.74
CA ILE S 131 -17.29 -27.23 102.01
C ILE S 131 -17.42 -26.88 103.48
N ARG S 132 -18.47 -27.37 104.14
CA ARG S 132 -18.67 -27.09 105.55
C ARG S 132 -17.49 -27.56 106.40
N SER S 133 -17.06 -28.81 106.21
CA SER S 133 -15.94 -29.33 106.98
C SER S 133 -14.61 -28.71 106.54
N SER S 134 -14.40 -28.57 105.23
CA SER S 134 -13.14 -28.05 104.74
C SER S 134 -12.95 -26.56 105.04
N SER S 135 -14.03 -25.86 105.39
CA SER S 135 -13.91 -24.44 105.68
C SER S 135 -13.06 -24.20 106.92
N SER S 136 -12.17 -23.22 106.84
CA SER S 136 -11.32 -22.84 107.96
C SER S 136 -11.86 -21.69 108.77
N ASN S 137 -12.61 -20.78 108.14
CA ASN S 137 -13.18 -19.66 108.87
C ASN S 137 -14.22 -20.18 109.88
N PRO S 138 -14.35 -19.53 111.03
CA PRO S 138 -15.27 -20.04 112.05
C PRO S 138 -16.72 -20.06 111.54
N ALA S 139 -17.46 -21.07 111.96
CA ALA S 139 -18.85 -21.21 111.58
C ALA S 139 -19.73 -20.35 112.48
N LEU S 140 -20.86 -19.91 111.92
CA LEU S 140 -21.81 -19.08 112.65
C LEU S 140 -23.13 -19.83 112.82
N ALA S 141 -24.02 -19.24 113.60
CA ALA S 141 -25.34 -19.80 113.89
C ALA S 141 -26.41 -18.91 113.29
N LEU S 142 -27.34 -19.52 112.57
CA LEU S 142 -28.43 -18.79 111.94
C LEU S 142 -29.48 -18.48 113.01
N PRO S 143 -29.80 -17.21 113.26
CA PRO S 143 -30.78 -16.91 114.31
C PRO S 143 -32.15 -17.49 113.99
N ASP S 144 -32.87 -17.87 115.04
CA ASP S 144 -34.22 -18.40 114.85
C ASP S 144 -35.12 -17.36 114.19
N ASP S 145 -35.01 -16.11 114.59
CA ASP S 145 -35.77 -15.03 113.97
C ASP S 145 -35.16 -14.68 112.63
N ALA S 146 -35.99 -14.14 111.73
CA ALA S 146 -35.53 -13.78 110.40
C ALA S 146 -34.96 -12.38 110.33
N ARG S 147 -35.11 -11.56 111.38
CA ARG S 147 -34.70 -10.17 111.31
C ARG S 147 -33.21 -9.98 111.54
N GLU S 148 -32.56 -10.94 112.20
CA GLU S 148 -31.14 -10.84 112.55
C GLU S 148 -30.23 -11.53 111.54
N ILE S 149 -30.79 -12.19 110.52
CA ILE S 149 -29.96 -12.91 109.57
C ILE S 149 -29.00 -11.98 108.85
N PRO S 150 -29.40 -10.79 108.39
CA PRO S 150 -28.44 -9.92 107.69
C PRO S 150 -27.23 -9.56 108.52
N ASP S 151 -27.39 -9.40 109.83
CA ASP S 151 -26.24 -9.11 110.68
C ASP S 151 -25.24 -10.26 110.64
N VAL S 152 -25.73 -11.50 110.71
CA VAL S 152 -24.84 -12.64 110.67
C VAL S 152 -24.16 -12.75 109.31
N ILE S 153 -24.88 -12.43 108.24
CA ILE S 153 -24.28 -12.44 106.91
C ILE S 153 -23.19 -11.38 106.81
N ALA S 154 -23.42 -10.21 107.39
CA ALA S 154 -22.39 -9.18 107.40
C ALA S 154 -21.17 -9.63 108.20
N GLN S 155 -21.39 -10.33 109.31
CA GLN S 155 -20.29 -10.89 110.08
C GLN S 155 -19.49 -11.89 109.24
N ALA S 156 -20.18 -12.76 108.51
CA ALA S 156 -19.49 -13.75 107.68
C ALA S 156 -18.69 -13.08 106.57
N LEU S 157 -19.27 -12.06 105.94
CA LEU S 157 -18.52 -11.30 104.95
C LEU S 157 -17.29 -10.67 105.59
N SER S 158 -17.44 -10.13 106.81
CA SER S 158 -16.30 -9.58 107.51
C SER S 158 -15.22 -10.64 107.73
N GLU S 159 -15.63 -11.87 108.05
CA GLU S 159 -14.64 -12.92 108.27
C GLU S 159 -13.87 -13.27 107.00
N LEU S 160 -14.60 -13.61 105.93
CA LEU S 160 -13.96 -13.86 104.64
C LEU S 160 -13.02 -12.72 104.26
N ARG S 161 -13.55 -11.52 104.38
CA ARG S 161 -12.95 -10.32 103.82
C ARG S 161 -11.84 -9.79 104.72
N LEU S 162 -11.82 -10.24 105.98
CA LEU S 162 -10.62 -10.20 106.79
C LEU S 162 -9.59 -11.19 106.27
N ALA S 163 -10.02 -12.44 106.03
CA ALA S 163 -9.09 -13.50 105.66
C ALA S 163 -8.37 -13.18 104.36
N GLY S 164 -8.94 -12.31 103.53
CA GLY S 164 -8.23 -11.80 102.38
C GLY S 164 -8.72 -12.30 101.04
N VAL S 165 -9.90 -12.88 100.99
CA VAL S 165 -10.45 -13.38 99.73
C VAL S 165 -11.21 -12.26 99.03
N ASP S 166 -11.17 -12.29 97.70
CA ASP S 166 -11.81 -11.27 96.88
C ASP S 166 -12.76 -11.89 95.87
N GLY S 167 -13.27 -11.08 94.95
CA GLY S 167 -14.20 -11.53 93.95
C GLY S 167 -15.64 -11.45 94.44
N PRO S 168 -16.60 -11.59 93.52
CA PRO S 168 -18.00 -11.47 93.92
C PRO S 168 -18.35 -12.50 94.98
N TYR S 169 -19.17 -12.06 95.94
CA TYR S 169 -19.62 -12.92 97.02
C TYR S 169 -21.07 -13.33 96.80
N SER S 170 -21.40 -14.52 97.27
CA SER S 170 -22.72 -15.10 97.01
C SER S 170 -23.22 -15.82 98.25
N VAL S 171 -24.53 -15.78 98.44
CA VAL S 171 -25.20 -16.38 99.58
C VAL S 171 -26.11 -17.48 99.06
N LEU S 172 -25.90 -18.70 99.55
CA LEU S 172 -26.75 -19.84 99.25
C LEU S 172 -27.58 -20.13 100.50
N LEU S 173 -28.90 -20.09 100.35
CA LEU S 173 -29.80 -20.25 101.48
C LEU S 173 -30.60 -21.55 101.37
N SER S 174 -30.92 -22.13 102.51
CA SER S 174 -31.66 -23.37 102.56
C SER S 174 -33.11 -23.12 102.14
N ALA S 175 -33.87 -24.20 101.96
CA ALA S 175 -35.28 -24.04 101.65
C ALA S 175 -36.03 -23.38 102.81
N GLU S 176 -35.79 -23.85 104.04
CA GLU S 176 -36.51 -23.33 105.19
C GLU S 176 -36.12 -21.88 105.46
N THR S 177 -34.83 -21.56 105.30
CA THR S 177 -34.38 -20.19 105.53
C THR S 177 -34.85 -19.25 104.43
N TYR S 178 -34.82 -19.69 103.18
CA TYR S 178 -35.30 -18.86 102.07
C TYR S 178 -36.79 -18.60 102.18
N THR S 179 -37.58 -19.62 102.54
CA THR S 179 -38.99 -19.40 102.80
C THR S 179 -39.18 -18.36 103.89
N LYS S 180 -38.37 -18.43 104.95
CA LYS S 180 -38.51 -17.49 106.05
C LYS S 180 -38.22 -16.06 105.59
N VAL S 181 -37.07 -15.86 104.94
CA VAL S 181 -36.69 -14.51 104.54
C VAL S 181 -37.64 -13.98 103.47
N SER S 182 -38.25 -14.86 102.69
CA SER S 182 -39.19 -14.42 101.66
C SER S 182 -40.52 -14.00 102.27
N GLU S 183 -41.11 -14.87 103.09
CA GLU S 183 -42.40 -14.54 103.70
C GLU S 183 -42.27 -13.34 104.63
N THR S 184 -41.22 -13.31 105.43
CA THR S 184 -41.01 -12.19 106.35
C THR S 184 -40.71 -10.91 105.57
N THR S 185 -41.20 -9.78 106.11
CA THR S 185 -41.08 -8.50 105.45
C THR S 185 -40.72 -7.43 106.47
N ALA S 186 -40.16 -6.33 105.98
CA ALA S 186 -39.79 -5.20 106.83
C ALA S 186 -39.77 -3.94 105.99
N HIS S 187 -40.46 -2.89 106.47
CA HIS S 187 -40.50 -1.60 105.79
C HIS S 187 -40.98 -1.74 104.35
N GLY S 188 -41.82 -2.75 104.10
CA GLY S 188 -42.34 -2.96 102.77
C GLY S 188 -41.40 -3.67 101.82
N TYR S 189 -40.34 -4.29 102.31
CA TYR S 189 -39.48 -5.14 101.49
C TYR S 189 -39.18 -6.45 102.22
N PRO S 190 -39.05 -7.56 101.50
CA PRO S 190 -38.68 -8.82 102.15
C PRO S 190 -37.29 -8.78 102.77
N ILE S 191 -37.13 -9.59 103.81
CA ILE S 191 -35.83 -9.77 104.42
C ILE S 191 -34.84 -10.34 103.41
N ARG S 192 -35.32 -11.06 102.41
CA ARG S 192 -34.43 -11.53 101.34
C ARG S 192 -33.84 -10.37 100.55
N GLU S 193 -34.65 -9.36 100.21
CA GLU S 193 -34.10 -8.18 99.56
C GLU S 193 -33.14 -7.46 100.50
N HIS S 194 -33.50 -7.37 101.78
CA HIS S 194 -32.56 -6.84 102.76
C HIS S 194 -31.20 -7.53 102.66
N ILE S 195 -31.20 -8.86 102.58
CA ILE S 195 -29.95 -9.60 102.45
C ILE S 195 -29.26 -9.26 101.13
N ASN S 196 -30.01 -9.28 100.04
CA ASN S 196 -29.44 -9.04 98.71
C ASN S 196 -28.70 -7.70 98.67
N ARG S 197 -29.20 -6.71 99.39
CA ARG S 197 -28.61 -5.37 99.34
C ARG S 197 -27.11 -5.39 99.66
N LEU S 198 -26.65 -6.35 100.45
CA LEU S 198 -25.27 -6.34 100.95
C LEU S 198 -24.28 -6.87 99.92
N VAL S 199 -24.58 -8.04 99.33
CA VAL S 199 -23.61 -8.73 98.50
C VAL S 199 -23.58 -8.12 97.10
N ASP S 200 -22.51 -8.44 96.37
CA ASP S 200 -22.34 -8.01 94.99
C ASP S 200 -22.80 -9.07 94.00
N GLY S 201 -22.89 -10.33 94.41
CA GLY S 201 -23.26 -11.41 93.53
C GLY S 201 -24.75 -11.67 93.49
N GLU S 202 -25.15 -12.90 93.83
CA GLU S 202 -26.53 -13.32 93.72
C GLU S 202 -26.96 -14.06 94.99
N ILE S 203 -28.26 -14.16 95.18
CA ILE S 203 -28.88 -14.99 96.21
C ILE S 203 -29.35 -16.27 95.54
N ILE S 204 -29.00 -17.43 96.12
CA ILE S 204 -29.23 -18.72 95.48
C ILE S 204 -30.04 -19.63 96.40
N TRP S 205 -30.97 -20.37 95.80
CA TRP S 205 -31.71 -21.45 96.46
C TRP S 205 -30.81 -22.66 96.65
N ALA S 206 -30.77 -23.19 97.87
CA ALA S 206 -30.06 -24.44 98.13
C ALA S 206 -30.91 -25.36 98.97
N PRO S 207 -31.94 -26.00 98.41
CA PRO S 207 -32.85 -26.80 99.25
C PRO S 207 -32.17 -27.99 99.87
N ALA S 208 -31.23 -28.60 99.14
CA ALA S 208 -30.54 -29.79 99.62
C ALA S 208 -29.72 -29.51 100.86
N ILE S 209 -29.08 -28.34 100.93
CA ILE S 209 -28.21 -28.02 102.05
C ILE S 209 -29.06 -27.62 103.24
N ASP S 210 -28.45 -27.57 104.42
CA ASP S 210 -29.11 -27.19 105.65
C ASP S 210 -28.34 -26.04 106.26
N GLY S 211 -28.99 -24.88 106.39
CA GLY S 211 -28.35 -23.71 106.95
C GLY S 211 -28.18 -22.60 105.94
N ALA S 212 -26.97 -22.07 105.83
CA ALA S 212 -26.67 -21.02 104.85
C ALA S 212 -25.18 -21.02 104.61
N PHE S 213 -24.77 -20.43 103.48
CA PHE S 213 -23.36 -20.39 103.11
C PHE S 213 -23.06 -19.07 102.42
N VAL S 214 -21.98 -18.41 102.83
CA VAL S 214 -21.50 -17.22 102.14
C VAL S 214 -20.12 -17.51 101.58
N LEU S 215 -19.96 -17.41 100.27
CA LEU S 215 -18.71 -17.83 99.66
C LEU S 215 -18.32 -16.93 98.51
N SER S 216 -17.04 -16.96 98.17
CA SER S 216 -16.51 -16.18 97.05
C SER S 216 -16.62 -16.97 95.75
N THR S 217 -16.71 -16.24 94.64
CA THR S 217 -16.83 -16.82 93.31
C THR S 217 -15.74 -16.30 92.37
N ARG S 218 -14.59 -15.90 92.93
CA ARG S 218 -13.47 -15.47 92.11
C ARG S 218 -13.03 -16.59 91.17
N GLY S 219 -13.00 -17.83 91.68
CA GLY S 219 -12.60 -18.97 90.89
C GLY S 219 -11.36 -19.65 91.43
N GLY S 220 -11.22 -20.94 91.15
CA GLY S 220 -10.05 -21.69 91.56
C GLY S 220 -10.10 -22.25 92.97
N ASP S 221 -11.25 -22.18 93.65
CA ASP S 221 -11.38 -22.69 95.01
C ASP S 221 -12.23 -23.94 95.12
N PHE S 222 -13.18 -24.16 94.21
CA PHE S 222 -14.03 -25.35 94.24
C PHE S 222 -14.05 -25.96 92.85
N ASP S 223 -13.99 -27.29 92.78
CA ASP S 223 -13.95 -27.99 91.51
C ASP S 223 -14.90 -29.19 91.58
N LEU S 224 -15.91 -29.19 90.71
CA LEU S 224 -16.81 -30.33 90.54
C LEU S 224 -16.35 -31.11 89.31
N GLN S 225 -15.72 -32.26 89.53
CA GLN S 225 -15.22 -33.08 88.44
C GLN S 225 -16.29 -34.07 88.01
N LEU S 226 -16.59 -34.09 86.72
CA LEU S 226 -17.58 -34.99 86.14
C LEU S 226 -16.90 -35.93 85.15
N GLY S 227 -17.18 -37.21 85.27
CA GLY S 227 -16.74 -38.16 84.26
C GLY S 227 -17.75 -38.20 83.13
N THR S 228 -19.02 -38.37 83.49
CA THR S 228 -20.14 -38.28 82.56
C THR S 228 -21.25 -37.46 83.20
N ASP S 229 -21.87 -36.61 82.41
CA ASP S 229 -22.93 -35.74 82.91
C ASP S 229 -24.19 -36.58 83.14
N VAL S 230 -25.28 -35.90 83.52
CA VAL S 230 -26.52 -36.60 83.80
C VAL S 230 -27.02 -37.29 82.55
N SER S 231 -27.40 -38.56 82.69
CA SER S 231 -27.90 -39.35 81.56
C SER S 231 -29.07 -40.20 82.03
N ILE S 232 -29.93 -40.59 81.09
CA ILE S 232 -31.09 -41.41 81.37
C ILE S 232 -30.95 -42.72 80.60
N GLY S 233 -31.17 -43.83 81.31
CA GLY S 233 -31.00 -45.15 80.74
C GLY S 233 -32.19 -46.07 80.94
N TYR S 234 -32.05 -47.31 80.48
CA TYR S 234 -33.12 -48.31 80.49
C TYR S 234 -32.61 -49.60 81.11
N LEU S 235 -33.39 -50.18 82.03
CA LEU S 235 -33.02 -51.47 82.63
C LEU S 235 -33.87 -52.61 82.09
N SER S 236 -35.19 -52.50 82.19
CA SER S 236 -36.09 -53.56 81.77
C SER S 236 -37.46 -52.95 81.52
N HIS S 237 -38.40 -53.78 81.09
CA HIS S 237 -39.74 -53.29 80.78
C HIS S 237 -40.74 -54.42 80.94
N ASP S 238 -42.02 -54.06 80.95
CA ASP S 238 -43.11 -54.98 81.17
C ASP S 238 -44.27 -54.55 80.27
N ALA S 239 -45.36 -55.31 80.31
CA ALA S 239 -46.53 -54.98 79.51
C ALA S 239 -47.17 -53.66 79.92
N GLU S 240 -46.82 -53.12 81.08
CA GLU S 240 -47.44 -51.91 81.60
C GLU S 240 -46.46 -50.79 81.88
N VAL S 241 -45.22 -51.10 82.25
CA VAL S 241 -44.28 -50.11 82.74
C VAL S 241 -42.91 -50.33 82.11
N VAL S 242 -42.07 -49.30 82.23
CA VAL S 242 -40.67 -49.37 81.83
C VAL S 242 -39.85 -48.82 82.99
N HIS S 243 -38.74 -49.49 83.30
CA HIS S 243 -37.85 -49.06 84.38
C HIS S 243 -36.63 -48.36 83.79
N LEU S 244 -36.41 -47.12 84.23
CA LEU S 244 -35.32 -46.28 83.77
C LEU S 244 -34.52 -45.80 84.96
N TYR S 245 -33.39 -45.16 84.69
CA TYR S 245 -32.55 -44.61 85.75
C TYR S 245 -31.90 -43.33 85.28
N MET S 246 -31.61 -42.44 86.21
CA MET S 246 -30.80 -41.26 85.95
C MET S 246 -29.45 -41.44 86.63
N GLU S 247 -28.38 -41.21 85.87
CA GLU S 247 -27.03 -41.59 86.26
C GLU S 247 -26.08 -40.41 86.08
N GLU S 248 -25.14 -40.27 87.02
CA GLU S 248 -24.06 -39.31 86.84
C GLU S 248 -22.85 -39.73 87.68
N THR S 249 -21.66 -39.56 87.11
CA THR S 249 -20.41 -39.92 87.77
C THR S 249 -19.62 -38.66 88.10
N MET S 250 -19.33 -38.45 89.38
CA MET S 250 -18.82 -37.17 89.83
C MET S 250 -17.91 -37.33 91.04
N THR S 251 -17.22 -36.23 91.35
CA THR S 251 -16.55 -36.03 92.62
C THR S 251 -16.39 -34.52 92.82
N PHE S 252 -16.10 -34.12 94.06
CA PHE S 252 -15.96 -32.72 94.41
C PHE S 252 -14.68 -32.49 95.19
N LEU S 253 -14.01 -31.38 94.91
CA LEU S 253 -12.79 -30.99 95.59
C LEU S 253 -12.85 -29.54 96.01
N CYS S 254 -12.40 -29.26 97.23
CA CYS S 254 -12.22 -27.90 97.73
C CYS S 254 -10.74 -27.66 97.95
N TYR S 255 -10.23 -26.56 97.41
CA TYR S 255 -8.81 -26.23 97.47
C TYR S 255 -8.52 -25.10 98.46
N THR S 256 -9.39 -24.09 98.52
CA THR S 256 -9.21 -22.95 99.39
C THR S 256 -10.22 -23.05 100.54
N ALA S 257 -9.70 -23.22 101.76
CA ALA S 257 -10.57 -23.38 102.93
C ALA S 257 -11.07 -22.05 103.46
N GLU S 258 -10.49 -20.93 103.01
CA GLU S 258 -10.83 -19.62 103.55
C GLU S 258 -11.79 -18.83 102.66
N ALA S 259 -12.32 -19.43 101.61
CA ALA S 259 -13.19 -18.74 100.67
C ALA S 259 -14.68 -18.93 100.95
N SER S 260 -15.01 -19.52 102.10
CA SER S 260 -16.41 -19.80 102.43
C SER S 260 -16.62 -19.66 103.92
N VAL S 261 -17.87 -19.39 104.30
CA VAL S 261 -18.31 -19.32 105.69
C VAL S 261 -19.64 -20.05 105.78
N ALA S 262 -19.78 -20.90 106.79
CA ALA S 262 -20.96 -21.73 106.95
C ALA S 262 -21.77 -21.25 108.15
N LEU S 263 -23.09 -21.28 108.01
CA LEU S 263 -24.01 -20.91 109.07
C LEU S 263 -24.95 -22.09 109.31
N THR S 264 -24.96 -22.57 110.55
CA THR S 264 -25.71 -23.77 110.90
C THR S 264 -27.06 -23.39 111.51
N PRO S 265 -28.11 -24.20 111.26
CA PRO S 265 -29.44 -23.88 111.79
C PRO S 265 -29.46 -23.74 113.31
N ASN T 2 55.55 -43.23 -57.09
CA ASN T 2 56.79 -42.55 -57.46
C ASN T 2 57.65 -43.46 -58.34
N ASN T 3 58.88 -42.99 -58.64
CA ASN T 3 59.75 -43.72 -59.54
C ASN T 3 60.31 -45.00 -58.93
N LEU T 4 60.14 -45.20 -57.62
CA LEU T 4 60.62 -46.44 -57.00
C LEU T 4 59.82 -47.65 -57.50
N TYR T 5 58.53 -47.46 -57.75
CA TYR T 5 57.65 -48.54 -58.21
C TYR T 5 57.62 -49.69 -57.20
N ARG T 6 57.50 -49.34 -55.91
CA ARG T 6 57.40 -50.35 -54.87
C ARG T 6 56.04 -51.05 -54.86
N ASP T 7 54.98 -50.35 -55.25
CA ASP T 7 53.66 -50.96 -55.26
C ASP T 7 53.57 -52.15 -56.20
N LEU T 8 54.49 -52.26 -57.16
CA LEU T 8 54.50 -53.36 -58.11
C LEU T 8 55.32 -54.55 -57.63
N ALA T 9 56.03 -54.43 -56.50
CA ALA T 9 56.88 -55.51 -56.06
C ALA T 9 56.09 -56.53 -55.23
N PRO T 10 56.40 -57.82 -55.35
CA PRO T 10 55.70 -58.85 -54.55
C PRO T 10 56.27 -58.95 -53.13
N ILE T 11 56.14 -57.87 -52.37
CA ILE T 11 56.69 -57.79 -51.02
C ILE T 11 55.64 -57.16 -50.11
N THR T 12 55.51 -57.71 -48.90
CA THR T 12 54.53 -57.23 -47.94
C THR T 12 55.08 -56.04 -47.14
N GLU T 13 54.17 -55.38 -46.41
CA GLU T 13 54.56 -54.22 -45.63
C GLU T 13 55.57 -54.61 -44.55
N SER T 14 55.35 -55.75 -43.89
CA SER T 14 56.26 -56.17 -42.84
C SER T 14 57.67 -56.44 -43.38
N ALA T 15 57.77 -57.13 -44.52
CA ALA T 15 59.07 -57.40 -45.10
C ALA T 15 59.73 -56.11 -45.58
N TRP T 16 58.95 -55.19 -46.13
CA TRP T 16 59.48 -53.88 -46.49
C TRP T 16 60.08 -53.18 -45.28
N ALA T 17 59.35 -53.20 -44.15
CA ALA T 17 59.84 -52.57 -42.94
C ALA T 17 61.13 -53.23 -42.46
N GLU T 18 61.17 -54.57 -42.49
CA GLU T 18 62.39 -55.27 -42.06
C GLU T 18 63.58 -54.88 -42.92
N ILE T 19 63.38 -54.84 -44.25
CA ILE T 19 64.48 -54.51 -45.15
C ILE T 19 64.95 -53.09 -44.91
N GLU T 20 64.00 -52.14 -44.78
CA GLU T 20 64.38 -50.76 -44.53
C GLU T 20 65.15 -50.62 -43.24
N LEU T 21 64.68 -51.27 -42.17
CA LEU T 21 65.37 -51.19 -40.89
C LEU T 21 66.78 -51.76 -40.98
N GLU T 22 66.92 -52.92 -41.63
CA GLU T 22 68.23 -53.55 -41.73
C GLU T 22 69.20 -52.69 -42.53
N ALA T 23 68.74 -52.10 -43.64
CA ALA T 23 69.62 -51.24 -44.43
C ALA T 23 70.00 -49.98 -43.68
N THR T 24 69.02 -49.35 -43.01
CA THR T 24 69.31 -48.12 -42.27
C THR T 24 70.33 -48.38 -41.18
N ARG T 25 70.16 -49.47 -40.42
CA ARG T 25 71.09 -49.76 -39.33
C ARG T 25 72.52 -49.91 -39.86
N THR T 26 72.68 -50.72 -40.91
CA THR T 26 74.02 -50.99 -41.43
C THR T 26 74.65 -49.74 -42.02
N PHE T 27 73.88 -48.94 -42.77
CA PHE T 27 74.43 -47.72 -43.34
C PHE T 27 74.85 -46.74 -42.25
N LYS T 28 74.00 -46.56 -41.23
CA LYS T 28 74.35 -45.66 -40.14
C LYS T 28 75.55 -46.17 -39.37
N ARG T 29 75.75 -47.49 -39.34
CA ARG T 29 76.95 -48.04 -38.74
C ARG T 29 78.19 -47.69 -39.55
N HIS T 30 78.14 -47.91 -40.86
CA HIS T 30 79.32 -47.85 -41.70
C HIS T 30 79.62 -46.46 -42.23
N ILE T 31 78.78 -45.47 -41.96
CA ILE T 31 78.94 -44.12 -42.50
C ILE T 31 79.64 -43.27 -41.45
N ALA T 32 80.55 -42.41 -41.89
CA ALA T 32 81.35 -41.56 -41.01
C ALA T 32 81.34 -40.09 -41.38
N GLY T 33 81.35 -39.73 -42.67
CA GLY T 33 81.45 -38.34 -43.05
C GLY T 33 80.27 -37.51 -42.56
N ARG T 34 79.08 -38.11 -42.53
CA ARG T 34 77.88 -37.42 -42.09
C ARG T 34 77.97 -36.93 -40.65
N ARG T 35 78.88 -37.49 -39.86
CA ARG T 35 79.06 -37.11 -38.47
C ARG T 35 80.01 -35.93 -38.30
N VAL T 36 80.73 -35.54 -39.35
CA VAL T 36 81.71 -34.46 -39.23
C VAL T 36 81.55 -33.43 -40.34
N VAL T 37 80.53 -33.59 -41.19
CA VAL T 37 80.29 -32.65 -42.28
C VAL T 37 78.85 -32.15 -42.19
N ASP T 38 78.68 -30.86 -42.48
CA ASP T 38 77.34 -30.29 -42.57
C ASP T 38 76.58 -30.93 -43.73
N VAL T 39 75.30 -31.18 -43.52
CA VAL T 39 74.46 -31.86 -44.51
C VAL T 39 73.35 -30.91 -44.90
N SER T 40 73.25 -30.61 -46.20
CA SER T 40 72.14 -29.83 -46.74
C SER T 40 71.03 -30.81 -47.10
N GLY T 41 69.93 -30.76 -46.34
CA GLY T 41 68.87 -31.72 -46.48
C GLY T 41 68.39 -31.86 -47.90
N PRO T 42 67.66 -32.94 -48.18
CA PRO T 42 67.18 -33.17 -49.56
C PRO T 42 66.40 -31.98 -50.08
N ASN T 43 66.76 -31.53 -51.28
CA ASN T 43 66.09 -30.42 -51.94
C ASN T 43 65.09 -30.88 -52.99
N GLY T 44 64.92 -32.18 -53.17
CA GLY T 44 63.92 -32.71 -54.08
C GLY T 44 64.54 -33.32 -55.33
N PRO T 45 63.77 -34.17 -56.02
CA PRO T 45 64.29 -34.78 -57.25
C PRO T 45 64.57 -33.77 -58.36
N THR T 46 63.99 -32.58 -58.31
CA THR T 46 64.23 -31.56 -59.31
C THR T 46 65.62 -30.94 -59.20
N THR T 47 66.31 -31.13 -58.08
CA THR T 47 67.62 -30.54 -57.88
C THR T 47 68.67 -31.30 -58.68
N ALA T 48 69.49 -30.57 -59.43
CA ALA T 48 70.49 -31.18 -60.30
C ALA T 48 71.90 -30.63 -60.11
N SER T 49 72.05 -29.42 -59.54
CA SER T 49 73.36 -28.81 -59.42
C SER T 49 73.35 -27.84 -58.25
N VAL T 50 74.56 -27.47 -57.82
CA VAL T 50 74.75 -26.53 -56.72
C VAL T 50 75.57 -25.36 -57.24
N SER T 51 75.04 -24.15 -57.14
CA SER T 51 75.74 -22.96 -57.60
C SER T 51 76.94 -22.70 -56.71
N THR T 52 78.04 -22.21 -57.30
CA THR T 52 79.20 -21.81 -56.54
C THR T 52 79.35 -20.30 -56.40
N GLY T 53 78.59 -19.53 -57.18
CA GLY T 53 78.68 -18.10 -57.14
C GLY T 53 79.83 -17.52 -57.92
N HIS T 54 80.62 -18.36 -58.59
CA HIS T 54 81.75 -17.91 -59.40
C HIS T 54 81.32 -17.73 -60.85
N LEU T 55 82.17 -17.06 -61.61
CA LEU T 55 81.92 -16.77 -63.02
C LEU T 55 83.07 -17.31 -63.85
N LEU T 56 82.75 -17.70 -65.09
CA LEU T 56 83.73 -18.22 -66.03
C LEU T 56 83.68 -17.40 -67.32
N ASP T 57 84.86 -17.09 -67.85
CA ASP T 57 84.94 -16.29 -69.07
C ASP T 57 84.46 -17.10 -70.28
N VAL T 58 83.84 -16.40 -71.23
CA VAL T 58 83.26 -17.04 -72.40
C VAL T 58 83.24 -16.04 -73.55
N SER T 59 83.31 -16.56 -74.76
CA SER T 59 83.33 -15.71 -75.95
C SER T 59 82.04 -14.91 -76.04
N PRO T 60 82.10 -13.61 -76.36
CA PRO T 60 80.89 -12.80 -76.36
C PRO T 60 80.04 -13.11 -77.58
N PRO T 61 78.72 -12.89 -77.50
CA PRO T 61 77.90 -12.97 -78.72
C PRO T 61 78.31 -11.98 -79.79
N GLY T 62 78.75 -10.79 -79.40
CA GLY T 62 79.05 -9.76 -80.37
C GLY T 62 79.86 -8.64 -79.76
N ASP T 63 79.98 -7.57 -80.53
CA ASP T 63 80.81 -6.43 -80.12
C ASP T 63 80.15 -5.66 -78.99
N GLY T 64 80.97 -5.14 -78.08
CA GLY T 64 80.48 -4.34 -76.99
C GLY T 64 79.76 -5.11 -75.92
N VAL T 65 79.91 -6.43 -75.87
CA VAL T 65 79.21 -7.28 -74.92
C VAL T 65 80.22 -8.11 -74.17
N ILE T 66 80.07 -8.16 -72.84
CA ILE T 66 80.92 -8.97 -71.96
C ILE T 66 80.07 -10.12 -71.45
N ALA T 67 80.55 -11.34 -71.63
CA ALA T 67 79.79 -12.55 -71.31
C ALA T 67 80.54 -13.37 -70.28
N HIS T 68 79.79 -13.91 -69.31
CA HIS T 68 80.34 -14.79 -68.29
C HIS T 68 79.34 -15.90 -68.01
N LEU T 69 79.86 -17.09 -67.69
CA LEU T 69 79.02 -18.24 -67.37
C LEU T 69 79.04 -18.50 -65.87
N ARG T 70 77.85 -18.77 -65.32
CA ARG T 70 77.72 -19.12 -63.92
C ARG T 70 78.23 -20.54 -63.70
N ASP T 71 78.87 -20.76 -62.55
CA ASP T 71 79.54 -22.02 -62.26
C ASP T 71 78.72 -22.84 -61.27
N ALA T 72 78.53 -24.11 -61.61
CA ALA T 72 77.73 -25.01 -60.78
C ALA T 72 78.42 -26.37 -60.73
N LYS T 73 78.16 -27.09 -59.64
CA LYS T 73 78.66 -28.43 -59.42
C LYS T 73 77.53 -29.42 -59.64
N PRO T 74 77.65 -30.35 -60.57
CA PRO T 74 76.56 -31.31 -60.81
C PRO T 74 76.47 -32.35 -59.69
N LEU T 75 75.28 -32.92 -59.57
CA LEU T 75 75.01 -33.99 -58.62
C LEU T 75 75.11 -35.33 -59.31
N VAL T 76 75.60 -36.33 -58.59
CA VAL T 76 75.80 -37.67 -59.13
C VAL T 76 74.90 -38.64 -58.39
N ARG T 77 74.28 -39.55 -59.14
CA ARG T 77 73.38 -40.56 -58.58
C ARG T 77 74.12 -41.89 -58.50
N LEU T 78 74.12 -42.47 -57.31
CA LEU T 78 74.76 -43.76 -57.05
C LEU T 78 73.65 -44.78 -56.81
N ARG T 79 73.70 -45.87 -57.57
CA ARG T 79 72.72 -46.95 -57.49
C ARG T 79 73.44 -48.28 -57.32
N VAL T 80 73.09 -49.01 -56.27
CA VAL T 80 73.69 -50.31 -55.99
C VAL T 80 72.59 -51.37 -56.05
N PRO T 81 72.63 -52.31 -56.99
CA PRO T 81 71.58 -53.33 -57.06
C PRO T 81 71.89 -54.55 -56.20
N PHE T 82 70.82 -55.23 -55.79
CA PHE T 82 70.92 -56.46 -55.03
C PHE T 82 69.67 -57.29 -55.28
N THR T 83 69.73 -58.55 -54.85
CA THR T 83 68.69 -59.53 -55.10
C THR T 83 68.23 -60.15 -53.79
N VAL T 84 66.92 -60.39 -53.68
CA VAL T 84 66.33 -60.95 -52.47
C VAL T 84 65.46 -62.14 -52.85
N ALA T 85 65.30 -63.06 -51.90
CA ALA T 85 64.58 -64.30 -52.13
C ALA T 85 63.12 -64.20 -51.67
N ARG T 86 62.23 -64.59 -52.56
CA ARG T 86 60.80 -64.56 -52.28
C ARG T 86 60.40 -65.48 -51.13
N ARG T 87 61.16 -66.56 -50.90
CA ARG T 87 60.88 -67.41 -49.75
C ARG T 87 61.15 -66.70 -48.44
N ASP T 88 62.28 -66.02 -48.32
CA ASP T 88 62.55 -65.20 -47.14
C ASP T 88 61.54 -64.08 -47.00
N ILE T 89 61.10 -63.50 -48.13
CA ILE T 89 60.06 -62.48 -48.06
C ILE T 89 58.77 -63.06 -47.49
N ASP T 90 58.36 -64.23 -47.99
CA ASP T 90 57.07 -64.79 -47.61
C ASP T 90 57.08 -65.27 -46.16
N ASP T 91 58.23 -65.77 -45.68
CA ASP T 91 58.28 -66.30 -44.32
C ASP T 91 57.94 -65.26 -43.27
N VAL T 92 58.10 -63.97 -43.58
CA VAL T 92 57.90 -62.93 -42.58
C VAL T 92 56.45 -62.93 -42.08
N GLU T 93 55.49 -63.01 -43.01
CA GLU T 93 54.08 -62.99 -42.62
C GLU T 93 53.70 -64.21 -41.81
N ARG T 94 54.53 -65.25 -41.81
CA ARG T 94 54.33 -66.43 -40.97
C ARG T 94 54.97 -66.26 -39.59
N GLY T 95 55.27 -65.05 -39.18
CA GLY T 95 55.92 -64.81 -37.91
C GLY T 95 57.35 -65.30 -37.85
N SER T 96 58.05 -65.32 -38.99
CA SER T 96 59.46 -65.67 -39.02
C SER T 96 60.28 -64.41 -38.82
N GLN T 97 61.31 -64.52 -37.96
CA GLN T 97 62.20 -63.41 -37.67
C GLN T 97 63.66 -63.83 -37.65
N ASP T 98 64.07 -64.75 -38.53
CA ASP T 98 65.46 -65.04 -38.80
C ASP T 98 65.78 -64.96 -40.29
N SER T 99 65.00 -64.17 -41.05
CA SER T 99 65.16 -64.11 -42.50
C SER T 99 66.51 -63.51 -42.87
N ASP T 100 67.02 -63.93 -44.03
CA ASP T 100 68.34 -63.53 -44.50
C ASP T 100 68.22 -62.20 -45.25
N TRP T 101 68.97 -61.19 -44.78
CA TRP T 101 69.03 -59.88 -45.41
C TRP T 101 70.48 -59.49 -45.70
N ASP T 102 71.34 -60.50 -45.85
CA ASP T 102 72.76 -60.25 -46.11
C ASP T 102 72.99 -59.45 -47.39
N PRO T 103 72.33 -59.71 -48.51
CA PRO T 103 72.50 -58.83 -49.67
C PRO T 103 72.14 -57.39 -49.37
N VAL T 104 71.08 -57.16 -48.58
CA VAL T 104 70.73 -55.81 -48.18
C VAL T 104 71.87 -55.17 -47.42
N LYS T 105 72.44 -55.89 -46.45
CA LYS T 105 73.52 -55.34 -45.65
C LYS T 105 74.74 -55.04 -46.52
N ASP T 106 75.06 -55.95 -47.45
CA ASP T 106 76.21 -55.74 -48.33
C ASP T 106 76.01 -54.52 -49.22
N ALA T 107 74.81 -54.34 -49.78
CA ALA T 107 74.56 -53.18 -50.62
C ALA T 107 74.66 -51.90 -49.81
N ALA T 108 74.13 -51.89 -48.59
CA ALA T 108 74.24 -50.71 -47.74
C ALA T 108 75.71 -50.40 -47.44
N LYS T 109 76.50 -51.43 -47.14
CA LYS T 109 77.93 -51.22 -46.90
C LYS T 109 78.60 -50.62 -48.13
N LYS T 110 78.28 -51.15 -49.31
CA LYS T 110 78.89 -50.66 -50.54
C LYS T 110 78.56 -49.19 -50.77
N LEU T 111 77.29 -48.83 -50.58
CA LEU T 111 76.87 -47.44 -50.78
C LEU T 111 77.56 -46.51 -49.79
N ALA T 112 77.62 -46.91 -48.51
CA ALA T 112 78.30 -46.10 -47.52
C ALA T 112 79.77 -45.92 -47.88
N PHE T 113 80.42 -47.00 -48.35
CA PHE T 113 81.83 -46.92 -48.66
C PHE T 113 82.07 -45.98 -49.84
N VAL T 114 81.24 -46.06 -50.88
CA VAL T 114 81.44 -45.16 -52.01
C VAL T 114 81.21 -43.71 -51.59
N GLU T 115 80.19 -43.47 -50.77
CA GLU T 115 79.93 -42.10 -50.32
C GLU T 115 81.12 -41.55 -49.52
N ASP T 116 81.60 -42.33 -48.55
CA ASP T 116 82.70 -41.86 -47.71
C ASP T 116 83.97 -41.69 -48.51
N ARG T 117 84.23 -42.59 -49.46
CA ARG T 117 85.41 -42.48 -50.30
C ARG T 117 85.35 -41.27 -51.23
N ALA T 118 84.17 -40.94 -51.76
CA ALA T 118 84.03 -39.71 -52.51
C ALA T 118 84.25 -38.48 -51.64
N ILE T 119 83.75 -38.51 -50.40
CA ILE T 119 83.92 -37.38 -49.51
C ILE T 119 85.40 -37.17 -49.17
N PHE T 120 86.11 -38.25 -48.84
CA PHE T 120 87.44 -38.13 -48.26
C PHE T 120 88.59 -38.32 -49.25
N GLU T 121 88.32 -38.80 -50.46
CA GLU T 121 89.36 -39.10 -51.43
C GLU T 121 89.11 -38.50 -52.80
N GLY T 122 87.87 -38.30 -53.19
CA GLY T 122 87.54 -37.66 -54.45
C GLY T 122 87.00 -38.63 -55.48
N TYR T 123 86.03 -38.16 -56.25
CA TYR T 123 85.45 -38.90 -57.37
C TYR T 123 85.52 -37.95 -58.57
N ALA T 124 86.60 -38.07 -59.34
CA ALA T 124 86.93 -37.03 -60.32
C ALA T 124 85.85 -36.90 -61.38
N ALA T 125 85.35 -38.01 -61.91
CA ALA T 125 84.37 -37.94 -63.00
C ALA T 125 83.14 -37.15 -62.58
N ALA T 126 82.82 -37.12 -61.29
CA ALA T 126 81.74 -36.30 -60.77
C ALA T 126 82.21 -34.90 -60.37
N SER T 127 83.44 -34.53 -60.72
CA SER T 127 84.01 -33.24 -60.38
C SER T 127 84.10 -33.04 -58.87
N ILE T 128 84.23 -34.14 -58.13
CA ILE T 128 84.30 -34.09 -56.67
C ILE T 128 85.77 -34.15 -56.26
N GLU T 129 86.28 -33.05 -55.71
CA GLU T 129 87.61 -33.01 -55.15
C GLU T 129 87.53 -33.31 -53.66
N GLY T 130 88.26 -34.33 -53.21
CA GLY T 130 88.17 -34.79 -51.85
C GLY T 130 88.89 -33.89 -50.86
N ILE T 131 88.64 -34.16 -49.58
CA ILE T 131 89.30 -33.44 -48.51
C ILE T 131 90.81 -33.60 -48.57
N ARG T 132 91.29 -34.81 -48.90
CA ARG T 132 92.71 -35.05 -48.98
C ARG T 132 93.40 -34.13 -49.98
N SER T 133 92.86 -34.03 -51.20
CA SER T 133 93.45 -33.16 -52.21
C SER T 133 93.23 -31.68 -51.88
N SER T 134 92.02 -31.32 -51.45
CA SER T 134 91.72 -29.92 -51.20
C SER T 134 92.45 -29.38 -49.96
N SER T 135 92.98 -30.26 -49.11
CA SER T 135 93.67 -29.79 -47.91
C SER T 135 94.94 -29.03 -48.29
N SER T 136 95.16 -27.91 -47.61
CA SER T 136 96.36 -27.10 -47.82
C SER T 136 97.46 -27.40 -46.83
N ASN T 137 97.11 -27.81 -45.62
CA ASN T 137 98.14 -28.13 -44.63
C ASN T 137 98.93 -29.36 -45.09
N PRO T 138 100.23 -29.42 -44.78
CA PRO T 138 101.03 -30.54 -45.27
C PRO T 138 100.52 -31.88 -44.74
N ALA T 139 100.62 -32.90 -45.58
CA ALA T 139 100.20 -34.24 -45.21
C ALA T 139 101.30 -34.94 -44.42
N LEU T 140 100.88 -35.85 -43.54
CA LEU T 140 101.81 -36.61 -42.72
C LEU T 140 101.74 -38.10 -43.09
N ALA T 141 102.64 -38.87 -42.50
CA ALA T 141 102.74 -40.31 -42.73
C ALA T 141 102.40 -41.05 -41.45
N LEU T 142 101.53 -42.03 -41.54
CA LEU T 142 101.13 -42.82 -40.39
C LEU T 142 102.23 -43.84 -40.11
N PRO T 143 102.84 -43.84 -38.92
CA PRO T 143 103.91 -44.81 -38.67
C PRO T 143 103.42 -46.24 -38.72
N ASP T 144 104.30 -47.13 -39.16
CA ASP T 144 103.95 -48.55 -39.22
C ASP T 144 103.61 -49.07 -37.83
N ASP T 145 104.37 -48.67 -36.81
CA ASP T 145 104.07 -49.06 -35.44
C ASP T 145 102.90 -48.25 -34.92
N ALA T 146 102.19 -48.82 -33.94
CA ALA T 146 101.03 -48.17 -33.36
C ALA T 146 101.38 -47.23 -32.21
N ARG T 147 102.63 -47.26 -31.72
CA ARG T 147 102.97 -46.50 -30.53
C ARG T 147 103.26 -45.04 -30.85
N GLU T 148 103.62 -44.72 -32.09
CA GLU T 148 104.01 -43.37 -32.49
C GLU T 148 102.85 -42.58 -33.10
N ILE T 149 101.68 -43.20 -33.27
CA ILE T 149 100.56 -42.50 -33.91
C ILE T 149 100.16 -41.26 -33.12
N PRO T 150 100.06 -41.30 -31.77
CA PRO T 150 99.66 -40.08 -31.06
C PRO T 150 100.58 -38.90 -31.30
N ASP T 151 101.88 -39.13 -31.47
CA ASP T 151 102.79 -38.03 -31.77
C ASP T 151 102.43 -37.37 -33.09
N VAL T 152 102.12 -38.18 -34.11
CA VAL T 152 101.76 -37.62 -35.40
C VAL T 152 100.44 -36.87 -35.31
N ILE T 153 99.50 -37.38 -34.52
CA ILE T 153 98.23 -36.68 -34.33
C ILE T 153 98.46 -35.34 -33.64
N ALA T 154 99.36 -35.31 -32.65
CA ALA T 154 99.69 -34.05 -32.00
C ALA T 154 100.33 -33.07 -32.98
N GLN T 155 101.19 -33.58 -33.87
CA GLN T 155 101.77 -32.74 -34.91
C GLN T 155 100.69 -32.15 -35.82
N ALA T 156 99.72 -32.98 -36.22
CA ALA T 156 98.65 -32.50 -37.09
C ALA T 156 97.79 -31.45 -36.40
N LEU T 157 97.48 -31.68 -35.12
CA LEU T 157 96.78 -30.66 -34.36
C LEU T 157 97.58 -29.38 -34.30
N SER T 158 98.90 -29.49 -34.09
CA SER T 158 99.75 -28.32 -34.11
C SER T 158 99.66 -27.59 -35.45
N GLU T 159 99.60 -28.34 -36.55
CA GLU T 159 99.52 -27.68 -37.86
C GLU T 159 98.21 -26.92 -38.04
N LEU T 160 97.08 -27.61 -37.85
CA LEU T 160 95.78 -26.94 -37.91
C LEU T 160 95.77 -25.70 -37.02
N ARG T 161 96.22 -25.90 -35.79
CA ARG T 161 96.05 -24.95 -34.70
C ARG T 161 97.08 -23.83 -34.79
N LEU T 162 98.15 -24.05 -35.56
CA LEU T 162 98.95 -22.96 -36.08
C LEU T 162 98.18 -22.19 -37.13
N ALA T 163 97.58 -22.91 -38.09
CA ALA T 163 96.93 -22.26 -39.22
C ALA T 163 95.79 -21.37 -38.77
N GLY T 164 95.24 -21.61 -37.58
CA GLY T 164 94.30 -20.68 -37.00
C GLY T 164 92.87 -21.16 -36.94
N VAL T 165 92.63 -22.44 -37.13
CA VAL T 165 91.28 -22.99 -37.08
C VAL T 165 90.92 -23.35 -35.65
N ASP T 166 89.64 -23.19 -35.32
CA ASP T 166 89.15 -23.45 -33.97
C ASP T 166 87.99 -24.44 -34.00
N GLY T 167 87.34 -24.63 -32.84
CA GLY T 167 86.24 -25.55 -32.72
C GLY T 167 86.71 -26.95 -32.38
N PRO T 168 85.79 -27.81 -31.97
CA PRO T 168 86.18 -29.17 -31.58
C PRO T 168 86.89 -29.88 -32.73
N TYR T 169 87.93 -30.64 -32.37
CA TYR T 169 88.71 -31.40 -33.33
C TYR T 169 88.35 -32.88 -33.23
N SER T 170 88.45 -33.56 -34.37
CA SER T 170 88.01 -34.95 -34.46
C SER T 170 88.98 -35.74 -35.32
N VAL T 171 89.15 -37.01 -34.97
CA VAL T 171 90.06 -37.92 -35.65
C VAL T 171 89.22 -39.03 -36.27
N LEU T 172 89.34 -39.20 -37.57
CA LEU T 172 88.71 -40.29 -38.30
C LEU T 172 89.81 -41.28 -38.68
N LEU T 173 89.67 -42.52 -38.23
CA LEU T 173 90.69 -43.54 -38.44
C LEU T 173 90.18 -44.63 -39.38
N SER T 174 91.11 -45.21 -40.14
CA SER T 174 90.78 -46.26 -41.09
C SER T 174 90.43 -47.53 -40.33
N ALA T 175 89.93 -48.54 -41.06
CA ALA T 175 89.66 -49.82 -40.43
C ALA T 175 90.95 -50.47 -39.93
N GLU T 176 91.99 -50.47 -40.77
CA GLU T 176 93.24 -51.14 -40.41
C GLU T 176 93.93 -50.40 -39.27
N THR T 177 93.89 -49.07 -39.29
CA THR T 177 94.51 -48.29 -38.22
C THR T 177 93.73 -48.39 -36.92
N TYR T 178 92.40 -48.36 -36.99
CA TYR T 178 91.59 -48.50 -35.79
C TYR T 178 91.75 -49.87 -35.15
N THR T 179 91.78 -50.93 -35.97
CA THR T 179 92.07 -52.26 -35.44
C THR T 179 93.42 -52.26 -34.73
N LYS T 180 94.42 -51.61 -35.32
CA LYS T 180 95.75 -51.59 -34.72
C LYS T 180 95.74 -50.89 -33.37
N VAL T 181 95.19 -49.67 -33.33
CA VAL T 181 95.20 -48.92 -32.08
C VAL T 181 94.33 -49.58 -31.03
N SER T 182 93.31 -50.33 -31.45
CA SER T 182 92.45 -51.02 -30.50
C SER T 182 93.13 -52.24 -29.90
N GLU T 183 93.65 -53.12 -30.76
CA GLU T 183 94.32 -54.32 -30.27
C GLU T 183 95.56 -53.97 -29.47
N THR T 184 96.35 -53.02 -29.94
CA THR T 184 97.56 -52.62 -29.24
C THR T 184 97.20 -51.92 -27.93
N THR T 185 98.03 -52.13 -26.91
CA THR T 185 97.78 -51.62 -25.58
C THR T 185 99.08 -51.09 -24.98
N ALA T 186 98.93 -50.21 -23.99
CA ALA T 186 100.08 -49.64 -23.30
C ALA T 186 99.65 -49.21 -21.91
N HIS T 187 100.41 -49.63 -20.89
CA HIS T 187 100.14 -49.27 -19.50
C HIS T 187 98.71 -49.63 -19.09
N GLY T 188 98.16 -50.67 -19.72
CA GLY T 188 96.83 -51.11 -19.39
C GLY T 188 95.72 -50.30 -20.04
N TYR T 189 96.02 -49.50 -21.05
CA TYR T 189 95.00 -48.81 -21.84
C TYR T 189 95.32 -48.96 -23.33
N PRO T 190 94.31 -49.04 -24.19
CA PRO T 190 94.56 -49.09 -25.64
C PRO T 190 95.18 -47.80 -26.16
N ILE T 191 95.94 -47.96 -27.24
CA ILE T 191 96.49 -46.82 -27.94
C ILE T 191 95.37 -45.92 -28.46
N ARG T 192 94.20 -46.48 -28.70
CA ARG T 192 93.05 -45.65 -29.09
C ARG T 192 92.64 -44.70 -27.96
N GLU T 193 92.60 -45.18 -26.72
CA GLU T 193 92.34 -44.28 -25.61
C GLU T 193 93.45 -43.26 -25.48
N HIS T 194 94.70 -43.70 -25.65
CA HIS T 194 95.80 -42.75 -25.70
C HIS T 194 95.52 -41.62 -26.69
N ILE T 195 95.06 -41.96 -27.89
CA ILE T 195 94.73 -40.95 -28.88
C ILE T 195 93.58 -40.07 -28.40
N ASN T 196 92.51 -40.69 -27.90
CA ASN T 196 91.33 -39.95 -27.47
C ASN T 196 91.70 -38.89 -26.44
N ARG T 197 92.67 -39.17 -25.59
CA ARG T 197 93.02 -38.24 -24.52
C ARG T 197 93.34 -36.84 -25.04
N LEU T 198 93.82 -36.73 -26.27
CA LEU T 198 94.31 -35.45 -26.78
C LEU T 198 93.19 -34.54 -27.27
N VAL T 199 92.28 -35.08 -28.09
CA VAL T 199 91.29 -34.26 -28.77
C VAL T 199 90.13 -33.93 -27.83
N ASP T 200 89.36 -32.92 -28.22
CA ASP T 200 88.17 -32.51 -27.49
C ASP T 200 86.90 -33.15 -28.06
N GLY T 201 86.93 -33.60 -29.31
CA GLY T 201 85.76 -34.17 -29.95
C GLY T 201 85.62 -35.67 -29.76
N GLU T 202 85.59 -36.40 -30.86
CA GLU T 202 85.34 -37.83 -30.84
C GLU T 202 86.33 -38.56 -31.75
N ILE T 203 86.46 -39.86 -31.52
CA ILE T 203 87.20 -40.75 -32.40
C ILE T 203 86.18 -41.49 -33.26
N ILE T 204 86.40 -41.51 -34.58
CA ILE T 204 85.40 -42.02 -35.53
C ILE T 204 86.01 -43.12 -36.39
N TRP T 205 85.20 -44.15 -36.65
CA TRP T 205 85.51 -45.22 -37.61
C TRP T 205 85.34 -44.69 -39.03
N ALA T 206 86.35 -44.90 -39.87
CA ALA T 206 86.25 -44.58 -41.28
C ALA T 206 86.77 -45.72 -42.13
N PRO T 207 86.03 -46.82 -42.26
CA PRO T 207 86.58 -47.99 -42.98
C PRO T 207 86.85 -47.71 -44.43
N ALA T 208 85.98 -46.90 -45.05
CA ALA T 208 86.10 -46.60 -46.47
C ALA T 208 87.38 -45.85 -46.79
N ILE T 209 87.80 -44.94 -45.92
CA ILE T 209 88.97 -44.12 -46.19
C ILE T 209 90.21 -44.95 -45.90
N ASP T 210 91.36 -44.46 -46.36
CA ASP T 210 92.65 -45.11 -46.17
C ASP T 210 93.57 -44.12 -45.49
N GLY T 211 94.03 -44.45 -44.29
CA GLY T 211 94.92 -43.58 -43.55
C GLY T 211 94.28 -43.03 -42.29
N ALA T 212 94.35 -41.71 -42.11
CA ALA T 212 93.72 -41.07 -40.96
C ALA T 212 93.51 -39.60 -41.31
N PHE T 213 92.60 -38.95 -40.58
CA PHE T 213 92.29 -37.54 -40.84
C PHE T 213 92.01 -36.84 -39.51
N VAL T 214 92.61 -35.67 -39.33
CA VAL T 214 92.31 -34.83 -38.17
C VAL T 214 91.71 -33.53 -38.68
N LEU T 215 90.48 -33.23 -38.26
CA LEU T 215 89.79 -32.08 -38.83
C LEU T 215 88.97 -31.36 -37.79
N SER T 216 88.65 -30.10 -38.08
CA SER T 216 87.82 -29.28 -37.21
C SER T 216 86.34 -29.48 -37.54
N THR T 217 85.49 -29.27 -36.53
CA THR T 217 84.05 -29.41 -36.67
C THR T 217 83.32 -28.14 -36.24
N ARG T 218 83.98 -26.98 -36.34
CA ARG T 218 83.33 -25.72 -36.04
C ARG T 218 82.12 -25.50 -36.93
N GLY T 219 82.24 -25.85 -38.22
CA GLY T 219 81.15 -25.69 -39.16
C GLY T 219 81.48 -24.73 -40.28
N GLY T 220 80.84 -24.92 -41.42
CA GLY T 220 81.03 -24.04 -42.56
C GLY T 220 82.22 -24.35 -43.45
N ASP T 221 82.87 -25.51 -43.26
CA ASP T 221 84.02 -25.90 -44.06
C ASP T 221 83.74 -27.06 -45.00
N PHE T 222 82.80 -27.94 -44.68
CA PHE T 222 82.47 -29.07 -45.55
C PHE T 222 80.96 -29.12 -45.71
N ASP T 223 80.51 -29.41 -46.93
CA ASP T 223 79.08 -29.44 -47.23
C ASP T 223 78.79 -30.68 -48.08
N LEU T 224 77.94 -31.56 -47.56
CA LEU T 224 77.44 -32.71 -48.31
C LEU T 224 76.04 -32.36 -48.81
N GLN T 225 75.92 -32.09 -50.11
CA GLN T 225 74.64 -31.72 -50.70
C GLN T 225 73.93 -32.96 -51.19
N LEU T 226 72.69 -33.14 -50.76
CA LEU T 226 71.85 -34.28 -51.15
C LEU T 226 70.64 -33.77 -51.92
N GLY T 227 70.38 -34.40 -53.06
CA GLY T 227 69.14 -34.13 -53.77
C GLY T 227 68.03 -35.00 -53.21
N THR T 228 68.31 -36.30 -53.11
CA THR T 228 67.43 -37.26 -52.46
C THR T 228 68.27 -38.17 -51.57
N ASP T 229 67.76 -38.47 -50.39
CA ASP T 229 68.48 -39.30 -49.43
C ASP T 229 68.43 -40.75 -49.91
N VAL T 230 68.98 -41.65 -49.09
CA VAL T 230 69.03 -43.06 -49.46
C VAL T 230 67.63 -43.60 -49.61
N SER T 231 67.38 -44.32 -50.71
CA SER T 231 66.07 -44.90 -50.97
C SER T 231 66.25 -46.29 -51.56
N ILE T 232 65.22 -47.13 -51.41
CA ILE T 232 65.23 -48.49 -51.92
C ILE T 232 64.12 -48.63 -52.95
N GLY T 233 64.47 -49.20 -54.11
CA GLY T 233 63.53 -49.34 -55.20
C GLY T 233 63.44 -50.74 -55.77
N TYR T 234 62.64 -50.89 -56.82
CA TYR T 234 62.34 -52.18 -57.44
C TYR T 234 62.57 -52.09 -58.94
N LEU T 235 63.26 -53.08 -59.52
CA LEU T 235 63.47 -53.12 -60.96
C LEU T 235 62.61 -54.20 -61.63
N SER T 236 62.72 -55.44 -61.18
CA SER T 236 61.99 -56.55 -61.79
C SER T 236 61.91 -57.67 -60.77
N HIS T 237 61.25 -58.76 -61.14
CA HIS T 237 61.07 -59.88 -60.23
C HIS T 237 60.87 -61.16 -61.04
N ASP T 238 60.98 -62.29 -60.34
CA ASP T 238 60.91 -63.60 -60.95
C ASP T 238 60.16 -64.52 -59.98
N ALA T 239 59.96 -65.77 -60.38
CA ALA T 239 59.28 -66.73 -59.53
C ALA T 239 60.04 -67.03 -58.25
N GLU T 240 61.32 -66.66 -58.17
CA GLU T 240 62.17 -66.99 -57.03
C GLU T 240 62.78 -65.78 -56.35
N VAL T 241 63.05 -64.70 -57.10
CA VAL T 241 63.82 -63.58 -56.58
C VAL T 241 63.17 -62.27 -56.99
N VAL T 242 63.60 -61.19 -56.31
CA VAL T 242 63.22 -59.84 -56.67
C VAL T 242 64.50 -59.01 -56.72
N HIS T 243 64.62 -58.15 -57.73
CA HIS T 243 65.78 -57.29 -57.88
C HIS T 243 65.44 -55.87 -57.42
N LEU T 244 66.22 -55.37 -56.46
CA LEU T 244 66.04 -54.07 -55.87
C LEU T 244 67.34 -53.28 -55.98
N TYR T 245 67.28 -52.00 -55.64
CA TYR T 245 68.46 -51.15 -55.67
C TYR T 245 68.40 -50.14 -54.54
N MET T 246 69.56 -49.71 -54.07
CA MET T 246 69.66 -48.61 -53.14
C MET T 246 70.28 -47.42 -53.87
N GLU T 247 69.63 -46.26 -53.75
CA GLU T 247 69.91 -45.10 -54.59
C GLU T 247 70.09 -43.87 -53.72
N GLU T 248 71.05 -43.01 -54.12
CA GLU T 248 71.17 -41.70 -53.49
C GLU T 248 71.86 -40.73 -54.45
N THR T 249 71.38 -39.49 -54.47
CA THR T 249 71.93 -38.45 -55.33
C THR T 249 72.62 -37.39 -54.49
N MET T 250 73.91 -37.18 -54.74
CA MET T 250 74.72 -36.38 -53.82
C MET T 250 75.84 -35.67 -54.57
N THR T 251 76.47 -34.75 -53.83
CA THR T 251 77.76 -34.17 -54.19
C THR T 251 78.39 -33.64 -52.91
N PHE T 252 79.70 -33.36 -52.97
CA PHE T 252 80.44 -32.90 -51.81
C PHE T 252 81.27 -31.68 -52.18
N LEU T 253 81.34 -30.72 -51.27
CA LEU T 253 82.12 -29.50 -51.45
C LEU T 253 82.95 -29.21 -50.22
N CYS T 254 84.20 -28.83 -50.43
CA CYS T 254 85.08 -28.34 -49.36
C CYS T 254 85.38 -26.88 -49.62
N TYR T 255 85.19 -26.05 -48.61
CA TYR T 255 85.37 -24.61 -48.72
C TYR T 255 86.64 -24.12 -48.04
N THR T 256 86.99 -24.69 -46.89
CA THR T 256 88.16 -24.30 -46.13
C THR T 256 89.21 -25.40 -46.26
N ALA T 257 90.34 -25.06 -46.90
CA ALA T 257 91.39 -26.05 -47.12
C ALA T 257 92.29 -26.23 -45.91
N GLU T 258 92.19 -25.34 -44.92
CA GLU T 258 93.08 -25.37 -43.77
C GLU T 258 92.46 -25.98 -42.53
N ALA T 259 91.27 -26.57 -42.63
CA ALA T 259 90.56 -27.12 -41.50
C ALA T 259 90.76 -28.63 -41.33
N SER T 260 91.68 -29.21 -42.10
CA SER T 260 91.89 -30.65 -42.05
C SER T 260 93.36 -30.96 -42.29
N VAL T 261 93.79 -32.13 -41.79
CA VAL T 261 95.13 -32.66 -41.99
C VAL T 261 94.98 -34.14 -42.31
N ALA T 262 95.69 -34.59 -43.33
CA ALA T 262 95.59 -35.96 -43.81
C ALA T 262 96.86 -36.72 -43.47
N LEU T 263 96.70 -37.98 -43.09
CA LEU T 263 97.82 -38.87 -42.78
C LEU T 263 97.69 -40.11 -43.67
N THR T 264 98.73 -40.36 -44.46
CA THR T 264 98.71 -41.44 -45.44
C THR T 264 99.39 -42.69 -44.89
N PRO T 265 98.90 -43.89 -45.26
CA PRO T 265 99.48 -45.13 -44.74
C PRO T 265 100.97 -45.25 -45.03
N ASN U 2 -74.17 3.76 51.96
CA ASN U 2 -74.48 5.04 52.58
C ASN U 2 -75.81 4.96 53.33
N ASN U 3 -76.27 6.10 53.84
CA ASN U 3 -77.47 6.14 54.66
C ASN U 3 -78.74 5.91 53.85
N LEU U 4 -78.66 5.92 52.52
CA LEU U 4 -79.85 5.66 51.71
C LEU U 4 -80.30 4.21 51.85
N TYR U 5 -79.35 3.29 52.00
CA TYR U 5 -79.66 1.87 52.14
C TYR U 5 -80.41 1.34 50.92
N ARG U 6 -79.95 1.73 49.73
CA ARG U 6 -80.55 1.25 48.50
C ARG U 6 -80.22 -0.20 48.21
N ASP U 7 -79.03 -0.66 48.63
CA ASP U 7 -78.65 -2.05 48.38
C ASP U 7 -79.59 -3.04 49.03
N LEU U 8 -80.36 -2.61 50.03
CA LEU U 8 -81.31 -3.47 50.72
C LEU U 8 -82.69 -3.48 50.10
N ALA U 9 -82.93 -2.64 49.10
CA ALA U 9 -84.26 -2.55 48.51
C ALA U 9 -84.44 -3.61 47.43
N PRO U 10 -85.63 -4.19 47.29
CA PRO U 10 -85.89 -5.18 46.22
C PRO U 10 -86.20 -4.52 44.88
N ILE U 11 -85.21 -3.79 44.36
CA ILE U 11 -85.37 -3.04 43.11
C ILE U 11 -84.13 -3.26 42.26
N THR U 12 -84.34 -3.44 40.96
CA THR U 12 -83.26 -3.70 40.03
C THR U 12 -82.62 -2.38 39.55
N GLU U 13 -81.47 -2.52 38.90
CA GLU U 13 -80.75 -1.34 38.41
C GLU U 13 -81.59 -0.59 37.38
N SER U 14 -82.26 -1.31 36.48
CA SER U 14 -83.06 -0.65 35.46
C SER U 14 -84.22 0.14 36.07
N ALA U 15 -84.92 -0.46 37.03
CA ALA U 15 -86.01 0.25 37.67
C ALA U 15 -85.50 1.45 38.47
N TRP U 16 -84.35 1.30 39.12
CA TRP U 16 -83.74 2.44 39.81
C TRP U 16 -83.46 3.56 38.83
N ALA U 17 -82.91 3.24 37.66
CA ALA U 17 -82.63 4.25 36.66
C ALA U 17 -83.90 4.93 36.18
N GLU U 18 -84.95 4.14 35.94
CA GLU U 18 -86.22 4.72 35.50
C GLU U 18 -86.77 5.68 36.54
N ILE U 19 -86.76 5.28 37.81
CA ILE U 19 -87.30 6.13 38.86
C ILE U 19 -86.48 7.41 38.98
N GLU U 20 -85.15 7.30 38.95
CA GLU U 20 -84.31 8.48 39.05
C GLU U 20 -84.57 9.43 37.88
N LEU U 21 -84.67 8.90 36.67
CA LEU U 21 -84.91 9.73 35.50
C LEU U 21 -86.25 10.44 35.61
N GLU U 22 -87.30 9.70 36.01
CA GLU U 22 -88.62 10.30 36.10
C GLU U 22 -88.67 11.38 37.17
N ALA U 23 -88.03 11.17 38.32
CA ALA U 23 -88.03 12.19 39.35
C ALA U 23 -87.24 13.41 38.92
N THR U 24 -86.07 13.20 38.31
CA THR U 24 -85.24 14.33 37.89
C THR U 24 -85.98 15.18 36.87
N ARG U 25 -86.62 14.55 35.88
CA ARG U 25 -87.35 15.30 34.86
C ARG U 25 -88.43 16.17 35.48
N THR U 26 -89.25 15.59 36.35
CA THR U 26 -90.37 16.34 36.93
C THR U 26 -89.88 17.47 37.83
N PHE U 27 -88.84 17.20 38.64
CA PHE U 27 -88.32 18.25 39.51
C PHE U 27 -87.74 19.40 38.69
N LYS U 28 -86.96 19.08 37.66
CA LYS U 28 -86.38 20.12 36.82
C LYS U 28 -87.47 20.89 36.08
N ARG U 29 -88.60 20.23 35.80
CA ARG U 29 -89.73 20.94 35.21
C ARG U 29 -90.34 21.92 36.21
N HIS U 30 -90.61 21.48 37.43
CA HIS U 30 -91.40 22.24 38.37
C HIS U 30 -90.58 23.22 39.21
N ILE U 31 -89.26 23.22 39.08
CA ILE U 31 -88.39 24.07 39.89
C ILE U 31 -88.10 25.35 39.12
N ALA U 32 -88.07 26.48 39.83
CA ALA U 32 -87.85 27.78 39.22
C ALA U 32 -86.75 28.61 39.88
N GLY U 33 -86.62 28.56 41.21
CA GLY U 33 -85.65 29.42 41.88
C GLY U 33 -84.23 29.13 41.46
N ARG U 34 -83.92 27.86 41.19
CA ARG U 34 -82.58 27.46 40.80
C ARG U 34 -82.12 28.13 39.51
N ARG U 35 -83.06 28.64 38.71
CA ARG U 35 -82.74 29.31 37.45
C ARG U 35 -82.43 30.79 37.63
N VAL U 36 -82.70 31.37 38.81
CA VAL U 36 -82.50 32.80 39.02
C VAL U 36 -81.72 33.07 40.30
N VAL U 37 -81.27 32.02 40.99
CA VAL U 37 -80.51 32.18 42.22
C VAL U 37 -79.20 31.42 42.11
N ASP U 38 -78.13 32.01 42.63
CA ASP U 38 -76.85 31.33 42.70
C ASP U 38 -76.97 30.12 43.63
N VAL U 39 -76.33 29.02 43.24
CA VAL U 39 -76.39 27.77 43.98
C VAL U 39 -74.99 27.43 44.45
N SER U 40 -74.83 27.26 45.77
CA SER U 40 -73.59 26.78 46.34
C SER U 40 -73.65 25.26 46.38
N GLY U 41 -72.84 24.62 45.55
CA GLY U 41 -72.89 23.19 45.37
C GLY U 41 -72.84 22.43 46.68
N PRO U 42 -73.21 21.15 46.66
CA PRO U 42 -73.22 20.36 47.90
C PRO U 42 -71.86 20.39 48.57
N ASN U 43 -71.88 20.69 49.87
CA ASN U 43 -70.66 20.72 50.67
C ASN U 43 -70.48 19.47 51.51
N GLY U 44 -71.38 18.49 51.39
CA GLY U 44 -71.23 17.22 52.07
C GLY U 44 -72.21 17.05 53.21
N PRO U 45 -72.43 15.80 53.64
CA PRO U 45 -73.35 15.56 54.75
C PRO U 45 -72.88 16.16 56.07
N THR U 46 -71.59 16.46 56.21
CA THR U 46 -71.07 17.06 57.43
C THR U 46 -71.47 18.53 57.59
N THR U 47 -71.95 19.16 56.53
CA THR U 47 -72.32 20.57 56.59
C THR U 47 -73.65 20.73 57.30
N ALA U 48 -73.70 21.65 58.27
CA ALA U 48 -74.89 21.86 59.08
C ALA U 48 -75.35 23.31 59.15
N SER U 49 -74.47 24.27 58.88
CA SER U 49 -74.84 25.68 59.02
C SER U 49 -73.98 26.51 58.08
N VAL U 50 -74.42 27.74 57.85
CA VAL U 50 -73.72 28.70 57.00
C VAL U 50 -73.42 29.94 57.84
N SER U 51 -72.14 30.29 57.94
CA SER U 51 -71.74 31.46 58.70
C SER U 51 -72.21 32.72 58.01
N THR U 52 -72.61 33.73 58.80
CA THR U 52 -72.98 35.03 58.25
C THR U 52 -71.90 36.08 58.46
N GLY U 53 -70.91 35.81 59.29
CA GLY U 53 -69.86 36.78 59.57
C GLY U 53 -70.25 37.86 60.56
N HIS U 54 -71.46 37.79 61.11
CA HIS U 54 -71.92 38.75 62.11
C HIS U 54 -71.65 38.23 63.51
N LEU U 55 -71.76 39.14 64.48
CA LEU U 55 -71.53 38.83 65.88
C LEU U 55 -72.75 39.19 66.70
N LEU U 56 -72.97 38.45 67.78
CA LEU U 56 -74.08 38.69 68.69
C LEU U 56 -73.55 38.89 70.11
N ASP U 57 -74.13 39.85 70.82
CA ASP U 57 -73.69 40.15 72.18
C ASP U 57 -74.11 39.04 73.13
N VAL U 58 -73.29 38.79 74.13
CA VAL U 58 -73.51 37.71 75.08
C VAL U 58 -72.85 38.07 76.41
N SER U 59 -73.41 37.54 77.50
CA SER U 59 -72.90 37.84 78.83
C SER U 59 -71.47 37.33 78.96
N PRO U 60 -70.56 38.12 79.54
CA PRO U 60 -69.17 37.68 79.59
C PRO U 60 -68.97 36.59 80.63
N PRO U 61 -67.95 35.75 80.47
CA PRO U 61 -67.60 34.81 81.55
C PRO U 61 -67.22 35.50 82.84
N GLY U 62 -66.55 36.64 82.76
CA GLY U 62 -66.07 37.30 83.95
C GLY U 62 -65.67 38.73 83.67
N ASP U 63 -65.00 39.33 84.66
CA ASP U 63 -64.63 40.73 84.58
C ASP U 63 -63.50 40.95 83.56
N GLY U 64 -63.55 42.09 82.88
CA GLY U 64 -62.52 42.43 81.93
C GLY U 64 -62.53 41.64 80.66
N VAL U 65 -63.63 40.95 80.36
CA VAL U 65 -63.73 40.09 79.18
C VAL U 65 -64.95 40.51 78.37
N ILE U 66 -64.75 40.64 77.06
CA ILE U 66 -65.83 40.98 76.13
C ILE U 66 -66.10 39.73 75.30
N ALA U 67 -67.37 39.32 75.26
CA ALA U 67 -67.77 38.06 74.62
C ALA U 67 -68.77 38.34 73.52
N HIS U 68 -68.60 37.65 72.39
CA HIS U 68 -69.52 37.73 71.27
C HIS U 68 -69.70 36.34 70.66
N LEU U 69 -70.90 36.08 70.16
CA LEU U 69 -71.21 34.80 69.52
C LEU U 69 -71.27 34.97 68.01
N ARG U 70 -70.66 34.02 67.31
CA ARG U 70 -70.71 34.00 65.85
C ARG U 70 -72.08 33.56 65.39
N ASP U 71 -72.55 34.15 64.29
CA ASP U 71 -73.91 33.96 63.81
C ASP U 71 -73.92 33.04 62.60
N ALA U 72 -74.79 32.03 62.64
CA ALA U 72 -74.89 31.05 61.56
C ALA U 72 -76.35 30.75 61.30
N LYS U 73 -76.63 30.34 60.07
CA LYS U 73 -77.95 29.95 59.61
C LYS U 73 -78.00 28.43 59.51
N PRO U 74 -78.88 27.75 60.24
CA PRO U 74 -78.92 26.29 60.15
C PRO U 74 -79.55 25.82 58.84
N LEU U 75 -79.21 24.58 58.49
CA LEU U 75 -79.75 23.92 57.31
C LEU U 75 -80.91 23.03 57.72
N VAL U 76 -81.91 22.93 56.85
CA VAL U 76 -83.12 22.16 57.11
C VAL U 76 -83.20 21.03 56.09
N ARG U 77 -83.57 19.84 56.58
CA ARG U 77 -83.70 18.65 55.74
C ARG U 77 -85.18 18.41 55.44
N LEU U 78 -85.51 18.31 54.17
CA LEU U 78 -86.88 18.06 53.72
C LEU U 78 -86.92 16.65 53.15
N ARG U 79 -87.86 15.84 53.66
CA ARG U 79 -88.04 14.46 53.26
C ARG U 79 -89.50 14.23 52.90
N VAL U 80 -89.73 13.73 51.69
CA VAL U 80 -91.08 13.44 51.21
C VAL U 80 -91.18 11.95 50.92
N PRO U 81 -92.01 11.20 51.65
CA PRO U 81 -92.12 9.76 51.40
C PRO U 81 -93.16 9.43 50.34
N PHE U 82 -92.95 8.29 49.69
CA PHE U 82 -93.88 7.77 48.71
C PHE U 82 -93.74 6.25 48.65
N THR U 83 -94.70 5.62 47.97
CA THR U 83 -94.79 4.16 47.91
C THR U 83 -94.84 3.72 46.46
N VAL U 84 -94.17 2.59 46.17
CA VAL U 84 -94.10 2.05 44.82
C VAL U 84 -94.49 0.57 44.85
N ALA U 85 -94.99 0.09 43.72
CA ALA U 85 -95.49 -1.26 43.61
C ALA U 85 -94.44 -2.21 43.04
N ARG U 86 -94.25 -3.34 43.74
CA ARG U 86 -93.28 -4.33 43.32
C ARG U 86 -93.61 -4.96 41.98
N ARG U 87 -94.89 -5.00 41.61
CA ARG U 87 -95.26 -5.49 40.28
C ARG U 87 -94.75 -4.58 39.17
N ASP U 88 -94.96 -3.27 39.32
CA ASP U 88 -94.39 -2.32 38.37
C ASP U 88 -92.87 -2.37 38.37
N ILE U 89 -92.26 -2.58 39.54
CA ILE U 89 -90.81 -2.73 39.58
C ILE U 89 -90.37 -3.96 38.79
N ASP U 90 -91.05 -5.09 38.98
CA ASP U 90 -90.61 -6.34 38.37
C ASP U 90 -90.84 -6.32 36.86
N ASP U 91 -91.91 -5.65 36.40
CA ASP U 91 -92.21 -5.66 34.98
C ASP U 91 -91.09 -5.05 34.14
N VAL U 92 -90.25 -4.20 34.73
CA VAL U 92 -89.23 -3.51 33.95
C VAL U 92 -88.25 -4.51 33.32
N GLU U 93 -87.79 -5.48 34.12
CA GLU U 93 -86.83 -6.45 33.60
C GLU U 93 -87.44 -7.33 32.52
N ARG U 94 -88.76 -7.34 32.39
CA ARG U 94 -89.44 -8.03 31.29
C ARG U 94 -89.59 -7.16 30.06
N GLY U 95 -88.81 -6.10 29.94
CA GLY U 95 -88.93 -5.19 28.82
C GLY U 95 -90.22 -4.39 28.80
N SER U 96 -90.78 -4.11 29.97
CA SER U 96 -91.96 -3.25 30.07
C SER U 96 -91.51 -1.81 30.21
N GLN U 97 -92.16 -0.93 29.46
CA GLN U 97 -91.86 0.50 29.50
C GLN U 97 -93.12 1.36 29.53
N ASP U 98 -94.16 0.91 30.24
CA ASP U 98 -95.31 1.75 30.58
C ASP U 98 -95.59 1.72 32.08
N SER U 99 -94.57 1.45 32.90
CA SER U 99 -94.77 1.31 34.33
C SER U 99 -95.22 2.62 34.96
N ASP U 100 -95.98 2.51 36.05
CA ASP U 100 -96.56 3.66 36.72
C ASP U 100 -95.56 4.24 37.72
N TRP U 101 -95.22 5.52 37.55
CA TRP U 101 -94.32 6.24 38.45
C TRP U 101 -94.98 7.52 38.94
N ASP U 102 -96.31 7.53 38.98
CA ASP U 102 -97.06 8.70 39.42
C ASP U 102 -96.73 9.11 40.85
N PRO U 103 -96.61 8.20 41.81
CA PRO U 103 -96.17 8.63 43.15
C PRO U 103 -94.80 9.31 43.13
N VAL U 104 -93.88 8.80 42.30
CA VAL U 104 -92.58 9.46 42.16
C VAL U 104 -92.76 10.88 41.67
N LYS U 105 -93.57 11.07 40.63
CA LYS U 105 -93.77 12.40 40.07
C LYS U 105 -94.41 13.33 41.10
N ASP U 106 -95.39 12.82 41.85
CA ASP U 106 -96.06 13.63 42.86
C ASP U 106 -95.10 14.06 43.96
N ALA U 107 -94.26 13.13 44.42
CA ALA U 107 -93.28 13.47 45.46
C ALA U 107 -92.29 14.51 44.95
N ALA U 108 -91.83 14.35 43.71
CA ALA U 108 -90.92 15.35 43.14
C ALA U 108 -91.58 16.71 43.07
N LYS U 109 -92.85 16.76 42.64
CA LYS U 109 -93.58 18.01 42.59
C LYS U 109 -93.69 18.64 43.98
N LYS U 110 -93.99 17.82 44.98
CA LYS U 110 -94.14 18.33 46.33
C LYS U 110 -92.82 18.93 46.84
N LEU U 111 -91.71 18.23 46.61
CA LEU U 111 -90.41 18.73 47.05
C LEU U 111 -90.05 20.03 46.34
N ALA U 112 -90.27 20.09 45.03
CA ALA U 112 -89.99 21.31 44.30
C ALA U 112 -90.84 22.46 44.83
N PHE U 113 -92.11 22.20 45.12
CA PHE U 113 -92.99 23.25 45.59
C PHE U 113 -92.54 23.78 46.95
N VAL U 114 -92.18 22.88 47.86
CA VAL U 114 -91.73 23.34 49.17
C VAL U 114 -90.44 24.14 49.05
N GLU U 115 -89.52 23.69 48.20
CA GLU U 115 -88.26 24.42 48.02
C GLU U 115 -88.53 25.83 47.47
N ASP U 116 -89.35 25.93 46.42
CA ASP U 116 -89.60 27.22 45.81
C ASP U 116 -90.37 28.13 46.75
N ARG U 117 -91.31 27.57 47.51
CA ARG U 117 -92.06 28.38 48.47
C ARG U 117 -91.20 28.86 49.62
N ALA U 118 -90.24 28.06 50.09
CA ALA U 118 -89.29 28.55 51.07
C ALA U 118 -88.41 29.65 50.49
N ILE U 119 -87.99 29.51 49.23
CA ILE U 119 -87.15 30.54 48.61
C ILE U 119 -87.91 31.85 48.48
N PHE U 120 -89.15 31.80 48.00
CA PHE U 120 -89.86 33.01 47.60
C PHE U 120 -90.83 33.56 48.64
N GLU U 121 -91.14 32.80 49.68
CA GLU U 121 -92.14 33.21 50.66
C GLU U 121 -91.66 33.11 52.10
N GLY U 122 -90.75 32.20 52.39
CA GLY U 122 -90.17 32.08 53.72
C GLY U 122 -90.66 30.85 54.46
N TYR U 123 -89.77 30.24 55.23
CA TYR U 123 -90.06 29.11 56.10
C TYR U 123 -89.51 29.49 57.47
N ALA U 124 -90.37 30.08 58.30
CA ALA U 124 -89.89 30.76 59.50
C ALA U 124 -89.20 29.80 60.46
N ALA U 125 -89.77 28.63 60.69
CA ALA U 125 -89.19 27.71 61.66
C ALA U 125 -87.77 27.34 61.31
N ALA U 126 -87.41 27.38 60.03
CA ALA U 126 -86.04 27.17 59.59
C ALA U 126 -85.25 28.47 59.53
N SER U 127 -85.78 29.56 60.07
CA SER U 127 -85.13 30.87 60.07
C SER U 127 -84.88 31.37 58.66
N ILE U 128 -85.73 30.96 57.71
CA ILE U 128 -85.60 31.34 56.31
C ILE U 128 -86.55 32.51 56.05
N GLU U 129 -85.99 33.68 55.79
CA GLU U 129 -86.76 34.83 55.38
C GLU U 129 -86.78 34.91 53.87
N GLY U 130 -87.98 34.93 53.30
CA GLY U 130 -88.14 34.86 51.86
C GLY U 130 -87.82 36.16 51.17
N ILE U 131 -87.74 36.08 49.83
CA ILE U 131 -87.50 37.26 49.01
C ILE U 131 -88.61 38.28 49.18
N ARG U 132 -89.86 37.84 49.30
CA ARG U 132 -90.97 38.77 49.46
C ARG U 132 -90.80 39.64 50.70
N SER U 133 -90.49 39.03 51.84
CA SER U 133 -90.31 39.80 53.07
C SER U 133 -89.02 40.61 53.04
N SER U 134 -87.93 40.00 52.58
CA SER U 134 -86.65 40.69 52.59
C SER U 134 -86.58 41.83 51.58
N SER U 135 -87.50 41.88 50.62
CA SER U 135 -87.47 42.94 49.62
C SER U 135 -87.74 44.29 50.27
N SER U 136 -86.96 45.30 49.86
CA SER U 136 -87.13 46.66 50.37
C SER U 136 -87.97 47.53 49.44
N ASN U 137 -87.94 47.27 48.14
CA ASN U 137 -88.75 48.05 47.22
C ASN U 137 -90.23 47.80 47.48
N PRO U 138 -91.08 48.81 47.30
CA PRO U 138 -92.50 48.63 47.62
C PRO U 138 -93.14 47.55 46.78
N ALA U 139 -94.06 46.82 47.40
CA ALA U 139 -94.78 45.75 46.71
C ALA U 139 -95.93 46.31 45.90
N LEU U 140 -96.27 45.63 44.81
CA LEU U 140 -97.38 46.03 43.94
C LEU U 140 -98.49 44.99 43.98
N ALA U 141 -99.59 45.33 43.34
CA ALA U 141 -100.78 44.47 43.27
C ALA U 141 -101.00 44.03 41.83
N LEU U 142 -101.20 42.73 41.63
CA LEU U 142 -101.43 42.19 40.31
C LEU U 142 -102.88 42.46 39.92
N PRO U 143 -103.15 43.17 38.84
CA PRO U 143 -104.56 43.46 38.49
C PRO U 143 -105.32 42.18 38.19
N ASP U 144 -106.62 42.22 38.53
CA ASP U 144 -107.48 41.07 38.24
C ASP U 144 -107.52 40.78 36.74
N ASP U 145 -107.60 41.82 35.93
CA ASP U 145 -107.57 41.65 34.49
C ASP U 145 -106.15 41.35 34.02
N ALA U 146 -106.03 40.68 32.88
CA ALA U 146 -104.73 40.31 32.35
C ALA U 146 -104.13 41.39 31.45
N ARG U 147 -104.91 42.42 31.10
CA ARG U 147 -104.43 43.41 30.14
C ARG U 147 -103.54 44.45 30.77
N GLU U 148 -103.65 44.66 32.09
CA GLU U 148 -102.90 45.70 32.79
C GLU U 148 -101.63 45.19 33.44
N ILE U 149 -101.37 43.87 33.37
CA ILE U 149 -100.18 43.32 34.01
C ILE U 149 -98.90 43.94 33.47
N PRO U 150 -98.73 44.13 32.15
CA PRO U 150 -97.48 44.72 31.66
C PRO U 150 -97.19 46.09 32.23
N ASP U 151 -98.22 46.90 32.49
CA ASP U 151 -98.00 48.20 33.09
C ASP U 151 -97.39 48.07 34.48
N VAL U 152 -97.91 47.12 35.27
CA VAL U 152 -97.38 46.91 36.61
C VAL U 152 -95.95 46.39 36.55
N ILE U 153 -95.66 45.52 35.57
CA ILE U 153 -94.29 45.03 35.42
C ILE U 153 -93.36 46.18 35.04
N ALA U 154 -93.81 47.08 34.18
CA ALA U 154 -93.00 48.24 33.85
C ALA U 154 -92.77 49.12 35.07
N GLN U 155 -93.78 49.28 35.91
CA GLN U 155 -93.61 50.02 37.16
C GLN U 155 -92.58 49.37 38.05
N ALA U 156 -92.62 48.04 38.18
CA ALA U 156 -91.66 47.34 39.01
C ALA U 156 -90.24 47.47 38.48
N LEU U 157 -90.09 47.37 37.15
CA LEU U 157 -88.78 47.61 36.56
C LEU U 157 -88.33 49.02 36.85
N SER U 158 -89.23 50.00 36.76
CA SER U 158 -88.88 51.37 37.10
C SER U 158 -88.41 51.46 38.55
N GLU U 159 -89.04 50.73 39.46
CA GLU U 159 -88.62 50.80 40.86
C GLU U 159 -87.22 50.22 41.07
N LEU U 160 -87.00 48.99 40.63
CA LEU U 160 -85.66 48.39 40.69
C LEU U 160 -84.62 49.33 40.09
N ARG U 161 -84.94 49.81 38.90
CA ARG U 161 -84.02 50.50 38.03
C ARG U 161 -83.82 51.95 38.43
N LEU U 162 -84.75 52.47 39.24
CA LEU U 162 -84.49 53.63 40.06
C LEU U 162 -83.51 53.29 41.18
N ALA U 163 -83.78 52.20 41.90
CA ALA U 163 -82.97 51.87 43.06
C ALA U 163 -81.52 51.64 42.70
N GLY U 164 -81.23 51.34 41.45
CA GLY U 164 -79.86 51.30 40.97
C GLY U 164 -79.30 49.93 40.68
N VAL U 165 -80.15 48.93 40.57
CA VAL U 165 -79.68 47.57 40.28
C VAL U 165 -79.60 47.38 38.77
N ASP U 166 -78.62 46.57 38.35
CA ASP U 166 -78.37 46.32 36.94
C ASP U 166 -78.37 44.82 36.64
N GLY U 167 -78.00 44.45 35.43
CA GLY U 167 -77.98 43.08 35.00
C GLY U 167 -79.31 42.65 34.42
N PRO U 168 -79.33 41.50 33.76
CA PRO U 168 -80.58 41.04 33.13
C PRO U 168 -81.69 40.92 34.16
N TYR U 169 -82.90 41.31 33.76
CA TYR U 169 -84.07 41.23 34.62
C TYR U 169 -84.95 40.07 34.17
N SER U 170 -85.66 39.49 35.14
CA SER U 170 -86.43 38.28 34.89
C SER U 170 -87.74 38.36 35.66
N VAL U 171 -88.79 37.78 35.07
CA VAL U 171 -90.13 37.78 35.63
C VAL U 171 -90.50 36.33 35.91
N LEU U 172 -90.83 36.04 37.16
CA LEU U 172 -91.33 34.73 37.58
C LEU U 172 -92.82 34.88 37.85
N LEU U 173 -93.63 34.11 37.14
CA LEU U 173 -95.08 34.21 37.23
C LEU U 173 -95.68 32.96 37.86
N SER U 174 -96.79 33.16 38.57
CA SER U 174 -97.47 32.07 39.24
C SER U 174 -98.15 31.17 38.21
N ALA U 175 -98.66 30.02 38.65
CA ALA U 175 -99.41 29.16 37.75
C ALA U 175 -100.67 29.86 37.25
N GLU U 176 -101.43 30.47 38.17
CA GLU U 176 -102.70 31.07 37.80
C GLU U 176 -102.47 32.30 36.92
N THR U 177 -101.43 33.09 37.22
CA THR U 177 -101.13 34.26 36.40
C THR U 177 -100.57 33.88 35.03
N TYR U 178 -99.71 32.86 34.97
CA TYR U 178 -99.17 32.41 33.70
C TYR U 178 -100.26 31.83 32.81
N THR U 179 -101.16 31.03 33.38
CA THR U 179 -102.31 30.55 32.62
C THR U 179 -103.11 31.72 32.06
N LYS U 180 -103.31 32.76 32.86
CA LYS U 180 -104.10 33.91 32.42
C LYS U 180 -103.41 34.61 31.25
N VAL U 181 -102.13 34.95 31.41
CA VAL U 181 -101.44 35.68 30.36
C VAL U 181 -101.28 34.82 29.11
N SER U 182 -101.24 33.50 29.27
CA SER U 182 -101.11 32.63 28.11
C SER U 182 -102.43 32.53 27.34
N GLU U 183 -103.52 32.21 28.04
CA GLU U 183 -104.81 32.08 27.38
C GLU U 183 -105.25 33.40 26.79
N THR U 184 -105.10 34.49 27.54
CA THR U 184 -105.49 35.81 27.05
C THR U 184 -104.59 36.23 25.90
N THR U 185 -105.19 36.95 24.94
CA THR U 185 -104.50 37.35 23.72
C THR U 185 -104.87 38.78 23.38
N ALA U 186 -104.01 39.43 22.60
CA ALA U 186 -104.25 40.80 22.15
C ALA U 186 -103.51 41.02 20.84
N HIS U 187 -104.22 41.56 19.84
CA HIS U 187 -103.63 41.87 18.54
C HIS U 187 -102.95 40.64 17.93
N GLY U 188 -103.46 39.45 18.25
CA GLY U 188 -102.89 38.24 17.72
C GLY U 188 -101.64 37.75 18.41
N TYR U 189 -101.31 38.27 19.59
CA TYR U 189 -100.23 37.74 20.41
C TYR U 189 -100.68 37.58 21.85
N PRO U 190 -100.18 36.58 22.57
CA PRO U 190 -100.52 36.44 23.99
C PRO U 190 -99.99 37.60 24.84
N ILE U 191 -100.71 37.84 25.93
CA ILE U 191 -100.26 38.82 26.90
C ILE U 191 -98.92 38.42 27.48
N ARG U 192 -98.60 37.12 27.48
CA ARG U 192 -97.28 36.68 27.92
C ARG U 192 -96.19 37.18 26.99
N GLU U 193 -96.41 37.12 25.67
CA GLU U 193 -95.43 37.71 24.75
C GLU U 193 -95.36 39.22 24.95
N HIS U 194 -96.52 39.85 25.16
CA HIS U 194 -96.50 41.27 25.51
C HIS U 194 -95.56 41.54 26.68
N ILE U 195 -95.65 40.72 27.73
CA ILE U 195 -94.76 40.89 28.88
C ILE U 195 -93.31 40.66 28.48
N ASN U 196 -93.05 39.57 27.76
CA ASN U 196 -91.69 39.21 27.38
C ASN U 196 -91.01 40.35 26.63
N ARG U 197 -91.76 41.10 25.84
CA ARG U 197 -91.17 42.16 25.03
C ARG U 197 -90.37 43.16 25.85
N LEU U 198 -90.71 43.34 27.13
CA LEU U 198 -90.10 44.38 27.94
C LEU U 198 -88.73 43.97 28.50
N VAL U 199 -88.65 42.79 29.10
CA VAL U 199 -87.45 42.40 29.83
C VAL U 199 -86.37 41.92 28.87
N ASP U 200 -85.15 41.87 29.38
CA ASP U 200 -84.00 41.36 28.65
C ASP U 200 -83.72 39.89 28.93
N GLY U 201 -84.21 39.37 30.06
CA GLY U 201 -83.95 38.00 30.44
C GLY U 201 -84.98 37.02 29.94
N GLU U 202 -85.64 36.31 30.85
CA GLU U 202 -86.57 35.25 30.50
C GLU U 202 -87.84 35.36 31.33
N ILE U 203 -88.89 34.71 30.85
CA ILE U 203 -90.13 34.54 31.60
C ILE U 203 -90.12 33.13 32.18
N ILE U 204 -90.41 33.00 33.48
CA ILE U 204 -90.25 31.74 34.19
C ILE U 204 -91.56 31.34 34.86
N TRP U 205 -91.86 30.04 34.82
CA TRP U 205 -92.95 29.43 35.56
C TRP U 205 -92.59 29.32 37.03
N ALA U 206 -93.48 29.78 37.90
CA ALA U 206 -93.30 29.61 39.34
C ALA U 206 -94.61 29.12 39.97
N PRO U 207 -94.98 27.86 39.79
CA PRO U 207 -96.29 27.41 40.30
C PRO U 207 -96.39 27.47 41.81
N ALA U 208 -95.28 27.19 42.49
CA ALA U 208 -95.27 27.15 43.95
C ALA U 208 -95.55 28.52 44.54
N ILE U 209 -95.03 29.58 43.92
CA ILE U 209 -95.19 30.93 44.47
C ILE U 209 -96.59 31.42 44.15
N ASP U 210 -96.99 32.50 44.82
CA ASP U 210 -98.30 33.12 44.61
C ASP U 210 -98.08 34.58 44.25
N GLY U 211 -98.50 34.97 43.06
CA GLY U 211 -98.33 36.34 42.60
C GLY U 211 -97.38 36.45 41.44
N ALA U 212 -96.40 37.35 41.55
CA ALA U 212 -95.39 37.52 40.51
C ALA U 212 -94.18 38.18 41.13
N PHE U 213 -93.03 38.04 40.46
CA PHE U 213 -91.79 38.61 40.97
C PHE U 213 -90.95 39.11 39.81
N VAL U 214 -90.42 40.33 39.93
CA VAL U 214 -89.47 40.86 38.95
C VAL U 214 -88.15 41.09 39.66
N LEU U 215 -87.08 40.44 39.20
CA LEU U 215 -85.83 40.49 39.93
C LEU U 215 -84.64 40.52 38.97
N SER U 216 -83.51 40.99 39.50
CA SER U 216 -82.28 41.04 38.74
C SER U 216 -81.51 39.73 38.87
N THR U 217 -80.70 39.43 37.85
CA THR U 217 -79.89 38.22 37.82
C THR U 217 -78.42 38.54 37.59
N ARG U 218 -77.99 39.72 38.00
CA ARG U 218 -76.57 40.06 37.90
C ARG U 218 -75.71 39.09 38.70
N GLY U 219 -76.19 38.70 39.88
CA GLY U 219 -75.46 37.76 40.73
C GLY U 219 -75.05 38.37 42.05
N GLY U 220 -74.89 37.53 43.06
CA GLY U 220 -74.45 37.98 44.37
C GLY U 220 -75.55 38.49 45.28
N ASP U 221 -76.82 38.32 44.92
CA ASP U 221 -77.93 38.79 45.74
C ASP U 221 -78.74 37.68 46.38
N PHE U 222 -78.77 36.49 45.79
CA PHE U 222 -79.51 35.37 46.36
C PHE U 222 -78.60 34.15 46.36
N ASP U 223 -78.65 33.37 47.44
CA ASP U 223 -77.79 32.19 47.59
C ASP U 223 -78.62 31.03 48.13
N LEU U 224 -78.70 29.96 47.36
CA LEU U 224 -79.33 28.71 47.79
C LEU U 224 -78.21 27.76 48.21
N GLN U 225 -78.05 27.56 49.52
CA GLN U 225 -77.01 26.70 50.05
C GLN U 225 -77.56 25.29 50.20
N LEU U 226 -76.85 24.32 49.61
CA LEU U 226 -77.21 22.91 49.68
C LEU U 226 -76.13 22.14 50.41
N GLY U 227 -76.54 21.30 51.36
CA GLY U 227 -75.62 20.38 51.98
C GLY U 227 -75.53 19.12 51.15
N THR U 228 -76.68 18.56 50.81
CA THR U 228 -76.78 17.43 49.89
C THR U 228 -77.92 17.70 48.92
N ASP U 229 -77.71 17.37 47.65
CA ASP U 229 -78.71 17.61 46.62
C ASP U 229 -79.83 16.59 46.77
N VAL U 230 -80.79 16.62 45.84
CA VAL U 230 -81.93 15.72 45.91
C VAL U 230 -81.44 14.28 45.80
N SER U 231 -81.95 13.43 46.69
CA SER U 231 -81.57 12.02 46.71
C SER U 231 -82.81 11.18 46.99
N ILE U 232 -82.77 9.92 46.57
CA ILE U 232 -83.87 8.98 46.78
C ILE U 232 -83.36 7.83 47.65
N GLY U 233 -84.13 7.51 48.69
CA GLY U 233 -83.74 6.47 49.64
C GLY U 233 -84.81 5.42 49.88
N TYR U 234 -84.51 4.50 50.80
CA TYR U 234 -85.37 3.36 51.10
C TYR U 234 -85.59 3.27 52.59
N LEU U 235 -86.83 3.07 53.02
CA LEU U 235 -87.15 2.89 54.44
C LEU U 235 -87.47 1.44 54.77
N SER U 236 -88.46 0.86 54.09
CA SER U 236 -88.88 -0.50 54.37
C SER U 236 -89.60 -1.04 53.14
N HIS U 237 -90.04 -2.30 53.21
CA HIS U 237 -90.69 -2.93 52.07
C HIS U 237 -91.61 -4.03 52.58
N ASP U 238 -92.46 -4.50 51.66
CA ASP U 238 -93.49 -5.48 51.97
C ASP U 238 -93.60 -6.41 50.76
N ALA U 239 -94.46 -7.42 50.87
CA ALA U 239 -94.67 -8.34 49.77
C ALA U 239 -95.27 -7.68 48.54
N GLU U 240 -95.80 -6.46 48.67
CA GLU U 240 -96.48 -5.78 47.58
C GLU U 240 -95.87 -4.43 47.23
N VAL U 241 -95.32 -3.72 48.21
CA VAL U 241 -94.91 -2.33 48.02
C VAL U 241 -93.53 -2.11 48.63
N VAL U 242 -92.91 -0.99 48.23
CA VAL U 242 -91.67 -0.51 48.83
C VAL U 242 -91.86 0.96 49.18
N HIS U 243 -91.39 1.37 50.35
CA HIS U 243 -91.50 2.74 50.80
C HIS U 243 -90.16 3.45 50.61
N LEU U 244 -90.18 4.55 49.85
CA LEU U 244 -89.01 5.35 49.54
C LEU U 244 -89.26 6.79 49.95
N TYR U 245 -88.21 7.61 49.87
CA TYR U 245 -88.34 9.02 50.19
C TYR U 245 -87.41 9.82 49.30
N MET U 246 -87.77 11.07 49.05
CA MET U 246 -86.91 12.03 48.38
C MET U 246 -86.47 13.07 49.40
N GLU U 247 -85.17 13.31 49.47
CA GLU U 247 -84.55 14.06 50.55
C GLU U 247 -83.64 15.14 49.99
N GLU U 248 -83.64 16.30 50.65
CA GLU U 248 -82.66 17.34 50.33
C GLU U 248 -82.46 18.25 51.54
N THR U 249 -81.21 18.65 51.76
CA THR U 249 -80.85 19.52 52.88
C THR U 249 -80.40 20.88 52.34
N MET U 250 -81.09 21.94 52.76
CA MET U 250 -80.92 23.23 52.11
C MET U 250 -81.17 24.37 53.10
N THR U 251 -80.80 25.57 52.64
CA THR U 251 -81.23 26.83 53.24
C THR U 251 -81.09 27.90 52.17
N PHE U 252 -81.73 29.05 52.41
CA PHE U 252 -81.74 30.15 51.46
C PHE U 252 -81.38 31.45 52.15
N LEU U 253 -80.60 32.28 51.47
CA LEU U 253 -80.19 33.58 51.99
C LEU U 253 -80.38 34.65 50.92
N CYS U 254 -80.92 35.80 51.33
CA CYS U 254 -81.00 36.99 50.49
C CYS U 254 -80.11 38.06 51.07
N TYR U 255 -79.25 38.64 50.24
CA TYR U 255 -78.28 39.64 50.68
C TYR U 255 -78.65 41.05 50.24
N THR U 256 -79.20 41.20 49.03
CA THR U 256 -79.59 42.50 48.49
C THR U 256 -81.11 42.59 48.50
N ALA U 257 -81.64 43.52 49.29
CA ALA U 257 -83.08 43.67 49.42
C ALA U 257 -83.68 44.50 48.28
N GLU U 258 -82.84 45.18 47.50
CA GLU U 258 -83.32 46.09 46.46
C GLU U 258 -83.26 45.49 45.07
N ALA U 259 -82.95 44.20 44.92
CA ALA U 259 -82.80 43.55 43.63
C ALA U 259 -84.07 42.83 43.17
N SER U 260 -85.19 42.99 43.89
CA SER U 260 -86.41 42.29 43.56
C SER U 260 -87.61 43.16 43.87
N VAL U 261 -88.72 42.88 43.19
CA VAL U 261 -90.00 43.53 43.40
C VAL U 261 -91.06 42.44 43.39
N ALA U 262 -91.97 42.50 44.36
CA ALA U 262 -92.99 41.48 44.53
C ALA U 262 -94.35 42.05 44.16
N LEU U 263 -95.18 41.23 43.51
CA LEU U 263 -96.54 41.60 43.14
C LEU U 263 -97.47 40.56 43.73
N THR U 264 -98.42 41.03 44.54
CA THR U 264 -99.31 40.15 45.27
C THR U 264 -100.65 40.00 44.54
N PRO U 265 -101.28 38.82 44.60
CA PRO U 265 -102.54 38.61 43.90
C PRO U 265 -103.64 39.60 44.29
N ASN V 2 49.81 -75.08 9.86
CA ASN V 2 50.79 -75.09 10.95
C ASN V 2 51.46 -76.46 11.04
N ASN V 3 52.27 -76.64 12.09
CA ASN V 3 53.05 -77.86 12.22
C ASN V 3 52.19 -79.07 12.59
N LEU V 4 50.93 -78.86 12.96
CA LEU V 4 50.06 -79.99 13.27
C LEU V 4 49.77 -80.83 12.03
N TYR V 5 49.65 -80.18 10.87
CA TYR V 5 49.37 -80.86 9.62
C TYR V 5 48.03 -81.60 9.69
N ARG V 6 47.01 -80.94 10.24
CA ARG V 6 45.69 -81.54 10.32
C ARG V 6 45.00 -81.57 8.97
N ASP V 7 45.28 -80.59 8.09
CA ASP V 7 44.63 -80.57 6.78
C ASP V 7 44.95 -81.80 5.95
N LEU V 8 46.02 -82.52 6.29
CA LEU V 8 46.43 -83.72 5.57
C LEU V 8 45.80 -84.99 6.12
N ALA V 9 45.09 -84.91 7.24
CA ALA V 9 44.54 -86.11 7.86
C ALA V 9 43.19 -86.46 7.25
N PRO V 10 42.88 -87.74 7.08
CA PRO V 10 41.56 -88.15 6.54
C PRO V 10 40.47 -88.14 7.61
N ILE V 11 40.19 -86.96 8.15
CA ILE V 11 39.22 -86.79 9.22
C ILE V 11 38.36 -85.58 8.91
N THR V 12 37.06 -85.70 9.16
CA THR V 12 36.11 -84.64 8.89
C THR V 12 36.05 -83.65 10.05
N GLU V 13 35.40 -82.51 9.78
CA GLU V 13 35.28 -81.47 10.80
C GLU V 13 34.51 -81.97 12.02
N SER V 14 33.43 -82.72 11.78
CA SER V 14 32.63 -83.22 12.89
C SER V 14 33.43 -84.18 13.78
N ALA V 15 34.17 -85.10 13.16
CA ALA V 15 34.98 -86.02 13.94
C ALA V 15 36.10 -85.28 14.67
N TRP V 16 36.70 -84.29 14.03
CA TRP V 16 37.69 -83.46 14.72
C TRP V 16 37.09 -82.81 15.95
N ALA V 17 35.89 -82.25 15.82
CA ALA V 17 35.23 -81.62 16.95
C ALA V 17 34.96 -82.61 18.06
N GLU V 18 34.47 -83.81 17.69
CA GLU V 18 34.21 -84.83 18.71
C GLU V 18 35.48 -85.20 19.46
N ILE V 19 36.57 -85.41 18.73
CA ILE V 19 37.83 -85.81 19.37
C ILE V 19 38.33 -84.70 20.28
N GLU V 20 38.28 -83.44 19.82
CA GLU V 20 38.73 -82.33 20.64
C GLU V 20 37.89 -82.22 21.91
N LEU V 21 36.57 -82.34 21.79
CA LEU V 21 35.70 -82.25 22.94
C LEU V 21 36.00 -83.35 23.94
N GLU V 22 36.14 -84.59 23.45
CA GLU V 22 36.39 -85.72 24.34
C GLU V 22 37.73 -85.57 25.06
N ALA V 23 38.77 -85.13 24.36
CA ALA V 23 40.06 -84.95 25.01
C ALA V 23 40.02 -83.82 26.03
N THR V 24 39.39 -82.70 25.67
CA THR V 24 39.32 -81.57 26.59
C THR V 24 38.59 -81.96 27.87
N ARG V 25 37.46 -82.65 27.74
CA ARG V 25 36.68 -83.04 28.92
C ARG V 25 37.52 -83.91 29.85
N THR V 26 38.18 -84.93 29.31
CA THR V 26 38.93 -85.86 30.14
C THR V 26 40.13 -85.18 30.80
N PHE V 27 40.84 -84.33 30.03
CA PHE V 27 41.99 -83.64 30.61
C PHE V 27 41.55 -82.70 31.73
N LYS V 28 40.48 -81.94 31.50
CA LYS V 28 39.99 -81.03 32.53
C LYS V 28 39.49 -81.79 33.75
N ARG V 29 39.01 -83.03 33.54
CA ARG V 29 38.65 -83.87 34.67
C ARG V 29 39.88 -84.28 35.47
N HIS V 30 40.90 -84.77 34.79
CA HIS V 30 42.03 -85.42 35.46
C HIS V 30 43.13 -84.46 35.89
N ILE V 31 43.02 -83.18 35.56
CA ILE V 31 44.05 -82.20 35.87
C ILE V 31 43.69 -81.50 37.17
N ALA V 32 44.71 -81.24 38.01
CA ALA V 32 44.52 -80.63 39.31
C ALA V 32 45.40 -79.42 39.58
N GLY V 33 46.66 -79.43 39.13
CA GLY V 33 47.57 -78.33 39.46
C GLY V 33 47.10 -77.01 38.91
N ARG V 34 46.47 -77.02 37.73
CA ARG V 34 45.99 -75.80 37.10
C ARG V 34 44.97 -75.07 37.94
N ARG V 35 44.33 -75.76 38.89
CA ARG V 35 43.34 -75.15 39.77
C ARG V 35 43.95 -74.48 41.00
N VAL V 36 45.23 -74.69 41.27
CA VAL V 36 45.86 -74.15 42.47
C VAL V 36 47.17 -73.45 42.15
N VAL V 37 47.53 -73.36 40.86
CA VAL V 37 48.76 -72.70 40.46
C VAL V 37 48.45 -71.63 39.42
N ASP V 38 49.13 -70.50 39.52
CA ASP V 38 49.02 -69.46 38.51
C ASP V 38 49.55 -69.98 37.18
N VAL V 39 48.87 -69.62 36.09
CA VAL V 39 49.20 -70.08 34.76
C VAL V 39 49.57 -68.88 33.91
N SER V 40 50.79 -68.89 33.36
CA SER V 40 51.21 -67.88 32.40
C SER V 40 50.80 -68.34 31.01
N GLY V 41 49.83 -67.65 30.43
CA GLY V 41 49.23 -68.08 29.18
C GLY V 41 50.26 -68.35 28.10
N PRO V 42 49.86 -69.04 27.04
CA PRO V 42 50.82 -69.38 25.97
C PRO V 42 51.49 -68.13 25.43
N ASN V 43 52.82 -68.19 25.34
CA ASN V 43 53.61 -67.09 24.81
C ASN V 43 54.04 -67.32 23.37
N GLY V 44 53.63 -68.43 22.76
CA GLY V 44 53.91 -68.69 21.37
C GLY V 44 54.94 -69.78 21.17
N PRO V 45 54.98 -70.37 19.96
CA PRO V 45 55.96 -71.42 19.69
C PRO V 45 57.40 -70.93 19.75
N THR V 46 57.64 -69.63 19.62
CA THR V 46 58.99 -69.08 19.68
C THR V 46 59.57 -69.10 21.10
N THR V 47 58.73 -69.29 22.12
CA THR V 47 59.20 -69.28 23.49
C THR V 47 59.91 -70.58 23.81
N ALA V 48 61.10 -70.47 24.40
CA ALA V 48 61.93 -71.63 24.71
C ALA V 48 62.41 -71.70 26.14
N SER V 49 62.45 -70.58 26.86
CA SER V 49 62.99 -70.57 28.22
C SER V 49 62.35 -69.43 29.00
N VAL V 50 62.48 -69.51 30.32
CA VAL V 50 61.96 -68.50 31.24
C VAL V 50 63.13 -67.97 32.06
N SER V 51 63.35 -66.66 32.00
CA SER V 51 64.42 -66.03 32.74
C SER V 51 64.12 -66.09 34.23
N THR V 52 65.17 -66.27 35.05
CA THR V 52 65.02 -66.23 36.49
C THR V 52 65.54 -64.94 37.10
N GLY V 53 66.27 -64.13 36.35
CA GLY V 53 66.83 -62.90 36.87
C GLY V 53 68.09 -63.08 37.68
N HIS V 54 68.59 -64.31 37.81
CA HIS V 54 69.81 -64.59 38.54
C HIS V 54 71.01 -64.60 37.60
N LEU V 55 72.19 -64.56 38.19
CA LEU V 55 73.45 -64.55 37.46
C LEU V 55 74.32 -65.70 37.91
N LEU V 56 75.14 -66.21 36.99
CA LEU V 56 76.06 -67.30 37.26
C LEU V 56 77.48 -66.87 36.90
N ASP V 57 78.43 -67.24 37.75
CA ASP V 57 79.82 -66.87 37.52
C ASP V 57 80.40 -67.66 36.36
N VAL V 58 81.30 -67.03 35.62
CA VAL V 58 81.89 -67.61 34.43
C VAL V 58 83.27 -67.01 34.20
N SER V 59 84.15 -67.80 33.58
CA SER V 59 85.52 -67.35 33.33
C SER V 59 85.51 -66.13 32.43
N PRO V 60 86.30 -65.10 32.73
CA PRO V 60 86.25 -63.88 31.92
C PRO V 60 86.92 -64.08 30.58
N PRO V 61 86.53 -63.31 29.56
CA PRO V 61 87.30 -63.33 28.30
C PRO V 61 88.74 -62.90 28.47
N GLY V 62 89.00 -61.94 29.36
CA GLY V 62 90.35 -61.42 29.50
C GLY V 62 90.50 -60.63 30.77
N ASP V 63 91.63 -59.92 30.86
CA ASP V 63 91.97 -59.19 32.07
C ASP V 63 91.08 -57.96 32.23
N GLY V 64 90.76 -57.64 33.48
CA GLY V 64 89.96 -56.46 33.77
C GLY V 64 88.51 -56.57 33.40
N VAL V 65 88.01 -57.78 33.16
CA VAL V 65 86.63 -57.99 32.72
C VAL V 65 85.97 -58.97 33.68
N ILE V 66 84.76 -58.62 34.11
CA ILE V 66 83.95 -59.48 34.98
C ILE V 66 82.78 -59.99 34.14
N ALA V 67 82.61 -61.31 34.13
CA ALA V 67 81.63 -61.97 33.26
C ALA V 67 80.64 -62.75 34.11
N HIS V 68 79.36 -62.67 33.74
CA HIS V 68 78.30 -63.42 34.39
C HIS V 68 77.31 -63.91 33.33
N LEU V 69 76.73 -65.08 33.57
CA LEU V 69 75.75 -65.65 32.66
C LEU V 69 74.35 -65.53 33.25
N ARG V 70 73.41 -65.12 32.40
CA ARG V 70 72.02 -65.04 32.79
C ARG V 70 71.43 -66.43 32.91
N ASP V 71 70.55 -66.63 33.89
CA ASP V 71 70.01 -67.94 34.23
C ASP V 71 68.58 -68.07 33.72
N ALA V 72 68.31 -69.18 33.03
CA ALA V 72 67.00 -69.43 32.46
C ALA V 72 66.64 -70.89 32.66
N LYS V 73 65.33 -71.14 32.71
CA LYS V 73 64.77 -72.47 32.85
C LYS V 73 64.23 -72.91 31.50
N PRO V 74 64.71 -74.01 30.91
CA PRO V 74 64.20 -74.43 29.61
C PRO V 74 62.80 -75.03 29.72
N LEU V 75 62.10 -75.00 28.59
CA LEU V 75 60.78 -75.59 28.46
C LEU V 75 60.90 -76.98 27.85
N VAL V 76 60.01 -77.88 28.29
CA VAL V 76 60.03 -79.27 27.85
C VAL V 76 58.72 -79.55 27.11
N ARG V 77 58.83 -80.26 25.99
CA ARG V 77 57.68 -80.63 25.17
C ARG V 77 57.31 -82.08 25.45
N LEU V 78 56.05 -82.31 25.80
CA LEU V 78 55.53 -83.64 26.08
C LEU V 78 54.57 -84.00 24.95
N ARG V 79 54.82 -85.16 24.33
CA ARG V 79 54.02 -85.67 23.22
C ARG V 79 53.59 -87.10 23.53
N VAL V 80 52.28 -87.33 23.46
CA VAL V 80 51.72 -88.66 23.72
C VAL V 80 51.01 -89.13 22.45
N PRO V 81 51.47 -90.19 21.79
CA PRO V 81 50.81 -90.65 20.58
C PRO V 81 49.69 -91.64 20.85
N PHE V 82 48.74 -91.68 19.93
CA PHE V 82 47.64 -92.62 19.98
C PHE V 82 47.13 -92.88 18.57
N THR V 83 46.28 -93.90 18.44
CA THR V 83 45.80 -94.37 17.16
C THR V 83 44.28 -94.40 17.16
N VAL V 84 43.69 -94.03 16.02
CA VAL V 84 42.24 -93.98 15.87
C VAL V 84 41.83 -94.75 14.62
N ALA V 85 40.59 -95.25 14.63
CA ALA V 85 40.09 -96.08 13.56
C ALA V 85 39.28 -95.27 12.56
N ARG V 86 39.62 -95.44 11.27
CA ARG V 86 38.94 -94.74 10.20
C ARG V 86 37.47 -95.10 10.09
N ARG V 87 37.08 -96.30 10.52
CA ARG V 87 35.67 -96.66 10.54
C ARG V 87 34.88 -95.83 11.55
N ASP V 88 35.41 -95.69 12.77
CA ASP V 88 34.78 -94.81 13.74
C ASP V 88 34.79 -93.36 13.27
N ILE V 89 35.85 -92.94 12.58
CA ILE V 89 35.87 -91.59 12.02
C ILE V 89 34.75 -91.42 10.99
N ASP V 90 34.60 -92.39 10.08
CA ASP V 90 33.65 -92.25 8.99
C ASP V 90 32.21 -92.32 9.49
N ASP V 91 31.96 -93.12 10.53
CA ASP V 91 30.59 -93.28 11.01
C ASP V 91 29.98 -91.97 11.49
N VAL V 92 30.80 -90.99 11.87
CA VAL V 92 30.27 -89.75 12.42
C VAL V 92 29.40 -89.02 11.40
N GLU V 93 29.88 -88.91 10.16
CA GLU V 93 29.11 -88.20 9.15
C GLU V 93 27.81 -88.91 8.81
N ARG V 94 27.66 -90.17 9.21
CA ARG V 94 26.41 -90.91 9.08
C ARG V 94 25.48 -90.70 10.25
N GLY V 95 25.69 -89.66 11.05
CA GLY V 95 24.88 -89.43 12.22
C GLY V 95 25.08 -90.45 13.32
N SER V 96 26.28 -91.03 13.41
CA SER V 96 26.60 -91.94 14.51
C SER V 96 27.17 -91.14 15.67
N GLN V 97 26.70 -91.46 16.87
CA GLN V 97 27.15 -90.79 18.09
C GLN V 97 27.43 -91.78 19.22
N ASP V 98 27.97 -92.97 18.91
CA ASP V 98 28.51 -93.88 19.90
C ASP V 98 29.94 -94.29 19.54
N SER V 99 30.66 -93.47 18.78
CA SER V 99 31.98 -93.83 18.31
C SER V 99 32.96 -93.97 19.46
N ASP V 100 33.96 -94.83 19.27
CA ASP V 100 34.94 -95.15 20.30
C ASP V 100 36.07 -94.13 20.28
N TRP V 101 36.29 -93.45 21.40
CA TRP V 101 37.37 -92.48 21.56
C TRP V 101 38.21 -92.82 22.79
N ASP V 102 38.23 -94.10 23.15
CA ASP V 102 38.99 -94.55 24.32
C ASP V 102 40.47 -94.25 24.21
N PRO V 103 41.13 -94.47 23.07
CA PRO V 103 42.54 -94.06 22.97
C PRO V 103 42.74 -92.57 23.21
N VAL V 104 41.81 -91.74 22.72
CA VAL V 104 41.89 -90.31 23.00
C VAL V 104 41.82 -90.05 24.50
N LYS V 105 40.88 -90.68 25.18
CA LYS V 105 40.74 -90.47 26.61
C LYS V 105 41.98 -90.93 27.36
N ASP V 106 42.53 -92.08 26.96
CA ASP V 106 43.73 -92.61 27.61
C ASP V 106 44.92 -91.67 27.43
N ALA V 107 45.10 -91.15 26.21
CA ALA V 107 46.21 -90.22 25.96
C ALA V 107 46.04 -88.94 26.78
N ALA V 108 44.81 -88.43 26.85
CA ALA V 108 44.58 -87.24 27.67
C ALA V 108 44.89 -87.51 29.12
N LYS V 109 44.48 -88.67 29.64
CA LYS V 109 44.80 -89.04 31.02
C LYS V 109 46.29 -89.10 31.23
N LYS V 110 47.02 -89.71 30.29
CA LYS V 110 48.46 -89.84 30.42
C LYS V 110 49.14 -88.47 30.46
N LEU V 111 48.72 -87.56 29.57
CA LEU V 111 49.31 -86.22 29.54
C LEU V 111 49.01 -85.47 30.83
N ALA V 112 47.77 -85.54 31.31
CA ALA V 112 47.44 -84.88 32.56
C ALA V 112 48.27 -85.43 33.71
N PHE V 113 48.46 -86.75 33.74
CA PHE V 113 49.21 -87.37 34.83
C PHE V 113 50.67 -86.92 34.80
N VAL V 114 51.28 -86.90 33.62
CA VAL V 114 52.67 -86.47 33.55
C VAL V 114 52.80 -85.00 33.96
N GLU V 115 51.87 -84.16 33.52
CA GLU V 115 51.94 -82.75 33.89
C GLU V 115 51.82 -82.57 35.41
N ASP V 116 50.82 -83.23 36.02
CA ASP V 116 50.62 -83.08 37.46
C ASP V 116 51.78 -83.66 38.25
N ARG V 117 52.33 -84.79 37.79
CA ARG V 117 53.48 -85.38 38.47
C ARG V 117 54.73 -84.54 38.35
N ALA V 118 54.95 -83.88 37.22
CA ALA V 118 56.04 -82.92 37.13
C ALA V 118 55.83 -81.73 38.06
N ILE V 119 54.59 -81.25 38.16
CA ILE V 119 54.31 -80.11 39.04
C ILE V 119 54.56 -80.48 40.49
N PHE V 120 54.07 -81.64 40.93
CA PHE V 120 54.03 -81.96 42.35
C PHE V 120 55.17 -82.85 42.84
N GLU V 121 55.94 -83.44 41.94
CA GLU V 121 56.99 -84.38 42.33
C GLU V 121 58.34 -84.09 41.69
N GLY V 122 58.36 -83.48 40.52
CA GLY V 122 59.60 -83.08 39.88
C GLY V 122 59.94 -83.95 38.68
N TYR V 123 60.51 -83.33 37.66
CA TYR V 123 61.01 -83.99 36.46
C TYR V 123 62.44 -83.49 36.28
N ALA V 124 63.39 -84.23 36.83
CA ALA V 124 64.75 -83.71 36.98
C ALA V 124 65.39 -83.38 35.65
N ALA V 125 65.26 -84.27 34.66
CA ALA V 125 65.93 -84.05 33.38
C ALA V 125 65.50 -82.75 32.74
N ALA V 126 64.29 -82.27 33.04
CA ALA V 126 63.83 -80.98 32.58
C ALA V 126 64.16 -79.86 33.56
N SER V 127 64.99 -80.14 34.57
CA SER V 127 65.38 -79.17 35.59
C SER V 127 64.17 -78.66 36.36
N ILE V 128 63.15 -79.50 36.50
CA ILE V 128 61.92 -79.14 37.20
C ILE V 128 62.01 -79.72 38.61
N GLU V 129 62.11 -78.84 39.60
CA GLU V 129 62.04 -79.24 40.99
C GLU V 129 60.61 -79.09 41.48
N GLY V 130 60.07 -80.18 42.00
CA GLY V 130 58.67 -80.22 42.38
C GLY V 130 58.39 -79.50 43.69
N ILE V 131 57.09 -79.33 43.95
CA ILE V 131 56.66 -78.70 45.19
C ILE V 131 57.11 -79.51 46.40
N ARG V 132 57.07 -80.84 46.31
CA ARG V 132 57.49 -81.67 47.43
C ARG V 132 58.92 -81.39 47.84
N SER V 133 59.85 -81.37 46.88
CA SER V 133 61.24 -81.11 47.19
C SER V 133 61.48 -79.65 47.58
N SER V 134 60.87 -78.72 46.85
CA SER V 134 61.09 -77.31 47.11
C SER V 134 60.47 -76.85 48.42
N SER V 135 59.55 -77.63 48.99
CA SER V 135 58.91 -77.23 50.24
C SER V 135 59.92 -77.19 51.37
N SER V 136 59.83 -76.13 52.19
CA SER V 136 60.72 -75.98 53.35
C SER V 136 60.07 -76.47 54.64
N ASN V 137 58.76 -76.39 54.75
CA ASN V 137 58.09 -76.87 55.95
C ASN V 137 58.25 -78.39 56.07
N PRO V 138 58.36 -78.91 57.29
CA PRO V 138 58.60 -80.36 57.43
C PRO V 138 57.47 -81.17 56.85
N ALA V 139 57.83 -82.31 56.27
CA ALA V 139 56.85 -83.22 55.68
C ALA V 139 56.23 -84.10 56.75
N LEU V 140 54.98 -84.51 56.52
CA LEU V 140 54.26 -85.37 57.44
C LEU V 140 53.98 -86.72 56.79
N ALA V 141 53.44 -87.63 57.59
CA ALA V 141 53.11 -88.99 57.15
C ALA V 141 51.61 -89.18 57.21
N LEU V 142 51.03 -89.70 56.13
CA LEU V 142 49.61 -89.93 56.06
C LEU V 142 49.29 -91.22 56.82
N PRO V 143 48.46 -91.19 57.86
CA PRO V 143 48.20 -92.43 58.61
C PRO V 143 47.53 -93.48 57.74
N ASP V 144 47.84 -94.74 58.04
CA ASP V 144 47.22 -95.85 57.31
C ASP V 144 45.71 -95.82 57.47
N ASP V 145 45.23 -95.55 58.67
CA ASP V 145 43.80 -95.43 58.91
C ASP V 145 43.28 -94.10 58.37
N ALA V 146 42.00 -94.06 58.03
CA ALA V 146 41.40 -92.85 57.48
C ALA V 146 40.87 -91.91 58.55
N ARG V 147 40.82 -92.35 59.81
CA ARG V 147 40.20 -91.54 60.85
C ARG V 147 41.12 -90.46 61.39
N GLU V 148 42.44 -90.64 61.24
CA GLU V 148 43.43 -89.71 61.79
C GLU V 148 43.91 -88.69 60.78
N ILE V 149 43.46 -88.78 59.52
CA ILE V 149 43.93 -87.85 58.50
C ILE V 149 43.61 -86.40 58.86
N PRO V 150 42.41 -86.07 59.35
CA PRO V 150 42.13 -84.66 59.68
C PRO V 150 43.08 -84.08 60.70
N ASP V 151 43.55 -84.87 61.66
CA ASP V 151 44.51 -84.36 62.63
C ASP V 151 45.80 -83.96 61.95
N VAL V 152 46.28 -84.78 61.00
CA VAL V 152 47.51 -84.45 60.28
C VAL V 152 47.32 -83.22 59.43
N ILE V 153 46.13 -83.08 58.82
CA ILE V 153 45.85 -81.88 58.03
C ILE V 153 45.84 -80.64 58.92
N ALA V 154 45.28 -80.76 60.12
CA ALA V 154 45.31 -79.63 61.05
C ALA V 154 46.74 -79.29 61.45
N GLN V 155 47.57 -80.31 61.64
CA GLN V 155 48.99 -80.06 61.94
C GLN V 155 49.67 -79.33 60.79
N ALA V 156 49.40 -79.73 59.55
CA ALA V 156 50.00 -79.08 58.40
C ALA V 156 49.54 -77.63 58.27
N LEU V 157 48.25 -77.39 58.51
CA LEU V 157 47.77 -76.01 58.53
C LEU V 157 48.47 -75.23 59.62
N SER V 158 48.66 -75.83 60.80
CA SER V 158 49.39 -75.16 61.86
C SER V 158 50.81 -74.82 61.41
N GLU V 159 51.46 -75.71 60.66
CA GLU V 159 52.82 -75.42 60.21
C GLU V 159 52.87 -74.24 59.24
N LEU V 160 52.09 -74.32 58.16
CA LEU V 160 51.99 -73.20 57.22
C LEU V 160 51.70 -71.90 57.96
N ARG V 161 50.70 -71.97 58.82
CA ARG V 161 50.08 -70.81 59.43
C ARG V 161 50.90 -70.28 60.60
N LEU V 162 51.81 -71.11 61.11
CA LEU V 162 52.94 -70.63 61.88
C LEU V 162 53.92 -69.88 60.98
N ALA V 163 54.29 -70.50 59.85
CA ALA V 163 55.31 -69.92 58.99
C ALA V 163 54.92 -68.55 58.48
N GLY V 164 53.63 -68.24 58.47
CA GLY V 164 53.19 -66.89 58.18
C GLY V 164 52.51 -66.69 56.85
N VAL V 165 52.10 -67.76 56.19
CA VAL V 165 51.43 -67.64 54.90
C VAL V 165 49.94 -67.47 55.12
N ASP V 166 49.31 -66.71 54.22
CA ASP V 166 47.89 -66.40 54.31
C ASP V 166 47.17 -66.77 53.01
N GLY V 167 45.90 -66.39 52.91
CA GLY V 167 45.09 -66.70 51.76
C GLY V 167 44.40 -68.04 51.90
N PRO V 168 43.42 -68.30 51.04
CA PRO V 168 42.68 -69.56 51.14
C PRO V 168 43.61 -70.76 51.06
N TYR V 169 43.32 -71.77 51.87
CA TYR V 169 44.10 -73.00 51.89
C TYR V 169 43.33 -74.11 51.19
N SER V 170 44.08 -75.03 50.58
CA SER V 170 43.47 -76.07 49.76
C SER V 170 44.22 -77.39 49.99
N VAL V 171 43.47 -78.48 49.91
CA VAL V 171 43.98 -79.82 50.13
C VAL V 171 43.82 -80.60 48.83
N LEU V 172 44.93 -81.11 48.31
CA LEU V 172 44.93 -81.97 47.13
C LEU V 172 45.22 -83.38 47.61
N LEU V 173 44.31 -84.30 47.32
CA LEU V 173 44.41 -85.68 47.81
C LEU V 173 44.63 -86.64 46.65
N SER V 174 45.35 -87.72 46.95
CA SER V 174 45.66 -88.73 45.95
C SER V 174 44.40 -89.51 45.60
N ALA V 175 44.48 -90.35 44.57
CA ALA V 175 43.36 -91.21 44.24
C ALA V 175 43.08 -92.19 45.37
N GLU V 176 44.12 -92.85 45.89
CA GLU V 176 43.93 -93.87 46.91
C GLU V 176 43.45 -93.24 48.21
N THR V 177 43.97 -92.06 48.56
CA THR V 177 43.54 -91.38 49.78
C THR V 177 42.13 -90.82 49.65
N TYR V 178 41.79 -90.26 48.50
CA TYR V 178 40.45 -89.74 48.28
C TYR V 178 39.41 -90.86 48.30
N THR V 179 39.71 -91.99 47.67
CA THR V 179 38.83 -93.14 47.76
C THR V 179 38.62 -93.55 49.21
N LYS V 180 39.70 -93.54 50.00
CA LYS V 180 39.61 -93.95 51.40
C LYS V 180 38.70 -93.00 52.18
N VAL V 181 38.96 -91.70 52.09
CA VAL V 181 38.18 -90.74 52.86
C VAL V 181 36.74 -90.69 52.37
N SER V 182 36.50 -91.02 51.10
CA SER V 182 35.14 -91.03 50.59
C SER V 182 34.36 -92.24 51.07
N GLU V 183 34.92 -93.44 50.89
CA GLU V 183 34.24 -94.65 51.32
C GLU V 183 34.05 -94.67 52.83
N THR V 184 35.09 -94.30 53.57
CA THR V 184 35.01 -94.28 55.03
C THR V 184 34.04 -93.20 55.49
N THR V 185 33.32 -93.49 56.58
CA THR V 185 32.29 -92.61 57.09
C THR V 185 32.38 -92.55 58.61
N ALA V 186 31.83 -91.48 59.17
CA ALA V 186 31.80 -91.30 60.63
C ALA V 186 30.63 -90.41 60.99
N HIS V 187 29.82 -90.85 61.96
CA HIS V 187 28.67 -90.08 62.44
C HIS V 187 27.74 -89.70 61.29
N GLY V 188 27.69 -90.54 60.25
CA GLY V 188 26.84 -90.26 59.13
C GLY V 188 27.36 -89.25 58.13
N TYR V 189 28.65 -88.91 58.19
CA TYR V 189 29.29 -88.09 57.17
C TYR V 189 30.62 -88.70 56.75
N PRO V 190 31.02 -88.56 55.49
CA PRO V 190 32.33 -89.06 55.07
C PRO V 190 33.48 -88.32 55.74
N ILE V 191 34.59 -89.05 55.86
CA ILE V 191 35.82 -88.45 56.37
C ILE V 191 36.26 -87.32 55.46
N ARG V 192 35.89 -87.36 54.18
CA ARG V 192 36.20 -86.25 53.28
C ARG V 192 35.48 -84.99 53.69
N GLU V 193 34.19 -85.09 54.06
CA GLU V 193 33.50 -83.91 54.59
C GLU V 193 34.13 -83.46 55.90
N HIS V 194 34.50 -84.42 56.75
CA HIS V 194 35.24 -84.06 57.95
C HIS V 194 36.46 -83.20 57.61
N ILE V 195 37.23 -83.60 56.59
CA ILE V 195 38.38 -82.81 56.17
C ILE V 195 37.95 -81.44 55.66
N ASN V 196 36.95 -81.41 54.78
CA ASN V 196 36.50 -80.16 54.18
C ASN V 196 36.12 -79.14 55.24
N ARG V 197 35.58 -79.59 56.37
CA ARG V 197 35.12 -78.66 57.40
C ARG V 197 36.21 -77.71 57.86
N LEU V 198 37.48 -78.10 57.76
CA LEU V 198 38.57 -77.32 58.33
C LEU V 198 39.00 -76.18 57.42
N VAL V 199 39.23 -76.46 56.14
CA VAL V 199 39.83 -75.48 55.24
C VAL V 199 38.79 -74.48 54.76
N ASP V 200 39.27 -73.37 54.23
CA ASP V 200 38.44 -72.34 53.64
C ASP V 200 38.28 -72.49 52.13
N GLY V 201 39.20 -73.20 51.48
CA GLY V 201 39.17 -73.35 50.04
C GLY V 201 38.39 -74.55 49.58
N GLU V 202 39.04 -75.45 48.85
CA GLU V 202 38.38 -76.59 48.24
C GLU V 202 39.20 -77.86 48.46
N ILE V 203 38.53 -78.99 48.29
CA ILE V 203 39.18 -80.31 48.28
C ILE V 203 39.33 -80.72 46.82
N ILE V 204 40.52 -81.16 46.42
CA ILE V 204 40.83 -81.41 45.02
C ILE V 204 41.34 -82.84 44.84
N TRP V 205 40.91 -83.46 43.75
CA TRP V 205 41.43 -84.74 43.28
C TRP V 205 42.81 -84.56 42.67
N ALA V 206 43.76 -85.38 43.10
CA ALA V 206 45.09 -85.39 42.49
C ALA V 206 45.53 -86.82 42.24
N PRO V 207 44.99 -87.50 41.23
CA PRO V 207 45.32 -88.93 41.04
C PRO V 207 46.79 -89.15 40.71
N ALA V 208 47.37 -88.23 39.95
CA ALA V 208 48.75 -88.35 39.51
C ALA V 208 49.71 -88.33 40.68
N ILE V 209 49.44 -87.49 41.68
CA ILE V 209 50.36 -87.33 42.81
C ILE V 209 50.18 -88.51 43.75
N ASP V 210 51.13 -88.69 44.67
CA ASP V 210 51.09 -89.75 45.66
C ASP V 210 51.18 -89.11 47.04
N GLY V 211 50.15 -89.30 47.85
CA GLY V 211 50.12 -88.73 49.18
C GLY V 211 49.05 -87.67 49.35
N ALA V 212 49.43 -86.51 49.86
CA ALA V 212 48.50 -85.40 50.02
C ALA V 212 49.31 -84.12 50.11
N PHE V 213 48.63 -82.99 49.85
CA PHE V 213 49.31 -81.70 49.88
C PHE V 213 48.35 -80.65 50.43
N VAL V 214 48.83 -79.83 51.36
CA VAL V 214 48.07 -78.69 51.86
C VAL V 214 48.83 -77.43 51.50
N LEU V 215 48.21 -76.53 50.73
CA LEU V 215 48.94 -75.38 50.22
C LEU V 215 48.05 -74.15 50.18
N SER V 216 48.71 -72.99 50.14
CA SER V 216 48.02 -71.72 50.06
C SER V 216 47.77 -71.34 48.60
N THR V 217 46.71 -70.55 48.38
CA THR V 217 46.34 -70.09 47.05
C THR V 217 46.23 -68.58 46.99
N ARG V 218 46.97 -67.88 47.85
CA ARG V 218 47.00 -66.41 47.79
C ARG V 218 47.48 -65.93 46.43
N GLY V 219 48.50 -66.60 45.87
CA GLY V 219 49.04 -66.23 44.58
C GLY V 219 50.49 -65.81 44.65
N GLY V 220 51.21 -65.97 43.56
CA GLY V 220 52.60 -65.55 43.48
C GLY V 220 53.61 -66.56 44.01
N ASP V 221 53.19 -67.79 44.31
CA ASP V 221 54.10 -68.80 44.83
C ASP V 221 54.37 -69.94 43.85
N PHE V 222 53.47 -70.23 42.93
CA PHE V 222 53.67 -71.29 41.95
C PHE V 222 53.33 -70.74 40.58
N ASP V 223 54.13 -71.09 39.57
CA ASP V 223 53.94 -70.60 38.21
C ASP V 223 54.10 -71.75 37.23
N LEU V 224 53.04 -72.03 36.47
CA LEU V 224 53.09 -73.01 35.38
C LEU V 224 53.22 -72.23 34.08
N GLN V 225 54.42 -72.26 33.49
CA GLN V 225 54.69 -71.54 32.26
C GLN V 225 54.40 -72.45 31.07
N LEU V 226 53.57 -71.97 30.15
CA LEU V 226 53.22 -72.70 28.94
C LEU V 226 53.70 -71.94 27.72
N GLY V 227 54.36 -72.64 26.81
CA GLY V 227 54.70 -72.06 25.52
C GLY V 227 53.53 -72.23 24.57
N THR V 228 53.02 -73.45 24.48
CA THR V 228 51.82 -73.76 23.73
C THR V 228 50.95 -74.69 24.56
N ASP V 229 49.64 -74.44 24.56
CA ASP V 229 48.72 -75.25 25.34
C ASP V 229 48.55 -76.61 24.68
N VAL V 230 47.66 -77.43 25.23
CA VAL V 230 47.44 -78.78 24.70
C VAL V 230 46.92 -78.68 23.29
N SER V 231 47.52 -79.48 22.39
CA SER V 231 47.13 -79.49 20.99
C SER V 231 47.13 -80.92 20.49
N ILE V 232 46.37 -81.19 19.44
CA ILE V 232 46.27 -82.51 18.82
C ILE V 232 46.77 -82.40 17.39
N GLY V 233 47.66 -83.33 17.01
CA GLY V 233 48.27 -83.33 15.69
C GLY V 233 48.18 -84.64 14.96
N TYR V 234 48.79 -84.69 13.77
CA TYR V 234 48.73 -85.84 12.88
C TYR V 234 50.13 -86.22 12.44
N LEU V 235 50.46 -87.51 12.49
CA LEU V 235 51.77 -87.99 12.02
C LEU V 235 51.65 -88.72 10.69
N SER V 236 50.82 -89.75 10.62
CA SER V 236 50.68 -90.55 9.41
C SER V 236 49.34 -91.26 9.46
N HIS V 237 49.04 -92.03 8.41
CA HIS V 237 47.75 -92.71 8.33
C HIS V 237 47.90 -93.93 7.44
N ASP V 238 46.88 -94.79 7.50
CA ASP V 238 46.86 -96.06 6.80
C ASP V 238 45.44 -96.31 6.32
N ALA V 239 45.24 -97.41 5.60
CA ALA V 239 43.91 -97.75 5.12
C ALA V 239 42.92 -98.03 6.24
N GLU V 240 43.40 -98.23 7.47
CA GLU V 240 42.54 -98.60 8.59
C GLU V 240 42.62 -97.63 9.75
N VAL V 241 43.77 -97.00 9.98
CA VAL V 241 44.00 -96.22 11.20
C VAL V 241 44.66 -94.89 10.85
N VAL V 242 44.62 -93.97 11.80
CA VAL V 242 45.35 -92.71 11.73
C VAL V 242 46.11 -92.53 13.04
N HIS V 243 47.35 -92.08 12.95
CA HIS V 243 48.19 -91.86 14.12
C HIS V 243 48.23 -90.37 14.45
N LEU V 244 47.83 -90.03 15.68
CA LEU V 244 47.78 -88.67 16.16
C LEU V 244 48.59 -88.56 17.45
N TYR V 245 48.77 -87.33 17.93
CA TYR V 245 49.49 -87.11 19.17
C TYR V 245 48.88 -85.92 19.88
N MET V 246 49.01 -85.91 21.21
CA MET V 246 48.66 -84.77 22.04
C MET V 246 49.95 -84.17 22.58
N GLU V 247 50.10 -82.86 22.41
CA GLU V 247 51.36 -82.17 22.63
C GLU V 247 51.15 -80.96 23.53
N GLU V 248 52.12 -80.71 24.41
CA GLU V 248 52.13 -79.46 25.18
C GLU V 248 53.56 -79.14 25.62
N THR V 249 53.91 -77.86 25.57
CA THR V 249 55.23 -77.39 25.96
C THR V 249 55.12 -76.55 27.23
N MET V 250 55.82 -76.97 28.29
CA MET V 250 55.59 -76.40 29.60
C MET V 250 56.86 -76.43 30.44
N THR V 251 56.78 -75.71 31.57
CA THR V 251 57.72 -75.85 32.67
C THR V 251 57.01 -75.33 33.92
N PHE V 252 57.57 -75.66 35.09
CA PHE V 252 56.98 -75.29 36.37
C PHE V 252 58.03 -74.66 37.26
N LEU V 253 57.64 -73.63 38.00
CA LEU V 253 58.51 -72.94 38.93
C LEU V 253 57.80 -72.74 40.27
N CYS V 254 58.53 -72.99 41.36
CA CYS V 254 58.07 -72.68 42.71
C CYS V 254 58.96 -71.60 43.28
N TYR V 255 58.34 -70.54 43.80
CA TYR V 255 59.07 -69.39 44.33
C TYR V 255 59.05 -69.32 45.85
N THR V 256 57.94 -69.70 46.48
CA THR V 256 57.80 -69.67 47.93
C THR V 256 57.81 -71.11 48.44
N ALA V 257 58.84 -71.45 49.22
CA ALA V 257 58.98 -72.79 49.73
C ALA V 257 58.13 -73.05 50.97
N GLU V 258 57.60 -71.99 51.59
CA GLU V 258 56.86 -72.11 52.84
C GLU V 258 55.34 -72.09 52.66
N ALA V 259 54.84 -72.11 51.43
CA ALA V 259 53.42 -72.02 51.15
C ALA V 259 52.75 -73.38 50.97
N SER V 260 53.47 -74.48 51.24
CA SER V 260 52.93 -75.81 51.03
C SER V 260 53.47 -76.76 52.08
N VAL V 261 52.72 -77.83 52.32
CA VAL V 261 53.10 -78.91 53.22
C VAL V 261 52.76 -80.21 52.52
N ALA V 262 53.69 -81.16 52.56
CA ALA V 262 53.54 -82.43 51.86
C ALA V 262 53.34 -83.55 52.87
N LEU V 263 52.46 -84.50 52.53
CA LEU V 263 52.20 -85.67 53.36
C LEU V 263 52.45 -86.90 52.51
N THR V 264 53.35 -87.76 52.98
CA THR V 264 53.78 -88.92 52.21
C THR V 264 53.01 -90.17 52.66
N PRO V 265 52.72 -91.09 51.73
CA PRO V 265 51.97 -92.30 52.09
C PRO V 265 52.63 -93.12 53.20
N ASN W 2 -11.96 26.96 -85.71
CA ASN W 2 -10.91 27.78 -86.29
C ASN W 2 -11.21 28.06 -87.76
N ASN W 3 -10.26 28.69 -88.45
CA ASN W 3 -10.47 29.10 -89.83
C ASN W 3 -10.49 27.93 -90.80
N LEU W 4 -10.10 26.74 -90.36
CA LEU W 4 -10.13 25.57 -91.24
C LEU W 4 -11.57 25.19 -91.58
N TYR W 5 -12.49 25.36 -90.63
CA TYR W 5 -13.89 25.01 -90.82
C TYR W 5 -14.05 23.53 -91.15
N ARG W 6 -13.35 22.68 -90.42
CA ARG W 6 -13.47 21.25 -90.60
C ARG W 6 -14.78 20.70 -90.07
N ASP W 7 -15.32 21.31 -89.01
CA ASP W 7 -16.58 20.82 -88.44
C ASP W 7 -17.73 20.88 -89.43
N LEU W 8 -17.60 21.68 -90.49
CA LEU W 8 -18.64 21.82 -91.49
C LEU W 8 -18.49 20.83 -92.65
N ALA W 9 -17.40 20.07 -92.68
CA ALA W 9 -17.17 19.16 -93.80
C ALA W 9 -17.89 17.83 -93.57
N PRO W 10 -18.42 17.20 -94.61
CA PRO W 10 -19.07 15.89 -94.47
C PRO W 10 -18.06 14.74 -94.45
N ILE W 11 -17.20 14.74 -93.44
CA ILE W 11 -16.14 13.75 -93.31
C ILE W 11 -16.09 13.27 -91.86
N THR W 12 -15.90 11.96 -91.68
CA THR W 12 -15.86 11.36 -90.37
C THR W 12 -14.47 11.46 -89.76
N GLU W 13 -14.40 11.16 -88.46
CA GLU W 13 -13.13 11.23 -87.75
C GLU W 13 -12.11 10.24 -88.33
N SER W 14 -12.57 9.03 -88.65
CA SER W 14 -11.67 8.03 -89.20
C SER W 14 -11.09 8.46 -90.55
N ALA W 15 -11.95 8.98 -91.43
CA ALA W 15 -11.46 9.44 -92.72
C ALA W 15 -10.53 10.64 -92.56
N TRP W 16 -10.84 11.54 -91.64
CA TRP W 16 -9.93 12.65 -91.35
C TRP W 16 -8.57 12.13 -90.92
N ALA W 17 -8.55 11.13 -90.03
CA ALA W 17 -7.29 10.56 -89.58
C ALA W 17 -6.52 9.93 -90.73
N GLU W 18 -7.23 9.18 -91.59
CA GLU W 18 -6.56 8.56 -92.74
C GLU W 18 -5.94 9.61 -93.64
N ILE W 19 -6.68 10.67 -93.94
CA ILE W 19 -6.17 11.71 -94.84
C ILE W 19 -4.96 12.40 -94.21
N GLU W 20 -5.04 12.73 -92.92
CA GLU W 20 -3.92 13.38 -92.25
C GLU W 20 -2.69 12.49 -92.27
N LEU W 21 -2.86 11.20 -91.97
CA LEU W 21 -1.74 10.28 -91.96
C LEU W 21 -1.10 10.18 -93.34
N GLU W 22 -1.93 10.03 -94.37
CA GLU W 22 -1.41 9.89 -95.73
C GLU W 22 -0.67 11.15 -96.17
N ALA W 23 -1.19 12.33 -95.86
CA ALA W 23 -0.50 13.55 -96.25
C ALA W 23 0.80 13.72 -95.48
N THR W 24 0.79 13.44 -94.17
CA THR W 24 2.00 13.59 -93.37
C THR W 24 3.10 12.67 -93.88
N ARG W 25 2.76 11.41 -94.16
CA ARG W 25 3.76 10.45 -94.63
C ARG W 25 4.41 10.93 -95.92
N THR W 26 3.59 11.35 -96.89
CA THR W 26 4.13 11.74 -98.19
C THR W 26 4.96 13.00 -98.08
N PHE W 27 4.49 13.99 -97.29
CA PHE W 27 5.26 15.22 -97.13
C PHE W 27 6.61 14.94 -96.46
N LYS W 28 6.60 14.14 -95.40
CA LYS W 28 7.85 13.82 -94.71
C LYS W 28 8.78 13.02 -95.61
N ARG W 29 8.21 12.25 -96.56
CA ARG W 29 9.04 11.57 -97.54
C ARG W 29 9.69 12.56 -98.49
N HIS W 30 8.92 13.49 -99.04
CA HIS W 30 9.38 14.33 -100.13
C HIS W 30 10.09 15.60 -99.68
N ILE W 31 10.15 15.87 -98.38
CA ILE W 31 10.75 17.09 -97.86
C ILE W 31 12.19 16.80 -97.48
N ALA W 32 13.08 17.77 -97.76
CA ALA W 32 14.50 17.62 -97.50
C ALA W 32 15.12 18.77 -96.72
N GLY W 33 14.71 20.02 -96.96
CA GLY W 33 15.35 21.15 -96.30
C GLY W 33 15.21 21.10 -94.79
N ARG W 34 14.07 20.61 -94.30
CA ARG W 34 13.82 20.53 -92.87
C ARG W 34 14.83 19.66 -92.14
N ARG W 35 15.53 18.78 -92.86
CA ARG W 35 16.53 17.90 -92.27
C ARG W 35 17.91 18.55 -92.17
N VAL W 36 18.12 19.69 -92.80
CA VAL W 36 19.44 20.34 -92.80
C VAL W 36 19.35 21.82 -92.44
N VAL W 37 18.15 22.30 -92.10
CA VAL W 37 17.97 23.70 -91.74
C VAL W 37 17.29 23.78 -90.38
N ASP W 38 17.73 24.72 -89.56
CA ASP W 38 17.06 24.99 -88.29
C ASP W 38 15.65 25.48 -88.55
N VAL W 39 14.71 25.02 -87.72
CA VAL W 39 13.30 25.35 -87.87
C VAL W 39 12.85 26.10 -86.63
N SER W 40 12.33 27.32 -86.83
CA SER W 40 11.72 28.08 -85.76
C SER W 40 10.25 27.70 -85.68
N GLY W 41 9.88 27.00 -84.61
CA GLY W 41 8.55 26.44 -84.48
C GLY W 41 7.46 27.45 -84.73
N PRO W 42 6.23 26.99 -84.95
CA PRO W 42 5.13 27.91 -85.23
C PRO W 42 4.98 28.94 -84.13
N ASN W 43 4.90 30.21 -84.53
CA ASN W 43 4.73 31.31 -83.59
C ASN W 43 3.29 31.80 -83.53
N GLY W 44 2.37 31.17 -84.26
CA GLY W 44 0.97 31.50 -84.19
C GLY W 44 0.47 32.21 -85.43
N PRO W 45 -0.85 32.21 -85.64
CA PRO W 45 -1.41 32.90 -86.81
C PRO W 45 -1.19 34.41 -86.78
N THR W 46 -0.93 34.99 -85.62
CA THR W 46 -0.69 36.42 -85.51
C THR W 46 0.66 36.84 -86.08
N THR W 47 1.57 35.89 -86.31
CA THR W 47 2.89 36.22 -86.81
C THR W 47 2.83 36.52 -88.29
N ALA W 48 3.44 37.64 -88.69
CA ALA W 48 3.40 38.10 -90.08
C ALA W 48 4.76 38.41 -90.67
N SER W 49 5.78 38.67 -89.85
CA SER W 49 7.08 39.06 -90.38
C SER W 49 8.15 38.67 -89.37
N VAL W 50 9.40 38.66 -89.84
CA VAL W 50 10.56 38.34 -89.03
C VAL W 50 11.52 39.53 -89.09
N SER W 51 11.85 40.09 -87.93
CA SER W 51 12.76 41.22 -87.87
C SER W 51 14.16 40.77 -88.25
N THR W 52 14.90 41.65 -88.94
CA THR W 52 16.29 41.38 -89.26
C THR W 52 17.26 42.17 -88.39
N GLY W 53 16.78 43.16 -87.65
CA GLY W 53 17.65 43.97 -86.82
C GLY W 53 18.39 45.06 -87.57
N HIS W 54 18.16 45.19 -88.87
CA HIS W 54 18.79 46.22 -89.68
C HIS W 54 17.91 47.45 -89.76
N LEU W 55 18.50 48.55 -90.22
CA LEU W 55 17.81 49.82 -90.35
C LEU W 55 17.92 50.31 -91.79
N LEU W 56 16.90 51.05 -92.23
CA LEU W 56 16.85 51.62 -93.57
C LEU W 56 16.65 53.13 -93.47
N ASP W 57 17.37 53.87 -94.31
CA ASP W 57 17.28 55.32 -94.29
C ASP W 57 15.94 55.78 -94.86
N VAL W 58 15.43 56.88 -94.32
CA VAL W 58 14.13 57.40 -94.70
C VAL W 58 14.11 58.91 -94.48
N SER W 59 13.29 59.60 -95.27
CA SER W 59 13.20 61.05 -95.18
C SER W 59 12.70 61.46 -93.80
N PRO W 60 13.30 62.46 -93.16
CA PRO W 60 12.89 62.81 -91.80
C PRO W 60 11.55 63.53 -91.80
N PRO W 61 10.80 63.46 -90.70
CA PRO W 61 9.60 64.30 -90.58
C PRO W 61 9.91 65.79 -90.64
N GLY W 62 11.03 66.21 -90.09
CA GLY W 62 11.34 67.62 -90.02
C GLY W 62 12.79 67.86 -89.69
N ASP W 63 13.10 69.12 -89.39
CA ASP W 63 14.47 69.53 -89.14
C ASP W 63 14.98 68.98 -87.80
N GLY W 64 16.26 68.65 -87.77
CA GLY W 64 16.88 68.17 -86.55
C GLY W 64 16.47 66.78 -86.13
N VAL W 65 15.88 66.00 -87.04
CA VAL W 65 15.38 64.67 -86.72
C VAL W 65 16.00 63.67 -87.70
N ILE W 66 16.50 62.57 -87.16
CA ILE W 66 17.07 61.48 -87.96
C ILE W 66 16.10 60.30 -87.87
N ALA W 67 15.70 59.80 -89.03
CA ALA W 67 14.67 58.76 -89.12
C ALA W 67 15.23 57.52 -89.79
N HIS W 68 14.89 56.35 -89.26
CA HIS W 68 15.27 55.07 -89.83
C HIS W 68 14.11 54.09 -89.71
N LEU W 69 13.99 53.21 -90.69
CA LEU W 69 12.93 52.20 -90.69
C LEU W 69 13.51 50.83 -90.34
N ARG W 70 12.81 50.12 -89.47
CA ARG W 70 13.20 48.76 -89.11
C ARG W 70 12.89 47.81 -90.25
N ASP W 71 13.76 46.83 -90.46
CA ASP W 71 13.69 45.94 -91.59
C ASP W 71 13.14 44.57 -91.18
N ALA W 72 12.16 44.08 -91.94
CA ALA W 72 11.52 42.81 -91.64
C ALA W 72 11.28 42.06 -92.93
N LYS W 73 11.24 40.74 -92.81
CA LYS W 73 10.97 39.83 -93.91
C LYS W 73 9.55 39.32 -93.79
N PRO W 74 8.67 39.55 -94.77
CA PRO W 74 7.30 39.07 -94.65
C PRO W 74 7.21 37.56 -94.84
N LEU W 75 6.13 37.00 -94.30
CA LEU W 75 5.81 35.59 -94.43
C LEU W 75 4.83 35.39 -95.57
N VAL W 76 4.97 34.26 -96.27
CA VAL W 76 4.14 33.95 -97.43
C VAL W 76 3.33 32.69 -97.11
N ARG W 77 2.05 32.71 -97.49
CA ARG W 77 1.15 31.59 -97.27
C ARG W 77 0.98 30.82 -98.58
N LEU W 78 1.24 29.52 -98.53
CA LEU W 78 1.11 28.63 -99.68
C LEU W 78 -0.09 27.74 -99.44
N ARG W 79 -1.02 27.72 -100.40
CA ARG W 79 -2.24 26.93 -100.34
C ARG W 79 -2.37 26.10 -101.61
N VAL W 80 -2.52 24.79 -101.44
CA VAL W 80 -2.67 23.88 -102.57
C VAL W 80 -4.03 23.19 -102.45
N PRO W 81 -4.96 23.41 -103.37
CA PRO W 81 -6.27 22.78 -103.28
C PRO W 81 -6.31 21.41 -103.95
N PHE W 82 -7.21 20.57 -103.45
CA PHE W 82 -7.45 19.26 -104.02
C PHE W 82 -8.89 18.84 -103.72
N THR W 83 -9.32 17.76 -104.39
CA THR W 83 -10.69 17.30 -104.33
C THR W 83 -10.72 15.83 -103.93
N VAL W 84 -11.71 15.47 -103.10
CA VAL W 84 -11.85 14.11 -102.61
C VAL W 84 -13.28 13.63 -102.85
N ALA W 85 -13.43 12.31 -102.97
CA ALA W 85 -14.70 11.70 -103.29
C ALA W 85 -15.44 11.24 -102.04
N ARG W 86 -16.71 11.64 -101.94
CA ARG W 86 -17.54 11.28 -100.80
C ARG W 86 -17.77 9.78 -100.69
N ARG W 87 -17.72 9.05 -101.80
CA ARG W 87 -17.82 7.59 -101.74
C ARG W 87 -16.63 6.97 -101.04
N ASP W 88 -15.41 7.39 -101.40
CA ASP W 88 -14.23 6.93 -100.68
C ASP W 88 -14.26 7.37 -99.22
N ILE W 89 -14.78 8.57 -98.95
CA ILE W 89 -14.92 8.99 -97.56
C ILE W 89 -15.87 8.06 -96.80
N ASP W 90 -17.02 7.75 -97.39
CA ASP W 90 -18.03 6.98 -96.69
C ASP W 90 -17.59 5.53 -96.49
N ASP W 91 -16.84 4.98 -97.45
CA ASP W 91 -16.45 3.58 -97.34
C ASP W 91 -15.61 3.29 -96.10
N VAL W 92 -14.95 4.31 -95.53
CA VAL W 92 -14.06 4.07 -94.40
C VAL W 92 -14.84 3.52 -93.20
N GLU W 93 -15.98 4.13 -92.89
CA GLU W 93 -16.76 3.67 -91.73
C GLU W 93 -17.30 2.27 -91.93
N ARG W 94 -17.29 1.76 -93.16
CA ARG W 94 -17.65 0.37 -93.44
C ARG W 94 -16.48 -0.58 -93.33
N GLY W 95 -15.41 -0.17 -92.64
CA GLY W 95 -14.23 -0.99 -92.53
C GLY W 95 -13.47 -1.18 -93.83
N SER W 96 -13.54 -0.19 -94.72
CA SER W 96 -12.76 -0.22 -95.96
C SER W 96 -11.41 0.43 -95.70
N GLN W 97 -10.36 -0.22 -96.20
CA GLN W 97 -9.00 0.27 -96.06
C GLN W 97 -8.19 0.17 -97.35
N ASP W 98 -8.84 0.40 -98.51
CA ASP W 98 -8.15 0.59 -99.78
C ASP W 98 -8.60 1.88 -100.45
N SER W 99 -9.07 2.86 -99.68
CA SER W 99 -9.61 4.08 -100.26
C SER W 99 -8.54 4.87 -100.99
N ASP W 100 -8.96 5.62 -102.01
CA ASP W 100 -8.05 6.38 -102.86
C ASP W 100 -7.76 7.74 -102.23
N TRP W 101 -6.49 8.02 -101.99
CA TRP W 101 -6.04 9.30 -101.44
C TRP W 101 -4.95 9.90 -102.34
N ASP W 102 -4.98 9.54 -103.62
CA ASP W 102 -3.99 10.04 -104.56
C ASP W 102 -3.99 11.56 -104.68
N PRO W 103 -5.13 12.23 -104.75
CA PRO W 103 -5.09 13.71 -104.74
C PRO W 103 -4.42 14.26 -103.49
N VAL W 104 -4.65 13.65 -102.33
CA VAL W 104 -3.97 14.07 -101.12
C VAL W 104 -2.47 13.94 -101.28
N LYS W 105 -2.01 12.80 -101.79
CA LYS W 105 -0.58 12.59 -101.95
C LYS W 105 0.02 13.59 -102.94
N ASP W 106 -0.69 13.85 -104.03
CA ASP W 106 -0.21 14.80 -105.03
C ASP W 106 -0.10 16.21 -104.46
N ALA W 107 -1.11 16.63 -103.69
CA ALA W 107 -1.05 17.96 -103.08
C ALA W 107 0.10 18.06 -102.09
N ALA W 108 0.30 17.02 -101.29
CA ALA W 108 1.43 17.03 -100.36
C ALA W 108 2.75 17.12 -101.10
N LYS W 109 2.90 16.37 -102.20
CA LYS W 109 4.11 16.45 -103.00
C LYS W 109 4.31 17.84 -103.54
N LYS W 110 3.25 18.47 -104.04
CA LYS W 110 3.35 19.81 -104.60
C LYS W 110 3.80 20.81 -103.54
N LEU W 111 3.21 20.74 -102.35
CA LEU W 111 3.58 21.66 -101.28
C LEU W 111 5.03 21.45 -100.86
N ALA W 112 5.46 20.20 -100.71
CA ALA W 112 6.83 19.94 -100.35
C ALA W 112 7.78 20.48 -101.42
N PHE W 113 7.43 20.31 -102.69
CA PHE W 113 8.30 20.77 -103.77
C PHE W 113 8.42 22.28 -103.76
N VAL W 114 7.31 22.99 -103.58
CA VAL W 114 7.39 24.45 -103.56
C VAL W 114 8.21 24.92 -102.37
N GLU W 115 8.02 24.29 -101.21
CA GLU W 115 8.79 24.69 -100.03
C GLU W 115 10.30 24.49 -100.26
N ASP W 116 10.67 23.30 -100.76
CA ASP W 116 12.08 23.01 -100.96
C ASP W 116 12.69 23.89 -102.04
N ARG W 117 11.92 24.17 -103.10
CA ARG W 117 12.42 25.04 -104.16
C ARG W 117 12.57 26.47 -103.70
N ALA W 118 11.68 26.97 -102.84
CA ALA W 118 11.89 28.28 -102.25
C ALA W 118 13.12 28.30 -101.35
N ILE W 119 13.34 27.23 -100.59
CA ILE W 119 14.51 27.18 -99.71
C ILE W 119 15.80 27.19 -100.52
N PHE W 120 15.87 26.37 -101.57
CA PHE W 120 17.13 26.11 -102.25
C PHE W 120 17.35 26.93 -103.52
N GLU W 121 16.33 27.60 -104.04
CA GLU W 121 16.44 28.31 -105.30
C GLU W 121 15.94 29.74 -105.23
N GLY W 122 15.00 30.04 -104.36
CA GLY W 122 14.52 31.39 -104.16
C GLY W 122 13.12 31.60 -104.72
N TYR W 123 12.33 32.41 -104.02
CA TYR W 123 11.00 32.83 -104.44
C TYR W 123 10.99 34.35 -104.33
N ALA W 124 11.31 35.02 -105.43
CA ALA W 124 11.63 36.44 -105.38
C ALA W 124 10.46 37.27 -104.88
N ALA W 125 9.25 37.00 -105.39
CA ALA W 125 8.10 37.82 -105.02
C ALA W 125 7.86 37.82 -103.53
N ALA W 126 8.27 36.76 -102.83
CA ALA W 126 8.21 36.70 -101.38
C ALA W 126 9.48 37.22 -100.73
N SER W 127 10.37 37.85 -101.50
CA SER W 127 11.63 38.39 -101.00
C SER W 127 12.51 37.29 -100.41
N ILE W 128 12.38 36.07 -100.92
CA ILE W 128 13.14 34.92 -100.44
C ILE W 128 14.32 34.72 -101.39
N GLU W 129 15.52 34.95 -100.89
CA GLU W 129 16.74 34.66 -101.62
C GLU W 129 17.23 33.27 -101.22
N GLY W 130 17.40 32.41 -102.22
CA GLY W 130 17.74 31.02 -101.96
C GLY W 130 19.19 30.82 -101.59
N ILE W 131 19.48 29.60 -101.13
CA ILE W 131 20.84 29.23 -100.78
C ILE W 131 21.77 29.34 -101.99
N ARG W 132 21.29 28.96 -103.17
CA ARG W 132 22.12 29.03 -104.37
C ARG W 132 22.61 30.44 -104.63
N SER W 133 21.71 31.43 -104.60
CA SER W 133 22.11 32.80 -104.84
C SER W 133 22.91 33.38 -103.68
N SER W 134 22.47 33.11 -102.45
CA SER W 134 23.14 33.68 -101.29
C SER W 134 24.52 33.07 -101.06
N SER W 135 24.83 31.94 -101.67
CA SER W 135 26.13 31.31 -101.46
C SER W 135 27.23 32.18 -102.03
N SER W 136 28.32 32.30 -101.27
CA SER W 136 29.48 33.07 -101.69
C SER W 136 30.57 32.21 -102.32
N ASN W 137 30.69 30.96 -101.91
CA ASN W 137 31.68 30.08 -102.50
C ASN W 137 31.36 29.82 -103.97
N PRO W 138 32.37 29.67 -104.82
CA PRO W 138 32.08 29.50 -106.26
C PRO W 138 31.27 28.26 -106.52
N ALA W 139 30.38 28.35 -107.50
CA ALA W 139 29.55 27.23 -107.90
C ALA W 139 30.30 26.30 -108.84
N LEU W 140 29.94 25.02 -108.79
CA LEU W 140 30.56 24.00 -109.64
C LEU W 140 29.54 23.44 -110.62
N ALA W 141 30.03 22.61 -111.53
CA ALA W 141 29.21 21.98 -112.56
C ALA W 141 29.19 20.47 -112.33
N LEU W 142 28.00 19.89 -112.34
CA LEU W 142 27.85 18.46 -112.14
C LEU W 142 28.19 17.74 -113.45
N PRO W 143 29.18 16.86 -113.48
CA PRO W 143 29.53 16.21 -114.75
C PRO W 143 28.38 15.37 -115.28
N ASP W 144 28.31 15.31 -116.61
CA ASP W 144 27.28 14.48 -117.25
C ASP W 144 27.42 13.02 -116.85
N ASP W 145 28.64 12.53 -116.79
CA ASP W 145 28.88 11.17 -116.34
C ASP W 145 28.75 11.07 -114.83
N ALA W 146 28.42 9.89 -114.34
CA ALA W 146 28.24 9.68 -112.91
C ALA W 146 29.53 9.32 -112.19
N ARG W 147 30.61 9.04 -112.93
CA ARG W 147 31.83 8.56 -112.30
C ARG W 147 32.67 9.69 -111.72
N GLU W 148 32.50 10.91 -112.21
CA GLU W 148 33.31 12.05 -111.80
C GLU W 148 32.65 12.88 -110.71
N ILE W 149 31.41 12.55 -110.31
CA ILE W 149 30.71 13.34 -109.31
C ILE W 149 31.48 13.38 -107.99
N PRO W 150 32.03 12.27 -107.48
CA PRO W 150 32.76 12.34 -106.20
C PRO W 150 33.91 13.32 -106.22
N ASP W 151 34.61 13.46 -107.35
CA ASP W 151 35.70 14.43 -107.42
C ASP W 151 35.18 15.84 -107.22
N VAL W 152 34.03 16.17 -107.84
CA VAL W 152 33.46 17.50 -107.69
C VAL W 152 33.00 17.73 -106.26
N ILE W 153 32.45 16.69 -105.63
CA ILE W 153 32.04 16.81 -104.23
C ILE W 153 33.26 17.05 -103.33
N ALA W 154 34.36 16.36 -103.62
CA ALA W 154 35.58 16.60 -102.86
C ALA W 154 36.08 18.03 -103.06
N GLN W 155 35.98 18.54 -104.28
CA GLN W 155 36.35 19.93 -104.53
C GLN W 155 35.48 20.89 -103.73
N ALA W 156 34.17 20.64 -103.68
CA ALA W 156 33.27 21.50 -102.93
C ALA W 156 33.57 21.46 -101.44
N LEU W 157 33.85 20.26 -100.92
CA LEU W 157 34.26 20.16 -99.53
C LEU W 157 35.54 20.94 -99.30
N SER W 158 36.50 20.84 -100.24
CA SER W 158 37.72 21.63 -100.12
C SER W 158 37.41 23.12 -100.08
N GLU W 159 36.43 23.58 -100.88
CA GLU W 159 36.12 25.01 -100.87
C GLU W 159 35.52 25.45 -99.53
N LEU W 160 34.46 24.78 -99.08
CA LEU W 160 33.89 25.08 -97.76
C LEU W 160 34.98 25.08 -96.69
N ARG W 161 35.76 24.02 -96.71
CA ARG W 161 36.68 23.67 -95.65
C ARG W 161 37.96 24.49 -95.72
N LEU W 162 38.22 25.09 -96.88
CA LEU W 162 39.11 26.24 -96.96
C LEU W 162 38.49 27.45 -96.31
N ALA W 163 37.23 27.75 -96.66
CA ALA W 163 36.59 28.97 -96.18
C ALA W 163 36.50 29.00 -94.67
N GLY W 164 36.56 27.85 -94.02
CA GLY W 164 36.68 27.81 -92.57
C GLY W 164 35.46 27.34 -91.82
N VAL W 165 34.51 26.73 -92.51
CA VAL W 165 33.30 26.24 -91.85
C VAL W 165 33.54 24.83 -91.34
N ASP W 166 32.89 24.51 -90.21
CA ASP W 166 33.05 23.22 -89.56
C ASP W 166 31.70 22.55 -89.33
N GLY W 167 31.69 21.45 -88.60
CA GLY W 167 30.50 20.70 -88.33
C GLY W 167 30.23 19.66 -89.41
N PRO W 168 29.31 18.74 -89.13
CA PRO W 168 29.03 17.68 -90.11
C PRO W 168 28.61 18.26 -91.45
N TYR W 169 29.08 17.65 -92.53
CA TYR W 169 28.75 18.07 -93.88
C TYR W 169 27.75 17.09 -94.49
N SER W 170 26.91 17.62 -95.38
CA SER W 170 25.81 16.85 -95.93
C SER W 170 25.65 17.19 -97.41
N VAL W 171 25.25 16.19 -98.19
CA VAL W 171 25.07 16.31 -99.63
C VAL W 171 23.60 16.07 -99.93
N LEU W 172 22.97 17.05 -100.56
CA LEU W 172 21.58 16.93 -101.03
C LEU W 172 21.63 16.79 -102.54
N LEU W 173 21.08 15.69 -103.05
CA LEU W 173 21.14 15.38 -104.47
C LEU W 173 19.75 15.45 -105.10
N SER W 174 19.73 15.83 -106.38
CA SER W 174 18.48 15.95 -107.11
C SER W 174 17.90 14.57 -107.38
N ALA W 175 16.67 14.52 -107.89
CA ALA W 175 16.09 13.24 -108.27
C ALA W 175 16.88 12.60 -109.41
N GLU W 176 17.20 13.38 -110.45
CA GLU W 176 17.87 12.83 -111.62
C GLU W 176 19.29 12.42 -111.26
N THR W 177 19.97 13.20 -110.42
CA THR W 177 21.34 12.85 -110.02
C THR W 177 21.36 11.66 -109.08
N TYR W 178 20.42 11.59 -108.14
CA TYR W 178 20.35 10.46 -107.23
C TYR W 178 20.02 9.17 -107.97
N THR W 179 19.09 9.21 -108.91
CA THR W 179 18.84 8.05 -109.75
C THR W 179 20.10 7.61 -110.47
N LYS W 180 20.87 8.57 -110.99
CA LYS W 180 22.09 8.24 -111.72
C LYS W 180 23.10 7.55 -110.81
N VAL W 181 23.39 8.16 -109.66
CA VAL W 181 24.40 7.59 -108.77
C VAL W 181 23.93 6.26 -108.19
N SER W 182 22.61 6.06 -108.08
CA SER W 182 22.11 4.81 -107.55
C SER W 182 22.20 3.70 -108.58
N GLU W 183 21.69 3.93 -109.79
CA GLU W 183 21.73 2.91 -110.83
C GLU W 183 23.17 2.59 -111.21
N THR W 184 24.00 3.61 -111.37
CA THR W 184 25.39 3.39 -111.74
C THR W 184 26.14 2.71 -110.60
N THR W 185 27.09 1.84 -110.98
CA THR W 185 27.83 1.04 -110.02
C THR W 185 29.29 0.99 -110.41
N ALA W 186 30.14 0.70 -109.42
CA ALA W 186 31.58 0.58 -109.66
C ALA W 186 32.17 -0.34 -108.61
N HIS W 187 32.96 -1.33 -109.06
CA HIS W 187 33.63 -2.27 -108.16
C HIS W 187 32.63 -2.96 -107.23
N GLY W 188 31.39 -3.12 -107.70
CA GLY W 188 30.39 -3.77 -106.89
C GLY W 188 29.74 -2.90 -105.83
N TYR W 189 29.91 -1.57 -105.91
CA TYR W 189 29.19 -0.65 -105.05
C TYR W 189 28.62 0.50 -105.86
N PRO W 190 27.46 1.04 -105.49
CA PRO W 190 26.93 2.21 -106.20
C PRO W 190 27.81 3.45 -106.03
N ILE W 191 27.73 4.31 -107.05
CA ILE W 191 28.40 5.60 -106.98
C ILE W 191 27.87 6.41 -105.82
N ARG W 192 26.62 6.16 -105.40
CA ARG W 192 26.10 6.83 -104.22
C ARG W 192 26.85 6.44 -102.96
N GLU W 193 27.16 5.14 -102.80
CA GLU W 193 28.00 4.74 -101.67
C GLU W 193 29.39 5.35 -101.79
N HIS W 194 29.92 5.36 -103.01
CA HIS W 194 31.19 6.06 -103.23
C HIS W 194 31.13 7.49 -102.69
N ILE W 195 30.05 8.21 -102.99
CA ILE W 195 29.90 9.57 -102.47
C ILE W 195 29.81 9.57 -100.95
N ASN W 196 28.96 8.69 -100.40
CA ASN W 196 28.75 8.65 -98.96
C ASN W 196 30.06 8.46 -98.21
N ARG W 197 30.99 7.71 -98.78
CA ARG W 197 32.24 7.43 -98.09
C ARG W 197 32.98 8.68 -97.65
N LEU W 198 32.79 9.81 -98.34
CA LEU W 198 33.57 11.01 -98.09
C LEU W 198 33.04 11.81 -96.89
N VAL W 199 31.74 12.07 -96.87
CA VAL W 199 31.18 12.99 -95.89
C VAL W 199 31.00 12.30 -94.55
N ASP W 200 30.82 13.11 -93.51
CA ASP W 200 30.55 12.64 -92.16
C ASP W 200 29.06 12.60 -91.84
N GLY W 201 28.24 13.35 -92.57
CA GLY W 201 26.82 13.41 -92.30
C GLY W 201 26.02 12.39 -93.05
N GLU W 202 25.06 12.85 -93.87
CA GLU W 202 24.14 11.97 -94.56
C GLU W 202 23.99 12.39 -96.01
N ILE W 203 23.49 11.47 -96.82
CA ILE W 203 23.10 11.75 -98.20
C ILE W 203 21.58 11.91 -98.22
N ILE W 204 21.09 12.98 -98.85
CA ILE W 204 19.68 13.34 -98.77
C ILE W 204 19.10 13.47 -100.18
N TRP W 205 17.85 13.00 -100.33
CA TRP W 205 17.05 13.19 -101.52
C TRP W 205 16.53 14.63 -101.57
N ALA W 206 16.72 15.29 -102.71
CA ALA W 206 16.15 16.61 -102.92
C ALA W 206 15.49 16.68 -104.30
N PRO W 207 14.32 16.08 -104.48
CA PRO W 207 13.73 16.04 -105.83
C PRO W 207 13.37 17.41 -106.35
N ALA W 208 12.91 18.29 -105.47
CA ALA W 208 12.48 19.62 -105.84
C ALA W 208 13.62 20.44 -106.42
N ILE W 209 14.82 20.31 -105.85
CA ILE W 209 15.95 21.12 -106.27
C ILE W 209 16.49 20.54 -107.57
N ASP W 210 17.34 21.33 -108.25
CA ASP W 210 17.97 20.92 -109.50
C ASP W 210 19.48 21.04 -109.32
N GLY W 211 20.18 19.93 -109.43
CA GLY W 211 21.62 19.92 -109.27
C GLY W 211 22.08 19.16 -108.05
N ALA W 212 22.92 19.79 -107.23
CA ALA W 212 23.38 19.17 -105.98
C ALA W 212 23.86 20.28 -105.06
N PHE W 213 23.94 19.96 -103.76
CA PHE W 213 24.35 20.95 -102.77
C PHE W 213 25.17 20.25 -101.70
N VAL W 214 26.30 20.84 -101.33
CA VAL W 214 27.11 20.36 -100.21
C VAL W 214 27.15 21.47 -99.17
N LEU W 215 26.66 21.18 -97.96
CA LEU W 215 26.52 22.23 -96.97
C LEU W 215 26.83 21.71 -95.57
N SER W 216 27.15 22.65 -94.68
CA SER W 216 27.43 22.34 -93.29
C SER W 216 26.15 22.33 -92.47
N THR W 217 26.15 21.54 -91.39
CA THR W 217 25.01 21.43 -90.49
C THR W 217 25.40 21.74 -89.05
N ARG W 218 26.43 22.56 -88.86
CA ARG W 218 26.80 22.98 -87.50
C ARG W 218 25.65 23.70 -86.82
N GLY W 219 24.94 24.55 -87.57
CA GLY W 219 23.81 25.29 -87.02
C GLY W 219 24.03 26.79 -87.05
N GLY W 220 22.94 27.54 -87.11
CA GLY W 220 23.01 28.98 -87.09
C GLY W 220 23.23 29.64 -88.44
N ASP W 221 23.15 28.89 -89.54
CA ASP W 221 23.37 29.43 -90.87
C ASP W 221 22.10 29.49 -91.72
N PHE W 222 21.13 28.63 -91.47
CA PHE W 222 19.88 28.64 -92.23
C PHE W 222 18.72 28.58 -91.25
N ASP W 223 17.67 29.35 -91.52
CA ASP W 223 16.50 29.43 -90.63
C ASP W 223 15.23 29.37 -91.47
N LEU W 224 14.42 28.35 -91.22
CA LEU W 224 13.09 28.24 -91.83
C LEU W 224 12.07 28.70 -90.79
N GLN W 225 11.52 29.89 -90.98
CA GLN W 225 10.55 30.46 -90.06
C GLN W 225 9.15 30.06 -90.48
N LEU W 226 8.40 29.47 -89.55
CA LEU W 226 7.02 29.06 -89.78
C LEU W 226 6.09 29.84 -88.88
N GLY W 227 5.02 30.37 -89.46
CA GLY W 227 3.96 30.97 -88.66
C GLY W 227 2.99 29.89 -88.22
N THR W 228 2.54 29.09 -89.18
CA THR W 228 1.71 27.92 -88.91
C THR W 228 2.23 26.77 -89.76
N ASP W 229 2.28 25.57 -89.17
CA ASP W 229 2.78 24.40 -89.86
C ASP W 229 1.74 23.94 -90.88
N VAL W 230 2.02 22.82 -91.54
CA VAL W 230 1.12 22.30 -92.56
C VAL W 230 -0.23 21.96 -91.94
N SER W 231 -1.30 22.41 -92.58
CA SER W 231 -2.65 22.16 -92.10
C SER W 231 -3.55 21.83 -93.28
N ILE W 232 -4.64 21.13 -93.01
CA ILE W 232 -5.62 20.75 -94.02
C ILE W 232 -6.95 21.39 -93.67
N GLY W 233 -7.57 22.03 -94.67
CA GLY W 233 -8.83 22.74 -94.46
C GLY W 233 -9.91 22.38 -95.45
N TYR W 234 -11.05 23.06 -95.34
CA TYR W 234 -12.24 22.78 -96.13
C TYR W 234 -12.75 24.07 -96.75
N LEU W 235 -13.08 24.04 -98.04
CA LEU W 235 -13.65 25.20 -98.72
C LEU W 235 -15.15 25.03 -98.98
N SER W 236 -15.53 23.96 -99.68
CA SER W 236 -16.92 23.73 -100.04
C SER W 236 -17.09 22.25 -100.33
N HIS W 237 -18.32 21.85 -100.65
CA HIS W 237 -18.62 20.44 -100.89
C HIS W 237 -19.83 20.35 -101.81
N ASP W 238 -20.03 19.13 -102.33
CA ASP W 238 -21.08 18.85 -103.30
C ASP W 238 -21.63 17.47 -102.99
N ALA W 239 -22.64 17.04 -103.75
CA ALA W 239 -23.22 15.73 -103.55
C ALA W 239 -22.24 14.60 -103.84
N GLU W 240 -21.12 14.88 -104.50
CA GLU W 240 -20.17 13.86 -104.91
C GLU W 240 -18.77 14.08 -104.36
N VAL W 241 -18.35 15.33 -104.17
CA VAL W 241 -16.95 15.65 -103.86
C VAL W 241 -16.90 16.67 -102.73
N VAL W 242 -15.71 16.78 -102.14
CA VAL W 242 -15.40 17.82 -101.16
C VAL W 242 -14.09 18.47 -101.58
N HIS W 243 -14.02 19.80 -101.49
CA HIS W 243 -12.83 20.54 -101.85
C HIS W 243 -12.08 20.95 -100.59
N LEU W 244 -10.81 20.54 -100.50
CA LEU W 244 -9.94 20.80 -99.37
C LEU W 244 -8.68 21.50 -99.85
N TYR W 245 -7.86 21.95 -98.91
CA TYR W 245 -6.60 22.58 -99.25
C TYR W 245 -5.57 22.24 -98.19
N MET W 246 -4.30 22.24 -98.59
CA MET W 246 -3.18 22.13 -97.67
C MET W 246 -2.46 23.48 -97.63
N GLU W 247 -2.24 23.98 -96.43
CA GLU W 247 -1.81 25.36 -96.21
C GLU W 247 -0.60 25.39 -95.29
N GLU W 248 0.32 26.30 -95.58
CA GLU W 248 1.43 26.58 -94.64
C GLU W 248 1.96 27.98 -94.87
N THR W 249 2.30 28.67 -93.78
CA THR W 249 2.82 30.03 -93.83
C THR W 249 4.28 30.02 -93.38
N MET W 250 5.18 30.49 -94.26
CA MET W 250 6.59 30.29 -94.03
C MET W 250 7.41 31.42 -94.66
N THR W 251 8.70 31.43 -94.29
CA THR W 251 9.73 32.19 -94.98
C THR W 251 11.06 31.53 -94.66
N PHE W 252 12.08 31.87 -95.44
CA PHE W 252 13.41 31.28 -95.29
C PHE W 252 14.47 32.37 -95.26
N LEU W 253 15.47 32.20 -94.41
CA LEU W 253 16.57 33.13 -94.28
C LEU W 253 17.90 32.38 -94.26
N CYS W 254 18.88 32.91 -95.00
CA CYS W 254 20.25 32.42 -94.96
C CYS W 254 21.13 33.50 -94.37
N TYR W 255 21.93 33.14 -93.37
CA TYR W 255 22.78 34.09 -92.66
C TYR W 255 24.25 33.96 -93.03
N THR W 256 24.73 32.73 -93.23
CA THR W 256 26.12 32.46 -93.57
C THR W 256 26.19 32.04 -95.04
N ALA W 257 26.85 32.87 -95.85
CA ALA W 257 26.94 32.60 -97.28
C ALA W 257 28.04 31.61 -97.61
N GLU W 258 28.94 31.31 -96.66
CA GLU W 258 30.09 30.45 -96.91
C GLU W 258 29.90 29.02 -96.41
N ALA W 259 28.71 28.65 -95.95
CA ALA W 259 28.46 27.33 -95.39
C ALA W 259 27.87 26.35 -96.41
N SER W 260 27.82 26.72 -97.69
CA SER W 260 27.22 25.87 -98.70
C SER W 260 27.96 26.04 -100.02
N VAL W 261 27.86 25.02 -100.86
CA VAL W 261 28.41 25.00 -102.21
C VAL W 261 27.35 24.40 -103.11
N ALA W 262 27.13 25.04 -104.26
CA ALA W 262 26.09 24.62 -105.18
C ALA W 262 26.72 24.03 -106.44
N LEU W 263 26.10 22.97 -106.97
CA LEU W 263 26.55 22.34 -108.20
C LEU W 263 25.37 22.33 -109.16
N THR W 264 25.58 22.92 -110.34
CA THR W 264 24.52 23.09 -111.31
C THR W 264 24.57 21.99 -112.37
N PRO W 265 23.41 21.55 -112.88
CA PRO W 265 23.39 20.48 -113.87
C PRO W 265 24.21 20.79 -115.12
N ASN X 2 19.71 -10.51 87.84
CA ASN X 2 19.62 -9.33 88.69
C ASN X 2 19.87 -9.69 90.15
N ASN X 3 19.67 -8.73 91.04
CA ASN X 3 19.98 -8.93 92.46
C ASN X 3 19.00 -9.87 93.15
N LEU X 4 17.89 -10.21 92.51
CA LEU X 4 16.93 -11.14 93.12
C LEU X 4 17.54 -12.54 93.22
N TYR X 5 18.35 -12.93 92.24
CA TYR X 5 18.97 -14.26 92.22
C TYR X 5 17.91 -15.36 92.22
N ARG X 6 16.88 -15.18 91.39
CA ARG X 6 15.84 -16.20 91.26
C ARG X 6 16.32 -17.42 90.49
N ASP X 7 17.24 -17.25 89.54
CA ASP X 7 17.72 -18.38 88.76
C ASP X 7 18.42 -19.42 89.62
N LEU X 8 18.84 -19.05 90.82
CA LEU X 8 19.51 -19.97 91.73
C LEU X 8 18.55 -20.71 92.66
N ALA X 9 17.26 -20.35 92.64
CA ALA X 9 16.32 -20.97 93.56
C ALA X 9 15.78 -22.28 92.99
N PRO X 10 15.55 -23.30 93.83
CA PRO X 10 14.98 -24.57 93.34
C PRO X 10 13.46 -24.50 93.18
N ILE X 11 13.00 -23.64 92.28
CA ILE X 11 11.59 -23.40 92.06
C ILE X 11 11.34 -23.37 90.56
N THR X 12 10.24 -23.99 90.13
CA THR X 12 9.89 -24.05 88.72
C THR X 12 9.13 -22.79 88.29
N GLU X 13 8.98 -22.65 86.97
CA GLU X 13 8.29 -21.49 86.42
C GLU X 13 6.84 -21.45 86.88
N SER X 14 6.17 -22.62 86.89
CA SER X 14 4.77 -22.66 87.30
C SER X 14 4.60 -22.23 88.76
N ALA X 15 5.45 -22.74 89.64
CA ALA X 15 5.36 -22.36 91.04
C ALA X 15 5.70 -20.89 91.24
N TRP X 16 6.67 -20.37 90.49
CA TRP X 16 6.96 -18.95 90.53
C TRP X 16 5.73 -18.14 90.14
N ALA X 17 5.05 -18.55 89.07
CA ALA X 17 3.85 -17.84 88.64
C ALA X 17 2.77 -17.90 89.70
N GLU X 18 2.57 -19.06 90.31
CA GLU X 18 1.55 -19.18 91.35
C GLU X 18 1.87 -18.26 92.52
N ILE X 19 3.12 -18.23 92.96
CA ILE X 19 3.50 -17.39 94.10
C ILE X 19 3.30 -15.92 93.75
N GLU X 20 3.74 -15.51 92.56
CA GLU X 20 3.57 -14.11 92.15
C GLU X 20 2.11 -13.73 92.11
N LEU X 21 1.27 -14.59 91.53
CA LEU X 21 -0.17 -14.29 91.44
C LEU X 21 -0.78 -14.16 92.83
N GLU X 22 -0.45 -15.10 93.72
CA GLU X 22 -1.03 -15.07 95.06
C GLU X 22 -0.60 -13.83 95.83
N ALA X 23 0.67 -13.43 95.72
CA ALA X 23 1.13 -12.24 96.42
C ALA X 23 0.49 -10.98 95.84
N THR X 24 0.42 -10.89 94.51
CA THR X 24 -0.17 -9.71 93.88
C THR X 24 -1.63 -9.55 94.29
N ARG X 25 -2.40 -10.65 94.26
CA ARG X 25 -3.81 -10.57 94.61
C ARG X 25 -3.99 -10.04 96.03
N THR X 26 -3.25 -10.62 96.98
CA THR X 26 -3.42 -10.24 98.38
C THR X 26 -2.98 -8.80 98.63
N PHE X 27 -1.86 -8.39 98.02
CA PHE X 27 -1.40 -7.01 98.21
C PHE X 27 -2.40 -6.02 97.62
N LYS X 28 -2.90 -6.30 96.41
CA LYS X 28 -3.88 -5.40 95.80
C LYS X 28 -5.17 -5.38 96.61
N ARG X 29 -5.48 -6.48 97.31
CA ARG X 29 -6.63 -6.47 98.21
C ARG X 29 -6.39 -5.56 99.40
N HIS X 30 -5.24 -5.70 100.06
CA HIS X 30 -5.01 -5.06 101.34
C HIS X 30 -4.45 -3.65 101.24
N ILE X 31 -4.17 -3.16 100.03
CA ILE X 31 -3.57 -1.85 99.85
C ILE X 31 -4.66 -0.84 99.55
N ALA X 32 -4.53 0.37 100.12
CA ALA X 32 -5.53 1.42 99.97
C ALA X 32 -4.97 2.76 99.51
N GLY X 33 -3.78 3.15 99.97
CA GLY X 33 -3.27 4.47 99.62
C GLY X 33 -3.06 4.65 98.14
N ARG X 34 -2.66 3.59 97.45
CA ARG X 34 -2.42 3.65 96.00
C ARG X 34 -3.67 4.03 95.22
N ARG X 35 -4.85 3.88 95.81
CA ARG X 35 -6.09 4.23 95.15
C ARG X 35 -6.47 5.69 95.31
N VAL X 36 -5.80 6.43 96.20
CA VAL X 36 -6.17 7.81 96.46
C VAL X 36 -4.94 8.74 96.41
N VAL X 37 -3.78 8.19 96.06
CA VAL X 37 -2.56 8.99 95.98
C VAL X 37 -1.93 8.80 94.61
N ASP X 38 -1.41 9.90 94.06
CA ASP X 38 -0.65 9.82 92.81
C ASP X 38 0.60 8.99 93.03
N VAL X 39 0.94 8.17 92.03
CA VAL X 39 2.08 7.26 92.11
C VAL X 39 3.06 7.64 91.02
N SER X 40 4.29 7.95 91.41
CA SER X 40 5.38 8.19 90.46
C SER X 40 6.03 6.84 90.16
N GLY X 41 5.85 6.35 88.94
CA GLY X 41 6.28 5.02 88.57
C GLY X 41 7.73 4.77 88.91
N PRO X 42 8.13 3.50 88.91
CA PRO X 42 9.52 3.17 89.27
C PRO X 42 10.51 3.92 88.39
N ASN X 43 11.49 4.56 89.04
CA ASN X 43 12.53 5.30 88.34
C ASN X 43 13.83 4.51 88.25
N GLY X 44 13.86 3.28 88.74
CA GLY X 44 15.03 2.42 88.60
C GLY X 44 15.77 2.23 89.91
N PRO X 45 16.59 1.18 89.97
CA PRO X 45 17.36 0.93 91.20
C PRO X 45 18.36 2.03 91.51
N THR X 46 18.76 2.82 90.53
CA THR X 46 19.70 3.91 90.75
C THR X 46 19.10 5.07 91.53
N THR X 47 17.78 5.13 91.63
CA THR X 47 17.12 6.24 92.32
C THR X 47 17.25 6.07 93.83
N ALA X 48 17.67 7.13 94.51
CA ALA X 48 17.91 7.09 95.95
C ALA X 48 17.21 8.20 96.73
N SER X 49 16.84 9.30 96.09
CA SER X 49 16.25 10.42 96.81
C SER X 49 15.37 11.22 95.85
N VAL X 50 14.51 12.05 96.43
CA VAL X 50 13.60 12.91 95.69
C VAL X 50 13.88 14.35 96.09
N SER X 51 14.22 15.20 95.11
CA SER X 51 14.50 16.59 95.38
C SER X 51 13.23 17.31 95.80
N THR X 52 13.35 18.27 96.73
CA THR X 52 12.22 19.09 97.12
C THR X 52 12.28 20.49 96.54
N GLY X 53 13.41 20.89 95.96
CA GLY X 53 13.56 22.22 95.42
C GLY X 53 13.83 23.30 96.44
N HIS X 54 13.96 22.93 97.71
CA HIS X 54 14.26 23.88 98.78
C HIS X 54 15.76 23.94 99.03
N LEU X 55 16.16 24.97 99.77
CA LEU X 55 17.56 25.21 100.10
C LEU X 55 17.72 25.29 101.61
N LEU X 56 18.89 24.87 102.09
CA LEU X 56 19.22 24.90 103.51
C LEU X 56 20.51 25.69 103.71
N ASP X 57 20.53 26.52 104.75
CA ASP X 57 21.69 27.35 105.03
C ASP X 57 22.84 26.49 105.55
N VAL X 58 24.06 26.89 105.21
CA VAL X 58 25.26 26.14 105.56
C VAL X 58 26.44 27.10 105.65
N SER X 59 27.41 26.73 106.48
CA SER X 59 28.58 27.57 106.69
C SER X 59 29.35 27.73 105.38
N PRO X 60 29.80 28.94 105.03
CA PRO X 60 30.46 29.12 103.75
C PRO X 60 31.86 28.55 103.76
N PRO X 61 32.39 28.16 102.60
CA PRO X 61 33.82 27.79 102.55
C PRO X 61 34.75 28.93 102.95
N GLY X 62 34.39 30.16 102.61
CA GLY X 62 35.28 31.27 102.87
C GLY X 62 34.57 32.60 102.74
N ASP X 63 35.36 33.67 102.74
CA ASP X 63 34.80 35.01 102.73
C ASP X 63 34.21 35.34 101.36
N GLY X 64 33.13 36.12 101.38
CA GLY X 64 32.50 36.56 100.15
C GLY X 64 31.74 35.47 99.41
N VAL X 65 31.43 34.36 100.08
CA VAL X 65 30.77 33.22 99.45
C VAL X 65 29.52 32.89 100.24
N ILE X 66 28.42 32.69 99.54
CA ILE X 66 27.14 32.29 100.14
C ILE X 66 26.88 30.85 99.72
N ALA X 67 26.64 29.99 100.70
CA ALA X 67 26.49 28.55 100.46
C ALA X 67 25.13 28.08 100.92
N HIS X 68 24.51 27.21 100.12
CA HIS X 68 23.23 26.60 100.44
C HIS X 68 23.25 25.15 100.00
N LEU X 69 22.55 24.29 100.76
CA LEU X 69 22.46 22.88 100.44
C LEU X 69 21.09 22.56 99.87
N ARG X 70 21.07 21.76 98.81
CA ARG X 70 19.83 21.30 98.21
C ARG X 70 19.20 20.24 99.10
N ASP X 71 17.87 20.26 99.17
CA ASP X 71 17.13 19.41 100.08
C ASP X 71 16.48 18.25 99.34
N ALA X 72 16.66 17.05 99.88
CA ALA X 72 16.14 15.84 99.26
C ALA X 72 15.58 14.92 100.34
N LYS X 73 14.62 14.10 99.93
CA LYS X 73 13.99 13.12 100.79
C LYS X 73 14.53 11.74 100.42
N PRO X 74 15.16 11.01 101.34
CA PRO X 74 15.69 9.69 100.98
C PRO X 74 14.59 8.65 100.84
N LEU X 75 14.91 7.61 100.10
CA LEU X 75 14.02 6.47 99.89
C LEU X 75 14.39 5.36 100.86
N VAL X 76 13.37 4.63 101.33
CA VAL X 76 13.56 3.57 102.30
C VAL X 76 13.14 2.25 101.65
N ARG X 77 13.93 1.20 101.90
CA ARG X 77 13.69 -0.12 101.36
C ARG X 77 13.08 -0.99 102.45
N LEU X 78 11.92 -1.59 102.16
CA LEU X 78 11.23 -2.48 103.09
C LEU X 78 11.33 -3.89 102.54
N ARG X 79 11.82 -4.81 103.38
CA ARG X 79 12.01 -6.21 103.03
C ARG X 79 11.33 -7.08 104.07
N VAL X 80 10.45 -7.96 103.63
CA VAL X 80 9.75 -8.88 104.52
C VAL X 80 10.10 -10.30 104.12
N PRO X 81 10.79 -11.08 104.98
CA PRO X 81 11.14 -12.45 104.62
C PRO X 81 10.05 -13.45 104.98
N PHE X 82 10.05 -14.55 104.23
CA PHE X 82 9.15 -15.66 104.49
C PHE X 82 9.78 -16.95 103.97
N THR X 83 9.18 -18.07 104.35
CA THR X 83 9.71 -19.39 104.06
C THR X 83 8.65 -20.23 103.36
N VAL X 84 9.09 -21.03 102.39
CA VAL X 84 8.19 -21.87 101.60
C VAL X 84 8.71 -23.30 101.60
N ALA X 85 7.80 -24.24 101.42
CA ALA X 85 8.12 -25.67 101.48
C ALA X 85 8.37 -26.24 100.09
N ARG X 86 9.49 -26.94 99.96
CA ARG X 86 9.86 -27.55 98.69
C ARG X 86 8.89 -28.63 98.25
N ARG X 87 8.18 -29.27 99.18
CA ARG X 87 7.15 -30.23 98.81
C ARG X 87 5.97 -29.56 98.11
N ASP X 88 5.48 -28.45 98.65
CA ASP X 88 4.45 -27.68 97.98
C ASP X 88 4.94 -27.13 96.66
N ILE X 89 6.22 -26.74 96.58
CA ILE X 89 6.76 -26.29 95.31
C ILE X 89 6.74 -27.41 94.28
N ASP X 90 7.18 -28.61 94.68
CA ASP X 90 7.30 -29.71 93.74
C ASP X 90 5.95 -30.22 93.29
N ASP X 91 4.96 -30.19 94.17
CA ASP X 91 3.64 -30.73 93.81
C ASP X 91 3.02 -30.01 92.62
N VAL X 92 3.42 -28.77 92.35
CA VAL X 92 2.78 -27.99 91.29
C VAL X 92 2.98 -28.67 89.94
N GLU X 93 4.20 -29.10 89.64
CA GLU X 93 4.48 -29.72 88.35
C GLU X 93 3.74 -31.04 88.19
N ARG X 94 3.22 -31.61 89.28
CA ARG X 94 2.37 -32.79 89.24
C ARG X 94 0.90 -32.46 89.03
N GLY X 95 0.60 -31.25 88.56
CA GLY X 95 -0.79 -30.84 88.40
C GLY X 95 -1.53 -30.65 89.69
N SER X 96 -0.83 -30.28 90.77
CA SER X 96 -1.48 -29.97 92.03
C SER X 96 -1.83 -28.49 92.06
N GLN X 97 -3.04 -28.19 92.51
CA GLN X 97 -3.52 -26.81 92.62
C GLN X 97 -4.25 -26.55 93.93
N ASP X 98 -3.77 -27.14 95.03
CA ASP X 98 -4.19 -26.76 96.37
C ASP X 98 -2.98 -26.45 97.26
N SER X 99 -1.86 -26.04 96.67
CA SER X 99 -0.64 -25.83 97.43
C SER X 99 -0.80 -24.69 98.42
N ASP X 100 -0.06 -24.76 99.52
CA ASP X 100 -0.15 -23.78 100.60
C ASP X 100 0.76 -22.60 100.31
N TRP X 101 0.17 -21.40 100.25
CA TRP X 101 0.91 -20.16 100.04
C TRP X 101 0.60 -19.15 101.13
N ASP X 102 0.20 -19.65 102.30
CA ASP X 102 -0.15 -18.80 103.43
C ASP X 102 1.00 -17.88 103.86
N PRO X 103 2.25 -18.35 103.95
CA PRO X 103 3.34 -17.41 104.26
C PRO X 103 3.46 -16.30 103.23
N VAL X 104 3.25 -16.62 101.95
CA VAL X 104 3.26 -15.59 100.91
C VAL X 104 2.18 -14.55 101.20
N LYS X 105 0.97 -15.01 101.50
CA LYS X 105 -0.13 -14.08 101.75
C LYS X 105 0.16 -13.23 102.99
N ASP X 106 0.70 -13.84 104.04
CA ASP X 106 1.01 -13.09 105.25
C ASP X 106 2.07 -12.02 104.99
N ALA X 107 3.11 -12.37 104.24
CA ALA X 107 4.15 -11.39 103.94
C ALA X 107 3.59 -10.24 103.11
N ALA X 108 2.75 -10.55 102.13
CA ALA X 108 2.12 -9.50 101.34
C ALA X 108 1.27 -8.59 102.21
N LYS X 109 0.49 -9.18 103.13
CA LYS X 109 -0.30 -8.37 104.05
C LYS X 109 0.58 -7.46 104.89
N LYS X 110 1.68 -8.00 105.40
CA LYS X 110 2.58 -7.22 106.23
C LYS X 110 3.17 -6.04 105.46
N LEU X 111 3.61 -6.29 104.22
CA LEU X 111 4.18 -5.22 103.41
C LEU X 111 3.14 -4.15 103.11
N ALA X 112 1.92 -4.57 102.74
CA ALA X 112 0.87 -3.59 102.48
C ALA X 112 0.57 -2.77 103.72
N PHE X 113 0.54 -3.41 104.89
CA PHE X 113 0.22 -2.69 106.11
C PHE X 113 1.29 -1.67 106.45
N VAL X 114 2.57 -2.04 106.31
CA VAL X 114 3.63 -1.08 106.59
C VAL X 114 3.58 0.08 105.62
N GLU X 115 3.33 -0.20 104.34
CA GLU X 115 3.26 0.89 103.36
C GLU X 115 2.12 1.85 103.69
N ASP X 116 0.93 1.30 103.95
CA ASP X 116 -0.22 2.15 104.22
C ASP X 116 -0.04 2.93 105.53
N ARG X 117 0.55 2.30 106.54
CA ARG X 117 0.80 2.97 107.80
C ARG X 117 1.83 4.08 107.67
N ALA X 118 2.87 3.89 106.85
CA ALA X 118 3.79 4.98 106.57
C ALA X 118 3.10 6.11 105.82
N ILE X 119 2.22 5.78 104.88
CA ILE X 119 1.52 6.83 104.13
C ILE X 119 0.62 7.65 105.05
N PHE X 120 -0.15 6.98 105.91
CA PHE X 120 -1.23 7.63 106.64
C PHE X 120 -0.88 8.03 108.06
N GLU X 121 0.24 7.56 108.60
CA GLU X 121 0.60 7.82 110.00
C GLU X 121 2.01 8.32 110.18
N GLY X 122 2.93 7.97 109.29
CA GLY X 122 4.29 8.48 109.34
C GLY X 122 5.28 7.43 109.80
N TYR X 123 6.48 7.47 109.20
CA TYR X 123 7.60 6.63 109.57
C TYR X 123 8.78 7.58 109.77
N ALA X 124 8.98 8.00 111.02
CA ALA X 124 9.86 9.13 111.30
C ALA X 124 11.29 8.85 110.88
N ALA X 125 11.81 7.66 111.19
CA ALA X 125 13.20 7.37 110.89
C ALA X 125 13.50 7.50 109.40
N ALA X 126 12.50 7.30 108.56
CA ALA X 126 12.64 7.52 107.13
C ALA X 126 12.29 8.95 106.73
N SER X 127 12.12 9.85 107.69
CA SER X 127 11.77 11.24 107.44
C SER X 127 10.42 11.37 106.73
N ILE X 128 9.54 10.40 106.96
CA ILE X 128 8.22 10.37 106.33
C ILE X 128 7.22 10.95 107.31
N GLU X 129 6.67 12.13 107.00
CA GLU X 129 5.59 12.72 107.78
C GLU X 129 4.26 12.32 107.14
N GLY X 130 3.40 11.71 107.94
CA GLY X 130 2.15 11.16 107.44
C GLY X 130 1.11 12.23 107.18
N ILE X 131 0.03 11.79 106.50
CA ILE X 131 -1.09 12.68 106.23
C ILE X 131 -1.71 13.19 107.51
N ARG X 132 -1.82 12.35 108.54
CA ARG X 132 -2.41 12.77 109.80
C ARG X 132 -1.68 13.96 110.40
N SER X 133 -0.35 13.88 110.48
CA SER X 133 0.42 14.98 111.05
C SER X 133 0.45 16.19 110.12
N SER X 134 0.66 15.95 108.82
CA SER X 134 0.78 17.05 107.87
C SER X 134 -0.54 17.78 107.66
N SER X 135 -1.66 17.19 108.05
CA SER X 135 -2.96 17.83 107.85
C SER X 135 -3.06 19.09 108.70
N SER X 136 -3.59 20.15 108.09
CA SER X 136 -3.79 21.42 108.78
C SER X 136 -5.21 21.58 109.31
N ASN X 137 -6.20 20.99 108.65
CA ASN X 137 -7.57 21.09 109.14
C ASN X 137 -7.70 20.37 110.49
N PRO X 138 -8.53 20.87 111.39
CA PRO X 138 -8.63 20.26 112.72
C PRO X 138 -9.08 18.81 112.64
N ALA X 139 -8.54 17.98 113.53
CA ALA X 139 -8.89 16.58 113.59
C ALA X 139 -10.18 16.39 114.38
N LEU X 140 -10.91 15.34 114.04
CA LEU X 140 -12.17 15.01 114.71
C LEU X 140 -12.04 13.68 115.44
N ALA X 141 -13.08 13.35 116.21
CA ALA X 141 -13.13 12.12 116.98
C ALA X 141 -14.25 11.23 116.45
N LEU X 142 -13.93 9.96 116.21
CA LEU X 142 -14.89 9.01 115.71
C LEU X 142 -15.78 8.56 116.87
N PRO X 143 -17.10 8.77 116.81
CA PRO X 143 -17.94 8.36 117.94
C PRO X 143 -17.90 6.86 118.17
N ASP X 144 -18.04 6.49 119.45
CA ASP X 144 -18.05 5.07 119.79
C ASP X 144 -19.22 4.36 119.10
N ASP X 145 -20.38 5.00 119.07
CA ASP X 145 -21.53 4.44 118.38
C ASP X 145 -21.36 4.60 116.87
N ALA X 146 -22.00 3.72 116.11
CA ALA X 146 -21.91 3.75 114.66
C ALA X 146 -22.94 4.67 114.02
N ARG X 147 -23.91 5.17 114.78
CA ARG X 147 -25.01 5.93 114.19
C ARG X 147 -24.62 7.39 113.94
N GLU X 148 -23.63 7.90 114.66
CA GLU X 148 -23.24 9.31 114.58
C GLU X 148 -22.08 9.54 113.62
N ILE X 149 -21.51 8.48 113.04
CA ILE X 149 -20.34 8.65 112.16
C ILE X 149 -20.68 9.53 110.97
N PRO X 150 -21.83 9.37 110.29
CA PRO X 150 -22.11 10.23 109.13
C PRO X 150 -22.11 11.72 109.46
N ASP X 151 -22.56 12.09 110.67
CA ASP X 151 -22.53 13.50 111.06
C ASP X 151 -21.10 14.02 111.10
N VAL X 152 -20.19 13.22 111.66
CA VAL X 152 -18.78 13.63 111.74
C VAL X 152 -18.18 13.72 110.34
N ILE X 153 -18.55 12.78 109.46
CA ILE X 153 -18.06 12.85 108.09
C ILE X 153 -18.57 14.11 107.39
N ALA X 154 -19.83 14.47 107.63
CA ALA X 154 -20.35 15.70 107.06
C ALA X 154 -19.61 16.92 107.60
N GLN X 155 -19.27 16.90 108.89
CA GLN X 155 -18.48 17.98 109.46
C GLN X 155 -17.11 18.08 108.79
N ALA X 156 -16.46 16.93 108.56
CA ALA X 156 -15.14 16.94 107.92
C ALA X 156 -15.23 17.45 106.50
N LEU X 157 -16.26 17.03 105.76
CA LEU X 157 -16.47 17.59 104.43
C LEU X 157 -16.68 19.08 104.50
N SER X 158 -17.45 19.55 105.48
CA SER X 158 -17.62 20.99 105.66
C SER X 158 -16.29 21.68 105.91
N GLU X 159 -15.39 21.05 106.67
CA GLU X 159 -14.10 21.69 106.93
C GLU X 159 -13.25 21.79 105.68
N LEU X 160 -13.03 20.66 104.98
CA LEU X 160 -12.30 20.69 103.72
C LEU X 160 -12.91 21.74 102.78
N ARG X 161 -14.22 21.69 102.65
CA ARG X 161 -14.96 22.39 101.64
C ARG X 161 -15.17 23.85 102.00
N LEU X 162 -14.99 24.17 103.28
CA LEU X 162 -14.70 25.54 103.69
C LEU X 162 -13.31 25.95 103.25
N ALA X 163 -12.31 25.11 103.52
CA ALA X 163 -10.92 25.47 103.25
C ALA X 163 -10.70 25.73 101.78
N GLY X 164 -11.55 25.20 100.91
CA GLY X 164 -11.51 25.58 99.51
C GLY X 164 -11.00 24.52 98.56
N VAL X 165 -10.93 23.27 99.00
CA VAL X 165 -10.47 22.19 98.16
C VAL X 165 -11.64 21.61 97.38
N ASP X 166 -11.35 21.17 96.15
CA ASP X 166 -12.38 20.63 95.26
C ASP X 166 -11.99 19.24 94.77
N GLY X 167 -12.76 18.71 93.82
CA GLY X 167 -12.54 17.39 93.28
C GLY X 167 -13.26 16.33 94.08
N PRO X 168 -13.34 15.12 93.54
CA PRO X 168 -14.08 14.05 94.23
C PRO X 168 -13.49 13.81 95.62
N TYR X 169 -14.36 13.57 96.58
CA TYR X 169 -13.97 13.29 97.95
C TYR X 169 -14.13 11.80 98.24
N SER X 170 -13.28 11.30 99.14
CA SER X 170 -13.22 9.88 99.41
C SER X 170 -13.00 9.65 100.90
N VAL X 171 -13.58 8.57 101.41
CA VAL X 171 -13.52 8.20 102.81
C VAL X 171 -12.78 6.86 102.90
N LEU X 172 -11.70 6.85 103.67
CA LEU X 172 -10.94 5.65 103.96
C LEU X 172 -11.23 5.27 105.41
N LEU X 173 -11.76 4.07 105.62
CA LEU X 173 -12.18 3.62 106.94
C LEU X 173 -11.30 2.48 107.43
N SER X 174 -11.12 2.42 108.75
CA SER X 174 -10.30 1.41 109.37
C SER X 174 -11.01 0.05 109.29
N ALA X 175 -10.31 -1.01 109.64
CA ALA X 175 -10.94 -2.32 109.69
C ALA X 175 -12.06 -2.36 110.74
N GLU X 176 -11.76 -1.86 111.94
CA GLU X 176 -12.72 -1.92 113.03
C GLU X 176 -13.93 -1.02 112.74
N THR X 177 -13.68 0.15 112.16
CA THR X 177 -14.78 1.06 111.83
C THR X 177 -15.61 0.55 110.66
N TYR X 178 -14.96 -0.02 109.65
CA TYR X 178 -15.69 -0.57 108.51
C TYR X 178 -16.54 -1.77 108.93
N THR X 179 -16.00 -2.66 109.77
CA THR X 179 -16.80 -3.74 110.31
C THR X 179 -18.02 -3.20 111.05
N LYS X 180 -17.83 -2.14 111.83
CA LYS X 180 -18.93 -1.56 112.58
C LYS X 180 -20.02 -1.03 111.67
N VAL X 181 -19.63 -0.18 110.70
CA VAL X 181 -20.62 0.42 109.81
C VAL X 181 -21.28 -0.63 108.93
N SER X 182 -20.57 -1.73 108.65
CA SER X 182 -21.15 -2.77 107.82
C SER X 182 -22.16 -3.60 108.60
N GLU X 183 -21.77 -4.11 109.77
CA GLU X 183 -22.68 -4.92 110.57
C GLU X 183 -23.88 -4.10 111.02
N THR X 184 -23.65 -2.87 111.47
CA THR X 184 -24.74 -2.02 111.92
C THR X 184 -25.63 -1.64 110.75
N THR X 185 -26.94 -1.52 111.02
CA THR X 185 -27.93 -1.26 109.99
C THR X 185 -28.95 -0.24 110.51
N ALA X 186 -29.62 0.43 109.57
CA ALA X 186 -30.65 1.39 109.92
C ALA X 186 -31.62 1.50 108.77
N HIS X 187 -32.92 1.40 109.07
CA HIS X 187 -33.98 1.51 108.07
C HIS X 187 -33.77 0.54 106.92
N GLY X 188 -33.16 -0.60 107.21
CA GLY X 188 -32.92 -1.60 106.20
C GLY X 188 -31.74 -1.34 105.29
N TYR X 189 -30.84 -0.41 105.65
CA TYR X 189 -29.60 -0.21 104.94
C TYR X 189 -28.44 -0.10 105.92
N PRO X 190 -27.24 -0.58 105.56
CA PRO X 190 -26.09 -0.41 106.44
C PRO X 190 -25.68 1.05 106.62
N ILE X 191 -25.08 1.30 107.78
CA ILE X 191 -24.53 2.61 108.05
C ILE X 191 -23.45 2.95 107.04
N ARG X 192 -22.80 1.94 106.46
CA ARG X 192 -21.84 2.20 105.40
C ARG X 192 -22.50 2.80 104.16
N GLU X 193 -23.66 2.28 103.76
CA GLU X 193 -24.39 2.90 102.66
C GLU X 193 -24.85 4.30 103.05
N HIS X 194 -25.29 4.47 104.29
CA HIS X 194 -25.59 5.81 104.77
C HIS X 194 -24.41 6.76 104.53
N ILE X 195 -23.21 6.32 104.88
CA ILE X 195 -22.01 7.14 104.64
C ILE X 195 -21.81 7.39 103.15
N ASN X 196 -21.88 6.33 102.35
CA ASN X 196 -21.64 6.44 100.91
C ASN X 196 -22.54 7.48 100.27
N ARG X 197 -23.77 7.61 100.77
CA ARG X 197 -24.72 8.53 100.16
C ARG X 197 -24.20 9.95 100.07
N LEU X 198 -23.29 10.35 100.96
CA LEU X 198 -22.84 11.74 101.04
C LEU X 198 -21.78 12.08 100.00
N VAL X 199 -20.75 11.25 99.90
CA VAL X 199 -19.58 11.59 99.09
C VAL X 199 -19.87 11.31 97.62
N ASP X 200 -19.03 11.89 96.76
CA ASP X 200 -19.09 11.69 95.32
C ASP X 200 -18.14 10.60 94.85
N GLY X 201 -17.10 10.28 95.64
CA GLY X 201 -16.12 9.30 95.25
C GLY X 201 -16.46 7.89 95.69
N GLU X 202 -15.58 7.28 96.48
CA GLU X 202 -15.71 5.89 96.87
C GLU X 202 -15.45 5.74 98.36
N ILE X 203 -15.91 4.61 98.91
CA ILE X 203 -15.58 4.20 100.27
C ILE X 203 -14.49 3.14 100.18
N ILE X 204 -13.42 3.29 100.96
CA ILE X 204 -12.22 2.46 100.83
C ILE X 204 -11.90 1.80 102.16
N TRP X 205 -11.47 0.54 102.08
CA TRP X 205 -10.92 -0.22 103.21
C TRP X 205 -9.51 0.27 103.50
N ALA X 206 -9.24 0.58 104.77
CA ALA X 206 -7.89 0.91 105.20
C ALA X 206 -7.55 0.16 106.48
N PRO X 207 -7.27 -1.14 106.42
CA PRO X 207 -7.07 -1.89 107.67
C PRO X 207 -5.84 -1.43 108.43
N ALA X 208 -4.79 -1.05 107.70
CA ALA X 208 -3.53 -0.65 108.31
C ALA X 208 -3.69 0.60 109.15
N ILE X 209 -4.51 1.55 108.69
CA ILE X 209 -4.66 2.82 109.39
C ILE X 209 -5.58 2.61 110.58
N ASP X 210 -5.59 3.59 111.48
CA ASP X 210 -6.43 3.56 112.68
C ASP X 210 -7.28 4.83 112.68
N GLY X 211 -8.60 4.65 112.62
CA GLY X 211 -9.51 5.78 112.62
C GLY X 211 -10.26 5.91 111.31
N ALA X 212 -10.24 7.10 110.73
CA ALA X 212 -10.89 7.34 109.44
C ALA X 212 -10.26 8.59 108.81
N PHE X 213 -10.42 8.71 107.49
CA PHE X 213 -9.83 9.84 106.77
C PHE X 213 -10.78 10.26 105.66
N VAL X 214 -11.02 11.57 105.55
CA VAL X 214 -11.79 12.12 104.43
C VAL X 214 -10.87 13.04 103.64
N LEU X 215 -10.66 12.74 102.36
CA LEU X 215 -9.67 13.50 101.60
C LEU X 215 -10.13 13.71 100.17
N SER X 216 -9.53 14.71 99.54
CA SER X 216 -9.82 15.02 98.15
C SER X 216 -8.92 14.21 97.22
N THR X 217 -9.40 13.97 96.00
CA THR X 217 -8.67 13.21 95.00
C THR X 217 -8.55 14.00 93.69
N ARG X 218 -8.56 15.33 93.79
CA ARG X 218 -8.36 16.15 92.59
C ARG X 218 -7.00 15.86 91.97
N GLY X 219 -5.97 15.69 92.79
CA GLY X 219 -4.64 15.40 92.31
C GLY X 219 -3.63 16.48 92.67
N GLY X 220 -2.37 16.10 92.78
CA GLY X 220 -1.30 17.04 93.07
C GLY X 220 -1.09 17.33 94.54
N ASP X 221 -1.72 16.58 95.45
CA ASP X 221 -1.57 16.79 96.88
C ASP X 221 -0.80 15.69 97.59
N PHE X 222 -0.80 14.47 97.08
CA PHE X 222 -0.07 13.37 97.69
C PHE X 222 0.73 12.66 96.60
N ASP X 223 1.96 12.27 96.92
CA ASP X 223 2.85 11.63 95.96
C ASP X 223 3.54 10.44 96.64
N LEU X 224 3.32 9.25 96.11
CA LEU X 224 4.02 8.05 96.54
C LEU X 224 5.13 7.77 95.53
N GLN X 225 6.37 8.04 95.92
CA GLN X 225 7.51 7.85 95.03
C GLN X 225 8.07 6.45 95.22
N LEU X 226 8.19 5.71 94.11
CA LEU X 226 8.73 4.36 94.13
C LEU X 226 10.02 4.32 93.32
N GLY X 227 11.05 3.71 93.89
CA GLY X 227 12.25 3.44 93.13
C GLY X 227 12.11 2.13 92.38
N THR X 228 11.69 1.09 93.10
CA THR X 228 11.35 -0.19 92.51
C THR X 228 10.07 -0.69 93.14
N ASP X 229 9.19 -1.27 92.33
CA ASP X 229 7.90 -1.75 92.81
C ASP X 229 8.12 -3.03 93.59
N VAL X 230 7.02 -3.65 94.03
CA VAL X 230 7.10 -4.86 94.83
C VAL X 230 7.77 -5.96 94.02
N SER X 231 8.73 -6.64 94.63
CA SER X 231 9.45 -7.72 93.97
C SER X 231 9.67 -8.85 94.97
N ILE X 232 9.85 -10.07 94.44
CA ILE X 232 10.09 -11.25 95.25
C ILE X 232 11.47 -11.80 94.92
N GLY X 233 12.26 -12.09 95.96
CA GLY X 233 13.63 -12.56 95.79
C GLY X 233 13.96 -13.82 96.56
N TYR X 234 15.21 -14.25 96.48
CA TYR X 234 15.68 -15.48 97.08
C TYR X 234 16.92 -15.22 97.89
N LEU X 235 16.99 -15.75 99.12
CA LEU X 235 18.17 -15.62 99.96
C LEU X 235 18.97 -16.91 100.04
N SER X 236 18.34 -18.00 100.45
CA SER X 236 19.02 -19.28 100.62
C SER X 236 17.97 -20.38 100.57
N HIS X 237 18.43 -21.63 100.68
CA HIS X 237 17.52 -22.76 100.59
C HIS X 237 18.13 -23.94 101.35
N ASP X 238 17.29 -24.95 101.57
CA ASP X 238 17.64 -26.11 102.36
C ASP X 238 16.98 -27.33 101.71
N ALA X 239 17.23 -28.51 102.26
CA ALA X 239 16.62 -29.73 101.74
C ALA X 239 15.10 -29.74 101.88
N GLU X 240 14.54 -28.84 102.69
CA GLU X 240 13.11 -28.83 102.97
C GLU X 240 12.43 -27.51 102.62
N VAL X 241 13.13 -26.39 102.74
CA VAL X 241 12.52 -25.07 102.63
C VAL X 241 13.36 -24.17 101.75
N VAL X 242 12.75 -23.06 101.33
CA VAL X 242 13.43 -21.98 100.62
C VAL X 242 13.05 -20.68 101.29
N HIS X 243 14.02 -19.79 101.49
CA HIS X 243 13.79 -18.50 102.11
C HIS X 243 13.74 -17.41 101.05
N LEU X 244 12.63 -16.69 101.01
CA LEU X 244 12.39 -15.63 100.03
C LEU X 244 12.05 -14.34 100.78
N TYR X 245 11.96 -13.25 100.04
CA TYR X 245 11.60 -11.97 100.64
C TYR X 245 10.78 -11.16 99.63
N MET X 246 9.93 -10.29 100.14
CA MET X 246 9.22 -9.31 99.34
C MET X 246 9.79 -7.93 99.65
N GLU X 247 10.15 -7.19 98.60
CA GLU X 247 10.94 -5.98 98.73
C GLU X 247 10.30 -4.84 97.95
N GLU X 248 10.36 -3.64 98.52
CA GLU X 248 9.95 -2.45 97.78
C GLU X 248 10.65 -1.22 98.36
N THR X 249 11.07 -0.31 97.47
CA THR X 249 11.76 0.91 97.85
C THR X 249 10.86 2.11 97.56
N MET X 250 10.56 2.90 98.60
CA MET X 250 9.51 3.90 98.48
C MET X 250 9.80 5.08 99.40
N THR X 251 9.02 6.14 99.17
CA THR X 251 8.86 7.25 100.10
C THR X 251 7.53 7.93 99.78
N PHE X 252 7.07 8.75 100.72
CA PHE X 252 5.78 9.43 100.58
C PHE X 252 5.93 10.91 100.88
N LEU X 253 5.25 11.75 100.12
CA LEU X 253 5.26 13.19 100.29
C LEU X 253 3.84 13.73 100.26
N CYS X 254 3.54 14.65 101.18
CA CYS X 254 2.29 15.40 101.18
C CYS X 254 2.61 16.87 100.91
N TYR X 255 1.92 17.47 99.95
CA TYR X 255 2.17 18.84 99.54
C TYR X 255 1.09 19.79 100.01
N THR X 256 -0.17 19.36 100.00
CA THR X 256 -1.30 20.19 100.41
C THR X 256 -1.80 19.68 101.76
N ALA X 257 -1.68 20.52 102.78
CA ALA X 257 -2.09 20.13 104.13
C ALA X 257 -3.59 20.28 104.35
N GLU X 258 -4.28 20.98 103.45
CA GLU X 258 -5.69 21.27 103.63
C GLU X 258 -6.62 20.36 102.83
N ALA X 259 -6.09 19.32 102.20
CA ALA X 259 -6.88 18.44 101.34
C ALA X 259 -7.34 17.18 102.07
N SER X 260 -7.16 17.10 103.38
CA SER X 260 -7.52 15.91 104.13
C SER X 260 -8.00 16.29 105.52
N VAL X 261 -8.80 15.41 106.11
CA VAL X 261 -9.29 15.54 107.48
C VAL X 261 -9.16 14.18 108.12
N ALA X 262 -8.65 14.15 109.35
CA ALA X 262 -8.39 12.91 110.06
C ALA X 262 -9.37 12.77 111.23
N LEU X 263 -9.83 11.54 111.45
CA LEU X 263 -10.72 11.23 112.56
C LEU X 263 -10.08 10.13 113.39
N THR X 264 -9.87 10.41 114.67
CA THR X 264 -9.15 9.50 115.55
C THR X 264 -10.13 8.64 116.35
N PRO X 265 -9.77 7.38 116.65
CA PRO X 265 -10.68 6.49 117.38
C PRO X 265 -11.09 7.05 118.73
N ASN Y 2 81.14 7.84 -39.62
CA ASN Y 2 82.30 7.98 -38.75
C ASN Y 2 83.58 7.99 -39.56
N ASN Y 3 84.72 7.98 -38.86
CA ASN Y 3 86.02 8.09 -39.54
C ASN Y 3 86.39 6.83 -40.31
N LEU Y 4 85.66 5.72 -40.13
CA LEU Y 4 85.96 4.51 -40.89
C LEU Y 4 85.65 4.72 -42.37
N TYR Y 5 84.61 5.48 -42.69
CA TYR Y 5 84.21 5.72 -44.07
C TYR Y 5 83.88 4.41 -44.79
N ARG Y 6 83.12 3.55 -44.10
CA ARG Y 6 82.69 2.30 -44.71
C ARG Y 6 81.59 2.51 -45.75
N ASP Y 7 80.75 3.52 -45.59
CA ASP Y 7 79.68 3.77 -46.54
C ASP Y 7 80.21 4.07 -47.94
N LEU Y 8 81.47 4.46 -48.05
CA LEU Y 8 82.08 4.78 -49.34
C LEU Y 8 82.74 3.57 -50.00
N ALA Y 9 82.81 2.43 -49.31
CA ALA Y 9 83.50 1.28 -49.87
C ALA Y 9 82.56 0.47 -50.76
N PRO Y 10 83.06 -0.10 -51.86
CA PRO Y 10 82.21 -0.95 -52.73
C PRO Y 10 82.06 -2.37 -52.20
N ILE Y 11 81.45 -2.50 -51.03
CA ILE Y 11 81.28 -3.77 -50.35
C ILE Y 11 79.86 -3.86 -49.83
N THR Y 12 79.25 -5.03 -49.97
CA THR Y 12 77.88 -5.26 -49.54
C THR Y 12 77.82 -5.61 -48.05
N GLU Y 13 76.61 -5.60 -47.51
CA GLU Y 13 76.41 -5.89 -46.10
C GLU Y 13 76.85 -7.32 -45.79
N SER Y 14 76.51 -8.27 -46.67
CA SER Y 14 76.87 -9.66 -46.43
C SER Y 14 78.38 -9.85 -46.40
N ALA Y 15 79.09 -9.25 -47.35
CA ALA Y 15 80.54 -9.37 -47.36
C ALA Y 15 81.16 -8.69 -46.16
N TRP Y 16 80.61 -7.53 -45.75
CA TRP Y 16 81.07 -6.89 -44.54
C TRP Y 16 80.92 -7.81 -43.34
N ALA Y 17 79.77 -8.47 -43.23
CA ALA Y 17 79.54 -9.39 -42.12
C ALA Y 17 80.53 -10.55 -42.16
N GLU Y 18 80.77 -11.11 -43.34
CA GLU Y 18 81.72 -12.21 -43.45
C GLU Y 18 83.11 -11.77 -43.02
N ILE Y 19 83.55 -10.61 -43.48
CA ILE Y 19 84.89 -10.13 -43.12
C ILE Y 19 84.99 -9.89 -41.61
N GLU Y 20 83.98 -9.25 -41.03
CA GLU Y 20 84.00 -9.00 -39.59
C GLU Y 20 84.05 -10.31 -38.81
N LEU Y 21 83.23 -11.28 -39.21
CA LEU Y 21 83.22 -12.57 -38.51
C LEU Y 21 84.56 -13.25 -38.60
N GLU Y 22 85.15 -13.27 -39.80
CA GLU Y 22 86.43 -13.95 -39.98
C GLU Y 22 87.54 -13.28 -39.18
N ALA Y 23 87.57 -11.95 -39.15
CA ALA Y 23 88.59 -11.26 -38.37
C ALA Y 23 88.40 -11.48 -36.87
N THR Y 24 87.15 -11.40 -36.40
CA THR Y 24 86.89 -11.59 -34.98
C THR Y 24 87.30 -12.99 -34.54
N ARG Y 25 86.95 -14.01 -35.32
CA ARG Y 25 87.29 -15.39 -34.95
C ARG Y 25 88.80 -15.55 -34.81
N THR Y 26 89.55 -15.08 -35.81
CA THR Y 26 91.00 -15.27 -35.80
C THR Y 26 91.66 -14.49 -34.67
N PHE Y 27 91.22 -13.25 -34.44
CA PHE Y 27 91.80 -12.46 -33.36
C PHE Y 27 91.52 -13.11 -32.00
N LYS Y 28 90.28 -13.55 -31.78
CA LYS Y 28 89.94 -14.19 -30.51
C LYS Y 28 90.70 -15.50 -30.36
N ARG Y 29 91.05 -16.15 -31.47
CA ARG Y 29 91.90 -17.34 -31.39
C ARG Y 29 93.31 -16.98 -30.95
N HIS Y 30 93.91 -15.98 -31.58
CA HIS Y 30 95.33 -15.70 -31.42
C HIS Y 30 95.65 -14.79 -30.25
N ILE Y 31 94.64 -14.27 -29.55
CA ILE Y 31 94.86 -13.33 -28.46
C ILE Y 31 94.85 -14.08 -27.14
N ALA Y 32 95.75 -13.69 -26.23
CA ALA Y 32 95.90 -14.36 -24.94
C ALA Y 32 95.87 -13.43 -23.74
N GLY Y 33 96.44 -12.22 -23.85
CA GLY Y 33 96.50 -11.35 -22.67
C GLY Y 33 95.14 -10.96 -22.16
N ARG Y 34 94.17 -10.79 -23.05
CA ARG Y 34 92.81 -10.41 -22.66
C ARG Y 34 92.16 -11.43 -21.75
N ARG Y 35 92.66 -12.66 -21.72
CA ARG Y 35 92.12 -13.69 -20.86
C ARG Y 35 92.70 -13.69 -19.46
N VAL Y 36 93.77 -12.93 -19.22
CA VAL Y 36 94.42 -12.94 -17.91
C VAL Y 36 94.66 -11.52 -17.40
N VAL Y 37 94.18 -10.51 -18.13
CA VAL Y 37 94.35 -9.12 -17.71
C VAL Y 37 93.00 -8.44 -17.68
N ASP Y 38 92.80 -7.60 -16.67
CA ASP Y 38 91.59 -6.78 -16.61
C ASP Y 38 91.57 -5.81 -17.78
N VAL Y 39 90.38 -5.62 -18.36
CA VAL Y 39 90.21 -4.77 -19.53
C VAL Y 39 89.28 -3.63 -19.15
N SER Y 40 89.76 -2.40 -19.33
CA SER Y 40 88.95 -1.20 -19.15
C SER Y 40 88.27 -0.91 -20.48
N GLY Y 41 86.96 -1.09 -20.54
CA GLY Y 41 86.22 -1.00 -21.78
C GLY Y 41 86.49 0.30 -22.52
N PRO Y 42 86.12 0.35 -23.80
CA PRO Y 42 86.39 1.56 -24.59
C PRO Y 42 85.78 2.79 -23.93
N ASN Y 43 86.60 3.84 -23.80
CA ASN Y 43 86.17 5.10 -23.23
C ASN Y 43 85.86 6.15 -24.29
N GLY Y 44 85.96 5.80 -25.56
CA GLY Y 44 85.60 6.71 -26.64
C GLY Y 44 86.80 7.24 -27.39
N PRO Y 45 86.57 7.75 -28.60
CA PRO Y 45 87.68 8.31 -29.39
C PRO Y 45 88.31 9.53 -28.75
N THR Y 46 87.61 10.22 -27.86
CA THR Y 46 88.15 11.39 -27.19
C THR Y 46 89.23 11.04 -26.17
N THR Y 47 89.33 9.78 -25.76
CA THR Y 47 90.30 9.38 -24.76
C THR Y 47 91.70 9.31 -25.37
N ALA Y 48 92.66 9.93 -24.70
CA ALA Y 48 94.03 10.02 -25.21
C ALA Y 48 95.09 9.57 -24.21
N SER Y 49 94.80 9.56 -22.91
CA SER Y 49 95.81 9.23 -21.92
C SER Y 49 95.12 8.68 -20.67
N VAL Y 50 95.91 8.03 -19.83
CA VAL Y 50 95.44 7.45 -18.57
C VAL Y 50 96.24 8.07 -17.43
N SER Y 51 95.56 8.71 -16.49
CA SER Y 51 96.23 9.32 -15.36
C SER Y 51 96.82 8.25 -14.46
N THR Y 52 97.99 8.54 -13.87
CA THR Y 52 98.59 7.63 -12.91
C THR Y 52 98.45 8.11 -11.47
N GLY Y 53 98.03 9.36 -11.27
CA GLY Y 53 97.90 9.91 -9.94
C GLY Y 53 99.20 10.36 -9.31
N HIS Y 54 100.31 10.26 -10.04
CA HIS Y 54 101.62 10.70 -9.55
C HIS Y 54 101.89 12.13 -9.98
N LEU Y 55 102.90 12.73 -9.35
CA LEU Y 55 103.31 14.10 -9.62
C LEU Y 55 104.78 14.13 -10.01
N LEU Y 56 105.13 15.09 -10.86
CA LEU Y 56 106.50 15.29 -11.32
C LEU Y 56 106.94 16.71 -11.01
N ASP Y 57 108.18 16.85 -10.55
CA ASP Y 57 108.70 18.16 -10.19
C ASP Y 57 108.96 18.99 -11.44
N VAL Y 58 108.77 20.30 -11.33
CA VAL Y 58 108.90 21.22 -12.45
C VAL Y 58 109.28 22.59 -11.93
N SER Y 59 109.98 23.35 -12.77
CA SER Y 59 110.44 24.67 -12.38
C SER Y 59 109.25 25.58 -12.09
N PRO Y 60 109.27 26.36 -11.00
CA PRO Y 60 108.10 27.17 -10.67
C PRO Y 60 107.97 28.36 -11.59
N PRO Y 61 106.76 28.88 -11.77
CA PRO Y 61 106.62 30.15 -12.51
C PRO Y 61 107.34 31.31 -11.83
N GLY Y 62 107.38 31.32 -10.51
CA GLY Y 62 107.96 32.45 -9.80
C GLY Y 62 108.22 32.13 -8.35
N ASP Y 63 108.54 33.18 -7.59
CA ASP Y 63 108.92 33.00 -6.19
C ASP Y 63 107.70 32.64 -5.35
N GLY Y 64 107.93 31.81 -4.33
CA GLY Y 64 106.88 31.43 -3.41
C GLY Y 64 105.85 30.49 -3.99
N VAL Y 65 106.15 29.84 -5.11
CA VAL Y 65 105.21 28.97 -5.79
C VAL Y 65 105.85 27.60 -5.97
N ILE Y 66 105.10 26.54 -5.64
CA ILE Y 66 105.55 25.17 -5.82
C ILE Y 66 104.72 24.57 -6.95
N ALA Y 67 105.40 24.02 -7.95
CA ALA Y 67 104.75 23.52 -9.16
C ALA Y 67 105.03 22.04 -9.34
N HIS Y 68 104.01 21.30 -9.74
CA HIS Y 68 104.12 19.87 -10.03
C HIS Y 68 103.27 19.55 -11.25
N LEU Y 69 103.73 18.59 -12.04
CA LEU Y 69 103.02 18.15 -13.23
C LEU Y 69 102.35 16.80 -12.98
N ARG Y 70 101.11 16.68 -13.42
CA ARG Y 70 100.39 15.41 -13.32
C ARG Y 70 100.91 14.44 -14.36
N ASP Y 71 100.97 13.17 -13.99
CA ASP Y 71 101.58 12.14 -14.82
C ASP Y 71 100.52 11.28 -15.50
N ALA Y 72 100.69 11.09 -16.81
CA ALA Y 72 99.74 10.33 -17.59
C ALA Y 72 100.49 9.45 -18.58
N LYS Y 73 99.85 8.35 -18.95
CA LYS Y 73 100.38 7.40 -19.92
C LYS Y 73 99.62 7.59 -21.22
N PRO Y 74 100.29 7.91 -22.33
CA PRO Y 74 99.58 8.11 -23.59
C PRO Y 74 99.12 6.78 -24.20
N LEU Y 75 98.11 6.89 -25.03
CA LEU Y 75 97.57 5.75 -25.77
C LEU Y 75 98.17 5.72 -27.17
N VAL Y 76 98.39 4.51 -27.68
CA VAL Y 76 99.01 4.31 -28.98
C VAL Y 76 98.00 3.62 -29.89
N ARG Y 77 97.94 4.08 -31.14
CA ARG Y 77 97.04 3.54 -32.15
C ARG Y 77 97.81 2.63 -33.08
N LEU Y 78 97.35 1.39 -33.22
CA LEU Y 78 97.96 0.40 -34.10
C LEU Y 78 97.02 0.17 -35.28
N ARG Y 79 97.56 0.32 -36.48
CA ARG Y 79 96.82 0.16 -37.73
C ARG Y 79 97.55 -0.82 -38.63
N VAL Y 80 96.86 -1.85 -39.07
CA VAL Y 80 97.43 -2.86 -39.96
C VAL Y 80 96.64 -2.86 -41.26
N PRO Y 81 97.24 -2.50 -42.39
CA PRO Y 81 96.50 -2.48 -43.66
C PRO Y 81 96.53 -3.81 -44.37
N PHE Y 82 95.50 -4.04 -45.18
CA PHE Y 82 95.41 -5.22 -46.01
C PHE Y 82 94.55 -4.91 -47.23
N THR Y 83 94.57 -5.82 -48.20
CA THR Y 83 93.91 -5.64 -49.48
C THR Y 83 92.98 -6.81 -49.76
N VAL Y 84 91.82 -6.51 -50.34
CA VAL Y 84 90.81 -7.52 -50.64
C VAL Y 84 90.40 -7.40 -52.10
N ALA Y 85 89.94 -8.51 -52.66
CA ALA Y 85 89.59 -8.58 -54.08
C ALA Y 85 88.09 -8.37 -54.29
N ARG Y 86 87.77 -7.46 -55.20
CA ARG Y 86 86.38 -7.15 -55.52
C ARG Y 86 85.63 -8.33 -56.12
N ARG Y 87 86.33 -9.27 -56.77
CA ARG Y 87 85.68 -10.47 -57.26
C ARG Y 87 85.19 -11.36 -56.11
N ASP Y 88 86.03 -11.59 -55.10
CA ASP Y 88 85.60 -12.31 -53.92
C ASP Y 88 84.50 -11.57 -53.19
N ILE Y 89 84.56 -10.23 -53.16
CA ILE Y 89 83.48 -9.47 -52.55
C ILE Y 89 82.17 -9.69 -53.29
N ASP Y 90 82.21 -9.63 -54.62
CA ASP Y 90 80.98 -9.71 -55.41
C ASP Y 90 80.39 -11.10 -55.37
N ASP Y 91 81.22 -12.13 -55.31
CA ASP Y 91 80.70 -13.50 -55.34
C ASP Y 91 79.78 -13.80 -54.17
N VAL Y 92 79.89 -13.05 -53.07
CA VAL Y 92 79.09 -13.37 -51.87
C VAL Y 92 77.60 -13.23 -52.18
N GLU Y 93 77.21 -12.14 -52.84
CA GLU Y 93 75.79 -11.92 -53.13
C GLU Y 93 75.24 -12.96 -54.09
N ARG Y 94 76.11 -13.71 -54.77
CA ARG Y 94 75.72 -14.84 -55.60
C ARG Y 94 75.60 -16.14 -54.82
N GLY Y 95 75.50 -16.07 -53.50
CA GLY Y 95 75.44 -17.27 -52.68
C GLY Y 95 76.73 -18.05 -52.66
N SER Y 96 77.87 -17.39 -52.82
CA SER Y 96 79.16 -18.04 -52.70
C SER Y 96 79.62 -17.99 -51.26
N GLN Y 97 80.13 -19.12 -50.76
CA GLN Y 97 80.62 -19.23 -49.39
C GLN Y 97 81.95 -19.97 -49.31
N ASP Y 98 82.83 -19.77 -50.29
CA ASP Y 98 84.22 -20.20 -50.20
C ASP Y 98 85.18 -19.05 -50.50
N SER Y 99 84.75 -17.81 -50.28
CA SER Y 99 85.55 -16.65 -50.64
C SER Y 99 86.83 -16.60 -49.82
N ASP Y 100 87.87 -16.01 -50.40
CA ASP Y 100 89.19 -15.94 -49.78
C ASP Y 100 89.26 -14.72 -48.86
N TRP Y 101 89.55 -14.96 -47.58
CA TRP Y 101 89.73 -13.90 -46.59
C TRP Y 101 91.07 -14.04 -45.88
N ASP Y 102 92.03 -14.67 -46.56
CA ASP Y 102 93.35 -14.88 -45.98
C ASP Y 102 94.05 -13.58 -45.59
N PRO Y 103 94.02 -12.51 -46.40
CA PRO Y 103 94.60 -11.24 -45.92
C PRO Y 103 93.95 -10.74 -44.65
N VAL Y 104 92.62 -10.91 -44.52
CA VAL Y 104 91.94 -10.52 -43.29
C VAL Y 104 92.50 -11.31 -42.12
N LYS Y 105 92.63 -12.62 -42.28
CA LYS Y 105 93.14 -13.46 -41.19
C LYS Y 105 94.57 -13.07 -40.84
N ASP Y 106 95.41 -12.80 -41.84
CA ASP Y 106 96.79 -12.43 -41.57
C ASP Y 106 96.87 -11.10 -40.82
N ALA Y 107 96.06 -10.12 -41.22
CA ALA Y 107 96.07 -8.84 -40.53
C ALA Y 107 95.61 -9.00 -39.09
N ALA Y 108 94.56 -9.79 -38.87
CA ALA Y 108 94.11 -10.04 -37.50
C ALA Y 108 95.20 -10.70 -36.67
N LYS Y 109 95.89 -11.68 -37.24
CA LYS Y 109 97.00 -12.32 -36.54
C LYS Y 109 98.09 -11.31 -36.18
N LYS Y 110 98.42 -10.45 -37.14
CA LYS Y 110 99.46 -9.46 -36.90
C LYS Y 110 99.08 -8.51 -35.77
N LEU Y 111 97.83 -8.04 -35.78
CA LEU Y 111 97.38 -7.12 -34.73
C LEU Y 111 97.39 -7.81 -33.36
N ALA Y 112 96.90 -9.06 -33.30
CA ALA Y 112 96.92 -9.78 -32.04
C ALA Y 112 98.34 -9.97 -31.54
N PHE Y 113 99.27 -10.28 -32.45
CA PHE Y 113 100.65 -10.51 -32.04
C PHE Y 113 101.28 -9.23 -31.49
N VAL Y 114 101.05 -8.10 -32.16
CA VAL Y 114 101.62 -6.85 -31.66
C VAL Y 114 101.04 -6.50 -30.30
N GLU Y 115 99.72 -6.69 -30.13
CA GLU Y 115 99.10 -6.39 -28.84
C GLU Y 115 99.69 -7.25 -27.73
N ASP Y 116 99.76 -8.57 -27.97
CA ASP Y 116 100.26 -9.47 -26.94
C ASP Y 116 101.74 -9.21 -26.64
N ARG Y 117 102.52 -8.91 -27.67
CA ARG Y 117 103.93 -8.61 -27.47
C ARG Y 117 104.15 -7.32 -26.71
N ALA Y 118 103.32 -6.29 -26.94
CA ALA Y 118 103.38 -5.09 -26.13
C ALA Y 118 102.99 -5.39 -24.68
N ILE Y 119 101.98 -6.23 -24.48
CA ILE Y 119 101.56 -6.55 -23.11
C ILE Y 119 102.67 -7.28 -22.36
N PHE Y 120 103.28 -8.28 -23.00
CA PHE Y 120 104.16 -9.21 -22.30
C PHE Y 120 105.64 -8.90 -22.42
N GLU Y 121 106.04 -8.01 -23.32
CA GLU Y 121 107.45 -7.73 -23.58
C GLU Y 121 107.79 -6.26 -23.56
N GLY Y 122 106.85 -5.38 -23.90
CA GLY Y 122 107.07 -3.95 -23.82
C GLY Y 122 107.21 -3.31 -25.19
N TYR Y 123 106.66 -2.10 -25.32
CA TYR Y 123 106.78 -1.28 -26.52
C TYR Y 123 107.27 0.08 -26.03
N ALA Y 124 108.59 0.27 -26.05
CA ALA Y 124 109.20 1.39 -25.34
C ALA Y 124 108.73 2.73 -25.88
N ALA Y 125 108.69 2.87 -27.20
CA ALA Y 125 108.34 4.16 -27.78
C ALA Y 125 106.95 4.63 -27.33
N ALA Y 126 106.07 3.69 -26.99
CA ALA Y 126 104.78 4.02 -26.43
C ALA Y 126 104.81 4.10 -24.91
N SER Y 127 105.99 4.09 -24.31
CA SER Y 127 106.16 4.14 -22.86
C SER Y 127 105.49 2.95 -22.17
N ILE Y 128 105.42 1.82 -22.87
CA ILE Y 128 104.79 0.61 -22.35
C ILE Y 128 105.89 -0.29 -21.81
N GLU Y 129 105.93 -0.47 -20.49
CA GLU Y 129 106.83 -1.42 -19.86
C GLU Y 129 106.09 -2.75 -19.68
N GLY Y 130 106.66 -3.82 -20.22
CA GLY Y 130 106.01 -5.10 -20.23
C GLY Y 130 106.06 -5.80 -18.88
N ILE Y 131 105.27 -6.89 -18.80
CA ILE Y 131 105.25 -7.70 -17.59
C ILE Y 131 106.62 -8.28 -17.30
N ARG Y 132 107.36 -8.70 -18.33
CA ARG Y 132 108.67 -9.28 -18.13
C ARG Y 132 109.61 -8.32 -17.40
N SER Y 133 109.68 -7.08 -17.87
CA SER Y 133 110.56 -6.10 -17.24
C SER Y 133 110.02 -5.66 -15.88
N SER Y 134 108.71 -5.40 -15.80
CA SER Y 134 108.13 -4.90 -14.55
C SER Y 134 108.12 -5.96 -13.45
N SER Y 135 108.31 -7.23 -13.79
CA SER Y 135 108.29 -8.28 -12.78
C SER Y 135 109.47 -8.12 -11.83
N SER Y 136 109.19 -8.29 -10.53
CA SER Y 136 110.22 -8.21 -9.51
C SER Y 136 110.76 -9.58 -9.11
N ASN Y 137 109.94 -10.63 -9.19
CA ASN Y 137 110.42 -11.96 -8.85
C ASN Y 137 111.49 -12.39 -9.84
N PRO Y 138 112.49 -13.16 -9.41
CA PRO Y 138 113.59 -13.54 -10.31
C PRO Y 138 113.08 -14.35 -11.49
N ALA Y 139 113.69 -14.13 -12.65
CA ALA Y 139 113.34 -14.85 -13.86
C ALA Y 139 114.02 -16.20 -13.89
N LEU Y 140 113.37 -17.16 -14.56
CA LEU Y 140 113.90 -18.51 -14.70
C LEU Y 140 114.21 -18.81 -16.15
N ALA Y 141 114.83 -19.96 -16.38
CA ALA Y 141 115.21 -20.42 -17.71
C ALA Y 141 114.42 -21.67 -18.06
N LEU Y 142 113.84 -21.68 -19.25
CA LEU Y 142 113.06 -22.81 -19.71
C LEU Y 142 114.02 -23.90 -20.20
N PRO Y 143 114.01 -25.10 -19.62
CA PRO Y 143 114.96 -26.12 -20.07
C PRO Y 143 114.75 -26.50 -21.52
N ASP Y 144 115.85 -26.85 -22.18
CA ASP Y 144 115.76 -27.27 -23.58
C ASP Y 144 114.88 -28.52 -23.72
N ASP Y 145 115.02 -29.46 -22.79
CA ASP Y 145 114.18 -30.65 -22.78
C ASP Y 145 112.79 -30.30 -22.27
N ALA Y 146 111.80 -31.08 -22.69
CA ALA Y 146 110.43 -30.84 -22.28
C ALA Y 146 110.07 -31.53 -20.96
N ARG Y 147 110.93 -32.40 -20.45
CA ARG Y 147 110.57 -33.19 -19.27
C ARG Y 147 110.77 -32.41 -17.98
N GLU Y 148 111.62 -31.39 -17.98
CA GLU Y 148 111.96 -30.63 -16.78
C GLU Y 148 111.13 -29.37 -16.62
N ILE Y 149 110.27 -29.05 -17.60
CA ILE Y 149 109.49 -27.81 -17.53
C ILE Y 149 108.61 -27.78 -16.29
N PRO Y 150 107.90 -28.86 -15.92
CA PRO Y 150 107.04 -28.79 -14.73
C PRO Y 150 107.79 -28.43 -13.46
N ASP Y 151 109.04 -28.88 -13.33
CA ASP Y 151 109.83 -28.51 -12.15
C ASP Y 151 110.04 -27.00 -12.09
N VAL Y 152 110.36 -26.39 -13.23
CA VAL Y 152 110.57 -24.94 -13.27
C VAL Y 152 109.27 -24.21 -12.97
N ILE Y 153 108.15 -24.73 -13.48
CA ILE Y 153 106.86 -24.11 -13.18
C ILE Y 153 106.56 -24.20 -11.69
N ALA Y 154 106.87 -25.34 -11.06
CA ALA Y 154 106.68 -25.46 -9.62
C ALA Y 154 107.57 -24.48 -8.86
N GLN Y 155 108.80 -24.28 -9.34
CA GLN Y 155 109.67 -23.28 -8.73
C GLN Y 155 109.08 -21.88 -8.84
N ALA Y 156 108.53 -21.54 -10.01
CA ALA Y 156 107.94 -20.21 -10.20
C ALA Y 156 106.72 -20.02 -9.30
N LEU Y 157 105.88 -21.06 -9.20
CA LEU Y 157 104.77 -20.99 -8.26
C LEU Y 157 105.27 -20.80 -6.84
N SER Y 158 106.35 -21.50 -6.47
CA SER Y 158 106.93 -21.31 -5.15
C SER Y 158 107.39 -19.87 -4.96
N GLU Y 159 107.95 -19.25 -6.00
CA GLU Y 159 108.40 -17.86 -5.85
C GLU Y 159 107.24 -16.90 -5.65
N LEU Y 160 106.25 -16.93 -6.55
CA LEU Y 160 105.06 -16.10 -6.38
C LEU Y 160 104.46 -16.31 -4.98
N ARG Y 161 104.31 -17.57 -4.63
CA ARG Y 161 103.54 -18.00 -3.49
C ARG Y 161 104.31 -17.85 -2.19
N LEU Y 162 105.62 -17.71 -2.30
CA LEU Y 162 106.42 -17.11 -1.24
C LEU Y 162 106.14 -15.63 -1.14
N ALA Y 163 106.16 -14.92 -2.26
CA ALA Y 163 106.03 -13.46 -2.25
C ALA Y 163 104.71 -13.04 -1.66
N GLY Y 164 103.70 -13.91 -1.66
CA GLY Y 164 102.48 -13.65 -0.94
C GLY Y 164 101.27 -13.35 -1.80
N VAL Y 165 101.32 -13.65 -3.08
CA VAL Y 165 100.21 -13.41 -3.98
C VAL Y 165 99.27 -14.63 -3.95
N ASP Y 166 97.98 -14.34 -4.10
CA ASP Y 166 96.95 -15.39 -4.06
C ASP Y 166 96.08 -15.34 -5.31
N GLY Y 167 95.01 -16.13 -5.32
CA GLY Y 167 94.11 -16.22 -6.44
C GLY Y 167 94.56 -17.26 -7.44
N PRO Y 168 93.68 -17.61 -8.37
CA PRO Y 168 94.02 -18.67 -9.34
C PRO Y 168 95.28 -18.30 -10.11
N TYR Y 169 96.12 -19.29 -10.36
CA TYR Y 169 97.35 -19.12 -11.10
C TYR Y 169 97.19 -19.69 -12.51
N SER Y 170 97.91 -19.09 -13.46
CA SER Y 170 97.76 -19.44 -14.86
C SER Y 170 99.12 -19.43 -15.54
N VAL Y 171 99.27 -20.32 -16.51
CA VAL Y 171 100.51 -20.49 -17.26
C VAL Y 171 100.22 -20.15 -18.72
N LEU Y 172 100.96 -19.18 -19.24
CA LEU Y 172 100.89 -18.81 -20.65
C LEU Y 172 102.17 -19.32 -21.31
N LEU Y 173 102.00 -20.16 -22.32
CA LEU Y 173 103.13 -20.81 -22.98
C LEU Y 173 103.28 -20.31 -24.42
N SER Y 174 104.53 -20.29 -24.89
CA SER Y 174 104.83 -19.82 -26.23
C SER Y 174 104.34 -20.86 -27.24
N ALA Y 175 104.38 -20.50 -28.52
CA ALA Y 175 104.04 -21.46 -29.56
C ALA Y 175 105.01 -22.63 -29.57
N GLU Y 176 106.31 -22.33 -29.53
CA GLU Y 176 107.32 -23.38 -29.62
C GLU Y 176 107.29 -24.27 -28.37
N THR Y 177 107.08 -23.66 -27.20
CA THR Y 177 107.02 -24.45 -25.97
C THR Y 177 105.74 -25.27 -25.88
N TYR Y 178 104.61 -24.70 -26.30
CA TYR Y 178 103.36 -25.44 -26.29
C TYR Y 178 103.40 -26.61 -27.26
N THR Y 179 103.94 -26.40 -28.47
CA THR Y 179 104.14 -27.51 -29.39
C THR Y 179 104.98 -28.61 -28.75
N LYS Y 180 106.04 -28.22 -28.05
CA LYS Y 180 106.92 -29.20 -27.42
C LYS Y 180 106.19 -30.01 -26.37
N VAL Y 181 105.51 -29.33 -25.43
CA VAL Y 181 104.83 -30.03 -24.35
C VAL Y 181 103.67 -30.86 -24.88
N SER Y 182 103.09 -30.44 -26.01
CA SER Y 182 101.98 -31.20 -26.58
C SER Y 182 102.47 -32.46 -27.28
N GLU Y 183 103.45 -32.33 -28.18
CA GLU Y 183 103.96 -33.49 -28.89
C GLU Y 183 104.62 -34.47 -27.93
N THR Y 184 105.41 -33.96 -26.98
CA THR Y 184 106.07 -34.83 -26.03
C THR Y 184 105.06 -35.47 -25.10
N THR Y 185 105.33 -36.72 -24.70
CA THR Y 185 104.41 -37.51 -23.89
C THR Y 185 105.19 -38.26 -22.82
N ALA Y 186 104.49 -38.64 -21.75
CA ALA Y 186 105.09 -39.41 -20.67
C ALA Y 186 104.01 -40.20 -19.97
N HIS Y 187 104.25 -41.50 -19.79
CA HIS Y 187 103.31 -42.40 -19.11
C HIS Y 187 101.93 -42.34 -19.74
N GLY Y 188 101.89 -42.09 -21.05
CA GLY Y 188 100.62 -42.03 -21.74
C GLY Y 188 99.85 -40.74 -21.58
N TYR Y 189 100.47 -39.67 -21.09
CA TYR Y 189 99.87 -38.35 -21.05
C TYR Y 189 100.86 -37.30 -21.55
N PRO Y 190 100.39 -36.25 -22.23
CA PRO Y 190 101.29 -35.18 -22.64
C PRO Y 190 101.89 -34.42 -21.47
N ILE Y 191 103.09 -33.88 -21.73
CA ILE Y 191 103.74 -33.04 -20.75
C ILE Y 191 102.88 -31.81 -20.46
N ARG Y 192 102.04 -31.40 -21.41
CA ARG Y 192 101.11 -30.31 -21.15
C ARG Y 192 100.10 -30.67 -20.06
N GLU Y 193 99.55 -31.88 -20.11
CA GLU Y 193 98.67 -32.32 -19.03
C GLU Y 193 99.45 -32.42 -17.72
N HIS Y 194 100.68 -32.92 -17.79
CA HIS Y 194 101.53 -32.90 -16.60
C HIS Y 194 101.59 -31.49 -16.00
N ILE Y 195 101.81 -30.48 -16.84
CA ILE Y 195 101.84 -29.10 -16.35
C ILE Y 195 100.49 -28.70 -15.76
N ASN Y 196 99.41 -28.97 -16.49
CA ASN Y 196 98.08 -28.57 -16.06
C ASN Y 196 97.76 -29.10 -14.67
N ARG Y 197 98.26 -30.29 -14.35
CA ARG Y 197 97.93 -30.91 -13.06
C ARG Y 197 98.26 -30.02 -11.88
N LEU Y 198 99.25 -29.12 -12.02
CA LEU Y 198 99.74 -28.33 -10.89
C LEU Y 198 98.86 -27.13 -10.59
N VAL Y 199 98.53 -26.34 -11.61
CA VAL Y 199 97.86 -25.06 -11.41
C VAL Y 199 96.37 -25.27 -11.17
N ASP Y 200 95.73 -24.23 -10.63
CA ASP Y 200 94.30 -24.21 -10.40
C ASP Y 200 93.55 -23.54 -11.55
N GLY Y 201 94.22 -22.70 -12.34
CA GLY Y 201 93.57 -21.98 -13.42
C GLY Y 201 93.57 -22.72 -14.73
N GLU Y 202 94.16 -22.12 -15.77
CA GLU Y 202 94.13 -22.65 -17.11
C GLU Y 202 95.51 -22.57 -17.74
N ILE Y 203 95.70 -23.37 -18.80
CA ILE Y 203 96.88 -23.30 -19.64
C ILE Y 203 96.50 -22.52 -20.90
N ILE Y 204 97.31 -21.53 -21.28
CA ILE Y 204 96.95 -20.58 -22.34
C ILE Y 204 98.04 -20.57 -23.41
N TRP Y 205 97.59 -20.49 -24.67
CA TRP Y 205 98.45 -20.27 -25.84
C TRP Y 205 98.90 -18.82 -25.86
N ALA Y 206 100.19 -18.59 -26.01
CA ALA Y 206 100.73 -17.25 -26.20
C ALA Y 206 101.74 -17.24 -27.34
N PRO Y 207 101.30 -17.32 -28.60
CA PRO Y 207 102.28 -17.44 -29.69
C PRO Y 207 103.15 -16.20 -29.83
N ALA Y 208 102.59 -15.03 -29.57
CA ALA Y 208 103.30 -13.77 -29.72
C ALA Y 208 104.47 -13.67 -28.76
N ILE Y 209 104.30 -14.17 -27.53
CA ILE Y 209 105.34 -14.04 -26.52
C ILE Y 209 106.40 -15.09 -26.78
N ASP Y 210 107.55 -14.93 -26.13
CA ASP Y 210 108.68 -15.85 -26.25
C ASP Y 210 109.04 -16.33 -24.85
N GLY Y 211 108.91 -17.63 -24.62
CA GLY Y 211 109.22 -18.21 -23.34
C GLY Y 211 108.00 -18.77 -22.64
N ALA Y 212 107.80 -18.38 -21.39
CA ALA Y 212 106.62 -18.81 -20.62
C ALA Y 212 106.40 -17.83 -19.49
N PHE Y 213 105.17 -17.83 -18.96
CA PHE Y 213 104.83 -16.90 -17.89
C PHE Y 213 103.88 -17.58 -16.93
N VAL Y 214 104.15 -17.46 -15.63
CA VAL Y 214 103.23 -17.95 -14.59
C VAL Y 214 102.76 -16.75 -13.78
N LEU Y 215 101.45 -16.50 -13.76
CA LEU Y 215 100.96 -15.28 -13.14
C LEU Y 215 99.64 -15.53 -12.41
N SER Y 216 99.34 -14.63 -11.48
CA SER Y 216 98.10 -14.69 -10.73
C SER Y 216 96.99 -13.96 -11.47
N THR Y 217 95.75 -14.37 -11.22
CA THR Y 217 94.58 -13.78 -11.84
C THR Y 217 93.56 -13.32 -10.79
N ARG Y 218 94.04 -12.99 -9.59
CA ARG Y 218 93.14 -12.47 -8.57
C ARG Y 218 92.48 -11.18 -9.04
N GLY Y 219 93.23 -10.32 -9.72
CA GLY Y 219 92.70 -9.07 -10.22
C GLY Y 219 93.37 -7.85 -9.62
N GLY Y 220 93.38 -6.75 -10.34
CA GLY Y 220 93.96 -5.51 -9.86
C GLY Y 220 95.44 -5.36 -10.07
N ASP Y 221 96.09 -6.25 -10.83
CA ASP Y 221 97.51 -6.19 -11.07
C ASP Y 221 97.88 -5.81 -12.50
N PHE Y 222 97.03 -6.09 -13.48
CA PHE Y 222 97.30 -5.73 -14.86
C PHE Y 222 96.07 -5.05 -15.44
N ASP Y 223 96.28 -4.00 -16.23
CA ASP Y 223 95.18 -3.23 -16.80
C ASP Y 223 95.49 -2.94 -18.28
N LEU Y 224 94.62 -3.43 -19.16
CA LEU Y 224 94.70 -3.11 -20.58
C LEU Y 224 93.66 -2.03 -20.87
N GLN Y 225 94.13 -0.80 -21.08
CA GLN Y 225 93.24 0.32 -21.33
C GLN Y 225 93.02 0.47 -22.83
N LEU Y 226 91.75 0.50 -23.23
CA LEU Y 226 91.37 0.66 -24.62
C LEU Y 226 90.60 1.96 -24.80
N GLY Y 227 90.98 2.73 -25.81
CA GLY Y 227 90.19 3.89 -26.19
C GLY Y 227 89.09 3.47 -27.13
N THR Y 228 89.46 2.73 -28.17
CA THR Y 228 88.52 2.12 -29.09
C THR Y 228 88.96 0.69 -29.37
N ASP Y 229 88.00 -0.22 -29.42
CA ASP Y 229 88.31 -1.63 -29.63
C ASP Y 229 88.68 -1.84 -31.09
N VAL Y 230 88.91 -3.10 -31.47
CA VAL Y 230 89.32 -3.42 -32.83
C VAL Y 230 88.23 -2.99 -33.80
N SER Y 231 88.62 -2.31 -34.87
CA SER Y 231 87.68 -1.84 -35.88
C SER Y 231 88.31 -2.03 -37.25
N ILE Y 232 87.45 -2.12 -38.27
CA ILE Y 232 87.88 -2.28 -39.66
C ILE Y 232 87.43 -1.07 -40.46
N GLY Y 233 88.34 -0.49 -41.24
CA GLY Y 233 88.06 0.71 -42.00
C GLY Y 233 88.43 0.62 -43.47
N TYR Y 234 88.24 1.72 -44.19
CA TYR Y 234 88.46 1.79 -45.63
C TYR Y 234 89.33 2.97 -45.96
N LEU Y 235 90.35 2.78 -46.81
CA LEU Y 235 91.20 3.87 -47.25
C LEU Y 235 90.91 4.29 -48.68
N SER Y 236 90.97 3.35 -49.63
CA SER Y 236 90.77 3.65 -51.03
C SER Y 236 90.39 2.36 -51.74
N HIS Y 237 90.13 2.45 -53.05
CA HIS Y 237 89.70 1.29 -53.81
C HIS Y 237 90.09 1.49 -55.27
N ASP Y 238 90.00 0.40 -56.02
CA ASP Y 238 90.41 0.35 -57.41
C ASP Y 238 89.43 -0.54 -58.16
N ALA Y 239 89.61 -0.67 -59.47
CA ALA Y 239 88.75 -1.53 -60.27
C ALA Y 239 88.86 -3.00 -59.88
N GLU Y 240 89.89 -3.38 -59.14
CA GLU Y 240 90.14 -4.77 -58.80
C GLU Y 240 90.18 -5.05 -57.30
N VAL Y 241 90.64 -4.09 -56.50
CA VAL Y 241 90.91 -4.32 -55.09
C VAL Y 241 90.35 -3.18 -54.25
N VAL Y 242 90.26 -3.44 -52.94
CA VAL Y 242 89.91 -2.43 -51.95
C VAL Y 242 90.93 -2.52 -50.83
N HIS Y 243 91.39 -1.36 -50.35
CA HIS Y 243 92.37 -1.30 -49.26
C HIS Y 243 91.66 -0.96 -47.96
N LEU Y 244 91.82 -1.83 -46.97
CA LEU Y 244 91.20 -1.69 -45.66
C LEU Y 244 92.29 -1.75 -44.59
N TYR Y 245 91.89 -1.48 -43.35
CA TYR Y 245 92.84 -1.53 -42.23
C TYR Y 245 92.10 -2.01 -40.99
N MET Y 246 92.83 -2.64 -40.09
CA MET Y 246 92.34 -2.98 -38.77
C MET Y 246 93.06 -2.11 -37.75
N GLU Y 247 92.28 -1.47 -36.88
CA GLU Y 247 92.76 -0.39 -36.02
C GLU Y 247 92.34 -0.64 -34.58
N GLU Y 248 93.24 -0.32 -33.65
CA GLU Y 248 92.88 -0.32 -32.24
C GLU Y 248 93.80 0.62 -31.47
N THR Y 249 93.22 1.34 -30.50
CA THR Y 249 93.96 2.30 -29.68
C THR Y 249 94.02 1.78 -28.25
N MET Y 250 95.23 1.60 -27.73
CA MET Y 250 95.40 0.88 -26.47
C MET Y 250 96.64 1.37 -25.73
N THR Y 251 96.71 0.93 -24.47
CA THR Y 251 97.93 0.99 -23.67
C THR Y 251 97.81 -0.08 -22.58
N PHE Y 252 98.93 -0.40 -21.95
CA PHE Y 252 98.99 -1.44 -20.93
C PHE Y 252 99.71 -0.93 -19.70
N LEU Y 253 99.22 -1.29 -18.53
CA LEU Y 253 99.81 -0.91 -17.26
C LEU Y 253 99.92 -2.12 -16.34
N CYS Y 254 101.06 -2.25 -15.67
CA CYS Y 254 101.27 -3.26 -14.64
C CYS Y 254 101.45 -2.53 -13.31
N TYR Y 255 100.68 -2.95 -12.29
CA TYR Y 255 100.70 -2.30 -10.99
C TYR Y 255 101.43 -3.14 -9.94
N THR Y 256 101.27 -4.45 -9.98
CA THR Y 256 101.89 -5.36 -9.02
C THR Y 256 103.02 -6.11 -9.71
N ALA Y 257 104.25 -5.86 -9.26
CA ALA Y 257 105.41 -6.49 -9.88
C ALA Y 257 105.65 -7.90 -9.39
N GLU Y 258 104.99 -8.30 -8.30
CA GLU Y 258 105.23 -9.59 -7.68
C GLU Y 258 104.19 -10.65 -8.04
N ALA Y 259 103.28 -10.36 -8.96
CA ALA Y 259 102.20 -11.27 -9.31
C ALA Y 259 102.51 -12.12 -10.54
N SER Y 260 103.75 -12.08 -11.03
CA SER Y 260 104.11 -12.82 -12.23
C SER Y 260 105.55 -13.31 -12.13
N VAL Y 261 105.84 -14.37 -12.87
CA VAL Y 261 107.18 -14.93 -13.00
C VAL Y 261 107.40 -15.23 -14.47
N ALA Y 262 108.57 -14.86 -14.98
CA ALA Y 262 108.89 -15.00 -16.39
C ALA Y 262 109.95 -16.09 -16.57
N LEU Y 263 109.80 -16.88 -17.63
CA LEU Y 263 110.75 -17.92 -17.97
C LEU Y 263 111.23 -17.68 -19.40
N THR Y 264 112.53 -17.52 -19.56
CA THR Y 264 113.12 -17.16 -20.83
C THR Y 264 113.62 -18.40 -21.57
N PRO Y 265 113.54 -18.42 -22.91
CA PRO Y 265 113.97 -19.59 -23.68
C PRO Y 265 115.42 -19.97 -23.42
N ASN Z 2 -34.53 83.67 -4.60
CA ASN Z 2 -33.64 84.74 -5.03
C ASN Z 2 -34.40 86.05 -5.16
N ASN Z 3 -33.72 87.08 -5.69
CA ASN Z 3 -34.31 88.41 -5.77
C ASN Z 3 -35.42 88.51 -6.81
N LEU Z 4 -35.58 87.50 -7.66
CA LEU Z 4 -36.66 87.54 -8.66
C LEU Z 4 -38.02 87.44 -7.97
N TYR Z 5 -38.11 86.67 -6.89
CA TYR Z 5 -39.37 86.48 -6.17
C TYR Z 5 -40.44 85.88 -7.08
N ARG Z 6 -40.05 84.86 -7.85
CA ARG Z 6 -41.00 84.17 -8.71
C ARG Z 6 -41.95 83.27 -7.92
N ASP Z 7 -41.51 82.72 -6.79
CA ASP Z 7 -42.36 81.85 -6.00
C ASP Z 7 -43.60 82.57 -5.48
N LEU Z 8 -43.58 83.89 -5.45
CA LEU Z 8 -44.71 84.68 -4.97
C LEU Z 8 -45.69 85.06 -6.09
N ALA Z 9 -45.36 84.75 -7.34
CA ALA Z 9 -46.22 85.16 -8.44
C ALA Z 9 -47.32 84.13 -8.67
N PRO Z 10 -48.54 84.56 -9.03
CA PRO Z 10 -49.63 83.61 -9.32
C PRO Z 10 -49.54 83.04 -10.73
N ILE Z 11 -48.47 82.31 -11.00
CA ILE Z 11 -48.19 81.75 -12.32
C ILE Z 11 -47.74 80.30 -12.14
N THR Z 12 -48.23 79.42 -13.01
CA THR Z 12 -47.90 78.01 -12.95
C THR Z 12 -46.58 77.72 -13.68
N GLU Z 13 -46.08 76.50 -13.47
CA GLU Z 13 -44.81 76.10 -14.08
C GLU Z 13 -44.93 76.11 -15.60
N SER Z 14 -46.06 75.62 -16.13
CA SER Z 14 -46.23 75.57 -17.58
C SER Z 14 -46.23 76.97 -18.19
N ALA Z 15 -46.95 77.90 -17.57
CA ALA Z 15 -46.99 79.27 -18.09
C ALA Z 15 -45.63 79.94 -17.96
N TRP Z 16 -44.91 79.67 -16.86
CA TRP Z 16 -43.55 80.16 -16.74
C TRP Z 16 -42.68 79.67 -17.88
N ALA Z 17 -42.78 78.37 -18.19
CA ALA Z 17 -42.00 77.80 -19.28
C ALA Z 17 -42.36 78.45 -20.61
N GLU Z 18 -43.65 78.64 -20.86
CA GLU Z 18 -44.07 79.28 -22.11
C GLU Z 18 -43.51 80.69 -22.22
N ILE Z 19 -43.60 81.46 -21.15
CA ILE Z 19 -43.10 82.84 -21.19
C ILE Z 19 -41.59 82.85 -21.41
N GLU Z 20 -40.86 82.00 -20.70
CA GLU Z 20 -39.41 81.94 -20.88
C GLU Z 20 -39.05 81.58 -22.31
N LEU Z 21 -39.72 80.57 -22.86
CA LEU Z 21 -39.43 80.15 -24.24
C LEU Z 21 -39.70 81.27 -25.22
N GLU Z 22 -40.84 81.94 -25.07
CA GLU Z 22 -41.21 83.01 -26.00
C GLU Z 22 -40.22 84.17 -25.92
N ALA Z 23 -39.80 84.56 -24.71
CA ALA Z 23 -38.84 85.64 -24.58
C ALA Z 23 -37.48 85.25 -25.15
N THR Z 24 -37.02 84.04 -24.85
CA THR Z 24 -35.72 83.60 -25.36
C THR Z 24 -35.70 83.58 -26.87
N ARG Z 25 -36.75 83.04 -27.50
CA ARG Z 25 -36.80 82.98 -28.96
C ARG Z 25 -36.69 84.37 -29.57
N THR Z 26 -37.51 85.31 -29.07
CA THR Z 26 -37.53 86.64 -29.66
C THR Z 26 -36.22 87.38 -29.44
N PHE Z 27 -35.64 87.26 -28.25
CA PHE Z 27 -34.36 87.93 -27.99
C PHE Z 27 -33.26 87.36 -28.87
N LYS Z 28 -33.19 86.03 -28.99
CA LYS Z 28 -32.17 85.42 -29.84
C LYS Z 28 -32.40 85.79 -31.30
N ARG Z 29 -33.65 86.05 -31.69
CA ARG Z 29 -33.91 86.54 -33.04
C ARG Z 29 -33.37 87.95 -33.23
N HIS Z 30 -33.67 88.85 -32.30
CA HIS Z 30 -33.42 90.27 -32.49
C HIS Z 30 -32.02 90.71 -32.07
N ILE Z 31 -31.22 89.82 -31.50
CA ILE Z 31 -29.89 90.17 -31.00
C ILE Z 31 -28.86 89.84 -32.06
N ALA Z 32 -27.86 90.72 -32.21
CA ALA Z 32 -26.82 90.57 -33.22
C ALA Z 32 -25.40 90.67 -32.69
N GLY Z 33 -25.14 91.54 -31.71
CA GLY Z 33 -23.76 91.73 -31.25
C GLY Z 33 -23.17 90.47 -30.66
N ARG Z 34 -23.99 89.68 -29.98
CA ARG Z 34 -23.52 88.43 -29.35
C ARG Z 34 -22.96 87.45 -30.36
N ARG Z 35 -23.28 87.60 -31.64
CA ARG Z 35 -22.78 86.73 -32.68
C ARG Z 35 -21.42 87.15 -33.23
N VAL Z 36 -20.96 88.36 -32.90
CA VAL Z 36 -19.71 88.86 -33.46
C VAL Z 36 -18.79 89.42 -32.36
N VAL Z 37 -19.20 89.29 -31.10
CA VAL Z 37 -18.39 89.79 -29.99
C VAL Z 37 -18.18 88.66 -28.99
N ASP Z 38 -16.97 88.60 -28.44
CA ASP Z 38 -16.69 87.66 -27.36
C ASP Z 38 -17.52 88.00 -26.15
N VAL Z 39 -18.03 86.97 -25.47
CA VAL Z 39 -18.90 87.14 -24.31
C VAL Z 39 -18.22 86.52 -23.10
N SER Z 40 -18.03 87.32 -22.07
CA SER Z 40 -17.51 86.84 -20.79
C SER Z 40 -18.71 86.39 -19.96
N GLY Z 41 -18.84 85.09 -19.74
CA GLY Z 41 -20.00 84.53 -19.10
C GLY Z 41 -20.32 85.19 -17.78
N PRO Z 42 -21.54 84.98 -17.28
CA PRO Z 42 -21.94 85.63 -16.02
C PRO Z 42 -20.96 85.31 -14.91
N ASN Z 43 -20.51 86.37 -14.21
CA ASN Z 43 -19.60 86.22 -13.09
C ASN Z 43 -20.31 86.31 -11.74
N GLY Z 44 -21.63 86.44 -11.72
CA GLY Z 44 -22.40 86.43 -10.50
C GLY Z 44 -22.94 87.80 -10.14
N PRO Z 45 -23.96 87.82 -9.27
CA PRO Z 45 -24.53 89.11 -8.85
C PRO Z 45 -23.55 89.98 -8.08
N THR Z 46 -22.51 89.40 -7.50
CA THR Z 46 -21.51 90.17 -6.77
C THR Z 46 -20.63 91.02 -7.67
N THR Z 47 -20.61 90.74 -8.97
CA THR Z 47 -19.75 91.47 -9.90
C THR Z 47 -20.34 92.85 -10.18
N ALA Z 48 -19.51 93.88 -10.06
CA ALA Z 48 -19.95 95.26 -10.23
C ALA Z 48 -19.11 96.06 -11.22
N SER Z 49 -17.88 95.66 -11.50
CA SER Z 49 -17.01 96.45 -12.37
C SER Z 49 -15.99 95.52 -13.02
N VAL Z 50 -15.36 96.03 -14.08
CA VAL Z 50 -14.34 95.30 -14.83
C VAL Z 50 -13.07 96.14 -14.81
N SER Z 51 -11.98 95.56 -14.29
CA SER Z 51 -10.71 96.26 -14.22
C SER Z 51 -10.15 96.46 -15.63
N THR Z 52 -9.50 97.60 -15.86
CA THR Z 52 -8.83 97.85 -17.13
C THR Z 52 -7.32 97.70 -17.04
N GLY Z 53 -6.77 97.62 -15.83
CA GLY Z 53 -5.33 97.51 -15.67
C GLY Z 53 -4.58 98.82 -15.79
N HIS Z 54 -5.29 99.92 -15.99
CA HIS Z 54 -4.68 101.25 -16.09
C HIS Z 54 -4.67 101.93 -14.73
N LEU Z 55 -3.88 103.00 -14.65
CA LEU Z 55 -3.73 103.78 -13.42
C LEU Z 55 -4.08 105.24 -13.69
N LEU Z 56 -4.60 105.90 -12.67
CA LEU Z 56 -4.97 107.31 -12.76
C LEU Z 56 -4.25 108.09 -11.66
N ASP Z 57 -3.75 109.27 -12.01
CA ASP Z 57 -3.01 110.08 -11.05
C ASP Z 57 -3.96 110.67 -10.02
N VAL Z 58 -3.47 110.82 -8.79
CA VAL Z 58 -4.28 111.30 -7.67
C VAL Z 58 -3.37 111.98 -6.66
N SER Z 59 -3.94 112.93 -5.93
CA SER Z 59 -3.17 113.69 -4.95
C SER Z 59 -2.64 112.76 -3.86
N PRO Z 60 -1.38 112.88 -3.45
CA PRO Z 60 -0.84 111.94 -2.48
C PRO Z 60 -1.37 112.22 -1.09
N PRO Z 61 -1.41 111.21 -0.22
CA PRO Z 61 -1.74 111.48 1.19
C PRO Z 61 -0.74 112.42 1.86
N GLY Z 62 0.53 112.33 1.50
CA GLY Z 62 1.54 113.13 2.17
C GLY Z 62 2.83 113.15 1.40
N ASP Z 63 3.87 113.67 2.06
CA ASP Z 63 5.16 113.85 1.40
C ASP Z 63 5.85 112.51 1.18
N GLY Z 64 6.58 112.41 0.08
CA GLY Z 64 7.34 111.22 -0.23
C GLY Z 64 6.49 110.03 -0.65
N VAL Z 65 5.23 110.25 -1.02
CA VAL Z 65 4.32 109.18 -1.37
C VAL Z 65 3.75 109.45 -2.76
N ILE Z 66 3.74 108.43 -3.60
CA ILE Z 66 3.18 108.50 -4.95
C ILE Z 66 1.91 107.66 -4.95
N ALA Z 67 0.80 108.26 -5.37
CA ALA Z 67 -0.51 107.61 -5.30
C ALA Z 67 -1.11 107.51 -6.69
N HIS Z 68 -1.73 106.37 -6.98
CA HIS Z 68 -2.42 106.13 -8.23
C HIS Z 68 -3.69 105.33 -7.96
N LEU Z 69 -4.72 105.60 -8.75
CA LEU Z 69 -6.00 104.91 -8.62
C LEU Z 69 -6.17 103.89 -9.74
N ARG Z 70 -6.63 102.71 -9.38
CA ARG Z 70 -6.92 101.67 -10.37
C ARG Z 70 -8.20 102.02 -11.12
N ASP Z 71 -8.21 101.70 -12.41
CA ASP Z 71 -9.30 102.10 -13.29
C ASP Z 71 -10.21 100.91 -13.59
N ALA Z 72 -11.52 101.14 -13.45
CA ALA Z 72 -12.51 100.10 -13.67
C ALA Z 72 -13.69 100.69 -14.41
N LYS Z 73 -14.38 99.82 -15.14
CA LYS Z 73 -15.58 100.16 -15.89
C LYS Z 73 -16.78 99.61 -15.14
N PRO Z 74 -17.73 100.44 -14.72
CA PRO Z 74 -18.89 99.93 -14.00
C PRO Z 74 -19.86 99.20 -14.91
N LEU Z 75 -20.65 98.33 -14.30
CA LEU Z 75 -21.70 97.58 -14.99
C LEU Z 75 -23.03 98.28 -14.80
N VAL Z 76 -23.87 98.22 -15.83
CA VAL Z 76 -25.17 98.89 -15.82
C VAL Z 76 -26.25 97.82 -15.92
N ARG Z 77 -27.32 98.00 -15.13
CA ARG Z 77 -28.44 97.07 -15.09
C ARG Z 77 -29.59 97.67 -15.89
N LEU Z 78 -30.10 96.91 -16.86
CA LEU Z 78 -31.22 97.32 -17.70
C LEU Z 78 -32.42 96.47 -17.31
N ARG Z 79 -33.52 97.14 -16.99
CA ARG Z 79 -34.77 96.51 -16.58
C ARG Z 79 -35.92 97.04 -17.44
N VAL Z 80 -36.64 96.14 -18.07
CA VAL Z 80 -37.78 96.50 -18.91
C VAL Z 80 -39.04 95.87 -18.33
N PRO Z 81 -40.01 96.65 -17.84
CA PRO Z 81 -41.22 96.06 -17.27
C PRO Z 81 -42.30 95.80 -18.31
N PHE Z 82 -43.14 94.83 -18.00
CA PHE Z 82 -44.29 94.51 -18.83
C PHE Z 82 -45.37 93.87 -17.96
N THR Z 83 -46.57 93.75 -18.54
CA THR Z 83 -47.74 93.28 -17.83
C THR Z 83 -48.36 92.11 -18.57
N VAL Z 84 -48.85 91.13 -17.80
CA VAL Z 84 -49.45 89.92 -18.36
C VAL Z 84 -50.81 89.69 -17.73
N ALA Z 85 -51.68 89.01 -18.46
CA ALA Z 85 -53.06 88.79 -18.04
C ALA Z 85 -53.22 87.43 -17.36
N ARG Z 86 -53.83 87.45 -16.18
CA ARG Z 86 -54.06 86.23 -15.42
C ARG Z 86 -54.99 85.25 -16.13
N ARG Z 87 -55.87 85.73 -17.00
CA ARG Z 87 -56.70 84.83 -17.79
C ARG Z 87 -55.88 84.02 -18.78
N ASP Z 88 -54.97 84.67 -19.51
CA ASP Z 88 -54.05 83.96 -20.39
C ASP Z 88 -53.15 83.03 -19.60
N ILE Z 89 -52.73 83.44 -18.39
CA ILE Z 89 -51.94 82.55 -17.56
C ILE Z 89 -52.73 81.31 -17.19
N ASP Z 90 -53.98 81.48 -16.77
CA ASP Z 90 -54.78 80.35 -16.28
C ASP Z 90 -55.15 79.41 -17.40
N ASP Z 91 -55.39 79.94 -18.60
CA ASP Z 91 -55.82 79.08 -19.71
C ASP Z 91 -54.80 78.00 -20.04
N VAL Z 92 -53.53 78.20 -19.69
CA VAL Z 92 -52.49 77.24 -20.09
C VAL Z 92 -52.76 75.88 -19.46
N GLU Z 93 -53.08 75.85 -18.17
CA GLU Z 93 -53.31 74.58 -17.49
C GLU Z 93 -54.54 73.86 -18.03
N ARG Z 94 -55.40 74.56 -18.77
CA ARG Z 94 -56.53 73.96 -19.46
C ARG Z 94 -56.17 73.43 -20.84
N GLY Z 95 -54.88 73.23 -21.11
CA GLY Z 95 -54.46 72.78 -22.42
C GLY Z 95 -54.65 73.81 -23.51
N SER Z 96 -54.59 75.09 -23.18
CA SER Z 96 -54.65 76.15 -24.18
C SER Z 96 -53.25 76.46 -24.66
N GLN Z 97 -53.10 76.60 -25.98
CA GLN Z 97 -51.82 76.92 -26.59
C GLN Z 97 -51.94 77.99 -27.68
N ASP Z 98 -52.81 78.98 -27.47
CA ASP Z 98 -52.83 80.19 -28.28
C ASP Z 98 -52.77 81.44 -27.41
N SER Z 99 -52.20 81.34 -26.21
CA SER Z 99 -52.19 82.45 -25.27
C SER Z 99 -51.37 83.61 -25.81
N ASP Z 100 -51.75 84.83 -25.39
CA ASP Z 100 -51.11 86.05 -25.88
C ASP Z 100 -49.88 86.36 -25.04
N TRP Z 101 -48.72 86.46 -25.68
CA TRP Z 101 -47.46 86.80 -25.05
C TRP Z 101 -46.80 87.99 -25.75
N ASP Z 102 -47.62 88.81 -26.40
CA ASP Z 102 -47.12 89.97 -27.13
C ASP Z 102 -46.35 90.94 -26.24
N PRO Z 103 -46.81 91.27 -25.02
CA PRO Z 103 -45.98 92.12 -24.16
C PRO Z 103 -44.62 91.51 -23.87
N VAL Z 104 -44.57 90.18 -23.68
CA VAL Z 104 -43.29 89.51 -23.48
C VAL Z 104 -42.39 89.73 -24.68
N LYS Z 105 -42.93 89.53 -25.88
CA LYS Z 105 -42.13 89.68 -27.09
C LYS Z 105 -41.65 91.13 -27.24
N ASP Z 106 -42.52 92.10 -26.95
CA ASP Z 106 -42.14 93.50 -27.07
C ASP Z 106 -41.04 93.85 -26.08
N ALA Z 107 -41.14 93.38 -24.85
CA ALA Z 107 -40.10 93.66 -23.86
C ALA Z 107 -38.77 93.04 -24.28
N ALA Z 108 -38.81 91.81 -24.78
CA ALA Z 108 -37.58 91.18 -25.26
C ALA Z 108 -36.97 91.97 -26.40
N LYS Z 109 -37.80 92.44 -27.33
CA LYS Z 109 -37.29 93.25 -28.43
C LYS Z 109 -36.64 94.53 -27.91
N LYS Z 110 -37.30 95.18 -26.94
CA LYS Z 110 -36.77 96.41 -26.39
C LYS Z 110 -35.41 96.19 -25.73
N LEU Z 111 -35.30 95.12 -24.94
CA LEU Z 111 -34.03 94.82 -24.27
C LEU Z 111 -32.93 94.52 -25.28
N ALA Z 112 -33.25 93.72 -26.30
CA ALA Z 112 -32.25 93.43 -27.33
C ALA Z 112 -31.81 94.70 -28.04
N PHE Z 113 -32.75 95.59 -28.33
CA PHE Z 113 -32.41 96.81 -29.04
C PHE Z 113 -31.52 97.70 -28.20
N VAL Z 114 -31.82 97.85 -26.91
CA VAL Z 114 -30.97 98.68 -26.07
C VAL Z 114 -29.58 98.08 -25.96
N GLU Z 115 -29.48 96.76 -25.81
CA GLU Z 115 -28.17 96.12 -25.71
C GLU Z 115 -27.36 96.35 -26.98
N ASP Z 116 -27.97 96.10 -28.14
CA ASP Z 116 -27.24 96.23 -29.40
C ASP Z 116 -26.86 97.69 -29.66
N ARG Z 117 -27.75 98.63 -29.31
CA ARG Z 117 -27.45 100.03 -29.49
C ARG Z 117 -26.34 100.51 -28.58
N ALA Z 118 -26.27 100.01 -27.34
CA ALA Z 118 -25.14 100.31 -26.48
C ALA Z 118 -23.85 99.73 -27.04
N ILE Z 119 -23.91 98.51 -27.59
CA ILE Z 119 -22.71 97.90 -28.14
C ILE Z 119 -22.19 98.69 -29.34
N PHE Z 120 -23.09 99.07 -30.25
CA PHE Z 120 -22.68 99.60 -31.55
C PHE Z 120 -22.69 101.12 -31.65
N GLU Z 121 -23.28 101.83 -30.68
CA GLU Z 121 -23.42 103.28 -30.76
C GLU Z 121 -22.97 103.99 -29.51
N GLY Z 122 -23.05 103.36 -28.34
CA GLY Z 122 -22.55 103.94 -27.11
C GLY Z 122 -23.68 104.37 -26.18
N TYR Z 123 -23.45 104.18 -24.88
CA TYR Z 123 -24.35 104.62 -23.83
C TYR Z 123 -23.48 105.41 -22.85
N ALA Z 124 -23.43 106.73 -23.05
CA ALA Z 124 -22.41 107.54 -22.39
C ALA Z 124 -22.54 107.50 -20.87
N ALA Z 125 -23.76 107.62 -20.36
CA ALA Z 125 -23.94 107.68 -18.91
C ALA Z 125 -23.40 106.43 -18.22
N ALA Z 126 -23.36 105.31 -18.93
CA ALA Z 126 -22.74 104.10 -18.42
C ALA Z 126 -21.26 104.01 -18.78
N SER Z 127 -20.67 105.08 -19.29
CA SER Z 127 -19.28 105.12 -19.69
C SER Z 127 -18.97 104.10 -20.79
N ILE Z 128 -19.97 103.79 -21.61
CA ILE Z 128 -19.84 102.82 -22.69
C ILE Z 128 -19.58 103.59 -23.97
N GLU Z 129 -18.37 103.45 -24.52
CA GLU Z 129 -18.03 104.00 -25.82
C GLU Z 129 -18.26 102.93 -26.88
N GLY Z 130 -19.08 103.24 -27.88
CA GLY Z 130 -19.47 102.28 -28.87
C GLY Z 130 -18.39 102.01 -29.90
N ILE Z 131 -18.63 100.96 -30.70
CA ILE Z 131 -17.72 100.60 -31.77
C ILE Z 131 -17.59 101.74 -32.78
N ARG Z 132 -18.69 102.44 -33.08
CA ARG Z 132 -18.65 103.53 -34.04
C ARG Z 132 -17.67 104.61 -33.63
N SER Z 133 -17.75 105.06 -32.37
CA SER Z 133 -16.84 106.10 -31.90
C SER Z 133 -15.43 105.57 -31.72
N SER Z 134 -15.28 104.37 -31.14
CA SER Z 134 -13.96 103.83 -30.86
C SER Z 134 -13.21 103.44 -32.13
N SER Z 135 -13.91 103.31 -33.26
CA SER Z 135 -13.25 102.92 -34.50
C SER Z 135 -12.29 104.00 -34.95
N SER Z 136 -11.11 103.57 -35.39
CA SER Z 136 -10.08 104.48 -35.89
C SER Z 136 -10.10 104.60 -37.41
N ASN Z 137 -10.49 103.54 -38.12
CA ASN Z 137 -10.55 103.62 -39.57
C ASN Z 137 -11.62 104.62 -40.00
N PRO Z 138 -11.41 105.34 -41.10
CA PRO Z 138 -12.37 106.37 -41.50
C PRO Z 138 -13.74 105.78 -41.78
N ALA Z 139 -14.78 106.54 -41.43
CA ALA Z 139 -16.15 106.12 -41.65
C ALA Z 139 -16.57 106.42 -43.08
N LEU Z 140 -17.49 105.61 -43.59
CA LEU Z 140 -18.01 105.77 -44.95
C LEU Z 140 -19.49 106.13 -44.90
N ALA Z 141 -20.04 106.44 -46.07
CA ALA Z 141 -21.43 106.81 -46.22
C ALA Z 141 -22.15 105.75 -47.06
N LEU Z 142 -23.30 105.30 -46.57
CA LEU Z 142 -24.08 104.30 -47.27
C LEU Z 142 -24.85 104.98 -48.39
N PRO Z 143 -24.65 104.60 -49.66
CA PRO Z 143 -25.37 105.28 -50.74
C PRO Z 143 -26.87 105.11 -50.62
N ASP Z 144 -27.60 106.14 -51.07
CA ASP Z 144 -29.05 106.07 -51.05
C ASP Z 144 -29.56 104.91 -51.90
N ASP Z 145 -28.95 104.71 -53.06
CA ASP Z 145 -29.30 103.58 -53.91
C ASP Z 145 -28.72 102.29 -53.35
N ALA Z 146 -29.37 101.17 -53.67
CA ALA Z 146 -28.92 99.88 -53.18
C ALA Z 146 -27.87 99.23 -54.08
N ARG Z 147 -27.63 99.78 -55.26
CA ARG Z 147 -26.74 99.12 -56.22
C ARG Z 147 -25.27 99.39 -55.92
N GLU Z 148 -24.96 100.47 -55.22
CA GLU Z 148 -23.59 100.89 -54.95
C GLU Z 148 -23.08 100.41 -53.60
N ILE Z 149 -23.93 99.76 -52.80
CA ILE Z 149 -23.50 99.34 -51.45
C ILE Z 149 -22.32 98.38 -51.53
N PRO Z 150 -22.30 97.38 -52.42
CA PRO Z 150 -21.15 96.46 -52.45
C PRO Z 150 -19.82 97.16 -52.68
N ASP Z 151 -19.81 98.23 -53.48
CA ASP Z 151 -18.57 98.97 -53.69
C ASP Z 151 -18.06 99.57 -52.38
N VAL Z 152 -18.98 100.14 -51.59
CA VAL Z 152 -18.58 100.73 -50.31
C VAL Z 152 -18.10 99.65 -49.36
N ILE Z 153 -18.75 98.48 -49.38
CA ILE Z 153 -18.29 97.39 -48.53
C ILE Z 153 -16.90 96.93 -48.94
N ALA Z 154 -16.64 96.87 -50.25
CA ALA Z 154 -15.30 96.53 -50.70
C ALA Z 154 -14.27 97.56 -50.27
N GLN Z 155 -14.65 98.84 -50.30
CA GLN Z 155 -13.77 99.88 -49.79
C GLN Z 155 -13.47 99.70 -48.31
N ALA Z 156 -14.49 99.38 -47.52
CA ALA Z 156 -14.29 99.18 -46.08
C ALA Z 156 -13.39 97.98 -45.81
N LEU Z 157 -13.61 96.88 -46.56
CA LEU Z 157 -12.70 95.75 -46.44
C LEU Z 157 -11.29 96.15 -46.80
N SER Z 158 -11.13 96.95 -47.85
CA SER Z 158 -9.80 97.45 -48.21
C SER Z 158 -9.19 98.24 -47.07
N GLU Z 159 -9.99 99.05 -46.36
CA GLU Z 159 -9.44 99.83 -45.26
C GLU Z 159 -8.98 98.96 -44.11
N LEU Z 160 -9.86 98.08 -43.60
CA LEU Z 160 -9.47 97.14 -42.56
C LEU Z 160 -8.21 96.38 -42.97
N ARG Z 161 -8.24 95.87 -44.18
CA ARG Z 161 -7.29 94.90 -44.68
C ARG Z 161 -5.99 95.56 -45.12
N LEU Z 162 -6.04 96.87 -45.32
CA LEU Z 162 -4.83 97.70 -45.30
C LEU Z 162 -4.30 97.81 -43.88
N ALA Z 163 -5.18 98.13 -42.92
CA ALA Z 163 -4.74 98.39 -41.56
C ALA Z 163 -4.07 97.17 -40.96
N GLY Z 164 -4.33 95.98 -41.47
CA GLY Z 164 -3.58 94.80 -41.09
C GLY Z 164 -4.33 93.80 -40.24
N VAL Z 165 -5.65 93.89 -40.18
CA VAL Z 165 -6.45 92.97 -39.39
C VAL Z 165 -6.79 91.76 -40.24
N ASP Z 166 -6.87 90.60 -39.58
CA ASP Z 166 -7.15 89.33 -40.27
C ASP Z 166 -8.34 88.62 -39.63
N GLY Z 167 -8.60 87.39 -40.05
CA GLY Z 167 -9.70 86.61 -39.57
C GLY Z 167 -10.96 86.86 -40.38
N PRO Z 168 -11.97 86.00 -40.19
CA PRO Z 168 -13.20 86.15 -40.98
C PRO Z 168 -13.81 87.53 -40.79
N TYR Z 169 -14.32 88.09 -41.87
CA TYR Z 169 -14.97 89.39 -41.85
C TYR Z 169 -16.48 89.22 -41.94
N SER Z 170 -17.21 90.16 -41.33
CA SER Z 170 -18.65 90.05 -41.21
C SER Z 170 -19.28 91.42 -41.40
N VAL Z 171 -20.47 91.43 -41.99
CA VAL Z 171 -21.21 92.64 -42.28
C VAL Z 171 -22.52 92.59 -41.48
N LEU Z 172 -22.73 93.60 -40.66
CA LEU Z 172 -23.96 93.77 -39.90
C LEU Z 172 -24.73 94.92 -40.55
N LEU Z 173 -25.94 94.64 -40.99
CA LEU Z 173 -26.74 95.61 -41.72
C LEU Z 173 -27.97 96.02 -40.91
N SER Z 174 -28.40 97.27 -41.10
CA SER Z 174 -29.54 97.80 -40.39
C SER Z 174 -30.81 97.16 -40.92
N ALA Z 175 -31.93 97.41 -40.25
CA ALA Z 175 -33.21 96.92 -40.75
C ALA Z 175 -33.55 97.55 -42.09
N GLU Z 176 -33.41 98.88 -42.19
CA GLU Z 176 -33.79 99.57 -43.41
C GLU Z 176 -32.86 99.19 -44.57
N THR Z 177 -31.57 99.04 -44.28
CA THR Z 177 -30.62 98.65 -45.33
C THR Z 177 -30.79 97.21 -45.74
N TYR Z 178 -31.05 96.31 -44.79
CA TYR Z 178 -31.27 94.91 -45.12
C TYR Z 178 -32.54 94.72 -45.93
N THR Z 179 -33.62 95.42 -45.56
CA THR Z 179 -34.83 95.40 -46.38
C THR Z 179 -34.52 95.86 -47.80
N LYS Z 180 -33.72 96.91 -47.94
CA LYS Z 180 -33.40 97.44 -49.26
C LYS Z 180 -32.64 96.42 -50.09
N VAL Z 181 -31.55 95.87 -49.54
CA VAL Z 181 -30.74 94.92 -50.29
C VAL Z 181 -31.51 93.64 -50.57
N SER Z 182 -32.47 93.30 -49.71
CA SER Z 182 -33.25 92.09 -49.94
C SER Z 182 -34.28 92.29 -51.05
N GLU Z 183 -35.09 93.35 -50.95
CA GLU Z 183 -36.10 93.60 -51.96
C GLU Z 183 -35.46 93.88 -53.32
N THR Z 184 -34.40 94.68 -53.33
CA THR Z 184 -33.73 95.00 -54.58
C THR Z 184 -33.05 93.77 -55.14
N THR Z 185 -33.02 93.66 -56.48
CA THR Z 185 -32.49 92.50 -57.17
C THR Z 185 -31.68 92.94 -58.38
N ALA Z 186 -30.78 92.07 -58.82
CA ALA Z 186 -29.97 92.34 -60.00
C ALA Z 186 -29.55 91.02 -60.62
N HIS Z 187 -29.75 90.89 -61.93
CA HIS Z 187 -29.37 89.69 -62.68
C HIS Z 187 -29.98 88.44 -62.06
N GLY Z 188 -31.16 88.59 -61.44
CA GLY Z 188 -31.82 87.46 -60.85
C GLY Z 188 -31.30 87.04 -59.50
N TYR Z 189 -30.50 87.88 -58.82
CA TYR Z 189 -30.09 87.64 -57.45
C TYR Z 189 -30.24 88.92 -56.63
N PRO Z 190 -30.59 88.81 -55.34
CA PRO Z 190 -30.66 90.00 -54.50
C PRO Z 190 -29.31 90.67 -54.30
N ILE Z 191 -29.38 91.98 -54.07
CA ILE Z 191 -28.19 92.74 -53.74
C ILE Z 191 -27.56 92.22 -52.46
N ARG Z 192 -28.36 91.60 -51.58
CA ARG Z 192 -27.81 90.98 -50.39
C ARG Z 192 -26.89 89.81 -50.74
N GLU Z 193 -27.30 88.97 -51.68
CA GLU Z 193 -26.40 87.90 -52.14
C GLU Z 193 -25.17 88.50 -52.81
N HIS Z 194 -25.37 89.56 -53.60
CA HIS Z 194 -24.21 90.27 -54.15
C HIS Z 194 -23.22 90.64 -53.04
N ILE Z 195 -23.73 91.19 -51.94
CA ILE Z 195 -22.86 91.55 -50.82
C ILE Z 195 -22.19 90.30 -50.23
N ASN Z 196 -22.99 89.26 -49.98
CA ASN Z 196 -22.47 88.05 -49.35
C ASN Z 196 -21.31 87.47 -50.14
N ARG Z 197 -21.34 87.60 -51.46
CA ARG Z 197 -20.29 87.00 -52.29
C ARG Z 197 -18.90 87.45 -51.90
N LEU Z 198 -18.76 88.64 -51.31
CA LEU Z 198 -17.44 89.22 -51.04
C LEU Z 198 -16.81 88.66 -49.77
N VAL Z 199 -17.56 88.65 -48.67
CA VAL Z 199 -17.00 88.34 -47.37
C VAL Z 199 -16.85 86.83 -47.20
N ASP Z 200 -16.04 86.44 -46.22
CA ASP Z 200 -15.83 85.05 -45.86
C ASP Z 200 -16.74 84.61 -44.71
N GLY Z 201 -17.25 85.56 -43.91
CA GLY Z 201 -18.07 85.22 -42.77
C GLY Z 201 -19.55 85.15 -43.09
N GLU Z 202 -20.35 85.98 -42.41
CA GLU Z 202 -21.79 85.92 -42.52
C GLU Z 202 -22.35 87.33 -42.66
N ILE Z 203 -23.59 87.40 -43.15
CA ILE Z 203 -24.37 88.64 -43.18
C ILE Z 203 -25.34 88.59 -42.00
N ILE Z 204 -25.40 89.67 -41.22
CA ILE Z 204 -26.14 89.68 -39.96
C ILE Z 204 -27.15 90.82 -39.95
N TRP Z 205 -28.34 90.54 -39.41
CA TRP Z 205 -29.38 91.53 -39.12
C TRP Z 205 -28.97 92.35 -37.90
N ALA Z 206 -29.03 93.66 -38.02
CA ALA Z 206 -28.81 94.55 -36.88
C ALA Z 206 -29.88 95.63 -36.84
N PRO Z 207 -31.12 95.31 -36.44
CA PRO Z 207 -32.19 96.32 -36.52
C PRO Z 207 -31.94 97.50 -35.60
N ALA Z 208 -31.36 97.24 -34.43
CA ALA Z 208 -31.12 98.28 -33.43
C ALA Z 208 -30.16 99.33 -33.94
N ILE Z 209 -29.13 98.92 -34.68
CA ILE Z 209 -28.11 99.85 -35.13
C ILE Z 209 -28.66 100.62 -36.33
N ASP Z 210 -27.98 101.71 -36.68
CA ASP Z 210 -28.35 102.55 -37.82
C ASP Z 210 -27.14 102.64 -38.75
N GLY Z 211 -27.32 102.15 -39.98
CA GLY Z 211 -26.25 102.18 -40.95
C GLY Z 211 -25.75 100.79 -41.32
N ALA Z 212 -24.45 100.58 -41.25
CA ALA Z 212 -23.86 99.27 -41.53
C ALA Z 212 -22.49 99.21 -40.87
N PHE Z 213 -22.00 97.98 -40.68
CA PHE Z 213 -20.71 97.79 -40.02
C PHE Z 213 -20.00 96.61 -40.65
N VAL Z 214 -18.72 96.78 -40.98
CA VAL Z 214 -17.89 95.67 -41.46
C VAL Z 214 -16.77 95.46 -40.45
N LEU Z 215 -16.69 94.27 -39.86
CA LEU Z 215 -15.74 94.06 -38.77
C LEU Z 215 -15.14 92.66 -38.83
N SER Z 216 -13.99 92.53 -38.18
CA SER Z 216 -13.31 91.25 -38.09
C SER Z 216 -13.81 90.45 -36.90
N THR Z 217 -13.71 89.12 -37.00
CA THR Z 217 -14.15 88.22 -35.96
C THR Z 217 -13.02 87.26 -35.55
N ARG Z 218 -11.77 87.70 -35.71
CA ARG Z 218 -10.65 86.88 -35.26
C ARG Z 218 -10.73 86.62 -33.76
N GLY Z 219 -11.12 87.63 -32.99
CA GLY Z 219 -11.24 87.51 -31.55
C GLY Z 219 -10.30 88.42 -30.80
N GLY Z 220 -10.67 88.79 -29.58
CA GLY Z 220 -9.83 89.63 -28.74
C GLY Z 220 -9.97 91.11 -28.97
N ASP Z 221 -10.96 91.56 -29.74
CA ASP Z 221 -11.15 92.97 -30.03
C ASP Z 221 -12.39 93.56 -29.38
N PHE Z 222 -13.43 92.77 -29.13
CA PHE Z 222 -14.64 93.25 -28.49
C PHE Z 222 -15.00 92.30 -27.36
N ASP Z 223 -15.45 92.85 -26.23
CA ASP Z 223 -15.79 92.06 -25.06
C ASP Z 223 -17.11 92.57 -24.47
N LEU Z 224 -18.10 91.70 -24.43
CA LEU Z 224 -19.37 91.99 -23.76
C LEU Z 224 -19.34 91.31 -22.40
N GLN Z 225 -19.17 92.10 -21.34
CA GLN Z 225 -19.09 91.57 -19.99
C GLN Z 225 -20.48 91.53 -19.37
N LEU Z 226 -20.88 90.36 -18.88
CA LEU Z 226 -22.17 90.17 -18.24
C LEU Z 226 -21.97 89.80 -16.78
N GLY Z 227 -22.70 90.46 -15.90
CA GLY Z 227 -22.73 90.05 -14.51
C GLY Z 227 -23.77 88.96 -14.32
N THR Z 228 -24.98 89.23 -14.82
CA THR Z 228 -26.05 88.25 -14.86
C THR Z 228 -26.73 88.32 -16.21
N ASP Z 229 -27.06 87.16 -16.77
CA ASP Z 229 -27.67 87.10 -18.09
C ASP Z 229 -29.12 87.54 -17.98
N VAL Z 230 -29.85 87.46 -19.10
CA VAL Z 230 -31.24 87.89 -19.13
C VAL Z 230 -32.05 87.05 -18.16
N SER Z 231 -32.87 87.71 -17.34
CA SER Z 231 -33.71 87.03 -16.37
C SER Z 231 -35.07 87.71 -16.33
N ILE Z 232 -36.08 86.96 -15.89
CA ILE Z 232 -37.45 87.46 -15.78
C ILE Z 232 -37.87 87.42 -14.32
N GLY Z 233 -38.43 88.53 -13.83
CA GLY Z 233 -38.81 88.64 -12.43
C GLY Z 233 -40.23 89.12 -12.21
N TYR Z 234 -40.60 89.30 -10.95
CA TYR Z 234 -41.95 89.66 -10.55
C TYR Z 234 -41.91 90.84 -9.61
N LEU Z 235 -42.77 91.84 -9.84
CA LEU Z 235 -42.86 93.00 -8.96
C LEU Z 235 -44.11 92.96 -8.09
N SER Z 236 -45.28 92.86 -8.70
CA SER Z 236 -46.55 92.89 -7.98
C SER Z 236 -47.60 92.24 -8.87
N HIS Z 237 -48.83 92.14 -8.34
CA HIS Z 237 -49.90 91.49 -9.08
C HIS Z 237 -51.24 92.06 -8.60
N ASP Z 238 -52.28 91.75 -9.36
CA ASP Z 238 -53.61 92.26 -9.14
C ASP Z 238 -54.60 91.15 -9.47
N ALA Z 239 -55.89 91.42 -9.27
CA ALA Z 239 -56.92 90.44 -9.60
C ALA Z 239 -56.98 90.12 -11.09
N GLU Z 240 -56.36 90.94 -11.94
CA GLU Z 240 -56.45 90.77 -13.38
C GLU Z 240 -55.10 90.60 -14.06
N VAL Z 241 -54.04 91.22 -13.53
CA VAL Z 241 -52.76 91.29 -14.21
C VAL Z 241 -51.63 90.96 -13.24
N VAL Z 242 -50.46 90.69 -13.82
CA VAL Z 242 -49.21 90.53 -13.07
C VAL Z 242 -48.16 91.38 -13.75
N HIS Z 243 -47.35 92.08 -12.95
CA HIS Z 243 -46.29 92.93 -13.47
C HIS Z 243 -44.95 92.22 -13.32
N LEU Z 244 -44.25 92.05 -14.44
CA LEU Z 244 -42.97 91.37 -14.50
C LEU Z 244 -41.95 92.30 -15.15
N TYR Z 245 -40.69 91.88 -15.14
CA TYR Z 245 -39.63 92.66 -15.77
C TYR Z 245 -38.59 91.70 -16.34
N MET Z 246 -37.90 92.16 -17.38
CA MET Z 246 -36.75 91.47 -17.92
C MET Z 246 -35.50 92.29 -17.61
N GLU Z 247 -34.50 91.64 -17.04
CA GLU Z 247 -33.36 92.30 -16.43
C GLU Z 247 -32.06 91.70 -16.94
N GLU Z 248 -31.06 92.56 -17.15
CA GLU Z 248 -29.72 92.08 -17.45
C GLU Z 248 -28.69 93.14 -17.05
N THR Z 249 -27.57 92.68 -16.50
CA THR Z 249 -26.49 93.57 -16.05
C THR Z 249 -25.27 93.35 -16.94
N MET Z 250 -24.81 94.42 -17.60
CA MET Z 250 -23.82 94.27 -18.65
C MET Z 250 -22.95 95.52 -18.76
N THR Z 251 -21.88 95.36 -19.54
CA THR Z 251 -21.08 96.47 -20.05
C THR Z 251 -20.35 95.96 -21.29
N PHE Z 252 -19.83 96.90 -22.08
CA PHE Z 252 -19.16 96.58 -23.33
C PHE Z 252 -17.82 97.29 -23.41
N LEU Z 253 -16.81 96.61 -23.93
CA LEU Z 253 -15.48 97.16 -24.10
C LEU Z 253 -14.96 96.86 -25.51
N CYS Z 254 -14.34 97.86 -26.13
CA CYS Z 254 -13.64 97.69 -27.40
C CYS Z 254 -12.16 97.93 -27.15
N TYR Z 255 -11.32 96.99 -27.60
CA TYR Z 255 -9.88 97.06 -27.38
C TYR Z 255 -9.12 97.43 -28.64
N THR Z 256 -9.54 96.93 -29.79
CA THR Z 256 -8.88 97.20 -31.07
C THR Z 256 -9.75 98.15 -31.88
N ALA Z 257 -9.23 99.35 -32.12
CA ALA Z 257 -9.99 100.36 -32.85
C ALA Z 257 -9.93 100.17 -34.36
N GLU Z 258 -9.01 99.33 -34.83
CA GLU Z 258 -8.80 99.16 -36.27
C GLU Z 258 -9.46 97.91 -36.84
N ALA Z 259 -10.27 97.20 -36.06
CA ALA Z 259 -10.89 95.95 -36.50
C ALA Z 259 -12.31 96.15 -37.02
N SER Z 260 -12.75 97.39 -37.20
CA SER Z 260 -14.12 97.66 -37.65
C SER Z 260 -14.14 98.89 -38.53
N VAL Z 261 -15.16 98.96 -39.38
CA VAL Z 261 -15.43 100.12 -40.24
C VAL Z 261 -16.92 100.38 -40.17
N ALA Z 262 -17.28 101.65 -40.01
CA ALA Z 262 -18.67 102.05 -39.84
C ALA Z 262 -19.14 102.80 -41.09
N LEU Z 263 -20.39 102.55 -41.48
CA LEU Z 263 -21.01 103.22 -42.61
C LEU Z 263 -22.29 103.87 -42.12
N THR Z 264 -22.39 105.18 -42.30
CA THR Z 264 -23.49 105.96 -41.77
C THR Z 264 -24.55 106.18 -42.85
N PRO Z 265 -25.84 106.23 -42.47
CA PRO Z 265 -26.92 106.40 -43.46
C PRO Z 265 -26.76 107.67 -44.28
N ASN AA 2 85.36 24.13 18.60
CA ASN AA 2 85.56 25.37 19.34
C ASN AA 2 87.03 25.57 19.67
N ASN AA 3 87.33 26.61 20.46
CA ASN AA 3 88.70 26.96 20.76
C ASN AA 3 89.39 25.96 21.69
N LEU AA 4 88.64 25.04 22.29
CA LEU AA 4 89.26 24.04 23.15
C LEU AA 4 90.13 23.08 22.34
N TYR AA 5 89.71 22.77 21.11
CA TYR AA 5 90.44 21.84 20.24
C TYR AA 5 90.58 20.47 20.89
N ARG AA 6 89.48 19.98 21.46
CA ARG AA 6 89.48 18.65 22.06
C ARG AA 6 89.49 17.54 21.01
N ASP AA 7 88.88 17.78 19.85
CA ASP AA 7 88.85 16.76 18.81
C ASP AA 7 90.24 16.37 18.34
N LEU AA 8 91.25 17.21 18.58
CA LEU AA 8 92.61 16.93 18.17
C LEU AA 8 93.42 16.18 19.24
N ALA AA 9 92.85 15.98 20.43
CA ALA AA 9 93.61 15.35 21.50
C ALA AA 9 93.50 13.82 21.39
N PRO AA 10 94.58 13.09 21.72
CA PRO AA 10 94.52 11.62 21.69
C PRO AA 10 93.89 11.04 22.96
N ILE AA 11 92.62 11.35 23.17
CA ILE AA 11 91.88 10.93 24.36
C ILE AA 11 90.51 10.43 23.93
N THR AA 12 90.07 9.34 24.55
CA THR AA 12 88.79 8.73 24.22
C THR AA 12 87.66 9.40 24.99
N GLU AA 13 86.43 9.09 24.59
CA GLU AA 13 85.26 9.68 25.23
C GLU AA 13 85.17 9.27 26.70
N SER AA 14 85.48 8.01 27.00
CA SER AA 14 85.41 7.54 28.37
C SER AA 14 86.42 8.26 29.26
N ALA AA 15 87.65 8.41 28.78
CA ALA AA 15 88.66 9.12 29.56
C ALA AA 15 88.30 10.59 29.72
N TRP AA 16 87.75 11.20 28.66
CA TRP AA 16 87.27 12.58 28.78
C TRP AA 16 86.22 12.69 29.88
N ALA AA 17 85.27 11.75 29.90
CA ALA AA 17 84.23 11.78 30.92
C ALA AA 17 84.82 11.61 32.31
N GLU AA 18 85.77 10.70 32.47
CA GLU AA 18 86.40 10.50 33.77
C GLU AA 18 87.10 11.77 34.24
N ILE AA 19 87.86 12.41 33.35
CA ILE AA 19 88.58 13.62 33.72
C ILE AA 19 87.60 14.73 34.09
N GLU AA 20 86.55 14.92 33.29
CA GLU AA 20 85.56 15.95 33.60
C GLU AA 20 84.91 15.70 34.94
N LEU AA 21 84.51 14.45 35.21
CA LEU AA 21 83.87 14.13 36.48
C LEU AA 21 84.81 14.40 37.64
N GLU AA 22 86.06 13.98 37.52
CA GLU AA 22 87.02 14.16 38.62
C GLU AA 22 87.28 15.64 38.89
N ALA AA 23 87.42 16.45 37.83
CA ALA AA 23 87.64 17.87 38.03
C ALA AA 23 86.42 18.55 38.64
N THR AA 24 85.23 18.23 38.14
CA THR AA 24 84.01 18.83 38.66
C THR AA 24 83.84 18.52 40.14
N ARG AA 25 84.04 17.26 40.53
CA ARG AA 25 83.87 16.88 41.93
C ARG AA 25 84.80 17.68 42.83
N THR AA 26 86.08 17.74 42.46
CA THR AA 26 87.07 18.42 43.31
C THR AA 26 86.80 19.91 43.38
N PHE AA 27 86.46 20.54 42.25
CA PHE AA 27 86.18 21.97 42.26
C PHE AA 27 84.95 22.27 43.12
N LYS AA 28 83.89 21.49 42.96
CA LYS AA 28 82.68 21.71 43.76
C LYS AA 28 82.95 21.46 45.23
N ARG AA 29 83.92 20.58 45.54
CA ARG AA 29 84.33 20.40 46.93
C ARG AA 29 85.03 21.64 47.47
N HIS AA 30 86.01 22.17 46.72
CA HIS AA 30 86.90 23.18 47.23
C HIS AA 30 86.39 24.61 47.04
N ILE AA 31 85.25 24.78 46.38
CA ILE AA 31 84.72 26.12 46.10
C ILE AA 31 83.70 26.48 47.18
N ALA AA 32 83.72 27.76 47.60
CA ALA AA 32 82.84 28.23 48.66
C ALA AA 32 82.05 29.49 48.29
N GLY AA 33 82.64 30.44 47.55
CA GLY AA 33 81.95 31.68 47.29
C GLY AA 33 80.67 31.49 46.51
N ARG AA 34 80.65 30.52 45.59
CA ARG AA 34 79.49 30.24 44.77
C ARG AA 34 78.27 29.86 45.60
N ARG AA 35 78.46 29.44 46.84
CA ARG AA 35 77.37 29.06 47.73
C ARG AA 35 76.77 30.24 48.48
N VAL AA 36 77.42 31.40 48.46
CA VAL AA 36 76.95 32.55 49.22
C VAL AA 36 76.90 33.81 48.37
N VAL AA 37 77.19 33.70 47.08
CA VAL AA 37 77.15 34.85 46.18
C VAL AA 37 76.26 34.53 45.00
N ASP AA 38 75.49 35.52 44.56
CA ASP AA 38 74.69 35.38 43.34
C ASP AA 38 75.62 35.22 42.15
N VAL AA 39 75.23 34.34 41.23
CA VAL AA 39 76.02 34.01 40.05
C VAL AA 39 75.23 34.41 38.81
N SER AA 40 75.82 35.27 37.99
CA SER AA 40 75.26 35.63 36.70
C SER AA 40 75.78 34.62 35.67
N GLY AA 41 74.88 33.77 35.19
CA GLY AA 41 75.26 32.68 34.32
C GLY AA 41 76.11 33.12 33.15
N PRO AA 42 76.77 32.17 32.49
CA PRO AA 42 77.64 32.53 31.38
C PRO AA 42 76.88 33.31 30.31
N ASN AA 43 77.46 34.43 29.91
CA ASN AA 43 76.89 35.29 28.87
C ASN AA 43 77.54 35.08 27.51
N GLY AA 44 78.49 34.16 27.39
CA GLY AA 44 79.09 33.82 26.12
C GLY AA 44 80.51 34.32 26.00
N PRO AA 45 81.26 33.74 25.07
CA PRO AA 45 82.65 34.18 24.87
C PRO AA 45 82.78 35.63 24.41
N THR AA 46 81.72 36.19 23.83
CA THR AA 46 81.74 37.57 23.37
C THR AA 46 81.72 38.58 24.51
N THR AA 47 81.38 38.15 25.72
CA THR AA 47 81.30 39.05 26.85
C THR AA 47 82.69 39.40 27.36
N ALA AA 48 82.95 40.69 27.55
CA ALA AA 48 84.26 41.17 27.96
C ALA AA 48 84.25 42.09 29.16
N SER AA 49 83.12 42.71 29.48
CA SER AA 49 83.07 43.68 30.57
C SER AA 49 81.66 43.75 31.12
N VAL AA 50 81.53 44.32 32.31
CA VAL AA 50 80.26 44.50 32.99
C VAL AA 50 80.07 45.98 33.26
N SER AA 51 78.99 46.56 32.75
CA SER AA 51 78.71 47.97 32.96
C SER AA 51 78.37 48.22 34.43
N THR AA 52 78.80 49.37 34.95
CA THR AA 52 78.43 49.77 36.30
C THR AA 52 77.35 50.85 36.34
N GLY AA 53 77.05 51.47 35.20
CA GLY AA 53 76.07 52.53 35.16
C GLY AA 53 76.57 53.87 35.62
N HIS AA 54 77.86 53.98 35.99
CA HIS AA 54 78.45 55.22 36.42
C HIS AA 54 79.11 55.94 35.24
N LEU AA 55 79.42 57.22 35.45
CA LEU AA 55 80.04 58.06 34.45
C LEU AA 55 81.34 58.63 34.99
N LEU AA 56 82.29 58.87 34.08
CA LEU AA 56 83.58 59.44 34.41
C LEU AA 56 83.82 60.69 33.59
N ASP AA 57 84.36 61.72 34.22
CA ASP AA 57 84.61 62.98 33.54
C ASP AA 57 85.77 62.83 32.56
N VAL AA 58 85.69 63.57 31.44
CA VAL AA 58 86.68 63.47 30.38
C VAL AA 58 86.71 64.80 29.62
N SER AA 59 87.87 65.10 29.06
CA SER AA 59 88.06 66.35 28.34
C SER AA 59 87.12 66.41 27.14
N PRO AA 60 86.44 67.54 26.89
CA PRO AA 60 85.48 67.58 25.80
C PRO AA 60 86.17 67.63 24.45
N PRO AA 61 85.52 67.16 23.38
CA PRO AA 61 86.06 67.38 22.04
C PRO AA 61 86.20 68.85 21.68
N GLY AA 62 85.29 69.69 22.14
CA GLY AA 62 85.31 71.09 21.75
C GLY AA 62 84.42 71.92 22.64
N ASP AA 63 84.22 73.16 22.22
CA ASP AA 63 83.46 74.12 23.01
C ASP AA 63 81.98 73.78 23.02
N GLY AA 64 81.34 74.04 24.15
CA GLY AA 64 79.91 73.82 24.27
C GLY AA 64 79.50 72.36 24.34
N VAL AA 65 80.44 71.47 24.63
CA VAL AA 65 80.18 70.03 24.65
C VAL AA 65 80.62 69.48 26.00
N ILE AA 66 79.75 68.67 26.61
CA ILE AA 66 80.03 68.00 27.88
C ILE AA 66 80.20 66.52 27.58
N ALA AA 67 81.33 65.95 27.99
CA ALA AA 67 81.69 64.58 27.67
C ALA AA 67 81.86 63.76 28.94
N HIS AA 68 81.35 62.53 28.92
CA HIS AA 68 81.49 61.59 30.02
C HIS AA 68 81.74 60.19 29.46
N LEU AA 69 82.53 59.41 30.18
CA LEU AA 69 82.82 58.04 29.79
C LEU AA 69 82.06 57.06 30.65
N ARG AA 70 81.49 56.04 30.00
CA ARG AA 70 80.78 54.98 30.71
C ARG AA 70 81.79 54.07 31.40
N ASP AA 71 81.43 53.59 32.58
CA ASP AA 71 82.34 52.83 33.42
C ASP AA 71 81.99 51.35 33.38
N ALA AA 72 83.02 50.52 33.16
CA ALA AA 72 82.84 49.09 33.05
C ALA AA 72 83.98 48.38 33.78
N LYS AA 73 83.68 47.16 34.24
CA LYS AA 73 84.63 46.31 34.92
C LYS AA 73 85.06 45.21 33.96
N PRO AA 74 86.35 45.09 33.63
CA PRO AA 74 86.78 44.05 32.70
C PRO AA 74 86.74 42.66 33.35
N LEU AA 75 86.64 41.65 32.49
CA LEU AA 75 86.68 40.26 32.90
C LEU AA 75 88.10 39.71 32.73
N VAL AA 76 88.49 38.82 33.63
CA VAL AA 76 89.82 38.24 33.64
C VAL AA 76 89.70 36.74 33.40
N ARG AA 77 90.59 36.21 32.57
CA ARG AA 77 90.62 34.80 32.22
C ARG AA 77 91.73 34.12 33.02
N LEU AA 78 91.37 33.06 33.74
CA LEU AA 78 92.33 32.29 34.54
C LEU AA 78 92.49 30.93 33.87
N ARG AA 79 93.74 30.57 33.58
CA ARG AA 79 94.10 29.31 32.93
C ARG AA 79 95.14 28.60 33.76
N VAL AA 80 94.87 27.35 34.12
CA VAL AA 80 95.79 26.53 34.90
C VAL AA 80 96.17 25.31 34.06
N PRO AA 81 97.43 25.16 33.67
CA PRO AA 81 97.82 24.00 32.86
C PRO AA 81 98.21 22.80 33.72
N PHE AA 82 98.04 21.62 33.13
CA PHE AA 82 98.45 20.37 33.76
C PHE AA 82 98.75 19.34 32.67
N THR AA 83 99.35 18.24 33.08
CA THR AA 83 99.83 17.20 32.18
C THR AA 83 99.26 15.85 32.59
N VAL AA 84 98.91 15.04 31.59
CA VAL AA 84 98.32 13.73 31.82
C VAL AA 84 99.08 12.69 31.03
N ALA AA 85 99.04 11.45 31.51
CA ALA AA 85 99.80 10.35 30.92
C ALA AA 85 98.93 9.54 29.96
N ARG AA 86 99.46 9.33 28.75
CA ARG AA 86 98.76 8.57 27.74
C ARG AA 86 98.54 7.13 28.13
N ARG AA 87 99.39 6.55 28.99
CA ARG AA 87 99.15 5.20 29.49
C ARG AA 87 97.90 5.13 30.36
N ASP AA 88 97.76 6.07 31.30
CA ASP AA 88 96.53 6.14 32.09
C ASP AA 88 95.33 6.43 31.22
N ILE AA 89 95.49 7.25 30.18
CA ILE AA 89 94.39 7.48 29.26
C ILE AA 89 93.98 6.18 28.56
N ASP AA 90 94.96 5.43 28.07
CA ASP AA 90 94.67 4.25 27.27
C ASP AA 90 94.07 3.14 28.13
N ASP AA 91 94.51 3.04 29.39
CA ASP AA 91 94.03 1.95 30.24
C ASP AA 91 92.51 1.98 30.43
N VAL AA 92 91.89 3.15 30.26
CA VAL AA 92 90.45 3.27 30.54
C VAL AA 92 89.65 2.36 29.63
N GLU AA 93 89.96 2.37 28.33
CA GLU AA 93 89.20 1.56 27.38
C GLU AA 93 89.40 0.07 27.63
N ARG AA 94 90.40 -0.31 28.42
CA ARG AA 94 90.61 -1.68 28.85
C ARG AA 94 89.84 -2.03 30.12
N GLY AA 95 88.83 -1.23 30.47
CA GLY AA 95 88.08 -1.45 31.69
C GLY AA 95 88.89 -1.21 32.95
N SER AA 96 89.85 -0.29 32.89
CA SER AA 96 90.60 0.10 34.09
C SER AA 96 89.89 1.26 34.76
N GLN AA 97 89.77 1.18 36.08
CA GLN AA 97 89.13 2.22 36.87
C GLN AA 97 89.91 2.56 38.14
N ASP AA 98 91.24 2.55 38.06
CA ASP AA 98 92.10 3.10 39.10
C ASP AA 98 93.10 4.11 38.53
N SER AA 99 92.77 4.73 37.38
CA SER AA 99 93.71 5.62 36.71
C SER AA 99 94.02 6.84 37.55
N ASP AA 100 95.22 7.38 37.38
CA ASP AA 100 95.69 8.51 38.17
C ASP AA 100 95.22 9.82 37.53
N TRP AA 101 94.48 10.62 38.30
CA TRP AA 101 94.01 11.93 37.87
C TRP AA 101 94.42 13.01 38.88
N ASP AA 102 95.50 12.75 39.59
CA ASP AA 102 95.99 13.70 40.60
C ASP AA 102 96.33 15.06 40.01
N PRO AA 103 97.00 15.17 38.86
CA PRO AA 103 97.20 16.50 38.28
C PRO AA 103 95.89 17.22 37.99
N VAL AA 104 94.86 16.49 37.53
CA VAL AA 104 93.55 17.10 37.33
C VAL AA 104 93.02 17.66 38.64
N LYS AA 105 93.10 16.87 39.71
CA LYS AA 105 92.58 17.33 41.00
C LYS AA 105 93.36 18.55 41.49
N ASP AA 106 94.68 18.54 41.33
CA ASP AA 106 95.49 19.66 41.77
C ASP AA 106 95.15 20.93 40.99
N ALA AA 107 94.98 20.82 39.68
CA ALA AA 107 94.62 21.99 38.88
C ALA AA 107 93.26 22.53 39.29
N ALA AA 108 92.30 21.64 39.53
CA ALA AA 108 90.98 22.08 39.97
C ALA AA 108 91.08 22.81 41.32
N LYS AA 109 91.87 22.26 42.23
CA LYS AA 109 92.07 22.92 43.53
C LYS AA 109 92.67 24.29 43.35
N LYS AA 110 93.67 24.41 42.48
CA LYS AA 110 94.34 25.69 42.25
C LYS AA 110 93.36 26.72 41.69
N LEU AA 111 92.55 26.31 40.72
CA LEU AA 111 91.58 27.24 40.13
C LEU AA 111 90.54 27.68 41.16
N ALA AA 112 90.03 26.73 41.95
CA ALA AA 112 89.07 27.09 42.99
C ALA AA 112 89.69 28.06 43.98
N PHE AA 113 90.94 27.83 44.36
CA PHE AA 113 91.58 28.69 45.35
C PHE AA 113 91.76 30.09 44.81
N VAL AA 114 92.20 30.22 43.55
CA VAL AA 114 92.37 31.56 42.99
C VAL AA 114 91.03 32.27 42.90
N GLU AA 115 89.98 31.56 42.48
CA GLU AA 115 88.66 32.19 42.37
C GLU AA 115 88.19 32.68 43.74
N ASP AA 116 88.28 31.82 44.76
CA ASP AA 116 87.79 32.19 46.09
C ASP AA 116 88.62 33.32 46.68
N ARG AA 117 89.95 33.29 46.45
CA ARG AA 117 90.80 34.35 46.95
C ARG AA 117 90.54 35.68 46.27
N ALA AA 118 90.25 35.68 44.96
CA ALA AA 118 89.84 36.91 44.31
C ALA AA 118 88.51 37.42 44.85
N ILE AA 119 87.57 36.50 45.13
CA ILE AA 119 86.28 36.93 45.66
C ILE AA 119 86.43 37.55 47.03
N PHE AA 120 87.21 36.92 47.92
CA PHE AA 120 87.22 37.29 49.33
C PHE AA 120 88.37 38.19 49.74
N GLU AA 121 89.38 38.37 48.89
CA GLU AA 121 90.56 39.13 49.25
C GLU AA 121 90.94 40.19 48.23
N GLY AA 122 90.62 39.98 46.96
CA GLY AA 122 90.87 40.97 45.94
C GLY AA 122 92.01 40.58 45.02
N TYR AA 123 91.86 40.90 43.73
CA TYR AA 123 92.87 40.71 42.71
C TYR AA 123 93.01 42.06 42.01
N ALA AA 124 93.96 42.87 42.49
CA ALA AA 124 93.99 44.29 42.11
C ALA AA 124 94.19 44.47 40.62
N ALA AA 125 95.12 43.73 40.02
CA ALA AA 125 95.42 43.92 38.61
C ALA AA 125 94.20 43.73 37.74
N ALA AA 126 93.24 42.91 38.19
CA ALA AA 126 91.98 42.74 37.50
C ALA AA 126 90.92 43.73 37.97
N SER AA 127 91.32 44.74 38.75
CA SER AA 127 90.40 45.74 39.29
C SER AA 127 89.33 45.12 40.18
N ILE AA 128 89.65 43.99 40.81
CA ILE AA 128 88.71 43.28 41.67
C ILE AA 128 89.01 43.68 43.11
N GLU AA 129 88.08 44.40 43.73
CA GLU AA 129 88.15 44.72 45.15
C GLU AA 129 87.37 43.67 45.92
N GLY AA 130 88.04 43.03 46.88
CA GLY AA 130 87.46 41.92 47.61
C GLY AA 130 86.46 42.37 48.66
N ILE AA 131 85.74 41.37 49.19
CA ILE AA 131 84.79 41.62 50.25
C ILE AA 131 85.46 42.21 51.48
N ARG AA 132 86.66 41.73 51.81
CA ARG AA 132 87.38 42.23 52.98
C ARG AA 132 87.61 43.73 52.89
N SER AA 133 88.12 44.22 51.76
CA SER AA 133 88.38 45.64 51.61
C SER AA 133 87.09 46.42 51.46
N SER AA 134 86.15 45.92 50.66
CA SER AA 134 84.91 46.65 50.42
C SER AA 134 84.01 46.72 51.65
N SER AA 135 84.25 45.86 52.64
CA SER AA 135 83.40 45.87 53.83
C SER AA 135 83.56 47.18 54.60
N SER AA 136 82.43 47.73 55.04
CA SER AA 136 82.42 48.95 55.83
C SER AA 136 82.37 48.70 57.33
N ASN AA 137 81.75 47.61 57.76
CA ASN AA 137 81.70 47.29 59.17
C ASN AA 137 83.12 47.02 59.70
N PRO AA 138 83.41 47.39 60.95
CA PRO AA 138 84.77 47.20 61.44
C PRO AA 138 85.17 45.73 61.46
N ALA AA 139 86.45 45.49 61.17
CA ALA AA 139 86.99 44.13 61.17
C ALA AA 139 87.35 43.69 62.58
N LEU AA 140 87.27 42.39 62.83
CA LEU AA 140 87.59 41.81 64.11
C LEU AA 140 88.82 40.91 64.00
N ALA AA 141 89.28 40.45 65.16
CA ALA AA 141 90.45 39.58 65.24
C ALA AA 141 90.03 38.21 65.76
N LEU AA 142 90.46 37.17 65.07
CA LEU AA 142 90.13 35.80 65.47
C LEU AA 142 91.04 35.40 66.64
N PRO AA 143 90.49 35.05 67.80
CA PRO AA 143 91.36 34.70 68.92
C PRO AA 143 92.20 33.48 68.63
N ASP AA 144 93.41 33.46 69.20
CA ASP AA 144 94.30 32.32 69.03
C ASP AA 144 93.66 31.05 69.56
N ASP AA 145 93.00 31.13 70.72
CA ASP AA 145 92.28 30.00 71.27
C ASP AA 145 90.98 29.77 70.51
N ALA AA 146 90.51 28.53 70.52
CA ALA AA 146 89.29 28.17 69.81
C ALA AA 146 88.04 28.38 70.65
N ARG AA 147 88.17 28.66 71.95
CA ARG AA 147 87.01 28.72 72.82
C ARG AA 147 86.30 30.07 72.74
N GLU AA 148 87.00 31.12 72.32
CA GLU AA 148 86.46 32.47 72.28
C GLU AA 148 85.91 32.85 70.91
N ILE AA 149 86.05 31.98 69.90
CA ILE AA 149 85.58 32.33 68.56
C ILE AA 149 84.09 32.61 68.54
N PRO AA 150 83.22 31.83 69.21
CA PRO AA 150 81.78 32.14 69.16
C PRO AA 150 81.44 33.52 69.66
N ASP AA 151 82.16 34.03 70.66
CA ASP AA 151 81.91 35.38 71.14
C ASP AA 151 82.18 36.41 70.05
N VAL AA 152 83.27 36.23 69.31
CA VAL AA 152 83.59 37.16 68.23
C VAL AA 152 82.56 37.07 67.11
N ILE AA 153 82.08 35.85 66.82
CA ILE AA 153 81.03 35.70 65.82
C ILE AA 153 79.75 36.40 66.26
N ALA AA 154 79.41 36.28 67.54
CA ALA AA 154 78.24 36.99 68.04
C ALA AA 154 78.42 38.49 67.94
N GLN AA 155 79.63 39.00 68.21
CA GLN AA 155 79.91 40.42 68.02
C GLN AA 155 79.73 40.84 66.57
N ALA AA 156 80.22 40.03 65.63
CA ALA AA 156 80.08 40.36 64.21
C ALA AA 156 78.61 40.35 63.79
N LEU AA 157 77.84 39.37 64.27
CA LEU AA 157 76.41 39.39 64.00
C LEU AA 157 75.78 40.63 64.57
N SER AA 158 76.18 41.03 65.78
CA SER AA 158 75.67 42.27 66.36
C SER AA 158 76.00 43.46 65.47
N GLU AA 159 77.19 43.49 64.88
CA GLU AA 159 77.55 44.62 64.03
C GLU AA 159 76.69 44.68 62.77
N LEU AA 160 76.65 43.59 62.01
CA LEU AA 160 75.78 43.51 60.83
C LEU AA 160 74.36 43.92 61.19
N ARG AA 161 73.86 43.33 62.27
CA ARG AA 161 72.47 43.35 62.63
C ARG AA 161 72.10 44.66 63.33
N LEU AA 162 73.10 45.38 63.81
CA LEU AA 162 72.97 46.81 64.07
C LEU AA 162 72.85 47.59 62.77
N ALA AA 163 73.75 47.31 61.82
CA ALA AA 163 73.80 48.09 60.59
C ALA AA 163 72.51 47.99 59.81
N GLY AA 164 71.72 46.94 60.04
CA GLY AA 164 70.38 46.87 59.49
C GLY AA 164 70.18 45.86 58.38
N VAL AA 165 71.10 44.93 58.21
CA VAL AA 165 70.98 43.91 57.18
C VAL AA 165 70.19 42.73 57.71
N ASP AA 166 69.43 42.10 56.82
CA ASP AA 166 68.58 40.97 57.19
C ASP AA 166 68.87 39.76 56.31
N GLY AA 167 68.05 38.72 56.43
CA GLY AA 167 68.22 37.50 55.69
C GLY AA 167 69.12 36.52 56.40
N PRO AA 168 69.15 35.27 55.95
CA PRO AA 168 69.97 34.27 56.63
C PRO AA 168 71.43 34.68 56.66
N TYR AA 169 72.08 34.41 57.79
CA TYR AA 169 73.48 34.72 57.97
C TYR AA 169 74.32 33.44 57.88
N SER AA 170 75.55 33.60 57.40
CA SER AA 170 76.41 32.46 57.12
C SER AA 170 77.84 32.78 57.53
N VAL AA 171 78.54 31.75 57.99
CA VAL AA 171 79.92 31.87 58.46
C VAL AA 171 80.78 31.02 57.54
N LEU AA 172 81.78 31.66 56.93
CA LEU AA 172 82.78 30.98 56.10
C LEU AA 172 84.08 30.97 56.90
N LEU AA 173 84.60 29.77 57.17
CA LEU AA 173 85.78 29.61 57.99
C LEU AA 173 86.95 29.09 57.17
N SER AA 174 88.15 29.49 57.57
CA SER AA 174 89.38 29.10 56.88
C SER AA 174 89.65 27.63 57.14
N ALA AA 175 90.63 27.06 56.42
CA ALA AA 175 91.03 25.69 56.68
C ALA AA 175 91.59 25.54 58.08
N GLU AA 176 92.49 26.44 58.47
CA GLU AA 176 93.15 26.32 59.77
C GLU AA 176 92.16 26.56 60.90
N THR AA 177 91.23 27.51 60.73
CA THR AA 177 90.23 27.77 61.74
C THR AA 177 89.20 26.65 61.84
N TYR AA 178 88.76 26.11 60.69
CA TYR AA 178 87.80 25.02 60.70
C TYR AA 178 88.41 23.77 61.32
N THR AA 179 89.66 23.45 61.01
CA THR AA 179 90.34 22.35 61.68
C THR AA 179 90.35 22.57 63.19
N LYS AA 180 90.63 23.79 63.62
CA LYS AA 180 90.70 24.09 65.05
C LYS AA 180 89.35 23.86 65.72
N VAL AA 181 88.29 24.46 65.16
CA VAL AA 181 86.98 24.35 65.79
C VAL AA 181 86.46 22.92 65.71
N SER AA 182 86.90 22.15 64.71
CA SER AA 182 86.46 20.77 64.59
C SER AA 182 87.16 19.88 65.61
N GLU AA 183 88.49 19.94 65.66
CA GLU AA 183 89.23 19.10 66.60
C GLU AA 183 88.91 19.47 68.04
N THR AA 184 88.83 20.77 68.33
CA THR AA 184 88.52 21.22 69.68
C THR AA 184 87.08 20.86 70.03
N THR AA 185 86.87 20.54 71.31
CA THR AA 185 85.57 20.08 71.80
C THR AA 185 85.27 20.72 73.14
N ALA AA 186 83.98 20.77 73.48
CA ALA AA 186 83.55 21.32 74.76
C ALA AA 186 82.21 20.69 75.13
N HIS AA 187 82.12 20.19 76.37
CA HIS AA 187 80.88 19.58 76.87
C HIS AA 187 80.38 18.47 75.96
N GLY AA 188 81.31 17.81 75.26
CA GLY AA 188 80.95 16.73 74.38
C GLY AA 188 80.42 17.16 73.02
N TYR AA 189 80.61 18.41 72.63
CA TYR AA 189 80.30 18.87 71.29
C TYR AA 189 81.45 19.70 70.74
N PRO AA 190 81.72 19.64 69.43
CA PRO AA 190 82.76 20.50 68.85
C PRO AA 190 82.42 21.98 68.93
N ILE AA 191 83.48 22.78 68.98
CA ILE AA 191 83.33 24.22 68.94
C ILE AA 191 82.67 24.64 67.64
N ARG AA 192 82.79 23.84 66.59
CA ARG AA 192 82.08 24.13 65.34
C ARG AA 192 80.57 24.04 65.53
N GLU AA 193 80.08 23.01 66.23
CA GLU AA 193 78.66 22.95 66.54
C GLU AA 193 78.26 24.11 67.44
N HIS AA 194 79.11 24.45 68.40
CA HIS AA 194 78.86 25.65 69.20
C HIS AA 194 78.62 26.86 68.31
N ILE AA 195 79.47 27.04 67.30
CA ILE AA 195 79.29 28.17 66.36
C ILE AA 195 77.98 28.02 65.61
N ASN AA 196 77.72 26.83 65.06
CA ASN AA 196 76.53 26.61 64.25
C ASN AA 196 75.27 26.98 65.00
N ARG AA 197 75.26 26.76 66.32
CA ARG AA 197 74.05 27.01 67.10
C ARG AA 197 73.53 28.43 66.95
N LEU AA 198 74.41 29.39 66.65
CA LEU AA 198 74.03 30.81 66.64
C LEU AA 198 73.33 31.22 65.34
N VAL AA 199 73.91 30.86 64.20
CA VAL AA 199 73.43 31.37 62.92
C VAL AA 199 72.22 30.59 62.45
N ASP AA 200 71.50 31.19 61.50
CA ASP AA 200 70.34 30.57 60.87
C ASP AA 200 70.70 29.84 59.58
N GLY AA 201 71.82 30.20 58.95
CA GLY AA 201 72.20 29.61 57.68
C GLY AA 201 73.07 28.37 57.83
N GLU AA 202 74.28 28.42 57.26
CA GLU AA 202 75.15 27.26 57.22
C GLU AA 202 76.57 27.67 57.60
N ILE AA 203 77.37 26.67 57.97
CA ILE AA 203 78.81 26.83 58.18
C ILE AA 203 79.51 26.30 56.93
N ILE AA 204 80.44 27.08 56.38
CA ILE AA 204 81.05 26.78 55.09
C ILE AA 204 82.57 26.72 55.22
N TRP AA 205 83.18 25.76 54.52
CA TRP AA 205 84.62 25.64 54.34
C TRP AA 205 85.10 26.71 53.36
N ALA AA 206 86.13 27.45 53.75
CA ALA AA 206 86.78 28.40 52.85
C ALA AA 206 88.29 28.25 52.94
N PRO AA 207 88.88 27.21 52.35
CA PRO AA 207 90.32 26.99 52.53
C PRO AA 207 91.15 28.09 51.91
N ALA AA 208 90.70 28.61 50.78
CA ALA AA 208 91.43 29.64 50.05
C ALA AA 208 91.57 30.92 50.87
N ILE AA 209 90.53 31.30 51.60
CA ILE AA 209 90.53 32.55 52.33
C ILE AA 209 91.35 32.36 53.61
N ASP AA 210 91.71 33.46 54.25
CA ASP AA 210 92.48 33.47 55.48
C ASP AA 210 91.68 34.24 56.53
N GLY AA 211 91.29 33.55 57.60
CA GLY AA 211 90.53 34.18 58.67
C GLY AA 211 89.12 33.62 58.77
N ALA AA 212 88.13 34.49 58.80
CA ALA AA 212 86.74 34.08 58.85
C ALA AA 212 85.87 35.22 58.34
N PHE AA 213 84.65 34.89 57.93
CA PHE AA 213 83.74 35.90 57.38
C PHE AA 213 82.32 35.57 57.82
N VAL AA 214 81.60 36.58 58.30
CA VAL AA 214 80.18 36.43 58.62
C VAL AA 214 79.40 37.38 57.71
N LEU AA 215 78.50 36.83 56.89
CA LEU AA 215 77.84 37.65 55.89
C LEU AA 215 76.38 37.23 55.71
N SER AA 216 75.60 38.16 55.16
CA SER AA 216 74.20 37.91 54.87
C SER AA 216 74.03 37.29 53.49
N THR AA 217 72.95 36.53 53.33
CA THR AA 217 72.64 35.86 52.07
C THR AA 217 71.23 36.22 51.58
N ARG AA 218 70.74 37.40 51.96
CA ARG AA 218 69.45 37.85 51.46
C ARG AA 218 69.46 37.94 49.94
N GLY AA 219 70.55 38.43 49.36
CA GLY AA 219 70.67 38.56 47.93
C GLY AA 219 70.84 40.00 47.48
N GLY AA 220 71.48 40.20 46.34
CA GLY AA 220 71.66 41.52 45.78
C GLY AA 220 72.86 42.29 46.29
N ASP AA 221 73.75 41.64 47.05
CA ASP AA 221 74.93 42.31 47.60
C ASP AA 221 76.24 41.85 46.97
N PHE AA 222 76.32 40.64 46.45
CA PHE AA 222 77.52 40.13 45.82
C PHE AA 222 77.15 39.52 44.49
N ASP AA 223 77.98 39.75 43.47
CA ASP AA 223 77.70 39.25 42.12
C ASP AA 223 78.99 38.69 41.52
N LEU AA 224 78.97 37.40 41.20
CA LEU AA 224 80.06 36.76 40.49
C LEU AA 224 79.66 36.65 39.02
N GLN AA 225 80.26 37.49 38.18
CA GLN AA 225 79.95 37.50 36.76
C GLN AA 225 80.87 36.54 36.02
N LEU AA 226 80.28 35.64 35.25
CA LEU AA 226 81.03 34.66 34.46
C LEU AA 226 80.75 34.90 32.99
N GLY AA 227 81.82 34.94 32.18
CA GLY AA 227 81.67 34.95 30.75
C GLY AA 227 81.52 33.54 30.23
N THR AA 228 82.45 32.68 30.65
CA THR AA 228 82.39 31.24 30.38
C THR AA 228 82.75 30.49 31.65
N ASP AA 229 82.01 29.42 31.92
CA ASP AA 229 82.23 28.63 33.12
C ASP AA 229 83.51 27.82 32.97
N VAL AA 230 83.80 26.97 33.96
CA VAL AA 230 85.02 26.18 33.95
C VAL AA 230 85.00 25.25 32.75
N SER AA 231 86.10 25.20 32.01
CA SER AA 231 86.23 24.35 30.84
C SER AA 231 87.62 23.74 30.81
N ILE AA 232 87.74 22.60 30.12
CA ILE AA 232 89.02 21.90 29.99
C ILE AA 232 89.39 21.86 28.51
N GLY AA 233 90.64 22.21 28.21
CA GLY AA 233 91.11 22.29 26.84
C GLY AA 233 92.41 21.55 26.59
N TYR AA 234 92.91 21.64 25.37
CA TYR AA 234 94.08 20.91 24.91
C TYR AA 234 95.06 21.87 24.25
N LEU AA 235 96.35 21.78 24.60
CA LEU AA 235 97.36 22.61 23.97
C LEU AA 235 98.22 21.82 23.01
N SER AA 236 98.84 20.73 23.46
CA SER AA 236 99.74 19.94 22.64
C SER AA 236 99.84 18.54 23.26
N HIS AA 237 100.60 17.67 22.61
CA HIS AA 237 100.73 16.29 23.08
C HIS AA 237 102.05 15.72 22.60
N ASP AA 238 102.42 14.59 23.18
CA ASP AA 238 103.69 13.93 22.93
C ASP AA 238 103.44 12.43 22.93
N ALA AA 239 104.48 11.65 22.67
CA ALA AA 239 104.36 10.20 22.67
C ALA AA 239 104.02 9.64 24.05
N GLU AA 240 104.16 10.43 25.11
CA GLU AA 240 103.94 9.96 26.47
C GLU AA 240 102.89 10.75 27.23
N VAL AA 241 102.73 12.04 26.94
CA VAL AA 241 101.88 12.92 27.75
C VAL AA 241 101.02 13.79 26.85
N VAL AA 242 100.00 14.39 27.46
CA VAL AA 242 99.15 15.40 26.82
C VAL AA 242 99.06 16.58 27.77
N HIS AA 243 99.15 17.79 27.22
CA HIS AA 243 99.06 19.01 28.01
C HIS AA 243 97.68 19.63 27.85
N LEU AA 244 96.99 19.82 28.98
CA LEU AA 244 95.65 20.36 29.02
C LEU AA 244 95.64 21.57 29.95
N TYR AA 245 94.50 22.28 29.97
CA TYR AA 245 94.36 23.42 30.85
C TYR AA 245 92.91 23.52 31.31
N MET AA 246 92.72 24.10 32.49
CA MET AA 246 91.40 24.45 32.98
C MET AA 246 91.26 25.96 32.97
N GLU AA 247 90.17 26.45 32.37
CA GLU AA 247 90.01 27.84 32.04
C GLU AA 247 88.66 28.36 32.54
N GLU AA 248 88.66 29.60 33.02
CA GLU AA 248 87.39 30.27 33.34
C GLU AA 248 87.58 31.78 33.27
N THR AA 249 86.57 32.47 32.76
CA THR AA 249 86.60 33.93 32.61
C THR AA 249 85.57 34.54 33.55
N MET AA 250 86.02 35.40 34.46
CA MET AA 250 85.17 35.84 35.56
C MET AA 250 85.55 37.25 36.01
N THR AA 251 84.66 37.81 36.83
CA THR AA 251 84.94 38.98 37.65
C THR AA 251 83.97 38.97 38.82
N PHE AA 252 84.27 39.78 39.83
CA PHE AA 252 83.47 39.82 41.05
C PHE AA 252 83.15 41.26 41.41
N LEU AA 253 81.92 41.50 41.87
CA LEU AA 253 81.48 42.82 42.29
C LEU AA 253 80.77 42.73 43.64
N CYS AA 254 81.07 43.69 44.51
CA CYS AA 254 80.37 43.85 45.78
C CYS AA 254 79.63 45.18 45.74
N TYR AA 255 78.34 45.14 46.07
CA TYR AA 255 77.49 46.33 46.01
C TYR AA 255 77.16 46.88 47.38
N THR AA 256 76.93 46.01 48.36
CA THR AA 256 76.58 46.41 49.72
C THR AA 256 77.78 46.16 50.62
N ALA AA 257 78.36 47.24 51.16
CA ALA AA 257 79.53 47.13 52.01
C ALA AA 257 79.19 46.74 53.44
N GLU AA 258 77.92 46.81 53.82
CA GLU AA 258 77.51 46.59 55.20
C GLU AA 258 76.93 45.19 55.44
N ALA AA 259 76.98 44.30 54.45
CA ALA AA 259 76.39 42.97 54.55
C ALA AA 259 77.39 41.90 54.96
N SER AA 260 78.61 42.29 55.35
CA SER AA 260 79.64 41.32 55.70
C SER AA 260 80.51 41.89 56.82
N VAL AA 261 81.14 40.97 57.55
CA VAL AA 261 82.09 41.30 58.60
C VAL AA 261 83.27 40.34 58.44
N ALA AA 262 84.47 40.88 58.52
CA ALA AA 262 85.69 40.09 58.31
C ALA AA 262 86.43 39.93 59.63
N LEU AA 263 87.01 38.74 59.83
CA LEU AA 263 87.81 38.45 61.01
C LEU AA 263 89.17 37.98 60.54
N THR AA 264 90.22 38.68 60.99
CA THR AA 264 91.57 38.42 60.53
C THR AA 264 92.31 37.53 61.52
N PRO AA 265 93.20 36.65 61.03
CA PRO AA 265 93.93 35.74 61.92
C PRO AA 265 94.72 36.46 63.01
N ASN BA 2 25.96 86.55 -7.01
CA ASN BA 2 27.03 87.00 -6.13
C ASN BA 2 27.42 88.44 -6.45
N ASN BA 3 28.48 88.92 -5.81
CA ASN BA 3 28.89 90.31 -5.95
C ASN BA 3 29.50 90.62 -7.32
N LEU BA 4 29.79 89.59 -8.13
CA LEU BA 4 30.33 89.85 -9.46
C LEU BA 4 29.29 90.50 -10.36
N TYR BA 5 28.01 90.14 -10.18
CA TYR BA 5 26.92 90.67 -11.00
C TYR BA 5 27.14 90.38 -12.48
N ARG BA 6 27.53 89.14 -12.78
CA ARG BA 6 27.71 88.73 -14.17
C ARG BA 6 26.38 88.54 -14.89
N ASP BA 7 25.33 88.14 -14.18
CA ASP BA 7 24.04 87.93 -14.82
C ASP BA 7 23.50 89.20 -15.44
N LEU BA 8 23.99 90.37 -15.02
CA LEU BA 8 23.53 91.64 -15.54
C LEU BA 8 24.34 92.11 -16.76
N ALA BA 9 25.41 91.41 -17.11
CA ALA BA 9 26.26 91.86 -18.20
C ALA BA 9 25.71 91.37 -19.55
N PRO BA 10 25.82 92.18 -20.61
CA PRO BA 10 25.36 91.73 -21.94
C PRO BA 10 26.39 90.86 -22.65
N ILE BA 11 26.67 89.70 -22.07
CA ILE BA 11 27.68 88.77 -22.57
C ILE BA 11 27.10 87.36 -22.53
N THR BA 12 27.37 86.59 -23.58
CA THR BA 12 26.86 85.23 -23.68
C THR BA 12 27.78 84.25 -22.96
N GLU BA 13 27.28 83.03 -22.79
CA GLU BA 13 28.06 82.00 -22.10
C GLU BA 13 29.34 81.67 -22.86
N SER BA 14 29.26 81.60 -24.19
CA SER BA 14 30.43 81.28 -24.98
C SER BA 14 31.51 82.36 -24.85
N ALA BA 15 31.11 83.62 -24.92
CA ALA BA 15 32.08 84.71 -24.77
C ALA BA 15 32.65 84.74 -23.37
N TRP BA 16 31.81 84.47 -22.36
CA TRP BA 16 32.33 84.36 -20.99
C TRP BA 16 33.38 83.28 -20.90
N ALA BA 17 33.12 82.12 -21.50
CA ALA BA 17 34.09 81.03 -21.47
C ALA BA 17 35.39 81.43 -22.17
N GLU BA 18 35.28 82.08 -23.33
CA GLU BA 18 36.48 82.50 -24.04
C GLU BA 18 37.31 83.47 -23.20
N ILE BA 19 36.65 84.45 -22.58
CA ILE BA 19 37.37 85.43 -21.77
C ILE BA 19 38.04 84.75 -20.58
N GLU BA 20 37.31 83.86 -19.89
CA GLU BA 20 37.90 83.16 -18.75
C GLU BA 20 39.10 82.34 -19.18
N LEU BA 21 38.99 81.61 -20.28
CA LEU BA 21 40.10 80.78 -20.75
C LEU BA 21 41.30 81.65 -21.09
N GLU BA 22 41.08 82.75 -21.80
CA GLU BA 22 42.19 83.61 -22.20
C GLU BA 22 42.88 84.23 -20.99
N ALA BA 23 42.11 84.68 -20.00
CA ALA BA 23 42.73 85.25 -18.80
C ALA BA 23 43.49 84.20 -18.00
N THR BA 24 42.90 83.02 -17.83
CA THR BA 24 43.56 81.96 -17.08
C THR BA 24 44.88 81.58 -17.73
N ARG BA 25 44.89 81.40 -19.05
CA ARG BA 25 46.11 81.00 -19.74
C ARG BA 25 47.22 82.02 -19.52
N THR BA 26 46.90 83.30 -19.72
CA THR BA 26 47.92 84.35 -19.60
C THR BA 26 48.43 84.48 -18.18
N PHE BA 27 47.52 84.43 -17.20
CA PHE BA 27 47.95 84.53 -15.81
C PHE BA 27 48.84 83.36 -15.42
N LYS BA 28 48.45 82.14 -15.80
CA LYS BA 28 49.26 80.97 -15.48
C LYS BA 28 50.60 81.03 -16.20
N ARG BA 29 50.65 81.69 -17.35
CA ARG BA 29 51.93 81.90 -18.02
C ARG BA 29 52.82 82.86 -17.23
N HIS BA 30 52.27 84.00 -16.82
CA HIS BA 30 53.07 85.08 -16.28
C HIS BA 30 53.30 84.99 -14.77
N ILE BA 31 52.71 84.00 -14.11
CA ILE BA 31 52.82 83.87 -12.65
C ILE BA 31 53.95 82.89 -12.34
N ALA BA 32 54.72 83.20 -11.28
CA ALA BA 32 55.86 82.39 -10.89
C ALA BA 32 55.87 82.00 -9.41
N GLY BA 33 55.45 82.89 -8.51
CA GLY BA 33 55.55 82.58 -7.09
C GLY BA 33 54.73 81.37 -6.69
N ARG BA 34 53.57 81.19 -7.33
CA ARG BA 34 52.69 80.07 -7.02
C ARG BA 34 53.36 78.72 -7.26
N ARG BA 35 54.42 78.67 -8.05
CA ARG BA 35 55.14 77.44 -8.34
C ARG BA 35 56.20 77.12 -7.30
N VAL BA 36 56.53 78.05 -6.40
CA VAL BA 36 57.59 77.83 -5.43
C VAL BA 36 57.15 78.19 -4.02
N VAL BA 37 55.89 78.57 -3.85
CA VAL BA 37 55.36 78.92 -2.53
C VAL BA 37 54.12 78.10 -2.25
N ASP BA 38 53.99 77.65 -0.99
CA ASP BA 38 52.77 76.97 -0.56
C ASP BA 38 51.59 77.93 -0.64
N VAL BA 39 50.45 77.41 -1.08
CA VAL BA 39 49.24 78.19 -1.28
C VAL BA 39 48.16 77.66 -0.34
N SER BA 40 47.64 78.53 0.51
CA SER BA 40 46.51 78.20 1.36
C SER BA 40 45.23 78.53 0.57
N GLY BA 41 44.50 77.48 0.18
CA GLY BA 41 43.36 77.65 -0.69
C GLY BA 41 42.38 78.68 -0.20
N PRO BA 42 41.49 79.13 -1.08
CA PRO BA 42 40.53 80.17 -0.68
C PRO BA 42 39.74 79.75 0.55
N ASN BA 43 39.68 80.65 1.53
CA ASN BA 43 38.94 80.42 2.76
C ASN BA 43 37.58 81.11 2.77
N GLY BA 44 37.22 81.79 1.69
CA GLY BA 44 35.91 82.40 1.56
C GLY BA 44 35.96 83.91 1.65
N PRO BA 45 34.90 84.56 1.17
CA PRO BA 45 34.87 86.04 1.25
C PRO BA 45 34.85 86.58 2.66
N THR BA 46 34.45 85.77 3.64
CA THR BA 46 34.41 86.20 5.03
C THR BA 46 35.79 86.34 5.64
N THR BA 47 36.83 85.78 5.00
CA THR BA 47 38.17 85.84 5.54
C THR BA 47 38.77 87.22 5.32
N ALA BA 48 39.33 87.79 6.39
CA ALA BA 48 39.89 89.14 6.34
C ALA BA 48 41.31 89.26 6.86
N SER BA 49 41.78 88.31 7.67
CA SER BA 49 43.10 88.41 8.26
C SER BA 49 43.63 87.02 8.57
N VAL BA 50 44.94 86.94 8.79
CA VAL BA 50 45.62 85.70 9.13
C VAL BA 50 46.32 85.89 10.47
N SER BA 51 45.98 85.06 11.44
CA SER BA 51 46.59 85.14 12.76
C SER BA 51 48.07 84.74 12.68
N THR BA 52 48.90 85.40 13.47
CA THR BA 52 50.31 85.04 13.56
C THR BA 52 50.64 84.29 14.85
N GLY BA 53 49.74 84.27 15.82
CA GLY BA 53 50.00 83.61 17.08
C GLY BA 53 50.84 84.41 18.04
N HIS BA 54 51.24 85.63 17.68
CA HIS BA 54 52.02 86.49 18.53
C HIS BA 54 51.12 87.42 19.33
N LEU BA 55 51.70 88.04 20.36
CA LEU BA 55 50.99 88.95 21.25
C LEU BA 55 51.69 90.30 21.25
N LEU BA 56 50.91 91.36 21.45
CA LEU BA 56 51.41 92.72 21.52
C LEU BA 56 50.98 93.36 22.83
N ASP BA 57 51.90 94.09 23.46
CA ASP BA 57 51.62 94.73 24.73
C ASP BA 57 50.66 95.90 24.53
N VAL BA 58 49.81 96.12 25.55
CA VAL BA 58 48.78 97.14 25.48
C VAL BA 58 48.44 97.59 26.89
N SER BA 59 48.01 98.85 27.00
CA SER BA 59 47.69 99.42 28.30
C SER BA 59 46.54 98.65 28.95
N PRO BA 60 46.63 98.32 30.25
CA PRO BA 60 45.59 97.51 30.86
C PRO BA 60 44.32 98.32 31.09
N PRO BA 61 43.16 97.66 31.14
CA PRO BA 61 41.95 98.38 31.56
C PRO BA 61 42.03 98.93 32.97
N GLY BA 62 42.71 98.24 33.87
CA GLY BA 62 42.75 98.67 35.26
C GLY BA 62 43.83 97.95 36.02
N ASP BA 63 43.78 98.12 37.34
CA ASP BA 63 44.82 97.57 38.21
C ASP BA 63 44.71 96.06 38.31
N GLY BA 64 45.85 95.40 38.43
CA GLY BA 64 45.89 93.97 38.58
C GLY BA 64 45.51 93.19 37.34
N VAL BA 65 45.54 93.82 36.17
CA VAL BA 65 45.14 93.19 34.92
C VAL BA 65 46.27 93.33 33.92
N ILE BA 66 46.61 92.23 33.25
CA ILE BA 66 47.63 92.20 32.20
C ILE BA 66 46.91 92.00 30.87
N ALA BA 67 47.15 92.90 29.92
CA ALA BA 67 46.45 92.91 28.65
C ALA BA 67 47.43 92.73 27.49
N HIS BA 68 47.04 91.92 26.52
CA HIS BA 68 47.82 91.70 25.30
C HIS BA 68 46.87 91.62 24.12
N LEU BA 69 47.34 92.11 22.96
CA LEU BA 69 46.57 92.06 21.74
C LEU BA 69 47.09 90.98 20.81
N ARG BA 70 46.16 90.22 20.22
CA ARG BA 70 46.53 89.20 19.25
C ARG BA 70 46.93 89.86 17.94
N ASP BA 71 47.91 89.28 17.26
CA ASP BA 71 48.50 89.87 16.08
C ASP BA 71 48.02 89.15 14.82
N ALA BA 72 47.58 89.94 13.84
CA ALA BA 72 47.05 89.39 12.60
C ALA BA 72 47.56 90.23 11.42
N LYS BA 73 47.64 89.58 10.27
CA LYS BA 73 48.05 90.20 9.03
C LYS BA 73 46.82 90.41 8.16
N PRO BA 74 46.48 91.64 7.78
CA PRO BA 74 45.29 91.87 6.96
C PRO BA 74 45.51 91.40 5.52
N LEU BA 75 44.39 91.12 4.86
CA LEU BA 75 44.37 90.75 3.46
C LEU BA 75 44.07 91.98 2.60
N VAL BA 76 44.67 92.03 1.42
CA VAL BA 76 44.53 93.16 0.51
C VAL BA 76 43.85 92.67 -0.77
N ARG BA 77 42.92 93.46 -1.27
CA ARG BA 77 42.17 93.14 -2.48
C ARG BA 77 42.74 93.96 -3.64
N LEU BA 78 43.13 93.27 -4.71
CA LEU BA 78 43.68 93.90 -5.91
C LEU BA 78 42.64 93.76 -7.02
N ARG BA 79 42.28 94.88 -7.62
CA ARG BA 79 41.29 94.96 -8.69
C ARG BA 79 41.89 95.70 -9.87
N VAL BA 80 41.85 95.07 -11.04
CA VAL BA 80 42.37 95.66 -12.27
C VAL BA 80 41.22 95.78 -13.27
N PRO BA 81 40.81 96.99 -13.65
CA PRO BA 81 39.71 97.13 -14.60
C PRO BA 81 40.18 97.11 -16.05
N PHE BA 82 39.27 96.69 -16.92
CA PHE BA 82 39.51 96.69 -18.36
C PHE BA 82 38.17 96.80 -19.09
N THR BA 83 38.26 97.06 -20.38
CA THR BA 83 37.09 97.32 -21.22
C THR BA 83 37.08 96.38 -22.41
N VAL BA 84 35.88 95.92 -22.78
CA VAL BA 84 35.71 94.98 -23.88
C VAL BA 84 34.66 95.52 -24.84
N ALA BA 85 34.75 95.10 -26.10
CA ALA BA 85 33.87 95.60 -27.15
C ALA BA 85 32.71 94.63 -27.39
N ARG BA 86 31.50 95.20 -27.39
CA ARG BA 86 30.29 94.43 -27.61
C ARG BA 86 30.25 93.79 -28.98
N ARG BA 87 30.91 94.38 -29.99
CA ARG BA 87 30.99 93.74 -31.29
C ARG BA 87 31.79 92.44 -31.26
N ASP BA 88 32.96 92.46 -30.62
CA ASP BA 88 33.72 91.23 -30.43
C ASP BA 88 32.95 90.23 -29.58
N ILE BA 89 32.21 90.71 -28.59
CA ILE BA 89 31.37 89.79 -27.80
C ILE BA 89 30.33 89.13 -28.69
N ASP BA 90 29.64 89.92 -29.52
CA ASP BA 90 28.53 89.39 -30.30
C ASP BA 90 29.02 88.44 -31.39
N ASP BA 91 30.20 88.71 -31.95
CA ASP BA 91 30.68 87.89 -33.06
C ASP BA 91 30.86 86.43 -32.65
N VAL BA 92 31.03 86.14 -31.35
CA VAL BA 92 31.32 84.78 -30.93
C VAL BA 92 30.17 83.85 -31.27
N GLU BA 93 28.93 84.28 -31.00
CA GLU BA 93 27.78 83.43 -31.27
C GLU BA 93 27.58 83.19 -32.76
N ARG BA 94 28.24 83.98 -33.61
CA ARG BA 94 28.25 83.77 -35.05
C ARG BA 94 29.35 82.82 -35.50
N GLY BA 95 29.91 82.04 -34.58
CA GLY BA 95 31.00 81.14 -34.92
C GLY BA 95 32.29 81.86 -35.26
N SER BA 96 32.51 83.04 -34.68
CA SER BA 96 33.78 83.74 -34.86
C SER BA 96 34.75 83.31 -33.79
N GLN BA 97 35.99 83.05 -34.19
CA GLN BA 97 37.04 82.64 -33.28
C GLN BA 97 38.37 83.36 -33.54
N ASP BA 98 38.31 84.64 -33.90
CA ASP BA 98 39.47 85.51 -33.92
C ASP BA 98 39.23 86.80 -33.12
N SER BA 99 38.32 86.75 -32.14
CA SER BA 99 37.95 87.95 -31.40
C SER BA 99 39.12 88.49 -30.60
N ASP BA 100 39.13 89.80 -30.39
CA ASP BA 100 40.22 90.48 -29.70
C ASP BA 100 39.98 90.43 -28.19
N TRP BA 101 40.95 89.87 -27.46
CA TRP BA 101 40.91 89.80 -26.01
C TRP BA 101 42.19 90.39 -25.41
N ASP BA 102 42.81 91.29 -26.15
CA ASP BA 102 44.06 91.91 -25.70
C ASP BA 102 43.90 92.65 -24.38
N PRO BA 103 42.84 93.44 -24.15
CA PRO BA 103 42.68 94.04 -22.81
C PRO BA 103 42.60 93.00 -21.71
N VAL BA 104 41.94 91.86 -21.96
CA VAL BA 104 41.90 90.79 -20.98
C VAL BA 104 43.31 90.30 -20.68
N LYS BA 105 44.10 90.06 -21.72
CA LYS BA 105 45.46 89.57 -21.52
C LYS BA 105 46.31 90.59 -20.75
N ASP BA 106 46.16 91.87 -21.09
CA ASP BA 106 46.92 92.91 -20.41
C ASP BA 106 46.55 92.99 -18.93
N ALA BA 107 45.26 92.92 -18.62
CA ALA BA 107 44.84 92.96 -17.22
C ALA BA 107 45.36 91.76 -16.46
N ALA BA 108 45.31 90.57 -17.07
CA ALA BA 108 45.86 89.39 -16.42
C ALA BA 108 47.36 89.55 -16.15
N LYS BA 109 48.08 90.08 -17.13
CA LYS BA 109 49.52 90.32 -16.94
C LYS BA 109 49.76 91.28 -15.80
N LYS BA 110 48.98 92.35 -15.73
CA LYS BA 110 49.14 93.35 -14.69
C LYS BA 110 48.90 92.74 -13.30
N LEU BA 111 47.84 91.95 -13.18
CA LEU BA 111 47.53 91.32 -11.90
C LEU BA 111 48.63 90.34 -11.48
N ALA BA 112 49.10 89.53 -12.43
CA ALA BA 112 50.18 88.60 -12.12
C ALA BA 112 51.43 89.35 -11.68
N PHE BA 113 51.74 90.46 -12.35
CA PHE BA 113 52.94 91.21 -12.02
C PHE BA 113 52.84 91.81 -10.61
N VAL BA 114 51.68 92.38 -10.28
CA VAL BA 114 51.54 92.95 -8.94
C VAL BA 114 51.64 91.86 -7.88
N GLU BA 115 51.02 90.70 -8.12
CA GLU BA 115 51.09 89.62 -7.15
C GLU BA 115 52.53 89.17 -6.95
N ASP BA 116 53.25 88.93 -8.04
CA ASP BA 116 54.62 88.43 -7.93
C ASP BA 116 55.54 89.48 -7.30
N ARG BA 117 55.32 90.76 -7.64
CA ARG BA 117 56.13 91.81 -7.04
C ARG BA 117 55.86 91.98 -5.56
N ALA BA 118 54.61 91.82 -5.11
CA ALA BA 118 54.34 91.81 -3.68
C ALA BA 118 54.99 90.62 -2.99
N ILE BA 119 54.98 89.45 -3.65
CA ILE BA 119 55.59 88.28 -3.04
C ILE BA 119 57.09 88.46 -2.89
N PHE BA 120 57.76 88.95 -3.94
CA PHE BA 120 59.22 88.93 -4.00
C PHE BA 120 59.89 90.23 -3.61
N GLU BA 121 59.14 91.33 -3.48
CA GLU BA 121 59.73 92.63 -3.22
C GLU BA 121 59.07 93.38 -2.07
N GLY BA 122 57.79 93.13 -1.83
CA GLY BA 122 57.09 93.73 -0.69
C GLY BA 122 56.12 94.80 -1.12
N TYR BA 123 54.98 94.87 -0.43
CA TYR BA 123 53.96 95.89 -0.60
C TYR BA 123 53.69 96.45 0.80
N ALA BA 124 54.40 97.52 1.14
CA ALA BA 124 54.46 97.96 2.54
C ALA BA 124 53.09 98.34 3.07
N ALA BA 125 52.31 99.10 2.28
CA ALA BA 125 51.02 99.57 2.77
C ALA BA 125 50.11 98.43 3.18
N ALA BA 126 50.29 97.25 2.58
CA ALA BA 126 49.57 96.06 2.97
C ALA BA 126 50.30 95.26 4.04
N SER BA 127 51.34 95.84 4.64
CA SER BA 127 52.14 95.17 5.67
C SER BA 127 52.79 93.89 5.15
N ILE BA 128 53.07 93.85 3.86
CA ILE BA 128 53.67 92.68 3.22
C ILE BA 128 55.17 92.93 3.10
N GLU BA 129 55.96 92.17 3.85
CA GLU BA 129 57.40 92.19 3.73
C GLU BA 129 57.83 91.09 2.77
N GLY BA 130 58.57 91.48 1.73
CA GLY BA 130 58.93 90.55 0.67
C GLY BA 130 60.05 89.61 1.07
N ILE BA 131 60.26 88.61 0.21
CA ILE BA 131 61.34 87.66 0.42
C ILE BA 131 62.69 88.34 0.42
N ARG BA 132 62.88 89.34 -0.45
CA ARG BA 132 64.16 90.05 -0.52
C ARG BA 132 64.52 90.68 0.82
N SER BA 133 63.58 91.41 1.44
CA SER BA 133 63.86 92.05 2.71
C SER BA 133 63.93 91.03 3.84
N SER BA 134 63.01 90.07 3.87
CA SER BA 134 62.97 89.10 4.95
C SER BA 134 64.16 88.13 4.92
N SER BA 135 64.86 88.05 3.80
CA SER BA 135 65.98 87.13 3.71
C SER BA 135 67.10 87.55 4.66
N SER BA 136 67.68 86.56 5.35
CA SER BA 136 68.79 86.81 6.26
C SER BA 136 70.15 86.55 5.63
N ASN BA 137 70.23 85.63 4.67
CA ASN BA 137 71.49 85.36 4.01
C ASN BA 137 71.93 86.59 3.21
N PRO BA 138 73.23 86.86 3.12
CA PRO BA 138 73.67 88.07 2.43
C PRO BA 138 73.26 88.06 0.96
N ALA BA 139 72.93 89.25 0.46
CA ALA BA 139 72.54 89.40 -0.94
C ALA BA 139 73.76 89.50 -1.83
N LEU BA 140 73.61 89.06 -3.07
CA LEU BA 140 74.68 89.09 -4.05
C LEU BA 140 74.32 90.04 -5.19
N ALA BA 141 75.30 90.26 -6.07
CA ALA BA 141 75.14 91.13 -7.22
C ALA BA 141 75.23 90.32 -8.51
N LEU BA 142 74.27 90.53 -9.40
CA LEU BA 142 74.24 89.81 -10.67
C LEU BA 142 75.26 90.46 -11.61
N PRO BA 143 76.25 89.74 -12.11
CA PRO BA 143 77.24 90.36 -12.99
C PRO BA 143 76.61 90.88 -14.26
N ASP BA 144 77.17 91.98 -14.77
CA ASP BA 144 76.68 92.55 -16.02
C ASP BA 144 76.81 91.54 -17.16
N ASP BA 145 77.93 90.82 -17.22
CA ASP BA 145 78.12 89.79 -18.22
C ASP BA 145 77.31 88.55 -17.85
N ALA BA 146 76.95 87.77 -18.86
CA ALA BA 146 76.15 86.57 -18.65
C ALA BA 146 76.99 85.34 -18.34
N ARG BA 147 78.32 85.42 -18.48
CA ARG BA 147 79.16 84.24 -18.34
C ARG BA 147 79.47 83.93 -16.87
N GLU BA 148 79.38 84.92 -15.99
CA GLU BA 148 79.73 84.76 -14.58
C GLU BA 148 78.52 84.46 -13.70
N ILE BA 149 77.31 84.46 -14.26
CA ILE BA 149 76.13 84.23 -13.44
C ILE BA 149 76.17 82.87 -12.75
N PRO BA 150 76.57 81.77 -13.41
CA PRO BA 150 76.59 80.47 -12.71
C PRO BA 150 77.47 80.47 -11.48
N ASP BA 151 78.59 81.20 -11.50
CA ASP BA 151 79.44 81.27 -10.31
C ASP BA 151 78.70 81.91 -9.15
N VAL BA 152 77.95 82.98 -9.41
CA VAL BA 152 77.20 83.63 -8.35
C VAL BA 152 76.09 82.72 -7.83
N ILE BA 153 75.45 81.97 -8.73
CA ILE BA 153 74.43 81.02 -8.30
C ILE BA 153 75.04 79.93 -7.42
N ALA BA 154 76.23 79.46 -7.79
CA ALA BA 154 76.90 78.47 -6.95
C ALA BA 154 77.24 79.05 -5.59
N GLN BA 155 77.66 80.32 -5.54
CA GLN BA 155 77.91 80.99 -4.27
C GLN BA 155 76.64 81.05 -3.42
N ALA BA 156 75.51 81.40 -4.04
CA ALA BA 156 74.25 81.49 -3.30
C ALA BA 156 73.83 80.11 -2.78
N LEU BA 157 73.98 79.07 -3.60
CA LEU BA 157 73.72 77.73 -3.10
C LEU BA 157 74.62 77.40 -1.94
N SER BA 158 75.90 77.78 -2.03
CA SER BA 158 76.80 77.56 -0.91
C SER BA 158 76.31 78.28 0.34
N GLU BA 159 75.77 79.48 0.20
CA GLU BA 159 75.29 80.21 1.37
C GLU BA 159 74.09 79.52 2.02
N LEU BA 160 73.04 79.26 1.24
CA LEU BA 160 71.89 78.52 1.75
C LEU BA 160 72.33 77.23 2.41
N ARG BA 161 73.19 76.49 1.71
CA ARG BA 161 73.52 75.13 2.02
C ARG BA 161 74.56 75.06 3.13
N LEU BA 162 75.25 76.17 3.38
CA LEU BA 162 75.91 76.39 4.66
C LEU BA 162 74.89 76.61 5.76
N ALA BA 163 73.93 77.49 5.53
CA ALA BA 163 72.97 77.85 6.57
C ALA BA 163 72.18 76.66 7.06
N GLY BA 164 72.08 75.60 6.25
CA GLY BA 164 71.52 74.35 6.72
C GLY BA 164 70.16 74.00 6.15
N VAL BA 165 69.74 74.65 5.09
CA VAL BA 165 68.45 74.36 4.47
C VAL BA 165 68.60 73.24 3.46
N ASP BA 166 67.56 72.43 3.34
CA ASP BA 166 67.57 71.28 2.44
C ASP BA 166 66.38 71.32 1.49
N GLY BA 167 66.18 70.24 0.74
CA GLY BA 167 65.11 70.15 -0.23
C GLY BA 167 65.52 70.69 -1.58
N PRO BA 168 64.72 70.43 -2.61
CA PRO BA 168 65.08 70.89 -3.95
C PRO BA 168 65.25 72.40 -3.99
N TYR BA 169 66.26 72.84 -4.73
CA TYR BA 169 66.54 74.25 -4.90
C TYR BA 169 66.10 74.72 -6.28
N SER BA 170 65.70 75.99 -6.34
CA SER BA 170 65.11 76.54 -7.56
C SER BA 170 65.61 77.96 -7.78
N VAL BA 171 65.76 78.32 -9.05
CA VAL BA 171 66.26 79.63 -9.46
C VAL BA 171 65.14 80.32 -10.23
N LEU BA 172 64.76 81.50 -9.75
CA LEU BA 172 63.78 82.35 -10.43
C LEU BA 172 64.56 83.53 -11.03
N LEU BA 173 64.47 83.68 -12.35
CA LEU BA 173 65.22 84.69 -13.05
C LEU BA 173 64.30 85.76 -13.62
N SER BA 174 64.81 86.98 -13.71
CA SER BA 174 64.05 88.12 -14.22
C SER BA 174 63.87 87.97 -15.72
N ALA BA 175 63.04 88.82 -16.32
CA ALA BA 175 62.89 88.81 -17.76
C ALA BA 175 64.19 89.18 -18.45
N GLU BA 176 64.84 90.25 -17.99
CA GLU BA 176 66.05 90.73 -18.64
C GLU BA 176 67.19 89.73 -18.46
N THR BA 177 67.29 89.11 -17.28
CA THR BA 177 68.33 88.12 -17.03
C THR BA 177 68.08 86.83 -17.79
N TYR BA 178 66.82 86.37 -17.85
CA TYR BA 178 66.50 85.17 -18.59
C TYR BA 178 66.73 85.36 -20.08
N THR BA 179 66.36 86.51 -20.63
CA THR BA 179 66.68 86.80 -22.03
C THR BA 179 68.18 86.73 -22.26
N LYS BA 180 68.96 87.28 -21.32
CA LYS BA 180 70.41 87.29 -21.47
C LYS BA 180 70.97 85.87 -21.48
N VAL BA 181 70.60 85.06 -20.48
CA VAL BA 181 71.15 83.71 -20.39
C VAL BA 181 70.65 82.84 -21.53
N SER BA 182 69.48 83.16 -22.09
CA SER BA 182 68.95 82.38 -23.20
C SER BA 182 69.67 82.72 -24.50
N GLU BA 183 69.75 84.01 -24.83
CA GLU BA 183 70.42 84.41 -26.07
C GLU BA 183 71.90 84.06 -26.04
N THR BA 184 72.55 84.30 -24.90
CA THR BA 184 73.97 84.00 -24.78
C THR BA 184 74.19 82.49 -24.80
N THR BA 185 75.31 82.08 -25.39
CA THR BA 185 75.62 80.67 -25.58
C THR BA 185 77.09 80.42 -25.29
N ALA BA 186 77.41 79.17 -24.97
CA ALA BA 186 78.80 78.77 -24.70
C ALA BA 186 78.95 77.29 -25.01
N HIS BA 187 79.98 76.95 -25.79
CA HIS BA 187 80.27 75.56 -26.14
C HIS BA 187 79.05 74.87 -26.77
N GLY BA 188 78.21 75.65 -27.44
CA GLY BA 188 77.05 75.09 -28.08
C GLY BA 188 75.87 74.83 -27.16
N TYR BA 189 75.87 75.39 -25.95
CA TYR BA 189 74.71 75.34 -25.07
C TYR BA 189 74.44 76.72 -24.48
N PRO BA 190 73.18 77.08 -24.24
CA PRO BA 190 72.90 78.36 -23.58
C PRO BA 190 73.40 78.42 -22.15
N ILE BA 191 73.70 79.65 -21.73
CA ILE BA 191 74.08 79.89 -20.36
C ILE BA 191 72.95 79.48 -19.42
N ARG BA 192 71.71 79.49 -19.89
CA ARG BA 192 70.60 79.00 -19.09
C ARG BA 192 70.73 77.50 -18.80
N GLU BA 193 71.10 76.70 -19.80
CA GLU BA 193 71.35 75.30 -19.54
C GLU BA 193 72.54 75.13 -18.62
N HIS BA 194 73.58 75.95 -18.81
CA HIS BA 194 74.69 75.95 -17.86
C HIS BA 194 74.19 76.13 -16.44
N ILE BA 195 73.29 77.09 -16.22
CA ILE BA 195 72.72 77.30 -14.88
C ILE BA 195 71.94 76.07 -14.43
N ASN BA 196 71.06 75.56 -15.30
CA ASN BA 196 70.20 74.44 -14.95
C ASN BA 196 71.02 73.25 -14.46
N ARG BA 197 72.22 73.06 -15.02
CA ARG BA 197 73.02 71.89 -14.67
C ARG BA 197 73.29 71.79 -13.18
N LEU BA 198 73.29 72.91 -12.46
CA LEU BA 198 73.69 72.92 -11.05
C LEU BA 198 72.56 72.48 -10.12
N VAL BA 199 71.37 73.05 -10.29
CA VAL BA 199 70.29 72.85 -9.33
C VAL BA 199 69.60 71.52 -9.57
N ASP BA 200 68.85 71.08 -8.56
CA ASP BA 200 68.06 69.86 -8.63
C ASP BA 200 66.62 70.14 -9.04
N GLY BA 201 66.14 71.37 -8.86
CA GLY BA 201 64.75 71.70 -9.15
C GLY BA 201 64.54 72.19 -10.57
N GLU BA 202 64.03 73.41 -10.71
CA GLU BA 202 63.66 73.95 -12.01
C GLU BA 202 64.16 75.38 -12.14
N ILE BA 203 64.24 75.85 -13.38
CA ILE BA 203 64.50 77.25 -13.70
C ILE BA 203 63.16 77.90 -14.03
N ILE BA 204 62.88 79.05 -13.42
CA ILE BA 204 61.56 79.69 -13.51
C ILE BA 204 61.68 81.11 -14.03
N TRP BA 205 60.74 81.49 -14.89
CA TRP BA 205 60.56 82.87 -15.35
C TRP BA 205 59.94 83.71 -14.24
N ALA BA 206 60.54 84.86 -13.96
CA ALA BA 206 59.97 85.81 -13.02
C ALA BA 206 60.03 87.22 -13.60
N PRO BA 207 59.17 87.56 -14.56
CA PRO BA 207 59.30 88.87 -15.22
C PRO BA 207 59.04 90.02 -14.26
N ALA BA 208 58.10 89.83 -13.34
CA ALA BA 208 57.72 90.88 -12.40
C ALA BA 208 58.87 91.27 -11.50
N ILE BA 209 59.67 90.30 -11.06
CA ILE BA 209 60.74 90.57 -10.12
C ILE BA 209 61.91 91.19 -10.88
N ASP BA 210 62.85 91.77 -10.13
CA ASP BA 210 64.04 92.38 -10.69
C ASP BA 210 65.26 91.72 -10.05
N GLY BA 211 66.08 91.07 -10.87
CA GLY BA 211 67.27 90.40 -10.37
C GLY BA 211 67.19 88.90 -10.52
N ALA BA 212 67.46 88.18 -9.44
CA ALA BA 212 67.37 86.72 -9.45
C ALA BA 212 67.20 86.24 -8.02
N PHE BA 213 66.70 85.01 -7.87
CA PHE BA 213 66.46 84.46 -6.53
C PHE BA 213 66.77 82.97 -6.56
N VAL BA 214 67.51 82.50 -5.56
CA VAL BA 214 67.76 81.07 -5.39
C VAL BA 214 67.14 80.67 -4.05
N LEU BA 215 66.20 79.73 -4.07
CA LEU BA 215 65.47 79.41 -2.85
C LEU BA 215 65.16 77.91 -2.77
N SER BA 216 64.89 77.47 -1.55
CA SER BA 216 64.53 76.08 -1.30
C SER BA 216 63.03 75.88 -1.44
N THR BA 217 62.63 74.66 -1.80
CA THR BA 217 61.23 74.30 -1.97
C THR BA 217 60.85 73.09 -1.11
N ARG BA 218 61.55 72.90 0.01
CA ARG BA 218 61.19 71.83 0.92
C ARG BA 218 59.76 72.00 1.43
N GLY BA 219 59.37 73.24 1.73
CA GLY BA 219 58.04 73.52 2.22
C GLY BA 219 58.03 74.11 3.62
N GLY BA 220 57.01 74.88 3.93
CA GLY BA 220 56.86 75.46 5.25
C GLY BA 220 57.60 76.76 5.48
N ASP BA 221 58.14 77.37 4.42
CA ASP BA 221 58.87 78.63 4.55
C ASP BA 221 58.16 79.83 3.94
N PHE BA 222 57.31 79.63 2.95
CA PHE BA 222 56.57 80.71 2.32
C PHE BA 222 55.11 80.32 2.23
N ASP BA 223 54.21 81.26 2.50
CA ASP BA 223 52.77 81.00 2.49
C ASP BA 223 52.06 82.14 1.78
N LEU BA 224 51.38 81.81 0.69
CA LEU BA 224 50.52 82.76 -0.01
C LEU BA 224 49.08 82.48 0.41
N GLN BA 225 48.53 83.36 1.24
CA GLN BA 225 47.17 83.19 1.74
C GLN BA 225 46.19 83.90 0.81
N LEU BA 226 45.18 83.16 0.36
CA LEU BA 226 44.15 83.69 -0.53
C LEU BA 226 42.81 83.64 0.18
N GLY BA 227 42.06 84.74 0.13
CA GLY BA 227 40.69 84.74 0.58
C GLY BA 227 39.78 84.27 -0.53
N THR BA 228 39.95 84.89 -1.69
CA THR BA 228 39.27 84.48 -2.92
C THR BA 228 40.26 84.51 -4.06
N ASP BA 229 40.19 83.49 -4.92
CA ASP BA 229 41.12 83.37 -6.04
C ASP BA 229 40.75 84.40 -7.10
N VAL BA 230 41.46 84.36 -8.24
CA VAL BA 230 41.22 85.33 -9.30
C VAL BA 230 39.81 85.17 -9.82
N SER BA 231 39.10 86.29 -9.96
CA SER BA 231 37.73 86.29 -10.45
C SER BA 231 37.54 87.47 -11.40
N ILE BA 232 36.55 87.35 -12.28
CA ILE BA 232 36.23 88.40 -13.26
C ILE BA 232 34.81 88.89 -12.99
N GLY BA 233 34.65 90.21 -12.92
CA GLY BA 233 33.37 90.80 -12.61
C GLY BA 233 32.93 91.88 -13.59
N TYR BA 234 31.78 92.50 -13.31
CA TYR BA 234 31.16 93.47 -14.18
C TYR BA 234 30.82 94.73 -13.38
N LEU BA 235 31.14 95.91 -13.92
CA LEU BA 235 30.80 97.16 -13.28
C LEU BA 235 29.65 97.87 -13.98
N SER BA 236 29.78 98.13 -15.27
CA SER BA 236 28.77 98.86 -16.03
C SER BA 236 28.96 98.53 -17.51
N HIS BA 237 28.09 99.09 -18.34
CA HIS BA 237 28.13 98.80 -19.78
C HIS BA 237 27.53 99.96 -20.54
N ASP BA 238 27.76 99.96 -21.84
CA ASP BA 238 27.34 101.03 -22.74
C ASP BA 238 26.89 100.38 -24.05
N ALA BA 239 26.43 101.21 -24.98
CA ALA BA 239 26.00 100.71 -26.28
C ALA BA 239 27.16 100.10 -27.08
N GLU BA 240 28.40 100.35 -26.69
CA GLU BA 240 29.56 99.89 -27.44
C GLU BA 240 30.51 99.01 -26.63
N VAL BA 241 30.61 99.22 -25.31
CA VAL BA 241 31.63 98.58 -24.49
C VAL BA 241 31.01 98.06 -23.21
N VAL BA 242 31.76 97.18 -22.54
CA VAL BA 242 31.43 96.70 -21.20
C VAL BA 242 32.68 96.83 -20.35
N HIS BA 243 32.51 97.29 -19.11
CA HIS BA 243 33.62 97.46 -18.18
C HIS BA 243 33.64 96.31 -17.19
N LEU BA 244 34.76 95.59 -17.13
CA LEU BA 244 34.94 94.44 -16.26
C LEU BA 244 36.19 94.66 -15.41
N TYR BA 245 36.40 93.77 -14.45
CA TYR BA 245 37.57 93.85 -13.60
C TYR BA 245 38.03 92.44 -13.23
N MET BA 246 39.32 92.30 -12.97
CA MET BA 246 39.88 91.07 -12.42
C MET BA 246 40.31 91.35 -10.98
N GLU BA 247 39.86 90.48 -10.07
CA GLU BA 247 39.95 90.73 -8.65
C GLU BA 247 40.56 89.53 -7.94
N GLU BA 248 41.39 89.81 -6.93
CA GLU BA 248 41.88 88.74 -6.05
C GLU BA 248 42.25 89.33 -4.69
N THR BA 249 41.95 88.60 -3.63
CA THR BA 249 42.24 89.02 -2.26
C THR BA 249 43.31 88.10 -1.67
N MET BA 250 44.44 88.69 -1.25
CA MET BA 250 45.60 87.88 -0.91
C MET BA 250 46.45 88.57 0.15
N THR BA 251 47.39 87.79 0.68
CA THR BA 251 48.52 88.29 1.45
C THR BA 251 49.63 87.24 1.38
N PHE BA 252 50.83 87.66 1.76
CA PHE BA 252 52.00 86.79 1.69
C PHE BA 252 52.76 86.83 3.00
N LEU BA 253 53.26 85.67 3.44
CA LEU BA 253 54.04 85.55 4.66
C LEU BA 253 55.29 84.73 4.40
N CYS BA 254 56.41 85.18 4.95
CA CYS BA 254 57.66 84.44 4.95
C CYS BA 254 58.01 84.08 6.38
N TYR BA 255 58.29 82.80 6.62
CA TYR BA 255 58.57 82.30 7.97
C TYR BA 255 60.04 82.00 8.18
N THR BA 256 60.71 81.46 7.18
CA THR BA 256 62.13 81.11 7.27
C THR BA 256 62.93 82.11 6.44
N ALA BA 257 63.77 82.89 7.13
CA ALA BA 257 64.56 83.91 6.46
C ALA BA 257 65.82 83.35 5.80
N GLU BA 258 66.18 82.11 6.12
CA GLU BA 258 67.43 81.52 5.64
C GLU BA 258 67.24 80.58 4.46
N ALA BA 259 66.03 80.49 3.90
CA ALA BA 259 65.74 79.55 2.82
C ALA BA 259 65.82 80.19 1.44
N SER BA 260 66.32 81.43 1.34
CA SER BA 260 66.39 82.12 0.07
C SER BA 260 67.64 83.01 0.03
N VAL BA 261 68.08 83.30 -1.19
CA VAL BA 261 69.19 84.20 -1.45
C VAL BA 261 68.77 85.09 -2.62
N ALA BA 262 69.02 86.38 -2.48
CA ALA BA 262 68.61 87.36 -3.49
C ALA BA 262 69.82 87.91 -4.21
N LEU BA 263 69.68 88.13 -5.51
CA LEU BA 263 70.72 88.70 -6.34
C LEU BA 263 70.16 89.93 -7.03
N THR BA 264 70.81 91.07 -6.80
CA THR BA 264 70.31 92.35 -7.29
C THR BA 264 71.01 92.73 -8.60
N PRO BA 265 70.29 93.40 -9.52
CA PRO BA 265 70.89 93.77 -10.81
C PRO BA 265 72.14 94.62 -10.67
N ASN CA 2 19.02 48.53 74.15
CA ASN CA 2 20.01 49.59 74.01
C ASN CA 2 20.13 50.38 75.31
N ASN CA 3 20.90 51.46 75.28
CA ASN CA 3 21.18 52.24 76.48
C ASN CA 3 19.97 53.03 76.97
N LEU CA 4 18.90 53.11 76.17
CA LEU CA 4 17.70 53.82 76.62
C LEU CA 4 17.02 53.08 77.77
N TYR CA 5 17.07 51.74 77.74
CA TYR CA 5 16.43 50.92 78.77
C TYR CA 5 14.93 51.19 78.85
N ARG CA 6 14.29 51.26 77.68
CA ARG CA 6 12.84 51.46 77.64
C ARG CA 6 12.07 50.20 78.04
N ASP CA 7 12.63 49.02 77.77
CA ASP CA 7 11.93 47.79 78.12
C ASP CA 7 11.71 47.66 79.62
N LEU CA 8 12.46 48.40 80.43
CA LEU CA 8 12.33 48.35 81.88
C LEU CA 8 11.32 49.37 82.42
N ALA CA 9 10.79 50.24 81.57
CA ALA CA 9 9.89 51.28 82.05
C ALA CA 9 8.45 50.75 82.13
N PRO CA 10 7.67 51.17 83.13
CA PRO CA 10 6.27 50.73 83.23
C PRO CA 10 5.35 51.56 82.33
N ILE CA 11 5.56 51.46 81.02
CA ILE CA 11 4.82 52.23 80.02
C ILE CA 11 4.44 51.29 78.89
N THR CA 12 3.22 51.45 78.39
CA THR CA 12 2.71 50.61 77.32
C THR CA 12 3.12 51.17 75.96
N GLU CA 13 2.92 50.35 74.92
CA GLU CA 13 3.29 50.75 73.57
C GLU CA 13 2.48 51.97 73.13
N SER CA 14 1.19 52.00 73.45
CA SER CA 14 0.36 53.12 73.04
C SER CA 14 0.81 54.42 73.70
N ALA CA 15 1.11 54.38 74.99
CA ALA CA 15 1.58 55.58 75.67
C ALA CA 15 2.94 56.01 75.15
N TRP CA 16 3.81 55.04 74.86
CA TRP CA 16 5.10 55.37 74.23
C TRP CA 16 4.88 56.09 72.91
N ALA CA 17 3.96 55.59 72.09
CA ALA CA 17 3.69 56.23 70.81
C ALA CA 17 3.15 57.64 71.00
N GLU CA 18 2.24 57.82 71.95
CA GLU CA 18 1.69 59.15 72.20
C GLU CA 18 2.79 60.13 72.63
N ILE CA 19 3.66 59.69 73.54
CA ILE CA 19 4.73 60.57 74.01
C ILE CA 19 5.67 60.92 72.87
N GLU CA 20 6.06 59.92 72.07
CA GLU CA 20 6.96 60.19 70.94
C GLU CA 20 6.33 61.17 69.97
N LEU CA 21 5.05 60.97 69.63
CA LEU CA 21 4.38 61.86 68.69
C LEU CA 21 4.33 63.28 69.24
N GLU CA 22 3.97 63.42 70.52
CA GLU CA 22 3.85 64.75 71.11
C GLU CA 22 5.19 65.47 71.14
N ALA CA 23 6.27 64.75 71.50
CA ALA CA 23 7.58 65.38 71.52
C ALA CA 23 8.05 65.76 70.11
N THR CA 24 7.86 64.87 69.14
CA THR CA 24 8.28 65.15 67.78
C THR CA 24 7.56 66.37 67.23
N ARG CA 25 6.25 66.46 67.44
CA ARG CA 25 5.49 67.59 66.92
C ARG CA 25 6.01 68.90 67.49
N THR CA 26 6.19 68.96 68.81
CA THR CA 26 6.62 70.20 69.45
C THR CA 26 8.03 70.59 69.03
N PHE CA 27 8.94 69.62 68.97
CA PHE CA 27 10.31 69.93 68.55
C PHE CA 27 10.34 70.43 67.12
N LYS CA 28 9.62 69.77 66.22
CA LYS CA 28 9.59 70.21 64.82
C LYS CA 28 8.94 71.57 64.70
N ARG CA 29 8.03 71.91 65.62
CA ARG CA 29 7.47 73.26 65.63
C ARG CA 29 8.51 74.28 66.04
N HIS CA 30 9.24 74.02 67.13
CA HIS CA 30 10.08 75.02 67.75
C HIS CA 30 11.49 75.08 67.18
N ILE CA 31 11.84 74.18 66.26
CA ILE CA 31 13.19 74.12 65.70
C ILE CA 31 13.22 74.91 64.40
N ALA CA 32 14.33 75.64 64.17
CA ALA CA 32 14.48 76.48 62.99
C ALA CA 32 15.78 76.25 62.22
N GLY CA 33 16.90 75.99 62.91
CA GLY CA 33 18.16 75.87 62.20
C GLY CA 33 18.18 74.73 61.21
N ARG CA 34 17.50 73.63 61.54
CA ARG CA 34 17.45 72.46 60.68
C ARG CA 34 16.84 72.76 59.32
N ARG CA 35 16.08 73.85 59.20
CA ARG CA 35 15.46 74.24 57.94
C ARG CA 35 16.37 75.07 57.06
N VAL CA 36 17.50 75.55 57.57
CA VAL CA 36 18.38 76.42 56.80
C VAL CA 36 19.83 75.95 56.87
N VAL CA 37 20.09 74.82 57.52
CA VAL CA 37 21.45 74.29 57.62
C VAL CA 37 21.46 72.85 57.14
N ASP CA 38 22.53 72.49 56.42
CA ASP CA 38 22.72 71.11 56.01
C ASP CA 38 22.92 70.24 57.24
N VAL CA 39 22.33 69.04 57.21
CA VAL CA 39 22.35 68.11 58.32
C VAL CA 39 23.08 66.84 57.88
N SER CA 40 24.14 66.49 58.59
CA SER CA 40 24.84 65.24 58.37
C SER CA 40 24.17 64.18 59.25
N GLY CA 41 23.47 63.24 58.61
CA GLY CA 41 22.67 62.27 59.31
C GLY CA 41 23.44 61.56 60.41
N PRO CA 42 22.72 60.90 61.31
CA PRO CA 42 23.39 60.22 62.42
C PRO CA 42 24.43 59.23 61.92
N ASN CA 43 25.62 59.33 62.48
CA ASN CA 43 26.73 58.43 62.14
C ASN CA 43 26.93 57.31 63.16
N GLY CA 44 26.09 57.25 64.19
CA GLY CA 44 26.13 56.16 65.15
C GLY CA 44 26.65 56.61 66.49
N PRO CA 45 26.37 55.81 67.53
CA PRO CA 45 26.88 56.16 68.87
C PRO CA 45 28.39 56.15 68.98
N THR CA 46 29.08 55.46 68.08
CA THR CA 46 30.53 55.40 68.10
C THR CA 46 31.18 56.71 67.67
N THR CA 47 30.42 57.62 67.04
CA THR CA 47 30.97 58.87 66.56
C THR CA 47 31.17 59.84 67.72
N ALA CA 48 32.37 60.43 67.80
CA ALA CA 48 32.72 61.32 68.89
C ALA CA 48 33.27 62.66 68.46
N SER CA 49 33.76 62.79 67.23
CA SER CA 49 34.38 64.03 66.79
C SER CA 49 34.28 64.14 65.28
N VAL CA 50 34.49 65.35 64.78
CA VAL CA 50 34.45 65.64 63.35
C VAL CA 50 35.80 66.24 62.95
N SER CA 51 36.48 65.60 62.01
CA SER CA 51 37.77 66.09 61.55
C SER CA 51 37.60 67.40 60.79
N THR CA 52 38.56 68.31 60.95
CA THR CA 52 38.56 69.55 60.19
C THR CA 52 39.57 69.56 59.05
N GLY CA 53 40.48 68.58 59.02
CA GLY CA 53 41.50 68.54 57.99
C GLY CA 53 42.66 69.47 58.21
N HIS CA 54 42.68 70.21 59.33
CA HIS CA 54 43.76 71.11 59.66
C HIS CA 54 44.79 70.41 60.54
N LEU CA 55 45.96 71.04 60.67
CA LEU CA 55 47.06 70.52 61.45
C LEU CA 55 47.47 71.55 62.50
N LEU CA 56 47.96 71.06 63.63
CA LEU CA 56 48.43 71.89 64.72
C LEU CA 56 49.86 71.53 65.06
N ASP CA 57 50.69 72.54 65.31
CA ASP CA 57 52.10 72.33 65.61
C ASP CA 57 52.24 71.73 67.01
N VAL CA 58 53.26 70.88 67.17
CA VAL CA 58 53.48 70.17 68.42
C VAL CA 58 54.96 69.84 68.55
N SER CA 59 55.43 69.73 69.78
CA SER CA 59 56.83 69.46 70.04
C SER CA 59 57.21 68.09 69.47
N PRO CA 60 58.36 67.97 68.78
CA PRO CA 60 58.69 66.70 68.16
C PRO CA 60 59.13 65.67 69.19
N PRO CA 61 58.97 64.38 68.91
CA PRO CA 61 59.57 63.37 69.78
C PRO CA 61 61.08 63.46 69.88
N GLY CA 62 61.75 63.84 68.80
CA GLY CA 62 63.20 63.86 68.80
C GLY CA 62 63.73 64.64 67.62
N ASP CA 63 65.04 64.51 67.43
CA ASP CA 63 65.73 65.28 66.39
C ASP CA 63 65.37 64.76 65.00
N GLY CA 64 65.31 65.68 64.05
CA GLY CA 64 65.04 65.31 62.67
C GLY CA 64 63.62 64.87 62.41
N VAL CA 65 62.69 65.17 63.30
CA VAL CA 65 61.30 64.74 63.18
C VAL CA 65 60.40 65.96 63.28
N ILE CA 66 59.44 66.05 62.36
CA ILE CA 66 58.44 67.12 62.34
C ILE CA 66 57.10 66.50 62.73
N ALA CA 67 56.46 67.06 63.75
CA ALA CA 67 55.24 66.51 64.31
C ALA CA 67 54.09 67.51 64.19
N HIS CA 68 52.92 67.01 63.82
CA HIS CA 68 51.71 67.82 63.75
C HIS CA 68 50.54 67.00 64.27
N LEU CA 69 49.58 67.69 64.90
CA LEU CA 69 48.38 67.05 65.41
C LEU CA 69 47.19 67.36 64.54
N ARG CA 70 46.39 66.32 64.27
CA ARG CA 70 45.16 66.49 63.49
C ARG CA 70 44.11 67.17 64.35
N ASP CA 71 43.31 68.03 63.73
CA ASP CA 71 42.36 68.86 64.44
C ASP CA 71 40.94 68.33 64.26
N ALA CA 72 40.22 68.21 65.38
CA ALA CA 72 38.87 67.67 65.37
C ALA CA 72 38.00 68.49 66.32
N LYS CA 73 36.71 68.50 66.02
CA LYS CA 73 35.71 69.18 66.83
C LYS CA 73 34.93 68.14 67.61
N PRO CA 74 34.92 68.18 68.94
CA PRO CA 74 34.19 67.17 69.71
C PRO CA 74 32.68 67.39 69.62
N LEU CA 75 31.95 66.30 69.86
CA LEU CA 75 30.50 66.32 69.91
C LEU CA 75 30.03 66.44 71.36
N VAL CA 76 28.93 67.14 71.57
CA VAL CA 76 28.39 67.39 72.90
C VAL CA 76 27.01 66.73 72.99
N ARG CA 77 26.75 66.09 74.12
CA ARG CA 77 25.50 65.41 74.38
C ARG CA 77 24.64 66.28 75.29
N LEU CA 78 23.41 66.56 74.84
CA LEU CA 78 22.46 67.37 75.61
C LEU CA 78 21.35 66.44 76.07
N ARG CA 79 21.09 66.46 77.39
CA ARG CA 79 20.08 65.62 78.03
C ARG CA 79 19.17 66.51 78.86
N VAL CA 80 17.87 66.42 78.62
CA VAL CA 80 16.88 67.19 79.36
C VAL CA 80 15.95 66.21 80.07
N PRO CA 81 15.93 66.17 81.40
CA PRO CA 81 15.05 65.24 82.10
C PRO CA 81 13.66 65.83 82.36
N PHE CA 82 12.69 64.92 82.47
CA PHE CA 82 11.32 65.29 82.80
C PHE CA 82 10.64 64.10 83.49
N THR CA 83 9.48 64.37 84.05
CA THR CA 83 8.74 63.40 84.86
C THR CA 83 7.32 63.26 84.32
N VAL CA 84 6.83 62.02 84.35
CA VAL CA 84 5.50 61.71 83.84
C VAL CA 84 4.72 60.93 84.89
N ALA CA 85 3.40 61.03 84.83
CA ALA CA 85 2.52 60.42 85.83
C ALA CA 85 2.00 59.07 85.34
N ARG CA 86 2.15 58.06 86.20
CA ARG CA 86 1.70 56.71 85.89
C ARG CA 86 0.20 56.63 85.70
N ARG CA 87 -0.59 57.52 86.33
CA ARG CA 87 -2.02 57.55 86.09
C ARG CA 87 -2.35 57.97 84.66
N ASP CA 88 -1.72 59.04 84.17
CA ASP CA 88 -1.89 59.42 82.77
C ASP CA 88 -1.39 58.34 81.84
N ILE CA 89 -0.30 57.66 82.21
CA ILE CA 89 0.17 56.55 81.39
C ILE CA 89 -0.89 55.44 81.31
N ASP CA 90 -1.46 55.08 82.46
CA ASP CA 90 -2.37 53.94 82.51
C ASP CA 90 -3.69 54.26 81.80
N ASP CA 91 -4.13 55.52 81.88
CA ASP CA 91 -5.42 55.87 81.29
C ASP CA 91 -5.46 55.62 79.78
N VAL CA 92 -4.30 55.59 79.12
CA VAL CA 92 -4.29 55.45 77.66
C VAL CA 92 -4.91 54.14 77.23
N GLU CA 93 -4.54 53.04 77.90
CA GLU CA 93 -5.06 51.73 77.51
C GLU CA 93 -6.55 51.62 77.76
N ARG CA 94 -7.13 52.54 78.54
CA ARG CA 94 -8.56 52.63 78.75
C ARG CA 94 -9.26 53.48 77.70
N GLY CA 95 -8.60 53.72 76.56
CA GLY CA 95 -9.17 54.56 75.52
C GLY CA 95 -9.28 56.02 75.92
N SER CA 96 -8.38 56.49 76.77
CA SER CA 96 -8.33 57.91 77.11
C SER CA 96 -7.41 58.63 76.14
N GLN CA 97 -7.86 59.78 75.67
CA GLN CA 97 -7.10 60.60 74.74
C GLN CA 97 -7.12 62.09 75.10
N ASP CA 98 -7.08 62.40 76.40
CA ASP CA 98 -6.84 63.75 76.88
C ASP CA 98 -5.69 63.79 77.90
N SER CA 99 -4.78 62.81 77.84
CA SER CA 99 -3.73 62.70 78.84
C SER CA 99 -2.79 63.89 78.78
N ASP CA 100 -2.21 64.23 79.93
CA ASP CA 100 -1.33 65.39 80.05
C ASP CA 100 0.09 65.01 79.67
N TRP CA 101 0.64 65.72 78.67
CA TRP CA 101 2.01 65.52 78.21
C TRP CA 101 2.77 66.86 78.22
N ASP CA 102 2.33 67.76 79.08
CA ASP CA 102 2.97 69.08 79.18
C ASP CA 102 4.44 69.00 79.53
N PRO CA 103 4.88 68.17 80.49
CA PRO CA 103 6.32 68.04 80.71
C PRO CA 103 7.08 67.59 79.47
N VAL CA 104 6.49 66.68 78.69
CA VAL CA 104 7.12 66.26 77.44
C VAL CA 104 7.28 67.46 76.51
N LYS CA 105 6.22 68.25 76.36
CA LYS CA 105 6.29 69.41 75.47
C LYS CA 105 7.33 70.42 75.95
N ASP CA 106 7.38 70.65 77.26
CA ASP CA 106 8.35 71.59 77.82
C ASP CA 106 9.78 71.12 77.58
N ALA CA 107 10.04 69.83 77.80
CA ALA CA 107 11.38 69.30 77.57
C ALA CA 107 11.77 69.42 76.10
N ALA CA 108 10.83 69.11 75.20
CA ALA CA 108 11.12 69.26 73.77
C ALA CA 108 11.44 70.71 73.43
N LYS CA 109 10.67 71.65 73.98
CA LYS CA 109 10.94 73.07 73.74
C LYS CA 109 12.31 73.45 74.24
N LYS CA 110 12.68 72.97 75.43
CA LYS CA 110 13.98 73.30 76.01
C LYS CA 110 15.12 72.77 75.13
N LEU CA 111 14.99 71.53 74.66
CA LEU CA 111 16.03 70.95 73.82
C LEU CA 111 16.15 71.70 72.49
N ALA CA 112 15.01 72.03 71.88
CA ALA CA 112 15.05 72.80 70.64
C ALA CA 112 15.71 74.15 70.86
N PHE CA 113 15.40 74.80 71.97
CA PHE CA 113 15.95 76.12 72.23
C PHE CA 113 17.46 76.05 72.42
N VAL CA 114 17.94 75.06 73.17
CA VAL CA 114 19.38 74.95 73.37
C VAL CA 114 20.08 74.66 72.04
N GLU CA 115 19.50 73.79 71.23
CA GLU CA 115 20.11 73.47 69.93
C GLU CA 115 20.19 74.71 69.06
N ASP CA 116 19.08 75.44 68.94
CA ASP CA 116 19.06 76.62 68.07
C ASP CA 116 19.98 77.71 68.59
N ARG CA 117 20.04 77.88 69.93
CA ARG CA 117 20.93 78.87 70.50
C ARG CA 117 22.39 78.52 70.32
N ALA CA 118 22.75 77.24 70.40
CA ALA CA 118 24.11 76.84 70.07
C ALA CA 118 24.43 77.09 68.61
N ILE CA 119 23.46 76.82 67.71
CA ILE CA 119 23.71 77.04 66.30
C ILE CA 119 23.92 78.51 65.99
N PHE CA 120 23.08 79.39 66.55
CA PHE CA 120 23.03 80.78 66.14
C PHE CA 120 23.79 81.74 67.04
N GLU CA 121 24.22 81.30 68.22
CA GLU CA 121 24.86 82.18 69.18
C GLU CA 121 26.17 81.64 69.73
N GLY CA 122 26.32 80.32 69.80
CA GLY CA 122 27.57 79.71 70.23
C GLY CA 122 27.46 79.10 71.61
N TYR CA 123 28.13 77.96 71.79
CA TYR CA 123 28.25 77.27 73.06
C TYR CA 123 29.74 77.02 73.27
N ALA CA 124 30.40 77.96 73.96
CA ALA CA 124 31.86 78.00 73.95
C ALA CA 124 32.47 76.73 74.55
N ALA CA 125 31.93 76.26 75.68
CA ALA CA 125 32.52 75.10 76.34
C ALA CA 125 32.56 73.89 75.43
N ALA CA 126 31.64 73.81 74.46
CA ALA CA 126 31.65 72.76 73.46
C ALA CA 126 32.46 73.15 72.23
N SER CA 127 33.21 74.25 72.30
CA SER CA 127 34.01 74.74 71.17
C SER CA 127 33.15 75.07 69.96
N ILE CA 128 31.90 75.45 70.21
CA ILE CA 128 30.95 75.78 69.13
C ILE CA 128 30.93 77.29 68.98
N GLU CA 129 31.44 77.78 67.85
CA GLU CA 129 31.35 79.18 67.50
C GLU CA 129 30.11 79.39 66.63
N GLY CA 130 29.24 80.30 67.07
CA GLY CA 130 27.97 80.50 66.41
C GLY CA 130 28.08 81.29 65.12
N ILE CA 131 26.97 81.30 64.38
CA ILE CA 131 26.90 82.07 63.15
C ILE CA 131 27.13 83.54 63.40
N ARG CA 132 26.59 84.08 64.50
CA ARG CA 132 26.75 85.50 64.81
C ARG CA 132 28.22 85.88 64.92
N SER CA 133 29.01 85.12 65.68
CA SER CA 133 30.42 85.43 65.83
C SER CA 133 31.20 85.12 64.56
N SER CA 134 30.93 83.98 63.93
CA SER CA 134 31.68 83.59 62.75
C SER CA 134 31.39 84.47 61.54
N SER CA 135 30.30 85.23 61.58
CA SER CA 135 29.95 86.07 60.43
C SER CA 135 30.99 87.17 60.24
N SER CA 136 31.38 87.39 58.99
CA SER CA 136 32.33 88.44 58.65
C SER CA 136 31.67 89.74 58.20
N ASN CA 137 30.49 89.65 57.60
CA ASN CA 137 29.79 90.86 57.19
C ASN CA 137 29.40 91.68 58.42
N PRO CA 138 29.40 93.01 58.32
CA PRO CA 138 29.10 93.82 59.50
C PRO CA 138 27.70 93.57 60.01
N ALA CA 139 27.56 93.61 61.34
CA ALA CA 139 26.26 93.41 61.98
C ALA CA 139 25.45 94.69 61.98
N LEU CA 140 24.13 94.55 61.95
CA LEU CA 140 23.22 95.67 61.96
C LEU CA 140 22.40 95.69 63.25
N ALA CA 141 21.64 96.77 63.41
CA ALA CA 141 20.80 96.95 64.59
C ALA CA 141 19.33 96.95 64.17
N LEU CA 142 18.53 96.16 64.88
CA LEU CA 142 17.10 96.07 64.58
C LEU CA 142 16.40 97.30 65.15
N PRO CA 143 15.73 98.11 64.35
CA PRO CA 143 15.09 99.31 64.89
C PRO CA 143 14.01 98.96 65.90
N ASP CA 144 13.85 99.84 66.89
CA ASP CA 144 12.82 99.63 67.90
C ASP CA 144 11.44 99.60 67.26
N ASP CA 145 11.19 100.49 66.30
CA ASP CA 145 9.93 100.49 65.57
C ASP CA 145 9.91 99.35 64.56
N ALA CA 146 8.71 98.89 64.22
CA ALA CA 146 8.55 97.79 63.28
C ALA CA 146 8.49 98.24 61.83
N ARG CA 147 8.40 99.55 61.57
CA ARG CA 147 8.20 100.03 60.22
C ARG CA 147 9.51 100.11 59.44
N GLU CA 148 10.64 100.20 60.12
CA GLU CA 148 11.95 100.36 59.49
C GLU CA 148 12.69 99.04 59.31
N ILE CA 149 12.14 97.93 59.80
CA ILE CA 149 12.84 96.65 59.70
C ILE CA 149 13.10 96.27 58.24
N PRO CA 150 12.15 96.43 57.31
CA PRO CA 150 12.44 96.03 55.91
C PRO CA 150 13.63 96.76 55.32
N ASP CA 151 13.84 98.03 55.68
CA ASP CA 151 15.00 98.75 55.18
C ASP CA 151 16.29 98.10 55.64
N VAL CA 152 16.35 97.69 56.91
CA VAL CA 152 17.55 97.04 57.43
C VAL CA 152 17.76 95.69 56.76
N ILE CA 153 16.67 94.96 56.50
CA ILE CA 153 16.79 93.69 55.79
C ILE CA 153 17.32 93.91 54.38
N ALA CA 154 16.84 94.96 53.71
CA ALA CA 154 17.37 95.26 52.38
C ALA CA 154 18.84 95.61 52.44
N GLN CA 155 19.26 96.35 53.48
CA GLN CA 155 20.68 96.64 53.66
C GLN CA 155 21.49 95.36 53.85
N ALA CA 156 20.98 94.43 54.65
CA ALA CA 156 21.70 93.18 54.88
C ALA CA 156 21.80 92.35 53.60
N LEU CA 157 20.71 92.30 52.82
CA LEU CA 157 20.78 91.64 51.53
C LEU CA 157 21.81 92.31 50.65
N SER CA 158 21.85 93.65 50.66
CA SER CA 158 22.87 94.35 49.90
C SER CA 158 24.27 93.95 50.35
N GLU CA 159 24.48 93.76 51.64
CA GLU CA 159 25.81 93.39 52.12
C GLU CA 159 26.21 92.00 51.64
N LEU CA 160 25.37 91.00 51.92
CA LEU CA 160 25.62 89.64 51.42
C LEU CA 160 25.89 89.66 49.92
N ARG CA 161 25.02 90.35 49.20
CA ARG CA 161 24.92 90.28 47.77
C ARG CA 161 25.97 91.16 47.10
N LEU CA 162 26.55 92.09 47.86
CA LEU CA 162 27.84 92.67 47.52
C LEU CA 162 28.95 91.64 47.70
N ALA CA 163 28.96 90.97 48.85
CA ALA CA 163 30.06 90.05 49.16
C ALA CA 163 30.16 88.93 48.15
N GLY CA 164 29.08 88.63 47.44
CA GLY CA 164 29.15 87.72 46.31
C GLY CA 164 28.49 86.37 46.53
N VAL CA 165 27.66 86.24 47.55
CA VAL CA 165 26.97 84.98 47.81
C VAL CA 165 25.67 84.93 47.02
N ASP CA 166 25.31 83.72 46.59
CA ASP CA 166 24.11 83.51 45.79
C ASP CA 166 23.20 82.47 46.43
N GLY CA 167 22.16 82.06 45.70
CA GLY CA 167 21.20 81.11 46.19
C GLY CA 167 20.08 81.77 46.94
N PRO CA 168 19.00 81.03 47.21
CA PRO CA 168 17.86 81.63 47.91
C PRO CA 168 18.26 82.19 49.26
N TYR CA 169 17.70 83.35 49.59
CA TYR CA 169 17.96 84.01 50.85
C TYR CA 169 16.77 83.83 51.80
N SER CA 170 17.07 83.79 53.09
CA SER CA 170 16.06 83.49 54.10
C SER CA 170 16.28 84.37 55.31
N VAL CA 171 15.17 84.73 55.96
CA VAL CA 171 15.17 85.59 57.13
C VAL CA 171 14.62 84.77 58.30
N LEU CA 172 15.42 84.68 59.35
CA LEU CA 172 15.01 84.03 60.60
C LEU CA 172 14.79 85.14 61.63
N LEU CA 173 13.58 85.22 62.17
CA LEU CA 173 13.21 86.27 63.08
C LEU CA 173 12.96 85.72 64.49
N SER CA 174 13.24 86.56 65.48
CA SER CA 174 13.08 86.18 66.88
C SER CA 174 11.60 86.11 67.21
N ALA CA 175 11.27 85.58 68.39
CA ALA CA 175 9.88 85.58 68.83
C ALA CA 175 9.35 86.98 68.99
N GLU CA 176 10.11 87.85 69.66
CA GLU CA 176 9.65 89.20 69.94
C GLU CA 176 9.54 90.02 68.65
N THR CA 177 10.49 89.83 67.73
CA THR CA 177 10.45 90.54 66.46
C THR CA 177 9.33 90.03 65.55
N TYR CA 178 9.13 88.71 65.50
CA TYR CA 178 8.07 88.15 64.69
C TYR CA 178 6.70 88.56 65.22
N THR CA 179 6.50 88.56 66.53
CA THR CA 179 5.26 89.08 67.10
C THR CA 179 5.04 90.53 66.68
N LYS CA 180 6.11 91.33 66.70
CA LYS CA 180 5.99 92.74 66.34
C LYS CA 180 5.56 92.89 64.89
N VAL CA 181 6.29 92.24 63.97
CA VAL CA 181 5.98 92.40 62.55
C VAL CA 181 4.63 91.79 62.21
N SER CA 182 4.18 90.81 62.99
CA SER CA 182 2.88 90.20 62.73
C SER CA 182 1.75 91.11 63.20
N GLU CA 183 1.81 91.56 64.45
CA GLU CA 183 0.75 92.42 64.97
C GLU CA 183 0.70 93.74 64.23
N THR CA 184 1.86 94.33 63.96
CA THR CA 184 1.91 95.59 63.24
C THR CA 184 1.45 95.40 61.80
N THR CA 185 0.77 96.42 61.27
CA THR CA 185 0.18 96.37 59.94
C THR CA 185 0.41 97.69 59.22
N ALA CA 186 0.35 97.63 57.89
CA ALA CA 186 0.51 98.83 57.06
C ALA CA 186 -0.22 98.61 55.74
N HIS CA 187 -1.05 99.58 55.36
CA HIS CA 187 -1.79 99.53 54.10
C HIS CA 187 -2.61 98.24 53.98
N GLY CA 188 -3.03 97.70 55.12
CA GLY CA 188 -3.82 96.50 55.12
C GLY CA 188 -3.04 95.21 54.95
N TYR CA 189 -1.72 95.24 55.13
CA TYR CA 189 -0.91 94.04 55.16
C TYR CA 189 0.06 94.09 56.34
N PRO CA 190 0.38 92.95 56.96
CA PRO CA 190 1.38 92.95 58.03
C PRO CA 190 2.77 93.32 57.54
N ILE CA 191 3.53 93.89 58.47
CA ILE CA 191 4.93 94.19 58.20
C ILE CA 191 5.69 92.91 57.89
N ARG CA 192 5.22 91.77 58.38
CA ARG CA 192 5.84 90.50 58.02
C ARG CA 192 5.68 90.20 56.52
N GLU CA 193 4.49 90.43 55.96
CA GLU CA 193 4.33 90.28 54.53
C GLU CA 193 5.18 91.29 53.79
N HIS CA 194 5.24 92.52 54.30
CA HIS CA 194 6.17 93.50 53.72
C HIS CA 194 7.57 92.93 53.63
N ILE CA 195 8.05 92.30 54.70
CA ILE CA 195 9.39 91.69 54.69
C ILE CA 195 9.44 90.57 53.66
N ASN CA 196 8.45 89.67 53.67
CA ASN CA 196 8.45 88.52 52.79
C ASN CA 196 8.58 88.94 51.33
N ARG CA 197 8.00 90.09 50.97
CA ARG CA 197 8.00 90.52 49.58
C ARG CA 197 9.40 90.61 48.99
N LEU CA 198 10.42 90.84 49.82
CA LEU CA 198 11.78 91.09 49.33
C LEU CA 198 12.52 89.80 48.98
N VAL CA 199 12.51 88.83 49.89
CA VAL CA 199 13.35 87.65 49.74
C VAL CA 199 12.72 86.66 48.78
N ASP CA 200 13.55 85.73 48.30
CA ASP CA 200 13.12 84.65 47.42
C ASP CA 200 12.79 83.38 48.20
N GLY CA 201 13.32 83.23 49.41
CA GLY CA 201 13.12 82.01 50.19
C GLY CA 201 11.90 82.08 51.10
N GLU CA 202 12.12 81.92 52.40
CA GLU CA 202 11.04 81.83 53.36
C GLU CA 202 11.34 82.71 54.57
N ILE CA 203 10.29 83.02 55.33
CA ILE CA 203 10.40 83.67 56.62
C ILE CA 203 10.25 82.59 57.69
N ILE CA 204 11.17 82.56 58.66
CA ILE CA 204 11.25 81.48 59.64
C ILE CA 204 11.18 82.03 61.06
N TRP CA 205 10.45 81.31 61.92
CA TRP CA 205 10.41 81.54 63.36
C TRP CA 205 11.72 81.07 64.00
N ALA CA 206 12.33 81.92 64.80
CA ALA CA 206 13.50 81.53 65.58
C ALA CA 206 13.36 82.01 67.01
N PRO CA 207 12.53 81.37 67.84
CA PRO CA 207 12.29 81.91 69.18
C PRO CA 207 13.53 81.87 70.05
N ALA CA 208 14.35 80.83 69.88
CA ALA CA 208 15.55 80.66 70.69
C ALA CA 208 16.54 81.78 70.47
N ILE CA 209 16.69 82.25 69.24
CA ILE CA 209 17.68 83.26 68.92
C ILE CA 209 17.15 84.61 69.37
N ASP CA 210 18.04 85.61 69.42
CA ASP CA 210 17.70 86.96 69.81
C ASP CA 210 18.14 87.89 68.69
N GLY CA 211 17.17 88.59 68.08
CA GLY CA 211 17.47 89.51 67.00
C GLY CA 211 16.88 89.04 65.68
N ALA CA 212 17.70 89.01 64.65
CA ALA CA 212 17.27 88.54 63.33
C ALA CA 212 18.50 88.11 62.54
N PHE CA 213 18.28 87.29 61.51
CA PHE CA 213 19.39 86.79 60.71
C PHE CA 213 18.93 86.69 59.25
N VAL CA 214 19.76 87.18 58.34
CA VAL CA 214 19.51 87.03 56.91
C VAL CA 214 20.65 86.20 56.34
N LEU CA 215 20.35 85.05 55.74
CA LEU CA 215 21.41 84.15 55.32
C LEU CA 215 21.04 83.45 54.01
N SER CA 216 22.08 82.96 53.34
CA SER CA 216 21.90 82.22 52.09
C SER CA 216 21.69 80.75 52.38
N THR CA 217 20.99 80.07 51.46
CA THR CA 217 20.70 78.65 51.57
C THR CA 217 21.16 77.88 50.33
N ARG CA 218 22.19 78.40 49.65
CA ARG CA 218 22.74 77.68 48.51
C ARG CA 218 23.26 76.31 48.93
N GLY CA 219 23.90 76.23 50.09
CA GLY CA 219 24.43 74.98 50.59
C GLY CA 219 25.94 75.00 50.74
N GLY CA 220 26.46 74.19 51.66
CA GLY CA 220 27.89 74.08 51.86
C GLY CA 220 28.50 75.11 52.78
N ASP CA 221 27.68 75.89 53.49
CA ASP CA 221 28.18 76.92 54.40
C ASP CA 221 27.93 76.61 55.87
N PHE CA 222 26.91 75.83 56.20
CA PHE CA 222 26.62 75.47 57.58
C PHE CA 222 26.40 73.97 57.65
N ASP CA 223 26.93 73.34 58.70
CA ASP CA 223 26.82 71.89 58.86
C ASP CA 223 26.47 71.57 60.31
N LEU CA 224 25.32 70.93 60.51
CA LEU CA 224 24.91 70.42 61.81
C LEU CA 224 25.22 68.93 61.84
N GLN CA 225 26.27 68.56 62.57
CA GLN CA 225 26.67 67.17 62.66
C GLN CA 225 25.98 66.50 63.84
N LEU CA 226 25.32 65.38 63.58
CA LEU CA 226 24.61 64.61 64.60
C LEU CA 226 25.26 63.24 64.73
N GLY CA 227 25.53 62.82 65.97
CA GLY CA 227 25.94 61.47 66.22
C GLY CA 227 24.73 60.58 66.37
N THR CA 228 23.80 61.00 67.21
CA THR CA 228 22.50 60.36 67.36
C THR CA 228 21.43 61.43 67.42
N ASP CA 229 20.31 61.18 66.74
CA ASP CA 229 19.22 62.13 66.69
C ASP CA 229 18.50 62.16 68.04
N VAL CA 230 17.41 62.93 68.12
CA VAL CA 230 16.67 63.07 69.37
C VAL CA 230 16.11 61.71 69.76
N SER CA 231 16.29 61.35 71.03
CA SER CA 231 15.81 60.08 71.56
C SER CA 231 15.25 60.30 72.95
N ILE CA 232 14.35 59.40 73.37
CA ILE CA 232 13.73 59.46 74.69
C ILE CA 232 14.11 58.21 75.46
N GLY CA 233 14.55 58.39 76.70
CA GLY CA 233 15.01 57.30 77.53
C GLY CA 233 14.39 57.25 78.91
N TYR CA 234 14.82 56.28 79.72
CA TYR CA 234 14.27 56.02 81.03
C TYR CA 234 15.39 55.96 82.06
N LEU CA 235 15.22 56.63 83.20
CA LEU CA 235 16.20 56.57 84.27
C LEU CA 235 15.72 55.72 85.44
N SER CA 236 14.57 56.04 86.00
CA SER CA 236 14.05 55.34 87.17
C SER CA 236 12.54 55.57 87.22
N HIS CA 237 11.89 54.97 88.21
CA HIS CA 237 10.44 55.07 88.33
C HIS CA 237 10.05 54.86 89.79
N ASP CA 238 8.80 55.21 90.08
CA ASP CA 238 8.25 55.17 91.43
C ASP CA 238 6.81 54.70 91.33
N ALA CA 239 6.15 54.56 92.47
CA ALA CA 239 4.75 54.14 92.50
C ALA CA 239 3.83 55.16 91.83
N GLU CA 240 4.29 56.38 91.60
CA GLU CA 240 3.46 57.45 91.06
C GLU CA 240 3.98 58.05 89.77
N VAL CA 241 5.30 58.07 89.57
CA VAL CA 241 5.91 58.80 88.46
C VAL CA 241 6.98 57.95 87.80
N VAL CA 242 7.37 58.38 86.60
CA VAL CA 242 8.51 57.80 85.87
C VAL CA 242 9.37 58.96 85.40
N HIS CA 243 10.69 58.81 85.53
CA HIS CA 243 11.64 59.83 85.11
C HIS CA 243 12.26 59.44 83.78
N LEU CA 244 12.11 60.33 82.79
CA LEU CA 244 12.61 60.11 81.44
C LEU CA 244 13.50 61.29 81.06
N TYR CA 245 14.17 61.16 79.90
CA TYR CA 245 15.02 62.23 79.41
C TYR CA 245 14.96 62.25 77.89
N MET CA 246 15.18 63.43 77.32
CA MET CA 246 15.36 63.59 75.89
C MET CA 246 16.82 63.94 75.62
N GLU CA 247 17.43 63.20 74.70
CA GLU CA 247 18.87 63.21 74.50
C GLU CA 247 19.20 63.41 73.03
N GLU CA 248 20.26 64.19 72.77
CA GLU CA 248 20.79 64.29 71.41
C GLU CA 248 22.27 64.68 71.47
N THR CA 249 23.06 64.09 70.59
CA THR CA 249 24.50 64.36 70.51
C THR CA 249 24.81 65.08 69.21
N MET CA 250 25.39 66.28 69.31
CA MET CA 250 25.49 67.15 68.15
C MET CA 250 26.72 68.05 68.25
N THR CA 251 27.02 68.70 67.12
CA THR CA 251 27.91 69.83 67.05
C THR CA 251 27.56 70.63 65.79
N PHE CA 252 28.05 71.85 65.73
CA PHE CA 252 27.74 72.75 64.62
C PHE CA 252 29.02 73.37 64.08
N LEU CA 253 29.11 73.50 62.75
CA LEU CA 253 30.25 74.11 62.08
C LEU CA 253 29.77 75.11 61.05
N CYS CA 254 30.45 76.26 61.00
CA CYS CA 254 30.24 77.26 59.96
C CYS CA 254 31.52 77.36 59.14
N TYR CA 255 31.37 77.27 57.82
CA TYR CA 255 32.52 77.27 56.91
C TYR CA 255 32.65 78.59 56.16
N THR CA 256 31.54 79.19 55.75
CA THR CA 256 31.54 80.44 55.01
C THR CA 256 31.06 81.55 55.92
N ALA CA 257 31.95 82.51 56.22
CA ALA CA 257 31.62 83.60 57.13
C ALA CA 257 30.84 84.72 56.43
N GLU CA 258 30.79 84.71 55.10
CA GLU CA 258 30.18 85.79 54.35
C GLU CA 258 28.77 85.47 53.86
N ALA CA 259 28.19 84.34 54.27
CA ALA CA 259 26.88 83.91 53.80
C ALA CA 259 25.75 84.30 54.75
N SER CA 260 26.03 85.11 55.76
CA SER CA 260 25.01 85.48 56.74
C SER CA 260 25.25 86.91 57.21
N VAL CA 261 24.17 87.53 57.70
CA VAL CA 261 24.20 88.86 58.28
C VAL CA 261 23.34 88.81 59.54
N ALA CA 262 23.85 89.38 60.62
CA ALA CA 262 23.18 89.33 61.91
C ALA CA 262 22.66 90.71 62.28
N LEU CA 263 21.48 90.75 62.88
CA LEU CA 263 20.87 91.99 63.35
C LEU CA 263 20.57 91.84 64.82
N THR CA 264 21.12 92.75 65.63
CA THR CA 264 21.03 92.65 67.08
C THR CA 264 19.90 93.54 67.59
N PRO CA 265 19.20 93.12 68.67
CA PRO CA 265 18.09 93.91 69.20
C PRO CA 265 18.49 95.33 69.58
N ASN DA 2 39.76 -51.50 -63.10
CA ASN DA 2 39.00 -51.78 -64.31
C ASN DA 2 39.84 -52.57 -65.30
N ASN DA 3 39.30 -52.76 -66.51
CA ASN DA 3 39.97 -53.58 -67.51
C ASN DA 3 41.21 -52.91 -68.10
N LEU DA 4 41.41 -51.61 -67.83
CA LEU DA 4 42.60 -50.95 -68.34
C LEU DA 4 43.86 -51.48 -67.68
N TYR DA 5 43.78 -51.84 -66.39
CA TYR DA 5 44.92 -52.35 -65.64
C TYR DA 5 46.05 -51.33 -65.61
N ARG DA 6 45.71 -50.07 -65.34
CA ARG DA 6 46.72 -49.03 -65.23
C ARG DA 6 47.51 -49.13 -63.93
N ASP DA 7 46.88 -49.61 -62.86
CA ASP DA 7 47.58 -49.72 -61.59
C ASP DA 7 48.79 -50.65 -61.66
N LEU DA 8 48.83 -51.52 -62.67
CA LEU DA 8 49.94 -52.45 -62.84
C LEU DA 8 51.07 -51.89 -63.69
N ALA DA 9 50.89 -50.71 -64.28
CA ALA DA 9 51.91 -50.17 -65.18
C ALA DA 9 52.96 -49.41 -64.38
N PRO DA 10 54.24 -49.47 -64.79
CA PRO DA 10 55.29 -48.71 -64.11
C PRO DA 10 55.36 -47.25 -64.55
N ILE DA 11 54.28 -46.53 -64.29
CA ILE DA 11 54.15 -45.13 -64.71
C ILE DA 11 53.58 -44.33 -63.55
N THR DA 12 54.12 -43.13 -63.35
CA THR DA 12 53.71 -42.26 -62.26
C THR DA 12 52.48 -41.44 -62.66
N GLU DA 13 51.87 -40.80 -61.64
CA GLU DA 13 50.68 -40.00 -61.89
C GLU DA 13 50.99 -38.84 -62.82
N SER DA 14 52.14 -38.19 -62.63
CA SER DA 14 52.48 -37.05 -63.48
C SER DA 14 52.66 -37.46 -64.94
N ALA DA 15 53.35 -38.58 -65.17
CA ALA DA 15 53.52 -39.04 -66.55
C ALA DA 15 52.20 -39.48 -67.15
N TRP DA 16 51.34 -40.12 -66.35
CA TRP DA 16 50.00 -40.45 -66.83
C TRP DA 16 49.25 -39.19 -67.26
N ALA DA 17 49.32 -38.14 -66.45
CA ALA DA 17 48.64 -36.89 -66.79
C ALA DA 17 49.20 -36.30 -68.08
N GLU DA 18 50.54 -36.31 -68.21
CA GLU DA 18 51.14 -35.77 -69.43
C GLU DA 18 50.68 -36.54 -70.66
N ILE DA 19 50.68 -37.87 -70.58
CA ILE DA 19 50.27 -38.68 -71.73
C ILE DA 19 48.81 -38.42 -72.07
N GLU DA 20 47.94 -38.39 -71.06
CA GLU DA 20 46.53 -38.13 -71.31
C GLU DA 20 46.32 -36.77 -71.96
N LEU DA 21 46.99 -35.75 -71.45
CA LEU DA 21 46.85 -34.40 -72.01
C LEU DA 21 47.32 -34.37 -73.46
N GLU DA 22 48.48 -34.98 -73.74
CA GLU DA 22 49.01 -34.97 -75.09
C GLU DA 22 48.10 -35.70 -76.06
N ALA DA 23 47.55 -36.84 -75.66
CA ALA DA 23 46.65 -37.57 -76.54
C ALA DA 23 45.35 -36.81 -76.77
N THR DA 24 44.79 -36.24 -75.70
CA THR DA 24 43.53 -35.50 -75.83
C THR DA 24 43.71 -34.32 -76.78
N ARG DA 25 44.79 -33.56 -76.62
CA ARG DA 25 45.01 -32.39 -77.47
C ARG DA 25 45.07 -32.80 -78.94
N THR DA 26 45.87 -33.83 -79.25
CA THR DA 26 46.05 -34.22 -80.64
C THR DA 26 44.76 -34.77 -81.24
N PHE DA 27 44.04 -35.59 -80.47
CA PHE DA 27 42.78 -36.13 -80.99
C PHE DA 27 41.77 -35.02 -81.25
N LYS DA 28 41.63 -34.09 -80.31
CA LYS DA 28 40.70 -32.99 -80.49
C LYS DA 28 41.12 -32.10 -81.65
N ARG DA 29 42.42 -32.04 -81.93
CA ARG DA 29 42.88 -31.33 -83.12
C ARG DA 29 42.45 -32.04 -84.40
N HIS DA 30 42.68 -33.35 -84.47
CA HIS DA 30 42.55 -34.09 -85.72
C HIS DA 30 41.14 -34.61 -85.97
N ILE DA 31 40.22 -34.44 -85.03
CA ILE DA 31 38.87 -34.97 -85.15
C ILE DA 31 37.95 -33.87 -85.70
N ALA DA 32 37.03 -34.26 -86.59
CA ALA DA 32 36.12 -33.33 -87.24
C ALA DA 32 34.65 -33.71 -87.16
N GLY DA 33 34.32 -35.00 -87.26
CA GLY DA 33 32.92 -35.39 -87.29
C GLY DA 33 32.18 -35.01 -86.03
N ARG DA 34 32.86 -35.08 -84.88
CA ARG DA 34 32.25 -34.76 -83.59
C ARG DA 34 31.75 -33.32 -83.54
N ARG DA 35 32.24 -32.45 -84.41
CA ARG DA 35 31.83 -31.05 -84.44
C ARG DA 35 30.58 -30.82 -85.28
N VAL DA 36 30.14 -31.82 -86.07
CA VAL DA 36 29.00 -31.63 -86.95
C VAL DA 36 28.00 -32.77 -86.82
N VAL DA 37 28.23 -33.70 -85.89
CA VAL DA 37 27.33 -34.82 -85.68
C VAL DA 37 26.92 -34.86 -84.21
N ASP DA 38 25.65 -35.17 -83.97
CA ASP DA 38 25.18 -35.39 -82.60
C ASP DA 38 25.88 -36.60 -82.01
N VAL DA 39 26.23 -36.50 -80.72
CA VAL DA 39 26.96 -37.54 -80.03
C VAL DA 39 26.10 -38.04 -78.88
N SER DA 40 25.82 -39.34 -78.88
CA SER DA 40 25.13 -39.99 -77.77
C SER DA 40 26.19 -40.43 -76.76
N GLY DA 41 26.20 -39.78 -75.61
CA GLY DA 41 27.24 -39.98 -74.62
C GLY DA 41 27.43 -41.44 -74.28
N PRO DA 42 28.56 -41.77 -73.65
CA PRO DA 42 28.84 -43.17 -73.31
C PRO DA 42 27.70 -43.78 -72.49
N ASN DA 43 27.24 -44.95 -72.92
CA ASN DA 43 26.19 -45.67 -72.23
C ASN DA 43 26.72 -46.81 -71.37
N GLY DA 44 28.04 -46.98 -71.30
CA GLY DA 44 28.65 -47.96 -70.43
C GLY DA 44 29.22 -49.13 -71.19
N PRO DA 45 30.13 -49.89 -70.53
CA PRO DA 45 30.71 -51.06 -71.20
C PRO DA 45 29.71 -52.14 -71.52
N THR DA 46 28.56 -52.16 -70.85
CA THR DA 46 27.53 -53.16 -71.11
C THR DA 46 26.81 -52.94 -72.43
N THR DA 47 26.94 -51.77 -73.03
CA THR DA 47 26.26 -51.47 -74.27
C THR DA 47 26.95 -52.16 -75.44
N ALA DA 48 26.18 -52.85 -76.27
CA ALA DA 48 26.71 -53.62 -77.39
C ALA DA 48 26.06 -53.32 -78.72
N SER DA 49 24.85 -52.77 -78.75
CA SER DA 49 24.14 -52.54 -80.00
C SER DA 49 23.17 -51.40 -79.82
N VAL DA 50 22.71 -50.86 -80.95
CA VAL DA 50 21.74 -49.77 -80.99
C VAL DA 50 20.53 -50.23 -81.78
N SER DA 51 19.35 -50.20 -81.14
CA SER DA 51 18.13 -50.61 -81.80
C SER DA 51 17.77 -49.63 -82.90
N THR DA 52 17.21 -50.13 -84.00
CA THR DA 52 16.73 -49.27 -85.08
C THR DA 52 15.22 -49.16 -85.09
N GLY DA 53 14.51 -50.00 -84.34
CA GLY DA 53 13.06 -49.98 -84.34
C GLY DA 53 12.41 -50.67 -85.53
N HIS DA 54 13.20 -51.25 -86.42
CA HIS DA 54 12.68 -51.97 -87.57
C HIS DA 54 12.55 -53.45 -87.25
N LEU DA 55 11.82 -54.15 -88.12
CA LEU DA 55 11.57 -55.58 -87.98
C LEU DA 55 12.03 -56.31 -89.23
N LEU DA 56 12.46 -57.56 -89.04
CA LEU DA 56 12.91 -58.41 -90.14
C LEU DA 56 12.11 -59.70 -90.13
N ASP DA 57 11.72 -60.15 -91.33
CA ASP DA 57 10.93 -61.37 -91.46
C ASP DA 57 11.78 -62.58 -91.15
N VAL DA 58 11.15 -63.60 -90.56
CA VAL DA 58 11.83 -64.81 -90.12
C VAL DA 58 10.85 -65.97 -90.14
N SER DA 59 11.38 -67.17 -90.35
CA SER DA 59 10.53 -68.36 -90.41
C SER DA 59 9.83 -68.58 -89.08
N PRO DA 60 8.53 -68.90 -89.09
CA PRO DA 60 7.81 -69.02 -87.82
C PRO DA 60 8.18 -70.31 -87.10
N PRO DA 61 8.06 -70.34 -85.77
CA PRO DA 61 8.21 -71.63 -85.06
C PRO DA 61 7.20 -72.67 -85.48
N GLY DA 62 5.98 -72.26 -85.81
CA GLY DA 62 4.94 -73.22 -86.13
C GLY DA 62 3.76 -72.57 -86.79
N ASP DA 63 2.69 -73.33 -86.90
CA ASP DA 63 1.50 -72.87 -87.61
C ASP DA 63 0.77 -71.81 -86.81
N GLY DA 64 0.17 -70.85 -87.52
CA GLY DA 64 -0.61 -69.81 -86.88
C GLY DA 64 0.21 -68.79 -86.12
N VAL DA 65 1.51 -68.72 -86.36
CA VAL DA 65 2.41 -67.82 -85.64
C VAL DA 65 3.15 -66.96 -86.64
N ILE DA 66 3.20 -65.66 -86.38
CA ILE DA 66 3.94 -64.71 -87.20
C ILE DA 66 5.14 -64.23 -86.39
N ALA DA 67 6.33 -64.36 -86.98
CA ALA DA 67 7.58 -64.09 -86.29
C ALA DA 67 8.34 -62.99 -86.99
N HIS DA 68 8.93 -62.08 -86.20
CA HIS DA 68 9.75 -60.99 -86.72
C HIS DA 68 10.93 -60.79 -85.78
N LEU DA 69 12.08 -60.41 -86.35
CA LEU DA 69 13.27 -60.14 -85.58
C LEU DA 69 13.52 -58.64 -85.47
N ARG DA 70 13.87 -58.19 -84.27
CA ARG DA 70 14.22 -56.80 -84.04
C ARG DA 70 15.59 -56.51 -84.63
N ASP DA 71 15.75 -55.32 -85.18
CA ASP DA 71 16.96 -54.95 -85.91
C ASP DA 71 17.83 -54.02 -85.07
N ALA DA 72 19.12 -54.36 -84.99
CA ALA DA 72 20.06 -53.59 -84.19
C ALA DA 72 21.37 -53.46 -84.96
N LYS DA 73 22.09 -52.37 -84.66
CA LYS DA 73 23.39 -52.09 -85.25
C LYS DA 73 24.46 -52.39 -84.20
N PRO DA 74 25.39 -53.30 -84.46
CA PRO DA 74 26.42 -53.61 -83.47
C PRO DA 74 27.45 -52.49 -83.35
N LEU DA 75 28.10 -52.46 -82.20
CA LEU DA 75 29.18 -51.52 -81.92
C LEU DA 75 30.52 -52.18 -82.18
N VAL DA 76 31.49 -51.41 -82.66
CA VAL DA 76 32.81 -51.91 -83.02
C VAL DA 76 33.83 -51.23 -82.11
N ARG DA 77 34.79 -52.00 -81.62
CA ARG DA 77 35.85 -51.53 -80.75
C ARG DA 77 37.12 -51.35 -81.56
N LEU DA 78 37.70 -50.15 -81.51
CA LEU DA 78 38.93 -49.84 -82.22
C LEU DA 78 40.03 -49.67 -81.16
N ARG DA 79 41.12 -50.40 -81.36
CA ARG DA 79 42.26 -50.39 -80.45
C ARG DA 79 43.54 -50.14 -81.25
N VAL DA 80 44.29 -49.12 -80.85
CA VAL DA 80 45.55 -48.77 -81.51
C VAL DA 80 46.67 -48.90 -80.51
N PRO DA 81 47.61 -49.82 -80.69
CA PRO DA 81 48.71 -49.97 -79.72
C PRO DA 81 49.89 -49.06 -80.04
N PHE DA 82 50.63 -48.73 -78.98
CA PHE DA 82 51.85 -47.95 -79.11
C PHE DA 82 52.78 -48.28 -77.94
N THR DA 83 54.02 -47.83 -78.05
CA THR DA 83 55.08 -48.16 -77.10
C THR DA 83 55.71 -46.88 -76.58
N VAL DA 84 56.04 -46.89 -75.29
CA VAL DA 84 56.63 -45.72 -74.63
C VAL DA 84 57.89 -46.15 -73.89
N ALA DA 85 58.81 -45.20 -73.71
CA ALA DA 85 60.10 -45.47 -73.09
C ALA DA 85 60.09 -45.13 -71.61
N ARG DA 86 60.55 -46.09 -70.82
CA ARG DA 86 60.61 -45.93 -69.37
C ARG DA 86 61.56 -44.82 -68.94
N ARG DA 87 62.58 -44.51 -69.74
CA ARG DA 87 63.44 -43.37 -69.43
C ARG DA 87 62.69 -42.05 -69.53
N ASP DA 88 61.93 -41.85 -70.60
CA ASP DA 88 61.09 -40.66 -70.72
C ASP DA 88 60.04 -40.62 -69.62
N ILE DA 89 59.50 -41.79 -69.25
CA ILE DA 89 58.55 -41.83 -68.14
C ILE DA 89 59.22 -41.36 -66.84
N ASP DA 90 60.42 -41.88 -66.55
CA ASP DA 90 61.07 -41.59 -65.28
C ASP DA 90 61.54 -40.14 -65.21
N ASP DA 91 61.94 -39.57 -66.33
CA ASP DA 91 62.46 -38.20 -66.30
C ASP DA 91 61.43 -37.20 -65.81
N VAL DA 92 60.14 -37.51 -65.91
CA VAL DA 92 59.11 -36.53 -65.54
C VAL DA 92 59.21 -36.18 -64.06
N GLU DA 93 59.36 -37.18 -63.19
CA GLU DA 93 59.43 -36.91 -61.76
C GLU DA 93 60.67 -36.11 -61.39
N ARG DA 94 61.66 -36.03 -62.29
CA ARG DA 94 62.83 -35.20 -62.11
C ARG DA 94 62.62 -33.77 -62.61
N GLY DA 95 61.36 -33.36 -62.79
CA GLY DA 95 61.08 -32.03 -63.31
C GLY DA 95 61.47 -31.85 -64.76
N SER DA 96 61.44 -32.92 -65.55
CA SER DA 96 61.69 -32.82 -66.98
C SER DA 96 60.37 -32.56 -67.70
N GLN DA 97 60.41 -31.63 -68.64
CA GLN DA 97 59.23 -31.28 -69.43
C GLN DA 97 59.55 -31.13 -70.92
N ASP DA 98 60.45 -31.96 -71.45
CA ASP DA 98 60.65 -32.11 -72.89
C ASP DA 98 60.55 -33.57 -73.31
N SER DA 99 59.82 -34.40 -72.56
CA SER DA 99 59.77 -35.82 -72.83
C SER DA 99 59.09 -36.10 -74.16
N ASP DA 100 59.48 -37.20 -74.80
CA ASP DA 100 58.99 -37.57 -76.13
C ASP DA 100 57.68 -38.34 -75.99
N TRP DA 101 56.62 -37.83 -76.62
CA TRP DA 101 55.31 -38.48 -76.64
C TRP DA 101 54.82 -38.64 -78.08
N ASP DA 102 55.76 -38.71 -79.01
CA ASP DA 102 55.42 -38.85 -80.43
C ASP DA 102 54.62 -40.10 -80.71
N PRO DA 103 54.94 -41.28 -80.16
CA PRO DA 103 54.05 -42.43 -80.38
C PRO DA 103 52.64 -42.19 -79.89
N VAL DA 104 52.48 -41.50 -78.76
CA VAL DA 104 51.15 -41.15 -78.28
C VAL DA 104 50.43 -40.30 -79.31
N LYS DA 105 51.10 -39.28 -79.84
CA LYS DA 105 50.46 -38.40 -80.81
C LYS DA 105 50.09 -39.17 -82.07
N ASP DA 106 50.98 -40.06 -82.54
CA ASP DA 106 50.70 -40.83 -83.73
C ASP DA 106 49.50 -41.75 -83.54
N ALA DA 107 49.42 -42.42 -82.39
CA ALA DA 107 48.29 -43.29 -82.13
C ALA DA 107 46.99 -42.49 -82.06
N ALA DA 108 47.02 -41.32 -81.43
CA ALA DA 108 45.82 -40.49 -81.39
C ALA DA 108 45.41 -40.08 -82.79
N LYS DA 109 46.37 -39.69 -83.63
CA LYS DA 109 46.06 -39.33 -85.01
C LYS DA 109 45.43 -40.51 -85.75
N LYS DA 110 45.99 -41.70 -85.56
CA LYS DA 110 45.46 -42.89 -86.25
C LYS DA 110 44.02 -43.16 -85.82
N LEU DA 111 43.75 -43.09 -84.52
CA LEU DA 111 42.40 -43.34 -84.04
C LEU DA 111 41.42 -42.31 -84.57
N ALA DA 112 41.80 -41.04 -84.55
CA ALA DA 112 40.94 -39.99 -85.08
C ALA DA 112 40.66 -40.23 -86.57
N PHE DA 113 41.68 -40.62 -87.31
CA PHE DA 113 41.51 -40.83 -88.75
C PHE DA 113 40.57 -41.99 -89.02
N VAL DA 114 40.72 -43.10 -88.29
CA VAL DA 114 39.82 -44.23 -88.52
C VAL DA 114 38.38 -43.84 -88.16
N GLU DA 115 38.20 -43.11 -87.05
CA GLU DA 115 36.85 -42.71 -86.66
C GLU DA 115 36.22 -41.82 -87.74
N ASP DA 116 36.96 -40.81 -88.19
CA ASP DA 116 36.40 -39.88 -89.17
C ASP DA 116 36.15 -40.57 -90.50
N ARG DA 117 37.03 -41.49 -90.90
CA ARG DA 117 36.84 -42.23 -92.14
C ARG DA 117 35.66 -43.17 -92.07
N ALA DA 118 35.41 -43.81 -90.92
CA ALA DA 118 34.20 -44.59 -90.76
C ALA DA 118 32.95 -43.71 -90.82
N ILE DA 119 33.01 -42.52 -90.22
CA ILE DA 119 31.86 -41.64 -90.24
C ILE DA 119 31.54 -41.18 -91.66
N PHE DA 120 32.57 -40.77 -92.41
CA PHE DA 120 32.35 -40.08 -93.69
C PHE DA 120 32.46 -40.97 -94.91
N GLU DA 121 32.97 -42.19 -94.79
CA GLU DA 121 33.21 -43.06 -95.93
C GLU DA 121 32.64 -44.46 -95.76
N GLY DA 122 32.54 -44.96 -94.54
CA GLY DA 122 31.92 -46.25 -94.27
C GLY DA 122 32.94 -47.30 -93.89
N TYR DA 123 32.55 -48.17 -92.96
CA TYR DA 123 33.34 -49.32 -92.53
C TYR DA 123 32.40 -50.52 -92.64
N ALA DA 124 32.45 -51.19 -93.79
CA ALA DA 124 31.41 -52.16 -94.13
C ALA DA 124 31.35 -53.31 -93.14
N ALA DA 125 32.50 -53.86 -92.76
CA ALA DA 125 32.50 -55.03 -91.88
C ALA DA 125 31.80 -54.74 -90.56
N ALA DA 126 31.79 -53.48 -90.13
CA ALA DA 126 31.04 -53.06 -88.96
C ALA DA 126 29.61 -52.64 -89.29
N SER DA 127 29.16 -52.89 -90.52
CA SER DA 127 27.82 -52.52 -90.97
C SER DA 127 27.60 -51.01 -90.92
N ILE DA 128 28.67 -50.24 -91.06
CA ILE DA 128 28.61 -48.79 -91.00
C ILE DA 128 28.56 -48.26 -92.43
N GLU DA 129 27.43 -47.69 -92.81
CA GLU DA 129 27.29 -47.01 -94.08
C GLU DA 129 27.58 -45.53 -93.90
N GLY DA 130 28.54 -45.01 -94.66
CA GLY DA 130 29.00 -43.65 -94.47
C GLY DA 130 28.05 -42.62 -95.05
N ILE DA 131 28.33 -41.36 -94.71
CA ILE DA 131 27.53 -40.25 -95.22
C ILE DA 131 27.59 -40.18 -96.74
N ARG DA 132 28.77 -40.45 -97.32
CA ARG DA 132 28.91 -40.40 -98.77
C ARG DA 132 27.95 -41.35 -99.47
N SER DA 133 27.90 -42.61 -99.03
CA SER DA 133 27.00 -43.58 -99.64
C SER DA 133 25.55 -43.30 -99.30
N SER DA 134 25.26 -42.98 -98.03
CA SER DA 134 23.88 -42.77 -97.62
C SER DA 134 23.29 -41.49 -98.20
N SER DA 135 24.11 -40.58 -98.71
CA SER DA 135 23.59 -39.34 -99.26
C SER DA 135 22.75 -39.62 -100.49
N SER DA 136 21.60 -38.94 -100.59
CA SER DA 136 20.72 -39.06 -101.73
C SER DA 136 20.92 -37.97 -102.77
N ASN DA 137 21.35 -36.78 -102.35
CA ASN DA 137 21.58 -35.71 -103.30
C ASN DA 137 22.76 -36.08 -104.22
N PRO DA 138 22.73 -35.67 -105.48
CA PRO DA 138 23.80 -36.08 -106.40
C PRO DA 138 25.16 -35.57 -105.95
N ALA DA 139 26.17 -36.38 -106.19
CA ALA DA 139 27.54 -36.02 -105.83
C ALA DA 139 28.16 -35.14 -106.90
N LEU DA 140 29.09 -34.28 -106.48
CA LEU DA 140 29.78 -33.37 -107.38
C LEU DA 140 31.26 -33.72 -107.44
N ALA DA 141 31.96 -33.04 -108.35
CA ALA DA 141 33.39 -33.24 -108.55
C ALA DA 141 34.14 -31.98 -108.16
N LEU DA 142 35.19 -32.14 -107.37
CA LEU DA 142 35.99 -31.01 -106.93
C LEU DA 142 36.93 -30.62 -108.07
N PRO DA 143 36.87 -29.39 -108.57
CA PRO DA 143 37.76 -29.03 -109.69
C PRO DA 143 39.22 -29.09 -109.30
N ASP DA 144 40.05 -29.45 -110.28
CA ASP DA 144 41.49 -29.51 -110.04
C ASP DA 144 42.03 -28.15 -109.61
N ASP DA 145 41.56 -27.08 -110.26
CA ASP DA 145 41.95 -25.74 -109.87
C ASP DA 145 41.23 -25.32 -108.59
N ALA DA 146 41.83 -24.41 -107.85
CA ALA DA 146 41.26 -23.94 -106.60
C ALA DA 146 40.30 -22.77 -106.79
N ARG DA 147 40.23 -22.18 -107.99
CA ARG DA 147 39.43 -20.98 -108.18
C ARG DA 147 37.96 -21.29 -108.39
N GLU DA 148 37.63 -22.51 -108.83
CA GLU DA 148 36.26 -22.88 -109.16
C GLU DA 148 35.56 -23.61 -108.01
N ILE DA 149 36.26 -23.87 -106.91
CA ILE DA 149 35.64 -24.60 -105.79
C ILE DA 149 34.44 -23.87 -105.25
N PRO DA 150 34.47 -22.55 -105.03
CA PRO DA 150 33.27 -21.88 -104.49
C PRO DA 150 32.02 -22.06 -105.34
N ASP DA 151 32.18 -22.12 -106.66
CA ASP DA 151 31.02 -22.36 -107.51
C ASP DA 151 30.40 -23.71 -107.23
N VAL DA 152 31.23 -24.74 -107.07
CA VAL DA 152 30.72 -26.08 -106.78
C VAL DA 152 30.05 -26.10 -105.40
N ILE DA 153 30.63 -25.38 -104.43
CA ILE DA 153 30.00 -25.31 -103.11
C ILE DA 153 28.65 -24.62 -103.19
N ALA DA 154 28.54 -23.56 -104.00
CA ALA DA 154 27.26 -22.91 -104.17
C ALA DA 154 26.26 -23.85 -104.83
N GLN DA 155 26.71 -24.65 -105.79
CA GLN DA 155 25.84 -25.65 -106.40
C GLN DA 155 25.34 -26.66 -105.37
N ALA DA 156 26.24 -27.12 -104.50
CA ALA DA 156 25.84 -28.09 -103.47
C ALA DA 156 24.86 -27.48 -102.49
N LEU DA 157 25.09 -26.23 -102.08
CA LEU DA 157 24.11 -25.56 -101.25
C LEU DA 157 22.77 -25.45 -101.96
N SER DA 158 22.80 -25.13 -103.25
CA SER DA 158 21.56 -25.09 -104.02
C SER DA 158 20.86 -26.44 -104.00
N GLU DA 159 21.62 -27.54 -104.08
CA GLU DA 159 20.97 -28.86 -104.07
C GLU DA 159 20.32 -29.16 -102.73
N LEU DA 160 21.07 -29.06 -101.63
CA LEU DA 160 20.50 -29.23 -100.30
C LEU DA 160 19.26 -28.36 -100.13
N ARG DA 161 19.41 -27.11 -100.49
CA ARG DA 161 18.47 -26.05 -100.16
C ARG DA 161 17.28 -26.06 -101.12
N LEU DA 162 17.44 -26.73 -102.25
CA LEU DA 162 16.30 -27.21 -103.02
C LEU DA 162 15.59 -28.34 -102.29
N ALA DA 163 16.36 -29.33 -101.83
CA ALA DA 163 15.78 -30.52 -101.24
C ALA DA 163 14.95 -30.17 -100.00
N GLY DA 164 15.21 -29.03 -99.37
CA GLY DA 164 14.36 -28.55 -98.32
C GLY DA 164 14.93 -28.61 -96.93
N VAL DA 165 16.23 -28.79 -96.80
CA VAL DA 165 16.86 -28.86 -95.49
C VAL DA 165 17.23 -27.46 -95.04
N ASP DA 166 17.17 -27.23 -93.73
CA ASP DA 166 17.46 -25.93 -93.14
C ASP DA 166 18.51 -26.04 -92.05
N GLY DA 167 18.74 -24.94 -91.33
CA GLY DA 167 19.73 -24.90 -90.28
C GLY DA 167 21.10 -24.50 -90.82
N PRO DA 168 22.02 -24.16 -89.92
CA PRO DA 168 23.34 -23.72 -90.37
C PRO DA 168 24.01 -24.78 -91.23
N TYR DA 169 24.69 -24.33 -92.28
CA TYR DA 169 25.41 -25.22 -93.19
C TYR DA 169 26.90 -25.12 -92.93
N SER DA 170 27.59 -26.23 -93.18
CA SER DA 170 29.00 -26.33 -92.84
C SER DA 170 29.73 -27.09 -93.94
N VAL DA 171 30.98 -26.71 -94.16
CA VAL DA 171 31.84 -27.30 -95.19
C VAL DA 171 33.02 -27.96 -94.49
N LEU DA 172 33.18 -29.26 -94.73
CA LEU DA 172 34.32 -30.02 -94.23
C LEU DA 172 35.23 -30.29 -95.42
N LEU DA 173 36.47 -29.84 -95.33
CA LEU DA 173 37.42 -29.94 -96.43
C LEU DA 173 38.55 -30.90 -96.09
N SER DA 174 39.08 -31.57 -97.11
CA SER DA 174 40.15 -32.53 -96.95
C SER DA 174 41.44 -31.78 -96.63
N ALA DA 175 42.48 -32.54 -96.26
CA ALA DA 175 43.78 -31.91 -96.03
C ALA DA 175 44.33 -31.30 -97.31
N GLU DA 176 44.27 -32.05 -98.42
CA GLU DA 176 44.84 -31.56 -99.67
C GLU DA 176 44.04 -30.39 -100.21
N THR DA 177 42.72 -30.43 -100.07
CA THR DA 177 41.89 -29.32 -100.54
C THR DA 177 42.02 -28.09 -99.67
N TYR DA 178 42.10 -28.27 -98.35
CA TYR DA 178 42.28 -27.15 -97.44
C TYR DA 178 43.63 -26.48 -97.65
N THR DA 179 44.69 -27.27 -97.82
CA THR DA 179 45.99 -26.70 -98.16
C THR DA 179 45.90 -25.88 -99.44
N LYS DA 180 45.18 -26.39 -100.44
CA LYS DA 180 45.06 -25.68 -101.71
C LYS DA 180 44.35 -24.35 -101.53
N VAL DA 181 43.17 -24.36 -100.90
CA VAL DA 181 42.40 -23.14 -100.75
C VAL DA 181 43.12 -22.16 -99.84
N SER DA 182 43.95 -22.65 -98.92
CA SER DA 182 44.68 -21.76 -98.03
C SER DA 182 45.85 -21.10 -98.74
N GLU DA 183 46.70 -21.89 -99.39
CA GLU DA 183 47.84 -21.33 -100.09
C GLU DA 183 47.40 -20.42 -101.23
N THR DA 184 46.40 -20.86 -102.00
CA THR DA 184 45.91 -20.05 -103.11
C THR DA 184 45.22 -18.79 -102.59
N THR DA 185 45.36 -17.71 -103.34
CA THR DA 185 44.86 -16.40 -102.95
C THR DA 185 44.24 -15.70 -104.14
N ALA DA 186 43.36 -14.75 -103.85
CA ALA DA 186 42.70 -13.97 -104.90
C ALA DA 186 42.29 -12.62 -104.33
N HIS DA 187 42.65 -11.54 -105.02
CA HIS DA 187 42.29 -10.18 -104.61
C HIS DA 187 42.75 -9.90 -103.18
N GLY DA 188 43.83 -10.54 -102.76
CA GLY DA 188 44.36 -10.33 -101.43
C GLY DA 188 43.65 -11.08 -100.33
N TYR DA 189 42.82 -12.08 -100.66
CA TYR DA 189 42.22 -12.96 -99.67
C TYR DA 189 42.36 -14.42 -100.12
N PRO DA 190 42.53 -15.36 -99.20
CA PRO DA 190 42.56 -16.77 -99.58
C PRO DA 190 41.24 -17.26 -100.14
N ILE DA 191 41.36 -18.27 -101.00
CA ILE DA 191 40.19 -18.93 -101.54
C ILE DA 191 39.38 -19.56 -100.41
N ARG DA 192 40.02 -19.89 -99.28
CA ARG DA 192 39.28 -20.38 -98.14
C ARG DA 192 38.35 -19.33 -97.56
N GLU DA 193 38.82 -18.08 -97.45
CA GLU DA 193 37.93 -17.00 -97.03
C GLU DA 193 36.83 -16.79 -98.06
N HIS DA 194 37.18 -16.86 -99.34
CA HIS DA 194 36.15 -16.83 -100.38
C HIS DA 194 35.05 -17.85 -100.11
N ILE DA 195 35.45 -19.08 -99.77
CA ILE DA 195 34.46 -20.12 -99.46
C ILE DA 195 33.66 -19.74 -98.22
N ASN DA 196 34.36 -19.33 -97.15
CA ASN DA 196 33.69 -19.02 -95.89
C ASN DA 196 32.61 -17.97 -96.09
N ARG DA 197 32.81 -17.04 -97.01
CA ARG DA 197 31.85 -15.95 -97.20
C ARG DA 197 30.44 -16.47 -97.47
N LEU DA 198 30.29 -17.65 -98.04
CA LEU DA 198 28.99 -18.15 -98.48
C LEU DA 198 28.17 -18.75 -97.34
N VAL DA 199 28.78 -19.63 -96.55
CA VAL DA 199 28.03 -20.40 -95.57
C VAL DA 199 27.78 -19.57 -94.32
N ASP DA 200 26.83 -20.03 -93.51
CA ASP DA 200 26.49 -19.42 -92.23
C ASP DA 200 27.23 -20.08 -91.07
N GLY DA 201 27.69 -21.32 -91.23
CA GLY DA 201 28.34 -22.04 -90.16
C GLY DA 201 29.84 -21.84 -90.12
N GLU DA 202 30.59 -22.94 -90.23
CA GLU DA 202 32.04 -22.90 -90.08
C GLU DA 202 32.69 -23.72 -91.19
N ILE DA 203 33.98 -23.46 -91.39
CA ILE DA 203 34.83 -24.27 -92.26
C ILE DA 203 35.64 -25.19 -91.37
N ILE DA 204 35.67 -26.49 -91.70
CA ILE DA 204 36.25 -27.51 -90.83
C ILE DA 204 37.31 -28.30 -91.58
N TRP DA 205 38.40 -28.61 -90.88
CA TRP DA 205 39.45 -29.52 -91.33
C TRP DA 205 38.95 -30.96 -91.26
N ALA DA 206 39.10 -31.71 -92.34
CA ALA DA 206 38.79 -33.13 -92.34
C ALA DA 206 39.91 -33.91 -93.02
N PRO DA 207 41.06 -34.10 -92.36
CA PRO DA 207 42.19 -34.73 -93.06
C PRO DA 207 41.91 -36.17 -93.42
N ALA DA 208 41.17 -36.88 -92.57
CA ALA DA 208 40.88 -38.29 -92.78
C ALA DA 208 40.05 -38.51 -94.02
N ILE DA 209 39.10 -37.62 -94.30
CA ILE DA 209 38.19 -37.80 -95.43
C ILE DA 209 38.94 -37.40 -96.70
N ASP DA 210 38.37 -37.77 -97.85
CA ASP DA 210 38.93 -37.45 -99.15
C ASP DA 210 37.87 -36.71 -99.95
N GLY DA 211 38.15 -35.47 -100.33
CA GLY DA 211 37.22 -34.67 -101.09
C GLY DA 211 36.70 -33.48 -100.31
N ALA DA 212 35.38 -33.32 -100.27
CA ALA DA 212 34.76 -32.24 -99.50
C ALA DA 212 33.31 -32.62 -99.22
N PHE DA 213 32.73 -31.97 -98.20
CA PHE DA 213 31.36 -32.28 -97.81
C PHE DA 213 30.66 -31.00 -97.38
N VAL DA 214 29.45 -30.78 -97.88
CA VAL DA 214 28.63 -29.67 -97.43
C VAL DA 214 27.37 -30.24 -96.78
N LEU DA 215 27.15 -29.94 -95.50
CA LEU DA 215 26.06 -30.58 -94.78
C LEU DA 215 25.39 -29.62 -93.82
N SER DA 216 24.16 -29.96 -93.44
CA SER DA 216 23.39 -29.18 -92.49
C SER DA 216 23.69 -29.63 -91.07
N THR DA 217 23.54 -28.70 -90.13
CA THR DA 217 23.78 -28.96 -88.71
C THR DA 217 22.55 -28.61 -87.87
N ARG DA 218 21.36 -28.67 -88.46
CA ARG DA 218 20.15 -28.45 -87.69
C ARG DA 218 20.02 -29.44 -86.54
N GLY DA 219 20.37 -30.70 -86.80
CA GLY DA 219 20.30 -31.74 -85.79
C GLY DA 219 19.33 -32.84 -86.14
N GLY DA 220 19.57 -34.04 -85.62
CA GLY DA 220 18.68 -35.17 -85.84
C GLY DA 220 18.93 -35.94 -87.12
N ASP DA 221 20.04 -35.67 -87.82
CA ASP DA 221 20.34 -36.37 -89.06
C ASP DA 221 21.54 -37.32 -88.97
N PHE DA 222 22.47 -37.07 -88.06
CA PHE DA 222 23.64 -37.93 -87.88
C PHE DA 222 23.79 -38.23 -86.40
N ASP DA 223 24.13 -39.47 -86.07
CA ASP DA 223 24.26 -39.91 -84.68
C ASP DA 223 25.52 -40.76 -84.55
N LEU DA 224 26.46 -40.29 -83.72
CA LEU DA 224 27.65 -41.07 -83.36
C LEU DA 224 27.40 -41.69 -82.00
N GLN DA 225 27.15 -42.99 -81.97
CA GLN DA 225 26.87 -43.70 -80.72
C GLN DA 225 28.18 -44.23 -80.14
N LEU DA 226 28.43 -43.89 -78.88
CA LEU DA 226 29.62 -44.34 -78.17
C LEU DA 226 29.21 -45.22 -77.00
N GLY DA 227 29.86 -46.37 -76.87
CA GLY DA 227 29.70 -47.18 -75.68
C GLY DA 227 30.64 -46.71 -74.59
N THR DA 228 31.91 -46.57 -74.96
CA THR DA 228 32.92 -45.98 -74.09
C THR DA 228 33.76 -45.01 -74.91
N ASP DA 229 34.09 -43.87 -74.32
CA ASP DA 229 34.86 -42.85 -75.02
C ASP DA 229 36.32 -43.30 -75.12
N VAL DA 230 37.16 -42.42 -75.64
CA VAL DA 230 38.57 -42.77 -75.83
C VAL DA 230 39.21 -43.02 -74.47
N SER DA 231 39.95 -44.13 -74.38
CA SER DA 231 40.63 -44.50 -73.14
C SER DA 231 42.01 -45.03 -73.46
N ILE DA 232 42.91 -44.96 -72.49
CA ILE DA 232 44.28 -45.45 -72.64
C ILE DA 232 44.51 -46.58 -71.63
N GLY DA 233 45.06 -47.69 -72.11
CA GLY DA 233 45.28 -48.85 -71.28
C GLY DA 233 46.68 -49.41 -71.34
N TYR DA 234 46.90 -50.53 -70.64
CA TYR DA 234 48.22 -51.14 -70.49
C TYR DA 234 48.12 -52.61 -70.83
N LEU DA 235 49.07 -53.12 -71.64
CA LEU DA 235 49.11 -54.54 -71.97
C LEU DA 235 50.24 -55.26 -71.25
N SER DA 236 51.47 -54.79 -71.40
CA SER DA 236 52.63 -55.43 -70.81
C SER DA 236 53.75 -54.41 -70.73
N HIS DA 237 54.89 -54.82 -70.18
CA HIS DA 237 56.01 -53.91 -70.00
C HIS DA 237 57.30 -54.71 -69.96
N ASP DA 238 58.42 -53.99 -70.08
CA ASP DA 238 59.74 -54.58 -70.16
C ASP DA 238 60.70 -53.66 -69.39
N ALA DA 239 61.97 -54.06 -69.31
CA ALA DA 239 62.96 -53.26 -68.63
C ALA DA 239 63.19 -51.91 -69.30
N GLU DA 240 62.74 -51.73 -70.54
CA GLU DA 240 62.99 -50.52 -71.30
C GLU DA 240 61.73 -49.82 -71.77
N VAL DA 241 60.65 -50.55 -72.03
CA VAL DA 241 59.46 -49.99 -72.68
C VAL DA 241 58.21 -50.47 -71.97
N VAL DA 242 57.10 -49.78 -72.26
CA VAL DA 242 55.77 -50.18 -71.82
C VAL DA 242 54.86 -50.13 -73.04
N HIS DA 243 54.00 -51.14 -73.19
CA HIS DA 243 53.06 -51.21 -74.30
C HIS DA 243 51.67 -50.80 -73.83
N LEU DA 244 51.12 -49.78 -74.49
CA LEU DA 244 49.82 -49.23 -74.16
C LEU DA 244 48.95 -49.25 -75.40
N TYR DA 245 47.67 -48.93 -75.23
CA TYR DA 245 46.74 -48.87 -76.35
C TYR DA 245 45.73 -47.76 -76.11
N MET DA 246 45.21 -47.20 -77.20
CA MET DA 246 44.08 -46.28 -77.15
C MET DA 246 42.87 -46.98 -77.74
N GLU DA 247 41.76 -46.94 -77.01
CA GLU DA 247 40.60 -47.77 -77.28
C GLU DA 247 39.34 -46.91 -77.30
N GLU DA 248 38.43 -47.24 -78.22
CA GLU DA 248 37.10 -46.62 -78.20
C GLU DA 248 36.10 -47.53 -78.90
N THR DA 249 34.88 -47.60 -78.35
CA THR DA 249 33.82 -48.44 -78.88
C THR DA 249 32.71 -47.55 -79.43
N MET DA 250 32.41 -47.69 -80.72
CA MET DA 250 31.55 -46.72 -81.39
C MET DA 250 30.77 -47.38 -82.52
N THR DA 251 29.80 -46.62 -83.02
CA THR DA 251 29.14 -46.87 -84.29
C THR DA 251 28.55 -45.56 -84.77
N PHE DA 252 28.18 -45.51 -86.05
CA PHE DA 252 27.65 -44.30 -86.66
C PHE DA 252 26.39 -44.61 -87.43
N LEU DA 253 25.40 -43.71 -87.36
CA LEU DA 253 24.15 -43.85 -88.06
C LEU DA 253 23.78 -42.55 -88.76
N CYS DA 254 23.32 -42.66 -90.00
CA CYS DA 254 22.76 -41.54 -90.75
C CYS DA 254 21.29 -41.79 -90.96
N TYR DA 255 20.45 -40.80 -90.63
CA TYR DA 255 19.01 -40.92 -90.73
C TYR DA 255 18.42 -40.15 -91.90
N THR DA 256 18.96 -38.96 -92.17
CA THR DA 256 18.48 -38.11 -93.26
C THR DA 256 19.51 -38.14 -94.39
N ALA DA 257 19.09 -38.68 -95.53
CA ALA DA 257 20.01 -38.81 -96.67
C ALA DA 257 20.11 -37.51 -97.47
N GLU DA 258 19.22 -36.55 -97.24
CA GLU DA 258 19.17 -35.33 -98.02
C GLU DA 258 19.83 -34.13 -97.34
N ALA DA 259 20.48 -34.34 -96.20
CA ALA DA 259 21.08 -33.25 -95.44
C ALA DA 259 22.56 -33.04 -95.74
N SER DA 260 23.10 -33.72 -96.74
CA SER DA 260 24.51 -33.63 -97.05
C SER DA 260 24.73 -33.74 -98.56
N VAL DA 261 25.85 -33.19 -99.01
CA VAL DA 261 26.28 -33.26 -100.41
C VAL DA 261 27.77 -33.58 -100.39
N ALA DA 262 28.19 -34.53 -101.21
CA ALA DA 262 29.57 -34.99 -101.25
C ALA DA 262 30.24 -34.54 -102.53
N LEU DA 263 31.50 -34.14 -102.43
CA LEU DA 263 32.30 -33.73 -103.57
C LEU DA 263 33.55 -34.61 -103.61
N THR DA 264 33.75 -35.30 -104.73
CA THR DA 264 34.83 -36.27 -104.87
C THR DA 264 36.02 -35.64 -105.57
N PRO DA 265 37.24 -36.04 -105.20
CA PRO DA 265 38.45 -35.45 -105.82
C PRO DA 265 38.48 -35.61 -107.33
N ASN EA 2 -88.09 -6.11 -20.41
CA ASN EA 2 -88.62 -5.16 -21.38
C ASN EA 2 -90.08 -5.46 -21.69
N ASN EA 3 -90.65 -4.74 -22.66
CA ASN EA 3 -92.06 -4.87 -22.97
C ASN EA 3 -92.39 -6.18 -23.66
N LEU EA 4 -91.39 -6.95 -24.11
CA LEU EA 4 -91.66 -8.24 -24.74
C LEU EA 4 -92.23 -9.23 -23.73
N TYR EA 5 -91.77 -9.16 -22.48
CA TYR EA 5 -92.23 -10.07 -21.43
C TYR EA 5 -91.94 -11.52 -21.79
N ARG EA 6 -90.72 -11.77 -22.29
CA ARG EA 6 -90.32 -13.13 -22.61
C ARG EA 6 -90.04 -13.96 -21.37
N ASP EA 7 -89.56 -13.34 -20.29
CA ASP EA 7 -89.25 -14.08 -19.08
C ASP EA 7 -90.48 -14.77 -18.49
N LEU EA 8 -91.69 -14.32 -18.87
CA LEU EA 8 -92.92 -14.90 -18.38
C LEU EA 8 -93.43 -16.04 -19.25
N ALA EA 9 -92.80 -16.31 -20.39
CA ALA EA 9 -93.31 -17.32 -21.30
C ALA EA 9 -92.77 -18.69 -20.90
N PRO EA 10 -93.56 -19.76 -21.05
CA PRO EA 10 -93.08 -21.12 -20.74
C PRO EA 10 -92.28 -21.72 -21.88
N ILE EA 11 -91.14 -21.10 -22.19
CA ILE EA 11 -90.28 -21.51 -23.29
C ILE EA 11 -88.83 -21.48 -22.82
N THR EA 12 -88.07 -22.51 -23.22
CA THR EA 12 -86.68 -22.63 -22.83
C THR EA 12 -85.77 -21.82 -23.75
N GLU EA 13 -84.52 -21.67 -23.32
CA GLU EA 13 -83.55 -20.90 -24.10
C GLU EA 13 -83.32 -21.55 -25.46
N SER EA 14 -83.22 -22.88 -25.50
CA SER EA 14 -82.97 -23.56 -26.77
C SER EA 14 -84.13 -23.35 -27.74
N ALA EA 15 -85.37 -23.47 -27.26
CA ALA EA 15 -86.51 -23.26 -28.14
C ALA EA 15 -86.60 -21.81 -28.59
N TRP EA 16 -86.28 -20.87 -27.69
CA TRP EA 16 -86.23 -19.47 -28.09
C TRP EA 16 -85.23 -19.27 -29.21
N ALA EA 17 -84.04 -19.87 -29.08
CA ALA EA 17 -83.01 -19.74 -30.11
C ALA EA 17 -83.50 -20.34 -31.43
N GLU EA 18 -84.13 -21.51 -31.38
CA GLU EA 18 -84.63 -22.13 -32.61
C GLU EA 18 -85.67 -21.23 -33.29
N ILE EA 19 -86.60 -20.68 -32.51
CA ILE EA 19 -87.63 -19.83 -33.09
C ILE EA 19 -87.01 -18.58 -33.70
N GLU EA 20 -86.09 -17.95 -32.98
CA GLU EA 20 -85.44 -16.75 -33.51
C GLU EA 20 -84.70 -17.06 -34.80
N LEU EA 21 -83.96 -18.16 -34.84
CA LEU EA 21 -83.20 -18.52 -36.03
C LEU EA 21 -84.15 -18.77 -37.21
N GLU EA 22 -85.22 -19.51 -36.97
CA GLU EA 22 -86.16 -19.82 -38.05
C GLU EA 22 -86.83 -18.57 -38.58
N ALA EA 23 -87.23 -17.65 -37.71
CA ALA EA 23 -87.86 -16.42 -38.17
C ALA EA 23 -86.88 -15.54 -38.94
N THR EA 24 -85.65 -15.41 -38.42
CA THR EA 24 -84.65 -14.58 -39.08
C THR EA 24 -84.35 -15.11 -40.48
N ARG EA 25 -84.17 -16.43 -40.61
CA ARG EA 25 -83.86 -17.00 -41.92
C ARG EA 25 -84.96 -16.70 -42.92
N THR EA 26 -86.20 -16.95 -42.54
CA THR EA 26 -87.32 -16.77 -43.47
C THR EA 26 -87.49 -15.30 -43.85
N PHE EA 27 -87.39 -14.40 -42.86
CA PHE EA 27 -87.54 -12.98 -43.16
C PHE EA 27 -86.43 -12.51 -44.10
N LYS EA 28 -85.19 -12.89 -43.83
CA LYS EA 28 -84.08 -12.49 -44.69
C LYS EA 28 -84.22 -13.09 -46.07
N ARG EA 29 -84.87 -14.25 -46.18
CA ARG EA 29 -85.18 -14.82 -47.49
C ARG EA 29 -86.19 -13.96 -48.24
N HIS EA 30 -87.30 -13.63 -47.58
CA HIS EA 30 -88.44 -13.03 -48.25
C HIS EA 30 -88.37 -11.52 -48.36
N ILE EA 31 -87.36 -10.87 -47.78
CA ILE EA 31 -87.25 -9.42 -47.78
C ILE EA 31 -86.35 -8.99 -48.93
N ALA EA 32 -86.73 -7.88 -49.59
CA ALA EA 32 -86.00 -7.38 -50.75
C ALA EA 32 -85.63 -5.91 -50.66
N GLY EA 33 -86.49 -5.05 -50.10
CA GLY EA 33 -86.22 -3.63 -50.10
C GLY EA 33 -84.95 -3.28 -49.34
N ARG EA 34 -84.68 -4.01 -48.26
CA ARG EA 34 -83.50 -3.76 -47.43
C ARG EA 34 -82.20 -3.92 -48.21
N ARG EA 35 -82.23 -4.62 -49.34
CA ARG EA 35 -81.04 -4.82 -50.16
C ARG EA 35 -80.80 -3.69 -51.15
N VAL EA 36 -81.76 -2.78 -51.33
CA VAL EA 36 -81.62 -1.73 -52.32
C VAL EA 36 -81.97 -0.36 -51.74
N VAL EA 37 -82.26 -0.31 -50.43
CA VAL EA 37 -82.59 0.96 -49.77
C VAL EA 37 -81.68 1.15 -48.57
N ASP EA 38 -81.24 2.40 -48.37
CA ASP EA 38 -80.49 2.72 -47.18
C ASP EA 38 -81.35 2.53 -45.94
N VAL EA 39 -80.74 2.02 -44.88
CA VAL EA 39 -81.44 1.70 -43.64
C VAL EA 39 -80.84 2.54 -42.53
N SER EA 40 -81.68 3.34 -41.87
CA SER EA 40 -81.29 4.09 -40.69
C SER EA 40 -81.51 3.20 -39.47
N GLY EA 41 -80.42 2.75 -38.86
CA GLY EA 41 -80.48 1.79 -37.79
C GLY EA 41 -81.46 2.18 -36.70
N PRO EA 42 -81.83 1.23 -35.85
CA PRO EA 42 -82.81 1.52 -34.79
C PRO EA 42 -82.34 2.69 -33.92
N ASN EA 43 -83.25 3.64 -33.72
CA ASN EA 43 -82.97 4.81 -32.90
C ASN EA 43 -83.57 4.69 -31.51
N GLY EA 44 -84.21 3.58 -31.18
CA GLY EA 44 -84.72 3.33 -29.86
C GLY EA 44 -86.24 3.40 -29.79
N PRO EA 45 -86.82 2.82 -28.74
CA PRO EA 45 -88.28 2.87 -28.60
C PRO EA 45 -88.83 4.27 -28.41
N THR EA 46 -88.00 5.23 -27.99
CA THR EA 46 -88.45 6.60 -27.80
C THR EA 46 -88.69 7.33 -29.12
N THR EA 47 -88.20 6.79 -30.24
CA THR EA 47 -88.35 7.44 -31.52
C THR EA 47 -89.77 7.24 -32.05
N ALA EA 48 -90.39 8.35 -32.47
CA ALA EA 48 -91.78 8.33 -32.92
C ALA EA 48 -91.99 8.96 -34.29
N SER EA 49 -91.09 9.82 -34.76
CA SER EA 49 -91.30 10.51 -36.02
C SER EA 49 -89.95 10.89 -36.61
N VAL EA 50 -89.96 11.23 -37.89
CA VAL EA 50 -88.77 11.64 -38.63
C VAL EA 50 -89.03 13.03 -39.20
N SER EA 51 -88.18 13.99 -38.84
CA SER EA 51 -88.31 15.35 -39.33
C SER EA 51 -88.02 15.40 -40.81
N THR EA 52 -88.76 16.25 -41.54
CA THR EA 52 -88.48 16.46 -42.96
C THR EA 52 -87.77 17.78 -43.23
N GLY EA 53 -87.70 18.68 -42.25
CA GLY EA 53 -87.08 19.96 -42.44
C GLY EA 53 -87.94 20.99 -43.15
N HIS EA 54 -89.17 20.64 -43.48
CA HIS EA 54 -90.10 21.54 -44.13
C HIS EA 54 -90.97 22.26 -43.10
N LEU EA 55 -91.64 23.31 -43.55
CA LEU EA 55 -92.51 24.12 -42.70
C LEU EA 55 -93.91 24.17 -43.31
N LEU EA 56 -94.90 24.28 -42.44
CA LEU EA 56 -96.30 24.37 -42.84
C LEU EA 56 -96.92 25.64 -42.25
N ASP EA 57 -97.72 26.32 -43.07
CA ASP EA 57 -98.35 27.55 -42.64
C ASP EA 57 -99.45 27.27 -41.62
N VAL EA 58 -99.61 28.19 -40.67
CA VAL EA 58 -100.56 28.02 -39.58
C VAL EA 58 -101.01 29.39 -39.09
N SER EA 59 -102.22 29.45 -38.56
CA SER EA 59 -102.79 30.71 -38.09
C SER EA 59 -101.94 31.27 -36.96
N PRO EA 60 -101.64 32.58 -36.95
CA PRO EA 60 -100.75 33.11 -35.92
C PRO EA 60 -101.47 33.22 -34.59
N PRO EA 61 -100.74 33.18 -33.47
CA PRO EA 61 -101.37 33.48 -32.18
C PRO EA 61 -101.95 34.88 -32.12
N GLY EA 62 -101.31 35.85 -32.75
CA GLY EA 62 -101.75 37.23 -32.64
C GLY EA 62 -101.12 38.10 -33.70
N ASP EA 63 -101.31 39.41 -33.53
CA ASP EA 63 -100.83 40.37 -34.51
C ASP EA 63 -99.32 40.48 -34.50
N GLY EA 64 -98.75 40.70 -35.68
CA GLY EA 64 -97.31 40.88 -35.80
C GLY EA 64 -96.49 39.63 -35.60
N VAL EA 65 -97.11 38.45 -35.68
CA VAL EA 65 -96.45 37.18 -35.42
C VAL EA 65 -96.67 36.28 -36.63
N ILE EA 66 -95.58 35.66 -37.10
CA ILE EA 66 -95.63 34.70 -38.19
C ILE EA 66 -95.36 33.32 -37.61
N ALA EA 67 -96.25 32.38 -37.88
CA ALA EA 67 -96.21 31.05 -37.28
C ALA EA 67 -96.09 30.00 -38.36
N HIS EA 68 -95.24 28.99 -38.11
CA HIS EA 68 -95.07 27.86 -39.01
C HIS EA 68 -94.91 26.59 -38.19
N LEU EA 69 -95.41 25.48 -38.71
CA LEU EA 69 -95.31 24.18 -38.05
C LEU EA 69 -94.25 23.32 -38.72
N ARG EA 70 -93.42 22.67 -37.91
CA ARG EA 70 -92.42 21.75 -38.42
C ARG EA 70 -93.10 20.46 -38.89
N ASP EA 71 -92.58 19.89 -39.97
CA ASP EA 71 -93.20 18.74 -40.61
C ASP EA 71 -92.43 17.46 -40.29
N ALA EA 72 -93.18 16.44 -39.89
CA ALA EA 72 -92.59 15.16 -39.50
C ALA EA 72 -93.45 14.03 -40.05
N LYS EA 73 -92.79 12.89 -40.28
CA LYS EA 73 -93.44 11.68 -40.75
C LYS EA 73 -93.55 10.71 -39.58
N PRO EA 74 -94.75 10.28 -39.19
CA PRO EA 74 -94.88 9.36 -38.06
C PRO EA 74 -94.42 7.96 -38.43
N LEU EA 75 -94.06 7.20 -37.39
CA LEU EA 75 -93.67 5.81 -37.52
C LEU EA 75 -94.86 4.91 -37.21
N VAL EA 76 -94.95 3.79 -37.91
CA VAL EA 76 -96.06 2.86 -37.77
C VAL EA 76 -95.51 1.54 -37.24
N ARG EA 77 -96.22 0.93 -36.30
CA ARG EA 77 -95.85 -0.33 -35.68
C ARG EA 77 -96.68 -1.44 -36.30
N LEU EA 78 -96.02 -2.47 -36.81
CA LEU EA 78 -96.67 -3.64 -37.42
C LEU EA 78 -96.45 -4.81 -36.48
N ARG EA 79 -97.55 -5.47 -36.11
CA ARG EA 79 -97.54 -6.61 -35.22
C ARG EA 79 -98.31 -7.76 -35.85
N VAL EA 80 -97.66 -8.92 -35.98
CA VAL EA 80 -98.28 -10.11 -36.54
C VAL EA 80 -98.32 -11.20 -35.48
N PRO EA 81 -99.48 -11.63 -35.03
CA PRO EA 81 -99.54 -12.67 -34.00
C PRO EA 81 -99.53 -14.08 -34.59
N PHE EA 82 -99.04 -15.01 -33.79
CA PHE EA 82 -99.05 -16.43 -34.16
C PHE EA 82 -99.06 -17.27 -32.88
N THR EA 83 -99.31 -18.57 -33.05
CA THR EA 83 -99.49 -19.50 -31.95
C THR EA 83 -98.53 -20.66 -32.10
N VAL EA 84 -97.99 -21.13 -30.98
CA VAL EA 84 -97.02 -22.22 -30.97
C VAL EA 84 -97.47 -23.27 -29.96
N ALA EA 85 -97.06 -24.52 -30.19
CA ALA EA 85 -97.48 -25.65 -29.37
C ALA EA 85 -96.44 -25.97 -28.30
N ARG EA 86 -96.92 -26.09 -27.07
CA ARG EA 86 -96.05 -26.39 -25.94
C ARG EA 86 -95.40 -27.76 -26.06
N ARG EA 87 -96.02 -28.70 -26.76
CA ARG EA 87 -95.39 -29.99 -26.99
C ARG EA 87 -94.15 -29.87 -27.87
N ASP EA 88 -94.25 -29.13 -28.98
CA ASP EA 88 -93.08 -28.86 -29.81
C ASP EA 88 -92.04 -28.07 -29.04
N ILE EA 89 -92.47 -27.14 -28.18
CA ILE EA 89 -91.51 -26.42 -27.35
C ILE EA 89 -90.76 -27.38 -26.43
N ASP EA 90 -91.49 -28.27 -25.76
CA ASP EA 90 -90.88 -29.14 -24.76
C ASP EA 90 -89.97 -30.18 -25.41
N ASP EA 91 -90.31 -30.64 -26.61
CA ASP EA 91 -89.50 -31.68 -27.24
C ASP EA 91 -88.07 -31.24 -27.49
N VAL EA 92 -87.81 -29.93 -27.57
CA VAL EA 92 -86.47 -29.46 -27.91
C VAL EA 92 -85.46 -29.89 -26.86
N GLU EA 93 -85.80 -29.72 -25.57
CA GLU EA 93 -84.87 -30.08 -24.51
C GLU EA 93 -84.61 -31.58 -24.46
N ARG EA 94 -85.44 -32.38 -25.13
CA ARG EA 94 -85.22 -33.81 -25.28
C ARG EA 94 -84.34 -34.15 -26.48
N GLY EA 95 -83.61 -33.17 -27.01
CA GLY EA 95 -82.79 -33.40 -28.18
C GLY EA 95 -83.59 -33.64 -29.44
N SER EA 96 -84.79 -33.08 -29.54
CA SER EA 96 -85.58 -33.16 -30.76
C SER EA 96 -85.23 -32.00 -31.67
N GLN EA 97 -85.05 -32.29 -32.95
CA GLN EA 97 -84.72 -31.29 -33.95
C GLN EA 97 -85.53 -31.45 -35.24
N ASP EA 98 -86.80 -31.83 -35.12
CA ASP EA 98 -87.75 -31.76 -36.22
C ASP EA 98 -89.01 -31.01 -35.82
N SER EA 99 -88.92 -30.12 -34.84
CA SER EA 99 -90.10 -29.43 -34.31
C SER EA 99 -90.71 -28.53 -35.38
N ASP EA 100 -92.03 -28.34 -35.27
CA ASP EA 100 -92.80 -27.57 -36.25
C ASP EA 100 -92.75 -26.09 -35.89
N TRP EA 101 -92.26 -25.27 -36.83
CA TRP EA 101 -92.20 -23.83 -36.67
C TRP EA 101 -92.88 -23.13 -37.85
N ASP EA 102 -93.82 -23.83 -38.47
CA ASP EA 102 -94.53 -23.28 -39.63
C ASP EA 102 -95.27 -21.99 -39.31
N PRO EA 103 -95.98 -21.86 -38.18
CA PRO EA 103 -96.58 -20.56 -37.86
C PRO EA 103 -95.55 -19.45 -37.77
N VAL EA 104 -94.37 -19.74 -37.21
CA VAL EA 104 -93.30 -18.75 -37.16
C VAL EA 104 -92.92 -18.32 -38.57
N LYS EA 105 -92.73 -19.29 -39.46
CA LYS EA 105 -92.33 -18.96 -40.83
C LYS EA 105 -93.41 -18.15 -41.53
N ASP EA 106 -94.68 -18.51 -41.33
CA ASP EA 106 -95.77 -17.79 -41.96
C ASP EA 106 -95.84 -16.35 -41.45
N ALA EA 107 -95.69 -16.14 -40.15
CA ALA EA 107 -95.72 -14.79 -39.61
C ALA EA 107 -94.56 -13.96 -40.15
N ALA EA 108 -93.37 -14.56 -40.23
CA ALA EA 108 -92.24 -13.84 -40.79
C ALA EA 108 -92.50 -13.46 -42.25
N LYS EA 109 -93.07 -14.38 -43.03
CA LYS EA 109 -93.40 -14.08 -44.42
C LYS EA 109 -94.40 -12.92 -44.49
N LYS EA 110 -95.41 -12.95 -43.63
CA LYS EA 110 -96.43 -11.90 -43.63
C LYS EA 110 -95.81 -10.54 -43.32
N LEU EA 111 -94.94 -10.49 -42.31
CA LEU EA 111 -94.31 -9.23 -41.94
C LEU EA 111 -93.42 -8.71 -43.06
N ALA EA 112 -92.64 -9.60 -43.67
CA ALA EA 112 -91.79 -9.19 -44.78
C ALA EA 112 -92.63 -8.65 -45.93
N PHE EA 113 -93.75 -9.31 -46.21
CA PHE EA 113 -94.59 -8.89 -47.34
C PHE EA 113 -95.19 -7.52 -47.07
N VAL EA 114 -95.68 -7.28 -45.85
CA VAL EA 114 -96.26 -5.97 -45.56
C VAL EA 114 -95.18 -4.89 -45.64
N GLU EA 115 -93.98 -5.17 -45.12
CA GLU EA 115 -92.92 -4.17 -45.18
C GLU EA 115 -92.56 -3.84 -46.64
N ASP EA 116 -92.37 -4.87 -47.47
CA ASP EA 116 -91.97 -4.63 -48.85
C ASP EA 116 -93.09 -3.94 -49.63
N ARG EA 117 -94.34 -4.31 -49.36
CA ARG EA 117 -95.46 -3.67 -50.04
C ARG EA 117 -95.62 -2.22 -49.62
N ALA EA 118 -95.38 -1.88 -48.37
CA ALA EA 118 -95.36 -0.48 -47.96
C ALA EA 118 -94.23 0.28 -48.64
N ILE EA 119 -93.06 -0.34 -48.76
CA ILE EA 119 -91.93 0.32 -49.40
C ILE EA 119 -92.22 0.60 -50.87
N PHE EA 120 -92.75 -0.39 -51.58
CA PHE EA 120 -92.83 -0.34 -53.04
C PHE EA 120 -94.18 0.10 -53.59
N GLU EA 121 -95.22 0.14 -52.77
CA GLU EA 121 -96.57 0.43 -53.23
C GLU EA 121 -97.27 1.51 -52.43
N GLY EA 122 -96.94 1.65 -51.15
CA GLY EA 122 -97.50 2.71 -50.32
C GLY EA 122 -98.49 2.18 -49.31
N TYR EA 123 -98.48 2.78 -48.12
CA TYR EA 123 -99.43 2.50 -47.05
C TYR EA 123 -99.98 3.86 -46.62
N ALA EA 124 -101.11 4.25 -47.22
CA ALA EA 124 -101.56 5.63 -47.13
C ALA EA 124 -101.86 6.05 -45.69
N ALA EA 125 -102.54 5.19 -44.93
CA ALA EA 125 -102.94 5.56 -43.58
C ALA EA 125 -101.72 5.90 -42.72
N ALA EA 126 -100.57 5.34 -43.03
CA ALA EA 126 -99.32 5.68 -42.37
C ALA EA 126 -98.59 6.83 -43.05
N SER EA 127 -99.24 7.50 -44.00
CA SER EA 127 -98.65 8.61 -44.75
C SER EA 127 -97.42 8.16 -45.53
N ILE EA 128 -97.37 6.89 -45.92
CA ILE EA 128 -96.24 6.33 -46.65
C ILE EA 128 -96.60 6.33 -48.13
N GLU EA 129 -95.90 7.17 -48.90
CA GLU EA 129 -96.02 7.16 -50.35
C GLU EA 129 -94.95 6.26 -50.94
N GLY EA 130 -95.37 5.29 -51.73
CA GLY EA 130 -94.47 4.28 -52.25
C GLY EA 130 -93.62 4.77 -53.39
N ILE EA 131 -92.62 3.96 -53.74
CA ILE EA 131 -91.75 4.27 -54.86
C ILE EA 131 -92.53 4.37 -56.16
N ARG EA 132 -93.53 3.51 -56.36
CA ARG EA 132 -94.32 3.54 -57.58
C ARG EA 132 -94.99 4.90 -57.78
N SER EA 133 -95.66 5.41 -56.75
CA SER EA 133 -96.32 6.70 -56.87
C SER EA 133 -95.33 7.85 -56.92
N SER EA 134 -94.30 7.80 -56.07
CA SER EA 134 -93.35 8.90 -55.99
C SER EA 134 -92.47 8.99 -57.24
N SER EA 135 -92.41 7.93 -58.04
CA SER EA 135 -91.57 7.95 -59.24
C SER EA 135 -92.08 8.98 -60.24
N SER EA 136 -91.15 9.74 -60.82
CA SER EA 136 -91.48 10.73 -61.82
C SER EA 136 -91.31 10.23 -63.25
N ASN EA 137 -90.39 9.29 -63.47
CA ASN EA 137 -90.21 8.74 -64.81
C ASN EA 137 -91.45 7.96 -65.22
N PRO EA 138 -91.81 7.98 -66.50
CA PRO EA 138 -93.04 7.31 -66.92
C PRO EA 138 -92.99 5.81 -66.64
N ALA EA 139 -94.15 5.26 -66.27
CA ALA EA 139 -94.27 3.85 -65.99
C ALA EA 139 -94.44 3.06 -67.28
N LEU EA 140 -93.98 1.81 -67.26
CA LEU EA 140 -94.07 0.92 -68.41
C LEU EA 140 -94.99 -0.26 -68.09
N ALA EA 141 -95.26 -1.07 -69.11
CA ALA EA 141 -96.11 -2.23 -69.00
C ALA EA 141 -95.30 -3.49 -69.25
N LEU EA 142 -95.42 -4.46 -68.36
CA LEU EA 142 -94.70 -5.71 -68.49
C LEU EA 142 -95.41 -6.58 -69.53
N PRO EA 143 -94.74 -6.98 -70.62
CA PRO EA 143 -95.44 -7.78 -71.63
C PRO EA 143 -95.90 -9.12 -71.07
N ASP EA 144 -97.03 -9.60 -71.60
CA ASP EA 144 -97.55 -10.89 -71.18
C ASP EA 144 -96.54 -12.00 -71.47
N ASP EA 145 -95.90 -11.94 -72.64
CA ASP EA 145 -94.87 -12.91 -72.99
C ASP EA 145 -93.58 -12.60 -72.23
N ALA EA 146 -92.77 -13.63 -72.02
CA ALA EA 146 -91.52 -13.46 -71.30
C ALA EA 146 -90.36 -13.06 -72.19
N ARG EA 147 -90.53 -13.09 -73.52
CA ARG EA 147 -89.41 -12.86 -74.42
C ARG EA 147 -89.14 -11.37 -74.62
N GLU EA 148 -90.13 -10.51 -74.39
CA GLU EA 148 -90.01 -9.08 -74.63
C GLU EA 148 -89.64 -8.30 -73.38
N ILE EA 149 -89.54 -8.96 -72.22
CA ILE EA 149 -89.23 -8.24 -70.98
C ILE EA 149 -87.89 -7.52 -71.07
N PRO EA 150 -86.82 -8.13 -71.59
CA PRO EA 150 -85.54 -7.41 -71.64
C PRO EA 150 -85.60 -6.11 -72.42
N ASP EA 151 -86.41 -6.04 -73.47
CA ASP EA 151 -86.55 -4.79 -74.21
C ASP EA 151 -87.14 -3.70 -73.33
N VAL EA 152 -88.16 -4.04 -72.54
CA VAL EA 152 -88.77 -3.06 -71.66
C VAL EA 152 -87.79 -2.63 -70.58
N ILE EA 153 -86.98 -3.57 -70.08
CA ILE EA 153 -85.97 -3.21 -69.08
C ILE EA 153 -84.93 -2.27 -69.68
N ALA EA 154 -84.54 -2.52 -70.94
CA ALA EA 154 -83.61 -1.61 -71.60
C ALA EA 154 -84.23 -0.24 -71.78
N GLN EA 155 -85.52 -0.18 -72.10
CA GLN EA 155 -86.21 1.10 -72.19
C GLN EA 155 -86.21 1.84 -70.86
N ALA EA 156 -86.46 1.12 -69.76
CA ALA EA 156 -86.46 1.74 -68.44
C ALA EA 156 -85.08 2.25 -68.07
N LEU EA 157 -84.04 1.47 -68.37
CA LEU EA 157 -82.69 1.95 -68.15
C LEU EA 157 -82.43 3.20 -68.97
N SER EA 158 -82.90 3.22 -70.22
CA SER EA 158 -82.75 4.41 -71.05
C SER EA 158 -83.44 5.61 -70.41
N GLU EA 159 -84.61 5.39 -69.79
CA GLU EA 159 -85.31 6.52 -69.17
C GLU EA 159 -84.54 7.07 -67.97
N LEU EA 160 -84.20 6.20 -67.01
CA LEU EA 160 -83.38 6.62 -65.87
C LEU EA 160 -82.13 7.35 -66.34
N ARG EA 161 -81.46 6.73 -67.30
CA ARG EA 161 -80.11 7.10 -67.70
C ARG EA 161 -80.13 8.29 -68.65
N LEU EA 162 -81.29 8.58 -69.23
CA LEU EA 162 -81.57 9.90 -69.77
C LEU EA 162 -81.73 10.91 -68.65
N ALA EA 163 -82.53 10.58 -67.64
CA ALA EA 163 -82.85 11.53 -66.58
C ALA EA 163 -81.59 11.97 -65.83
N GLY EA 164 -80.54 11.17 -65.88
CA GLY EA 164 -79.25 11.60 -65.36
C GLY EA 164 -78.80 10.93 -64.09
N VAL EA 165 -79.41 9.83 -63.71
CA VAL EA 165 -79.03 9.12 -62.51
C VAL EA 165 -77.91 8.13 -62.82
N ASP EA 166 -77.02 7.94 -61.85
CA ASP EA 166 -75.87 7.06 -62.02
C ASP EA 166 -75.81 6.01 -60.91
N GLY EA 167 -74.72 5.27 -60.86
CA GLY EA 167 -74.55 4.22 -59.88
C GLY EA 167 -75.11 2.89 -60.37
N PRO EA 168 -74.78 1.81 -59.68
CA PRO EA 168 -75.24 0.49 -60.12
C PRO EA 168 -76.76 0.44 -60.19
N TYR EA 169 -77.26 -0.22 -61.22
CA TYR EA 169 -78.70 -0.38 -61.42
C TYR EA 169 -79.12 -1.80 -61.05
N SER EA 170 -80.35 -1.92 -60.58
CA SER EA 170 -80.85 -3.19 -60.07
C SER EA 170 -82.29 -3.38 -60.48
N VAL EA 171 -82.65 -4.64 -60.71
CA VAL EA 171 -83.99 -5.03 -61.16
C VAL EA 171 -84.60 -5.90 -60.07
N LEU EA 172 -85.75 -5.48 -59.55
CA LEU EA 172 -86.53 -6.25 -58.59
C LEU EA 172 -87.75 -6.80 -59.33
N LEU EA 173 -87.88 -8.12 -59.34
CA LEU EA 173 -88.94 -8.79 -60.08
C LEU EA 173 -89.94 -9.44 -59.14
N SER EA 174 -91.19 -9.50 -59.57
CA SER EA 174 -92.26 -10.09 -58.79
C SER EA 174 -92.08 -11.61 -58.74
N ALA EA 175 -92.87 -12.27 -57.91
CA ALA EA 175 -92.83 -13.73 -57.88
C ALA EA 175 -93.29 -14.31 -59.21
N GLU EA 176 -94.41 -13.81 -59.74
CA GLU EA 176 -94.96 -14.37 -60.97
C GLU EA 176 -94.05 -14.08 -62.16
N THR EA 177 -93.45 -12.88 -62.19
CA THR EA 177 -92.53 -12.53 -63.28
C THR EA 177 -91.22 -13.29 -63.18
N TYR EA 178 -90.68 -13.45 -61.96
CA TYR EA 178 -89.45 -14.19 -61.78
C TYR EA 178 -89.63 -15.66 -62.14
N THR EA 179 -90.75 -16.26 -61.73
CA THR EA 179 -91.05 -17.63 -62.15
C THR EA 179 -91.09 -17.73 -63.67
N LYS EA 180 -91.70 -16.74 -64.33
CA LYS EA 180 -91.80 -16.76 -65.78
C LYS EA 180 -90.43 -16.71 -66.43
N VAL EA 181 -89.61 -15.72 -66.04
CA VAL EA 181 -88.30 -15.56 -66.67
C VAL EA 181 -87.39 -16.74 -66.33
N SER EA 182 -87.62 -17.39 -65.19
CA SER EA 182 -86.79 -18.53 -64.82
C SER EA 182 -87.17 -19.77 -65.63
N GLU EA 183 -88.46 -20.12 -65.64
CA GLU EA 183 -88.90 -21.31 -66.38
C GLU EA 183 -88.65 -21.14 -67.87
N THR EA 184 -88.96 -19.96 -68.41
CA THR EA 184 -88.75 -19.71 -69.83
C THR EA 184 -87.26 -19.70 -70.15
N THR EA 185 -86.92 -20.18 -71.34
CA THR EA 185 -85.54 -20.32 -71.77
C THR EA 185 -85.39 -19.90 -73.22
N ALA EA 186 -84.17 -19.54 -73.60
CA ALA EA 186 -83.88 -19.14 -74.97
C ALA EA 186 -82.41 -19.42 -75.25
N HIS EA 187 -82.13 -20.09 -76.37
CA HIS EA 187 -80.76 -20.40 -76.79
C HIS EA 187 -79.98 -21.11 -75.69
N GLY EA 188 -80.69 -21.88 -74.85
CA GLY EA 188 -80.05 -22.60 -73.79
C GLY EA 188 -79.72 -21.79 -72.56
N TYR EA 189 -80.28 -20.59 -72.42
CA TYR EA 189 -80.16 -19.81 -71.19
C TYR EA 189 -81.52 -19.26 -70.78
N PRO EA 190 -81.80 -19.14 -69.49
CA PRO EA 190 -83.06 -18.52 -69.05
C PRO EA 190 -83.16 -17.06 -69.43
N ILE EA 191 -84.41 -16.63 -69.59
CA ILE EA 191 -84.70 -15.23 -69.84
C ILE EA 191 -84.22 -14.39 -68.67
N ARG EA 192 -84.13 -14.97 -67.47
CA ARG EA 192 -83.58 -14.25 -66.34
C ARG EA 192 -82.10 -13.93 -66.54
N GLU EA 193 -81.32 -14.89 -67.05
CA GLU EA 193 -79.93 -14.58 -67.38
C GLU EA 193 -79.87 -13.55 -68.50
N HIS EA 194 -80.74 -13.68 -69.49
CA HIS EA 194 -80.84 -12.63 -70.51
C HIS EA 194 -80.99 -11.25 -69.88
N ILE EA 195 -81.88 -11.13 -68.89
CA ILE EA 195 -82.07 -9.85 -68.21
C ILE EA 195 -80.80 -9.45 -67.47
N ASN EA 196 -80.22 -10.39 -66.71
CA ASN EA 196 -79.04 -10.08 -65.91
C ASN EA 196 -77.92 -9.52 -66.76
N ARG EA 197 -77.80 -9.97 -68.00
CA ARG EA 197 -76.70 -9.54 -68.86
C ARG EA 197 -76.63 -8.02 -68.99
N LEU EA 198 -77.75 -7.32 -68.86
CA LEU EA 198 -77.80 -5.89 -69.13
C LEU EA 198 -77.30 -5.05 -67.97
N VAL EA 199 -77.78 -5.32 -66.76
CA VAL EA 199 -77.52 -4.45 -65.62
C VAL EA 199 -76.14 -4.74 -65.05
N ASP EA 200 -75.65 -3.79 -64.25
CA ASP EA 200 -74.38 -3.91 -63.54
C ASP EA 200 -74.56 -4.44 -62.13
N GLY EA 201 -75.74 -4.31 -61.55
CA GLY EA 201 -75.98 -4.74 -60.18
C GLY EA 201 -76.44 -6.18 -60.06
N GLU EA 202 -77.63 -6.37 -59.48
CA GLU EA 202 -78.12 -7.70 -59.18
C GLU EA 202 -79.59 -7.82 -59.59
N ILE EA 203 -80.04 -9.05 -59.74
CA ILE EA 203 -81.45 -9.37 -59.93
C ILE EA 203 -82.01 -9.82 -58.59
N ILE EA 204 -83.15 -9.26 -58.17
CA ILE EA 204 -83.68 -9.46 -56.83
C ILE EA 204 -85.11 -10.00 -56.90
N TRP EA 205 -85.42 -10.93 -56.01
CA TRP EA 205 -86.78 -11.43 -55.77
C TRP EA 205 -87.58 -10.39 -55.01
N ALA EA 206 -88.77 -10.08 -55.50
CA ALA EA 206 -89.69 -9.20 -54.78
C ALA EA 206 -91.09 -9.80 -54.79
N PRO EA 207 -91.36 -10.84 -53.99
CA PRO EA 207 -92.67 -11.50 -54.10
C PRO EA 207 -93.80 -10.59 -53.67
N ALA EA 208 -93.56 -9.74 -52.67
CA ALA EA 208 -94.59 -8.87 -52.14
C ALA EA 208 -95.07 -7.87 -53.17
N ILE EA 209 -94.16 -7.35 -54.01
CA ILE EA 209 -94.51 -6.32 -54.97
C ILE EA 209 -95.21 -6.99 -56.15
N ASP EA 210 -95.85 -6.18 -56.99
CA ASP EA 210 -96.55 -6.65 -58.18
C ASP EA 210 -95.99 -5.90 -59.38
N GLY EA 211 -95.38 -6.63 -60.31
CA GLY EA 211 -94.80 -6.03 -61.49
C GLY EA 211 -93.29 -6.16 -61.54
N ALA EA 212 -92.60 -5.05 -61.76
CA ALA EA 212 -91.14 -5.04 -61.78
C ALA EA 212 -90.67 -3.62 -61.51
N PHE EA 213 -89.41 -3.49 -61.09
CA PHE EA 213 -88.86 -2.18 -60.77
C PHE EA 213 -87.39 -2.15 -61.19
N VAL EA 214 -86.98 -1.08 -61.87
CA VAL EA 214 -85.58 -0.87 -62.19
C VAL EA 214 -85.13 0.41 -61.50
N LEU EA 215 -84.13 0.33 -60.63
CA LEU EA 215 -83.78 1.49 -59.82
C LEU EA 215 -82.27 1.57 -59.61
N SER EA 216 -81.81 2.77 -59.27
CA SER EA 216 -80.42 3.00 -58.98
C SER EA 216 -80.11 2.74 -57.51
N THR EA 217 -78.86 2.37 -57.24
CA THR EA 217 -78.40 2.09 -55.88
C THR EA 217 -77.18 2.93 -55.52
N ARG EA 218 -77.04 4.10 -56.13
CA ARG EA 218 -75.96 5.00 -55.76
C ARG EA 218 -76.03 5.39 -54.29
N GLY EA 219 -77.24 5.63 -53.79
CA GLY EA 219 -77.44 6.00 -52.41
C GLY EA 219 -78.03 7.38 -52.24
N GLY EA 220 -78.73 7.60 -51.14
CA GLY EA 220 -79.32 8.89 -50.85
C GLY EA 220 -80.66 9.16 -51.46
N ASP EA 221 -81.30 8.15 -52.06
CA ASP EA 221 -82.61 8.32 -52.68
C ASP EA 221 -83.75 7.63 -51.95
N PHE EA 222 -83.48 6.57 -51.20
CA PHE EA 222 -84.51 5.86 -50.44
C PHE EA 222 -84.00 5.66 -49.03
N ASP EA 223 -84.89 5.84 -48.04
CA ASP EA 223 -84.53 5.72 -46.63
C ASP EA 223 -85.61 4.92 -45.90
N LEU EA 224 -85.22 3.78 -45.34
CA LEU EA 224 -86.10 3.00 -44.48
C LEU EA 224 -85.72 3.30 -43.04
N GLN EA 225 -86.57 4.07 -42.35
CA GLN EA 225 -86.32 4.46 -40.97
C GLN EA 225 -86.94 3.43 -40.03
N LEU EA 226 -86.13 2.90 -39.12
CA LEU EA 226 -86.58 1.93 -38.13
C LEU EA 226 -86.43 2.52 -36.74
N GLY EA 227 -87.49 2.40 -35.94
CA GLY EA 227 -87.38 2.73 -34.53
C GLY EA 227 -86.85 1.55 -33.75
N THR EA 228 -87.47 0.39 -33.97
CA THR EA 228 -87.00 -0.87 -33.43
C THR EA 228 -87.08 -1.93 -34.52
N ASP EA 229 -86.06 -2.78 -34.59
CA ASP EA 229 -86.00 -3.81 -35.62
C ASP EA 229 -86.99 -4.92 -35.27
N VAL EA 230 -86.98 -5.99 -36.07
CA VAL EA 230 -87.92 -7.08 -35.87
C VAL EA 230 -87.66 -7.72 -34.51
N SER EA 231 -88.73 -7.94 -33.74
CA SER EA 231 -88.63 -8.54 -32.42
C SER EA 231 -89.78 -9.52 -32.24
N ILE EA 232 -89.58 -10.48 -31.34
CA ILE EA 232 -90.60 -11.50 -31.03
C ILE EA 232 -90.99 -11.35 -29.56
N GLY EA 233 -92.29 -11.32 -29.30
CA GLY EA 233 -92.80 -11.14 -27.96
C GLY EA 233 -93.82 -12.16 -27.53
N TYR EA 234 -94.37 -11.98 -26.33
CA TYR EA 234 -95.29 -12.92 -25.71
C TYR EA 234 -96.52 -12.18 -25.22
N LEU EA 235 -97.72 -12.71 -25.51
CA LEU EA 235 -98.96 -12.11 -25.03
C LEU EA 235 -99.58 -12.92 -23.89
N SER EA 236 -99.83 -14.20 -24.12
CA SER EA 236 -100.48 -15.05 -23.13
C SER EA 236 -100.15 -16.50 -23.46
N HIS EA 237 -100.64 -17.42 -22.63
CA HIS EA 237 -100.34 -18.83 -22.82
C HIS EA 237 -101.45 -19.66 -22.20
N ASP EA 238 -101.45 -20.95 -22.54
CA ASP EA 238 -102.48 -21.89 -22.13
C ASP EA 238 -101.79 -23.23 -21.84
N ALA EA 239 -102.58 -24.21 -21.40
CA ALA EA 239 -102.04 -25.53 -21.13
C ALA EA 239 -101.50 -26.22 -22.38
N GLU EA 240 -101.84 -25.72 -23.57
CA GLU EA 240 -101.45 -26.36 -24.83
C GLU EA 240 -100.65 -25.46 -25.76
N VAL EA 241 -100.88 -24.15 -25.73
CA VAL EA 241 -100.32 -23.25 -26.71
C VAL EA 241 -99.77 -22.00 -26.03
N VAL EA 242 -98.95 -21.25 -26.77
CA VAL EA 242 -98.46 -19.95 -26.37
C VAL EA 242 -98.69 -19.00 -27.53
N HIS EA 243 -99.15 -17.79 -27.22
CA HIS EA 243 -99.41 -16.77 -28.23
C HIS EA 243 -98.27 -15.75 -28.24
N LEU EA 244 -97.64 -15.59 -29.40
CA LEU EA 244 -96.50 -14.69 -29.59
C LEU EA 244 -96.83 -13.74 -30.73
N TYR EA 245 -95.96 -12.75 -30.92
CA TYR EA 245 -96.12 -11.81 -32.02
C TYR EA 245 -94.75 -11.39 -32.52
N MET EA 246 -94.70 -11.01 -33.80
CA MET EA 246 -93.53 -10.40 -34.39
C MET EA 246 -93.84 -8.94 -34.68
N GLU EA 247 -92.96 -8.04 -34.22
CA GLU EA 247 -93.23 -6.62 -34.17
C GLU EA 247 -92.08 -5.84 -34.80
N GLU EA 248 -92.42 -4.78 -35.52
CA GLU EA 248 -91.41 -3.84 -36.00
C GLU EA 248 -92.03 -2.46 -36.23
N THR EA 249 -91.28 -1.42 -35.87
CA THR EA 249 -91.73 -0.04 -36.02
C THR EA 249 -90.90 0.65 -37.10
N MET EA 250 -91.57 1.15 -38.13
CA MET EA 250 -90.85 1.60 -39.32
C MET EA 250 -91.61 2.73 -40.02
N THR EA 251 -90.91 3.34 -40.97
CA THR EA 251 -91.49 4.20 -41.98
C THR EA 251 -90.53 4.24 -43.17
N PHE EA 252 -91.02 4.72 -44.31
CA PHE EA 252 -90.23 4.76 -45.54
C PHE EA 252 -90.35 6.13 -46.17
N LEU EA 253 -89.23 6.62 -46.71
CA LEU EA 253 -89.17 7.91 -47.38
C LEU EA 253 -88.43 7.77 -48.72
N CYS EA 254 -88.98 8.40 -49.75
CA CYS EA 254 -88.32 8.52 -51.05
C CYS EA 254 -88.00 9.98 -51.28
N TYR EA 255 -86.75 10.27 -51.64
CA TYR EA 255 -86.28 11.64 -51.84
C TYR EA 255 -86.09 11.98 -53.30
N THR EA 256 -85.58 11.04 -54.10
CA THR EA 256 -85.33 11.26 -55.51
C THR EA 256 -86.39 10.49 -56.32
N ALA EA 257 -87.22 11.23 -57.04
CA ALA EA 257 -88.30 10.61 -57.81
C ALA EA 257 -87.82 10.08 -59.15
N GLU EA 258 -86.61 10.44 -59.57
CA GLU EA 258 -86.11 10.08 -60.89
C GLU EA 258 -85.14 8.90 -60.87
N ALA EA 259 -84.96 8.24 -59.72
CA ALA EA 259 -84.00 7.16 -59.59
C ALA EA 259 -84.63 5.78 -59.76
N SER EA 260 -85.90 5.71 -60.18
CA SER EA 260 -86.58 4.43 -60.30
C SER EA 260 -87.55 4.49 -61.48
N VAL EA 261 -87.86 3.30 -62.00
CA VAL EA 261 -88.84 3.12 -63.07
C VAL EA 261 -89.68 1.91 -62.69
N ALA EA 262 -90.99 2.05 -62.83
CA ALA EA 262 -91.93 1.00 -62.44
C ALA EA 262 -92.56 0.38 -63.67
N LEU EA 263 -92.74 -0.94 -63.64
CA LEU EA 263 -93.38 -1.69 -64.70
C LEU EA 263 -94.58 -2.44 -64.11
N THR EA 264 -95.75 -2.18 -64.66
CA THR EA 264 -96.99 -2.73 -64.12
C THR EA 264 -97.40 -3.98 -64.90
N PRO EA 265 -98.01 -4.97 -64.21
CA PRO EA 265 -98.41 -6.21 -64.89
C PRO EA 265 -99.34 -5.97 -66.06
N ASN FA 2 -25.25 -86.81 6.40
CA ASN FA 2 -26.15 -87.32 5.37
C ASN FA 2 -26.39 -88.82 5.56
N ASN FA 3 -27.08 -89.44 4.61
CA ASN FA 3 -27.45 -90.84 4.73
C ASN FA 3 -26.27 -91.78 4.58
N LEU FA 4 -25.11 -91.28 4.14
CA LEU FA 4 -23.93 -92.15 4.03
C LEU FA 4 -23.45 -92.60 5.41
N TYR FA 5 -23.57 -91.74 6.41
CA TYR FA 5 -23.12 -92.05 7.77
C TYR FA 5 -21.63 -92.37 7.79
N ARG FA 6 -20.84 -91.55 7.09
CA ARG FA 6 -19.39 -91.73 7.10
C ARG FA 6 -18.75 -91.30 8.40
N ASP FA 7 -19.34 -90.30 9.09
CA ASP FA 7 -18.77 -89.84 10.34
C ASP FA 7 -18.74 -90.92 11.40
N LEU FA 8 -19.55 -91.97 11.25
CA LEU FA 8 -19.59 -93.07 12.21
C LEU FA 8 -18.61 -94.18 11.89
N ALA FA 9 -17.92 -94.11 10.75
CA ALA FA 9 -17.03 -95.20 10.36
C ALA FA 9 -15.65 -95.00 11.00
N PRO FA 10 -14.97 -96.09 11.40
CA PRO FA 10 -13.62 -95.98 11.96
C PRO FA 10 -12.55 -95.86 10.89
N ILE FA 11 -12.61 -94.77 10.12
CA ILE FA 11 -11.70 -94.54 9.00
C ILE FA 11 -11.24 -93.09 9.06
N THR FA 12 -9.95 -92.88 8.79
CA THR FA 12 -9.37 -91.55 8.82
C THR FA 12 -9.57 -90.82 7.49
N GLU FA 13 -9.29 -89.52 7.50
CA GLU FA 13 -9.45 -88.71 6.31
C GLU FA 13 -8.53 -89.19 5.19
N SER FA 14 -7.29 -89.52 5.53
CA SER FA 14 -6.34 -89.98 4.51
C SER FA 14 -6.81 -91.28 3.86
N ALA FA 15 -7.27 -92.24 4.66
CA ALA FA 15 -7.74 -93.50 4.10
C ALA FA 15 -9.01 -93.28 3.28
N TRP FA 16 -9.89 -92.39 3.73
CA TRP FA 16 -11.06 -92.04 2.93
C TRP FA 16 -10.64 -91.50 1.57
N ALA FA 17 -9.65 -90.59 1.56
CA ALA FA 17 -9.18 -90.02 0.30
C ALA FA 17 -8.59 -91.10 -0.60
N GLU FA 18 -7.80 -92.00 -0.03
CA GLU FA 18 -7.20 -93.07 -0.83
C GLU FA 18 -8.29 -93.95 -1.45
N ILE FA 19 -9.30 -94.33 -0.66
CA ILE FA 19 -10.36 -95.18 -1.18
C ILE FA 19 -11.14 -94.47 -2.28
N GLU FA 20 -11.47 -93.20 -2.06
CA GLU FA 20 -12.21 -92.44 -3.08
C GLU FA 20 -11.41 -92.34 -4.36
N LEU FA 21 -10.11 -92.03 -4.26
CA LEU FA 21 -9.27 -91.92 -5.44
C LEU FA 21 -9.19 -93.25 -6.19
N GLU FA 22 -8.99 -94.34 -5.46
CA GLU FA 22 -8.87 -95.65 -6.11
C GLU FA 22 -10.17 -96.04 -6.80
N ALA FA 23 -11.32 -95.80 -6.17
CA ALA FA 23 -12.59 -96.14 -6.80
C ALA FA 23 -12.85 -95.27 -8.03
N THR FA 24 -12.59 -93.96 -7.92
CA THR FA 24 -12.82 -93.06 -9.05
C THR FA 24 -11.96 -93.46 -10.24
N ARG FA 25 -10.69 -93.75 -10.01
CA ARG FA 25 -9.80 -94.11 -11.11
C ARG FA 25 -10.31 -95.35 -11.84
N THR FA 26 -10.66 -96.40 -11.09
CA THR FA 26 -11.08 -97.65 -11.69
C THR FA 26 -12.41 -97.49 -12.43
N PHE FA 27 -13.36 -96.77 -11.83
CA PHE FA 27 -14.64 -96.56 -12.50
C PHE FA 27 -14.47 -95.78 -13.79
N LYS FA 28 -13.67 -94.70 -13.76
CA LYS FA 28 -13.45 -93.91 -14.96
C LYS FA 28 -12.70 -94.72 -16.01
N ARG FA 29 -11.89 -95.69 -15.58
CA ARG FA 29 -11.26 -96.59 -16.53
C ARG FA 29 -12.29 -97.50 -17.20
N HIS FA 30 -13.15 -98.12 -16.41
CA HIS FA 30 -14.01 -99.19 -16.90
C HIS FA 30 -15.34 -98.70 -17.48
N ILE FA 31 -15.61 -97.40 -17.42
CA ILE FA 31 -16.88 -96.85 -17.88
C ILE FA 31 -16.71 -96.34 -19.30
N ALA FA 32 -17.73 -96.56 -20.15
CA ALA FA 32 -17.68 -96.18 -21.55
C ALA FA 32 -18.88 -95.36 -22.01
N GLY FA 33 -20.09 -95.65 -21.53
CA GLY FA 33 -21.27 -94.96 -22.03
C GLY FA 33 -21.23 -93.47 -21.77
N ARG FA 34 -20.66 -93.07 -20.63
CA ARG FA 34 -20.58 -91.66 -20.26
C ARG FA 34 -19.79 -90.84 -21.27
N ARG FA 35 -18.96 -91.49 -22.09
CA ARG FA 35 -18.15 -90.80 -23.09
C ARG FA 35 -18.90 -90.59 -24.41
N VAL FA 36 -20.06 -91.22 -24.59
CA VAL FA 36 -20.78 -91.12 -25.85
C VAL FA 36 -22.24 -90.79 -25.64
N VAL FA 37 -22.65 -90.56 -24.39
CA VAL FA 37 -24.04 -90.23 -24.08
C VAL FA 37 -24.07 -88.94 -23.28
N ASP FA 38 -25.06 -88.10 -23.58
CA ASP FA 38 -25.29 -86.90 -22.79
C ASP FA 38 -25.69 -87.29 -21.38
N VAL FA 39 -25.17 -86.52 -20.40
CA VAL FA 39 -25.39 -86.80 -18.99
C VAL FA 39 -26.12 -85.62 -18.38
N SER FA 40 -27.30 -85.88 -17.80
CA SER FA 40 -28.03 -84.87 -17.06
C SER FA 40 -27.54 -84.92 -15.60
N GLY FA 41 -26.83 -83.86 -15.19
CA GLY FA 41 -26.18 -83.85 -13.91
C GLY FA 41 -27.11 -84.19 -12.77
N PRO FA 42 -26.55 -84.52 -11.61
CA PRO FA 42 -27.40 -84.91 -10.47
C PRO FA 42 -28.43 -83.83 -10.16
N ASN FA 43 -29.68 -84.26 -10.02
CA ASN FA 43 -30.78 -83.36 -9.69
C ASN FA 43 -31.17 -83.42 -8.22
N GLY FA 44 -30.47 -84.23 -7.42
CA GLY FA 44 -30.69 -84.28 -5.99
C GLY FA 44 -31.36 -85.57 -5.55
N PRO FA 45 -31.27 -85.88 -4.26
CA PRO FA 45 -31.91 -87.11 -3.76
C PRO FA 45 -33.42 -87.08 -3.87
N THR FA 46 -34.03 -85.91 -3.98
CA THR FA 46 -35.48 -85.81 -4.12
C THR FA 46 -35.98 -86.27 -5.48
N THR FA 47 -35.11 -86.41 -6.46
CA THR FA 47 -35.51 -86.79 -7.80
C THR FA 47 -35.80 -88.29 -7.85
N ALA FA 48 -36.95 -88.65 -8.41
CA ALA FA 48 -37.40 -90.04 -8.45
C ALA FA 48 -37.80 -90.52 -9.84
N SER FA 49 -38.13 -89.63 -10.76
CA SER FA 49 -38.61 -90.03 -12.08
C SER FA 49 -38.31 -88.94 -13.08
N VAL FA 50 -38.38 -89.31 -14.36
CA VAL FA 50 -38.16 -88.39 -15.47
C VAL FA 50 -39.40 -88.39 -16.35
N SER FA 51 -39.99 -87.21 -16.53
CA SER FA 51 -41.19 -87.09 -17.35
C SER FA 51 -40.84 -87.35 -18.81
N THR FA 52 -41.76 -87.99 -19.54
CA THR FA 52 -41.58 -88.19 -20.97
C THR FA 52 -42.44 -87.24 -21.81
N GLY FA 53 -43.40 -86.56 -21.20
CA GLY FA 53 -44.28 -85.68 -21.93
C GLY FA 53 -45.41 -86.37 -22.66
N HIS FA 54 -45.52 -87.69 -22.53
CA HIS FA 54 -46.58 -88.46 -23.16
C HIS FA 54 -47.75 -88.63 -22.20
N LEU FA 55 -48.89 -89.06 -22.75
CA LEU FA 55 -50.11 -89.27 -22.00
C LEU FA 55 -50.59 -90.71 -22.19
N LEU FA 56 -51.24 -91.24 -21.16
CA LEU FA 56 -51.79 -92.58 -21.19
C LEU FA 56 -53.28 -92.53 -20.88
N ASP FA 57 -54.07 -93.31 -21.62
CA ASP FA 57 -55.50 -93.33 -21.43
C ASP FA 57 -55.86 -94.02 -20.11
N VAL FA 58 -56.94 -93.54 -19.48
CA VAL FA 58 -57.36 -94.04 -18.18
C VAL FA 58 -58.86 -93.84 -18.04
N SER FA 59 -59.48 -94.71 -17.24
CA SER FA 59 -60.93 -94.65 -17.06
C SER FA 59 -61.31 -93.31 -16.40
N PRO FA 60 -62.37 -92.64 -16.88
CA PRO FA 60 -62.69 -91.33 -16.32
C PRO FA 60 -63.32 -91.45 -14.95
N PRO FA 61 -63.21 -90.42 -14.11
CA PRO FA 61 -63.96 -90.42 -12.85
C PRO FA 61 -65.47 -90.47 -13.06
N GLY FA 62 -65.97 -89.84 -14.11
CA GLY FA 62 -67.40 -89.76 -14.31
C GLY FA 62 -67.75 -89.31 -15.71
N ASP FA 63 -69.03 -89.01 -15.89
CA ASP FA 63 -69.53 -88.65 -17.21
C ASP FA 63 -69.04 -87.28 -17.63
N GLY FA 64 -68.79 -87.12 -18.93
CA GLY FA 64 -68.37 -85.84 -19.47
C GLY FA 64 -66.96 -85.44 -19.12
N VAL FA 65 -66.13 -86.37 -18.67
CA VAL FA 65 -64.77 -86.09 -18.25
C VAL FA 65 -63.82 -86.99 -19.01
N ILE FA 66 -62.74 -86.40 -19.54
CA ILE FA 66 -61.70 -87.12 -20.25
C ILE FA 66 -60.46 -87.11 -19.36
N ALA FA 67 -59.90 -88.29 -19.09
CA ALA FA 67 -58.80 -88.44 -18.14
C ALA FA 67 -57.60 -89.05 -18.85
N HIS FA 68 -56.41 -88.53 -18.54
CA HIS FA 68 -55.16 -89.05 -19.06
C HIS FA 68 -54.11 -89.01 -17.97
N LEU FA 69 -53.20 -89.98 -17.98
CA LEU FA 69 -52.12 -90.05 -17.01
C LEU FA 69 -50.81 -89.64 -17.65
N ARG FA 70 -50.05 -88.82 -16.93
CA ARG FA 70 -48.73 -88.41 -17.38
C ARG FA 70 -47.75 -89.56 -17.23
N ASP FA 71 -46.83 -89.68 -18.19
CA ASP FA 71 -45.92 -90.81 -18.26
C ASP FA 71 -44.53 -90.41 -17.79
N ALA FA 72 -43.97 -91.24 -16.91
CA ALA FA 72 -42.66 -90.97 -16.33
C ALA FA 72 -41.87 -92.28 -16.26
N LYS FA 73 -40.55 -92.14 -16.30
CA LYS FA 73 -39.62 -93.25 -16.19
C LYS FA 73 -39.01 -93.24 -14.79
N PRO FA 74 -39.16 -94.28 -14.00
CA PRO FA 74 -38.59 -94.29 -12.65
C PRO FA 74 -37.08 -94.45 -12.68
N LEU FA 75 -36.45 -94.00 -11.60
CA LEU FA 75 -35.01 -94.13 -11.40
C LEU FA 75 -34.73 -95.34 -10.53
N VAL FA 76 -33.63 -96.02 -10.81
CA VAL FA 76 -33.25 -97.23 -10.11
C VAL FA 76 -31.94 -96.97 -9.37
N ARG FA 77 -31.86 -97.45 -8.12
CA ARG FA 77 -30.68 -97.30 -7.29
C ARG FA 77 -29.89 -98.61 -7.29
N LEU FA 78 -28.61 -98.51 -7.63
CA LEU FA 78 -27.70 -99.66 -7.66
C LEU FA 78 -26.73 -99.50 -6.50
N ARG FA 79 -26.64 -100.54 -5.67
CA ARG FA 79 -25.76 -100.57 -4.51
C ARG FA 79 -24.92 -101.83 -4.54
N VAL FA 80 -23.60 -101.66 -4.47
CA VAL FA 80 -22.66 -102.77 -4.47
C VAL FA 80 -21.88 -102.76 -3.16
N PRO FA 81 -22.04 -103.77 -2.30
CA PRO FA 81 -21.30 -103.77 -1.03
C PRO FA 81 -19.93 -104.42 -1.15
N PHE FA 82 -19.04 -104.00 -0.26
CA PHE FA 82 -17.71 -104.56 -0.17
C PHE FA 82 -17.19 -104.37 1.26
N THR FA 83 -16.09 -105.06 1.56
CA THR FA 83 -15.52 -105.12 2.89
C THR FA 83 -14.07 -104.69 2.85
N VAL FA 84 -13.64 -103.96 3.88
CA VAL FA 84 -12.28 -103.44 3.96
C VAL FA 84 -11.69 -103.80 5.33
N ALA FA 85 -10.37 -103.91 5.38
CA ALA FA 85 -9.67 -104.34 6.59
C ALA FA 85 -9.17 -103.15 7.39
N ARG FA 86 -9.48 -103.16 8.68
CA ARG FA 86 -9.08 -102.09 9.58
C ARG FA 86 -7.56 -101.98 9.72
N ARG FA 87 -6.83 -103.07 9.52
CA ARG FA 87 -5.37 -102.99 9.52
C ARG FA 87 -4.84 -102.18 8.36
N ASP FA 88 -5.33 -102.43 7.15
CA ASP FA 88 -4.97 -101.61 6.00
C ASP FA 88 -5.41 -100.18 6.19
N ILE FA 89 -6.58 -99.96 6.81
CA ILE FA 89 -7.01 -98.59 7.10
C ILE FA 89 -6.02 -97.90 8.04
N ASP FA 90 -5.62 -98.59 9.11
CA ASP FA 90 -4.78 -97.96 10.13
C ASP FA 90 -3.38 -97.70 9.61
N ASP FA 91 -2.86 -98.58 8.74
CA ASP FA 91 -1.50 -98.42 8.26
C ASP FA 91 -1.28 -97.11 7.52
N VAL FA 92 -2.35 -96.50 6.99
CA VAL FA 92 -2.19 -95.30 6.17
C VAL FA 92 -1.60 -94.17 7.01
N GLU FA 93 -2.12 -93.96 8.22
CA GLU FA 93 -1.63 -92.86 9.05
C GLU FA 93 -0.19 -93.08 9.48
N ARG FA 94 0.34 -94.30 9.32
CA ARG FA 94 1.74 -94.60 9.57
C ARG FA 94 2.60 -94.37 8.34
N GLY FA 95 2.12 -93.61 7.37
CA GLY FA 95 2.86 -93.37 6.14
C GLY FA 95 3.00 -94.61 5.28
N SER FA 96 2.03 -95.52 5.33
CA SER FA 96 2.02 -96.68 4.45
C SER FA 96 1.28 -96.32 3.18
N GLN FA 97 1.85 -96.72 2.04
CA GLN FA 97 1.26 -96.47 0.73
C GLN FA 97 1.32 -97.69 -0.18
N ASP FA 98 1.15 -98.89 0.37
CA ASP FA 98 0.92 -100.10 -0.40
C ASP FA 98 -0.33 -100.84 0.07
N SER FA 99 -1.28 -100.13 0.68
CA SER FA 99 -2.46 -100.76 1.26
C SER FA 99 -3.31 -101.41 0.18
N ASP FA 100 -4.02 -102.48 0.56
CA ASP FA 100 -4.82 -103.26 -0.36
C ASP FA 100 -6.21 -102.63 -0.50
N TRP FA 101 -6.59 -102.27 -1.73
CA TRP FA 101 -7.90 -101.72 -2.05
C TRP FA 101 -8.57 -102.53 -3.15
N ASP FA 102 -8.19 -103.80 -3.27
CA ASP FA 102 -8.75 -104.66 -4.30
C ASP FA 102 -10.27 -104.80 -4.20
N PRO FA 103 -10.86 -104.99 -3.02
CA PRO FA 103 -12.33 -104.99 -2.96
C PRO FA 103 -12.95 -103.70 -3.48
N VAL FA 104 -12.32 -102.56 -3.20
CA VAL FA 104 -12.81 -101.29 -3.73
C VAL FA 104 -12.79 -101.33 -5.26
N LYS FA 105 -11.67 -101.77 -5.83
CA LYS FA 105 -11.56 -101.81 -7.29
C LYS FA 105 -12.59 -102.76 -7.89
N ASP FA 106 -12.79 -103.92 -7.26
CA ASP FA 106 -13.77 -104.88 -7.77
C ASP FA 106 -15.18 -104.32 -7.73
N ALA FA 107 -15.54 -103.65 -6.63
CA ALA FA 107 -16.87 -103.06 -6.53
C ALA FA 107 -17.07 -101.98 -7.59
N ALA FA 108 -16.05 -101.15 -7.80
CA ALA FA 108 -16.14 -100.12 -8.83
C ALA FA 108 -16.32 -100.76 -10.21
N LYS FA 109 -15.57 -101.82 -10.49
CA LYS FA 109 -15.72 -102.52 -11.77
C LYS FA 109 -17.13 -103.06 -11.92
N LYS FA 110 -17.67 -103.66 -10.86
CA LYS FA 110 -19.01 -104.23 -10.91
C LYS FA 110 -20.05 -103.15 -11.20
N LEU FA 111 -19.94 -102.02 -10.52
CA LEU FA 111 -20.90 -100.93 -10.72
C LEU FA 111 -20.81 -100.39 -12.14
N ALA FA 112 -19.59 -100.18 -12.64
CA ALA FA 112 -19.43 -99.70 -14.01
C ALA FA 112 -20.03 -100.69 -15.00
N PHE FA 113 -19.82 -101.99 -14.77
CA PHE FA 113 -20.32 -102.99 -15.70
C PHE FA 113 -21.85 -103.00 -15.71
N VAL FA 114 -22.47 -102.93 -14.54
CA VAL FA 114 -23.93 -102.92 -14.52
C VAL FA 114 -24.47 -101.68 -15.20
N GLU FA 115 -23.84 -100.52 -14.96
CA GLU FA 115 -24.31 -99.29 -15.60
C GLU FA 115 -24.21 -99.40 -17.12
N ASP FA 116 -23.05 -99.83 -17.62
CA ASP FA 116 -22.85 -99.90 -19.07
C ASP FA 116 -23.76 -100.95 -19.70
N ARG FA 117 -23.97 -102.07 -19.01
CA ARG FA 117 -24.86 -103.11 -19.52
C ARG FA 117 -26.32 -102.65 -19.54
N ALA FA 118 -26.76 -101.88 -18.55
CA ALA FA 118 -28.08 -101.29 -18.61
C ALA FA 118 -28.20 -100.30 -19.77
N ILE FA 119 -27.15 -99.50 -20.00
CA ILE FA 119 -27.21 -98.52 -21.08
C ILE FA 119 -27.29 -99.22 -22.43
N PHE FA 120 -26.47 -100.25 -22.65
CA PHE FA 120 -26.28 -100.82 -23.98
C PHE FA 120 -27.10 -102.08 -24.26
N GLU FA 121 -27.70 -102.69 -23.24
CA GLU FA 121 -28.41 -103.95 -23.39
C GLU FA 121 -29.80 -103.94 -22.79
N GLY FA 122 -30.04 -103.15 -21.76
CA GLY FA 122 -31.36 -103.02 -21.17
C GLY FA 122 -31.46 -103.71 -19.82
N TYR FA 123 -32.21 -103.08 -18.92
CA TYR FA 123 -32.53 -103.62 -17.60
C TYR FA 123 -34.06 -103.53 -17.48
N ALA FA 124 -34.74 -104.62 -17.85
CA ALA FA 124 -36.18 -104.56 -18.06
C ALA FA 124 -36.93 -104.18 -16.79
N ALA FA 125 -36.57 -104.78 -15.66
CA ALA FA 125 -37.31 -104.53 -14.42
C ALA FA 125 -37.30 -103.05 -14.06
N ALA FA 126 -36.28 -102.31 -14.48
CA ALA FA 126 -36.22 -100.87 -14.30
C ALA FA 126 -36.85 -100.11 -15.47
N SER FA 127 -37.54 -100.82 -16.38
CA SER FA 127 -38.16 -100.22 -17.55
C SER FA 127 -37.13 -99.55 -18.46
N ILE FA 128 -35.90 -100.05 -18.45
CA ILE FA 128 -34.81 -99.49 -19.24
C ILE FA 128 -34.68 -100.32 -20.51
N GLU FA 129 -35.01 -99.73 -21.65
CA GLU FA 129 -34.79 -100.35 -22.94
C GLU FA 129 -33.45 -99.89 -23.49
N GLY FA 130 -32.59 -100.86 -23.81
CA GLY FA 130 -31.23 -100.55 -24.21
C GLY FA 130 -31.13 -100.05 -25.64
N ILE FA 131 -29.94 -99.56 -25.97
CA ILE FA 131 -29.68 -99.09 -27.33
C ILE FA 131 -29.84 -100.21 -28.34
N ARG FA 132 -29.41 -101.43 -27.99
CA ARG FA 132 -29.52 -102.55 -28.91
C ARG FA 132 -30.97 -102.79 -29.33
N SER FA 133 -31.89 -102.86 -28.36
CA SER FA 133 -33.29 -103.09 -28.69
C SER FA 133 -33.93 -101.86 -29.34
N SER FA 134 -33.64 -100.67 -28.82
CA SER FA 134 -34.27 -99.47 -29.34
C SER FA 134 -33.76 -99.10 -30.74
N SER FA 135 -32.64 -99.68 -31.17
CA SER FA 135 -32.11 -99.36 -32.48
C SER FA 135 -33.05 -99.84 -33.58
N SER FA 136 -33.26 -98.99 -34.59
CA SER FA 136 -34.10 -99.33 -35.73
C SER FA 136 -33.32 -99.85 -36.92
N ASN FA 137 -32.07 -99.41 -37.09
CA ASN FA 137 -31.26 -99.89 -38.19
C ASN FA 137 -30.97 -101.38 -38.00
N PRO FA 138 -30.88 -102.15 -39.09
CA PRO FA 138 -30.69 -103.60 -38.95
C PRO FA 138 -29.38 -103.91 -38.25
N ALA FA 139 -29.40 -104.97 -37.44
CA ALA FA 139 -28.22 -105.41 -36.72
C ALA FA 139 -27.34 -106.26 -37.62
N LEU FA 140 -26.04 -106.23 -37.35
CA LEU FA 140 -25.07 -107.01 -38.10
C LEU FA 140 -24.41 -108.06 -37.21
N ALA FA 141 -23.62 -108.92 -37.84
CA ALA FA 141 -22.91 -110.00 -37.15
C ALA FA 141 -21.42 -109.75 -37.21
N LEU FA 142 -20.75 -109.85 -36.08
CA LEU FA 142 -19.31 -109.65 -36.00
C LEU FA 142 -18.62 -110.91 -36.51
N PRO FA 143 -17.80 -110.84 -37.56
CA PRO FA 143 -17.16 -112.06 -38.05
C PRO FA 143 -16.24 -112.68 -37.02
N ASP FA 144 -16.15 -114.01 -37.07
CA ASP FA 144 -15.27 -114.72 -36.14
C ASP FA 144 -13.82 -114.29 -36.35
N ASP FA 145 -13.40 -114.12 -37.61
CA ASP FA 145 -12.07 -113.63 -37.90
C ASP FA 145 -11.99 -112.14 -37.65
N ALA FA 146 -10.77 -111.66 -37.35
CA ALA FA 146 -10.57 -110.24 -37.07
C ALA FA 146 -10.32 -109.42 -38.32
N ARG FA 147 -10.11 -110.06 -39.47
CA ARG FA 147 -9.72 -109.31 -40.67
C ARG FA 147 -10.90 -108.68 -41.38
N GLU FA 148 -12.11 -109.21 -41.16
CA GLU FA 148 -13.31 -108.75 -41.84
C GLU FA 148 -14.10 -107.73 -41.03
N ILE FA 149 -13.68 -107.43 -39.80
CA ILE FA 149 -14.44 -106.50 -38.97
C ILE FA 149 -14.54 -105.13 -39.61
N PRO FA 150 -13.48 -104.56 -40.19
CA PRO FA 150 -13.61 -103.22 -40.79
C PRO FA 150 -14.67 -103.15 -41.88
N ASP FA 151 -14.84 -104.22 -42.66
CA ASP FA 151 -15.89 -104.22 -43.68
C ASP FA 151 -17.26 -104.08 -43.05
N VAL FA 152 -17.51 -104.80 -41.94
CA VAL FA 152 -18.79 -104.72 -41.28
C VAL FA 152 -19.00 -103.34 -40.67
N ILE FA 153 -17.93 -102.74 -40.14
CA ILE FA 153 -18.05 -101.38 -39.61
C ILE FA 153 -18.38 -100.39 -40.72
N ALA FA 154 -17.76 -100.57 -41.89
CA ALA FA 154 -18.09 -99.71 -43.02
C ALA FA 154 -19.54 -99.90 -43.44
N GLN FA 155 -20.04 -101.13 -43.41
CA GLN FA 155 -21.45 -101.38 -43.70
C GLN FA 155 -22.35 -100.66 -42.70
N ALA FA 156 -22.01 -100.72 -41.41
CA ALA FA 156 -22.82 -100.06 -40.39
C ALA FA 156 -22.81 -98.54 -40.57
N LEU FA 157 -21.64 -97.98 -40.88
CA LEU FA 157 -21.58 -96.56 -41.18
C LEU FA 157 -22.45 -96.24 -42.39
N SER FA 158 -22.42 -97.09 -43.41
CA SER FA 158 -23.28 -96.89 -44.56
C SER FA 158 -24.75 -96.89 -44.15
N GLU FA 159 -25.13 -97.77 -43.22
CA GLU FA 159 -26.53 -97.82 -42.80
C GLU FA 159 -26.95 -96.54 -42.08
N LEU FA 160 -26.21 -96.17 -41.02
CA LEU FA 160 -26.48 -94.91 -40.32
C LEU FA 160 -26.56 -93.76 -41.31
N ARG FA 161 -25.56 -93.70 -42.17
CA ARG FA 161 -25.29 -92.54 -43.01
C ARG FA 161 -26.20 -92.52 -44.23
N LEU FA 162 -26.81 -93.66 -44.54
CA LEU FA 162 -28.00 -93.69 -45.36
C LEU FA 162 -29.18 -93.11 -44.60
N ALA FA 163 -29.39 -93.57 -43.37
CA ALA FA 163 -30.56 -93.17 -42.60
C ALA FA 163 -30.61 -91.66 -42.38
N GLY FA 164 -29.46 -90.99 -42.46
CA GLY FA 164 -29.45 -89.54 -42.46
C GLY FA 164 -28.91 -88.90 -41.21
N VAL FA 165 -28.21 -89.65 -40.37
CA VAL FA 165 -27.65 -89.10 -39.15
C VAL FA 165 -26.26 -88.53 -39.44
N ASP FA 166 -25.92 -87.46 -38.72
CA ASP FA 166 -24.64 -86.78 -38.91
C ASP FA 166 -23.88 -86.67 -37.59
N GLY FA 167 -22.78 -85.91 -37.61
CA GLY FA 167 -21.95 -85.74 -36.44
C GLY FA 167 -20.90 -86.81 -36.34
N PRO FA 168 -19.92 -86.61 -35.47
CA PRO FA 168 -18.82 -87.59 -35.35
C PRO FA 168 -19.37 -88.97 -34.99
N TYR FA 169 -18.78 -89.99 -35.61
CA TYR FA 169 -19.16 -91.37 -35.36
C TYR FA 169 -18.12 -92.05 -34.50
N SER FA 170 -18.57 -93.01 -33.70
CA SER FA 170 -17.72 -93.65 -32.71
C SER FA 170 -18.03 -95.14 -32.65
N VAL FA 171 -17.00 -95.93 -32.39
CA VAL FA 171 -17.09 -97.38 -32.32
C VAL FA 171 -16.75 -97.80 -30.90
N LEU FA 172 -17.67 -98.50 -30.26
CA LEU FA 172 -17.46 -99.08 -28.94
C LEU FA 172 -17.30 -100.58 -29.12
N LEU FA 173 -16.16 -101.12 -28.69
CA LEU FA 173 -15.84 -102.52 -28.89
C LEU FA 173 -15.82 -103.28 -27.57
N SER FA 174 -16.17 -104.55 -27.62
CA SER FA 174 -16.20 -105.39 -26.43
C SER FA 174 -14.78 -105.69 -25.98
N ALA FA 175 -14.64 -106.30 -24.81
CA ALA FA 175 -13.32 -106.71 -24.36
C ALA FA 175 -12.73 -107.76 -25.27
N GLU FA 176 -13.52 -108.78 -25.62
CA GLU FA 176 -13.01 -109.88 -26.44
C GLU FA 176 -12.70 -109.40 -27.84
N THR FA 177 -13.54 -108.52 -28.40
CA THR FA 177 -13.29 -108.00 -29.74
C THR FA 177 -12.10 -107.04 -29.76
N TYR FA 178 -11.98 -106.19 -28.75
CA TYR FA 178 -10.85 -105.26 -28.69
C TYR FA 178 -9.53 -106.00 -28.51
N THR FA 179 -9.51 -107.03 -27.67
CA THR FA 179 -8.32 -107.87 -27.56
C THR FA 179 -7.97 -108.47 -28.90
N LYS FA 180 -8.98 -108.94 -29.64
CA LYS FA 180 -8.72 -109.56 -30.94
C LYS FA 180 -8.11 -108.55 -31.92
N VAL FA 181 -8.75 -107.40 -32.07
CA VAL FA 181 -8.26 -106.42 -33.04
C VAL FA 181 -6.91 -105.86 -32.62
N SER FA 182 -6.62 -105.85 -31.32
CA SER FA 182 -5.34 -105.35 -30.85
C SER FA 182 -4.23 -106.35 -31.11
N GLU FA 183 -4.42 -107.60 -30.68
CA GLU FA 183 -3.38 -108.62 -30.88
C GLU FA 183 -3.16 -108.88 -32.37
N THR FA 184 -4.25 -108.98 -33.14
CA THR FA 184 -4.12 -109.22 -34.57
C THR FA 184 -3.50 -108.01 -35.26
N THR FA 185 -2.70 -108.30 -36.29
CA THR FA 185 -1.95 -107.26 -37.00
C THR FA 185 -2.01 -107.53 -38.50
N ALA FA 186 -1.79 -106.48 -39.28
CA ALA FA 186 -1.77 -106.59 -40.74
C ALA FA 186 -0.90 -105.47 -41.30
N HIS FA 187 0.03 -105.84 -42.18
CA HIS FA 187 0.92 -104.88 -42.83
C HIS FA 187 1.66 -104.01 -41.82
N GLY FA 188 1.92 -104.59 -40.64
CA GLY FA 188 2.63 -103.86 -39.61
C GLY FA 188 1.79 -102.88 -38.82
N TYR FA 189 0.46 -102.95 -38.90
CA TYR FA 189 -0.41 -102.17 -38.05
C TYR FA 189 -1.52 -103.05 -37.49
N PRO FA 190 -1.98 -102.80 -36.25
CA PRO FA 190 -3.11 -103.56 -35.72
C PRO FA 190 -4.40 -103.33 -36.48
N ILE FA 191 -5.23 -104.36 -36.43
CA ILE FA 191 -6.57 -104.26 -37.00
C ILE FA 191 -7.35 -103.17 -36.32
N ARG FA 192 -7.02 -102.85 -35.06
CA ARG FA 192 -7.67 -101.72 -34.38
C ARG FA 192 -7.34 -100.40 -35.06
N GLU FA 193 -6.07 -100.18 -35.44
CA GLU FA 193 -5.74 -98.99 -36.20
C GLU FA 193 -6.44 -99.00 -37.55
N HIS FA 194 -6.49 -100.18 -38.20
CA HIS FA 194 -7.27 -100.30 -39.41
C HIS FA 194 -8.69 -99.77 -39.22
N ILE FA 195 -9.33 -100.18 -38.12
CA ILE FA 195 -10.69 -99.70 -37.83
C ILE FA 195 -10.69 -98.19 -37.61
N ASN FA 196 -9.76 -97.70 -36.78
CA ASN FA 196 -9.72 -96.28 -36.45
C ASN FA 196 -9.63 -95.42 -37.70
N ARG FA 197 -8.94 -95.90 -38.73
CA ARG FA 197 -8.75 -95.10 -39.94
C ARG FA 197 -10.06 -94.62 -40.54
N LEU FA 198 -11.16 -95.35 -40.34
CA LEU FA 198 -12.42 -95.04 -41.01
C LEU FA 198 -13.19 -93.92 -40.32
N VAL FA 199 -13.35 -94.00 -39.00
CA VAL FA 199 -14.24 -93.09 -38.29
C VAL FA 199 -13.55 -91.76 -38.06
N ASP FA 200 -14.36 -90.75 -37.73
CA ASP FA 200 -13.88 -89.42 -37.39
C ASP FA 200 -13.74 -89.23 -35.88
N GLY FA 201 -14.43 -90.03 -35.08
CA GLY FA 201 -14.40 -89.89 -33.63
C GLY FA 201 -13.31 -90.69 -32.97
N GLU FA 202 -13.70 -91.58 -32.06
CA GLU FA 202 -12.74 -92.34 -31.25
C GLU FA 202 -13.14 -93.81 -31.21
N ILE FA 203 -12.19 -94.65 -30.84
CA ILE FA 203 -12.42 -96.06 -30.55
C ILE FA 203 -12.47 -96.21 -29.04
N ILE FA 204 -13.50 -96.89 -28.53
CA ILE FA 204 -13.77 -96.94 -27.09
C ILE FA 204 -13.84 -98.39 -26.62
N TRP FA 205 -13.28 -98.63 -25.44
CA TRP FA 205 -13.40 -99.90 -24.72
C TRP FA 205 -14.79 -100.02 -24.12
N ALA FA 206 -15.46 -101.15 -24.36
CA ALA FA 206 -16.73 -101.42 -23.71
C ALA FA 206 -16.75 -102.85 -23.18
N PRO FA 207 -16.06 -103.13 -22.06
CA PRO FA 207 -15.97 -104.52 -21.61
C PRO FA 207 -17.30 -105.09 -21.19
N ALA FA 208 -18.15 -104.25 -20.60
CA ALA FA 208 -19.45 -104.70 -20.11
C ALA FA 208 -20.35 -105.18 -21.24
N ILE FA 209 -20.30 -104.51 -22.39
CA ILE FA 209 -21.19 -104.86 -23.49
C ILE FA 209 -20.65 -106.09 -24.19
N ASP FA 210 -21.47 -106.71 -25.02
CA ASP FA 210 -21.10 -107.88 -25.79
C ASP FA 210 -21.34 -107.58 -27.26
N GLY FA 211 -20.27 -107.62 -28.06
CA GLY FA 211 -20.37 -107.33 -29.47
C GLY FA 211 -19.65 -106.07 -29.87
N ALA FA 212 -20.34 -105.19 -30.59
CA ALA FA 212 -19.77 -103.90 -30.99
C ALA FA 212 -20.91 -102.96 -31.31
N PHE FA 213 -20.61 -101.66 -31.29
CA PHE FA 213 -21.64 -100.65 -31.55
C PHE FA 213 -21.02 -99.49 -32.32
N VAL FA 214 -21.69 -99.05 -33.38
CA VAL FA 214 -21.27 -97.86 -34.12
C VAL FA 214 -22.39 -96.82 -33.98
N LEU FA 215 -22.07 -95.66 -33.41
CA LEU FA 215 -23.13 -94.70 -33.12
C LEU FA 215 -22.65 -93.28 -33.35
N SER FA 216 -23.61 -92.38 -33.53
CA SER FA 216 -23.33 -90.96 -33.71
C SER FA 216 -23.24 -90.25 -32.36
N THR FA 217 -22.47 -89.16 -32.33
CA THR FA 217 -22.29 -88.36 -31.12
C THR FA 217 -22.63 -86.90 -31.37
N ARG FA 218 -23.52 -86.63 -32.32
CA ARG FA 218 -23.98 -85.27 -32.54
C ARG FA 218 -24.62 -84.69 -31.29
N GLY FA 219 -25.42 -85.50 -30.58
CA GLY FA 219 -26.08 -85.07 -29.38
C GLY FA 219 -27.58 -85.11 -29.49
N GLY FA 220 -28.26 -85.26 -28.36
CA GLY FA 220 -29.71 -85.26 -28.32
C GLY FA 220 -30.37 -86.60 -28.62
N ASP FA 221 -29.60 -87.69 -28.68
CA ASP FA 221 -30.14 -89.01 -28.97
C ASP FA 221 -30.11 -89.95 -27.78
N PHE FA 222 -29.18 -89.78 -26.85
CA PHE FA 222 -29.09 -90.65 -25.67
C PHE FA 222 -28.97 -89.76 -24.44
N ASP FA 223 -29.66 -90.13 -23.36
CA ASP FA 223 -29.67 -89.34 -22.14
C ASP FA 223 -29.51 -90.29 -20.94
N LEU FA 224 -28.43 -90.10 -20.18
CA LEU FA 224 -28.23 -90.81 -18.92
C LEU FA 224 -28.62 -89.87 -17.78
N GLN FA 225 -29.77 -90.12 -17.17
CA GLN FA 225 -30.27 -89.30 -16.09
C GLN FA 225 -29.77 -89.82 -14.76
N LEU FA 226 -29.15 -88.95 -13.97
CA LEU FA 226 -28.63 -89.30 -12.66
C LEU FA 226 -29.35 -88.50 -11.60
N GLY FA 227 -29.81 -89.17 -10.55
CA GLY FA 227 -30.33 -88.47 -9.39
C GLY FA 227 -29.20 -88.10 -8.46
N THR FA 228 -28.35 -89.07 -8.15
CA THR FA 228 -27.14 -88.86 -7.39
C THR FA 228 -26.01 -89.64 -8.05
N ASP FA 229 -24.84 -89.04 -8.13
CA ASP FA 229 -23.70 -89.66 -8.78
C ASP FA 229 -23.15 -90.76 -7.85
N VAL FA 230 -22.04 -91.38 -8.27
CA VAL FA 230 -21.45 -92.47 -7.51
C VAL FA 230 -21.03 -91.95 -6.14
N SER FA 231 -21.39 -92.69 -5.09
CA SER FA 231 -21.05 -92.32 -3.72
C SER FA 231 -20.66 -93.57 -2.95
N ILE FA 232 -19.87 -93.38 -1.88
CA ILE FA 232 -19.42 -94.47 -1.03
C ILE FA 232 -19.97 -94.24 0.37
N GLY FA 233 -20.55 -95.29 0.94
CA GLY FA 233 -21.17 -95.21 2.25
C GLY FA 233 -20.73 -96.28 3.23
N TYR FA 234 -21.33 -96.27 4.42
CA TYR FA 234 -20.96 -97.16 5.52
C TYR FA 234 -22.20 -97.84 6.06
N LEU FA 235 -22.13 -99.16 6.27
CA LEU FA 235 -23.25 -99.89 6.86
C LEU FA 235 -22.97 -100.29 8.31
N SER FA 236 -21.87 -100.99 8.56
CA SER FA 236 -21.54 -101.47 9.89
C SER FA 236 -20.05 -101.74 9.94
N HIS FA 237 -19.57 -102.16 11.10
CA HIS FA 237 -18.14 -102.41 11.28
C HIS FA 237 -17.94 -103.43 12.39
N ASP FA 238 -16.72 -103.94 12.47
CA ASP FA 238 -16.35 -104.99 13.40
C ASP FA 238 -14.94 -104.71 13.88
N ALA FA 239 -14.44 -105.54 14.80
CA ALA FA 239 -13.08 -105.38 15.30
C ALA FA 239 -12.03 -105.57 14.23
N GLU FA 240 -12.38 -106.13 13.07
CA GLU FA 240 -11.42 -106.44 12.02
C GLU FA 240 -11.75 -105.78 10.69
N VAL FA 241 -13.03 -105.57 10.38
CA VAL FA 241 -13.45 -105.15 9.05
C VAL FA 241 -14.47 -104.03 9.15
N VAL FA 242 -14.68 -103.35 8.03
CA VAL FA 242 -15.75 -102.36 7.87
C VAL FA 242 -16.48 -102.68 6.59
N HIS FA 243 -17.81 -102.61 6.62
CA HIS FA 243 -18.63 -102.87 5.45
C HIS FA 243 -19.10 -101.56 4.83
N LEU FA 244 -18.79 -101.37 3.56
CA LEU FA 244 -19.12 -100.16 2.81
C LEU FA 244 -19.89 -100.54 1.56
N TYR FA 245 -20.40 -99.55 0.86
CA TYR FA 245 -21.12 -99.79 -0.39
C TYR FA 245 -20.87 -98.64 -1.34
N MET FA 246 -20.95 -98.93 -2.63
CA MET FA 246 -20.94 -97.91 -3.67
C MET FA 246 -22.33 -97.84 -4.29
N GLU FA 247 -22.86 -96.63 -4.37
CA GLU FA 247 -24.26 -96.39 -4.68
C GLU FA 247 -24.39 -95.37 -5.80
N GLU FA 248 -25.36 -95.59 -6.69
CA GLU FA 248 -25.73 -94.58 -7.68
C GLU FA 248 -27.16 -94.78 -8.14
N THR FA 249 -27.87 -93.68 -8.33
CA THR FA 249 -29.27 -93.71 -8.76
C THR FA 249 -29.37 -93.14 -10.18
N MET FA 250 -29.89 -93.94 -11.11
CA MET FA 250 -29.79 -93.60 -12.51
C MET FA 250 -30.97 -94.16 -13.30
N THR FA 251 -31.08 -93.68 -14.54
CA THR FA 251 -31.89 -94.30 -15.58
C THR FA 251 -31.33 -93.85 -16.92
N PHE FA 252 -31.74 -94.55 -17.98
CA PHE FA 252 -31.25 -94.28 -19.32
C PHE FA 252 -32.41 -94.18 -20.30
N LEU FA 253 -32.31 -93.24 -21.23
CA LEU FA 253 -33.32 -93.03 -22.26
C LEU FA 253 -32.67 -92.90 -23.62
N CYS FA 254 -33.26 -93.55 -24.63
CA CYS FA 254 -32.87 -93.39 -26.02
C CYS FA 254 -34.02 -92.74 -26.77
N TYR FA 255 -33.72 -91.67 -27.50
CA TYR FA 255 -34.73 -90.91 -28.22
C TYR FA 255 -34.70 -91.15 -29.72
N THR FA 256 -33.51 -91.29 -30.30
CA THR FA 256 -33.34 -91.50 -31.73
C THR FA 256 -32.91 -92.95 -31.95
N ALA FA 257 -33.78 -93.72 -32.62
CA ALA FA 257 -33.50 -95.13 -32.86
C ALA FA 257 -32.57 -95.35 -34.05
N GLU FA 258 -32.35 -94.32 -34.87
CA GLU FA 258 -31.58 -94.47 -36.10
C GLU FA 258 -30.15 -93.96 -35.97
N ALA FA 259 -29.70 -93.61 -34.77
CA ALA FA 259 -28.37 -93.05 -34.57
C ALA FA 259 -27.34 -94.09 -34.13
N SER FA 260 -27.70 -95.37 -34.17
CA SER FA 260 -26.80 -96.42 -33.71
C SER FA 260 -27.00 -97.68 -34.56
N VAL FA 261 -25.96 -98.51 -34.59
CA VAL FA 261 -25.98 -99.80 -35.26
C VAL FA 261 -25.30 -100.79 -34.33
N ALA FA 262 -25.90 -101.96 -34.15
CA ALA FA 262 -25.40 -102.96 -33.23
C ALA FA 262 -24.85 -104.15 -34.00
N LEU FA 263 -23.75 -104.71 -33.51
CA LEU FA 263 -23.12 -105.88 -34.10
C LEU FA 263 -23.03 -106.95 -33.02
N THR FA 264 -23.62 -108.11 -33.28
CA THR FA 264 -23.71 -109.18 -32.30
C THR FA 264 -22.60 -110.21 -32.52
N PRO FA 265 -22.09 -110.81 -31.44
CA PRO FA 265 -20.99 -111.78 -31.58
C PRO FA 265 -21.36 -112.95 -32.48
N ASN GA 2 -49.98 58.25 48.20
CA ASN GA 2 -50.52 59.39 47.50
C ASN GA 2 -51.43 60.21 48.42
N ASN GA 3 -52.10 61.23 47.86
CA ASN GA 3 -52.91 62.13 48.65
C ASN GA 3 -54.18 61.48 49.18
N LEU GA 4 -54.53 60.29 48.70
CA LEU GA 4 -55.72 59.61 49.22
C LEU GA 4 -55.53 59.19 50.67
N TYR GA 5 -54.31 58.81 51.04
CA TYR GA 5 -54.00 58.36 52.39
C TYR GA 5 -54.85 57.15 52.78
N ARG GA 6 -54.96 56.18 51.87
CA ARG GA 6 -55.69 54.96 52.15
C ARG GA 6 -54.94 54.04 53.10
N ASP GA 7 -53.60 54.06 53.06
CA ASP GA 7 -52.83 53.19 53.94
C ASP GA 7 -53.08 53.48 55.41
N LEU GA 8 -53.59 54.67 55.73
CA LEU GA 8 -53.87 55.05 57.11
C LEU GA 8 -55.28 54.67 57.57
N ALA GA 9 -56.12 54.17 56.66
CA ALA GA 9 -57.50 53.87 57.03
C ALA GA 9 -57.60 52.47 57.64
N PRO GA 10 -58.46 52.27 58.63
CA PRO GA 10 -58.65 50.93 59.22
C PRO GA 10 -59.58 50.05 58.39
N ILE GA 11 -59.16 49.76 57.17
CA ILE GA 11 -59.97 48.98 56.22
C ILE GA 11 -59.06 47.95 55.55
N THR GA 12 -59.59 46.74 55.39
CA THR GA 12 -58.83 45.65 54.79
C THR GA 12 -58.92 45.70 53.26
N GLU GA 13 -58.08 44.89 52.62
CA GLU GA 13 -58.04 44.86 51.16
C GLU GA 13 -59.37 44.38 50.60
N SER GA 14 -59.96 43.35 51.22
CA SER GA 14 -61.23 42.83 50.73
C SER GA 14 -62.34 43.87 50.82
N ALA GA 15 -62.43 44.59 51.94
CA ALA GA 15 -63.46 45.61 52.07
C ALA GA 15 -63.21 46.76 51.11
N TRP GA 16 -61.94 47.12 50.89
CA TRP GA 16 -61.62 48.13 49.89
C TRP GA 16 -62.11 47.70 48.51
N ALA GA 17 -61.86 46.43 48.16
CA ALA GA 17 -62.31 45.93 46.86
C ALA GA 17 -63.83 45.97 46.76
N GLU GA 18 -64.53 45.55 47.82
CA GLU GA 18 -65.99 45.58 47.79
C GLU GA 18 -66.51 47.00 47.60
N ILE GA 19 -65.95 47.96 48.32
CA ILE GA 19 -66.40 49.35 48.21
C ILE GA 19 -66.14 49.88 46.81
N GLU GA 20 -64.94 49.62 46.27
CA GLU GA 20 -64.63 50.09 44.93
C GLU GA 20 -65.57 49.49 43.91
N LEU GA 21 -65.83 48.19 43.99
CA LEU GA 21 -66.73 47.54 43.05
C LEU GA 21 -68.13 48.12 43.13
N GLU GA 22 -68.63 48.31 44.35
CA GLU GA 22 -69.99 48.82 44.51
C GLU GA 22 -70.10 50.25 43.98
N ALA GA 23 -69.11 51.10 44.23
CA ALA GA 23 -69.16 52.46 43.71
C ALA GA 23 -69.06 52.49 42.20
N THR GA 24 -68.15 51.69 41.63
CA THR GA 24 -68.00 51.67 40.18
C THR GA 24 -69.28 51.22 39.50
N ARG GA 25 -69.90 50.15 40.01
CA ARG GA 25 -71.13 49.66 39.39
C ARG GA 25 -72.21 50.74 39.37
N THR GA 26 -72.44 51.38 40.52
CA THR GA 26 -73.51 52.37 40.62
C THR GA 26 -73.22 53.58 39.75
N PHE GA 27 -71.98 54.06 39.74
CA PHE GA 27 -71.64 55.21 38.91
C PHE GA 27 -71.82 54.89 37.43
N LYS GA 28 -71.34 53.73 36.99
CA LYS GA 28 -71.49 53.34 35.60
C LYS GA 28 -72.96 53.14 35.23
N ARG GA 29 -73.78 52.77 36.21
CA ARG GA 29 -75.22 52.70 35.98
C ARG GA 29 -75.81 54.09 35.77
N HIS GA 30 -75.49 55.03 36.65
CA HIS GA 30 -76.18 56.31 36.70
C HIS GA 30 -75.57 57.36 35.79
N ILE GA 31 -74.46 57.07 35.11
CA ILE GA 31 -73.77 58.04 34.26
C ILE GA 31 -74.22 57.85 32.83
N ALA GA 32 -74.41 58.95 32.11
CA ALA GA 32 -74.89 58.94 30.74
C ALA GA 32 -74.04 59.73 29.76
N GLY GA 33 -73.49 60.89 30.16
CA GLY GA 33 -72.75 61.71 29.22
C GLY GA 33 -71.53 61.03 28.65
N ARG GA 34 -70.87 60.20 29.47
CA ARG GA 34 -69.67 59.49 29.04
C ARG GA 34 -69.93 58.56 27.87
N ARG GA 35 -71.19 58.19 27.62
CA ARG GA 35 -71.55 57.31 26.52
C ARG GA 35 -71.78 58.05 25.22
N VAL GA 36 -71.86 59.38 25.25
CA VAL GA 36 -72.16 60.15 24.04
C VAL GA 36 -71.18 61.31 23.86
N VAL GA 37 -70.18 61.42 24.74
CA VAL GA 37 -69.19 62.49 24.64
C VAL GA 37 -67.80 61.88 24.62
N ASP GA 38 -66.93 62.46 23.80
CA ASP GA 38 -65.53 62.05 23.78
C ASP GA 38 -64.90 62.38 25.14
N VAL GA 39 -64.03 61.49 25.61
CA VAL GA 39 -63.39 61.62 26.91
C VAL GA 39 -61.90 61.70 26.69
N SER GA 40 -61.29 62.79 27.18
CA SER GA 40 -59.84 62.94 27.17
C SER GA 40 -59.31 62.33 28.47
N GLY GA 41 -58.62 61.19 28.35
CA GLY GA 41 -58.19 60.43 29.50
C GLY GA 41 -57.45 61.28 30.51
N PRO GA 42 -57.31 60.77 31.73
CA PRO GA 42 -56.64 61.54 32.78
C PRO GA 42 -55.25 61.97 32.34
N ASN GA 43 -54.96 63.26 32.52
CA ASN GA 43 -53.67 63.84 32.18
C ASN GA 43 -52.77 64.02 33.40
N GLY GA 44 -53.23 63.63 34.58
CA GLY GA 44 -52.42 63.67 35.78
C GLY GA 44 -52.85 64.75 36.74
N PRO GA 45 -52.44 64.63 38.00
CA PRO GA 45 -52.81 65.66 39.00
C PRO GA 45 -52.22 67.03 38.69
N THR GA 46 -51.15 67.10 37.90
CA THR GA 46 -50.55 68.37 37.54
C THR GA 46 -51.39 69.19 36.58
N THR GA 47 -52.39 68.58 35.94
CA THR GA 47 -53.21 69.29 34.98
C THR GA 47 -54.22 70.18 35.69
N ALA GA 48 -54.30 71.44 35.27
CA ALA GA 48 -55.16 72.42 35.92
C ALA GA 48 -56.08 73.16 34.95
N SER GA 49 -55.77 73.20 33.66
CA SER GA 49 -56.57 73.97 32.72
C SER GA 49 -56.42 73.37 31.33
N VAL GA 50 -57.35 73.76 30.45
CA VAL GA 50 -57.36 73.31 29.06
C VAL GA 50 -57.30 74.54 28.17
N SER GA 51 -56.28 74.60 27.31
CA SER GA 51 -56.12 75.73 26.40
C SER GA 51 -57.24 75.71 25.36
N THR GA 52 -57.71 76.90 24.97
CA THR GA 52 -58.69 77.01 23.90
C THR GA 52 -58.08 77.49 22.59
N GLY GA 53 -56.85 77.99 22.62
CA GLY GA 53 -56.22 78.50 21.42
C GLY GA 53 -56.64 79.90 21.04
N HIS GA 54 -57.50 80.53 21.82
CA HIS GA 54 -57.96 81.89 21.57
C HIS GA 54 -57.09 82.89 22.32
N LEU GA 55 -57.22 84.16 21.94
CA LEU GA 55 -56.47 85.25 22.53
C LEU GA 55 -57.42 86.31 23.06
N LEU GA 56 -56.99 87.00 24.12
CA LEU GA 56 -57.77 88.06 24.74
C LEU GA 56 -56.94 89.33 24.79
N ASP GA 57 -57.58 90.45 24.48
CA ASP GA 57 -56.89 91.74 24.47
C ASP GA 57 -56.55 92.18 25.88
N VAL GA 58 -55.42 92.86 26.02
CA VAL GA 58 -54.92 93.29 27.32
C VAL GA 58 -54.06 94.53 27.14
N SER GA 59 -54.02 95.35 28.18
CA SER GA 59 -53.27 96.60 28.12
C SER GA 59 -51.78 96.31 27.92
N PRO GA 60 -51.10 97.04 27.03
CA PRO GA 60 -49.70 96.71 26.75
C PRO GA 60 -48.80 97.14 27.89
N PRO GA 61 -47.64 96.50 28.07
CA PRO GA 61 -46.65 97.03 29.02
C PRO GA 61 -46.17 98.43 28.68
N GLY GA 62 -46.05 98.75 27.40
CA GLY GA 62 -45.50 100.03 27.01
C GLY GA 62 -45.77 100.33 25.55
N ASP GA 63 -45.11 101.37 25.07
CA ASP GA 63 -45.33 101.85 23.71
C ASP GA 63 -44.75 100.88 22.69
N GLY GA 64 -45.43 100.75 21.55
CA GLY GA 64 -44.95 99.92 20.48
C GLY GA 64 -45.06 98.44 20.74
N VAL GA 65 -45.85 98.02 21.72
CA VAL GA 65 -45.99 96.63 22.10
C VAL GA 65 -47.46 96.25 22.06
N ILE GA 66 -47.75 95.10 21.44
CA ILE GA 66 -49.10 94.55 21.37
C ILE GA 66 -49.13 93.32 22.26
N ALA GA 67 -50.09 93.28 23.18
CA ALA GA 67 -50.17 92.24 24.20
C ALA GA 67 -51.49 91.50 24.08
N HIS GA 68 -51.44 90.17 24.22
CA HIS GA 68 -52.62 89.33 24.22
C HIS GA 68 -52.45 88.23 25.25
N LEU GA 69 -53.57 87.83 25.86
CA LEU GA 69 -53.55 86.76 26.86
C LEU GA 69 -54.13 85.48 26.27
N ARG GA 70 -53.46 84.37 26.54
CA ARG GA 70 -53.95 83.07 26.11
C ARG GA 70 -55.13 82.65 26.98
N ASP GA 71 -56.11 81.98 26.35
CA ASP GA 71 -57.36 81.65 27.00
C ASP GA 71 -57.40 80.18 27.37
N ALA GA 72 -57.78 79.91 28.62
CA ALA GA 72 -57.83 78.55 29.13
C ALA GA 72 -59.08 78.39 29.99
N LYS GA 73 -59.55 77.14 30.05
CA LYS GA 73 -60.70 76.75 30.85
C LYS GA 73 -60.20 76.02 32.08
N PRO GA 74 -60.49 76.50 33.29
CA PRO GA 74 -60.02 75.81 34.49
C PRO GA 74 -60.79 74.52 34.76
N LEU GA 75 -60.14 73.63 35.49
CA LEU GA 75 -60.74 72.37 35.92
C LEU GA 75 -61.29 72.52 37.33
N VAL GA 76 -62.40 71.83 37.60
CA VAL GA 76 -63.07 71.91 38.88
C VAL GA 76 -63.04 70.53 39.53
N ARG GA 77 -62.77 70.51 40.84
CA ARG GA 77 -62.70 69.27 41.61
C ARG GA 77 -64.00 69.11 42.40
N LEU GA 78 -64.64 67.97 42.23
CA LEU GA 78 -65.88 67.64 42.93
C LEU GA 78 -65.56 66.54 43.94
N ARG GA 79 -65.92 66.79 45.19
CA ARG GA 79 -65.69 65.87 46.30
C ARG GA 79 -67.00 65.64 47.05
N VAL GA 80 -67.38 64.38 47.19
CA VAL GA 80 -68.60 64.01 47.90
C VAL GA 80 -68.23 63.13 49.09
N PRO GA 81 -68.44 63.58 50.33
CA PRO GA 81 -68.07 62.76 51.49
C PRO GA 81 -69.19 61.81 51.90
N PHE GA 82 -68.77 60.72 52.55
CA PHE GA 82 -69.70 59.74 53.09
C PHE GA 82 -69.02 59.03 54.25
N THR GA 83 -69.84 58.29 55.00
CA THR GA 83 -69.40 57.63 56.22
C THR GA 83 -69.72 56.14 56.16
N VAL GA 84 -68.80 55.32 56.68
CA VAL GA 84 -68.96 53.87 56.66
C VAL GA 84 -68.74 53.32 58.07
N ALA GA 85 -69.35 52.17 58.34
CA ALA GA 85 -69.32 51.57 59.66
C ALA GA 85 -68.22 50.51 59.76
N ARG GA 86 -67.41 50.64 60.81
CA ARG GA 86 -66.32 49.70 61.06
C ARG GA 86 -66.80 48.28 61.30
N ARG GA 87 -68.02 48.10 61.82
CA ARG GA 87 -68.57 46.76 61.96
C ARG GA 87 -68.81 46.09 60.62
N ASP GA 88 -69.43 46.80 59.68
CA ASP GA 88 -69.59 46.28 58.33
C ASP GA 88 -68.24 46.05 57.67
N ILE GA 89 -67.27 46.92 57.92
CA ILE GA 89 -65.93 46.70 57.38
C ILE GA 89 -65.33 45.41 57.94
N ASP GA 90 -65.44 45.20 59.25
CA ASP GA 90 -64.78 44.05 59.87
C ASP GA 90 -65.46 42.74 59.48
N ASP GA 91 -66.78 42.76 59.28
CA ASP GA 91 -67.49 41.53 58.97
C ASP GA 91 -67.00 40.88 57.69
N VAL GA 92 -66.39 41.65 56.78
CA VAL GA 92 -66.01 41.11 55.48
C VAL GA 92 -64.98 39.99 55.65
N GLU GA 93 -63.96 40.22 56.49
CA GLU GA 93 -62.93 39.22 56.67
C GLU GA 93 -63.45 37.96 57.33
N ARG GA 94 -64.66 38.02 57.91
CA ARG GA 94 -65.34 36.85 58.46
C ARG GA 94 -66.17 36.13 57.41
N GLY GA 95 -65.93 36.37 56.14
CA GLY GA 95 -66.72 35.76 55.09
C GLY GA 95 -68.15 36.26 55.02
N SER GA 96 -68.38 37.51 55.43
CA SER GA 96 -69.70 38.12 55.31
C SER GA 96 -69.81 38.80 53.95
N GLN GA 97 -70.94 38.60 53.29
CA GLN GA 97 -71.20 39.19 51.98
C GLN GA 97 -72.61 39.76 51.88
N ASP GA 98 -73.14 40.35 52.96
CA ASP GA 98 -74.34 41.16 52.92
C ASP GA 98 -74.11 42.53 53.55
N SER GA 99 -72.86 43.02 53.56
CA SER GA 99 -72.53 44.27 54.23
C SER GA 99 -73.23 45.45 53.56
N ASP GA 100 -73.51 46.47 54.35
CA ASP GA 100 -74.24 47.64 53.89
C ASP GA 100 -73.26 48.64 53.27
N TRP GA 101 -73.51 49.00 51.99
CA TRP GA 101 -72.71 49.98 51.27
C TRP GA 101 -73.61 51.06 50.68
N ASP GA 102 -74.77 51.27 51.31
CA ASP GA 102 -75.72 52.27 50.83
C ASP GA 102 -75.14 53.68 50.80
N PRO GA 103 -74.40 54.14 51.80
CA PRO GA 103 -73.75 55.45 51.67
C PRO GA 103 -72.82 55.53 50.47
N VAL GA 104 -72.09 54.46 50.18
CA VAL GA 104 -71.24 54.43 49.00
C VAL GA 104 -72.09 54.61 47.74
N LYS GA 105 -73.18 53.88 47.64
CA LYS GA 105 -74.03 53.98 46.46
C LYS GA 105 -74.62 55.38 46.32
N ASP GA 106 -75.05 55.96 47.44
CA ASP GA 106 -75.63 57.30 47.41
C ASP GA 106 -74.60 58.34 46.96
N ALA GA 107 -73.37 58.25 47.47
CA ALA GA 107 -72.34 59.18 47.07
C ALA GA 107 -72.01 59.03 45.59
N ALA GA 108 -71.93 57.80 45.10
CA ALA GA 108 -71.70 57.59 43.67
C ALA GA 108 -72.81 58.19 42.84
N LYS GA 109 -74.06 57.99 43.26
CA LYS GA 109 -75.19 58.59 42.55
C LYS GA 109 -75.07 60.10 42.53
N LYS GA 110 -74.73 60.70 43.66
CA LYS GA 110 -74.61 62.16 43.75
C LYS GA 110 -73.54 62.67 42.80
N LEU GA 111 -72.38 62.01 42.79
CA LEU GA 111 -71.30 62.45 41.91
C LEU GA 111 -71.69 62.32 40.44
N ALA GA 112 -72.32 61.20 40.07
CA ALA GA 112 -72.75 61.02 38.69
C ALA GA 112 -73.76 62.11 38.31
N PHE GA 113 -74.68 62.43 39.22
CA PHE GA 113 -75.70 63.42 38.91
C PHE GA 113 -75.08 64.79 38.72
N VAL GA 114 -74.13 65.18 39.58
CA VAL GA 114 -73.51 66.49 39.40
C VAL GA 114 -72.73 66.54 38.10
N GLU GA 115 -72.01 65.46 37.77
CA GLU GA 115 -71.25 65.45 36.52
C GLU GA 115 -72.18 65.59 35.30
N ASP GA 116 -73.25 64.80 35.27
CA ASP GA 116 -74.15 64.83 34.13
C ASP GA 116 -74.88 66.17 34.04
N ARG GA 117 -75.25 66.75 35.19
CA ARG GA 117 -75.91 68.04 35.18
C ARG GA 117 -74.98 69.16 34.74
N ALA GA 118 -73.70 69.11 35.10
CA ALA GA 118 -72.74 70.06 34.57
C ALA GA 118 -72.57 69.90 33.06
N ILE GA 119 -72.55 68.65 32.58
CA ILE GA 119 -72.39 68.42 31.15
C ILE GA 119 -73.58 68.97 30.37
N PHE GA 120 -74.79 68.68 30.85
CA PHE GA 120 -76.00 68.93 30.05
C PHE GA 120 -76.73 70.23 30.39
N GLU GA 121 -76.39 70.89 31.49
CA GLU GA 121 -77.10 72.07 31.93
C GLU GA 121 -76.20 73.25 32.26
N GLY GA 122 -74.97 73.00 32.68
CA GLY GA 122 -74.01 74.06 32.93
C GLY GA 122 -73.76 74.27 34.41
N TYR GA 123 -72.50 74.57 34.73
CA TYR GA 123 -72.06 74.91 36.09
C TYR GA 123 -71.29 76.23 35.94
N ALA GA 124 -72.00 77.34 36.13
CA ALA GA 124 -71.46 78.63 35.72
C ALA GA 124 -70.20 78.99 36.50
N ALA GA 125 -70.20 78.77 37.81
CA ALA GA 125 -69.05 79.17 38.61
C ALA GA 125 -67.76 78.50 38.14
N ALA GA 126 -67.88 77.33 37.52
CA ALA GA 126 -66.74 76.65 36.91
C ALA GA 126 -66.54 77.05 35.45
N SER GA 127 -67.26 78.07 34.98
CA SER GA 127 -67.18 78.53 33.60
C SER GA 127 -67.59 77.45 32.62
N ILE GA 128 -68.47 76.54 33.05
CA ILE GA 128 -68.93 75.43 32.23
C ILE GA 128 -70.27 75.83 31.62
N GLU GA 129 -70.30 76.02 30.31
CA GLU GA 129 -71.55 76.25 29.58
C GLU GA 129 -72.06 74.93 29.05
N GLY GA 130 -73.30 74.59 29.41
CA GLY GA 130 -73.85 73.29 29.09
C GLY GA 130 -74.28 73.18 27.64
N ILE GA 131 -74.59 71.95 27.25
CA ILE GA 131 -75.09 71.68 25.90
C ILE GA 131 -76.38 72.42 25.62
N ARG GA 132 -77.27 72.51 26.62
CA ARG GA 132 -78.54 73.20 26.43
C ARG GA 132 -78.33 74.66 26.02
N SER GA 133 -77.48 75.38 26.74
CA SER GA 133 -77.23 76.77 26.41
C SER GA 133 -76.42 76.92 25.13
N SER GA 134 -75.38 76.10 24.98
CA SER GA 134 -74.50 76.22 23.81
C SER GA 134 -75.19 75.80 22.52
N SER GA 135 -76.31 75.09 22.61
CA SER GA 135 -76.99 74.64 21.40
C SER GA 135 -77.54 75.83 20.62
N SER GA 136 -77.36 75.79 19.30
CA SER GA 136 -77.86 76.83 18.42
C SER GA 136 -79.21 76.49 17.80
N ASN GA 137 -79.50 75.22 17.59
CA ASN GA 137 -80.78 74.83 17.02
C ASN GA 137 -81.89 75.17 18.00
N PRO GA 138 -83.08 75.55 17.51
CA PRO GA 138 -84.14 75.96 18.42
C PRO GA 138 -84.57 74.83 19.35
N ALA GA 139 -84.90 75.19 20.58
CA ALA GA 139 -85.33 74.22 21.57
C ALA GA 139 -86.81 73.90 21.39
N LEU GA 140 -87.19 72.68 21.77
CA LEU GA 140 -88.57 72.23 21.67
C LEU GA 140 -89.14 71.97 23.06
N ALA GA 141 -90.45 71.70 23.09
CA ALA GA 141 -91.17 71.43 24.33
C ALA GA 141 -91.65 69.99 24.33
N LEU GA 142 -91.39 69.28 25.43
CA LEU GA 142 -91.80 67.90 25.57
C LEU GA 142 -93.29 67.87 25.90
N PRO GA 143 -94.14 67.24 25.09
CA PRO GA 143 -95.57 67.24 25.41
C PRO GA 143 -95.87 66.54 26.72
N ASP GA 144 -96.91 67.02 27.40
CA ASP GA 144 -97.31 66.41 28.66
C ASP GA 144 -97.71 64.95 28.44
N ASP GA 145 -98.43 64.66 27.36
CA ASP GA 145 -98.79 63.29 27.02
C ASP GA 145 -97.58 62.56 26.45
N ALA GA 146 -97.58 61.24 26.60
CA ALA GA 146 -96.47 60.43 26.11
C ALA GA 146 -96.63 60.00 24.66
N ARG GA 147 -97.80 60.23 24.05
CA ARG GA 147 -98.06 59.72 22.72
C ARG GA 147 -97.47 60.62 21.63
N GLU GA 148 -97.24 61.89 21.94
CA GLU GA 148 -96.76 62.87 20.97
C GLU GA 148 -95.24 63.05 21.00
N ILE GA 149 -94.55 62.39 21.93
CA ILE GA 149 -93.10 62.58 22.04
C ILE GA 149 -92.39 62.17 20.76
N PRO GA 150 -92.72 61.05 20.11
CA PRO GA 150 -92.00 60.69 18.87
C PRO GA 150 -92.08 61.75 17.79
N ASP GA 151 -93.21 62.45 17.68
CA ASP GA 151 -93.31 63.53 16.70
C ASP GA 151 -92.31 64.63 16.98
N VAL GA 152 -92.16 65.01 18.25
CA VAL GA 152 -91.20 66.04 18.60
C VAL GA 152 -89.77 65.57 18.35
N ILE GA 153 -89.50 64.29 18.61
CA ILE GA 153 -88.16 63.75 18.33
C ILE GA 153 -87.89 63.77 16.83
N ALA GA 154 -88.90 63.45 16.01
CA ALA GA 154 -88.73 63.53 14.57
C ALA GA 154 -88.47 64.97 14.13
N GLN GA 155 -89.16 65.93 14.75
CA GLN GA 155 -88.90 67.33 14.45
C GLN GA 155 -87.46 67.72 14.79
N ALA GA 156 -86.97 67.27 15.95
CA ALA GA 156 -85.61 67.59 16.35
C ALA GA 156 -84.59 66.97 15.40
N LEU GA 157 -84.83 65.72 14.99
CA LEU GA 157 -83.97 65.11 13.99
C LEU GA 157 -84.01 65.92 12.70
N SER GA 158 -85.19 66.37 12.29
CA SER GA 158 -85.29 67.21 11.11
C SER GA 158 -84.46 68.48 11.27
N GLU GA 159 -84.46 69.07 12.47
CA GLU GA 159 -83.68 70.30 12.67
C GLU GA 159 -82.18 70.05 12.54
N LEU GA 160 -81.65 69.09 13.32
CA LEU GA 160 -80.24 68.72 13.21
C LEU GA 160 -79.88 68.43 11.76
N ARG GA 161 -80.72 67.62 11.13
CA ARG GA 161 -80.42 67.00 9.85
C ARG GA 161 -80.68 67.96 8.70
N LEU GA 162 -81.43 69.03 8.96
CA LEU GA 162 -81.38 70.22 8.14
C LEU GA 162 -80.06 70.94 8.31
N ALA GA 163 -79.65 71.16 9.57
CA ALA GA 163 -78.46 71.95 9.84
C ALA GA 163 -77.21 71.33 9.23
N GLY GA 164 -77.25 70.03 8.95
CA GLY GA 164 -76.18 69.41 8.19
C GLY GA 164 -75.27 68.49 8.96
N VAL GA 165 -75.67 68.08 10.15
CA VAL GA 165 -74.85 67.18 10.96
C VAL GA 165 -75.16 65.73 10.59
N ASP GA 166 -74.14 64.89 10.67
CA ASP GA 166 -74.27 63.48 10.31
C ASP GA 166 -73.81 62.58 11.45
N GLY GA 167 -73.72 61.28 11.18
CA GLY GA 167 -73.32 60.31 12.17
C GLY GA 167 -74.50 59.79 12.96
N PRO GA 168 -74.30 58.71 13.71
CA PRO GA 168 -75.41 58.13 14.47
C PRO GA 168 -76.01 59.15 15.43
N TYR GA 169 -77.34 59.12 15.53
CA TYR GA 169 -78.07 60.01 16.41
C TYR GA 169 -78.55 59.25 17.65
N SER GA 170 -78.63 59.96 18.76
CA SER GA 170 -78.94 59.33 20.04
C SER GA 170 -79.87 60.24 20.84
N VAL GA 171 -80.75 59.61 21.61
CA VAL GA 171 -81.75 60.29 22.43
C VAL GA 171 -81.44 59.98 23.88
N LEU GA 172 -81.23 61.01 24.68
CA LEU GA 172 -81.05 60.90 26.12
C LEU GA 172 -82.32 61.41 26.78
N LEU GA 173 -82.96 60.56 27.57
CA LEU GA 173 -84.23 60.89 28.19
C LEU GA 173 -84.10 61.00 29.70
N SER GA 174 -84.91 61.86 30.28
CA SER GA 174 -84.89 62.10 31.72
C SER GA 174 -85.47 60.88 32.44
N ALA GA 175 -85.35 60.86 33.76
CA ALA GA 175 -85.97 59.79 34.53
C ALA GA 175 -87.48 59.82 34.40
N GLU GA 176 -88.08 61.00 34.55
CA GLU GA 176 -89.54 61.11 34.51
C GLU GA 176 -90.06 60.80 33.13
N THR GA 177 -89.36 61.25 32.08
CA THR GA 177 -89.79 60.98 30.72
C THR GA 177 -89.59 59.53 30.34
N TYR GA 178 -88.48 58.93 30.74
CA TYR GA 178 -88.23 57.52 30.45
C TYR GA 178 -89.24 56.62 31.16
N THR GA 179 -89.56 56.92 32.43
CA THR GA 179 -90.62 56.19 33.11
C THR GA 179 -91.92 56.30 32.35
N LYS GA 180 -92.24 57.50 31.84
CA LYS GA 180 -93.48 57.69 31.12
C LYS GA 180 -93.52 56.84 29.85
N VAL GA 181 -92.48 56.96 29.02
CA VAL GA 181 -92.49 56.23 27.75
C VAL GA 181 -92.41 54.73 27.98
N SER GA 182 -91.83 54.30 29.11
CA SER GA 182 -91.76 52.88 29.40
C SER GA 182 -93.10 52.32 29.86
N GLU GA 183 -93.71 52.96 30.85
CA GLU GA 183 -95.00 52.49 31.35
C GLU GA 183 -96.08 52.59 30.28
N THR GA 184 -96.10 53.70 29.54
CA THR GA 184 -97.09 53.88 28.50
C THR GA 184 -96.84 52.90 27.35
N THR GA 185 -97.92 52.43 26.73
CA THR GA 185 -97.85 51.42 25.69
C THR GA 185 -98.82 51.78 24.57
N ALA GA 186 -98.55 51.23 23.39
CA ALA GA 186 -99.41 51.45 22.23
C ALA GA 186 -99.25 50.27 21.28
N HIS GA 187 -100.38 49.70 20.85
CA HIS GA 187 -100.40 48.58 19.91
C HIS GA 187 -99.53 47.42 20.40
N GLY GA 188 -99.43 47.28 21.72
CA GLY GA 188 -98.65 46.21 22.29
C GLY GA 188 -97.15 46.45 22.32
N TYR GA 189 -96.70 47.67 22.12
CA TYR GA 189 -95.30 48.03 22.30
C TYR GA 189 -95.18 49.32 23.11
N PRO GA 190 -94.15 49.47 23.94
CA PRO GA 190 -93.96 50.73 24.66
C PRO GA 190 -93.65 51.90 23.74
N ILE GA 191 -94.03 53.08 24.21
CA ILE GA 191 -93.70 54.31 23.51
C ILE GA 191 -92.20 54.47 23.40
N ARG GA 192 -91.44 53.88 24.33
CA ARG GA 192 -89.98 53.90 24.21
C ARG GA 192 -89.51 53.13 22.98
N GLU GA 193 -90.08 51.96 22.72
CA GLU GA 193 -89.74 51.25 21.49
C GLU GA 193 -90.18 52.06 20.27
N HIS GA 194 -91.37 52.67 20.35
CA HIS GA 194 -91.78 53.59 19.29
C HIS GA 194 -90.69 54.62 19.00
N ILE GA 195 -90.13 55.23 20.05
CA ILE GA 195 -89.06 56.20 19.87
C ILE GA 195 -87.84 55.55 19.25
N ASN GA 196 -87.42 54.40 19.79
CA ASN GA 196 -86.21 53.73 19.33
C ASN GA 196 -86.28 53.45 17.83
N ARG GA 197 -87.47 53.16 17.32
CA ARG GA 197 -87.61 52.81 15.91
C ARG GA 197 -87.02 53.87 14.97
N LEU GA 198 -86.99 55.13 15.39
CA LEU GA 198 -86.59 56.22 14.51
C LEU GA 198 -85.08 56.35 14.38
N VAL GA 199 -84.37 56.37 15.51
CA VAL GA 199 -82.95 56.69 15.51
C VAL GA 199 -82.13 55.48 15.09
N ASP GA 200 -80.87 55.75 14.72
CA ASP GA 200 -79.91 54.72 14.37
C ASP GA 200 -79.03 54.32 15.54
N GLY GA 201 -78.91 55.17 16.56
CA GLY GA 201 -78.05 54.89 17.69
C GLY GA 201 -78.75 54.16 18.82
N GLU GA 202 -78.77 54.77 20.00
CA GLU GA 202 -79.29 54.14 21.20
C GLU GA 202 -80.18 55.10 21.97
N ILE GA 203 -81.00 54.54 22.85
CA ILE GA 203 -81.79 55.30 23.81
C ILE GA 203 -81.08 55.22 25.15
N ILE GA 204 -80.87 56.37 25.80
CA ILE GA 204 -80.04 56.45 27.00
C ILE GA 204 -80.83 57.06 28.15
N TRP GA 205 -80.61 56.50 29.35
CA TRP GA 205 -81.11 57.06 30.61
C TRP GA 205 -80.29 58.29 30.99
N ALA GA 206 -80.97 59.38 31.31
CA ALA GA 206 -80.30 60.56 31.83
C ALA GA 206 -81.06 61.11 33.03
N PRO GA 207 -80.96 60.47 34.20
CA PRO GA 207 -81.79 60.91 35.34
C PRO GA 207 -81.42 62.29 35.81
N ALA GA 208 -80.13 62.63 35.76
CA ALA GA 208 -79.66 63.92 36.24
C ALA GA 208 -80.24 65.07 35.43
N ILE GA 209 -80.38 64.90 34.12
CA ILE GA 209 -80.84 65.98 33.26
C ILE GA 209 -82.35 66.10 33.40
N ASP GA 210 -82.90 67.20 32.92
CA ASP GA 210 -84.33 67.46 32.96
C ASP GA 210 -84.80 67.73 31.53
N GLY GA 211 -85.69 66.88 31.02
CA GLY GA 211 -86.19 67.04 29.67
C GLY GA 211 -85.77 65.92 28.76
N ALA GA 212 -85.22 66.26 27.60
CA ALA GA 212 -84.73 65.25 26.66
C ALA GA 212 -83.72 65.93 25.74
N PHE GA 213 -82.87 65.12 25.10
CA PHE GA 213 -81.84 65.65 24.22
C PHE GA 213 -81.65 64.70 23.04
N VAL GA 214 -81.61 65.26 21.84
CA VAL GA 214 -81.30 64.48 20.64
C VAL GA 214 -80.00 65.03 20.05
N LEU GA 215 -78.97 64.19 19.96
CA LEU GA 215 -77.66 64.69 19.55
C LEU GA 215 -76.94 63.69 18.66
N SER GA 216 -75.97 64.21 17.92
CA SER GA 216 -75.14 63.38 17.05
C SER GA 216 -73.94 62.83 17.82
N THR GA 217 -73.44 61.69 17.37
CA THR GA 217 -72.29 61.02 17.98
C THR GA 217 -71.20 60.75 16.95
N ARG GA 218 -71.13 61.57 15.89
CA ARG GA 218 -70.06 61.43 14.92
C ARG GA 218 -68.69 61.61 15.58
N GLY GA 219 -68.59 62.58 16.50
CA GLY GA 219 -67.35 62.83 17.20
C GLY GA 219 -66.80 64.21 16.93
N GLY GA 220 -66.03 64.75 17.88
CA GLY GA 220 -65.41 66.05 17.72
C GLY GA 220 -66.27 67.23 18.10
N ASP GA 221 -67.44 67.01 18.72
CA ASP GA 221 -68.33 68.09 19.11
C ASP GA 221 -68.42 68.30 20.61
N PHE GA 222 -68.18 67.28 21.43
CA PHE GA 222 -68.23 67.41 22.88
C PHE GA 222 -66.97 66.77 23.45
N ASP GA 223 -66.39 67.41 24.46
CA ASP GA 223 -65.15 66.93 25.07
C ASP GA 223 -65.27 67.04 26.60
N LEU GA 224 -65.18 65.89 27.27
CA LEU GA 224 -65.12 65.84 28.73
C LEU GA 224 -63.67 65.65 29.13
N GLN GA 225 -63.04 66.72 29.63
CA GLN GA 225 -61.64 66.68 30.03
C GLN GA 225 -61.54 66.28 31.49
N LEU GA 226 -60.74 65.26 31.77
CA LEU GA 226 -60.52 64.76 33.13
C LEU GA 226 -59.06 64.94 33.48
N GLY GA 227 -58.81 65.50 34.67
CA GLY GA 227 -57.46 65.54 35.21
C GLY GA 227 -57.16 64.24 35.92
N THR GA 228 -58.07 63.85 36.82
CA THR GA 228 -58.02 62.56 37.50
C THR GA 228 -59.42 61.96 37.51
N ASP GA 229 -59.50 60.67 37.26
CA ASP GA 229 -60.79 59.98 37.21
C ASP GA 229 -61.34 59.84 38.63
N VAL GA 230 -62.48 59.15 38.75
CA VAL GA 230 -63.12 58.99 40.04
C VAL GA 230 -62.19 58.21 40.97
N SER GA 231 -62.03 58.71 42.19
CA SER GA 231 -61.17 58.07 43.19
C SER GA 231 -61.84 58.15 44.55
N ILE GA 232 -61.47 57.23 45.44
CA ILE GA 232 -62.00 57.17 46.79
C ILE GA 232 -60.87 57.39 47.77
N GLY GA 233 -61.09 58.28 48.74
CA GLY GA 233 -60.08 58.64 49.70
C GLY GA 233 -60.53 58.57 51.15
N TYR GA 234 -59.64 58.95 52.07
CA TYR GA 234 -59.87 58.84 53.50
C TYR GA 234 -59.56 60.17 54.16
N LEU GA 235 -60.45 60.64 55.05
CA LEU GA 235 -60.21 61.88 55.79
C LEU GA 235 -59.85 61.61 57.25
N SER GA 236 -60.69 60.89 57.97
CA SER GA 236 -60.48 60.62 59.38
C SER GA 236 -61.28 59.38 59.76
N HIS GA 237 -61.17 58.97 61.02
CA HIS GA 237 -61.85 57.77 61.48
C HIS GA 237 -62.10 57.88 62.98
N ASP GA 238 -62.95 56.99 63.48
CA ASP GA 238 -63.38 56.98 64.86
C ASP GA 238 -63.51 55.52 65.30
N ALA GA 239 -63.84 55.31 66.57
CA ALA GA 239 -64.02 53.96 67.08
C ALA GA 239 -65.18 53.23 66.41
N GLU GA 240 -66.05 53.92 65.70
CA GLU GA 240 -67.24 53.33 65.10
C GLU GA 240 -67.33 53.51 63.60
N VAL GA 241 -66.81 54.62 63.06
CA VAL GA 241 -67.02 54.97 61.67
C VAL GA 241 -65.71 55.43 61.03
N VAL GA 242 -65.72 55.48 59.70
CA VAL GA 242 -64.63 56.03 58.92
C VAL GA 242 -65.24 56.99 57.91
N HIS GA 243 -64.61 58.15 57.73
CA HIS GA 243 -65.09 59.16 56.78
C HIS GA 243 -64.25 59.11 55.51
N LEU GA 244 -64.91 58.90 54.37
CA LEU GA 244 -64.29 58.79 53.07
C LEU GA 244 -64.91 59.81 52.13
N TYR GA 245 -64.33 59.94 50.95
CA TYR GA 245 -64.87 60.85 49.93
C TYR GA 245 -64.63 60.26 48.56
N MET GA 246 -65.50 60.62 47.62
CA MET GA 246 -65.31 60.31 46.21
C MET GA 246 -65.01 61.61 45.48
N GLU GA 247 -63.93 61.59 44.69
CA GLU GA 247 -63.33 62.80 44.13
C GLU GA 247 -63.12 62.63 42.63
N GLU GA 248 -63.35 63.71 41.88
CA GLU GA 248 -62.98 63.73 40.47
C GLU GA 248 -62.78 65.17 40.01
N THR GA 249 -61.76 65.37 39.17
CA THR GA 249 -61.43 66.69 38.64
C THR GA 249 -61.72 66.73 37.15
N MET GA 250 -62.58 67.64 36.72
CA MET GA 250 -63.12 67.59 35.37
C MET GA 250 -63.46 68.99 34.86
N THR GA 251 -63.72 69.04 33.56
CA THR GA 251 -64.39 70.17 32.91
C THR GA 251 -65.00 69.65 31.62
N PHE GA 252 -65.91 70.44 31.05
CA PHE GA 252 -66.64 70.06 29.84
C PHE GA 252 -66.58 71.18 28.83
N LEU GA 253 -66.43 70.82 27.55
CA LEU GA 253 -66.40 71.78 26.46
C LEU GA 253 -67.30 71.31 25.33
N CYS GA 254 -68.07 72.23 24.76
CA CYS GA 254 -68.85 71.99 23.56
C CYS GA 254 -68.29 72.86 22.44
N TYR GA 255 -68.02 72.24 21.30
CA TYR GA 255 -67.41 72.91 20.16
C TYR GA 255 -68.40 73.18 19.03
N THR GA 256 -69.31 72.24 18.77
CA THR GA 256 -70.29 72.36 17.71
C THR GA 256 -71.66 72.61 18.35
N ALA GA 257 -72.22 73.79 18.09
CA ALA GA 257 -73.51 74.16 18.68
C ALA GA 257 -74.69 73.58 17.91
N GLU GA 258 -74.45 73.05 16.71
CA GLU GA 258 -75.54 72.58 15.85
C GLU GA 258 -75.70 71.06 15.88
N ALA GA 259 -74.99 70.36 16.75
CA ALA GA 259 -75.03 68.90 16.80
C ALA GA 259 -75.99 68.36 17.85
N SER GA 260 -76.81 69.22 18.44
CA SER GA 260 -77.71 68.79 19.50
C SER GA 260 -79.00 69.61 19.43
N VAL GA 261 -80.07 69.02 19.97
CA VAL GA 261 -81.37 69.67 20.11
C VAL GA 261 -81.89 69.34 21.50
N ALA GA 262 -82.40 70.36 22.19
CA ALA GA 262 -82.86 70.22 23.56
C ALA GA 262 -84.37 70.32 23.61
N LEU GA 263 -84.99 69.50 24.46
CA LEU GA 263 -86.43 69.50 24.67
C LEU GA 263 -86.68 69.72 26.16
N THR GA 264 -87.43 70.78 26.47
CA THR GA 264 -87.65 71.18 27.85
C THR GA 264 -88.99 70.65 28.36
N PRO GA 265 -89.08 70.28 29.65
CA PRO GA 265 -90.32 69.74 30.19
C PRO GA 265 -91.52 70.67 30.01
N ASN HA 2 -80.99 -8.79 39.73
CA ASN HA 2 -82.11 -9.17 38.87
C ASN HA 2 -83.37 -9.38 39.71
N ASN HA 3 -84.44 -9.87 39.06
CA ASN HA 3 -85.73 -10.01 39.72
C ASN HA 3 -85.74 -11.14 40.74
N LEU HA 4 -84.71 -12.00 40.76
CA LEU HA 4 -84.66 -13.07 41.75
C LEU HA 4 -84.47 -12.52 43.16
N TYR HA 5 -83.71 -11.43 43.29
CA TYR HA 5 -83.45 -10.81 44.58
C TYR HA 5 -82.75 -11.79 45.53
N ARG HA 6 -81.76 -12.52 45.01
CA ARG HA 6 -81.00 -13.44 45.83
C ARG HA 6 -80.05 -12.73 46.78
N ASP HA 7 -79.53 -11.55 46.39
CA ASP HA 7 -78.61 -10.82 47.26
C ASP HA 7 -79.25 -10.43 48.58
N LEU HA 8 -80.58 -10.41 48.65
CA LEU HA 8 -81.29 -10.05 49.87
C LEU HA 8 -81.58 -11.24 50.77
N ALA HA 9 -81.29 -12.45 50.32
CA ALA HA 9 -81.62 -13.63 51.11
C ALA HA 9 -80.51 -13.94 52.11
N PRO HA 10 -80.85 -14.41 53.32
CA PRO HA 10 -79.82 -14.78 54.31
C PRO HA 10 -79.25 -16.17 54.07
N ILE HA 11 -78.59 -16.33 52.92
CA ILE HA 11 -78.03 -17.61 52.50
C ILE HA 11 -76.63 -17.38 51.96
N THR HA 12 -75.71 -18.27 52.31
CA THR HA 12 -74.33 -18.17 51.89
C THR HA 12 -74.12 -18.77 50.51
N GLU HA 13 -72.95 -18.49 49.94
CA GLU HA 13 -72.64 -18.99 48.60
C GLU HA 13 -72.61 -20.53 48.58
N SER HA 14 -72.05 -21.14 49.62
CA SER HA 14 -71.97 -22.59 49.66
C SER HA 14 -73.36 -23.22 49.72
N ALA HA 15 -74.24 -22.68 50.56
CA ALA HA 15 -75.60 -23.21 50.64
C ALA HA 15 -76.35 -22.98 49.34
N TRP HA 16 -76.15 -21.83 48.71
CA TRP HA 16 -76.75 -21.59 47.40
C TRP HA 16 -76.29 -22.64 46.40
N ALA HA 17 -75.00 -22.95 46.38
CA ALA HA 17 -74.48 -23.97 45.47
C ALA HA 17 -75.08 -25.33 45.76
N GLU HA 18 -75.19 -25.69 47.04
CA GLU HA 18 -75.77 -26.98 47.39
C GLU HA 18 -77.21 -27.07 46.92
N ILE HA 19 -78.00 -26.02 47.15
CA ILE HA 19 -79.40 -26.03 46.75
C ILE HA 19 -79.53 -26.13 45.23
N GLU HA 20 -78.73 -25.35 44.51
CA GLU HA 20 -78.78 -25.39 43.05
C GLU HA 20 -78.43 -26.78 42.54
N LEU HA 21 -77.36 -27.39 43.09
CA LEU HA 21 -76.95 -28.71 42.66
C LEU HA 21 -78.04 -29.74 42.92
N GLU HA 22 -78.62 -29.70 44.12
CA GLU HA 22 -79.67 -30.67 44.47
C GLU HA 22 -80.88 -30.52 43.58
N ALA HA 23 -81.31 -29.29 43.29
CA ALA HA 23 -82.46 -29.11 42.42
C ALA HA 23 -82.17 -29.54 41.00
N THR HA 24 -80.99 -29.19 40.48
CA THR HA 24 -80.64 -29.57 39.12
C THR HA 24 -80.61 -31.08 38.96
N ARG HA 25 -80.00 -31.78 39.92
CA ARG HA 25 -79.91 -33.25 39.83
C ARG HA 25 -81.30 -33.87 39.78
N THR HA 26 -82.19 -33.45 40.69
CA THR HA 26 -83.51 -34.06 40.76
C THR HA 26 -84.34 -33.75 39.52
N PHE HA 27 -84.27 -32.49 39.04
CA PHE HA 27 -85.03 -32.14 37.84
C PHE HA 27 -84.53 -32.93 36.63
N LYS HA 28 -83.22 -33.02 36.46
CA LYS HA 28 -82.67 -33.77 35.34
C LYS HA 28 -83.00 -35.25 35.45
N ARG HA 29 -83.17 -35.75 36.68
CA ARG HA 29 -83.63 -37.12 36.86
C ARG HA 29 -85.07 -37.28 36.40
N HIS HA 30 -85.96 -36.40 36.85
CA HIS HA 30 -87.39 -36.59 36.67
C HIS HA 30 -87.93 -36.05 35.36
N ILE HA 31 -87.10 -35.40 34.55
CA ILE HA 31 -87.55 -34.79 33.30
C ILE HA 31 -87.30 -35.77 32.16
N ALA HA 32 -88.23 -35.83 31.21
CA ALA HA 32 -88.15 -36.76 30.08
C ALA HA 32 -88.35 -36.11 28.73
N GLY HA 33 -89.25 -35.13 28.60
CA GLY HA 33 -89.53 -34.56 27.29
C GLY HA 33 -88.33 -33.90 26.67
N ARG HA 34 -87.47 -33.28 27.48
CA ARG HA 34 -86.29 -32.60 26.99
C ARG HA 34 -85.34 -33.53 26.26
N ARG HA 35 -85.45 -34.84 26.49
CA ARG HA 35 -84.59 -35.83 25.84
C ARG HA 35 -85.12 -36.26 24.48
N VAL HA 36 -86.35 -35.92 24.12
CA VAL HA 36 -86.94 -36.37 22.87
C VAL HA 36 -87.57 -35.21 22.10
N VAL HA 37 -87.43 -33.98 22.60
CA VAL HA 37 -87.99 -32.81 21.93
C VAL HA 37 -86.89 -31.78 21.72
N ASP HA 38 -86.91 -31.13 20.56
CA ASP HA 38 -86.00 -30.02 20.31
C ASP HA 38 -86.30 -28.88 21.27
N VAL HA 39 -85.24 -28.24 21.75
CA VAL HA 39 -85.36 -27.17 22.74
C VAL HA 39 -84.81 -25.89 22.12
N SER HA 40 -85.63 -24.85 22.07
CA SER HA 40 -85.19 -23.54 21.64
C SER HA 40 -84.68 -22.79 22.87
N GLY HA 41 -83.37 -22.58 22.92
CA GLY HA 41 -82.73 -22.02 24.09
C GLY HA 41 -83.39 -20.75 24.58
N PRO HA 42 -83.09 -20.34 25.81
CA PRO HA 42 -83.72 -19.13 26.36
C PRO HA 42 -83.48 -17.94 25.46
N ASN HA 43 -84.57 -17.22 25.15
CA ASN HA 43 -84.51 -16.03 24.33
C ASN HA 43 -84.55 -14.74 25.15
N GLY HA 44 -84.59 -14.85 26.48
CA GLY HA 44 -84.54 -13.69 27.34
C GLY HA 44 -85.87 -13.40 28.01
N PRO HA 45 -85.83 -12.62 29.10
CA PRO HA 45 -87.07 -12.27 29.79
C PRO HA 45 -88.02 -11.43 28.95
N THR HA 46 -87.52 -10.76 27.91
CA THR HA 46 -88.37 -9.95 27.04
C THR HA 46 -89.26 -10.79 26.13
N THR HA 47 -88.98 -12.08 26.00
CA THR HA 47 -89.76 -12.94 25.12
C THR HA 47 -91.09 -13.29 25.77
N ALA HA 48 -92.18 -13.12 25.02
CA ALA HA 48 -93.52 -13.35 25.54
C ALA HA 48 -94.38 -14.27 24.68
N SER HA 49 -94.05 -14.44 23.40
CA SER HA 49 -94.89 -15.25 22.52
C SER HA 49 -94.04 -15.79 21.39
N VAL HA 50 -94.57 -16.80 20.71
CA VAL HA 50 -93.92 -17.45 19.58
C VAL HA 50 -94.84 -17.33 18.37
N SER HA 51 -94.34 -16.72 17.30
CA SER HA 51 -95.13 -16.56 16.09
C SER HA 51 -95.36 -17.91 15.43
N THR HA 52 -96.54 -18.10 14.84
CA THR HA 52 -96.82 -19.31 14.08
C THR HA 52 -96.78 -19.10 12.57
N GLY HA 53 -96.75 -17.85 12.13
CA GLY HA 53 -96.74 -17.56 10.70
C GLY HA 53 -98.10 -17.64 10.04
N HIS HA 54 -99.15 -17.92 10.81
CA HIS HA 54 -100.51 -17.98 10.28
C HIS HA 54 -101.21 -16.64 10.43
N LEU HA 55 -102.33 -16.51 9.74
CA LEU HA 55 -103.13 -15.29 9.74
C LEU HA 55 -104.56 -15.61 10.16
N LEU HA 56 -105.20 -14.64 10.82
CA LEU HA 56 -106.57 -14.78 11.27
C LEU HA 56 -107.41 -13.63 10.70
N ASP HA 57 -108.62 -13.96 10.26
CA ASP HA 57 -109.49 -12.96 9.66
C ASP HA 57 -110.02 -12.01 10.74
N VAL HA 58 -110.22 -10.76 10.37
CA VAL HA 58 -110.65 -9.71 11.29
C VAL HA 58 -111.40 -8.64 10.53
N SER HA 59 -112.32 -7.97 11.22
CA SER HA 59 -113.13 -6.95 10.59
C SER HA 59 -112.25 -5.81 10.10
N PRO HA 60 -112.47 -5.29 8.89
CA PRO HA 60 -111.58 -4.26 8.37
C PRO HA 60 -111.83 -2.93 9.04
N PRO HA 61 -110.83 -2.05 9.08
CA PRO HA 61 -111.10 -0.67 9.54
C PRO HA 61 -112.10 0.07 8.68
N GLY HA 62 -112.11 -0.18 7.37
CA GLY HA 62 -112.97 0.56 6.49
C GLY HA 62 -113.08 -0.11 5.13
N ASP HA 63 -113.67 0.63 4.19
CA ASP HA 63 -113.93 0.10 2.87
C ASP HA 63 -112.65 -0.05 2.07
N GLY HA 64 -112.59 -1.10 1.25
CA GLY HA 64 -111.45 -1.32 0.39
C GLY HA 64 -110.21 -1.79 1.10
N VAL HA 65 -110.33 -2.27 2.34
CA VAL HA 65 -109.20 -2.68 3.14
C VAL HA 65 -109.42 -4.11 3.61
N ILE HA 66 -108.38 -4.93 3.47
CA ILE HA 66 -108.41 -6.32 3.93
C ILE HA 66 -107.47 -6.42 5.12
N ALA HA 67 -107.99 -6.95 6.23
CA ALA HA 67 -107.26 -6.98 7.50
C ALA HA 67 -107.10 -8.41 7.96
N HIS HA 68 -105.90 -8.74 8.48
CA HIS HA 68 -105.61 -10.03 9.04
C HIS HA 68 -104.74 -9.86 10.27
N LEU HA 69 -104.92 -10.74 11.26
CA LEU HA 69 -104.14 -10.71 12.48
C LEU HA 69 -103.11 -11.83 12.49
N ARG HA 70 -101.89 -11.48 12.89
CA ARG HA 70 -100.83 -12.47 13.03
C ARG HA 70 -101.08 -13.34 14.25
N ASP HA 71 -100.76 -14.62 14.14
CA ASP HA 71 -101.07 -15.61 15.17
C ASP HA 71 -99.82 -15.96 15.96
N ALA HA 72 -99.96 -15.93 17.29
CA ALA HA 72 -98.84 -16.22 18.18
C ALA HA 72 -99.34 -17.06 19.34
N LYS HA 73 -98.41 -17.84 19.90
CA LYS HA 73 -98.66 -18.69 21.05
C LYS HA 73 -98.04 -18.04 22.28
N PRO HA 74 -98.80 -17.71 23.32
CA PRO HA 74 -98.21 -17.08 24.49
C PRO HA 74 -97.41 -18.07 25.33
N LEU HA 75 -96.49 -17.51 26.10
CA LEU HA 75 -95.67 -18.27 27.03
C LEU HA 75 -96.28 -18.21 28.42
N VAL HA 76 -96.14 -19.30 29.17
CA VAL HA 76 -96.72 -19.42 30.51
C VAL HA 76 -95.58 -19.59 31.50
N ARG HA 77 -95.69 -18.89 32.63
CA ARG HA 77 -94.69 -18.93 33.70
C ARG HA 77 -95.21 -19.84 34.81
N LEU HA 78 -94.39 -20.83 35.18
CA LEU HA 78 -94.72 -21.77 36.25
C LEU HA 78 -93.79 -21.48 37.42
N ARG HA 79 -94.38 -21.27 38.59
CA ARG HA 79 -93.66 -20.96 39.82
C ARG HA 79 -94.11 -21.91 40.92
N VAL HA 80 -93.15 -22.59 41.53
CA VAL HA 80 -93.43 -23.53 42.61
C VAL HA 80 -92.70 -23.04 43.87
N PRO HA 81 -93.42 -22.65 44.92
CA PRO HA 81 -92.76 -22.17 46.13
C PRO HA 81 -92.42 -23.30 47.10
N PHE HA 82 -91.39 -23.05 47.90
CA PHE HA 82 -90.98 -23.96 48.94
C PHE HA 82 -90.27 -23.18 50.05
N THR HA 83 -90.07 -23.86 51.18
CA THR HA 83 -89.53 -23.24 52.38
C THR HA 83 -88.30 -24.01 52.85
N VAL HA 84 -87.29 -23.27 53.34
CA VAL HA 84 -86.05 -23.86 53.80
C VAL HA 84 -85.73 -23.34 55.19
N ALA HA 85 -84.97 -24.14 55.94
CA ALA HA 85 -84.66 -23.83 57.33
C ALA HA 85 -83.30 -23.15 57.46
N ARG HA 86 -83.30 -22.02 58.17
CA ARG HA 86 -82.08 -21.27 58.38
C ARG HA 86 -81.02 -22.04 59.17
N ARG HA 87 -81.43 -22.98 60.01
CA ARG HA 87 -80.46 -23.84 60.70
C ARG HA 87 -79.70 -24.74 59.74
N ASP HA 88 -80.42 -25.40 58.83
CA ASP HA 88 -79.76 -26.18 57.79
C ASP HA 88 -78.90 -25.30 56.89
N ILE HA 89 -79.36 -24.08 56.61
CA ILE HA 89 -78.53 -23.17 55.83
C ILE HA 89 -77.24 -22.84 56.57
N ASP HA 90 -77.33 -22.53 57.86
CA ASP HA 90 -76.16 -22.09 58.61
C ASP HA 90 -75.17 -23.23 58.82
N ASP HA 91 -75.67 -24.46 58.99
CA ASP HA 91 -74.78 -25.58 59.27
C ASP HA 91 -73.77 -25.81 58.15
N VAL HA 92 -74.06 -25.36 56.93
CA VAL HA 92 -73.17 -25.65 55.81
C VAL HA 92 -71.80 -25.02 56.02
N GLU HA 93 -71.76 -23.75 56.45
CA GLU HA 93 -70.49 -23.09 56.65
C GLU HA 93 -69.68 -23.72 57.78
N ARG HA 94 -70.31 -24.54 58.61
CA ARG HA 94 -69.62 -25.31 59.63
C ARG HA 94 -69.11 -26.65 59.13
N GLY HA 95 -68.99 -26.81 57.81
CA GLY HA 95 -68.56 -28.07 57.25
C GLY HA 95 -69.56 -29.20 57.42
N SER HA 96 -70.85 -28.87 57.47
CA SER HA 96 -71.89 -29.89 57.52
C SER HA 96 -72.30 -30.25 56.10
N GLN HA 97 -72.43 -31.55 55.86
CA GLN HA 97 -72.84 -32.07 54.55
C GLN HA 97 -73.88 -33.17 54.65
N ASP HA 98 -74.82 -33.06 55.60
CA ASP HA 98 -76.01 -33.89 55.64
C ASP HA 98 -77.27 -33.03 55.74
N SER HA 99 -77.22 -31.78 55.26
CA SER HA 99 -78.35 -30.87 55.42
C SER HA 99 -79.56 -31.35 54.63
N ASP HA 100 -80.74 -30.99 55.13
CA ASP HA 100 -82.00 -31.43 54.54
C ASP HA 100 -82.40 -30.50 53.41
N TRP HA 101 -82.57 -31.05 52.21
CA TRP HA 101 -83.02 -30.30 51.03
C TRP HA 101 -84.24 -30.97 50.40
N ASP HA 102 -84.99 -31.70 51.22
CA ASP HA 102 -86.18 -32.40 50.73
C ASP HA 102 -87.21 -31.46 50.12
N PRO HA 103 -87.53 -30.31 50.70
CA PRO HA 103 -88.43 -29.38 50.00
C PRO HA 103 -87.92 -28.96 48.64
N VAL HA 104 -86.61 -28.75 48.51
CA VAL HA 104 -86.03 -28.44 47.21
C VAL HA 104 -86.30 -29.57 46.22
N LYS HA 105 -86.04 -30.80 46.65
CA LYS HA 105 -86.24 -31.94 45.76
C LYS HA 105 -87.71 -32.07 45.37
N ASP HA 106 -88.62 -31.88 46.33
CA ASP HA 106 -90.05 -31.98 46.05
C ASP HA 106 -90.49 -30.91 45.05
N ALA HA 107 -90.02 -29.67 45.23
CA ALA HA 107 -90.38 -28.61 44.29
C ALA HA 107 -89.85 -28.90 42.90
N ALA HA 108 -88.62 -29.39 42.81
CA ALA HA 108 -88.07 -29.75 41.50
C ALA HA 108 -88.90 -30.84 40.85
N LYS HA 109 -89.29 -31.86 41.62
CA LYS HA 109 -90.13 -32.93 41.08
C LYS HA 109 -91.45 -32.37 40.57
N LYS HA 110 -92.06 -31.46 41.35
CA LYS HA 110 -93.34 -30.89 40.96
C LYS HA 110 -93.22 -30.11 39.65
N LEU HA 111 -92.17 -29.30 39.52
CA LEU HA 111 -91.97 -28.52 38.30
C LEU HA 111 -91.73 -29.44 37.11
N ALA HA 112 -90.90 -30.47 37.27
CA ALA HA 112 -90.67 -31.39 36.18
C ALA HA 112 -91.96 -32.08 35.77
N PHE HA 113 -92.78 -32.47 36.75
CA PHE HA 113 -94.02 -33.17 36.44
C PHE HA 113 -94.98 -32.27 35.66
N VAL HA 114 -95.11 -31.01 36.09
CA VAL HA 114 -96.01 -30.11 35.37
C VAL HA 114 -95.51 -29.87 33.96
N GLU HA 115 -94.20 -29.70 33.79
CA GLU HA 115 -93.65 -29.48 32.45
C GLU HA 115 -93.92 -30.68 31.55
N ASP HA 116 -93.63 -31.89 32.04
CA ASP HA 116 -93.80 -33.07 31.22
C ASP HA 116 -95.27 -33.33 30.92
N ARG HA 117 -96.15 -33.07 31.90
CA ARG HA 117 -97.58 -33.25 31.67
C ARG HA 117 -98.14 -32.24 30.69
N ALA HA 118 -97.65 -31.00 30.70
CA ALA HA 118 -98.04 -30.05 29.66
C ALA HA 118 -97.55 -30.49 28.29
N ILE HA 119 -96.33 -31.02 28.22
CA ILE HA 119 -95.79 -31.47 26.93
C ILE HA 119 -96.61 -32.63 26.38
N PHE HA 120 -96.93 -33.61 27.21
CA PHE HA 120 -97.46 -34.88 26.73
C PHE HA 120 -98.97 -35.00 26.83
N GLU HA 121 -99.64 -34.10 27.56
CA GLU HA 121 -101.07 -34.21 27.79
C GLU HA 121 -101.84 -32.93 27.50
N GLY HA 122 -101.21 -31.78 27.63
CA GLY HA 122 -101.84 -30.51 27.28
C GLY HA 122 -102.20 -29.69 28.50
N TYR HA 123 -102.04 -28.38 28.39
CA TYR HA 123 -102.42 -27.41 29.40
C TYR HA 123 -103.28 -26.37 28.68
N ALA HA 124 -104.59 -26.59 28.70
CA ALA HA 124 -105.48 -25.86 27.79
C ALA HA 124 -105.44 -24.36 28.05
N ALA HA 125 -105.49 -23.95 29.32
CA ALA HA 125 -105.55 -22.52 29.63
C ALA HA 125 -104.36 -21.78 29.07
N ALA HA 126 -103.22 -22.45 28.88
CA ALA HA 126 -102.06 -21.88 28.23
C ALA HA 126 -102.07 -22.11 26.73
N SER HA 127 -103.18 -22.58 26.17
CA SER HA 127 -103.31 -22.87 24.74
C SER HA 127 -102.32 -23.91 24.28
N ILE HA 128 -101.93 -24.82 25.18
CA ILE HA 128 -100.96 -25.87 24.88
C ILE HA 128 -101.73 -27.14 24.57
N GLU HA 129 -101.67 -27.58 23.32
CA GLU HA 129 -102.24 -28.85 22.91
C GLU HA 129 -101.14 -29.91 22.96
N GLY HA 130 -101.39 -30.97 23.72
CA GLY HA 130 -100.38 -31.98 23.96
C GLY HA 130 -100.18 -32.92 22.77
N ILE HA 131 -99.11 -33.71 22.88
CA ILE HA 131 -98.81 -34.70 21.85
C ILE HA 131 -99.94 -35.71 21.72
N ARG HA 132 -100.55 -36.12 22.84
CA ARG HA 132 -101.64 -37.09 22.79
C ARG HA 132 -102.79 -36.60 21.92
N SER HA 133 -103.24 -35.36 22.14
CA SER HA 133 -104.35 -34.83 21.35
C SER HA 133 -103.92 -34.52 19.92
N SER HA 134 -102.74 -33.92 19.75
CA SER HA 134 -102.30 -33.53 18.42
C SER HA 134 -101.96 -34.73 17.55
N SER HA 135 -101.76 -35.90 18.13
CA SER HA 135 -101.40 -37.08 17.34
C SER HA 135 -102.54 -37.46 16.41
N SER HA 136 -102.20 -37.79 15.16
CA SER HA 136 -103.17 -38.22 14.17
C SER HA 136 -103.28 -39.73 14.06
N ASN HA 137 -102.19 -40.45 14.33
CA ASN HA 137 -102.25 -41.91 14.27
C ASN HA 137 -103.17 -42.44 15.37
N PRO HA 138 -103.88 -43.54 15.11
CA PRO HA 138 -104.85 -44.03 16.10
C PRO HA 138 -104.15 -44.41 17.40
N ALA HA 139 -104.85 -44.16 18.50
CA ALA HA 139 -104.33 -44.50 19.83
C ALA HA 139 -104.58 -45.96 20.15
N LEU HA 140 -103.71 -46.53 20.96
CA LEU HA 140 -103.81 -47.93 21.37
C LEU HA 140 -104.07 -48.01 22.87
N ALA HA 141 -104.32 -49.23 23.33
CA ALA HA 141 -104.60 -49.52 24.74
C ALA HA 141 -103.49 -50.39 25.31
N LEU HA 142 -102.97 -49.99 26.46
CA LEU HA 142 -101.90 -50.73 27.10
C LEU HA 142 -102.52 -51.93 27.82
N PRO HA 143 -102.14 -53.17 27.48
CA PRO HA 143 -102.75 -54.32 28.15
C PRO HA 143 -102.48 -54.32 29.64
N ASP HA 144 -103.45 -54.84 30.40
CA ASP HA 144 -103.29 -54.95 31.84
C ASP HA 144 -102.08 -55.83 32.19
N ASP HA 145 -101.91 -56.93 31.47
CA ASP HA 145 -100.76 -57.79 31.67
C ASP HA 145 -99.52 -57.16 31.06
N ALA HA 146 -98.35 -57.51 31.58
CA ALA HA 146 -97.09 -56.96 31.10
C ALA HA 146 -96.51 -57.76 29.94
N ARG HA 147 -97.06 -58.93 29.63
CA ARG HA 147 -96.45 -59.79 28.62
C ARG HA 147 -96.83 -59.39 27.20
N GLU HA 148 -97.94 -58.68 27.03
CA GLU HA 148 -98.45 -58.30 25.72
C GLU HA 148 -98.04 -56.90 25.30
N ILE HA 149 -97.34 -56.16 26.16
CA ILE HA 149 -96.95 -54.79 25.83
C ILE HA 149 -96.08 -54.74 24.59
N PRO HA 150 -95.08 -55.61 24.42
CA PRO HA 150 -94.24 -55.53 23.20
C PRO HA 150 -95.03 -55.66 21.92
N ASP HA 151 -96.09 -56.47 21.90
CA ASP HA 151 -96.91 -56.58 20.70
C ASP HA 151 -97.56 -55.25 20.36
N VAL HA 152 -98.08 -54.54 21.37
CA VAL HA 152 -98.70 -53.25 21.13
C VAL HA 152 -97.67 -52.24 20.66
N ILE HA 153 -96.46 -52.30 21.22
CA ILE HA 153 -95.40 -51.40 20.76
C ILE HA 153 -95.03 -51.68 19.31
N ALA HA 154 -94.98 -52.96 18.94
CA ALA HA 154 -94.72 -53.30 17.54
C ALA HA 154 -95.84 -52.78 16.64
N GLN HA 155 -97.09 -52.87 17.09
CA GLN HA 155 -98.20 -52.31 16.33
C GLN HA 155 -98.05 -50.81 16.15
N ALA HA 156 -97.66 -50.10 17.21
CA ALA HA 156 -97.49 -48.65 17.12
C ALA HA 156 -96.35 -48.29 16.16
N LEU HA 157 -95.25 -49.03 16.23
CA LEU HA 157 -94.18 -48.81 15.27
C LEU HA 157 -94.67 -49.06 13.87
N SER HA 158 -95.48 -50.11 13.67
CA SER HA 158 -96.06 -50.36 12.35
C SER HA 158 -96.91 -49.17 11.90
N GLU HA 159 -97.66 -48.56 12.82
CA GLU HA 159 -98.49 -47.43 12.42
C GLU HA 159 -97.65 -46.22 11.99
N LEU HA 160 -96.74 -45.78 12.85
CA LEU HA 160 -95.82 -44.69 12.49
C LEU HA 160 -95.15 -44.98 11.14
N ARG HA 161 -94.63 -46.19 11.04
CA ARG HA 161 -93.73 -46.59 9.98
C ARG HA 161 -94.48 -46.92 8.70
N LEU HA 162 -95.78 -47.16 8.82
CA LEU HA 162 -96.69 -47.04 7.69
C LEU HA 162 -96.85 -45.58 7.28
N ALA HA 163 -97.11 -44.71 8.26
CA ALA HA 163 -97.41 -43.32 7.96
C ALA HA 163 -96.25 -42.64 7.25
N GLY HA 164 -95.05 -43.16 7.40
CA GLY HA 164 -93.92 -42.69 6.61
C GLY HA 164 -92.88 -41.90 7.35
N VAL HA 165 -92.89 -41.95 8.67
CA VAL HA 165 -91.91 -41.22 9.46
C VAL HA 165 -90.66 -42.08 9.65
N ASP HA 166 -89.51 -41.41 9.71
CA ASP HA 166 -88.22 -42.09 9.84
C ASP HA 166 -87.44 -41.55 11.02
N GLY HA 167 -86.19 -41.98 11.15
CA GLY HA 167 -85.34 -41.57 12.25
C GLY HA 167 -85.49 -42.49 13.45
N PRO HA 168 -84.57 -42.38 14.40
CA PRO HA 168 -84.62 -43.27 15.57
C PRO HA 168 -85.95 -43.15 16.29
N TYR HA 169 -86.47 -44.28 16.75
CA TYR HA 169 -87.72 -44.33 17.49
C TYR HA 169 -87.44 -44.55 18.96
N SER HA 170 -88.33 -44.01 19.79
CA SER HA 170 -88.12 -44.02 21.24
C SER HA 170 -89.45 -44.28 21.94
N VAL HA 171 -89.36 -44.97 23.07
CA VAL HA 171 -90.52 -45.35 23.87
C VAL HA 171 -90.38 -44.66 25.23
N LEU HA 172 -91.39 -43.87 25.58
CA LEU HA 172 -91.47 -43.22 26.89
C LEU HA 172 -92.56 -43.95 27.67
N LEU HA 173 -92.19 -44.50 28.82
CA LEU HA 173 -93.10 -45.30 29.63
C LEU HA 173 -93.42 -44.60 30.94
N SER HA 174 -94.63 -44.85 31.43
CA SER HA 174 -95.10 -44.25 32.67
C SER HA 174 -94.36 -44.87 33.85
N ALA HA 175 -94.54 -44.30 35.04
CA ALA HA 175 -93.96 -44.90 36.24
C ALA HA 175 -94.55 -46.28 36.50
N GLU HA 176 -95.88 -46.39 36.43
CA GLU HA 176 -96.54 -47.65 36.76
C GLU HA 176 -96.22 -48.71 35.72
N THR HA 177 -96.16 -48.31 34.44
CA THR HA 177 -95.83 -49.27 33.38
C THR HA 177 -94.37 -49.68 33.42
N TYR HA 178 -93.46 -48.74 33.68
CA TYR HA 178 -92.05 -49.06 33.78
C TYR HA 178 -91.77 -49.97 34.97
N THR HA 179 -92.40 -49.71 36.11
CA THR HA 179 -92.28 -50.63 37.24
C THR HA 179 -92.74 -52.02 36.85
N LYS HA 180 -93.85 -52.11 36.11
CA LYS HA 180 -94.39 -53.41 35.72
C LYS HA 180 -93.40 -54.15 34.82
N VAL HA 181 -92.94 -53.50 33.76
CA VAL HA 181 -92.06 -54.17 32.81
C VAL HA 181 -90.72 -54.48 33.46
N SER HA 182 -90.32 -53.71 34.47
CA SER HA 182 -89.04 -53.98 35.14
C SER HA 182 -89.17 -55.18 36.09
N GLU HA 183 -90.17 -55.17 36.97
CA GLU HA 183 -90.34 -56.27 37.91
C GLU HA 183 -90.65 -57.56 37.17
N THR HA 184 -91.52 -57.51 36.18
CA THR HA 184 -91.88 -58.70 35.42
C THR HA 184 -90.69 -59.18 34.60
N THR HA 185 -90.57 -60.50 34.47
CA THR HA 185 -89.44 -61.13 33.80
C THR HA 185 -89.93 -62.27 32.92
N ALA HA 186 -89.12 -62.62 31.93
CA ALA HA 186 -89.44 -63.73 31.03
C ALA HA 186 -88.14 -64.29 30.48
N HIS HA 187 -87.99 -65.62 30.56
CA HIS HA 187 -86.81 -66.31 30.03
C HIS HA 187 -85.52 -65.74 30.61
N GLY HA 188 -85.60 -65.22 31.83
CA GLY HA 188 -84.43 -64.66 32.47
C GLY HA 188 -84.06 -63.26 32.03
N TYR HA 189 -84.96 -62.54 31.36
CA TYR HA 189 -84.77 -61.13 31.06
C TYR HA 189 -86.04 -60.34 31.37
N PRO HA 190 -85.91 -59.09 31.81
CA PRO HA 190 -87.10 -58.28 32.03
C PRO HA 190 -87.87 -57.98 30.75
N ILE HA 191 -89.17 -57.77 30.94
CA ILE HA 191 -90.02 -57.35 29.83
C ILE HA 191 -89.55 -56.02 29.29
N ARG HA 192 -88.89 -55.21 30.11
CA ARG HA 192 -88.32 -53.96 29.61
C ARG HA 192 -87.22 -54.21 28.60
N GLU HA 193 -86.33 -55.18 28.86
CA GLU HA 193 -85.34 -55.53 27.86
C GLU HA 193 -86.01 -56.10 26.62
N HIS HA 194 -87.04 -56.92 26.82
CA HIS HA 194 -87.83 -57.38 25.67
C HIS HA 194 -88.28 -56.21 24.81
N ILE HA 195 -88.80 -55.16 25.44
CA ILE HA 195 -89.23 -53.97 24.70
C ILE HA 195 -88.04 -53.31 24.01
N ASN HA 196 -86.95 -53.11 24.75
CA ASN HA 196 -85.79 -52.42 24.21
C ASN HA 196 -85.28 -53.10 22.94
N ARG HA 197 -85.40 -54.42 22.87
CA ARG HA 197 -84.87 -55.15 21.72
C ARG HA 197 -85.41 -54.65 20.39
N LEU HA 198 -86.62 -54.07 20.37
CA LEU HA 198 -87.29 -53.70 19.13
C LEU HA 198 -86.79 -52.37 18.59
N VAL HA 199 -86.73 -51.34 19.41
CA VAL HA 199 -86.47 -49.99 18.94
C VAL HA 199 -84.98 -49.79 18.71
N ASP HA 200 -84.67 -48.73 17.97
CA ASP HA 200 -83.30 -48.33 17.70
C ASP HA 200 -82.80 -47.26 18.66
N GLY HA 201 -83.71 -46.53 19.31
CA GLY HA 201 -83.33 -45.45 20.20
C GLY HA 201 -83.16 -45.88 21.63
N GLU HA 202 -83.93 -45.29 22.54
CA GLU HA 202 -83.78 -45.53 23.97
C GLU HA 202 -85.15 -45.74 24.61
N ILE HA 203 -85.13 -46.32 25.80
CA ILE HA 203 -86.30 -46.44 26.66
C ILE HA 203 -86.19 -45.36 27.72
N ILE HA 204 -87.26 -44.59 27.92
CA ILE HA 204 -87.24 -43.40 28.77
C ILE HA 204 -88.31 -43.50 29.86
N TRP HA 205 -87.95 -43.06 31.06
CA TRP HA 205 -88.87 -42.87 32.17
C TRP HA 205 -89.73 -41.63 31.94
N ALA HA 206 -91.03 -41.78 32.08
CA ALA HA 206 -91.94 -40.64 32.02
C ALA HA 206 -92.94 -40.71 33.16
N PRO HA 207 -92.54 -40.41 34.40
CA PRO HA 207 -93.48 -40.59 35.53
C PRO HA 207 -94.67 -39.67 35.44
N ALA HA 208 -94.47 -38.45 34.95
CA ALA HA 208 -95.52 -37.46 34.87
C ALA HA 208 -96.65 -37.90 33.94
N ILE HA 209 -96.29 -38.54 32.83
CA ILE HA 209 -97.29 -38.93 31.84
C ILE HA 209 -98.02 -40.17 32.33
N ASP HA 210 -99.14 -40.48 31.70
CA ASP HA 210 -99.95 -41.65 32.03
C ASP HA 210 -100.12 -42.49 30.77
N GLY HA 211 -99.60 -43.71 30.80
CA GLY HA 211 -99.69 -44.59 29.65
C GLY HA 211 -98.33 -44.89 29.03
N ALA HA 212 -98.21 -44.71 27.73
CA ALA HA 212 -96.95 -44.92 27.03
C ALA HA 212 -96.99 -44.16 25.72
N PHE HA 213 -95.80 -43.89 25.16
CA PHE HA 213 -95.72 -43.13 23.92
C PHE HA 213 -94.58 -43.68 23.08
N VAL HA 214 -94.84 -43.90 21.79
CA VAL HA 214 -93.78 -44.29 20.85
C VAL HA 214 -93.67 -43.19 19.81
N LEU HA 215 -92.49 -42.57 19.69
CA LEU HA 215 -92.36 -41.41 18.84
C LEU HA 215 -91.00 -41.40 18.14
N SER HA 216 -90.95 -40.64 17.04
CA SER HA 216 -89.73 -40.48 16.28
C SER HA 216 -88.91 -39.32 16.82
N THR HA 217 -87.59 -39.40 16.63
CA THR HA 217 -86.66 -38.37 17.08
C THR HA 217 -85.80 -37.86 15.93
N ARG HA 218 -86.31 -37.93 14.71
CA ARG HA 218 -85.58 -37.36 13.57
C ARG HA 218 -85.33 -35.87 13.76
N GLY HA 219 -86.32 -35.16 14.28
CA GLY HA 219 -86.20 -33.72 14.52
C GLY HA 219 -87.19 -32.92 13.72
N GLY HA 220 -87.54 -31.74 14.21
CA GLY HA 220 -88.44 -30.84 13.51
C GLY HA 220 -89.91 -31.10 13.73
N ASP HA 221 -90.28 -31.97 14.67
CA ASP HA 221 -91.68 -32.28 14.93
C ASP HA 221 -92.19 -31.75 16.27
N PHE HA 222 -91.31 -31.58 17.26
CA PHE HA 222 -91.72 -31.06 18.56
C PHE HA 222 -90.76 -29.95 18.96
N ASP HA 223 -91.29 -28.88 19.54
CA ASP HA 223 -90.49 -27.72 19.92
C ASP HA 223 -90.91 -27.25 21.31
N LEU HA 224 -89.97 -27.28 22.24
CA LEU HA 224 -90.17 -26.73 23.59
C LEU HA 224 -89.51 -25.36 23.62
N GLN HA 225 -90.31 -24.30 23.60
CA GLN HA 225 -89.81 -22.94 23.60
C GLN HA 225 -89.68 -22.45 25.04
N LEU HA 226 -88.49 -21.97 25.39
CA LEU HA 226 -88.21 -21.44 26.72
C LEU HA 226 -87.87 -19.96 26.61
N GLY HA 227 -88.48 -19.15 27.46
CA GLY HA 227 -88.09 -17.76 27.58
C GLY HA 227 -86.94 -17.64 28.56
N THR HA 228 -87.11 -18.24 29.73
CA THR HA 228 -86.06 -18.36 30.73
C THR HA 228 -86.07 -19.77 31.29
N ASP HA 229 -84.89 -20.34 31.48
CA ASP HA 229 -84.76 -21.70 31.98
C ASP HA 229 -85.11 -21.73 33.47
N VAL HA 230 -84.96 -22.90 34.09
CA VAL HA 230 -85.29 -23.05 35.49
C VAL HA 230 -84.40 -22.15 36.33
N SER HA 231 -85.02 -21.41 37.26
CA SER HA 231 -84.30 -20.50 38.13
C SER HA 231 -84.87 -20.59 39.53
N ILE HA 232 -84.07 -20.23 40.52
CA ILE HA 232 -84.47 -20.24 41.93
C ILE HA 232 -84.41 -18.81 42.45
N GLY HA 233 -85.48 -18.39 43.13
CA GLY HA 233 -85.58 -17.03 43.63
C GLY HA 233 -85.95 -16.95 45.11
N TYR HA 234 -86.12 -15.72 45.59
CA TYR HA 234 -86.38 -15.44 47.00
C TYR HA 234 -87.59 -14.52 47.12
N LEU HA 235 -88.51 -14.84 48.02
CA LEU HA 235 -89.67 -13.98 48.27
C LEU HA 235 -89.56 -13.22 49.58
N SER HA 236 -89.37 -13.94 50.69
CA SER HA 236 -89.30 -13.32 52.01
C SER HA 236 -88.58 -14.28 52.94
N HIS HA 237 -88.40 -13.86 54.19
CA HIS HA 237 -87.67 -14.68 55.16
C HIS HA 237 -88.14 -14.32 56.55
N ASP HA 238 -87.76 -15.17 57.51
CA ASP HA 238 -88.18 -15.06 58.90
C ASP HA 238 -87.00 -15.47 59.77
N ALA HA 239 -87.18 -15.38 61.08
CA ALA HA 239 -86.12 -15.78 62.01
C ALA HA 239 -85.79 -17.26 61.92
N GLU HA 240 -86.63 -18.07 61.29
CA GLU HA 240 -86.45 -19.51 61.24
C GLU HA 240 -86.37 -20.07 59.83
N VAL HA 241 -87.06 -19.46 58.86
CA VAL HA 241 -87.22 -20.04 57.54
C VAL HA 241 -86.99 -18.97 56.47
N VAL HA 242 -86.78 -19.43 55.24
CA VAL HA 242 -86.72 -18.58 54.07
C VAL HA 242 -87.64 -19.18 53.01
N HIS HA 243 -88.40 -18.33 52.33
CA HIS HA 243 -89.31 -18.77 51.29
C HIS HA 243 -88.70 -18.50 49.92
N LEU HA 244 -88.58 -19.55 49.11
CA LEU HA 244 -87.99 -19.50 47.79
C LEU HA 244 -88.98 -20.07 46.78
N TYR HA 245 -88.65 -19.94 45.50
CA TYR HA 245 -89.49 -20.49 44.45
C TYR HA 245 -88.61 -20.96 43.30
N MET HA 246 -89.10 -21.95 42.56
CA MET HA 246 -88.50 -22.38 41.32
C MET HA 246 -89.41 -21.96 40.17
N GLU HA 247 -88.82 -21.31 39.18
CA GLU HA 247 -89.58 -20.60 38.13
C GLU HA 247 -89.06 -21.01 36.76
N GLU HA 248 -89.98 -21.15 35.81
CA GLU HA 248 -89.60 -21.31 34.41
C GLU HA 248 -90.73 -20.84 33.50
N THR HA 249 -90.36 -20.19 32.40
CA THR HA 249 -91.32 -19.68 31.43
C THR HA 249 -91.18 -20.45 30.12
N MET HA 250 -92.28 -21.08 29.69
CA MET HA 250 -92.20 -22.04 28.61
C MET HA 250 -93.49 -22.10 27.80
N THR HA 251 -93.40 -22.78 26.67
CA THR HA 251 -94.55 -23.24 25.90
C THR HA 251 -94.09 -24.41 25.04
N PHE HA 252 -95.06 -25.16 24.52
CA PHE HA 252 -94.77 -26.35 23.73
C PHE HA 252 -95.57 -26.32 22.44
N LEU HA 253 -94.95 -26.75 21.34
CA LEU HA 253 -95.60 -26.81 20.05
C LEU HA 253 -95.32 -28.16 19.39
N CYS HA 254 -96.35 -28.75 18.79
CA CYS HA 254 -96.22 -29.95 17.97
C CYS HA 254 -96.57 -29.59 16.54
N TYR HA 255 -95.70 -29.94 15.60
CA TYR HA 255 -95.86 -29.61 14.19
C TYR HA 255 -96.27 -30.80 13.35
N THR HA 256 -95.74 -31.98 13.64
CA THR HA 256 -96.04 -33.20 12.89
C THR HA 256 -96.92 -34.09 13.76
N ALA HA 257 -98.15 -34.32 13.30
CA ALA HA 257 -99.10 -35.11 14.07
C ALA HA 257 -98.90 -36.62 13.86
N GLU HA 258 -98.11 -37.00 12.85
CA GLU HA 258 -97.94 -38.41 12.50
C GLU HA 258 -96.65 -39.01 13.02
N ALA HA 259 -95.89 -38.29 13.84
CA ALA HA 259 -94.61 -38.76 14.34
C ALA HA 259 -94.69 -39.41 15.72
N SER HA 260 -95.90 -39.64 16.24
CA SER HA 260 -96.06 -40.20 17.56
C SER HA 260 -97.29 -41.10 17.60
N VAL HA 261 -97.28 -42.03 18.55
CA VAL HA 261 -98.40 -42.93 18.81
C VAL HA 261 -98.57 -42.99 20.32
N ALA HA 262 -99.80 -42.88 20.78
CA ALA HA 262 -100.11 -42.84 22.20
C ALA HA 262 -100.80 -44.13 22.62
N LEU HA 263 -100.46 -44.63 23.81
CA LEU HA 263 -101.08 -45.82 24.38
C LEU HA 263 -101.64 -45.44 25.74
N THR HA 264 -102.95 -45.66 25.91
CA THR HA 264 -103.65 -45.24 27.11
C THR HA 264 -103.78 -46.40 28.09
N PRO HA 265 -103.74 -46.13 29.40
CA PRO HA 265 -103.83 -47.21 30.39
C PRO HA 265 -105.10 -48.04 30.26
N ASN IA 2 48.53 71.43 27.54
CA ASN IA 2 48.27 72.69 26.88
C ASN IA 2 49.09 73.81 27.53
N ASN IA 3 48.83 75.05 27.11
CA ASN IA 3 49.62 76.18 27.58
C ASN IA 3 49.33 76.54 29.04
N LEU IA 4 48.27 75.98 29.63
CA LEU IA 4 47.99 76.26 31.04
C LEU IA 4 49.07 75.67 31.95
N TYR IA 5 49.62 74.52 31.58
CA TYR IA 5 50.65 73.85 32.37
C TYR IA 5 50.14 73.52 33.77
N ARG IA 6 48.92 73.00 33.85
CA ARG IA 6 48.36 72.60 35.12
C ARG IA 6 48.99 71.31 35.66
N ASP IA 7 49.42 70.42 34.78
CA ASP IA 7 50.03 69.17 35.23
C ASP IA 7 51.30 69.41 36.05
N LEU IA 8 51.90 70.59 35.94
CA LEU IA 8 53.11 70.91 36.67
C LEU IA 8 52.84 71.57 38.02
N ALA IA 9 51.59 71.87 38.32
CA ALA IA 9 51.28 72.57 39.57
C ALA IA 9 51.12 71.57 40.71
N PRO IA 10 51.55 71.92 41.93
CA PRO IA 10 51.38 71.02 43.09
C PRO IA 10 49.98 71.11 43.69
N ILE IA 11 48.98 70.74 42.90
CA ILE IA 11 47.58 70.83 43.30
C ILE IA 11 46.88 69.54 42.91
N THR IA 12 46.02 69.04 43.79
CA THR IA 12 45.29 67.80 43.57
C THR IA 12 44.03 68.05 42.75
N GLU IA 13 43.44 66.95 42.28
CA GLU IA 13 42.23 67.05 41.47
C GLU IA 13 41.08 67.68 42.27
N SER IA 14 40.95 67.29 43.54
CA SER IA 14 39.87 67.83 44.35
C SER IA 14 40.01 69.33 44.56
N ALA IA 15 41.23 69.79 44.86
CA ALA IA 15 41.44 71.22 45.04
C ALA IA 15 41.24 71.97 43.72
N TRP IA 16 41.67 71.38 42.60
CA TRP IA 16 41.40 72.00 41.31
C TRP IA 16 39.91 72.15 41.09
N ALA IA 17 39.13 71.12 41.41
CA ALA IA 17 37.68 71.20 41.24
C ALA IA 17 37.08 72.27 42.13
N GLU IA 18 37.54 72.34 43.39
CA GLU IA 18 37.02 73.38 44.29
C GLU IA 18 37.31 74.77 43.76
N ILE IA 19 38.53 75.00 43.29
CA ILE IA 19 38.90 76.32 42.78
C ILE IA 19 38.06 76.66 41.55
N GLU IA 20 37.93 75.71 40.63
CA GLU IA 20 37.14 75.97 39.43
C GLU IA 20 35.70 76.29 39.78
N LEU IA 21 35.10 75.52 40.70
CA LEU IA 21 33.71 75.76 41.09
C LEU IA 21 33.56 77.14 41.72
N GLU IA 22 34.47 77.50 42.63
CA GLU IA 22 34.38 78.79 43.30
C GLU IA 22 34.52 79.94 42.32
N ALA IA 23 35.46 79.84 41.37
CA ALA IA 23 35.62 80.91 40.40
C ALA IA 23 34.41 81.01 39.48
N THR IA 24 33.90 79.87 39.00
CA THR IA 24 32.76 79.89 38.10
C THR IA 24 31.55 80.52 38.78
N ARG IA 25 31.28 80.14 40.03
CA ARG IA 25 30.12 80.69 40.75
C ARG IA 25 30.22 82.20 40.85
N THR IA 26 31.38 82.71 41.28
CA THR IA 26 31.52 84.14 41.49
C THR IA 26 31.44 84.90 40.18
N PHE IA 27 32.07 84.39 39.12
CA PHE IA 27 32.02 85.07 37.84
C PHE IA 27 30.59 85.12 37.31
N LYS IA 28 29.89 83.99 37.38
CA LYS IA 28 28.51 83.96 36.91
C LYS IA 28 27.61 84.86 37.75
N ARG IA 29 27.97 85.06 39.02
CA ARG IA 29 27.25 86.03 39.84
C ARG IA 29 27.49 87.45 39.36
N HIS IA 30 28.75 87.81 39.14
CA HIS IA 30 29.11 89.21 38.92
C HIS IA 30 29.04 89.64 37.47
N ILE IA 31 28.73 88.73 36.54
CA ILE IA 31 28.71 89.03 35.12
C ILE IA 31 27.27 89.35 34.71
N ALA IA 32 27.12 90.35 33.83
CA ALA IA 32 25.80 90.81 33.38
C ALA IA 32 25.65 90.89 31.88
N GLY IA 33 26.68 91.30 31.14
CA GLY IA 33 26.52 91.49 29.70
C GLY IA 33 26.17 90.21 28.99
N ARG IA 34 26.70 89.07 29.45
CA ARG IA 34 26.45 87.79 28.83
C ARG IA 34 24.98 87.41 28.84
N ARG IA 35 24.18 88.03 29.71
CA ARG IA 35 22.75 87.76 29.80
C ARG IA 35 21.93 88.59 28.82
N VAL IA 36 22.51 89.59 28.18
CA VAL IA 36 21.76 90.47 27.29
C VAL IA 36 22.46 90.65 25.95
N VAL IA 37 23.58 89.95 25.74
CA VAL IA 37 24.32 90.05 24.49
C VAL IA 37 24.51 88.66 23.91
N ASP IA 38 24.38 88.55 22.59
CA ASP IA 38 24.68 87.30 21.90
C ASP IA 38 26.16 86.97 22.06
N VAL IA 39 26.44 85.69 22.26
CA VAL IA 39 27.80 85.22 22.50
C VAL IA 39 28.18 84.27 21.38
N SER IA 40 29.26 84.57 20.68
CA SER IA 40 29.82 83.68 19.68
C SER IA 40 30.81 82.76 20.38
N GLY IA 41 30.44 81.48 20.48
CA GLY IA 41 31.21 80.52 21.25
C GLY IA 41 32.68 80.52 20.89
N PRO IA 42 33.51 79.92 21.74
CA PRO IA 42 34.95 79.92 21.48
C PRO IA 42 35.26 79.32 20.12
N ASN IA 43 36.08 80.03 19.35
CA ASN IA 43 36.50 79.58 18.03
C ASN IA 43 37.90 78.98 18.03
N GLY IA 44 38.55 78.89 19.20
CA GLY IA 44 39.83 78.25 19.31
C GLY IA 44 40.96 79.23 19.55
N PRO IA 45 42.09 78.73 20.05
CA PRO IA 45 43.24 79.62 20.28
C PRO IA 45 43.80 80.23 19.01
N THR IA 46 43.54 79.63 17.85
CA THR IA 46 44.03 80.16 16.58
C THR IA 46 43.31 81.43 16.15
N THR IA 47 42.16 81.74 16.76
CA THR IA 47 41.39 82.91 16.38
C THR IA 47 42.04 84.16 16.94
N ALA IA 48 42.22 85.17 16.08
CA ALA IA 48 42.89 86.41 16.47
C ALA IA 48 42.11 87.67 16.13
N SER IA 49 41.17 87.62 15.19
CA SER IA 49 40.46 88.82 14.77
C SER IA 49 39.10 88.42 14.23
N VAL IA 50 38.22 89.42 14.12
CA VAL IA 50 36.87 89.24 13.60
C VAL IA 50 36.70 90.17 12.41
N SER IA 51 36.37 89.61 11.25
CA SER IA 51 36.18 90.40 10.05
C SER IA 51 34.92 91.26 10.19
N THR IA 52 34.97 92.48 9.64
CA THR IA 52 33.79 93.34 9.61
C THR IA 52 33.13 93.40 8.24
N GLY IA 53 33.80 92.91 7.21
CA GLY IA 53 33.26 92.96 5.86
C GLY IA 53 33.41 94.29 5.18
N HIS IA 54 34.06 95.27 5.83
CA HIS IA 54 34.30 96.58 5.25
C HIS IA 54 35.66 96.62 4.57
N LEU IA 55 35.86 97.67 3.77
CA LEU IA 55 37.09 97.87 3.04
C LEU IA 55 37.68 99.23 3.37
N LEU IA 56 39.01 99.33 3.32
CA LEU IA 56 39.72 100.56 3.59
C LEU IA 56 40.61 100.91 2.40
N ASP IA 57 40.64 102.18 2.05
CA ASP IA 57 41.43 102.62 0.91
C ASP IA 57 42.92 102.57 1.24
N VAL IA 58 43.74 102.27 0.23
CA VAL IA 58 45.17 102.09 0.40
C VAL IA 58 45.87 102.42 -0.90
N SER IA 59 47.11 102.88 -0.79
CA SER IA 59 47.88 103.27 -1.97
C SER IA 59 48.09 102.06 -2.87
N PRO IA 60 47.91 102.20 -4.19
CA PRO IA 60 48.02 101.03 -5.06
C PRO IA 60 49.47 100.61 -5.25
N PRO IA 61 49.72 99.33 -5.54
CA PRO IA 61 51.09 98.93 -5.92
C PRO IA 61 51.60 99.64 -7.16
N GLY IA 62 50.72 99.91 -8.13
CA GLY IA 62 51.16 100.50 -9.37
C GLY IA 62 49.99 101.05 -10.17
N ASP IA 63 50.29 101.39 -11.43
CA ASP IA 63 49.30 102.02 -12.28
C ASP IA 63 48.22 101.02 -12.71
N GLY IA 64 47.00 101.52 -12.84
CA GLY IA 64 45.90 100.69 -13.29
C GLY IA 64 45.42 99.68 -12.28
N VAL IA 65 45.77 99.84 -11.01
CA VAL IA 65 45.42 98.88 -9.97
C VAL IA 65 44.71 99.62 -8.85
N ILE IA 66 43.59 99.06 -8.40
CA ILE IA 66 42.82 99.61 -7.28
C ILE IA 66 42.99 98.65 -6.11
N ALA IA 67 43.41 99.19 -4.97
CA ALA IA 67 43.75 98.39 -3.79
C ALA IA 67 42.87 98.78 -2.62
N HIS IA 68 42.41 97.78 -1.87
CA HIS IA 68 41.63 97.99 -0.66
C HIS IA 68 42.04 96.98 0.39
N LEU IA 69 42.00 97.39 1.65
CA LEU IA 69 42.34 96.51 2.76
C LEU IA 69 41.09 96.06 3.50
N ARG IA 70 41.05 94.77 3.81
CA ARG IA 70 39.95 94.21 4.58
C ARG IA 70 40.07 94.63 6.04
N ASP IA 71 38.93 94.89 6.67
CA ASP IA 71 38.88 95.45 8.00
C ASP IA 71 38.51 94.38 9.03
N ALA IA 72 39.30 94.32 10.11
CA ALA IA 72 39.09 93.33 11.14
C ALA IA 72 39.30 93.98 12.50
N LYS IA 73 38.63 93.41 13.50
CA LYS IA 73 38.72 93.84 14.88
C LYS IA 73 39.59 92.85 15.64
N PRO IA 74 40.70 93.27 16.24
CA PRO IA 74 41.55 92.32 16.97
C PRO IA 74 40.92 91.90 18.30
N LEU IA 75 41.36 90.75 18.77
CA LEU IA 75 40.95 90.21 20.05
C LEU IA 75 42.00 90.56 21.11
N VAL IA 76 41.53 90.80 22.33
CA VAL IA 76 42.39 91.19 23.44
C VAL IA 76 42.32 90.11 24.51
N ARG IA 77 43.47 89.78 25.07
CA ARG IA 77 43.60 88.76 26.12
C ARG IA 77 43.73 89.45 27.47
N LEU IA 78 42.86 89.09 28.40
CA LEU IA 78 42.86 89.64 29.76
C LEU IA 78 43.32 88.54 30.70
N ARG IA 79 44.35 88.83 31.49
CA ARG IA 79 44.93 87.90 32.44
C ARG IA 79 45.00 88.56 33.82
N VAL IA 80 44.41 87.90 34.81
CA VAL IA 80 44.42 88.41 36.18
C VAL IA 80 45.14 87.40 37.07
N PRO IA 81 46.29 87.74 37.66
CA PRO IA 81 47.00 86.79 38.50
C PRO IA 81 46.54 86.83 39.95
N PHE IA 82 46.72 85.69 40.61
CA PHE IA 82 46.43 85.58 42.03
C PHE IA 82 47.30 84.48 42.64
N THR IA 83 47.31 84.42 43.96
CA THR IA 83 48.18 83.53 44.72
C THR IA 83 47.35 82.69 45.67
N VAL IA 84 47.73 81.42 45.82
CA VAL IA 84 47.02 80.49 46.68
C VAL IA 84 48.00 79.81 47.61
N ALA IA 85 47.50 79.37 48.76
CA ALA IA 85 48.34 78.78 49.80
C ALA IA 85 48.34 77.25 49.72
N ARG IA 86 49.54 76.68 49.73
CA ARG IA 86 49.70 75.24 49.66
C ARG IA 86 49.11 74.52 50.85
N ARG IA 87 49.03 75.17 52.01
CA ARG IA 87 48.37 74.57 53.17
C ARG IA 87 46.87 74.39 52.93
N ASP IA 88 46.20 75.43 52.43
CA ASP IA 88 44.79 75.30 52.06
C ASP IA 88 44.61 74.26 50.96
N ILE IA 89 45.55 74.20 50.01
CA ILE IA 89 45.46 73.18 48.98
C ILE IA 89 45.55 71.78 49.60
N ASP IA 90 46.50 71.57 50.50
CA ASP IA 90 46.74 70.24 51.04
C ASP IA 90 45.60 69.80 51.95
N ASP IA 91 44.99 70.74 52.67
CA ASP IA 91 43.94 70.38 53.62
C ASP IA 91 42.75 69.71 52.94
N VAL IA 92 42.56 69.93 51.63
CA VAL IA 92 41.38 69.40 50.96
C VAL IA 92 41.38 67.87 50.99
N GLU IA 93 42.52 67.26 50.68
CA GLU IA 93 42.59 65.80 50.66
C GLU IA 93 42.39 65.20 52.04
N ARG IA 94 42.48 66.01 53.09
CA ARG IA 94 42.17 65.58 54.45
C ARG IA 94 40.70 65.74 54.80
N GLY IA 95 39.84 65.87 53.80
CA GLY IA 95 38.42 66.09 54.04
C GLY IA 95 38.11 67.44 54.66
N SER IA 96 38.92 68.45 54.37
CA SER IA 96 38.63 69.81 54.82
C SER IA 96 37.78 70.51 53.77
N GLN IA 97 36.75 71.21 54.24
CA GLN IA 97 35.84 71.95 53.36
C GLN IA 97 35.52 73.34 53.89
N ASP IA 98 36.50 74.01 54.51
CA ASP IA 98 36.41 75.43 54.83
C ASP IA 98 37.62 76.19 54.30
N SER IA 99 38.26 75.68 53.25
CA SER IA 99 39.49 76.29 52.75
C SER IA 99 39.23 77.68 52.19
N ASP IA 100 40.25 78.53 52.26
CA ASP IA 100 40.14 79.92 51.84
C ASP IA 100 40.40 80.04 50.34
N TRP IA 101 39.42 80.58 49.61
CA TRP IA 101 39.54 80.81 48.17
C TRP IA 101 39.22 82.27 47.85
N ASP IA 102 39.44 83.15 48.82
CA ASP IA 102 39.16 84.57 48.63
C ASP IA 102 39.95 85.19 47.48
N PRO IA 103 41.24 84.90 47.32
CA PRO IA 103 41.93 85.43 46.12
C PRO IA 103 41.30 84.96 44.83
N VAL IA 104 40.85 83.70 44.78
CA VAL IA 104 40.14 83.23 43.59
C VAL IA 104 38.90 84.06 43.33
N LYS IA 105 38.11 84.30 44.38
CA LYS IA 105 36.89 85.07 44.21
C LYS IA 105 37.19 86.50 43.76
N ASP IA 106 38.23 87.11 44.35
CA ASP IA 106 38.59 88.47 43.98
C ASP IA 106 39.05 88.55 42.51
N ALA IA 107 39.85 87.59 42.08
CA ALA IA 107 40.29 87.59 40.68
C ALA IA 107 39.11 87.41 39.73
N ALA IA 108 38.18 86.52 40.08
CA ALA IA 108 37.00 86.34 39.25
C ALA IA 108 36.18 87.62 39.17
N LYS IA 109 36.02 88.31 40.31
CA LYS IA 109 35.30 89.58 40.31
C LYS IA 109 35.99 90.59 39.42
N LYS IA 110 37.33 90.67 39.51
CA LYS IA 110 38.08 91.62 38.71
C LYS IA 110 37.91 91.36 37.23
N LEU IA 111 37.99 90.08 36.83
CA LEU IA 111 37.84 89.74 35.41
C LEU IA 111 36.43 90.06 34.93
N ALA IA 112 35.41 89.73 35.72
CA ALA IA 112 34.04 90.04 35.33
C ALA IA 112 33.87 91.54 35.18
N PHE IA 113 34.45 92.32 36.10
CA PHE IA 113 34.28 93.77 36.05
C PHE IA 113 34.94 94.35 34.80
N VAL IA 114 36.15 93.89 34.48
CA VAL IA 114 36.80 94.42 33.29
C VAL IA 114 36.02 94.04 32.03
N GLU IA 115 35.51 92.82 31.97
CA GLU IA 115 34.73 92.40 30.80
C GLU IA 115 33.48 93.26 30.65
N ASP IA 116 32.73 93.43 31.74
CA ASP IA 116 31.49 94.20 31.66
C ASP IA 116 31.76 95.66 31.36
N ARG IA 117 32.84 96.22 31.93
CA ARG IA 117 33.18 97.61 31.64
C ARG IA 117 33.63 97.82 30.21
N ALA IA 118 34.35 96.86 29.63
CA ALA IA 118 34.67 96.94 28.21
C ALA IA 118 33.40 96.86 27.35
N ILE IA 119 32.46 95.99 27.73
CA ILE IA 119 31.23 95.86 26.96
C ILE IA 119 30.42 97.15 27.01
N PHE IA 120 30.27 97.74 28.19
CA PHE IA 120 29.31 98.82 28.39
C PHE IA 120 29.90 100.22 28.34
N GLU IA 121 31.23 100.35 28.39
CA GLU IA 121 31.88 101.65 28.46
C GLU IA 121 32.98 101.84 27.43
N GLY IA 122 33.64 100.78 27.02
CA GLY IA 122 34.65 100.85 25.97
C GLY IA 122 36.05 100.67 26.52
N TYR IA 123 36.89 100.00 25.74
CA TYR IA 123 38.31 99.81 26.02
C TYR IA 123 39.05 100.24 24.76
N ALA IA 124 39.44 101.51 24.72
CA ALA IA 124 39.88 102.11 23.46
C ALA IA 124 41.10 101.41 22.88
N ALA IA 125 42.10 101.13 23.73
CA ALA IA 125 43.34 100.54 23.22
C ALA IA 125 43.09 99.23 22.50
N ALA IA 126 42.02 98.52 22.85
CA ALA IA 126 41.61 97.32 22.15
C ALA IA 126 40.65 97.61 21.01
N SER IA 127 40.46 98.88 20.66
CA SER IA 127 39.56 99.30 19.59
C SER IA 127 38.12 98.89 19.90
N ILE IA 128 37.77 98.82 21.18
CA ILE IA 128 36.43 98.42 21.61
C ILE IA 128 35.65 99.68 21.93
N GLU IA 129 34.64 99.97 21.11
CA GLU IA 129 33.71 101.07 21.38
C GLU IA 129 32.50 100.52 22.13
N GLY IA 130 32.23 101.09 23.29
CA GLY IA 130 31.19 100.58 24.15
C GLY IA 130 29.79 100.95 23.68
N ILE IA 131 28.82 100.30 24.33
CA ILE IA 131 27.42 100.58 24.03
C ILE IA 131 27.07 102.04 24.32
N ARG IA 132 27.62 102.61 25.38
CA ARG IA 132 27.33 103.99 25.72
C ARG IA 132 27.72 104.94 24.59
N SER IA 133 28.93 104.80 24.06
CA SER IA 133 29.36 105.67 22.97
C SER IA 133 28.66 105.34 21.66
N SER IA 134 28.52 104.06 21.36
CA SER IA 134 27.92 103.67 20.09
C SER IA 134 26.42 103.96 20.04
N SER IA 135 25.79 104.21 21.18
CA SER IA 135 24.36 104.48 21.19
C SER IA 135 24.06 105.78 20.46
N SER IA 136 23.00 105.76 19.64
CA SER IA 136 22.57 106.95 18.91
C SER IA 136 21.44 107.69 19.61
N ASN IA 137 20.60 106.99 20.35
CA ASN IA 137 19.51 107.66 21.06
C ASN IA 137 20.10 108.57 22.14
N PRO IA 138 19.45 109.71 22.42
CA PRO IA 138 20.01 110.65 23.40
C PRO IA 138 20.13 110.02 24.77
N ALA IA 139 21.19 110.39 25.48
CA ALA IA 139 21.44 109.90 26.82
C ALA IA 139 20.63 110.70 27.84
N LEU IA 140 20.27 110.05 28.94
CA LEU IA 140 19.51 110.68 30.01
C LEU IA 140 20.35 110.75 31.28
N ALA IA 141 19.81 111.44 32.28
CA ALA IA 141 20.46 111.62 33.56
C ALA IA 141 19.66 110.92 34.65
N LEU IA 142 20.34 110.13 35.48
CA LEU IA 142 19.69 109.40 36.55
C LEU IA 142 19.44 110.37 37.71
N PRO IA 143 18.19 110.58 38.13
CA PRO IA 143 17.96 111.54 39.21
C PRO IA 143 18.63 111.10 40.51
N ASP IA 144 19.06 112.10 41.29
CA ASP IA 144 19.68 111.80 42.57
C ASP IA 144 18.71 111.05 43.49
N ASP IA 145 17.44 111.45 43.49
CA ASP IA 145 16.43 110.75 44.26
C ASP IA 145 16.06 109.45 43.58
N ALA IA 146 15.59 108.48 44.36
CA ALA IA 146 15.21 107.18 43.82
C ALA IA 146 13.76 107.14 43.34
N ARG IA 147 12.96 108.17 43.63
CA ARG IA 147 11.54 108.11 43.32
C ARG IA 147 11.24 108.46 41.87
N GLU IA 148 12.14 109.19 41.21
CA GLU IA 148 11.93 109.65 39.85
C GLU IA 148 12.57 108.74 38.80
N ILE IA 149 13.28 107.70 39.22
CA ILE IA 149 13.95 106.82 38.27
C ILE IA 149 12.96 106.17 37.31
N PRO IA 150 11.81 105.66 37.76
CA PRO IA 150 10.88 105.03 36.81
C PRO IA 150 10.43 105.95 35.70
N ASP IA 151 10.27 107.25 35.98
CA ASP IA 151 9.89 108.19 34.93
C ASP IA 151 10.96 108.25 33.85
N VAL IA 152 12.23 108.29 34.26
CA VAL IA 152 13.32 108.34 33.29
C VAL IA 152 13.38 107.05 32.49
N ILE IA 153 13.13 105.92 33.15
CA ILE IA 153 13.11 104.64 32.42
C ILE IA 153 11.98 104.62 31.40
N ALA IA 154 10.82 105.16 31.77
CA ALA IA 154 9.71 105.24 30.81
C ALA IA 154 10.08 106.15 29.65
N GLN IA 155 10.78 107.25 29.91
CA GLN IA 155 11.25 108.11 28.83
C GLN IA 155 12.20 107.37 27.91
N ALA IA 156 13.13 106.59 28.47
CA ALA IA 156 14.07 105.83 27.64
C ALA IA 156 13.36 104.79 26.80
N LEU IA 157 12.38 104.10 27.39
CA LEU IA 157 11.59 103.17 26.61
C LEU IA 157 10.86 103.90 25.50
N SER IA 158 10.32 105.08 25.78
CA SER IA 158 9.69 105.88 24.74
C SER IA 158 10.67 106.20 23.63
N GLU IA 159 11.93 106.50 23.97
CA GLU IA 159 12.90 106.83 22.93
C GLU IA 159 13.20 105.63 22.03
N LEU IA 160 13.61 104.50 22.64
CA LEU IA 160 13.83 103.28 21.88
C LEU IA 160 12.63 102.97 20.99
N ARG IA 161 11.46 103.01 21.61
CA ARG IA 161 10.23 102.51 21.05
C ARG IA 161 9.61 103.48 20.06
N LEU IA 162 10.05 104.74 20.12
CA LEU IA 162 9.92 105.65 18.99
C LEU IA 162 10.84 105.23 17.86
N ALA IA 163 12.11 104.98 18.18
CA ALA IA 163 13.10 104.70 17.15
C ALA IA 163 12.75 103.47 16.35
N GLY IA 164 11.93 102.59 16.90
CA GLY IA 164 11.39 101.48 16.13
C GLY IA 164 11.93 100.11 16.47
N VAL IA 165 12.59 99.97 17.59
CA VAL IA 165 13.14 98.68 18.00
C VAL IA 165 12.09 97.90 18.78
N ASP IA 166 12.12 96.58 18.62
CA ASP IA 166 11.16 95.69 19.26
C ASP IA 166 11.86 94.61 20.06
N GLY IA 167 11.09 93.65 20.55
CA GLY IA 167 11.61 92.57 21.37
C GLY IA 167 11.63 92.93 22.83
N PRO IA 168 11.84 91.94 23.70
CA PRO IA 168 11.82 92.21 25.14
C PRO IA 168 12.86 93.27 25.51
N TYR IA 169 12.48 94.15 26.43
CA TYR IA 169 13.36 95.21 26.91
C TYR IA 169 13.86 94.85 28.31
N SER IA 170 15.07 95.32 28.60
CA SER IA 170 15.75 94.95 29.84
C SER IA 170 16.48 96.15 30.40
N VAL IA 171 16.54 96.23 31.72
CA VAL IA 171 17.17 97.33 32.44
C VAL IA 171 18.34 96.75 33.23
N LEU IA 172 19.53 97.28 32.98
CA LEU IA 172 20.74 96.91 33.72
C LEU IA 172 21.07 98.09 34.62
N LEU IA 173 21.13 97.84 35.92
CA LEU IA 173 21.35 98.89 36.91
C LEU IA 173 22.69 98.72 37.60
N SER IA 174 23.28 99.86 37.98
CA SER IA 174 24.57 99.86 38.64
C SER IA 174 24.42 99.31 40.05
N ALA IA 175 25.56 99.08 40.73
CA ALA IA 175 25.51 98.65 42.12
C ALA IA 175 24.88 99.73 42.99
N GLU IA 176 25.32 100.99 42.83
CA GLU IA 176 24.84 102.06 43.69
C GLU IA 176 23.38 102.35 43.41
N THR IA 177 22.96 102.29 42.14
CA THR IA 177 21.56 102.53 41.80
C THR IA 177 20.66 101.38 42.24
N TYR IA 178 21.12 100.14 42.08
CA TYR IA 178 20.34 98.99 42.52
C TYR IA 178 20.18 98.97 44.02
N THR IA 179 21.24 99.27 44.77
CA THR IA 179 21.12 99.41 46.21
C THR IA 179 20.08 100.46 46.57
N LYS IA 180 20.09 101.59 45.86
CA LYS IA 180 19.15 102.67 46.15
C LYS IA 180 17.71 102.21 45.91
N VAL IA 181 17.43 101.66 44.74
CA VAL IA 181 16.06 101.26 44.42
C VAL IA 181 15.61 100.11 45.30
N SER IA 182 16.54 99.29 45.79
CA SER IA 182 16.18 98.18 46.66
C SER IA 182 15.86 98.67 48.06
N GLU IA 183 16.75 99.45 48.66
CA GLU IA 183 16.51 99.95 50.02
C GLU IA 183 15.29 100.86 50.05
N THR IA 184 15.17 101.76 49.08
CA THR IA 184 14.04 102.67 49.03
C THR IA 184 12.76 101.90 48.75
N THR IA 185 11.66 102.37 49.35
CA THR IA 185 10.37 101.71 49.27
C THR IA 185 9.27 102.73 49.08
N ALA IA 186 8.14 102.27 48.54
CA ALA IA 186 6.98 103.14 48.34
C ALA IA 186 5.73 102.28 48.34
N HIS IA 187 4.73 102.69 49.13
CA HIS IA 187 3.45 101.99 49.21
C HIS IA 187 3.64 100.52 49.55
N GLY IA 188 4.69 100.21 50.29
CA GLY IA 188 4.96 98.84 50.68
C GLY IA 188 5.61 97.98 49.62
N TYR IA 189 6.15 98.58 48.55
CA TYR IA 189 6.95 97.85 47.58
C TYR IA 189 8.23 98.62 47.26
N PRO IA 190 9.33 97.93 46.98
CA PRO IA 190 10.55 98.63 46.58
C PRO IA 190 10.41 99.36 45.25
N ILE IA 191 11.21 100.42 45.13
CA ILE IA 191 11.29 101.15 43.87
C ILE IA 191 11.78 100.24 42.77
N ARG IA 192 12.54 99.20 43.11
CA ARG IA 192 12.96 98.23 42.11
C ARG IA 192 11.78 97.47 41.53
N GLU IA 193 10.83 97.05 42.38
CA GLU IA 193 9.62 96.43 41.85
C GLU IA 193 8.82 97.43 41.03
N HIS IA 194 8.75 98.68 41.50
CA HIS IA 194 8.14 99.72 40.69
C HIS IA 194 8.74 99.75 39.28
N ILE IA 195 10.06 99.70 39.18
CA ILE IA 195 10.72 99.68 37.88
C ILE IA 195 10.34 98.42 37.10
N ASN IA 196 10.43 97.26 37.75
CA ASN IA 196 10.14 95.99 37.09
C ASN IA 196 8.77 95.99 36.45
N ARG IA 197 7.80 96.66 37.07
CA ARG IA 197 6.44 96.63 36.57
C ARG IA 197 6.34 97.08 35.11
N LEU IA 198 7.25 97.93 34.65
CA LEU IA 198 7.15 98.53 33.33
C LEU IA 198 7.63 97.59 32.21
N VAL IA 199 8.80 97.01 32.38
CA VAL IA 199 9.44 96.26 31.30
C VAL IA 199 8.84 94.87 31.19
N ASP IA 200 9.10 94.24 30.04
CA ASP IA 200 8.67 92.88 29.78
C ASP IA 200 9.77 91.86 30.09
N GLY IA 201 11.03 92.28 30.11
CA GLY IA 201 12.14 91.38 30.34
C GLY IA 201 12.51 91.23 31.79
N GLU IA 202 13.75 91.55 32.14
CA GLU IA 202 14.27 91.34 33.48
C GLU IA 202 15.03 92.56 33.95
N ILE IA 203 15.22 92.64 35.27
CA ILE IA 203 16.08 93.64 35.90
C ILE IA 203 17.40 92.95 36.22
N ILE IA 204 18.51 93.57 35.85
CA ILE IA 204 19.83 92.93 35.94
C ILE IA 204 20.79 93.80 36.76
N TRP IA 205 21.60 93.14 37.57
CA TRP IA 205 22.71 93.75 38.29
C TRP IA 205 23.86 94.02 37.33
N ALA IA 206 24.38 95.25 37.36
CA ALA IA 206 25.56 95.59 36.58
C ALA IA 206 26.54 96.38 37.45
N PRO IA 207 27.25 95.73 38.37
CA PRO IA 207 28.11 96.50 39.30
C PRO IA 207 29.24 97.21 38.59
N ALA IA 208 29.79 96.57 37.56
CA ALA IA 208 30.92 97.11 36.83
C ALA IA 208 30.57 98.42 36.14
N ILE IA 209 29.36 98.52 35.59
CA ILE IA 209 28.97 99.71 34.84
C ILE IA 209 28.61 100.81 35.82
N ASP IA 210 28.53 102.04 35.31
CA ASP IA 210 28.17 103.21 36.11
C ASP IA 210 26.96 103.86 35.46
N GLY IA 211 25.86 103.92 36.21
CA GLY IA 211 24.63 104.52 35.70
C GLY IA 211 23.52 103.51 35.52
N ALA IA 212 22.91 103.49 34.34
CA ALA IA 212 21.86 102.52 34.04
C ALA IA 212 21.74 102.41 32.53
N PHE IA 213 21.14 101.30 32.07
CA PHE IA 213 21.01 101.06 30.63
C PHE IA 213 19.68 100.38 30.37
N VAL IA 214 18.94 100.86 29.38
CA VAL IA 214 17.72 100.21 28.93
C VAL IA 214 17.93 99.78 27.49
N LEU IA 215 17.82 98.47 27.22
CA LEU IA 215 18.17 97.98 25.90
C LEU IA 215 17.24 96.84 25.48
N SER IA 216 17.20 96.62 24.16
CA SER IA 216 16.40 95.54 23.60
C SER IA 216 17.19 94.25 23.55
N THR IA 217 16.48 93.12 23.60
CA THR IA 217 17.09 91.80 23.55
C THR IA 217 16.50 90.96 22.42
N ARG IA 218 16.01 91.60 21.36
CA ARG IA 218 15.52 90.85 20.21
C ARG IA 218 16.61 89.98 19.61
N GLY IA 219 17.83 90.51 19.54
CA GLY IA 219 18.96 89.77 18.99
C GLY IA 219 19.55 90.42 17.76
N GLY IA 220 20.82 90.18 17.51
CA GLY IA 220 21.48 90.70 16.33
C GLY IA 220 22.03 92.11 16.46
N ASP IA 221 22.04 92.68 17.67
CA ASP IA 221 22.53 94.04 17.87
C ASP IA 221 23.85 94.10 18.65
N PHE IA 222 24.14 93.12 19.49
CA PHE IA 222 25.38 93.10 20.26
C PHE IA 222 26.00 91.72 20.11
N ASP IA 223 27.33 91.67 19.96
CA ASP IA 223 28.05 90.41 19.77
C ASP IA 223 29.30 90.42 20.64
N LEU IA 224 29.38 89.46 21.56
CA LEU IA 224 30.59 89.25 22.37
C LEU IA 224 31.34 88.07 21.75
N GLN IA 225 32.45 88.36 21.07
CA GLN IA 225 33.23 87.34 20.41
C GLN IA 225 34.31 86.82 21.37
N LEU IA 226 34.35 85.51 21.57
CA LEU IA 226 35.33 84.87 22.43
C LEU IA 226 36.22 83.96 21.61
N GLY IA 227 37.52 84.07 21.80
CA GLY IA 227 38.45 83.11 21.22
C GLY IA 227 38.56 81.91 22.12
N THR IA 228 38.82 82.16 23.40
CA THR IA 228 38.83 81.14 24.44
C THR IA 228 38.09 81.67 25.65
N ASP IA 229 37.27 80.81 26.27
CA ASP IA 229 36.49 81.21 27.42
C ASP IA 229 37.40 81.35 28.64
N VAL IA 230 36.81 81.62 29.80
CA VAL IA 230 37.58 81.81 31.01
C VAL IA 230 38.32 80.52 31.34
N SER IA 231 39.61 80.65 31.65
CA SER IA 231 40.45 79.50 31.99
C SER IA 231 41.36 79.88 33.14
N ILE IA 232 41.82 78.88 33.89
CA ILE IA 232 42.73 79.06 35.02
C ILE IA 232 44.03 78.34 34.71
N GLY IA 233 45.15 79.05 34.92
CA GLY IA 233 46.45 78.50 34.61
C GLY IA 233 47.46 78.62 35.74
N TYR IA 234 48.69 78.19 35.48
CA TYR IA 234 49.75 78.13 36.47
C TYR IA 234 51.00 78.81 35.93
N LEU IA 235 51.63 79.66 36.73
CA LEU IA 235 52.88 80.31 36.34
C LEU IA 235 54.09 79.72 37.05
N SER IA 236 54.07 79.72 38.38
CA SER IA 236 55.19 79.23 39.17
C SER IA 236 54.68 78.86 40.55
N HIS IA 237 55.58 78.37 41.40
CA HIS IA 237 55.19 77.92 42.73
C HIS IA 237 56.39 78.02 43.66
N ASP IA 238 56.11 77.91 44.96
CA ASP IA 238 57.10 78.06 46.00
C ASP IA 238 56.77 77.06 47.10
N ALA IA 239 57.60 77.01 48.14
CA ALA IA 239 57.36 76.12 49.26
C ALA IA 239 56.09 76.44 50.02
N GLU IA 240 55.51 77.63 49.81
CA GLU IA 240 54.35 78.08 50.55
C GLU IA 240 53.16 78.42 49.68
N VAL IA 241 53.38 78.90 48.45
CA VAL IA 241 52.31 79.45 47.62
C VAL IA 241 52.44 78.94 46.20
N VAL IA 242 51.36 79.11 45.44
CA VAL IA 242 51.34 78.84 44.01
C VAL IA 242 50.72 80.06 43.33
N HIS IA 243 51.30 80.47 42.20
CA HIS IA 243 50.81 81.61 41.45
C HIS IA 243 50.03 81.12 40.23
N LEU IA 244 48.76 81.55 40.14
CA LEU IA 244 47.86 81.17 39.08
C LEU IA 244 47.31 82.43 38.41
N TYR IA 245 46.59 82.24 37.31
CA TYR IA 245 45.98 83.36 36.62
C TYR IA 245 44.66 82.91 36.02
N MET IA 246 43.74 83.87 35.86
CA MET IA 246 42.51 83.66 35.12
C MET IA 246 42.58 84.45 33.82
N GLU IA 247 42.30 83.78 32.72
CA GLU IA 247 42.58 84.29 31.38
C GLU IA 247 41.34 84.17 30.50
N GLU IA 248 41.11 85.18 29.66
CA GLU IA 248 40.09 85.09 28.63
C GLU IA 248 40.42 86.02 27.48
N THR IA 249 40.17 85.56 26.25
CA THR IA 249 40.43 86.33 25.04
C THR IA 249 39.11 86.70 24.38
N MET IA 250 38.87 88.00 24.21
CA MET IA 250 37.55 88.46 23.83
C MET IA 250 37.63 89.76 23.01
N THR IA 251 36.49 90.11 22.43
CA THR IA 251 36.22 91.43 21.89
C THR IA 251 34.71 91.62 21.85
N PHE IA 252 34.29 92.87 21.69
CA PHE IA 252 32.86 93.21 21.69
C PHE IA 252 32.55 94.09 20.50
N LEU IA 253 31.38 93.85 19.88
CA LEU IA 253 30.91 94.62 18.74
C LEU IA 253 29.46 95.01 18.95
N CYS IA 254 29.14 96.27 18.63
CA CYS IA 254 27.77 96.76 18.59
C CYS IA 254 27.43 97.10 17.15
N TYR IA 255 26.30 96.58 16.68
CA TYR IA 255 25.87 96.77 15.29
C TYR IA 255 24.71 97.75 15.16
N THR IA 256 23.77 97.73 16.10
CA THR IA 256 22.61 98.60 16.08
C THR IA 256 22.77 99.65 17.16
N ALA IA 257 22.88 100.91 16.75
CA ALA IA 257 23.10 102.00 17.69
C ALA IA 257 21.80 102.48 18.33
N GLU IA 258 20.65 102.07 17.81
CA GLU IA 258 19.36 102.54 18.27
C GLU IA 258 18.65 101.56 19.20
N ALA IA 259 19.29 100.48 19.61
CA ALA IA 259 18.68 99.45 20.44
C ALA IA 259 18.96 99.63 21.93
N SER IA 260 19.57 100.75 22.33
CA SER IA 260 19.93 100.96 23.71
C SER IA 260 19.81 102.43 24.07
N VAL IA 261 19.62 102.70 25.35
CA VAL IA 261 19.57 104.04 25.92
C VAL IA 261 20.39 104.02 27.19
N ALA IA 262 21.23 105.04 27.35
CA ALA IA 262 22.15 105.11 28.48
C ALA IA 262 21.71 106.22 29.43
N LEU IA 263 21.83 105.97 30.73
CA LEU IA 263 21.52 106.95 31.77
C LEU IA 263 22.75 107.13 32.63
N THR IA 264 23.23 108.37 32.72
CA THR IA 264 24.47 108.67 33.41
C THR IA 264 24.18 109.16 34.83
N PRO IA 265 25.07 108.84 35.79
CA PRO IA 265 24.84 109.24 37.18
C PRO IA 265 24.69 110.75 37.35
N ASN JA 2 -50.44 74.74 -9.20
CA ASN JA 2 -51.57 74.67 -10.12
C ASN JA 2 -52.37 75.96 -10.08
N ASN JA 3 -53.51 75.98 -10.77
CA ASN JA 3 -54.31 77.20 -10.88
C ASN JA 3 -55.01 77.57 -9.59
N LEU JA 4 -55.02 76.68 -8.59
CA LEU JA 4 -55.65 77.01 -7.31
C LEU JA 4 -54.87 78.11 -6.60
N TYR JA 5 -53.54 78.10 -6.73
CA TYR JA 5 -52.69 79.09 -6.07
C TYR JA 5 -52.85 79.03 -4.55
N ARG JA 6 -52.87 77.81 -4.00
CA ARG JA 6 -52.96 77.65 -2.56
C ARG JA 6 -51.67 78.01 -1.85
N ASP JA 7 -50.51 77.80 -2.50
CA ASP JA 7 -49.24 78.11 -1.87
C ASP JA 7 -49.12 79.59 -1.53
N LEU JA 8 -49.91 80.44 -2.15
CA LEU JA 8 -49.86 81.88 -1.90
C LEU JA 8 -50.81 82.32 -0.78
N ALA JA 9 -51.64 81.41 -0.26
CA ALA JA 9 -52.62 81.81 0.75
C ALA JA 9 -51.98 81.76 2.14
N PRO JA 10 -52.35 82.70 3.03
CA PRO JA 10 -51.83 82.67 4.41
C PRO JA 10 -52.58 81.68 5.30
N ILE JA 11 -52.48 80.40 4.96
CA ILE JA 11 -53.19 79.35 5.67
C ILE JA 11 -52.22 78.19 5.89
N THR JA 12 -52.27 77.59 7.08
CA THR JA 12 -51.40 76.49 7.43
C THR JA 12 -51.97 75.15 6.94
N GLU JA 13 -51.13 74.12 7.00
CA GLU JA 13 -51.55 72.80 6.54
C GLU JA 13 -52.70 72.27 7.39
N SER JA 14 -52.63 72.48 8.70
CA SER JA 14 -53.69 71.99 9.57
C SER JA 14 -55.03 72.66 9.27
N ALA JA 15 -55.02 73.97 9.08
CA ALA JA 15 -56.27 74.67 8.76
C ALA JA 15 -56.78 74.26 7.38
N TRP JA 16 -55.88 74.06 6.42
CA TRP JA 16 -56.29 73.54 5.12
C TRP JA 16 -56.98 72.20 5.27
N ALA JA 17 -56.41 71.30 6.08
CA ALA JA 17 -57.02 70.00 6.29
C ALA JA 17 -58.38 70.12 6.93
N GLU JA 18 -58.50 70.99 7.94
CA GLU JA 18 -59.80 71.18 8.59
C GLU JA 18 -60.84 71.67 7.60
N ILE JA 19 -60.49 72.65 6.78
CA ILE JA 19 -61.44 73.21 5.83
C ILE JA 19 -61.85 72.14 4.81
N GLU JA 20 -60.88 71.40 4.29
CA GLU JA 20 -61.19 70.35 3.33
C GLU JA 20 -62.11 69.30 3.93
N LEU JA 21 -61.82 68.87 5.15
CA LEU JA 21 -62.66 67.86 5.81
C LEU JA 21 -64.08 68.38 6.01
N GLU JA 22 -64.20 69.62 6.49
CA GLU JA 22 -65.53 70.17 6.74
C GLU JA 22 -66.33 70.31 5.45
N ALA JA 23 -65.71 70.77 4.37
CA ALA JA 23 -66.42 70.90 3.11
C ALA JA 23 -66.81 69.53 2.56
N THR JA 24 -65.90 68.56 2.61
CA THR JA 24 -66.20 67.23 2.08
C THR JA 24 -67.38 66.61 2.83
N ARG JA 25 -67.37 66.70 4.17
CA ARG JA 25 -68.43 66.10 4.95
C ARG JA 25 -69.79 66.69 4.57
N THR JA 26 -69.87 68.03 4.51
CA THR JA 26 -71.14 68.67 4.23
C THR JA 26 -71.63 68.38 2.82
N PHE JA 27 -70.72 68.40 1.84
CA PHE JA 27 -71.12 68.10 0.47
C PHE JA 27 -71.61 66.66 0.34
N LYS JA 28 -70.89 65.71 0.94
CA LYS JA 28 -71.31 64.32 0.88
C LYS JA 28 -72.63 64.12 1.61
N ARG JA 29 -72.90 64.95 2.62
CA ARG JA 29 -74.21 64.91 3.27
C ARG JA 29 -75.31 65.39 2.34
N HIS JA 30 -75.11 66.53 1.69
CA HIS JA 30 -76.18 67.21 0.97
C HIS JA 30 -76.33 66.75 -0.47
N ILE JA 31 -75.46 65.87 -0.96
CA ILE JA 31 -75.48 65.43 -2.36
C ILE JA 31 -76.26 64.13 -2.45
N ALA JA 32 -77.06 63.99 -3.50
CA ALA JA 32 -77.90 62.81 -3.71
C ALA JA 32 -77.75 62.16 -5.07
N GLY JA 33 -77.58 62.94 -6.14
CA GLY JA 33 -77.54 62.34 -7.47
C GLY JA 33 -76.39 61.38 -7.65
N ARG JA 34 -75.25 61.67 -7.03
CA ARG JA 34 -74.08 60.81 -7.14
C ARG JA 34 -74.32 59.40 -6.63
N ARG JA 35 -75.35 59.21 -5.81
CA ARG JA 35 -75.68 57.90 -5.27
C ARG JA 35 -76.57 57.08 -6.19
N VAL JA 36 -77.13 57.68 -7.25
CA VAL JA 36 -78.05 56.97 -8.12
C VAL JA 36 -77.69 57.17 -9.59
N VAL JA 37 -76.59 57.86 -9.87
CA VAL JA 37 -76.16 58.09 -11.24
C VAL JA 37 -74.71 57.62 -11.40
N ASP JA 38 -74.43 57.01 -12.54
CA ASP JA 38 -73.05 56.64 -12.87
C ASP JA 38 -72.21 57.89 -13.01
N VAL JA 39 -70.97 57.83 -12.51
CA VAL JA 39 -70.06 58.96 -12.51
C VAL JA 39 -68.85 58.60 -13.35
N SER JA 40 -68.58 59.39 -14.38
CA SER JA 40 -67.36 59.26 -15.18
C SER JA 40 -66.27 60.08 -14.50
N GLY JA 41 -65.28 59.41 -13.94
CA GLY JA 41 -64.26 60.06 -13.14
C GLY JA 41 -63.62 61.23 -13.86
N PRO JA 42 -62.92 62.08 -13.11
CA PRO JA 42 -62.29 63.26 -13.73
C PRO JA 42 -61.38 62.85 -14.87
N ASN JA 43 -61.56 63.52 -16.02
CA ASN JA 43 -60.74 63.28 -17.20
C ASN JA 43 -59.66 64.33 -17.38
N GLY JA 44 -59.54 65.28 -16.46
CA GLY JA 44 -58.47 66.26 -16.50
C GLY JA 44 -58.96 67.64 -16.88
N PRO JA 45 -58.16 68.66 -16.57
CA PRO JA 45 -58.55 70.04 -16.93
C PRO JA 45 -58.65 70.26 -18.42
N THR JA 46 -57.99 69.44 -19.24
CA THR JA 46 -58.05 69.58 -20.68
C THR JA 46 -59.40 69.19 -21.27
N THR JA 47 -60.24 68.49 -20.51
CA THR JA 47 -61.52 68.04 -21.01
C THR JA 47 -62.51 69.20 -21.05
N ALA JA 48 -63.18 69.36 -22.18
CA ALA JA 48 -64.11 70.48 -22.38
C ALA JA 48 -65.49 70.06 -22.87
N SER JA 49 -65.63 68.88 -23.46
CA SER JA 49 -66.92 68.48 -24.02
C SER JA 49 -66.99 66.96 -24.05
N VAL JA 50 -68.22 66.45 -24.21
CA VAL JA 50 -68.49 65.02 -24.28
C VAL JA 50 -69.18 64.73 -25.61
N SER JA 51 -68.58 63.86 -26.42
CA SER JA 51 -69.16 63.51 -27.69
C SER JA 51 -70.44 62.72 -27.50
N THR JA 52 -71.42 62.94 -28.38
CA THR JA 52 -72.65 62.16 -28.35
C THR JA 52 -72.71 61.12 -29.45
N GLY JA 53 -71.81 61.17 -30.43
CA GLY JA 53 -71.82 60.24 -31.53
C GLY JA 53 -72.84 60.54 -32.61
N HIS JA 54 -73.58 61.64 -32.47
CA HIS JA 54 -74.57 62.06 -33.47
C HIS JA 54 -73.94 63.03 -34.46
N LEU JA 55 -74.66 63.24 -35.56
CA LEU JA 55 -74.22 64.13 -36.63
C LEU JA 55 -75.29 65.19 -36.88
N LEU JA 56 -74.84 66.37 -37.30
CA LEU JA 56 -75.72 67.48 -37.62
C LEU JA 56 -75.46 67.94 -39.05
N ASP JA 57 -76.54 68.25 -39.77
CA ASP JA 57 -76.42 68.68 -41.15
C ASP JA 57 -75.85 70.08 -41.22
N VAL JA 58 -75.07 70.35 -42.26
CA VAL JA 58 -74.39 71.63 -42.44
C VAL JA 58 -74.16 71.87 -43.92
N SER JA 59 -74.11 73.15 -44.29
CA SER JA 59 -73.93 73.53 -45.68
C SER JA 59 -72.60 73.01 -46.20
N PRO JA 60 -72.54 72.43 -47.41
CA PRO JA 60 -71.30 71.86 -47.88
C PRO JA 60 -70.31 72.94 -48.30
N PRO JA 61 -69.01 72.65 -48.25
CA PRO JA 61 -68.05 73.60 -48.85
C PRO JA 61 -68.26 73.83 -50.33
N GLY JA 62 -68.67 72.80 -51.05
CA GLY JA 62 -68.79 72.92 -52.49
C GLY JA 62 -69.59 71.78 -53.08
N ASP JA 63 -69.55 71.70 -54.41
CA ASP JA 63 -70.36 70.72 -55.12
C ASP JA 63 -69.80 69.31 -54.93
N GLY JA 64 -70.70 68.33 -54.87
CA GLY JA 64 -70.30 66.95 -54.75
C GLY JA 64 -69.76 66.56 -53.39
N VAL JA 65 -70.00 67.38 -52.38
CA VAL JA 65 -69.47 67.15 -51.04
C VAL JA 65 -70.63 67.15 -50.05
N ILE JA 66 -70.64 66.15 -49.17
CA ILE JA 66 -71.64 66.04 -48.10
C ILE JA 66 -70.93 66.31 -46.79
N ALA JA 67 -71.46 67.26 -46.02
CA ALA JA 67 -70.83 67.73 -44.79
C ALA JA 67 -71.74 67.50 -43.60
N HIS JA 68 -71.16 67.05 -42.49
CA HIS JA 68 -71.88 66.85 -41.24
C HIS JA 68 -70.99 67.28 -40.08
N LEU JA 69 -71.61 67.81 -39.04
CA LEU JA 69 -70.89 68.25 -37.85
C LEU JA 69 -71.11 67.26 -36.71
N ARG JA 70 -70.02 66.93 -36.02
CA ARG JA 70 -70.10 66.07 -34.85
C ARG JA 70 -70.70 66.82 -33.68
N ASP JA 71 -71.50 66.11 -32.88
CA ASP JA 71 -72.27 66.73 -31.81
C ASP JA 71 -71.64 66.44 -30.46
N ALA JA 72 -71.48 67.50 -29.66
CA ALA JA 72 -70.85 67.38 -28.35
C ALA JA 72 -71.61 68.24 -27.36
N LYS JA 73 -71.53 67.84 -26.09
CA LYS JA 73 -72.15 68.54 -24.98
C LYS JA 73 -71.05 69.27 -24.21
N PRO JA 74 -71.11 70.60 -24.09
CA PRO JA 74 -70.06 71.31 -23.36
C PRO JA 74 -70.17 71.10 -21.85
N LEU JA 75 -69.04 71.30 -21.19
CA LEU JA 75 -68.95 71.22 -19.73
C LEU JA 75 -69.05 72.63 -19.15
N VAL JA 76 -69.68 72.72 -17.98
CA VAL JA 76 -69.90 74.00 -17.32
C VAL JA 76 -69.15 73.99 -15.99
N ARG JA 77 -68.50 75.10 -15.67
CA ARG JA 77 -67.74 75.26 -14.45
C ARG JA 77 -68.55 76.08 -13.45
N LEU JA 78 -68.75 75.53 -12.25
CA LEU JA 78 -69.48 76.19 -11.19
C LEU JA 78 -68.48 76.58 -10.10
N ARG JA 79 -68.49 77.86 -9.74
CA ARG JA 79 -67.60 78.43 -8.74
C ARG JA 79 -68.43 79.18 -7.70
N VAL JA 80 -68.25 78.82 -6.44
CA VAL JA 80 -68.95 79.47 -5.33
C VAL JA 80 -67.92 80.11 -4.41
N PRO JA 81 -67.89 81.44 -4.28
CA PRO JA 81 -66.91 82.07 -3.40
C PRO JA 81 -67.39 82.19 -1.97
N PHE JA 82 -66.43 82.24 -1.06
CA PHE JA 82 -66.70 82.46 0.35
C PHE JA 82 -65.48 83.10 1.01
N THR JA 83 -65.67 83.56 2.24
CA THR JA 83 -64.66 84.32 2.96
C THR JA 83 -64.41 83.67 4.32
N VAL JA 84 -63.14 83.66 4.73
CA VAL JA 84 -62.73 83.05 5.99
C VAL JA 84 -61.90 84.04 6.79
N ALA JA 85 -61.92 83.87 8.11
CA ALA JA 85 -61.25 84.79 9.01
C ALA JA 85 -59.86 84.29 9.40
N ARG JA 86 -58.88 85.17 9.26
CA ARG JA 86 -57.50 84.84 9.59
C ARG JA 86 -57.31 84.53 11.07
N ARG JA 87 -58.15 85.07 11.95
CA ARG JA 87 -58.07 84.72 13.36
C ARG JA 87 -58.46 83.26 13.60
N ASP JA 88 -59.56 82.80 13.00
CA ASP JA 88 -59.92 81.40 13.08
C ASP JA 88 -58.86 80.52 12.42
N ILE JA 89 -58.26 80.99 11.33
CA ILE JA 89 -57.18 80.23 10.72
C ILE JA 89 -56.00 80.09 11.67
N ASP JA 90 -55.61 81.19 12.32
CA ASP JA 90 -54.42 81.16 13.15
C ASP JA 90 -54.64 80.36 14.42
N ASP JA 91 -55.86 80.37 14.95
CA ASP JA 91 -56.10 79.66 16.22
C ASP JA 91 -55.84 78.17 16.11
N VAL JA 92 -55.88 77.60 14.90
CA VAL JA 92 -55.74 76.15 14.76
C VAL JA 92 -54.38 75.70 15.24
N GLU JA 93 -53.31 76.40 14.85
CA GLU JA 93 -51.97 76.00 15.24
C GLU JA 93 -51.76 76.13 16.74
N ARG JA 94 -52.65 76.84 17.44
CA ARG JA 94 -52.64 76.92 18.90
C ARG JA 94 -53.43 75.80 19.55
N GLY JA 95 -53.69 74.72 18.82
CA GLY JA 95 -54.49 73.63 19.36
C GLY JA 95 -55.94 73.99 19.59
N SER JA 96 -56.49 74.91 18.81
CA SER JA 96 -57.90 75.24 18.89
C SER JA 96 -58.67 74.33 17.94
N GLN JA 97 -59.80 73.81 18.43
CA GLN JA 97 -60.66 72.93 17.64
C GLN JA 97 -62.13 73.27 17.80
N ASP JA 98 -62.46 74.56 17.90
CA ASP JA 98 -63.84 75.04 17.78
C ASP JA 98 -63.95 76.15 16.75
N SER JA 99 -63.05 76.19 15.77
CA SER JA 99 -63.02 77.27 14.80
C SER JA 99 -64.28 77.27 13.94
N ASP JA 100 -64.66 78.47 13.47
CA ASP JA 100 -65.88 78.65 12.70
C ASP JA 100 -65.60 78.37 11.23
N TRP JA 101 -66.33 77.42 10.65
CA TRP JA 101 -66.24 77.08 9.23
C TRP JA 101 -67.61 77.14 8.58
N ASP JA 102 -68.50 77.95 9.15
CA ASP JA 102 -69.86 78.07 8.61
C ASP JA 102 -69.89 78.56 7.17
N PRO JA 103 -69.09 79.56 6.76
CA PRO JA 103 -69.07 79.90 5.33
C PRO JA 103 -68.67 78.74 4.45
N VAL JA 104 -67.71 77.92 4.90
CA VAL JA 104 -67.33 76.74 4.15
C VAL JA 104 -68.52 75.81 3.99
N LYS JA 105 -69.24 75.56 5.08
CA LYS JA 105 -70.38 74.65 5.01
C LYS JA 105 -71.46 75.21 4.09
N ASP JA 106 -71.72 76.52 4.17
CA ASP JA 106 -72.73 77.13 3.32
C ASP JA 106 -72.35 77.03 1.84
N ALA JA 107 -71.09 77.29 1.52
CA ALA JA 107 -70.67 77.18 0.12
C ALA JA 107 -70.79 75.75 -0.38
N ALA JA 108 -70.41 74.78 0.45
CA ALA JA 108 -70.56 73.38 0.05
C ALA JA 108 -72.03 73.04 -0.19
N LYS JA 109 -72.91 73.50 0.70
CA LYS JA 109 -74.34 73.27 0.50
C LYS JA 109 -74.82 73.88 -0.81
N LYS JA 110 -74.39 75.11 -1.09
CA LYS JA 110 -74.80 75.78 -2.32
C LYS JA 110 -74.36 75.02 -3.55
N LEU JA 111 -73.10 74.56 -3.55
CA LEU JA 111 -72.59 73.81 -4.70
C LEU JA 111 -73.34 72.50 -4.88
N ALA JA 112 -73.58 71.78 -3.78
CA ALA JA 112 -74.33 70.53 -3.88
C ALA JA 112 -75.73 70.79 -4.41
N PHE JA 113 -76.38 71.86 -3.96
CA PHE JA 113 -77.73 72.15 -4.40
C PHE JA 113 -77.77 72.46 -5.89
N VAL JA 114 -76.82 73.28 -6.37
CA VAL JA 114 -76.82 73.59 -7.80
C VAL JA 114 -76.56 72.33 -8.63
N GLU JA 115 -75.64 71.48 -8.17
CA GLU JA 115 -75.36 70.25 -8.92
C GLU JA 115 -76.59 69.37 -8.99
N ASP JA 116 -77.24 69.14 -7.84
CA ASP JA 116 -78.40 68.26 -7.81
C ASP JA 116 -79.56 68.85 -8.62
N ARG JA 117 -79.75 70.17 -8.55
CA ARG JA 117 -80.81 70.81 -9.30
C ARG JA 117 -80.56 70.76 -10.80
N ALA JA 118 -79.31 70.88 -11.24
CA ALA JA 118 -78.99 70.68 -12.65
C ALA JA 118 -79.25 69.24 -13.07
N ILE JA 119 -78.91 68.28 -12.21
CA ILE JA 119 -79.13 66.87 -12.55
C ILE JA 119 -80.62 66.58 -12.69
N PHE JA 120 -81.44 67.05 -11.75
CA PHE JA 120 -82.82 66.61 -11.63
C PHE JA 120 -83.84 67.55 -12.25
N GLU JA 121 -83.45 68.77 -12.60
CA GLU JA 121 -84.38 69.78 -13.11
C GLU JA 121 -83.93 70.44 -14.39
N GLY JA 122 -82.63 70.54 -14.63
CA GLY JA 122 -82.11 71.08 -15.87
C GLY JA 122 -81.50 72.46 -15.69
N TYR JA 123 -80.42 72.71 -16.42
CA TYR JA 123 -79.74 74.00 -16.47
C TYR JA 123 -79.61 74.33 -17.96
N ALA JA 124 -80.58 75.06 -18.49
CA ALA JA 124 -80.73 75.19 -19.94
C ALA JA 124 -79.52 75.85 -20.57
N ALA JA 125 -79.02 76.93 -19.98
CA ALA JA 125 -77.92 77.66 -20.59
C ALA JA 125 -76.70 76.77 -20.79
N ALA JA 126 -76.54 75.73 -19.97
CA ALA JA 126 -75.49 74.76 -20.14
C ALA JA 126 -75.92 73.59 -21.02
N SER JA 127 -77.07 73.70 -21.68
CA SER JA 127 -77.61 72.64 -22.54
C SER JA 127 -77.87 71.36 -21.76
N ILE JA 128 -78.16 71.49 -20.47
CA ILE JA 128 -78.41 70.34 -19.60
C ILE JA 128 -79.91 70.16 -19.49
N GLU JA 129 -80.42 69.06 -20.06
CA GLU JA 129 -81.82 68.69 -19.90
C GLU JA 129 -81.94 67.72 -18.73
N GLY JA 130 -82.78 68.06 -17.76
CA GLY JA 130 -82.89 67.30 -16.54
C GLY JA 130 -83.67 66.01 -16.71
N ILE JA 131 -83.60 65.18 -15.67
CA ILE JA 131 -84.35 63.93 -15.65
C ILE JA 131 -85.84 64.18 -15.75
N ARG JA 132 -86.34 65.22 -15.09
CA ARG JA 132 -87.76 65.52 -15.12
C ARG JA 132 -88.26 65.75 -16.55
N SER JA 133 -87.56 66.58 -17.31
CA SER JA 133 -87.97 66.85 -18.68
C SER JA 133 -87.71 65.66 -19.59
N SER JA 134 -86.54 65.02 -19.45
CA SER JA 134 -86.19 63.92 -20.34
C SER JA 134 -87.03 62.68 -20.08
N SER JA 135 -87.72 62.60 -18.95
CA SER JA 135 -88.53 61.43 -18.64
C SER JA 135 -89.69 61.32 -19.61
N SER JA 136 -89.93 60.09 -20.09
CA SER JA 136 -91.03 59.81 -21.00
C SER JA 136 -92.27 59.29 -20.29
N ASN JA 137 -92.11 58.59 -19.16
CA ASN JA 137 -93.27 58.10 -18.43
C ASN JA 137 -94.07 59.28 -17.88
N PRO JA 138 -95.39 59.17 -17.80
CA PRO JA 138 -96.20 60.30 -17.34
C PRO JA 138 -95.84 60.71 -15.91
N ALA JA 139 -95.89 62.01 -15.65
CA ALA JA 139 -95.60 62.55 -14.34
C ALA JA 139 -96.83 62.45 -13.44
N LEU JA 140 -96.58 62.32 -12.14
CA LEU JA 140 -97.65 62.23 -11.15
C LEU JA 140 -97.62 63.44 -10.23
N ALA JA 141 -98.64 63.53 -9.38
CA ALA JA 141 -98.78 64.62 -8.43
C ALA JA 141 -98.67 64.08 -7.01
N LEU JA 142 -97.84 64.73 -6.20
CA LEU JA 142 -97.63 64.32 -4.82
C LEU JA 142 -98.81 64.81 -3.99
N PRO JA 143 -99.58 63.93 -3.34
CA PRO JA 143 -100.72 64.40 -2.57
C PRO JA 143 -100.31 65.33 -1.43
N ASP JA 144 -101.19 66.28 -1.13
CA ASP JA 144 -100.92 67.20 -0.03
C ASP JA 144 -100.79 66.44 1.28
N ASP JA 145 -101.65 65.45 1.51
CA ASP JA 145 -101.55 64.62 2.70
C ASP JA 145 -100.39 63.63 2.55
N ALA JA 146 -99.86 63.20 3.69
CA ALA JA 146 -98.74 62.27 3.69
C ALA JA 146 -99.18 60.81 3.65
N ARG JA 147 -100.47 60.54 3.82
CA ARG JA 147 -100.92 59.15 3.92
C ARG JA 147 -101.08 58.49 2.56
N GLU JA 148 -101.25 59.27 1.50
CA GLU JA 148 -101.51 58.74 0.16
C GLU JA 148 -100.25 58.64 -0.68
N ILE JA 149 -99.10 59.09 -0.16
CA ILE JA 149 -97.86 59.08 -0.96
C ILE JA 149 -97.50 57.66 -1.37
N PRO JA 150 -97.57 56.64 -0.50
CA PRO JA 150 -97.18 55.29 -0.94
C PRO JA 150 -98.00 54.78 -2.12
N ASP JA 151 -99.28 55.14 -2.21
CA ASP JA 151 -100.08 54.73 -3.35
C ASP JA 151 -99.52 55.31 -4.64
N VAL JA 152 -99.14 56.58 -4.61
CA VAL JA 152 -98.58 57.22 -5.81
C VAL JA 152 -97.24 56.58 -6.17
N ILE JA 153 -96.43 56.24 -5.16
CA ILE JA 153 -95.16 55.57 -5.43
C ILE JA 153 -95.40 54.20 -6.06
N ALA JA 154 -96.41 53.48 -5.57
CA ALA JA 154 -96.74 52.20 -6.19
C ALA JA 154 -97.20 52.37 -7.63
N GLN JA 155 -97.96 53.44 -7.90
CA GLN JA 155 -98.35 53.73 -9.27
C GLN JA 155 -97.14 54.01 -10.15
N ALA JA 156 -96.18 54.78 -9.64
CA ALA JA 156 -94.97 55.09 -10.42
C ALA JA 156 -94.15 53.84 -10.69
N LEU JA 157 -94.03 52.97 -9.68
CA LEU JA 157 -93.36 51.70 -9.90
C LEU JA 157 -94.09 50.89 -10.95
N SER JA 158 -95.42 50.88 -10.91
CA SER JA 158 -96.20 50.20 -11.93
C SER JA 158 -95.90 50.77 -13.31
N GLU JA 159 -95.74 52.09 -13.42
CA GLU JA 159 -95.46 52.68 -14.73
C GLU JA 159 -94.09 52.26 -15.27
N LEU JA 160 -93.04 52.47 -14.48
CA LEU JA 160 -91.70 52.03 -14.86
C LEU JA 160 -91.73 50.55 -15.26
N ARG JA 161 -92.34 49.76 -14.40
CA ARG JA 161 -92.26 48.32 -14.44
C ARG JA 161 -93.20 47.73 -15.47
N LEU JA 162 -94.17 48.52 -15.91
CA LEU JA 162 -94.83 48.28 -17.19
C LEU JA 162 -93.89 48.56 -18.35
N ALA JA 163 -93.22 49.73 -18.31
CA ALA JA 163 -92.39 50.15 -19.43
C ALA JA 163 -91.28 49.16 -19.70
N GLY JA 164 -90.90 48.36 -18.71
CA GLY JA 164 -89.98 47.26 -18.94
C GLY JA 164 -88.60 47.44 -18.36
N VAL JA 165 -88.41 48.38 -17.45
CA VAL JA 165 -87.12 48.62 -16.84
C VAL JA 165 -86.96 47.73 -15.62
N ASP JA 166 -85.73 47.29 -15.37
CA ASP JA 166 -85.43 46.38 -14.26
C ASP JA 166 -84.33 46.96 -13.38
N GLY JA 167 -83.85 46.16 -12.43
CA GLY JA 167 -82.83 46.57 -11.50
C GLY JA 167 -83.42 47.22 -10.27
N PRO JA 168 -82.60 47.41 -9.24
CA PRO JA 168 -83.12 47.98 -8.00
C PRO JA 168 -83.73 49.36 -8.25
N TYR JA 169 -84.84 49.63 -7.58
CA TYR JA 169 -85.54 50.90 -7.69
C TYR JA 169 -85.28 51.73 -6.44
N SER JA 170 -85.28 53.05 -6.63
CA SER JA 170 -84.92 53.97 -5.56
C SER JA 170 -85.82 55.20 -5.60
N VAL JA 171 -86.11 55.74 -4.43
CA VAL JA 171 -86.98 56.89 -4.27
C VAL JA 171 -86.14 58.02 -3.69
N LEU JA 172 -86.10 59.14 -4.39
CA LEU JA 172 -85.45 60.36 -3.92
C LEU JA 172 -86.54 61.34 -3.54
N LEU JA 173 -86.53 61.78 -2.28
CA LEU JA 173 -87.58 62.64 -1.75
C LEU JA 173 -87.02 64.03 -1.43
N SER JA 174 -87.89 65.03 -1.57
CA SER JA 174 -87.51 66.41 -1.32
C SER JA 174 -87.33 66.62 0.18
N ALA JA 175 -86.81 67.78 0.57
CA ALA JA 175 -86.70 68.10 1.99
C ALA JA 175 -88.08 68.19 2.63
N GLU JA 176 -88.99 68.92 1.99
CA GLU JA 176 -90.31 69.13 2.57
C GLU JA 176 -91.11 67.82 2.62
N THR JA 177 -90.98 66.99 1.59
CA THR JA 177 -91.68 65.70 1.58
C THR JA 177 -91.07 64.72 2.56
N TYR JA 178 -89.75 64.68 2.66
CA TYR JA 178 -89.10 63.79 3.62
C TYR JA 178 -89.43 64.18 5.05
N THR JA 179 -89.41 65.48 5.36
CA THR JA 179 -89.85 65.93 6.68
C THR JA 179 -91.28 65.47 6.96
N LYS JA 180 -92.16 65.57 5.95
CA LYS JA 180 -93.54 65.17 6.15
C LYS JA 180 -93.66 63.69 6.45
N VAL JA 181 -93.05 62.84 5.61
CA VAL JA 181 -93.18 61.41 5.80
C VAL JA 181 -92.47 60.96 7.09
N SER JA 182 -91.46 61.71 7.52
CA SER JA 182 -90.77 61.35 8.75
C SER JA 182 -91.60 61.72 9.98
N GLU JA 183 -92.06 62.96 10.07
CA GLU JA 183 -92.85 63.39 11.22
C GLU JA 183 -94.16 62.61 11.29
N THR JA 184 -94.82 62.43 10.15
CA THR JA 184 -96.08 61.71 10.14
C THR JA 184 -95.85 60.23 10.45
N THR JA 185 -96.82 59.63 11.15
CA THR JA 185 -96.70 58.25 11.62
C THR JA 185 -98.03 57.53 11.43
N ALA JA 186 -97.96 56.20 11.37
CA ALA JA 186 -99.15 55.38 11.23
C ALA JA 186 -98.87 54.01 11.81
N HIS JA 187 -99.77 53.54 12.67
CA HIS JA 187 -99.66 52.22 13.30
C HIS JA 187 -98.32 52.05 14.01
N GLY JA 188 -97.77 53.16 14.50
CA GLY JA 188 -96.51 53.10 15.20
C GLY JA 188 -95.28 53.02 14.31
N TYR JA 189 -95.40 53.31 13.02
CA TYR JA 189 -94.26 53.44 12.14
C TYR JA 189 -94.39 54.69 11.27
N PRO JA 190 -93.28 55.36 10.94
CA PRO JA 190 -93.37 56.50 10.03
C PRO JA 190 -93.82 56.13 8.63
N ILE JA 191 -94.45 57.12 7.99
CA ILE JA 191 -94.84 56.96 6.61
C ILE JA 191 -93.62 56.72 5.73
N ARG JA 192 -92.45 57.20 6.16
CA ARG JA 192 -91.23 56.91 5.42
C ARG JA 192 -90.90 55.42 5.44
N GLU JA 193 -91.05 54.76 6.59
CA GLU JA 193 -90.86 53.31 6.62
C GLU JA 193 -91.93 52.62 5.78
N HIS JA 194 -93.17 53.12 5.85
CA HIS JA 194 -94.20 52.61 4.95
C HIS JA 194 -93.73 52.65 3.49
N ILE JA 195 -93.15 53.76 3.06
CA ILE JA 195 -92.63 53.88 1.70
C ILE JA 195 -91.51 52.87 1.47
N ASN JA 196 -90.55 52.82 2.40
CA ASN JA 196 -89.39 51.94 2.25
C ASN JA 196 -89.80 50.50 2.02
N ARG JA 197 -90.90 50.08 2.65
CA ARG JA 197 -91.32 48.68 2.56
C ARG JA 197 -91.50 48.22 1.12
N LEU JA 198 -91.81 49.12 0.19
CA LEU JA 198 -92.15 48.75 -1.18
C LEU JA 198 -90.92 48.48 -2.03
N VAL JA 199 -89.95 49.40 -2.02
CA VAL JA 199 -88.84 49.35 -2.95
C VAL JA 199 -87.80 48.34 -2.47
N ASP JA 200 -86.92 47.96 -3.40
CA ASP JA 200 -85.80 47.06 -3.11
C ASP JA 200 -84.52 47.82 -2.81
N GLY JA 201 -84.41 49.08 -3.26
CA GLY JA 201 -83.20 49.86 -3.06
C GLY JA 201 -83.19 50.65 -1.78
N GLU JA 202 -83.06 51.97 -1.89
CA GLU JA 202 -82.90 52.84 -0.73
C GLU JA 202 -83.81 54.06 -0.88
N ILE JA 203 -84.05 54.72 0.26
CA ILE JA 203 -84.72 56.01 0.30
C ILE JA 203 -83.65 57.08 0.46
N ILE JA 204 -83.70 58.12 -0.37
CA ILE JA 204 -82.62 59.12 -0.44
C ILE JA 204 -83.18 60.52 -0.21
N TRP JA 205 -82.41 61.32 0.53
CA TRP JA 205 -82.66 62.75 0.71
C TRP JA 205 -82.28 63.50 -0.56
N ALA JA 206 -83.19 64.35 -1.04
CA ALA JA 206 -82.89 65.23 -2.16
C ALA JA 206 -83.38 66.63 -1.87
N PRO JA 207 -82.69 67.40 -1.01
CA PRO JA 207 -83.22 68.71 -0.63
C PRO JA 207 -83.27 69.68 -1.79
N ALA JA 208 -82.30 69.60 -2.69
CA ALA JA 208 -82.21 70.51 -3.82
C ALA JA 208 -83.39 70.36 -4.75
N ILE JA 209 -83.86 69.13 -4.96
CA ILE JA 209 -84.94 68.89 -5.91
C ILE JA 209 -86.26 69.27 -5.25
N ASP JA 210 -87.31 69.38 -6.06
CA ASP JA 210 -88.65 69.72 -5.59
C ASP JA 210 -89.60 68.62 -6.06
N GLY JA 211 -90.21 67.93 -5.11
CA GLY JA 211 -91.13 66.86 -5.43
C GLY JA 211 -90.63 65.50 -4.99
N ALA JA 212 -90.64 64.54 -5.90
CA ALA JA 212 -90.12 63.20 -5.62
C ALA JA 212 -89.78 62.53 -6.94
N PHE JA 213 -88.94 61.49 -6.85
CA PHE JA 213 -88.50 60.79 -8.07
C PHE JA 213 -88.36 59.31 -7.74
N VAL JA 214 -88.91 58.46 -8.61
CA VAL JA 214 -88.71 57.01 -8.50
C VAL JA 214 -87.97 56.55 -9.74
N LEU JA 215 -86.79 55.96 -9.57
CA LEU JA 215 -85.95 55.64 -10.72
C LEU JA 215 -85.22 54.31 -10.52
N SER JA 216 -84.80 53.74 -11.64
CA SER JA 216 -84.04 52.50 -11.63
C SER JA 216 -82.55 52.79 -11.48
N THR JA 217 -81.83 51.83 -10.92
CA THR JA 217 -80.39 51.93 -10.72
C THR JA 217 -79.65 50.74 -11.33
N ARG JA 218 -80.23 50.15 -12.38
CA ARG JA 218 -79.53 49.07 -13.07
C ARG JA 218 -78.21 49.55 -13.64
N GLY JA 219 -78.19 50.75 -14.20
CA GLY JA 219 -76.98 51.33 -14.76
C GLY JA 219 -77.11 51.60 -16.25
N GLY JA 220 -76.35 52.56 -16.74
CA GLY JA 220 -76.35 52.90 -18.16
C GLY JA 220 -77.42 53.85 -18.60
N ASP JA 221 -78.16 54.47 -17.69
CA ASP JA 221 -79.22 55.40 -18.02
C ASP JA 221 -78.90 56.85 -17.68
N PHE JA 222 -78.06 57.12 -16.69
CA PHE JA 222 -77.70 58.47 -16.31
C PHE JA 222 -76.18 58.54 -16.19
N ASP JA 223 -75.60 59.64 -16.66
CA ASP JA 223 -74.14 59.81 -16.65
C ASP JA 223 -73.81 61.23 -16.19
N LEU JA 224 -73.09 61.34 -15.08
CA LEU JA 224 -72.58 62.62 -14.60
C LEU JA 224 -71.11 62.70 -15.00
N GLN JA 225 -70.81 63.52 -16.00
CA GLN JA 225 -69.45 63.66 -16.50
C GLN JA 225 -68.75 64.79 -15.76
N LEU JA 226 -67.59 64.48 -15.19
CA LEU JA 226 -66.79 65.46 -14.46
C LEU JA 226 -65.46 65.67 -15.18
N GLY JA 227 -65.08 66.92 -15.37
CA GLY JA 227 -63.76 67.23 -15.86
C GLY JA 227 -62.78 67.28 -14.70
N THR JA 228 -63.15 68.04 -13.67
CA THR JA 228 -62.42 68.09 -12.42
C THR JA 228 -63.42 68.05 -11.27
N ASP JA 229 -63.07 67.28 -10.24
CA ASP JA 229 -63.96 67.12 -9.08
C ASP JA 229 -63.95 68.40 -8.26
N VAL JA 230 -64.64 68.38 -7.12
CA VAL JA 230 -64.73 69.55 -6.27
C VAL JA 230 -63.34 69.93 -5.77
N SER JA 231 -63.00 71.21 -5.87
CA SER JA 231 -61.72 71.71 -5.43
C SER JA 231 -61.91 73.04 -4.73
N ILE JA 232 -60.95 73.40 -3.87
CA ILE JA 232 -60.97 74.66 -3.13
C ILE JA 232 -59.76 75.48 -3.53
N GLY JA 233 -59.99 76.76 -3.85
CA GLY JA 233 -58.94 77.64 -4.32
C GLY JA 233 -58.85 78.96 -3.58
N TYR JA 234 -57.94 79.81 -4.01
CA TYR JA 234 -57.65 81.09 -3.37
C TYR JA 234 -57.68 82.20 -4.40
N LEU JA 235 -58.34 83.31 -4.09
CA LEU JA 235 -58.36 84.46 -4.98
C LEU JA 235 -57.49 85.60 -4.46
N SER JA 236 -57.73 86.06 -3.24
CA SER JA 236 -57.00 87.18 -2.66
C SER JA 236 -57.13 87.11 -1.15
N HIS JA 237 -56.49 88.05 -0.46
CA HIS JA 237 -56.49 88.04 0.99
C HIS JA 237 -56.28 89.47 1.50
N ASP JA 238 -56.53 89.64 2.79
CA ASP JA 238 -56.48 90.94 3.44
C ASP JA 238 -55.90 90.73 4.84
N ALA JA 239 -55.72 91.82 5.58
CA ALA JA 239 -55.21 91.73 6.94
C ALA JA 239 -56.15 90.97 7.87
N GLU JA 240 -57.40 90.76 7.47
CA GLU JA 240 -58.40 90.14 8.33
C GLU JA 240 -59.02 88.87 7.74
N VAL JA 241 -59.15 88.79 6.42
CA VAL JA 241 -59.90 87.73 5.77
C VAL JA 241 -59.12 87.17 4.59
N VAL JA 242 -59.56 86.00 4.13
CA VAL JA 242 -59.07 85.38 2.90
C VAL JA 242 -60.28 84.98 2.08
N HIS JA 243 -60.22 85.22 0.77
CA HIS JA 243 -61.30 84.87 -0.14
C HIS JA 243 -60.95 83.59 -0.89
N LEU JA 244 -61.80 82.59 -0.78
CA LEU JA 244 -61.61 81.29 -1.40
C LEU JA 244 -62.84 80.96 -2.24
N TYR JA 245 -62.76 79.87 -3.01
CA TYR JA 245 -63.87 79.43 -3.83
C TYR JA 245 -63.88 77.92 -3.88
N MET JA 246 -65.07 77.35 -4.08
CA MET JA 246 -65.23 75.94 -4.36
C MET JA 246 -65.67 75.78 -5.81
N GLU JA 247 -64.98 74.93 -6.55
CA GLU JA 247 -65.08 74.85 -8.00
C GLU JA 247 -65.30 73.41 -8.45
N GLU JA 248 -66.13 73.23 -9.46
CA GLU JA 248 -66.27 71.93 -10.10
C GLU JA 248 -66.76 72.10 -11.54
N THR JA 249 -66.21 71.30 -12.44
CA THR JA 249 -66.58 71.34 -13.86
C THR JA 249 -67.31 70.05 -14.23
N MET JA 250 -68.55 70.19 -14.71
CA MET JA 250 -69.42 69.02 -14.86
C MET JA 250 -70.39 69.22 -16.01
N THR JA 251 -71.05 68.10 -16.35
CA THR JA 251 -72.25 68.10 -17.17
C THR JA 251 -73.01 66.80 -16.87
N PHE JA 252 -74.27 66.76 -17.28
CA PHE JA 252 -75.13 65.61 -17.01
C PHE JA 252 -75.83 65.17 -18.28
N LEU JA 253 -75.95 63.86 -18.47
CA LEU JA 253 -76.63 63.29 -19.62
C LEU JA 253 -77.59 62.19 -19.17
N CYS JA 254 -78.78 62.19 -19.76
CA CYS JA 254 -79.75 61.12 -19.57
C CYS JA 254 -79.93 60.40 -20.91
N TYR JA 255 -79.82 59.08 -20.89
CA TYR JA 255 -79.90 58.27 -22.10
C TYR JA 255 -81.21 57.50 -22.21
N THR JA 256 -81.73 57.01 -21.09
CA THR JA 256 -82.97 56.24 -21.07
C THR JA 256 -84.06 57.10 -20.44
N ALA JA 257 -85.07 57.45 -21.23
CA ALA JA 257 -86.15 58.30 -20.75
C ALA JA 257 -87.20 57.54 -19.96
N GLU JA 258 -87.18 56.21 -20.03
CA GLU JA 258 -88.20 55.39 -19.40
C GLU JA 258 -87.78 54.79 -18.06
N ALA JA 259 -86.62 55.17 -17.54
CA ALA JA 259 -86.09 54.59 -16.31
C ALA JA 259 -86.41 55.44 -15.07
N SER JA 260 -87.25 56.45 -15.21
CA SER JA 260 -87.56 57.34 -14.09
C SER JA 260 -89.00 57.81 -14.18
N VAL JA 261 -89.55 58.18 -13.03
CA VAL JA 261 -90.89 58.76 -12.92
C VAL JA 261 -90.78 59.93 -11.96
N ALA JA 262 -91.40 61.05 -12.33
CA ALA JA 262 -91.31 62.28 -11.56
C ALA JA 262 -92.67 62.58 -10.92
N LEU JA 263 -92.62 63.07 -9.69
CA LEU JA 263 -93.82 63.46 -8.95
C LEU JA 263 -93.67 64.92 -8.53
N THR JA 264 -94.61 65.75 -8.96
CA THR JA 264 -94.52 67.19 -8.74
C THR JA 264 -95.33 67.59 -7.51
N PRO JA 265 -94.88 68.61 -6.76
CA PRO JA 265 -95.59 69.03 -5.55
C PRO JA 265 -97.04 69.42 -5.82
N ASN KA 2 71.29 15.20 -53.86
CA ASN KA 2 71.23 16.37 -54.74
C ASN KA 2 72.54 16.54 -55.49
N ASN KA 3 72.66 17.65 -56.23
CA ASN KA 3 73.83 17.87 -57.07
C ASN KA 3 75.08 18.19 -56.27
N LEU KA 4 74.97 18.44 -54.97
CA LEU KA 4 76.15 18.70 -54.15
C LEU KA 4 77.01 17.44 -54.03
N TYR KA 5 76.38 16.27 -53.97
CA TYR KA 5 77.10 15.00 -53.83
C TYR KA 5 77.93 14.98 -52.55
N ARG KA 6 77.34 15.44 -51.45
CA ARG KA 6 78.02 15.41 -50.17
C ARG KA 6 78.11 14.00 -49.59
N ASP KA 7 77.14 13.14 -49.88
CA ASP KA 7 77.17 11.78 -49.36
C ASP KA 7 78.38 11.00 -49.83
N LEU KA 8 79.02 11.44 -50.91
CA LEU KA 8 80.19 10.77 -51.46
C LEU KA 8 81.50 11.29 -50.88
N ALA KA 9 81.46 12.35 -50.07
CA ALA KA 9 82.69 12.93 -49.56
C ALA KA 9 83.14 12.21 -48.29
N PRO KA 10 84.45 12.03 -48.08
CA PRO KA 10 84.95 11.40 -46.85
C PRO KA 10 85.01 12.36 -45.68
N ILE KA 11 83.84 12.86 -45.27
CA ILE KA 11 83.73 13.85 -44.20
C ILE KA 11 82.59 13.44 -43.28
N THR KA 12 82.80 13.58 -41.98
CA THR KA 12 81.81 13.21 -40.98
C THR KA 12 80.81 14.35 -40.76
N GLU KA 13 79.73 14.01 -40.05
CA GLU KA 13 78.68 15.00 -39.78
C GLU KA 13 79.23 16.15 -38.95
N SER KA 14 80.05 15.84 -37.95
CA SER KA 14 80.60 16.89 -37.09
C SER KA 14 81.49 17.85 -37.87
N ALA KA 15 82.35 17.32 -38.73
CA ALA KA 15 83.22 18.18 -39.53
C ALA KA 15 82.40 18.99 -40.53
N TRP KA 16 81.36 18.39 -41.11
CA TRP KA 16 80.46 19.13 -41.98
C TRP KA 16 79.84 20.31 -41.23
N ALA KA 17 79.37 20.06 -40.01
CA ALA KA 17 78.78 21.12 -39.21
C ALA KA 17 79.78 22.23 -38.91
N GLU KA 18 81.01 21.84 -38.55
CA GLU KA 18 82.04 22.85 -38.27
C GLU KA 18 82.31 23.70 -39.49
N ILE KA 19 82.45 23.07 -40.66
CA ILE KA 19 82.75 23.82 -41.88
C ILE KA 19 81.60 24.76 -42.22
N GLU KA 20 80.37 24.27 -42.13
CA GLU KA 20 79.21 25.11 -42.42
C GLU KA 20 79.15 26.30 -41.47
N LEU KA 21 79.35 26.06 -40.18
CA LEU KA 21 79.31 27.15 -39.21
C LEU KA 21 80.39 28.18 -39.49
N GLU KA 22 81.61 27.73 -39.77
CA GLU KA 22 82.71 28.65 -40.02
C GLU KA 22 82.46 29.48 -41.27
N ALA KA 23 81.96 28.86 -42.34
CA ALA KA 23 81.69 29.61 -43.56
C ALA KA 23 80.56 30.61 -43.35
N THR KA 24 79.48 30.19 -42.68
CA THR KA 24 78.35 31.08 -42.45
C THR KA 24 78.78 32.30 -41.64
N ARG KA 25 79.55 32.08 -40.57
CA ARG KA 25 79.98 33.19 -39.74
C ARG KA 25 80.78 34.22 -40.54
N THR KA 26 81.76 33.74 -41.31
CA THR KA 26 82.62 34.65 -42.05
C THR KA 26 81.86 35.39 -43.14
N PHE KA 27 80.97 34.68 -43.85
CA PHE KA 27 80.19 35.34 -44.90
C PHE KA 27 79.27 36.41 -44.30
N LYS KA 28 78.59 36.08 -43.20
CA LYS KA 28 77.70 37.05 -42.57
C LYS KA 28 78.49 38.23 -42.02
N ARG KA 29 79.77 38.00 -41.65
CA ARG KA 29 80.62 39.10 -41.25
C ARG KA 29 80.94 40.01 -42.43
N HIS KA 30 81.35 39.43 -43.55
CA HIS KA 30 81.92 40.20 -44.65
C HIS KA 30 80.88 40.71 -45.63
N ILE KA 31 79.61 40.36 -45.47
CA ILE KA 31 78.56 40.75 -46.40
C ILE KA 31 77.87 41.99 -45.88
N ALA KA 32 77.54 42.91 -46.81
CA ALA KA 32 76.92 44.18 -46.45
C ALA KA 32 75.65 44.51 -47.23
N GLY KA 33 75.59 44.16 -48.52
CA GLY KA 33 74.43 44.55 -49.32
C GLY KA 33 73.14 43.94 -48.81
N ARG KA 34 73.20 42.71 -48.29
CA ARG KA 34 72.03 42.02 -47.78
C ARG KA 34 71.36 42.77 -46.63
N ARG KA 35 72.08 43.68 -45.97
CA ARG KA 35 71.54 44.45 -44.88
C ARG KA 35 70.82 45.71 -45.32
N VAL KA 36 70.94 46.10 -46.59
CA VAL KA 36 70.34 47.34 -47.07
C VAL KA 36 69.55 47.11 -48.36
N VAL KA 37 69.45 45.86 -48.82
CA VAL KA 37 68.71 45.56 -50.03
C VAL KA 37 67.68 44.48 -49.73
N ASP KA 38 66.50 44.63 -50.33
CA ASP KA 38 65.48 43.59 -50.23
C ASP KA 38 65.98 42.32 -50.90
N VAL KA 39 65.67 41.18 -50.29
CA VAL KA 39 66.12 39.88 -50.78
C VAL KA 39 64.90 39.05 -51.14
N SER KA 40 64.83 38.60 -52.38
CA SER KA 40 63.80 37.67 -52.82
C SER KA 40 64.31 36.25 -52.56
N GLY KA 41 63.70 35.57 -51.60
CA GLY KA 41 64.17 34.29 -51.14
C GLY KA 41 64.38 33.31 -52.28
N PRO KA 42 65.11 32.23 -52.02
CA PRO KA 42 65.39 31.25 -53.08
C PRO KA 42 64.11 30.74 -53.72
N ASN KA 43 64.06 30.77 -55.04
CA ASN KA 43 62.92 30.29 -55.80
C ASN KA 43 63.14 28.90 -56.37
N GLY KA 44 64.28 28.27 -56.10
CA GLY KA 44 64.53 26.91 -56.51
C GLY KA 44 65.55 26.82 -57.62
N PRO KA 45 66.13 25.63 -57.80
CA PRO KA 45 67.12 25.46 -58.88
C PRO KA 45 66.54 25.63 -60.27
N THR KA 46 65.21 25.50 -60.43
CA THR KA 46 64.58 25.68 -61.72
C THR KA 46 64.54 27.13 -62.18
N THR KA 47 64.78 28.07 -61.27
CA THR KA 47 64.73 29.49 -61.62
C THR KA 47 65.97 29.89 -62.39
N ALA KA 48 65.77 30.57 -63.52
CA ALA KA 48 66.88 30.96 -64.40
C ALA KA 48 66.89 32.44 -64.76
N SER KA 49 65.76 33.14 -64.65
CA SER KA 49 65.71 34.53 -65.07
C SER KA 49 64.61 35.25 -64.29
N VAL KA 50 64.66 36.58 -64.31
CA VAL KA 50 63.69 37.43 -63.65
C VAL KA 50 63.05 38.34 -64.70
N SER KA 51 61.73 38.26 -64.83
CA SER KA 51 61.03 39.10 -65.80
C SER KA 51 61.09 40.56 -65.38
N THR KA 52 61.20 41.45 -66.36
CA THR KA 52 61.15 42.89 -66.08
C THR KA 52 59.83 43.52 -66.46
N GLY KA 53 58.97 42.81 -67.19
CA GLY KA 53 57.70 43.36 -67.62
C GLY KA 53 57.78 44.28 -68.81
N HIS KA 54 58.97 44.47 -69.38
CA HIS KA 54 59.17 45.31 -70.56
C HIS KA 54 59.10 44.47 -71.82
N LEU KA 55 58.97 45.16 -72.95
CA LEU KA 55 58.87 44.54 -74.26
C LEU KA 55 59.96 45.08 -75.17
N LEU KA 56 60.42 44.23 -76.09
CA LEU KA 56 61.44 44.61 -77.06
C LEU KA 56 60.91 44.36 -78.47
N ASP KA 57 61.21 45.29 -79.37
CA ASP KA 57 60.74 45.18 -80.74
C ASP KA 57 61.50 44.09 -81.48
N VAL KA 58 60.81 43.40 -82.40
CA VAL KA 58 61.37 42.28 -83.13
C VAL KA 58 60.68 42.16 -84.48
N SER KA 59 61.39 41.63 -85.45
CA SER KA 59 60.87 41.49 -86.80
C SER KA 59 59.65 40.57 -86.79
N PRO KA 60 58.56 40.92 -87.48
CA PRO KA 60 57.36 40.09 -87.41
C PRO KA 60 57.52 38.81 -88.21
N PRO KA 61 56.79 37.75 -87.86
CA PRO KA 61 56.77 36.57 -88.73
C PRO KA 61 56.23 36.85 -90.12
N GLY KA 62 55.27 37.75 -90.23
CA GLY KA 62 54.64 37.99 -91.52
C GLY KA 62 53.83 39.26 -91.51
N ASP KA 63 53.05 39.43 -92.58
CA ASP KA 63 52.28 40.66 -92.76
C ASP KA 63 51.12 40.72 -91.78
N GLY KA 64 50.80 41.93 -91.33
CA GLY KA 64 49.68 42.14 -90.43
C GLY KA 64 49.89 41.65 -89.02
N VAL KA 65 51.13 41.39 -88.63
CA VAL KA 65 51.45 40.84 -87.33
C VAL KA 65 52.46 41.75 -86.64
N ILE KA 66 52.20 42.06 -85.38
CA ILE KA 66 53.10 42.88 -84.55
C ILE KA 66 53.70 41.95 -83.51
N ALA KA 67 55.03 41.93 -83.43
CA ALA KA 67 55.76 41.01 -82.57
C ALA KA 67 56.61 41.78 -81.57
N HIS KA 68 56.63 41.31 -80.33
CA HIS KA 68 57.44 41.87 -79.27
C HIS KA 68 58.00 40.75 -78.41
N LEU KA 69 59.21 40.95 -77.90
CA LEU KA 69 59.86 39.97 -77.04
C LEU KA 69 59.82 40.43 -75.59
N ARG KA 70 59.50 39.49 -74.70
CA ARG KA 70 59.51 39.78 -73.27
C ARG KA 70 60.94 39.87 -72.77
N ASP KA 71 61.18 40.78 -71.83
CA ASP KA 71 62.52 41.07 -71.35
C ASP KA 71 62.77 40.45 -69.98
N ALA KA 72 63.90 39.76 -69.85
CA ALA KA 72 64.25 39.08 -68.62
C ALA KA 72 65.73 39.28 -68.34
N LYS KA 73 66.07 39.22 -67.06
CA LYS KA 73 67.43 39.33 -66.58
C LYS KA 73 67.92 37.95 -66.18
N PRO KA 74 68.99 37.42 -66.79
CA PRO KA 74 69.46 36.08 -66.43
C PRO KA 74 70.16 36.08 -65.06
N LEU KA 75 70.18 34.90 -64.47
CA LEU KA 75 70.86 34.67 -63.19
C LEU KA 75 72.25 34.09 -63.46
N VAL KA 76 73.20 34.47 -62.62
CA VAL KA 76 74.59 34.05 -62.77
C VAL KA 76 74.97 33.21 -61.55
N ARG KA 77 75.68 32.12 -61.79
CA ARG KA 77 76.13 31.20 -60.75
C ARG KA 77 77.61 31.47 -60.46
N LEU KA 78 77.92 31.73 -59.19
CA LEU KA 78 79.28 31.97 -58.74
C LEU KA 78 79.73 30.77 -57.91
N ARG KA 79 80.86 30.20 -58.29
CA ARG KA 79 81.44 29.03 -57.64
C ARG KA 79 82.89 29.32 -57.27
N VAL KA 80 83.22 29.15 -56.00
CA VAL KA 80 84.58 29.38 -55.51
C VAL KA 80 85.11 28.06 -54.94
N PRO KA 81 86.15 27.46 -55.54
CA PRO KA 81 86.66 26.20 -55.02
C PRO KA 81 87.72 26.41 -53.94
N PHE KA 82 87.84 25.39 -53.08
CA PHE KA 82 88.86 25.37 -52.04
C PHE KA 82 89.16 23.92 -51.67
N THR KA 83 90.24 23.74 -50.92
CA THR KA 83 90.76 22.42 -50.58
C THR KA 83 90.90 22.30 -49.07
N VAL KA 84 90.58 21.11 -48.56
CA VAL KA 84 90.63 20.84 -47.12
C VAL KA 84 91.43 19.58 -46.88
N ALA KA 85 92.02 19.48 -45.68
CA ALA KA 85 92.90 18.39 -45.33
C ALA KA 85 92.15 17.30 -44.56
N ARG KA 86 92.31 16.07 -45.02
CA ARG KA 86 91.67 14.92 -44.39
C ARG KA 86 92.14 14.69 -42.96
N ARG KA 87 93.36 15.10 -42.61
CA ARG KA 87 93.82 15.01 -41.24
C ARG KA 87 93.03 15.94 -40.32
N ASP KA 88 92.84 17.19 -40.71
CA ASP KA 88 91.99 18.10 -39.95
C ASP KA 88 90.56 17.60 -39.90
N ILE KA 89 90.07 16.99 -40.98
CA ILE KA 89 88.73 16.42 -40.95
C ILE KA 89 88.65 15.31 -39.93
N ASP KA 90 89.63 14.41 -39.92
CA ASP KA 90 89.56 13.22 -39.06
C ASP KA 90 89.73 13.60 -37.59
N ASP KA 91 90.54 14.63 -37.31
CA ASP KA 91 90.79 14.99 -35.92
C ASP KA 91 89.52 15.40 -35.18
N VAL KA 92 88.48 15.83 -35.90
CA VAL KA 92 87.28 16.33 -35.23
C VAL KA 92 86.63 15.23 -34.40
N GLU KA 93 86.49 14.03 -34.97
CA GLU KA 93 85.84 12.94 -34.25
C GLU KA 93 86.65 12.50 -33.03
N ARG KA 94 87.91 12.90 -32.94
CA ARG KA 94 88.74 12.68 -31.76
C ARG KA 94 88.59 13.77 -30.72
N GLY KA 95 87.52 14.56 -30.79
CA GLY KA 95 87.34 15.66 -29.87
C GLY KA 95 88.33 16.79 -30.05
N SER KA 96 88.83 17.00 -31.26
CA SER KA 96 89.70 18.12 -31.55
C SER KA 96 88.85 19.32 -31.97
N GLN KA 97 89.19 20.48 -31.42
CA GLN KA 97 88.49 21.73 -31.73
C GLN KA 97 89.44 22.89 -31.96
N ASP KA 98 90.59 22.63 -32.61
CA ASP KA 98 91.45 23.68 -33.14
C ASP KA 98 91.76 23.45 -34.61
N SER KA 99 90.90 22.75 -35.33
CA SER KA 99 91.17 22.39 -36.72
C SER KA 99 91.23 23.62 -37.60
N ASP KA 100 92.03 23.53 -38.67
CA ASP KA 100 92.27 24.65 -39.57
C ASP KA 100 91.16 24.70 -40.63
N TRP KA 101 90.46 25.83 -40.70
CA TRP KA 101 89.42 26.08 -41.69
C TRP KA 101 89.69 27.37 -42.45
N ASP KA 102 90.96 27.76 -42.52
CA ASP KA 102 91.34 28.99 -43.20
C ASP KA 102 90.94 28.99 -44.67
N PRO KA 103 91.13 27.92 -45.44
CA PRO KA 103 90.61 27.94 -46.82
C PRO KA 103 89.12 28.17 -46.89
N VAL KA 104 88.36 27.60 -45.95
CA VAL KA 104 86.92 27.84 -45.91
C VAL KA 104 86.66 29.33 -45.71
N LYS KA 105 87.35 29.94 -44.75
CA LYS KA 105 87.12 31.36 -44.47
C LYS KA 105 87.50 32.21 -45.68
N ASP KA 106 88.61 31.88 -46.34
CA ASP KA 106 89.04 32.65 -47.51
C ASP KA 106 88.02 32.54 -48.64
N ALA KA 107 87.51 31.33 -48.90
CA ALA KA 107 86.51 31.17 -49.94
C ALA KA 107 85.24 31.95 -49.62
N ALA KA 108 84.80 31.91 -48.36
CA ALA KA 108 83.63 32.69 -47.98
C ALA KA 108 83.86 34.17 -48.18
N LYS KA 109 85.05 34.66 -47.81
CA LYS KA 109 85.37 36.07 -48.02
C LYS KA 109 85.33 36.42 -49.51
N LYS KA 110 85.90 35.54 -50.34
CA LYS KA 110 85.92 35.79 -51.78
C LYS KA 110 84.51 35.87 -52.35
N LEU KA 111 83.64 34.93 -51.95
CA LEU KA 111 82.27 34.93 -52.44
C LEU KA 111 81.52 36.18 -51.99
N ALA KA 112 81.68 36.56 -50.72
CA ALA KA 112 81.02 37.77 -50.24
C ALA KA 112 81.50 38.99 -51.00
N PHE KA 113 82.81 39.05 -51.27
CA PHE KA 113 83.36 40.22 -51.97
C PHE KA 113 82.81 40.30 -53.39
N VAL KA 114 82.76 39.17 -54.10
CA VAL KA 114 82.23 39.22 -55.46
C VAL KA 114 80.76 39.62 -55.46
N GLU KA 115 79.99 39.09 -54.51
CA GLU KA 115 78.57 39.45 -54.44
C GLU KA 115 78.40 40.94 -54.19
N ASP KA 116 79.12 41.47 -53.20
CA ASP KA 116 78.96 42.88 -52.85
C ASP KA 116 79.45 43.78 -53.98
N ARG KA 117 80.54 43.39 -54.65
CA ARG KA 117 81.06 44.17 -55.76
C ARG KA 117 80.12 44.15 -56.95
N ALA KA 118 79.46 43.04 -57.23
CA ALA KA 118 78.43 43.02 -58.26
C ALA KA 118 77.25 43.91 -57.88
N ILE KA 119 76.85 43.90 -56.61
CA ILE KA 119 75.73 44.73 -56.18
C ILE KA 119 76.06 46.21 -56.33
N PHE KA 120 77.25 46.61 -55.89
CA PHE KA 120 77.57 48.04 -55.74
C PHE KA 120 78.36 48.63 -56.89
N GLU KA 121 78.91 47.81 -57.79
CA GLU KA 121 79.77 48.29 -58.85
C GLU KA 121 79.39 47.78 -60.22
N GLY KA 122 78.80 46.59 -60.31
CA GLY KA 122 78.32 46.06 -61.57
C GLY KA 122 79.17 44.91 -62.08
N TYR KA 123 78.51 43.92 -62.68
CA TYR KA 123 79.16 42.79 -63.33
C TYR KA 123 78.55 42.71 -64.72
N ALA KA 124 79.22 43.36 -65.68
CA ALA KA 124 78.61 43.62 -66.98
C ALA KA 124 78.25 42.34 -67.71
N ALA KA 125 79.15 41.36 -67.72
CA ALA KA 125 78.90 40.14 -68.48
C ALA KA 125 77.63 39.44 -68.02
N ALA KA 126 77.24 39.63 -66.76
CA ALA KA 126 75.99 39.12 -66.25
C ALA KA 126 74.84 40.11 -66.43
N SER KA 127 75.05 41.18 -67.19
CA SER KA 127 74.04 42.21 -67.42
C SER KA 127 73.62 42.88 -66.11
N ILE KA 128 74.52 42.93 -65.14
CA ILE KA 128 74.24 43.52 -63.83
C ILE KA 128 74.79 44.94 -63.84
N GLU KA 129 73.90 45.93 -63.79
CA GLU KA 129 74.29 47.32 -63.64
C GLU KA 129 74.25 47.68 -62.17
N GLY KA 130 75.37 48.17 -61.64
CA GLY KA 130 75.50 48.43 -60.23
C GLY KA 130 74.79 49.70 -59.79
N ILE KA 131 74.70 49.84 -58.47
CA ILE KA 131 74.10 51.04 -57.88
C ILE KA 131 74.86 52.29 -58.29
N ARG KA 132 76.19 52.21 -58.35
CA ARG KA 132 76.99 53.38 -58.72
C ARG KA 132 76.60 53.92 -60.10
N SER KA 133 76.52 53.02 -61.10
CA SER KA 133 76.16 53.46 -62.44
C SER KA 133 74.69 53.84 -62.54
N SER KA 134 73.81 53.04 -61.93
CA SER KA 134 72.38 53.30 -62.04
C SER KA 134 71.95 54.55 -61.27
N SER KA 135 72.79 55.05 -60.37
CA SER KA 135 72.42 56.23 -59.59
C SER KA 135 72.31 57.45 -60.50
N SER KA 136 71.25 58.24 -60.28
CA SER KA 136 71.03 59.46 -61.03
C SER KA 136 71.54 60.70 -60.32
N ASN KA 137 71.56 60.70 -58.99
CA ASN KA 137 72.07 61.85 -58.26
C ASN KA 137 73.56 62.00 -58.53
N PRO KA 138 74.07 63.24 -58.57
CA PRO KA 138 75.49 63.42 -58.88
C PRO KA 138 76.40 62.76 -57.87
N ALA KA 139 77.51 62.22 -58.35
CA ALA KA 139 78.49 61.57 -57.49
C ALA KA 139 79.41 62.60 -56.85
N LEU KA 140 79.90 62.27 -55.66
CA LEU KA 140 80.81 63.14 -54.92
C LEU KA 140 82.17 62.48 -54.79
N ALA KA 141 83.12 63.25 -54.25
CA ALA KA 141 84.49 62.80 -54.05
C ALA KA 141 84.79 62.74 -52.56
N LEU KA 142 85.36 61.62 -52.12
CA LEU KA 142 85.70 61.44 -50.72
C LEU KA 142 87.00 62.19 -50.44
N PRO KA 143 87.01 63.16 -49.52
CA PRO KA 143 88.25 63.90 -49.28
C PRO KA 143 89.37 62.99 -48.77
N ASP KA 144 90.60 63.34 -49.13
CA ASP KA 144 91.75 62.57 -48.66
C ASP KA 144 91.83 62.60 -47.14
N ASP KA 145 91.58 63.76 -46.54
CA ASP KA 145 91.56 63.87 -45.08
C ASP KA 145 90.27 63.27 -44.53
N ALA KA 146 90.33 62.82 -43.28
CA ALA KA 146 89.17 62.21 -42.65
C ALA KA 146 88.27 63.22 -41.96
N ARG KA 147 88.69 64.47 -41.85
CA ARG KA 147 87.91 65.45 -41.08
C ARG KA 147 86.77 66.03 -41.88
N GLU KA 148 86.85 66.01 -43.21
CA GLU KA 148 85.86 66.63 -44.08
C GLU KA 148 84.81 65.64 -44.58
N ILE KA 149 84.94 64.35 -44.24
CA ILE KA 149 83.99 63.35 -44.73
C ILE KA 149 82.57 63.67 -44.28
N PRO KA 150 82.31 64.05 -43.02
CA PRO KA 150 80.92 64.33 -42.62
C PRO KA 150 80.26 65.42 -43.44
N ASP KA 151 81.02 66.43 -43.87
CA ASP KA 151 80.44 67.46 -44.71
C ASP KA 151 79.95 66.89 -46.03
N VAL KA 152 80.74 66.00 -46.63
CA VAL KA 152 80.34 65.39 -47.90
C VAL KA 152 79.13 64.49 -47.70
N ILE KA 153 79.07 63.78 -46.56
CA ILE KA 153 77.90 62.96 -46.28
C ILE KA 153 76.66 63.83 -46.10
N ALA KA 154 76.80 64.97 -45.44
CA ALA KA 154 75.68 65.89 -45.32
C ALA KA 154 75.23 66.40 -46.67
N GLN KA 155 76.19 66.69 -47.57
CA GLN KA 155 75.84 67.09 -48.92
C GLN KA 155 75.07 66.00 -49.65
N ALA KA 156 75.51 64.74 -49.51
CA ALA KA 156 74.81 63.63 -50.17
C ALA KA 156 73.41 63.45 -49.63
N LEU KA 157 73.25 63.57 -48.30
CA LEU KA 157 71.92 63.53 -47.73
C LEU KA 157 71.07 64.66 -48.27
N SER KA 158 71.64 65.86 -48.40
CA SER KA 158 70.92 66.97 -49.00
C SER KA 158 70.49 66.63 -50.42
N GLU KA 159 71.34 65.96 -51.19
CA GLU KA 159 70.95 65.63 -52.56
C GLU KA 159 69.79 64.64 -52.62
N LEU KA 160 69.92 63.49 -51.94
CA LEU KA 160 68.83 62.54 -51.85
C LEU KA 160 67.55 63.23 -51.40
N ARG KA 161 67.67 64.01 -50.34
CA ARG KA 161 66.55 64.54 -49.59
C ARG KA 161 65.96 65.76 -50.26
N LEU KA 162 66.72 66.36 -51.18
CA LEU KA 162 66.15 67.22 -52.21
C LEU KA 162 65.35 66.41 -53.21
N ALA KA 163 65.94 65.31 -53.71
CA ALA KA 163 65.31 64.54 -54.77
C ALA KA 163 63.96 63.97 -54.32
N GLY KA 164 63.75 63.84 -53.02
CA GLY KA 164 62.44 63.51 -52.51
C GLY KA 164 62.30 62.12 -51.94
N VAL KA 165 63.39 61.44 -51.66
CA VAL KA 165 63.34 60.09 -51.10
C VAL KA 165 63.28 60.17 -49.58
N ASP KA 166 62.57 59.22 -48.99
CA ASP KA 166 62.36 59.19 -47.55
C ASP KA 166 62.79 57.84 -46.96
N GLY KA 167 62.51 57.63 -45.68
CA GLY KA 167 62.88 56.41 -45.00
C GLY KA 167 64.26 56.52 -44.39
N PRO KA 168 64.60 55.57 -43.51
CA PRO KA 168 65.90 55.64 -42.85
C PRO KA 168 67.04 55.64 -43.86
N TYR KA 169 68.06 56.45 -43.59
CA TYR KA 169 69.23 56.55 -44.44
C TYR KA 169 70.40 55.81 -43.81
N SER KA 170 71.27 55.29 -44.67
CA SER KA 170 72.36 54.43 -44.21
C SER KA 170 73.62 54.74 -45.02
N VAL KA 171 74.77 54.62 -44.36
CA VAL KA 171 76.06 54.90 -44.95
C VAL KA 171 76.85 53.60 -44.95
N LEU KA 172 77.29 53.19 -46.13
CA LEU KA 172 78.16 52.03 -46.30
C LEU KA 172 79.55 52.55 -46.65
N LEU KA 173 80.53 52.20 -45.82
CA LEU KA 173 81.88 52.72 -45.97
C LEU KA 173 82.85 51.59 -46.36
N SER KA 174 83.87 51.96 -47.12
CA SER KA 174 84.86 51.01 -47.59
C SER KA 174 85.74 50.58 -46.43
N ALA KA 175 86.58 49.57 -46.65
CA ALA KA 175 87.52 49.16 -45.62
C ALA KA 175 88.51 50.27 -45.31
N GLU KA 176 89.09 50.88 -46.35
CA GLU KA 176 90.10 51.90 -46.14
C GLU KA 176 89.50 53.15 -45.51
N THR KA 177 88.28 53.52 -45.91
CA THR KA 177 87.63 54.69 -45.34
C THR KA 177 87.17 54.43 -43.91
N TYR KA 178 86.64 53.25 -43.63
CA TYR KA 178 86.22 52.91 -42.28
C TYR KA 178 87.40 52.86 -41.32
N THR KA 179 88.52 52.27 -41.76
CA THR KA 179 89.74 52.30 -40.95
C THR KA 179 90.14 53.74 -40.65
N LYS KA 180 90.05 54.61 -41.65
CA LYS KA 180 90.44 56.01 -41.46
C LYS KA 180 89.55 56.69 -40.43
N VAL KA 181 88.24 56.61 -40.61
CA VAL KA 181 87.33 57.29 -39.70
C VAL KA 181 87.39 56.69 -38.31
N SER KA 182 87.75 55.41 -38.21
CA SER KA 182 87.85 54.77 -36.89
C SER KA 182 89.12 55.22 -36.16
N GLU KA 183 90.27 55.10 -36.81
CA GLU KA 183 91.53 55.48 -36.18
C GLU KA 183 91.55 56.97 -35.87
N THR KA 184 91.09 57.80 -36.82
CA THR KA 184 91.07 59.23 -36.61
C THR KA 184 90.05 59.60 -35.53
N THR KA 185 90.38 60.62 -34.74
CA THR KA 185 89.58 61.04 -33.62
C THR KA 185 89.50 62.56 -33.57
N ALA KA 186 88.46 63.07 -32.90
CA ALA KA 186 88.27 64.50 -32.73
C ALA KA 186 87.46 64.74 -31.47
N HIS KA 187 87.94 65.65 -30.62
CA HIS KA 187 87.26 66.02 -29.38
C HIS KA 187 86.95 64.79 -28.53
N GLY KA 188 87.80 63.77 -28.64
CA GLY KA 188 87.59 62.56 -27.86
C GLY KA 188 86.55 61.61 -28.39
N TYR KA 189 86.13 61.77 -29.65
CA TYR KA 189 85.28 60.79 -30.30
C TYR KA 189 85.79 60.50 -31.72
N PRO KA 190 85.65 59.27 -32.21
CA PRO KA 190 86.05 58.98 -33.59
C PRO KA 190 85.22 59.73 -34.62
N ILE KA 191 85.87 59.96 -35.76
CA ILE KA 191 85.18 60.56 -36.89
C ILE KA 191 84.03 59.67 -37.34
N ARG KA 192 84.12 58.36 -37.08
CA ARG KA 192 83.00 57.48 -37.38
C ARG KA 192 81.77 57.80 -36.53
N GLU KA 193 81.96 58.07 -35.24
CA GLU KA 193 80.83 58.51 -34.42
C GLU KA 193 80.33 59.86 -34.90
N HIS KA 194 81.25 60.76 -35.27
CA HIS KA 194 80.83 62.01 -35.89
C HIS KA 194 79.88 61.76 -37.06
N ILE KA 195 80.23 60.83 -37.94
CA ILE KA 195 79.38 60.49 -39.07
C ILE KA 195 78.05 59.93 -38.59
N ASN KA 196 78.09 58.97 -37.66
CA ASN KA 196 76.88 58.30 -37.18
C ASN KA 196 75.88 59.32 -36.65
N ARG KA 197 76.36 60.40 -36.04
CA ARG KA 197 75.46 61.37 -35.43
C ARG KA 197 74.43 61.91 -36.41
N LEU KA 198 74.73 61.93 -37.71
CA LEU KA 198 73.87 62.57 -38.70
C LEU KA 198 72.71 61.68 -39.12
N VAL KA 199 72.98 60.43 -39.47
CA VAL KA 199 71.98 59.57 -40.08
C VAL KA 199 71.05 58.99 -39.01
N ASP KA 200 69.92 58.48 -39.46
CA ASP KA 200 68.95 57.82 -38.61
C ASP KA 200 69.13 56.30 -38.61
N GLY KA 201 69.77 55.74 -39.63
CA GLY KA 201 69.94 54.30 -39.72
C GLY KA 201 71.21 53.79 -39.07
N GLU KA 202 72.06 53.14 -39.84
CA GLU KA 202 73.25 52.48 -39.31
C GLU KA 202 74.45 52.80 -40.19
N ILE KA 203 75.64 52.60 -39.62
CA ILE KA 203 76.89 52.66 -40.36
C ILE KA 203 77.32 51.22 -40.66
N ILE KA 204 77.67 50.94 -41.91
CA ILE KA 204 77.91 49.57 -42.37
C ILE KA 204 79.30 49.46 -42.98
N TRP KA 205 79.96 48.33 -42.70
CA TRP KA 205 81.21 47.93 -43.33
C TRP KA 205 80.94 47.44 -44.74
N ALA KA 206 81.68 47.96 -45.71
CA ALA KA 206 81.61 47.47 -47.08
C ALA KA 206 83.01 47.27 -47.65
N PRO KA 207 83.74 46.23 -47.24
CA PRO KA 207 85.13 46.10 -47.70
C PRO KA 207 85.25 45.90 -49.18
N ALA KA 208 84.30 45.17 -49.77
CA ALA KA 208 84.33 44.85 -51.18
C ALA KA 208 84.23 46.10 -52.04
N ILE KA 209 83.41 47.06 -51.63
CA ILE KA 209 83.17 48.25 -52.43
C ILE KA 209 84.35 49.20 -52.25
N ASP KA 210 84.45 50.19 -53.12
CA ASP KA 210 85.51 51.20 -53.08
C ASP KA 210 84.85 52.57 -53.02
N GLY KA 211 85.10 53.30 -51.93
CA GLY KA 211 84.53 54.61 -51.75
C GLY KA 211 83.55 54.67 -50.60
N ALA KA 212 82.36 55.19 -50.85
CA ALA KA 212 81.31 55.26 -49.83
C ALA KA 212 79.97 55.40 -50.54
N PHE KA 213 78.90 55.07 -49.81
CA PHE KA 213 77.55 55.13 -50.39
C PHE KA 213 76.58 55.57 -49.32
N VAL KA 214 75.71 56.54 -49.67
CA VAL KA 214 74.63 56.95 -48.78
C VAL KA 214 73.31 56.64 -49.48
N LEU KA 215 72.48 55.80 -48.86
CA LEU KA 215 71.28 55.33 -49.55
C LEU KA 215 70.11 55.20 -48.60
N SER KA 216 68.92 55.21 -49.17
CA SER KA 216 67.69 55.04 -48.40
C SER KA 216 67.35 53.57 -48.24
N THR KA 217 66.64 53.24 -47.16
CA THR KA 217 66.22 51.87 -46.87
C THR KA 217 64.71 51.79 -46.66
N ARG KA 218 63.96 52.69 -47.29
CA ARG KA 218 62.51 52.61 -47.21
C ARG KA 218 62.01 51.29 -47.78
N GLY KA 219 62.59 50.84 -48.88
CA GLY KA 219 62.20 49.59 -49.50
C GLY KA 219 61.67 49.77 -50.91
N GLY KA 220 61.80 48.75 -51.74
CA GLY KA 220 61.29 48.78 -53.09
C GLY KA 220 62.21 49.41 -54.11
N ASP KA 221 63.46 49.69 -53.77
CA ASP KA 221 64.41 50.31 -54.68
C ASP KA 221 65.53 49.37 -55.12
N PHE KA 222 65.89 48.38 -54.33
CA PHE KA 222 66.94 47.44 -54.68
C PHE KA 222 66.43 46.03 -54.42
N ASP KA 223 66.74 45.10 -55.32
CA ASP KA 223 66.27 43.72 -55.22
C ASP KA 223 67.41 42.77 -55.55
N LEU KA 224 67.79 41.94 -54.58
CA LEU KA 224 68.76 40.88 -54.79
C LEU KA 224 68.00 39.57 -54.98
N GLN KA 225 67.94 39.08 -56.22
CA GLN KA 225 67.21 37.87 -56.54
C GLN KA 225 68.15 36.68 -56.42
N LEU KA 226 67.74 35.69 -55.64
CA LEU KA 226 68.50 34.46 -55.44
C LEU KA 226 67.72 33.28 -55.98
N GLY KA 227 68.39 32.44 -56.76
CA GLY KA 227 67.80 31.18 -57.16
C GLY KA 227 68.05 30.13 -56.09
N THR KA 228 69.30 30.01 -55.68
CA THR KA 228 69.71 29.17 -54.57
C THR KA 228 70.69 29.94 -53.70
N ASP KA 229 70.54 29.82 -52.39
CA ASP KA 229 71.39 30.54 -51.46
C ASP KA 229 72.78 29.88 -51.44
N VAL KA 230 73.66 30.37 -50.57
CA VAL KA 230 75.01 29.85 -50.49
C VAL KA 230 74.97 28.38 -50.09
N SER KA 231 75.72 27.56 -50.81
CA SER KA 231 75.78 26.12 -50.53
C SER KA 231 77.22 25.64 -50.70
N ILE KA 232 77.54 24.53 -50.04
CA ILE KA 232 78.87 23.93 -50.09
C ILE KA 232 78.75 22.55 -50.70
N GLY KA 233 79.61 22.27 -51.68
CA GLY KA 233 79.57 21.00 -52.40
C GLY KA 233 80.90 20.28 -52.47
N TYR KA 234 80.92 19.16 -53.17
CA TYR KA 234 82.08 18.29 -53.27
C TYR KA 234 82.36 17.97 -54.73
N LEU KA 235 83.63 18.07 -55.14
CA LEU KA 235 84.01 17.72 -56.50
C LEU KA 235 84.76 16.39 -56.56
N SER KA 236 85.85 16.26 -55.81
CA SER KA 236 86.68 15.06 -55.84
C SER KA 236 87.48 15.01 -54.54
N HIS KA 237 88.27 13.95 -54.38
CA HIS KA 237 89.04 13.77 -53.16
C HIS KA 237 90.27 12.92 -53.47
N ASP KA 238 91.19 12.90 -52.51
CA ASP KA 238 92.47 12.23 -52.65
C ASP KA 238 92.81 11.63 -51.29
N ALA KA 239 93.93 10.91 -51.22
CA ALA KA 239 94.38 10.31 -49.97
C ALA KA 239 94.71 11.37 -48.91
N GLU KA 240 94.87 12.63 -49.29
CA GLU KA 240 95.28 13.68 -48.37
C GLU KA 240 94.30 14.83 -48.28
N VAL KA 241 93.58 15.14 -49.35
CA VAL KA 241 92.78 16.36 -49.43
C VAL KA 241 91.41 16.04 -50.02
N VAL KA 242 90.48 16.99 -49.85
CA VAL KA 242 89.17 16.96 -50.48
C VAL KA 242 88.94 18.32 -51.11
N HIS KA 243 88.40 18.33 -52.32
CA HIS KA 243 88.11 19.57 -53.04
C HIS KA 243 86.62 19.88 -52.95
N LEU KA 244 86.30 21.06 -52.43
CA LEU KA 244 84.93 21.51 -52.23
C LEU KA 244 84.76 22.86 -52.93
N TYR KA 245 83.51 23.33 -52.97
CA TYR KA 245 83.23 24.63 -53.58
C TYR KA 245 82.08 25.27 -52.82
N MET KA 246 82.06 26.60 -52.83
CA MET KA 246 80.93 27.38 -52.34
C MET KA 246 80.24 28.03 -53.53
N GLU KA 247 78.92 27.85 -53.61
CA GLU KA 247 78.14 28.17 -54.80
C GLU KA 247 76.93 29.02 -54.43
N GLU KA 248 76.62 29.98 -55.29
CA GLU KA 248 75.37 30.72 -55.15
C GLU KA 248 74.94 31.29 -56.51
N THR KA 249 73.64 31.25 -56.77
CA THR KA 249 73.07 31.74 -58.03
C THR KA 249 72.23 32.98 -57.75
N MET KA 250 72.59 34.10 -58.39
CA MET KA 250 72.02 35.38 -58.01
C MET KA 250 71.97 36.33 -59.19
N THR KA 251 71.24 37.42 -58.98
CA THR KA 251 71.30 38.61 -59.81
C THR KA 251 70.82 39.79 -58.97
N PHE KA 252 71.10 41.00 -59.45
CA PHE KA 252 70.76 42.22 -58.73
C PHE KA 252 70.05 43.20 -59.65
N LEU KA 253 69.04 43.88 -59.13
CA LEU KA 253 68.28 44.87 -59.87
C LEU KA 253 68.12 46.14 -59.04
N CYS KA 254 68.31 47.29 -59.68
CA CYS KA 254 68.02 48.59 -59.09
C CYS KA 254 66.86 49.22 -59.84
N TYR KA 255 65.84 49.67 -59.11
CA TYR KA 255 64.64 50.24 -59.71
C TYR KA 255 64.57 51.75 -59.57
N THR KA 256 65.01 52.28 -58.43
CA THR KA 256 64.98 53.72 -58.16
C THR KA 256 66.40 54.26 -58.23
N ALA KA 257 66.66 55.12 -59.21
CA ALA KA 257 68.00 55.66 -59.39
C ALA KA 257 68.30 56.83 -58.46
N GLU KA 258 67.27 57.38 -57.81
CA GLU KA 258 67.43 58.57 -56.99
C GLU KA 258 67.52 58.26 -55.49
N ALA KA 259 67.60 57.00 -55.10
CA ALA KA 259 67.60 56.61 -53.70
C ALA KA 259 69.02 56.38 -53.15
N SER KA 260 70.05 56.73 -53.91
CA SER KA 260 71.41 56.49 -53.48
C SER KA 260 72.32 57.60 -54.00
N VAL KA 261 73.44 57.79 -53.31
CA VAL KA 261 74.48 58.74 -53.69
C VAL KA 261 75.81 58.03 -53.49
N ALA KA 262 76.69 58.16 -54.47
CA ALA KA 262 77.97 57.48 -54.47
C ALA KA 262 79.10 58.48 -54.27
N LEU KA 263 80.10 58.08 -53.49
CA LEU KA 263 81.28 58.90 -53.24
C LEU KA 263 82.51 58.08 -53.64
N THR KA 264 83.29 58.65 -54.56
CA THR KA 264 84.43 57.94 -55.13
C THR KA 264 85.72 58.35 -54.42
N PRO KA 265 86.68 57.41 -54.27
CA PRO KA 265 87.93 57.72 -53.57
C PRO KA 265 88.68 58.89 -54.19
N ASN LA 2 24.19 48.35 -72.74
CA ASN LA 2 23.28 48.34 -73.88
C ASN LA 2 23.78 49.28 -74.97
N ASN LA 3 22.96 49.47 -76.01
CA ASN LA 3 23.37 50.26 -77.16
C ASN LA 3 23.43 51.76 -76.86
N LEU LA 4 22.92 52.19 -75.70
CA LEU LA 4 23.01 53.61 -75.35
C LEU LA 4 24.45 54.02 -75.09
N TYR LA 5 25.25 53.13 -74.52
CA TYR LA 5 26.64 53.41 -74.20
C TYR LA 5 26.76 54.60 -73.24
N ARG LA 6 25.91 54.60 -72.21
CA ARG LA 6 25.97 55.66 -71.20
C ARG LA 6 27.16 55.51 -70.27
N ASP LA 7 27.61 54.27 -70.02
CA ASP LA 7 28.75 54.07 -69.13
C ASP LA 7 30.01 54.73 -69.65
N LEU LA 8 30.07 55.04 -70.95
CA LEU LA 8 31.23 55.67 -71.55
C LEU LA 8 31.17 57.19 -71.53
N ALA LA 9 30.05 57.77 -71.09
CA ALA LA 9 29.91 59.22 -71.12
C ALA LA 9 30.51 59.84 -69.86
N PRO LA 10 31.13 61.02 -69.96
CA PRO LA 10 31.68 61.69 -68.77
C PRO LA 10 30.61 62.47 -68.01
N ILE LA 11 29.64 61.74 -67.48
CA ILE LA 11 28.50 62.33 -66.77
C ILE LA 11 28.26 61.52 -65.50
N THR LA 12 27.96 62.23 -64.41
CA THR LA 12 27.73 61.59 -63.12
C THR LA 12 26.27 61.14 -63.00
N GLU LA 13 26.02 60.33 -61.97
CA GLU LA 13 24.67 59.82 -61.75
C GLU LA 13 23.68 60.95 -61.46
N SER LA 14 24.11 61.94 -60.67
CA SER LA 14 23.21 63.05 -60.35
C SER LA 14 22.85 63.85 -61.59
N ALA LA 15 23.83 64.14 -62.45
CA ALA LA 15 23.54 64.89 -63.67
C ALA LA 15 22.67 64.07 -64.61
N TRP LA 16 22.91 62.76 -64.68
CA TRP LA 16 22.04 61.88 -65.47
C TRP LA 16 20.61 61.97 -64.98
N ALA LA 17 20.42 61.91 -63.66
CA ALA LA 17 19.08 62.00 -63.10
C ALA LA 17 18.44 63.34 -63.43
N GLU LA 18 19.19 64.43 -63.29
CA GLU LA 18 18.64 65.74 -63.61
C GLU LA 18 18.19 65.83 -65.07
N ILE LA 19 19.04 65.34 -65.98
CA ILE LA 19 18.70 65.39 -67.40
C ILE LA 19 17.47 64.55 -67.68
N GLU LA 20 17.41 63.33 -67.13
CA GLU LA 20 16.25 62.48 -67.35
C GLU LA 20 14.97 63.13 -66.84
N LEU LA 21 15.04 63.70 -65.63
CA LEU LA 21 13.86 64.35 -65.05
C LEU LA 21 13.41 65.51 -65.92
N GLU LA 22 14.35 66.35 -66.35
CA GLU LA 22 13.99 67.52 -67.15
C GLU LA 22 13.38 67.12 -68.48
N ALA LA 23 13.94 66.09 -69.14
CA ALA LA 23 13.37 65.65 -70.41
C ALA LA 23 11.99 65.03 -70.22
N THR LA 24 11.83 64.20 -69.20
CA THR LA 24 10.54 63.57 -68.96
C THR LA 24 9.47 64.61 -68.70
N ARG LA 25 9.76 65.60 -67.86
CA ARG LA 25 8.77 66.62 -67.54
C ARG LA 25 8.32 67.35 -68.80
N THR LA 26 9.27 67.79 -69.62
CA THR LA 26 8.93 68.57 -70.81
C THR LA 26 8.16 67.73 -71.82
N PHE LA 27 8.58 66.49 -72.03
CA PHE LA 27 7.87 65.63 -72.97
C PHE LA 27 6.44 65.37 -72.51
N LYS LA 28 6.27 65.05 -71.23
CA LYS LA 28 4.93 64.80 -70.71
C LYS LA 28 4.07 66.06 -70.77
N ARG LA 29 4.72 67.23 -70.69
CA ARG LA 29 3.97 68.48 -70.88
C ARG LA 29 3.50 68.62 -72.32
N HIS LA 30 4.39 68.41 -73.29
CA HIS LA 30 4.12 68.75 -74.68
C HIS LA 30 3.44 67.64 -75.46
N ILE LA 31 3.23 66.48 -74.86
CA ILE LA 31 2.65 65.33 -75.56
C ILE LA 31 1.15 65.30 -75.29
N ALA LA 32 0.37 64.96 -76.32
CA ALA LA 32 -1.09 64.94 -76.22
C ALA LA 32 -1.73 63.64 -76.69
N GLY LA 33 -1.21 63.01 -77.75
CA GLY LA 33 -1.86 61.83 -78.28
C GLY LA 33 -1.92 60.69 -77.30
N ARG LA 34 -0.88 60.55 -76.47
CA ARG LA 34 -0.82 59.49 -75.49
C ARG LA 34 -1.95 59.54 -74.49
N ARG LA 35 -2.61 60.69 -74.34
CA ARG LA 35 -3.73 60.85 -73.43
C ARG LA 35 -5.06 60.44 -74.03
N VAL LA 36 -5.13 60.21 -75.34
CA VAL LA 36 -6.40 59.89 -76.00
C VAL LA 36 -6.26 58.68 -76.90
N VAL LA 37 -5.10 58.03 -76.92
CA VAL LA 37 -4.88 56.85 -77.74
C VAL LA 37 -4.37 55.72 -76.87
N ASP LA 38 -4.85 54.51 -77.14
CA ASP LA 38 -4.34 53.32 -76.47
C ASP LA 38 -2.88 53.12 -76.84
N VAL LA 39 -2.08 52.71 -75.85
CA VAL LA 39 -0.64 52.54 -76.02
C VAL LA 39 -0.30 51.08 -75.77
N SER LA 40 0.31 50.44 -76.76
CA SER LA 40 0.82 49.09 -76.62
C SER LA 40 2.24 49.19 -76.09
N GLY LA 41 2.44 48.77 -74.83
CA GLY LA 41 3.70 48.96 -74.16
C GLY LA 41 4.87 48.43 -74.95
N PRO LA 42 6.09 48.83 -74.58
CA PRO LA 42 7.27 48.40 -75.33
C PRO LA 42 7.34 46.88 -75.42
N ASN LA 43 7.54 46.38 -76.63
CA ASN LA 43 7.67 44.96 -76.88
C ASN LA 43 9.12 44.51 -77.04
N GLY LA 44 10.08 45.42 -76.90
CA GLY LA 44 11.47 45.08 -76.93
C GLY LA 44 12.17 45.55 -78.19
N PRO LA 45 13.50 45.63 -78.14
CA PRO LA 45 14.24 46.06 -79.34
C PRO LA 45 14.11 45.11 -80.52
N THR LA 46 13.74 43.85 -80.27
CA THR LA 46 13.58 42.88 -81.35
C THR LA 46 12.34 43.13 -82.19
N THR LA 47 11.41 43.97 -81.71
CA THR LA 47 10.18 44.23 -82.44
C THR LA 47 10.45 45.18 -83.60
N ALA LA 48 9.96 44.81 -84.78
CA ALA LA 48 10.20 45.58 -85.99
C ALA LA 48 8.95 45.92 -86.78
N SER LA 49 7.86 45.19 -86.60
CA SER LA 49 6.65 45.42 -87.38
C SER LA 49 5.44 44.96 -86.60
N VAL LA 50 4.27 45.40 -87.04
CA VAL LA 50 2.99 45.05 -86.43
C VAL LA 50 2.12 44.40 -87.50
N SER LA 51 1.69 43.17 -87.25
CA SER LA 51 0.84 42.46 -88.20
C SER LA 51 -0.53 43.12 -88.27
N THR LA 52 -1.11 43.14 -89.47
CA THR LA 52 -2.47 43.64 -89.64
C THR LA 52 -3.50 42.53 -89.82
N GLY LA 53 -3.05 41.30 -90.06
CA GLY LA 53 -3.96 40.20 -90.28
C GLY LA 53 -4.54 40.13 -91.67
N HIS LA 54 -4.14 41.04 -92.57
CA HIS LA 54 -4.61 41.04 -93.94
C HIS LA 54 -3.64 40.27 -94.83
N LEU LA 55 -4.11 39.97 -96.04
CA LEU LA 55 -3.34 39.23 -97.03
C LEU LA 55 -3.23 40.04 -98.31
N LEU LA 56 -2.13 39.84 -99.02
CA LEU LA 56 -1.88 40.51 -100.29
C LEU LA 56 -1.60 39.47 -101.37
N ASP LA 57 -2.16 39.69 -102.55
CA ASP LA 57 -1.99 38.76 -103.65
C ASP LA 57 -0.57 38.83 -104.19
N VAL LA 58 -0.06 37.68 -104.65
CA VAL LA 58 1.31 37.58 -105.13
C VAL LA 58 1.39 36.44 -106.13
N SER LA 59 2.34 36.56 -107.06
CA SER LA 59 2.50 35.57 -108.11
C SER LA 59 2.85 34.22 -107.50
N PRO LA 60 2.23 33.12 -107.96
CA PRO LA 60 2.50 31.83 -107.33
C PRO LA 60 3.87 31.29 -107.71
N PRO LA 61 4.46 30.45 -106.88
CA PRO LA 61 5.69 29.75 -107.31
C PRO LA 61 5.47 28.87 -108.53
N GLY LA 62 4.32 28.25 -108.65
CA GLY LA 62 4.09 27.31 -109.74
C GLY LA 62 2.62 27.00 -109.89
N ASP LA 63 2.36 25.98 -110.72
CA ASP LA 63 0.99 25.62 -111.05
C ASP LA 63 0.29 24.96 -109.87
N GLY LA 64 -1.01 25.22 -109.74
CA GLY LA 64 -1.80 24.62 -108.69
C GLY LA 64 -1.52 25.15 -107.30
N VAL LA 65 -0.88 26.31 -107.19
CA VAL LA 65 -0.50 26.89 -105.91
C VAL LA 65 -1.05 28.30 -105.83
N ILE LA 66 -1.68 28.62 -104.70
CA ILE LA 66 -2.21 29.95 -104.43
C ILE LA 66 -1.33 30.58 -103.35
N ALA LA 67 -0.80 31.77 -103.63
CA ALA LA 67 0.15 32.43 -102.75
C ALA LA 67 -0.39 33.77 -102.29
N HIS LA 68 -0.19 34.08 -101.01
CA HIS LA 68 -0.58 35.36 -100.43
C HIS LA 68 0.49 35.80 -99.46
N LEU LA 69 0.70 37.12 -99.37
CA LEU LA 69 1.67 37.69 -98.45
C LEU LA 69 0.98 38.32 -97.26
N ARG LA 70 1.52 38.07 -96.07
CA ARG LA 70 1.01 38.66 -94.85
C ARG LA 70 1.40 40.14 -94.79
N ASP LA 71 0.51 40.96 -94.26
CA ASP LA 71 0.68 42.41 -94.28
C ASP LA 71 1.07 42.91 -92.90
N ALA LA 72 2.12 43.75 -92.87
CA ALA LA 72 2.63 44.28 -91.63
C ALA LA 72 2.99 45.75 -91.83
N LYS LA 73 2.94 46.49 -90.72
CA LYS LA 73 3.29 47.90 -90.68
C LYS LA 73 4.65 48.04 -90.02
N PRO LA 74 5.66 48.60 -90.69
CA PRO LA 74 6.98 48.74 -90.09
C PRO LA 74 7.00 49.83 -89.02
N LEU LA 75 7.97 49.69 -88.11
CA LEU LA 75 8.20 50.68 -87.07
C LEU LA 75 9.32 51.62 -87.51
N VAL LA 76 9.20 52.89 -87.10
CA VAL LA 76 10.15 53.92 -87.47
C VAL LA 76 10.83 54.43 -86.21
N ARG LA 77 12.14 54.64 -86.29
CA ARG LA 77 12.94 55.12 -85.18
C ARG LA 77 13.22 56.60 -85.38
N LEU LA 78 12.89 57.41 -84.37
CA LEU LA 78 13.11 58.85 -84.40
C LEU LA 78 14.22 59.16 -83.40
N ARG LA 79 15.24 59.86 -83.87
CA ARG LA 79 16.40 60.24 -83.07
C ARG LA 79 16.64 61.73 -83.20
N VAL LA 80 16.70 62.43 -82.07
CA VAL LA 80 16.93 63.87 -82.04
C VAL LA 80 18.22 64.12 -81.27
N PRO LA 81 19.27 64.64 -81.90
CA PRO LA 81 20.52 64.89 -81.19
C PRO LA 81 20.56 66.27 -80.54
N PHE LA 82 21.35 66.37 -79.48
CA PHE LA 82 21.58 67.63 -78.79
C PHE LA 82 22.93 67.58 -78.10
N THR LA 83 23.38 68.74 -77.64
CA THR LA 83 24.70 68.91 -77.07
C THR LA 83 24.60 69.53 -75.68
N VAL LA 84 25.45 69.07 -74.77
CA VAL LA 84 25.44 69.53 -73.39
C VAL LA 84 26.85 69.95 -72.99
N ALA LA 85 26.95 70.85 -72.02
CA ALA LA 85 28.22 71.42 -71.59
C ALA LA 85 28.76 70.69 -70.37
N ARG LA 86 30.03 70.29 -70.45
CA ARG LA 86 30.68 69.59 -69.37
C ARG LA 86 30.81 70.45 -68.11
N ARG LA 87 30.86 71.77 -68.25
CA ARG LA 87 30.86 72.64 -67.07
C ARG LA 87 29.56 72.56 -66.29
N ASP LA 88 28.42 72.64 -67.00
CA ASP LA 88 27.13 72.45 -66.34
C ASP LA 88 27.01 71.05 -65.77
N ILE LA 89 27.56 70.05 -66.46
CA ILE LA 89 27.54 68.69 -65.90
C ILE LA 89 28.33 68.64 -64.60
N ASP LA 90 29.52 69.23 -64.58
CA ASP LA 90 30.40 69.12 -63.42
C ASP LA 90 29.85 69.90 -62.23
N ASP LA 91 29.19 71.03 -62.49
CA ASP LA 91 28.71 71.87 -61.40
C ASP LA 91 27.71 71.13 -60.51
N VAL LA 92 27.05 70.09 -61.01
CA VAL LA 92 26.01 69.42 -60.24
C VAL LA 92 26.59 68.80 -58.98
N GLU LA 93 27.72 68.12 -59.10
CA GLU LA 93 28.31 67.46 -57.94
C GLU LA 93 28.80 68.46 -56.91
N ARG LA 94 28.91 69.74 -57.28
CA ARG LA 94 29.22 70.82 -56.35
C ARG LA 94 27.99 71.39 -55.68
N GLY LA 95 26.86 70.67 -55.71
CA GLY LA 95 25.63 71.19 -55.14
C GLY LA 95 25.04 72.35 -55.91
N SER LA 96 25.28 72.41 -57.22
CA SER LA 96 24.66 73.42 -58.06
C SER LA 96 23.32 72.91 -58.57
N GLN LA 97 22.31 73.76 -58.52
CA GLN LA 97 20.97 73.42 -58.98
C GLN LA 97 20.33 74.53 -59.81
N ASP LA 98 21.13 75.23 -60.62
CA ASP LA 98 20.61 76.13 -61.65
C ASP LA 98 21.22 75.81 -63.02
N SER LA 99 21.65 74.57 -63.23
CA SER LA 99 22.34 74.20 -64.47
C SER LA 99 21.42 74.33 -65.67
N ASP LA 100 22.00 74.63 -66.82
CA ASP LA 100 21.25 74.85 -68.05
C ASP LA 100 20.98 73.52 -68.74
N TRP LA 101 19.69 73.23 -68.97
CA TRP LA 101 19.25 72.04 -69.68
C TRP LA 101 18.33 72.40 -70.83
N ASP LA 102 18.48 73.62 -71.34
CA ASP LA 102 17.65 74.09 -72.45
C ASP LA 102 17.76 73.22 -73.69
N PRO LA 103 18.95 72.78 -74.12
CA PRO LA 103 18.99 71.84 -75.26
C PRO LA 103 18.20 70.57 -74.99
N VAL LA 104 18.25 70.04 -73.76
CA VAL LA 104 17.45 68.87 -73.41
C VAL LA 104 15.97 69.18 -73.60
N LYS LA 105 15.52 70.32 -73.10
CA LYS LA 105 14.11 70.66 -73.22
C LYS LA 105 13.70 70.83 -74.68
N ASP LA 106 14.56 71.46 -75.47
CA ASP LA 106 14.26 71.66 -76.89
C ASP LA 106 14.16 70.33 -77.63
N ALA LA 107 15.09 69.41 -77.36
CA ALA LA 107 15.04 68.11 -78.00
C ALA LA 107 13.79 67.34 -77.61
N ALA LA 108 13.41 67.40 -76.33
CA ALA LA 108 12.19 66.74 -75.89
C ALA LA 108 10.97 67.33 -76.61
N LYS LA 109 10.93 68.66 -76.72
CA LYS LA 109 9.83 69.31 -77.43
C LYS LA 109 9.78 68.85 -78.88
N LYS LA 110 10.93 68.78 -79.53
CA LYS LA 110 10.98 68.37 -80.93
C LYS LA 110 10.47 66.94 -81.10
N LEU LA 111 10.90 66.04 -80.22
CA LEU LA 111 10.46 64.65 -80.32
C LEU LA 111 8.95 64.53 -80.08
N ALA LA 112 8.44 65.25 -79.07
CA ALA LA 112 7.00 65.22 -78.82
C ALA LA 112 6.24 65.75 -80.02
N PHE LA 113 6.74 66.82 -80.64
CA PHE LA 113 6.03 67.41 -81.77
C PHE LA 113 6.00 66.45 -82.96
N VAL LA 114 7.12 65.80 -83.25
CA VAL LA 114 7.14 64.87 -84.36
C VAL LA 114 6.19 63.70 -84.09
N GLU LA 115 6.19 63.18 -82.86
CA GLU LA 115 5.31 62.07 -82.53
C GLU LA 115 3.84 62.48 -82.71
N ASP LA 116 3.46 63.63 -82.15
CA ASP LA 116 2.06 64.04 -82.22
C ASP LA 116 1.66 64.36 -83.65
N ARG LA 117 2.56 64.97 -84.44
CA ARG LA 117 2.26 65.26 -85.83
C ARG LA 117 2.14 64.00 -86.67
N ALA LA 118 2.94 62.97 -86.40
CA ALA LA 118 2.73 61.70 -87.07
C ALA LA 118 1.40 61.07 -86.69
N ILE LA 119 1.02 61.17 -85.41
CA ILE LA 119 -0.24 60.59 -84.97
C ILE LA 119 -1.42 61.28 -85.64
N PHE LA 120 -1.41 62.62 -85.68
CA PHE LA 120 -2.59 63.39 -86.06
C PHE LA 120 -2.60 63.87 -87.50
N GLU LA 121 -1.48 63.77 -88.21
CA GLU LA 121 -1.39 64.30 -89.57
C GLU LA 121 -0.82 63.31 -90.57
N GLY LA 122 0.03 62.39 -90.14
CA GLY LA 122 0.55 61.36 -91.00
C GLY LA 122 2.02 61.58 -91.34
N TYR LA 123 2.77 60.48 -91.42
CA TYR LA 123 4.16 60.46 -91.83
C TYR LA 123 4.25 59.41 -92.94
N ALA LA 124 4.11 59.86 -94.19
CA ALA LA 124 3.87 58.93 -95.29
C ALA LA 124 5.02 57.95 -95.47
N ALA LA 125 6.26 58.45 -95.43
CA ALA LA 125 7.41 57.58 -95.68
C ALA LA 125 7.45 56.41 -94.72
N ALA LA 126 6.90 56.57 -93.53
CA ALA LA 126 6.77 55.49 -92.56
C ALA LA 126 5.47 54.72 -92.72
N SER LA 127 4.72 54.97 -93.80
CA SER LA 127 3.44 54.32 -94.06
C SER LA 127 2.42 54.61 -92.96
N ILE LA 128 2.56 55.77 -92.32
CA ILE LA 128 1.67 56.17 -91.23
C ILE LA 128 0.61 57.10 -91.80
N GLU LA 129 -0.64 56.64 -91.83
CA GLU LA 129 -1.77 57.46 -92.21
C GLU LA 129 -2.38 58.06 -90.95
N GLY LA 130 -2.48 59.39 -90.93
CA GLY LA 130 -2.92 60.09 -89.74
C GLY LA 130 -4.43 60.01 -89.53
N ILE LA 131 -4.84 60.46 -88.34
CA ILE LA 131 -6.26 60.51 -88.02
C ILE LA 131 -7.01 61.41 -88.96
N ARG LA 132 -6.42 62.55 -89.35
CA ARG LA 132 -7.09 63.47 -90.25
C ARG LA 132 -7.46 62.81 -91.57
N SER LA 133 -6.51 62.10 -92.20
CA SER LA 133 -6.79 61.45 -93.46
C SER LA 133 -7.70 60.23 -93.28
N SER LA 134 -7.43 59.43 -92.25
CA SER LA 134 -8.21 58.21 -92.05
C SER LA 134 -9.64 58.49 -91.61
N SER LA 135 -9.93 59.71 -91.16
CA SER LA 135 -11.28 60.02 -90.71
C SER LA 135 -12.26 59.98 -91.88
N SER LA 136 -13.42 59.37 -91.63
CA SER LA 136 -14.47 59.29 -92.63
C SER LA 136 -15.52 60.38 -92.50
N ASN LA 137 -15.77 60.86 -91.28
CA ASN LA 137 -16.73 61.93 -91.10
C ASN LA 137 -16.24 63.21 -91.78
N PRO LA 138 -17.14 64.03 -92.33
CA PRO LA 138 -16.70 65.21 -93.05
C PRO LA 138 -15.92 66.17 -92.15
N ALA LA 139 -14.92 66.82 -92.73
CA ALA LA 139 -14.10 67.77 -92.00
C ALA LA 139 -14.79 69.14 -91.96
N LEU LA 140 -14.52 69.90 -90.90
CA LEU LA 140 -15.08 71.22 -90.73
C LEU LA 140 -13.98 72.27 -90.77
N ALA LA 141 -14.41 73.54 -90.76
CA ALA LA 141 -13.50 74.67 -90.80
C ALA LA 141 -13.60 75.46 -89.50
N LEU LA 142 -12.45 75.76 -88.91
CA LEU LA 142 -12.41 76.50 -87.66
C LEU LA 142 -12.63 77.99 -87.98
N PRO LA 143 -13.67 78.62 -87.44
CA PRO LA 143 -13.89 80.04 -87.76
C PRO LA 143 -12.74 80.91 -87.30
N ASP LA 144 -12.50 81.98 -88.07
CA ASP LA 144 -11.45 82.92 -87.72
C ASP LA 144 -11.71 83.55 -86.35
N ASP LA 145 -12.97 83.90 -86.08
CA ASP LA 145 -13.35 84.43 -84.78
C ASP LA 145 -13.42 83.31 -83.76
N ALA LA 146 -13.21 83.66 -82.49
CA ALA LA 146 -13.23 82.68 -81.42
C ALA LA 146 -14.62 82.44 -80.85
N ARG LA 147 -15.62 83.24 -81.23
CA ARG LA 147 -16.93 83.14 -80.62
C ARG LA 147 -17.77 82.02 -81.24
N GLU LA 148 -17.47 81.61 -82.47
CA GLU LA 148 -18.25 80.62 -83.19
C GLU LA 148 -17.67 79.21 -83.07
N ILE LA 149 -16.52 79.05 -82.41
CA ILE LA 149 -15.92 77.73 -82.31
C ILE LA 149 -16.83 76.74 -81.61
N PRO LA 150 -17.51 77.08 -80.51
CA PRO LA 150 -18.38 76.08 -79.86
C PRO LA 150 -19.47 75.54 -80.77
N ASP LA 151 -20.01 76.37 -81.67
CA ASP LA 151 -21.01 75.88 -82.60
C ASP LA 151 -20.44 74.80 -83.50
N VAL LA 152 -19.22 75.01 -83.99
CA VAL LA 152 -18.60 74.01 -84.86
C VAL LA 152 -18.29 72.74 -84.08
N ILE LA 153 -17.90 72.87 -82.82
CA ILE LA 153 -17.66 71.69 -81.99
C ILE LA 153 -18.96 70.92 -81.77
N ALA LA 154 -20.06 71.64 -81.55
CA ALA LA 154 -21.35 70.97 -81.41
C ALA LA 154 -21.74 70.26 -82.69
N GLN LA 155 -21.45 70.87 -83.85
CA GLN LA 155 -21.70 70.21 -85.13
C GLN LA 155 -20.88 68.93 -85.25
N ALA LA 156 -19.61 68.98 -84.86
CA ALA LA 156 -18.76 67.79 -84.95
C ALA LA 156 -19.25 66.68 -84.02
N LEU LA 157 -19.65 67.05 -82.81
CA LEU LA 157 -20.25 66.07 -81.91
C LEU LA 157 -21.50 65.49 -82.53
N SER LA 158 -22.32 66.32 -83.16
CA SER LA 158 -23.51 65.81 -83.86
C SER LA 158 -23.12 64.82 -84.95
N GLU LA 159 -22.02 65.08 -85.66
CA GLU LA 159 -21.62 64.15 -86.73
C GLU LA 159 -21.18 62.81 -86.16
N LEU LA 160 -20.23 62.81 -85.23
CA LEU LA 160 -19.81 61.58 -84.57
C LEU LA 160 -21.02 60.82 -84.03
N ARG LA 161 -21.86 61.55 -83.33
CA ARG LA 161 -22.92 61.00 -82.51
C ARG LA 161 -24.12 60.62 -83.34
N LEU LA 162 -24.20 61.14 -84.56
CA LEU LA 162 -25.01 60.54 -85.61
C LEU LA 162 -24.40 59.23 -86.07
N ALA LA 163 -23.10 59.23 -86.36
CA ALA LA 163 -22.45 58.05 -86.92
C ALA LA 163 -22.54 56.85 -85.99
N GLY LA 164 -22.75 57.08 -84.70
CA GLY LA 164 -23.06 56.01 -83.79
C GLY LA 164 -21.97 55.65 -82.81
N VAL LA 165 -20.98 56.51 -82.63
CA VAL LA 165 -19.89 56.25 -81.71
C VAL LA 165 -20.27 56.75 -80.32
N ASP LA 166 -19.80 56.05 -79.30
CA ASP LA 166 -20.11 56.37 -77.91
C ASP LA 166 -18.84 56.54 -77.09
N GLY LA 167 -19.00 56.67 -75.77
CA GLY LA 167 -17.89 56.87 -74.88
C GLY LA 167 -17.55 58.34 -74.71
N PRO LA 168 -16.73 58.66 -73.73
CA PRO LA 168 -16.39 60.07 -73.48
C PRO LA 168 -15.77 60.70 -74.70
N TYR LA 169 -16.15 61.96 -74.96
CA TYR LA 169 -15.63 62.71 -76.08
C TYR LA 169 -14.62 63.75 -75.60
N SER LA 170 -13.64 64.04 -76.45
CA SER LA 170 -12.53 64.90 -76.07
C SER LA 170 -12.17 65.81 -77.22
N VAL LA 171 -11.72 67.02 -76.88
CA VAL LA 171 -11.36 68.05 -77.85
C VAL LA 171 -9.88 68.34 -77.66
N LEU LA 172 -9.11 68.17 -78.75
CA LEU LA 172 -7.69 68.52 -78.77
C LEU LA 172 -7.56 69.79 -79.62
N LEU LA 173 -7.02 70.84 -79.01
CA LEU LA 173 -6.92 72.13 -79.66
C LEU LA 173 -5.46 72.49 -79.94
N SER LA 174 -5.25 73.24 -81.01
CA SER LA 174 -3.91 73.65 -81.42
C SER LA 174 -3.40 74.71 -80.45
N ALA LA 175 -2.12 75.05 -80.58
CA ALA LA 175 -1.57 76.13 -79.75
C ALA LA 175 -2.25 77.45 -80.07
N GLU LA 176 -2.37 77.77 -81.35
CA GLU LA 176 -2.94 79.06 -81.75
C GLU LA 176 -4.41 79.14 -81.39
N THR LA 177 -5.15 78.04 -81.55
CA THR LA 177 -6.57 78.03 -81.20
C THR LA 177 -6.77 78.06 -79.69
N TYR LA 178 -5.97 77.32 -78.93
CA TYR LA 178 -6.09 77.33 -77.48
C TYR LA 178 -5.74 78.70 -76.91
N THR LA 179 -4.70 79.34 -77.42
CA THR LA 179 -4.40 80.72 -77.01
C THR LA 179 -5.60 81.62 -77.28
N LYS LA 180 -6.23 81.46 -78.44
CA LYS LA 180 -7.37 82.30 -78.79
C LYS LA 180 -8.53 82.10 -77.82
N VAL LA 181 -8.92 80.85 -77.61
CA VAL LA 181 -10.08 80.58 -76.74
C VAL LA 181 -9.76 80.95 -75.30
N SER LA 182 -8.48 80.91 -74.92
CA SER LA 182 -8.11 81.26 -73.55
C SER LA 182 -8.15 82.77 -73.35
N GLU LA 183 -7.47 83.52 -74.22
CA GLU LA 183 -7.45 84.97 -74.08
C GLU LA 183 -8.84 85.57 -74.25
N THR LA 184 -9.58 85.07 -75.25
CA THR LA 184 -10.93 85.58 -75.48
C THR LA 184 -11.85 85.19 -74.34
N THR LA 185 -12.79 86.08 -74.02
CA THR LA 185 -13.70 85.89 -72.90
C THR LA 185 -15.10 86.32 -73.29
N ALA LA 186 -16.09 85.79 -72.56
CA ALA LA 186 -17.49 86.14 -72.79
C ALA LA 186 -18.26 85.94 -71.50
N HIS LA 187 -19.04 86.96 -71.12
CA HIS LA 187 -19.87 86.91 -69.91
C HIS LA 187 -19.05 86.56 -68.68
N GLY LA 188 -17.77 86.94 -68.69
CA GLY LA 188 -16.90 86.68 -67.56
C GLY LA 188 -16.35 85.27 -67.49
N TYR LA 189 -16.43 84.50 -68.58
CA TYR LA 189 -15.77 83.21 -68.66
C TYR LA 189 -15.04 83.08 -69.99
N PRO LA 190 -13.91 82.38 -70.04
CA PRO LA 190 -13.22 82.15 -71.31
C PRO LA 190 -14.03 81.29 -72.27
N ILE LA 191 -13.78 81.52 -73.56
CA ILE LA 191 -14.37 80.71 -74.59
C ILE LA 191 -13.94 79.26 -74.43
N ARG LA 192 -12.78 79.02 -73.82
CA ARG LA 192 -12.36 77.65 -73.53
C ARG LA 192 -13.30 76.97 -72.53
N GLU LA 193 -13.70 77.68 -71.47
CA GLU LA 193 -14.69 77.12 -70.57
C GLU LA 193 -16.01 76.92 -71.28
N HIS LA 194 -16.40 77.87 -72.13
CA HIS LA 194 -17.58 77.68 -72.97
C HIS LA 194 -17.50 76.35 -73.71
N ILE LA 195 -16.35 76.06 -74.33
CA ILE LA 195 -16.19 74.79 -75.04
C ILE LA 195 -16.29 73.62 -74.07
N ASN LA 196 -15.58 73.68 -72.95
CA ASN LA 196 -15.54 72.60 -71.98
C ASN LA 196 -16.94 72.21 -71.54
N ARG LA 197 -17.85 73.19 -71.44
CA ARG LA 197 -19.19 72.91 -70.94
C ARG LA 197 -19.90 71.81 -71.73
N LEU LA 198 -19.55 71.63 -73.00
CA LEU LA 198 -20.29 70.72 -73.87
C LEU LA 198 -19.87 69.26 -73.68
N VAL LA 199 -18.57 69.00 -73.70
CA VAL LA 199 -18.07 67.62 -73.73
C VAL LA 199 -18.11 67.02 -72.34
N ASP LA 200 -18.01 65.69 -72.30
CA ASP LA 200 -17.95 64.93 -71.06
C ASP LA 200 -16.52 64.63 -70.63
N GLY LA 201 -15.56 64.66 -71.57
CA GLY LA 201 -14.19 64.32 -71.27
C GLY LA 201 -13.36 65.52 -70.85
N GLU LA 202 -12.28 65.79 -71.59
CA GLU LA 202 -11.33 66.82 -71.22
C GLU LA 202 -10.98 67.67 -72.44
N ILE LA 203 -10.44 68.85 -72.17
CA ILE LA 203 -9.86 69.72 -73.19
C ILE LA 203 -8.34 69.54 -73.14
N ILE LA 204 -7.72 69.30 -74.30
CA ILE LA 204 -6.30 68.94 -74.36
C ILE LA 204 -5.54 69.91 -75.26
N TRP LA 205 -4.33 70.25 -74.82
CA TRP LA 205 -3.36 71.00 -75.62
C TRP LA 205 -2.76 70.09 -76.70
N ALA LA 206 -2.76 70.57 -77.94
CA ALA LA 206 -2.09 69.86 -79.02
C ALA LA 206 -1.27 70.84 -79.85
N PRO LA 207 -0.11 71.29 -79.36
CA PRO LA 207 0.62 72.32 -80.10
C PRO LA 207 1.14 71.84 -81.43
N ALA LA 208 1.53 70.56 -81.50
CA ALA LA 208 2.09 69.99 -82.71
C ALA LA 208 1.08 69.98 -83.84
N ILE LA 209 -0.19 69.70 -83.54
CA ILE LA 209 -1.21 69.58 -84.57
C ILE LA 209 -1.63 70.98 -85.01
N ASP LA 210 -2.32 71.06 -86.13
CA ASP LA 210 -2.81 72.31 -86.68
C ASP LA 210 -4.32 72.18 -86.85
N GLY LA 211 -5.08 73.02 -86.14
CA GLY LA 211 -6.53 72.99 -86.23
C GLY LA 211 -7.17 72.55 -84.93
N ALA LA 212 -8.07 71.58 -85.01
CA ALA LA 212 -8.72 71.04 -83.82
C ALA LA 212 -9.24 69.64 -84.15
N PHE LA 213 -9.50 68.86 -83.10
CA PHE LA 213 -9.97 67.49 -83.31
C PHE LA 213 -10.96 67.14 -82.20
N VAL LA 214 -12.09 66.56 -82.57
CA VAL LA 214 -13.06 66.05 -81.61
C VAL LA 214 -13.16 64.55 -81.81
N LEU LA 215 -12.85 63.77 -80.77
CA LEU LA 215 -12.77 62.33 -80.94
C LEU LA 215 -13.29 61.59 -79.71
N SER LA 216 -13.66 60.34 -79.92
CA SER LA 216 -14.14 59.48 -78.85
C SER LA 216 -12.97 58.77 -78.17
N THR LA 217 -13.15 58.44 -76.89
CA THR LA 217 -12.14 57.75 -76.10
C THR LA 217 -12.68 56.46 -75.48
N ARG LA 218 -13.68 55.85 -76.13
CA ARG LA 218 -14.19 54.58 -75.65
C ARG LA 218 -13.10 53.52 -75.64
N GLY LA 219 -12.26 53.51 -76.67
CA GLY LA 219 -11.17 52.55 -76.76
C GLY LA 219 -11.28 51.64 -77.96
N GLY LA 220 -10.15 51.15 -78.44
CA GLY LA 220 -10.14 50.23 -79.56
C GLY LA 220 -10.15 50.86 -80.94
N ASP LA 221 -9.99 52.18 -81.02
CA ASP LA 221 -9.99 52.88 -82.31
C ASP LA 221 -8.63 53.41 -82.73
N PHE LA 222 -7.73 53.71 -81.78
CA PHE LA 222 -6.41 54.21 -82.10
C PHE LA 222 -5.39 53.42 -81.30
N ASP LA 223 -4.27 53.08 -81.93
CA ASP LA 223 -3.22 52.27 -81.30
C ASP LA 223 -1.86 52.89 -81.61
N LEU LA 224 -1.14 53.30 -80.57
CA LEU LA 224 0.23 53.75 -80.69
C LEU LA 224 1.14 52.60 -80.27
N GLN LA 225 1.78 51.97 -81.25
CA GLN LA 225 2.66 50.83 -80.99
C GLN LA 225 4.08 51.33 -80.76
N LEU LA 226 4.67 50.93 -79.64
CA LEU LA 226 6.04 51.30 -79.28
C LEU LA 226 6.89 50.05 -79.22
N GLY LA 227 8.06 50.09 -79.85
CA GLY LA 227 9.04 49.05 -79.68
C GLY LA 227 9.88 49.32 -78.45
N THR LA 228 10.40 50.54 -78.37
CA THR LA 228 11.11 51.03 -77.20
C THR LA 228 10.64 52.45 -76.91
N ASP LA 229 10.45 52.74 -75.62
CA ASP LA 229 9.97 54.05 -75.21
C ASP LA 229 11.10 55.07 -75.36
N VAL LA 230 10.84 56.30 -74.94
CA VAL LA 230 11.83 57.37 -75.07
C VAL LA 230 13.06 57.03 -74.25
N SER LA 231 14.23 57.17 -74.86
CA SER LA 231 15.49 56.87 -74.19
C SER LA 231 16.52 57.94 -74.57
N ILE LA 232 17.53 58.11 -73.72
CA ILE LA 232 18.59 59.08 -73.94
C ILE LA 232 19.91 58.33 -74.05
N GLY LA 233 20.69 58.65 -75.08
CA GLY LA 233 21.94 57.97 -75.34
C GLY LA 233 23.12 58.89 -75.55
N TYR LA 234 24.27 58.31 -75.85
CA TYR LA 234 25.54 59.02 -75.98
C TYR LA 234 26.20 58.65 -77.30
N LEU LA 235 26.69 59.65 -78.05
CA LEU LA 235 27.41 59.40 -79.28
C LEU LA 235 28.90 59.62 -79.14
N SER LA 236 29.31 60.81 -78.69
CA SER LA 236 30.72 61.16 -78.58
C SER LA 236 30.84 62.31 -77.58
N HIS LA 237 32.07 62.74 -77.33
CA HIS LA 237 32.31 63.79 -76.36
C HIS LA 237 33.62 64.49 -76.70
N ASP LA 238 33.81 65.65 -76.07
CA ASP LA 238 34.95 66.52 -76.32
C ASP LA 238 35.38 67.11 -74.98
N ALA LA 239 36.44 67.91 -75.01
CA ALA LA 239 36.92 68.56 -73.79
C ALA LA 239 35.91 69.56 -73.23
N GLU LA 240 34.91 69.95 -74.00
CA GLU LA 240 33.96 70.97 -73.58
C GLU LA 240 32.51 70.50 -73.60
N VAL LA 241 32.15 69.58 -74.48
CA VAL LA 241 30.75 69.21 -74.71
C VAL LA 241 30.61 67.70 -74.80
N VAL LA 242 29.37 67.25 -74.67
CA VAL LA 242 29.00 65.85 -74.90
C VAL LA 242 27.79 65.85 -75.83
N HIS LA 243 27.80 64.94 -76.80
CA HIS LA 243 26.70 64.81 -77.75
C HIS LA 243 25.82 63.63 -77.37
N LEU LA 244 24.53 63.90 -77.17
CA LEU LA 244 23.55 62.90 -76.77
C LEU LA 244 22.40 62.92 -77.77
N TYR LA 245 21.49 61.96 -77.62
CA TYR LA 245 20.33 61.90 -78.48
C TYR LA 245 19.15 61.35 -77.69
N MET LA 246 17.95 61.74 -78.10
CA MET LA 246 16.72 61.16 -77.58
C MET LA 246 16.08 60.33 -78.69
N GLU LA 247 15.74 59.08 -78.35
CA GLU LA 247 15.37 58.07 -79.33
C GLU LA 247 14.06 57.40 -78.94
N GLU LA 248 13.22 57.11 -79.94
CA GLU LA 248 12.04 56.29 -79.70
C GLU LA 248 11.62 55.60 -81.00
N THR LA 249 11.19 54.36 -80.89
CA THR LA 249 10.76 53.56 -82.03
C THR LA 249 9.26 53.31 -81.93
N MET LA 250 8.51 53.74 -82.95
CA MET LA 250 7.06 53.77 -82.83
C MET LA 250 6.40 53.59 -84.20
N THR LA 251 5.09 53.37 -84.14
CA THR LA 251 4.20 53.49 -85.28
C THR LA 251 2.79 53.74 -84.74
N PHE LA 252 1.89 54.18 -85.62
CA PHE LA 252 0.54 54.53 -85.24
C PHE LA 252 -0.45 53.88 -86.19
N LEU LA 253 -1.56 53.38 -85.65
CA LEU LA 253 -2.62 52.76 -86.43
C LEU LA 253 -3.97 53.31 -86.01
N CYS LA 254 -4.82 53.59 -86.99
CA CYS LA 254 -6.21 53.96 -86.77
C CYS LA 254 -7.09 52.87 -87.35
N TYR LA 255 -8.03 52.37 -86.55
CA TYR LA 255 -8.91 51.27 -86.94
C TYR LA 255 -10.32 51.73 -87.26
N THR LA 256 -10.84 52.68 -86.49
CA THR LA 256 -12.20 53.20 -86.67
C THR LA 256 -12.11 54.59 -87.27
N ALA LA 257 -12.61 54.75 -88.50
CA ALA LA 257 -12.54 56.02 -89.19
C ALA LA 257 -13.65 56.98 -88.77
N GLU LA 258 -14.66 56.48 -88.06
CA GLU LA 258 -15.83 57.28 -87.71
C GLU LA 258 -15.79 57.80 -86.27
N ALA LA 259 -14.69 57.61 -85.55
CA ALA LA 259 -14.60 58.00 -84.15
C ALA LA 259 -13.94 59.36 -83.95
N SER LA 260 -13.70 60.11 -85.03
CA SER LA 260 -13.03 61.40 -84.92
C SER LA 260 -13.60 62.35 -85.98
N VAL LA 261 -13.45 63.65 -85.70
CA VAL LA 261 -13.83 64.72 -86.59
C VAL LA 261 -12.70 65.75 -86.56
N ALA LA 262 -12.29 66.21 -87.73
CA ALA LA 262 -11.17 67.13 -87.86
C ALA LA 262 -11.67 68.50 -88.27
N LEU LA 263 -11.07 69.55 -87.71
CA LEU LA 263 -11.38 70.93 -88.03
C LEU LA 263 -10.10 71.61 -88.48
N THR LA 264 -10.13 72.15 -89.69
CA THR LA 264 -8.94 72.73 -90.31
C THR LA 264 -8.93 74.25 -90.12
N PRO LA 265 -7.74 74.85 -89.95
CA PRO LA 265 -7.66 76.30 -89.74
C PRO LA 265 -8.30 77.11 -90.86
N ASN MA 2 -13.14 -32.72 -83.49
CA ASN MA 2 -13.37 -31.75 -84.56
C ASN MA 2 -13.48 -32.45 -85.91
N ASN MA 3 -13.54 -31.67 -86.98
CA ASN MA 3 -13.73 -32.21 -88.31
C ASN MA 3 -12.50 -32.94 -88.85
N LEU MA 4 -11.35 -32.81 -88.17
CA LEU MA 4 -10.15 -33.52 -88.63
C LEU MA 4 -10.32 -35.02 -88.44
N TYR MA 5 -11.01 -35.44 -87.38
CA TYR MA 5 -11.21 -36.86 -87.08
C TYR MA 5 -9.88 -37.58 -86.90
N ARG MA 6 -8.96 -36.95 -86.15
CA ARG MA 6 -7.68 -37.57 -85.86
C ARG MA 6 -7.80 -38.71 -84.84
N ASP MA 7 -8.76 -38.62 -83.92
CA ASP MA 7 -8.91 -39.67 -82.92
C ASP MA 7 -9.24 -41.02 -83.54
N LEU MA 8 -9.72 -41.04 -84.79
CA LEU MA 8 -10.07 -42.27 -85.47
C LEU MA 8 -8.90 -42.85 -86.27
N ALA MA 9 -7.77 -42.14 -86.36
CA ALA MA 9 -6.66 -42.62 -87.17
C ALA MA 9 -5.79 -43.58 -86.37
N PRO MA 10 -5.24 -44.62 -87.00
CA PRO MA 10 -4.34 -45.55 -86.29
C PRO MA 10 -2.91 -45.01 -86.20
N ILE MA 11 -2.76 -43.90 -85.49
CA ILE MA 11 -1.47 -43.22 -85.36
C ILE MA 11 -1.29 -42.82 -83.90
N THR MA 12 -0.07 -42.98 -83.40
CA THR MA 12 0.24 -42.67 -82.01
C THR MA 12 0.59 -41.19 -81.85
N GLU MA 13 0.64 -40.75 -80.60
CA GLU MA 13 0.95 -39.36 -80.31
C GLU MA 13 2.34 -38.99 -80.79
N SER MA 14 3.32 -39.88 -80.61
CA SER MA 14 4.67 -39.59 -81.04
C SER MA 14 4.76 -39.43 -82.56
N ALA MA 15 4.11 -40.32 -83.30
CA ALA MA 15 4.13 -40.22 -84.75
C ALA MA 15 3.39 -38.97 -85.22
N TRP MA 16 2.29 -38.64 -84.55
CA TRP MA 16 1.59 -37.40 -84.87
C TRP MA 16 2.51 -36.20 -84.67
N ALA MA 17 3.25 -36.17 -83.57
CA ALA MA 17 4.18 -35.08 -83.32
C ALA MA 17 5.26 -35.01 -84.39
N GLU MA 18 5.82 -36.16 -84.76
CA GLU MA 18 6.85 -36.18 -85.79
C GLU MA 18 6.32 -35.64 -87.10
N ILE MA 19 5.12 -36.06 -87.51
CA ILE MA 19 4.54 -35.61 -88.77
C ILE MA 19 4.29 -34.10 -88.72
N GLU MA 20 3.71 -33.62 -87.62
CA GLU MA 20 3.45 -32.19 -87.49
C GLU MA 20 4.74 -31.39 -87.57
N LEU MA 21 5.78 -31.83 -86.86
CA LEU MA 21 7.06 -31.11 -86.87
C LEU MA 21 7.64 -31.09 -88.27
N GLU MA 22 7.63 -32.24 -88.96
CA GLU MA 22 8.22 -32.30 -90.29
C GLU MA 22 7.47 -31.41 -91.28
N ALA MA 23 6.13 -31.40 -91.21
CA ALA MA 23 5.37 -30.54 -92.12
C ALA MA 23 5.60 -29.07 -91.82
N THR MA 24 5.59 -28.70 -90.52
CA THR MA 24 5.79 -27.30 -90.15
C THR MA 24 7.15 -26.80 -90.63
N ARG MA 25 8.20 -27.60 -90.41
CA ARG MA 25 9.54 -27.17 -90.82
C ARG MA 25 9.59 -26.91 -92.32
N THR MA 26 9.09 -27.85 -93.12
CA THR MA 26 9.17 -27.72 -94.57
C THR MA 26 8.34 -26.54 -95.07
N PHE MA 27 7.14 -26.38 -94.53
CA PHE MA 27 6.30 -25.26 -94.96
C PHE MA 27 6.95 -23.93 -94.62
N LYS MA 28 7.47 -23.80 -93.39
CA LYS MA 28 8.12 -22.55 -92.99
C LYS MA 28 9.38 -22.32 -93.83
N ARG MA 29 10.01 -23.39 -94.31
CA ARG MA 29 11.14 -23.21 -95.22
C ARG MA 29 10.68 -22.66 -96.56
N HIS MA 30 9.64 -23.25 -97.15
CA HIS MA 30 9.27 -22.98 -98.53
C HIS MA 30 8.31 -21.80 -98.68
N ILE MA 31 7.86 -21.20 -97.58
CA ILE MA 31 6.89 -20.10 -97.63
C ILE MA 31 7.64 -18.78 -97.58
N ALA MA 32 7.17 -17.80 -98.36
CA ALA MA 32 7.81 -16.50 -98.46
C ALA MA 32 6.88 -15.32 -98.25
N GLY MA 33 5.64 -15.39 -98.74
CA GLY MA 33 4.76 -14.24 -98.65
C GLY MA 33 4.46 -13.83 -97.21
N ARG MA 34 4.37 -14.81 -96.31
CA ARG MA 34 4.07 -14.56 -94.91
C ARG MA 34 5.12 -13.68 -94.25
N ARG MA 35 6.32 -13.59 -94.82
CA ARG MA 35 7.40 -12.77 -94.29
C ARG MA 35 7.33 -11.32 -94.75
N VAL MA 36 6.50 -10.99 -95.73
CA VAL MA 36 6.44 -9.64 -96.27
C VAL MA 36 5.01 -9.13 -96.37
N VAL MA 37 4.03 -9.92 -95.89
CA VAL MA 37 2.64 -9.51 -95.93
C VAL MA 37 2.05 -9.61 -94.53
N ASP MA 38 1.22 -8.62 -94.18
CA ASP MA 38 0.49 -8.69 -92.93
C ASP MA 38 -0.47 -9.86 -92.94
N VAL MA 39 -0.58 -10.54 -91.80
CA VAL MA 39 -1.39 -11.73 -91.65
C VAL MA 39 -2.48 -11.46 -90.63
N SER MA 40 -3.73 -11.61 -91.04
CA SER MA 40 -4.87 -11.53 -90.13
C SER MA 40 -5.11 -12.92 -89.55
N GLY MA 41 -4.83 -13.08 -88.27
CA GLY MA 41 -4.86 -14.37 -87.63
C GLY MA 41 -6.17 -15.11 -87.88
N PRO MA 42 -6.18 -16.41 -87.61
CA PRO MA 42 -7.39 -17.19 -87.86
C PRO MA 42 -8.59 -16.61 -87.12
N ASN MA 43 -9.69 -16.44 -87.84
CA ASN MA 43 -10.92 -15.91 -87.28
C ASN MA 43 -11.94 -17.01 -86.99
N GLY MA 44 -11.60 -18.27 -87.23
CA GLY MA 44 -12.45 -19.38 -86.89
C GLY MA 44 -13.06 -20.04 -88.11
N PRO MA 45 -13.53 -21.28 -87.95
CA PRO MA 45 -14.17 -21.97 -89.08
C PRO MA 45 -15.44 -21.31 -89.58
N THR MA 46 -16.08 -20.48 -88.76
CA THR MA 46 -17.30 -19.79 -89.16
C THR MA 46 -17.04 -18.67 -90.16
N THR MA 47 -15.78 -18.25 -90.32
CA THR MA 47 -15.46 -17.16 -91.23
C THR MA 47 -15.49 -17.64 -92.67
N ALA MA 48 -16.19 -16.91 -93.53
CA ALA MA 48 -16.36 -17.29 -94.92
C ALA MA 48 -16.00 -16.21 -95.92
N SER MA 49 -15.98 -14.94 -95.52
CA SER MA 49 -15.73 -13.85 -96.45
C SER MA 49 -15.14 -12.67 -95.71
N VAL MA 50 -14.56 -11.75 -96.47
CA VAL MA 50 -13.97 -10.53 -95.93
C VAL MA 50 -14.65 -9.34 -96.59
N SER MA 51 -15.24 -8.47 -95.79
CA SER MA 51 -15.91 -7.29 -96.31
C SER MA 51 -14.89 -6.32 -96.90
N THR MA 52 -15.26 -5.65 -97.99
CA THR MA 52 -14.42 -4.62 -98.58
C THR MA 52 -14.90 -3.21 -98.27
N GLY MA 53 -16.12 -3.06 -97.75
CA GLY MA 53 -16.67 -1.75 -97.47
C GLY MA 53 -17.22 -1.03 -98.68
N HIS MA 54 -17.19 -1.65 -99.86
CA HIS MA 54 -17.72 -1.06 -101.07
C HIS MA 54 -19.16 -1.49 -101.29
N LEU MA 55 -19.84 -0.79 -102.20
CA LEU MA 55 -21.23 -1.04 -102.53
C LEU MA 55 -21.37 -1.32 -104.02
N LEU MA 56 -22.34 -2.14 -104.38
CA LEU MA 56 -22.63 -2.48 -105.75
C LEU MA 56 -24.09 -2.16 -106.07
N ASP MA 57 -24.31 -1.59 -107.25
CA ASP MA 57 -25.66 -1.21 -107.66
C ASP MA 57 -26.48 -2.46 -107.97
N VAL MA 58 -27.79 -2.37 -107.68
CA VAL MA 58 -28.69 -3.50 -107.84
C VAL MA 58 -30.10 -2.97 -108.08
N SER MA 59 -30.89 -3.76 -108.80
CA SER MA 59 -32.25 -3.35 -109.13
C SER MA 59 -33.07 -3.18 -107.85
N PRO MA 60 -33.87 -2.10 -107.73
CA PRO MA 60 -34.59 -1.88 -106.48
C PRO MA 60 -35.77 -2.84 -106.35
N PRO MA 61 -36.20 -3.13 -105.12
CA PRO MA 61 -37.45 -3.88 -104.96
C PRO MA 61 -38.66 -3.17 -105.53
N GLY MA 62 -38.70 -1.84 -105.46
CA GLY MA 62 -39.87 -1.12 -105.89
C GLY MA 62 -39.57 0.36 -106.05
N ASP MA 63 -40.64 1.13 -106.24
CA ASP MA 63 -40.51 2.55 -106.51
C ASP MA 63 -40.08 3.31 -105.25
N GLY MA 64 -39.28 4.34 -105.45
CA GLY MA 64 -38.83 5.18 -104.35
C GLY MA 64 -37.82 4.53 -103.43
N VAL MA 65 -37.18 3.45 -103.87
CA VAL MA 65 -36.22 2.70 -103.06
C VAL MA 65 -34.91 2.60 -103.81
N ILE MA 66 -33.81 2.89 -103.11
CA ILE MA 66 -32.47 2.77 -103.66
C ILE MA 66 -31.80 1.58 -102.98
N ALA MA 67 -31.29 0.64 -103.77
CA ALA MA 67 -30.74 -0.61 -103.27
C ALA MA 67 -29.28 -0.74 -103.67
N HIS MA 68 -28.45 -1.22 -102.72
CA HIS MA 68 -27.04 -1.47 -102.97
C HIS MA 68 -26.65 -2.75 -102.25
N LEU MA 69 -25.71 -3.50 -102.85
CA LEU MA 69 -25.21 -4.72 -102.26
C LEU MA 69 -23.82 -4.52 -101.69
N ARG MA 70 -23.61 -5.06 -100.48
CA ARG MA 70 -22.31 -5.00 -99.85
C ARG MA 70 -21.36 -5.98 -100.53
N ASP MA 71 -20.09 -5.58 -100.64
CA ASP MA 71 -19.11 -6.34 -101.40
C ASP MA 71 -18.18 -7.09 -100.46
N ALA MA 72 -17.98 -8.37 -100.75
CA ALA MA 72 -17.14 -9.23 -99.92
C ALA MA 72 -16.31 -10.13 -100.82
N LYS MA 73 -15.16 -10.54 -100.29
CA LYS MA 73 -14.25 -11.45 -100.96
C LYS MA 73 -14.36 -12.82 -100.31
N PRO MA 74 -14.73 -13.87 -101.05
CA PRO MA 74 -14.86 -15.19 -100.44
C PRO MA 74 -13.51 -15.80 -100.12
N LEU MA 75 -13.52 -16.73 -99.17
CA LEU MA 75 -12.34 -17.49 -98.78
C LEU MA 75 -12.34 -18.83 -99.51
N VAL MA 76 -11.14 -19.31 -99.85
CA VAL MA 76 -10.98 -20.55 -100.59
C VAL MA 76 -10.22 -21.54 -99.71
N ARG MA 77 -10.65 -22.79 -99.73
CA ARG MA 77 -10.05 -23.86 -98.95
C ARG MA 77 -9.18 -24.71 -99.87
N LEU MA 78 -7.91 -24.87 -99.50
CA LEU MA 78 -6.96 -25.67 -100.26
C LEU MA 78 -6.66 -26.92 -99.44
N ARG MA 79 -6.83 -28.09 -100.07
CA ARG MA 79 -6.61 -29.38 -99.45
C ARG MA 79 -5.68 -30.21 -100.32
N VAL MA 80 -4.59 -30.69 -99.74
CA VAL MA 80 -3.61 -31.51 -100.45
C VAL MA 80 -3.55 -32.88 -99.79
N PRO MA 81 -3.95 -33.95 -100.45
CA PRO MA 81 -3.90 -35.27 -99.82
C PRO MA 81 -2.56 -35.96 -100.01
N PHE MA 82 -2.26 -36.85 -99.06
CA PHE MA 82 -1.06 -37.67 -99.13
C PHE MA 82 -1.30 -38.96 -98.35
N THR MA 83 -0.38 -39.91 -98.52
CA THR MA 83 -0.51 -41.25 -97.97
C THR MA 83 0.73 -41.58 -97.14
N VAL MA 84 0.51 -42.27 -96.02
CA VAL MA 84 1.60 -42.64 -95.11
C VAL MA 84 1.52 -44.13 -94.82
N ALA MA 85 2.67 -44.71 -94.48
CA ALA MA 85 2.78 -46.15 -94.26
C ALA MA 85 2.67 -46.49 -92.78
N ARG MA 86 1.80 -47.45 -92.47
CA ARG MA 86 1.58 -47.89 -91.11
C ARG MA 86 2.82 -48.51 -90.50
N ARG MA 87 3.71 -49.10 -91.30
CA ARG MA 87 4.97 -49.61 -90.78
C ARG MA 87 5.87 -48.51 -90.25
N ASP MA 88 6.03 -47.43 -91.03
CA ASP MA 88 6.78 -46.28 -90.55
C ASP MA 88 6.11 -45.65 -89.34
N ILE MA 89 4.77 -45.64 -89.31
CA ILE MA 89 4.08 -45.13 -88.13
C ILE MA 89 4.40 -45.98 -86.91
N ASP MA 90 4.34 -47.30 -87.06
CA ASP MA 90 4.51 -48.20 -85.90
C ASP MA 90 5.95 -48.18 -85.40
N ASP MA 91 6.91 -48.03 -86.30
CA ASP MA 91 8.32 -48.08 -85.89
C ASP MA 91 8.66 -46.99 -84.88
N VAL MA 92 7.91 -45.90 -84.85
CA VAL MA 92 8.26 -44.78 -83.98
C VAL MA 92 8.23 -45.20 -82.51
N GLU MA 93 7.18 -45.92 -82.10
CA GLU MA 93 7.07 -46.32 -80.71
C GLU MA 93 8.16 -47.31 -80.31
N ARG MA 94 8.85 -47.90 -81.29
CA ARG MA 94 10.01 -48.75 -81.04
C ARG MA 94 11.31 -47.97 -80.95
N GLY MA 95 11.23 -46.65 -80.74
CA GLY MA 95 12.42 -45.82 -80.69
C GLY MA 95 13.12 -45.69 -82.02
N SER MA 96 12.37 -45.76 -83.13
CA SER MA 96 12.93 -45.51 -84.45
C SER MA 96 12.84 -44.03 -84.77
N GLN MA 97 13.92 -43.49 -85.31
CA GLN MA 97 13.98 -42.08 -85.68
C GLN MA 97 14.63 -41.88 -87.05
N ASP MA 98 14.38 -42.77 -88.00
CA ASP MA 98 14.71 -42.57 -89.40
C ASP MA 98 13.50 -42.81 -90.30
N SER MA 99 12.29 -42.64 -89.77
CA SER MA 99 11.07 -42.95 -90.52
C SER MA 99 10.92 -42.01 -91.72
N ASP MA 100 10.27 -42.51 -92.77
CA ASP MA 100 10.10 -41.78 -94.01
C ASP MA 100 8.88 -40.89 -93.93
N TRP MA 101 9.08 -39.58 -94.12
CA TRP MA 101 8.00 -38.60 -94.13
C TRP MA 101 8.04 -37.76 -95.42
N ASP MA 102 8.60 -38.36 -96.47
CA ASP MA 102 8.72 -37.66 -97.75
C ASP MA 102 7.36 -37.24 -98.32
N PRO MA 103 6.31 -38.06 -98.29
CA PRO MA 103 5.00 -37.56 -98.74
C PRO MA 103 4.54 -36.35 -97.94
N VAL MA 104 4.79 -36.34 -96.63
CA VAL MA 104 4.44 -35.17 -95.82
C VAL MA 104 5.18 -33.95 -96.33
N LYS MA 105 6.48 -34.08 -96.56
CA LYS MA 105 7.26 -32.94 -97.03
C LYS MA 105 6.78 -32.46 -98.39
N ASP MA 106 6.47 -33.39 -99.29
CA ASP MA 106 5.99 -33.02 -100.61
C ASP MA 106 4.66 -32.29 -100.55
N ALA MA 107 3.73 -32.77 -99.71
CA ALA MA 107 2.45 -32.10 -99.56
C ALA MA 107 2.62 -30.70 -98.99
N ALA MA 108 3.50 -30.56 -97.99
CA ALA MA 108 3.76 -29.23 -97.44
C ALA MA 108 4.33 -28.29 -98.51
N LYS MA 109 5.26 -28.80 -99.31
CA LYS MA 109 5.82 -27.99 -100.39
C LYS MA 109 4.73 -27.56 -101.37
N LYS MA 110 3.86 -28.49 -101.73
CA LYS MA 110 2.79 -28.19 -102.68
C LYS MA 110 1.86 -27.10 -102.12
N LEU MA 111 1.49 -27.22 -100.86
CA LEU MA 111 0.60 -26.23 -100.25
C LEU MA 111 1.27 -24.86 -100.20
N ALA MA 112 2.54 -24.82 -99.79
CA ALA MA 112 3.26 -23.56 -99.75
C ALA MA 112 3.33 -22.94 -101.13
N PHE MA 113 3.58 -23.76 -102.15
CA PHE MA 113 3.71 -23.23 -103.51
C PHE MA 113 2.39 -22.65 -104.00
N VAL MA 114 1.28 -23.35 -103.74
CA VAL MA 114 0.00 -22.82 -104.19
C VAL MA 114 -0.32 -21.52 -103.46
N GLU MA 115 -0.04 -21.46 -102.16
CA GLU MA 115 -0.32 -20.24 -101.41
C GLU MA 115 0.49 -19.07 -101.95
N ASP MA 116 1.80 -19.28 -102.15
CA ASP MA 116 2.65 -18.20 -102.62
C ASP MA 116 2.30 -17.78 -104.04
N ARG MA 117 1.95 -18.75 -104.88
CA ARG MA 117 1.55 -18.42 -106.25
C ARG MA 117 0.22 -17.67 -106.30
N ALA MA 118 -0.73 -17.99 -105.43
CA ALA MA 118 -1.94 -17.19 -105.34
C ALA MA 118 -1.64 -15.78 -104.85
N ILE MA 119 -0.73 -15.64 -103.89
CA ILE MA 119 -0.39 -14.32 -103.38
C ILE MA 119 0.26 -13.47 -104.46
N PHE MA 120 1.22 -14.03 -105.19
CA PHE MA 120 2.08 -13.24 -106.07
C PHE MA 120 1.67 -13.25 -107.53
N GLU MA 121 0.75 -14.12 -107.94
CA GLU MA 121 0.39 -14.27 -109.35
C GLU MA 121 -1.11 -14.23 -109.58
N GLY MA 122 -1.92 -14.67 -108.63
CA GLY MA 122 -3.37 -14.59 -108.73
C GLY MA 122 -3.99 -15.97 -108.94
N TYR MA 123 -5.15 -16.16 -108.33
CA TYR MA 123 -5.97 -17.35 -108.49
C TYR MA 123 -7.37 -16.85 -108.84
N ALA MA 124 -7.64 -16.75 -110.15
CA ALA MA 124 -8.82 -16.01 -110.60
C ALA MA 124 -10.11 -16.61 -110.09
N ALA MA 125 -10.24 -17.93 -110.16
CA ALA MA 125 -11.50 -18.56 -109.76
C ALA MA 125 -11.87 -18.24 -108.33
N ALA MA 126 -10.88 -17.96 -107.49
CA ALA MA 126 -11.12 -17.52 -106.12
C ALA MA 126 -11.22 -16.00 -106.02
N SER MA 127 -11.30 -15.30 -107.15
CA SER MA 127 -11.38 -13.84 -107.18
C SER MA 127 -10.15 -13.19 -106.55
N ILE MA 128 -9.01 -13.88 -106.61
CA ILE MA 128 -7.76 -13.39 -106.02
C ILE MA 128 -6.94 -12.75 -107.14
N GLU MA 129 -6.78 -11.43 -107.07
CA GLU MA 129 -5.90 -10.72 -107.97
C GLU MA 129 -4.53 -10.58 -107.32
N GLY MA 130 -3.50 -11.05 -108.01
CA GLY MA 130 -2.17 -11.09 -107.45
C GLY MA 130 -1.48 -9.73 -107.43
N ILE MA 131 -0.35 -9.70 -106.72
CA ILE MA 131 0.45 -8.49 -106.65
C ILE MA 131 0.93 -8.07 -108.02
N ARG MA 132 1.32 -9.03 -108.87
CA ARG MA 132 1.80 -8.71 -110.21
C ARG MA 132 0.76 -7.93 -111.01
N SER MA 133 -0.48 -8.39 -111.03
CA SER MA 133 -1.52 -7.71 -111.78
C SER MA 133 -1.94 -6.41 -111.10
N SER MA 134 -2.10 -6.44 -109.78
CA SER MA 134 -2.56 -5.26 -109.06
C SER MA 134 -1.52 -4.14 -109.03
N SER MA 135 -0.27 -4.45 -109.33
CA SER MA 135 0.77 -3.43 -109.30
C SER MA 135 0.52 -2.38 -110.38
N SER MA 136 0.70 -1.11 -110.00
CA SER MA 136 0.55 -0.01 -110.93
C SER MA 136 1.86 0.47 -111.53
N ASN MA 137 2.96 0.32 -110.80
CA ASN MA 137 4.25 0.72 -111.33
C ASN MA 137 4.63 -0.17 -112.52
N PRO MA 138 5.31 0.36 -113.52
CA PRO MA 138 5.61 -0.44 -114.71
C PRO MA 138 6.48 -1.65 -114.37
N ALA MA 139 6.22 -2.75 -115.06
CA ALA MA 139 6.98 -3.97 -114.85
C ALA MA 139 8.29 -3.93 -115.63
N LEU MA 140 9.29 -4.62 -115.12
CA LEU MA 140 10.60 -4.70 -115.74
C LEU MA 140 10.89 -6.13 -116.20
N ALA MA 141 12.00 -6.27 -116.92
CA ALA MA 141 12.44 -7.56 -117.45
C ALA MA 141 13.75 -7.96 -116.78
N LEU MA 142 13.80 -9.19 -116.29
CA LEU MA 142 15.00 -9.70 -115.64
C LEU MA 142 16.02 -10.08 -116.72
N PRO MA 143 17.21 -9.50 -116.74
CA PRO MA 143 18.17 -9.84 -117.78
C PRO MA 143 18.58 -11.30 -117.73
N ASP MA 144 18.85 -11.87 -118.90
CA ASP MA 144 19.30 -13.25 -118.97
C ASP MA 144 20.59 -13.45 -118.19
N ASP MA 145 21.53 -12.50 -118.32
CA ASP MA 145 22.77 -12.55 -117.56
C ASP MA 145 22.51 -12.15 -116.11
N ALA MA 146 23.36 -12.64 -115.21
CA ALA MA 146 23.21 -12.36 -113.79
C ALA MA 146 23.91 -11.07 -113.37
N ARG MA 147 24.72 -10.46 -114.24
CA ARG MA 147 25.52 -9.32 -113.85
C ARG MA 147 24.72 -8.02 -113.88
N GLU MA 148 23.64 -7.97 -114.66
CA GLU MA 148 22.85 -6.76 -114.83
C GLU MA 148 21.64 -6.69 -113.91
N ILE MA 149 21.39 -7.75 -113.12
CA ILE MA 149 20.21 -7.76 -112.25
C ILE MA 149 20.24 -6.60 -111.26
N PRO MA 150 21.36 -6.27 -110.61
CA PRO MA 150 21.33 -5.16 -109.64
C PRO MA 150 20.91 -3.84 -110.26
N ASP MA 151 21.27 -3.58 -111.52
CA ASP MA 151 20.84 -2.35 -112.17
C ASP MA 151 19.32 -2.31 -112.28
N VAL MA 152 18.70 -3.43 -112.64
CA VAL MA 152 17.23 -3.46 -112.76
C VAL MA 152 16.59 -3.29 -111.39
N ILE MA 153 17.20 -3.88 -110.36
CA ILE MA 153 16.66 -3.70 -109.01
C ILE MA 153 16.76 -2.23 -108.58
N ALA MA 154 17.86 -1.57 -108.92
CA ALA MA 154 17.99 -0.15 -108.61
C ALA MA 154 16.94 0.66 -109.36
N GLN MA 155 16.67 0.30 -110.62
CA GLN MA 155 15.60 0.96 -111.37
C GLN MA 155 14.25 0.78 -110.69
N ALA MA 156 13.96 -0.44 -110.22
CA ALA MA 156 12.68 -0.69 -109.56
C ALA MA 156 12.56 0.09 -108.25
N LEU MA 157 13.65 0.15 -107.48
CA LEU MA 157 13.65 0.98 -106.29
C LEU MA 157 13.41 2.43 -106.66
N SER MA 158 14.04 2.90 -107.74
CA SER MA 158 13.79 4.26 -108.20
C SER MA 158 12.32 4.46 -108.53
N GLU MA 159 11.67 3.47 -109.14
CA GLU MA 159 10.25 3.63 -109.48
C GLU MA 159 9.38 3.73 -108.24
N LEU MA 160 9.48 2.75 -107.34
CA LEU MA 160 8.74 2.80 -106.08
C LEU MA 160 8.98 4.13 -105.37
N ARG MA 161 10.25 4.51 -105.28
CA ARG MA 161 10.72 5.58 -104.44
C ARG MA 161 10.50 6.93 -105.09
N LEU MA 162 10.27 6.94 -106.40
CA LEU MA 162 9.60 8.05 -107.07
C LEU MA 162 8.14 8.11 -106.67
N ALA MA 163 7.45 6.97 -106.75
CA ALA MA 163 6.01 6.95 -106.52
C ALA MA 163 5.66 7.42 -105.12
N GLY MA 164 6.60 7.35 -104.17
CA GLY MA 164 6.42 7.96 -102.88
C GLY MA 164 6.22 7.00 -101.73
N VAL MA 165 6.53 5.73 -101.92
CA VAL MA 165 6.38 4.74 -100.86
C VAL MA 165 7.65 4.70 -100.01
N ASP MA 166 7.47 4.44 -98.72
CA ASP MA 166 8.58 4.40 -97.78
C ASP MA 166 8.61 3.09 -97.01
N GLY MA 167 9.47 3.00 -96.00
CA GLY MA 167 9.62 1.81 -95.21
C GLY MA 167 10.65 0.87 -95.81
N PRO MA 168 11.06 -0.13 -95.04
CA PRO MA 168 12.10 -1.05 -95.55
C PRO MA 168 11.65 -1.73 -96.83
N TYR MA 169 12.59 -1.87 -97.76
CA TYR MA 169 12.34 -2.51 -99.03
C TYR MA 169 12.93 -3.92 -99.04
N SER MA 170 12.29 -4.81 -99.78
CA SER MA 170 12.66 -6.22 -99.78
C SER MA 170 12.57 -6.78 -101.19
N VAL MA 171 13.46 -7.72 -101.49
CA VAL MA 171 13.54 -8.36 -102.79
C VAL MA 171 13.23 -9.84 -102.60
N LEU MA 172 12.22 -10.31 -103.32
CA LEU MA 172 11.86 -11.73 -103.35
C LEU MA 172 12.30 -12.27 -104.71
N LEU MA 173 13.17 -13.28 -104.70
CA LEU MA 173 13.73 -13.84 -105.92
C LEU MA 173 13.23 -15.26 -106.15
N SER MA 174 13.13 -15.62 -107.41
CA SER MA 174 12.66 -16.95 -107.81
C SER MA 174 13.73 -17.97 -107.49
N ALA MA 175 13.38 -19.26 -107.61
CA ALA MA 175 14.38 -20.31 -107.42
C ALA MA 175 15.47 -20.21 -108.47
N GLU MA 176 15.09 -20.06 -109.74
CA GLU MA 176 16.06 -20.05 -110.82
C GLU MA 176 16.93 -18.80 -110.75
N THR MA 177 16.34 -17.66 -110.40
CA THR MA 177 17.11 -16.43 -110.28
C THR MA 177 18.02 -16.44 -109.07
N TYR MA 178 17.54 -16.96 -107.94
CA TYR MA 178 18.37 -17.03 -106.74
C TYR MA 178 19.53 -17.99 -106.94
N THR MA 179 19.30 -19.14 -107.58
CA THR MA 179 20.41 -20.03 -107.92
C THR MA 179 21.43 -19.31 -108.78
N LYS MA 180 20.97 -18.51 -109.75
CA LYS MA 180 21.87 -17.80 -110.65
C LYS MA 180 22.72 -16.81 -109.87
N VAL MA 181 22.08 -15.94 -109.08
CA VAL MA 181 22.83 -14.91 -108.36
C VAL MA 181 23.73 -15.53 -107.30
N SER MA 182 23.37 -16.71 -106.79
CA SER MA 182 24.20 -17.36 -105.79
C SER MA 182 25.44 -17.99 -106.43
N GLU MA 183 25.24 -18.80 -107.47
CA GLU MA 183 26.37 -19.45 -108.12
C GLU MA 183 27.30 -18.43 -108.76
N THR MA 184 26.73 -17.43 -109.43
CA THR MA 184 27.54 -16.40 -110.06
C THR MA 184 28.24 -15.55 -109.01
N THR MA 185 29.46 -15.11 -109.34
CA THR MA 185 30.30 -14.37 -108.42
C THR MA 185 30.99 -13.23 -109.16
N ALA MA 186 31.41 -12.22 -108.39
CA ALA MA 186 32.12 -11.08 -108.94
C ALA MA 186 32.99 -10.46 -107.86
N HIS MA 187 34.27 -10.23 -108.18
CA HIS MA 187 35.22 -9.62 -107.25
C HIS MA 187 35.26 -10.38 -105.92
N GLY MA 188 35.01 -11.68 -105.98
CA GLY MA 188 35.05 -12.49 -104.78
C GLY MA 188 33.82 -12.41 -103.90
N TYR MA 189 32.71 -11.88 -104.41
CA TYR MA 189 31.44 -11.92 -103.71
C TYR MA 189 30.33 -12.35 -104.67
N PRO MA 190 29.32 -13.08 -104.18
CA PRO MA 190 28.19 -13.43 -105.05
C PRO MA 190 27.38 -12.22 -105.49
N ILE MA 191 26.76 -12.38 -106.66
CA ILE MA 191 25.86 -11.37 -107.17
C ILE MA 191 24.70 -11.17 -106.21
N ARG MA 192 24.36 -12.20 -105.42
CA ARG MA 192 23.33 -12.04 -104.41
C ARG MA 192 23.76 -11.04 -103.34
N GLU MA 193 25.00 -11.10 -102.88
CA GLU MA 193 25.48 -10.09 -101.93
C GLU MA 193 25.52 -8.73 -102.60
N HIS MA 194 25.93 -8.68 -103.87
CA HIS MA 194 25.83 -7.43 -104.61
C HIS MA 194 24.43 -6.84 -104.52
N ILE MA 195 23.41 -7.67 -104.74
CA ILE MA 195 22.02 -7.21 -104.63
C ILE MA 195 21.72 -6.74 -103.21
N ASN MA 196 22.07 -7.57 -102.22
CA ASN MA 196 21.76 -7.25 -100.83
C ASN MA 196 22.30 -5.89 -100.43
N ARG MA 197 23.45 -5.50 -100.99
CA ARG MA 197 24.07 -4.24 -100.59
C ARG MA 197 23.14 -3.04 -100.76
N LEU MA 198 22.18 -3.11 -101.69
CA LEU MA 198 21.36 -1.96 -102.03
C LEU MA 198 20.21 -1.75 -101.04
N VAL MA 199 19.47 -2.81 -100.74
CA VAL MA 199 18.23 -2.68 -99.98
C VAL MA 199 18.54 -2.57 -98.49
N ASP MA 200 17.54 -2.10 -97.75
CA ASP MA 200 17.61 -2.01 -96.30
C ASP MA 200 17.02 -3.21 -95.60
N GLY MA 201 16.15 -3.96 -96.28
CA GLY MA 201 15.48 -5.09 -95.66
C GLY MA 201 16.23 -6.40 -95.83
N GLU MA 202 15.59 -7.38 -96.47
CA GLU MA 202 16.15 -8.72 -96.59
C GLU MA 202 15.98 -9.23 -98.01
N ILE MA 203 16.76 -10.25 -98.34
CA ILE MA 203 16.61 -11.00 -99.59
C ILE MA 203 15.88 -12.29 -99.25
N ILE MA 204 14.83 -12.61 -100.02
CA ILE MA 204 13.94 -13.72 -99.69
C ILE MA 204 13.85 -14.70 -100.86
N TRP MA 205 13.82 -15.99 -100.53
CA TRP MA 205 13.55 -17.08 -101.46
C TRP MA 205 12.06 -17.10 -101.82
N ALA MA 206 11.75 -17.13 -103.10
CA ALA MA 206 10.38 -17.30 -103.55
C ALA MA 206 10.31 -18.35 -104.66
N PRO MA 207 10.42 -19.64 -104.34
CA PRO MA 207 10.48 -20.64 -105.41
C PRO MA 207 9.20 -20.72 -106.20
N ALA MA 208 8.06 -20.54 -105.53
CA ALA MA 208 6.76 -20.64 -106.17
C ALA MA 208 6.57 -19.58 -107.24
N ILE MA 209 7.06 -18.38 -107.00
CA ILE MA 209 6.85 -17.28 -107.93
C ILE MA 209 7.82 -17.43 -109.09
N ASP MA 210 7.58 -16.69 -110.17
CA ASP MA 210 8.42 -16.70 -111.35
C ASP MA 210 8.87 -15.27 -111.63
N GLY MA 211 10.17 -15.03 -111.57
CA GLY MA 211 10.71 -13.71 -111.81
C GLY MA 211 11.35 -13.11 -110.58
N ALA MA 212 10.96 -11.89 -110.24
CA ALA MA 212 11.47 -11.22 -109.04
C ALA MA 212 10.49 -10.12 -108.65
N PHE MA 213 10.57 -9.70 -107.39
CA PHE MA 213 9.65 -8.68 -106.89
C PHE MA 213 10.40 -7.79 -105.91
N VAL MA 214 10.25 -6.48 -106.06
CA VAL MA 214 10.79 -5.52 -105.10
C VAL MA 214 9.62 -4.77 -104.48
N LEU MA 215 9.47 -4.85 -103.16
CA LEU MA 215 8.28 -4.29 -102.53
C LEU MA 215 8.61 -3.68 -101.18
N SER MA 216 7.73 -2.79 -100.73
CA SER MA 216 7.86 -2.15 -99.43
C SER MA 216 7.21 -3.00 -98.35
N THR MA 217 7.72 -2.84 -97.12
CA THR MA 217 7.21 -3.56 -95.96
C THR MA 217 6.82 -2.62 -94.84
N ARG MA 218 6.45 -1.38 -95.19
CA ARG MA 218 5.98 -0.45 -94.17
C ARG MA 218 4.74 -0.99 -93.46
N GLY MA 219 3.83 -1.62 -94.20
CA GLY MA 219 2.62 -2.18 -93.64
C GLY MA 219 1.37 -1.54 -94.17
N GLY MA 220 0.27 -2.29 -94.16
CA GLY MA 220 -1.01 -1.77 -94.61
C GLY MA 220 -1.26 -1.85 -96.11
N ASP MA 221 -0.41 -2.55 -96.86
CA ASP MA 221 -0.57 -2.67 -98.29
C ASP MA 221 -0.97 -4.06 -98.76
N PHE MA 222 -0.62 -5.11 -98.01
CA PHE MA 222 -0.98 -6.48 -98.38
C PHE MA 222 -1.56 -7.16 -97.16
N ASP MA 223 -2.62 -7.95 -97.36
CA ASP MA 223 -3.31 -8.62 -96.26
C ASP MA 223 -3.60 -10.07 -96.68
N LEU MA 224 -3.04 -11.02 -95.93
CA LEU MA 224 -3.35 -12.43 -96.10
C LEU MA 224 -4.36 -12.82 -95.02
N GLN MA 225 -5.61 -13.00 -95.42
CA GLN MA 225 -6.67 -13.35 -94.48
C GLN MA 225 -6.78 -14.86 -94.37
N LEU MA 226 -6.72 -15.37 -93.15
CA LEU MA 226 -6.84 -16.80 -92.87
C LEU MA 226 -8.08 -17.05 -92.04
N GLY MA 227 -8.88 -18.04 -92.44
CA GLY MA 227 -9.97 -18.51 -91.62
C GLY MA 227 -9.47 -19.53 -90.63
N THR MA 228 -8.74 -20.52 -91.14
CA THR MA 228 -8.06 -21.51 -90.33
C THR MA 228 -6.67 -21.73 -90.89
N ASP MA 229 -5.68 -21.84 -90.00
CA ASP MA 229 -4.30 -22.01 -90.41
C ASP MA 229 -4.10 -23.43 -90.94
N VAL MA 230 -2.86 -23.77 -91.27
CA VAL MA 230 -2.56 -25.09 -91.82
C VAL MA 230 -2.89 -26.16 -90.79
N SER MA 231 -3.60 -27.19 -91.23
CA SER MA 231 -3.99 -28.29 -90.36
C SER MA 231 -3.84 -29.60 -91.10
N ILE MA 232 -3.68 -30.69 -90.34
CA ILE MA 232 -3.53 -32.03 -90.91
C ILE MA 232 -4.70 -32.89 -90.43
N GLY MA 233 -5.33 -33.58 -91.37
CA GLY MA 233 -6.49 -34.39 -91.07
C GLY MA 233 -6.42 -35.81 -91.58
N TYR MA 234 -7.49 -36.57 -91.37
CA TYR MA 234 -7.56 -37.98 -91.70
C TYR MA 234 -8.81 -38.26 -92.52
N LEU MA 235 -8.68 -39.02 -93.61
CA LEU MA 235 -9.82 -39.40 -94.42
C LEU MA 235 -10.21 -40.86 -94.23
N SER MA 236 -9.26 -41.78 -94.44
CA SER MA 236 -9.53 -43.21 -94.34
C SER MA 236 -8.21 -43.92 -94.11
N HIS MA 237 -8.28 -45.24 -93.96
CA HIS MA 237 -7.09 -46.03 -93.68
C HIS MA 237 -7.30 -47.45 -94.17
N ASP MA 238 -6.19 -48.20 -94.22
CA ASP MA 238 -6.16 -49.54 -94.75
C ASP MA 238 -5.19 -50.35 -93.90
N ALA MA 239 -5.06 -51.64 -94.20
CA ALA MA 239 -4.14 -52.50 -93.46
C ALA MA 239 -2.68 -52.09 -93.65
N GLU MA 240 -2.38 -51.25 -94.64
CA GLU MA 240 -1.01 -50.87 -94.95
C GLU MA 240 -0.76 -49.37 -94.90
N VAL MA 241 -1.75 -48.55 -95.20
CA VAL MA 241 -1.56 -47.11 -95.37
C VAL MA 241 -2.66 -46.34 -94.66
N VAL MA 242 -2.41 -45.04 -94.48
CA VAL MA 242 -3.41 -44.10 -93.98
C VAL MA 242 -3.40 -42.89 -94.90
N HIS MA 243 -4.59 -42.39 -95.24
CA HIS MA 243 -4.72 -41.24 -96.11
C HIS MA 243 -5.03 -39.99 -95.27
N LEU MA 244 -4.18 -38.97 -95.41
CA LEU MA 244 -4.29 -37.73 -94.67
C LEU MA 244 -4.32 -36.57 -95.67
N TYR MA 245 -4.58 -35.37 -95.15
CA TYR MA 245 -4.59 -34.18 -95.99
C TYR MA 245 -4.08 -33.00 -95.19
N MET MA 246 -3.51 -32.03 -95.89
CA MET MA 246 -3.15 -30.75 -95.31
C MET MA 246 -4.08 -29.68 -95.87
N GLU MA 247 -4.68 -28.90 -94.98
CA GLU MA 247 -5.79 -28.02 -95.31
C GLU MA 247 -5.52 -26.62 -94.79
N GLU MA 248 -5.92 -25.62 -95.58
CA GLU MA 248 -5.90 -24.23 -95.10
C GLU MA 248 -6.92 -23.41 -95.87
N THR MA 249 -7.60 -22.51 -95.17
CA THR MA 249 -8.62 -21.64 -95.76
C THR MA 249 -8.12 -20.20 -95.74
N MET MA 250 -8.03 -19.58 -96.92
CA MET MA 250 -7.33 -18.30 -97.03
C MET MA 250 -7.91 -17.46 -98.16
N THR MA 251 -7.50 -16.19 -98.16
CA THR MA 251 -7.64 -15.30 -99.29
C THR MA 251 -6.58 -14.20 -99.15
N PHE MA 252 -6.35 -13.48 -100.24
CA PHE MA 252 -5.32 -12.44 -100.27
C PHE MA 252 -5.89 -11.16 -100.86
N LEU MA 253 -5.51 -10.02 -100.28
CA LEU MA 253 -5.94 -8.71 -100.75
C LEU MA 253 -4.74 -7.78 -100.85
N CYS MA 254 -4.70 -7.02 -101.95
CA CYS MA 254 -3.73 -5.94 -102.12
C CYS MA 254 -4.47 -4.62 -102.15
N TYR MA 255 -4.02 -3.67 -101.33
CA TYR MA 255 -4.67 -2.37 -101.19
C TYR MA 255 -3.91 -1.26 -101.88
N THR MA 256 -2.58 -1.28 -101.81
CA THR MA 256 -1.73 -0.26 -102.41
C THR MA 256 -1.06 -0.85 -103.65
N ALA MA 257 -1.39 -0.31 -104.82
CA ALA MA 257 -0.84 -0.81 -106.06
C ALA MA 257 0.55 -0.27 -106.36
N GLU MA 258 0.98 0.76 -105.63
CA GLU MA 258 2.25 1.42 -105.92
C GLU MA 258 3.38 1.00 -104.98
N ALA MA 259 3.16 -0.01 -104.13
CA ALA MA 259 4.16 -0.43 -103.15
C ALA MA 259 4.99 -1.62 -103.62
N SER MA 260 4.87 -2.01 -104.90
CA SER MA 260 5.59 -3.17 -105.41
C SER MA 260 5.97 -2.93 -106.87
N VAL MA 261 7.01 -3.64 -107.30
CA VAL MA 261 7.49 -3.63 -108.68
C VAL MA 261 7.78 -5.08 -109.04
N ALA MA 262 7.33 -5.49 -110.22
CA ALA MA 262 7.47 -6.87 -110.67
C ALA MA 262 8.47 -6.94 -111.81
N LEU MA 263 9.29 -8.00 -111.81
CA LEU MA 263 10.27 -8.25 -112.85
C LEU MA 263 10.00 -9.62 -113.43
N THR MA 264 9.76 -9.68 -114.74
CA THR MA 264 9.36 -10.91 -115.41
C THR MA 264 10.57 -11.58 -116.05
N PRO MA 265 10.61 -12.92 -116.08
CA PRO MA 265 11.76 -13.63 -116.66
C PRO MA 265 12.03 -13.24 -118.11
N ASN NA 2 0.97 45.42 78.43
CA ASN NA 2 -0.29 46.00 78.87
C ASN NA 2 -0.13 46.63 80.25
N ASN NA 3 -1.24 47.08 80.83
CA ASN NA 3 -1.20 47.79 82.10
C ASN NA 3 -0.87 46.89 83.28
N LEU NA 4 -0.88 45.56 83.09
CA LEU NA 4 -0.52 44.66 84.18
C LEU NA 4 0.95 44.79 84.54
N TYR NA 5 1.80 45.03 83.55
CA TYR NA 5 3.25 45.16 83.77
C TYR NA 5 3.82 43.89 84.38
N ARG NA 6 3.42 42.73 83.84
CA ARG NA 6 3.95 41.47 84.30
C ARG NA 6 5.37 41.24 83.84
N ASP NA 7 5.75 41.76 82.67
CA ASP NA 7 7.11 41.56 82.17
C ASP NA 7 8.16 42.14 83.10
N LEU NA 8 7.77 43.07 83.97
CA LEU NA 8 8.69 43.70 84.91
C LEU NA 8 8.81 42.95 86.23
N ALA NA 9 7.99 41.92 86.45
CA ALA NA 9 8.01 41.23 87.73
C ALA NA 9 9.08 40.14 87.74
N PRO NA 10 9.75 39.92 88.87
CA PRO NA 10 10.76 38.85 88.96
C PRO NA 10 10.14 37.48 89.20
N ILE NA 11 9.35 37.02 88.24
CA ILE NA 11 8.63 35.76 88.33
C ILE NA 11 8.77 35.02 87.01
N THR NA 12 8.97 33.70 87.09
CA THR NA 12 9.15 32.87 85.92
C THR NA 12 7.81 32.44 85.34
N GLU NA 13 7.86 31.89 84.13
CA GLU NA 13 6.64 31.45 83.46
C GLU NA 13 5.96 30.34 84.25
N SER NA 14 6.74 29.39 84.80
CA SER NA 14 6.15 28.29 85.55
C SER NA 14 5.44 28.79 86.80
N ALA NA 15 6.07 29.70 87.54
CA ALA NA 15 5.43 30.25 88.73
C ALA NA 15 4.20 31.07 88.38
N TRP NA 16 4.26 31.82 87.28
CA TRP NA 16 3.08 32.53 86.81
C TRP NA 16 1.94 31.56 86.52
N ALA NA 17 2.24 30.45 85.85
CA ALA NA 17 1.21 29.46 85.55
C ALA NA 17 0.63 28.87 86.83
N GLU NA 18 1.50 28.54 87.80
CA GLU NA 18 1.01 27.98 89.06
C GLU NA 18 0.08 28.96 89.76
N ILE NA 19 0.47 30.24 89.83
CA ILE NA 19 -0.35 31.23 90.52
C ILE NA 19 -1.69 31.39 89.80
N GLU NA 20 -1.67 31.48 88.47
CA GLU NA 20 -2.91 31.63 87.72
C GLU NA 20 -3.83 30.43 87.95
N LEU NA 21 -3.28 29.22 87.89
CA LEU NA 21 -4.08 28.02 88.10
C LEU NA 21 -4.70 28.01 89.50
N GLU NA 22 -3.89 28.32 90.52
CA GLU NA 22 -4.39 28.31 91.89
C GLU NA 22 -5.48 29.34 92.10
N ALA NA 23 -5.32 30.54 91.55
CA ALA NA 23 -6.35 31.56 91.70
C ALA NA 23 -7.62 31.19 90.97
N THR NA 24 -7.49 30.68 89.74
CA THR NA 24 -8.66 30.29 88.96
C THR NA 24 -9.46 29.21 89.67
N ARG NA 25 -8.77 28.18 90.18
CA ARG NA 25 -9.45 27.09 90.85
C ARG NA 25 -10.26 27.60 92.04
N THR NA 26 -9.63 28.41 92.89
CA THR NA 26 -10.29 28.88 94.10
C THR NA 26 -11.47 29.80 93.77
N PHE NA 27 -11.28 30.70 92.80
CA PHE NA 27 -12.37 31.60 92.43
C PHE NA 27 -13.55 30.81 91.86
N LYS NA 28 -13.29 29.86 90.98
CA LYS NA 28 -14.36 29.05 90.41
C LYS NA 28 -15.03 28.21 91.47
N ARG NA 29 -14.30 27.84 92.52
CA ARG NA 29 -14.91 27.15 93.65
C ARG NA 29 -15.87 28.07 94.40
N HIS NA 30 -15.41 29.27 94.74
CA HIS NA 30 -16.13 30.14 95.67
C HIS NA 30 -17.17 31.03 94.99
N ILE NA 31 -17.26 31.01 93.67
CA ILE NA 31 -18.18 31.88 92.94
C ILE NA 31 -19.47 31.11 92.66
N ALA NA 32 -20.61 31.81 92.77
CA ALA NA 32 -21.92 31.20 92.59
C ALA NA 32 -22.82 31.95 91.61
N GLY NA 33 -22.79 33.28 91.60
CA GLY NA 33 -23.72 34.02 90.75
C GLY NA 33 -23.54 33.72 89.28
N ARG NA 34 -22.29 33.50 88.85
CA ARG NA 34 -21.98 33.23 87.46
C ARG NA 34 -22.66 31.96 86.95
N ARG NA 35 -23.10 31.08 87.85
CA ARG NA 35 -23.78 29.85 87.47
C ARG NA 35 -25.28 30.03 87.28
N VAL NA 36 -25.84 31.18 87.68
CA VAL NA 36 -27.28 31.37 87.60
C VAL NA 36 -27.63 32.72 86.96
N VAL NA 37 -26.62 33.46 86.50
CA VAL NA 37 -26.84 34.75 85.86
C VAL NA 37 -26.18 34.75 84.49
N ASP NA 38 -26.85 35.36 83.52
CA ASP NA 38 -26.26 35.54 82.20
C ASP NA 38 -25.05 36.48 82.32
N VAL NA 39 -24.00 36.17 81.56
CA VAL NA 39 -22.75 36.91 81.61
C VAL NA 39 -22.50 37.51 80.23
N SER NA 40 -22.37 38.83 80.18
CA SER NA 40 -21.98 39.52 78.96
C SER NA 40 -20.46 39.58 78.92
N GLY NA 41 -19.88 38.83 77.99
CA GLY NA 41 -18.43 38.66 77.94
C GLY NA 41 -17.70 39.99 77.94
N PRO NA 42 -16.40 39.95 78.22
CA PRO NA 42 -15.63 41.20 78.28
C PRO NA 42 -15.75 41.98 76.99
N ASN NA 43 -16.06 43.28 77.13
CA ASN NA 43 -16.18 44.18 76.00
C ASN NA 43 -14.95 45.04 75.80
N GLY NA 44 -13.91 44.87 76.61
CA GLY NA 44 -12.67 45.58 76.44
C GLY NA 44 -12.44 46.63 77.50
N PRO NA 45 -11.18 47.05 77.67
CA PRO NA 45 -10.89 48.09 78.66
C PRO NA 45 -11.54 49.43 78.36
N THR NA 46 -11.92 49.68 77.11
CA THR NA 46 -12.57 50.93 76.74
C THR NA 46 -14.00 51.03 77.25
N THR NA 47 -14.60 49.93 77.68
CA THR NA 47 -15.97 49.93 78.15
C THR NA 47 -16.05 50.52 79.55
N ALA NA 48 -16.96 51.47 79.74
CA ALA NA 48 -17.10 52.19 81.00
C ALA NA 48 -18.51 52.19 81.56
N SER NA 49 -19.54 51.98 80.74
CA SER NA 49 -20.92 52.06 81.22
C SER NA 49 -21.79 51.19 80.34
N VAL NA 50 -22.99 50.90 80.84
CA VAL NA 50 -24.00 50.11 80.14
C VAL NA 50 -25.25 50.94 80.00
N SER NA 51 -25.69 51.15 78.75
CA SER NA 51 -26.89 51.92 78.50
C SER NA 51 -28.11 51.18 79.01
N THR NA 52 -29.10 51.91 79.53
CA THR NA 52 -30.36 51.31 79.95
C THR NA 52 -31.49 51.58 78.97
N GLY NA 53 -31.30 52.51 78.02
CA GLY NA 53 -32.35 52.86 77.08
C GLY NA 53 -33.39 53.80 77.62
N HIS NA 54 -33.26 54.25 78.87
CA HIS NA 54 -34.19 55.18 79.48
C HIS NA 54 -33.70 56.61 79.29
N LEU NA 55 -34.60 57.56 79.55
CA LEU NA 55 -34.33 58.97 79.41
C LEU NA 55 -34.61 59.68 80.73
N LEU NA 56 -33.87 60.75 80.99
CA LEU NA 56 -34.04 61.56 82.19
C LEU NA 56 -34.28 63.01 81.80
N ASP NA 57 -35.21 63.65 82.49
CA ASP NA 57 -35.55 65.04 82.20
C ASP NA 57 -34.43 65.97 82.62
N VAL NA 58 -34.24 67.05 81.87
CA VAL NA 58 -33.16 67.99 82.10
C VAL NA 58 -33.58 69.37 81.58
N SER NA 59 -33.03 70.40 82.20
CA SER NA 59 -33.37 71.77 81.82
C SER NA 59 -32.96 72.03 80.38
N PRO NA 60 -33.81 72.68 79.57
CA PRO NA 60 -33.48 72.86 78.16
C PRO NA 60 -32.41 73.93 77.98
N PRO NA 61 -31.64 73.86 76.89
CA PRO NA 61 -30.74 74.98 76.59
C PRO NA 61 -31.47 76.29 76.36
N GLY NA 62 -32.66 76.25 75.77
CA GLY NA 62 -33.36 77.47 75.43
C GLY NA 62 -34.81 77.20 75.11
N ASP NA 63 -35.46 78.23 74.57
CA ASP NA 63 -36.89 78.16 74.29
C ASP NA 63 -37.17 77.25 73.11
N GLY NA 64 -38.30 76.54 73.17
CA GLY NA 64 -38.71 75.67 72.08
C GLY NA 64 -37.90 74.41 71.93
N VAL NA 65 -37.14 74.03 72.96
CA VAL NA 65 -36.26 72.88 72.90
C VAL NA 65 -36.59 71.95 74.06
N ILE NA 66 -36.72 70.66 73.77
CA ILE NA 66 -36.97 69.64 74.77
C ILE NA 66 -35.71 68.80 74.90
N ALA NA 67 -35.19 68.67 76.11
CA ALA NA 67 -33.92 68.02 76.37
C ALA NA 67 -34.11 66.83 77.30
N HIS NA 68 -33.42 65.73 76.99
CA HIS NA 68 -33.43 64.53 77.81
C HIS NA 68 -32.03 63.93 77.84
N LEU NA 69 -31.67 63.34 78.98
CA LEU NA 69 -30.38 62.69 79.14
C LEU NA 69 -30.52 61.18 79.07
N ARG NA 70 -29.60 60.55 78.34
CA ARG NA 70 -29.56 59.09 78.26
C ARG NA 70 -29.03 58.52 79.57
N ASP NA 71 -29.58 57.38 79.98
CA ASP NA 71 -29.28 56.79 81.27
C ASP NA 71 -28.34 55.59 81.11
N ALA NA 72 -27.29 55.58 81.92
CA ALA NA 72 -26.29 54.51 81.86
C ALA NA 72 -25.88 54.13 83.27
N LYS NA 73 -25.44 52.88 83.40
CA LYS NA 73 -24.96 52.33 84.65
C LYS NA 73 -23.44 52.24 84.58
N PRO NA 74 -22.70 52.90 85.47
CA PRO NA 74 -21.25 52.84 85.42
C PRO NA 74 -20.72 51.48 85.89
N LEU NA 75 -19.52 51.18 85.43
CA LEU NA 75 -18.80 49.97 85.82
C LEU NA 75 -17.84 50.29 86.95
N VAL NA 76 -17.65 49.34 87.87
CA VAL NA 76 -16.80 49.52 89.04
C VAL NA 76 -15.66 48.52 88.95
N ARG NA 77 -14.45 48.97 89.27
CA ARG NA 77 -13.25 48.16 89.26
C ARG NA 77 -12.91 47.74 90.68
N LEU NA 78 -12.76 46.43 90.89
CA LEU NA 78 -12.42 45.87 92.19
C LEU NA 78 -10.99 45.34 92.09
N ARG NA 79 -10.14 45.77 93.01
CA ARG NA 79 -8.74 45.38 93.07
C ARG NA 79 -8.41 44.89 94.47
N VAL NA 80 -7.88 43.68 94.56
CA VAL NA 80 -7.49 43.09 95.84
C VAL NA 80 -5.99 42.82 95.81
N PRO NA 81 -5.20 43.49 96.65
CA PRO NA 81 -3.75 43.25 96.64
C PRO NA 81 -3.34 42.11 97.56
N PHE NA 82 -2.21 41.51 97.20
CA PHE NA 82 -1.61 40.45 98.02
C PHE NA 82 -0.11 40.42 97.76
N THR NA 83 0.59 39.68 98.61
CA THR NA 83 2.06 39.63 98.61
C THR NA 83 2.52 38.19 98.49
N VAL NA 84 3.60 37.98 97.74
CA VAL NA 84 4.14 36.65 97.50
C VAL NA 84 5.64 36.67 97.79
N ALA NA 85 6.17 35.51 98.16
CA ALA NA 85 7.57 35.37 98.56
C ALA NA 85 8.43 34.91 97.40
N ARG NA 86 9.52 35.64 97.19
CA ARG NA 86 10.46 35.32 96.12
C ARG NA 86 11.13 33.97 96.30
N ARG NA 87 11.26 33.49 97.53
CA ARG NA 87 11.79 32.14 97.75
C ARG NA 87 10.85 31.07 97.21
N ASP NA 88 9.56 31.17 97.51
CA ASP NA 88 8.58 30.26 96.94
C ASP NA 88 8.53 30.39 95.43
N ILE NA 89 8.68 31.61 94.91
CA ILE NA 89 8.73 31.79 93.45
C ILE NA 89 9.93 31.04 92.86
N ASP NA 90 11.10 31.21 93.47
CA ASP NA 90 12.32 30.64 92.90
C ASP NA 90 12.34 29.12 93.01
N ASP NA 91 11.75 28.56 94.07
CA ASP NA 91 11.79 27.12 94.25
C ASP NA 91 11.11 26.37 93.11
N VAL NA 92 10.20 27.01 92.38
CA VAL NA 92 9.45 26.30 91.34
C VAL NA 92 10.38 25.79 90.26
N GLU NA 93 11.31 26.63 89.79
CA GLU NA 93 12.22 26.22 88.73
C GLU NA 93 13.15 25.10 89.17
N ARG NA 94 13.26 24.85 90.48
CA ARG NA 94 13.99 23.72 91.03
C ARG NA 94 13.15 22.46 91.13
N GLY NA 95 12.03 22.40 90.41
CA GLY NA 95 11.15 21.25 90.49
C GLY NA 95 10.45 21.12 91.82
N SER NA 96 10.19 22.23 92.51
CA SER NA 96 9.42 22.21 93.74
C SER NA 96 7.94 22.37 93.42
N GLN NA 97 7.12 21.55 94.06
CA GLN NA 97 5.67 21.59 93.86
C GLN NA 97 4.90 21.50 95.17
N ASP NA 98 5.42 22.13 96.23
CA ASP NA 98 4.67 22.36 97.47
C ASP NA 98 4.69 23.83 97.86
N SER NA 99 4.87 24.74 96.91
CA SER NA 99 5.02 26.15 97.22
C SER NA 99 3.74 26.72 97.81
N ASP NA 100 3.90 27.74 98.66
CA ASP NA 100 2.78 28.35 99.37
C ASP NA 100 2.13 29.41 98.50
N TRP NA 101 0.83 29.26 98.24
CA TRP NA 101 0.04 30.21 97.48
C TRP NA 101 -1.21 30.64 98.26
N ASP NA 102 -1.11 30.55 99.58
CA ASP NA 102 -2.24 30.91 100.45
C ASP NA 102 -2.67 32.35 100.26
N PRO NA 103 -1.79 33.34 100.17
CA PRO NA 103 -2.27 34.70 99.87
C PRO NA 103 -3.03 34.79 98.56
N VAL NA 104 -2.59 34.04 97.54
CA VAL NA 104 -3.32 34.01 96.28
C VAL NA 104 -4.73 33.48 96.51
N LYS NA 105 -4.85 32.38 97.25
CA LYS NA 105 -6.17 31.79 97.48
C LYS NA 105 -7.05 32.74 98.27
N ASP NA 106 -6.48 33.41 99.29
CA ASP NA 106 -7.26 34.34 100.09
C ASP NA 106 -7.75 35.52 99.25
N ALA NA 107 -6.89 36.07 98.39
CA ALA NA 107 -7.31 37.18 97.54
C ALA NA 107 -8.41 36.74 96.58
N ALA NA 108 -8.29 35.55 96.01
CA ALA NA 108 -9.33 35.05 95.12
C ALA NA 108 -10.64 34.89 95.88
N LYS NA 109 -10.59 34.35 97.10
CA LYS NA 109 -11.80 34.22 97.90
C LYS NA 109 -12.43 35.58 98.17
N LYS NA 110 -11.60 36.57 98.51
CA LYS NA 110 -12.11 37.91 98.80
C LYS NA 110 -12.80 38.51 97.57
N LEU NA 111 -12.18 38.37 96.40
CA LEU NA 111 -12.77 38.92 95.19
C LEU NA 111 -14.09 38.23 94.86
N ALA NA 112 -14.12 36.90 94.96
CA ALA NA 112 -15.35 36.18 94.71
C ALA NA 112 -16.45 36.62 95.68
N PHE NA 113 -16.10 36.81 96.94
CA PHE NA 113 -17.10 37.18 97.94
C PHE NA 113 -17.65 38.57 97.64
N VAL NA 114 -16.79 39.52 97.30
CA VAL NA 114 -17.30 40.86 97.00
C VAL NA 114 -18.19 40.82 95.75
N GLU NA 115 -17.79 40.07 94.73
CA GLU NA 115 -18.61 39.98 93.53
C GLU NA 115 -19.99 39.40 93.84
N ASP NA 116 -20.01 38.28 94.57
CA ASP NA 116 -21.29 37.63 94.86
C ASP NA 116 -22.15 38.49 95.77
N ARG NA 117 -21.53 39.18 96.73
CA ARG NA 117 -22.29 40.05 97.62
C ARG NA 117 -22.85 41.26 96.89
N ALA NA 118 -22.12 41.82 95.93
CA ALA NA 118 -22.69 42.87 95.09
C ALA NA 118 -23.85 42.35 94.25
N ILE NA 119 -23.72 41.13 93.71
CA ILE NA 119 -24.79 40.58 92.90
C ILE NA 119 -26.05 40.37 93.73
N PHE NA 120 -25.91 39.78 94.92
CA PHE NA 120 -27.07 39.30 95.68
C PHE NA 120 -27.55 40.24 96.76
N GLU NA 121 -26.79 41.27 97.11
CA GLU NA 121 -27.13 42.15 98.22
C GLU NA 121 -27.08 43.62 97.85
N GLY NA 122 -26.23 44.01 96.91
CA GLY NA 122 -26.17 45.39 96.44
C GLY NA 122 -24.92 46.10 96.91
N TYR NA 123 -24.38 46.94 96.04
CA TYR NA 123 -23.24 47.81 96.33
C TYR NA 123 -23.67 49.22 95.92
N ALA NA 124 -24.21 49.96 96.88
CA ALA NA 124 -24.94 51.19 96.57
C ALA NA 124 -24.04 52.22 95.89
N ALA NA 125 -22.82 52.42 96.40
CA ALA NA 125 -21.95 53.45 95.85
C ALA NA 125 -21.68 53.22 94.37
N ALA NA 126 -21.74 51.97 93.91
CA ALA NA 126 -21.62 51.65 92.50
C ALA NA 126 -22.97 51.65 91.79
N SER NA 127 -24.02 52.13 92.45
CA SER NA 127 -25.37 52.15 91.89
C SER NA 127 -25.88 50.76 91.57
N ILE NA 128 -25.41 49.75 92.29
CA ILE NA 128 -25.78 48.36 92.07
C ILE NA 128 -26.88 48.01 93.07
N GLU NA 129 -28.08 47.78 92.56
CA GLU NA 129 -29.18 47.29 93.38
C GLU NA 129 -29.23 45.77 93.28
N GLY NA 130 -29.17 45.10 94.42
CA GLY NA 130 -29.07 43.66 94.45
C GLY NA 130 -30.38 42.97 94.17
N ILE NA 131 -30.29 41.65 93.96
CA ILE NA 131 -31.48 40.84 93.74
C ILE NA 131 -32.43 40.90 94.92
N ARG NA 132 -31.90 40.91 96.14
CA ARG NA 132 -32.75 40.97 97.33
C ARG NA 132 -33.64 42.20 97.33
N SER NA 133 -33.07 43.38 97.08
CA SER NA 133 -33.86 44.61 97.06
C SER NA 133 -34.76 44.68 95.83
N SER NA 134 -34.23 44.31 94.66
CA SER NA 134 -35.00 44.43 93.43
C SER NA 134 -36.13 43.41 93.37
N SER NA 135 -36.10 42.38 94.19
CA SER NA 135 -37.16 41.37 94.16
C SER NA 135 -38.49 41.96 94.58
N SER NA 136 -39.55 41.62 93.84
CA SER NA 136 -40.89 42.08 94.14
C SER NA 136 -41.70 41.07 94.95
N ASN NA 137 -41.42 39.78 94.80
CA ASN NA 137 -42.14 38.78 95.57
C ASN NA 137 -41.79 38.92 97.05
N PRO NA 138 -42.73 38.66 97.95
CA PRO NA 138 -42.46 38.86 99.38
C PRO NA 138 -41.32 37.97 99.87
N ALA NA 139 -40.54 38.53 100.78
CA ALA NA 139 -39.42 37.80 101.36
C ALA NA 139 -39.89 36.89 102.48
N LEU NA 140 -39.17 35.79 102.68
CA LEU NA 140 -39.49 34.82 103.73
C LEU NA 140 -38.38 34.79 104.76
N ALA NA 141 -38.63 34.04 105.84
CA ALA NA 141 -37.69 33.89 106.93
C ALA NA 141 -37.22 32.44 107.01
N LEU NA 142 -35.91 32.25 107.10
CA LEU NA 142 -35.34 30.91 107.18
C LEU NA 142 -35.50 30.40 108.61
N PRO NA 143 -36.19 29.28 108.84
CA PRO NA 143 -36.37 28.82 110.22
C PRO NA 143 -35.05 28.47 110.87
N ASP NA 144 -34.98 28.69 112.19
CA ASP NA 144 -33.78 28.36 112.94
C ASP NA 144 -33.47 26.87 112.83
N ASP NA 145 -34.50 26.03 112.91
CA ASP NA 145 -34.31 24.59 112.75
C ASP NA 145 -34.11 24.26 111.28
N ALA NA 146 -33.44 23.15 111.02
CA ALA NA 146 -33.16 22.72 109.66
C ALA NA 146 -34.27 21.87 109.06
N ARG NA 147 -35.24 21.44 109.87
CA ARG NA 147 -36.25 20.50 109.38
C ARG NA 147 -37.37 21.20 108.62
N GLU NA 148 -37.58 22.49 108.86
CA GLU NA 148 -38.67 23.25 108.25
C GLU NA 148 -38.25 24.01 107.00
N ILE NA 149 -36.97 23.97 106.65
CA ILE NA 149 -36.50 24.73 105.48
C ILE NA 149 -37.20 24.28 104.21
N PRO NA 150 -37.38 22.98 103.94
CA PRO NA 150 -38.05 22.59 102.69
C PRO NA 150 -39.46 23.17 102.54
N ASP NA 151 -40.19 23.32 103.65
CA ASP NA 151 -41.51 23.92 103.57
C ASP NA 151 -41.43 25.36 103.08
N VAL NA 152 -40.46 26.12 103.59
CA VAL NA 152 -40.30 27.51 103.17
C VAL NA 152 -39.88 27.57 101.70
N ILE NA 153 -39.02 26.63 101.27
CA ILE NA 153 -38.64 26.61 99.86
C ILE NA 153 -39.83 26.29 98.98
N ALA NA 154 -40.70 25.38 99.42
CA ALA NA 154 -41.90 25.10 98.66
C ALA NA 154 -42.81 26.31 98.60
N GLN NA 155 -42.91 27.07 99.70
CA GLN NA 155 -43.67 28.31 99.69
C GLN NA 155 -43.10 29.31 98.69
N ALA NA 156 -41.77 29.44 98.65
CA ALA NA 156 -41.15 30.38 97.71
C ALA NA 156 -41.37 29.95 96.27
N LEU NA 157 -41.27 28.65 95.99
CA LEU NA 157 -41.61 28.16 94.67
C LEU NA 157 -43.05 28.48 94.33
N SER NA 158 -43.95 28.28 95.29
CA SER NA 158 -45.34 28.65 95.07
C SER NA 158 -45.49 30.12 94.73
N GLU NA 159 -44.71 30.98 95.38
CA GLU NA 159 -44.83 32.42 95.09
C GLU NA 159 -44.36 32.75 93.68
N LEU NA 160 -43.13 32.35 93.34
CA LEU NA 160 -42.64 32.54 91.97
C LEU NA 160 -43.64 32.00 90.95
N ARG NA 161 -44.09 30.78 91.20
CA ARG NA 161 -44.83 29.99 90.24
C ARG NA 161 -46.29 30.40 90.20
N LEU NA 162 -46.75 31.10 91.23
CA LEU NA 162 -47.94 31.93 91.12
C LEU NA 162 -47.68 33.12 90.22
N ALA NA 163 -46.58 33.83 90.47
CA ALA NA 163 -46.31 35.07 89.75
C ALA NA 163 -46.19 34.84 88.25
N GLY NA 164 -45.89 33.62 87.84
CA GLY NA 164 -45.95 33.26 86.44
C GLY NA 164 -44.62 33.04 85.75
N VAL NA 165 -43.55 32.87 86.51
CA VAL NA 165 -42.24 32.64 85.94
C VAL NA 165 -42.04 31.16 85.71
N ASP NA 166 -41.29 30.83 84.65
CA ASP NA 166 -41.04 29.45 84.27
C ASP NA 166 -39.55 29.17 84.13
N GLY NA 167 -39.20 28.00 83.63
CA GLY NA 167 -37.83 27.59 83.48
C GLY NA 167 -37.29 26.91 84.72
N PRO NA 168 -36.14 26.27 84.61
CA PRO NA 168 -35.59 25.55 85.77
C PRO NA 168 -35.39 26.47 86.95
N TYR NA 169 -35.70 25.97 88.14
CA TYR NA 169 -35.55 26.72 89.38
C TYR NA 169 -34.33 26.23 90.13
N SER NA 170 -33.71 27.14 90.87
CA SER NA 170 -32.45 26.85 91.54
C SER NA 170 -32.44 27.50 92.92
N VAL NA 171 -31.78 26.83 93.86
CA VAL NA 171 -31.69 27.28 95.25
C VAL NA 171 -30.21 27.54 95.54
N LEU NA 172 -29.92 28.77 95.95
CA LEU NA 172 -28.59 29.16 96.39
C LEU NA 172 -28.63 29.30 97.91
N LEU NA 173 -27.80 28.54 98.60
CA LEU NA 173 -27.80 28.51 100.06
C LEU NA 173 -26.52 29.11 100.61
N SER NA 174 -26.63 29.71 101.80
CA SER NA 174 -25.51 30.35 102.46
C SER NA 174 -24.57 29.27 102.98
N ALA NA 175 -23.39 29.68 103.45
CA ALA NA 175 -22.46 28.73 104.05
C ALA NA 175 -23.06 28.13 105.32
N GLU NA 176 -23.62 28.96 106.19
CA GLU NA 176 -24.14 28.48 107.46
C GLU NA 176 -25.38 27.60 107.24
N THR NA 177 -26.22 27.97 106.28
CA THR NA 177 -27.41 27.17 105.99
C THR NA 177 -27.06 25.86 105.30
N TYR NA 178 -26.10 25.89 104.37
CA TYR NA 178 -25.68 24.67 103.69
C TYR NA 178 -25.01 23.70 104.66
N THR NA 179 -24.16 24.21 105.55
CA THR NA 179 -23.59 23.36 106.59
C THR NA 179 -24.70 22.71 107.43
N LYS NA 180 -25.73 23.49 107.76
CA LYS NA 180 -26.82 22.96 108.58
C LYS NA 180 -27.55 21.84 107.86
N VAL NA 181 -27.99 22.10 106.61
CA VAL NA 181 -28.76 21.09 105.89
C VAL NA 181 -27.90 19.89 105.56
N SER NA 182 -26.58 20.06 105.45
CA SER NA 182 -25.71 18.93 105.16
C SER NA 182 -25.51 18.06 106.40
N GLU NA 183 -25.12 18.67 107.51
CA GLU NA 183 -24.89 17.90 108.74
C GLU NA 183 -26.18 17.25 109.22
N THR NA 184 -27.28 18.00 109.20
CA THR NA 184 -28.55 17.46 109.63
C THR NA 184 -29.04 16.37 108.68
N THR NA 185 -29.70 15.36 109.24
CA THR NA 185 -30.14 14.20 108.48
C THR NA 185 -31.54 13.81 108.92
N ALA NA 186 -32.23 13.08 108.05
CA ALA NA 186 -33.58 12.61 108.33
C ALA NA 186 -33.84 11.36 107.50
N HIS NA 187 -34.32 10.30 108.16
CA HIS NA 187 -34.65 9.04 107.48
C HIS NA 187 -33.48 8.51 106.67
N GLY NA 188 -32.26 8.81 107.12
CA GLY NA 188 -31.08 8.35 106.43
C GLY NA 188 -30.69 9.15 105.21
N TYR NA 189 -31.24 10.34 105.02
CA TYR NA 189 -30.80 11.25 103.97
C TYR NA 189 -30.62 12.66 104.54
N PRO NA 190 -29.66 13.43 104.04
CA PRO NA 190 -29.53 14.82 104.49
C PRO NA 190 -30.71 15.69 104.10
N ILE NA 191 -30.92 16.72 104.93
CA ILE NA 191 -31.94 17.71 104.64
C ILE NA 191 -31.63 18.40 103.33
N ARG NA 192 -30.36 18.45 102.92
CA ARG NA 192 -30.01 19.00 101.62
C ARG NA 192 -30.59 18.16 100.49
N GLU NA 193 -30.50 16.83 100.59
CA GLU NA 193 -31.14 15.99 99.58
C GLU NA 193 -32.65 16.17 99.63
N HIS NA 194 -33.21 16.27 100.84
CA HIS NA 194 -34.63 16.60 100.95
C HIS NA 194 -34.98 17.84 100.14
N ILE NA 195 -34.16 18.89 100.25
CA ILE NA 195 -34.40 20.11 99.48
C ILE NA 195 -34.27 19.84 97.99
N ASN NA 196 -33.19 19.15 97.60
CA ASN NA 196 -32.93 18.90 96.18
C ASN NA 196 -34.10 18.19 95.52
N ARG NA 197 -34.79 17.33 96.27
CA ARG NA 197 -35.89 16.56 95.68
C ARG NA 197 -36.94 17.44 95.02
N LEU NA 198 -37.11 18.67 95.47
CA LEU NA 198 -38.20 19.53 95.01
C LEU NA 198 -37.90 20.20 93.68
N VAL NA 199 -36.73 20.82 93.56
CA VAL NA 199 -36.43 21.66 92.41
C VAL NA 199 -36.01 20.80 91.22
N ASP NA 200 -36.06 21.41 90.04
CA ASP NA 200 -35.63 20.79 88.79
C ASP NA 200 -34.18 21.12 88.45
N GLY NA 201 -33.64 22.20 88.99
CA GLY NA 201 -32.29 22.63 88.67
C GLY NA 201 -31.24 22.05 89.59
N GLU NA 202 -30.49 22.93 90.27
CA GLU NA 202 -29.36 22.50 91.08
C GLU NA 202 -29.40 23.23 92.43
N ILE NA 203 -28.67 22.67 93.39
CA ILE NA 203 -28.42 23.31 94.67
C ILE NA 203 -27.02 23.91 94.62
N ILE NA 204 -26.88 25.18 95.01
CA ILE NA 204 -25.64 25.93 94.82
C ILE NA 204 -25.16 26.49 96.15
N TRP NA 205 -23.85 26.44 96.36
CA TRP NA 205 -23.15 27.09 97.47
C TRP NA 205 -23.10 28.60 97.23
N ALA NA 206 -23.49 29.38 98.22
CA ALA NA 206 -23.35 30.83 98.15
C ALA NA 206 -22.78 31.36 99.46
N PRO NA 207 -21.49 31.18 99.73
CA PRO NA 207 -20.96 31.57 101.05
C PRO NA 207 -21.03 33.05 101.27
N ALA NA 208 -20.83 33.84 100.22
CA ALA NA 208 -20.81 35.29 100.32
C ALA NA 208 -22.16 35.84 100.76
N ILE NA 209 -23.25 35.25 100.27
CA ILE NA 209 -24.58 35.77 100.55
C ILE NA 209 -24.97 35.32 101.96
N ASP NA 210 -26.02 35.93 102.50
CA ASP NA 210 -26.55 35.61 103.82
C ASP NA 210 -28.02 35.25 103.67
N GLY NA 211 -28.38 34.01 104.00
CA GLY NA 211 -29.74 33.55 103.90
C GLY NA 211 -29.91 32.46 102.86
N ALA NA 212 -30.88 32.65 101.96
CA ALA NA 212 -31.11 31.69 100.88
C ALA NA 212 -31.86 32.41 99.76
N PHE NA 213 -31.80 31.83 98.56
CA PHE NA 213 -32.45 32.45 97.40
C PHE NA 213 -33.00 31.35 96.51
N VAL NA 214 -34.25 31.50 96.07
CA VAL NA 214 -34.83 30.59 95.10
C VAL NA 214 -35.17 31.41 93.84
N LEU NA 215 -34.58 31.04 92.71
CA LEU NA 215 -34.73 31.88 91.52
C LEU NA 215 -34.84 31.03 90.26
N SER NA 216 -35.39 31.64 89.22
CA SER NA 216 -35.53 30.99 87.92
C SER NA 216 -34.27 31.21 87.09
N THR NA 217 -34.01 30.27 86.18
CA THR NA 217 -32.86 30.32 85.29
C THR NA 217 -33.28 30.21 83.83
N ARG NA 218 -34.50 30.64 83.51
CA ARG NA 218 -34.94 30.66 82.12
C ARG NA 218 -34.03 31.54 81.27
N GLY NA 219 -33.62 32.68 81.81
CA GLY NA 219 -32.75 33.59 81.09
C GLY NA 219 -33.40 34.94 80.84
N GLY NA 220 -32.58 35.98 80.72
CA GLY NA 220 -33.07 37.31 80.44
C GLY NA 220 -33.52 38.12 81.63
N ASP NA 221 -33.25 37.65 82.85
CA ASP NA 221 -33.65 38.36 84.05
C ASP NA 221 -32.49 38.96 84.84
N PHE NA 222 -31.29 38.39 84.74
CA PHE NA 222 -30.12 38.90 85.44
C PHE NA 222 -28.98 39.00 84.45
N ASP NA 223 -28.20 40.08 84.53
CA ASP NA 223 -27.10 40.33 83.62
C ASP NA 223 -25.89 40.82 84.41
N LEU NA 224 -24.79 40.05 84.34
CA LEU NA 224 -23.52 40.45 84.92
C LEU NA 224 -22.65 40.98 83.78
N GLN NA 225 -22.48 42.30 83.73
CA GLN NA 225 -21.70 42.92 82.68
C GLN NA 225 -20.24 43.05 83.12
N LEU NA 226 -19.33 42.54 82.30
CA LEU NA 226 -17.90 42.59 82.58
C LEU NA 226 -17.21 43.43 81.51
N GLY NA 227 -16.36 44.36 81.95
CA GLY NA 227 -15.50 45.07 81.02
C GLY NA 227 -14.25 44.26 80.76
N THR NA 228 -13.61 43.84 81.84
CA THR NA 228 -12.47 42.93 81.78
C THR NA 228 -12.65 41.86 82.86
N ASP NA 229 -12.32 40.62 82.51
CA ASP NA 229 -12.48 39.51 83.44
C ASP NA 229 -11.38 39.58 84.50
N VAL NA 230 -11.34 38.56 85.37
CA VAL NA 230 -10.36 38.55 86.45
C VAL NA 230 -8.96 38.50 85.86
N SER NA 231 -8.08 39.37 86.37
CA SER NA 231 -6.70 39.44 85.90
C SER NA 231 -5.78 39.63 87.09
N ILE NA 232 -4.52 39.24 86.94
CA ILE NA 232 -3.51 39.37 87.98
C ILE NA 232 -2.40 40.30 87.48
N GLY NA 233 -2.03 41.27 88.30
CA GLY NA 233 -1.04 42.25 87.93
C GLY NA 233 0.07 42.43 88.93
N TYR NA 234 0.97 43.37 88.66
CA TYR NA 234 2.17 43.62 89.45
C TYR NA 234 2.25 45.09 89.79
N LEU NA 235 2.54 45.42 91.06
CA LEU NA 235 2.73 46.80 91.48
C LEU NA 235 4.19 47.14 91.73
N SER NA 236 4.85 46.38 92.60
CA SER NA 236 6.23 46.65 92.96
C SER NA 236 6.83 45.37 93.53
N HIS NA 237 8.11 45.42 93.88
CA HIS NA 237 8.80 44.24 94.39
C HIS NA 237 9.96 44.68 95.27
N ASP NA 238 10.49 43.71 96.01
CA ASP NA 238 11.54 43.93 96.99
C ASP NA 238 12.49 42.74 96.93
N ALA NA 239 13.56 42.79 97.74
CA ALA NA 239 14.51 41.69 97.79
C ALA NA 239 13.89 40.40 98.31
N GLU NA 240 12.72 40.47 98.94
CA GLU NA 240 12.09 39.31 99.56
C GLU NA 240 10.70 38.99 99.03
N VAL NA 241 9.95 40.00 98.61
CA VAL NA 241 8.53 39.83 98.28
C VAL NA 241 8.21 40.55 96.97
N VAL NA 242 7.06 40.20 96.41
CA VAL NA 242 6.48 40.88 95.26
C VAL NA 242 5.03 41.19 95.58
N HIS NA 243 4.58 42.39 95.24
CA HIS NA 243 3.20 42.82 95.48
C HIS NA 243 2.41 42.72 94.18
N LEU NA 244 1.32 41.96 94.22
CA LEU NA 244 0.46 41.72 93.08
C LEU NA 244 -0.97 42.09 93.46
N TYR NA 245 -1.86 42.09 92.47
CA TYR NA 245 -3.27 42.37 92.72
C TYR NA 245 -4.12 41.56 91.77
N MET NA 246 -5.34 41.25 92.21
CA MET NA 246 -6.36 40.65 91.35
C MET NA 246 -7.44 41.68 91.08
N GLU NA 247 -7.76 41.87 89.80
CA GLU NA 247 -8.56 42.98 89.34
C GLU NA 247 -9.70 42.49 88.46
N GLU NA 248 -10.86 43.12 88.60
CA GLU NA 248 -11.96 42.86 87.67
C GLU NA 248 -12.90 44.07 87.63
N THR NA 249 -13.40 44.40 86.43
CA THR NA 249 -14.30 45.53 86.23
C THR NA 249 -15.67 45.00 85.84
N MET NA 250 -16.69 45.35 86.64
CA MET NA 250 -17.98 44.70 86.50
C MET NA 250 -19.11 45.64 86.91
N THR NA 251 -20.32 45.21 86.59
CA THR NA 251 -21.55 45.74 87.14
C THR NA 251 -22.63 44.67 87.00
N PHE NA 252 -23.73 44.85 87.73
CA PHE NA 252 -24.82 43.87 87.74
C PHE NA 252 -26.14 44.57 87.52
N LEU NA 253 -27.03 43.96 86.75
CA LEU NA 253 -28.35 44.47 86.48
C LEU NA 253 -29.40 43.38 86.65
N CYS NA 254 -30.51 43.73 87.30
CA CYS NA 254 -31.68 42.86 87.40
C CYS NA 254 -32.82 43.51 86.62
N TYR NA 255 -33.45 42.74 85.74
CA TYR NA 255 -34.52 43.24 84.89
C TYR NA 255 -35.90 42.75 85.32
N THR NA 256 -36.00 41.50 85.76
CA THR NA 256 -37.26 40.91 86.19
C THR NA 256 -37.25 40.79 87.71
N ALA NA 257 -38.15 41.52 88.37
CA ALA NA 257 -38.19 41.52 89.83
C ALA NA 257 -38.96 40.33 90.38
N GLU NA 258 -39.70 39.61 89.53
CA GLU NA 258 -40.56 38.52 89.97
C GLU NA 258 -39.94 37.14 89.77
N ALA NA 259 -38.69 37.05 89.35
CA ALA NA 259 -38.05 35.78 89.06
C ALA NA 259 -37.23 35.23 90.22
N SER NA 260 -37.32 35.84 91.39
CA SER NA 260 -36.53 35.42 92.54
C SER NA 260 -37.32 35.62 93.82
N VAL NA 261 -36.95 34.85 94.84
CA VAL NA 261 -37.52 34.94 96.18
C VAL NA 261 -36.35 34.87 97.16
N ALA NA 262 -36.34 35.75 98.14
CA ALA NA 262 -35.26 35.85 99.11
C ALA NA 262 -35.73 35.35 100.47
N LEU NA 263 -34.86 34.65 101.17
CA LEU NA 263 -35.12 34.16 102.51
C LEU NA 263 -34.03 34.68 103.43
N THR NA 264 -34.43 35.41 104.48
CA THR NA 264 -33.49 36.07 105.37
C THR NA 264 -33.26 35.22 106.62
N PRO NA 265 -32.04 35.25 107.17
CA PRO NA 265 -31.72 34.44 108.35
C PRO NA 265 -32.64 34.74 109.53
N ASN OA 2 -31.16 -59.95 60.41
CA ASN OA 2 -31.11 -61.36 60.04
C ASN OA 2 -31.57 -62.24 61.20
N ASN OA 3 -31.42 -63.55 61.04
CA ASN OA 3 -31.91 -64.49 62.03
C ASN OA 3 -31.09 -64.49 63.32
N LEU OA 4 -29.92 -63.85 63.32
CA LEU OA 4 -29.12 -63.78 64.53
C LEU OA 4 -29.80 -62.95 65.60
N TYR OA 5 -30.51 -61.89 65.20
CA TYR OA 5 -31.20 -61.00 66.13
C TYR OA 5 -30.22 -60.37 67.11
N ARG OA 6 -29.09 -59.89 66.58
CA ARG OA 6 -28.10 -59.21 67.42
C ARG OA 6 -28.55 -57.82 67.82
N ASP OA 7 -29.33 -57.14 66.97
CA ASP OA 7 -29.78 -55.79 67.30
C ASP OA 7 -30.64 -55.75 68.56
N LEU OA 8 -31.19 -56.90 68.98
CA LEU OA 8 -32.02 -56.98 70.16
C LEU OA 8 -31.22 -57.28 71.43
N ALA OA 9 -29.93 -57.56 71.30
CA ALA OA 9 -29.15 -57.94 72.48
C ALA OA 9 -28.63 -56.70 73.19
N PRO OA 10 -28.55 -56.72 74.53
CA PRO OA 10 -28.00 -55.58 75.28
C PRO OA 10 -26.48 -55.59 75.33
N ILE OA 11 -25.87 -55.47 74.15
CA ILE OA 11 -24.41 -55.52 74.01
C ILE OA 11 -23.98 -54.40 73.07
N THR OA 12 -22.88 -53.74 73.41
CA THR OA 12 -22.35 -52.64 72.64
C THR OA 12 -21.47 -53.14 71.50
N GLU OA 13 -21.15 -52.23 70.58
CA GLU OA 13 -20.33 -52.58 69.43
C GLU OA 13 -18.95 -53.04 69.87
N SER OA 14 -18.36 -52.36 70.86
CA SER OA 14 -17.03 -52.73 71.31
C SER OA 14 -17.01 -54.13 71.93
N ALA OA 15 -18.01 -54.44 72.76
CA ALA OA 15 -18.06 -55.78 73.35
C ALA OA 15 -18.33 -56.84 72.29
N TRP OA 16 -19.18 -56.52 71.31
CA TRP OA 16 -19.38 -57.45 70.20
C TRP OA 16 -18.07 -57.73 69.48
N ALA OA 17 -17.28 -56.68 69.22
CA ALA OA 17 -16.00 -56.86 68.55
C ALA OA 17 -15.06 -57.72 69.40
N GLU OA 18 -15.01 -57.46 70.70
CA GLU OA 18 -14.15 -58.25 71.56
C GLU OA 18 -14.54 -59.73 71.54
N ILE OA 19 -15.84 -60.01 71.64
CA ILE OA 19 -16.30 -61.39 71.65
C ILE OA 19 -15.97 -62.06 70.32
N GLU OA 20 -16.24 -61.38 69.21
CA GLU OA 20 -15.94 -61.96 67.90
C GLU OA 20 -14.45 -62.26 67.76
N LEU OA 21 -13.61 -61.31 68.17
CA LEU OA 21 -12.16 -61.51 68.06
C LEU OA 21 -11.72 -62.70 68.91
N GLU OA 22 -12.20 -62.78 70.14
CA GLU OA 22 -11.81 -63.87 71.03
C GLU OA 22 -12.25 -65.21 70.49
N ALA OA 23 -13.47 -65.32 69.97
CA ALA OA 23 -13.93 -66.58 69.42
C ALA OA 23 -13.16 -66.97 68.17
N THR OA 24 -12.91 -66.00 67.28
CA THR OA 24 -12.18 -66.29 66.05
C THR OA 24 -10.78 -66.80 66.37
N ARG OA 25 -10.09 -66.13 67.29
CA ARG OA 25 -8.73 -66.55 67.63
C ARG OA 25 -8.70 -67.98 68.13
N THR OA 26 -9.58 -68.30 69.07
CA THR OA 26 -9.57 -69.64 69.67
C THR OA 26 -9.95 -70.71 68.66
N PHE OA 27 -10.95 -70.43 67.83
CA PHE OA 27 -11.35 -71.42 66.82
C PHE OA 27 -10.22 -71.66 65.82
N LYS OA 28 -9.59 -70.59 65.34
CA LYS OA 28 -8.50 -70.74 64.40
C LYS OA 28 -7.32 -71.45 65.04
N ARG OA 29 -7.16 -71.31 66.35
CA ARG OA 29 -6.14 -72.07 67.06
C ARG OA 29 -6.47 -73.56 67.07
N HIS OA 30 -7.70 -73.91 67.44
CA HIS OA 30 -8.06 -75.29 67.72
C HIS OA 30 -8.51 -76.07 66.49
N ILE OA 31 -8.62 -75.43 65.34
CA ILE OA 31 -9.11 -76.08 64.13
C ILE OA 31 -7.91 -76.56 63.31
N ALA OA 32 -8.05 -77.76 62.71
CA ALA OA 32 -6.99 -78.36 61.94
C ALA OA 32 -7.40 -78.83 60.55
N GLY OA 33 -8.61 -79.36 60.38
CA GLY OA 33 -8.99 -79.90 59.09
C GLY OA 33 -8.99 -78.86 57.98
N ARG OA 34 -9.37 -77.62 58.33
CA ARG OA 34 -9.43 -76.53 57.35
C ARG OA 34 -8.08 -76.25 56.72
N ARG OA 35 -6.98 -76.67 57.35
CA ARG OA 35 -5.64 -76.46 56.83
C ARG OA 35 -5.20 -77.54 55.86
N VAL OA 36 -5.94 -78.64 55.75
CA VAL OA 36 -5.53 -79.74 54.89
C VAL OA 36 -6.67 -80.22 54.00
N VAL OA 37 -7.82 -79.55 54.05
CA VAL OA 37 -8.97 -79.91 53.23
C VAL OA 37 -9.43 -78.69 52.44
N ASP OA 38 -9.81 -78.93 51.19
CA ASP OA 38 -10.41 -77.88 50.38
C ASP OA 38 -11.73 -77.43 51.00
N VAL OA 39 -11.98 -76.13 50.96
CA VAL OA 39 -13.17 -75.55 51.57
C VAL OA 39 -13.99 -74.88 50.47
N SER OA 40 -15.24 -75.31 50.33
CA SER OA 40 -16.18 -74.67 49.43
C SER OA 40 -16.88 -73.55 50.19
N GLY OA 41 -16.57 -72.30 49.82
CA GLY OA 41 -17.03 -71.15 50.56
C GLY OA 41 -18.53 -71.17 50.79
N PRO OA 42 -19.00 -70.34 51.72
CA PRO OA 42 -20.44 -70.32 52.02
C PRO OA 42 -21.27 -70.06 50.77
N ASN OA 43 -22.28 -70.90 50.57
CA ASN OA 43 -23.18 -70.77 49.43
C ASN OA 43 -24.50 -70.12 49.80
N GLY OA 44 -24.67 -69.72 51.06
CA GLY OA 44 -25.85 -69.00 51.49
C GLY OA 44 -26.75 -69.85 52.36
N PRO OA 45 -27.65 -69.18 53.12
CA PRO OA 45 -28.58 -69.93 53.97
C PRO OA 45 -29.54 -70.80 53.20
N THR OA 46 -29.76 -70.53 51.92
CA THR OA 46 -30.67 -71.33 51.10
C THR OA 46 -30.09 -72.70 50.76
N THR OA 47 -28.79 -72.90 50.95
CA THR OA 47 -28.16 -74.17 50.61
C THR OA 47 -28.49 -75.22 51.66
N ALA OA 48 -28.93 -76.39 51.22
CA ALA OA 48 -29.35 -77.46 52.11
C ALA OA 48 -28.70 -78.80 51.83
N SER OA 49 -28.17 -79.03 50.63
CA SER OA 49 -27.61 -80.33 50.28
C SER OA 49 -26.58 -80.15 49.19
N VAL OA 50 -25.75 -81.18 49.02
CA VAL OA 50 -24.70 -81.20 48.00
C VAL OA 50 -24.94 -82.41 47.10
N SER OA 51 -25.11 -82.17 45.80
CA SER OA 51 -25.33 -83.24 44.85
C SER OA 51 -24.08 -84.09 44.72
N THR OA 52 -24.27 -85.41 44.55
CA THR OA 52 -23.14 -86.30 44.30
C THR OA 52 -23.05 -86.73 42.84
N GLY OA 53 -24.08 -86.47 42.03
CA GLY OA 53 -24.07 -86.89 40.65
C GLY OA 53 -24.41 -88.35 40.43
N HIS OA 54 -24.71 -89.09 41.48
CA HIS OA 54 -25.08 -90.49 41.37
C HIS OA 54 -26.60 -90.64 41.30
N LEU OA 55 -27.03 -91.83 40.91
CA LEU OA 55 -28.45 -92.15 40.76
C LEU OA 55 -28.79 -93.36 41.63
N LEU OA 56 -30.03 -93.40 42.10
CA LEU OA 56 -30.54 -94.49 42.92
C LEU OA 56 -31.79 -95.07 42.27
N ASP OA 57 -31.88 -96.40 42.28
CA ASP OA 57 -33.03 -97.07 41.67
C ASP OA 57 -34.28 -96.87 42.51
N VAL OA 58 -35.42 -96.78 41.84
CA VAL OA 58 -36.70 -96.50 42.48
C VAL OA 58 -37.82 -97.10 41.66
N SER OA 59 -38.90 -97.46 42.33
CA SER OA 59 -40.04 -98.08 41.66
C SER OA 59 -40.63 -97.13 40.63
N PRO OA 60 -40.96 -97.60 39.42
CA PRO OA 60 -41.44 -96.68 38.39
C PRO OA 60 -42.87 -96.25 38.67
N PRO OA 61 -43.27 -95.07 38.18
CA PRO OA 61 -44.71 -94.71 38.26
C PRO OA 61 -45.61 -95.68 37.51
N GLY OA 62 -45.14 -96.23 36.40
CA GLY OA 62 -45.98 -97.08 35.58
C GLY OA 62 -45.18 -97.86 34.57
N ASP OA 63 -45.90 -98.49 33.65
CA ASP OA 63 -45.27 -99.36 32.67
C ASP OA 63 -44.48 -98.56 31.64
N GLY OA 64 -43.37 -99.13 31.19
CA GLY OA 64 -42.57 -98.49 30.16
C GLY OA 64 -41.79 -97.28 30.63
N VAL OA 65 -41.64 -97.10 31.94
CA VAL OA 65 -40.97 -95.94 32.51
C VAL OA 65 -39.85 -96.42 33.43
N ILE OA 66 -38.68 -95.81 33.27
CA ILE OA 66 -37.52 -96.10 34.11
C ILE OA 66 -37.28 -94.88 35.00
N ALA OA 67 -37.22 -95.10 36.30
CA ALA OA 67 -37.14 -94.02 37.29
C ALA OA 67 -35.87 -94.16 38.10
N HIS OA 68 -35.21 -93.02 38.36
CA HIS OA 68 -34.02 -92.96 39.19
C HIS OA 68 -34.07 -91.70 40.03
N LEU OA 69 -33.53 -91.79 41.25
CA LEU OA 69 -33.48 -90.65 42.16
C LEU OA 69 -32.07 -90.08 42.23
N ARG OA 70 -31.97 -88.76 42.18
CA ARG OA 70 -30.69 -88.08 42.32
C ARG OA 70 -30.23 -88.14 43.77
N ASP OA 71 -28.92 -88.29 43.96
CA ASP OA 71 -28.35 -88.50 45.29
C ASP OA 71 -27.69 -87.23 45.80
N ALA OA 72 -28.01 -86.87 47.03
CA ALA OA 72 -27.49 -85.66 47.64
C ALA OA 72 -27.13 -85.94 49.10
N LYS OA 73 -26.17 -85.17 49.60
CA LYS OA 73 -25.72 -85.25 50.98
C LYS OA 73 -26.29 -84.05 51.73
N PRO OA 74 -27.07 -84.26 52.79
CA PRO OA 74 -27.63 -83.13 53.52
C PRO OA 74 -26.58 -82.42 54.37
N LEU OA 75 -26.86 -81.16 54.67
CA LEU OA 75 -26.03 -80.34 55.53
C LEU OA 75 -26.58 -80.36 56.95
N VAL OA 76 -25.68 -80.32 57.93
CA VAL OA 76 -26.04 -80.39 59.34
C VAL OA 76 -25.63 -79.08 60.00
N ARG OA 77 -26.50 -78.55 60.86
CA ARG OA 77 -26.28 -77.32 61.58
C ARG OA 77 -25.86 -77.64 63.01
N LEU OA 78 -24.72 -77.11 63.43
CA LEU OA 78 -24.20 -77.31 64.79
C LEU OA 78 -24.32 -75.98 65.51
N ARG OA 79 -24.95 -76.03 66.69
CA ARG OA 79 -25.19 -74.86 67.52
C ARG OA 79 -24.71 -75.15 68.94
N VAL OA 80 -23.83 -74.30 69.45
CA VAL OA 80 -23.29 -74.44 70.80
C VAL OA 80 -23.68 -73.22 71.62
N PRO OA 81 -24.50 -73.35 72.65
CA PRO OA 81 -24.90 -72.19 73.44
C PRO OA 81 -23.93 -71.89 74.57
N PHE OA 82 -23.90 -70.61 74.95
CA PHE OA 82 -23.10 -70.17 76.09
C PHE OA 82 -23.74 -68.91 76.68
N THR OA 83 -23.26 -68.52 77.86
CA THR OA 83 -23.82 -67.44 78.64
C THR OA 83 -22.74 -66.43 78.97
N VAL OA 84 -23.10 -65.15 78.93
CA VAL OA 84 -22.16 -64.06 79.19
C VAL OA 84 -22.76 -63.12 80.24
N ALA OA 85 -21.89 -62.44 80.97
CA ALA OA 85 -22.30 -61.56 82.06
C ALA OA 85 -22.40 -60.11 81.61
N ARG OA 86 -23.54 -59.50 81.93
CA ARG OA 86 -23.79 -58.11 81.56
C ARG OA 86 -22.83 -57.15 82.24
N ARG OA 87 -22.29 -57.51 83.41
CA ARG OA 87 -21.28 -56.67 84.04
C ARG OA 87 -19.99 -56.63 83.23
N ASP OA 88 -19.50 -57.78 82.78
CA ASP OA 88 -18.35 -57.82 81.89
C ASP OA 88 -18.63 -57.10 80.59
N ILE OA 89 -19.86 -57.23 80.08
CA ILE OA 89 -20.22 -56.50 78.86
C ILE OA 89 -20.13 -54.99 79.10
N ASP OA 90 -20.69 -54.51 80.21
CA ASP OA 90 -20.76 -53.07 80.45
C ASP OA 90 -19.39 -52.48 80.75
N ASP OA 91 -18.52 -53.25 81.39
CA ASP OA 91 -17.20 -52.71 81.75
C ASP OA 91 -16.40 -52.29 80.53
N VAL OA 92 -16.69 -52.84 79.35
CA VAL OA 92 -15.87 -52.55 78.17
C VAL OA 92 -15.94 -51.07 77.83
N GLU OA 93 -17.14 -50.49 77.82
CA GLU OA 93 -17.29 -49.08 77.47
C GLU OA 93 -16.61 -48.16 78.47
N ARG OA 94 -16.27 -48.68 79.66
CA ARG OA 94 -15.50 -47.95 80.65
C ARG OA 94 -13.99 -48.09 80.45
N GLY OA 95 -13.56 -48.52 79.26
CA GLY OA 95 -12.15 -48.73 79.01
C GLY OA 95 -11.56 -49.90 79.77
N SER OA 96 -12.37 -50.91 80.07
CA SER OA 96 -11.87 -52.13 80.70
C SER OA 96 -11.44 -53.11 79.62
N GLN OA 97 -10.28 -53.71 79.82
CA GLN OA 97 -9.73 -54.69 78.89
C GLN OA 97 -9.17 -55.92 79.58
N ASP OA 98 -9.80 -56.37 80.67
CA ASP OA 98 -9.53 -57.67 81.27
C ASP OA 98 -10.82 -58.48 81.43
N SER OA 99 -11.84 -58.22 80.61
CA SER OA 99 -13.13 -58.86 80.77
C SER OA 99 -13.03 -60.36 80.51
N ASP OA 100 -13.90 -61.12 81.17
CA ASP OA 100 -13.88 -62.58 81.10
C ASP OA 100 -14.68 -63.04 79.88
N TRP OA 101 -14.03 -63.79 79.00
CA TRP OA 101 -14.66 -64.37 77.81
C TRP OA 101 -14.41 -65.88 77.76
N ASP OA 102 -14.21 -66.48 78.93
CA ASP OA 102 -13.95 -67.92 79.01
C ASP OA 102 -15.08 -68.75 78.44
N PRO OA 103 -16.36 -68.46 78.70
CA PRO OA 103 -17.42 -69.23 78.03
C PRO OA 103 -17.34 -69.13 76.52
N VAL OA 104 -17.00 -67.95 75.98
CA VAL OA 104 -16.81 -67.81 74.55
C VAL OA 104 -15.72 -68.74 74.06
N LYS OA 105 -14.58 -68.76 74.75
CA LYS OA 105 -13.47 -69.60 74.33
C LYS OA 105 -13.86 -71.08 74.40
N ASP OA 106 -14.58 -71.48 75.46
CA ASP OA 106 -14.99 -72.86 75.60
C ASP OA 106 -15.94 -73.28 74.49
N ALA OA 107 -16.90 -72.42 74.15
CA ALA OA 107 -17.83 -72.75 73.08
C ALA OA 107 -17.10 -72.86 71.75
N ALA OA 108 -16.15 -71.96 71.48
CA ALA OA 108 -15.38 -72.05 70.25
C ALA OA 108 -14.60 -73.36 70.21
N LYS OA 109 -13.97 -73.74 71.33
CA LYS OA 109 -13.24 -75.00 71.38
C LYS OA 109 -14.17 -76.17 71.09
N LYS OA 110 -15.37 -76.16 71.69
CA LYS OA 110 -16.32 -77.25 71.49
C LYS OA 110 -16.72 -77.36 70.02
N LEU OA 111 -17.02 -76.22 69.38
CA LEU OA 111 -17.42 -76.24 67.98
C LEU OA 111 -16.28 -76.75 67.10
N ALA OA 112 -15.07 -76.27 67.35
CA ALA OA 112 -13.93 -76.74 66.57
C ALA OA 112 -13.74 -78.25 66.74
N PHE OA 113 -13.89 -78.74 67.96
CA PHE OA 113 -13.70 -80.16 68.21
C PHE OA 113 -14.74 -80.99 67.49
N VAL OA 114 -16.01 -80.58 67.54
CA VAL OA 114 -17.04 -81.35 66.85
C VAL OA 114 -16.78 -81.33 65.35
N GLU OA 115 -16.40 -80.18 64.79
CA GLU OA 115 -16.14 -80.11 63.36
C GLU OA 115 -14.99 -81.05 62.96
N ASP OA 116 -13.89 -80.98 63.70
CA ASP OA 116 -12.73 -81.80 63.35
C ASP OA 116 -13.02 -83.28 63.55
N ARG OA 117 -13.78 -83.63 64.59
CA ARG OA 117 -14.14 -85.02 64.82
C ARG OA 117 -15.08 -85.55 63.76
N ALA OA 118 -16.01 -84.74 63.27
CA ALA OA 118 -16.83 -85.15 62.14
C ALA OA 118 -15.98 -85.34 60.88
N ILE OA 119 -15.01 -84.46 60.65
CA ILE OA 119 -14.17 -84.58 59.47
C ILE OA 119 -13.34 -85.86 59.52
N PHE OA 120 -12.72 -86.14 60.67
CA PHE OA 120 -11.70 -87.19 60.76
C PHE OA 120 -12.21 -88.52 61.29
N GLU OA 121 -13.41 -88.58 61.85
CA GLU OA 121 -13.92 -89.78 62.49
C GLU OA 121 -15.32 -90.17 62.02
N GLY OA 122 -16.14 -89.21 61.63
CA GLY OA 122 -17.46 -89.49 61.09
C GLY OA 122 -18.56 -89.11 62.06
N TYR OA 123 -19.66 -88.60 61.51
CA TYR OA 123 -20.88 -88.29 62.25
C TYR OA 123 -22.01 -88.98 61.50
N ALA OA 124 -22.33 -90.21 61.93
CA ALA OA 124 -23.17 -91.08 61.12
C ALA OA 124 -24.56 -90.49 60.89
N ALA OA 125 -25.18 -89.94 61.94
CA ALA OA 125 -26.55 -89.45 61.81
C ALA OA 125 -26.65 -88.36 60.74
N ALA OA 126 -25.57 -87.64 60.49
CA ALA OA 126 -25.50 -86.67 59.41
C ALA OA 126 -25.02 -87.29 58.10
N SER OA 127 -24.93 -88.62 58.03
CA SER OA 127 -24.46 -89.32 56.84
C SER OA 127 -23.03 -88.94 56.48
N ILE OA 128 -22.23 -88.55 57.47
CA ILE OA 128 -20.86 -88.12 57.26
C ILE OA 128 -19.96 -89.31 57.57
N GLU OA 129 -19.31 -89.84 56.53
CA GLU OA 129 -18.30 -90.88 56.68
C GLU OA 129 -16.93 -90.23 56.77
N GLY OA 130 -16.20 -90.51 57.85
CA GLY OA 130 -14.95 -89.84 58.10
C GLY OA 130 -13.81 -90.38 57.26
N ILE OA 131 -12.69 -89.65 57.31
CA ILE OA 131 -11.49 -90.06 56.59
C ILE OA 131 -11.00 -91.41 57.07
N ARG OA 132 -11.08 -91.68 58.38
CA ARG OA 132 -10.63 -92.95 58.91
C ARG OA 132 -11.35 -94.13 58.28
N SER OA 133 -12.68 -94.07 58.22
CA SER OA 133 -13.45 -95.16 57.63
C SER OA 133 -13.30 -95.20 56.12
N SER OA 134 -13.35 -94.03 55.47
CA SER OA 134 -13.28 -94.00 54.01
C SER OA 134 -11.90 -94.37 53.48
N SER OA 135 -10.88 -94.35 54.32
CA SER OA 135 -9.53 -94.68 53.86
C SER OA 135 -9.47 -96.14 53.43
N SER OA 136 -8.80 -96.38 52.29
CA SER OA 136 -8.61 -97.72 51.78
C SER OA 136 -7.27 -98.33 52.15
N ASN OA 137 -6.24 -97.50 52.34
CA ASN OA 137 -4.95 -98.02 52.73
C ASN OA 137 -5.02 -98.61 54.13
N PRO OA 138 -4.28 -99.67 54.42
CA PRO OA 138 -4.39 -100.32 55.74
C PRO OA 138 -4.02 -99.36 56.86
N ALA OA 139 -4.72 -99.50 57.99
CA ALA OA 139 -4.45 -98.68 59.15
C ALA OA 139 -3.29 -99.24 59.95
N LEU OA 140 -2.58 -98.36 60.64
CA LEU OA 140 -1.45 -98.74 61.47
C LEU OA 140 -1.74 -98.46 62.94
N ALA OA 141 -0.83 -98.90 63.80
CA ALA OA 141 -0.94 -98.73 65.24
C ALA OA 141 0.17 -97.82 65.74
N LEU OA 142 -0.19 -96.82 66.53
CA LEU OA 142 0.78 -95.88 67.07
C LEU OA 142 1.49 -96.55 68.24
N PRO OA 143 2.80 -96.70 68.21
CA PRO OA 143 3.48 -97.37 69.33
C PRO OA 143 3.32 -96.59 70.64
N ASP OA 144 3.27 -97.35 71.74
CA ASP OA 144 3.16 -96.72 73.05
C ASP OA 144 4.35 -95.81 73.31
N ASP OA 145 5.55 -96.26 72.94
CA ASP OA 145 6.74 -95.43 73.08
C ASP OA 145 6.76 -94.36 72.00
N ALA OA 146 7.44 -93.26 72.29
CA ALA OA 146 7.53 -92.16 71.34
C ALA OA 146 8.70 -92.30 70.36
N ARG OA 147 9.60 -93.27 70.58
CA ARG OA 147 10.79 -93.35 69.76
C ARG OA 147 10.53 -94.06 68.43
N GLU OA 148 9.49 -94.89 68.36
CA GLU OA 148 9.20 -95.69 67.18
C GLU OA 148 8.18 -95.04 66.26
N ILE OA 149 7.62 -93.88 66.65
CA ILE OA 149 6.59 -93.23 65.82
C ILE OA 149 7.13 -92.89 64.44
N PRO OA 150 8.34 -92.34 64.28
CA PRO OA 150 8.81 -92.01 62.93
C PRO OA 150 8.86 -93.20 61.99
N ASP OA 151 9.18 -94.39 62.51
CA ASP OA 151 9.18 -95.58 61.66
C ASP OA 151 7.79 -95.86 61.11
N VAL OA 152 6.77 -95.74 61.96
CA VAL OA 152 5.40 -95.98 61.51
C VAL OA 152 4.98 -94.92 60.50
N ILE OA 153 5.41 -93.66 60.71
CA ILE OA 153 5.09 -92.62 59.74
C ILE OA 153 5.75 -92.90 58.40
N ALA OA 154 7.00 -93.40 58.43
CA ALA OA 154 7.66 -93.75 57.19
C ALA OA 154 6.93 -94.90 56.50
N GLN OA 155 6.44 -95.87 57.27
CA GLN OA 155 5.64 -96.95 56.70
C GLN OA 155 4.37 -96.42 56.04
N ALA OA 156 3.69 -95.47 56.70
CA ALA OA 156 2.47 -94.90 56.13
C ALA OA 156 2.77 -94.13 54.85
N LEU OA 157 3.86 -93.36 54.84
CA LEU OA 157 4.26 -92.70 53.61
C LEU OA 157 4.54 -93.71 52.53
N SER OA 158 5.21 -94.82 52.88
CA SER OA 158 5.45 -95.87 51.90
C SER OA 158 4.14 -96.42 51.35
N GLU OA 159 3.12 -96.56 52.20
CA GLU OA 159 1.84 -97.09 51.72
C GLU OA 159 1.17 -96.13 50.74
N LEU OA 160 0.96 -94.87 51.15
CA LEU OA 160 0.42 -93.86 50.25
C LEU OA 160 1.19 -93.84 48.93
N ARG OA 161 2.49 -93.80 49.06
CA ARG OA 161 3.40 -93.49 47.96
C ARG OA 161 3.65 -94.72 47.09
N LEU OA 162 3.32 -95.89 47.62
CA LEU OA 162 3.07 -97.06 46.79
C LEU OA 162 1.77 -96.90 46.02
N ALA OA 163 0.70 -96.51 46.72
CA ALA OA 163 -0.61 -96.45 46.11
C ALA OA 163 -0.64 -95.46 44.95
N GLY OA 164 0.27 -94.51 44.92
CA GLY OA 164 0.44 -93.67 43.76
C GLY OA 164 0.00 -92.23 43.93
N VAL OA 165 -0.20 -91.78 45.15
CA VAL OA 165 -0.63 -90.41 45.39
C VAL OA 165 0.60 -89.51 45.50
N ASP OA 166 0.45 -88.27 45.05
CA ASP OA 166 1.53 -87.30 45.04
C ASP OA 166 1.14 -86.02 45.74
N GLY OA 167 1.99 -85.01 45.66
CA GLY OA 167 1.75 -83.74 46.31
C GLY OA 167 2.30 -83.73 47.73
N PRO OA 168 2.38 -82.55 48.33
CA PRO OA 168 2.95 -82.45 49.68
C PRO OA 168 2.18 -83.33 50.66
N TYR OA 169 2.92 -83.97 51.56
CA TYR OA 169 2.33 -84.83 52.58
C TYR OA 169 2.37 -84.13 53.93
N SER OA 170 1.39 -84.44 54.76
CA SER OA 170 1.21 -83.75 56.02
C SER OA 170 0.80 -84.74 57.10
N VAL OA 171 1.24 -84.48 58.32
CA VAL OA 171 0.98 -85.33 59.48
C VAL OA 171 0.17 -84.51 60.47
N LEU OA 172 -1.01 -85.03 60.82
CA LEU OA 172 -1.87 -84.44 61.85
C LEU OA 172 -1.79 -85.35 63.07
N LEU OA 173 -1.36 -84.77 64.19
CA LEU OA 173 -1.13 -85.54 65.41
C LEU OA 173 -2.14 -85.15 66.49
N SER OA 174 -2.48 -86.11 67.33
CA SER OA 174 -3.44 -85.90 68.41
C SER OA 174 -2.80 -85.02 69.49
N ALA OA 175 -3.61 -84.58 70.45
CA ALA OA 175 -3.05 -83.82 71.57
C ALA OA 175 -2.10 -84.68 72.38
N GLU OA 176 -2.51 -85.91 72.71
CA GLU OA 176 -1.69 -86.76 73.56
C GLU OA 176 -0.42 -87.18 72.83
N THR OA 177 -0.51 -87.45 71.54
CA THR OA 177 0.67 -87.84 70.77
C THR OA 177 1.61 -86.66 70.54
N TYR OA 178 1.06 -85.48 70.26
CA TYR OA 178 1.89 -84.30 70.07
C TYR OA 178 2.61 -83.91 71.36
N THR OA 179 1.92 -83.97 72.49
CA THR OA 179 2.58 -83.75 73.78
C THR OA 179 3.72 -84.73 73.97
N LYS OA 180 3.50 -86.00 73.61
CA LYS OA 180 4.54 -87.01 73.78
C LYS OA 180 5.76 -86.70 72.93
N VAL OA 181 5.55 -86.47 71.62
CA VAL OA 181 6.67 -86.23 70.73
C VAL OA 181 7.37 -84.92 71.07
N SER OA 182 6.64 -83.97 71.66
CA SER OA 182 7.26 -82.70 72.02
C SER OA 182 8.11 -82.84 73.27
N GLU OA 183 7.54 -83.40 74.34
CA GLU OA 183 8.29 -83.56 75.58
C GLU OA 183 9.48 -84.49 75.39
N THR OA 184 9.26 -85.60 74.68
CA THR OA 184 10.34 -86.56 74.45
C THR OA 184 11.39 -85.94 73.53
N THR OA 185 12.65 -86.30 73.77
CA THR OA 185 13.79 -85.75 73.06
C THR OA 185 14.79 -86.84 72.73
N ALA OA 186 15.61 -86.58 71.72
CA ALA OA 186 16.64 -87.53 71.31
C ALA OA 186 17.77 -86.76 70.63
N HIS OA 187 19.00 -87.01 71.06
CA HIS OA 187 20.19 -86.37 70.48
C HIS OA 187 20.07 -84.85 70.49
N GLY OA 188 19.34 -84.32 71.48
CA GLY OA 188 19.18 -82.89 71.58
C GLY OA 188 18.14 -82.29 70.67
N TYR OA 189 17.26 -83.10 70.07
CA TYR OA 189 16.14 -82.59 69.31
C TYR OA 189 14.86 -83.36 69.69
N PRO OA 190 13.70 -82.71 69.68
CA PRO OA 190 12.46 -83.43 69.95
C PRO OA 190 12.13 -84.46 68.90
N ILE OA 191 11.40 -85.48 69.34
CA ILE OA 191 10.90 -86.50 68.44
C ILE OA 191 9.98 -85.86 67.41
N ARG OA 192 9.34 -84.73 67.74
CA ARG OA 192 8.54 -84.02 66.76
C ARG OA 192 9.38 -83.48 65.61
N GLU OA 193 10.55 -82.91 65.91
CA GLU OA 193 11.45 -82.50 64.84
C GLU OA 193 11.94 -83.72 64.06
N HIS OA 194 12.23 -84.81 64.75
CA HIS OA 194 12.55 -86.06 64.06
C HIS OA 194 11.47 -86.40 63.03
N ILE OA 195 10.20 -86.30 63.43
CA ILE OA 195 9.11 -86.58 62.50
C ILE OA 195 9.11 -85.57 61.35
N ASN OA 196 9.21 -84.28 61.68
CA ASN OA 196 9.15 -83.24 60.67
C ASN OA 196 10.19 -83.46 59.59
N ARG OA 197 11.35 -83.99 59.95
CA ARG OA 197 12.43 -84.16 58.98
C ARG OA 197 12.00 -84.96 57.75
N LEU OA 198 11.02 -85.84 57.88
CA LEU OA 198 10.65 -86.76 56.81
C LEU OA 198 9.75 -86.11 55.77
N VAL OA 199 8.69 -85.44 56.21
CA VAL OA 199 7.66 -84.97 55.30
C VAL OA 199 8.10 -83.67 54.63
N ASP OA 200 7.42 -83.33 53.54
CA ASP OA 200 7.64 -82.09 52.81
C ASP OA 200 6.69 -80.99 53.25
N GLY OA 201 5.55 -81.32 53.85
CA GLY OA 201 4.57 -80.34 54.24
C GLY OA 201 4.77 -79.81 55.64
N GLU OA 202 3.75 -79.99 56.49
CA GLU OA 202 3.77 -79.41 57.83
C GLU OA 202 3.30 -80.45 58.85
N ILE OA 203 3.62 -80.20 60.11
CA ILE OA 203 3.10 -80.96 61.24
C ILE OA 203 1.98 -80.16 61.86
N ILE OA 204 0.82 -80.79 62.09
CA ILE OA 204 -0.39 -80.09 62.50
C ILE OA 204 -0.93 -80.68 63.80
N TRP OA 205 -1.40 -79.80 64.68
CA TRP OA 205 -2.14 -80.15 65.90
C TRP OA 205 -3.55 -80.61 65.53
N ALA OA 206 -3.96 -81.76 66.05
CA ALA OA 206 -5.33 -82.22 65.89
C ALA OA 206 -5.87 -82.72 67.22
N PRO OA 207 -6.22 -81.83 68.15
CA PRO OA 207 -6.62 -82.31 69.48
C PRO OA 207 -7.90 -83.10 69.45
N ALA OA 208 -8.83 -82.72 68.57
CA ALA OA 208 -10.12 -83.38 68.48
C ALA OA 208 -10.00 -84.82 68.06
N ILE OA 209 -9.08 -85.12 67.14
CA ILE OA 209 -8.94 -86.47 66.61
C ILE OA 209 -8.19 -87.32 67.64
N ASP OA 210 -8.23 -88.63 67.45
CA ASP OA 210 -7.56 -89.59 68.32
C ASP OA 210 -6.64 -90.44 67.46
N GLY OA 211 -5.33 -90.36 67.71
CA GLY OA 211 -4.36 -91.12 66.95
C GLY OA 211 -3.45 -90.24 66.13
N ALA OA 212 -3.32 -90.55 64.85
CA ALA OA 212 -2.51 -89.74 63.93
C ALA OA 212 -2.97 -90.01 62.51
N PHE OA 213 -2.65 -89.08 61.61
CA PHE OA 213 -3.07 -89.20 60.22
C PHE OA 213 -1.97 -88.67 59.31
N VAL OA 214 -1.64 -89.43 58.27
CA VAL OA 214 -0.70 -88.96 57.25
C VAL OA 214 -1.45 -88.88 55.92
N LEU OA 215 -1.52 -87.69 55.33
CA LEU OA 215 -2.36 -87.53 54.15
C LEU OA 215 -1.71 -86.58 53.15
N SER OA 216 -2.17 -86.69 51.90
CA SER OA 216 -1.69 -85.83 50.84
C SER OA 216 -2.52 -84.56 50.77
N THR OA 217 -1.89 -83.49 50.27
CA THR OA 217 -2.54 -82.18 50.13
C THR OA 217 -2.45 -81.67 48.69
N ARG OA 218 -2.36 -82.58 47.72
CA ARG OA 218 -2.38 -82.17 46.32
C ARG OA 218 -3.66 -81.43 45.98
N GLY OA 219 -4.79 -81.89 46.50
CA GLY OA 219 -6.07 -81.26 46.25
C GLY OA 219 -7.04 -82.16 45.53
N GLY OA 220 -8.33 -81.93 45.72
CA GLY OA 220 -9.37 -82.69 45.05
C GLY OA 220 -9.75 -83.99 45.71
N ASP OA 221 -9.28 -84.25 46.94
CA ASP OA 221 -9.60 -85.48 47.64
C ASP OA 221 -10.52 -85.29 48.84
N PHE OA 222 -10.52 -84.12 49.46
CA PHE OA 222 -11.38 -83.84 50.61
C PHE OA 222 -12.08 -82.52 50.37
N ASP OA 223 -13.36 -82.44 50.72
CA ASP OA 223 -14.17 -81.25 50.50
C ASP OA 223 -15.01 -80.97 51.76
N LEU OA 224 -14.78 -79.81 52.38
CA LEU OA 224 -15.62 -79.35 53.48
C LEU OA 224 -16.59 -78.33 52.92
N GLN OA 225 -17.86 -78.73 52.80
CA GLN OA 225 -18.89 -77.86 52.26
C GLN OA 225 -19.55 -77.08 53.39
N LEU OA 226 -19.58 -75.75 53.25
CA LEU OA 226 -20.19 -74.87 54.23
C LEU OA 226 -21.37 -74.15 53.60
N GLY OA 227 -22.50 -74.14 54.29
CA GLY OA 227 -23.61 -73.31 53.89
C GLY OA 227 -23.45 -71.91 54.43
N THR OA 228 -23.20 -71.83 55.74
CA THR OA 228 -22.86 -70.59 56.41
C THR OA 228 -21.69 -70.84 57.35
N ASP OA 229 -20.76 -69.90 57.39
CA ASP OA 229 -19.57 -70.04 58.22
C ASP OA 229 -19.96 -69.82 59.69
N VAL OA 230 -18.96 -69.82 60.56
CA VAL OA 230 -19.22 -69.67 61.99
C VAL OA 230 -19.83 -68.31 62.25
N SER OA 231 -20.91 -68.30 63.03
CA SER OA 231 -21.61 -67.06 63.37
C SER OA 231 -22.02 -67.10 64.83
N ILE OA 232 -22.21 -65.91 65.42
CA ILE OA 232 -22.62 -65.78 66.81
C ILE OA 232 -23.98 -65.09 66.86
N GLY OA 233 -24.90 -65.66 67.62
CA GLY OA 233 -26.25 -65.14 67.71
C GLY OA 233 -26.75 -64.93 69.12
N TYR OA 234 -28.02 -64.52 69.24
CA TYR OA 234 -28.63 -64.16 70.52
C TYR OA 234 -29.95 -64.89 70.66
N LEU OA 235 -30.20 -65.49 71.84
CA LEU OA 235 -31.46 -66.16 72.10
C LEU OA 235 -32.35 -65.36 73.05
N SER OA 236 -31.83 -65.01 74.22
CA SER OA 236 -32.60 -64.30 75.23
C SER OA 236 -31.63 -63.62 76.18
N HIS OA 237 -32.17 -62.90 77.15
CA HIS OA 237 -31.33 -62.16 78.09
C HIS OA 237 -32.09 -61.96 79.39
N ASP OA 238 -31.35 -61.55 80.42
CA ASP OA 238 -31.87 -61.39 81.76
C ASP OA 238 -31.20 -60.16 82.38
N ALA OA 239 -31.59 -59.82 83.61
CA ALA OA 239 -31.00 -58.69 84.29
C ALA OA 239 -29.51 -58.88 84.57
N GLU OA 240 -29.00 -60.11 84.46
CA GLU OA 240 -27.62 -60.41 84.80
C GLU OA 240 -26.83 -61.02 83.66
N VAL OA 241 -27.47 -61.78 82.77
CA VAL OA 241 -26.77 -62.56 81.78
C VAL OA 241 -27.44 -62.41 80.41
N VAL OA 242 -26.71 -62.82 79.37
CA VAL OA 242 -27.24 -62.91 78.02
C VAL OA 242 -26.86 -64.29 77.48
N HIS OA 243 -27.79 -64.94 76.80
CA HIS OA 243 -27.57 -66.26 76.22
C HIS OA 243 -27.32 -66.13 74.72
N LEU OA 244 -26.17 -66.62 74.28
CA LEU OA 244 -25.74 -66.55 72.89
C LEU OA 244 -25.43 -67.97 72.41
N TYR OA 245 -25.18 -68.10 71.10
CA TYR OA 245 -24.82 -69.38 70.52
C TYR OA 245 -23.84 -69.16 69.39
N MET OA 246 -23.01 -70.16 69.14
CA MET OA 246 -22.15 -70.21 67.96
C MET OA 246 -22.67 -71.28 67.03
N GLU OA 247 -22.85 -70.93 65.76
CA GLU OA 247 -23.58 -71.74 64.80
C GLU OA 247 -22.77 -71.90 63.53
N GLU OA 248 -22.84 -73.10 62.94
CA GLU OA 248 -22.27 -73.31 61.61
C GLU OA 248 -22.96 -74.49 60.93
N THR OA 249 -23.20 -74.35 59.63
CA THR OA 249 -23.86 -75.38 58.83
C THR OA 249 -22.88 -75.97 57.84
N MET OA 250 -22.65 -77.28 57.92
CA MET OA 250 -21.54 -77.89 57.20
C MET OA 250 -21.87 -79.33 56.83
N THR OA 251 -21.01 -79.88 55.97
CA THR OA 251 -20.90 -81.30 55.71
C THR OA 251 -19.51 -81.57 55.16
N PHE OA 252 -19.11 -82.84 55.16
CA PHE OA 252 -17.78 -83.23 54.71
C PHE OA 252 -17.88 -84.40 53.75
N LEU OA 253 -17.05 -84.37 52.71
CA LEU OA 253 -17.01 -85.42 51.70
C LEU OA 253 -15.56 -85.83 51.43
N CYS OA 254 -15.33 -87.14 51.34
CA CYS OA 254 -14.05 -87.69 50.91
C CYS OA 254 -14.25 -88.39 49.58
N TYR OA 255 -13.41 -88.06 48.60
CA TYR OA 255 -13.51 -88.61 47.26
C TYR OA 255 -12.45 -89.64 46.95
N THR OA 256 -11.23 -89.43 47.43
CA THR OA 256 -10.11 -90.34 47.19
C THR OA 256 -9.80 -91.09 48.49
N ALA OA 257 -10.01 -92.41 48.46
CA ALA OA 257 -9.80 -93.21 49.66
C ALA OA 257 -8.33 -93.58 49.87
N GLU OA 258 -7.49 -93.36 48.86
CA GLU OA 258 -6.09 -93.78 48.91
C GLU OA 258 -5.13 -92.64 49.24
N ALA OA 259 -5.63 -91.45 49.57
CA ALA OA 259 -4.79 -90.29 49.83
C ALA OA 259 -4.50 -90.08 51.31
N SER OA 260 -4.86 -91.03 52.17
CA SER OA 260 -4.67 -90.87 53.59
C SER OA 260 -4.34 -92.22 54.23
N VAL OA 261 -3.67 -92.16 55.37
CA VAL OA 261 -3.35 -93.34 56.19
C VAL OA 261 -3.64 -92.96 57.63
N ALA OA 262 -4.31 -93.85 58.35
CA ALA OA 262 -4.73 -93.60 59.72
C ALA OA 262 -3.92 -94.47 60.68
N LEU OA 263 -3.55 -93.90 61.82
CA LEU OA 263 -2.83 -94.59 62.87
C LEU OA 263 -3.65 -94.51 64.15
N THR OA 264 -3.99 -95.66 64.71
CA THR OA 264 -4.87 -95.72 65.87
C THR OA 264 -4.05 -95.85 67.15
N PRO OA 265 -4.52 -95.26 68.26
CA PRO OA 265 -3.76 -95.31 69.52
C PRO OA 265 -3.49 -96.74 69.99
N ASN PA 2 8.27 89.34 -12.80
CA ASN PA 2 7.09 90.16 -12.55
C ASN PA 2 7.42 91.64 -12.70
N ASN PA 3 6.46 92.51 -12.36
CA ASN PA 3 6.64 93.94 -12.57
C ASN PA 3 7.63 94.56 -11.59
N LEU PA 4 8.05 93.83 -10.56
CA LEU PA 4 9.05 94.38 -9.63
C LEU PA 4 10.40 94.55 -10.32
N TYR PA 5 10.74 93.65 -11.24
CA TYR PA 5 12.02 93.70 -11.94
C TYR PA 5 13.20 93.63 -10.97
N ARG PA 6 13.09 92.71 -10.00
CA ARG PA 6 14.19 92.51 -9.06
C ARG PA 6 15.38 91.80 -9.67
N ASP PA 7 15.15 90.93 -10.66
CA ASP PA 7 16.25 90.21 -11.29
C ASP PA 7 17.23 91.15 -11.97
N LEU PA 8 16.82 92.38 -12.27
CA LEU PA 8 17.69 93.35 -12.92
C LEU PA 8 18.48 94.20 -11.94
N ALA PA 9 18.22 94.07 -10.63
CA ALA PA 9 18.89 94.92 -9.67
C ALA PA 9 20.23 94.32 -9.27
N PRO PA 10 21.26 95.16 -9.03
CA PRO PA 10 22.57 94.64 -8.59
C PRO PA 10 22.61 94.36 -7.10
N ILE PA 11 21.79 93.41 -6.67
CA ILE PA 11 21.66 93.06 -5.25
C ILE PA 11 21.66 91.53 -5.13
N THR PA 12 22.36 91.03 -4.12
CA THR PA 12 22.45 89.59 -3.89
C THR PA 12 21.27 89.08 -3.09
N GLU PA 13 21.14 87.75 -3.05
CA GLU PA 13 20.04 87.13 -2.32
C GLU PA 13 20.10 87.46 -0.84
N SER PA 14 21.30 87.44 -0.26
CA SER PA 14 21.44 87.72 1.16
C SER PA 14 21.01 89.16 1.49
N ALA PA 15 21.45 90.12 0.68
CA ALA PA 15 21.07 91.51 0.91
C ALA PA 15 19.57 91.70 0.71
N TRP PA 16 19.01 91.03 -0.29
CA TRP PA 16 17.55 91.07 -0.48
C TRP PA 16 16.83 90.57 0.77
N ALA PA 17 17.31 89.45 1.32
CA ALA PA 17 16.69 88.91 2.53
C ALA PA 17 16.81 89.88 3.69
N GLU PA 18 17.98 90.48 3.86
CA GLU PA 18 18.16 91.44 4.95
C GLU PA 18 17.20 92.61 4.81
N ILE PA 19 17.08 93.16 3.59
CA ILE PA 19 16.20 94.31 3.38
C ILE PA 19 14.75 93.92 3.65
N GLU PA 20 14.33 92.77 3.14
CA GLU PA 20 12.95 92.34 3.36
C GLU PA 20 12.67 92.16 4.84
N LEU PA 21 13.59 91.52 5.57
CA LEU PA 21 13.40 91.31 7.00
C LEU PA 21 13.31 92.63 7.74
N GLU PA 22 14.20 93.57 7.42
CA GLU PA 22 14.21 94.84 8.12
C GLU PA 22 12.93 95.63 7.84
N ALA PA 23 12.45 95.63 6.60
CA ALA PA 23 11.21 96.34 6.29
C ALA PA 23 10.01 95.69 6.96
N THR PA 24 9.94 94.36 6.92
CA THR PA 24 8.81 93.66 7.54
C THR PA 24 8.76 93.94 9.03
N ARG PA 25 9.89 93.87 9.72
CA ARG PA 25 9.91 94.10 11.16
C ARG PA 25 9.39 95.49 11.49
N THR PA 26 9.91 96.51 10.80
CA THR PA 26 9.53 97.89 11.11
C THR PA 26 8.05 98.14 10.79
N PHE PA 27 7.57 97.63 9.65
CA PHE PA 27 6.17 97.83 9.31
C PHE PA 27 5.25 97.15 10.33
N LYS PA 28 5.57 95.91 10.70
CA LYS PA 28 4.75 95.21 11.69
C LYS PA 28 4.82 95.89 13.04
N ARG PA 29 5.92 96.58 13.34
CA ARG PA 29 6.00 97.38 14.55
C ARG PA 29 5.06 98.58 14.48
N HIS PA 30 5.11 99.32 13.38
CA HIS PA 30 4.45 100.62 13.30
C HIS PA 30 2.99 100.53 12.84
N ILE PA 31 2.51 99.36 12.48
CA ILE PA 31 1.15 99.20 11.96
C ILE PA 31 0.22 98.79 13.10
N ALA PA 32 -1.00 99.35 13.10
CA ALA PA 32 -1.97 99.11 14.16
C ALA PA 32 -3.34 98.68 13.65
N GLY PA 33 -3.82 99.23 12.53
CA GLY PA 33 -5.17 98.90 12.09
C GLY PA 33 -5.35 97.44 11.77
N ARG PA 34 -4.31 96.80 11.24
CA ARG PA 34 -4.37 95.39 10.87
C ARG PA 34 -4.67 94.49 12.06
N ARG PA 35 -4.44 94.98 13.29
CA ARG PA 35 -4.69 94.21 14.50
C ARG PA 35 -6.12 94.32 14.99
N VAL PA 36 -6.91 95.25 14.44
CA VAL PA 36 -8.27 95.45 14.93
C VAL PA 36 -9.27 95.50 13.78
N VAL PA 37 -8.81 95.26 12.55
CA VAL PA 37 -9.70 95.27 11.39
C VAL PA 37 -9.54 93.96 10.63
N ASP PA 38 -10.66 93.44 10.14
CA ASP PA 38 -10.62 92.26 9.28
C ASP PA 38 -9.89 92.59 7.99
N VAL PA 39 -9.08 91.64 7.51
CA VAL PA 39 -8.25 91.83 6.33
C VAL PA 39 -8.69 90.81 5.29
N SER PA 40 -9.09 91.31 4.11
CA SER PA 40 -9.40 90.46 2.97
C SER PA 40 -8.09 90.23 2.20
N GLY PA 41 -7.59 89.00 2.24
CA GLY PA 41 -6.30 88.70 1.69
C GLY PA 41 -6.14 89.16 0.26
N PRO PA 42 -4.90 89.22 -0.23
CA PRO PA 42 -4.67 89.70 -1.61
C PRO PA 42 -5.48 88.89 -2.61
N ASN PA 43 -6.19 89.60 -3.48
CA ASN PA 43 -7.00 89.00 -4.53
C ASN PA 43 -6.31 89.02 -5.89
N GLY PA 44 -5.09 89.53 -5.96
CA GLY PA 44 -4.30 89.51 -7.18
C GLY PA 44 -4.17 90.87 -7.82
N PRO PA 45 -3.19 91.02 -8.70
CA PRO PA 45 -3.01 92.32 -9.38
C PRO PA 45 -4.17 92.70 -10.28
N THR PA 46 -4.99 91.74 -10.70
CA THR PA 46 -6.14 92.02 -11.55
C THR PA 46 -7.26 92.73 -10.80
N THR PA 47 -7.24 92.72 -9.47
CA THR PA 47 -8.29 93.34 -8.68
C THR PA 47 -8.15 94.85 -8.69
N ALA PA 48 -9.24 95.55 -8.98
CA ALA PA 48 -9.24 97.00 -9.10
C ALA PA 48 -10.30 97.70 -8.26
N SER PA 49 -11.37 97.01 -7.86
CA SER PA 49 -12.45 97.66 -7.14
C SER PA 49 -13.17 96.62 -6.29
N VAL PA 50 -13.95 97.13 -5.33
CA VAL PA 50 -14.74 96.29 -4.43
C VAL PA 50 -16.21 96.69 -4.59
N SER PA 51 -17.05 95.73 -4.94
CA SER PA 51 -18.47 95.99 -5.10
C SER PA 51 -19.10 96.29 -3.74
N THR PA 52 -20.07 97.22 -3.72
CA THR PA 52 -20.82 97.49 -2.51
C THR PA 52 -22.22 96.90 -2.52
N GLY PA 53 -22.69 96.42 -3.66
CA GLY PA 53 -24.01 95.87 -3.77
C GLY PA 53 -25.12 96.90 -3.89
N HIS PA 54 -24.78 98.18 -3.92
CA HIS PA 54 -25.75 99.25 -4.06
C HIS PA 54 -25.92 99.63 -5.53
N LEU PA 55 -26.98 100.38 -5.80
CA LEU PA 55 -27.32 100.83 -7.15
C LEU PA 55 -27.42 102.34 -7.17
N LEU PA 56 -27.10 102.93 -8.32
CA LEU PA 56 -27.16 104.37 -8.52
C LEU PA 56 -28.04 104.67 -9.73
N ASP PA 57 -28.88 105.69 -9.60
CA ASP PA 57 -29.79 106.06 -10.67
C ASP PA 57 -29.02 106.68 -11.83
N VAL PA 58 -29.51 106.44 -13.05
CA VAL PA 58 -28.84 106.91 -14.26
C VAL PA 58 -29.88 107.09 -15.36
N SER PA 59 -29.59 108.00 -16.27
CA SER PA 59 -30.52 108.29 -17.36
C SER PA 59 -30.71 107.05 -18.23
N PRO PA 60 -31.96 106.72 -18.62
CA PRO PA 60 -32.17 105.49 -19.38
C PRO PA 60 -31.69 105.63 -20.81
N PRO PA 61 -31.34 104.54 -21.47
CA PRO PA 61 -31.06 104.61 -22.92
C PRO PA 61 -32.27 105.06 -23.72
N GLY PA 62 -33.47 104.68 -23.31
CA GLY PA 62 -34.65 104.99 -24.10
C GLY PA 62 -35.92 104.79 -23.31
N ASP PA 63 -37.03 104.83 -24.02
CA ASP PA 63 -38.34 104.75 -23.38
C ASP PA 63 -38.61 103.34 -22.88
N GLY PA 64 -39.31 103.25 -21.75
CA GLY PA 64 -39.69 101.97 -21.20
C GLY PA 64 -38.55 101.19 -20.59
N VAL PA 65 -37.42 101.83 -20.30
CA VAL PA 65 -36.24 101.17 -19.77
C VAL PA 65 -35.82 101.87 -18.49
N ILE PA 66 -35.54 101.07 -17.45
CA ILE PA 66 -35.07 101.57 -16.17
C ILE PA 66 -33.60 101.15 -16.04
N ALA PA 67 -32.73 102.12 -15.77
CA ALA PA 67 -31.29 101.89 -15.76
C ALA PA 67 -30.73 102.24 -14.39
N HIS PA 68 -29.81 101.40 -13.91
CA HIS PA 68 -29.11 101.63 -12.65
C HIS PA 68 -27.66 101.21 -12.80
N LEU PA 69 -26.77 101.92 -12.11
CA LEU PA 69 -25.35 101.62 -12.14
C LEU PA 69 -24.92 100.94 -10.85
N ARG PA 70 -24.12 99.89 -10.99
CA ARG PA 70 -23.57 99.20 -9.83
C ARG PA 70 -22.47 100.05 -9.20
N ASP PA 71 -22.40 100.00 -7.86
CA ASP PA 71 -21.51 100.86 -7.11
C ASP PA 71 -20.30 100.08 -6.61
N ALA PA 72 -19.12 100.65 -6.83
CA ALA PA 72 -17.87 100.01 -6.44
C ALA PA 72 -16.93 101.05 -5.86
N LYS PA 73 -16.04 100.59 -5.00
CA LYS PA 73 -15.01 101.40 -4.37
C LYS PA 73 -13.68 101.09 -5.03
N PRO PA 74 -13.00 102.07 -5.63
CA PRO PA 74 -11.72 101.80 -6.28
C PRO PA 74 -10.61 101.57 -5.27
N LEU PA 75 -9.58 100.86 -5.72
CA LEU PA 75 -8.38 100.61 -4.93
C LEU PA 75 -7.31 101.62 -5.29
N VAL PA 76 -6.51 102.01 -4.29
CA VAL PA 76 -5.47 103.01 -4.47
C VAL PA 76 -4.13 102.35 -4.20
N ARG PA 77 -3.15 102.67 -5.04
CA ARG PA 77 -1.80 102.15 -4.93
C ARG PA 77 -0.90 103.20 -4.29
N LEU PA 78 -0.22 102.82 -3.22
CA LEU PA 78 0.71 103.69 -2.50
C LEU PA 78 2.11 103.18 -2.76
N ARG PA 79 2.98 104.07 -3.23
CA ARG PA 79 4.37 103.76 -3.55
C ARG PA 79 5.29 104.76 -2.85
N VAL PA 80 6.23 104.25 -2.07
CA VAL PA 80 7.19 105.09 -1.35
C VAL PA 80 8.59 104.75 -1.84
N PRO PA 81 9.29 105.68 -2.50
CA PRO PA 81 10.65 105.36 -2.98
C PRO PA 81 11.72 105.64 -1.93
N PHE PA 82 12.83 104.92 -2.07
CA PHE PA 82 14.00 105.11 -1.23
C PHE PA 82 15.23 104.67 -1.99
N THR PA 83 16.39 105.01 -1.44
CA THR PA 83 17.68 104.79 -2.08
C THR PA 83 18.59 104.02 -1.15
N VAL PA 84 19.37 103.10 -1.72
CA VAL PA 84 20.27 102.25 -0.95
C VAL PA 84 21.67 102.32 -1.57
N ALA PA 85 22.68 102.07 -0.74
CA ALA PA 85 24.07 102.18 -1.16
C ALA PA 85 24.64 100.83 -1.55
N ARG PA 86 25.26 100.80 -2.74
CA ARG PA 86 25.86 99.58 -3.26
C ARG PA 86 27.01 99.07 -2.40
N ARG PA 87 27.69 99.95 -1.66
CA ARG PA 87 28.72 99.51 -0.73
C ARG PA 87 28.14 98.70 0.42
N ASP PA 88 27.06 99.19 1.03
CA ASP PA 88 26.37 98.42 2.06
C ASP PA 88 25.81 97.13 1.49
N ILE PA 89 25.32 97.16 0.24
CA ILE PA 89 24.84 95.93 -0.39
C ILE PA 89 25.99 94.93 -0.53
N ASP PA 90 27.14 95.37 -1.01
CA ASP PA 90 28.24 94.46 -1.30
C ASP PA 90 28.85 93.90 -0.02
N ASP PA 91 28.88 94.70 1.05
CA ASP PA 91 29.51 94.24 2.28
C ASP PA 91 28.85 92.99 2.85
N VAL PA 92 27.58 92.74 2.51
CA VAL PA 92 26.86 91.62 3.11
C VAL PA 92 27.53 90.29 2.76
N GLU PA 93 27.89 90.11 1.48
CA GLU PA 93 28.50 88.86 1.06
C GLU PA 93 29.87 88.65 1.69
N ARG PA 94 30.46 89.71 2.26
CA ARG PA 94 31.71 89.61 3.01
C ARG PA 94 31.47 89.28 4.48
N GLY PA 95 30.30 88.77 4.83
CA GLY PA 95 29.98 88.47 6.22
C GLY PA 95 29.83 89.70 7.08
N SER PA 96 29.41 90.82 6.50
CA SER PA 96 29.12 92.03 7.27
C SER PA 96 27.68 92.00 7.72
N GLN PA 97 27.46 92.35 8.99
CA GLN PA 97 26.12 92.38 9.57
C GLN PA 97 25.89 93.63 10.42
N ASP PA 98 26.43 94.78 10.01
CA ASP PA 98 26.07 96.07 10.56
C ASP PA 98 25.67 97.06 9.47
N SER PA 99 25.20 96.56 8.32
CA SER PA 99 24.89 97.42 7.19
C SER PA 99 23.74 98.37 7.51
N ASP PA 100 23.76 99.53 6.87
CA ASP PA 100 22.79 100.58 7.13
C ASP PA 100 21.54 100.34 6.27
N TRP PA 101 20.38 100.22 6.92
CA TRP PA 101 19.09 100.05 6.26
C TRP PA 101 18.10 101.11 6.74
N ASP PA 102 18.63 102.24 7.20
CA ASP PA 102 17.78 103.32 7.70
C ASP PA 102 16.79 103.83 6.67
N PRO PA 103 17.17 104.05 5.40
CA PRO PA 103 16.15 104.41 4.40
C PRO PA 103 15.04 103.39 4.28
N VAL PA 104 15.38 102.10 4.35
CA VAL PA 104 14.36 101.05 4.32
C VAL PA 104 13.40 101.24 5.49
N LYS PA 105 13.95 101.44 6.69
CA LYS PA 105 13.10 101.58 7.86
C LYS PA 105 12.21 102.82 7.75
N ASP PA 106 12.77 103.92 7.25
CA ASP PA 106 11.99 105.15 7.10
C ASP PA 106 10.86 104.97 6.10
N ALA PA 107 11.13 104.31 4.97
CA ALA PA 107 10.09 104.08 3.98
C ALA PA 107 8.99 103.18 4.55
N ALA PA 108 9.37 102.14 5.29
CA ALA PA 108 8.37 101.28 5.91
C ALA PA 108 7.52 102.07 6.90
N LYS PA 109 8.14 102.92 7.70
CA LYS PA 109 7.40 103.77 8.63
C LYS PA 109 6.42 104.66 7.89
N LYS PA 110 6.87 105.28 6.80
CA LYS PA 110 6.02 106.16 6.02
C LYS PA 110 4.81 105.43 5.47
N LEU PA 111 5.04 104.24 4.91
CA LEU PA 111 3.94 103.47 4.35
C LEU PA 111 2.94 103.05 5.42
N ALA PA 112 3.44 102.58 6.57
CA ALA PA 112 2.56 102.22 7.66
C ALA PA 112 1.73 103.42 8.12
N PHE PA 113 2.37 104.59 8.21
CA PHE PA 113 1.67 105.78 8.68
C PHE PA 113 0.57 106.18 7.70
N VAL PA 114 0.86 106.16 6.40
CA VAL PA 114 -0.18 106.52 5.44
C VAL PA 114 -1.33 105.53 5.49
N GLU PA 115 -1.02 104.23 5.61
CA GLU PA 115 -2.09 103.23 5.67
C GLU PA 115 -2.97 103.45 6.90
N ASP PA 116 -2.35 103.63 8.07
CA ASP PA 116 -3.12 103.78 9.29
C ASP PA 116 -3.91 105.09 9.28
N ARG PA 117 -3.33 106.15 8.73
CA ARG PA 117 -4.04 107.41 8.65
C ARG PA 117 -5.21 107.36 7.68
N ALA PA 118 -5.09 106.64 6.57
CA ALA PA 118 -6.23 106.41 5.70
C ALA PA 118 -7.32 105.60 6.40
N ILE PA 119 -6.92 104.59 7.17
CA ILE PA 119 -7.90 103.76 7.86
C ILE PA 119 -8.66 104.59 8.91
N PHE PA 120 -7.95 105.39 9.69
CA PHE PA 120 -8.53 106.02 10.88
C PHE PA 120 -8.97 107.46 10.67
N GLU PA 121 -8.59 108.10 9.59
CA GLU PA 121 -8.87 109.51 9.36
C GLU PA 121 -9.48 109.81 8.01
N GLY PA 122 -9.19 109.01 7.00
CA GLY PA 122 -9.79 109.17 5.69
C GLY PA 122 -8.82 109.72 4.66
N TYR PA 123 -8.94 109.23 3.43
CA TYR PA 123 -8.17 109.70 2.28
C TYR PA 123 -9.21 109.99 1.20
N ALA PA 124 -9.66 111.24 1.14
CA ALA PA 124 -10.85 111.58 0.36
C ALA PA 124 -10.66 111.28 -1.11
N ALA PA 125 -9.52 111.66 -1.69
CA ALA PA 125 -9.32 111.48 -3.12
C ALA PA 125 -9.45 110.03 -3.53
N ALA PA 126 -9.18 109.10 -2.63
CA ALA PA 126 -9.40 107.69 -2.87
C ALA PA 126 -10.80 107.23 -2.46
N SER PA 127 -11.70 108.17 -2.15
CA SER PA 127 -13.06 107.87 -1.72
C SER PA 127 -13.08 107.04 -0.43
N ILE PA 128 -12.06 107.20 0.40
CA ILE PA 128 -11.93 106.47 1.65
C ILE PA 128 -12.44 107.36 2.78
N GLU PA 129 -13.57 106.98 3.36
CA GLU PA 129 -14.09 107.65 4.54
C GLU PA 129 -13.60 106.92 5.78
N GLY PA 130 -12.93 107.65 6.68
CA GLY PA 130 -12.30 107.05 7.83
C GLY PA 130 -13.28 106.68 8.92
N ILE PA 131 -12.77 105.93 9.90
CA ILE PA 131 -13.57 105.55 11.05
C ILE PA 131 -14.05 106.76 11.83
N ARG PA 132 -13.21 107.79 11.95
CA ARG PA 132 -13.60 108.99 12.69
C ARG PA 132 -14.85 109.64 12.09
N SER PA 133 -14.87 109.83 10.77
CA SER PA 133 -16.03 110.44 10.13
C SER PA 133 -17.22 109.50 10.09
N SER PA 134 -16.98 108.23 9.76
CA SER PA 134 -18.08 107.27 9.65
C SER PA 134 -18.72 106.94 10.99
N SER PA 135 -18.04 107.24 12.10
CA SER PA 135 -18.59 106.92 13.41
C SER PA 135 -19.85 107.74 13.67
N SER PA 136 -20.87 107.07 14.21
CA SER PA 136 -22.12 107.72 14.57
C SER PA 136 -22.20 108.14 16.03
N ASN PA 137 -21.52 107.41 16.91
CA ASN PA 137 -21.53 107.77 18.32
C ASN PA 137 -20.82 109.11 18.51
N PRO PA 138 -21.26 109.93 19.47
CA PRO PA 138 -20.66 111.25 19.63
C PRO PA 138 -19.19 111.16 19.97
N ALA PA 139 -18.41 112.11 19.45
CA ALA PA 139 -16.98 112.15 19.71
C ALA PA 139 -16.71 112.84 21.04
N LEU PA 140 -15.61 112.45 21.67
CA LEU PA 140 -15.20 113.02 22.95
C LEU PA 140 -13.88 113.78 22.79
N ALA PA 141 -13.50 114.45 23.87
CA ALA PA 141 -12.27 115.25 23.91
C ALA PA 141 -11.30 114.63 24.91
N LEU PA 142 -10.06 114.45 24.48
CA LEU PA 142 -9.03 113.88 25.33
C LEU PA 142 -8.54 114.97 26.29
N PRO PA 143 -8.65 114.79 27.60
CA PRO PA 143 -8.20 115.85 28.51
C PRO PA 143 -6.71 116.10 28.39
N ASP PA 144 -6.33 117.37 28.60
CA ASP PA 144 -4.92 117.73 28.55
C ASP PA 144 -4.12 116.97 29.60
N ASP PA 145 -4.67 116.82 30.80
CA ASP PA 145 -4.03 116.04 31.84
C ASP PA 145 -4.20 114.55 31.56
N ALA PA 146 -3.26 113.75 32.07
CA ALA PA 146 -3.29 112.32 31.85
C ALA PA 146 -4.13 111.57 32.89
N ARG PA 147 -4.56 112.24 33.96
CA ARG PA 147 -5.24 111.55 35.04
C ARG PA 147 -6.71 111.31 34.75
N GLU PA 148 -7.30 112.10 33.86
CA GLU PA 148 -8.73 112.04 33.55
C GLU PA 148 -9.03 111.18 32.33
N ILE PA 149 -8.01 110.67 31.64
CA ILE PA 149 -8.25 109.89 30.43
C ILE PA 149 -9.10 108.66 30.72
N PRO PA 150 -8.86 107.89 31.79
CA PRO PA 150 -9.69 106.70 32.02
C PRO PA 150 -11.17 107.01 32.15
N ASP PA 151 -11.52 108.15 32.74
CA ASP PA 151 -12.93 108.53 32.83
C ASP PA 151 -13.54 108.68 31.45
N VAL PA 152 -12.82 109.33 30.53
CA VAL PA 152 -13.33 109.52 29.19
C VAL PA 152 -13.44 108.18 28.46
N ILE PA 153 -12.49 107.28 28.70
CA ILE PA 153 -12.58 105.96 28.09
C ILE PA 153 -13.78 105.19 28.62
N ALA PA 154 -14.05 105.32 29.92
CA ALA PA 154 -15.24 104.69 30.48
C ALA PA 154 -16.51 105.27 29.88
N GLN PA 155 -16.53 106.58 29.65
CA GLN PA 155 -17.67 107.21 28.98
C GLN PA 155 -17.85 106.66 27.57
N ALA PA 156 -16.76 106.51 26.82
CA ALA PA 156 -16.85 105.98 25.47
C ALA PA 156 -17.35 104.53 25.46
N LEU PA 157 -16.85 103.73 26.39
CA LEU PA 157 -17.37 102.38 26.53
C LEU PA 157 -18.85 102.40 26.84
N SER PA 158 -19.28 103.31 27.73
CA SER PA 158 -20.69 103.45 28.01
C SER PA 158 -21.48 103.79 26.75
N GLU PA 159 -20.92 104.65 25.89
CA GLU PA 159 -21.65 105.01 24.67
C GLU PA 159 -21.81 103.82 23.73
N LEU PA 160 -20.69 103.17 23.37
CA LEU PA 160 -20.75 101.96 22.55
C LEU PA 160 -21.75 100.97 23.13
N ARG PA 161 -21.60 100.73 24.43
CA ARG PA 161 -22.24 99.64 25.12
C ARG PA 161 -23.69 99.96 25.46
N LEU PA 162 -24.04 101.25 25.41
CA LEU PA 162 -25.42 101.67 25.26
C LEU PA 162 -25.93 101.34 23.86
N ALA PA 163 -25.15 101.71 22.83
CA ALA PA 163 -25.61 101.55 21.46
C ALA PA 163 -25.88 100.10 21.12
N GLY PA 164 -25.28 99.16 21.85
CA GLY PA 164 -25.64 97.77 21.72
C GLY PA 164 -24.61 96.89 21.07
N VAL PA 165 -23.38 97.35 20.95
CA VAL PA 165 -22.33 96.56 20.34
C VAL PA 165 -21.66 95.68 21.40
N ASP PA 166 -21.22 94.50 20.98
CA ASP PA 166 -20.61 93.54 21.88
C ASP PA 166 -19.24 93.10 21.37
N GLY PA 167 -18.65 92.10 22.01
CA GLY PA 167 -17.35 91.61 21.65
C GLY PA 167 -16.24 92.36 22.36
N PRO PA 168 -15.03 91.82 22.32
CA PRO PA 168 -13.92 92.48 23.03
C PRO PA 168 -13.72 93.91 22.54
N TYR PA 169 -13.44 94.80 23.48
CA TYR PA 169 -13.20 96.20 23.19
C TYR PA 169 -11.70 96.51 23.28
N SER PA 170 -11.28 97.47 22.46
CA SER PA 170 -9.86 97.76 22.33
C SER PA 170 -9.66 99.27 22.23
N VAL PA 171 -8.55 99.75 22.78
CA VAL PA 171 -8.20 101.16 22.80
C VAL PA 171 -6.93 101.34 21.99
N LEU PA 172 -7.00 102.19 20.97
CA LEU PA 172 -5.84 102.56 20.17
C LEU PA 172 -5.46 103.98 20.56
N LEU PA 173 -4.23 104.16 21.02
CA LEU PA 173 -3.77 105.45 21.51
C LEU PA 173 -2.70 106.03 20.60
N SER PA 174 -2.66 107.36 20.53
CA SER PA 174 -1.70 108.06 19.69
C SER PA 174 -0.31 107.94 20.31
N ALA PA 175 0.70 108.37 19.56
CA ALA PA 175 2.05 108.39 20.11
C ALA PA 175 2.16 109.34 21.29
N GLU PA 176 1.62 110.56 21.14
CA GLU PA 176 1.74 111.56 22.19
C GLU PA 176 0.94 111.16 23.42
N THR PA 177 -0.25 110.58 23.21
CA THR PA 177 -1.08 110.15 24.33
C THR PA 177 -0.49 108.91 25.03
N TYR PA 178 0.04 107.97 24.26
CA TYR PA 178 0.65 106.78 24.85
C TYR PA 178 1.90 107.14 25.64
N THR PA 179 2.73 108.04 25.11
CA THR PA 179 3.87 108.53 25.89
C THR PA 179 3.41 109.16 27.19
N LYS PA 180 2.32 109.94 27.15
CA LYS PA 180 1.83 110.59 28.35
C LYS PA 180 1.38 109.56 29.38
N VAL PA 181 0.52 108.63 28.97
CA VAL PA 181 -0.01 107.65 29.93
C VAL PA 181 1.09 106.73 30.43
N SER PA 182 2.14 106.52 29.63
CA SER PA 182 3.24 105.66 30.06
C SER PA 182 4.12 106.37 31.07
N GLU PA 183 4.58 107.58 30.75
CA GLU PA 183 5.46 108.31 31.66
C GLU PA 183 4.72 108.65 32.96
N THR PA 184 3.47 109.09 32.85
CA THR PA 184 2.70 109.44 34.03
C THR PA 184 2.39 108.19 34.85
N THR PA 185 2.37 108.34 36.17
CA THR PA 185 2.18 107.23 37.09
C THR PA 185 1.24 107.65 38.21
N ALA PA 186 0.62 106.65 38.85
CA ALA PA 186 -0.27 106.89 39.97
C ALA PA 186 -0.30 105.65 40.84
N HIS PA 187 -0.11 105.85 42.16
CA HIS PA 187 -0.14 104.76 43.13
C HIS PA 187 0.83 103.65 42.76
N GLY PA 188 1.92 104.01 42.09
CA GLY PA 188 2.91 103.04 41.70
C GLY PA 188 2.57 102.23 40.46
N TYR PA 189 1.58 102.64 39.68
CA TYR PA 189 1.30 102.03 38.38
C TYR PA 189 1.10 103.12 37.33
N PRO PA 190 1.50 102.86 36.08
CA PRO PA 190 1.24 103.84 35.00
C PRO PA 190 -0.24 104.03 34.73
N ILE PA 191 -0.55 105.23 34.25
CA ILE PA 191 -1.90 105.53 33.81
C ILE PA 191 -2.30 104.60 32.67
N ARG PA 192 -1.34 104.09 31.92
CA ARG PA 192 -1.66 103.11 30.88
C ARG PA 192 -2.19 101.82 31.48
N GLU PA 193 -1.58 101.33 32.56
CA GLU PA 193 -2.14 100.17 33.23
C GLU PA 193 -3.52 100.49 33.81
N HIS PA 194 -3.67 101.69 34.38
CA HIS PA 194 -4.99 102.12 34.81
C HIS PA 194 -6.01 101.97 33.68
N ILE PA 195 -5.66 102.42 32.47
CA ILE PA 195 -6.57 102.28 31.34
C ILE PA 195 -6.81 100.80 31.02
N ASN PA 196 -5.74 100.01 30.95
CA ASN PA 196 -5.85 98.60 30.59
C ASN PA 196 -6.83 97.88 31.51
N ARG PA 197 -6.87 98.26 32.78
CA ARG PA 197 -7.71 97.56 33.74
C ARG PA 197 -9.18 97.49 33.29
N LEU PA 198 -9.64 98.45 32.50
CA LEU PA 198 -11.06 98.55 32.17
C LEU PA 198 -11.46 97.60 31.05
N VAL PA 199 -10.71 97.58 29.95
CA VAL PA 199 -11.12 96.88 28.75
C VAL PA 199 -10.81 95.39 28.89
N ASP PA 200 -11.44 94.60 28.02
CA ASP PA 200 -11.22 93.17 27.94
C ASP PA 200 -10.19 92.80 26.88
N GLY PA 201 -9.96 93.68 25.90
CA GLY PA 201 -9.04 93.38 24.82
C GLY PA 201 -7.62 93.82 25.09
N GLU PA 202 -7.08 94.69 24.24
CA GLU PA 202 -5.68 95.09 24.32
C GLU PA 202 -5.56 96.60 24.18
N ILE PA 203 -4.42 97.13 24.59
CA ILE PA 203 -4.04 98.51 24.36
C ILE PA 203 -3.06 98.53 23.20
N ILE PA 204 -3.30 99.40 22.21
CA ILE PA 204 -2.55 99.38 20.95
C ILE PA 204 -1.92 100.74 20.69
N TRP PA 205 -0.69 100.72 20.18
CA TRP PA 205 0.02 101.90 19.68
C TRP PA 205 -0.57 102.32 18.34
N ALA PA 206 -0.91 103.59 18.20
CA ALA PA 206 -1.34 104.12 16.91
C ALA PA 206 -0.64 105.45 16.64
N PRO PA 207 0.64 105.43 16.26
CA PRO PA 207 1.36 106.71 16.11
C PRO PA 207 0.82 107.55 14.99
N ALA PA 208 0.38 106.91 13.91
CA ALA PA 208 -0.12 107.62 12.74
C ALA PA 208 -1.37 108.42 13.05
N ILE PA 209 -2.26 107.88 13.90
CA ILE PA 209 -3.52 108.54 14.19
C ILE PA 209 -3.26 109.65 15.19
N ASP PA 210 -4.24 110.54 15.35
CA ASP PA 210 -4.17 111.66 16.28
C ASP PA 210 -5.36 111.57 17.21
N GLY PA 211 -5.11 111.40 18.51
CA GLY PA 211 -6.16 111.30 19.49
C GLY PA 211 -6.23 109.92 20.14
N ALA PA 212 -7.41 109.33 20.15
CA ALA PA 212 -7.59 107.99 20.69
C ALA PA 212 -8.86 107.40 20.11
N PHE PA 213 -8.97 106.08 20.16
CA PHE PA 213 -10.13 105.39 19.59
C PHE PA 213 -10.48 104.19 20.46
N VAL PA 214 -11.76 104.04 20.80
CA VAL PA 214 -12.24 102.86 21.49
C VAL PA 214 -13.22 102.14 20.58
N LEU PA 215 -12.93 100.88 20.25
CA LEU PA 215 -13.74 100.20 19.25
C LEU PA 215 -13.91 98.73 19.60
N SER PA 216 -14.95 98.13 19.02
CA SER PA 216 -15.23 96.71 19.20
C SER PA 216 -14.47 95.88 18.17
N THR PA 217 -14.18 94.63 18.53
CA THR PA 217 -13.47 93.70 17.67
C THR PA 217 -14.25 92.40 17.48
N ARG PA 218 -15.57 92.47 17.60
CA ARG PA 218 -16.40 91.30 17.35
C ARG PA 218 -16.20 90.78 15.93
N GLY PA 219 -16.11 91.70 14.97
CA GLY PA 219 -15.91 91.34 13.58
C GLY PA 219 -17.06 91.76 12.69
N GLY PA 220 -16.77 91.98 11.41
CA GLY PA 220 -17.79 92.36 10.45
C GLY PA 220 -18.11 93.83 10.37
N ASP PA 221 -17.32 94.69 11.03
CA ASP PA 221 -17.56 96.13 11.02
C ASP PA 221 -16.53 96.92 10.23
N PHE PA 222 -15.29 96.42 10.11
CA PHE PA 222 -14.25 97.11 9.36
C PHE PA 222 -13.59 96.11 8.42
N ASP PA 223 -13.29 96.54 7.19
CA ASP PA 223 -12.71 95.67 6.19
C ASP PA 223 -11.59 96.42 5.48
N LEU PA 224 -10.37 95.89 5.58
CA LEU PA 224 -9.22 96.40 4.83
C LEU PA 224 -9.01 95.48 3.62
N GLN PA 225 -9.38 95.97 2.44
CA GLN PA 225 -9.25 95.19 1.22
C GLN PA 225 -7.90 95.45 0.59
N LEU PA 226 -7.16 94.37 0.31
CA LEU PA 226 -5.85 94.44 -0.32
C LEU PA 226 -5.89 93.75 -1.67
N GLY PA 227 -5.36 94.41 -2.68
CA GLY PA 227 -5.17 93.78 -3.97
C GLY PA 227 -3.85 93.03 -3.98
N THR PA 228 -2.79 93.72 -3.58
CA THR PA 228 -1.47 93.13 -3.38
C THR PA 228 -0.90 93.66 -2.08
N ASP PA 229 -0.26 92.78 -1.32
CA ASP PA 229 0.31 93.16 -0.03
C ASP PA 229 1.57 93.98 -0.27
N VAL PA 230 2.26 94.33 0.83
CA VAL PA 230 3.46 95.15 0.72
C VAL PA 230 4.51 94.42 -0.08
N SER PA 231 5.11 95.12 -1.03
CA SER PA 231 6.16 94.54 -1.88
C SER PA 231 7.25 95.57 -2.10
N ILE PA 232 8.46 95.08 -2.42
CA ILE PA 232 9.61 95.93 -2.66
C ILE PA 232 10.07 95.72 -4.10
N GLY PA 233 10.29 96.83 -4.81
CA GLY PA 233 10.66 96.78 -6.20
C GLY PA 233 11.89 97.60 -6.55
N TYR PA 234 12.23 97.63 -7.84
CA TYR PA 234 13.43 98.28 -8.34
C TYR PA 234 13.06 99.20 -9.49
N LEU PA 235 13.59 100.44 -9.49
CA LEU PA 235 13.35 101.37 -10.58
C LEU PA 235 14.59 101.53 -11.46
N SER PA 236 15.72 101.91 -10.87
CA SER PA 236 16.95 102.16 -11.62
C SER PA 236 18.12 102.03 -10.66
N HIS PA 237 19.33 102.19 -11.19
CA HIS PA 237 20.53 102.05 -10.38
C HIS PA 237 21.65 102.88 -10.99
N ASP PA 238 22.71 103.04 -10.21
CA ASP PA 238 23.85 103.87 -10.59
C ASP PA 238 25.11 103.18 -10.05
N ALA PA 239 26.27 103.78 -10.35
CA ALA PA 239 27.53 103.22 -9.87
C ALA PA 239 27.63 103.23 -8.35
N GLU PA 240 26.78 103.98 -7.65
CA GLU PA 240 26.87 104.14 -6.20
C GLU PA 240 25.61 103.72 -5.47
N VAL PA 241 24.43 103.87 -6.09
CA VAL PA 241 23.16 103.69 -5.39
C VAL PA 241 22.20 102.87 -6.24
N VAL PA 242 21.15 102.38 -5.59
CA VAL PA 242 20.03 101.73 -6.26
C VAL PA 242 18.76 102.34 -5.73
N HIS PA 243 17.81 102.60 -6.62
CA HIS PA 243 16.52 103.19 -6.24
C HIS PA 243 15.45 102.10 -6.22
N LEU PA 244 14.80 101.96 -5.06
CA LEU PA 244 13.78 100.95 -4.82
C LEU PA 244 12.51 101.65 -4.34
N TYR PA 245 11.43 100.89 -4.24
CA TYR PA 245 10.17 101.42 -3.73
C TYR PA 245 9.44 100.35 -2.96
N MET PA 246 8.62 100.77 -2.01
CA MET PA 246 7.70 99.88 -1.31
C MET PA 246 6.28 100.23 -1.75
N GLU PA 247 5.53 99.21 -2.15
CA GLU PA 247 4.26 99.38 -2.84
C GLU PA 247 3.19 98.53 -2.18
N GLU PA 248 1.97 99.09 -2.11
CA GLU PA 248 0.81 98.30 -1.69
C GLU PA 248 -0.46 98.91 -2.25
N THR PA 249 -1.38 98.05 -2.68
CA THR PA 249 -2.66 98.47 -3.24
C THR PA 249 -3.79 98.08 -2.30
N MET PA 250 -4.56 99.08 -1.85
CA MET PA 250 -5.49 98.86 -0.76
C MET PA 250 -6.70 99.78 -0.88
N THR PA 251 -7.69 99.47 -0.05
CA THR PA 251 -8.80 100.37 0.26
C THR PA 251 -9.38 99.93 1.60
N PHE PA 252 -10.18 100.81 2.21
CA PHE PA 252 -10.76 100.55 3.52
C PHE PA 252 -12.25 100.84 3.49
N LEU PA 253 -13.03 100.00 4.17
CA LEU PA 253 -14.47 100.17 4.27
C LEU PA 253 -14.92 100.00 5.71
N CYS PA 254 -15.82 100.87 6.16
CA CYS PA 254 -16.48 100.75 7.45
C CYS PA 254 -17.96 100.50 7.20
N TYR PA 255 -18.50 99.46 7.85
CA TYR PA 255 -19.88 99.06 7.66
C TYR PA 255 -20.77 99.43 8.85
N THR PA 256 -20.25 99.32 10.07
CA THR PA 256 -21.00 99.61 11.28
C THR PA 256 -20.46 100.92 11.87
N ALA PA 257 -21.32 101.94 11.88
CA ALA PA 257 -20.90 103.26 12.38
C ALA PA 257 -20.96 103.35 13.90
N GLU PA 258 -21.59 102.38 14.56
CA GLU PA 258 -21.80 102.43 16.00
C GLU PA 258 -20.81 101.57 16.79
N ALA PA 259 -19.81 101.00 16.14
CA ALA PA 259 -18.87 100.11 16.79
C ALA PA 259 -17.58 100.80 17.23
N SER PA 260 -17.53 102.12 17.14
CA SER PA 260 -16.32 102.86 17.49
C SER PA 260 -16.69 104.20 18.11
N VAL PA 261 -15.75 104.73 18.90
CA VAL PA 261 -15.86 106.05 19.52
C VAL PA 261 -14.52 106.73 19.35
N ALA PA 262 -14.53 107.99 18.93
CA ALA PA 262 -13.33 108.75 18.65
C ALA PA 262 -13.13 109.82 19.71
N LEU PA 263 -11.88 110.03 20.11
CA LEU PA 263 -11.50 111.06 21.07
C LEU PA 263 -10.47 111.96 20.42
N THR PA 264 -10.76 113.24 20.34
CA THR PA 264 -9.92 114.20 19.65
C THR PA 264 -9.00 114.93 20.63
N PRO PA 265 -7.78 115.26 20.21
CA PRO PA 265 -6.83 115.94 21.10
C PRO PA 265 -7.38 117.25 21.67
N ASN QA 2 -85.42 -24.55 -17.73
CA ASN QA 2 -85.63 -25.89 -18.25
C ASN QA 2 -87.13 -26.19 -18.40
N ASN QA 3 -87.46 -27.43 -18.73
CA ASN QA 3 -88.84 -27.80 -18.99
C ASN QA 3 -89.69 -27.84 -17.73
N LEU QA 4 -89.08 -27.77 -16.55
CA LEU QA 4 -89.87 -27.76 -15.31
C LEU QA 4 -90.68 -26.48 -15.18
N TYR QA 5 -90.13 -25.36 -15.66
CA TYR QA 5 -90.81 -24.06 -15.59
C TYR QA 5 -91.11 -23.69 -14.13
N ARG QA 6 -90.11 -23.88 -13.26
CA ARG QA 6 -90.27 -23.50 -11.86
C ARG QA 6 -90.21 -22.00 -11.65
N ASP QA 7 -89.45 -21.27 -12.50
CA ASP QA 7 -89.36 -19.83 -12.35
C ASP QA 7 -90.69 -19.14 -12.51
N LEU QA 8 -91.66 -19.80 -13.14
CA LEU QA 8 -92.99 -19.22 -13.35
C LEU QA 8 -93.96 -19.52 -12.21
N ALA QA 9 -93.56 -20.35 -11.24
CA ALA QA 9 -94.48 -20.73 -10.18
C ALA QA 9 -94.46 -19.69 -9.06
N PRO QA 10 -95.60 -19.41 -8.42
CA PRO QA 10 -95.64 -18.46 -7.29
C PRO QA 10 -95.20 -19.10 -5.98
N ILE QA 11 -93.95 -19.54 -5.93
CA ILE QA 11 -93.40 -20.24 -4.77
C ILE QA 11 -92.02 -19.67 -4.48
N THR QA 12 -91.72 -19.48 -3.20
CA THR QA 12 -90.45 -18.93 -2.78
C THR QA 12 -89.38 -20.01 -2.66
N GLU QA 13 -88.13 -19.58 -2.52
CA GLU QA 13 -87.02 -20.51 -2.43
C GLU QA 13 -87.15 -21.39 -1.19
N SER QA 14 -87.55 -20.80 -0.06
CA SER QA 14 -87.69 -21.58 1.17
C SER QA 14 -88.76 -22.66 1.02
N ALA QA 15 -89.92 -22.31 0.45
CA ALA QA 15 -90.97 -23.31 0.28
C ALA QA 15 -90.55 -24.37 -0.72
N TRP QA 16 -89.83 -23.98 -1.77
CA TRP QA 16 -89.28 -24.97 -2.71
C TRP QA 16 -88.38 -25.95 -1.98
N ALA QA 17 -87.49 -25.43 -1.12
CA ALA QA 17 -86.59 -26.29 -0.37
C ALA QA 17 -87.36 -27.23 0.54
N GLU QA 18 -88.37 -26.72 1.23
CA GLU QA 18 -89.17 -27.56 2.12
C GLU QA 18 -89.85 -28.68 1.34
N ILE QA 19 -90.44 -28.36 0.20
CA ILE QA 19 -91.13 -29.37 -0.60
C ILE QA 19 -90.15 -30.42 -1.10
N GLU QA 20 -89.00 -29.97 -1.61
CA GLU QA 20 -88.00 -30.93 -2.10
C GLU QA 20 -87.53 -31.84 -0.98
N LEU QA 21 -87.24 -31.29 0.20
CA LEU QA 21 -86.79 -32.10 1.32
C LEU QA 21 -87.85 -33.11 1.73
N GLU QA 22 -89.11 -32.68 1.82
CA GLU QA 22 -90.18 -33.58 2.24
C GLU QA 22 -90.37 -34.70 1.23
N ALA QA 23 -90.34 -34.40 -0.07
CA ALA QA 23 -90.50 -35.44 -1.07
C ALA QA 23 -89.32 -36.41 -1.07
N THR QA 24 -88.09 -35.88 -0.97
CA THR QA 24 -86.92 -36.75 -0.96
C THR QA 24 -86.96 -37.70 0.22
N ARG QA 25 -87.28 -37.19 1.41
CA ARG QA 25 -87.31 -38.04 2.60
C ARG QA 25 -88.30 -39.19 2.42
N THR QA 26 -89.52 -38.88 1.98
CA THR QA 26 -90.56 -39.89 1.87
C THR QA 26 -90.21 -40.91 0.79
N PHE QA 27 -89.70 -40.45 -0.35
CA PHE QA 27 -89.33 -41.38 -1.41
C PHE QA 27 -88.21 -42.31 -0.96
N LYS QA 28 -87.18 -41.76 -0.31
CA LYS QA 28 -86.08 -42.59 0.16
C LYS QA 28 -86.55 -43.55 1.24
N ARG QA 29 -87.60 -43.18 1.99
CA ARG QA 29 -88.18 -44.10 2.94
C ARG QA 29 -88.88 -45.26 2.23
N HIS QA 30 -89.71 -44.95 1.24
CA HIS QA 30 -90.61 -45.94 0.66
C HIS QA 30 -89.99 -46.73 -0.49
N ILE QA 31 -88.77 -46.41 -0.89
CA ILE QA 31 -88.12 -47.07 -2.03
C ILE QA 31 -87.23 -48.18 -1.52
N ALA QA 32 -87.22 -49.31 -2.24
CA ALA QA 32 -86.46 -50.48 -1.84
C ALA QA 32 -85.56 -51.05 -2.94
N GLY QA 33 -85.99 -51.04 -4.20
CA GLY QA 33 -85.20 -51.66 -5.25
C GLY QA 33 -83.84 -51.01 -5.42
N ARG QA 34 -83.77 -49.70 -5.23
CA ARG QA 34 -82.52 -48.96 -5.39
C ARG QA 34 -81.44 -49.43 -4.43
N ARG QA 35 -81.82 -50.11 -3.35
CA ARG QA 35 -80.87 -50.62 -2.37
C ARG QA 35 -80.31 -51.99 -2.74
N VAL QA 36 -80.87 -52.67 -3.73
CA VAL QA 36 -80.44 -54.01 -4.08
C VAL QA 36 -80.20 -54.15 -5.57
N VAL QA 37 -80.33 -53.06 -6.33
CA VAL QA 37 -80.12 -53.10 -7.77
C VAL QA 37 -79.11 -52.03 -8.15
N ASP QA 38 -78.23 -52.38 -9.09
CA ASP QA 38 -77.31 -51.40 -9.64
C ASP QA 38 -78.08 -50.32 -10.38
N VAL QA 39 -77.61 -49.07 -10.23
CA VAL QA 39 -78.28 -47.91 -10.81
C VAL QA 39 -77.33 -47.26 -11.78
N SER QA 40 -77.75 -47.14 -13.04
CA SER QA 40 -77.01 -46.40 -14.05
C SER QA 40 -77.45 -44.93 -13.98
N GLY QA 41 -76.55 -44.07 -13.52
CA GLY QA 41 -76.88 -42.69 -13.25
C GLY QA 41 -77.55 -42.02 -14.43
N PRO QA 42 -78.18 -40.87 -14.18
CA PRO QA 42 -78.89 -40.17 -15.27
C PRO QA 42 -77.95 -39.90 -16.44
N ASN QA 43 -78.41 -40.25 -17.64
CA ASN QA 43 -77.66 -40.04 -18.87
C ASN QA 43 -78.14 -38.82 -19.65
N GLY QA 44 -79.13 -38.09 -19.12
CA GLY QA 44 -79.58 -36.86 -19.73
C GLY QA 44 -80.95 -36.99 -20.37
N PRO QA 45 -81.62 -35.86 -20.61
CA PRO QA 45 -82.94 -35.92 -21.24
C PRO QA 45 -82.91 -36.46 -22.66
N THR QA 46 -81.76 -36.43 -23.32
CA THR QA 46 -81.64 -36.95 -24.67
C THR QA 46 -81.70 -38.47 -24.74
N THR QA 47 -81.54 -39.15 -23.61
CA THR QA 47 -81.55 -40.60 -23.59
C THR QA 47 -82.97 -41.13 -23.72
N ALA QA 48 -83.18 -42.07 -24.63
CA ALA QA 48 -84.50 -42.62 -24.91
C ALA QA 48 -84.58 -44.13 -24.87
N SER QA 49 -83.46 -44.84 -25.01
CA SER QA 49 -83.50 -46.30 -25.06
C SER QA 49 -82.15 -46.84 -24.60
N VAL QA 50 -82.16 -48.14 -24.27
CA VAL QA 50 -80.96 -48.85 -23.84
C VAL QA 50 -80.72 -50.02 -24.78
N SER QA 51 -79.55 -50.04 -25.41
CA SER QA 51 -79.22 -51.12 -26.33
C SER QA 51 -79.05 -52.42 -25.57
N THR QA 52 -79.47 -53.53 -26.19
CA THR QA 52 -79.26 -54.85 -25.60
C THR QA 52 -78.13 -55.62 -26.28
N GLY QA 53 -77.66 -55.16 -27.43
CA GLY QA 53 -76.62 -55.85 -28.15
C GLY QA 53 -77.09 -57.04 -28.97
N HIS QA 54 -78.39 -57.31 -28.98
CA HIS QA 54 -78.96 -58.40 -29.75
C HIS QA 54 -79.42 -57.90 -31.11
N LEU QA 55 -79.69 -58.85 -32.00
CA LEU QA 55 -80.12 -58.58 -33.36
C LEU QA 55 -81.45 -59.27 -33.63
N LEU QA 56 -82.25 -58.67 -34.50
CA LEU QA 56 -83.55 -59.21 -34.89
C LEU QA 56 -83.60 -59.34 -36.40
N ASP QA 57 -84.15 -60.46 -36.87
CA ASP QA 57 -84.25 -60.71 -38.30
C ASP QA 57 -85.28 -59.80 -38.94
N VAL QA 58 -85.01 -59.41 -40.19
CA VAL QA 58 -85.86 -58.47 -40.91
C VAL QA 58 -85.73 -58.72 -42.40
N SER QA 59 -86.79 -58.41 -43.13
CA SER QA 59 -86.81 -58.64 -44.57
C SER QA 59 -85.72 -57.80 -45.25
N PRO QA 60 -84.95 -58.37 -46.19
CA PRO QA 60 -83.85 -57.60 -46.78
C PRO QA 60 -84.37 -56.56 -47.74
N PRO QA 61 -83.61 -55.48 -47.97
CA PRO QA 61 -83.97 -54.54 -49.04
C PRO QA 61 -83.99 -55.19 -50.42
N GLY QA 62 -83.08 -56.14 -50.66
CA GLY QA 62 -82.97 -56.72 -51.99
C GLY QA 62 -82.16 -57.99 -51.97
N ASP QA 63 -81.83 -58.45 -53.17
CA ASP QA 63 -81.12 -59.72 -53.32
C ASP QA 63 -79.68 -59.59 -52.86
N GLY QA 64 -79.16 -60.67 -52.28
CA GLY QA 64 -77.77 -60.70 -51.85
C GLY QA 64 -77.47 -59.87 -50.64
N VAL QA 65 -78.48 -59.46 -49.88
CA VAL QA 65 -78.31 -58.59 -48.72
C VAL QA 65 -78.95 -59.25 -47.52
N ILE QA 66 -78.22 -59.26 -46.40
CA ILE QA 66 -78.70 -59.80 -45.13
C ILE QA 66 -78.92 -58.62 -44.19
N ALA QA 67 -80.12 -58.52 -43.63
CA ALA QA 67 -80.52 -57.37 -42.83
C ALA QA 67 -80.89 -57.83 -41.42
N HIS QA 68 -80.46 -57.06 -40.42
CA HIS QA 68 -80.80 -57.31 -39.03
C HIS QA 68 -81.06 -55.98 -38.34
N LEU QA 69 -81.97 -55.99 -37.37
CA LEU QA 69 -82.30 -54.80 -36.60
C LEU QA 69 -81.70 -54.89 -35.21
N ARG QA 70 -81.11 -53.79 -34.76
CA ARG QA 70 -80.57 -53.70 -33.41
C ARG QA 70 -81.71 -53.59 -32.41
N ASP QA 71 -81.53 -54.23 -31.25
CA ASP QA 71 -82.59 -54.33 -30.25
C ASP QA 71 -82.32 -53.38 -29.09
N ALA QA 72 -83.36 -52.63 -28.73
CA ALA QA 72 -83.25 -51.64 -27.65
C ALA QA 72 -84.52 -51.69 -26.81
N LYS QA 73 -84.35 -51.31 -25.55
CA LYS QA 73 -85.44 -51.22 -24.58
C LYS QA 73 -85.81 -49.76 -24.38
N PRO QA 74 -87.04 -49.35 -24.65
CA PRO QA 74 -87.41 -47.95 -24.48
C PRO QA 74 -87.54 -47.57 -23.02
N LEU QA 75 -87.40 -46.28 -22.76
CA LEU QA 75 -87.57 -45.71 -21.42
C LEU QA 75 -88.97 -45.15 -21.28
N VAL QA 76 -89.53 -45.26 -20.08
CA VAL QA 76 -90.89 -44.82 -19.79
C VAL QA 76 -90.83 -43.69 -18.79
N ARG QA 77 -91.64 -42.65 -19.00
CA ARG QA 77 -91.71 -41.50 -18.13
C ARG QA 77 -92.95 -41.62 -17.25
N LEU QA 78 -92.75 -41.52 -15.94
CA LEU QA 78 -93.83 -41.59 -14.95
C LEU QA 78 -93.99 -40.20 -14.36
N ARG QA 79 -95.22 -39.69 -14.41
CA ARG QA 79 -95.57 -38.37 -13.89
C ARG QA 79 -96.76 -38.48 -12.96
N VAL QA 80 -96.59 -37.99 -11.73
CA VAL QA 80 -97.66 -38.02 -10.73
C VAL QA 80 -98.00 -36.58 -10.35
N PRO QA 81 -99.21 -36.11 -10.65
CA PRO QA 81 -99.56 -34.72 -10.29
C PRO QA 81 -100.13 -34.60 -8.89
N PHE QA 82 -99.96 -33.40 -8.32
CA PHE QA 82 -100.51 -33.07 -7.02
C PHE QA 82 -100.73 -31.57 -6.94
N THR QA 83 -101.46 -31.16 -5.90
CA THR QA 83 -101.88 -29.78 -5.73
C THR QA 83 -101.44 -29.27 -4.37
N VAL QA 84 -101.01 -28.01 -4.32
CA VAL QA 84 -100.53 -27.40 -3.09
C VAL QA 84 -101.25 -26.07 -2.87
N ALA QA 85 -101.36 -25.66 -1.61
CA ALA QA 85 -102.10 -24.47 -1.23
C ALA QA 85 -101.17 -23.26 -1.09
N ARG QA 86 -101.55 -22.17 -1.75
CA ARG QA 86 -100.77 -20.94 -1.72
C ARG QA 86 -100.68 -20.34 -0.31
N ARG QA 87 -101.67 -20.59 0.55
CA ARG QA 87 -101.57 -20.15 1.93
C ARG QA 87 -100.46 -20.84 2.69
N ASP QA 88 -100.37 -22.16 2.57
CA ASP QA 88 -99.25 -22.90 3.16
C ASP QA 88 -97.94 -22.47 2.55
N ILE QA 89 -97.92 -22.19 1.25
CA ILE QA 89 -96.69 -21.68 0.62
C ILE QA 89 -96.28 -20.35 1.24
N ASP QA 90 -97.24 -19.43 1.39
CA ASP QA 90 -96.91 -18.08 1.85
C ASP QA 90 -96.50 -18.08 3.31
N ASP QA 91 -97.09 -18.96 4.13
CA ASP QA 91 -96.78 -18.95 5.55
C ASP QA 91 -95.31 -19.22 5.84
N VAL QA 92 -94.59 -19.87 4.91
CA VAL QA 92 -93.21 -20.25 5.18
C VAL QA 92 -92.35 -19.01 5.40
N GLU QA 93 -92.50 -17.99 4.55
CA GLU QA 93 -91.67 -16.80 4.68
C GLU QA 93 -91.99 -16.03 5.96
N ARG QA 94 -93.10 -16.35 6.62
CA ARG QA 94 -93.45 -15.79 7.92
C ARG QA 94 -92.86 -16.60 9.07
N GLY QA 95 -91.87 -17.43 8.81
CA GLY QA 95 -91.29 -18.28 9.84
C GLY QA 95 -92.23 -19.36 10.32
N SER QA 96 -93.13 -19.84 9.47
CA SER QA 96 -93.99 -20.96 9.81
C SER QA 96 -93.30 -22.25 9.42
N GLN QA 97 -93.36 -23.24 10.33
CA GLN QA 97 -92.76 -24.54 10.10
C GLN QA 97 -93.67 -25.68 10.53
N ASP QA 98 -94.99 -25.55 10.32
CA ASP QA 98 -95.92 -26.65 10.43
C ASP QA 98 -96.79 -26.78 9.17
N SER QA 99 -96.29 -26.31 8.03
CA SER QA 99 -97.07 -26.29 6.80
C SER QA 99 -97.40 -27.71 6.35
N ASP QA 100 -98.54 -27.84 5.67
CA ASP QA 100 -99.04 -29.14 5.23
C ASP QA 100 -98.42 -29.50 3.88
N TRP QA 101 -97.74 -30.65 3.83
CA TRP QA 101 -97.13 -31.17 2.61
C TRP QA 101 -97.60 -32.60 2.35
N ASP QA 102 -98.79 -32.93 2.87
CA ASP QA 102 -99.33 -34.28 2.70
C ASP QA 102 -99.52 -34.67 1.24
N PRO QA 103 -100.03 -33.81 0.36
CA PRO QA 103 -100.07 -34.18 -1.07
C PRO QA 103 -98.70 -34.50 -1.63
N VAL QA 104 -97.67 -33.75 -1.22
CA VAL QA 104 -96.31 -34.05 -1.65
C VAL QA 104 -95.91 -35.46 -1.21
N LYS QA 105 -96.17 -35.77 0.06
CA LYS QA 105 -95.79 -37.08 0.58
C LYS QA 105 -96.55 -38.20 -0.15
N ASP QA 106 -97.84 -37.98 -0.41
CA ASP QA 106 -98.63 -38.99 -1.11
C ASP QA 106 -98.13 -39.22 -2.52
N ALA QA 107 -97.79 -38.14 -3.24
CA ALA QA 107 -97.28 -38.29 -4.59
C ALA QA 107 -95.94 -39.02 -4.59
N ALA QA 108 -95.06 -38.70 -3.63
CA ALA QA 108 -93.80 -39.41 -3.53
C ALA QA 108 -94.02 -40.89 -3.26
N LYS QA 109 -94.95 -41.21 -2.37
CA LYS QA 109 -95.27 -42.61 -2.09
C LYS QA 109 -95.76 -43.30 -3.35
N LYS QA 110 -96.64 -42.65 -4.10
CA LYS QA 110 -97.19 -43.24 -5.31
C LYS QA 110 -96.09 -43.53 -6.32
N LEU QA 111 -95.19 -42.56 -6.52
CA LEU QA 111 -94.10 -42.75 -7.48
C LEU QA 111 -93.18 -43.88 -7.05
N ALA QA 112 -92.83 -43.93 -5.76
CA ALA QA 112 -91.98 -45.01 -5.27
C ALA QA 112 -92.66 -46.36 -5.48
N PHE QA 113 -93.97 -46.43 -5.22
CA PHE QA 113 -94.67 -47.70 -5.34
C PHE QA 113 -94.70 -48.16 -6.80
N VAL QA 114 -94.97 -47.24 -7.73
CA VAL QA 114 -94.99 -47.65 -9.14
C VAL QA 114 -93.61 -48.11 -9.58
N GLU QA 115 -92.56 -47.39 -9.15
CA GLU QA 115 -91.20 -47.80 -9.54
C GLU QA 115 -90.87 -49.19 -9.01
N ASP QA 116 -91.14 -49.43 -7.72
CA ASP QA 116 -90.80 -50.71 -7.12
C ASP QA 116 -91.64 -51.84 -7.72
N ARG QA 117 -92.91 -51.56 -8.01
CA ARG QA 117 -93.77 -52.57 -8.62
C ARG QA 117 -93.35 -52.90 -10.04
N ALA QA 118 -92.89 -51.91 -10.81
CA ALA QA 118 -92.32 -52.20 -12.12
C ALA QA 118 -91.04 -53.03 -12.00
N ILE QA 119 -90.20 -52.72 -11.01
CA ILE QA 119 -88.96 -53.47 -10.86
C ILE QA 119 -89.25 -54.92 -10.49
N PHE QA 120 -90.17 -55.16 -9.56
CA PHE QA 120 -90.34 -56.48 -8.95
C PHE QA 120 -91.48 -57.30 -9.53
N GLU QA 121 -92.36 -56.70 -10.33
CA GLU QA 121 -93.53 -57.39 -10.85
C GLU QA 121 -93.71 -57.24 -12.34
N GLY QA 122 -93.25 -56.15 -12.94
CA GLY QA 122 -93.31 -55.97 -14.37
C GLY QA 122 -94.35 -54.95 -14.78
N TYR QA 123 -94.01 -54.17 -15.81
CA TYR QA 123 -94.90 -53.19 -16.43
C TYR QA 123 -94.87 -53.50 -17.93
N ALA QA 124 -95.82 -54.33 -18.38
CA ALA QA 124 -95.71 -54.93 -19.70
C ALA QA 124 -95.72 -53.88 -20.80
N ALA QA 125 -96.61 -52.90 -20.72
CA ALA QA 125 -96.73 -51.91 -21.79
C ALA QA 125 -95.41 -51.19 -22.03
N ALA QA 126 -94.57 -51.08 -21.00
CA ALA QA 126 -93.24 -50.52 -21.14
C ALA QA 126 -92.19 -51.57 -21.48
N SER QA 127 -92.62 -52.80 -21.82
CA SER QA 127 -91.72 -53.90 -22.15
C SER QA 127 -90.82 -54.25 -20.97
N ILE QA 128 -91.28 -54.01 -19.75
CA ILE QA 128 -90.50 -54.27 -18.54
C ILE QA 128 -90.95 -55.62 -17.99
N GLU QA 129 -90.06 -56.61 -18.05
CA GLU QA 129 -90.29 -57.89 -17.42
C GLU QA 129 -89.68 -57.88 -16.03
N GLY QA 130 -90.50 -58.17 -15.01
CA GLY QA 130 -90.08 -58.06 -13.64
C GLY QA 130 -89.20 -59.22 -13.20
N ILE QA 131 -88.61 -59.04 -12.01
CA ILE QA 131 -87.78 -60.09 -11.42
C ILE QA 131 -88.57 -61.36 -11.18
N ARG QA 132 -89.83 -61.24 -10.76
CA ARG QA 132 -90.65 -62.42 -10.51
C ARG QA 132 -90.79 -63.29 -11.76
N SER QA 133 -91.13 -62.69 -12.89
CA SER QA 133 -91.28 -63.45 -14.12
C SER QA 133 -89.93 -63.91 -14.67
N SER QA 134 -88.93 -63.04 -14.65
CA SER QA 134 -87.63 -63.38 -15.22
C SER QA 134 -86.89 -64.42 -14.38
N SER QA 135 -87.30 -64.64 -13.13
CA SER QA 135 -86.62 -65.61 -12.29
C SER QA 135 -86.78 -67.02 -12.84
N SER QA 136 -85.69 -67.78 -12.84
CA SER QA 136 -85.70 -69.16 -13.30
C SER QA 136 -85.86 -70.17 -12.17
N ASN QA 137 -85.37 -69.84 -10.97
CA ASN QA 137 -85.51 -70.74 -9.84
C ASN QA 137 -87.00 -70.88 -9.48
N PRO QA 138 -87.42 -72.06 -9.02
CA PRO QA 138 -88.84 -72.25 -8.73
C PRO QA 138 -89.33 -71.31 -7.65
N ALA QA 139 -90.57 -70.86 -7.79
CA ALA QA 139 -91.18 -69.96 -6.82
C ALA QA 139 -91.74 -70.75 -5.65
N LEU QA 140 -91.77 -70.12 -4.49
CA LEU QA 140 -92.29 -70.73 -3.27
C LEU QA 140 -93.54 -70.00 -2.80
N ALA QA 141 -94.18 -70.57 -1.78
CA ALA QA 141 -95.40 -70.02 -1.20
C ALA QA 141 -95.13 -69.58 0.23
N LEU QA 142 -95.53 -68.36 0.56
CA LEU QA 142 -95.34 -67.81 1.89
C LEU QA 142 -96.40 -68.41 2.81
N PRO QA 143 -96.02 -69.11 3.88
CA PRO QA 143 -97.05 -69.71 4.74
C PRO QA 143 -97.93 -68.66 5.40
N ASP QA 144 -99.19 -69.02 5.62
CA ASP QA 144 -100.12 -68.10 6.27
C ASP QA 144 -99.62 -67.75 7.67
N ASP QA 145 -99.11 -68.74 8.41
CA ASP QA 145 -98.54 -68.49 9.72
C ASP QA 145 -97.17 -67.84 9.59
N ALA QA 146 -96.78 -67.08 10.62
CA ALA QA 146 -95.50 -66.39 10.59
C ALA QA 146 -94.35 -67.24 11.11
N ARG QA 147 -94.63 -68.41 11.70
CA ARG QA 147 -93.58 -69.20 12.33
C ARG QA 147 -92.79 -70.03 11.34
N GLU QA 148 -93.38 -70.32 10.17
CA GLU QA 148 -92.75 -71.18 9.17
C GLU QA 148 -92.02 -70.39 8.09
N ILE QA 149 -92.07 -69.06 8.12
CA ILE QA 149 -91.43 -68.27 7.08
C ILE QA 149 -89.92 -68.53 7.03
N PRO QA 150 -89.20 -68.60 8.15
CA PRO QA 150 -87.75 -68.84 8.06
C PRO QA 150 -87.39 -70.13 7.35
N ASP QA 151 -88.20 -71.17 7.50
CA ASP QA 151 -87.93 -72.42 6.78
C ASP QA 151 -87.99 -72.21 5.28
N VAL QA 152 -89.00 -71.45 4.81
CA VAL QA 152 -89.13 -71.20 3.39
C VAL QA 152 -87.97 -70.34 2.89
N ILE QA 153 -87.53 -69.38 3.71
CA ILE QA 153 -86.38 -68.56 3.32
C ILE QA 153 -85.12 -69.41 3.23
N ALA QA 154 -84.95 -70.37 4.16
CA ALA QA 154 -83.82 -71.27 4.07
C ALA QA 154 -83.89 -72.13 2.82
N GLN QA 155 -85.09 -72.57 2.45
CA GLN QA 155 -85.26 -73.31 1.21
C GLN QA 155 -84.87 -72.47 0.00
N ALA QA 156 -85.29 -71.20 -0.02
CA ALA QA 156 -84.95 -70.33 -1.15
C ALA QA 156 -83.45 -70.09 -1.23
N LEU QA 157 -82.80 -69.88 -0.08
CA LEU QA 157 -81.35 -69.77 -0.07
C LEU QA 157 -80.72 -71.04 -0.60
N SER QA 158 -81.25 -72.20 -0.20
CA SER QA 158 -80.74 -73.46 -0.73
C SER QA 158 -80.88 -73.51 -2.25
N GLU QA 159 -81.99 -73.00 -2.78
CA GLU QA 159 -82.17 -73.04 -4.24
C GLU QA 159 -81.15 -72.16 -4.96
N LEU QA 160 -81.08 -70.87 -4.58
CA LEU QA 160 -80.08 -69.98 -5.15
C LEU QA 160 -78.69 -70.60 -5.06
N ARG QA 161 -78.38 -71.08 -3.87
CA ARG QA 161 -77.03 -71.47 -3.49
C ARG QA 161 -76.68 -72.85 -4.02
N LEU QA 162 -77.69 -73.62 -4.41
CA LEU QA 162 -77.51 -74.73 -5.32
C LEU QA 162 -77.18 -74.22 -6.72
N ALA QA 163 -77.97 -73.27 -7.21
CA ALA QA 163 -77.82 -72.81 -8.58
C ALA QA 163 -76.44 -72.21 -8.83
N GLY QA 164 -75.75 -71.77 -7.78
CA GLY QA 164 -74.36 -71.38 -7.90
C GLY QA 164 -74.09 -69.91 -7.79
N VAL QA 165 -75.03 -69.13 -7.29
CA VAL QA 165 -74.84 -67.70 -7.15
C VAL QA 165 -74.20 -67.40 -5.79
N ASP QA 166 -73.37 -66.36 -5.76
CA ASP QA 166 -72.65 -65.98 -4.56
C ASP QA 166 -72.90 -64.52 -4.20
N GLY QA 167 -72.16 -64.01 -3.22
CA GLY QA 167 -72.31 -62.65 -2.77
C GLY QA 167 -73.36 -62.53 -1.68
N PRO QA 168 -73.39 -61.39 -1.01
CA PRO QA 168 -74.35 -61.22 0.10
C PRO QA 168 -75.78 -61.42 -0.39
N TYR QA 169 -76.58 -62.08 0.44
CA TYR QA 169 -77.97 -62.33 0.14
C TYR QA 169 -78.86 -61.41 0.96
N SER QA 170 -80.01 -61.06 0.39
CA SER QA 170 -80.90 -60.08 0.99
C SER QA 170 -82.34 -60.51 0.81
N VAL QA 171 -83.16 -60.18 1.81
CA VAL QA 171 -84.57 -60.52 1.84
C VAL QA 171 -85.37 -59.23 1.81
N LEU QA 172 -86.24 -59.10 0.81
CA LEU QA 172 -87.16 -57.98 0.70
C LEU QA 172 -88.55 -58.50 1.05
N LEU QA 173 -89.17 -57.91 2.07
CA LEU QA 173 -90.46 -58.38 2.56
C LEU QA 173 -91.55 -57.35 2.28
N SER QA 174 -92.77 -57.84 2.08
CA SER QA 174 -93.90 -56.98 1.80
C SER QA 174 -94.30 -56.23 3.07
N ALA QA 175 -95.22 -55.28 2.93
CA ALA QA 175 -95.72 -54.58 4.10
C ALA QA 175 -96.46 -55.52 5.03
N GLU QA 176 -97.35 -56.35 4.46
CA GLU QA 176 -98.17 -57.24 5.28
C GLU QA 176 -97.32 -58.31 5.93
N THR QA 177 -96.32 -58.84 5.19
CA THR QA 177 -95.44 -59.86 5.75
C THR QA 177 -94.50 -59.28 6.80
N TYR QA 178 -93.96 -58.08 6.56
CA TYR QA 178 -93.08 -57.45 7.53
C TYR QA 178 -93.82 -57.10 8.81
N THR QA 179 -95.05 -56.59 8.69
CA THR QA 179 -95.87 -56.36 9.88
C THR QA 179 -96.06 -57.65 10.65
N LYS QA 180 -96.32 -58.76 9.94
CA LYS QA 180 -96.54 -60.03 10.60
C LYS QA 180 -95.30 -60.48 11.36
N VAL QA 181 -94.15 -60.51 10.68
CA VAL QA 181 -92.93 -60.99 11.33
C VAL QA 181 -92.50 -60.06 12.44
N SER QA 182 -92.85 -58.78 12.36
CA SER QA 182 -92.49 -57.84 13.41
C SER QA 182 -93.36 -58.02 14.64
N GLU QA 183 -94.68 -58.02 14.46
CA GLU QA 183 -95.58 -58.16 15.60
C GLU QA 183 -95.42 -59.54 16.25
N THR QA 184 -95.31 -60.58 15.43
CA THR QA 184 -95.14 -61.93 15.97
C THR QA 184 -93.78 -62.07 16.65
N THR QA 185 -93.74 -62.85 17.73
CA THR QA 185 -92.55 -63.01 18.54
C THR QA 185 -92.38 -64.47 18.92
N ALA QA 186 -91.15 -64.85 19.26
CA ALA QA 186 -90.85 -66.20 19.69
C ALA QA 186 -89.61 -66.17 20.57
N HIS QA 187 -89.69 -66.81 21.75
CA HIS QA 187 -88.58 -66.89 22.68
C HIS QA 187 -88.03 -65.51 23.02
N GLY QA 188 -88.90 -64.51 23.00
CA GLY QA 188 -88.49 -63.16 23.33
C GLY QA 188 -87.78 -62.42 22.21
N TYR QA 189 -87.85 -62.90 20.97
CA TYR QA 189 -87.34 -62.17 19.83
C TYR QA 189 -88.36 -62.21 18.69
N PRO QA 190 -88.46 -61.14 17.88
CA PRO QA 190 -89.37 -61.18 16.73
C PRO QA 190 -88.96 -62.20 15.69
N ILE QA 191 -89.97 -62.67 14.97
CA ILE QA 191 -89.73 -63.56 13.84
C ILE QA 191 -88.88 -62.87 12.80
N ARG QA 192 -88.92 -61.54 12.73
CA ARG QA 192 -88.04 -60.81 11.82
C ARG QA 192 -86.58 -60.98 12.20
N GLU QA 193 -86.25 -60.90 13.50
CA GLU QA 193 -84.88 -61.18 13.92
C GLU QA 193 -84.53 -62.64 13.62
N HIS QA 194 -85.47 -63.56 13.87
CA HIS QA 194 -85.26 -64.94 13.48
C HIS QA 194 -84.82 -65.03 12.01
N ILE QA 195 -85.53 -64.32 11.12
CA ILE QA 195 -85.17 -64.32 9.71
C ILE QA 195 -83.78 -63.72 9.51
N ASN QA 196 -83.54 -62.56 10.11
CA ASN QA 196 -82.26 -61.86 9.93
C ASN QA 196 -81.08 -62.76 10.27
N ARG QA 197 -81.25 -63.63 11.26
CA ARG QA 197 -80.14 -64.47 11.71
C ARG QA 197 -79.52 -65.29 10.58
N LEU QA 198 -80.29 -65.61 9.54
CA LEU QA 198 -79.83 -66.52 8.49
C LEU QA 198 -78.95 -65.82 7.46
N VAL QA 199 -79.40 -64.67 6.94
CA VAL QA 199 -78.74 -64.04 5.81
C VAL QA 199 -77.52 -63.26 6.28
N ASP QA 200 -76.65 -62.94 5.32
CA ASP QA 200 -75.47 -62.13 5.56
C ASP QA 200 -75.71 -60.65 5.26
N GLY QA 201 -76.71 -60.33 4.45
CA GLY QA 201 -76.98 -58.95 4.07
C GLY QA 201 -77.92 -58.24 5.00
N GLU QA 202 -79.04 -57.76 4.46
CA GLU QA 202 -79.98 -56.93 5.21
C GLU QA 202 -81.41 -57.40 4.96
N ILE QA 203 -82.30 -57.01 5.85
CA ILE QA 203 -83.74 -57.18 5.68
C ILE QA 203 -84.31 -55.85 5.23
N ILE QA 204 -85.12 -55.86 4.17
CA ILE QA 204 -85.58 -54.63 3.52
C ILE QA 204 -87.11 -54.61 3.46
N TRP QA 205 -87.66 -53.42 3.68
CA TRP QA 205 -89.09 -53.13 3.49
C TRP QA 205 -89.38 -53.02 2.00
N ALA QA 206 -90.41 -53.73 1.54
CA ALA QA 206 -90.87 -53.59 0.16
C ALA QA 206 -92.39 -53.48 0.14
N PRO QA 207 -92.96 -52.33 0.50
CA PRO QA 207 -94.43 -52.25 0.60
C PRO QA 207 -95.10 -52.41 -0.74
N ALA QA 208 -94.48 -51.89 -1.80
CA ALA QA 208 -95.06 -51.94 -3.13
C ALA QA 208 -95.22 -53.37 -3.63
N ILE QA 209 -94.25 -54.24 -3.33
CA ILE QA 209 -94.28 -55.60 -3.84
C ILE QA 209 -95.26 -56.41 -3.00
N ASP QA 210 -95.62 -57.59 -3.50
CA ASP QA 210 -96.54 -58.49 -2.83
C ASP QA 210 -95.84 -59.83 -2.67
N GLY QA 211 -95.64 -60.26 -1.43
CA GLY QA 211 -94.97 -61.51 -1.15
C GLY QA 211 -93.63 -61.33 -0.48
N ALA QA 212 -92.59 -61.96 -1.02
CA ALA QA 212 -91.24 -61.82 -0.48
C ALA QA 212 -90.26 -62.20 -1.57
N PHE QA 213 -89.01 -61.75 -1.42
CA PHE QA 213 -87.99 -62.02 -2.42
C PHE QA 213 -86.65 -62.23 -1.72
N VAL QA 214 -85.94 -63.29 -2.11
CA VAL QA 214 -84.59 -63.53 -1.62
C VAL QA 214 -83.64 -63.46 -2.82
N LEU QA 215 -82.68 -62.54 -2.79
CA LEU QA 215 -81.85 -62.32 -3.97
C LEU QA 215 -80.42 -62.01 -3.58
N SER QA 216 -79.52 -62.22 -4.53
CA SER QA 216 -78.10 -61.93 -4.35
C SER QA 216 -77.80 -60.47 -4.70
N THR QA 217 -76.76 -59.93 -4.08
CA THR QA 217 -76.32 -58.56 -4.32
C THR QA 217 -74.86 -58.50 -4.72
N ARG QA 218 -74.35 -59.56 -5.33
CA ARG QA 218 -72.98 -59.54 -5.83
C ARG QA 218 -72.78 -58.42 -6.85
N GLY QA 219 -73.77 -58.23 -7.73
CA GLY QA 219 -73.70 -57.19 -8.74
C GLY QA 219 -73.73 -57.75 -10.14
N GLY QA 220 -74.20 -56.95 -11.09
CA GLY QA 220 -74.23 -57.34 -12.48
C GLY QA 220 -75.44 -58.16 -12.90
N ASP QA 221 -76.46 -58.29 -12.05
CA ASP QA 221 -77.65 -59.05 -12.37
C ASP QA 221 -78.89 -58.22 -12.57
N PHE QA 222 -78.98 -57.03 -11.96
CA PHE QA 222 -80.14 -56.16 -12.12
C PHE QA 222 -79.63 -54.75 -12.43
N ASP QA 223 -80.30 -54.07 -13.35
CA ASP QA 223 -79.89 -52.73 -13.78
C ASP QA 223 -81.13 -51.84 -13.88
N LEU QA 224 -81.14 -50.77 -13.07
CA LEU QA 224 -82.18 -49.74 -13.16
C LEU QA 224 -81.60 -48.56 -13.94
N GLN QA 225 -82.03 -48.41 -15.19
CA GLN QA 225 -81.54 -47.34 -16.04
C GLN QA 225 -82.42 -46.12 -15.89
N LEU QA 226 -81.80 -44.98 -15.59
CA LEU QA 226 -82.49 -43.71 -15.43
C LEU QA 226 -82.04 -42.74 -16.49
N GLY QA 227 -82.98 -42.08 -17.15
CA GLY QA 227 -82.65 -40.99 -18.04
C GLY QA 227 -82.53 -39.70 -17.26
N THR QA 228 -83.55 -39.43 -16.44
CA THR QA 228 -83.54 -38.31 -15.50
C THR QA 228 -84.09 -38.80 -14.18
N ASP QA 229 -83.47 -38.36 -13.09
CA ASP QA 229 -83.88 -38.79 -11.76
C ASP QA 229 -85.18 -38.08 -11.39
N VAL QA 230 -85.64 -38.30 -10.15
CA VAL QA 230 -86.89 -37.71 -9.70
C VAL QA 230 -86.78 -36.19 -9.72
N SER QA 231 -87.79 -35.53 -10.29
CA SER QA 231 -87.81 -34.07 -10.38
C SER QA 231 -89.22 -33.58 -10.10
N ILE QA 232 -89.33 -32.33 -9.66
CA ILE QA 232 -90.61 -31.69 -9.37
C ILE QA 232 -90.79 -30.52 -10.30
N GLY QA 233 -91.97 -30.44 -10.93
CA GLY QA 233 -92.26 -29.40 -11.89
C GLY QA 233 -93.56 -28.65 -11.63
N TYR QA 234 -93.90 -27.73 -12.54
CA TYR QA 234 -95.05 -26.85 -12.41
C TYR QA 234 -95.87 -26.90 -13.68
N LEU QA 235 -97.20 -27.03 -13.55
CA LEU QA 235 -98.08 -27.01 -14.71
C LEU QA 235 -98.86 -25.71 -14.81
N SER QA 236 -99.59 -25.34 -13.77
CA SER QA 236 -100.42 -24.15 -13.77
C SER QA 236 -100.68 -23.74 -12.33
N HIS QA 237 -101.40 -22.63 -12.16
CA HIS QA 237 -101.68 -22.12 -10.82
C HIS QA 237 -102.96 -21.31 -10.84
N ASP QA 238 -103.46 -21.02 -9.65
CA ASP QA 238 -104.73 -20.34 -9.46
C ASP QA 238 -104.57 -19.40 -8.26
N ALA QA 239 -105.62 -18.64 -7.96
CA ALA QA 239 -105.59 -17.73 -6.83
C ALA QA 239 -105.45 -18.46 -5.50
N GLU QA 240 -105.67 -19.77 -5.46
CA GLU QA 240 -105.66 -20.54 -4.22
C GLU QA 240 -104.66 -21.69 -4.23
N VAL QA 241 -104.38 -22.29 -5.38
CA VAL QA 241 -103.61 -23.52 -5.45
C VAL QA 241 -102.59 -23.43 -6.57
N VAL QA 242 -101.62 -24.34 -6.52
CA VAL QA 242 -100.64 -24.54 -7.59
C VAL QA 242 -100.59 -26.02 -7.90
N HIS QA 243 -100.55 -26.35 -9.19
CA HIS QA 243 -100.48 -27.75 -9.63
C HIS QA 243 -99.06 -28.10 -10.03
N LEU QA 244 -98.51 -29.12 -9.39
CA LEU QA 244 -97.15 -29.59 -9.61
C LEU QA 244 -97.17 -31.07 -9.96
N TYR QA 245 -96.03 -31.59 -10.36
CA TYR QA 245 -95.91 -33.02 -10.67
C TYR QA 245 -94.54 -33.51 -10.28
N MET QA 246 -94.46 -34.80 -9.97
CA MET QA 246 -93.19 -35.48 -9.76
C MET QA 246 -92.96 -36.44 -10.93
N GLU QA 247 -91.78 -36.35 -11.52
CA GLU QA 247 -91.49 -36.98 -12.80
C GLU QA 247 -90.19 -37.78 -12.71
N GLU QA 248 -90.17 -38.94 -13.37
CA GLU QA 248 -88.93 -39.69 -13.54
C GLU QA 248 -89.01 -40.58 -14.76
N THR QA 249 -87.91 -40.67 -15.49
CA THR QA 249 -87.82 -41.49 -16.70
C THR QA 249 -86.89 -42.66 -16.47
N MET QA 250 -87.40 -43.88 -16.62
CA MET QA 250 -86.68 -45.06 -16.17
C MET QA 250 -87.01 -46.28 -17.03
N THR QA 251 -86.21 -47.31 -16.82
CA THR QA 251 -86.52 -48.68 -17.26
C THR QA 251 -85.70 -49.62 -16.39
N PHE QA 252 -86.07 -50.90 -16.42
CA PHE QA 252 -85.44 -51.93 -15.60
C PHE QA 252 -85.08 -53.12 -16.45
N LEU QA 253 -83.91 -53.71 -16.19
CA LEU QA 253 -83.44 -54.89 -16.89
C LEU QA 253 -82.92 -55.92 -15.90
N CYS QA 254 -83.27 -57.18 -16.12
CA CYS QA 254 -82.72 -58.30 -15.38
C CYS QA 254 -81.90 -59.16 -16.33
N TYR QA 255 -80.67 -59.46 -15.95
CA TYR QA 255 -79.74 -60.22 -16.78
C TYR QA 255 -79.55 -61.65 -16.31
N THR QA 256 -79.51 -61.87 -15.00
CA THR QA 256 -79.31 -63.19 -14.42
C THR QA 256 -80.63 -63.65 -13.81
N ALA QA 257 -81.19 -64.72 -14.38
CA ALA QA 257 -82.48 -65.23 -13.91
C ALA QA 257 -82.34 -66.12 -12.68
N GLU QA 258 -81.12 -66.53 -12.34
CA GLU QA 258 -80.90 -67.48 -11.25
C GLU QA 258 -80.44 -66.80 -9.95
N ALA QA 259 -80.42 -65.48 -9.89
CA ALA QA 259 -79.93 -64.75 -8.73
C ALA QA 259 -81.04 -64.32 -7.77
N SER QA 260 -82.26 -64.81 -7.98
CA SER QA 260 -83.39 -64.40 -7.15
C SER QA 260 -84.36 -65.57 -6.99
N VAL QA 261 -85.13 -65.52 -5.90
CA VAL QA 261 -86.19 -66.48 -5.61
C VAL QA 261 -87.38 -65.69 -5.13
N ALA QA 262 -88.56 -66.00 -5.64
CA ALA QA 262 -89.78 -65.28 -5.33
C ALA QA 262 -90.70 -66.14 -4.48
N LEU QA 263 -91.36 -65.52 -3.51
CA LEU QA 263 -92.31 -66.19 -2.64
C LEU QA 263 -93.64 -65.45 -2.75
N THR QA 264 -94.68 -66.17 -3.13
CA THR QA 264 -95.99 -65.58 -3.39
C THR QA 264 -96.90 -65.73 -2.17
N PRO QA 265 -97.77 -64.74 -1.92
CA PRO QA 265 -98.65 -64.81 -0.75
C PRO QA 265 -99.53 -66.06 -0.73
N ASN RA 2 -30.24 25.39 -81.58
CA ASN RA 2 -31.49 26.12 -81.62
C ASN RA 2 -31.81 26.57 -83.05
N ASN RA 3 -32.87 27.37 -83.20
CA ASN RA 3 -33.32 27.78 -84.52
C ASN RA 3 -32.38 28.78 -85.20
N LEU RA 4 -31.42 29.33 -84.46
CA LEU RA 4 -30.46 30.25 -85.07
C LEU RA 4 -29.56 29.53 -86.07
N TYR RA 5 -29.21 28.29 -85.79
CA TYR RA 5 -28.34 27.50 -86.65
C TYR RA 5 -26.98 28.17 -86.82
N ARG RA 6 -26.41 28.66 -85.72
CA ARG RA 6 -25.10 29.27 -85.76
C ARG RA 6 -23.99 28.25 -85.93
N ASP RA 7 -24.17 27.04 -85.42
CA ASP RA 7 -23.13 26.01 -85.54
C ASP RA 7 -22.84 25.67 -87.00
N LEU RA 8 -23.75 25.99 -87.92
CA LEU RA 8 -23.57 25.70 -89.32
C LEU RA 8 -22.88 26.83 -90.09
N ALA RA 9 -22.66 27.97 -89.44
CA ALA RA 9 -22.08 29.11 -90.14
C ALA RA 9 -20.56 29.03 -90.15
N PRO RA 10 -19.90 29.45 -91.23
CA PRO RA 10 -18.43 29.44 -91.29
C PRO RA 10 -17.82 30.65 -90.59
N ILE RA 11 -18.05 30.75 -89.29
CA ILE RA 11 -17.59 31.88 -88.49
C ILE RA 11 -16.99 31.35 -87.19
N THR RA 12 -15.87 31.94 -86.77
CA THR RA 12 -15.18 31.53 -85.57
C THR RA 12 -15.77 32.19 -84.34
N GLU RA 13 -15.37 31.68 -83.17
CA GLU RA 13 -15.88 32.21 -81.91
C GLU RA 13 -15.48 33.68 -81.74
N SER RA 14 -14.24 34.02 -82.09
CA SER RA 14 -13.79 35.39 -81.94
C SER RA 14 -14.59 36.35 -82.82
N ALA RA 15 -14.82 35.97 -84.08
CA ALA RA 15 -15.61 36.83 -84.96
C ALA RA 15 -17.04 36.93 -84.49
N TRP RA 16 -17.60 35.82 -83.99
CA TRP RA 16 -18.94 35.88 -83.41
C TRP RA 16 -18.99 36.87 -82.26
N ALA RA 17 -17.99 36.83 -81.38
CA ALA RA 17 -17.95 37.76 -80.26
C ALA RA 17 -17.85 39.20 -80.73
N GLU RA 18 -17.00 39.45 -81.74
CA GLU RA 18 -16.86 40.81 -82.26
C GLU RA 18 -18.18 41.31 -82.82
N ILE RA 19 -18.86 40.48 -83.60
CA ILE RA 19 -20.13 40.88 -84.21
C ILE RA 19 -21.17 41.16 -83.14
N GLU RA 20 -21.27 40.28 -82.14
CA GLU RA 20 -22.24 40.47 -81.07
C GLU RA 20 -21.96 41.77 -80.32
N LEU RA 21 -20.69 42.02 -79.98
CA LEU RA 21 -20.32 43.23 -79.27
C LEU RA 21 -20.68 44.47 -80.07
N GLU RA 22 -20.33 44.47 -81.36
CA GLU RA 22 -20.60 45.63 -82.20
C GLU RA 22 -22.09 45.90 -82.33
N ALA RA 23 -22.90 44.85 -82.51
CA ALA RA 23 -24.34 45.05 -82.62
C ALA RA 23 -24.94 45.53 -81.31
N THR RA 24 -24.51 44.94 -80.18
CA THR RA 24 -25.05 45.34 -78.89
C THR RA 24 -24.74 46.81 -78.61
N ARG RA 25 -23.50 47.24 -78.87
CA ARG RA 25 -23.12 48.62 -78.60
C ARG RA 25 -24.00 49.58 -79.40
N THR RA 26 -24.15 49.33 -80.70
CA THR RA 26 -24.90 50.24 -81.55
C THR RA 26 -26.37 50.27 -81.18
N PHE RA 27 -26.96 49.10 -80.90
CA PHE RA 27 -28.37 49.07 -80.52
C PHE RA 27 -28.59 49.82 -79.20
N LYS RA 28 -27.73 49.58 -78.22
CA LYS RA 28 -27.87 50.27 -76.94
C LYS RA 28 -27.66 51.77 -77.09
N ARG RA 29 -26.86 52.16 -78.09
CA ARG RA 29 -26.71 53.59 -78.39
C ARG RA 29 -28.01 54.16 -78.96
N HIS RA 30 -28.59 53.49 -79.95
CA HIS RA 30 -29.68 54.06 -80.73
C HIS RA 30 -31.05 53.82 -80.14
N ILE RA 31 -31.15 53.06 -79.05
CA ILE RA 31 -32.43 52.71 -78.45
C ILE RA 31 -32.74 53.68 -77.33
N ALA RA 32 -34.01 54.08 -77.21
CA ALA RA 32 -34.44 55.06 -76.21
C ALA RA 32 -35.63 54.61 -75.38
N GLY RA 33 -36.61 53.91 -75.96
CA GLY RA 33 -37.80 53.57 -75.21
C GLY RA 33 -37.51 52.68 -74.02
N ARG RA 34 -36.53 51.79 -74.14
CA ARG RA 34 -36.17 50.87 -73.07
C ARG RA 34 -35.72 51.60 -71.82
N ARG RA 35 -35.31 52.86 -71.94
CA ARG RA 35 -34.87 53.66 -70.80
C ARG RA 35 -36.01 54.35 -70.06
N VAL RA 36 -37.22 54.35 -70.63
CA VAL RA 36 -38.34 55.06 -70.01
C VAL RA 36 -39.59 54.19 -69.94
N VAL RA 37 -39.48 52.92 -70.36
CA VAL RA 37 -40.61 52.01 -70.32
C VAL RA 37 -40.22 50.76 -69.56
N ASP RA 38 -41.15 50.24 -68.76
CA ASP RA 38 -40.95 48.97 -68.09
C ASP RA 38 -40.83 47.86 -69.12
N VAL RA 39 -39.92 46.92 -68.87
CA VAL RA 39 -39.64 45.83 -69.78
C VAL RA 39 -39.97 44.52 -69.08
N SER RA 40 -40.87 43.73 -69.67
CA SER RA 40 -41.17 42.38 -69.19
C SER RA 40 -40.19 41.43 -69.86
N GLY RA 41 -39.28 40.88 -69.07
CA GLY RA 41 -38.20 40.08 -69.60
C GLY RA 41 -38.69 38.97 -70.52
N PRO RA 42 -37.78 38.38 -71.30
CA PRO RA 42 -38.19 37.33 -72.24
C PRO RA 42 -38.91 36.21 -71.52
N ASN RA 43 -40.07 35.82 -72.05
CA ASN RA 43 -40.86 34.74 -71.51
C ASN RA 43 -40.69 33.43 -72.28
N GLY RA 44 -39.84 33.42 -73.31
CA GLY RA 44 -39.54 32.21 -74.03
C GLY RA 44 -40.14 32.20 -75.43
N PRO RA 45 -39.60 31.33 -76.30
CA PRO RA 45 -40.14 31.26 -77.66
C PRO RA 45 -41.58 30.77 -77.72
N THR RA 46 -42.06 30.10 -76.67
CA THR RA 46 -43.44 29.62 -76.65
C THR RA 46 -44.45 30.75 -76.46
N THR RA 47 -44.01 31.94 -76.05
CA THR RA 47 -44.92 33.04 -75.80
C THR RA 47 -45.36 33.66 -77.12
N ALA RA 48 -46.67 33.85 -77.28
CA ALA RA 48 -47.24 34.36 -78.51
C ALA RA 48 -48.18 35.55 -78.33
N SER RA 49 -48.73 35.75 -77.14
CA SER RA 49 -49.69 36.83 -76.94
C SER RA 49 -49.67 37.25 -75.47
N VAL RA 50 -50.23 38.42 -75.21
CA VAL RA 50 -50.33 38.98 -73.86
C VAL RA 50 -51.80 39.22 -73.56
N SER RA 51 -52.30 38.60 -72.48
CA SER RA 51 -53.69 38.77 -72.09
C SER RA 51 -53.92 40.20 -71.61
N THR RA 52 -55.11 40.74 -71.91
CA THR RA 52 -55.49 42.05 -71.40
C THR RA 52 -56.49 41.97 -70.26
N GLY RA 53 -57.08 40.81 -70.02
CA GLY RA 53 -58.07 40.67 -68.97
C GLY RA 53 -59.45 41.16 -69.34
N HIS RA 54 -59.65 41.61 -70.56
CA HIS RA 54 -60.94 42.08 -71.04
C HIS RA 54 -61.69 40.95 -71.73
N LEU RA 55 -62.98 41.18 -71.95
CA LEU RA 55 -63.86 40.21 -72.59
C LEU RA 55 -64.53 40.85 -73.80
N LEU RA 56 -64.82 40.02 -74.80
CA LEU RA 56 -65.48 40.45 -76.01
C LEU RA 56 -66.74 39.63 -76.24
N ASP RA 57 -67.81 40.29 -76.65
CA ASP RA 57 -69.08 39.61 -76.87
C ASP RA 57 -69.00 38.74 -78.12
N VAL RA 58 -69.71 37.61 -78.08
CA VAL RA 58 -69.69 36.63 -79.16
C VAL RA 58 -71.00 35.87 -79.17
N SER RA 59 -71.38 35.39 -80.35
CA SER RA 59 -72.64 34.67 -80.51
C SER RA 59 -72.61 33.40 -79.67
N PRO RA 60 -73.69 33.08 -78.95
CA PRO RA 60 -73.65 31.91 -78.08
C PRO RA 60 -73.74 30.62 -78.87
N PRO RA 61 -73.22 29.51 -78.34
CA PRO RA 61 -73.47 28.22 -78.99
C PRO RA 61 -74.93 27.85 -79.07
N GLY RA 62 -75.72 28.22 -78.05
CA GLY RA 62 -77.10 27.80 -78.02
C GLY RA 62 -77.88 28.61 -77.00
N ASP RA 63 -79.11 28.14 -76.74
CA ASP RA 63 -80.01 28.85 -75.86
C ASP RA 63 -79.56 28.74 -74.40
N GLY RA 64 -79.80 29.81 -73.65
CA GLY RA 64 -79.46 29.82 -72.24
C GLY RA 64 -78.00 29.87 -71.93
N VAL RA 65 -77.16 30.25 -72.90
CA VAL RA 65 -75.71 30.28 -72.73
C VAL RA 65 -75.21 31.67 -73.09
N ILE RA 66 -74.35 32.21 -72.24
CA ILE RA 66 -73.71 33.50 -72.46
C ILE RA 66 -72.24 33.24 -72.75
N ALA RA 67 -71.76 33.77 -73.87
CA ALA RA 67 -70.41 33.49 -74.36
C ALA RA 67 -69.63 34.79 -74.47
N HIS RA 68 -68.36 34.74 -74.05
CA HIS RA 68 -67.44 35.87 -74.17
C HIS RA 68 -66.07 35.35 -74.56
N LEU RA 69 -65.34 36.15 -75.33
CA LEU RA 69 -64.00 35.81 -75.76
C LEU RA 69 -62.96 36.61 -74.98
N ARG RA 70 -61.91 35.93 -74.54
CA ARG RA 70 -60.81 36.59 -73.86
C ARG RA 70 -59.98 37.38 -74.86
N ASP RA 71 -59.48 38.53 -74.44
CA ASP RA 71 -58.79 39.46 -75.32
C ASP RA 71 -57.29 39.41 -75.09
N ALA RA 72 -56.53 39.29 -76.18
CA ALA RA 72 -55.08 39.19 -76.11
C ALA RA 72 -54.47 40.02 -77.22
N LYS RA 73 -53.25 40.48 -76.97
CA LYS RA 73 -52.46 41.25 -77.93
C LYS RA 73 -51.39 40.35 -78.52
N PRO RA 74 -51.35 40.13 -79.83
CA PRO RA 74 -50.33 39.25 -80.40
C PRO RA 74 -48.97 39.91 -80.41
N LEU RA 75 -47.94 39.06 -80.45
CA LEU RA 75 -46.56 39.50 -80.56
C LEU RA 75 -46.11 39.46 -82.01
N VAL RA 76 -45.25 40.41 -82.38
CA VAL RA 76 -44.77 40.54 -83.75
C VAL RA 76 -43.27 40.31 -83.76
N ARG RA 77 -42.79 39.56 -84.75
CA ARG RA 77 -41.38 39.25 -84.91
C ARG RA 77 -40.78 40.14 -85.99
N LEU RA 78 -39.71 40.85 -85.65
CA LEU RA 78 -39.02 41.74 -86.57
C LEU RA 78 -37.67 41.10 -86.89
N ARG RA 79 -37.39 40.94 -88.18
CA ARG RA 79 -36.16 40.33 -88.67
C ARG RA 79 -35.53 41.26 -89.70
N VAL RA 80 -34.26 41.61 -89.48
CA VAL RA 80 -33.52 42.48 -90.39
C VAL RA 80 -32.32 41.70 -90.92
N PRO RA 81 -32.25 41.41 -92.22
CA PRO RA 81 -31.11 40.66 -92.75
C PRO RA 81 -29.95 41.56 -93.16
N PHE RA 82 -28.76 40.98 -93.11
CA PHE RA 82 -27.56 41.66 -93.55
C PHE RA 82 -26.54 40.62 -94.01
N THR RA 83 -25.49 41.10 -94.66
CA THR RA 83 -24.48 40.26 -95.28
C THR RA 83 -23.10 40.64 -94.77
N VAL RA 84 -22.25 39.63 -94.56
CA VAL RA 84 -20.90 39.83 -94.05
C VAL RA 84 -19.90 39.11 -94.95
N ALA RA 85 -18.67 39.61 -94.96
CA ALA RA 85 -17.63 39.10 -95.83
C ALA RA 85 -16.75 38.09 -95.11
N ARG RA 86 -16.57 36.93 -95.76
CA ARG RA 86 -15.75 35.87 -95.20
C ARG RA 86 -14.29 36.26 -95.03
N ARG RA 87 -13.80 37.20 -95.85
CA ARG RA 87 -12.43 37.70 -95.66
C ARG RA 87 -12.28 38.47 -94.35
N ASP RA 88 -13.22 39.37 -94.06
CA ASP RA 88 -13.21 40.06 -92.78
C ASP RA 88 -13.40 39.08 -91.63
N ILE RA 89 -14.22 38.05 -91.83
CA ILE RA 89 -14.37 37.03 -90.79
C ILE RA 89 -13.04 36.32 -90.54
N ASP RA 90 -12.35 35.92 -91.61
CA ASP RA 90 -11.14 35.12 -91.46
C ASP RA 90 -10.00 35.95 -90.87
N ASP RA 91 -9.94 37.23 -91.20
CA ASP RA 91 -8.83 38.05 -90.73
C ASP RA 91 -8.77 38.12 -89.20
N VAL RA 92 -9.88 37.89 -88.51
CA VAL RA 92 -9.90 38.05 -87.07
C VAL RA 92 -8.93 37.07 -86.40
N GLU RA 93 -8.95 35.80 -86.83
CA GLU RA 93 -8.08 34.82 -86.21
C GLU RA 93 -6.61 35.10 -86.48
N ARG RA 94 -6.31 35.98 -87.45
CA ARG RA 94 -4.96 36.45 -87.70
C ARG RA 94 -4.57 37.65 -86.85
N GLY RA 95 -5.29 37.90 -85.77
CA GLY RA 95 -5.03 39.06 -84.94
C GLY RA 95 -5.35 40.37 -85.60
N SER RA 96 -6.32 40.39 -86.52
CA SER RA 96 -6.78 41.63 -87.13
C SER RA 96 -7.90 42.22 -86.28
N GLN RA 97 -7.82 43.53 -86.06
CA GLN RA 97 -8.82 44.26 -85.28
C GLN RA 97 -9.22 45.57 -85.92
N ASP RA 98 -9.31 45.61 -87.26
CA ASP RA 98 -9.93 46.72 -87.98
C ASP RA 98 -10.99 46.21 -88.95
N SER RA 99 -11.58 45.03 -88.69
CA SER RA 99 -12.52 44.43 -89.61
C SER RA 99 -13.78 45.28 -89.76
N ASP RA 100 -14.40 45.20 -90.93
CA ASP RA 100 -15.57 46.00 -91.26
C ASP RA 100 -16.84 45.31 -90.75
N TRP RA 101 -17.59 46.00 -89.90
CA TRP RA 101 -18.87 45.51 -89.37
C TRP RA 101 -19.98 46.53 -89.62
N ASP RA 102 -19.80 47.34 -90.66
CA ASP RA 102 -20.79 48.37 -90.99
C ASP RA 102 -22.17 47.79 -91.28
N PRO RA 103 -22.31 46.70 -92.04
CA PRO RA 103 -23.65 46.11 -92.19
C PRO RA 103 -24.27 45.71 -90.86
N VAL RA 104 -23.47 45.18 -89.94
CA VAL RA 104 -23.98 44.86 -88.61
C VAL RA 104 -24.51 46.11 -87.92
N LYS RA 105 -23.74 47.19 -87.96
CA LYS RA 105 -24.17 48.42 -87.31
C LYS RA 105 -25.44 48.97 -87.95
N ASP RA 106 -25.53 48.91 -89.28
CA ASP RA 106 -26.71 49.40 -89.98
C ASP RA 106 -27.95 48.58 -89.62
N ALA RA 107 -27.81 47.25 -89.57
CA ALA RA 107 -28.95 46.42 -89.20
C ALA RA 107 -29.39 46.70 -87.77
N ALA RA 108 -28.44 46.86 -86.86
CA ALA RA 108 -28.80 47.19 -85.48
C ALA RA 108 -29.53 48.52 -85.42
N LYS RA 109 -29.06 49.53 -86.16
CA LYS RA 109 -29.73 50.81 -86.20
C LYS RA 109 -31.16 50.66 -86.72
N LYS RA 110 -31.32 49.88 -87.79
CA LYS RA 110 -32.65 49.69 -88.36
C LYS RA 110 -33.60 49.04 -87.38
N LEU RA 111 -33.13 48.00 -86.68
CA LEU RA 111 -33.98 47.32 -85.70
C LEU RA 111 -34.35 48.25 -84.55
N ALA RA 112 -33.38 49.02 -84.04
CA ALA RA 112 -33.68 49.95 -82.98
C ALA RA 112 -34.70 50.99 -83.44
N PHE RA 113 -34.56 51.47 -84.67
CA PHE RA 113 -35.47 52.50 -85.17
C PHE RA 113 -36.89 51.95 -85.29
N VAL RA 114 -37.03 50.74 -85.82
CA VAL RA 114 -38.37 50.18 -85.95
C VAL RA 114 -38.99 49.95 -84.57
N GLU RA 115 -38.20 49.46 -83.61
CA GLU RA 115 -38.73 49.23 -82.28
C GLU RA 115 -39.20 50.55 -81.65
N ASP RA 116 -38.36 51.58 -81.71
CA ASP RA 116 -38.71 52.85 -81.08
C ASP RA 116 -39.89 53.51 -81.79
N ARG RA 117 -39.96 53.39 -83.12
CA ARG RA 117 -41.09 53.95 -83.85
C ARG RA 117 -42.38 53.22 -83.57
N ALA RA 118 -42.35 51.90 -83.39
CA ALA RA 118 -43.54 51.19 -82.95
C ALA RA 118 -43.96 51.61 -81.55
N ILE RA 119 -42.99 51.82 -80.65
CA ILE RA 119 -43.32 52.23 -79.29
C ILE RA 119 -43.97 53.61 -79.28
N PHE RA 120 -43.41 54.56 -80.02
CA PHE RA 120 -43.78 55.96 -79.89
C PHE RA 120 -44.77 56.46 -80.93
N GLU RA 121 -45.01 55.70 -82.00
CA GLU RA 121 -45.86 56.15 -83.09
C GLU RA 121 -46.93 55.14 -83.48
N GLY RA 122 -46.69 53.85 -83.28
CA GLY RA 122 -47.69 52.84 -83.55
C GLY RA 122 -47.36 52.02 -84.79
N TYR RA 123 -47.66 50.72 -84.72
CA TYR RA 123 -47.53 49.79 -85.84
C TYR RA 123 -48.88 49.09 -85.94
N ALA RA 124 -49.76 49.63 -86.78
CA ALA RA 124 -51.17 49.24 -86.75
C ALA RA 124 -51.36 47.76 -87.06
N ALA RA 125 -50.67 47.26 -88.09
CA ALA RA 125 -50.88 45.87 -88.50
C ALA RA 125 -50.59 44.90 -87.37
N ALA RA 126 -49.71 45.28 -86.44
CA ALA RA 126 -49.45 44.50 -85.25
C ALA RA 126 -50.37 44.86 -84.10
N SER RA 127 -51.41 45.66 -84.35
CA SER RA 127 -52.35 46.10 -83.33
C SER RA 127 -51.66 46.90 -82.23
N ILE RA 128 -50.57 47.58 -82.57
CA ILE RA 128 -49.80 48.37 -81.62
C ILE RA 128 -50.23 49.83 -81.76
N GLU RA 129 -50.88 50.34 -80.72
CA GLU RA 129 -51.22 51.76 -80.66
C GLU RA 129 -50.13 52.49 -79.89
N GLY RA 130 -49.55 53.50 -80.52
CA GLY RA 130 -48.41 54.20 -79.95
C GLY RA 130 -48.79 55.15 -78.84
N ILE RA 131 -47.75 55.64 -78.15
CA ILE RA 131 -47.95 56.61 -77.09
C ILE RA 131 -48.59 57.88 -77.62
N ARG RA 132 -48.20 58.32 -78.81
CA ARG RA 132 -48.76 59.54 -79.39
C ARG RA 132 -50.28 59.45 -79.52
N SER RA 133 -50.78 58.35 -80.10
CA SER RA 133 -52.21 58.20 -80.27
C SER RA 133 -52.91 57.93 -78.94
N SER RA 134 -52.33 57.06 -78.11
CA SER RA 134 -52.98 56.70 -76.85
C SER RA 134 -52.98 57.84 -75.85
N SER RA 135 -52.16 58.88 -76.06
CA SER RA 135 -52.11 59.99 -75.12
C SER RA 135 -53.44 60.74 -75.11
N SER RA 136 -53.90 61.09 -73.91
CA SER RA 136 -55.14 61.85 -73.75
C SER RA 136 -54.91 63.35 -73.59
N ASN RA 137 -53.77 63.73 -73.02
CA ASN RA 137 -53.47 65.15 -72.88
C ASN RA 137 -53.29 65.79 -74.24
N PRO RA 138 -53.69 67.06 -74.41
CA PRO RA 138 -53.60 67.68 -75.74
C PRO RA 138 -52.18 67.75 -76.23
N ALA RA 139 -52.02 67.58 -77.54
CA ALA RA 139 -50.71 67.63 -78.17
C ALA RA 139 -50.31 69.08 -78.44
N LEU RA 140 -49.01 69.33 -78.43
CA LEU RA 140 -48.46 70.65 -78.68
C LEU RA 140 -47.65 70.66 -79.97
N ALA RA 141 -47.23 71.85 -80.37
CA ALA RA 141 -46.45 72.06 -81.58
C ALA RA 141 -45.05 72.56 -81.21
N LEU RA 142 -44.04 71.93 -81.78
CA LEU RA 142 -42.66 72.31 -81.51
C LEU RA 142 -42.34 73.56 -82.33
N PRO RA 143 -41.95 74.67 -81.71
CA PRO RA 143 -41.68 75.87 -82.51
C PRO RA 143 -40.51 75.67 -83.46
N ASP RA 144 -40.59 76.34 -84.61
CA ASP RA 144 -39.51 76.26 -85.58
C ASP RA 144 -38.20 76.76 -84.98
N ASP RA 145 -38.25 77.85 -84.23
CA ASP RA 145 -37.07 78.36 -83.55
C ASP RA 145 -36.74 77.50 -82.34
N ALA RA 146 -35.47 77.49 -81.95
CA ALA RA 146 -35.03 76.69 -80.82
C ALA RA 146 -35.15 77.41 -79.49
N ARG RA 147 -35.45 78.71 -79.50
CA ARG RA 147 -35.44 79.48 -78.26
C ARG RA 147 -36.74 79.32 -77.46
N GLU RA 148 -37.83 78.94 -78.13
CA GLU RA 148 -39.14 78.84 -77.50
C GLU RA 148 -39.47 77.42 -77.04
N ILE RA 149 -38.60 76.45 -77.33
CA ILE RA 149 -38.89 75.06 -76.96
C ILE RA 149 -39.08 74.92 -75.45
N PRO RA 150 -38.25 75.51 -74.59
CA PRO RA 150 -38.45 75.33 -73.14
C PRO RA 150 -39.82 75.79 -72.67
N ASP RA 151 -40.38 76.84 -73.26
CA ASP RA 151 -41.72 77.28 -72.87
C ASP RA 151 -42.75 76.19 -73.16
N VAL RA 152 -42.64 75.55 -74.33
CA VAL RA 152 -43.58 74.49 -74.67
C VAL RA 152 -43.40 73.30 -73.75
N ILE RA 153 -42.15 72.99 -73.38
CA ILE RA 153 -41.92 71.88 -72.44
C ILE RA 153 -42.52 72.21 -71.07
N ALA RA 154 -42.40 73.46 -70.64
CA ALA RA 154 -43.03 73.85 -69.38
C ALA RA 154 -44.55 73.74 -69.47
N GLN RA 155 -45.12 74.10 -70.61
CA GLN RA 155 -46.57 73.92 -70.81
C GLN RA 155 -46.96 72.45 -70.72
N ALA RA 156 -46.18 71.57 -71.34
CA ALA RA 156 -46.48 70.14 -71.29
C ALA RA 156 -46.37 69.59 -69.89
N LEU RA 157 -45.35 70.02 -69.14
CA LEU RA 157 -45.25 69.63 -67.75
C LEU RA 157 -46.46 70.13 -66.98
N SER RA 158 -46.90 71.36 -67.24
CA SER RA 158 -48.10 71.87 -66.60
C SER RA 158 -49.30 71.00 -66.93
N GLU RA 159 -49.41 70.51 -68.16
CA GLU RA 159 -50.56 69.68 -68.51
C GLU RA 159 -50.54 68.34 -67.76
N LEU RA 160 -49.44 67.59 -67.86
CA LEU RA 160 -49.30 66.36 -67.10
C LEU RA 160 -49.61 66.59 -65.62
N ARG RA 161 -48.99 67.63 -65.09
CA ARG RA 161 -48.93 67.87 -63.66
C ARG RA 161 -50.21 68.52 -63.15
N LEU RA 162 -51.01 69.07 -64.06
CA LEU RA 162 -52.42 69.29 -63.80
C LEU RA 162 -53.17 67.97 -63.74
N ALA RA 163 -52.95 67.11 -64.74
CA ALA RA 163 -53.72 65.88 -64.83
C ALA RA 163 -53.52 64.99 -63.62
N GLY RA 164 -52.42 65.17 -62.89
CA GLY RA 164 -52.25 64.51 -61.62
C GLY RA 164 -51.22 63.41 -61.58
N VAL RA 165 -50.36 63.33 -62.57
CA VAL RA 165 -49.33 62.30 -62.62
C VAL RA 165 -48.09 62.79 -61.87
N ASP RA 166 -47.40 61.85 -61.23
CA ASP RA 166 -46.21 62.16 -60.43
C ASP RA 166 -45.03 61.32 -60.88
N GLY RA 167 -43.93 61.40 -60.12
CA GLY RA 167 -42.72 60.69 -60.44
C GLY RA 167 -41.82 61.49 -61.35
N PRO RA 168 -40.57 61.06 -61.49
CA PRO RA 168 -39.62 61.81 -62.32
C PRO RA 168 -40.14 61.97 -63.75
N TYR RA 169 -39.93 63.14 -64.31
CA TYR RA 169 -40.34 63.44 -65.68
C TYR RA 169 -39.12 63.44 -66.59
N SER RA 170 -39.36 63.07 -67.86
CA SER RA 170 -38.27 62.88 -68.80
C SER RA 170 -38.71 63.41 -70.17
N VAL RA 171 -37.74 63.95 -70.90
CA VAL RA 171 -37.95 64.53 -72.22
C VAL RA 171 -37.16 63.70 -73.23
N LEU RA 172 -37.86 63.16 -74.22
CA LEU RA 172 -37.24 62.43 -75.33
C LEU RA 172 -37.32 63.34 -76.55
N LEU RA 173 -36.17 63.66 -77.13
CA LEU RA 173 -36.09 64.59 -78.25
C LEU RA 173 -35.66 63.87 -79.52
N SER RA 174 -36.15 64.37 -80.65
CA SER RA 174 -35.84 63.79 -81.94
C SER RA 174 -34.38 64.09 -82.31
N ALA RA 175 -33.89 63.47 -83.37
CA ALA RA 175 -32.55 63.78 -83.84
C ALA RA 175 -32.45 65.24 -84.29
N GLU RA 176 -33.42 65.69 -85.10
CA GLU RA 176 -33.35 67.04 -85.65
C GLU RA 176 -33.53 68.07 -84.54
N THR RA 177 -34.42 67.80 -83.58
CA THR RA 177 -34.62 68.73 -82.47
C THR RA 177 -33.44 68.76 -81.51
N TYR RA 178 -32.86 67.59 -81.22
CA TYR RA 178 -31.69 67.53 -80.35
C TYR RA 178 -30.49 68.22 -80.97
N THR RA 179 -30.26 68.02 -82.27
CA THR RA 179 -29.22 68.76 -82.96
C THR RA 179 -29.44 70.26 -82.84
N LYS RA 180 -30.69 70.70 -82.98
CA LYS RA 180 -31.01 72.12 -82.90
C LYS RA 180 -30.69 72.67 -81.52
N VAL RA 181 -31.21 72.03 -80.48
CA VAL RA 181 -31.02 72.54 -79.12
C VAL RA 181 -29.55 72.44 -78.73
N SER RA 182 -28.81 71.49 -79.30
CA SER RA 182 -27.39 71.36 -78.96
C SER RA 182 -26.57 72.45 -79.64
N GLU RA 183 -26.72 72.61 -80.95
CA GLU RA 183 -25.95 73.63 -81.67
C GLU RA 183 -26.31 75.02 -81.19
N THR RA 184 -27.60 75.28 -81.01
CA THR RA 184 -28.04 76.59 -80.55
C THR RA 184 -27.59 76.83 -79.12
N THR RA 185 -27.26 78.09 -78.81
CA THR RA 185 -26.72 78.47 -77.52
C THR RA 185 -27.34 79.77 -77.06
N ALA RA 186 -27.30 80.00 -75.75
CA ALA RA 186 -27.83 81.24 -75.16
C ALA RA 186 -27.11 81.50 -73.85
N HIS RA 187 -26.61 82.73 -73.68
CA HIS RA 187 -25.94 83.14 -72.46
C HIS RA 187 -24.78 82.20 -72.12
N GLY RA 188 -24.18 81.60 -73.15
CA GLY RA 188 -23.07 80.71 -72.92
C GLY RA 188 -23.44 79.31 -72.49
N TYR RA 189 -24.71 78.91 -72.63
CA TYR RA 189 -25.13 77.53 -72.41
C TYR RA 189 -26.04 77.07 -73.55
N PRO RA 190 -25.99 75.80 -73.92
CA PRO RA 190 -26.91 75.29 -74.94
C PRO RA 190 -28.36 75.33 -74.49
N ILE RA 191 -29.23 75.45 -75.50
CA ILE RA 191 -30.66 75.37 -75.25
C ILE RA 191 -31.02 74.02 -74.66
N ARG RA 192 -30.22 72.99 -74.94
CA ARG RA 192 -30.45 71.69 -74.31
C ARG RA 192 -30.25 71.74 -72.81
N GLU RA 193 -29.20 72.41 -72.34
CA GLU RA 193 -29.04 72.61 -70.90
C GLU RA 193 -30.19 73.44 -70.35
N HIS RA 194 -30.58 74.48 -71.09
CA HIS RA 194 -31.77 75.24 -70.69
C HIS RA 194 -32.95 74.31 -70.44
N ILE RA 195 -33.19 73.36 -71.36
CA ILE RA 195 -34.28 72.41 -71.19
C ILE RA 195 -34.05 71.54 -69.95
N ASN RA 196 -32.84 70.99 -69.83
CA ASN RA 196 -32.52 70.08 -68.73
C ASN RA 196 -32.81 70.72 -67.38
N ARG RA 197 -32.60 72.04 -67.27
CA ARG RA 197 -32.77 72.71 -65.99
C ARG RA 197 -34.16 72.49 -65.38
N LEU RA 198 -35.18 72.26 -66.21
CA LEU RA 198 -36.55 72.18 -65.74
C LEU RA 198 -36.90 70.83 -65.13
N VAL RA 199 -36.58 69.75 -65.83
CA VAL RA 199 -37.05 68.43 -65.43
C VAL RA 199 -36.18 67.87 -64.31
N ASP RA 200 -36.70 66.84 -63.64
CA ASP RA 200 -36.00 66.14 -62.59
C ASP RA 200 -35.29 64.89 -63.11
N GLY RA 201 -35.72 64.35 -64.25
CA GLY RA 201 -35.14 63.14 -64.78
C GLY RA 201 -33.98 63.37 -65.71
N GLU RA 202 -34.10 62.91 -66.96
CA GLU RA 202 -33.01 62.96 -67.92
C GLU RA 202 -33.52 63.44 -69.26
N ILE RA 203 -32.58 63.90 -70.09
CA ILE RA 203 -32.84 64.23 -71.49
C ILE RA 203 -32.36 63.05 -72.33
N ILE RA 204 -33.19 62.57 -73.26
CA ILE RA 204 -32.93 61.34 -73.99
C ILE RA 204 -32.97 61.60 -75.49
N TRP RA 205 -32.05 60.97 -76.22
CA TRP RA 205 -32.04 60.92 -77.67
C TRP RA 205 -33.12 59.97 -78.17
N ALA RA 206 -33.93 60.43 -79.11
CA ALA RA 206 -34.92 59.58 -79.76
C ALA RA 206 -34.88 59.79 -81.27
N PRO RA 207 -33.87 59.27 -81.97
CA PRO RA 207 -33.77 59.58 -83.41
C PRO RA 207 -34.91 59.02 -84.21
N ALA RA 208 -35.40 57.83 -83.82
CA ALA RA 208 -36.45 57.16 -84.54
C ALA RA 208 -37.75 57.96 -84.52
N ILE RA 209 -38.05 58.60 -83.39
CA ILE RA 209 -39.32 59.32 -83.25
C ILE RA 209 -39.20 60.65 -83.97
N ASP RA 210 -40.34 61.30 -84.19
CA ASP RA 210 -40.40 62.60 -84.85
C ASP RA 210 -41.12 63.56 -83.91
N GLY RA 211 -40.42 64.61 -83.49
CA GLY RA 211 -41.00 65.59 -82.59
C GLY RA 211 -40.35 65.60 -81.22
N ALA RA 212 -41.15 65.51 -80.18
CA ALA RA 212 -40.64 65.46 -78.81
C ALA RA 212 -41.71 64.85 -77.92
N PHE RA 213 -41.29 64.35 -76.75
CA PHE RA 213 -42.23 63.71 -75.83
C PHE RA 213 -41.81 64.03 -74.41
N VAL RA 214 -42.78 64.43 -73.57
CA VAL RA 214 -42.53 64.63 -72.15
C VAL RA 214 -43.40 63.64 -71.39
N LEU RA 215 -42.78 62.77 -70.60
CA LEU RA 215 -43.54 61.70 -69.98
C LEU RA 215 -43.03 61.40 -68.57
N SER RA 216 -43.89 60.77 -67.79
CA SER RA 216 -43.55 60.37 -66.43
C SER RA 216 -42.90 59.00 -66.43
N THR RA 217 -42.05 58.75 -65.42
CA THR RA 217 -41.37 57.48 -65.26
C THR RA 217 -41.62 56.88 -63.88
N ARG RA 218 -42.76 57.18 -63.28
CA ARG RA 218 -43.12 56.57 -62.00
C ARG RA 218 -43.19 55.06 -62.13
N GLY RA 219 -43.76 54.56 -63.24
CA GLY RA 219 -43.88 53.14 -63.47
C GLY RA 219 -45.32 52.69 -63.58
N GLY RA 220 -45.55 51.60 -64.30
CA GLY RA 220 -46.89 51.04 -64.44
C GLY RA 220 -47.73 51.65 -65.53
N ASP RA 221 -47.16 52.49 -66.40
CA ASP RA 221 -47.92 53.12 -67.47
C ASP RA 221 -47.55 52.62 -68.86
N PHE RA 222 -46.33 52.13 -69.06
CA PHE RA 222 -45.91 51.61 -70.36
C PHE RA 222 -45.26 50.25 -70.14
N ASP RA 223 -45.54 49.30 -71.02
CA ASP RA 223 -45.01 47.93 -70.91
C ASP RA 223 -44.53 47.47 -72.28
N LEU RA 224 -43.25 47.17 -72.38
CA LEU RA 224 -42.67 46.55 -73.58
C LEU RA 224 -42.52 45.07 -73.31
N GLN RA 225 -43.38 44.26 -73.92
CA GLN RA 225 -43.37 42.82 -73.72
C GLN RA 225 -42.48 42.17 -74.77
N LEU RA 226 -41.52 41.38 -74.31
CA LEU RA 226 -40.59 40.66 -75.19
C LEU RA 226 -40.79 39.17 -75.03
N GLY RA 227 -40.89 38.46 -76.15
CA GLY RA 227 -40.88 37.01 -76.12
C GLY RA 227 -39.46 36.50 -76.13
N THR RA 228 -38.67 37.02 -77.07
CA THR RA 228 -37.24 36.77 -77.13
C THR RA 228 -36.52 38.07 -77.42
N ASP RA 229 -35.40 38.30 -76.75
CA ASP RA 229 -34.64 39.53 -76.92
C ASP RA 229 -33.92 39.50 -78.26
N VAL RA 230 -33.11 40.52 -78.52
CA VAL RA 230 -32.40 40.62 -79.79
C VAL RA 230 -31.46 39.44 -79.93
N SER RA 231 -31.49 38.80 -81.10
CA SER RA 231 -30.64 37.65 -81.38
C SER RA 231 -30.12 37.75 -82.81
N ILE RA 232 -29.00 37.10 -83.07
CA ILE RA 232 -28.38 37.07 -84.39
C ILE RA 232 -28.36 35.65 -84.89
N GLY RA 233 -28.79 35.44 -86.13
CA GLY RA 233 -28.89 34.12 -86.72
C GLY RA 233 -28.23 33.99 -88.07
N TYR RA 234 -28.35 32.81 -88.67
CA TYR RA 234 -27.70 32.47 -89.93
C TYR RA 234 -28.72 31.88 -90.89
N LEU RA 235 -28.72 32.34 -92.14
CA LEU RA 235 -29.62 31.79 -93.16
C LEU RA 235 -28.87 30.90 -94.15
N SER RA 236 -27.85 31.43 -94.80
CA SER RA 236 -27.10 30.70 -95.81
C SER RA 236 -25.73 31.35 -95.96
N HIS RA 237 -24.90 30.78 -96.84
CA HIS RA 237 -23.54 31.28 -97.01
C HIS RA 237 -23.07 30.92 -98.41
N ASP RA 238 -21.97 31.55 -98.80
CA ASP RA 238 -21.40 31.41 -100.13
C ASP RA 238 -19.88 31.42 -99.99
N ALA RA 239 -19.18 31.26 -101.11
CA ALA RA 239 -17.72 31.28 -101.08
C ALA RA 239 -17.16 32.62 -100.66
N GLU RA 240 -17.96 33.68 -100.66
CA GLU RA 240 -17.49 35.03 -100.36
C GLU RA 240 -18.20 35.68 -99.19
N VAL RA 241 -19.48 35.36 -98.96
CA VAL RA 241 -20.31 36.08 -98.00
C VAL RA 241 -21.10 35.11 -97.15
N VAL RA 242 -21.63 35.62 -96.04
CA VAL RA 242 -22.56 34.89 -95.19
C VAL RA 242 -23.76 35.81 -94.93
N HIS RA 243 -24.96 35.25 -94.99
CA HIS RA 243 -26.18 36.01 -94.75
C HIS RA 243 -26.70 35.72 -93.34
N LEU RA 244 -26.85 36.78 -92.55
CA LEU RA 244 -27.30 36.70 -91.17
C LEU RA 244 -28.52 37.61 -91.00
N TYR RA 245 -29.14 37.52 -89.82
CA TYR RA 245 -30.28 38.37 -89.53
C TYR RA 245 -30.27 38.70 -88.05
N MET RA 246 -30.86 39.85 -87.70
CA MET RA 246 -31.11 40.23 -86.33
C MET RA 246 -32.61 40.18 -86.09
N GLU RA 247 -33.01 39.48 -85.02
CA GLU RA 247 -34.39 39.11 -84.79
C GLU RA 247 -34.82 39.49 -83.37
N GLU RA 248 -36.06 39.96 -83.25
CA GLU RA 248 -36.65 40.16 -81.92
C GLU RA 248 -38.17 40.09 -82.01
N THR RA 249 -38.78 39.47 -81.00
CA THR RA 249 -40.23 39.31 -80.94
C THR RA 249 -40.77 40.15 -79.78
N MET RA 250 -41.68 41.08 -80.10
CA MET RA 250 -42.07 42.09 -79.13
C MET RA 250 -43.51 42.54 -79.37
N THR RA 251 -44.01 43.29 -78.38
CA THR RA 251 -45.21 44.10 -78.51
C THR RA 251 -45.13 45.19 -77.44
N PHE RA 252 -45.97 46.21 -77.60
CA PHE RA 252 -45.97 47.36 -76.70
C PHE RA 252 -47.39 47.66 -76.25
N LEU RA 253 -47.55 48.02 -74.98
CA LEU RA 253 -48.83 48.38 -74.40
C LEU RA 253 -48.71 49.66 -73.59
N CYS RA 254 -49.69 50.55 -73.75
CA CYS RA 254 -49.82 51.75 -72.93
C CYS RA 254 -51.09 51.62 -72.11
N TYR RA 255 -50.97 51.84 -70.80
CA TYR RA 255 -52.09 51.69 -69.88
C TYR RA 255 -52.63 53.02 -69.38
N THR RA 256 -51.75 54.00 -69.14
CA THR RA 256 -52.14 55.31 -68.65
C THR RA 256 -51.98 56.31 -69.79
N ALA RA 257 -53.10 56.89 -70.22
CA ALA RA 257 -53.08 57.83 -71.34
C ALA RA 257 -52.69 59.23 -70.91
N GLU RA 258 -52.68 59.50 -69.60
CA GLU RA 258 -52.42 60.84 -69.08
C GLU RA 258 -51.00 61.05 -68.59
N ALA RA 259 -50.11 60.09 -68.79
CA ALA RA 259 -48.75 60.15 -68.29
C ALA RA 259 -47.74 60.67 -69.32
N SER RA 260 -48.22 61.15 -70.47
CA SER RA 260 -47.33 61.61 -71.53
C SER RA 260 -47.97 62.78 -72.27
N VAL RA 261 -47.11 63.59 -72.89
CA VAL RA 261 -47.50 64.71 -73.72
C VAL RA 261 -46.64 64.67 -74.97
N ALA RA 262 -47.26 64.84 -76.12
CA ALA RA 262 -46.57 64.74 -77.40
C ALA RA 262 -46.46 66.12 -78.04
N LEU RA 263 -45.32 66.39 -78.68
CA LEU RA 263 -45.09 67.64 -79.39
C LEU RA 263 -44.72 67.29 -80.82
N THR RA 264 -45.49 67.82 -81.77
CA THR RA 264 -45.32 67.48 -83.17
C THR RA 264 -44.49 68.53 -83.89
N PRO RA 265 -43.68 68.14 -84.88
CA PRO RA 265 -42.82 69.10 -85.58
C PRO RA 265 -43.61 70.23 -86.22
N ASN SA 2 -20.65 10.40 -87.64
CA ASN SA 2 -20.79 9.19 -88.44
C ASN SA 2 -21.24 9.53 -89.85
N ASN SA 3 -21.54 8.49 -90.65
CA ASN SA 3 -21.88 8.69 -92.04
C ASN SA 3 -23.25 9.32 -92.24
N LEU SA 4 -24.06 9.40 -91.18
CA LEU SA 4 -25.37 10.05 -91.31
C LEU SA 4 -25.23 11.55 -91.57
N TYR SA 5 -24.22 12.18 -90.98
CA TYR SA 5 -23.99 13.60 -91.15
C TYR SA 5 -25.18 14.41 -90.65
N ARG SA 6 -25.72 14.04 -89.49
CA ARG SA 6 -26.82 14.77 -88.90
C ARG SA 6 -26.40 16.11 -88.33
N ASP SA 7 -25.15 16.21 -87.84
CA ASP SA 7 -24.69 17.47 -87.26
C ASP SA 7 -24.68 18.60 -88.28
N LEU SA 8 -24.71 18.29 -89.58
CA LEU SA 8 -24.70 19.29 -90.62
C LEU SA 8 -26.11 19.72 -91.04
N ALA SA 9 -27.15 19.07 -90.52
CA ALA SA 9 -28.50 19.39 -90.95
C ALA SA 9 -29.07 20.55 -90.14
N PRO SA 10 -29.86 21.43 -90.75
CA PRO SA 10 -30.48 22.55 -90.01
C PRO SA 10 -31.74 22.12 -89.26
N ILE SA 11 -31.56 21.22 -88.30
CA ILE SA 11 -32.66 20.66 -87.53
C ILE SA 11 -32.27 20.64 -86.06
N THR SA 12 -33.21 20.99 -85.19
CA THR SA 12 -32.98 21.04 -83.77
C THR SA 12 -33.16 19.67 -83.13
N GLU SA 13 -32.72 19.56 -81.88
CA GLU SA 13 -32.83 18.29 -81.16
C GLU SA 13 -34.29 17.88 -80.99
N SER SA 14 -35.16 18.83 -80.68
CA SER SA 14 -36.57 18.51 -80.48
C SER SA 14 -37.21 17.99 -81.76
N ALA SA 15 -36.93 18.65 -82.89
CA ALA SA 15 -37.49 18.18 -84.16
C ALA SA 15 -36.91 16.82 -84.54
N TRP SA 16 -35.63 16.61 -84.28
CA TRP SA 16 -35.03 15.29 -84.51
C TRP SA 16 -35.76 14.23 -83.70
N ALA SA 17 -36.03 14.52 -82.42
CA ALA SA 17 -36.74 13.56 -81.58
C ALA SA 17 -38.14 13.29 -82.11
N GLU SA 18 -38.84 14.34 -82.53
CA GLU SA 18 -40.19 14.15 -83.07
C GLU SA 18 -40.16 13.27 -84.31
N ILE SA 19 -39.23 13.53 -85.22
CA ILE SA 19 -39.15 12.75 -86.45
C ILE SA 19 -38.82 11.28 -86.13
N GLU SA 20 -37.85 11.06 -85.24
CA GLU SA 20 -37.49 9.70 -84.88
C GLU SA 20 -38.67 8.96 -84.27
N LEU SA 21 -39.39 9.62 -83.35
CA LEU SA 21 -40.54 9.00 -82.71
C LEU SA 21 -41.61 8.64 -83.73
N GLU SA 22 -41.92 9.58 -84.63
CA GLU SA 22 -42.96 9.34 -85.63
C GLU SA 22 -42.58 8.20 -86.56
N ALA SA 23 -41.32 8.14 -87.00
CA ALA SA 23 -40.92 7.06 -87.88
C ALA SA 23 -40.93 5.72 -87.17
N THR SA 24 -40.44 5.68 -85.92
CA THR SA 24 -40.41 4.43 -85.17
C THR SA 24 -41.82 3.90 -84.96
N ARG SA 25 -42.75 4.77 -84.57
CA ARG SA 25 -44.13 4.32 -84.33
C ARG SA 25 -44.73 3.71 -85.59
N THR SA 26 -44.60 4.39 -86.72
CA THR SA 26 -45.22 3.90 -87.96
C THR SA 26 -44.58 2.61 -88.43
N PHE SA 27 -43.24 2.52 -88.35
CA PHE SA 27 -42.57 1.29 -88.77
C PHE SA 27 -42.99 0.11 -87.89
N LYS SA 28 -43.01 0.32 -86.58
CA LYS SA 28 -43.40 -0.75 -85.67
C LYS SA 28 -44.86 -1.14 -85.87
N ARG SA 29 -45.69 -0.19 -86.33
CA ARG SA 29 -47.06 -0.52 -86.69
C ARG SA 29 -47.10 -1.41 -87.93
N HIS SA 30 -46.39 -1.03 -88.99
CA HIS SA 30 -46.54 -1.65 -90.29
C HIS SA 30 -45.67 -2.88 -90.49
N ILE SA 31 -44.81 -3.22 -89.53
CA ILE SA 31 -43.88 -4.33 -89.67
C ILE SA 31 -44.49 -5.56 -89.02
N ALA SA 32 -44.30 -6.72 -89.64
CA ALA SA 32 -44.87 -7.98 -89.16
C ALA SA 32 -43.86 -9.11 -89.04
N GLY SA 33 -42.90 -9.23 -89.96
CA GLY SA 33 -41.99 -10.36 -89.92
C GLY SA 33 -41.16 -10.41 -88.65
N ARG SA 34 -40.79 -9.25 -88.12
CA ARG SA 34 -39.98 -9.17 -86.92
C ARG SA 34 -40.66 -9.80 -85.72
N ARG SA 35 -41.98 -9.97 -85.76
CA ARG SA 35 -42.73 -10.58 -84.67
C ARG SA 35 -42.78 -12.10 -84.75
N VAL SA 36 -42.36 -12.70 -85.87
CA VAL SA 36 -42.44 -14.15 -86.04
C VAL SA 36 -41.12 -14.73 -86.53
N VAL SA 37 -40.08 -13.90 -86.66
CA VAL SA 37 -38.78 -14.37 -87.11
C VAL SA 37 -37.72 -13.97 -86.11
N ASP SA 38 -36.77 -14.87 -85.86
CA ASP SA 38 -35.62 -14.54 -85.03
C ASP SA 38 -34.80 -13.44 -85.69
N VAL SA 39 -34.31 -12.52 -84.87
CA VAL SA 39 -33.56 -11.36 -85.36
C VAL SA 39 -32.16 -11.43 -84.78
N SER SA 40 -31.15 -11.44 -85.65
CA SER SA 40 -29.76 -11.36 -85.23
C SER SA 40 -29.39 -9.88 -85.16
N GLY SA 41 -29.18 -9.39 -83.94
CA GLY SA 41 -28.97 -7.98 -83.70
C GLY SA 41 -27.89 -7.39 -84.59
N PRO SA 42 -27.84 -6.06 -84.68
CA PRO SA 42 -26.85 -5.43 -85.55
C PRO SA 42 -25.44 -5.86 -85.19
N ASN SA 43 -24.69 -6.27 -86.21
CA ASN SA 43 -23.31 -6.70 -86.04
C ASN SA 43 -22.31 -5.61 -86.43
N GLY SA 44 -22.78 -4.43 -86.83
CA GLY SA 44 -21.91 -3.32 -87.12
C GLY SA 44 -21.83 -3.02 -88.61
N PRO SA 45 -21.40 -1.80 -88.94
CA PRO SA 45 -21.27 -1.43 -90.36
C PRO SA 45 -20.24 -2.27 -91.11
N THR SA 46 -19.30 -2.89 -90.41
CA THR SA 46 -18.29 -3.72 -91.06
C THR SA 46 -18.85 -5.04 -91.58
N THR SA 47 -20.05 -5.43 -91.15
CA THR SA 47 -20.63 -6.69 -91.57
C THR SA 47 -21.17 -6.58 -92.99
N ALA SA 48 -20.81 -7.54 -93.84
CA ALA SA 48 -21.20 -7.52 -95.24
C ALA SA 48 -21.85 -8.80 -95.74
N SER SA 49 -21.65 -9.92 -95.06
CA SER SA 49 -22.18 -11.19 -95.53
C SER SA 49 -22.38 -12.13 -94.35
N VAL SA 50 -23.16 -13.18 -94.58
CA VAL SA 50 -23.46 -14.20 -93.58
C VAL SA 50 -23.02 -15.54 -94.13
N SER SA 51 -22.12 -16.22 -93.42
CA SER SA 51 -21.64 -17.52 -93.85
C SER SA 51 -22.75 -18.55 -93.76
N THR SA 52 -22.79 -19.49 -94.70
CA THR SA 52 -23.74 -20.59 -94.65
C THR SA 52 -23.11 -21.91 -94.21
N GLY SA 53 -21.78 -21.98 -94.17
CA GLY SA 53 -21.10 -23.20 -93.80
C GLY SA 53 -21.01 -24.23 -94.91
N HIS SA 54 -21.51 -23.91 -96.10
CA HIS SA 54 -21.44 -24.81 -97.24
C HIS SA 54 -20.20 -24.52 -98.08
N LEU SA 55 -19.89 -25.45 -98.97
CA LEU SA 55 -18.73 -25.36 -99.85
C LEU SA 55 -19.18 -25.48 -101.30
N LEU SA 56 -18.44 -24.81 -102.19
CA LEU SA 56 -18.72 -24.83 -103.62
C LEU SA 56 -17.47 -25.30 -104.36
N ASP SA 57 -17.67 -26.14 -105.36
CA ASP SA 57 -16.56 -26.68 -106.13
C ASP SA 57 -15.97 -25.60 -107.02
N VAL SA 58 -14.65 -25.66 -107.23
CA VAL SA 58 -13.92 -24.67 -107.99
C VAL SA 58 -12.68 -25.30 -108.60
N SER SA 59 -12.25 -24.75 -109.73
CA SER SA 59 -11.10 -25.30 -110.43
C SER SA 59 -9.86 -25.19 -109.56
N PRO SA 60 -9.03 -26.23 -109.49
CA PRO SA 60 -7.88 -26.18 -108.59
C PRO SA 60 -6.78 -25.28 -109.14
N PRO SA 61 -5.94 -24.71 -108.28
CA PRO SA 61 -4.75 -24.01 -108.79
C PRO SA 61 -3.82 -24.90 -109.58
N GLY SA 62 -3.69 -26.17 -109.20
CA GLY SA 62 -2.74 -27.03 -109.85
C GLY SA 62 -3.00 -28.49 -109.51
N ASP SA 63 -2.03 -29.33 -109.89
CA ASP SA 63 -2.18 -30.76 -109.72
C ASP SA 63 -2.08 -31.16 -108.25
N GLY SA 64 -2.85 -32.18 -107.87
CA GLY SA 64 -2.81 -32.68 -106.52
C GLY SA 64 -3.44 -31.79 -105.49
N VAL SA 65 -4.25 -30.82 -105.90
CA VAL SA 65 -4.86 -29.86 -105.00
C VAL SA 65 -6.37 -29.87 -105.21
N ILE SA 66 -7.10 -29.92 -104.11
CA ILE SA 66 -8.57 -29.87 -104.12
C ILE SA 66 -8.98 -28.52 -103.55
N ALA SA 67 -9.80 -27.80 -104.30
CA ALA SA 67 -10.19 -26.43 -103.96
C ALA SA 67 -11.69 -26.33 -103.80
N HIS SA 68 -12.13 -25.60 -102.77
CA HIS SA 68 -13.53 -25.34 -102.52
C HIS SA 68 -13.70 -23.91 -102.05
N LEU SA 69 -14.82 -23.29 -102.41
CA LEU SA 69 -15.12 -21.93 -102.01
C LEU SA 69 -16.19 -21.91 -100.92
N ARG SA 70 -15.95 -21.09 -99.90
CA ARG SA 70 -16.93 -20.92 -98.83
C ARG SA 70 -18.10 -20.10 -99.33
N ASP SA 71 -19.30 -20.44 -98.86
CA ASP SA 71 -20.53 -19.86 -99.35
C ASP SA 71 -21.09 -18.85 -98.36
N ALA SA 72 -21.43 -17.67 -98.86
CA ALA SA 72 -21.95 -16.60 -98.01
C ALA SA 72 -23.09 -15.90 -98.73
N LYS SA 73 -23.98 -15.33 -97.92
CA LYS SA 73 -25.12 -14.56 -98.40
C LYS SA 73 -24.83 -13.08 -98.21
N PRO SA 74 -24.82 -12.27 -99.26
CA PRO SA 74 -24.54 -10.84 -99.09
C PRO SA 74 -25.71 -10.11 -98.46
N LEU SA 75 -25.39 -8.98 -97.84
CA LEU SA 75 -26.36 -8.09 -97.24
C LEU SA 75 -26.70 -6.97 -98.22
N VAL SA 76 -27.96 -6.53 -98.20
CA VAL SA 76 -28.46 -5.50 -99.10
C VAL SA 76 -28.88 -4.30 -98.28
N ARG SA 77 -28.53 -3.11 -98.76
CA ARG SA 77 -28.86 -1.85 -98.11
C ARG SA 77 -30.05 -1.22 -98.82
N LEU SA 78 -31.09 -0.90 -98.05
CA LEU SA 78 -32.30 -0.27 -98.57
C LEU SA 78 -32.34 1.16 -98.03
N ARG SA 79 -32.47 2.12 -98.95
CA ARG SA 79 -32.51 3.54 -98.63
C ARG SA 79 -33.74 4.16 -99.28
N VAL SA 80 -34.55 4.83 -98.46
CA VAL SA 80 -35.76 5.49 -98.94
C VAL SA 80 -35.64 6.99 -98.64
N PRO SA 81 -35.57 7.85 -99.66
CA PRO SA 81 -35.44 9.28 -99.41
C PRO SA 81 -36.79 9.97 -99.24
N PHE SA 82 -36.76 11.07 -98.50
CA PHE SA 82 -37.93 11.91 -98.32
C PHE SA 82 -37.48 13.34 -98.03
N THR SA 83 -38.44 14.26 -98.08
CA THR SA 83 -38.18 15.68 -97.96
C THR SA 83 -39.04 16.27 -96.84
N VAL SA 84 -38.45 17.21 -96.08
CA VAL SA 84 -39.13 17.84 -94.96
C VAL SA 84 -39.02 19.36 -95.10
N ALA SA 85 -39.99 20.05 -94.51
CA ALA SA 85 -40.07 21.50 -94.63
C ALA SA 85 -39.44 22.20 -93.43
N ARG SA 86 -38.56 23.15 -93.72
CA ARG SA 86 -37.88 23.91 -92.69
C ARG SA 86 -38.82 24.73 -91.82
N ARG SA 87 -39.97 25.13 -92.36
CA ARG SA 87 -40.98 25.83 -91.55
C ARG SA 87 -41.56 24.93 -90.47
N ASP SA 88 -41.95 23.70 -90.84
CA ASP SA 88 -42.40 22.73 -89.84
C ASP SA 88 -41.29 22.40 -88.86
N ILE SA 89 -40.05 22.33 -89.33
CA ILE SA 89 -38.94 22.10 -88.41
C ILE SA 89 -38.82 23.24 -87.41
N ASP SA 90 -38.89 24.48 -87.89
CA ASP SA 90 -38.65 25.63 -87.01
C ASP SA 90 -39.80 25.82 -86.02
N ASP SA 91 -41.03 25.49 -86.43
CA ASP SA 91 -42.17 25.72 -85.55
C ASP SA 91 -42.07 24.92 -84.25
N VAL SA 92 -41.30 23.83 -84.23
CA VAL SA 92 -41.24 22.99 -83.05
C VAL SA 92 -40.68 23.75 -81.85
N GLU SA 93 -39.59 24.49 -82.05
CA GLU SA 93 -38.99 25.23 -80.95
C GLU SA 93 -39.90 26.34 -80.44
N ARG SA 94 -40.93 26.70 -81.19
CA ARG SA 94 -41.95 27.64 -80.75
C ARG SA 94 -43.08 26.97 -79.99
N GLY SA 95 -42.87 25.75 -79.50
CA GLY SA 95 -43.92 25.01 -78.81
C GLY SA 95 -45.06 24.59 -79.71
N SER SA 96 -44.77 24.35 -80.99
CA SER SA 96 -45.78 23.81 -81.90
C SER SA 96 -45.73 22.30 -81.86
N GLN SA 97 -46.91 21.69 -81.80
CA GLN SA 97 -47.04 20.23 -81.77
C GLN SA 97 -48.14 19.72 -82.69
N ASP SA 98 -48.32 20.35 -83.86
CA ASP SA 98 -49.14 19.82 -84.94
C ASP SA 98 -48.36 19.77 -86.25
N SER SA 99 -47.03 19.68 -86.18
CA SER SA 99 -46.21 19.73 -87.39
C SER SA 99 -46.46 18.53 -88.29
N ASP SA 100 -46.28 18.73 -89.59
CA ASP SA 100 -46.55 17.70 -90.58
C ASP SA 100 -45.34 16.79 -90.74
N TRP SA 101 -45.54 15.49 -90.52
CA TRP SA 101 -44.49 14.48 -90.69
C TRP SA 101 -44.98 13.36 -91.62
N ASP SA 102 -45.91 13.71 -92.50
CA ASP SA 102 -46.46 12.73 -93.43
C ASP SA 102 -45.41 12.11 -94.33
N PRO SA 103 -44.46 12.85 -94.91
CA PRO SA 103 -43.39 12.19 -95.67
C PRO SA 103 -42.60 11.20 -94.84
N VAL SA 104 -42.34 11.53 -93.57
CA VAL SA 104 -41.67 10.58 -92.68
C VAL SA 104 -42.48 9.30 -92.56
N LYS SA 105 -43.78 9.44 -92.32
CA LYS SA 105 -44.62 8.26 -92.15
C LYS SA 105 -44.66 7.43 -93.44
N ASP SA 106 -44.75 8.10 -94.59
CA ASP SA 106 -44.79 7.39 -95.86
C ASP SA 106 -43.49 6.63 -96.12
N ALA SA 107 -42.35 7.27 -95.83
CA ALA SA 107 -41.07 6.58 -96.02
C ALA SA 107 -40.95 5.38 -95.09
N ALA SA 108 -41.39 5.52 -93.84
CA ALA SA 108 -41.35 4.39 -92.92
C ALA SA 108 -42.23 3.26 -93.42
N LYS SA 109 -43.42 3.58 -93.93
CA LYS SA 109 -44.31 2.56 -94.48
C LYS SA 109 -43.65 1.85 -95.65
N LYS SA 110 -43.00 2.63 -96.54
CA LYS SA 110 -42.36 2.04 -97.70
C LYS SA 110 -41.24 1.09 -97.30
N LEU SA 111 -40.41 1.49 -96.33
CA LEU SA 111 -39.32 0.64 -95.88
C LEU SA 111 -39.86 -0.63 -95.23
N ALA SA 112 -40.88 -0.51 -94.39
CA ALA SA 112 -41.46 -1.70 -93.77
C ALA SA 112 -42.03 -2.63 -94.83
N PHE SA 113 -42.68 -2.07 -95.85
CA PHE SA 113 -43.28 -2.91 -96.88
C PHE SA 113 -42.21 -3.66 -97.66
N VAL SA 114 -41.13 -2.98 -98.03
CA VAL SA 114 -40.08 -3.66 -98.78
C VAL SA 114 -39.44 -4.75 -97.92
N GLU SA 115 -39.21 -4.48 -96.64
CA GLU SA 115 -38.61 -5.49 -95.77
C GLU SA 115 -39.52 -6.71 -95.66
N ASP SA 116 -40.81 -6.50 -95.41
CA ASP SA 116 -41.72 -7.61 -95.23
C ASP SA 116 -41.90 -8.39 -96.53
N ARG SA 117 -41.94 -7.68 -97.66
CA ARG SA 117 -42.06 -8.36 -98.95
C ARG SA 117 -40.83 -9.15 -99.31
N ALA SA 118 -39.63 -8.67 -98.96
CA ALA SA 118 -38.44 -9.48 -99.13
C ALA SA 118 -38.47 -10.72 -98.23
N ILE SA 119 -38.94 -10.57 -97.00
CA ILE SA 119 -39.00 -11.71 -96.09
C ILE SA 119 -39.97 -12.76 -96.61
N PHE SA 120 -41.15 -12.35 -97.05
CA PHE SA 120 -42.24 -13.29 -97.31
C PHE SA 120 -42.41 -13.67 -98.77
N GLU SA 121 -41.76 -12.96 -99.70
CA GLU SA 121 -41.95 -13.20 -101.12
C GLU SA 121 -40.64 -13.36 -101.89
N GLY SA 122 -39.57 -12.74 -101.44
CA GLY SA 122 -38.26 -12.91 -102.06
C GLY SA 122 -37.82 -11.67 -102.81
N TYR SA 123 -36.53 -11.38 -102.76
CA TYR SA 123 -35.88 -10.31 -103.50
C TYR SA 123 -34.70 -10.95 -104.21
N ALA SA 124 -34.93 -11.38 -105.45
CA ALA SA 124 -33.98 -12.27 -106.12
C ALA SA 124 -32.62 -11.63 -106.30
N ALA SA 125 -32.58 -10.36 -106.74
CA ALA SA 125 -31.30 -9.72 -107.01
C ALA SA 125 -30.41 -9.69 -105.79
N ALA SA 126 -30.99 -9.71 -104.59
CA ALA SA 126 -30.25 -9.81 -103.35
C ALA SA 126 -30.04 -11.26 -102.92
N SER SA 127 -30.36 -12.22 -103.78
CA SER SA 127 -30.23 -13.65 -103.49
C SER SA 127 -31.09 -14.05 -102.30
N ILE SA 128 -32.21 -13.36 -102.09
CA ILE SA 128 -33.12 -13.62 -100.99
C ILE SA 128 -34.26 -14.47 -101.52
N GLU SA 129 -34.33 -15.72 -101.07
CA GLU SA 129 -35.44 -16.61 -101.37
C GLU SA 129 -36.46 -16.51 -100.25
N GLY SA 130 -37.69 -16.17 -100.59
CA GLY SA 130 -38.72 -15.92 -99.60
C GLY SA 130 -39.28 -17.20 -98.99
N ILE SA 131 -40.06 -17.00 -97.92
CA ILE SA 131 -40.71 -18.12 -97.26
C ILE SA 131 -41.66 -18.84 -98.21
N ARG SA 132 -42.37 -18.10 -99.06
CA ARG SA 132 -43.30 -18.72 -100.00
C ARG SA 132 -42.60 -19.73 -100.90
N SER SA 133 -41.49 -19.33 -101.51
CA SER SA 133 -40.77 -20.25 -102.40
C SER SA 133 -40.06 -21.34 -101.62
N SER SA 134 -39.42 -20.99 -100.51
CA SER SA 134 -38.67 -21.98 -99.75
C SER SA 134 -39.57 -23.01 -99.05
N SER SA 135 -40.86 -22.72 -98.93
CA SER SA 135 -41.76 -23.65 -98.26
C SER SA 135 -41.88 -24.94 -99.05
N SER SA 136 -41.84 -26.07 -98.34
CA SER SA 136 -41.99 -27.38 -98.96
C SER SA 136 -43.41 -27.92 -98.89
N ASN SA 137 -44.16 -27.55 -97.86
CA ASN SA 137 -45.54 -28.01 -97.75
C ASN SA 137 -46.37 -27.41 -98.89
N PRO SA 138 -47.36 -28.15 -99.40
CA PRO SA 138 -48.13 -27.65 -100.54
C PRO SA 138 -48.85 -26.35 -100.21
N ALA SA 139 -48.93 -25.47 -101.21
CA ALA SA 139 -49.61 -24.19 -101.05
C ALA SA 139 -51.11 -24.36 -101.24
N LEU SA 140 -51.88 -23.51 -100.58
CA LEU SA 140 -53.34 -23.53 -100.66
C LEU SA 140 -53.84 -22.26 -101.31
N ALA SA 141 -55.14 -22.23 -101.57
CA ALA SA 141 -55.82 -21.10 -102.20
C ALA SA 141 -56.80 -20.48 -101.22
N LEU SA 142 -56.73 -19.16 -101.07
CA LEU SA 142 -57.61 -18.45 -100.16
C LEU SA 142 -58.98 -18.30 -100.84
N PRO SA 143 -60.06 -18.82 -100.26
CA PRO SA 143 -61.36 -18.70 -100.93
C PRO SA 143 -61.78 -17.24 -101.08
N ASP SA 144 -62.50 -16.97 -102.17
CA ASP SA 144 -63.01 -15.63 -102.41
C ASP SA 144 -63.94 -15.19 -101.27
N ASP SA 145 -64.79 -16.09 -100.80
CA ASP SA 145 -65.65 -15.80 -99.67
C ASP SA 145 -64.86 -15.82 -98.38
N ALA SA 146 -65.33 -15.10 -97.38
CA ALA SA 146 -64.65 -15.03 -96.09
C ALA SA 146 -65.08 -16.13 -95.13
N ARG SA 147 -66.13 -16.89 -95.46
CA ARG SA 147 -66.66 -17.87 -94.52
C ARG SA 147 -65.87 -19.17 -94.52
N GLU SA 148 -65.16 -19.47 -95.61
CA GLU SA 148 -64.44 -20.72 -95.77
C GLU SA 148 -62.97 -20.62 -95.39
N ILE SA 149 -62.50 -19.42 -95.03
CA ILE SA 149 -61.08 -19.25 -94.70
C ILE SA 149 -60.67 -20.12 -93.52
N PRO SA 150 -61.45 -20.22 -92.43
CA PRO SA 150 -61.02 -21.06 -91.31
C PRO SA 150 -60.79 -22.51 -91.69
N ASP SA 151 -61.58 -23.05 -92.62
CA ASP SA 151 -61.36 -24.42 -93.06
C ASP SA 151 -59.99 -24.58 -93.71
N VAL SA 152 -59.61 -23.61 -94.55
CA VAL SA 152 -58.31 -23.67 -95.20
C VAL SA 152 -57.19 -23.53 -94.19
N ILE SA 153 -57.39 -22.68 -93.17
CA ILE SA 153 -56.39 -22.55 -92.12
C ILE SA 153 -56.24 -23.85 -91.34
N ALA SA 154 -57.37 -24.51 -91.07
CA ALA SA 154 -57.29 -25.82 -90.40
C ALA SA 154 -56.56 -26.83 -91.26
N GLN SA 155 -56.79 -26.80 -92.57
CA GLN SA 155 -56.05 -27.68 -93.48
C GLN SA 155 -54.55 -27.40 -93.42
N ALA SA 156 -54.17 -26.13 -93.42
CA ALA SA 156 -52.75 -25.78 -93.36
C ALA SA 156 -52.12 -26.22 -92.04
N LEU SA 157 -52.84 -26.03 -90.94
CA LEU SA 157 -52.35 -26.54 -89.67
C LEU SA 157 -52.19 -28.05 -89.73
N SER SA 158 -53.16 -28.75 -90.34
CA SER SA 158 -53.03 -30.19 -90.51
C SER SA 158 -51.78 -30.54 -91.31
N GLU SA 159 -51.46 -29.75 -92.34
CA GLU SA 159 -50.27 -30.07 -93.13
C GLU SA 159 -48.98 -29.90 -92.32
N LEU SA 160 -48.79 -28.71 -91.73
CA LEU SA 160 -47.63 -28.49 -90.86
C LEU SA 160 -47.52 -29.61 -89.82
N ARG SA 161 -48.64 -29.87 -89.17
CA ARG SA 161 -48.72 -30.68 -87.98
C ARG SA 161 -48.68 -32.17 -88.31
N LEU SA 162 -48.96 -32.50 -89.56
CA LEU SA 162 -48.54 -33.77 -90.13
C LEU SA 162 -47.03 -33.81 -90.30
N ALA SA 163 -46.48 -32.76 -90.91
CA ALA SA 163 -45.06 -32.75 -91.24
C ALA SA 163 -44.19 -32.88 -90.01
N GLY SA 164 -44.72 -32.54 -88.84
CA GLY SA 164 -44.03 -32.81 -87.60
C GLY SA 164 -43.46 -31.61 -86.88
N VAL SA 165 -43.89 -30.41 -87.25
CA VAL SA 165 -43.39 -29.20 -86.60
C VAL SA 165 -44.26 -28.89 -85.38
N ASP SA 166 -43.62 -28.33 -84.36
CA ASP SA 166 -44.29 -28.01 -83.10
C ASP SA 166 -44.09 -26.55 -82.74
N GLY SA 167 -44.52 -26.17 -81.53
CA GLY SA 167 -44.43 -24.81 -81.06
C GLY SA 167 -45.65 -24.00 -81.45
N PRO SA 168 -45.80 -22.82 -80.85
CA PRO SA 168 -46.98 -22.00 -81.14
C PRO SA 168 -47.09 -21.70 -82.63
N TYR SA 169 -48.31 -21.73 -83.14
CA TYR SA 169 -48.58 -21.43 -84.54
C TYR SA 169 -49.21 -20.05 -84.66
N SER SA 170 -48.93 -19.40 -85.79
CA SER SA 170 -49.34 -18.02 -85.99
C SER SA 170 -49.81 -17.83 -87.43
N VAL SA 171 -50.79 -16.95 -87.60
CA VAL SA 171 -51.39 -16.65 -88.89
C VAL SA 171 -51.11 -15.19 -89.20
N LEU SA 172 -50.46 -14.95 -90.34
CA LEU SA 172 -50.21 -13.60 -90.84
C LEU SA 172 -51.15 -13.39 -92.03
N LEU SA 173 -51.99 -12.37 -91.94
CA LEU SA 173 -53.00 -12.11 -92.96
C LEU SA 173 -52.70 -10.81 -93.70
N SER SA 174 -53.09 -10.79 -94.97
CA SER SA 174 -52.87 -9.62 -95.82
C SER SA 174 -53.79 -8.50 -95.38
N ALA SA 175 -53.58 -7.30 -95.94
CA ALA SA 175 -54.48 -6.19 -95.66
C ALA SA 175 -55.88 -6.49 -96.17
N GLU SA 176 -55.99 -6.97 -97.42
CA GLU SA 176 -57.30 -7.19 -98.02
C GLU SA 176 -58.02 -8.34 -97.32
N THR SA 177 -57.28 -9.39 -96.94
CA THR SA 177 -57.89 -10.52 -96.24
C THR SA 177 -58.28 -10.17 -94.81
N TYR SA 178 -57.44 -9.41 -94.11
CA TYR SA 178 -57.76 -8.99 -92.76
C TYR SA 178 -58.97 -8.06 -92.73
N THR SA 179 -59.04 -7.12 -93.67
CA THR SA 179 -60.24 -6.30 -93.79
C THR SA 179 -61.47 -7.15 -94.00
N LYS SA 180 -61.36 -8.18 -94.85
CA LYS SA 180 -62.51 -9.05 -95.12
C LYS SA 180 -62.95 -9.78 -93.86
N VAL SA 181 -62.02 -10.45 -93.19
CA VAL SA 181 -62.39 -11.24 -92.01
C VAL SA 181 -62.86 -10.34 -90.88
N SER SA 182 -62.39 -9.09 -90.85
CA SER SA 182 -62.82 -8.16 -89.80
C SER SA 182 -64.23 -7.65 -90.07
N GLU SA 183 -64.49 -7.13 -91.27
CA GLU SA 183 -65.81 -6.61 -91.59
C GLU SA 183 -66.85 -7.71 -91.56
N THR SA 184 -66.53 -8.87 -92.13
CA THR SA 184 -67.47 -9.99 -92.15
C THR SA 184 -67.68 -10.51 -90.73
N THR SA 185 -68.92 -10.96 -90.46
CA THR SA 185 -69.31 -11.41 -89.14
C THR SA 185 -70.16 -12.66 -89.25
N ALA SA 186 -70.21 -13.42 -88.16
CA ALA SA 186 -71.03 -14.64 -88.11
C ALA SA 186 -71.40 -14.91 -86.67
N HIS SA 187 -72.69 -15.15 -86.42
CA HIS SA 187 -73.19 -15.47 -85.08
C HIS SA 187 -72.79 -14.41 -84.07
N GLY SA 188 -72.63 -13.18 -84.53
CA GLY SA 188 -72.26 -12.10 -83.64
C GLY SA 188 -70.79 -12.01 -83.30
N TYR SA 189 -69.92 -12.71 -84.04
CA TYR SA 189 -68.48 -12.56 -83.90
C TYR SA 189 -67.83 -12.43 -85.28
N PRO SA 190 -66.75 -11.66 -85.40
CA PRO SA 190 -66.05 -11.59 -86.67
C PRO SA 190 -65.41 -12.91 -87.08
N ILE SA 191 -65.28 -13.06 -88.40
CA ILE SA 191 -64.58 -14.22 -88.94
C ILE SA 191 -63.14 -14.23 -88.47
N ARG SA 192 -62.58 -13.06 -88.14
CA ARG SA 192 -61.24 -13.02 -87.57
C ARG SA 192 -61.18 -13.69 -86.22
N GLU SA 193 -62.17 -13.45 -85.35
CA GLU SA 193 -62.22 -14.18 -84.08
C GLU SA 193 -62.42 -15.66 -84.33
N HIS SA 194 -63.28 -16.00 -85.30
CA HIS SA 194 -63.41 -17.40 -85.69
C HIS SA 194 -62.05 -18.01 -85.99
N ILE SA 195 -61.22 -17.31 -86.76
CA ILE SA 195 -59.88 -17.80 -87.08
C ILE SA 195 -59.04 -17.92 -85.81
N ASN SA 196 -59.04 -16.86 -85.00
CA ASN SA 196 -58.22 -16.84 -83.79
C ASN SA 196 -58.50 -18.03 -82.90
N ARG SA 197 -59.75 -18.48 -82.86
CA ARG SA 197 -60.12 -19.57 -81.97
C ARG SA 197 -59.27 -20.82 -82.17
N LEU SA 198 -58.73 -21.04 -83.37
CA LEU SA 198 -58.04 -22.27 -83.69
C LEU SA 198 -56.59 -22.28 -83.19
N VAL SA 199 -55.84 -21.23 -83.47
CA VAL SA 199 -54.40 -21.23 -83.21
C VAL SA 199 -54.13 -20.95 -81.75
N ASP SA 200 -52.90 -21.26 -81.34
CA ASP SA 200 -52.43 -21.00 -79.99
C ASP SA 200 -51.66 -19.68 -79.88
N GLY SA 201 -51.15 -19.16 -81.00
CA GLY SA 201 -50.36 -17.95 -80.99
C GLY SA 201 -51.18 -16.70 -81.18
N GLU SA 202 -50.88 -15.93 -82.23
CA GLU SA 202 -51.50 -14.64 -82.46
C GLU SA 202 -51.90 -14.50 -83.92
N ILE SA 203 -52.80 -13.56 -84.18
CA ILE SA 203 -53.17 -13.15 -85.53
C ILE SA 203 -52.42 -11.86 -85.82
N ILE SA 204 -51.76 -11.78 -86.98
CA ILE SA 204 -50.86 -10.68 -87.30
C ILE SA 204 -51.27 -10.02 -88.61
N TRP SA 205 -51.18 -8.69 -88.65
CA TRP SA 205 -51.33 -7.89 -89.85
C TRP SA 205 -50.08 -8.03 -90.73
N ALA SA 206 -50.28 -8.32 -92.00
CA ALA SA 206 -49.18 -8.34 -92.96
C ALA SA 206 -49.58 -7.60 -94.23
N PRO SA 207 -49.63 -6.27 -94.22
CA PRO SA 207 -50.13 -5.56 -95.41
C PRO SA 207 -49.25 -5.74 -96.61
N ALA SA 208 -47.94 -5.81 -96.39
CA ALA SA 208 -46.98 -5.92 -97.47
C ALA SA 208 -47.15 -7.22 -98.25
N ILE SA 209 -47.45 -8.31 -97.54
CA ILE SA 209 -47.56 -9.62 -98.19
C ILE SA 209 -48.90 -9.71 -98.90
N ASP SA 210 -49.03 -10.70 -99.77
CA ASP SA 210 -50.26 -10.95 -100.52
C ASP SA 210 -50.71 -12.37 -100.24
N GLY SA 211 -51.88 -12.52 -99.65
CA GLY SA 211 -52.40 -13.84 -99.33
C GLY SA 211 -52.51 -14.09 -97.84
N ALA SA 212 -51.96 -15.20 -97.38
CA ALA SA 212 -51.95 -15.52 -95.96
C ALA SA 212 -50.85 -16.54 -95.70
N PHE SA 213 -50.42 -16.63 -94.44
CA PHE SA 213 -49.33 -17.55 -94.08
C PHE SA 213 -49.62 -18.13 -92.71
N VAL SA 214 -49.47 -19.45 -92.58
CA VAL SA 214 -49.56 -20.11 -91.27
C VAL SA 214 -48.22 -20.74 -90.98
N LEU SA 215 -47.58 -20.33 -89.87
CA LEU SA 215 -46.22 -20.78 -89.62
C LEU SA 215 -45.99 -21.02 -88.13
N SER SA 216 -44.96 -21.81 -87.85
CA SER SA 216 -44.57 -22.11 -86.48
C SER SA 216 -43.60 -21.06 -85.96
N THR SA 217 -43.61 -20.87 -84.64
CA THR SA 217 -42.74 -19.91 -83.97
C THR SA 217 -41.91 -20.57 -82.87
N ARG SA 218 -41.64 -21.87 -83.02
CA ARG SA 218 -40.77 -22.55 -82.05
C ARG SA 218 -39.39 -21.90 -82.01
N GLY SA 219 -38.86 -21.53 -83.18
CA GLY SA 219 -37.55 -20.89 -83.26
C GLY SA 219 -36.55 -21.71 -84.05
N GLY SA 220 -35.58 -21.04 -84.64
CA GLY SA 220 -34.53 -21.72 -85.39
C GLY SA 220 -34.86 -22.01 -86.84
N ASP SA 221 -35.96 -21.49 -87.36
CA ASP SA 221 -36.36 -21.74 -88.74
C ASP SA 221 -36.23 -20.52 -89.65
N PHE SA 222 -36.33 -19.31 -89.11
CA PHE SA 222 -36.21 -18.09 -89.91
C PHE SA 222 -35.24 -17.16 -89.20
N ASP SA 223 -34.38 -16.50 -89.98
CA ASP SA 223 -33.36 -15.60 -89.42
C ASP SA 223 -33.31 -14.32 -90.25
N LEU SA 224 -33.59 -13.20 -89.62
CA LEU SA 224 -33.44 -11.88 -90.24
C LEU SA 224 -32.13 -11.29 -89.74
N GLN SA 225 -31.12 -11.26 -90.60
CA GLN SA 225 -29.80 -10.76 -90.25
C GLN SA 225 -29.74 -9.27 -90.58
N LEU SA 226 -29.36 -8.47 -89.58
CA LEU SA 226 -29.22 -7.02 -89.73
C LEU SA 226 -27.77 -6.63 -89.51
N GLY SA 227 -27.23 -5.81 -90.42
CA GLY SA 227 -25.93 -5.22 -90.20
C GLY SA 227 -26.08 -3.96 -89.38
N THR SA 228 -26.99 -3.09 -89.82
CA THR SA 228 -27.37 -1.89 -89.08
C THR SA 228 -28.88 -1.76 -89.11
N ASP SA 229 -29.47 -1.38 -87.97
CA ASP SA 229 -30.91 -1.25 -87.87
C ASP SA 229 -31.36 0.01 -88.62
N VAL SA 230 -32.65 0.32 -88.53
CA VAL SA 230 -33.20 1.46 -89.23
C VAL SA 230 -32.55 2.73 -88.70
N SER SA 231 -32.11 3.60 -89.61
CA SER SA 231 -31.47 4.86 -89.25
C SER SA 231 -31.96 5.95 -90.18
N ILE SA 232 -31.89 7.19 -89.72
CA ILE SA 232 -32.29 8.37 -90.50
C ILE SA 232 -31.07 9.24 -90.72
N GLY SA 233 -30.88 9.66 -91.97
CA GLY SA 233 -29.71 10.45 -92.34
C GLY SA 233 -30.05 11.72 -93.11
N TYR SA 234 -29.01 12.44 -93.52
CA TYR SA 234 -29.14 13.73 -94.19
C TYR SA 234 -28.31 13.73 -95.46
N LEU SA 235 -28.88 14.21 -96.56
CA LEU SA 235 -28.14 14.32 -97.83
C LEU SA 235 -27.78 15.76 -98.15
N SER SA 236 -28.78 16.64 -98.21
CA SER SA 236 -28.56 18.04 -98.57
C SER SA 236 -29.73 18.85 -98.05
N HIS SA 237 -29.68 20.17 -98.27
CA HIS SA 237 -30.72 21.05 -97.76
C HIS SA 237 -30.78 22.29 -98.63
N ASP SA 238 -31.85 23.05 -98.45
CA ASP SA 238 -32.14 24.23 -99.25
C ASP SA 238 -32.77 25.27 -98.32
N ALA SA 239 -33.06 26.45 -98.87
CA ALA SA 239 -33.68 27.50 -98.07
C ALA SA 239 -35.07 27.13 -97.60
N GLU SA 240 -35.69 26.09 -98.15
CA GLU SA 240 -37.05 25.72 -97.83
C GLU SA 240 -37.19 24.30 -97.31
N VAL SA 241 -36.34 23.36 -97.75
CA VAL SA 241 -36.53 21.95 -97.48
C VAL SA 241 -35.20 21.32 -97.07
N VAL SA 242 -35.30 20.13 -96.48
CA VAL SA 242 -34.15 19.29 -96.18
C VAL SA 242 -34.44 17.89 -96.71
N HIS SA 243 -33.44 17.27 -97.33
CA HIS SA 243 -33.58 15.93 -97.87
C HIS SA 243 -32.93 14.92 -96.93
N LEU SA 244 -33.71 13.94 -96.49
CA LEU SA 244 -33.28 12.91 -95.56
C LEU SA 244 -33.56 11.54 -96.17
N TYR SA 245 -33.07 10.49 -95.51
CA TYR SA 245 -33.31 9.14 -95.97
C TYR SA 245 -33.43 8.22 -94.77
N MET SA 246 -34.17 7.13 -94.94
CA MET SA 246 -34.23 6.05 -93.97
C MET SA 246 -33.53 4.84 -94.56
N GLU SA 247 -32.60 4.27 -93.79
CA GLU SA 247 -31.65 3.28 -94.29
C GLU SA 247 -31.64 2.07 -93.37
N GLU SA 248 -31.52 0.88 -93.98
CA GLU SA 248 -31.28 -0.34 -93.21
C GLU SA 248 -30.59 -1.38 -94.08
N THR SA 249 -29.65 -2.10 -93.48
CA THR SA 249 -28.89 -3.14 -94.18
C THR SA 249 -29.27 -4.50 -93.61
N MET SA 250 -29.76 -5.39 -94.48
CA MET SA 250 -30.38 -6.62 -94.01
C MET SA 250 -30.23 -7.75 -95.02
N THR SA 251 -30.56 -8.95 -94.55
CA THR SA 251 -30.80 -10.11 -95.39
C THR SA 251 -31.68 -11.08 -94.60
N PHE SA 252 -32.26 -12.03 -95.31
CA PHE SA 252 -33.18 -12.99 -94.71
C PHE SA 252 -32.80 -14.40 -95.12
N LEU SA 253 -32.89 -15.35 -94.18
CA LEU SA 253 -32.60 -16.75 -94.43
C LEU SA 253 -33.70 -17.62 -93.85
N CYS SA 254 -34.11 -18.63 -94.62
CA CYS SA 254 -35.03 -19.66 -94.15
C CYS SA 254 -34.28 -20.98 -94.12
N TYR SA 255 -34.35 -21.68 -93.00
CA TYR SA 255 -33.63 -22.94 -92.79
C TYR SA 255 -34.54 -24.15 -92.83
N THR SA 256 -35.75 -24.04 -92.29
CA THR SA 256 -36.72 -25.14 -92.26
C THR SA 256 -37.83 -24.85 -93.25
N ALA SA 257 -37.93 -25.68 -94.29
CA ALA SA 257 -38.92 -25.46 -95.33
C ALA SA 257 -40.29 -26.00 -94.93
N GLU SA 258 -40.38 -26.79 -93.87
CA GLU SA 258 -41.63 -27.43 -93.48
C GLU SA 258 -42.33 -26.74 -92.33
N ALA SA 259 -41.87 -25.57 -91.90
CA ALA SA 259 -42.44 -24.86 -90.77
C ALA SA 259 -43.45 -23.79 -91.17
N SER SA 260 -43.84 -23.73 -92.45
CA SER SA 260 -44.75 -22.71 -92.92
C SER SA 260 -45.64 -23.28 -94.02
N VAL SA 261 -46.80 -22.65 -94.19
CA VAL SA 261 -47.75 -22.97 -95.25
C VAL SA 261 -48.24 -21.65 -95.82
N ALA SA 262 -48.28 -21.57 -97.14
CA ALA SA 262 -48.64 -20.34 -97.83
C ALA SA 262 -50.00 -20.50 -98.49
N LEU SA 263 -50.81 -19.44 -98.44
CA LEU SA 263 -52.12 -19.41 -99.09
C LEU SA 263 -52.15 -18.23 -100.04
N THR SA 264 -52.42 -18.51 -101.31
CA THR SA 264 -52.36 -17.50 -102.35
C THR SA 264 -53.76 -16.96 -102.64
N PRO SA 265 -53.87 -15.66 -102.99
CA PRO SA 265 -55.18 -15.06 -103.25
C PRO SA 265 -55.96 -15.78 -104.36
N ASN TA 2 -61.35 -58.06 -32.87
CA ASN TA 2 -62.74 -57.61 -32.90
C ASN TA 2 -63.62 -58.66 -33.57
N ASN TA 3 -64.89 -58.30 -33.79
CA ASN TA 3 -65.85 -59.26 -34.34
C ASN TA 3 -65.61 -59.56 -35.81
N LEU TA 4 -64.75 -58.80 -36.48
CA LEU TA 4 -64.46 -59.08 -37.89
C LEU TA 4 -63.72 -60.41 -38.03
N TYR TA 5 -62.84 -60.73 -37.07
CA TYR TA 5 -62.06 -61.96 -37.12
C TYR TA 5 -61.18 -62.02 -38.36
N ARG TA 6 -60.53 -60.89 -38.67
CA ARG TA 6 -59.62 -60.85 -39.81
C ARG TA 6 -58.32 -61.59 -39.54
N ASP TA 7 -57.86 -61.62 -38.28
CA ASP TA 7 -56.61 -62.31 -37.97
C ASP TA 7 -56.67 -63.80 -38.29
N LEU TA 8 -57.87 -64.36 -38.41
CA LEU TA 8 -58.05 -65.77 -38.72
C LEU TA 8 -58.12 -66.06 -40.22
N ALA TA 9 -58.15 -65.03 -41.05
CA ALA TA 9 -58.29 -65.25 -42.48
C ALA TA 9 -56.93 -65.51 -43.13
N PRO TA 10 -56.86 -66.39 -44.13
CA PRO TA 10 -55.58 -66.64 -44.84
C PRO TA 10 -55.29 -65.59 -45.90
N ILE TA 11 -55.11 -64.34 -45.45
CA ILE TA 11 -54.89 -63.21 -46.35
C ILE TA 11 -53.76 -62.37 -45.78
N THR TA 12 -52.87 -61.89 -46.65
CA THR TA 12 -51.73 -61.09 -46.24
C THR TA 12 -52.12 -59.61 -46.11
N GLU TA 13 -51.22 -58.84 -45.52
CA GLU TA 13 -51.47 -57.42 -45.31
C GLU TA 13 -51.61 -56.70 -46.65
N SER TA 14 -50.77 -57.05 -47.62
CA SER TA 14 -50.84 -56.38 -48.92
C SER TA 14 -52.17 -56.65 -49.61
N ALA TA 15 -52.63 -57.91 -49.59
CA ALA TA 15 -53.91 -58.23 -50.22
C ALA TA 15 -55.06 -57.57 -49.47
N TRP TA 16 -54.98 -57.51 -48.14
CA TRP TA 16 -55.98 -56.79 -47.37
C TRP TA 16 -56.04 -55.33 -47.81
N ALA TA 17 -54.88 -54.69 -47.96
CA ALA TA 17 -54.84 -53.30 -48.39
C ALA TA 17 -55.44 -53.13 -49.78
N GLU TA 18 -55.10 -54.03 -50.69
CA GLU TA 18 -55.66 -53.94 -52.04
C GLU TA 18 -57.17 -54.06 -52.02
N ILE TA 19 -57.71 -55.02 -51.26
CA ILE TA 19 -59.15 -55.21 -51.21
C ILE TA 19 -59.82 -53.99 -50.59
N GLU TA 20 -59.27 -53.46 -49.51
CA GLU TA 20 -59.85 -52.29 -48.87
C GLU TA 20 -59.85 -51.10 -49.83
N LEU TA 21 -58.74 -50.87 -50.52
CA LEU TA 21 -58.66 -49.76 -51.47
C LEU TA 21 -59.68 -49.91 -52.58
N GLU TA 22 -59.78 -51.12 -53.14
CA GLU TA 22 -60.71 -51.33 -54.25
C GLU TA 22 -62.15 -51.13 -53.82
N ALA TA 23 -62.52 -51.62 -52.63
CA ALA TA 23 -63.88 -51.45 -52.15
C ALA TA 23 -64.18 -49.98 -51.85
N THR TA 24 -63.24 -49.28 -51.20
CA THR TA 24 -63.45 -47.88 -50.88
C THR TA 24 -63.65 -47.05 -52.14
N ARG TA 25 -62.81 -47.27 -53.16
CA ARG TA 25 -62.91 -46.50 -54.38
C ARG TA 25 -64.28 -46.68 -55.03
N THR TA 26 -64.72 -47.94 -55.16
CA THR TA 26 -65.99 -48.20 -55.83
C THR TA 26 -67.17 -47.66 -55.05
N PHE TA 27 -67.15 -47.82 -53.72
CA PHE TA 27 -68.25 -47.30 -52.92
C PHE TA 27 -68.32 -45.77 -53.00
N LYS TA 28 -67.17 -45.10 -52.89
CA LYS TA 28 -67.15 -43.65 -52.99
C LYS TA 28 -67.58 -43.19 -54.38
N ARG TA 29 -67.34 -44.02 -55.40
CA ARG TA 29 -67.85 -43.70 -56.73
C ARG TA 29 -69.36 -43.79 -56.78
N HIS TA 30 -69.93 -44.88 -56.27
CA HIS TA 30 -71.33 -45.19 -56.49
C HIS TA 30 -72.26 -44.57 -55.45
N ILE TA 31 -71.72 -43.91 -54.42
CA ILE TA 31 -72.53 -43.34 -53.35
C ILE TA 31 -72.81 -41.88 -53.65
N ALA TA 32 -74.03 -41.44 -53.35
CA ALA TA 32 -74.47 -40.08 -53.63
C ALA TA 32 -75.08 -39.35 -52.44
N GLY TA 33 -75.84 -40.04 -51.60
CA GLY TA 33 -76.53 -39.34 -50.51
C GLY TA 33 -75.57 -38.70 -49.53
N ARG TA 34 -74.42 -39.33 -49.30
CA ARG TA 34 -73.42 -38.80 -48.36
C ARG TA 34 -72.91 -37.44 -48.78
N ARG TA 35 -73.07 -37.05 -50.04
CA ARG TA 35 -72.63 -35.76 -50.54
C ARG TA 35 -73.65 -34.66 -50.34
N VAL TA 36 -74.88 -34.99 -49.97
CA VAL TA 36 -75.93 -33.99 -49.83
C VAL TA 36 -76.68 -34.13 -48.50
N VAL TA 37 -76.24 -35.05 -47.64
CA VAL TA 37 -76.88 -35.25 -46.35
C VAL TA 37 -75.82 -35.16 -45.25
N ASP TA 38 -76.19 -34.52 -44.15
CA ASP TA 38 -75.33 -34.49 -42.97
C ASP TA 38 -75.13 -35.90 -42.44
N VAL TA 39 -73.90 -36.20 -42.01
CA VAL TA 39 -73.54 -37.52 -41.53
C VAL TA 39 -73.12 -37.41 -40.07
N SER TA 40 -73.79 -38.15 -39.21
CA SER TA 40 -73.40 -38.25 -37.80
C SER TA 40 -72.40 -39.39 -37.68
N GLY TA 41 -71.14 -39.05 -37.40
CA GLY TA 41 -70.06 -40.01 -37.41
C GLY TA 41 -70.37 -41.23 -36.56
N PRO TA 42 -69.59 -42.30 -36.76
CA PRO TA 42 -69.85 -43.53 -36.00
C PRO TA 42 -69.83 -43.27 -34.50
N ASN TA 43 -70.87 -43.75 -33.82
CA ASN TA 43 -70.99 -43.62 -32.37
C ASN TA 43 -70.59 -44.88 -31.64
N GLY TA 44 -70.16 -45.93 -32.34
CA GLY TA 44 -69.67 -47.13 -31.72
C GLY TA 44 -70.62 -48.30 -31.88
N PRO TA 45 -70.11 -49.52 -31.70
CA PRO TA 45 -70.97 -50.70 -31.81
C PRO TA 45 -72.07 -50.76 -30.76
N THR TA 46 -71.91 -50.05 -29.65
CA THR TA 46 -72.92 -50.03 -28.61
C THR TA 46 -74.17 -49.25 -28.99
N THR TA 47 -74.10 -48.43 -30.05
CA THR TA 47 -75.23 -47.62 -30.46
C THR TA 47 -76.26 -48.48 -31.18
N ALA TA 48 -77.52 -48.36 -30.77
CA ALA TA 48 -78.60 -49.17 -31.32
C ALA TA 48 -79.80 -48.38 -31.80
N SER TA 49 -79.99 -47.14 -31.34
CA SER TA 49 -81.17 -46.37 -31.71
C SER TA 49 -80.85 -44.89 -31.59
N VAL TA 50 -81.70 -44.08 -32.21
CA VAL TA 50 -81.58 -42.63 -32.19
C VAL TA 50 -82.86 -42.04 -31.61
N SER TA 51 -82.73 -41.28 -30.53
CA SER TA 51 -83.88 -40.67 -29.89
C SER TA 51 -84.47 -39.60 -30.80
N THR TA 52 -85.80 -39.47 -30.79
CA THR TA 52 -86.46 -38.41 -31.53
C THR TA 52 -86.96 -37.28 -30.63
N GLY TA 53 -86.95 -37.48 -29.31
CA GLY TA 53 -87.44 -36.47 -28.40
C GLY TA 53 -88.94 -36.40 -28.27
N HIS TA 54 -89.67 -37.27 -28.96
CA HIS TA 54 -91.12 -37.32 -28.89
C HIS TA 54 -91.57 -38.32 -27.83
N LEU TA 55 -92.85 -38.24 -27.48
CA LEU TA 55 -93.45 -39.10 -26.47
C LEU TA 55 -94.65 -39.83 -27.07
N LEU TA 56 -94.91 -41.04 -26.58
CA LEU TA 56 -96.03 -41.85 -27.02
C LEU TA 56 -96.88 -42.22 -25.82
N ASP TA 57 -98.20 -42.16 -26.00
CA ASP TA 57 -99.12 -42.47 -24.91
C ASP TA 57 -99.12 -43.97 -24.62
N VAL TA 58 -99.30 -44.33 -23.35
CA VAL TA 58 -99.25 -45.71 -22.90
C VAL TA 58 -100.12 -45.87 -21.66
N SER TA 59 -100.64 -47.06 -21.47
CA SER TA 59 -101.51 -47.34 -20.35
C SER TA 59 -100.75 -47.14 -19.03
N PRO TA 60 -101.34 -46.47 -18.03
CA PRO TA 60 -100.61 -46.20 -16.81
C PRO TA 60 -100.45 -47.45 -15.96
N PRO TA 61 -99.41 -47.52 -15.12
CA PRO TA 61 -99.35 -48.62 -14.16
C PRO TA 61 -100.52 -48.63 -13.18
N GLY TA 62 -101.02 -47.48 -12.80
CA GLY TA 62 -102.06 -47.42 -11.80
C GLY TA 62 -102.73 -46.06 -11.77
N ASP TA 63 -103.54 -45.86 -10.73
CA ASP TA 63 -104.33 -44.65 -10.61
C ASP TA 63 -103.44 -43.45 -10.26
N GLY TA 64 -103.80 -42.29 -10.79
CA GLY TA 64 -103.08 -41.07 -10.50
C GLY TA 64 -101.72 -40.98 -11.14
N VAL TA 65 -101.44 -41.79 -12.14
CA VAL TA 65 -100.13 -41.83 -12.79
C VAL TA 65 -100.32 -41.64 -14.28
N ILE TA 66 -99.51 -40.76 -14.86
CA ILE TA 66 -99.51 -40.50 -16.30
C ILE TA 66 -98.21 -41.07 -16.87
N ALA TA 67 -98.35 -41.91 -17.88
CA ALA TA 67 -97.22 -42.65 -18.45
C ALA TA 67 -97.05 -42.31 -19.92
N HIS TA 68 -95.79 -42.13 -20.34
CA HIS TA 68 -95.45 -41.87 -21.73
C HIS TA 68 -94.17 -42.62 -22.07
N LEU TA 69 -94.08 -43.08 -23.31
CA LEU TA 69 -92.91 -43.80 -23.80
C LEU TA 69 -92.07 -42.90 -24.70
N ARG TA 70 -90.76 -42.94 -24.49
CA ARG TA 70 -89.84 -42.20 -25.33
C ARG TA 70 -89.71 -42.88 -26.69
N ASP TA 71 -89.58 -42.07 -27.74
CA ASP TA 71 -89.60 -42.57 -29.11
C ASP TA 71 -88.20 -42.58 -29.70
N ALA TA 72 -87.84 -43.72 -30.30
CA ALA TA 72 -86.52 -43.89 -30.87
C ALA TA 72 -86.63 -44.62 -32.20
N LYS TA 73 -85.66 -44.37 -33.06
CA LYS TA 73 -85.56 -45.00 -34.37
C LYS TA 73 -84.46 -46.05 -34.31
N PRO TA 74 -84.76 -47.33 -34.57
CA PRO TA 74 -83.72 -48.36 -34.51
C PRO TA 74 -82.77 -48.27 -35.70
N LEU TA 75 -81.58 -48.81 -35.49
CA LEU TA 75 -80.56 -48.90 -36.53
C LEU TA 75 -80.61 -50.29 -37.17
N VAL TA 76 -80.33 -50.33 -38.48
CA VAL TA 76 -80.39 -51.57 -39.24
C VAL TA 76 -78.99 -51.87 -39.76
N ARG TA 77 -78.60 -53.14 -39.69
CA ARG TA 77 -77.30 -53.61 -40.14
C ARG TA 77 -77.46 -54.29 -41.50
N LEU TA 78 -76.68 -53.82 -42.48
CA LEU TA 78 -76.69 -54.37 -43.82
C LEU TA 78 -75.37 -55.12 -44.03
N ARG TA 79 -75.47 -56.37 -44.44
CA ARG TA 79 -74.33 -57.24 -44.68
C ARG TA 79 -74.43 -57.85 -46.07
N VAL TA 80 -73.40 -57.68 -46.87
CA VAL TA 80 -73.36 -58.22 -48.23
C VAL TA 80 -72.19 -59.19 -48.32
N PRO TA 81 -72.42 -60.49 -48.53
CA PRO TA 81 -71.31 -61.45 -48.61
C PRO TA 81 -70.77 -61.58 -50.02
N PHE TA 82 -69.50 -61.96 -50.09
CA PHE TA 82 -68.83 -62.22 -51.36
C PHE TA 82 -67.70 -63.21 -51.13
N THR TA 83 -67.16 -63.74 -52.22
CA THR TA 83 -66.16 -64.79 -52.20
C THR TA 83 -64.93 -64.36 -52.99
N VAL TA 84 -63.75 -64.72 -52.49
CA VAL TA 84 -62.49 -64.35 -53.12
C VAL TA 84 -61.63 -65.60 -53.28
N ALA TA 85 -60.75 -65.56 -54.27
CA ALA TA 85 -59.91 -66.71 -54.62
C ALA TA 85 -58.54 -66.61 -53.96
N ARG TA 86 -58.15 -67.71 -53.30
CA ARG TA 86 -56.86 -67.77 -52.63
C ARG TA 86 -55.70 -67.66 -53.60
N ARG TA 87 -55.86 -68.05 -54.85
CA ARG TA 87 -54.81 -67.87 -55.84
C ARG TA 87 -54.55 -66.39 -56.13
N ASP TA 88 -55.62 -65.61 -56.34
CA ASP TA 88 -55.46 -64.17 -56.50
C ASP TA 88 -54.90 -63.54 -55.24
N ILE TA 89 -55.30 -64.04 -54.07
CA ILE TA 89 -54.72 -63.53 -52.82
C ILE TA 89 -53.22 -63.78 -52.78
N ASP TA 90 -52.80 -65.00 -53.12
CA ASP TA 90 -51.40 -65.38 -52.97
C ASP TA 90 -50.53 -64.66 -54.00
N ASP TA 91 -51.07 -64.41 -55.20
CA ASP TA 91 -50.25 -63.79 -56.24
C ASP TA 91 -49.75 -62.41 -55.85
N VAL TA 92 -50.41 -61.74 -54.91
CA VAL TA 92 -50.04 -60.37 -54.56
C VAL TA 92 -48.62 -60.32 -54.00
N GLU TA 93 -48.30 -61.24 -53.08
CA GLU TA 93 -46.97 -61.23 -52.48
C GLU TA 93 -45.88 -61.55 -53.49
N ARG TA 94 -46.25 -62.08 -54.66
CA ARG TA 94 -45.32 -62.30 -55.76
C ARG TA 94 -45.18 -61.08 -56.66
N GLY TA 95 -45.56 -59.90 -56.18
CA GLY TA 95 -45.51 -58.71 -56.99
C GLY TA 95 -46.49 -58.70 -58.14
N SER TA 96 -47.62 -59.37 -58.00
CA SER TA 96 -48.67 -59.33 -59.00
C SER TA 96 -49.61 -58.16 -58.69
N GLN TA 97 -49.97 -57.42 -59.74
CA GLN TA 97 -50.87 -56.28 -59.61
C GLN TA 97 -51.92 -56.25 -60.72
N ASP TA 98 -52.42 -57.41 -61.14
CA ASP TA 98 -53.60 -57.50 -61.98
C ASP TA 98 -54.64 -58.44 -61.38
N SER TA 99 -54.63 -58.62 -60.06
CA SER TA 99 -55.52 -59.58 -59.41
C SER TA 99 -56.98 -59.17 -59.56
N ASP TA 100 -57.86 -60.18 -59.58
CA ASP TA 100 -59.28 -59.96 -59.81
C ASP TA 100 -59.96 -59.63 -58.48
N TRP TA 101 -60.62 -58.48 -58.42
CA TRP TA 101 -61.38 -58.03 -57.27
C TRP TA 101 -62.81 -57.67 -57.66
N ASP TA 102 -63.29 -58.28 -58.74
CA ASP TA 102 -64.64 -58.01 -59.23
C ASP TA 102 -65.72 -58.32 -58.20
N PRO TA 103 -65.66 -59.44 -57.47
CA PRO TA 103 -66.66 -59.64 -56.41
C PRO TA 103 -66.64 -58.54 -55.37
N VAL TA 104 -65.45 -58.05 -55.01
CA VAL TA 104 -65.37 -56.93 -54.08
C VAL TA 104 -66.09 -55.72 -54.64
N LYS TA 105 -65.83 -55.39 -55.91
CA LYS TA 105 -66.46 -54.22 -56.52
C LYS TA 105 -67.98 -54.40 -56.56
N ASP TA 106 -68.45 -55.60 -56.92
CA ASP TA 106 -69.89 -55.85 -56.98
C ASP TA 106 -70.54 -55.70 -55.62
N ALA TA 107 -69.91 -56.25 -54.57
CA ALA TA 107 -70.47 -56.11 -53.24
C ALA TA 107 -70.53 -54.65 -52.80
N ALA TA 108 -69.46 -53.90 -53.09
CA ALA TA 108 -69.48 -52.48 -52.75
C ALA TA 108 -70.60 -51.75 -53.49
N LYS TA 109 -70.78 -52.06 -54.77
CA LYS TA 109 -71.87 -51.45 -55.53
C LYS TA 109 -73.22 -51.78 -54.90
N LYS TA 110 -73.41 -53.05 -54.53
CA LYS TA 110 -74.67 -53.47 -53.93
C LYS TA 110 -74.95 -52.73 -52.64
N LEU TA 111 -73.93 -52.61 -51.78
CA LEU TA 111 -74.12 -51.91 -50.51
C LEU TA 111 -74.43 -50.44 -50.73
N ALA TA 112 -73.71 -49.79 -51.65
CA ALA TA 112 -73.99 -48.39 -51.94
C ALA TA 112 -75.41 -48.22 -52.47
N PHE TA 113 -75.86 -49.14 -53.33
CA PHE TA 113 -77.19 -49.02 -53.90
C PHE TA 113 -78.26 -49.17 -52.83
N VAL TA 114 -78.10 -50.15 -51.93
CA VAL TA 114 -79.10 -50.32 -50.88
C VAL TA 114 -79.12 -49.10 -49.97
N GLU TA 115 -77.95 -48.55 -49.63
CA GLU TA 115 -77.92 -47.37 -48.77
C GLU TA 115 -78.62 -46.20 -49.43
N ASP TA 116 -78.29 -45.93 -50.69
CA ASP TA 116 -78.88 -44.79 -51.37
C ASP TA 116 -80.38 -44.97 -51.58
N ARG TA 117 -80.81 -46.20 -51.88
CA ARG TA 117 -82.23 -46.47 -52.05
C ARG TA 117 -83.00 -46.35 -50.75
N ALA TA 118 -82.42 -46.74 -49.62
CA ALA TA 118 -83.05 -46.49 -48.34
C ALA TA 118 -83.14 -45.00 -48.05
N ILE TA 119 -82.09 -44.24 -48.39
CA ILE TA 119 -82.11 -42.80 -48.13
C ILE TA 119 -83.20 -42.12 -48.96
N PHE TA 120 -83.29 -42.46 -50.25
CA PHE TA 120 -84.10 -41.69 -51.19
C PHE TA 120 -85.47 -42.28 -51.46
N GLU TA 121 -85.73 -43.52 -51.06
CA GLU TA 121 -86.99 -44.20 -51.39
C GLU TA 121 -87.66 -44.83 -50.18
N GLY TA 122 -86.91 -45.24 -49.17
CA GLY TA 122 -87.48 -45.77 -47.95
C GLY TA 122 -87.27 -47.27 -47.83
N TYR TA 123 -87.04 -47.71 -46.60
CA TYR TA 123 -86.92 -49.12 -46.25
C TYR TA 123 -87.87 -49.33 -45.07
N ALA TA 124 -89.10 -49.74 -45.37
CA ALA TA 124 -90.17 -49.68 -44.38
C ALA TA 124 -89.88 -50.56 -43.18
N ALA TA 125 -89.42 -51.79 -43.41
CA ALA TA 125 -89.20 -52.71 -42.30
C ALA TA 125 -88.24 -52.16 -41.27
N ALA TA 126 -87.32 -51.28 -41.69
CA ALA TA 126 -86.42 -50.59 -40.80
C ALA TA 126 -87.01 -49.27 -40.30
N SER TA 127 -88.29 -49.01 -40.55
CA SER TA 127 -88.96 -47.79 -40.15
C SER TA 127 -88.31 -46.55 -40.78
N ILE TA 128 -87.72 -46.73 -41.95
CA ILE TA 128 -87.04 -45.65 -42.66
C ILE TA 128 -88.01 -45.09 -43.70
N GLU TA 129 -88.46 -43.86 -43.49
CA GLU TA 129 -89.27 -43.15 -44.48
C GLU TA 129 -88.34 -42.31 -45.35
N GLY TA 130 -88.41 -42.51 -46.66
CA GLY TA 130 -87.50 -41.87 -47.58
C GLY TA 130 -87.84 -40.41 -47.83
N ILE TA 131 -86.90 -39.74 -48.49
CA ILE TA 131 -87.11 -38.34 -48.87
C ILE TA 131 -88.31 -38.19 -49.79
N ARG TA 132 -88.51 -39.12 -50.72
CA ARG TA 132 -89.63 -39.04 -51.64
C ARG TA 132 -90.97 -39.00 -50.90
N SER TA 133 -91.17 -39.91 -49.95
CA SER TA 133 -92.42 -39.93 -49.20
C SER TA 133 -92.52 -38.76 -48.23
N SER TA 134 -91.42 -38.46 -47.52
CA SER TA 134 -91.46 -37.40 -46.52
C SER TA 134 -91.58 -36.01 -47.14
N SER TA 135 -91.32 -35.88 -48.43
CA SER TA 135 -91.40 -34.57 -49.08
C SER TA 135 -92.84 -34.07 -49.08
N SER TA 136 -93.00 -32.78 -48.76
CA SER TA 136 -94.31 -32.15 -48.75
C SER TA 136 -94.61 -31.40 -50.05
N ASN TA 137 -93.59 -30.88 -50.72
CA ASN TA 137 -93.82 -30.18 -51.97
C ASN TA 137 -94.34 -31.16 -53.02
N PRO TA 138 -95.20 -30.72 -53.94
CA PRO TA 138 -95.78 -31.64 -54.91
C PRO TA 138 -94.71 -32.26 -55.80
N ALA TA 139 -94.91 -33.53 -56.15
CA ALA TA 139 -93.99 -34.25 -57.01
C ALA TA 139 -94.26 -33.92 -58.47
N LEU TA 140 -93.21 -33.99 -59.28
CA LEU TA 140 -93.31 -33.72 -60.72
C LEU TA 140 -93.01 -34.99 -61.51
N ALA TA 141 -93.22 -34.89 -62.82
CA ALA TA 141 -92.98 -36.00 -63.74
C ALA TA 141 -91.85 -35.64 -64.69
N LEU TA 142 -90.90 -36.56 -64.82
CA LEU TA 142 -89.75 -36.35 -65.70
C LEU TA 142 -90.18 -36.60 -67.14
N PRO TA 143 -90.09 -35.62 -68.04
CA PRO TA 143 -90.53 -35.86 -69.41
C PRO TA 143 -89.74 -36.96 -70.09
N ASP TA 144 -90.42 -37.68 -70.98
CA ASP TA 144 -89.75 -38.74 -71.73
C ASP TA 144 -88.61 -38.17 -72.56
N ASP TA 145 -88.83 -37.02 -73.19
CA ASP TA 145 -87.78 -36.36 -73.95
C ASP TA 145 -86.79 -35.69 -73.00
N ALA TA 146 -85.56 -35.53 -73.47
CA ALA TA 146 -84.51 -34.92 -72.66
C ALA TA 146 -84.48 -33.40 -72.77
N ARG TA 147 -85.23 -32.82 -73.70
CA ARG TA 147 -85.13 -31.37 -73.94
C ARG TA 147 -85.95 -30.57 -72.95
N GLU TA 148 -86.96 -31.17 -72.33
CA GLU TA 148 -87.88 -30.47 -71.44
C GLU TA 148 -87.49 -30.62 -69.97
N ILE TA 149 -86.45 -31.40 -69.66
CA ILE TA 149 -86.07 -31.62 -68.26
C ILE TA 149 -85.71 -30.31 -67.58
N PRO TA 150 -84.94 -29.40 -68.19
CA PRO TA 150 -84.60 -28.16 -67.48
C PRO TA 150 -85.82 -27.34 -67.06
N ASP TA 151 -86.89 -27.35 -67.85
CA ASP TA 151 -88.10 -26.64 -67.47
C ASP TA 151 -88.68 -27.22 -66.18
N VAL TA 152 -88.71 -28.55 -66.07
CA VAL TA 152 -89.24 -29.18 -64.87
C VAL TA 152 -88.35 -28.89 -63.67
N ILE TA 153 -87.04 -28.86 -63.89
CA ILE TA 153 -86.12 -28.52 -62.80
C ILE TA 153 -86.35 -27.08 -62.35
N ALA TA 154 -86.58 -26.16 -63.29
CA ALA TA 154 -86.88 -24.79 -62.92
C ALA TA 154 -88.19 -24.71 -62.13
N GLN TA 155 -89.18 -25.50 -62.53
CA GLN TA 155 -90.43 -25.55 -61.77
C GLN TA 155 -90.19 -26.04 -60.35
N ALA TA 156 -89.38 -27.09 -60.18
CA ALA TA 156 -89.09 -27.61 -58.85
C ALA TA 156 -88.35 -26.59 -58.00
N LEU TA 157 -87.38 -25.90 -58.60
CA LEU TA 157 -86.72 -24.82 -57.87
C LEU TA 157 -87.73 -23.75 -57.47
N SER TA 158 -88.65 -23.41 -58.37
CA SER TA 158 -89.70 -22.45 -58.03
C SER TA 158 -90.52 -22.95 -56.85
N GLU TA 159 -90.81 -24.24 -56.79
CA GLU TA 159 -91.61 -24.76 -55.67
C GLU TA 159 -90.86 -24.66 -54.35
N LEU TA 160 -89.66 -25.22 -54.28
CA LEU TA 160 -88.83 -25.08 -53.07
C LEU TA 160 -88.73 -23.62 -52.65
N ARG TA 161 -88.41 -22.78 -53.62
CA ARG TA 161 -88.00 -21.41 -53.41
C ARG TA 161 -89.20 -20.50 -53.17
N LEU TA 162 -90.38 -20.97 -53.54
CA LEU TA 162 -91.62 -20.45 -52.98
C LEU TA 162 -91.77 -20.85 -51.53
N ALA TA 163 -91.56 -22.14 -51.23
CA ALA TA 163 -91.80 -22.65 -49.88
C ALA TA 163 -90.91 -21.96 -48.87
N GLY TA 164 -89.80 -21.38 -49.29
CA GLY TA 164 -89.01 -20.55 -48.42
C GLY TA 164 -87.68 -21.13 -47.98
N VAL TA 165 -87.20 -22.17 -48.64
CA VAL TA 165 -85.94 -22.79 -48.29
C VAL TA 165 -84.81 -22.08 -49.03
N ASP TA 166 -83.65 -22.00 -48.37
CA ASP TA 166 -82.49 -21.32 -48.92
C ASP TA 166 -81.27 -22.24 -48.94
N GLY TA 167 -80.11 -21.68 -49.27
CA GLY TA 167 -78.88 -22.44 -49.35
C GLY TA 167 -78.68 -23.03 -50.73
N PRO TA 168 -77.47 -23.51 -51.00
CA PRO TA 168 -77.18 -24.07 -52.33
C PRO TA 168 -78.14 -25.19 -52.67
N TYR TA 169 -78.57 -25.23 -53.92
CA TYR TA 169 -79.47 -26.26 -54.41
C TYR TA 169 -78.69 -27.26 -55.27
N SER TA 170 -79.15 -28.50 -55.26
CA SER TA 170 -78.44 -29.59 -55.92
C SER TA 170 -79.43 -30.53 -56.59
N VAL TA 171 -79.01 -31.09 -57.71
CA VAL TA 171 -79.83 -31.99 -58.51
C VAL TA 171 -79.14 -33.35 -58.53
N LEU TA 172 -79.86 -34.38 -58.06
CA LEU TA 172 -79.39 -35.75 -58.12
C LEU TA 172 -80.19 -36.46 -59.22
N LEU TA 173 -79.48 -37.00 -60.20
CA LEU TA 173 -80.12 -37.61 -61.35
C LEU TA 173 -79.86 -39.12 -61.38
N SER TA 174 -80.83 -39.85 -61.92
CA SER TA 174 -80.75 -41.30 -62.00
C SER TA 174 -79.70 -41.69 -63.04
N ALA TA 175 -79.37 -42.97 -63.11
CA ALA TA 175 -78.46 -43.44 -64.14
C ALA TA 175 -79.05 -43.25 -65.53
N GLU TA 176 -80.32 -43.64 -65.71
CA GLU TA 176 -80.94 -43.56 -67.02
C GLU TA 176 -81.14 -42.11 -67.44
N THR TA 177 -81.51 -41.24 -66.50
CA THR TA 177 -81.69 -39.83 -66.82
C THR TA 177 -80.37 -39.13 -67.08
N TYR TA 178 -79.34 -39.44 -66.30
CA TYR TA 178 -78.02 -38.84 -66.51
C TYR TA 178 -77.43 -39.27 -67.85
N THR TA 179 -77.56 -40.56 -68.20
CA THR TA 179 -77.14 -41.00 -69.52
C THR TA 179 -77.86 -40.22 -70.61
N LYS TA 180 -79.17 -40.00 -70.44
CA LYS TA 180 -79.94 -39.28 -71.43
C LYS TA 180 -79.45 -37.84 -71.59
N VAL TA 181 -79.34 -37.12 -70.48
CA VAL TA 181 -78.93 -35.71 -70.57
C VAL TA 181 -77.49 -35.60 -71.04
N SER TA 182 -76.66 -36.61 -70.79
CA SER TA 182 -75.28 -36.56 -71.24
C SER TA 182 -75.17 -36.82 -72.74
N GLU TA 183 -75.77 -37.91 -73.23
CA GLU TA 183 -75.70 -38.23 -74.65
C GLU TA 183 -76.39 -37.15 -75.48
N THR TA 184 -77.56 -36.70 -75.03
CA THR TA 184 -78.29 -35.68 -75.76
C THR TA 184 -77.54 -34.35 -75.71
N THR TA 185 -77.63 -33.59 -76.80
CA THR TA 185 -76.89 -32.35 -76.95
C THR TA 185 -77.79 -31.29 -77.59
N ALA TA 186 -77.43 -30.03 -77.37
CA ALA TA 186 -78.17 -28.92 -77.95
C ALA TA 186 -77.24 -27.72 -78.09
N HIS TA 187 -77.21 -27.12 -79.28
CA HIS TA 187 -76.38 -25.94 -79.55
C HIS TA 187 -74.92 -26.19 -79.20
N GLY TA 188 -74.49 -27.45 -79.32
CA GLY TA 188 -73.12 -27.79 -79.03
C GLY TA 188 -72.79 -27.94 -77.56
N TYR TA 189 -73.78 -28.06 -76.69
CA TYR TA 189 -73.57 -28.39 -75.29
C TYR TA 189 -74.55 -29.48 -74.84
N PRO TA 190 -74.14 -30.36 -73.94
CA PRO TA 190 -75.07 -31.36 -73.42
C PRO TA 190 -76.21 -30.75 -72.62
N ILE TA 191 -77.33 -31.48 -72.63
CA ILE TA 191 -78.47 -31.09 -71.83
C ILE TA 191 -78.10 -31.09 -70.36
N ARG TA 192 -77.10 -31.89 -69.97
CA ARG TA 192 -76.62 -31.85 -68.59
C ARG TA 192 -76.00 -30.50 -68.25
N GLU TA 193 -75.19 -29.94 -69.15
CA GLU TA 193 -74.66 -28.60 -68.91
C GLU TA 193 -75.80 -27.59 -68.90
N HIS TA 194 -76.77 -27.75 -69.80
CA HIS TA 194 -77.97 -26.92 -69.73
C HIS TA 194 -78.58 -26.92 -68.34
N ILE TA 195 -78.72 -28.11 -67.75
CA ILE TA 195 -79.26 -28.22 -66.39
C ILE TA 195 -78.34 -27.52 -65.39
N ASN TA 196 -77.04 -27.80 -65.47
CA ASN TA 196 -76.09 -27.25 -64.51
C ASN TA 196 -76.15 -25.73 -64.48
N ARG TA 197 -76.43 -25.10 -65.62
CA ARG TA 197 -76.44 -23.65 -65.68
C ARG TA 197 -77.37 -23.02 -64.67
N LEU TA 198 -78.43 -23.72 -64.26
CA LEU TA 198 -79.46 -23.13 -63.40
C LEU TA 198 -79.06 -23.12 -61.93
N VAL TA 199 -78.59 -24.24 -61.41
CA VAL TA 199 -78.38 -24.39 -59.98
C VAL TA 199 -77.06 -23.73 -59.57
N ASP TA 200 -76.94 -23.50 -58.27
CA ASP TA 200 -75.72 -22.96 -57.67
C ASP TA 200 -74.80 -24.05 -57.14
N GLY TA 201 -75.33 -25.24 -56.86
CA GLY TA 201 -74.54 -26.31 -56.30
C GLY TA 201 -73.90 -27.21 -57.34
N GLU TA 202 -74.22 -28.50 -57.29
CA GLU TA 202 -73.58 -29.48 -58.16
C GLU TA 202 -74.64 -30.41 -58.75
N ILE TA 203 -74.25 -31.09 -59.83
CA ILE TA 203 -75.03 -32.16 -60.42
C ILE TA 203 -74.43 -33.49 -59.95
N ILE TA 204 -75.27 -34.39 -59.45
CA ILE TA 204 -74.80 -35.62 -58.80
C ILE TA 204 -75.41 -36.84 -59.48
N TRP TA 205 -74.59 -37.89 -59.62
CA TRP TA 205 -75.01 -39.22 -60.05
C TRP TA 205 -75.76 -39.92 -58.92
N ALA TA 206 -76.94 -40.44 -59.22
CA ALA TA 206 -77.67 -41.26 -58.26
C ALA TA 206 -78.20 -42.52 -58.94
N PRO TA 207 -77.33 -43.51 -59.21
CA PRO TA 207 -77.81 -44.69 -59.97
C PRO TA 207 -78.84 -45.48 -59.22
N ALA TA 208 -78.71 -45.57 -57.90
CA ALA TA 208 -79.61 -46.35 -57.08
C ALA TA 208 -81.02 -45.82 -57.13
N ILE TA 209 -81.18 -44.49 -57.15
CA ILE TA 209 -82.51 -43.89 -57.11
C ILE TA 209 -83.12 -43.98 -58.50
N ASP TA 210 -84.43 -43.75 -58.57
CA ASP TA 210 -85.18 -43.78 -59.82
C ASP TA 210 -85.88 -42.43 -59.98
N GLY TA 211 -85.53 -41.69 -61.03
CA GLY TA 211 -86.13 -40.40 -61.28
C GLY TA 211 -85.13 -39.27 -61.15
N ALA TA 212 -85.48 -38.25 -60.38
CA ALA TA 212 -84.58 -37.12 -60.13
C ALA TA 212 -85.02 -36.43 -58.84
N PHE TA 213 -84.09 -35.66 -58.26
CA PHE TA 213 -84.38 -34.98 -57.00
C PHE TA 213 -83.69 -33.63 -57.01
N VAL TA 214 -84.43 -32.58 -56.62
CA VAL TA 214 -83.84 -31.25 -56.44
C VAL TA 214 -83.99 -30.88 -54.97
N LEU TA 215 -82.89 -30.63 -54.29
CA LEU TA 215 -82.95 -30.42 -52.84
C LEU TA 215 -81.96 -29.37 -52.39
N SER TA 216 -82.23 -28.81 -51.22
CA SER TA 216 -81.35 -27.81 -50.63
C SER TA 216 -80.27 -28.49 -49.79
N THR TA 217 -79.14 -27.80 -49.66
CA THR TA 217 -78.00 -28.29 -48.89
C THR TA 217 -77.56 -27.29 -47.82
N ARG TA 218 -78.50 -26.46 -47.36
CA ARG TA 218 -78.17 -25.52 -46.28
C ARG TA 218 -77.71 -26.28 -45.04
N GLY TA 219 -78.37 -27.40 -44.72
CA GLY TA 219 -78.01 -28.19 -43.57
C GLY TA 219 -79.13 -28.28 -42.55
N GLY TA 220 -79.15 -29.36 -41.77
CA GLY TA 220 -80.15 -29.54 -40.74
C GLY TA 220 -81.45 -30.14 -41.19
N ASP TA 221 -81.55 -30.64 -42.43
CA ASP TA 221 -82.77 -31.23 -42.94
C ASP TA 221 -82.69 -32.73 -43.14
N PHE TA 222 -81.51 -33.29 -43.37
CA PHE TA 222 -81.36 -34.72 -43.55
C PHE TA 222 -80.21 -35.20 -42.67
N ASP TA 223 -80.38 -36.36 -42.04
CA ASP TA 223 -79.37 -36.90 -41.12
C ASP TA 223 -79.20 -38.39 -41.40
N LEU TA 224 -77.99 -38.79 -41.78
CA LEU TA 224 -77.64 -40.19 -41.93
C LEU TA 224 -76.86 -40.61 -40.69
N GLN TA 225 -77.51 -41.38 -39.82
CA GLN TA 225 -76.89 -41.81 -38.57
C GLN TA 225 -76.20 -43.15 -38.79
N LEU TA 226 -74.91 -43.21 -38.44
CA LEU TA 226 -74.12 -44.42 -38.57
C LEU TA 226 -73.68 -44.89 -37.19
N GLY TA 227 -73.86 -46.18 -36.92
CA GLY TA 227 -73.30 -46.77 -35.72
C GLY TA 227 -71.86 -47.18 -35.97
N THR TA 228 -71.66 -47.91 -37.06
CA THR TA 228 -70.33 -48.28 -37.54
C THR TA 228 -70.30 -48.08 -39.05
N ASP TA 229 -69.18 -47.54 -39.53
CA ASP TA 229 -69.03 -47.27 -40.97
C ASP TA 229 -68.82 -48.59 -41.70
N VAL TA 230 -68.58 -48.49 -43.01
CA VAL TA 230 -68.39 -49.68 -43.83
C VAL TA 230 -67.17 -50.44 -43.34
N SER TA 231 -67.32 -51.75 -43.18
CA SER TA 231 -66.23 -52.61 -42.72
C SER TA 231 -66.27 -53.92 -43.50
N ILE TA 232 -65.11 -54.59 -43.57
CA ILE TA 232 -64.98 -55.87 -44.26
C ILE TA 232 -64.57 -56.92 -43.26
N GLY TA 233 -65.27 -58.06 -43.29
CA GLY TA 233 -65.04 -59.13 -42.33
C GLY TA 233 -64.84 -60.49 -42.97
N TYR TA 234 -64.69 -61.52 -42.13
CA TYR TA 234 -64.39 -62.87 -42.56
C TYR TA 234 -65.36 -63.84 -41.90
N LEU TA 235 -65.92 -64.76 -42.68
CA LEU TA 235 -66.81 -65.79 -42.13
C LEU TA 235 -66.14 -67.15 -42.07
N SER TA 236 -65.64 -67.65 -43.19
CA SER TA 236 -65.03 -68.97 -43.26
C SER TA 236 -64.13 -69.01 -44.48
N HIS TA 237 -63.45 -70.14 -44.68
CA HIS TA 237 -62.52 -70.28 -45.78
C HIS TA 237 -62.40 -71.75 -46.16
N ASP TA 238 -61.80 -71.98 -47.32
CA ASP TA 238 -61.67 -73.31 -47.90
C ASP TA 238 -60.30 -73.38 -48.57
N ALA TA 239 -59.97 -74.55 -49.12
CA ALA TA 239 -58.70 -74.72 -49.81
C ALA TA 239 -58.58 -73.84 -51.05
N GLU TA 240 -59.68 -73.28 -51.54
CA GLU TA 240 -59.68 -72.51 -52.77
C GLU TA 240 -60.19 -71.09 -52.60
N VAL TA 241 -61.11 -70.84 -51.67
CA VAL TA 241 -61.80 -69.56 -51.57
C VAL TA 241 -61.86 -69.12 -50.12
N VAL TA 242 -62.17 -67.83 -49.95
CA VAL TA 242 -62.45 -67.24 -48.64
C VAL TA 242 -63.76 -66.46 -48.76
N HIS TA 243 -64.62 -66.59 -47.75
CA HIS TA 243 -65.89 -65.88 -47.73
C HIS TA 243 -65.80 -64.67 -46.80
N LEU TA 244 -66.08 -63.50 -47.35
CA LEU TA 244 -66.01 -62.23 -46.63
C LEU TA 244 -67.36 -61.53 -46.75
N TYR TA 245 -67.50 -60.43 -46.02
CA TYR TA 245 -68.73 -59.64 -46.08
C TYR TA 245 -68.39 -58.18 -45.89
N MET TA 246 -69.22 -57.30 -46.46
CA MET TA 246 -69.15 -55.88 -46.21
C MET TA 246 -70.37 -55.47 -45.38
N GLU TA 247 -70.13 -54.77 -44.29
CA GLU TA 247 -71.12 -54.52 -43.26
C GLU TA 247 -71.19 -53.04 -42.92
N GLU TA 248 -72.41 -52.55 -42.68
CA GLU TA 248 -72.59 -51.21 -42.15
C GLU TA 248 -73.91 -51.10 -41.40
N THR TA 249 -73.90 -50.38 -40.29
CA THR TA 249 -75.09 -50.19 -39.46
C THR TA 249 -75.52 -48.73 -39.53
N MET TA 250 -76.76 -48.49 -39.97
CA MET TA 250 -77.17 -47.15 -40.30
C MET TA 250 -78.67 -46.97 -40.09
N THR TA 251 -79.08 -45.70 -40.15
CA THR TA 251 -80.47 -45.30 -40.30
C THR TA 251 -80.48 -43.90 -40.89
N PHE TA 252 -81.64 -43.48 -41.39
CA PHE TA 252 -81.80 -42.19 -42.05
C PHE TA 252 -83.01 -41.47 -41.49
N LEU TA 253 -82.88 -40.15 -41.31
CA LEU TA 253 -83.96 -39.32 -40.81
C LEU TA 253 -84.08 -38.06 -41.67
N CYS TA 254 -85.32 -37.69 -42.00
CA CYS TA 254 -85.63 -36.44 -42.66
C CYS TA 254 -86.43 -35.57 -41.70
N TYR TA 255 -86.01 -34.33 -41.51
CA TYR TA 255 -86.63 -33.41 -40.57
C TYR TA 255 -87.45 -32.33 -41.27
N THR TA 256 -86.97 -31.83 -42.40
CA THR TA 256 -87.65 -30.77 -43.14
C THR TA 256 -88.25 -31.38 -44.41
N ALA TA 257 -89.58 -31.38 -44.49
CA ALA TA 257 -90.26 -31.97 -45.64
C ALA TA 257 -90.30 -31.04 -46.84
N GLU TA 258 -89.99 -29.76 -46.65
CA GLU TA 258 -90.11 -28.77 -47.71
C GLU TA 258 -88.79 -28.43 -48.39
N ALA TA 259 -87.71 -29.15 -48.07
CA ALA TA 259 -86.39 -28.84 -48.60
C ALA TA 259 -86.04 -29.70 -49.82
N SER TA 260 -86.99 -30.44 -50.37
CA SER TA 260 -86.72 -31.33 -51.50
C SER TA 260 -87.93 -31.40 -52.41
N VAL TA 261 -87.68 -31.73 -53.66
CA VAL TA 261 -88.71 -31.95 -54.67
C VAL TA 261 -88.32 -33.20 -55.44
N ALA TA 262 -89.29 -34.09 -55.67
CA ALA TA 262 -89.04 -35.36 -56.31
C ALA TA 262 -89.68 -35.36 -57.71
N LEU TA 263 -88.97 -35.97 -58.66
CA LEU TA 263 -89.47 -36.11 -60.02
C LEU TA 263 -89.46 -37.59 -60.38
N THR TA 264 -90.62 -38.11 -60.75
CA THR TA 264 -90.79 -39.52 -61.00
C THR TA 264 -90.68 -39.83 -62.49
N PRO TA 265 -90.13 -41.00 -62.86
CA PRO TA 265 -89.96 -41.34 -64.27
C PRO TA 265 -91.27 -41.31 -65.05
N ASN UA 2 73.66 -3.42 -52.70
CA ASN UA 2 73.84 -4.62 -53.52
C ASN UA 2 75.05 -4.47 -54.43
N ASN UA 3 75.25 -5.44 -55.32
CA ASN UA 3 76.44 -5.46 -56.17
C ASN UA 3 76.42 -4.37 -57.24
N LEU UA 4 75.29 -3.69 -57.44
CA LEU UA 4 75.24 -2.61 -58.43
C LEU UA 4 76.10 -1.44 -57.98
N TYR UA 5 76.14 -1.17 -56.68
CA TYR UA 5 76.92 -0.05 -56.14
C TYR UA 5 76.44 1.28 -56.71
N ARG UA 6 75.11 1.45 -56.77
CA ARG UA 6 74.55 2.71 -57.24
C ARG UA 6 74.71 3.83 -56.23
N ASP UA 7 74.71 3.52 -54.93
CA ASP UA 7 74.85 4.56 -53.91
C ASP UA 7 76.17 5.30 -54.03
N LEU UA 8 77.15 4.72 -54.70
CA LEU UA 8 78.46 5.35 -54.86
C LEU UA 8 78.56 6.21 -56.12
N ALA UA 9 77.53 6.21 -56.97
CA ALA UA 9 77.61 6.95 -58.21
C ALA UA 9 77.19 8.41 -58.00
N PRO UA 10 77.83 9.36 -58.69
CA PRO UA 10 77.42 10.78 -58.57
C PRO UA 10 76.21 11.11 -59.44
N ILE UA 11 75.08 10.48 -59.13
CA ILE UA 11 73.86 10.65 -59.90
C ILE UA 11 72.70 10.83 -58.93
N THR UA 12 71.79 11.74 -59.25
CA THR UA 12 70.64 12.04 -58.41
C THR UA 12 69.50 11.06 -58.70
N GLU UA 13 68.50 11.09 -57.81
CA GLU UA 13 67.35 10.20 -57.96
C GLU UA 13 66.60 10.50 -59.25
N SER UA 14 66.42 11.77 -59.57
CA SER UA 14 65.69 12.13 -60.78
C SER UA 14 66.40 11.64 -62.04
N ALA UA 15 67.72 11.82 -62.10
CA ALA UA 15 68.46 11.34 -63.26
C ALA UA 15 68.45 9.82 -63.33
N TRP UA 16 68.54 9.15 -62.18
CA TRP UA 16 68.40 7.70 -62.16
C TRP UA 16 67.06 7.27 -62.74
N ALA UA 17 65.99 7.95 -62.33
CA ALA UA 17 64.67 7.62 -62.85
C ALA UA 17 64.58 7.84 -64.35
N GLU UA 18 65.13 8.96 -64.83
CA GLU UA 18 65.11 9.23 -66.27
C GLU UA 18 65.85 8.14 -67.03
N ILE UA 19 67.03 7.75 -66.56
CA ILE UA 19 67.82 6.74 -67.26
C ILE UA 19 67.07 5.41 -67.26
N GLU UA 20 66.52 5.02 -66.12
CA GLU UA 20 65.78 3.76 -66.05
C GLU UA 20 64.60 3.77 -67.00
N LEU UA 21 63.84 4.86 -67.02
CA LEU UA 21 62.68 4.95 -67.91
C LEU UA 21 63.10 4.86 -69.37
N GLU UA 22 64.15 5.59 -69.74
CA GLU UA 22 64.60 5.58 -71.13
C GLU UA 22 65.08 4.20 -71.56
N ALA UA 23 65.83 3.51 -70.70
CA ALA UA 23 66.30 2.18 -71.05
C ALA UA 23 65.14 1.19 -71.14
N THR UA 24 64.21 1.25 -70.18
CA THR UA 24 63.08 0.33 -70.20
C THR UA 24 62.25 0.50 -71.47
N ARG UA 25 61.96 1.76 -71.85
CA ARG UA 25 61.15 2.01 -73.03
C ARG UA 25 61.81 1.42 -74.27
N THR UA 26 63.11 1.69 -74.46
CA THR UA 26 63.79 1.23 -75.66
C THR UA 26 63.90 -0.29 -75.70
N PHE UA 27 64.21 -0.91 -74.56
CA PHE UA 27 64.30 -2.37 -74.53
C PHE UA 27 62.95 -3.01 -74.83
N LYS UA 28 61.88 -2.50 -74.22
CA LYS UA 28 60.55 -3.05 -74.47
C LYS UA 28 60.14 -2.83 -75.92
N ARG UA 29 60.65 -1.75 -76.54
CA ARG UA 29 60.41 -1.56 -77.97
C ARG UA 29 61.12 -2.61 -78.81
N HIS UA 30 62.40 -2.84 -78.54
CA HIS UA 30 63.24 -3.63 -79.43
C HIS UA 30 63.20 -5.12 -79.13
N ILE UA 31 62.51 -5.54 -78.08
CA ILE UA 31 62.48 -6.95 -77.67
C ILE UA 31 61.24 -7.61 -78.26
N ALA UA 32 61.39 -8.85 -78.72
CA ALA UA 32 60.31 -9.60 -79.36
C ALA UA 32 60.07 -10.98 -78.78
N GLY UA 33 61.12 -11.71 -78.38
CA GLY UA 33 60.93 -13.08 -77.93
C GLY UA 33 60.07 -13.16 -76.68
N ARG UA 34 60.19 -12.18 -75.80
CA ARG UA 34 59.41 -12.16 -74.56
C ARG UA 34 57.91 -12.13 -74.80
N ARG UA 35 57.48 -11.74 -75.99
CA ARG UA 35 56.07 -11.69 -76.34
C ARG UA 35 55.53 -13.01 -76.85
N VAL UA 36 56.39 -13.98 -77.15
CA VAL UA 36 55.94 -15.24 -77.73
C VAL UA 36 56.56 -16.44 -76.99
N VAL UA 37 57.31 -16.18 -75.93
CA VAL UA 37 57.92 -17.26 -75.15
C VAL UA 37 57.53 -17.10 -73.68
N ASP UA 38 57.27 -18.23 -73.04
CA ASP UA 38 57.03 -18.23 -71.59
C ASP UA 38 58.28 -17.78 -70.87
N VAL UA 39 58.09 -16.97 -69.82
CA VAL UA 39 59.19 -16.41 -69.05
C VAL UA 39 59.10 -16.92 -67.62
N SER UA 40 60.15 -17.57 -67.16
CA SER UA 40 60.27 -17.98 -65.76
C SER UA 40 60.88 -16.82 -64.98
N GLY UA 41 60.09 -16.19 -64.13
CA GLY UA 41 60.50 -14.99 -63.44
C GLY UA 41 61.83 -15.15 -62.74
N PRO UA 42 62.44 -14.03 -62.35
CA PRO UA 42 63.76 -14.11 -61.69
C PRO UA 42 63.70 -15.00 -60.47
N ASN UA 43 64.67 -15.93 -60.38
CA ASN UA 43 64.77 -16.83 -59.25
C ASN UA 43 65.85 -16.40 -58.26
N GLY UA 44 66.51 -15.27 -58.49
CA GLY UA 44 67.47 -14.73 -57.55
C GLY UA 44 68.90 -14.86 -58.05
N PRO UA 45 69.80 -14.07 -57.46
CA PRO UA 45 71.21 -14.15 -57.87
C PRO UA 45 71.85 -15.49 -57.56
N THR UA 46 71.29 -16.27 -56.63
CA THR UA 46 71.84 -17.57 -56.30
C THR UA 46 71.61 -18.61 -57.39
N THR UA 47 70.71 -18.35 -58.34
CA THR UA 47 70.40 -19.30 -59.39
C THR UA 47 71.51 -19.32 -60.43
N ALA UA 48 71.98 -20.51 -60.77
CA ALA UA 48 73.10 -20.67 -61.70
C ALA UA 48 72.81 -21.63 -62.85
N SER UA 49 71.85 -22.53 -62.71
CA SER UA 49 71.60 -23.53 -63.74
C SER UA 49 70.15 -23.98 -63.67
N VAL UA 50 69.69 -24.62 -64.75
CA VAL UA 50 68.34 -25.14 -64.85
C VAL UA 50 68.43 -26.65 -65.11
N SER UA 51 67.83 -27.44 -64.23
CA SER UA 51 67.85 -28.88 -64.39
C SER UA 51 67.01 -29.29 -65.60
N THR UA 52 67.46 -30.33 -66.31
CA THR UA 52 66.68 -30.87 -67.42
C THR UA 52 65.99 -32.17 -67.08
N GLY UA 53 66.33 -32.79 -65.95
CA GLY UA 53 65.75 -34.06 -65.57
C GLY UA 53 66.33 -35.26 -66.27
N HIS UA 54 67.33 -35.06 -67.12
CA HIS UA 54 68.00 -36.15 -67.83
C HIS UA 54 69.22 -36.62 -67.05
N LEU UA 55 69.73 -37.79 -67.45
CA LEU UA 55 70.88 -38.41 -66.81
C LEU UA 55 71.95 -38.67 -67.86
N LEU UA 56 73.21 -38.61 -67.43
CA LEU UA 56 74.36 -38.87 -68.29
C LEU UA 56 75.21 -39.98 -67.69
N ASP UA 57 75.69 -40.88 -68.54
CA ASP UA 57 76.49 -42.00 -68.08
C ASP UA 57 77.86 -41.52 -67.65
N VAL UA 58 78.42 -42.18 -66.64
CA VAL UA 58 79.71 -41.80 -66.06
C VAL UA 58 80.36 -43.04 -65.46
N SER UA 59 81.69 -43.02 -65.42
CA SER UA 59 82.45 -44.14 -64.91
C SER UA 59 82.12 -44.37 -63.43
N PRO UA 60 81.90 -45.61 -62.99
CA PRO UA 60 81.50 -45.84 -61.61
C PRO UA 60 82.67 -45.64 -60.66
N PRO UA 61 82.40 -45.29 -59.40
CA PRO UA 61 83.49 -45.31 -58.41
C PRO UA 61 84.12 -46.67 -58.21
N GLY UA 62 83.32 -47.74 -58.30
CA GLY UA 62 83.85 -49.05 -58.03
C GLY UA 62 82.91 -50.13 -58.53
N ASP UA 63 83.21 -51.36 -58.12
CA ASP UA 63 82.45 -52.52 -58.59
C ASP UA 63 81.06 -52.55 -57.98
N GLY UA 64 80.09 -53.02 -58.77
CA GLY UA 64 78.73 -53.16 -58.29
C GLY UA 64 77.99 -51.85 -58.12
N VAL UA 65 78.48 -50.77 -58.71
CA VAL UA 65 77.90 -49.45 -58.55
C VAL UA 65 77.59 -48.87 -59.93
N ILE UA 66 76.40 -48.34 -60.09
CA ILE UA 66 75.97 -47.68 -61.33
C ILE UA 66 75.88 -46.20 -61.04
N ALA UA 67 76.56 -45.40 -61.86
CA ALA UA 67 76.67 -43.96 -61.64
C ALA UA 67 76.11 -43.19 -62.82
N HIS UA 68 75.37 -42.12 -62.53
CA HIS UA 68 74.82 -41.23 -63.55
C HIS UA 68 74.92 -39.80 -63.06
N LEU UA 69 75.13 -38.88 -63.99
CA LEU UA 69 75.22 -37.46 -63.68
C LEU UA 69 73.94 -36.74 -64.11
N ARG UA 70 73.45 -35.87 -63.23
CA ARG UA 70 72.29 -35.05 -63.55
C ARG UA 70 72.68 -33.95 -64.52
N ASP UA 71 71.77 -33.64 -65.44
CA ASP UA 71 72.05 -32.72 -66.53
C ASP UA 71 71.40 -31.37 -66.28
N ALA UA 72 72.19 -30.31 -66.44
CA ALA UA 72 71.72 -28.95 -66.20
C ALA UA 72 72.25 -28.03 -67.28
N LYS UA 73 71.51 -26.96 -67.52
CA LYS UA 73 71.86 -25.93 -68.48
C LYS UA 73 72.36 -24.71 -67.72
N PRO UA 74 73.60 -24.26 -67.93
CA PRO UA 74 74.09 -23.09 -67.20
C PRO UA 74 73.47 -21.80 -67.70
N LEU UA 75 73.48 -20.81 -66.83
CA LEU UA 75 73.00 -19.46 -67.14
C LEU UA 75 74.19 -18.58 -67.53
N VAL UA 76 73.94 -17.67 -68.47
CA VAL UA 76 74.98 -16.78 -68.98
C VAL UA 76 74.60 -15.35 -68.63
N ARG UA 77 75.59 -14.57 -68.20
CA ARG UA 77 75.41 -13.18 -67.83
C ARG UA 77 75.91 -12.29 -68.96
N LEU UA 78 75.04 -11.39 -69.43
CA LEU UA 78 75.36 -10.45 -70.49
C LEU UA 78 75.45 -9.06 -69.88
N ARG UA 79 76.57 -8.39 -70.11
CA ARG UA 79 76.84 -7.06 -69.58
C ARG UA 79 77.26 -6.14 -70.73
N VAL UA 80 76.57 -5.03 -70.88
CA VAL UA 80 76.87 -4.05 -71.92
C VAL UA 80 77.23 -2.73 -71.26
N PRO UA 81 78.48 -2.25 -71.39
CA PRO UA 81 78.85 -0.99 -70.75
C PRO UA 81 78.56 0.22 -71.63
N PHE UA 82 78.36 1.36 -70.96
CA PHE UA 82 78.17 2.63 -71.63
C PHE UA 82 78.61 3.75 -70.71
N THR UA 83 78.71 4.95 -71.28
CA THR UA 83 79.24 6.12 -70.59
C THR UA 83 78.24 7.26 -70.66
N VAL UA 84 78.13 8.01 -69.56
CA VAL UA 84 77.20 9.12 -69.47
C VAL UA 84 77.94 10.36 -68.99
N ALA UA 85 77.41 11.53 -69.35
CA ALA UA 85 78.04 12.80 -69.05
C ALA UA 85 77.47 13.43 -67.79
N ARG UA 86 78.36 13.82 -66.89
CA ARG UA 86 77.97 14.44 -65.63
C ARG UA 86 77.27 15.77 -65.84
N ARG UA 87 77.52 16.48 -66.93
CA ARG UA 87 76.79 17.70 -67.22
C ARG UA 87 75.32 17.42 -67.51
N ASP UA 88 75.03 16.43 -68.36
CA ASP UA 88 73.66 16.02 -68.59
C ASP UA 88 73.01 15.50 -67.32
N ILE UA 89 73.78 14.79 -66.48
CA ILE UA 89 73.23 14.35 -65.20
C ILE UA 89 72.85 15.53 -64.33
N ASP UA 90 73.72 16.53 -64.24
CA ASP UA 90 73.48 17.65 -63.33
C ASP UA 90 72.35 18.53 -63.82
N ASP UA 91 72.20 18.67 -65.13
CA ASP UA 91 71.16 19.56 -65.65
C ASP UA 91 69.76 19.15 -65.23
N VAL UA 92 69.56 17.87 -64.88
CA VAL UA 92 68.21 17.40 -64.57
C VAL UA 92 67.65 18.13 -63.36
N GLU UA 93 68.45 18.26 -62.30
CA GLU UA 93 67.97 18.91 -61.08
C GLU UA 93 67.68 20.39 -61.31
N ARG UA 94 68.16 20.95 -62.42
CA ARG UA 94 67.82 22.32 -62.83
C ARG UA 94 66.55 22.39 -63.66
N GLY UA 95 65.72 21.36 -63.61
CA GLY UA 95 64.51 21.33 -64.42
C GLY UA 95 64.77 21.21 -65.90
N SER UA 96 65.87 20.58 -66.29
CA SER UA 96 66.14 20.32 -67.70
C SER UA 96 65.52 18.98 -68.08
N GLN UA 97 64.87 18.96 -69.25
CA GLN UA 97 64.24 17.75 -69.77
C GLN UA 97 64.50 17.56 -71.25
N ASP UA 98 65.71 17.89 -71.72
CA ASP UA 98 66.18 17.51 -73.04
C ASP UA 98 67.54 16.82 -72.97
N SER UA 99 67.86 16.19 -71.84
CA SER UA 99 69.18 15.60 -71.64
C SER UA 99 69.40 14.44 -72.61
N ASP UA 100 70.67 14.22 -72.96
CA ASP UA 100 71.05 13.20 -73.93
C ASP UA 100 71.21 11.85 -73.22
N TRP UA 101 70.44 10.86 -73.67
CA TRP UA 101 70.51 9.49 -73.15
C TRP UA 101 70.74 8.50 -74.29
N ASP UA 102 71.34 8.98 -75.38
CA ASP UA 102 71.60 8.12 -76.54
C ASP UA 102 72.47 6.92 -76.21
N PRO UA 103 73.55 7.04 -75.43
CA PRO UA 103 74.28 5.82 -75.04
C PRO UA 103 73.42 4.83 -74.30
N VAL UA 104 72.52 5.31 -73.43
CA VAL UA 104 71.60 4.41 -72.75
C VAL UA 104 70.75 3.67 -73.76
N LYS UA 105 70.18 4.39 -74.72
CA LYS UA 105 69.32 3.75 -75.71
C LYS UA 105 70.10 2.74 -76.54
N ASP UA 106 71.34 3.08 -76.93
CA ASP UA 106 72.15 2.17 -77.72
C ASP UA 106 72.47 0.90 -76.94
N ALA UA 107 72.82 1.04 -75.67
CA ALA UA 107 73.12 -0.14 -74.86
C ALA UA 107 71.88 -1.02 -74.71
N ALA UA 108 70.72 -0.41 -74.48
CA ALA UA 108 69.49 -1.19 -74.39
C ALA UA 108 69.22 -1.93 -75.69
N LYS UA 109 69.41 -1.26 -76.82
CA LYS UA 109 69.21 -1.91 -78.11
C LYS UA 109 70.16 -3.10 -78.27
N LYS UA 110 71.43 -2.91 -77.89
CA LYS UA 110 72.40 -3.97 -78.01
C LYS UA 110 72.03 -5.18 -77.17
N LEU UA 111 71.60 -4.94 -75.91
CA LEU UA 111 71.22 -6.04 -75.04
C LEU UA 111 70.00 -6.77 -75.58
N ALA UA 112 68.99 -6.02 -76.05
CA ALA UA 112 67.82 -6.66 -76.63
C ALA UA 112 68.19 -7.50 -77.84
N PHE UA 113 69.09 -6.99 -78.68
CA PHE UA 113 69.47 -7.71 -79.89
C PHE UA 113 70.19 -9.01 -79.54
N VAL UA 114 71.12 -8.95 -78.57
CA VAL UA 114 71.82 -10.18 -78.21
C VAL UA 114 70.85 -11.20 -77.61
N GLU UA 115 69.92 -10.74 -76.77
CA GLU UA 115 68.95 -11.66 -76.18
C GLU UA 115 68.10 -12.33 -77.26
N ASP UA 116 67.56 -11.52 -78.18
CA ASP UA 116 66.68 -12.07 -79.21
C ASP UA 116 67.46 -12.99 -80.15
N ARG UA 117 68.71 -12.63 -80.47
CA ARG UA 117 69.52 -13.47 -81.34
C ARG UA 117 69.90 -14.78 -80.68
N ALA UA 118 70.16 -14.79 -79.37
CA ALA UA 118 70.36 -16.04 -78.66
C ALA UA 118 69.09 -16.89 -78.66
N ILE UA 119 67.93 -16.26 -78.47
CA ILE UA 119 66.68 -17.01 -78.46
C ILE UA 119 66.42 -17.65 -79.82
N PHE UA 120 66.59 -16.90 -80.90
CA PHE UA 120 66.12 -17.31 -82.22
C PHE UA 120 67.19 -17.93 -83.10
N GLU UA 121 68.46 -17.82 -82.75
CA GLU UA 121 69.56 -18.28 -83.60
C GLU UA 121 70.56 -19.15 -82.87
N GLY UA 122 70.74 -18.96 -81.57
CA GLY UA 122 71.61 -19.81 -80.78
C GLY UA 122 72.89 -19.11 -80.37
N TYR UA 123 73.35 -19.39 -79.16
CA TYR UA 123 74.62 -18.90 -78.62
C TYR UA 123 75.35 -20.14 -78.11
N ALA UA 124 76.19 -20.71 -78.97
CA ALA UA 124 76.72 -22.05 -78.72
C ALA UA 124 77.54 -22.11 -77.44
N ALA UA 125 78.42 -21.13 -77.24
CA ALA UA 125 79.31 -21.17 -76.08
C ALA UA 125 78.53 -21.23 -74.78
N ALA UA 126 77.30 -20.71 -74.76
CA ALA UA 126 76.42 -20.81 -73.61
C ALA UA 126 75.55 -22.06 -73.67
N SER UA 127 75.82 -22.98 -74.60
CA SER UA 127 75.05 -24.20 -74.77
C SER UA 127 73.59 -23.90 -75.11
N ILE UA 128 73.35 -22.77 -75.76
CA ILE UA 128 72.00 -22.35 -76.14
C ILE UA 128 71.77 -22.74 -77.59
N GLU UA 129 70.88 -23.70 -77.81
CA GLU UA 129 70.45 -24.07 -79.16
C GLU UA 129 69.19 -23.28 -79.50
N GLY UA 130 69.24 -22.55 -80.61
CA GLY UA 130 68.16 -21.66 -80.98
C GLY UA 130 66.97 -22.39 -81.56
N ILE UA 131 65.87 -21.62 -81.70
CA ILE UA 131 64.66 -22.17 -82.31
C ILE UA 131 64.91 -22.62 -83.73
N ARG UA 132 65.72 -21.89 -84.49
CA ARG UA 132 66.00 -22.26 -85.87
C ARG UA 132 66.61 -23.65 -85.97
N SER UA 133 67.63 -23.92 -85.17
CA SER UA 133 68.27 -25.23 -85.20
C SER UA 133 67.38 -26.31 -84.59
N SER UA 134 66.75 -26.01 -83.45
CA SER UA 134 65.94 -27.01 -82.76
C SER UA 134 64.67 -27.35 -83.52
N SER UA 135 64.27 -26.53 -84.49
CA SER UA 135 63.04 -26.80 -85.24
C SER UA 135 63.20 -28.06 -86.06
N SER UA 136 62.15 -28.90 -86.05
CA SER UA 136 62.13 -30.13 -86.82
C SER UA 136 61.41 -29.98 -88.15
N ASN UA 137 60.43 -29.08 -88.25
CA ASN UA 137 59.74 -28.88 -89.51
C ASN UA 137 60.70 -28.29 -90.54
N PRO UA 138 60.55 -28.64 -91.81
CA PRO UA 138 61.50 -28.15 -92.83
C PRO UA 138 61.49 -26.63 -92.92
N ALA UA 139 62.67 -26.07 -93.15
CA ALA UA 139 62.82 -24.63 -93.30
C ALA UA 139 62.46 -24.19 -94.71
N LEU UA 140 61.97 -22.96 -94.82
CA LEU UA 140 61.59 -22.38 -96.11
C LEU UA 140 62.50 -21.21 -96.45
N ALA UA 141 62.33 -20.70 -97.67
CA ALA UA 141 63.11 -19.58 -98.17
C ALA UA 141 62.19 -18.39 -98.41
N LEU UA 142 62.60 -17.23 -97.91
CA LEU UA 142 61.82 -16.01 -98.05
C LEU UA 142 62.04 -15.46 -99.46
N PRO UA 143 61.00 -15.32 -100.29
CA PRO UA 143 61.23 -14.83 -101.64
C PRO UA 143 61.80 -13.42 -101.65
N ASP UA 144 62.62 -13.15 -102.66
CA ASP UA 144 63.20 -11.81 -102.80
C ASP UA 144 62.10 -10.77 -102.97
N ASP UA 145 61.08 -11.07 -103.76
CA ASP UA 145 59.94 -10.17 -103.92
C ASP UA 145 59.05 -10.23 -102.68
N ALA UA 146 58.33 -9.14 -102.45
CA ALA UA 146 57.45 -9.06 -101.28
C ALA UA 146 56.05 -9.61 -101.56
N ARG UA 147 55.72 -9.92 -102.80
CA ARG UA 147 54.35 -10.32 -103.14
C ARG UA 147 54.10 -11.79 -102.85
N GLU UA 148 55.15 -12.61 -102.80
CA GLU UA 148 55.01 -14.05 -102.62
C GLU UA 148 55.17 -14.48 -101.17
N ILE UA 149 55.47 -13.55 -100.26
CA ILE UA 149 55.70 -13.92 -98.85
C ILE UA 149 54.46 -14.57 -98.26
N PRO UA 150 53.24 -14.06 -98.47
CA PRO UA 150 52.07 -14.71 -97.85
C PRO UA 150 51.90 -16.17 -98.26
N ASP UA 151 52.26 -16.53 -99.49
CA ASP UA 151 52.17 -17.92 -99.90
C ASP UA 151 53.10 -18.79 -99.06
N VAL UA 152 54.32 -18.31 -98.82
CA VAL UA 152 55.27 -19.08 -98.01
C VAL UA 152 54.78 -19.18 -96.57
N ILE UA 153 54.18 -18.11 -96.05
CA ILE UA 153 53.63 -18.17 -94.69
C ILE UA 153 52.49 -19.18 -94.62
N ALA UA 154 51.64 -19.22 -95.66
CA ALA UA 154 50.59 -20.22 -95.68
C ALA UA 154 51.15 -21.63 -95.73
N GLN UA 155 52.24 -21.82 -96.48
CA GLN UA 155 52.90 -23.11 -96.50
C GLN UA 155 53.43 -23.49 -95.12
N ALA UA 156 54.04 -22.54 -94.42
CA ALA UA 156 54.57 -22.82 -93.08
C ALA UA 156 53.45 -23.16 -92.11
N LEU UA 157 52.34 -22.42 -92.18
CA LEU UA 157 51.19 -22.77 -91.36
C LEU UA 157 50.70 -24.16 -91.70
N SER UA 158 50.66 -24.52 -92.98
CA SER UA 158 50.29 -25.87 -93.38
C SER UA 158 51.22 -26.90 -92.76
N GLU UA 159 52.53 -26.59 -92.70
CA GLU UA 159 53.46 -27.56 -92.12
C GLU UA 159 53.23 -27.76 -90.62
N LEU UA 160 53.23 -26.67 -89.86
CA LEU UA 160 52.92 -26.75 -88.43
C LEU UA 160 51.62 -27.51 -88.21
N ARG UA 161 50.61 -27.12 -88.96
CA ARG UA 161 49.24 -27.51 -88.73
C ARG UA 161 48.94 -28.90 -89.29
N LEU UA 162 49.82 -29.37 -90.17
CA LEU UA 162 49.94 -30.80 -90.43
C LEU UA 162 50.55 -31.52 -89.23
N ALA UA 163 51.67 -30.98 -88.71
CA ALA UA 163 52.39 -31.65 -87.65
C ALA UA 163 51.53 -31.84 -86.41
N GLY UA 164 50.49 -31.02 -86.25
CA GLY UA 164 49.52 -31.25 -85.21
C GLY UA 164 49.55 -30.27 -84.06
N VAL UA 165 50.20 -29.13 -84.22
CA VAL UA 165 50.27 -28.13 -83.17
C VAL UA 165 49.07 -27.20 -83.28
N ASP UA 166 48.60 -26.73 -82.13
CA ASP UA 166 47.42 -25.86 -82.07
C ASP UA 166 47.74 -24.57 -81.32
N GLY UA 167 46.71 -23.77 -81.05
CA GLY UA 167 46.86 -22.51 -80.37
C GLY UA 167 47.13 -21.38 -81.34
N PRO UA 168 47.03 -20.15 -80.86
CA PRO UA 168 47.22 -19.00 -81.75
C PRO UA 168 48.60 -19.05 -82.40
N TYR UA 169 48.66 -18.68 -83.67
CA TYR UA 169 49.90 -18.65 -84.43
C TYR UA 169 50.35 -17.21 -84.61
N SER UA 170 51.67 -17.03 -84.68
CA SER UA 170 52.26 -15.70 -84.72
C SER UA 170 53.44 -15.68 -85.68
N VAL UA 171 53.62 -14.54 -86.34
CA VAL UA 171 54.67 -14.34 -87.32
C VAL UA 171 55.60 -13.27 -86.79
N LEU UA 172 56.88 -13.60 -86.66
CA LEU UA 172 57.92 -12.66 -86.28
C LEU UA 172 58.75 -12.37 -87.53
N LEU UA 173 58.81 -11.09 -87.91
CA LEU UA 173 59.47 -10.69 -89.14
C LEU UA 173 60.72 -9.86 -88.83
N SER UA 174 61.71 -9.98 -89.71
CA SER UA 174 62.97 -9.27 -89.55
C SER UA 174 62.75 -7.78 -89.81
N ALA UA 175 63.76 -6.96 -89.53
CA ALA UA 175 63.67 -5.55 -89.85
C ALA UA 175 63.55 -5.33 -91.35
N GLU UA 176 64.42 -6.00 -92.12
CA GLU UA 176 64.45 -5.80 -93.56
C GLU UA 176 63.17 -6.33 -94.21
N THR UA 177 62.66 -7.47 -93.73
CA THR UA 177 61.43 -8.02 -94.27
C THR UA 177 60.21 -7.20 -93.87
N TYR UA 178 60.16 -6.73 -92.63
CA TYR UA 178 59.05 -5.90 -92.19
C TYR UA 178 59.01 -4.57 -92.94
N THR UA 179 60.17 -3.94 -93.14
CA THR UA 179 60.23 -2.75 -93.96
C THR UA 179 59.69 -3.02 -95.37
N LYS UA 180 60.06 -4.18 -95.94
CA LYS UA 180 59.61 -4.51 -97.28
C LYS UA 180 58.09 -4.66 -97.33
N VAL UA 181 57.53 -5.47 -96.44
CA VAL UA 181 56.09 -5.72 -96.47
C VAL UA 181 55.32 -4.45 -96.12
N SER UA 182 55.92 -3.56 -95.34
CA SER UA 182 55.24 -2.32 -94.99
C SER UA 182 55.24 -1.33 -96.16
N GLU UA 183 56.40 -1.07 -96.73
CA GLU UA 183 56.47 -0.12 -97.85
C GLU UA 183 55.69 -0.64 -99.05
N THR UA 184 55.83 -1.93 -99.35
CA THR UA 184 55.12 -2.51 -100.48
C THR UA 184 53.62 -2.54 -100.21
N THR UA 185 52.83 -2.34 -101.27
CA THR UA 185 51.39 -2.24 -101.17
C THR UA 185 50.73 -3.00 -102.31
N ALA UA 186 49.47 -3.39 -102.10
CA ALA UA 186 48.71 -4.09 -103.12
C ALA UA 186 47.24 -3.83 -102.89
N HIS UA 187 46.53 -3.43 -103.95
CA HIS UA 187 45.09 -3.17 -103.89
C HIS UA 187 44.75 -2.17 -102.79
N GLY UA 188 45.68 -1.27 -102.50
CA GLY UA 188 45.44 -0.27 -101.49
C GLY UA 188 45.63 -0.74 -100.06
N TYR UA 189 46.27 -1.89 -99.84
CA TYR UA 189 46.65 -2.33 -98.52
C TYR UA 189 48.09 -2.83 -98.52
N PRO UA 190 48.84 -2.64 -97.43
CA PRO UA 190 50.19 -3.19 -97.37
C PRO UA 190 50.23 -4.71 -97.38
N ILE UA 191 51.35 -5.22 -97.89
CA ILE UA 191 51.58 -6.65 -97.87
C ILE UA 191 51.61 -7.16 -96.44
N ARG UA 192 51.97 -6.29 -95.48
CA ARG UA 192 51.91 -6.69 -94.08
C ARG UA 192 50.48 -6.98 -93.63
N GLU UA 193 49.52 -6.13 -94.03
CA GLU UA 193 48.12 -6.44 -93.73
C GLU UA 193 47.69 -7.70 -94.45
N HIS UA 194 48.13 -7.87 -95.70
CA HIS UA 194 47.88 -9.14 -96.39
C HIS UA 194 48.33 -10.33 -95.54
N ILE UA 195 49.53 -10.25 -94.96
CA ILE UA 195 50.03 -11.32 -94.10
C ILE UA 195 49.14 -11.47 -92.87
N ASN UA 196 48.84 -10.35 -92.20
CA ASN UA 196 48.07 -10.39 -90.97
C ASN UA 196 46.73 -11.09 -91.17
N ARG UA 197 46.14 -10.95 -92.35
CA ARG UA 197 44.82 -11.53 -92.60
C ARG UA 197 44.78 -13.02 -92.32
N LEU UA 198 45.90 -13.73 -92.44
CA LEU UA 198 45.92 -15.19 -92.35
C LEU UA 198 45.92 -15.68 -90.92
N VAL UA 199 46.81 -15.14 -90.09
CA VAL UA 199 47.04 -15.68 -88.75
C VAL UA 199 45.95 -15.21 -87.79
N ASP UA 200 45.85 -15.90 -86.67
CA ASP UA 200 44.93 -15.54 -85.60
C ASP UA 200 45.59 -14.69 -84.52
N GLY UA 201 46.93 -14.73 -84.41
CA GLY UA 201 47.63 -14.00 -83.39
C GLY UA 201 48.03 -12.60 -83.81
N GLU UA 202 49.33 -12.32 -83.77
CA GLU UA 202 49.85 -10.98 -84.03
C GLU UA 202 51.04 -11.05 -84.97
N ILE UA 203 51.36 -9.91 -85.58
CA ILE UA 203 52.57 -9.72 -86.35
C ILE UA 203 53.57 -8.97 -85.47
N ILE UA 204 54.80 -9.48 -85.38
CA ILE UA 204 55.79 -8.97 -84.43
C ILE UA 204 57.06 -8.54 -85.17
N TRP UA 205 57.64 -7.42 -84.71
CA TRP UA 205 58.95 -6.95 -85.13
C TRP UA 205 60.03 -7.81 -84.49
N ALA UA 206 60.97 -8.29 -85.31
CA ALA UA 206 62.13 -9.00 -84.78
C ALA UA 206 63.39 -8.50 -85.47
N PRO UA 207 63.89 -7.31 -85.12
CA PRO UA 207 65.04 -6.76 -85.85
C PRO UA 207 66.29 -7.59 -85.67
N ALA UA 208 66.48 -8.15 -84.48
CA ALA UA 208 67.67 -8.92 -84.17
C ALA UA 208 67.78 -10.16 -85.03
N ILE UA 209 66.65 -10.83 -85.30
CA ILE UA 209 66.67 -12.08 -86.05
C ILE UA 209 66.83 -11.76 -87.53
N ASP UA 210 67.16 -12.78 -88.31
CA ASP UA 210 67.33 -12.65 -89.76
C ASP UA 210 66.40 -13.65 -90.43
N GLY UA 211 65.46 -13.14 -91.22
CA GLY UA 211 64.51 -13.99 -91.91
C GLY UA 211 63.09 -13.80 -91.42
N ALA UA 212 62.43 -14.89 -91.09
CA ALA UA 212 61.07 -14.83 -90.55
C ALA UA 212 60.79 -16.13 -89.79
N PHE UA 213 59.79 -16.08 -88.91
CA PHE UA 213 59.46 -17.25 -88.09
C PHE UA 213 57.96 -17.30 -87.91
N VAL UA 214 57.37 -18.49 -88.10
CA VAL UA 214 55.95 -18.71 -87.81
C VAL UA 214 55.87 -19.76 -86.71
N LEU UA 215 55.27 -19.41 -85.58
CA LEU UA 215 55.29 -20.31 -84.43
C LEU UA 215 53.98 -20.25 -83.67
N SER UA 216 53.75 -21.31 -82.90
CA SER UA 216 52.56 -21.41 -82.05
C SER UA 216 52.82 -20.76 -80.70
N THR UA 217 51.75 -20.29 -80.07
CA THR UA 217 51.81 -19.66 -78.76
C THR UA 217 50.86 -20.32 -77.77
N ARG UA 218 50.57 -21.60 -77.98
CA ARG UA 218 49.73 -22.32 -77.02
C ARG UA 218 50.38 -22.33 -75.64
N GLY UA 219 51.69 -22.51 -75.58
CA GLY UA 219 52.41 -22.54 -74.32
C GLY UA 219 53.09 -23.86 -74.06
N GLY UA 220 54.17 -23.83 -73.28
CA GLY UA 220 54.88 -25.04 -72.92
C GLY UA 220 55.91 -25.51 -73.91
N ASP UA 221 56.24 -24.72 -74.93
CA ASP UA 221 57.21 -25.10 -75.94
C ASP UA 221 58.51 -24.31 -75.87
N PHE UA 222 58.49 -23.08 -75.36
CA PHE UA 222 59.69 -22.27 -75.25
C PHE UA 222 59.75 -21.69 -73.84
N ASP UA 223 60.94 -21.67 -73.26
CA ASP UA 223 61.12 -21.18 -71.89
C ASP UA 223 62.36 -20.29 -71.83
N LEU UA 224 62.16 -19.02 -71.46
CA LEU UA 224 63.26 -18.09 -71.22
C LEU UA 224 63.47 -18.01 -69.72
N GLN UA 225 64.54 -18.62 -69.23
CA GLN UA 225 64.83 -18.64 -67.81
C GLN UA 225 65.72 -17.46 -67.45
N LEU UA 226 65.28 -16.68 -66.47
CA LEU UA 226 66.02 -15.52 -66.00
C LEU UA 226 66.44 -15.73 -64.55
N GLY UA 227 67.70 -15.46 -64.25
CA GLY UA 227 68.15 -15.44 -62.88
C GLY UA 227 67.89 -14.07 -62.27
N THR UA 228 68.32 -13.04 -62.98
CA THR UA 228 68.03 -11.65 -62.64
C THR UA 228 67.65 -10.91 -63.91
N ASP UA 229 66.63 -10.06 -63.79
CA ASP UA 229 66.14 -9.31 -64.94
C ASP UA 229 67.14 -8.20 -65.28
N VAL UA 230 66.78 -7.37 -66.26
CA VAL UA 230 67.67 -6.30 -66.69
C VAL UA 230 67.91 -5.34 -65.54
N SER UA 231 69.17 -4.99 -65.31
CA SER UA 231 69.54 -4.07 -64.25
C SER UA 231 70.63 -3.14 -64.75
N ILE UA 232 70.73 -1.97 -64.11
CA ILE UA 232 71.74 -0.96 -64.46
C ILE UA 232 72.65 -0.75 -63.26
N GLY UA 233 73.96 -0.79 -63.51
CA GLY UA 233 74.95 -0.66 -62.45
C GLY UA 233 76.01 0.39 -62.70
N TYR UA 234 76.97 0.48 -61.80
CA TYR UA 234 78.01 1.50 -61.82
C TYR UA 234 79.37 0.83 -61.66
N LEU UA 235 80.34 1.23 -62.49
CA LEU UA 235 81.70 0.71 -62.37
C LEU UA 235 82.66 1.74 -61.79
N SER UA 236 82.75 2.92 -62.40
CA SER UA 236 83.68 3.95 -61.97
C SER UA 236 83.17 5.28 -62.51
N HIS UA 237 83.89 6.36 -62.17
CA HIS UA 237 83.48 7.69 -62.58
C HIS UA 237 84.70 8.60 -62.65
N ASP UA 238 84.51 9.75 -63.27
CA ASP UA 238 85.56 10.71 -63.52
C ASP UA 238 84.98 12.11 -63.34
N ALA UA 239 85.82 13.13 -63.48
CA ALA UA 239 85.36 14.51 -63.36
C ALA UA 239 84.36 14.88 -64.45
N GLU UA 240 84.25 14.10 -65.51
CA GLU UA 240 83.40 14.43 -66.65
C GLU UA 240 82.34 13.37 -66.95
N VAL UA 241 82.64 12.09 -66.70
CA VAL UA 241 81.79 11.00 -67.14
C VAL UA 241 81.59 9.99 -66.01
N VAL UA 242 80.59 9.12 -66.20
CA VAL UA 242 80.35 7.99 -65.32
C VAL UA 242 80.19 6.76 -66.22
N HIS UA 243 80.78 5.64 -65.81
CA HIS UA 243 80.68 4.40 -66.56
C HIS UA 243 79.68 3.46 -65.89
N LEU UA 244 78.67 3.06 -66.65
CA LEU UA 244 77.60 2.20 -66.17
C LEU UA 244 77.51 0.98 -67.08
N TYR UA 245 76.68 0.01 -66.68
CA TYR UA 245 76.48 -1.18 -67.48
C TYR UA 245 75.04 -1.64 -67.33
N MET UA 246 74.53 -2.32 -68.36
CA MET UA 246 73.25 -3.00 -68.30
C MET UA 246 73.51 -4.50 -68.30
N GLU UA 247 72.90 -5.21 -67.36
CA GLU UA 247 73.24 -6.59 -67.04
C GLU UA 247 71.98 -7.44 -66.99
N GLU UA 248 72.08 -8.66 -67.49
CA GLU UA 248 71.01 -9.64 -67.32
C GLU UA 248 71.57 -11.06 -67.41
N THR UA 249 71.06 -11.94 -66.56
CA THR UA 249 71.50 -13.34 -66.52
C THR UA 249 70.35 -14.24 -66.99
N MET UA 250 70.60 -15.01 -68.05
CA MET UA 250 69.52 -15.70 -68.74
C MET UA 250 70.01 -16.99 -69.37
N THR UA 251 69.03 -17.79 -69.79
CA THR UA 251 69.24 -18.90 -70.71
C THR UA 251 67.91 -19.19 -71.40
N PHE UA 252 67.96 -19.95 -72.48
CA PHE UA 252 66.78 -20.26 -73.27
C PHE UA 252 66.70 -21.75 -73.55
N LEU UA 253 65.50 -22.30 -73.49
CA LEU UA 253 65.26 -23.72 -73.76
C LEU UA 253 64.07 -23.88 -74.70
N CYS UA 254 64.22 -24.77 -75.68
CA CYS UA 254 63.13 -25.17 -76.55
C CYS UA 254 62.81 -26.63 -76.29
N TYR UA 255 61.53 -26.94 -76.06
CA TYR UA 255 61.10 -28.28 -75.73
C TYR UA 255 60.38 -28.98 -76.87
N THR UA 256 59.58 -28.23 -77.63
CA THR UA 256 58.82 -28.78 -78.76
C THR UA 256 59.46 -28.29 -80.06
N ALA UA 257 60.00 -29.22 -80.83
CA ALA UA 257 60.67 -28.87 -82.08
C ALA UA 257 59.70 -28.65 -83.23
N GLU UA 258 58.45 -29.06 -83.07
CA GLU UA 258 57.47 -29.01 -84.14
C GLU UA 258 56.53 -27.81 -84.06
N ALA UA 259 56.76 -26.88 -83.13
CA ALA UA 259 55.86 -25.75 -82.91
C ALA UA 259 56.32 -24.49 -83.63
N SER UA 260 57.32 -24.59 -84.50
CA SER UA 260 57.85 -23.42 -85.19
C SER UA 260 58.31 -23.80 -86.59
N VAL UA 261 58.34 -22.81 -87.47
CA VAL UA 261 58.84 -22.94 -88.83
C VAL UA 261 59.70 -21.72 -89.11
N ALA UA 262 60.87 -21.95 -89.70
CA ALA UA 262 61.84 -20.89 -89.95
C ALA UA 262 61.92 -20.61 -91.45
N LEU UA 263 62.05 -19.34 -91.80
CA LEU UA 263 62.21 -18.91 -93.18
C LEU UA 263 63.49 -18.10 -93.29
N THR UA 264 64.39 -18.54 -94.15
CA THR UA 264 65.71 -17.94 -94.26
C THR UA 264 65.75 -16.94 -95.42
N PRO UA 265 66.52 -15.85 -95.29
CA PRO UA 265 66.57 -14.83 -96.34
C PRO UA 265 67.00 -15.40 -97.69
N ASN VA 2 -42.06 -45.68 66.02
CA ASN VA 2 -43.45 -45.33 66.29
C ASN VA 2 -44.04 -46.25 67.35
N ASN VA 3 -45.35 -46.13 67.59
CA ASN VA 3 -46.01 -46.89 68.65
C ASN VA 3 -46.14 -48.37 68.31
N LEU VA 4 -45.87 -48.77 67.06
CA LEU VA 4 -45.95 -50.18 66.72
C LEU VA 4 -44.86 -50.97 67.41
N TYR VA 5 -43.68 -50.37 67.58
CA TYR VA 5 -42.55 -51.04 68.22
C TYR VA 5 -42.14 -52.31 67.44
N ARG VA 6 -42.09 -52.19 66.12
CA ARG VA 6 -41.67 -53.32 65.29
C ARG VA 6 -40.17 -53.57 65.38
N ASP VA 7 -39.37 -52.53 65.60
CA ASP VA 7 -37.92 -52.70 65.68
C ASP VA 7 -37.52 -53.61 66.83
N LEU VA 8 -38.39 -53.80 67.82
CA LEU VA 8 -38.11 -54.65 68.97
C LEU VA 8 -38.53 -56.10 68.75
N ALA VA 9 -39.20 -56.40 67.64
CA ALA VA 9 -39.70 -57.77 67.44
C ALA VA 9 -38.61 -58.63 66.81
N PRO VA 10 -38.53 -59.92 67.18
CA PRO VA 10 -37.54 -60.82 66.57
C PRO VA 10 -38.01 -61.37 65.22
N ILE VA 11 -38.18 -60.46 64.26
CA ILE VA 11 -38.69 -60.82 62.93
C ILE VA 11 -37.85 -60.10 61.89
N THR VA 12 -37.53 -60.80 60.81
CA THR VA 12 -36.70 -60.26 59.75
C THR VA 12 -37.55 -59.46 58.75
N GLU VA 13 -36.86 -58.71 57.89
CA GLU VA 13 -37.55 -57.89 56.90
C GLU VA 13 -38.37 -58.77 55.94
N SER VA 14 -37.81 -59.89 55.52
CA SER VA 14 -38.52 -60.76 54.59
C SER VA 14 -39.79 -61.32 55.22
N ALA VA 15 -39.71 -61.77 56.46
CA ALA VA 15 -40.91 -62.29 57.13
C ALA VA 15 -41.93 -61.19 57.36
N TRP VA 16 -41.47 -59.99 57.70
CA TRP VA 16 -42.38 -58.85 57.83
C TRP VA 16 -43.11 -58.61 56.51
N ALA VA 17 -42.37 -58.64 55.40
CA ALA VA 17 -43.00 -58.43 54.10
C ALA VA 17 -44.02 -59.52 53.79
N GLU VA 18 -43.67 -60.77 54.08
CA GLU VA 18 -44.61 -61.87 53.83
C GLU VA 18 -45.89 -61.69 54.64
N ILE VA 19 -45.75 -61.35 55.93
CA ILE VA 19 -46.93 -61.18 56.77
C ILE VA 19 -47.79 -60.02 56.27
N GLU VA 20 -47.15 -58.89 55.94
CA GLU VA 20 -47.91 -57.76 55.44
C GLU VA 20 -48.66 -58.10 54.16
N LEU VA 21 -47.98 -58.78 53.23
CA LEU VA 21 -48.62 -59.17 51.98
C LEU VA 21 -49.80 -60.08 52.22
N GLU VA 22 -49.62 -61.09 53.08
CA GLU VA 22 -50.69 -62.04 53.34
C GLU VA 22 -51.89 -61.37 53.99
N ALA VA 23 -51.65 -60.46 54.95
CA ALA VA 23 -52.77 -59.77 55.59
C ALA VA 23 -53.48 -58.85 54.62
N THR VA 24 -52.72 -58.09 53.81
CA THR VA 24 -53.32 -57.18 52.85
C THR VA 24 -54.20 -57.93 51.86
N ARG VA 25 -53.70 -59.04 51.33
CA ARG VA 25 -54.46 -59.80 50.34
C ARG VA 25 -55.80 -60.27 50.94
N THR VA 26 -55.75 -60.86 52.13
CA THR VA 26 -56.96 -61.41 52.74
C THR VA 26 -57.95 -60.30 53.08
N PHE VA 27 -57.47 -59.19 53.63
CA PHE VA 27 -58.37 -58.09 53.97
C PHE VA 27 -59.03 -57.52 52.72
N LYS VA 28 -58.25 -57.29 51.67
CA LYS VA 28 -58.80 -56.76 50.43
C LYS VA 28 -59.78 -57.75 49.81
N ARG VA 29 -59.57 -59.05 50.05
CA ARG VA 29 -60.55 -60.04 49.60
C ARG VA 29 -61.86 -59.92 50.37
N HIS VA 30 -61.79 -59.84 51.69
CA HIS VA 30 -62.97 -59.98 52.54
C HIS VA 30 -63.67 -58.65 52.79
N ILE VA 31 -63.14 -57.53 52.31
CA ILE VA 31 -63.72 -56.22 52.58
C ILE VA 31 -64.61 -55.83 51.41
N ALA VA 32 -65.75 -55.20 51.71
CA ALA VA 32 -66.72 -54.81 50.70
C ALA VA 32 -67.16 -53.36 50.77
N GLY VA 33 -67.31 -52.78 51.97
CA GLY VA 33 -67.82 -51.44 52.06
C GLY VA 33 -66.93 -50.41 51.39
N ARG VA 34 -65.61 -50.62 51.44
CA ARG VA 34 -64.66 -49.71 50.85
C ARG VA 34 -64.84 -49.56 49.35
N ARG VA 35 -65.52 -50.52 48.71
CA ARG VA 35 -65.77 -50.47 47.27
C ARG VA 35 -67.01 -49.68 46.90
N VAL VA 36 -67.85 -49.32 47.87
CA VAL VA 36 -69.11 -48.62 47.58
C VAL VA 36 -69.28 -47.40 48.47
N VAL VA 37 -68.29 -47.08 49.30
CA VAL VA 37 -68.36 -45.92 50.18
C VAL VA 37 -67.14 -45.05 49.95
N ASP VA 38 -67.35 -43.73 49.97
CA ASP VA 38 -66.25 -42.79 49.91
C ASP VA 38 -65.38 -42.93 51.15
N VAL VA 39 -64.07 -42.85 50.97
CA VAL VA 39 -63.09 -43.03 52.03
C VAL VA 39 -62.32 -41.74 52.21
N SER VA 40 -62.36 -41.18 53.41
CA SER VA 40 -61.55 -40.02 53.76
C SER VA 40 -60.21 -40.53 54.27
N GLY VA 41 -59.15 -40.31 53.50
CA GLY VA 41 -57.85 -40.87 53.78
C GLY VA 41 -57.39 -40.60 55.19
N PRO VA 42 -56.38 -41.32 55.65
CA PRO VA 42 -55.91 -41.14 57.02
C PRO VA 42 -55.52 -39.69 57.28
N ASN VA 43 -56.04 -39.14 58.38
CA ASN VA 43 -55.74 -37.78 58.79
C ASN VA 43 -54.68 -37.70 59.89
N GLY VA 44 -54.14 -38.84 60.31
CA GLY VA 44 -53.07 -38.87 61.27
C GLY VA 44 -53.50 -39.38 62.63
N PRO VA 45 -52.54 -39.81 63.45
CA PRO VA 45 -52.89 -40.29 64.80
C PRO VA 45 -53.50 -39.23 65.69
N THR VA 46 -53.28 -37.95 65.39
CA THR VA 46 -53.85 -36.86 66.19
C THR VA 46 -55.35 -36.71 66.00
N THR VA 47 -55.92 -37.32 64.96
CA THR VA 47 -57.34 -37.18 64.69
C THR VA 47 -58.14 -38.05 65.65
N ALA VA 48 -59.16 -37.46 66.27
CA ALA VA 48 -59.97 -38.15 67.26
C ALA VA 48 -61.47 -38.08 67.01
N SER VA 49 -61.95 -37.12 66.24
CA SER VA 49 -63.38 -36.96 66.04
C SER VA 49 -63.63 -36.27 64.70
N VAL VA 50 -64.87 -36.36 64.23
CA VAL VA 50 -65.30 -35.75 62.98
C VAL VA 50 -66.45 -34.80 63.29
N SER VA 51 -66.28 -33.53 62.95
CA SER VA 51 -67.32 -32.54 63.18
C SER VA 51 -68.52 -32.81 62.29
N THR VA 52 -69.72 -32.57 62.81
CA THR VA 52 -70.94 -32.69 62.01
C THR VA 52 -71.51 -31.34 61.60
N GLY VA 53 -71.02 -30.24 62.18
CA GLY VA 53 -71.54 -28.93 61.86
C GLY VA 53 -72.84 -28.58 62.55
N HIS VA 54 -73.36 -29.47 63.40
CA HIS VA 54 -74.58 -29.23 64.13
C HIS VA 54 -74.27 -28.65 65.51
N LEU VA 55 -75.31 -28.11 66.16
CA LEU VA 55 -75.20 -27.50 67.47
C LEU VA 55 -76.16 -28.18 68.43
N LEU VA 56 -75.79 -28.22 69.70
CA LEU VA 56 -76.60 -28.80 70.76
C LEU VA 56 -76.83 -27.77 71.85
N ASP VA 57 -78.05 -27.72 72.36
CA ASP VA 57 -78.40 -26.76 73.40
C ASP VA 57 -77.75 -27.14 74.72
N VAL VA 58 -77.39 -26.12 75.50
CA VAL VA 58 -76.68 -26.32 76.76
C VAL VA 58 -76.99 -25.16 77.69
N SER VA 59 -76.94 -25.43 78.99
CA SER VA 59 -77.24 -24.41 79.98
C SER VA 59 -76.24 -23.26 79.88
N PRO VA 60 -76.70 -22.01 79.94
CA PRO VA 60 -75.78 -20.89 79.75
C PRO VA 60 -74.91 -20.69 80.98
N PRO VA 61 -73.72 -20.11 80.82
CA PRO VA 61 -72.94 -19.71 82.00
C PRO VA 61 -73.66 -18.69 82.87
N GLY VA 62 -74.41 -17.78 82.27
CA GLY VA 62 -75.03 -16.72 83.04
C GLY VA 62 -76.11 -16.03 82.24
N ASP VA 63 -76.57 -14.91 82.79
CA ASP VA 63 -77.68 -14.17 82.20
C ASP VA 63 -77.24 -13.48 80.90
N GLY VA 64 -78.17 -13.41 79.95
CA GLY VA 64 -77.90 -12.72 78.70
C GLY VA 64 -76.93 -13.44 77.78
N VAL VA 65 -76.70 -14.73 78.00
CA VAL VA 65 -75.75 -15.51 77.22
C VAL VA 65 -76.45 -16.73 76.66
N ILE VA 66 -76.26 -16.99 75.37
CA ILE VA 66 -76.80 -18.16 74.69
C ILE VA 66 -75.63 -19.09 74.38
N ALA VA 67 -75.74 -20.34 74.82
CA ALA VA 67 -74.66 -21.31 74.71
C ALA VA 67 -75.09 -22.51 73.88
N HIS VA 68 -74.20 -22.97 73.01
CA HIS VA 68 -74.43 -24.16 72.20
C HIS VA 68 -73.15 -24.96 72.12
N LEU VA 69 -73.28 -26.29 72.05
CA LEU VA 69 -72.14 -27.18 71.94
C LEU VA 69 -72.02 -27.72 70.52
N ARG VA 70 -70.80 -27.73 70.00
CA ARG VA 70 -70.53 -28.29 68.68
C ARG VA 70 -70.59 -29.81 68.76
N ASP VA 71 -71.10 -30.43 67.70
CA ASP VA 71 -71.36 -31.85 67.68
C ASP VA 71 -70.31 -32.58 66.85
N ALA VA 72 -69.76 -33.65 67.42
CA ALA VA 72 -68.72 -34.41 66.76
C ALA VA 72 -68.97 -35.91 66.99
N LYS VA 73 -68.47 -36.70 66.05
CA LYS VA 73 -68.56 -38.15 66.11
C LYS VA 73 -67.20 -38.71 66.48
N PRO VA 74 -67.05 -39.44 67.59
CA PRO VA 74 -65.74 -39.96 67.97
C PRO VA 74 -65.32 -41.12 67.07
N LEU VA 75 -64.01 -41.33 67.02
CA LEU VA 75 -63.41 -42.43 66.29
C LEU VA 75 -63.13 -43.59 67.25
N VAL VA 76 -63.28 -44.81 66.75
CA VAL VA 76 -63.10 -46.02 67.54
C VAL VA 76 -61.93 -46.80 66.98
N ARG VA 77 -61.10 -47.33 67.86
CA ARG VA 77 -59.92 -48.10 67.50
C ARG VA 77 -60.23 -49.58 67.69
N LEU VA 78 -60.03 -50.38 66.64
CA LEU VA 78 -60.26 -51.82 66.66
C LEU VA 78 -58.89 -52.49 66.58
N ARG VA 79 -58.64 -53.39 67.54
CA ARG VA 79 -57.39 -54.12 67.64
C ARG VA 79 -57.69 -55.61 67.76
N VAL VA 80 -57.09 -56.40 66.87
CA VAL VA 80 -57.27 -57.85 66.87
C VAL VA 80 -55.91 -58.51 67.09
N PRO VA 81 -55.70 -59.21 68.20
CA PRO VA 81 -54.41 -59.83 68.44
C PRO VA 81 -54.31 -61.23 67.84
N PHE VA 82 -53.08 -61.63 67.53
CA PHE VA 82 -52.80 -62.96 67.04
C PHE VA 82 -51.37 -63.33 67.40
N THR VA 83 -51.04 -64.61 67.23
CA THR VA 83 -49.77 -65.18 67.63
C THR VA 83 -49.10 -65.87 66.46
N VAL VA 84 -47.78 -65.73 66.36
CA VAL VA 84 -47.02 -66.31 65.27
C VAL VA 84 -45.85 -67.11 65.84
N ALA VA 85 -45.39 -68.10 65.08
CA ALA VA 85 -44.35 -69.01 65.53
C ALA VA 85 -42.98 -68.58 65.01
N ARG VA 86 -42.02 -68.50 65.94
CA ARG VA 86 -40.67 -68.10 65.61
C ARG VA 86 -39.98 -69.07 64.66
N ARG VA 87 -40.38 -70.35 64.67
CA ARG VA 87 -39.83 -71.30 63.70
C ARG VA 87 -40.25 -70.96 62.27
N ASP VA 88 -41.54 -70.68 62.06
CA ASP VA 88 -42.00 -70.23 60.75
C ASP VA 88 -41.35 -68.91 60.37
N ILE VA 89 -41.15 -68.02 61.34
CA ILE VA 89 -40.45 -66.77 61.04
C ILE VA 89 -39.03 -67.04 60.57
N ASP VA 90 -38.31 -67.92 61.28
CA ASP VA 90 -36.90 -68.14 60.97
C ASP VA 90 -36.73 -68.87 59.64
N ASP VA 91 -37.66 -69.77 59.31
CA ASP VA 91 -37.51 -70.55 58.08
C ASP VA 91 -37.46 -69.68 56.83
N VAL VA 92 -38.01 -68.46 56.90
CA VAL VA 92 -38.08 -67.63 55.70
C VAL VA 92 -36.69 -67.29 55.18
N GLU VA 93 -35.78 -66.91 56.07
CA GLU VA 93 -34.43 -66.55 55.64
C GLU VA 93 -33.67 -67.73 55.07
N ARG VA 94 -34.16 -68.95 55.31
CA ARG VA 94 -33.61 -70.16 54.70
C ARG VA 94 -34.22 -70.47 53.34
N GLY VA 95 -34.86 -69.48 52.71
CA GLY VA 95 -35.51 -69.71 51.42
C GLY VA 95 -36.72 -70.61 51.52
N SER VA 96 -37.42 -70.60 52.66
CA SER VA 96 -38.67 -71.33 52.80
C SER VA 96 -39.82 -70.44 52.36
N GLN VA 97 -40.74 -71.01 51.59
CA GLN VA 97 -41.91 -70.29 51.10
C GLN VA 97 -43.19 -71.12 51.20
N ASP VA 98 -43.32 -71.92 52.27
CA ASP VA 98 -44.58 -72.55 52.63
C ASP VA 98 -44.95 -72.27 54.09
N SER VA 99 -44.47 -71.17 54.65
CA SER VA 99 -44.68 -70.88 56.06
C SER VA 99 -46.15 -70.64 56.36
N ASP VA 100 -46.55 -70.96 57.58
CA ASP VA 100 -47.95 -70.87 58.01
C ASP VA 100 -48.25 -69.46 58.48
N TRP VA 101 -49.24 -68.82 57.85
CA TRP VA 101 -49.71 -67.49 58.22
C TRP VA 101 -51.21 -67.49 58.46
N ASP VA 102 -51.74 -68.66 58.83
CA ASP VA 102 -53.17 -68.80 59.09
C ASP VA 102 -53.67 -67.87 60.18
N PRO VA 103 -52.99 -67.69 61.32
CA PRO VA 103 -53.45 -66.69 62.29
C PRO VA 103 -53.52 -65.29 61.70
N VAL VA 104 -52.55 -64.93 60.86
CA VAL VA 104 -52.60 -63.63 60.19
C VAL VA 104 -53.87 -63.52 59.34
N LYS VA 105 -54.15 -64.55 58.56
CA LYS VA 105 -55.34 -64.50 57.70
C LYS VA 105 -56.62 -64.42 58.53
N ASP VA 106 -56.68 -65.17 59.62
CA ASP VA 106 -57.86 -65.15 60.48
C ASP VA 106 -58.06 -63.78 61.11
N ALA VA 107 -56.99 -63.15 61.59
CA ALA VA 107 -57.11 -61.83 62.18
C ALA VA 107 -57.56 -60.81 61.13
N ALA VA 108 -57.01 -60.90 59.92
CA ALA VA 108 -57.44 -59.99 58.86
C ALA VA 108 -58.93 -60.18 58.55
N LYS VA 109 -59.37 -61.43 58.49
CA LYS VA 109 -60.79 -61.70 58.25
C LYS VA 109 -61.65 -61.10 59.36
N LYS VA 110 -61.22 -61.27 60.60
CA LYS VA 110 -61.98 -60.76 61.74
C LYS VA 110 -62.10 -59.24 61.68
N LEU VA 111 -60.99 -58.56 61.37
CA LEU VA 111 -61.01 -57.10 61.29
C LEU VA 111 -61.91 -56.63 60.16
N ALA VA 112 -61.81 -57.28 58.99
CA ALA VA 112 -62.67 -56.91 57.87
C ALA VA 112 -64.13 -57.10 58.23
N PHE VA 113 -64.44 -58.20 58.92
CA PHE VA 113 -65.83 -58.49 59.26
C PHE VA 113 -66.38 -57.45 60.24
N VAL VA 114 -65.59 -57.07 61.24
CA VAL VA 114 -66.07 -56.07 62.19
C VAL VA 114 -66.27 -54.74 61.48
N GLU VA 115 -65.35 -54.36 60.60
CA GLU VA 115 -65.48 -53.10 59.89
C GLU VA 115 -66.75 -53.08 59.03
N ASP VA 116 -66.96 -54.15 58.26
CA ASP VA 116 -68.12 -54.19 57.37
C ASP VA 116 -69.42 -54.26 58.16
N ARG VA 117 -69.43 -54.98 59.27
CA ARG VA 117 -70.62 -55.06 60.11
C ARG VA 117 -70.93 -53.74 60.79
N ALA VA 118 -69.92 -52.98 61.20
CA ALA VA 118 -70.17 -51.63 61.69
C ALA VA 118 -70.71 -50.72 60.60
N ILE VA 119 -70.19 -50.84 59.38
CA ILE VA 119 -70.67 -50.01 58.29
C ILE VA 119 -72.12 -50.31 57.97
N PHE VA 120 -72.48 -51.59 57.87
CA PHE VA 120 -73.77 -51.99 57.32
C PHE VA 120 -74.83 -52.31 58.36
N GLU VA 121 -74.47 -52.43 59.63
CA GLU VA 121 -75.42 -52.85 60.67
C GLU VA 121 -75.39 -51.94 61.89
N GLY VA 122 -74.27 -51.32 62.19
CA GLY VA 122 -74.19 -50.37 63.29
C GLY VA 122 -73.41 -50.93 64.47
N TYR VA 123 -72.64 -50.05 65.12
CA TYR VA 123 -71.90 -50.35 66.34
C TYR VA 123 -72.28 -49.25 67.34
N ALA VA 124 -73.31 -49.53 68.14
CA ALA VA 124 -73.96 -48.46 68.91
C ALA VA 124 -73.00 -47.80 69.89
N ALA VA 125 -72.20 -48.60 70.61
CA ALA VA 125 -71.32 -48.03 71.63
C ALA VA 125 -70.37 -47.01 71.05
N ALA VA 126 -70.03 -47.14 69.76
CA ALA VA 126 -69.23 -46.16 69.06
C ALA VA 126 -70.07 -45.08 68.40
N SER VA 127 -71.36 -45.02 68.72
CA SER VA 127 -72.29 -44.04 68.15
C SER VA 127 -72.38 -44.17 66.63
N ILE VA 128 -72.17 -45.38 66.12
CA ILE VA 128 -72.20 -45.64 64.68
C ILE VA 128 -73.57 -46.21 64.34
N GLU VA 129 -74.37 -45.44 63.60
CA GLU VA 129 -75.64 -45.91 63.08
C GLU VA 129 -75.42 -46.45 61.67
N GLY VA 130 -75.82 -47.70 61.46
CA GLY VA 130 -75.55 -48.37 60.21
C GLY VA 130 -76.47 -47.95 59.09
N ILE VA 131 -76.11 -48.37 57.88
CA ILE VA 131 -76.94 -48.09 56.71
C ILE VA 131 -78.32 -48.67 56.85
N ARG VA 132 -78.43 -49.88 57.42
CA ARG VA 132 -79.73 -50.52 57.58
C ARG VA 132 -80.69 -49.65 58.40
N SER VA 133 -80.23 -49.16 59.56
CA SER VA 133 -81.08 -48.33 60.39
C SER VA 133 -81.30 -46.95 59.79
N SER VA 134 -80.24 -46.34 59.26
CA SER VA 134 -80.35 -44.99 58.72
C SER VA 134 -81.17 -44.94 57.43
N SER VA 135 -81.40 -46.07 56.79
CA SER VA 135 -82.15 -46.07 55.55
C SER VA 135 -83.60 -45.67 55.80
N SER VA 136 -84.12 -44.81 54.92
CA SER VA 136 -85.51 -44.37 55.01
C SER VA 136 -86.46 -45.16 54.12
N ASN VA 137 -85.97 -45.68 53.00
CA ASN VA 137 -86.81 -46.47 52.13
C ASN VA 137 -87.23 -47.77 52.84
N PRO VA 138 -88.44 -48.27 52.59
CA PRO VA 138 -88.90 -49.46 53.32
C PRO VA 138 -88.00 -50.66 53.04
N ALA VA 139 -87.82 -51.48 54.07
CA ALA VA 139 -87.01 -52.68 53.95
C ALA VA 139 -87.82 -53.82 53.34
N LEU VA 140 -87.14 -54.72 52.64
CA LEU VA 140 -87.77 -55.87 52.02
C LEU VA 140 -87.28 -57.17 52.67
N ALA VA 141 -87.90 -58.26 52.26
CA ALA VA 141 -87.57 -59.59 52.77
C ALA VA 141 -87.00 -60.44 51.64
N LEU VA 142 -85.88 -61.09 51.91
CA LEU VA 142 -85.23 -61.93 50.92
C LEU VA 142 -85.97 -63.27 50.87
N PRO VA 143 -86.53 -63.67 49.73
CA PRO VA 143 -87.25 -64.94 49.69
C PRO VA 143 -86.37 -66.13 50.01
N ASP VA 144 -86.96 -67.13 50.64
CA ASP VA 144 -86.22 -68.35 50.97
C ASP VA 144 -85.68 -69.01 49.70
N ASP VA 145 -86.50 -69.05 48.65
CA ASP VA 145 -86.07 -69.59 47.37
C ASP VA 145 -85.17 -68.59 46.66
N ALA VA 146 -84.30 -69.11 45.80
CA ALA VA 146 -83.36 -68.26 45.07
C ALA VA 146 -83.93 -67.72 43.77
N ARG VA 147 -85.10 -68.21 43.33
CA ARG VA 147 -85.62 -67.83 42.03
C ARG VA 147 -86.34 -66.48 42.06
N GLU VA 148 -86.81 -66.05 43.23
CA GLU VA 148 -87.59 -64.82 43.36
C GLU VA 148 -86.74 -63.63 43.78
N ILE VA 149 -85.44 -63.83 44.04
CA ILE VA 149 -84.60 -62.72 44.48
C ILE VA 149 -84.55 -61.60 43.46
N PRO VA 150 -84.41 -61.86 42.15
CA PRO VA 150 -84.36 -60.75 41.19
C PRO VA 150 -85.60 -59.86 41.22
N ASP VA 151 -86.77 -60.43 41.48
CA ASP VA 151 -87.97 -59.61 41.58
C ASP VA 151 -87.86 -58.63 42.74
N VAL VA 152 -87.36 -59.10 43.89
CA VAL VA 152 -87.22 -58.22 45.04
C VAL VA 152 -86.17 -57.14 44.76
N ILE VA 153 -85.10 -57.50 44.06
CA ILE VA 153 -84.10 -56.50 43.70
C ILE VA 153 -84.69 -55.46 42.77
N ALA VA 154 -85.52 -55.88 41.81
CA ALA VA 154 -86.19 -54.92 40.94
C ALA VA 154 -87.11 -54.01 41.73
N GLN VA 155 -87.81 -54.56 42.73
CA GLN VA 155 -88.64 -53.74 43.60
C GLN VA 155 -87.81 -52.71 44.35
N ALA VA 156 -86.65 -53.12 44.87
CA ALA VA 156 -85.80 -52.18 45.61
C ALA VA 156 -85.27 -51.09 44.69
N LEU VA 157 -84.87 -51.46 43.48
CA LEU VA 157 -84.47 -50.45 42.51
C LEU VA 157 -85.61 -49.50 42.22
N SER VA 158 -86.83 -50.03 42.09
CA SER VA 158 -88.00 -49.17 41.90
C SER VA 158 -88.17 -48.21 43.07
N GLU VA 159 -87.91 -48.67 44.29
CA GLU VA 159 -88.07 -47.78 45.45
C GLU VA 159 -87.04 -46.65 45.44
N LEU VA 160 -85.76 -46.99 45.35
CA LEU VA 160 -84.71 -45.97 45.24
C LEU VA 160 -85.04 -44.99 44.12
N ARG VA 161 -85.38 -45.54 42.97
CA ARG VA 161 -85.47 -44.82 41.72
C ARG VA 161 -86.78 -44.06 41.61
N LEU VA 162 -87.75 -44.43 42.43
CA LEU VA 162 -88.85 -43.54 42.76
C LEU VA 162 -88.38 -42.39 43.63
N ALA VA 163 -87.63 -42.70 44.69
CA ALA VA 163 -87.23 -41.69 45.65
C ALA VA 163 -86.39 -40.60 45.00
N GLY VA 164 -85.76 -40.89 43.87
CA GLY VA 164 -85.11 -39.86 43.08
C GLY VA 164 -83.61 -39.90 43.08
N VAL VA 165 -83.00 -41.00 43.51
CA VAL VA 165 -81.55 -41.11 43.52
C VAL VA 165 -81.07 -41.63 42.18
N ASP VA 166 -79.88 -41.17 41.79
CA ASP VA 166 -79.29 -41.54 40.51
C ASP VA 166 -77.89 -42.10 40.68
N GLY VA 167 -77.19 -42.32 39.58
CA GLY VA 167 -75.86 -42.88 39.60
C GLY VA 167 -75.88 -44.40 39.55
N PRO VA 168 -74.74 -45.01 39.30
CA PRO VA 168 -74.70 -46.47 39.20
C PRO VA 168 -75.21 -47.13 40.47
N TYR VA 169 -75.97 -48.21 40.30
CA TYR VA 169 -76.51 -48.96 41.41
C TYR VA 169 -75.74 -50.26 41.59
N SER VA 170 -75.66 -50.71 42.84
CA SER VA 170 -74.84 -51.86 43.19
C SER VA 170 -75.56 -52.72 44.21
N VAL VA 171 -75.33 -54.03 44.12
CA VAL VA 171 -75.96 -55.01 44.99
C VAL VA 171 -74.86 -55.70 45.78
N LEU VA 172 -74.95 -55.62 47.11
CA LEU VA 172 -74.04 -56.32 48.02
C LEU VA 172 -74.82 -57.49 48.61
N LEU VA 173 -74.31 -58.70 48.41
CA LEU VA 173 -74.99 -59.91 48.85
C LEU VA 173 -74.21 -60.60 49.96
N SER VA 174 -74.95 -61.27 50.84
CA SER VA 174 -74.36 -61.97 51.97
C SER VA 174 -73.63 -63.21 51.47
N ALA VA 175 -72.88 -63.85 52.35
CA ALA VA 175 -72.23 -65.11 51.98
C ALA VA 175 -73.26 -66.18 51.65
N GLU VA 176 -74.26 -66.33 52.51
CA GLU VA 176 -75.25 -67.39 52.32
C GLU VA 176 -76.10 -67.13 51.09
N THR VA 177 -76.45 -65.86 50.84
CA THR VA 177 -77.24 -65.52 49.66
C THR VA 177 -76.42 -65.64 48.38
N TYR VA 178 -75.16 -65.22 48.40
CA TYR VA 178 -74.32 -65.34 47.23
C TYR VA 178 -74.05 -66.79 46.89
N THR VA 179 -73.79 -67.63 47.89
CA THR VA 179 -73.66 -69.06 47.63
C THR VA 179 -74.93 -69.61 46.98
N LYS VA 180 -76.10 -69.17 47.46
CA LYS VA 180 -77.36 -69.66 46.91
C LYS VA 180 -77.51 -69.26 45.45
N VAL VA 181 -77.33 -67.97 45.15
CA VAL VA 181 -77.54 -67.51 43.78
C VAL VA 181 -76.46 -68.07 42.85
N SER VA 182 -75.29 -68.40 43.39
CA SER VA 182 -74.23 -68.97 42.56
C SER VA 182 -74.51 -70.43 42.24
N GLU VA 183 -74.78 -71.24 43.26
CA GLU VA 183 -75.05 -72.66 43.04
C GLU VA 183 -76.31 -72.86 42.21
N THR VA 184 -77.37 -72.10 42.53
CA THR VA 184 -78.61 -72.22 41.78
C THR VA 184 -78.43 -71.72 40.36
N THR VA 185 -79.14 -72.35 39.43
CA THR VA 185 -79.01 -72.05 38.01
C THR VA 185 -80.38 -72.06 37.35
N ALA VA 186 -80.48 -71.38 36.22
CA ALA VA 186 -81.73 -71.32 35.45
C ALA VA 186 -81.40 -71.07 33.99
N HIS VA 187 -81.97 -71.88 33.10
CA HIS VA 187 -81.78 -71.74 31.66
C HIS VA 187 -80.30 -71.73 31.29
N GLY VA 188 -79.48 -72.43 32.09
CA GLY VA 188 -78.07 -72.50 31.82
C GLY VA 188 -77.26 -71.30 32.26
N TYR VA 189 -77.82 -70.43 33.11
CA TYR VA 189 -77.07 -69.35 33.72
C TYR VA 189 -77.38 -69.29 35.22
N PRO VA 190 -76.41 -68.90 36.05
CA PRO VA 190 -76.69 -68.73 37.48
C PRO VA 190 -77.66 -67.60 37.76
N ILE VA 191 -78.38 -67.77 38.88
CA ILE VA 191 -79.26 -66.73 39.35
C ILE VA 191 -78.47 -65.47 39.65
N ARG VA 192 -77.19 -65.59 39.96
CA ARG VA 192 -76.35 -64.41 40.15
C ARG VA 192 -76.20 -63.62 38.86
N GLU VA 193 -75.99 -64.30 37.72
CA GLU VA 193 -75.96 -63.58 36.45
C GLU VA 193 -77.33 -62.98 36.15
N HIS VA 194 -78.40 -63.72 36.46
CA HIS VA 194 -79.74 -63.15 36.34
C HIS VA 194 -79.82 -61.82 37.08
N ILE VA 195 -79.32 -61.78 38.32
CA ILE VA 195 -79.34 -60.53 39.09
C ILE VA 195 -78.48 -59.47 38.40
N ASN VA 196 -77.26 -59.83 38.01
CA ASN VA 196 -76.33 -58.88 37.41
C ASN VA 196 -76.95 -58.19 36.20
N ARG VA 197 -77.79 -58.91 35.45
CA ARG VA 197 -78.36 -58.35 34.23
C ARG VA 197 -79.10 -57.03 34.48
N LEU VA 198 -79.62 -56.83 35.67
CA LEU VA 198 -80.48 -55.67 35.95
C LEU VA 198 -79.69 -54.41 36.22
N VAL VA 199 -78.70 -54.48 37.09
CA VAL VA 199 -78.00 -53.28 37.57
C VAL VA 199 -76.97 -52.83 36.55
N ASP VA 200 -76.54 -51.58 36.72
CA ASP VA 200 -75.50 -50.98 35.89
C ASP VA 200 -74.12 -51.10 36.52
N GLY VA 201 -74.05 -51.29 37.84
CA GLY VA 201 -72.78 -51.34 38.54
C GLY VA 201 -72.21 -52.74 38.64
N GLU VA 202 -71.99 -53.21 39.87
CA GLU VA 202 -71.34 -54.49 40.12
C GLU VA 202 -72.09 -55.27 41.17
N ILE VA 203 -71.83 -56.57 41.21
CA ILE VA 203 -72.30 -57.45 42.27
C ILE VA 203 -71.13 -57.68 43.23
N ILE VA 204 -71.37 -57.50 44.54
CA ILE VA 204 -70.30 -57.50 45.53
C ILE VA 204 -70.58 -58.54 46.61
N TRP VA 205 -69.51 -59.23 47.04
CA TRP VA 205 -69.53 -60.12 48.19
C TRP VA 205 -69.56 -59.30 49.49
N ALA VA 206 -70.48 -59.63 50.37
CA ALA VA 206 -70.52 -59.02 51.69
C ALA VA 206 -70.72 -60.10 52.76
N PRO VA 207 -69.68 -60.87 53.09
CA PRO VA 207 -69.90 -61.98 54.03
C PRO VA 207 -70.27 -61.52 55.41
N ALA VA 208 -69.70 -60.39 55.84
CA ALA VA 208 -69.94 -59.86 57.18
C ALA VA 208 -71.39 -59.48 57.38
N ILE VA 209 -72.04 -58.92 56.36
CA ILE VA 209 -73.41 -58.44 56.49
C ILE VA 209 -74.34 -59.64 56.42
N ASP VA 210 -75.59 -59.43 56.81
CA ASP VA 210 -76.62 -60.45 56.78
C ASP VA 210 -77.79 -59.94 55.96
N GLY VA 211 -78.08 -60.61 54.85
CA GLY VA 211 -79.17 -60.20 53.98
C GLY VA 211 -78.68 -59.74 52.62
N ALA VA 212 -79.13 -58.56 52.19
CA ALA VA 212 -78.69 -57.99 50.92
C ALA VA 212 -78.92 -56.49 50.96
N PHE VA 213 -78.22 -55.76 50.09
CA PHE VA 213 -78.34 -54.30 50.07
C PHE VA 213 -78.25 -53.83 48.62
N VAL VA 214 -79.15 -52.94 48.23
CA VAL VA 214 -79.10 -52.30 46.93
C VAL VA 214 -78.91 -50.80 47.15
N LEU VA 215 -77.82 -50.23 46.64
CA LEU VA 215 -77.51 -48.85 46.97
C LEU VA 215 -76.90 -48.14 45.77
N SER VA 216 -76.97 -46.81 45.81
CA SER VA 216 -76.40 -45.96 44.77
C SER VA 216 -74.94 -45.65 45.09
N THR VA 217 -74.16 -45.40 44.03
CA THR VA 217 -72.75 -45.07 44.16
C THR VA 217 -72.42 -43.76 43.46
N ARG VA 218 -73.39 -42.86 43.37
CA ARG VA 218 -73.12 -41.54 42.79
C ARG VA 218 -72.05 -40.81 43.60
N GLY VA 219 -72.11 -40.92 44.92
CA GLY VA 219 -71.14 -40.26 45.79
C GLY VA 219 -71.77 -39.25 46.71
N GLY VA 220 -71.14 -39.01 47.85
CA GLY VA 220 -71.61 -38.02 48.79
C GLY VA 220 -72.68 -38.50 49.77
N ASP VA 221 -72.96 -39.81 49.81
CA ASP VA 221 -73.97 -40.34 50.71
C ASP VA 221 -73.40 -41.17 51.86
N PHE VA 222 -72.22 -41.78 51.69
CA PHE VA 222 -71.60 -42.58 52.74
C PHE VA 222 -70.15 -42.15 52.88
N ASP VA 223 -69.66 -42.05 54.11
CA ASP VA 223 -68.30 -41.60 54.38
C ASP VA 223 -67.68 -42.51 55.44
N LEU VA 224 -66.59 -43.19 55.08
CA LEU VA 224 -65.80 -43.97 56.02
C LEU VA 224 -64.58 -43.13 56.40
N GLN VA 225 -64.59 -42.59 57.61
CA GLN VA 225 -63.50 -41.75 58.08
C GLN VA 225 -62.46 -42.61 58.79
N LEU VA 226 -61.21 -42.49 58.36
CA LEU VA 226 -60.09 -43.23 58.94
C LEU VA 226 -59.11 -42.25 59.56
N GLY VA 227 -58.70 -42.53 60.79
CA GLY VA 227 -57.61 -41.80 61.40
C GLY VA 227 -56.29 -42.40 60.99
N THR VA 228 -56.17 -43.71 61.15
CA THR VA 228 -55.03 -44.47 60.67
C THR VA 228 -55.54 -45.74 60.01
N ASP VA 229 -54.92 -46.10 58.88
CA ASP VA 229 -55.34 -47.28 58.14
C ASP VA 229 -54.89 -48.54 58.89
N VAL VA 230 -55.11 -49.70 58.27
CA VAL VA 230 -54.76 -50.96 58.92
C VAL VA 230 -53.26 -51.02 59.12
N SER VA 231 -52.85 -51.41 60.32
CA SER VA 231 -51.44 -51.51 60.67
C SER VA 231 -51.22 -52.76 61.51
N ILE VA 232 -49.99 -53.27 61.50
CA ILE VA 232 -49.61 -54.45 62.26
C ILE VA 232 -48.55 -54.05 63.27
N GLY VA 233 -48.74 -54.46 64.53
CA GLY VA 233 -47.83 -54.10 65.60
C GLY VA 233 -47.35 -55.27 66.43
N TYR VA 234 -46.57 -54.98 67.46
CA TYR VA 234 -45.93 -55.98 68.31
C TYR VA 234 -46.22 -55.66 69.77
N LEU VA 235 -46.60 -56.68 70.55
CA LEU VA 235 -46.83 -56.50 71.97
C LEU VA 235 -45.71 -57.12 72.82
N SER VA 236 -45.44 -58.41 72.63
CA SER VA 236 -44.43 -59.11 73.41
C SER VA 236 -44.00 -60.34 72.63
N HIS VA 237 -43.06 -61.09 73.19
CA HIS VA 237 -42.53 -62.26 72.52
C HIS VA 237 -41.99 -63.25 73.54
N ASP VA 238 -41.74 -64.47 73.08
CA ASP VA 238 -41.31 -65.57 73.93
C ASP VA 238 -40.29 -66.39 73.14
N ALA VA 239 -39.75 -67.42 73.77
CA ALA VA 239 -38.79 -68.28 73.09
C ALA VA 239 -39.40 -69.04 71.92
N GLU VA 240 -40.71 -69.09 71.81
CA GLU VA 240 -41.39 -69.86 70.78
C GLU VA 240 -42.32 -69.04 69.90
N VAL VA 241 -42.92 -67.97 70.43
CA VAL VA 241 -43.97 -67.24 69.73
C VAL VA 241 -43.75 -65.74 69.85
N VAL VA 242 -44.44 -65.00 69.00
CA VAL VA 242 -44.50 -63.54 69.07
C VAL VA 242 -45.96 -63.14 69.00
N HIS VA 243 -46.35 -62.17 69.82
CA HIS VA 243 -47.72 -61.68 69.84
C HIS VA 243 -47.81 -60.35 69.10
N LEU VA 244 -48.67 -60.29 68.09
CA LEU VA 244 -48.86 -59.13 67.25
C LEU VA 244 -50.33 -58.76 67.25
N TYR VA 245 -50.65 -57.60 66.65
CA TYR VA 245 -52.03 -57.16 66.55
C TYR VA 245 -52.22 -56.41 65.24
N MET VA 246 -53.45 -56.44 64.74
CA MET VA 246 -53.85 -55.61 63.61
C MET VA 246 -54.81 -54.54 64.12
N GLU VA 247 -54.52 -53.29 63.76
CA GLU VA 247 -55.15 -52.13 64.36
C GLU VA 247 -55.67 -51.19 63.28
N GLU VA 248 -56.84 -50.60 63.52
CA GLU VA 248 -57.33 -49.54 62.66
C GLU VA 248 -58.30 -48.64 63.43
N THR VA 249 -58.22 -47.33 63.19
CA THR VA 249 -59.05 -46.35 63.86
C THR VA 249 -60.00 -45.73 62.84
N MET VA 250 -61.31 -45.86 63.08
CA MET VA 250 -62.29 -45.53 62.05
C MET VA 250 -63.59 -45.05 62.67
N THR VA 251 -64.45 -44.51 61.80
CA THR VA 251 -65.85 -44.29 62.07
C THR VA 251 -66.58 -44.22 60.74
N PHE VA 252 -67.91 -44.33 60.79
CA PHE VA 252 -68.72 -44.35 59.58
C PHE VA 252 -69.88 -43.38 59.72
N LEU VA 253 -70.20 -42.66 58.64
CA LEU VA 253 -71.31 -41.72 58.61
C LEU VA 253 -72.14 -41.94 57.36
N CYS VA 254 -73.47 -41.91 57.54
CA CYS VA 254 -74.41 -41.92 56.43
C CYS VA 254 -75.14 -40.59 56.40
N TYR VA 255 -75.17 -39.95 55.24
CA TYR VA 255 -75.78 -38.64 55.08
C TYR VA 255 -77.10 -38.68 54.35
N THR VA 256 -77.23 -39.54 53.35
CA THR VA 256 -78.45 -39.67 52.56
C THR VA 256 -79.14 -40.98 52.93
N ALA VA 257 -80.34 -40.87 53.52
CA ALA VA 257 -81.06 -42.06 53.97
C ALA VA 257 -81.82 -42.73 52.83
N GLU VA 258 -81.97 -42.06 51.69
CA GLU VA 258 -82.78 -42.57 50.60
C GLU VA 258 -81.96 -43.21 49.49
N ALA VA 259 -80.65 -43.38 49.66
CA ALA VA 259 -79.78 -43.91 48.63
C ALA VA 259 -79.53 -45.41 48.77
N SER VA 260 -80.25 -46.09 49.67
CA SER VA 260 -80.03 -47.51 49.90
C SER VA 260 -81.36 -48.18 50.24
N VAL VA 261 -81.40 -49.49 49.99
CA VAL VA 261 -82.53 -50.34 50.33
C VAL VA 261 -81.96 -51.62 50.94
N ALA VA 262 -82.55 -52.05 52.04
CA ALA VA 262 -82.06 -53.22 52.77
C ALA VA 262 -83.04 -54.38 52.63
N LEU VA 263 -82.51 -55.58 52.50
CA LEU VA 263 -83.29 -56.79 52.40
C LEU VA 263 -82.84 -57.74 53.50
N THR VA 264 -83.79 -58.14 54.36
CA THR VA 264 -83.48 -58.94 55.53
C THR VA 264 -83.74 -60.41 55.25
N PRO VA 265 -82.93 -61.32 55.83
CA PRO VA 265 -83.10 -62.75 55.58
C PRO VA 265 -84.50 -63.26 55.94
N ASN WA 2 67.16 -46.89 38.79
CA ASN WA 2 67.46 -48.21 38.24
C ASN WA 2 68.67 -48.82 38.94
N ASN WA 3 69.14 -49.96 38.42
CA ASN WA 3 70.23 -50.68 39.05
C ASN WA 3 71.58 -49.99 38.89
N LEU WA 4 71.66 -48.96 38.04
CA LEU WA 4 72.93 -48.24 37.89
C LEU WA 4 73.27 -47.47 39.16
N TYR WA 5 72.26 -46.94 39.85
CA TYR WA 5 72.46 -46.17 41.06
C TYR WA 5 73.33 -44.94 40.80
N ARG WA 6 73.03 -44.24 39.69
CA ARG WA 6 73.77 -43.02 39.37
C ARG WA 6 73.38 -41.85 40.27
N ASP WA 7 72.12 -41.81 40.75
CA ASP WA 7 71.69 -40.72 41.60
C ASP WA 7 72.49 -40.65 42.90
N LEU WA 8 73.15 -41.74 43.29
CA LEU WA 8 73.94 -41.79 44.50
C LEU WA 8 75.39 -41.38 44.30
N ALA WA 9 75.81 -41.16 43.04
CA ALA WA 9 77.21 -40.84 42.78
C ALA WA 9 77.46 -39.35 42.95
N PRO WA 10 78.63 -38.94 43.46
CA PRO WA 10 78.95 -37.51 43.59
C PRO WA 10 79.46 -36.91 42.28
N ILE WA 11 78.60 -36.91 41.27
CA ILE WA 11 78.95 -36.43 39.93
C ILE WA 11 77.82 -35.55 39.42
N THR WA 12 78.18 -34.45 38.77
CA THR WA 12 77.20 -33.51 38.25
C THR WA 12 76.72 -33.94 36.87
N GLU WA 13 75.65 -33.28 36.41
CA GLU WA 13 75.08 -33.61 35.11
C GLU WA 13 76.07 -33.34 33.98
N SER WA 14 76.81 -32.23 34.08
CA SER WA 14 77.77 -31.90 33.03
C SER WA 14 78.89 -32.93 32.95
N ALA WA 15 79.42 -33.36 34.10
CA ALA WA 15 80.47 -34.36 34.09
C ALA WA 15 79.93 -35.70 33.59
N TRP WA 16 78.71 -36.04 33.97
CA TRP WA 16 78.08 -37.26 33.44
C TRP WA 16 78.00 -37.20 31.92
N ALA WA 17 77.57 -36.05 31.39
CA ALA WA 17 77.48 -35.91 29.94
C ALA WA 17 78.85 -36.05 29.29
N GLU WA 18 79.87 -35.42 29.86
CA GLU WA 18 81.21 -35.52 29.30
C GLU WA 18 81.69 -36.97 29.28
N ILE WA 19 81.49 -37.69 30.39
CA ILE WA 19 81.94 -39.08 30.45
C ILE WA 19 81.19 -39.92 29.43
N GLU WA 20 79.87 -39.75 29.34
CA GLU WA 20 79.10 -40.53 28.37
C GLU WA 20 79.57 -40.25 26.95
N LEU WA 21 79.77 -38.97 26.62
CA LEU WA 21 80.21 -38.62 25.27
C LEU WA 21 81.57 -39.24 24.97
N GLU WA 22 82.51 -39.13 25.92
CA GLU WA 22 83.85 -39.66 25.69
C GLU WA 22 83.83 -41.17 25.51
N ALA WA 23 83.04 -41.89 26.32
CA ALA WA 23 82.97 -43.34 26.17
C ALA WA 23 82.30 -43.73 24.86
N THR WA 24 81.21 -43.07 24.50
CA THR WA 24 80.52 -43.38 23.26
C THR WA 24 81.43 -43.19 22.06
N ARG WA 25 82.16 -42.07 22.02
CA ARG WA 25 83.03 -41.79 20.88
C ARG WA 25 84.08 -42.89 20.73
N THR WA 26 84.74 -43.25 21.83
CA THR WA 26 85.82 -44.23 21.76
C THR WA 26 85.29 -45.61 21.39
N PHE WA 27 84.17 -46.00 21.96
CA PHE WA 27 83.60 -47.31 21.63
C PHE WA 27 83.20 -47.37 20.15
N LYS WA 28 82.53 -46.33 19.66
CA LYS WA 28 82.12 -46.31 18.26
C LYS WA 28 83.34 -46.28 17.34
N ARG WA 29 84.45 -45.71 17.83
CA ARG WA 29 85.69 -45.78 17.05
C ARG WA 29 86.23 -47.20 16.98
N HIS WA 30 86.31 -47.88 18.13
CA HIS WA 30 87.02 -49.14 18.22
C HIS WA 30 86.17 -50.36 17.90
N ILE WA 31 84.88 -50.18 17.63
CA ILE WA 31 83.97 -51.30 17.38
C ILE WA 31 83.84 -51.49 15.88
N ALA WA 32 83.80 -52.76 15.45
CA ALA WA 32 83.73 -53.10 14.03
C ALA WA 32 82.61 -54.07 13.67
N GLY WA 33 82.31 -55.05 14.52
CA GLY WA 33 81.32 -56.05 14.16
C GLY WA 33 79.95 -55.46 13.94
N ARG WA 34 79.59 -54.43 14.71
CA ARG WA 34 78.30 -53.80 14.60
C ARG WA 34 78.05 -53.20 13.23
N ARG WA 35 79.10 -52.95 12.45
CA ARG WA 35 78.99 -52.40 11.11
C ARG WA 35 78.75 -53.45 10.05
N VAL WA 36 78.90 -54.73 10.36
CA VAL WA 36 78.76 -55.80 9.37
C VAL WA 36 77.85 -56.91 9.86
N VAL WA 37 77.25 -56.76 11.04
CA VAL WA 37 76.35 -57.76 11.59
C VAL WA 37 75.03 -57.12 11.94
N ASP WA 38 73.93 -57.82 11.67
CA ASP WA 38 72.62 -57.37 12.08
C ASP WA 38 72.54 -57.33 13.61
N VAL WA 39 71.89 -56.30 14.14
CA VAL WA 39 71.79 -56.07 15.57
C VAL WA 39 70.31 -56.14 15.96
N SER WA 40 69.99 -57.03 16.88
CA SER WA 40 68.66 -57.11 17.46
C SER WA 40 68.62 -56.18 18.66
N GLY WA 41 67.87 -55.08 18.54
CA GLY WA 41 67.88 -54.04 19.54
C GLY WA 41 67.62 -54.57 20.94
N PRO WA 42 67.91 -53.76 21.95
CA PRO WA 42 67.72 -54.22 23.33
C PRO WA 42 66.29 -54.68 23.57
N ASN WA 43 66.15 -55.87 24.15
CA ASN WA 43 64.85 -56.44 24.47
C ASN WA 43 64.49 -56.28 25.94
N GLY WA 44 65.33 -55.63 26.73
CA GLY WA 44 65.03 -55.33 28.11
C GLY WA 44 65.85 -56.16 29.08
N PRO WA 45 65.93 -55.71 30.33
CA PRO WA 45 66.69 -56.48 31.33
C PRO WA 45 66.11 -57.85 31.62
N THR WA 46 64.83 -58.07 31.32
CA THR WA 46 64.19 -59.36 31.56
C THR WA 46 64.66 -60.43 30.58
N THR WA 47 65.31 -60.04 29.48
CA THR WA 47 65.75 -61.00 28.49
C THR WA 47 66.99 -61.74 28.97
N ALA WA 48 66.97 -63.06 28.88
CA ALA WA 48 68.05 -63.90 29.36
C ALA WA 48 68.58 -64.90 28.36
N SER WA 49 67.82 -65.25 27.33
CA SER WA 49 68.24 -66.26 26.37
C SER WA 49 67.56 -66.02 25.04
N VAL WA 50 68.10 -66.65 24.00
CA VAL WA 50 67.57 -66.57 22.65
C VAL WA 50 67.24 -67.97 22.17
N SER WA 51 65.98 -68.19 21.81
CA SER WA 51 65.56 -69.50 21.33
C SER WA 51 66.19 -69.80 19.97
N THR WA 52 66.53 -71.06 19.75
CA THR WA 52 67.06 -71.48 18.45
C THR WA 52 66.02 -72.25 17.62
N GLY WA 53 64.91 -72.66 18.23
CA GLY WA 53 63.91 -73.42 17.52
C GLY WA 53 64.23 -74.89 17.37
N HIS WA 54 65.35 -75.35 17.91
CA HIS WA 54 65.74 -76.75 17.85
C HIS WA 54 65.27 -77.49 19.09
N LEU WA 55 65.31 -78.82 19.01
CA LEU WA 55 64.88 -79.69 20.09
C LEU WA 55 66.02 -80.63 20.48
N LEU WA 56 66.06 -81.01 21.74
CA LEU WA 56 67.05 -81.92 22.27
C LEU WA 56 66.36 -83.11 22.94
N ASP WA 57 66.90 -84.30 22.71
CA ASP WA 57 66.31 -85.51 23.26
C ASP WA 57 66.56 -85.57 24.76
N VAL WA 58 65.59 -86.14 25.49
CA VAL WA 58 65.63 -86.21 26.94
C VAL WA 58 64.83 -87.41 27.40
N SER WA 59 65.22 -87.95 28.56
CA SER WA 59 64.57 -89.13 29.10
C SER WA 59 63.10 -88.83 29.39
N PRO WA 60 62.16 -89.72 29.03
CA PRO WA 60 60.76 -89.40 29.23
C PRO WA 60 60.36 -89.50 30.70
N PRO WA 61 59.33 -88.78 31.12
CA PRO WA 61 58.80 -89.00 32.47
C PRO WA 61 58.29 -90.42 32.69
N GLY WA 62 57.71 -91.04 31.68
CA GLY WA 62 57.12 -92.35 31.85
C GLY WA 62 56.84 -93.01 30.52
N ASP WA 63 56.10 -94.11 30.60
CA ASP WA 63 55.82 -94.92 29.41
C ASP WA 63 54.85 -94.21 28.48
N GLY WA 64 55.05 -94.40 27.17
CA GLY WA 64 54.16 -93.83 26.18
C GLY WA 64 54.29 -92.33 26.01
N VAL WA 65 55.38 -91.74 26.49
CA VAL WA 65 55.58 -90.29 26.44
C VAL WA 65 56.90 -90.00 25.75
N ILE WA 66 56.88 -89.07 24.81
CA ILE WA 66 58.08 -88.62 24.10
C ILE WA 66 58.39 -87.21 24.58
N ALA WA 67 59.61 -86.99 25.05
CA ALA WA 67 60.02 -85.73 25.66
C ALA WA 67 61.16 -85.11 24.89
N HIS WA 68 61.10 -83.79 24.69
CA HIS WA 68 62.16 -83.03 24.04
C HIS WA 68 62.32 -81.70 24.76
N LEU WA 69 63.57 -81.21 24.80
CA LEU WA 69 63.87 -79.94 25.42
C LEU WA 69 64.14 -78.87 24.37
N ARG WA 70 63.56 -77.70 24.58
CA ARG WA 70 63.78 -76.57 23.70
C ARG WA 70 65.19 -76.01 23.92
N ASP WA 71 65.82 -75.57 22.83
CA ASP WA 71 67.21 -75.15 22.86
C ASP WA 71 67.31 -73.63 22.81
N ALA WA 72 68.12 -73.08 23.72
CA ALA WA 72 68.29 -71.64 23.82
C ALA WA 72 69.76 -71.33 24.08
N LYS WA 73 70.15 -70.13 23.65
CA LYS WA 73 71.50 -69.62 23.84
C LYS WA 73 71.47 -68.58 24.95
N PRO WA 74 72.21 -68.75 26.04
CA PRO WA 74 72.19 -67.77 27.13
C PRO WA 74 72.93 -66.50 26.75
N LEU WA 75 72.57 -65.41 27.43
CA LEU WA 75 73.21 -64.13 27.28
C LEU WA 75 74.26 -63.95 28.38
N VAL WA 76 75.36 -63.27 28.03
CA VAL WA 76 76.47 -63.06 28.94
C VAL WA 76 76.61 -61.57 29.19
N ARG WA 77 76.85 -61.20 30.44
CA ARG WA 77 77.01 -59.82 30.86
C ARG WA 77 78.49 -59.53 31.04
N LEU WA 78 78.98 -58.49 30.37
CA LEU WA 78 80.38 -58.06 30.46
C LEU WA 78 80.40 -56.74 31.20
N ARG WA 79 81.22 -56.68 32.25
CA ARG WA 79 81.37 -55.51 33.10
C ARG WA 79 82.84 -55.16 33.22
N VAL WA 80 83.19 -53.93 32.90
CA VAL WA 80 84.57 -53.45 32.98
C VAL WA 80 84.62 -52.29 33.97
N PRO WA 81 85.31 -52.43 35.10
CA PRO WA 81 85.36 -51.34 36.07
C PRO WA 81 86.51 -50.37 35.80
N PHE WA 82 86.31 -49.14 36.25
CA PHE WA 82 87.32 -48.10 36.16
C PHE WA 82 87.10 -47.09 37.27
N THR WA 83 88.09 -46.22 37.46
CA THR WA 83 88.11 -45.26 38.55
C THR WA 83 88.31 -43.86 38.00
N VAL WA 84 87.62 -42.89 38.60
CA VAL WA 84 87.68 -41.50 38.17
C VAL WA 84 87.99 -40.61 39.37
N ALA WA 85 88.59 -39.45 39.10
CA ALA WA 85 89.03 -38.54 40.15
C ALA WA 85 87.99 -37.44 40.39
N ARG WA 86 87.65 -37.26 41.67
CA ARG WA 86 86.68 -36.26 42.05
C ARG WA 86 87.15 -34.84 41.75
N ARG WA 87 88.46 -34.59 41.71
CA ARG WA 87 88.96 -33.29 41.31
C ARG WA 87 88.65 -32.98 39.84
N ASP WA 88 88.91 -33.93 38.95
CA ASP WA 88 88.52 -33.76 37.55
C ASP WA 88 87.02 -33.64 37.40
N ILE WA 89 86.26 -34.38 38.22
CA ILE WA 89 84.80 -34.23 38.18
C ILE WA 89 84.39 -32.82 38.57
N ASP WA 90 84.97 -32.29 39.65
CA ASP WA 90 84.55 -31.00 40.17
C ASP WA 90 84.96 -29.86 39.25
N ASP WA 91 86.10 -30.00 38.58
CA ASP WA 91 86.60 -28.91 37.74
C ASP WA 91 85.62 -28.58 36.61
N VAL WA 92 84.77 -29.52 36.22
CA VAL WA 92 83.89 -29.29 35.07
C VAL WA 92 82.95 -28.12 35.33
N GLU WA 93 82.34 -28.09 36.51
CA GLU WA 93 81.39 -27.02 36.82
C GLU WA 93 82.07 -25.66 36.90
N ARG WA 94 83.40 -25.63 36.99
CA ARG WA 94 84.18 -24.40 36.92
C ARG WA 94 84.52 -23.99 35.50
N GLY WA 95 83.83 -24.54 34.51
CA GLY WA 95 84.14 -24.26 33.12
C GLY WA 95 85.47 -24.82 32.66
N SER WA 96 85.89 -25.94 33.24
CA SER WA 96 87.09 -26.63 32.79
C SER WA 96 86.73 -27.62 31.71
N GLN WA 97 87.51 -27.64 30.64
CA GLN WA 97 87.30 -28.55 29.52
C GLN WA 97 88.60 -29.20 29.04
N ASP WA 98 89.51 -29.53 29.96
CA ASP WA 98 90.65 -30.38 29.67
C ASP WA 98 90.74 -31.55 30.66
N SER WA 99 89.61 -31.95 31.25
CA SER WA 99 89.62 -32.98 32.28
C SER WA 99 90.07 -34.32 31.72
N ASP WA 100 90.68 -35.13 32.58
CA ASP WA 100 91.23 -36.42 32.18
C ASP WA 100 90.15 -37.48 32.23
N TRP WA 101 89.92 -38.15 31.09
CA TRP WA 101 88.96 -39.25 30.98
C TRP WA 101 89.63 -40.49 30.39
N ASP WA 102 90.94 -40.58 30.57
CA ASP WA 102 91.69 -41.71 30.03
C ASP WA 102 91.21 -43.06 30.57
N PRO WA 103 90.92 -43.22 31.87
CA PRO WA 103 90.34 -44.50 32.31
C PRO WA 103 89.03 -44.82 31.60
N VAL WA 104 88.19 -43.81 31.35
CA VAL WA 104 86.96 -44.04 30.60
C VAL WA 104 87.28 -44.57 29.21
N LYS WA 105 88.23 -43.93 28.53
CA LYS WA 105 88.57 -44.37 27.18
C LYS WA 105 89.14 -45.79 27.19
N ASP WA 106 89.98 -46.10 28.17
CA ASP WA 106 90.56 -47.43 28.25
C ASP WA 106 89.49 -48.49 28.49
N ALA WA 107 88.55 -48.22 29.39
CA ALA WA 107 87.48 -49.17 29.65
C ALA WA 107 86.62 -49.37 28.41
N ALA WA 108 86.31 -48.29 27.69
CA ALA WA 108 85.54 -48.43 26.46
C ALA WA 108 86.29 -49.29 25.44
N LYS WA 109 87.60 -49.05 25.31
CA LYS WA 109 88.41 -49.85 24.39
C LYS WA 109 88.37 -51.32 24.79
N LYS WA 110 88.50 -51.60 26.08
CA LYS WA 110 88.51 -52.98 26.56
C LYS WA 110 87.17 -53.66 26.25
N LEU WA 111 86.07 -52.97 26.50
CA LEU WA 111 84.75 -53.55 26.23
C LEU WA 111 84.56 -53.81 24.74
N ALA WA 112 84.95 -52.85 23.90
CA ALA WA 112 84.84 -53.05 22.46
C ALA WA 112 85.67 -54.23 22.01
N PHE WA 113 86.88 -54.37 22.56
CA PHE WA 113 87.76 -55.45 22.15
C PHE WA 113 87.17 -56.81 22.54
N VAL WA 114 86.64 -56.92 23.75
CA VAL WA 114 86.06 -58.19 24.16
C VAL WA 114 84.85 -58.52 23.29
N GLU WA 115 84.01 -57.53 23.00
CA GLU WA 115 82.84 -57.78 22.17
C GLU WA 115 83.26 -58.27 20.78
N ASP WA 116 84.20 -57.56 20.16
CA ASP WA 116 84.60 -57.93 18.80
C ASP WA 116 85.30 -59.28 18.78
N ARG WA 117 86.12 -59.57 19.80
CA ARG WA 117 86.78 -60.86 19.88
C ARG WA 117 85.81 -62.01 20.11
N ALA WA 118 84.76 -61.80 20.90
CA ALA WA 118 83.72 -62.81 21.00
C ALA WA 118 82.99 -63.01 19.69
N ILE WA 119 82.72 -61.93 18.96
CA ILE WA 119 82.03 -62.05 17.68
C ILE WA 119 82.87 -62.83 16.68
N PHE WA 120 84.16 -62.50 16.57
CA PHE WA 120 84.99 -62.99 15.48
C PHE WA 120 85.85 -64.19 15.82
N GLU WA 121 85.98 -64.54 17.10
CA GLU WA 121 86.87 -65.62 17.51
C GLU WA 121 86.21 -66.63 18.44
N GLY WA 122 85.21 -66.23 19.22
CA GLY WA 122 84.47 -67.15 20.05
C GLY WA 122 84.80 -66.97 21.52
N TYR WA 123 83.78 -67.11 22.37
CA TYR WA 123 83.89 -67.09 23.82
C TYR WA 123 83.19 -68.36 24.31
N ALA WA 124 83.98 -69.43 24.47
CA ALA WA 124 83.39 -70.76 24.64
C ALA WA 124 82.52 -70.85 25.88
N ALA WA 125 83.00 -70.31 27.01
CA ALA WA 125 82.25 -70.44 28.26
C ALA WA 125 80.86 -69.86 28.15
N ALA WA 126 80.67 -68.88 27.27
CA ALA WA 126 79.36 -68.32 26.98
C ALA WA 126 78.65 -69.05 25.85
N SER WA 127 79.18 -70.19 25.41
CA SER WA 127 78.61 -70.98 24.32
C SER WA 127 78.57 -70.19 23.01
N ILE WA 128 79.51 -69.25 22.86
CA ILE WA 128 79.57 -68.40 21.67
C ILE WA 128 80.62 -68.99 20.73
N GLU WA 129 80.16 -69.51 19.59
CA GLU WA 129 81.05 -69.98 18.53
C GLU WA 129 81.26 -68.84 17.54
N GLY WA 130 82.53 -68.49 17.31
CA GLY WA 130 82.85 -67.35 16.49
C GLY WA 130 82.71 -67.62 15.00
N ILE WA 131 82.79 -66.53 14.24
CA ILE WA 131 82.73 -66.63 12.78
C ILE WA 131 83.85 -67.48 12.24
N ARG WA 132 85.06 -67.36 12.81
CA ARG WA 132 86.20 -68.13 12.34
C ARG WA 132 85.92 -69.63 12.42
N SER WA 133 85.43 -70.12 13.56
CA SER WA 133 85.16 -71.54 13.70
C SER WA 133 83.93 -71.96 12.90
N SER WA 134 82.87 -71.15 12.95
CA SER WA 134 81.64 -71.51 12.26
C SER WA 134 81.76 -71.46 10.74
N SER WA 135 82.80 -70.80 10.23
CA SER WA 135 82.96 -70.70 8.78
C SER WA 135 83.23 -72.08 8.18
N SER WA 136 82.57 -72.35 7.05
CA SER WA 136 82.76 -73.60 6.34
C SER WA 136 83.75 -73.50 5.19
N ASN WA 137 83.87 -72.33 4.57
CA ASN WA 137 84.83 -72.15 3.50
C ASN WA 137 86.25 -72.29 4.04
N PRO WA 138 87.18 -72.85 3.25
CA PRO WA 138 88.53 -73.07 3.77
C PRO WA 138 89.20 -71.76 4.16
N ALA WA 139 90.00 -71.82 5.23
CA ALA WA 139 90.72 -70.66 5.71
C ALA WA 139 92.01 -70.46 4.92
N LEU WA 140 92.44 -69.22 4.81
CA LEU WA 140 93.66 -68.86 4.10
C LEU WA 140 94.70 -68.30 5.06
N ALA WA 141 95.90 -68.09 4.53
CA ALA WA 141 97.01 -67.56 5.30
C ALA WA 141 97.40 -66.19 4.77
N LEU WA 142 97.53 -65.23 5.68
CA LEU WA 142 97.90 -63.87 5.30
C LEU WA 142 99.41 -63.83 5.03
N PRO WA 143 99.86 -63.47 3.84
CA PRO WA 143 101.30 -63.45 3.58
C PRO WA 143 102.03 -62.46 4.47
N ASP WA 144 103.27 -62.82 4.81
CA ASP WA 144 104.08 -61.93 5.63
C ASP WA 144 104.30 -60.59 4.94
N ASP WA 145 104.55 -60.62 3.63
CA ASP WA 145 104.69 -59.39 2.85
C ASP WA 145 103.32 -58.77 2.61
N ALA WA 146 103.31 -57.45 2.42
CA ALA WA 146 102.06 -56.73 2.20
C ALA WA 146 101.65 -56.69 0.74
N ARG WA 147 102.52 -57.12 -0.19
CA ARG WA 147 102.23 -56.97 -1.60
C ARG WA 147 101.32 -58.08 -2.13
N GLU WA 148 101.28 -59.22 -1.46
CA GLU WA 148 100.52 -60.38 -1.91
C GLU WA 148 99.14 -60.47 -1.27
N ILE WA 149 98.82 -59.57 -0.33
CA ILE WA 149 97.52 -59.65 0.34
C ILE WA 149 96.37 -59.54 -0.63
N PRO WA 150 96.38 -58.64 -1.62
CA PRO WA 150 95.22 -58.56 -2.54
C PRO WA 150 94.95 -59.86 -3.28
N ASP WA 151 95.99 -60.62 -3.62
CA ASP WA 151 95.77 -61.90 -4.28
C ASP WA 151 94.99 -62.85 -3.37
N VAL WA 152 95.35 -62.89 -2.09
CA VAL WA 152 94.64 -63.77 -1.16
C VAL WA 152 93.20 -63.30 -0.97
N ILE WA 153 92.98 -61.99 -0.95
CA ILE WA 153 91.61 -61.48 -0.84
C ILE WA 153 90.80 -61.85 -2.07
N ALA WA 154 91.42 -61.79 -3.25
CA ALA WA 154 90.72 -62.21 -4.47
C ALA WA 154 90.39 -63.70 -4.41
N GLN WA 155 91.31 -64.51 -3.87
CA GLN WA 155 91.03 -65.93 -3.69
C GLN WA 155 89.85 -66.14 -2.75
N ALA WA 156 89.80 -65.40 -1.65
CA ALA WA 156 88.70 -65.55 -0.70
C ALA WA 156 87.37 -65.13 -1.33
N LEU WA 157 87.37 -64.04 -2.08
CA LEU WA 157 86.17 -63.65 -2.81
C LEU WA 157 85.77 -64.74 -3.78
N SER WA 158 86.74 -65.34 -4.47
CA SER WA 158 86.43 -66.46 -5.36
C SER WA 158 85.79 -67.61 -4.59
N GLU WA 159 86.25 -67.88 -3.37
CA GLU WA 159 85.66 -68.99 -2.60
C GLU WA 159 84.22 -68.70 -2.21
N LEU WA 160 83.98 -67.56 -1.55
CA LEU WA 160 82.61 -67.16 -1.22
C LEU WA 160 81.72 -67.22 -2.46
N ARG WA 161 82.21 -66.63 -3.53
CA ARG WA 161 81.44 -66.33 -4.72
C ARG WA 161 81.29 -67.55 -5.60
N LEU WA 162 82.14 -68.55 -5.38
CA LEU WA 162 81.84 -69.91 -5.81
C LEU WA 162 80.72 -70.51 -4.98
N ALA WA 163 80.82 -70.38 -3.65
CA ALA WA 163 79.85 -71.02 -2.76
C ALA WA 163 78.45 -70.52 -3.00
N GLY WA 164 78.30 -69.33 -3.58
CA GLY WA 164 77.00 -68.87 -4.02
C GLY WA 164 76.41 -67.74 -3.22
N VAL WA 165 77.19 -67.06 -2.40
CA VAL WA 165 76.70 -65.96 -1.60
C VAL WA 165 76.78 -64.66 -2.40
N ASP WA 166 75.82 -63.78 -2.16
CA ASP WA 166 75.74 -62.51 -2.88
C ASP WA 166 75.69 -61.33 -1.91
N GLY WA 167 75.44 -60.14 -2.44
CA GLY WA 167 75.40 -58.94 -1.64
C GLY WA 167 76.76 -58.29 -1.50
N PRO WA 168 76.81 -57.06 -1.02
CA PRO WA 168 78.10 -56.36 -0.90
C PRO WA 168 79.06 -57.14 -0.03
N TYR WA 169 80.32 -57.16 -0.43
CA TYR WA 169 81.37 -57.83 0.31
C TYR WA 169 82.24 -56.82 1.04
N SER WA 170 82.77 -57.23 2.18
CA SER WA 170 83.51 -56.33 3.05
C SER WA 170 84.71 -57.04 3.64
N VAL WA 171 85.78 -56.28 3.85
CA VAL WA 171 87.04 -56.79 4.37
C VAL WA 171 87.29 -56.12 5.71
N LEU WA 172 87.44 -56.92 6.76
CA LEU WA 172 87.80 -56.43 8.09
C LEU WA 172 89.26 -56.84 8.33
N LEU WA 173 90.11 -55.84 8.58
CA LEU WA 173 91.52 -56.07 8.74
C LEU WA 173 91.96 -55.80 10.17
N SER WA 174 92.99 -56.52 10.60
CA SER WA 174 93.52 -56.40 11.96
C SER WA 174 94.27 -55.08 12.08
N ALA WA 175 94.65 -54.73 13.30
CA ALA WA 175 95.45 -53.52 13.50
C ALA WA 175 96.80 -53.66 12.81
N GLU WA 176 97.47 -54.79 13.02
CA GLU WA 176 98.82 -54.98 12.47
C GLU WA 176 98.77 -55.05 10.95
N THR WA 177 97.75 -55.71 10.39
CA THR WA 177 97.62 -55.81 8.94
C THR WA 177 97.22 -54.48 8.32
N TYR WA 178 96.31 -53.74 8.96
CA TYR WA 178 95.91 -52.44 8.43
C TYR WA 178 97.07 -51.45 8.48
N THR WA 179 97.85 -51.45 9.56
CA THR WA 179 99.05 -50.61 9.60
C THR WA 179 99.98 -50.97 8.44
N LYS WA 180 100.15 -52.27 8.17
CA LYS WA 180 101.04 -52.70 7.11
C LYS WA 180 100.56 -52.21 5.75
N VAL WA 181 99.29 -52.46 5.43
CA VAL WA 181 98.78 -52.07 4.11
C VAL WA 181 98.72 -50.56 3.98
N SER WA 182 98.59 -49.84 5.09
CA SER WA 182 98.55 -48.38 5.03
C SER WA 182 99.95 -47.81 4.80
N GLU WA 183 100.92 -48.21 5.62
CA GLU WA 183 102.27 -47.69 5.47
C GLU WA 183 102.87 -48.10 4.14
N THR WA 184 102.67 -49.36 3.74
CA THR WA 184 103.21 -49.83 2.47
C THR WA 184 102.49 -49.16 1.31
N THR WA 185 103.25 -48.91 0.24
CA THR WA 185 102.74 -48.19 -0.92
C THR WA 185 103.24 -48.85 -2.20
N ALA WA 186 102.52 -48.61 -3.29
CA ALA WA 186 102.90 -49.14 -4.60
C ALA WA 186 102.34 -48.23 -5.68
N HIS WA 187 103.19 -47.84 -6.63
CA HIS WA 187 102.80 -46.99 -7.75
C HIS WA 187 102.13 -45.72 -7.27
N GLY WA 188 102.51 -45.24 -6.08
CA GLY WA 188 101.96 -44.02 -5.55
C GLY WA 188 100.59 -44.17 -4.90
N TYR WA 189 100.16 -45.39 -4.60
CA TYR WA 189 98.95 -45.62 -3.83
C TYR WA 189 99.20 -46.66 -2.75
N PRO WA 190 98.56 -46.55 -1.58
CA PRO WA 190 98.72 -47.59 -0.56
C PRO WA 190 98.15 -48.93 -0.98
N ILE WA 191 98.73 -49.98 -0.40
CA ILE WA 191 98.23 -51.32 -0.61
C ILE WA 191 96.81 -51.43 -0.10
N ARG WA 192 96.42 -50.59 0.86
CA ARG WA 192 95.03 -50.57 1.31
C ARG WA 192 94.09 -50.11 0.20
N GLU WA 193 94.45 -49.07 -0.54
CA GLU WA 193 93.65 -48.67 -1.69
C GLU WA 193 93.65 -49.76 -2.74
N HIS WA 194 94.80 -50.41 -2.96
CA HIS WA 194 94.83 -51.58 -3.84
C HIS WA 194 93.77 -52.59 -3.43
N ILE WA 195 93.67 -52.89 -2.14
CA ILE WA 195 92.65 -53.83 -1.66
C ILE WA 195 91.26 -53.28 -1.92
N ASN WA 196 91.02 -52.03 -1.55
CA ASN WA 196 89.70 -51.42 -1.69
C ASN WA 196 89.19 -51.52 -3.11
N ARG WA 197 90.09 -51.44 -4.10
CA ARG WA 197 89.66 -51.45 -5.49
C ARG WA 197 88.82 -52.67 -5.84
N LEU WA 198 89.01 -53.79 -5.14
CA LEU WA 198 88.37 -55.05 -5.52
C LEU WA 198 86.92 -55.13 -5.03
N VAL WA 199 86.69 -54.83 -3.76
CA VAL WA 199 85.39 -55.08 -3.14
C VAL WA 199 84.42 -53.98 -3.51
N ASP WA 200 83.13 -54.26 -3.30
CA ASP WA 200 82.05 -53.31 -3.52
C ASP WA 200 81.67 -52.58 -2.24
N GLY WA 201 81.97 -53.15 -1.08
CA GLY WA 201 81.57 -52.56 0.19
C GLY WA 201 82.61 -51.61 0.76
N GLU WA 202 83.10 -51.91 1.96
CA GLU WA 202 84.00 -51.02 2.67
C GLU WA 202 85.16 -51.81 3.26
N ILE WA 203 86.23 -51.09 3.60
CA ILE WA 203 87.35 -51.63 4.35
C ILE WA 203 87.19 -51.18 5.80
N ILE WA 204 87.29 -52.12 6.75
CA ILE WA 204 86.98 -51.86 8.15
C ILE WA 204 88.17 -52.21 9.04
N TRP WA 205 88.40 -51.37 10.06
CA TRP WA 205 89.35 -51.62 11.12
C TRP WA 205 88.79 -52.66 12.08
N ALA WA 206 89.59 -53.68 12.38
CA ALA WA 206 89.23 -54.66 13.39
C ALA WA 206 90.40 -54.93 14.32
N PRO WA 207 90.72 -54.01 15.24
CA PRO WA 207 91.93 -54.20 16.05
C PRO WA 207 91.84 -55.40 16.96
N ALA WA 208 90.64 -55.69 17.47
CA ALA WA 208 90.45 -56.79 18.40
C ALA WA 208 90.74 -58.14 17.75
N ILE WA 209 90.37 -58.30 16.48
CA ILE WA 209 90.53 -59.58 15.80
C ILE WA 209 91.99 -59.73 15.39
N ASP WA 210 92.38 -60.95 15.03
CA ASP WA 210 93.72 -61.26 14.59
C ASP WA 210 93.63 -61.89 13.21
N GLY WA 211 94.22 -61.24 12.21
CA GLY WA 211 94.20 -61.76 10.85
C GLY WA 211 93.41 -60.86 9.92
N ALA WA 212 92.49 -61.46 9.17
CA ALA WA 212 91.62 -60.70 8.27
C ALA WA 212 90.37 -61.53 8.00
N PHE WA 213 89.32 -60.85 7.54
CA PHE WA 213 88.06 -61.54 7.27
C PHE WA 213 87.40 -60.91 6.05
N VAL WA 214 86.94 -61.73 5.13
CA VAL WA 214 86.16 -61.27 3.98
C VAL WA 214 84.77 -61.88 4.08
N LEU WA 215 83.73 -61.04 4.16
CA LEU WA 215 82.40 -61.56 4.42
C LEU WA 215 81.34 -60.78 3.65
N SER WA 216 80.19 -61.41 3.47
CA SER WA 216 79.06 -60.79 2.80
C SER WA 216 78.21 -60.02 3.80
N THR WA 217 77.53 -58.99 3.30
CA THR WA 217 76.65 -58.14 4.11
C THR WA 217 75.24 -58.08 3.54
N ARG WA 218 74.82 -59.13 2.82
CA ARG WA 218 73.46 -59.17 2.32
C ARG WA 218 72.46 -59.12 3.47
N GLY WA 219 72.75 -59.83 4.56
CA GLY WA 219 71.87 -59.84 5.72
C GLY WA 219 71.33 -61.22 6.02
N GLY WA 220 71.01 -61.46 7.29
CA GLY WA 220 70.44 -62.73 7.70
C GLY WA 220 71.43 -63.83 8.01
N ASP WA 221 72.73 -63.51 8.06
CA ASP WA 221 73.75 -64.50 8.36
C ASP WA 221 74.41 -64.35 9.72
N PHE WA 222 74.44 -63.14 10.28
CA PHE WA 222 75.03 -62.91 11.59
C PHE WA 222 74.05 -62.09 12.42
N ASP WA 223 73.92 -62.42 13.70
CA ASP WA 223 72.98 -61.75 14.60
C ASP WA 223 73.67 -61.48 15.93
N LEU WA 224 73.78 -60.20 16.28
CA LEU WA 224 74.27 -59.79 17.59
C LEU WA 224 73.06 -59.44 18.45
N GLN WA 225 72.73 -60.32 19.40
CA GLN WA 225 71.58 -60.12 20.27
C GLN WA 225 72.01 -59.36 21.52
N LEU WA 226 71.33 -58.27 21.80
CA LEU WA 226 71.60 -57.44 22.98
C LEU WA 226 70.39 -57.46 23.90
N GLY WA 227 70.63 -57.69 25.18
CA GLY WA 227 69.59 -57.52 26.18
C GLY WA 227 69.51 -56.08 26.61
N THR WA 228 70.66 -55.53 26.97
CA THR WA 228 70.82 -54.11 27.28
C THR WA 228 72.09 -53.61 26.61
N ASP WA 229 72.01 -52.40 26.04
CA ASP WA 229 73.14 -51.82 25.35
C ASP WA 229 74.18 -51.36 26.37
N VAL WA 230 75.24 -50.72 25.90
CA VAL WA 230 76.31 -50.27 26.77
C VAL WA 230 75.77 -49.24 27.75
N SER WA 231 76.09 -49.42 29.03
CA SER WA 231 75.64 -48.51 30.08
C SER WA 231 76.78 -48.28 31.06
N ILE WA 232 76.71 -47.15 31.77
CA ILE WA 232 77.72 -46.78 32.76
C ILE WA 232 77.04 -46.70 34.13
N GLY WA 233 77.65 -47.34 35.12
CA GLY WA 233 77.09 -47.39 36.45
C GLY WA 233 78.05 -46.99 37.56
N TYR WA 234 77.59 -47.09 38.80
CA TYR WA 234 78.33 -46.64 39.97
C TYR WA 234 78.36 -47.76 41.01
N LEU WA 235 79.53 -48.03 41.59
CA LEU WA 235 79.64 -49.02 42.64
C LEU WA 235 79.84 -48.40 44.01
N SER WA 236 80.86 -47.55 44.16
CA SER WA 236 81.18 -46.94 45.45
C SER WA 236 82.00 -45.68 45.18
N HIS WA 237 82.36 -44.98 46.24
CA HIS WA 237 83.10 -43.74 46.11
C HIS WA 237 83.89 -43.48 47.38
N ASP WA 238 84.82 -42.54 47.28
CA ASP WA 238 85.74 -42.20 48.36
C ASP WA 238 85.94 -40.69 48.34
N ALA WA 239 86.72 -40.19 49.29
CA ALA WA 239 87.01 -38.77 49.34
C ALA WA 239 87.80 -38.27 48.13
N GLU WA 240 88.38 -39.17 47.35
CA GLU WA 240 89.23 -38.80 46.23
C GLU WA 240 88.76 -39.36 44.90
N VAL WA 241 88.13 -40.52 44.88
CA VAL WA 241 87.82 -41.24 43.65
C VAL WA 241 86.39 -41.77 43.67
N VAL WA 242 85.91 -42.13 42.50
CA VAL WA 242 84.62 -42.82 42.34
C VAL WA 242 84.86 -44.03 41.44
N HIS WA 243 84.27 -45.16 41.81
CA HIS WA 243 84.40 -46.39 41.03
C HIS WA 243 83.15 -46.61 40.20
N LEU WA 244 83.33 -46.74 38.89
CA LEU WA 244 82.25 -46.91 37.93
C LEU WA 244 82.54 -48.17 37.10
N TYR WA 245 81.56 -48.56 36.28
CA TYR WA 245 81.72 -49.70 35.42
C TYR WA 245 80.96 -49.47 34.12
N MET WA 246 81.43 -50.09 33.05
CA MET WA 246 80.72 -50.13 31.79
C MET WA 246 80.22 -51.56 31.57
N GLU WA 247 78.92 -51.68 31.26
CA GLU WA 247 78.23 -52.96 31.28
C GLU WA 247 77.46 -53.16 29.97
N GLU WA 248 77.45 -54.39 29.48
CA GLU WA 248 76.58 -54.74 28.36
C GLU WA 248 76.28 -56.24 28.39
N THR WA 249 75.05 -56.60 28.06
CA THR WA 249 74.60 -57.98 28.05
C THR WA 249 74.31 -58.40 26.61
N MET WA 250 75.00 -59.44 26.14
CA MET WA 250 74.98 -59.75 24.71
C MET WA 250 75.18 -61.24 24.48
N THR WA 251 74.94 -61.63 23.23
CA THR WA 251 75.36 -62.91 22.68
C THR WA 251 75.43 -62.76 21.16
N PHE WA 252 76.09 -63.71 20.52
CA PHE WA 252 76.29 -63.67 19.07
C PHE WA 252 75.93 -65.01 18.45
N LEU WA 253 75.28 -64.97 17.29
CA LEU WA 253 74.90 -66.16 16.55
C LEU WA 253 75.28 -66.02 15.09
N CYS WA 254 75.82 -67.10 14.53
CA CYS WA 254 76.09 -67.21 13.10
C CYS WA 254 75.20 -68.29 12.53
N TYR WA 255 74.49 -67.96 11.46
CA TYR WA 255 73.53 -68.87 10.83
C TYR WA 255 74.04 -69.45 9.52
N THR WA 256 74.73 -68.65 8.72
CA THR WA 256 75.26 -69.07 7.43
C THR WA 256 76.77 -69.23 7.55
N ALA WA 257 77.26 -70.47 7.39
CA ALA WA 257 78.68 -70.74 7.53
C ALA WA 257 79.46 -70.43 6.27
N GLU WA 258 78.77 -70.20 5.15
CA GLU WA 258 79.42 -70.01 3.86
C GLU WA 258 79.52 -68.54 3.44
N ALA WA 259 79.15 -67.60 4.31
CA ALA WA 259 79.13 -66.18 3.97
C ALA WA 259 80.39 -65.45 4.42
N SER WA 260 81.42 -66.17 4.87
CA SER WA 260 82.63 -65.54 5.37
C SER WA 260 83.83 -66.42 5.03
N VAL WA 261 85.00 -65.78 4.97
CA VAL WA 261 86.28 -66.43 4.76
C VAL WA 261 87.27 -65.79 5.73
N ALA WA 262 88.05 -66.62 6.40
CA ALA WA 262 88.98 -66.17 7.42
C ALA WA 262 90.40 -66.33 6.93
N LEU WA 263 91.26 -65.36 7.25
CA LEU WA 263 92.67 -65.38 6.91
C LEU WA 263 93.47 -65.24 8.19
N THR WA 264 94.33 -66.22 8.46
CA THR WA 264 95.07 -66.28 9.71
C THR WA 264 96.47 -65.70 9.52
N PRO WA 265 97.02 -65.04 10.56
CA PRO WA 265 98.35 -64.43 10.44
C PRO WA 265 99.44 -65.44 10.06
N ASN XA 2 21.55 84.36 -25.17
CA ASN XA 2 21.95 84.55 -26.55
C ASN XA 2 22.18 86.04 -26.84
N ASN XA 3 22.43 86.36 -28.10
CA ASN XA 3 22.76 87.73 -28.49
C ASN XA 3 21.56 88.67 -28.41
N LEU XA 4 20.34 88.14 -28.25
CA LEU XA 4 19.18 89.01 -28.12
C LEU XA 4 19.22 89.81 -26.83
N TYR XA 5 19.74 89.21 -25.75
CA TYR XA 5 19.82 89.87 -24.45
C TYR XA 5 18.44 90.26 -23.95
N ARG XA 6 17.48 89.34 -24.08
CA ARG XA 6 16.14 89.58 -23.58
C ARG XA 6 16.06 89.51 -22.05
N ASP XA 7 16.90 88.69 -21.43
CA ASP XA 7 16.87 88.58 -19.97
C ASP XA 7 17.18 89.89 -19.28
N LEU XA 8 17.82 90.83 -19.98
CA LEU XA 8 18.17 92.13 -19.42
C LEU XA 8 17.08 93.18 -19.61
N ALA XA 9 16.02 92.86 -20.36
CA ALA XA 9 15.00 93.86 -20.63
C ALA XA 9 13.97 93.90 -19.50
N PRO XA 10 13.44 95.08 -19.15
CA PRO XA 10 12.41 95.17 -18.12
C PRO XA 10 11.01 94.84 -18.64
N ILE XA 11 10.83 93.61 -19.10
CA ILE XA 11 9.59 93.15 -19.69
C ILE XA 11 9.25 91.78 -19.12
N THR XA 12 7.97 91.56 -18.82
CA THR XA 12 7.50 90.32 -18.24
C THR XA 12 7.23 89.28 -19.33
N GLU XA 13 7.04 88.03 -18.89
CA GLU XA 13 6.79 86.95 -19.82
C GLU XA 13 5.50 87.18 -20.59
N SER XA 14 4.45 87.66 -19.91
CA SER XA 14 3.17 87.88 -20.58
C SER XA 14 3.29 88.96 -21.65
N ALA XA 15 3.98 90.06 -21.34
CA ALA XA 15 4.14 91.12 -22.34
C ALA XA 15 5.01 90.64 -23.49
N TRP XA 16 6.05 89.85 -23.20
CA TRP XA 16 6.84 89.25 -24.26
C TRP XA 16 5.97 88.41 -25.19
N ALA XA 17 5.11 87.59 -24.61
CA ALA XA 17 4.22 86.74 -25.41
C ALA XA 17 3.29 87.59 -26.25
N GLU XA 18 2.72 88.65 -25.67
CA GLU XA 18 1.82 89.52 -26.44
C GLU XA 18 2.55 90.15 -27.61
N ILE XA 19 3.76 90.67 -27.38
CA ILE XA 19 4.51 91.32 -28.45
C ILE XA 19 4.85 90.31 -29.54
N GLU XA 20 5.31 89.12 -29.16
CA GLU XA 20 5.64 88.11 -30.16
C GLU XA 20 4.42 87.73 -30.99
N LEU XA 21 3.28 87.52 -30.32
CA LEU XA 21 2.06 87.16 -31.04
C LEU XA 21 1.65 88.26 -32.01
N GLU XA 22 1.68 89.51 -31.56
CA GLU XA 22 1.27 90.62 -32.41
C GLU XA 22 2.18 90.76 -33.61
N ALA XA 23 3.50 90.63 -33.43
CA ALA XA 23 4.42 90.74 -34.54
C ALA XA 23 4.24 89.58 -35.52
N THR XA 24 4.11 88.36 -35.00
CA THR XA 24 3.95 87.20 -35.87
C THR XA 24 2.69 87.33 -36.72
N ARG XA 25 1.57 87.74 -36.11
CA ARG XA 25 0.33 87.85 -36.85
C ARG XA 25 0.48 88.85 -38.00
N THR XA 26 1.02 90.03 -37.71
CA THR XA 26 1.12 91.07 -38.73
C THR XA 26 2.08 90.67 -39.85
N PHE XA 27 3.22 90.07 -39.48
CA PHE XA 27 4.17 89.64 -40.51
C PHE XA 27 3.56 88.57 -41.41
N LYS XA 28 2.89 87.57 -40.81
CA LYS XA 28 2.27 86.52 -41.60
C LYS XA 28 1.16 87.08 -42.46
N ARG XA 29 0.52 88.17 -42.02
CA ARG XA 29 -0.47 88.85 -42.86
C ARG XA 29 0.19 89.50 -44.06
N HIS XA 30 1.25 90.26 -43.84
CA HIS XA 30 1.81 91.13 -44.86
C HIS XA 30 2.84 90.44 -45.75
N ILE XA 31 3.20 89.19 -45.48
CA ILE XA 31 4.22 88.49 -46.23
C ILE XA 31 3.55 87.65 -47.31
N ALA XA 32 4.17 87.60 -48.50
CA ALA XA 32 3.62 86.89 -49.64
C ALA XA 32 4.60 85.93 -50.30
N GLY XA 33 5.89 86.27 -50.40
CA GLY XA 33 6.82 85.42 -51.11
C GLY XA 33 6.95 84.04 -50.51
N ARG XA 34 6.87 83.96 -49.17
CA ARG XA 34 7.01 82.69 -48.46
C ARG XA 34 5.93 81.69 -48.86
N ARG XA 35 4.83 82.15 -49.44
CA ARG XA 35 3.75 81.28 -49.87
C ARG XA 35 3.95 80.71 -51.26
N VAL XA 36 4.93 81.22 -52.03
CA VAL XA 36 5.12 80.78 -53.40
C VAL XA 36 6.59 80.45 -53.68
N VAL XA 37 7.44 80.51 -52.65
CA VAL XA 37 8.86 80.20 -52.81
C VAL XA 37 9.25 79.14 -51.80
N ASP XA 38 10.10 78.21 -52.23
CA ASP XA 38 10.65 77.23 -51.31
C ASP XA 38 11.53 77.94 -50.28
N VAL XA 39 11.46 77.47 -49.04
CA VAL XA 39 12.18 78.07 -47.93
C VAL XA 39 13.14 77.04 -47.36
N SER XA 40 14.42 77.38 -47.34
CA SER XA 40 15.44 76.55 -46.69
C SER XA 40 15.53 76.98 -45.23
N GLY XA 41 15.07 76.11 -44.34
CA GLY XA 41 14.95 76.43 -42.94
C GLY XA 41 16.23 77.00 -42.36
N PRO XA 42 16.13 77.63 -41.19
CA PRO XA 42 17.32 78.25 -40.58
C PRO XA 42 18.44 77.23 -40.42
N ASN XA 43 19.63 77.62 -40.88
CA ASN XA 43 20.82 76.78 -40.77
C ASN XA 43 21.72 77.18 -39.62
N GLY XA 44 21.34 78.19 -38.84
CA GLY XA 44 22.07 78.58 -37.66
C GLY XA 44 22.79 79.90 -37.85
N PRO XA 45 23.17 80.54 -36.72
CA PRO XA 45 23.89 81.81 -36.82
C PRO XA 45 25.25 81.69 -37.48
N THR XA 46 25.83 80.49 -37.52
CA THR XA 46 27.13 80.30 -38.16
C THR XA 46 27.07 80.38 -39.67
N THR XA 47 25.88 80.31 -40.26
CA THR XA 47 25.73 80.34 -41.70
C THR XA 47 25.91 81.75 -42.23
N ALA XA 48 26.75 81.91 -43.24
CA ALA XA 48 27.08 83.21 -43.79
C ALA XA 48 26.91 83.32 -45.30
N SER XA 49 26.92 82.22 -46.03
CA SER XA 49 26.85 82.26 -47.48
C SER XA 49 26.25 80.97 -48.00
N VAL XA 50 25.82 81.01 -49.26
CA VAL XA 50 25.23 79.86 -49.94
C VAL XA 50 26.06 79.58 -51.19
N SER XA 51 26.61 78.36 -51.28
CA SER XA 51 27.40 77.98 -52.43
C SER XA 51 26.53 77.89 -53.67
N THR XA 52 27.07 78.28 -54.82
CA THR XA 52 26.36 78.13 -56.09
C THR XA 52 26.89 76.98 -56.93
N GLY XA 53 28.04 76.41 -56.57
CA GLY XA 53 28.63 75.34 -57.34
C GLY XA 53 29.36 75.77 -58.58
N HIS XA 54 29.45 77.07 -58.84
CA HIS XA 54 30.17 77.60 -59.98
C HIS XA 54 31.60 77.96 -59.60
N LEU XA 55 32.41 78.18 -60.63
CA LEU XA 55 33.83 78.51 -60.46
C LEU XA 55 34.12 79.82 -61.16
N LEU XA 56 35.09 80.56 -60.63
CA LEU XA 56 35.52 81.84 -61.19
C LEU XA 56 37.03 81.78 -61.45
N ASP XA 57 37.43 82.32 -62.60
CA ASP XA 57 38.84 82.32 -62.98
C ASP XA 57 39.62 83.28 -62.11
N VAL XA 58 40.88 82.93 -61.82
CA VAL XA 58 41.73 83.71 -60.95
C VAL XA 58 43.19 83.48 -61.32
N SER XA 59 44.02 84.48 -61.07
CA SER XA 59 45.43 84.40 -61.41
C SER XA 59 46.10 83.26 -60.65
N PRO XA 60 46.93 82.44 -61.30
CA PRO XA 60 47.50 81.29 -60.61
C PRO XA 60 48.59 81.72 -59.64
N PRO XA 61 48.85 80.93 -58.59
CA PRO XA 61 50.02 81.21 -57.75
C PRO XA 61 51.33 81.13 -58.51
N GLY XA 62 51.44 80.24 -59.48
CA GLY XA 62 52.70 80.04 -60.17
C GLY XA 62 52.52 79.25 -61.44
N ASP XA 63 53.64 78.84 -62.01
CA ASP XA 63 53.63 78.14 -63.29
C ASP XA 63 53.08 76.73 -63.15
N GLY XA 64 52.38 76.27 -64.18
CA GLY XA 64 51.85 74.92 -64.19
C GLY XA 64 50.69 74.69 -63.25
N VAL XA 65 50.04 75.75 -62.77
CA VAL XA 65 48.96 75.65 -61.80
C VAL XA 65 47.75 76.37 -62.35
N ILE XA 66 46.59 75.73 -62.28
CA ILE XA 66 45.32 76.30 -62.70
C ILE XA 66 44.50 76.56 -61.44
N ALA XA 67 44.04 77.80 -61.28
CA ALA XA 67 43.36 78.25 -60.07
C ALA XA 67 41.96 78.72 -60.40
N HIS XA 68 41.00 78.35 -59.55
CA HIS XA 68 39.61 78.77 -59.68
C HIS XA 68 39.05 79.06 -58.29
N LEU XA 69 38.16 80.04 -58.20
CA LEU XA 69 37.51 80.41 -56.95
C LEU XA 69 36.08 79.91 -56.92
N ARG XA 70 35.69 79.33 -55.80
CA ARG XA 70 34.32 78.88 -55.60
C ARG XA 70 33.41 80.09 -55.40
N ASP XA 71 32.19 80.00 -55.93
CA ASP XA 71 31.26 81.12 -55.94
C ASP XA 71 30.17 80.93 -54.89
N ALA XA 72 29.95 81.97 -54.11
CA ALA XA 72 28.96 81.93 -53.03
C ALA XA 72 28.19 83.24 -52.99
N LYS XA 73 26.96 83.16 -52.50
CA LYS XA 73 26.09 84.30 -52.33
C LYS XA 73 26.04 84.67 -50.86
N PRO XA 74 26.44 85.87 -50.46
CA PRO XA 74 26.41 86.23 -49.05
C PRO XA 74 24.99 86.46 -48.54
N LEU XA 75 24.83 86.32 -47.23
CA LEU XA 75 23.58 86.57 -46.55
C LEU XA 75 23.58 87.97 -45.96
N VAL XA 76 22.41 88.61 -45.96
CA VAL XA 76 22.27 89.98 -45.49
C VAL XA 76 21.34 89.97 -44.28
N ARG XA 77 21.70 90.75 -43.26
CA ARG XA 77 20.94 90.87 -42.03
C ARG XA 77 20.14 92.16 -42.06
N LEU XA 78 18.83 92.06 -41.86
CA LEU XA 78 17.93 93.20 -41.83
C LEU XA 78 17.47 93.38 -40.39
N ARG XA 79 17.64 94.60 -39.88
CA ARG XA 79 17.27 94.95 -38.52
C ARG XA 79 16.41 96.21 -38.54
N VAL XA 80 15.22 96.13 -37.95
CA VAL XA 80 14.30 97.26 -37.87
C VAL XA 80 14.07 97.60 -36.40
N PRO XA 81 14.48 98.78 -35.94
CA PRO XA 81 14.29 99.13 -34.53
C PRO XA 81 12.94 99.80 -34.29
N PHE XA 82 12.47 99.64 -33.05
CA PHE XA 82 11.23 100.28 -32.61
C PHE XA 82 11.30 100.48 -31.10
N THR XA 83 10.35 101.28 -30.59
CA THR XA 83 10.33 101.68 -29.19
C THR XA 83 8.99 101.33 -28.58
N VAL XA 84 9.01 100.89 -27.32
CA VAL XA 84 7.81 100.49 -26.61
C VAL XA 84 7.76 101.20 -25.26
N ALA XA 85 6.55 101.38 -24.74
CA ALA XA 85 6.32 102.13 -23.51
C ALA XA 85 6.22 101.19 -22.32
N ARG XA 86 6.99 101.52 -21.27
CA ARG XA 86 7.00 100.72 -20.06
C ARG XA 86 5.66 100.73 -19.34
N ARG XA 87 4.85 101.77 -19.51
CA ARG XA 87 3.51 101.76 -18.94
C ARG XA 87 2.62 100.71 -19.59
N ASP XA 88 2.61 100.63 -20.92
CA ASP XA 88 1.88 99.58 -21.61
C ASP XA 88 2.44 98.21 -21.25
N ILE XA 89 3.76 98.10 -21.07
CA ILE XA 89 4.33 96.82 -20.64
C ILE XA 89 3.80 96.44 -19.26
N ASP XA 90 3.80 97.39 -18.32
CA ASP XA 90 3.43 97.07 -16.94
C ASP XA 90 1.95 96.77 -16.82
N ASP XA 91 1.11 97.42 -17.62
CA ASP XA 91 -0.33 97.21 -17.50
C ASP XA 91 -0.74 95.77 -17.76
N VAL XA 92 0.08 95.00 -18.48
CA VAL XA 92 -0.32 93.64 -18.85
C VAL XA 92 -0.50 92.78 -17.60
N GLU XA 93 0.45 92.85 -16.67
CA GLU XA 93 0.37 92.03 -15.47
C GLU XA 93 -0.82 92.42 -14.60
N ARG XA 94 -1.42 93.58 -14.83
CA ARG XA 94 -2.66 94.00 -14.17
C ARG XA 94 -3.90 93.51 -14.89
N GLY XA 95 -3.77 92.51 -15.75
CA GLY XA 95 -4.91 92.02 -16.51
C GLY XA 95 -5.42 93.00 -17.54
N SER XA 96 -4.55 93.85 -18.08
CA SER XA 96 -4.93 94.76 -19.16
C SER XA 96 -4.70 94.06 -20.48
N GLN XA 97 -5.67 94.20 -21.38
CA GLN XA 97 -5.61 93.61 -22.71
C GLN XA 97 -6.07 94.56 -23.81
N ASP XA 98 -5.75 95.85 -23.67
CA ASP XA 98 -5.89 96.82 -24.75
C ASP XA 98 -4.59 97.58 -24.98
N SER XA 99 -3.45 97.00 -24.62
CA SER XA 99 -2.17 97.70 -24.70
C SER XA 99 -1.82 98.02 -26.14
N ASP XA 100 -1.07 99.11 -26.32
CA ASP XA 100 -0.70 99.61 -27.65
C ASP XA 100 0.56 98.89 -28.13
N TRP XA 101 0.46 98.23 -29.28
CA TRP XA 101 1.58 97.55 -29.92
C TRP XA 101 1.75 98.02 -31.37
N ASP XA 102 1.30 99.24 -31.63
CA ASP XA 102 1.39 99.80 -32.98
C ASP XA 102 2.82 99.88 -33.49
N PRO XA 103 3.81 100.32 -32.71
CA PRO XA 103 5.19 100.27 -33.21
C PRO XA 103 5.63 98.87 -33.59
N VAL XA 104 5.21 97.86 -32.81
CA VAL XA 104 5.52 96.48 -33.16
C VAL XA 104 4.93 96.14 -34.52
N LYS XA 105 3.66 96.48 -34.73
CA LYS XA 105 3.01 96.16 -35.99
C LYS XA 105 3.69 96.88 -37.15
N ASP XA 106 4.06 98.15 -36.96
CA ASP XA 106 4.72 98.91 -38.00
C ASP XA 106 6.08 98.30 -38.36
N ALA XA 107 6.86 97.91 -37.35
CA ALA XA 107 8.15 97.30 -37.62
C ALA XA 107 7.99 95.98 -38.36
N ALA XA 108 7.00 95.17 -37.97
CA ALA XA 108 6.76 93.92 -38.68
C ALA XA 108 6.38 94.18 -40.12
N LYS XA 109 5.52 95.18 -40.36
CA LYS XA 109 5.15 95.53 -41.73
C LYS XA 109 6.38 95.96 -42.53
N LYS XA 110 7.25 96.77 -41.93
CA LYS XA 110 8.44 97.24 -42.63
C LYS XA 110 9.35 96.08 -43.00
N LEU XA 111 9.56 95.15 -42.07
CA LEU XA 111 10.42 94.00 -42.35
C LEU XA 111 9.83 93.13 -43.45
N ALA XA 112 8.52 92.87 -43.38
CA ALA XA 112 7.88 92.08 -44.43
C ALA XA 112 8.02 92.76 -45.78
N PHE XA 113 7.85 94.08 -45.82
CA PHE XA 113 7.92 94.80 -47.09
C PHE XA 113 9.33 94.73 -47.66
N VAL XA 114 10.35 94.93 -46.84
CA VAL XA 114 11.71 94.85 -47.36
C VAL XA 114 12.01 93.45 -47.86
N GLU XA 115 11.58 92.42 -47.13
CA GLU XA 115 11.84 91.05 -47.57
C GLU XA 115 11.16 90.78 -48.93
N ASP XA 116 9.88 91.14 -49.04
CA ASP XA 116 9.16 90.86 -50.28
C ASP XA 116 9.72 91.67 -51.44
N ARG XA 117 10.12 92.92 -51.18
CA ARG XA 117 10.69 93.74 -52.23
C ARG XA 117 12.06 93.23 -52.67
N ALA XA 118 12.87 92.71 -51.77
CA ALA XA 118 14.11 92.06 -52.17
C ALA XA 118 13.83 90.80 -53.00
N ILE XA 119 12.81 90.02 -52.61
CA ILE XA 119 12.50 88.82 -53.36
C ILE XA 119 12.04 89.15 -54.78
N PHE XA 120 11.15 90.13 -54.91
CA PHE XA 120 10.46 90.36 -56.18
C PHE XA 120 11.05 91.46 -57.04
N GLU XA 121 11.95 92.28 -56.51
CA GLU XA 121 12.48 93.43 -57.22
C GLU XA 121 14.00 93.50 -57.21
N GLY XA 122 14.64 92.99 -56.18
CA GLY XA 122 16.10 92.94 -56.12
C GLY XA 122 16.66 93.93 -55.12
N TYR XA 123 17.73 93.51 -54.43
CA TYR XA 123 18.49 94.34 -53.51
C TYR XA 123 19.95 94.22 -53.94
N ALA XA 124 20.39 95.13 -54.80
CA ALA XA 124 21.65 94.96 -55.52
C ALA XA 124 22.84 94.86 -54.56
N ALA XA 125 22.90 95.75 -53.57
CA ALA XA 125 24.05 95.77 -52.68
C ALA XA 125 24.25 94.43 -51.99
N ALA XA 126 23.19 93.66 -51.79
CA ALA XA 126 23.27 92.31 -51.26
C ALA XA 126 23.45 91.27 -52.35
N SER XA 127 23.71 91.70 -53.59
CA SER XA 127 23.89 90.79 -54.72
C SER XA 127 22.62 89.97 -54.99
N ILE XA 128 21.46 90.51 -54.63
CA ILE XA 128 20.19 89.83 -54.80
C ILE XA 128 19.55 90.34 -56.09
N GLU XA 129 19.46 89.45 -57.09
CA GLU XA 129 18.74 89.75 -58.32
C GLU XA 129 17.32 89.24 -58.20
N GLY XA 130 16.35 90.13 -58.39
CA GLY XA 130 14.96 89.80 -58.17
C GLY XA 130 14.36 88.98 -59.28
N ILE XA 131 13.16 88.47 -59.01
CA ILE XA 131 12.42 87.69 -60.01
C ILE XA 131 12.14 88.52 -61.25
N ARG XA 132 11.82 89.80 -61.08
CA ARG XA 132 11.52 90.66 -62.23
C ARG XA 132 12.70 90.72 -63.20
N SER XA 133 13.90 90.97 -62.70
CA SER XA 133 15.07 91.05 -63.57
C SER XA 133 15.47 89.67 -64.09
N SER XA 134 15.46 88.66 -63.22
CA SER XA 134 15.91 87.33 -63.63
C SER XA 134 14.94 86.67 -64.60
N SER XA 135 13.71 87.16 -64.70
CA SER XA 135 12.74 86.55 -65.60
C SER XA 135 13.18 86.71 -67.05
N SER XA 136 13.04 85.63 -67.82
CA SER XA 136 13.38 85.63 -69.23
C SER XA 136 12.18 85.87 -70.14
N ASN XA 137 10.99 85.47 -69.71
CA ASN XA 137 9.79 85.71 -70.51
C ASN XA 137 9.52 87.20 -70.61
N PRO XA 138 9.00 87.68 -71.73
CA PRO XA 138 8.80 89.13 -71.89
C PRO XA 138 7.83 89.68 -70.85
N ALA XA 139 8.11 90.90 -70.40
CA ALA XA 139 7.26 91.56 -69.43
C ALA XA 139 6.07 92.21 -70.11
N LEU XA 140 4.96 92.31 -69.37
CA LEU XA 140 3.74 92.92 -69.88
C LEU XA 140 3.43 94.19 -69.10
N ALA XA 141 2.41 94.90 -69.57
CA ALA XA 141 1.96 96.15 -68.96
C ALA XA 141 0.56 95.97 -68.39
N LEU XA 142 0.37 96.38 -67.15
CA LEU XA 142 -0.93 96.27 -66.50
C LEU XA 142 -1.82 97.40 -67.01
N PRO XA 143 -2.97 97.12 -67.62
CA PRO XA 143 -3.80 98.21 -68.13
C PRO XA 143 -4.31 99.11 -67.01
N ASP XA 144 -4.46 100.39 -67.34
CA ASP XA 144 -4.98 101.34 -66.37
C ASP XA 144 -6.37 100.94 -65.90
N ASP XA 145 -7.22 100.49 -66.83
CA ASP XA 145 -8.55 100.01 -66.47
C ASP XA 145 -8.45 98.63 -65.84
N ALA XA 146 -9.44 98.31 -65.01
CA ALA XA 146 -9.46 97.02 -64.34
C ALA XA 146 -10.12 95.92 -65.15
N ARG XA 147 -10.77 96.26 -66.26
CA ARG XA 147 -11.55 95.27 -67.00
C ARG XA 147 -10.68 94.42 -67.92
N GLU XA 148 -9.51 94.93 -68.31
CA GLU XA 148 -8.63 94.25 -69.25
C GLU XA 148 -7.54 93.43 -68.58
N ILE XA 149 -7.46 93.46 -67.24
CA ILE XA 149 -6.40 92.73 -66.54
C ILE XA 149 -6.48 91.24 -66.83
N PRO XA 150 -7.65 90.59 -66.80
CA PRO XA 150 -7.68 89.15 -67.06
C PRO XA 150 -7.11 88.76 -68.41
N ASP XA 151 -7.28 89.60 -69.44
CA ASP XA 151 -6.70 89.29 -70.74
C ASP XA 151 -5.18 89.25 -70.66
N VAL XA 152 -4.59 90.20 -69.94
CA VAL XA 152 -3.14 90.23 -69.80
C VAL XA 152 -2.66 89.02 -69.00
N ILE XA 153 -3.42 88.63 -67.98
CA ILE XA 153 -3.05 87.44 -67.21
C ILE XA 153 -3.11 86.20 -68.08
N ALA XA 154 -4.12 86.11 -68.95
CA ALA XA 154 -4.20 84.98 -69.86
C ALA XA 154 -3.03 84.98 -70.83
N GLN XA 155 -2.61 86.16 -71.29
CA GLN XA 155 -1.43 86.26 -72.13
C GLN XA 155 -0.18 85.77 -71.40
N ALA XA 156 -0.02 86.16 -70.14
CA ALA XA 156 1.14 85.74 -69.36
C ALA XA 156 1.14 84.23 -69.15
N LEU XA 157 -0.03 83.66 -68.84
CA LEU XA 157 -0.13 82.22 -68.75
C LEU XA 157 0.24 81.56 -70.06
N SER XA 158 -0.21 82.13 -71.18
CA SER XA 158 0.17 81.62 -72.48
C SER XA 158 1.68 81.65 -72.67
N GLU XA 159 2.34 82.71 -72.19
CA GLU XA 159 3.79 82.79 -72.36
C GLU XA 159 4.51 81.72 -71.54
N LEU XA 160 4.24 81.65 -70.24
CA LEU XA 160 4.81 80.59 -69.40
C LEU XA 160 4.57 79.23 -70.03
N ARG XA 161 3.32 79.00 -70.41
CA ARG XA 161 2.82 77.69 -70.77
C ARG XA 161 3.21 77.33 -72.20
N LEU XA 162 3.59 78.33 -72.99
CA LEU XA 162 4.40 78.09 -74.18
C LEU XA 162 5.80 77.66 -73.79
N ALA XA 163 6.43 78.40 -72.88
CA ALA XA 163 7.83 78.15 -72.53
C ALA XA 163 8.02 76.74 -71.98
N GLY XA 164 6.97 76.13 -71.45
CA GLY XA 164 7.02 74.73 -71.09
C GLY XA 164 7.02 74.44 -69.61
N VAL XA 165 6.66 75.40 -68.79
CA VAL XA 165 6.61 75.20 -67.35
C VAL XA 165 5.26 74.66 -66.95
N ASP XA 166 5.25 73.81 -65.91
CA ASP XA 166 4.04 73.17 -65.44
C ASP XA 166 3.83 73.41 -63.96
N GLY XA 167 2.85 72.73 -63.37
CA GLY XA 167 2.52 72.90 -61.97
C GLY XA 167 1.52 74.01 -61.75
N PRO XA 168 0.95 74.08 -60.55
CA PRO XA 168 -0.06 75.11 -60.29
C PRO XA 168 0.50 76.50 -60.51
N TYR XA 169 -0.32 77.37 -61.08
CA TYR XA 169 0.05 78.75 -61.36
C TYR XA 169 -0.62 79.67 -60.35
N SER XA 170 0.06 80.78 -60.05
CA SER XA 170 -0.39 81.68 -59.01
C SER XA 170 -0.16 83.12 -59.44
N VAL XA 171 -1.05 84.00 -59.01
CA VAL XA 171 -1.01 85.42 -59.35
C VAL XA 171 -0.83 86.19 -58.05
N LEU XA 172 0.24 86.99 -57.99
CA LEU XA 172 0.51 87.89 -56.88
C LEU XA 172 0.22 89.30 -57.36
N LEU XA 173 -0.70 89.98 -56.68
CA LEU XA 173 -1.14 91.31 -57.09
C LEU XA 173 -0.70 92.35 -56.07
N SER XA 174 -0.45 93.56 -56.57
CA SER XA 174 -0.02 94.67 -55.73
C SER XA 174 -1.19 95.15 -54.87
N ALA XA 175 -0.91 96.02 -53.92
CA ALA XA 175 -1.98 96.60 -53.12
C ALA XA 175 -2.93 97.42 -53.98
N GLU XA 176 -2.36 98.29 -54.84
CA GLU XA 176 -3.20 99.17 -55.64
C GLU XA 176 -4.00 98.38 -56.68
N THR XA 177 -3.38 97.35 -57.26
CA THR XA 177 -4.09 96.52 -58.24
C THR XA 177 -5.15 95.64 -57.58
N TYR XA 178 -4.84 95.07 -56.41
CA TYR XA 178 -5.81 94.25 -55.71
C TYR XA 178 -7.00 95.07 -55.25
N THR XA 179 -6.76 96.28 -54.73
CA THR XA 179 -7.86 97.18 -54.40
C THR XA 179 -8.73 97.45 -55.62
N LYS XA 180 -8.09 97.66 -56.78
CA LYS XA 180 -8.84 97.95 -58.00
C LYS XA 180 -9.72 96.77 -58.39
N VAL XA 181 -9.13 95.57 -58.48
CA VAL XA 181 -9.90 94.41 -58.92
C VAL XA 181 -10.96 94.05 -57.90
N SER XA 182 -10.74 94.38 -56.63
CA SER XA 182 -11.73 94.07 -55.61
C SER XA 182 -12.91 95.03 -55.67
N GLU XA 183 -12.64 96.33 -55.67
CA GLU XA 183 -13.72 97.32 -55.72
C GLU XA 183 -14.50 97.21 -57.02
N THR XA 184 -13.78 97.06 -58.14
CA THR XA 184 -14.44 96.95 -59.43
C THR XA 184 -15.22 95.65 -59.53
N THR XA 185 -16.36 95.70 -60.22
CA THR XA 185 -17.27 94.56 -60.32
C THR XA 185 -17.78 94.45 -61.74
N ALA XA 186 -18.23 93.25 -62.09
CA ALA XA 186 -18.80 93.00 -63.41
C ALA XA 186 -19.76 91.83 -63.32
N HIS XA 187 -20.97 92.00 -63.86
CA HIS XA 187 -21.99 90.95 -63.87
C HIS XA 187 -22.26 90.41 -62.47
N GLY XA 188 -22.08 91.26 -61.45
CA GLY XA 188 -22.32 90.85 -60.10
C GLY XA 188 -21.20 90.06 -59.45
N TYR XA 189 -20.01 90.04 -60.04
CA TYR XA 189 -18.84 89.45 -59.41
C TYR XA 189 -17.64 90.39 -59.54
N PRO XA 190 -16.75 90.42 -58.55
CA PRO XA 190 -15.54 91.24 -58.68
C PRO XA 190 -14.61 90.77 -59.78
N ILE XA 191 -13.86 91.74 -60.31
CA ILE XA 191 -12.85 91.44 -61.30
C ILE XA 191 -11.81 90.50 -60.70
N ARG XA 192 -11.63 90.52 -59.38
CA ARG XA 192 -10.73 89.57 -58.74
C ARG XA 192 -11.22 88.14 -58.89
N GLU XA 193 -12.52 87.91 -58.71
CA GLU XA 193 -13.06 86.57 -58.97
C GLU XA 193 -12.92 86.22 -60.45
N HIS XA 194 -13.17 87.19 -61.32
CA HIS XA 194 -12.90 86.97 -62.74
C HIS XA 194 -11.48 86.44 -62.96
N ILE XA 195 -10.50 87.07 -62.32
CA ILE XA 195 -9.12 86.61 -62.45
C ILE XA 195 -8.96 85.21 -61.88
N ASN XA 196 -9.49 84.98 -60.67
CA ASN XA 196 -9.33 83.69 -60.01
C ASN XA 196 -9.84 82.55 -60.88
N ARG XA 197 -10.88 82.81 -61.66
CA ARG XA 197 -11.48 81.74 -62.47
C ARG XA 197 -10.46 81.06 -63.38
N LEU XA 198 -9.40 81.76 -63.79
CA LEU XA 198 -8.47 81.24 -64.78
C LEU XA 198 -7.45 80.28 -64.19
N VAL XA 199 -6.81 80.68 -63.09
CA VAL XA 199 -5.67 79.93 -62.56
C VAL XA 199 -6.15 78.74 -61.76
N ASP XA 200 -5.24 77.80 -61.53
CA ASP XA 200 -5.48 76.62 -60.71
C ASP XA 200 -5.05 76.81 -59.26
N GLY XA 201 -4.15 77.76 -58.99
CA GLY XA 201 -3.64 77.97 -57.66
C GLY XA 201 -4.43 78.97 -56.86
N GLU XA 202 -3.77 80.04 -56.41
CA GLU XA 202 -4.39 81.01 -55.52
C GLU XA 202 -4.08 82.43 -55.99
N ILE XA 203 -4.87 83.38 -55.52
CA ILE XA 203 -4.62 84.80 -55.69
C ILE XA 203 -4.01 85.32 -54.40
N ILE XA 204 -2.90 86.05 -54.49
CA ILE XA 204 -2.11 86.44 -53.32
C ILE XA 204 -1.94 87.96 -53.29
N TRP XA 205 -2.03 88.52 -52.09
CA TRP XA 205 -1.71 89.92 -51.79
C TRP XA 205 -0.19 90.11 -51.81
N ALA XA 206 0.27 91.11 -52.54
CA ALA XA 206 1.68 91.47 -52.52
C ALA XA 206 1.83 92.99 -52.39
N PRO XA 207 1.60 93.57 -51.21
CA PRO XA 207 1.61 95.03 -51.12
C PRO XA 207 2.97 95.61 -51.38
N ALA XA 208 4.03 94.92 -50.97
CA ALA XA 208 5.39 95.40 -51.12
C ALA XA 208 5.77 95.55 -52.58
N ILE XA 209 5.33 94.62 -53.43
CA ILE XA 209 5.73 94.62 -54.83
C ILE XA 209 4.90 95.69 -55.56
N ASP XA 210 5.32 96.03 -56.77
CA ASP XA 210 4.63 97.00 -57.60
C ASP XA 210 4.31 96.34 -58.93
N GLY XA 211 3.02 96.22 -59.26
CA GLY XA 211 2.60 95.60 -60.49
C GLY XA 211 1.84 94.31 -60.26
N ALA XA 212 2.26 93.25 -60.95
CA ALA XA 212 1.64 91.93 -60.78
C ALA XA 212 2.64 90.88 -61.26
N PHE XA 213 2.42 89.64 -60.81
CA PHE XA 213 3.33 88.55 -61.16
C PHE XA 213 2.52 87.27 -61.34
N VAL XA 214 2.77 86.55 -62.42
CA VAL XA 214 2.17 85.23 -62.62
C VAL XA 214 3.30 84.21 -62.68
N LEU XA 215 3.27 83.24 -61.77
CA LEU XA 215 4.41 82.32 -61.65
C LEU XA 215 3.95 80.92 -61.33
N SER XA 216 4.82 79.96 -61.62
CA SER XA 216 4.56 78.56 -61.33
C SER XA 216 5.02 78.21 -59.92
N THR XA 217 4.37 77.21 -59.33
CA THR XA 217 4.69 76.74 -57.99
C THR XA 217 4.99 75.24 -57.98
N ARG XA 218 5.47 74.71 -59.10
CA ARG XA 218 5.87 73.30 -59.12
C ARG XA 218 6.97 73.03 -58.11
N GLY XA 219 7.92 73.95 -57.97
CA GLY XA 219 9.01 73.78 -57.03
C GLY XA 219 10.37 73.72 -57.70
N GLY XA 220 11.41 74.13 -56.98
CA GLY XA 220 12.76 74.07 -57.50
C GLY XA 220 13.20 75.25 -58.33
N ASP XA 221 12.40 76.33 -58.38
CA ASP XA 221 12.74 77.50 -59.16
C ASP XA 221 13.10 78.72 -58.32
N PHE XA 222 12.60 78.82 -57.10
CA PHE XA 222 12.92 79.96 -56.22
C PHE XA 222 13.31 79.41 -54.86
N ASP XA 223 14.33 80.00 -54.25
CA ASP XA 223 14.84 79.55 -52.96
C ASP XA 223 15.10 80.76 -52.06
N LEU XA 224 14.39 80.82 -50.93
CA LEU XA 224 14.64 81.83 -49.91
C LEU XA 224 15.47 81.18 -48.82
N GLN XA 225 16.75 81.53 -48.76
CA GLN XA 225 17.66 80.95 -47.78
C GLN XA 225 17.67 81.83 -46.52
N LEU XA 226 17.43 81.21 -45.37
CA LEU XA 226 17.42 81.89 -44.09
C LEU XA 226 18.53 81.34 -43.22
N GLY XA 227 19.31 82.22 -42.61
CA GLY XA 227 20.26 81.82 -41.60
C GLY XA 227 19.58 81.74 -40.25
N THR XA 228 18.87 82.81 -39.89
CA THR XA 228 18.03 82.84 -38.71
C THR XA 228 16.71 83.50 -39.08
N ASP XA 229 15.62 82.94 -38.56
CA ASP XA 229 14.29 83.45 -38.86
C ASP XA 229 14.07 84.76 -38.11
N VAL XA 230 12.85 85.31 -38.22
CA VAL XA 230 12.54 86.58 -37.58
C VAL XA 230 12.69 86.44 -36.07
N SER XA 231 13.39 87.40 -35.46
CA SER XA 231 13.60 87.39 -34.01
C SER XA 231 13.46 88.81 -33.48
N ILE XA 232 13.15 88.93 -32.19
CA ILE XA 232 12.99 90.21 -31.53
C ILE XA 232 14.03 90.32 -30.42
N GLY XA 233 14.74 91.45 -30.39
CA GLY XA 233 15.80 91.66 -29.43
C GLY XA 233 15.71 92.96 -28.66
N TYR XA 234 16.70 93.22 -27.82
CA TYR XA 234 16.73 94.37 -26.92
C TYR XA 234 18.05 95.10 -27.06
N LEU XA 235 18.00 96.42 -27.17
CA LEU XA 235 19.22 97.23 -27.25
C LEU XA 235 19.49 97.98 -25.95
N SER XA 236 18.53 98.77 -25.49
CA SER XA 236 18.70 99.59 -24.29
C SER XA 236 17.32 99.94 -23.76
N HIS XA 237 17.29 100.65 -22.64
CA HIS XA 237 16.02 101.01 -22.01
C HIS XA 237 16.21 102.27 -21.19
N ASP XA 238 15.08 102.86 -20.79
CA ASP XA 238 15.03 104.12 -20.09
C ASP XA 238 13.91 104.03 -19.04
N ALA XA 239 13.75 105.09 -18.25
CA ALA XA 239 12.69 105.13 -17.26
C ALA XA 239 11.30 105.09 -17.87
N GLU XA 240 11.18 105.34 -19.17
CA GLU XA 240 9.88 105.42 -19.83
C GLU XA 240 9.71 104.44 -20.98
N VAL XA 241 10.79 104.09 -21.69
CA VAL XA 241 10.69 103.34 -22.92
C VAL XA 241 11.74 102.23 -22.94
N VAL XA 242 11.56 101.28 -23.85
CA VAL XA 242 12.53 100.24 -24.14
C VAL XA 242 12.71 100.19 -25.65
N HIS XA 243 13.96 100.06 -26.10
CA HIS XA 243 14.28 99.99 -27.52
C HIS XA 243 14.55 98.54 -27.92
N LEU XA 244 13.78 98.06 -28.89
CA LEU XA 244 13.87 96.69 -29.38
C LEU XA 244 14.10 96.72 -30.88
N TYR XA 245 14.36 95.55 -31.46
CA TYR XA 245 14.55 95.44 -32.91
C TYR XA 245 14.02 94.11 -33.37
N MET XA 246 13.59 94.07 -34.63
CA MET XA 246 13.24 92.82 -35.31
C MET XA 246 14.29 92.53 -36.36
N GLU XA 247 14.82 91.31 -36.34
CA GLU XA 247 16.02 90.94 -37.08
C GLU XA 247 15.77 89.67 -37.87
N GLU XA 248 16.32 89.63 -39.09
CA GLU XA 248 16.32 88.38 -39.86
C GLU XA 248 17.48 88.39 -40.86
N THR XA 249 18.12 87.24 -41.02
CA THR XA 249 19.26 87.08 -41.94
C THR XA 249 18.85 86.18 -43.10
N MET XA 250 18.94 86.71 -44.32
CA MET XA 250 18.34 86.02 -45.46
C MET XA 250 19.11 86.32 -46.74
N THR XA 251 18.77 85.56 -47.77
CA THR XA 251 19.11 85.85 -49.15
C THR XA 251 18.10 85.11 -50.04
N PHE XA 252 18.06 85.51 -51.31
CA PHE XA 252 17.10 84.94 -52.26
C PHE XA 252 17.82 84.54 -53.53
N LEU XA 253 17.44 83.41 -54.10
CA LEU XA 253 18.00 82.90 -55.34
C LEU XA 253 16.88 82.47 -56.29
N CYS XA 254 17.02 82.82 -57.56
CA CYS XA 254 16.15 82.35 -58.63
C CYS XA 254 16.97 81.48 -59.56
N TYR XA 255 16.47 80.27 -59.85
CA TYR XA 255 17.18 79.31 -60.68
C TYR XA 255 16.56 79.17 -62.06
N THR XA 256 15.24 79.22 -62.17
CA THR XA 256 14.55 79.08 -63.44
C THR XA 256 13.99 80.45 -63.84
N ALA XA 257 14.50 80.98 -64.96
CA ALA XA 257 14.09 82.31 -65.40
C ALA XA 257 12.78 82.28 -66.18
N GLU XA 258 12.32 81.09 -66.57
CA GLU XA 258 11.15 80.96 -67.42
C GLU XA 258 9.88 80.58 -66.65
N ALA XA 259 9.94 80.54 -65.32
CA ALA XA 259 8.80 80.12 -64.50
C ALA XA 259 7.96 81.29 -64.00
N SER XA 260 8.21 82.50 -64.47
CA SER XA 260 7.50 83.67 -63.99
C SER XA 260 7.32 84.67 -65.12
N VAL XA 261 6.30 85.51 -64.98
CA VAL XA 261 6.00 86.60 -65.90
C VAL XA 261 5.67 87.82 -65.06
N ALA XA 262 6.24 88.96 -65.41
CA ALA XA 262 6.07 90.19 -64.64
C ALA XA 262 5.22 91.17 -65.42
N LEU XA 263 4.35 91.89 -64.72
CA LEU XA 263 3.50 92.92 -65.29
C LEU XA 263 3.76 94.21 -64.56
N THR XA 264 4.15 95.25 -65.31
CA THR XA 264 4.55 96.52 -64.72
C THR XA 264 3.39 97.51 -64.76
N PRO XA 265 3.28 98.38 -63.75
CA PRO XA 265 2.18 99.35 -63.70
C PRO XA 265 2.11 100.24 -64.93
N ASN YA 2 88.31 5.58 19.64
CA ASN YA 2 88.88 4.48 20.39
C ASN YA 2 90.39 4.67 20.55
N ASN YA 3 91.07 3.67 21.12
CA ASN YA 3 92.49 3.78 21.40
C ASN YA 3 93.35 3.75 20.15
N LEU YA 4 92.78 3.40 18.99
CA LEU YA 4 93.57 3.40 17.76
C LEU YA 4 93.97 4.81 17.36
N TYR YA 5 93.10 5.80 17.62
CA TYR YA 5 93.36 7.19 17.27
C TYR YA 5 93.58 7.35 15.78
N ARG YA 6 92.72 6.71 14.98
CA ARG YA 6 92.80 6.84 13.53
C ARG YA 6 92.31 8.20 13.05
N ASP YA 7 91.35 8.80 13.75
CA ASP YA 7 90.83 10.09 13.32
C ASP YA 7 91.90 11.17 13.31
N LEU YA 8 93.00 10.96 14.03
CA LEU YA 8 94.10 11.93 14.08
C LEU YA 8 95.14 11.71 12.99
N ALA YA 9 95.04 10.63 12.22
CA ALA YA 9 96.06 10.35 11.22
C ALA YA 9 95.76 11.09 9.93
N PRO YA 10 96.79 11.57 9.21
CA PRO YA 10 96.58 12.24 7.92
C PRO YA 10 96.39 11.26 6.77
N ILE YA 11 95.33 10.47 6.84
CA ILE YA 11 95.04 9.43 5.86
C ILE YA 11 93.56 9.49 5.51
N THR YA 12 93.26 9.33 4.22
CA THR YA 12 91.90 9.40 3.72
C THR YA 12 91.20 8.05 3.87
N GLU YA 13 89.88 8.07 3.69
CA GLU YA 13 89.09 6.84 3.81
C GLU YA 13 89.52 5.82 2.76
N SER YA 14 89.77 6.27 1.52
CA SER YA 14 90.16 5.34 0.46
C SER YA 14 91.49 4.67 0.78
N ALA YA 15 92.47 5.45 1.24
CA ALA YA 15 93.77 4.86 1.58
C ALA YA 15 93.65 3.93 2.78
N TRP YA 16 92.82 4.30 3.76
CA TRP YA 16 92.56 3.39 4.88
C TRP YA 16 91.99 2.07 4.38
N ALA YA 17 91.03 2.13 3.46
CA ALA YA 17 90.44 0.91 2.92
C ALA YA 17 91.48 0.07 2.19
N GLU YA 18 92.32 0.73 1.38
CA GLU YA 18 93.35 -0.01 0.65
C GLU YA 18 94.30 -0.70 1.62
N ILE YA 19 94.75 0.00 2.66
CA ILE YA 19 95.68 -0.59 3.61
C ILE YA 19 95.03 -1.76 4.33
N GLU YA 20 93.79 -1.59 4.78
CA GLU YA 20 93.10 -2.67 5.47
C GLU YA 20 92.95 -3.90 4.57
N LEU YA 21 92.55 -3.68 3.31
CA LEU YA 21 92.39 -4.80 2.38
C LEU YA 21 93.71 -5.52 2.16
N GLU YA 22 94.78 -4.76 1.94
CA GLU YA 22 96.08 -5.37 1.68
C GLU YA 22 96.57 -6.16 2.87
N ALA YA 23 96.41 -5.64 4.09
CA ALA YA 23 96.84 -6.37 5.27
C ALA YA 23 96.01 -7.62 5.49
N THR YA 24 94.68 -7.51 5.33
CA THR YA 24 93.81 -8.66 5.53
C THR YA 24 94.16 -9.78 4.55
N ARG YA 25 94.36 -9.44 3.27
CA ARG YA 25 94.67 -10.45 2.27
C ARG YA 25 95.95 -11.20 2.64
N THR YA 26 97.01 -10.46 2.97
CA THR YA 26 98.30 -11.09 3.25
C THR YA 26 98.23 -11.94 4.52
N PHE YA 27 97.57 -11.43 5.56
CA PHE YA 27 97.46 -12.21 6.80
C PHE YA 27 96.68 -13.50 6.56
N LYS YA 28 95.56 -13.41 5.86
CA LYS YA 28 94.76 -14.60 5.58
C LYS YA 28 95.52 -15.57 4.70
N ARG YA 29 96.43 -15.06 3.86
CA ARG YA 29 97.30 -15.94 3.09
C ARG YA 29 98.27 -16.68 3.99
N HIS YA 30 98.95 -15.96 4.88
CA HIS YA 30 100.08 -16.51 5.61
C HIS YA 30 99.69 -17.20 6.91
N ILE YA 31 98.41 -17.17 7.29
CA ILE YA 31 97.96 -17.75 8.54
C ILE YA 31 97.45 -19.17 8.28
N ALA YA 32 97.75 -20.08 9.21
CA ALA YA 32 97.38 -21.49 9.08
C ALA YA 32 96.65 -22.07 10.29
N GLY YA 33 97.03 -21.68 11.51
CA GLY YA 33 96.42 -22.30 12.68
C GLY YA 33 94.93 -22.06 12.77
N ARG YA 34 94.48 -20.88 12.33
CA ARG YA 34 93.07 -20.52 12.38
C ARG YA 34 92.20 -21.47 11.55
N ARG YA 35 92.80 -22.21 10.62
CA ARG YA 35 92.06 -23.15 9.78
C ARG YA 35 91.92 -24.52 10.42
N VAL YA 36 92.63 -24.80 11.52
CA VAL YA 36 92.59 -26.12 12.12
C VAL YA 36 92.37 -26.03 13.64
N VAL YA 37 92.16 -24.83 14.16
CA VAL YA 37 91.92 -24.64 15.59
C VAL YA 37 90.62 -23.87 15.79
N ASP YA 38 89.86 -24.27 16.80
CA ASP YA 38 88.67 -23.52 17.17
C ASP YA 38 89.07 -22.12 17.66
N VAL YA 39 88.27 -21.13 17.29
CA VAL YA 39 88.55 -19.74 17.61
C VAL YA 39 87.41 -19.21 18.47
N SER YA 40 87.75 -18.73 19.66
CA SER YA 40 86.79 -18.06 20.52
C SER YA 40 86.79 -16.58 20.16
N GLY YA 41 85.69 -16.13 19.56
CA GLY YA 41 85.61 -14.78 19.02
C GLY YA 41 86.01 -13.73 20.03
N PRO YA 42 86.28 -12.51 19.55
CA PRO YA 42 86.71 -11.45 20.47
C PRO YA 42 85.71 -11.23 21.59
N ASN YA 43 86.22 -11.21 22.82
CA ASN YA 43 85.40 -10.98 23.99
C ASN YA 43 85.48 -9.55 24.50
N GLY YA 44 86.22 -8.68 23.82
CA GLY YA 44 86.28 -7.27 24.16
C GLY YA 44 87.61 -6.88 24.78
N PRO YA 45 87.91 -5.57 24.76
CA PRO YA 45 89.16 -5.11 25.36
C PRO YA 45 89.26 -5.35 26.86
N THR YA 46 88.13 -5.54 27.54
CA THR YA 46 88.13 -5.79 28.98
C THR YA 46 88.63 -7.18 29.33
N THR YA 47 88.71 -8.09 28.36
CA THR YA 47 89.14 -9.45 28.62
C THR YA 47 90.66 -9.50 28.80
N ALA YA 48 91.10 -10.14 29.87
CA ALA YA 48 92.52 -10.21 30.22
C ALA YA 48 93.04 -11.61 30.46
N SER YA 49 92.18 -12.58 30.78
CA SER YA 49 92.64 -13.92 31.11
C SER YA 49 91.53 -14.91 30.80
N VAL YA 50 91.92 -16.18 30.74
CA VAL YA 50 91.00 -17.29 30.48
C VAL YA 50 91.09 -18.27 31.64
N SER YA 51 89.96 -18.51 32.30
CA SER YA 51 89.92 -19.44 33.42
C SER YA 51 90.18 -20.85 32.94
N THR YA 52 90.88 -21.65 33.74
CA THR YA 52 91.09 -23.06 33.43
C THR YA 52 90.22 -23.98 34.28
N GLY YA 53 89.59 -23.46 35.33
CA GLY YA 53 88.78 -24.28 36.20
C GLY YA 53 89.55 -25.10 37.21
N HIS YA 54 90.88 -24.96 37.25
CA HIS YA 54 91.72 -25.66 38.20
C HIS YA 54 91.97 -24.80 39.42
N LEU YA 55 92.48 -25.44 40.47
CA LEU YA 55 92.77 -24.79 41.74
C LEU YA 55 94.23 -25.00 42.10
N LEU YA 56 94.80 -24.02 42.80
CA LEU YA 56 96.19 -24.08 43.26
C LEU YA 56 96.23 -23.89 44.77
N ASP YA 57 97.07 -24.68 45.43
CA ASP YA 57 97.20 -24.62 46.87
C ASP YA 57 97.89 -23.33 47.29
N VAL YA 58 97.49 -22.80 48.45
CA VAL YA 58 98.00 -21.53 48.95
C VAL YA 58 97.91 -21.51 50.47
N SER YA 59 98.81 -20.77 51.09
CA SER YA 59 98.84 -20.70 52.55
C SER YA 59 97.54 -20.10 53.08
N PRO YA 60 96.95 -20.67 54.14
CA PRO YA 60 95.66 -20.17 54.60
C PRO YA 60 95.81 -18.85 55.33
N PRO YA 61 94.76 -18.02 55.35
CA PRO YA 61 94.81 -16.83 56.21
C PRO YA 61 94.96 -17.17 57.68
N GLY YA 62 94.38 -18.26 58.15
CA GLY YA 62 94.40 -18.58 59.56
C GLY YA 62 94.00 -20.01 59.81
N ASP YA 63 93.78 -20.31 61.08
CA ASP YA 63 93.47 -21.67 61.50
C ASP YA 63 92.07 -22.08 61.07
N GLY YA 64 91.90 -23.35 60.72
CA GLY YA 64 90.61 -23.88 60.35
C GLY YA 64 90.11 -23.41 59.00
N VAL YA 65 90.98 -22.88 58.15
CA VAL YA 65 90.60 -22.34 56.86
C VAL YA 65 91.43 -23.01 55.78
N ILE YA 66 90.78 -23.45 54.71
CA ILE YA 66 91.43 -24.06 53.56
C ILE YA 66 91.32 -23.08 52.41
N ALA YA 67 92.45 -22.73 51.80
CA ALA YA 67 92.53 -21.71 50.78
C ALA YA 67 93.06 -22.29 49.48
N HIS YA 68 92.45 -21.89 48.36
CA HIS YA 68 92.88 -22.30 47.03
C HIS YA 68 92.75 -21.12 46.08
N LEU YA 69 93.67 -21.04 45.12
CA LEU YA 69 93.65 -19.99 44.12
C LEU YA 69 93.14 -20.51 42.79
N ARG YA 70 92.27 -19.74 42.15
CA ARG YA 70 91.77 -20.08 40.83
C ARG YA 70 92.85 -19.84 39.79
N ASP YA 71 92.91 -20.71 38.78
CA ASP YA 71 93.97 -20.70 37.79
C ASP YA 71 93.48 -20.10 36.47
N ALA YA 72 94.26 -19.17 35.94
CA ALA YA 72 93.90 -18.49 34.71
C ALA YA 72 95.14 -18.33 33.84
N LYS YA 73 94.90 -18.26 32.53
CA LYS YA 73 95.95 -18.06 31.54
C LYS YA 73 95.88 -16.62 31.05
N PRO YA 74 96.93 -15.82 31.20
CA PRO YA 74 96.88 -14.43 30.75
C PRO YA 74 96.94 -14.32 29.24
N LEU YA 75 96.43 -13.21 28.74
CA LEU YA 75 96.46 -12.88 27.32
C LEU YA 75 97.64 -11.97 27.03
N VAL YA 76 98.24 -12.14 25.85
CA VAL YA 76 99.42 -11.39 25.45
C VAL YA 76 99.06 -10.55 24.23
N ARG YA 77 99.52 -9.30 24.22
CA ARG YA 77 99.28 -8.36 23.14
C ARG YA 77 100.52 -8.28 22.26
N LEU YA 78 100.35 -8.50 20.96
CA LEU YA 78 101.42 -8.45 19.98
C LEU YA 78 101.19 -7.21 19.12
N ARG YA 79 102.21 -6.36 19.03
CA ARG YA 79 102.17 -5.13 18.26
C ARG YA 79 103.37 -5.07 17.33
N VAL YA 80 103.11 -4.89 16.04
CA VAL YA 80 104.16 -4.79 15.03
C VAL YA 80 104.07 -3.43 14.37
N PRO YA 81 105.08 -2.57 14.53
CA PRO YA 81 105.02 -1.24 13.91
C PRO YA 81 105.57 -1.23 12.49
N PHE YA 82 105.07 -0.27 11.71
CA PHE YA 82 105.55 -0.06 10.35
C PHE YA 82 105.31 1.40 9.97
N THR YA 83 105.91 1.79 8.85
CA THR YA 83 105.91 3.19 8.40
C THR YA 83 105.39 3.26 6.98
N VAL YA 84 104.62 4.31 6.70
CA VAL YA 84 104.01 4.50 5.38
C VAL YA 84 104.31 5.92 4.90
N ALA YA 85 104.33 6.08 3.58
CA ALA YA 85 104.69 7.35 2.95
C ALA YA 85 103.45 8.17 2.61
N ARG YA 86 103.48 9.43 3.03
CA ARG YA 86 102.38 10.35 2.77
C ARG YA 86 102.17 10.61 1.29
N ARG YA 87 103.20 10.49 0.47
CA ARG YA 87 103.02 10.63 -0.97
C ARG YA 87 102.18 9.49 -1.55
N ASP YA 88 102.48 8.24 -1.18
CA ASP YA 88 101.66 7.11 -1.58
C ASP YA 88 100.25 7.25 -1.02
N ILE YA 89 100.11 7.77 0.20
CA ILE YA 89 98.77 7.99 0.75
C ILE YA 89 98.01 9.00 -0.11
N ASP YA 90 98.65 10.12 -0.45
CA ASP YA 90 97.95 11.19 -1.16
C ASP YA 90 97.61 10.79 -2.59
N ASP YA 91 98.45 9.98 -3.23
CA ASP YA 91 98.20 9.62 -4.62
C ASP YA 91 96.88 8.87 -4.80
N VAL YA 92 96.36 8.24 -3.74
CA VAL YA 92 95.15 7.43 -3.90
C VAL YA 92 93.98 8.29 -4.33
N GLU YA 93 93.79 9.45 -3.69
CA GLU YA 93 92.67 10.31 -4.03
C GLU YA 93 92.77 10.86 -5.44
N ARG YA 94 93.95 10.78 -6.06
CA ARG YA 94 94.15 11.13 -7.46
C ARG YA 94 93.87 9.98 -8.41
N GLY YA 95 93.15 8.96 -7.95
CA GLY YA 95 92.88 7.80 -8.78
C GLY YA 95 94.11 6.97 -9.07
N SER YA 96 95.08 6.95 -8.17
CA SER YA 96 96.25 6.09 -8.32
C SER YA 96 95.96 4.74 -7.66
N GLN YA 97 96.33 3.68 -8.36
CA GLN YA 97 96.13 2.32 -7.87
C GLN YA 97 97.35 1.43 -8.10
N ASP YA 98 98.55 2.00 -7.96
CA ASP YA 98 99.79 1.22 -7.88
C ASP YA 98 100.60 1.59 -6.65
N SER YA 99 99.96 2.10 -5.60
CA SER YA 99 100.67 2.59 -4.42
C SER YA 99 101.39 1.45 -3.71
N ASP YA 100 102.49 1.80 -3.05
CA ASP YA 100 103.35 0.82 -2.38
C ASP YA 100 102.81 0.55 -0.97
N TRP YA 101 102.50 -0.71 -0.68
CA TRP YA 101 102.04 -1.14 0.63
C TRP YA 101 102.90 -2.30 1.15
N ASP YA 102 104.14 -2.35 0.68
CA ASP YA 102 105.06 -3.42 1.08
C ASP YA 102 105.30 -3.44 2.59
N PRO YA 103 105.51 -2.32 3.27
CA PRO YA 103 105.61 -2.39 4.74
C PRO YA 103 104.39 -2.98 5.39
N VAL YA 104 103.19 -2.66 4.87
CA VAL YA 104 101.97 -3.25 5.40
C VAL YA 104 102.02 -4.76 5.25
N LYS YA 105 102.39 -5.23 4.06
CA LYS YA 105 102.43 -6.68 3.82
C LYS YA 105 103.46 -7.34 4.73
N ASP YA 106 104.63 -6.72 4.90
CA ASP YA 106 105.66 -7.30 5.75
C ASP YA 106 105.19 -7.38 7.21
N ALA YA 107 104.55 -6.33 7.71
CA ALA YA 107 104.05 -6.36 9.08
C ALA YA 107 102.99 -7.44 9.25
N ALA YA 108 102.10 -7.58 8.28
CA ALA YA 108 101.09 -8.63 8.36
C ALA YA 108 101.75 -10.00 8.38
N LYS YA 109 102.76 -10.21 7.53
CA LYS YA 109 103.47 -11.48 7.52
C LYS YA 109 104.12 -11.75 8.88
N LYS YA 110 104.74 -10.72 9.46
CA LYS YA 110 105.41 -10.88 10.75
C LYS YA 110 104.40 -11.28 11.83
N LEU YA 111 103.25 -10.60 11.86
CA LEU YA 111 102.24 -10.91 12.87
C LEU YA 111 101.71 -12.32 12.70
N ALA YA 112 101.42 -12.72 11.46
CA ALA YA 112 100.95 -14.07 11.21
C ALA YA 112 101.99 -15.10 11.65
N PHE YA 113 103.26 -14.83 11.38
CA PHE YA 113 104.31 -15.78 11.73
C PHE YA 113 104.42 -15.92 13.24
N VAL YA 114 104.39 -14.80 13.96
CA VAL YA 114 104.49 -14.91 15.42
C VAL YA 114 103.28 -15.66 15.98
N GLU YA 115 102.08 -15.38 15.46
CA GLU YA 115 100.89 -16.07 15.96
C GLU YA 115 101.01 -17.59 15.71
N ASP YA 116 101.37 -17.97 14.49
CA ASP YA 116 101.44 -19.39 14.17
C ASP YA 116 102.55 -20.08 14.95
N ARG YA 117 103.68 -19.39 15.14
CA ARG YA 117 104.78 -19.97 15.90
C ARG YA 117 104.43 -20.12 17.38
N ALA YA 118 103.68 -19.19 17.95
CA ALA YA 118 103.19 -19.37 19.31
C ALA YA 118 102.21 -20.54 19.40
N ILE YA 119 101.34 -20.69 18.39
CA ILE YA 119 100.39 -21.79 18.41
C ILE YA 119 101.10 -23.13 18.34
N PHE YA 120 102.07 -23.26 17.43
CA PHE YA 120 102.64 -24.57 17.10
C PHE YA 120 103.95 -24.89 17.80
N GLU YA 121 104.59 -23.92 18.44
CA GLU YA 121 105.90 -24.12 19.03
C GLU YA 121 105.99 -23.64 20.47
N GLY YA 122 105.21 -22.64 20.85
CA GLY YA 122 105.16 -22.17 22.23
C GLY YA 122 105.84 -20.83 22.40
N TYR YA 123 105.26 -19.99 23.27
CA TYR YA 123 105.81 -18.70 23.66
C TYR YA 123 105.83 -18.71 25.19
N ALA YA 124 106.96 -19.12 25.76
CA ALA YA 124 107.01 -19.46 27.18
C ALA YA 124 106.67 -18.26 28.06
N ALA YA 125 107.23 -17.09 27.75
CA ALA YA 125 107.02 -15.93 28.61
C ALA YA 125 105.54 -15.59 28.73
N ALA YA 126 104.74 -15.93 27.74
CA ALA YA 126 103.30 -15.77 27.80
C ALA YA 126 102.60 -17.00 28.37
N SER YA 127 103.36 -17.95 28.92
CA SER YA 127 102.81 -19.18 29.49
C SER YA 127 102.09 -20.01 28.43
N ILE YA 128 102.49 -19.89 27.18
CA ILE YA 128 101.86 -20.59 26.07
C ILE YA 128 102.70 -21.83 25.78
N GLU YA 129 102.14 -23.00 26.04
CA GLU YA 129 102.76 -24.27 25.67
C GLU YA 129 102.22 -24.70 24.33
N GLY YA 130 103.11 -24.93 23.37
CA GLY YA 130 102.72 -25.22 22.01
C GLY YA 130 102.23 -26.64 21.82
N ILE YA 131 101.65 -26.88 20.64
CA ILE YA 131 101.18 -28.21 20.29
C ILE YA 131 102.32 -29.22 20.29
N ARG YA 132 103.50 -28.82 19.81
CA ARG YA 132 104.64 -29.73 19.77
C ARG YA 132 104.99 -30.26 21.16
N SER YA 133 105.10 -29.38 22.15
CA SER YA 133 105.43 -29.82 23.50
C SER YA 133 104.27 -30.54 24.16
N SER YA 134 103.05 -30.02 24.00
CA SER YA 134 101.90 -30.61 24.67
C SER YA 134 101.52 -31.96 24.07
N SER YA 135 102.01 -32.29 22.88
CA SER YA 135 101.66 -33.56 22.26
C SER YA 135 102.22 -34.72 23.07
N SER YA 136 101.40 -35.76 23.25
CA SER YA 136 101.81 -36.95 23.96
C SER YA 136 102.28 -38.07 23.05
N ASN YA 137 101.76 -38.13 21.83
CA ASN YA 137 102.19 -39.17 20.89
C ASN YA 137 103.65 -38.93 20.51
N PRO YA 138 104.42 -39.99 20.28
CA PRO YA 138 105.85 -39.81 20.00
C PRO YA 138 106.08 -39.00 18.73
N ALA YA 139 107.12 -38.18 18.76
CA ALA YA 139 107.47 -37.36 17.61
C ALA YA 139 108.27 -38.16 16.60
N LEU YA 140 108.15 -37.78 15.33
CA LEU YA 140 108.86 -38.44 14.25
C LEU YA 140 109.86 -37.48 13.61
N ALA YA 141 110.66 -38.02 12.70
CA ALA YA 141 111.68 -37.26 11.98
C ALA YA 141 111.33 -37.20 10.50
N LEU YA 142 111.37 -36.01 9.93
CA LEU YA 142 111.07 -35.82 8.53
C LEU YA 142 112.28 -36.25 7.71
N PRO YA 143 112.16 -37.22 6.80
CA PRO YA 143 113.35 -37.65 6.05
C PRO YA 143 113.88 -36.53 5.17
N ASP YA 144 115.21 -36.55 5.00
CA ASP YA 144 115.85 -35.54 4.14
C ASP YA 144 115.31 -35.63 2.72
N ASP YA 145 115.13 -36.85 2.20
CA ASP YA 145 114.55 -37.04 0.88
C ASP YA 145 113.05 -36.79 0.93
N ALA YA 146 112.49 -36.42 -0.21
CA ALA YA 146 111.06 -36.13 -0.30
C ALA YA 146 110.23 -37.37 -0.60
N ARG YA 147 110.86 -38.49 -0.95
CA ARG YA 147 110.11 -39.66 -1.39
C ARG YA 147 109.57 -40.48 -0.23
N GLU YA 148 110.18 -40.36 0.95
CA GLU YA 148 109.80 -41.15 2.12
C GLU YA 148 108.84 -40.42 3.05
N ILE YA 149 108.50 -39.17 2.76
CA ILE YA 149 107.61 -38.41 3.64
C ILE YA 149 106.26 -39.08 3.79
N PRO YA 150 105.62 -39.57 2.72
CA PRO YA 150 104.30 -40.21 2.90
C PRO YA 150 104.31 -41.39 3.86
N ASP YA 151 105.40 -42.15 3.90
CA ASP YA 151 105.49 -43.25 4.85
C ASP YA 151 105.44 -42.75 6.28
N VAL YA 152 106.17 -41.66 6.56
CA VAL YA 152 106.18 -41.10 7.91
C VAL YA 152 104.79 -40.54 8.25
N ILE YA 153 104.12 -39.93 7.27
CA ILE YA 153 102.77 -39.44 7.53
C ILE YA 153 101.82 -40.58 7.83
N ALA YA 154 101.96 -41.70 7.11
CA ALA YA 154 101.13 -42.86 7.40
C ALA YA 154 101.42 -43.40 8.79
N GLN YA 155 102.69 -43.39 9.20
CA GLN YA 155 103.04 -43.79 10.56
C GLN YA 155 102.38 -42.89 11.60
N ALA YA 156 102.40 -41.58 11.36
CA ALA YA 156 101.79 -40.64 12.30
C ALA YA 156 100.28 -40.83 12.37
N LEU YA 157 99.64 -41.05 11.22
CA LEU YA 157 98.22 -41.38 11.24
C LEU YA 157 97.97 -42.65 12.03
N SER YA 158 98.82 -43.65 11.84
CA SER YA 158 98.70 -44.88 12.62
C SER YA 158 98.81 -44.60 14.11
N GLU YA 159 99.70 -43.68 14.51
CA GLU YA 159 99.83 -43.39 15.94
C GLU YA 159 98.59 -42.71 16.50
N LEU YA 160 98.16 -41.61 15.88
CA LEU YA 160 96.91 -40.96 16.30
C LEU YA 160 95.77 -41.96 16.37
N ARG YA 161 95.65 -42.74 15.31
CA ARG YA 161 94.49 -43.57 15.05
C ARG YA 161 94.54 -44.86 15.85
N LEU YA 162 95.73 -45.21 16.34
CA LEU YA 162 95.85 -46.12 17.47
C LEU YA 162 95.35 -45.48 18.74
N ALA YA 163 95.81 -44.25 19.02
CA ALA YA 163 95.48 -43.60 20.28
C ALA YA 163 93.98 -43.40 20.45
N GLY YA 164 93.24 -43.40 19.36
CA GLY YA 164 91.79 -43.42 19.44
C GLY YA 164 91.09 -42.14 19.05
N VAL YA 165 91.78 -41.23 18.38
CA VAL YA 165 91.18 -39.98 17.96
C VAL YA 165 90.53 -40.16 16.61
N ASP YA 166 89.44 -39.43 16.39
CA ASP YA 166 88.67 -39.52 15.16
C ASP YA 166 88.47 -38.15 14.52
N GLY YA 167 87.65 -38.08 13.49
CA GLY YA 167 87.41 -36.85 12.77
C GLY YA 167 88.40 -36.64 11.64
N PRO YA 168 88.12 -35.69 10.76
CA PRO YA 168 89.02 -35.47 9.62
C PRO YA 168 90.43 -35.14 10.09
N TYR YA 169 91.41 -35.68 9.38
CA TYR YA 169 92.82 -35.45 9.69
C TYR YA 169 93.41 -34.49 8.68
N SER YA 170 94.40 -33.72 9.14
CA SER YA 170 94.97 -32.65 8.33
C SER YA 170 96.47 -32.59 8.54
N VAL YA 171 97.18 -32.23 7.48
CA VAL YA 171 98.64 -32.15 7.48
C VAL YA 171 99.02 -30.70 7.22
N LEU YA 172 99.78 -30.12 8.16
CA LEU YA 172 100.33 -28.79 8.02
C LEU YA 172 101.82 -28.93 7.74
N LEU YA 173 102.27 -28.40 6.61
CA LEU YA 173 103.65 -28.55 6.18
C LEU YA 173 104.38 -27.21 6.21
N SER YA 174 105.68 -27.28 6.47
CA SER YA 174 106.52 -26.09 6.55
C SER YA 174 106.71 -25.52 5.15
N ALA YA 175 107.30 -24.33 5.07
CA ALA YA 175 107.60 -23.75 3.77
C ALA YA 175 108.63 -24.60 3.03
N GLU YA 176 109.70 -24.99 3.72
CA GLU YA 176 110.77 -25.74 3.06
C GLU YA 176 110.29 -27.14 2.66
N THR YA 177 109.47 -27.77 3.51
CA THR YA 177 108.94 -29.09 3.18
C THR YA 177 107.89 -29.04 2.08
N TYR YA 178 107.02 -28.02 2.09
CA TYR YA 178 106.03 -27.88 1.05
C TYR YA 178 106.67 -27.59 -0.30
N THR YA 179 107.69 -26.72 -0.32
CA THR YA 179 108.44 -26.50 -1.55
C THR YA 179 109.03 -27.80 -2.07
N LYS YA 180 109.57 -28.62 -1.16
CA LYS YA 180 110.18 -29.88 -1.56
C LYS YA 180 109.16 -30.82 -2.18
N VAL YA 181 108.04 -31.05 -1.48
CA VAL YA 181 107.04 -31.98 -1.98
C VAL YA 181 106.39 -31.45 -3.24
N SER YA 182 106.35 -30.13 -3.42
CA SER YA 182 105.75 -29.57 -4.62
C SER YA 182 106.68 -29.72 -5.82
N GLU YA 183 107.93 -29.29 -5.68
CA GLU YA 183 108.87 -29.39 -6.80
C GLU YA 183 109.13 -30.84 -7.17
N THR YA 184 109.31 -31.70 -6.16
CA THR YA 184 109.56 -33.11 -6.42
C THR YA 184 108.32 -33.77 -7.02
N THR YA 185 108.55 -34.73 -7.92
CA THR YA 185 107.48 -35.39 -8.65
C THR YA 185 107.76 -36.87 -8.74
N ALA YA 186 106.70 -37.64 -8.96
CA ALA YA 186 106.82 -39.09 -9.10
C ALA YA 186 105.66 -39.61 -9.94
N HIS YA 187 105.97 -40.40 -10.96
CA HIS YA 187 104.95 -40.99 -11.84
C HIS YA 187 104.04 -39.93 -12.43
N GLY YA 188 104.57 -38.72 -12.62
CA GLY YA 188 103.79 -37.65 -13.19
C GLY YA 188 102.86 -36.94 -12.22
N TYR YA 189 103.02 -37.13 -10.92
CA TYR YA 189 102.29 -36.38 -9.92
C TYR YA 189 103.25 -35.89 -8.83
N PRO YA 190 103.02 -34.71 -8.25
CA PRO YA 190 103.85 -34.26 -7.14
C PRO YA 190 103.72 -35.12 -5.91
N ILE YA 191 104.81 -35.13 -5.13
CA ILE YA 191 104.81 -35.82 -3.86
C ILE YA 191 103.77 -35.21 -2.94
N ARG YA 192 103.41 -33.94 -3.14
CA ARG YA 192 102.33 -33.34 -2.37
C ARG YA 192 100.99 -34.01 -2.66
N GLU YA 193 100.70 -34.28 -3.93
CA GLU YA 193 99.49 -35.03 -4.25
C GLU YA 193 99.57 -36.44 -3.67
N HIS YA 194 100.74 -37.06 -3.76
CA HIS YA 194 100.93 -38.35 -3.09
C HIS YA 194 100.51 -38.27 -1.62
N ILE YA 195 100.94 -37.23 -0.92
CA ILE YA 195 100.55 -37.06 0.48
C ILE YA 195 99.05 -36.86 0.61
N ASN YA 196 98.49 -35.97 -0.21
CA ASN YA 196 97.06 -35.66 -0.12
C ASN YA 196 96.21 -36.91 -0.26
N ARG YA 197 96.66 -37.86 -1.06
CA ARG YA 197 95.86 -39.07 -1.31
C ARG YA 197 95.47 -39.78 -0.02
N LEU YA 198 96.27 -39.66 1.04
CA LEU YA 198 96.06 -40.44 2.26
C LEU YA 198 94.99 -39.85 3.16
N VAL YA 199 95.07 -38.55 3.43
CA VAL YA 199 94.22 -37.93 4.44
C VAL YA 199 92.84 -37.64 3.87
N ASP YA 200 91.89 -37.41 4.77
CA ASP YA 200 90.52 -37.05 4.42
C ASP YA 200 90.31 -35.54 4.41
N GLY YA 201 91.15 -34.78 5.11
CA GLY YA 201 90.98 -33.34 5.20
C GLY YA 201 91.71 -32.58 4.13
N GLU YA 202 92.62 -31.69 4.53
CA GLU YA 202 93.29 -30.80 3.60
C GLU YA 202 94.79 -30.77 3.90
N ILE YA 203 95.55 -30.31 2.92
CA ILE YA 203 96.97 -30.01 3.07
C ILE YA 203 97.12 -28.51 3.25
N ILE YA 204 97.86 -28.07 4.27
CA ILE YA 204 97.91 -26.67 4.66
C ILE YA 204 99.36 -26.19 4.67
N TRP YA 205 99.56 -24.96 4.19
CA TRP YA 205 100.82 -24.22 4.29
C TRP YA 205 101.03 -23.75 5.73
N ALA YA 206 102.21 -24.01 6.28
CA ALA YA 206 102.57 -23.49 7.59
C ALA YA 206 103.99 -22.92 7.55
N PRO YA 207 104.20 -21.75 6.94
CA PRO YA 207 105.59 -21.27 6.79
C PRO YA 207 106.24 -20.96 8.11
N ALA YA 208 105.46 -20.46 9.07
CA ALA YA 208 105.98 -20.07 10.37
C ALA YA 208 106.54 -21.26 11.13
N ILE YA 209 105.89 -22.42 11.03
CA ILE YA 209 106.30 -23.59 11.80
C ILE YA 209 107.50 -24.21 11.11
N ASP YA 210 108.18 -25.11 11.81
CA ASP YA 210 109.35 -25.82 11.30
C ASP YA 210 109.08 -27.32 11.43
N GLY YA 211 109.03 -28.02 10.29
CA GLY YA 211 108.78 -29.44 10.29
C GLY YA 211 107.46 -29.79 9.63
N ALA YA 212 106.65 -30.58 10.31
CA ALA YA 212 105.33 -30.96 9.80
C ALA YA 212 104.46 -31.39 10.98
N PHE YA 213 103.14 -31.37 10.77
CA PHE YA 213 102.21 -31.72 11.84
C PHE YA 213 101.03 -32.45 11.23
N VAL YA 214 100.64 -33.57 11.85
CA VAL YA 214 99.43 -34.28 11.45
C VAL YA 214 98.47 -34.27 12.64
N LEU YA 215 97.28 -33.69 12.45
CA LEU YA 215 96.40 -33.50 13.60
C LEU YA 215 94.94 -33.71 13.20
N SER YA 216 94.11 -33.98 14.20
CA SER YA 216 92.68 -34.16 14.00
C SER YA 216 91.97 -32.82 14.09
N THR YA 217 90.83 -32.74 13.39
CA THR YA 217 90.00 -31.53 13.37
C THR YA 217 88.57 -31.83 13.80
N ARG YA 218 88.37 -32.86 14.62
CA ARG YA 218 87.04 -33.14 15.15
C ARG YA 218 86.50 -31.96 15.94
N GLY YA 219 87.36 -31.31 16.72
CA GLY YA 219 86.95 -30.17 17.51
C GLY YA 219 87.10 -30.40 19.00
N GLY YA 220 87.30 -29.33 19.76
CA GLY YA 220 87.41 -29.43 21.20
C GLY YA 220 88.78 -29.75 21.74
N ASP YA 221 89.81 -29.74 20.89
CA ASP YA 221 91.17 -30.04 21.32
C ASP YA 221 92.11 -28.85 21.32
N PHE YA 222 91.86 -27.84 20.50
CA PHE YA 222 92.70 -26.64 20.44
C PHE YA 222 91.79 -25.43 20.49
N ASP YA 223 92.20 -24.40 21.24
CA ASP YA 223 91.41 -23.19 21.41
C ASP YA 223 92.33 -21.97 21.30
N LEU YA 224 92.06 -21.12 20.30
CA LEU YA 224 92.74 -19.84 20.16
C LEU YA 224 91.82 -18.77 20.71
N GLN YA 225 92.16 -18.25 21.89
CA GLN YA 225 91.34 -17.23 22.53
C GLN YA 225 91.83 -15.84 22.11
N LEU YA 226 90.90 -15.02 21.62
CA LEU YA 226 91.20 -13.67 21.19
C LEU YA 226 90.44 -12.68 22.06
N GLY YA 227 91.14 -11.66 22.56
CA GLY YA 227 90.47 -10.56 23.22
C GLY YA 227 90.00 -9.55 22.20
N THR YA 228 90.92 -9.15 21.33
CA THR YA 228 90.61 -8.29 20.19
C THR YA 228 91.33 -8.85 18.96
N ASP YA 229 90.63 -8.83 17.83
CA ASP YA 229 91.19 -9.37 16.59
C ASP YA 229 92.24 -8.39 16.05
N VAL YA 230 92.77 -8.70 14.87
CA VAL YA 230 93.82 -7.87 14.28
C VAL YA 230 93.25 -6.48 14.01
N SER YA 231 94.01 -5.46 14.42
CA SER YA 231 93.60 -4.07 14.22
C SER YA 231 94.80 -3.25 13.80
N ILE YA 232 94.56 -2.13 13.13
CA ILE YA 232 95.61 -1.22 12.68
C ILE YA 232 95.41 0.13 13.36
N GLY YA 233 96.49 0.67 13.92
CA GLY YA 233 96.43 1.91 14.65
C GLY YA 233 97.46 2.94 14.22
N TYR YA 234 97.49 4.07 14.91
CA TYR YA 234 98.33 5.21 14.58
C TYR YA 234 99.09 5.65 15.81
N LEU YA 235 100.41 5.90 15.68
CA LEU YA 235 101.21 6.40 16.78
C LEU YA 235 101.57 7.87 16.61
N SER YA 236 102.18 8.22 15.49
CA SER YA 236 102.63 9.58 15.24
C SER YA 236 102.80 9.77 13.74
N HIS YA 237 103.17 10.97 13.33
CA HIS YA 237 103.32 11.28 11.91
C HIS YA 237 104.31 12.42 11.74
N ASP YA 238 104.74 12.61 10.49
CA ASP YA 238 105.75 13.58 10.13
C ASP YA 238 105.36 14.18 8.79
N ALA YA 239 106.15 15.14 8.31
CA ALA YA 239 105.89 15.76 7.02
C ALA YA 239 106.01 14.77 5.86
N GLU YA 240 106.61 13.61 6.08
CA GLU YA 240 106.86 12.64 5.01
C GLU YA 240 106.24 11.27 5.27
N VAL YA 241 106.12 10.85 6.52
CA VAL YA 241 105.74 9.49 6.86
C VAL YA 241 104.70 9.49 7.96
N VAL YA 242 104.04 8.34 8.13
CA VAL YA 242 103.13 8.08 9.24
C VAL YA 242 103.52 6.74 9.83
N HIS YA 243 103.53 6.66 11.17
CA HIS YA 243 103.87 5.43 11.88
C HIS YA 243 102.59 4.76 12.38
N LEU YA 244 102.40 3.51 11.96
CA LEU YA 244 101.22 2.73 12.31
C LEU YA 244 101.67 1.42 12.94
N TYR YA 245 100.71 0.66 13.47
CA TYR YA 245 101.02 -0.64 14.06
C TYR YA 245 99.86 -1.59 13.81
N MET YA 246 100.18 -2.87 13.75
CA MET YA 246 99.17 -3.93 13.72
C MET YA 246 99.20 -4.66 15.04
N GLU YA 247 98.03 -4.81 15.66
CA GLU YA 247 97.89 -5.24 17.05
C GLU YA 247 96.90 -6.38 17.15
N GLU YA 248 97.20 -7.35 18.02
CA GLU YA 248 96.22 -8.38 18.35
C GLU YA 248 96.53 -8.96 19.74
N THR YA 249 95.48 -9.23 20.51
CA THR YA 249 95.60 -9.77 21.86
C THR YA 249 95.06 -11.20 21.87
N MET YA 250 95.91 -12.15 22.25
CA MET YA 250 95.56 -13.56 22.06
C MET YA 250 96.22 -14.42 23.13
N THR YA 251 95.77 -15.68 23.16
CA THR YA 251 96.44 -16.77 23.84
C THR YA 251 95.98 -18.08 23.20
N PHE YA 252 96.71 -19.15 23.47
CA PHE YA 252 96.42 -20.46 22.87
C PHE YA 252 96.40 -21.52 23.95
N LEU YA 253 95.47 -22.46 23.85
CA LEU YA 253 95.34 -23.56 24.78
C LEU YA 253 95.18 -24.88 24.01
N CYS YA 254 95.89 -25.91 24.47
CA CYS YA 254 95.71 -27.27 23.97
C CYS YA 254 95.15 -28.12 25.10
N TYR YA 255 94.07 -28.85 24.81
CA TYR YA 255 93.39 -29.66 25.82
C TYR YA 255 93.64 -31.16 25.64
N THR YA 256 93.70 -31.62 24.39
CA THR YA 256 93.91 -33.03 24.09
C THR YA 256 95.33 -33.19 23.54
N ALA YA 257 96.16 -33.93 24.29
CA ALA YA 257 97.56 -34.10 23.90
C ALA YA 257 97.72 -35.21 22.87
N GLU YA 258 96.69 -36.03 22.65
CA GLU YA 258 96.79 -37.19 21.77
C GLU YA 258 96.19 -36.94 20.38
N ALA YA 259 95.78 -35.72 20.07
CA ALA YA 259 95.14 -35.42 18.80
C ALA YA 259 96.10 -34.88 17.74
N SER YA 260 97.40 -34.92 18.00
CA SER YA 260 98.38 -34.38 17.07
C SER YA 260 99.65 -35.21 17.12
N VAL YA 261 100.40 -35.16 16.03
CA VAL YA 261 101.71 -35.80 15.89
C VAL YA 261 102.64 -34.80 15.23
N ALA YA 262 103.84 -34.65 15.76
CA ALA YA 262 104.80 -33.67 15.28
C ALA YA 262 105.95 -34.38 14.58
N LEU YA 263 106.43 -33.80 13.49
CA LEU YA 263 107.56 -34.31 12.74
C LEU YA 263 108.61 -33.21 12.66
N THR YA 264 109.81 -33.50 13.15
CA THR YA 264 110.88 -32.51 13.25
C THR YA 264 111.82 -32.63 12.06
N PRO YA 265 112.37 -31.50 11.59
CA PRO YA 265 113.27 -31.52 10.42
C PRO YA 265 114.47 -32.43 10.62
N ASN ZA 2 89.43 14.36 3.04
CA ASN ZA 2 90.14 14.47 1.76
C ASN ZA 2 91.60 14.82 2.00
N ASN ZA 3 92.32 15.08 0.89
CA ASN ZA 3 93.76 15.32 0.98
C ASN ZA 3 94.09 16.67 1.60
N LEU ZA 4 93.11 17.55 1.79
CA LEU ZA 4 93.39 18.84 2.43
C LEU ZA 4 93.76 18.65 3.90
N TYR ZA 5 93.16 17.67 4.56
CA TYR ZA 5 93.42 17.41 5.97
C TYR ZA 5 93.10 18.63 6.84
N ARG ZA 6 91.95 19.24 6.56
CA ARG ZA 6 91.50 20.38 7.36
C ARG ZA 6 91.01 19.97 8.74
N ASP ZA 7 90.44 18.77 8.87
CA ASP ZA 7 89.94 18.32 10.16
C ASP ZA 7 91.05 18.24 11.21
N LEU ZA 8 92.31 18.16 10.78
CA LEU ZA 8 93.44 18.08 11.70
C LEU ZA 8 93.99 19.44 12.10
N ALA ZA 9 93.49 20.53 11.50
CA ALA ZA 9 94.04 21.84 11.79
C ALA ZA 9 93.38 22.44 13.02
N PRO ZA 10 94.12 23.18 13.86
CA PRO ZA 10 93.51 23.82 15.04
C PRO ZA 10 92.83 25.14 14.69
N ILE ZA 11 91.78 25.04 13.88
CA ILE ZA 11 91.05 26.21 13.39
C ILE ZA 11 89.55 25.92 13.50
N THR ZA 12 88.80 26.92 13.93
CA THR ZA 12 87.35 26.77 14.10
C THR ZA 12 86.62 27.03 12.79
N GLU ZA 13 85.33 26.67 12.78
CA GLU ZA 13 84.52 26.85 11.59
C GLU ZA 13 84.42 28.32 11.20
N SER ZA 14 84.25 29.20 12.19
CA SER ZA 14 84.13 30.62 11.90
C SER ZA 14 85.41 31.18 11.27
N ALA ZA 15 86.56 30.82 11.82
CA ALA ZA 15 87.82 31.29 11.26
C ALA ZA 15 88.05 30.71 9.87
N TRP ZA 16 87.67 29.45 9.66
CA TRP ZA 16 87.75 28.86 8.33
C TRP ZA 16 86.91 29.66 7.34
N ALA ZA 17 85.68 30.02 7.74
CA ALA ZA 17 84.81 30.79 6.87
C ALA ZA 17 85.42 32.15 6.57
N GLU ZA 18 85.97 32.82 7.59
CA GLU ZA 18 86.58 34.13 7.36
C GLU ZA 18 87.74 34.03 6.37
N ILE ZA 19 88.60 33.02 6.55
CA ILE ZA 19 89.75 32.87 5.66
C ILE ZA 19 89.30 32.59 4.23
N GLU ZA 20 88.32 31.69 4.08
CA GLU ZA 20 87.82 31.37 2.74
C GLU ZA 20 87.23 32.61 2.08
N LEU ZA 21 86.42 33.38 2.81
CA LEU ZA 21 85.82 34.58 2.25
C LEU ZA 21 86.88 35.58 1.84
N GLU ZA 22 87.88 35.80 2.69
CA GLU ZA 22 88.91 36.78 2.38
C GLU ZA 22 89.72 36.36 1.16
N ALA ZA 23 90.07 35.08 1.05
CA ALA ZA 23 90.82 34.62 -0.12
C ALA ZA 23 89.99 34.71 -1.39
N THR ZA 24 88.72 34.30 -1.32
CA THR ZA 24 87.87 34.35 -2.50
C THR ZA 24 87.72 35.78 -3.00
N ARG ZA 25 87.47 36.72 -2.10
CA ARG ZA 25 87.28 38.11 -2.50
C ARG ZA 25 88.52 38.64 -3.23
N THR ZA 26 89.70 38.42 -2.63
CA THR ZA 26 90.93 38.96 -3.21
C THR ZA 26 91.24 38.30 -4.56
N PHE ZA 27 91.07 36.98 -4.65
CA PHE ZA 27 91.33 36.31 -5.92
C PHE ZA 27 90.38 36.79 -7.01
N LYS ZA 28 89.09 36.90 -6.69
CA LYS ZA 28 88.13 37.38 -7.68
C LYS ZA 28 88.40 38.82 -8.06
N ARG ZA 29 89.00 39.60 -7.15
CA ARG ZA 29 89.43 40.95 -7.50
C ARG ZA 29 90.59 40.93 -8.49
N HIS ZA 30 91.61 40.13 -8.21
CA HIS ZA 30 92.87 40.21 -8.94
C HIS ZA 30 92.90 39.33 -10.19
N ILE ZA 31 91.86 38.55 -10.45
CA ILE ZA 31 91.84 37.62 -11.58
C ILE ZA 31 91.12 38.30 -12.75
N ALA ZA 32 91.64 38.08 -13.96
CA ALA ZA 32 91.09 38.71 -15.17
C ALA ZA 32 90.80 37.73 -16.30
N GLY ZA 33 91.64 36.71 -16.50
CA GLY ZA 33 91.44 35.82 -17.63
C GLY ZA 33 90.12 35.08 -17.58
N ARG ZA 34 89.67 34.73 -16.37
CA ARG ZA 34 88.42 34.00 -16.20
C ARG ZA 34 87.22 34.77 -16.73
N ARG ZA 35 87.34 36.09 -16.90
CA ARG ZA 35 86.26 36.93 -17.40
C ARG ZA 35 86.22 36.99 -18.91
N VAL ZA 36 87.25 36.50 -19.61
CA VAL ZA 36 87.29 36.60 -21.06
C VAL ZA 36 87.64 35.26 -21.70
N VAL ZA 37 87.77 34.20 -20.89
CA VAL ZA 37 88.09 32.88 -21.42
C VAL ZA 37 87.05 31.89 -20.93
N ASP ZA 38 86.67 30.97 -21.82
CA ASP ZA 38 85.78 29.88 -21.43
C ASP ZA 38 86.47 28.99 -20.40
N VAL ZA 39 85.71 28.54 -19.42
CA VAL ZA 39 86.23 27.74 -18.31
C VAL ZA 39 85.54 26.39 -18.35
N SER ZA 40 86.35 25.32 -18.45
CA SER ZA 40 85.84 23.96 -18.33
C SER ZA 40 85.86 23.58 -16.86
N GLY ZA 41 84.68 23.44 -16.27
CA GLY ZA 41 84.55 23.22 -14.85
C GLY ZA 41 85.40 22.08 -14.35
N PRO ZA 42 85.61 22.01 -13.04
CA PRO ZA 42 86.46 20.94 -12.48
C PRO ZA 42 85.96 19.57 -12.90
N ASN ZA 43 86.89 18.75 -13.40
CA ASN ZA 43 86.59 17.39 -13.82
C ASN ZA 43 86.99 16.35 -12.79
N GLY ZA 44 87.52 16.78 -11.65
CA GLY ZA 44 87.85 15.88 -10.56
C GLY ZA 44 89.34 15.69 -10.38
N PRO ZA 45 89.75 15.21 -9.22
CA PRO ZA 45 91.19 14.98 -8.98
C PRO ZA 45 91.79 13.92 -9.87
N THR ZA 46 90.98 13.04 -10.44
CA THR ZA 46 91.47 12.00 -11.33
C THR ZA 46 91.92 12.55 -12.69
N THR ZA 47 91.54 13.78 -13.03
CA THR ZA 47 91.90 14.35 -14.32
C THR ZA 47 93.35 14.78 -14.32
N ALA ZA 48 94.09 14.38 -15.35
CA ALA ZA 48 95.52 14.66 -15.45
C ALA ZA 48 95.94 15.30 -16.77
N SER ZA 49 95.15 15.17 -17.83
CA SER ZA 49 95.56 15.69 -19.12
C SER ZA 49 94.31 15.98 -19.95
N VAL ZA 50 94.52 16.77 -21.01
CA VAL ZA 50 93.45 17.14 -21.94
C VAL ZA 50 93.86 16.68 -23.34
N SER ZA 51 93.03 15.85 -23.95
CA SER ZA 51 93.31 15.36 -25.29
C SER ZA 51 93.21 16.50 -26.29
N THR ZA 52 94.07 16.48 -27.31
CA THR ZA 52 93.99 17.44 -28.39
C THR ZA 52 93.40 16.87 -29.68
N GLY ZA 53 93.26 15.55 -29.76
CA GLY ZA 53 92.75 14.92 -30.95
C GLY ZA 53 93.75 14.76 -32.07
N HIS ZA 54 94.99 15.17 -31.86
CA HIS ZA 54 96.05 15.04 -32.85
C HIS ZA 54 96.82 13.75 -32.64
N LEU ZA 55 97.60 13.38 -33.65
CA LEU ZA 55 98.41 12.16 -33.64
C LEU ZA 55 99.87 12.52 -33.87
N LEU ZA 56 100.76 11.71 -33.30
CA LEU ZA 56 102.20 11.89 -33.44
C LEU ZA 56 102.81 10.60 -33.97
N ASP ZA 57 103.75 10.75 -34.91
CA ASP ZA 57 104.39 9.59 -35.51
C ASP ZA 57 105.32 8.92 -34.52
N VAL ZA 58 105.43 7.59 -34.61
CA VAL ZA 58 106.22 6.79 -33.68
C VAL ZA 58 106.69 5.53 -34.39
N SER ZA 59 107.83 5.01 -33.95
CA SER ZA 59 108.40 3.82 -34.56
C SER ZA 59 107.45 2.64 -34.39
N PRO ZA 60 107.23 1.82 -35.43
CA PRO ZA 60 106.26 0.74 -35.31
C PRO ZA 60 106.81 -0.39 -34.47
N PRO ZA 61 105.94 -1.19 -33.84
CA PRO ZA 61 106.42 -2.42 -33.19
C PRO ZA 61 107.07 -3.39 -34.15
N GLY ZA 62 106.57 -3.47 -35.38
CA GLY ZA 62 107.08 -4.45 -36.32
C GLY ZA 62 106.64 -4.15 -37.73
N ASP ZA 63 106.87 -5.12 -38.61
CA ASP ZA 63 106.60 -4.94 -40.03
C ASP ZA 63 105.10 -4.93 -40.30
N GLY ZA 64 104.69 -4.12 -41.27
CA GLY ZA 64 103.30 -4.07 -41.66
C GLY ZA 64 102.39 -3.38 -40.67
N VAL ZA 65 102.94 -2.62 -39.73
CA VAL ZA 65 102.17 -1.96 -38.69
C VAL ZA 65 102.49 -0.47 -38.71
N ILE ZA 66 101.44 0.35 -38.66
CA ILE ZA 66 101.56 1.80 -38.60
C ILE ZA 66 101.14 2.24 -37.20
N ALA ZA 67 102.00 2.99 -36.53
CA ALA ZA 67 101.80 3.37 -35.14
C ALA ZA 67 101.76 4.88 -35.01
N HIS ZA 68 100.83 5.38 -34.19
CA HIS ZA 68 100.70 6.79 -33.89
C HIS ZA 68 100.36 6.97 -32.43
N LEU ZA 69 100.86 8.05 -31.83
CA LEU ZA 69 100.60 8.36 -30.44
C LEU ZA 69 99.59 9.50 -30.33
N ARG ZA 70 98.63 9.33 -29.42
CA ARG ZA 70 97.65 10.37 -29.15
C ARG ZA 70 98.30 11.50 -28.36
N ASP ZA 71 97.88 12.73 -28.66
CA ASP ZA 71 98.51 13.92 -28.10
C ASP ZA 71 97.64 14.52 -27.01
N ALA ZA 72 98.25 14.81 -25.87
CA ALA ZA 72 97.55 15.36 -24.72
C ALA ZA 72 98.40 16.45 -24.08
N LYS ZA 73 97.72 17.38 -23.43
CA LYS ZA 73 98.33 18.48 -22.70
C LYS ZA 73 98.25 18.18 -21.21
N PRO ZA 74 99.36 18.08 -20.49
CA PRO ZA 74 99.29 17.79 -19.05
C PRO ZA 74 98.81 18.98 -18.26
N LEU ZA 75 98.27 18.69 -17.08
CA LEU ZA 75 97.82 19.70 -16.13
C LEU ZA 75 98.91 19.95 -15.10
N VAL ZA 76 99.01 21.20 -14.65
CA VAL ZA 76 100.03 21.62 -13.70
C VAL ZA 76 99.34 22.07 -12.43
N ARG ZA 77 99.90 21.68 -11.29
CA ARG ZA 77 99.38 22.03 -9.98
C ARG ZA 77 100.22 23.16 -9.40
N LEU ZA 78 99.56 24.25 -9.01
CA LEU ZA 78 100.21 25.41 -8.40
C LEU ZA 78 99.81 25.46 -6.94
N ARG ZA 79 100.80 25.51 -6.07
CA ARG ZA 79 100.62 25.55 -4.62
C ARG ZA 79 101.39 26.72 -4.03
N VAL ZA 80 100.70 27.58 -3.30
CA VAL ZA 80 101.31 28.74 -2.66
C VAL ZA 80 101.14 28.61 -1.15
N PRO ZA 81 102.23 28.46 -0.39
CA PRO ZA 81 102.08 28.33 1.07
C PRO ZA 81 102.07 29.68 1.78
N PHE ZA 82 101.42 29.68 2.94
CA PHE ZA 82 101.39 30.85 3.81
C PHE ZA 82 101.19 30.40 5.24
N THR ZA 83 101.38 31.33 6.17
CA THR ZA 83 101.37 31.06 7.60
C THR ZA 83 100.37 31.99 8.28
N VAL ZA 84 99.66 31.45 9.27
CA VAL ZA 84 98.65 32.19 10.00
C VAL ZA 84 98.90 32.05 11.50
N ALA ZA 85 98.44 33.04 12.26
CA ALA ZA 85 98.68 33.09 13.70
C ALA ZA 85 97.50 32.54 14.49
N ARG ZA 86 97.82 31.63 15.40
CA ARG ZA 86 96.80 31.00 16.24
C ARG ZA 86 96.09 32.00 17.14
N ARG ZA 87 96.73 33.11 17.51
CA ARG ZA 87 96.06 34.14 18.28
C ARG ZA 87 94.95 34.81 17.47
N ASP ZA 88 95.24 35.19 16.23
CA ASP ZA 88 94.20 35.73 15.35
C ASP ZA 88 93.12 34.70 15.10
N ILE ZA 89 93.49 33.41 14.98
CA ILE ZA 89 92.48 32.37 14.81
C ILE ZA 89 91.57 32.32 16.04
N ASP ZA 90 92.15 32.33 17.23
CA ASP ZA 90 91.37 32.14 18.45
C ASP ZA 90 90.48 33.35 18.73
N ASP ZA 91 90.95 34.56 18.38
CA ASP ZA 91 90.17 35.75 18.69
C ASP ZA 91 88.80 35.75 18.02
N VAL ZA 92 88.64 34.99 16.92
CA VAL ZA 92 87.38 35.04 16.17
C VAL ZA 92 86.22 34.56 17.04
N GLU ZA 93 86.41 33.44 17.75
CA GLU ZA 93 85.33 32.90 18.57
C GLU ZA 93 84.98 33.82 19.73
N ARG ZA 94 85.83 34.81 20.03
CA ARG ZA 94 85.55 35.83 21.02
C ARG ZA 94 84.81 37.03 20.41
N GLY ZA 95 84.21 36.87 19.25
CA GLY ZA 95 83.53 37.97 18.59
C GLY ZA 95 84.47 39.05 18.09
N SER ZA 96 85.70 38.69 17.74
CA SER ZA 96 86.64 39.63 17.14
C SER ZA 96 86.47 39.61 15.64
N GLN ZA 97 86.44 40.81 15.04
CA GLN ZA 97 86.29 40.96 13.60
C GLN ZA 97 87.24 42.00 13.02
N ASP ZA 98 88.47 42.08 13.55
CA ASP ZA 98 89.55 42.83 12.93
C ASP ZA 98 90.80 41.96 12.76
N SER ZA 99 90.64 40.65 12.67
CA SER ZA 99 91.78 39.74 12.61
C SER ZA 99 92.58 39.95 11.33
N ASP ZA 100 93.88 39.68 11.42
CA ASP ZA 100 94.80 39.91 10.31
C ASP ZA 100 94.80 38.69 9.39
N TRP ZA 101 94.48 38.91 8.11
CA TRP ZA 101 94.49 37.89 7.08
C TRP ZA 101 95.36 38.32 5.89
N ASP ZA 102 96.32 39.19 6.16
CA ASP ZA 102 97.20 39.69 5.11
C ASP ZA 102 97.97 38.58 4.41
N PRO ZA 103 98.54 37.58 5.10
CA PRO ZA 103 99.16 36.48 4.37
C PRO ZA 103 98.20 35.76 3.44
N VAL ZA 104 96.95 35.59 3.87
CA VAL ZA 104 95.94 34.99 3.00
C VAL ZA 104 95.77 35.82 1.74
N LYS ZA 105 95.63 37.14 1.91
CA LYS ZA 105 95.43 38.01 0.75
C LYS ZA 105 96.64 37.97 -0.18
N ASP ZA 106 97.85 37.97 0.39
CA ASP ZA 106 99.06 37.92 -0.43
C ASP ZA 106 99.15 36.62 -1.21
N ALA ZA 107 98.84 35.49 -0.58
CA ALA ZA 107 98.88 34.22 -1.28
C ALA ZA 107 97.85 34.18 -2.40
N ALA ZA 108 96.64 34.70 -2.14
CA ALA ZA 108 95.63 34.75 -3.19
C ALA ZA 108 96.10 35.61 -4.36
N LYS ZA 109 96.70 36.76 -4.07
CA LYS ZA 109 97.24 37.62 -5.12
C LYS ZA 109 98.29 36.88 -5.93
N LYS ZA 110 99.20 36.18 -5.25
CA LYS ZA 110 100.25 35.46 -5.94
C LYS ZA 110 99.69 34.40 -6.86
N LEU ZA 111 98.71 33.63 -6.38
CA LEU ZA 111 98.11 32.58 -7.20
C LEU ZA 111 97.39 33.17 -8.41
N ALA ZA 112 96.63 34.25 -8.21
CA ALA ZA 112 95.97 34.90 -9.33
C ALA ZA 112 96.98 35.39 -10.35
N PHE ZA 113 98.08 35.98 -9.88
CA PHE ZA 113 99.08 36.52 -10.79
C PHE ZA 113 99.73 35.40 -11.61
N VAL ZA 114 100.08 34.29 -10.97
CA VAL ZA 114 100.68 33.20 -11.73
C VAL ZA 114 99.70 32.64 -12.75
N GLU ZA 115 98.42 32.49 -12.36
CA GLU ZA 115 97.44 31.97 -13.31
C GLU ZA 115 97.29 32.90 -14.51
N ASP ZA 116 97.14 34.20 -14.26
CA ASP ZA 116 96.93 35.15 -15.35
C ASP ZA 116 98.17 35.24 -16.23
N ARG ZA 117 99.36 35.19 -15.62
CA ARG ZA 117 100.59 35.25 -16.40
C ARG ZA 117 100.80 34.00 -17.24
N ALA ZA 118 100.41 32.82 -16.75
CA ALA ZA 118 100.43 31.63 -17.58
C ALA ZA 118 99.43 31.73 -18.73
N ILE ZA 119 98.25 32.30 -18.47
CA ILE ZA 119 97.26 32.42 -19.53
C ILE ZA 119 97.74 33.38 -20.62
N PHE ZA 120 98.30 34.52 -20.23
CA PHE ZA 120 98.56 35.60 -21.17
C PHE ZA 120 100.00 35.67 -21.68
N GLU ZA 121 100.92 34.96 -21.07
CA GLU ZA 121 102.34 35.04 -21.41
C GLU ZA 121 102.99 33.70 -21.65
N GLY ZA 122 102.52 32.64 -21.01
CA GLY ZA 122 103.03 31.30 -21.24
C GLY ZA 122 103.86 30.79 -20.07
N TYR ZA 123 103.73 29.50 -19.80
CA TYR ZA 123 104.52 28.79 -18.79
C TYR ZA 123 105.09 27.57 -19.51
N ALA ZA 124 106.31 27.72 -20.04
CA ALA ZA 124 106.82 26.74 -21.00
C ALA ZA 124 106.96 25.36 -20.38
N ALA ZA 125 107.50 25.27 -19.16
CA ALA ZA 125 107.73 23.97 -18.55
C ALA ZA 125 106.46 23.16 -18.43
N ALA ZA 126 105.31 23.83 -18.33
CA ALA ZA 126 104.02 23.17 -18.34
C ALA ZA 126 103.44 23.02 -19.75
N SER ZA 127 104.25 23.28 -20.79
CA SER ZA 127 103.82 23.20 -22.18
C SER ZA 127 102.68 24.16 -22.47
N ILE ZA 128 102.60 25.26 -21.75
CA ILE ZA 128 101.54 26.26 -21.90
C ILE ZA 128 102.08 27.37 -22.79
N GLU ZA 129 101.54 27.48 -24.00
CA GLU ZA 129 101.84 28.59 -24.88
C GLU ZA 129 100.80 29.68 -24.69
N GLY ZA 130 101.26 30.89 -24.37
CA GLY ZA 130 100.36 31.98 -24.03
C GLY ZA 130 99.69 32.59 -25.24
N ILE ZA 131 98.70 33.44 -24.95
CA ILE ZA 131 98.00 34.16 -26.00
C ILE ZA 131 98.94 35.06 -26.79
N ARG ZA 132 99.90 35.69 -26.12
CA ARG ZA 132 100.84 36.56 -26.80
C ARG ZA 132 101.61 35.82 -27.90
N SER ZA 133 102.17 34.66 -27.57
CA SER ZA 133 102.92 33.90 -28.55
C SER ZA 133 102.01 33.26 -29.59
N SER ZA 134 100.89 32.69 -29.15
CA SER ZA 134 99.99 32.01 -30.09
C SER ZA 134 99.28 32.97 -31.03
N SER ZA 135 99.27 34.26 -30.72
CA SER ZA 135 98.59 35.22 -31.58
C SER ZA 135 99.28 35.31 -32.94
N SER ZA 136 98.48 35.33 -34.00
CA SER ZA 136 98.99 35.46 -35.36
C SER ZA 136 98.97 36.88 -35.87
N ASN ZA 137 98.03 37.70 -35.40
CA ASN ZA 137 97.98 39.10 -35.84
C ASN ZA 137 99.22 39.83 -35.34
N PRO ZA 138 99.74 40.80 -36.11
CA PRO ZA 138 100.97 41.47 -35.70
C PRO ZA 138 100.81 42.19 -34.38
N ALA ZA 139 101.87 42.20 -33.58
CA ALA ZA 139 101.86 42.87 -32.29
C ALA ZA 139 102.15 44.35 -32.46
N LEU ZA 140 101.61 45.15 -31.55
CA LEU ZA 140 101.80 46.60 -31.57
C LEU ZA 140 102.59 47.04 -30.34
N ALA ZA 141 102.94 48.32 -30.33
CA ALA ZA 141 103.71 48.93 -29.25
C ALA ZA 141 102.85 49.96 -28.54
N LEU ZA 142 102.81 49.89 -27.22
CA LEU ZA 142 102.03 50.82 -26.42
C LEU ZA 142 102.82 52.13 -26.31
N PRO ZA 143 102.27 53.26 -26.77
CA PRO ZA 143 103.04 54.51 -26.69
C PRO ZA 143 103.34 54.90 -25.26
N ASP ZA 144 104.50 55.54 -25.07
CA ASP ZA 144 104.89 56.00 -23.74
C ASP ZA 144 103.86 57.00 -23.20
N ASP ZA 145 103.37 57.90 -24.05
CA ASP ZA 145 102.34 58.84 -23.65
C ASP ZA 145 100.99 58.13 -23.59
N ALA ZA 146 100.09 58.67 -22.76
CA ALA ZA 146 98.78 58.08 -22.59
C ALA ZA 146 97.76 58.59 -23.61
N ARG ZA 147 98.10 59.62 -24.39
CA ARG ZA 147 97.12 60.23 -25.27
C ARG ZA 147 96.95 59.46 -26.57
N GLU ZA 148 97.96 58.69 -26.97
CA GLU ZA 148 97.96 57.97 -28.24
C GLU ZA 148 97.48 56.53 -28.11
N ILE ZA 149 97.19 56.06 -26.89
CA ILE ZA 149 96.78 54.66 -26.71
C ILE ZA 149 95.51 54.36 -27.48
N PRO ZA 150 94.47 55.21 -27.48
CA PRO ZA 150 93.25 54.87 -28.23
C PRO ZA 150 93.50 54.64 -29.71
N ASP ZA 151 94.43 55.37 -30.31
CA ASP ZA 151 94.74 55.14 -31.72
C ASP ZA 151 95.27 53.73 -31.94
N VAL ZA 152 96.16 53.28 -31.05
CA VAL ZA 152 96.72 51.94 -31.19
C VAL ZA 152 95.63 50.89 -30.97
N ILE ZA 153 94.72 51.15 -30.04
CA ILE ZA 153 93.61 50.21 -29.82
C ILE ZA 153 92.72 50.15 -31.05
N ALA ZA 154 92.47 51.29 -31.68
CA ALA ZA 154 91.69 51.29 -32.92
C ALA ZA 154 92.40 50.52 -34.02
N GLN ZA 155 93.72 50.65 -34.10
CA GLN ZA 155 94.50 49.87 -35.06
C GLN ZA 155 94.37 48.37 -34.79
N ALA ZA 156 94.44 47.97 -33.52
CA ALA ZA 156 94.32 46.56 -33.18
C ALA ZA 156 92.93 46.02 -33.52
N LEU ZA 157 91.89 46.81 -33.23
CA LEU ZA 157 90.55 46.42 -33.63
C LEU ZA 157 90.47 46.28 -35.14
N SER ZA 158 91.09 47.21 -35.88
CA SER ZA 158 91.13 47.10 -37.32
C SER ZA 158 91.80 45.80 -37.76
N GLU ZA 159 92.87 45.40 -37.07
CA GLU ZA 159 93.55 44.16 -37.45
C GLU ZA 159 92.67 42.93 -37.23
N LEU ZA 160 92.16 42.76 -36.01
CA LEU ZA 160 91.23 41.66 -35.72
C LEU ZA 160 90.10 41.64 -36.74
N ARG ZA 161 89.51 42.82 -36.94
CA ARG ZA 161 88.26 42.98 -37.65
C ARG ZA 161 88.46 42.95 -39.16
N LEU ZA 162 89.71 43.14 -39.59
CA LEU ZA 162 90.13 42.70 -40.91
C LEU ZA 162 90.20 41.19 -40.98
N ALA ZA 163 90.85 40.57 -39.98
CA ALA ZA 163 91.08 39.13 -40.02
C ALA ZA 163 89.78 38.35 -40.05
N GLY ZA 164 88.68 38.96 -39.59
CA GLY ZA 164 87.38 38.36 -39.77
C GLY ZA 164 86.73 37.83 -38.52
N VAL ZA 165 87.22 38.20 -37.35
CA VAL ZA 165 86.65 37.75 -36.10
C VAL ZA 165 85.52 38.68 -35.68
N ASP ZA 166 84.51 38.11 -35.03
CA ASP ZA 166 83.34 38.86 -34.60
C ASP ZA 166 83.08 38.68 -33.11
N GLY ZA 167 81.94 39.17 -32.63
CA GLY ZA 167 81.59 39.09 -31.24
C GLY ZA 167 82.13 40.27 -30.45
N PRO ZA 168 81.64 40.44 -29.23
CA PRO ZA 168 82.08 41.60 -28.43
C PRO ZA 168 83.60 41.58 -28.24
N TYR ZA 169 84.19 42.77 -28.32
CA TYR ZA 169 85.61 42.95 -28.14
C TYR ZA 169 85.91 43.54 -26.76
N SER ZA 170 87.06 43.18 -26.22
CA SER ZA 170 87.40 43.55 -24.86
C SER ZA 170 88.89 43.91 -24.78
N VAL ZA 171 89.20 44.87 -23.91
CA VAL ZA 171 90.55 45.37 -23.72
C VAL ZA 171 90.96 45.04 -22.29
N LEU ZA 172 92.07 44.31 -22.16
CA LEU ZA 172 92.67 44.01 -20.86
C LEU ZA 172 93.93 44.86 -20.75
N LEU ZA 173 93.99 45.69 -19.71
CA LEU ZA 173 95.09 46.62 -19.53
C LEU ZA 173 95.92 46.25 -18.31
N SER ZA 174 97.21 46.55 -18.38
CA SER ZA 174 98.13 46.25 -17.29
C SER ZA 174 97.87 47.19 -16.12
N ALA ZA 175 98.50 46.92 -14.99
CA ALA ZA 175 98.38 47.82 -13.85
C ALA ZA 175 98.96 49.19 -14.17
N GLU ZA 176 100.17 49.22 -14.75
CA GLU ZA 176 100.83 50.48 -15.02
C GLU ZA 176 100.09 51.27 -16.10
N THR ZA 177 99.58 50.58 -17.12
CA THR ZA 177 98.84 51.25 -18.18
C THR ZA 177 97.47 51.74 -17.70
N TYR ZA 178 96.78 50.93 -16.89
CA TYR ZA 178 95.49 51.34 -16.36
C TYR ZA 178 95.62 52.52 -15.42
N THR ZA 179 96.65 52.52 -14.56
CA THR ZA 179 96.91 53.69 -13.73
C THR ZA 179 97.14 54.92 -14.60
N LYS ZA 180 97.89 54.77 -15.69
CA LYS ZA 180 98.17 55.90 -16.57
C LYS ZA 180 96.89 56.45 -17.18
N VAL ZA 181 96.09 55.57 -17.80
CA VAL ZA 181 94.88 56.04 -18.48
C VAL ZA 181 93.87 56.58 -17.49
N SER ZA 182 93.91 56.09 -16.24
CA SER ZA 182 92.99 56.58 -15.22
C SER ZA 182 93.38 57.96 -14.73
N GLU ZA 183 94.64 58.12 -14.31
CA GLU ZA 183 95.09 59.41 -13.80
C GLU ZA 183 95.05 60.47 -14.89
N THR ZA 184 95.48 60.13 -16.10
CA THR ZA 184 95.48 61.07 -17.20
C THR ZA 184 94.04 61.39 -17.61
N THR ZA 185 93.82 62.65 -18.01
CA THR ZA 185 92.50 63.14 -18.34
C THR ZA 185 92.57 64.01 -19.60
N ALA ZA 186 91.43 64.15 -20.27
CA ALA ZA 186 91.33 64.98 -21.46
C ALA ZA 186 89.89 65.45 -21.61
N HIS ZA 187 89.71 66.76 -21.81
CA HIS ZA 187 88.40 67.36 -22.01
C HIS ZA 187 87.44 67.00 -20.87
N GLY ZA 188 88.00 66.80 -19.67
CA GLY ZA 188 87.18 66.48 -18.53
C GLY ZA 188 86.75 65.03 -18.44
N TYR ZA 189 87.36 64.13 -19.21
CA TYR ZA 189 87.13 62.70 -19.05
C TYR ZA 189 88.46 61.95 -19.05
N PRO ZA 190 88.58 60.86 -18.30
CA PRO ZA 190 89.81 60.05 -18.34
C PRO ZA 190 90.05 59.42 -19.70
N ILE ZA 191 91.33 59.21 -19.97
CA ILE ZA 191 91.73 58.49 -21.17
C ILE ZA 191 91.16 57.08 -21.15
N ARG ZA 192 90.89 56.53 -19.97
CA ARG ZA 192 90.24 55.22 -19.89
C ARG ZA 192 88.82 55.27 -20.45
N GLU ZA 193 88.06 56.31 -20.12
CA GLU ZA 193 86.75 56.46 -20.73
C GLU ZA 193 86.88 56.67 -22.24
N HIS ZA 194 87.87 57.47 -22.66
CA HIS ZA 194 88.14 57.59 -24.08
C HIS ZA 194 88.30 56.22 -24.73
N ILE ZA 195 89.07 55.33 -24.10
CA ILE ZA 195 89.25 53.98 -24.64
C ILE ZA 195 87.92 53.23 -24.64
N ASN ZA 196 87.19 53.27 -23.52
CA ASN ZA 196 85.94 52.53 -23.40
C ASN ZA 196 84.97 52.90 -24.52
N ARG ZA 197 84.99 54.15 -24.95
CA ARG ZA 197 84.03 54.60 -25.96
C ARG ZA 197 84.07 53.74 -27.22
N LEU ZA 198 85.21 53.14 -27.54
CA LEU ZA 198 85.38 52.44 -28.82
C LEU ZA 198 84.77 51.04 -28.80
N VAL ZA 199 85.08 50.25 -27.77
CA VAL ZA 199 84.73 48.84 -27.76
C VAL ZA 199 83.27 48.66 -27.36
N ASP ZA 200 82.75 47.47 -27.65
CA ASP ZA 200 81.40 47.08 -27.28
C ASP ZA 200 81.36 46.31 -25.97
N GLY ZA 201 82.48 45.71 -25.56
CA GLY ZA 201 82.51 44.91 -24.35
C GLY ZA 201 82.87 45.69 -23.11
N GLU ZA 202 83.95 45.30 -22.44
CA GLU ZA 202 84.33 45.89 -21.16
C GLU ZA 202 85.82 46.19 -21.15
N ILE ZA 203 86.23 47.05 -20.23
CA ILE ZA 203 87.62 47.32 -19.93
C ILE ZA 203 87.98 46.54 -18.67
N ILE ZA 204 89.09 45.79 -18.70
CA ILE ZA 204 89.43 44.86 -17.63
C ILE ZA 204 90.83 45.16 -17.09
N TRP ZA 205 90.96 45.04 -15.77
CA TRP ZA 205 92.25 45.11 -15.07
C TRP ZA 205 93.01 43.80 -15.29
N ALA ZA 206 94.27 43.91 -15.69
CA ALA ZA 206 95.14 42.76 -15.80
C ALA ZA 206 96.49 43.05 -15.18
N PRO ZA 207 96.60 43.09 -13.85
CA PRO ZA 207 97.88 43.49 -13.23
C PRO ZA 207 99.00 42.53 -13.53
N ALA ZA 208 98.68 41.24 -13.59
CA ALA ZA 208 99.69 40.21 -13.81
C ALA ZA 208 100.35 40.34 -15.17
N ILE ZA 209 99.58 40.71 -16.20
CA ILE ZA 209 100.11 40.79 -17.55
C ILE ZA 209 100.91 42.07 -17.69
N ASP ZA 210 101.70 42.17 -18.75
CA ASP ZA 210 102.51 43.35 -19.04
C ASP ZA 210 102.15 43.83 -20.43
N GLY ZA 211 101.62 45.05 -20.54
CA GLY ZA 211 101.24 45.61 -21.80
C GLY ZA 211 99.74 45.82 -21.92
N ALA ZA 212 99.15 45.33 -23.00
CA ALA ZA 212 97.71 45.42 -23.20
C ALA ZA 212 97.29 44.35 -24.19
N PHE ZA 213 96.00 44.02 -24.18
CA PHE ZA 213 95.49 42.97 -25.07
C PHE ZA 213 94.09 43.36 -25.53
N VAL ZA 214 93.83 43.24 -26.84
CA VAL ZA 214 92.50 43.43 -27.38
C VAL ZA 214 92.05 42.11 -28.00
N LEU ZA 215 90.94 41.56 -27.50
CA LEU ZA 215 90.56 40.22 -27.94
C LEU ZA 215 89.05 40.10 -28.06
N SER ZA 216 88.63 39.11 -28.83
CA SER ZA 216 87.21 38.82 -29.02
C SER ZA 216 86.71 37.87 -27.92
N THR ZA 217 85.41 37.96 -27.63
CA THR ZA 217 84.77 37.12 -26.63
C THR ZA 217 83.57 36.38 -27.20
N ARG ZA 218 83.58 36.12 -28.50
CA ARG ZA 218 82.51 35.34 -29.11
C ARG ZA 218 82.43 33.95 -28.47
N GLY ZA 219 83.57 33.33 -28.21
CA GLY ZA 219 83.62 32.02 -27.59
C GLY ZA 219 84.26 30.98 -28.48
N GLY ZA 220 84.84 29.96 -27.88
CA GLY ZA 220 85.45 28.88 -28.62
C GLY ZA 220 86.89 29.10 -29.04
N ASP ZA 221 87.54 30.16 -28.55
CA ASP ZA 221 88.92 30.46 -28.91
C ASP ZA 221 89.91 30.25 -27.78
N PHE ZA 222 89.48 30.37 -26.52
CA PHE ZA 222 90.37 30.17 -25.38
C PHE ZA 222 89.68 29.24 -24.40
N ASP ZA 223 90.44 28.31 -23.81
CA ASP ZA 223 89.90 27.33 -22.89
C ASP ZA 223 90.83 27.20 -21.69
N LEU ZA 224 90.31 27.51 -20.50
CA LEU ZA 224 91.02 27.30 -19.25
C LEU ZA 224 90.49 26.01 -18.63
N GLN ZA 225 91.28 24.94 -18.69
CA GLN ZA 225 90.88 23.65 -18.16
C GLN ZA 225 91.32 23.54 -16.71
N LEU ZA 226 90.38 23.21 -15.83
CA LEU ZA 226 90.64 23.04 -14.41
C LEU ZA 226 90.35 21.61 -14.01
N GLY ZA 227 91.28 21.00 -13.28
CA GLY ZA 227 91.03 19.71 -12.68
C GLY ZA 227 90.33 19.89 -11.35
N THR ZA 228 90.90 20.75 -10.51
CA THR ZA 228 90.30 21.17 -9.25
C THR ZA 228 90.45 22.67 -9.12
N ASP ZA 229 89.39 23.32 -8.64
CA ASP ZA 229 89.40 24.77 -8.48
C ASP ZA 229 90.28 25.14 -7.29
N VAL ZA 230 90.31 26.44 -6.97
CA VAL ZA 230 91.14 26.91 -5.87
C VAL ZA 230 90.68 26.29 -4.57
N SER ZA 231 91.63 25.78 -3.79
CA SER ZA 231 91.33 25.15 -2.51
C SER ZA 231 92.39 25.55 -1.49
N ILE ZA 232 92.03 25.48 -0.21
CA ILE ZA 232 92.93 25.82 0.88
C ILE ZA 232 93.13 24.58 1.74
N GLY ZA 233 94.40 24.28 2.04
CA GLY ZA 233 94.75 23.10 2.79
C GLY ZA 233 95.65 23.36 3.98
N TYR ZA 234 96.05 22.28 4.66
CA TYR ZA 234 96.82 22.34 5.89
C TYR ZA 234 98.03 21.42 5.77
N LEU ZA 235 99.22 21.91 6.16
CA LEU ZA 235 100.42 21.08 6.15
C LEU ZA 235 100.84 20.69 7.56
N SER ZA 236 101.05 21.66 8.44
CA SER ZA 236 101.51 21.39 9.80
C SER ZA 236 101.14 22.58 10.66
N HIS ZA 237 101.46 22.49 11.95
CA HIS ZA 237 101.10 23.56 12.89
C HIS ZA 237 102.08 23.53 14.06
N ASP ZA 238 102.04 24.61 14.83
CA ASP ZA 238 102.96 24.82 15.95
C ASP ZA 238 102.16 25.50 17.07
N ALA ZA 239 102.83 25.73 18.20
CA ALA ZA 239 102.18 26.39 19.32
C ALA ZA 239 101.76 27.82 19.00
N GLU ZA 240 102.27 28.41 17.93
CA GLU ZA 240 102.01 29.80 17.59
C GLU ZA 240 101.39 29.99 16.22
N VAL ZA 241 101.69 29.12 15.25
CA VAL ZA 241 101.31 29.35 13.86
C VAL ZA 241 100.76 28.06 13.26
N VAL ZA 242 100.08 28.22 12.12
CA VAL ZA 242 99.63 27.11 11.31
C VAL ZA 242 100.06 27.38 9.87
N HIS ZA 243 100.54 26.36 9.18
CA HIS ZA 243 100.98 26.48 7.80
C HIS ZA 243 99.92 25.90 6.87
N LEU ZA 244 99.45 26.74 5.94
CA LEU ZA 244 98.40 26.38 4.99
C LEU ZA 244 98.92 26.65 3.58
N TYR ZA 245 98.15 26.22 2.59
CA TYR ZA 245 98.50 26.44 1.20
C TYR ZA 245 97.24 26.66 0.38
N MET ZA 246 97.37 27.41 -0.70
CA MET ZA 246 96.31 27.55 -1.70
C MET ZA 246 96.75 26.82 -2.97
N GLU ZA 247 95.87 25.96 -3.47
CA GLU ZA 247 96.21 25.00 -4.51
C GLU ZA 247 95.20 25.07 -5.64
N GLU ZA 248 95.70 24.92 -6.87
CA GLU ZA 248 94.81 24.75 -8.02
C GLU ZA 248 95.54 24.03 -9.14
N THR ZA 249 94.82 23.14 -9.82
CA THR ZA 249 95.36 22.36 -10.93
C THR ZA 249 94.71 22.79 -12.24
N MET ZA 250 95.54 23.24 -13.18
CA MET ZA 250 95.00 23.91 -14.36
C MET ZA 250 95.91 23.69 -15.57
N THR ZA 251 95.36 24.08 -16.72
CA THR ZA 251 96.12 24.28 -17.95
C THR ZA 251 95.32 25.22 -18.83
N PHE ZA 252 95.98 25.78 -19.85
CA PHE ZA 252 95.36 26.74 -20.75
C PHE ZA 252 95.63 26.36 -22.19
N LEU ZA 253 94.62 26.53 -23.05
CA LEU ZA 253 94.73 26.25 -24.47
C LEU ZA 253 94.16 27.39 -25.28
N CYS ZA 254 94.85 27.76 -26.34
CA CYS ZA 254 94.37 28.73 -27.33
C CYS ZA 254 94.18 28.00 -28.65
N TYR ZA 255 93.00 28.16 -29.25
CA TYR ZA 255 92.65 27.48 -30.48
C TYR ZA 255 92.66 28.41 -31.69
N THR ZA 256 92.21 29.65 -31.52
CA THR ZA 256 92.14 30.62 -32.60
C THR ZA 256 93.24 31.66 -32.38
N ALA ZA 257 94.21 31.70 -33.30
CA ALA ZA 257 95.33 32.63 -33.16
C ALA ZA 257 94.99 34.03 -33.65
N GLU ZA 258 93.86 34.19 -34.35
CA GLU ZA 258 93.51 35.47 -34.95
C GLU ZA 258 92.48 36.26 -34.15
N ALA ZA 259 92.12 35.80 -32.95
CA ALA ZA 259 91.09 36.44 -32.15
C ALA ZA 259 91.65 37.40 -31.10
N SER ZA 260 92.95 37.69 -31.16
CA SER ZA 260 93.58 38.55 -30.16
C SER ZA 260 94.68 39.37 -30.82
N VAL ZA 261 94.98 40.52 -30.19
CA VAL ZA 261 96.07 41.40 -30.59
C VAL ZA 261 96.79 41.82 -29.33
N ALA ZA 262 98.12 41.77 -29.34
CA ALA ZA 262 98.93 42.07 -28.18
C ALA ZA 262 99.67 43.38 -28.39
N LEU ZA 263 99.77 44.16 -27.32
CA LEU ZA 263 100.49 45.43 -27.33
C LEU ZA 263 101.55 45.37 -26.24
N THR ZA 264 102.80 45.56 -26.63
CA THR ZA 264 103.93 45.42 -25.71
C THR ZA 264 104.36 46.79 -25.18
N PRO ZA 265 104.82 46.85 -23.92
CA PRO ZA 265 105.23 48.13 -23.33
C PRO ZA 265 106.32 48.84 -24.13
N ASN AB 2 14.08 32.84 83.29
CA ASN AB 2 14.55 31.90 84.31
C ASN AB 2 14.83 32.63 85.61
N ASN AB 3 15.41 31.90 86.58
CA ASN AB 3 15.63 32.47 87.91
C ASN AB 3 16.76 33.50 87.93
N LEU AB 4 17.54 33.61 86.85
CA LEU AB 4 18.60 34.62 86.82
C LEU AB 4 18.01 36.03 86.79
N TYR AB 5 16.87 36.21 86.12
CA TYR AB 5 16.23 37.51 86.00
C TYR AB 5 17.15 38.53 85.33
N ARG AB 6 17.80 38.10 84.25
CA ARG AB 6 18.66 39.00 83.50
C ARG AB 6 17.87 40.02 82.68
N ASP AB 7 16.68 39.66 82.22
CA ASP AB 7 15.88 40.58 81.43
C ASP AB 7 15.52 41.83 82.20
N LEU AB 8 15.59 41.80 83.53
CA LEU AB 8 15.26 42.95 84.36
C LEU AB 8 16.46 43.84 84.65
N ALA AB 9 17.67 43.43 84.24
CA ALA AB 9 18.85 44.21 84.56
C ALA AB 9 19.07 45.31 83.52
N PRO AB 10 19.55 46.49 83.93
CA PRO AB 10 19.84 47.57 82.96
C PRO AB 10 21.18 47.39 82.28
N ILE AB 11 21.31 46.31 81.52
CA ILE AB 11 22.56 45.96 80.84
C ILE AB 11 22.23 45.54 79.41
N THR AB 12 23.06 45.98 78.47
CA THR AB 12 22.85 45.67 77.05
C THR AB 12 23.45 44.32 76.70
N GLU AB 13 23.10 43.84 75.50
CA GLU AB 13 23.60 42.56 75.04
C GLU AB 13 25.11 42.57 74.91
N SER AB 14 25.68 43.66 74.39
CA SER AB 14 27.12 43.73 74.22
C SER AB 14 27.85 43.67 75.57
N ALA AB 15 27.36 44.42 76.56
CA ALA AB 15 27.99 44.40 77.87
C ALA AB 15 27.83 43.04 78.53
N TRP AB 16 26.67 42.41 78.34
CA TRP AB 16 26.48 41.04 78.85
C TRP AB 16 27.52 40.10 78.24
N ALA AB 17 27.73 40.21 76.92
CA ALA AB 17 28.70 39.36 76.26
C ALA AB 17 30.11 39.62 76.80
N GLU AB 18 30.46 40.88 76.98
CA GLU AB 18 31.79 41.21 77.50
C GLU AB 18 31.99 40.62 78.89
N ILE AB 19 30.98 40.76 79.76
CA ILE AB 19 31.10 40.24 81.12
C ILE AB 19 31.23 38.73 81.11
N GLU AB 20 30.40 38.06 80.30
CA GLU AB 20 30.46 36.60 80.23
C GLU AB 20 31.82 36.14 79.74
N LEU AB 21 32.35 36.79 78.68
CA LEU AB 21 33.65 36.42 78.15
C LEU AB 21 34.74 36.61 79.19
N GLU AB 22 34.73 37.75 79.88
CA GLU AB 22 35.77 38.02 80.86
C GLU AB 22 35.71 37.03 82.02
N ALA AB 23 34.52 36.69 82.50
CA ALA AB 23 34.42 35.72 83.58
C ALA AB 23 34.86 34.33 83.14
N THR AB 24 34.42 33.91 81.94
CA THR AB 24 34.80 32.59 81.45
C THR AB 24 36.30 32.47 81.31
N ARG AB 25 36.95 33.47 80.73
CA ARG AB 25 38.40 33.42 80.54
C ARG AB 25 39.12 33.25 81.87
N THR AB 26 38.76 34.08 82.86
CA THR AB 26 39.46 34.05 84.14
C THR AB 26 39.21 32.74 84.87
N PHE AB 27 37.97 32.25 84.86
CA PHE AB 27 37.68 30.99 85.53
C PHE AB 27 38.44 29.83 84.88
N LYS AB 28 38.44 29.78 83.54
CA LYS AB 28 39.16 28.71 82.86
C LYS AB 28 40.66 28.83 83.09
N ARG AB 29 41.16 30.04 83.33
CA ARG AB 29 42.55 30.21 83.71
C ARG AB 29 42.83 29.63 85.09
N HIS AB 30 41.99 29.98 86.07
CA HIS AB 30 42.29 29.70 87.47
C HIS AB 30 41.80 28.33 87.93
N ILE AB 31 41.11 27.58 87.08
CA ILE AB 31 40.55 26.28 87.46
C ILE AB 31 41.51 25.19 87.04
N ALA AB 32 41.66 24.16 87.89
CA ALA AB 32 42.58 23.07 87.65
C ALA AB 32 41.96 21.67 87.77
N GLY AB 33 41.04 21.47 88.73
CA GLY AB 33 40.50 20.13 88.93
C GLY AB 33 39.76 19.60 87.73
N ARG AB 34 39.08 20.48 87.00
CA ARG AB 34 38.32 20.08 85.82
C ARG AB 34 39.19 19.45 84.75
N ARG AB 35 40.51 19.68 84.79
CA ARG AB 35 41.44 19.12 83.81
C ARG AB 35 41.92 17.73 84.19
N VAL AB 36 41.66 17.26 85.41
CA VAL AB 36 42.16 15.97 85.85
C VAL AB 36 41.07 15.13 86.49
N VAL AB 37 39.83 15.63 86.48
CA VAL AB 37 38.71 14.89 87.06
C VAL AB 37 37.60 14.77 86.02
N ASP AB 38 36.97 13.60 86.00
CA ASP AB 38 35.80 13.40 85.14
C ASP AB 38 34.68 14.31 85.60
N VAL AB 39 33.95 14.88 84.63
CA VAL AB 39 32.88 15.84 84.90
C VAL AB 39 31.58 15.24 84.38
N SER AB 40 30.60 15.11 85.28
CA SER AB 40 29.26 14.70 84.90
C SER AB 40 28.47 15.96 84.54
N GLY AB 41 28.15 16.11 83.26
CA GLY AB 41 27.55 17.32 82.77
C GLY AB 41 26.32 17.73 83.55
N PRO AB 42 25.89 18.98 83.39
CA PRO AB 42 24.72 19.46 84.14
C PRO AB 42 23.52 18.56 83.91
N ASN AB 43 22.88 18.16 85.02
CA ASN AB 43 21.69 17.32 84.97
C ASN AB 43 20.41 18.11 85.17
N GLY AB 44 20.50 19.43 85.32
CA GLY AB 44 19.33 20.29 85.42
C GLY AB 44 19.13 20.83 86.81
N PRO AB 45 18.34 21.90 86.92
CA PRO AB 45 18.08 22.48 88.25
C PRO AB 45 17.31 21.55 89.17
N THR AB 46 16.62 20.55 88.64
CA THR AB 46 15.88 19.61 89.46
C THR AB 46 16.79 18.64 90.21
N THR AB 47 18.06 18.54 89.83
CA THR AB 47 18.97 17.61 90.47
C THR AB 47 19.41 18.15 91.82
N ALA AB 48 19.33 17.32 92.86
CA ALA AB 48 19.64 17.72 94.22
C ALA AB 48 20.63 16.80 94.93
N SER AB 49 20.80 15.56 94.48
CA SER AB 49 21.67 14.63 95.18
C SER AB 49 22.16 13.58 94.20
N VAL AB 50 23.21 12.88 94.61
CA VAL AB 50 23.82 11.81 93.82
C VAL AB 50 23.77 10.52 94.64
N SER AB 51 23.14 9.50 94.09
CA SER AB 51 23.05 8.22 94.78
C SER AB 51 24.42 7.57 94.85
N THR AB 52 24.70 6.88 95.97
CA THR AB 52 25.93 6.12 96.10
C THR AB 52 25.73 4.62 95.95
N GLY AB 53 24.49 4.15 95.96
CA GLY AB 53 24.21 2.74 95.86
C GLY AB 53 24.39 1.96 97.15
N HIS AB 54 24.74 2.63 98.23
CA HIS AB 54 24.91 1.99 99.53
C HIS AB 54 23.61 2.07 100.34
N LEU AB 55 23.56 1.27 101.40
CA LEU AB 55 22.39 1.20 102.28
C LEU AB 55 22.82 1.50 103.70
N LEU AB 56 21.90 2.08 104.47
CA LEU AB 56 22.12 2.42 105.87
C LEU AB 56 21.04 1.77 106.73
N ASP AB 57 21.46 1.22 107.87
CA ASP AB 57 20.53 0.55 108.76
C ASP AB 57 19.62 1.56 109.44
N VAL AB 58 18.37 1.15 109.69
CA VAL AB 58 17.36 2.02 110.27
C VAL AB 58 16.35 1.18 111.03
N SER AB 59 15.74 1.78 112.04
CA SER AB 59 14.78 1.07 112.87
C SER AB 59 13.58 0.64 112.03
N PRO AB 60 13.09 -0.60 112.18
CA PRO AB 60 12.01 -1.06 111.32
C PRO AB 60 10.69 -0.43 111.72
N PRO AB 61 9.74 -0.32 110.80
CA PRO AB 61 8.38 0.10 111.19
C PRO AB 61 7.73 -0.86 112.17
N GLY AB 62 7.99 -2.16 112.04
CA GLY AB 62 7.32 -3.13 112.88
C GLY AB 62 8.00 -4.47 112.83
N ASP AB 63 7.32 -5.46 113.39
CA ASP AB 63 7.88 -6.80 113.50
C ASP AB 63 7.95 -7.49 112.13
N GLY AB 64 9.00 -8.29 111.94
CA GLY AB 64 9.14 -9.04 110.71
C GLY AB 64 9.51 -8.22 109.51
N VAL AB 65 9.99 -6.99 109.70
CA VAL AB 65 10.32 -6.08 108.61
C VAL AB 65 11.75 -5.61 108.78
N ILE AB 66 12.51 -5.66 107.68
CA ILE AB 66 13.89 -5.19 107.65
C ILE AB 66 13.91 -3.91 106.81
N ALA AB 67 14.46 -2.84 107.38
CA ALA AB 67 14.42 -1.51 106.77
C ALA AB 67 15.84 -1.01 106.55
N HIS AB 68 16.07 -0.40 105.38
CA HIS AB 68 17.34 0.21 105.05
C HIS AB 68 17.10 1.51 104.30
N LEU AB 69 17.97 2.49 104.51
CA LEU AB 69 17.88 3.77 103.84
C LEU AB 69 18.92 3.88 102.74
N ARG AB 70 18.49 4.39 101.59
CA ARG AB 70 19.40 4.62 100.47
C ARG AB 70 20.27 5.84 100.77
N ASP AB 71 21.53 5.76 100.34
CA ASP AB 71 22.52 6.78 100.66
C ASP AB 71 22.78 7.69 99.47
N ALA AB 72 22.75 9.00 99.73
CA ALA AB 72 22.95 9.98 98.67
C ALA AB 72 23.82 11.11 99.21
N LYS AB 73 24.52 11.76 98.29
CA LYS AB 73 25.38 12.90 98.57
C LYS AB 73 24.67 14.16 98.10
N PRO AB 74 24.39 15.13 98.97
CA PRO AB 74 23.70 16.35 98.54
C PRO AB 74 24.62 17.25 97.74
N LEU AB 75 24.00 18.10 96.92
CA LEU AB 75 24.69 19.11 96.14
C LEU AB 75 24.66 20.44 96.86
N VAL AB 76 25.74 21.21 96.72
CA VAL AB 76 25.88 22.49 97.39
C VAL AB 76 25.95 23.58 96.34
N ARG AB 77 25.26 24.69 96.60
CA ARG AB 77 25.23 25.83 95.70
C ARG AB 77 26.16 26.91 96.23
N LEU AB 78 27.08 27.37 95.39
CA LEU AB 78 28.04 28.42 95.73
C LEU AB 78 27.66 29.65 94.94
N ARG AB 79 27.48 30.77 95.64
CA ARG AB 79 27.11 32.05 95.06
C ARG AB 79 28.07 33.13 95.53
N VAL AB 80 28.69 33.82 94.57
CA VAL AB 80 29.63 34.89 94.87
C VAL AB 80 29.08 36.20 94.31
N PRO AB 81 28.74 37.18 95.14
CA PRO AB 81 28.20 38.44 94.61
C PRO AB 81 29.29 39.45 94.27
N PHE AB 82 28.96 40.34 93.34
CA PHE AB 82 29.84 41.42 92.95
C PHE AB 82 28.99 42.56 92.41
N THR AB 83 29.64 43.72 92.24
CA THR AB 83 28.98 44.95 91.86
C THR AB 83 29.65 45.54 90.63
N VAL AB 84 28.85 46.09 89.72
CA VAL AB 84 29.35 46.66 88.48
C VAL AB 84 28.79 48.08 88.32
N ALA AB 85 29.52 48.91 87.58
CA ALA AB 85 29.17 50.31 87.40
C ALA AB 85 28.40 50.54 86.11
N ARG AB 86 27.28 51.23 86.25
CA ARG AB 86 26.43 51.53 85.10
C ARG AB 86 27.12 52.42 84.07
N ARG AB 87 28.09 53.23 84.48
CA ARG AB 87 28.85 54.02 83.52
C ARG AB 87 29.71 53.14 82.62
N ASP AB 88 30.43 52.18 83.21
CA ASP AB 88 31.18 51.21 82.41
C ASP AB 88 30.25 50.39 81.55
N ILE AB 89 29.05 50.04 82.05
CA ILE AB 89 28.09 49.32 81.23
C ILE AB 89 27.68 50.16 80.03
N ASP AB 90 27.36 51.43 80.25
CA ASP AB 90 26.83 52.27 79.18
C ASP AB 90 27.90 52.59 78.14
N ASP AB 91 29.16 52.73 78.57
CA ASP AB 91 30.21 53.10 77.62
C ASP AB 91 30.38 52.08 76.51
N VAL AB 92 29.96 50.83 76.72
CA VAL AB 92 30.20 49.78 75.73
C VAL AB 92 29.48 50.11 74.42
N GLU AB 93 28.21 50.52 74.51
CA GLU AB 93 27.45 50.81 73.30
C GLU AB 93 28.00 52.02 72.56
N ARG AB 94 28.87 52.80 73.20
CA ARG AB 94 29.57 53.91 72.55
C ARG AB 94 30.88 53.45 71.90
N GLY AB 95 31.05 52.16 71.67
CA GLY AB 95 32.28 51.65 71.10
C GLY AB 95 33.47 51.75 72.03
N SER AB 96 33.24 51.69 73.34
CA SER AB 96 34.32 51.67 74.31
C SER AB 96 34.73 50.23 74.57
N GLN AB 97 36.04 49.99 74.60
CA GLN AB 97 36.59 48.66 74.84
C GLN AB 97 37.76 48.69 75.82
N ASP AB 98 37.71 49.56 76.84
CA ASP AB 98 38.61 49.50 77.97
C ASP AB 98 37.85 49.48 79.30
N SER AB 99 36.61 49.00 79.29
CA SER AB 99 35.77 49.04 80.48
C SER AB 99 36.34 48.16 81.58
N ASP AB 100 36.07 48.55 82.82
CA ASP AB 100 36.61 47.87 83.99
C ASP AB 100 35.70 46.69 84.36
N TRP AB 101 36.28 45.48 84.39
CA TRP AB 101 35.58 44.27 84.78
C TRP AB 101 36.34 43.55 85.90
N ASP AB 102 37.11 44.31 86.67
CA ASP AB 102 37.90 43.73 87.75
C ASP AB 102 37.04 43.02 88.79
N PRO AB 103 35.90 43.56 89.24
CA PRO AB 103 35.05 42.77 90.14
C PRO AB 103 34.61 41.45 89.54
N VAL AB 104 34.31 41.43 88.24
CA VAL AB 104 33.96 40.18 87.57
C VAL AB 104 35.11 39.19 87.68
N LYS AB 105 36.33 39.66 87.38
CA LYS AB 105 37.49 38.77 87.43
C LYS AB 105 37.73 38.25 88.85
N ASP AB 106 37.58 39.14 89.84
CA ASP AB 106 37.78 38.72 91.23
C ASP AB 106 36.77 37.68 91.66
N ALA AB 107 35.49 37.88 91.29
CA ALA AB 107 34.47 36.91 91.65
C ALA AB 107 34.73 35.56 90.98
N ALA AB 108 35.14 35.58 89.71
CA ALA AB 108 35.47 34.34 89.02
C ALA AB 108 36.63 33.63 89.72
N LYS AB 109 37.66 34.38 90.10
CA LYS AB 109 38.79 33.80 90.83
C LYS AB 109 38.32 33.17 92.13
N LYS AB 110 37.47 33.87 92.87
CA LYS AB 110 36.98 33.37 94.15
C LYS AB 110 36.22 32.06 93.96
N LEU AB 111 35.33 32.02 92.96
CA LEU AB 111 34.56 30.81 92.72
C LEU AB 111 35.45 29.64 92.31
N ALA AB 112 36.42 29.89 91.43
CA ALA AB 112 37.34 28.84 91.04
C ALA AB 112 38.12 28.33 92.24
N PHE AB 113 38.56 29.24 93.11
CA PHE AB 113 39.35 28.84 94.27
C PHE AB 113 38.52 27.98 95.22
N VAL AB 114 37.27 28.37 95.48
CA VAL AB 114 36.45 27.56 96.38
C VAL AB 114 36.19 26.19 95.77
N GLU AB 115 35.92 26.14 94.46
CA GLU AB 115 35.68 24.84 93.83
C GLU AB 115 36.90 23.93 93.93
N ASP AB 116 38.08 24.47 93.59
CA ASP AB 116 39.29 23.65 93.62
C ASP AB 116 39.64 23.24 95.03
N ARG AB 117 39.44 24.13 96.01
CA ARG AB 117 39.72 23.80 97.39
C ARG AB 117 38.77 22.75 97.94
N ALA AB 118 37.50 22.78 97.55
CA ALA AB 118 36.59 21.71 97.90
C ALA AB 118 37.00 20.38 97.26
N ILE AB 119 37.45 20.42 96.01
CA ILE AB 119 37.85 19.19 95.34
C ILE AB 119 39.08 18.59 96.02
N PHE AB 120 40.08 19.41 96.34
CA PHE AB 120 41.39 18.90 96.75
C PHE AB 120 41.61 18.88 98.25
N GLU AB 121 40.76 19.53 99.04
CA GLU AB 121 40.96 19.65 100.48
C GLU AB 121 39.75 19.27 101.29
N GLY AB 122 38.55 19.43 100.76
CA GLY AB 122 37.33 19.02 101.44
C GLY AB 122 36.53 20.20 101.96
N TYR AB 123 35.21 20.07 101.88
CA TYR AB 123 34.26 21.04 102.42
C TYR AB 123 33.29 20.22 103.28
N ALA AB 124 33.60 20.13 104.58
CA ALA AB 124 32.94 19.14 105.43
C ALA AB 124 31.44 19.38 105.52
N ALA AB 125 31.02 20.64 105.70
CA ALA AB 125 29.60 20.92 105.88
C ALA AB 125 28.78 20.44 104.70
N ALA AB 126 29.38 20.37 103.52
CA ALA AB 126 28.73 19.81 102.35
C ALA AB 126 28.97 18.31 102.21
N SER AB 127 29.53 17.67 103.24
CA SER AB 127 29.83 16.24 103.23
C SER AB 127 30.82 15.89 102.12
N ILE AB 128 31.67 16.82 101.74
CA ILE AB 128 32.66 16.64 100.68
C ILE AB 128 33.99 16.27 101.33
N GLU AB 129 34.43 15.03 101.14
CA GLU AB 129 35.74 14.60 101.57
C GLU AB 129 36.72 14.76 100.42
N GLY AB 130 37.80 15.51 100.65
CA GLY AB 130 38.73 15.85 99.60
C GLY AB 130 39.66 14.71 99.24
N ILE AB 131 40.37 14.91 98.14
CA ILE AB 131 41.35 13.93 97.69
C ILE AB 131 42.44 13.71 98.72
N ARG AB 132 42.88 14.78 99.39
CA ARG AB 132 43.92 14.66 100.40
C ARG AB 132 43.52 13.69 101.51
N SER AB 133 42.33 13.85 102.06
CA SER AB 133 41.88 12.96 103.13
C SER AB 133 41.55 11.57 102.60
N SER AB 134 40.86 11.49 101.46
CA SER AB 134 40.46 10.19 100.93
C SER AB 134 41.64 9.37 100.43
N SER AB 135 42.79 9.99 100.21
CA SER AB 135 43.94 9.25 99.70
C SER AB 135 44.42 8.23 100.73
N SER AB 136 44.73 7.03 100.26
CA SER AB 136 45.24 5.97 101.11
C SER AB 136 46.75 5.87 101.10
N ASN AB 137 47.40 6.24 100.00
CA ASN AB 137 48.85 6.19 99.94
C ASN AB 137 49.44 7.21 100.92
N PRO AB 138 50.59 6.92 101.54
CA PRO AB 138 51.13 7.83 102.54
C PRO AB 138 51.45 9.19 101.94
N ALA AB 139 51.24 10.23 102.73
CA ALA AB 139 51.52 11.59 102.30
C ALA AB 139 53.00 11.91 102.49
N LEU AB 140 53.50 12.80 101.65
CA LEU AB 140 54.90 13.23 101.70
C LEU AB 140 54.99 14.70 102.07
N ALA AB 141 56.22 15.15 102.28
CA ALA AB 141 56.51 16.54 102.66
C ALA AB 141 57.29 17.21 101.54
N LEU AB 142 56.85 18.39 101.14
CA LEU AB 142 57.51 19.15 100.09
C LEU AB 142 58.74 19.82 100.68
N PRO AB 143 59.95 19.54 100.18
CA PRO AB 143 61.13 20.17 100.78
C PRO AB 143 61.11 21.68 100.63
N ASP AB 144 61.69 22.36 101.63
CA ASP AB 144 61.76 23.82 101.58
C ASP AB 144 62.55 24.27 100.36
N ASP AB 145 63.65 23.60 100.04
CA ASP AB 145 64.42 23.90 98.86
C ASP AB 145 63.72 23.38 97.62
N ALA AB 146 63.99 24.02 96.48
CA ALA AB 146 63.35 23.63 95.23
C ALA AB 146 64.11 22.53 94.49
N ARG AB 147 65.33 22.19 94.93
CA ARG AB 147 66.15 21.25 94.18
C ARG AB 147 65.78 19.81 94.46
N GLU AB 148 65.16 19.53 95.60
CA GLU AB 148 64.82 18.17 96.03
C GLU AB 148 63.40 17.77 95.67
N ILE AB 149 62.61 18.68 95.10
CA ILE AB 149 61.21 18.36 94.79
C ILE AB 149 61.12 17.19 93.81
N PRO AB 150 61.92 17.11 92.74
CA PRO AB 150 61.79 15.98 91.82
C PRO AB 150 61.98 14.63 92.48
N ASP AB 151 62.87 14.55 93.47
CA ASP AB 151 63.05 13.28 94.19
C ASP AB 151 61.77 12.86 94.88
N VAL AB 152 61.09 13.82 95.53
CA VAL AB 152 59.86 13.50 96.23
C VAL AB 152 58.77 13.11 95.23
N ILE AB 153 58.74 13.76 94.07
CA ILE AB 153 57.77 13.39 93.04
C ILE AB 153 58.04 11.98 92.53
N ALA AB 154 59.31 11.63 92.36
CA ALA AB 154 59.65 10.27 91.97
C ALA AB 154 59.23 9.26 93.02
N GLN AB 155 59.39 9.61 94.31
CA GLN AB 155 58.93 8.75 95.38
C GLN AB 155 57.41 8.56 95.32
N ALA AB 156 56.67 9.64 95.08
CA ALA AB 156 55.22 9.54 95.00
C ALA AB 156 54.78 8.68 93.82
N LEU AB 157 55.44 8.86 92.67
CA LEU AB 157 55.17 7.98 91.54
C LEU AB 157 55.45 6.54 91.89
N SER AB 158 56.56 6.29 92.60
CA SER AB 158 56.86 4.94 93.05
C SER AB 158 55.75 4.39 93.93
N GLU AB 159 55.18 5.24 94.80
CA GLU AB 159 54.11 4.75 95.68
C GLU AB 159 52.86 4.37 94.89
N LEU AB 160 52.34 5.31 94.08
CA LEU AB 160 51.20 5.00 93.22
C LEU AB 160 51.45 3.73 92.42
N ARG AB 161 52.62 3.68 91.80
CA ARG AB 161 52.96 2.71 90.78
C ARG AB 161 53.36 1.38 91.40
N LEU AB 162 53.68 1.39 92.69
CA LEU AB 162 53.64 0.19 93.50
C LEU AB 162 52.21 -0.25 93.73
N ALA AB 163 51.34 0.69 94.14
CA ALA AB 163 49.97 0.34 94.51
C ALA AB 163 49.22 -0.28 93.34
N GLY AB 164 49.66 -0.02 92.11
CA GLY AB 164 49.12 -0.73 90.97
C GLY AB 164 48.25 0.09 90.05
N VAL AB 165 48.28 1.41 90.16
CA VAL AB 165 47.48 2.27 89.31
C VAL AB 165 48.25 2.58 88.02
N ASP AB 166 47.50 2.72 86.93
CA ASP AB 166 48.09 2.97 85.62
C ASP AB 166 47.49 4.22 84.98
N GLY AB 167 47.82 4.45 83.71
CA GLY AB 167 47.35 5.61 82.99
C GLY AB 167 48.26 6.80 83.18
N PRO AB 168 48.08 7.83 82.36
CA PRO AB 168 48.97 9.00 82.45
C PRO AB 168 48.92 9.61 83.84
N TYR AB 169 50.09 10.03 84.32
CA TYR AB 169 50.22 10.66 85.61
C TYR AB 169 50.41 12.16 85.46
N SER AB 170 49.92 12.91 86.44
CA SER AB 170 49.90 14.36 86.36
C SER AB 170 50.24 14.96 87.72
N VAL AB 171 50.92 16.10 87.68
CA VAL AB 171 51.37 16.81 88.87
C VAL AB 171 50.66 18.16 88.91
N LEU AB 172 49.93 18.41 89.99
CA LEU AB 172 49.29 19.70 90.24
C LEU AB 172 50.09 20.40 91.33
N LEU AB 173 50.60 21.59 91.02
CA LEU AB 173 51.45 22.32 91.93
C LEU AB 173 50.76 23.58 92.42
N SER AB 174 51.09 23.98 93.64
CA SER AB 174 50.50 25.17 94.26
C SER AB 174 51.07 26.42 93.59
N ALA AB 175 50.50 27.57 93.90
CA ALA AB 175 51.04 28.82 93.38
C ALA AB 175 52.46 29.05 93.91
N GLU AB 176 52.66 28.89 95.21
CA GLU AB 176 53.96 29.17 95.81
C GLU AB 176 55.00 28.17 95.33
N THR AB 177 54.62 26.89 95.18
CA THR AB 177 55.56 25.89 94.70
C THR AB 177 55.87 26.06 93.21
N TYR AB 178 54.87 26.38 92.41
CA TYR AB 178 55.09 26.61 90.98
C TYR AB 178 55.97 27.82 90.74
N THR AB 179 55.73 28.91 91.49
CA THR AB 179 56.62 30.06 91.40
C THR AB 179 58.06 29.66 91.74
N LYS AB 180 58.22 28.83 92.77
CA LYS AB 180 59.56 28.41 93.18
C LYS AB 180 60.25 27.61 92.07
N VAL AB 181 59.57 26.58 91.57
CA VAL AB 181 60.19 25.72 90.56
C VAL AB 181 60.41 26.48 89.26
N SER AB 182 59.60 27.51 89.00
CA SER AB 182 59.77 28.30 87.78
C SER AB 182 60.96 29.23 87.90
N GLU AB 183 61.01 30.03 88.97
CA GLU AB 183 62.11 30.98 89.14
C GLU AB 183 63.43 30.24 89.30
N THR AB 184 63.45 29.16 90.09
CA THR AB 184 64.67 28.41 90.30
C THR AB 184 65.07 27.70 89.00
N THR AB 185 66.39 27.59 88.78
CA THR AB 185 66.94 27.03 87.56
C THR AB 185 68.12 26.13 87.90
N ALA AB 186 68.43 25.22 86.98
CA ALA AB 186 69.56 24.32 87.14
C ALA AB 186 70.03 23.88 85.77
N HIS AB 187 71.35 23.99 85.53
CA HIS AB 187 71.96 23.58 84.27
C HIS AB 187 71.29 24.25 83.07
N GLY AB 188 70.77 25.46 83.29
CA GLY AB 188 70.13 26.19 82.22
C GLY AB 188 68.70 25.76 81.92
N TYR AB 189 68.06 24.99 82.80
CA TYR AB 189 66.64 24.69 82.67
C TYR AB 189 65.94 24.88 84.02
N PRO AB 190 64.68 25.32 84.02
CA PRO AB 190 63.94 25.43 85.29
C PRO AB 190 63.71 24.09 85.96
N ILE AB 191 63.60 24.15 87.28
CA ILE AB 191 63.25 22.98 88.06
C ILE AB 191 61.89 22.45 87.64
N ARG AB 192 61.03 23.31 87.11
CA ARG AB 192 59.74 22.85 86.59
C ARG AB 192 59.93 21.93 85.38
N GLU AB 193 60.83 22.29 84.46
CA GLU AB 193 61.13 21.38 83.36
C GLU AB 193 61.75 20.09 83.89
N HIS AB 194 62.65 20.21 84.88
CA HIS AB 194 63.17 19.02 85.52
C HIS AB 194 62.04 18.10 85.98
N ILE AB 195 61.01 18.67 86.63
CA ILE AB 195 59.87 17.87 87.07
C ILE AB 195 59.14 17.27 85.87
N ASN AB 196 58.85 18.10 84.86
CA ASN AB 196 58.09 17.65 83.71
C ASN AB 196 58.75 16.44 83.06
N ARG AB 197 60.07 16.38 83.07
CA ARG AB 197 60.78 15.29 82.40
C ARG AB 197 60.31 13.91 82.86
N LEU AB 198 59.83 13.79 84.10
CA LEU AB 198 59.52 12.49 84.68
C LEU AB 198 58.16 11.96 84.23
N VAL AB 199 57.12 12.79 84.32
CA VAL AB 199 55.76 12.31 84.11
C VAL AB 199 55.46 12.20 82.62
N ASP AB 200 54.39 11.47 82.31
CA ASP AB 200 53.90 11.31 80.96
C ASP AB 200 52.78 12.30 80.63
N GLY AB 201 52.11 12.84 81.64
CA GLY AB 201 51.00 13.75 81.41
C GLY AB 201 51.41 15.20 81.33
N GLU AB 202 50.86 16.03 82.22
CA GLU AB 202 51.07 17.48 82.17
C GLU AB 202 51.38 18.00 83.56
N ILE AB 203 51.95 19.20 83.61
CA ILE AB 203 52.14 19.95 84.84
C ILE AB 203 51.04 21.00 84.91
N ILE AB 204 50.35 21.11 86.04
CA ILE AB 204 49.15 21.94 86.16
C ILE AB 204 49.31 22.93 87.32
N TRP AB 205 48.83 24.14 87.09
CA TRP AB 205 48.71 25.19 88.12
C TRP AB 205 47.53 24.86 89.03
N ALA AB 206 47.77 24.88 90.34
CA ALA AB 206 46.69 24.74 91.31
C ALA AB 206 46.82 25.78 92.40
N PRO AB 207 46.48 27.04 92.13
CA PRO AB 207 46.72 28.09 93.14
C PRO AB 207 45.89 27.90 94.38
N ALA AB 208 44.66 27.40 94.22
CA ALA AB 208 43.75 27.22 95.34
C ALA AB 208 44.27 26.21 96.34
N ILE AB 209 44.90 25.14 95.85
CA ILE AB 209 45.36 24.07 96.74
C ILE AB 209 46.64 24.52 97.41
N ASP AB 210 47.05 23.80 98.45
CA ASP AB 210 48.27 24.08 99.20
C ASP AB 210 49.12 22.82 99.19
N GLY AB 211 50.31 22.90 98.61
CA GLY AB 211 51.20 21.77 98.54
C GLY AB 211 51.42 21.28 97.11
N ALA AB 212 51.24 19.98 96.90
CA ALA AB 212 51.36 19.40 95.57
C ALA AB 212 50.61 18.08 95.54
N PHE AB 213 50.27 17.62 94.35
CA PHE AB 213 49.52 16.38 94.20
C PHE AB 213 49.99 15.65 92.96
N VAL AB 214 50.25 14.35 93.08
CA VAL AB 214 50.56 13.51 91.94
C VAL AB 214 49.46 12.46 91.81
N LEU AB 215 48.78 12.44 90.66
CA LEU AB 215 47.62 11.57 90.54
C LEU AB 215 47.52 10.99 89.14
N SER AB 216 46.77 9.89 89.05
CA SER AB 216 46.53 9.23 87.77
C SER AB 216 45.31 9.83 87.08
N THR AB 217 45.30 9.75 85.75
CA THR AB 217 44.20 10.26 84.94
C THR AB 217 43.63 9.18 84.02
N ARG AB 218 43.75 7.92 84.41
CA ARG AB 218 43.16 6.84 83.64
C ARG AB 218 41.65 7.03 83.51
N GLY AB 219 40.99 7.45 84.59
CA GLY AB 219 39.57 7.68 84.59
C GLY AB 219 38.82 6.77 85.55
N GLY AB 220 37.68 7.23 86.03
CA GLY AB 220 36.85 6.44 86.92
C GLY AB 220 37.21 6.53 88.39
N ASP AB 221 38.10 7.45 88.78
CA ASP AB 221 38.51 7.61 90.17
C ASP AB 221 38.00 8.88 90.82
N PHE AB 222 37.75 9.95 90.05
CA PHE AB 222 37.25 11.20 90.60
C PHE AB 222 36.07 11.65 89.76
N ASP AB 223 35.03 12.17 90.41
CA ASP AB 223 33.82 12.59 89.72
C ASP AB 223 33.37 13.94 90.29
N LEU AB 224 33.33 14.96 89.44
CA LEU AB 224 32.78 16.26 89.79
C LEU AB 224 31.36 16.34 89.23
N GLN AB 225 30.36 16.22 90.10
CA GLN AB 225 28.97 16.25 89.69
C GLN AB 225 28.46 17.68 89.72
N LEU AB 226 27.89 18.13 88.61
CA LEU AB 226 27.33 19.47 88.48
C LEU AB 226 25.83 19.37 88.22
N GLY AB 227 25.06 20.15 88.97
CA GLY AB 227 23.65 20.29 88.69
C GLY AB 227 23.44 21.35 87.63
N THR AB 228 24.04 22.52 87.86
CA THR AB 228 24.08 23.60 86.89
C THR AB 228 25.48 24.17 86.86
N ASP AB 229 25.96 24.48 85.65
CA ASP AB 229 27.30 25.00 85.49
C ASP AB 229 27.34 26.46 85.95
N VAL AB 230 28.49 27.11 85.77
CA VAL AB 230 28.65 28.48 86.22
C VAL AB 230 27.68 29.38 85.47
N SER AB 231 26.98 30.23 86.21
CA SER AB 231 26.01 31.16 85.63
C SER AB 231 26.13 32.51 86.32
N ILE AB 232 25.69 33.56 85.62
CA ILE AB 232 25.72 34.92 86.15
C ILE AB 232 24.29 35.44 86.22
N GLY AB 233 23.94 36.00 87.38
CA GLY AB 233 22.60 36.49 87.62
C GLY AB 233 22.52 37.91 88.13
N TYR AB 234 21.30 38.37 88.42
CA TYR AB 234 21.03 39.74 88.81
C TYR AB 234 20.19 39.74 90.08
N LEU AB 235 20.57 40.57 91.06
CA LEU AB 235 19.79 40.70 92.30
C LEU AB 235 19.02 42.01 92.34
N SER AB 236 19.71 43.14 92.20
CA SER AB 236 19.08 44.45 92.30
C SER AB 236 19.97 45.45 91.58
N HIS AB 237 19.53 46.71 91.54
CA HIS AB 237 20.28 47.74 90.84
C HIS AB 237 19.95 49.10 91.46
N ASP AB 238 20.76 50.08 91.10
CA ASP AB 238 20.66 51.43 91.64
C ASP AB 238 20.98 52.41 90.51
N ALA AB 239 20.89 53.70 90.81
CA ALA AB 239 21.20 54.72 89.81
C ALA AB 239 22.66 54.68 89.36
N GLU AB 240 23.53 54.00 90.10
CA GLU AB 240 24.96 53.98 89.82
C GLU AB 240 25.52 52.59 89.59
N VAL AB 241 24.97 51.56 90.22
CA VAL AB 241 25.57 50.23 90.22
C VAL AB 241 24.50 49.18 89.98
N VAL AB 242 24.96 47.98 89.64
CA VAL AB 242 24.11 46.79 89.54
C VAL AB 242 24.79 45.69 90.32
N HIS AB 243 24.00 44.92 91.07
CA HIS AB 243 24.52 43.81 91.87
C HIS AB 243 24.21 42.49 91.16
N LEU AB 244 25.27 41.72 90.89
CA LEU AB 244 25.18 40.45 90.20
C LEU AB 244 25.84 39.37 91.05
N TYR AB 245 25.69 38.13 90.63
CA TYR AB 245 26.30 37.01 91.33
C TYR AB 245 26.73 35.95 90.34
N MET AB 246 27.75 35.19 90.69
CA MET AB 246 28.15 34.00 89.94
C MET AB 246 27.81 32.77 90.78
N GLU AB 247 27.12 31.82 90.16
CA GLU AB 247 26.49 30.72 90.87
C GLU AB 247 26.86 29.40 90.21
N GLU AB 248 27.08 28.37 91.04
CA GLU AB 248 27.23 27.01 90.53
C GLU AB 248 26.86 26.00 91.60
N THR AB 249 26.18 24.93 91.19
CA THR AB 249 25.75 23.87 92.09
C THR AB 249 26.52 22.59 91.79
N MET AB 250 27.23 22.08 92.80
CA MET AB 250 28.21 21.02 92.55
C MET AB 250 28.34 20.12 93.77
N THR AB 251 29.03 19.01 93.54
CA THR AB 251 29.58 18.15 94.59
C THR AB 251 30.73 17.35 93.97
N PHE AB 252 31.55 16.76 94.83
CA PHE AB 252 32.72 16.01 94.40
C PHE AB 252 32.76 14.66 95.10
N LEU AB 253 33.16 13.62 94.35
CA LEU AB 253 33.28 12.28 94.88
C LEU AB 253 34.61 11.67 94.46
N CYS AB 254 35.28 10.99 95.38
CA CYS AB 254 36.46 10.20 95.10
C CYS AB 254 36.14 8.74 95.36
N TYR AB 255 36.44 7.89 94.38
CA TYR AB 255 36.13 6.47 94.44
C TYR AB 255 37.36 5.61 94.71
N THR AB 256 38.50 5.96 94.11
CA THR AB 256 39.73 5.21 94.26
C THR AB 256 40.69 6.01 95.15
N ALA AB 257 40.99 5.46 96.32
CA ALA AB 257 41.86 6.16 97.27
C ALA AB 257 43.34 5.98 96.95
N GLU AB 258 43.68 5.06 96.05
CA GLU AB 258 45.06 4.74 95.77
C GLU AB 258 45.58 5.38 94.48
N ALA AB 259 44.80 6.25 93.85
CA ALA AB 259 45.18 6.86 92.58
C ALA AB 259 45.81 8.24 92.73
N SER AB 260 46.12 8.64 93.96
CA SER AB 260 46.68 9.97 94.20
C SER AB 260 47.66 9.91 95.36
N VAL AB 261 48.59 10.88 95.37
CA VAL AB 261 49.56 11.06 96.44
C VAL AB 261 49.62 12.55 96.74
N ALA AB 262 49.59 12.91 98.01
CA ALA AB 262 49.56 14.30 98.44
C ALA AB 262 50.89 14.67 99.08
N LEU AB 263 51.34 15.89 98.81
CA LEU AB 263 52.57 16.43 99.38
C LEU AB 263 52.22 17.72 100.09
N THR AB 264 52.53 17.79 101.38
CA THR AB 264 52.15 18.92 102.22
C THR AB 264 53.32 19.90 102.35
N PRO AB 265 53.03 21.20 102.43
CA PRO AB 265 54.10 22.21 102.54
C PRO AB 265 55.02 21.97 103.74
N ASN BB 2 46.91 -77.07 -8.61
CA ASN BB 2 47.61 -77.28 -9.87
C ASN BB 2 48.44 -78.56 -9.82
N ASN BB 3 49.24 -78.81 -10.86
CA ASN BB 3 49.99 -80.04 -10.96
C ASN BB 3 51.15 -80.12 -9.97
N LEU BB 4 51.49 -79.02 -9.31
CA LEU BB 4 52.56 -79.05 -8.32
C LEU BB 4 52.16 -79.89 -7.11
N TYR BB 5 50.89 -79.86 -6.73
CA TYR BB 5 50.39 -80.60 -5.58
C TYR BB 5 51.10 -80.18 -4.30
N ARG BB 6 51.26 -78.88 -4.12
CA ARG BB 6 51.88 -78.37 -2.90
C ARG BB 6 50.96 -78.47 -1.70
N ASP BB 7 49.65 -78.37 -1.90
CA ASP BB 7 48.72 -78.46 -0.78
C ASP BB 7 48.80 -79.80 -0.06
N LEU BB 8 49.35 -80.82 -0.71
CA LEU BB 8 49.47 -82.14 -0.11
C LEU BB 8 50.79 -82.34 0.64
N ALA BB 9 51.70 -81.38 0.58
CA ALA BB 9 53.00 -81.55 1.21
C ALA BB 9 52.94 -81.14 2.68
N PRO BB 10 53.66 -81.83 3.57
CA PRO BB 10 53.68 -81.44 4.99
C PRO BB 10 54.66 -80.30 5.27
N ILE BB 11 54.38 -79.15 4.68
CA ILE BB 11 55.25 -77.98 4.79
C ILE BB 11 54.38 -76.75 5.05
N THR BB 12 54.85 -75.88 5.95
CA THR BB 12 54.12 -74.69 6.32
C THR BB 12 54.40 -73.55 5.34
N GLU BB 13 53.58 -72.50 5.45
CA GLU BB 13 53.74 -71.35 4.56
C GLU BB 13 55.10 -70.69 4.76
N SER BB 14 55.54 -70.55 6.01
CA SER BB 14 56.82 -69.92 6.27
C SER BB 14 57.98 -70.71 5.66
N ALA BB 15 57.97 -72.03 5.83
CA ALA BB 15 59.03 -72.85 5.23
C ALA BB 15 58.97 -72.81 3.72
N TRP BB 16 57.76 -72.80 3.15
CA TRP BB 16 57.64 -72.65 1.70
C TRP BB 16 58.26 -71.35 1.24
N ALA BB 17 58.00 -70.25 1.96
CA ALA BB 17 58.57 -68.97 1.60
C ALA BB 17 60.09 -68.99 1.69
N GLU BB 18 60.62 -69.59 2.76
CA GLU BB 18 62.07 -69.68 2.91
C GLU BB 18 62.69 -70.45 1.76
N ILE BB 19 62.11 -71.59 1.40
CA ILE BB 19 62.65 -72.40 0.32
C ILE BB 19 62.60 -71.65 -1.00
N GLU BB 20 61.47 -71.00 -1.29
CA GLU BB 20 61.35 -70.25 -2.53
C GLU BB 20 62.38 -69.13 -2.59
N LEU BB 21 62.54 -68.39 -1.50
CA LEU BB 21 63.51 -67.30 -1.46
C LEU BB 21 64.92 -67.81 -1.69
N GLU BB 22 65.29 -68.90 -1.00
CA GLU BB 22 66.63 -69.44 -1.14
C GLU BB 22 66.90 -69.94 -2.55
N ALA BB 23 65.94 -70.60 -3.17
CA ALA BB 23 66.14 -71.07 -4.54
C ALA BB 23 66.23 -69.92 -5.52
N THR BB 24 65.36 -68.92 -5.37
CA THR BB 24 65.37 -67.78 -6.28
C THR BB 24 66.70 -67.04 -6.20
N ARG BB 25 67.20 -66.80 -4.99
CA ARG BB 25 68.45 -66.09 -4.83
C ARG BB 25 69.59 -66.82 -5.53
N THR BB 26 69.72 -68.13 -5.29
CA THR BB 26 70.82 -68.89 -5.86
C THR BB 26 70.72 -68.97 -7.38
N PHE BB 27 69.51 -69.19 -7.90
CA PHE BB 27 69.36 -69.26 -9.35
C PHE BB 27 69.71 -67.92 -10.00
N LYS BB 28 69.21 -66.83 -9.43
CA LYS BB 28 69.51 -65.51 -9.99
C LYS BB 28 71.00 -65.19 -9.88
N ARG BB 29 71.67 -65.76 -8.88
CA ARG BB 29 73.12 -65.62 -8.79
C ARG BB 29 73.81 -66.38 -9.92
N HIS BB 30 73.44 -67.63 -10.13
CA HIS BB 30 74.20 -68.52 -11.02
C HIS BB 30 73.77 -68.44 -12.47
N ILE BB 31 72.74 -67.67 -12.80
CA ILE BB 31 72.22 -67.59 -14.16
C ILE BB 31 72.83 -66.39 -14.86
N ALA BB 32 73.17 -66.55 -16.14
CA ALA BB 32 73.81 -65.51 -16.92
C ALA BB 32 73.14 -65.20 -18.25
N GLY BB 33 72.63 -66.21 -18.95
CA GLY BB 33 72.06 -65.96 -20.27
C GLY BB 33 70.88 -65.02 -20.24
N ARG BB 34 70.07 -65.08 -19.19
CA ARG BB 34 68.90 -64.24 -19.06
C ARG BB 34 69.25 -62.76 -19.04
N ARG BB 35 70.49 -62.41 -18.74
CA ARG BB 35 70.95 -61.02 -18.70
C ARG BB 35 71.39 -60.50 -20.07
N VAL BB 36 71.54 -61.37 -21.07
CA VAL BB 36 72.03 -60.95 -22.38
C VAL BB 36 71.15 -61.48 -23.50
N VAL BB 37 70.06 -62.17 -23.16
CA VAL BB 37 69.16 -62.71 -24.17
C VAL BB 37 67.75 -62.23 -23.89
N ASP BB 38 67.02 -61.90 -24.95
CA ASP BB 38 65.61 -61.56 -24.83
C ASP BB 38 64.83 -62.77 -24.33
N VAL BB 39 63.87 -62.52 -23.44
CA VAL BB 39 63.08 -63.57 -22.81
C VAL BB 39 61.63 -63.37 -23.20
N SER BB 40 61.03 -64.39 -23.82
CA SER BB 40 59.61 -64.39 -24.10
C SER BB 40 58.88 -64.97 -22.90
N GLY BB 41 58.14 -64.13 -22.19
CA GLY BB 41 57.53 -64.50 -20.94
C GLY BB 41 56.73 -65.78 -21.05
N PRO BB 42 56.39 -66.39 -19.91
CA PRO BB 42 55.64 -67.65 -19.94
C PRO BB 42 54.35 -67.50 -20.72
N ASN BB 43 54.12 -68.43 -21.64
CA ASN BB 43 52.92 -68.45 -22.45
C ASN BB 43 51.88 -69.46 -21.96
N GLY BB 44 52.17 -70.15 -20.85
CA GLY BB 44 51.22 -71.05 -20.25
C GLY BB 44 51.60 -72.51 -20.43
N PRO BB 45 51.01 -73.39 -19.60
CA PRO BB 45 51.32 -74.82 -19.72
C PRO BB 45 50.85 -75.42 -21.04
N THR BB 46 49.90 -74.78 -21.73
CA THR BB 46 49.42 -75.28 -23.00
C THR BB 46 50.43 -75.11 -24.13
N THR BB 47 51.46 -74.29 -23.93
CA THR BB 47 52.44 -74.04 -24.98
C THR BB 47 53.40 -75.21 -25.08
N ALA BB 48 53.61 -75.69 -26.32
CA ALA BB 48 54.43 -76.85 -26.57
C ALA BB 48 55.52 -76.65 -27.62
N SER BB 49 55.37 -75.66 -28.50
CA SER BB 49 56.33 -75.47 -29.58
C SER BB 49 56.32 -74.01 -30.00
N VAL BB 50 57.37 -73.62 -30.73
CA VAL BB 50 57.53 -72.27 -31.25
C VAL BB 50 57.65 -72.35 -32.76
N SER BB 51 56.75 -71.67 -33.48
CA SER BB 51 56.79 -71.68 -34.93
C SER BB 51 58.01 -70.93 -35.42
N THR BB 52 58.60 -71.41 -36.52
CA THR BB 52 59.71 -70.71 -37.15
C THR BB 52 59.31 -69.97 -38.42
N GLY BB 53 58.12 -70.23 -38.94
CA GLY BB 53 57.67 -69.59 -40.17
C GLY BB 53 58.23 -70.21 -41.43
N HIS BB 54 59.01 -71.27 -41.32
CA HIS BB 54 59.57 -71.97 -42.47
C HIS BB 54 58.67 -73.12 -42.88
N LEU BB 55 58.94 -73.63 -44.08
CA LEU BB 55 58.18 -74.74 -44.65
C LEU BB 55 59.12 -75.88 -45.02
N LEU BB 56 58.60 -77.10 -44.93
CA LEU BB 56 59.36 -78.30 -45.27
C LEU BB 56 58.61 -79.09 -46.34
N ASP BB 57 59.35 -79.61 -47.31
CA ASP BB 57 58.74 -80.37 -48.39
C ASP BB 57 58.25 -81.72 -47.89
N VAL BB 58 57.15 -82.19 -48.48
CA VAL BB 58 56.51 -83.43 -48.06
C VAL BB 58 55.77 -84.03 -49.24
N SER BB 59 55.64 -85.35 -49.23
CA SER BB 59 54.97 -86.06 -50.32
C SER BB 59 53.52 -85.62 -50.41
N PRO BB 60 53.00 -85.35 -51.61
CA PRO BB 60 51.63 -84.85 -51.70
C PRO BB 60 50.61 -85.95 -51.44
N PRO BB 61 49.40 -85.61 -50.99
CA PRO BB 61 48.34 -86.62 -50.92
C PRO BB 61 47.99 -87.21 -52.27
N GLY BB 62 48.05 -86.42 -53.33
CA GLY BB 62 47.63 -86.90 -54.63
C GLY BB 62 48.10 -85.99 -55.73
N ASP BB 63 47.57 -86.23 -56.93
CA ASP BB 63 47.99 -85.50 -58.11
C ASP BB 63 47.48 -84.05 -58.08
N GLY BB 64 48.29 -83.15 -58.61
CA GLY BB 64 47.90 -81.75 -58.68
C GLY BB 64 47.88 -81.02 -57.37
N VAL BB 65 48.54 -81.57 -56.34
CA VAL BB 65 48.53 -80.98 -55.01
C VAL BB 65 49.97 -80.80 -54.55
N ILE BB 66 50.26 -79.62 -54.02
CA ILE BB 66 51.57 -79.29 -53.48
C ILE BB 66 51.43 -79.20 -51.96
N ALA BB 67 52.25 -79.95 -51.24
CA ALA BB 67 52.14 -80.07 -49.79
C ALA BB 67 53.43 -79.60 -49.13
N HIS BB 68 53.28 -78.85 -48.03
CA HIS BB 68 54.40 -78.40 -47.23
C HIS BB 68 54.04 -78.49 -45.75
N LEU BB 69 55.03 -78.77 -44.91
CA LEU BB 69 54.83 -78.87 -43.48
C LEU BB 69 55.40 -77.63 -42.79
N ARG BB 70 54.64 -77.09 -41.84
CA ARG BB 70 55.10 -75.97 -41.04
C ARG BB 70 56.15 -76.44 -40.04
N ASP BB 71 57.14 -75.60 -39.79
CA ASP BB 71 58.29 -75.96 -38.98
C ASP BB 71 58.20 -75.32 -37.60
N ALA BB 72 58.40 -76.13 -36.56
CA ALA BB 72 58.30 -75.67 -35.19
C ALA BB 72 59.42 -76.29 -34.37
N LYS BB 73 59.80 -75.59 -33.31
CA LYS BB 73 60.82 -76.02 -32.37
C LYS BB 73 60.13 -76.49 -31.10
N PRO BB 74 60.29 -77.74 -30.68
CA PRO BB 74 59.63 -78.20 -29.46
C PRO BB 74 60.28 -77.63 -28.21
N LEU BB 75 59.50 -77.61 -27.13
CA LEU BB 75 59.95 -77.17 -25.83
C LEU BB 75 60.33 -78.39 -25.00
N VAL BB 76 61.36 -78.22 -24.16
CA VAL BB 76 61.87 -79.30 -23.33
C VAL BB 76 61.68 -78.93 -21.87
N ARG BB 77 61.24 -79.90 -21.07
CA ARG BB 77 61.00 -79.71 -19.64
C ARG BB 77 62.17 -80.29 -18.86
N LEU BB 78 62.77 -79.48 -18.00
CA LEU BB 78 63.89 -79.89 -17.16
C LEU BB 78 63.39 -79.95 -15.72
N ARG BB 79 63.60 -81.10 -15.08
CA ARG BB 79 63.17 -81.35 -13.71
C ARG BB 79 64.36 -81.87 -12.91
N VAL BB 80 64.65 -81.20 -11.80
CA VAL BB 80 65.75 -81.59 -10.92
C VAL BB 80 65.17 -81.93 -9.54
N PRO BB 81 65.25 -83.18 -9.09
CA PRO BB 81 64.70 -83.53 -7.79
C PRO BB 81 65.69 -83.32 -6.65
N PHE BB 82 65.13 -83.09 -5.47
CA PHE BB 82 65.93 -82.96 -4.25
C PHE BB 82 65.07 -83.36 -3.05
N THR BB 83 65.73 -83.52 -1.92
CA THR BB 83 65.11 -84.02 -0.70
C THR BB 83 65.34 -83.04 0.44
N VAL BB 84 64.33 -82.87 1.29
CA VAL BB 84 64.40 -81.95 2.42
C VAL BB 84 63.97 -82.67 3.69
N ALA BB 85 64.47 -82.19 4.82
CA ALA BB 85 64.24 -82.82 6.11
C ALA BB 85 63.07 -82.17 6.85
N ARG BB 86 62.15 -83.01 7.31
CA ARG BB 86 60.98 -82.54 8.04
C ARG BB 86 61.34 -81.86 9.35
N ARG BB 87 62.47 -82.21 9.96
CA ARG BB 87 62.91 -81.51 11.16
C ARG BB 87 63.29 -80.06 10.87
N ASP BB 88 64.06 -79.83 9.81
CA ASP BB 88 64.36 -78.47 9.40
C ASP BB 88 63.09 -77.73 8.99
N ILE BB 89 62.15 -78.42 8.35
CA ILE BB 89 60.88 -77.78 8.02
C ILE BB 89 60.14 -77.36 9.29
N ASP BB 90 60.07 -78.24 10.28
CA ASP BB 90 59.27 -77.96 11.47
C ASP BB 90 59.92 -76.86 12.32
N ASP BB 91 61.24 -76.81 12.35
CA ASP BB 91 61.91 -75.83 13.20
C ASP BB 91 61.56 -74.39 12.83
N VAL BB 92 61.12 -74.15 11.59
CA VAL BB 92 60.87 -72.78 11.16
C VAL BB 92 59.75 -72.15 11.99
N GLU BB 93 58.66 -72.88 12.21
CA GLU BB 93 57.55 -72.32 12.97
C GLU BB 93 57.91 -72.06 14.42
N ARG BB 94 59.03 -72.63 14.89
CA ARG BB 94 59.57 -72.33 16.22
C ARG BB 94 60.49 -71.13 16.24
N GLY BB 95 60.42 -70.28 15.22
CA GLY BB 95 61.30 -69.14 15.13
C GLY BB 95 62.74 -69.49 14.88
N SER BB 96 63.00 -70.61 14.20
CA SER BB 96 64.35 -70.97 13.82
C SER BB 96 64.67 -70.37 12.46
N GLN BB 97 65.87 -69.79 12.35
CA GLN BB 97 66.33 -69.18 11.11
C GLN BB 97 67.77 -69.54 10.78
N ASP BB 98 68.18 -70.78 11.06
CA ASP BB 98 69.44 -71.33 10.57
C ASP BB 98 69.21 -72.67 9.87
N SER BB 99 68.00 -72.91 9.35
CA SER BB 99 67.67 -74.19 8.76
C SER BB 99 68.51 -74.47 7.52
N ASP BB 100 68.75 -75.75 7.26
CA ASP BB 100 69.60 -76.18 6.15
C ASP BB 100 68.78 -76.27 4.87
N TRP BB 101 69.20 -75.53 3.85
CA TRP BB 101 68.56 -75.55 2.53
C TRP BB 101 69.59 -75.84 1.44
N ASP BB 102 70.66 -76.52 1.82
CA ASP BB 102 71.73 -76.84 0.87
C ASP BB 102 71.24 -77.67 -0.31
N PRO BB 103 70.41 -78.69 -0.14
CA PRO BB 103 69.86 -79.38 -1.32
C PRO BB 103 69.10 -78.45 -2.25
N VAL BB 104 68.34 -77.50 -1.68
CA VAL BB 104 67.65 -76.52 -2.51
C VAL BB 104 68.65 -75.73 -3.32
N LYS BB 105 69.71 -75.24 -2.68
CA LYS BB 105 70.70 -74.44 -3.39
C LYS BB 105 71.39 -75.26 -4.48
N ASP BB 106 71.71 -76.52 -4.18
CA ASP BB 106 72.36 -77.38 -5.17
C ASP BB 106 71.46 -77.62 -6.38
N ALA BB 107 70.17 -77.89 -6.13
CA ALA BB 107 69.25 -78.11 -7.24
C ALA BB 107 69.11 -76.85 -8.09
N ALA BB 108 69.02 -75.69 -7.45
CA ALA BB 108 68.95 -74.44 -8.21
C ALA BB 108 70.20 -74.25 -9.05
N LYS BB 109 71.38 -74.52 -8.49
CA LYS BB 109 72.62 -74.42 -9.24
C LYS BB 109 72.59 -75.35 -10.45
N LYS BB 110 72.15 -76.59 -10.24
CA LYS BB 110 72.11 -77.56 -11.32
C LYS BB 110 71.20 -77.10 -12.45
N LEU BB 111 70.01 -76.60 -12.10
CA LEU BB 111 69.07 -76.13 -13.11
C LEU BB 111 69.63 -74.94 -13.87
N ALA BB 112 70.24 -73.98 -13.16
CA ALA BB 112 70.83 -72.85 -13.83
C ALA BB 112 71.94 -73.29 -14.77
N PHE BB 113 72.76 -74.25 -14.34
CA PHE BB 113 73.87 -74.71 -15.17
C PHE BB 113 73.36 -75.38 -16.44
N VAL BB 114 72.34 -76.23 -16.32
CA VAL BB 114 71.82 -76.89 -17.51
C VAL BB 114 71.21 -75.87 -18.46
N GLU BB 115 70.47 -74.89 -17.93
CA GLU BB 115 69.88 -73.87 -18.78
C GLU BB 115 70.96 -73.08 -19.54
N ASP BB 116 71.98 -72.62 -18.82
CA ASP BB 116 73.01 -71.81 -19.44
C ASP BB 116 73.83 -72.63 -20.44
N ARG BB 117 74.09 -73.91 -20.12
CA ARG BB 117 74.82 -74.76 -21.05
C ARG BB 117 74.02 -75.08 -22.29
N ALA BB 118 72.70 -75.25 -22.19
CA ALA BB 118 71.88 -75.38 -23.38
C ALA BB 118 71.89 -74.10 -24.21
N ILE BB 119 71.85 -72.94 -23.55
CA ILE BB 119 71.86 -71.68 -24.29
C ILE BB 119 73.17 -71.50 -25.04
N PHE BB 120 74.30 -71.76 -24.39
CA PHE BB 120 75.60 -71.37 -24.91
C PHE BB 120 76.36 -72.50 -25.61
N GLU BB 121 75.92 -73.74 -25.48
CA GLU BB 121 76.65 -74.88 -26.03
C GLU BB 121 75.78 -75.82 -26.85
N GLY BB 122 74.50 -75.91 -26.55
CA GLY BB 122 73.58 -76.72 -27.34
C GLY BB 122 73.15 -77.97 -26.60
N TYR BB 123 71.88 -78.34 -26.79
CA TYR BB 123 71.30 -79.58 -26.26
C TYR BB 123 70.64 -80.26 -27.46
N ALA BB 124 71.39 -81.14 -28.11
CA ALA BB 124 70.98 -81.62 -29.43
C ALA BB 124 69.64 -82.37 -29.38
N ALA BB 125 69.47 -83.24 -28.40
CA ALA BB 125 68.25 -84.04 -28.35
C ALA BB 125 67.00 -83.18 -28.30
N ALA BB 126 67.12 -81.97 -27.76
CA ALA BB 126 66.03 -81.00 -27.76
C ALA BB 126 66.05 -80.12 -28.99
N SER BB 127 66.87 -80.44 -29.99
CA SER BB 127 67.00 -79.66 -31.22
C SER BB 127 67.46 -78.24 -30.94
N ILE BB 128 68.23 -78.05 -29.87
CA ILE BB 128 68.72 -76.74 -29.47
C ILE BB 128 70.15 -76.61 -29.98
N GLU BB 129 70.35 -75.72 -30.94
CA GLU BB 129 71.69 -75.39 -31.42
C GLU BB 129 72.19 -74.16 -30.65
N GLY BB 130 73.34 -74.30 -30.02
CA GLY BB 130 73.86 -73.26 -29.15
C GLY BB 130 74.47 -72.10 -29.92
N ILE BB 131 74.75 -71.03 -29.16
CA ILE BB 131 75.38 -69.85 -29.74
C ILE BB 131 76.74 -70.19 -30.32
N ARG BB 132 77.50 -71.06 -29.66
CA ARG BB 132 78.83 -71.43 -30.15
C ARG BB 132 78.76 -72.02 -31.55
N SER BB 133 77.86 -72.99 -31.77
CA SER BB 133 77.75 -73.61 -33.08
C SER BB 133 77.10 -72.67 -34.09
N SER BB 134 76.05 -71.96 -33.68
CA SER BB 134 75.35 -71.09 -34.62
C SER BB 134 76.15 -69.86 -35.01
N SER BB 135 77.22 -69.54 -34.27
CA SER BB 135 78.02 -68.37 -34.59
C SER BB 135 78.72 -68.56 -35.92
N SER BB 136 78.71 -67.50 -36.74
CA SER BB 136 79.38 -67.51 -38.04
C SER BB 136 80.77 -66.90 -38.00
N ASN BB 137 81.00 -65.94 -37.10
CA ASN BB 137 82.32 -65.34 -36.99
C ASN BB 137 83.32 -66.38 -36.50
N PRO BB 138 84.58 -66.31 -36.96
CA PRO BB 138 85.55 -67.34 -36.56
C PRO BB 138 85.77 -67.35 -35.07
N ALA BB 139 85.98 -68.55 -34.53
CA ALA BB 139 86.22 -68.73 -33.12
C ALA BB 139 87.69 -68.48 -32.79
N LEU BB 140 87.95 -68.03 -31.58
CA LEU BB 140 89.30 -67.74 -31.11
C LEU BB 140 89.68 -68.69 -29.98
N ALA BB 141 90.94 -68.61 -29.57
CA ALA BB 141 91.48 -69.44 -28.51
C ALA BB 141 91.88 -68.56 -27.33
N LEU BB 142 91.45 -68.95 -26.13
CA LEU BB 142 91.76 -68.20 -24.93
C LEU BB 142 93.19 -68.53 -24.51
N PRO BB 143 94.09 -67.55 -24.42
CA PRO BB 143 95.47 -67.88 -24.05
C PRO BB 143 95.55 -68.47 -22.65
N ASP BB 144 96.53 -69.37 -22.47
CA ASP BB 144 96.73 -69.97 -21.17
C ASP BB 144 97.06 -68.90 -20.12
N ASP BB 145 97.89 -67.93 -20.49
CA ASP BB 145 98.21 -66.83 -19.60
C ASP BB 145 97.05 -65.85 -19.53
N ALA BB 146 96.94 -65.12 -18.43
CA ALA BB 146 95.86 -64.17 -18.24
C ALA BB 146 96.18 -62.79 -18.80
N ARG BB 147 97.43 -62.54 -19.20
CA ARG BB 147 97.82 -61.19 -19.62
C ARG BB 147 97.42 -60.90 -21.05
N GLU BB 148 97.23 -61.92 -21.88
CA GLU BB 148 96.94 -61.75 -23.30
C GLU BB 148 95.45 -61.81 -23.60
N ILE BB 149 94.60 -62.07 -22.60
CA ILE BB 149 93.17 -62.19 -22.85
C ILE BB 149 92.60 -60.90 -23.44
N PRO BB 150 92.95 -59.70 -22.94
CA PRO BB 150 92.36 -58.48 -23.53
C PRO BB 150 92.64 -58.32 -25.00
N ASP BB 151 93.81 -58.76 -25.48
CA ASP BB 151 94.11 -58.67 -26.90
C ASP BB 151 93.14 -59.53 -27.71
N VAL BB 152 92.85 -60.74 -27.22
CA VAL BB 152 91.91 -61.62 -27.92
C VAL BB 152 90.51 -61.03 -27.89
N ILE BB 153 90.13 -60.41 -26.77
CA ILE BB 153 88.81 -59.77 -26.70
C ILE BB 153 88.73 -58.60 -27.69
N ALA BB 154 89.81 -57.84 -27.82
CA ALA BB 154 89.82 -56.76 -28.81
C ALA BB 154 89.72 -57.32 -30.22
N GLN BB 155 90.38 -58.44 -30.49
CA GLN BB 155 90.24 -59.09 -31.79
C GLN BB 155 88.80 -59.51 -32.06
N ALA BB 156 88.14 -60.09 -31.05
CA ALA BB 156 86.75 -60.52 -31.22
C ALA BB 156 85.83 -59.34 -31.46
N LEU BB 157 86.05 -58.24 -30.72
CA LEU BB 157 85.28 -57.03 -30.98
C LEU BB 157 85.53 -56.55 -32.40
N SER BB 158 86.78 -56.59 -32.86
CA SER BB 158 87.08 -56.22 -34.23
C SER BB 158 86.31 -57.10 -35.22
N GLU BB 159 86.19 -58.40 -34.92
CA GLU BB 159 85.47 -59.27 -35.85
C GLU BB 159 83.98 -58.94 -35.91
N LEU BB 160 83.31 -58.90 -34.76
CA LEU BB 160 81.91 -58.49 -34.72
C LEU BB 160 81.71 -57.17 -35.45
N ARG BB 161 82.56 -56.22 -35.11
CA ARG BB 161 82.40 -54.82 -35.47
C ARG BB 161 82.86 -54.55 -36.89
N LEU BB 162 83.63 -55.48 -37.46
CA LEU BB 162 83.76 -55.60 -38.90
C LEU BB 162 82.47 -56.11 -39.51
N ALA BB 163 81.92 -57.20 -38.94
CA ALA BB 163 80.75 -57.83 -39.53
C ALA BB 163 79.56 -56.90 -39.59
N GLY BB 164 79.55 -55.86 -38.77
CA GLY BB 164 78.56 -54.81 -38.90
C GLY BB 164 77.50 -54.77 -37.82
N VAL BB 165 77.72 -55.45 -36.71
CA VAL BB 165 76.75 -55.46 -35.62
C VAL BB 165 77.03 -54.28 -34.69
N ASP BB 166 75.96 -53.74 -34.11
CA ASP BB 166 76.05 -52.58 -33.23
C ASP BB 166 75.38 -52.86 -31.90
N GLY BB 167 75.26 -51.83 -31.06
CA GLY BB 167 74.68 -51.95 -29.75
C GLY BB 167 75.71 -52.31 -28.71
N PRO BB 168 75.36 -52.19 -27.44
CA PRO BB 168 76.33 -52.47 -26.37
C PRO BB 168 76.87 -53.89 -26.49
N TYR BB 169 78.16 -54.03 -26.24
CA TYR BB 169 78.82 -55.33 -26.28
C TYR BB 169 79.10 -55.81 -24.86
N SER BB 170 79.09 -57.14 -24.70
CA SER BB 170 79.20 -57.75 -23.38
C SER BB 170 80.08 -58.99 -23.47
N VAL BB 171 80.81 -59.24 -22.38
CA VAL BB 171 81.74 -60.35 -22.28
C VAL BB 171 81.23 -61.26 -21.16
N LEU BB 172 80.99 -62.52 -21.51
CA LEU BB 172 80.61 -63.55 -20.53
C LEU BB 172 81.82 -64.46 -20.36
N LEU BB 173 82.31 -64.57 -19.13
CA LEU BB 173 83.52 -65.33 -18.83
C LEU BB 173 83.19 -66.56 -18.00
N SER BB 174 83.98 -67.61 -18.20
CA SER BB 174 83.79 -68.86 -17.49
C SER BB 174 84.20 -68.68 -16.03
N ALA BB 175 83.91 -69.69 -15.20
CA ALA BB 175 84.36 -69.64 -13.81
C ALA BB 175 85.88 -69.64 -13.73
N GLU BB 176 86.54 -70.54 -14.48
CA GLU BB 176 87.98 -70.67 -14.39
C GLU BB 176 88.66 -69.43 -14.96
N THR BB 177 88.12 -68.88 -16.05
CA THR BB 177 88.70 -67.67 -16.65
C THR BB 177 88.47 -66.44 -15.78
N TYR BB 178 87.28 -66.31 -15.20
CA TYR BB 178 86.99 -65.19 -14.32
C TYR BB 178 87.83 -65.22 -13.07
N THR BB 179 88.01 -66.40 -12.47
CA THR BB 179 88.93 -66.53 -11.35
C THR BB 179 90.33 -66.09 -11.74
N LYS BB 180 90.78 -66.47 -12.93
CA LYS BB 180 92.13 -66.12 -13.38
C LYS BB 180 92.26 -64.60 -13.52
N VAL BB 181 91.35 -63.97 -14.25
CA VAL BB 181 91.45 -62.54 -14.49
C VAL BB 181 91.27 -61.77 -13.19
N SER BB 182 90.53 -62.33 -12.23
CA SER BB 182 90.33 -61.63 -10.96
C SER BB 182 91.57 -61.73 -10.08
N GLU BB 183 92.09 -62.93 -9.88
CA GLU BB 183 93.28 -63.10 -9.04
C GLU BB 183 94.48 -62.39 -9.65
N THR BB 184 94.66 -62.54 -10.96
CA THR BB 184 95.79 -61.89 -11.63
C THR BB 184 95.62 -60.38 -11.62
N THR BB 185 96.74 -59.67 -11.50
CA THR BB 185 96.75 -58.22 -11.38
C THR BB 185 97.86 -57.64 -12.23
N ALA BB 186 97.71 -56.36 -12.58
CA ALA BB 186 98.73 -55.66 -13.37
C ALA BB 186 98.62 -54.17 -13.07
N HIS BB 187 99.76 -53.54 -12.75
CA HIS BB 187 99.82 -52.11 -12.48
C HIS BB 187 98.84 -51.71 -11.38
N GLY BB 188 98.56 -52.64 -10.47
CA GLY BB 188 97.65 -52.34 -9.39
C GLY BB 188 96.18 -52.42 -9.73
N TYR BB 189 95.83 -53.03 -10.87
CA TYR BB 189 94.43 -53.31 -11.20
C TYR BB 189 94.30 -54.75 -11.71
N PRO BB 190 93.18 -55.41 -11.43
CA PRO BB 190 92.97 -56.76 -11.98
C PRO BB 190 92.86 -56.76 -13.50
N ILE BB 191 93.25 -57.91 -14.06
CA ILE BB 191 93.09 -58.12 -15.49
C ILE BB 191 91.62 -58.04 -15.87
N ARG BB 192 90.72 -58.34 -14.93
CA ARG BB 192 89.29 -58.18 -15.21
C ARG BB 192 88.93 -56.73 -15.44
N GLU BB 193 89.45 -55.80 -14.63
CA GLU BB 193 89.23 -54.38 -14.90
C GLU BB 193 89.87 -53.99 -16.22
N HIS BB 194 91.07 -54.51 -16.49
CA HIS BB 194 91.66 -54.29 -17.81
C HIS BB 194 90.69 -54.66 -18.92
N ILE BB 195 90.04 -55.82 -18.80
CA ILE BB 195 89.06 -56.23 -19.81
C ILE BB 195 87.88 -55.27 -19.84
N ASN BB 196 87.33 -54.94 -18.67
CA ASN BB 196 86.16 -54.08 -18.59
C ASN BB 196 86.39 -52.75 -19.29
N ARG BB 197 87.62 -52.25 -19.25
CA ARG BB 197 87.91 -50.94 -19.83
C ARG BB 197 87.50 -50.85 -21.31
N LEU BB 198 87.50 -51.98 -22.02
CA LEU BB 198 87.28 -51.96 -23.47
C LEU BB 198 85.80 -51.86 -23.84
N VAL BB 199 84.97 -52.69 -23.24
CA VAL BB 199 83.58 -52.81 -23.67
C VAL BB 199 82.75 -51.68 -23.10
N ASP BB 200 81.56 -51.49 -23.69
CA ASP BB 200 80.60 -50.51 -23.24
C ASP BB 200 79.55 -51.10 -22.30
N GLY BB 201 79.35 -52.42 -22.34
CA GLY BB 201 78.35 -53.07 -21.53
C GLY BB 201 78.85 -53.52 -20.19
N GLU BB 202 78.76 -54.82 -19.91
CA GLU BB 202 79.09 -55.37 -18.60
C GLU BB 202 79.92 -56.63 -18.76
N ILE BB 203 80.60 -56.99 -17.68
CA ILE BB 203 81.31 -58.27 -17.57
C ILE BB 203 80.42 -59.21 -16.76
N ILE BB 204 80.21 -60.43 -17.26
CA ILE BB 204 79.24 -61.35 -16.68
C ILE BB 204 79.91 -62.67 -16.34
N TRP BB 205 79.52 -63.24 -15.19
CA TRP BB 205 79.89 -64.58 -14.77
C TRP BB 205 79.10 -65.60 -15.57
N ALA BB 206 79.80 -66.59 -16.14
CA ALA BB 206 79.14 -67.70 -16.82
C ALA BB 206 79.78 -69.02 -16.38
N PRO BB 207 79.49 -69.50 -15.17
CA PRO BB 207 80.19 -70.72 -14.70
C PRO BB 207 79.86 -71.94 -15.52
N ALA BB 208 78.61 -72.03 -15.98
CA ALA BB 208 78.15 -73.19 -16.72
C ALA BB 208 78.90 -73.33 -18.04
N ILE BB 209 79.18 -72.21 -18.71
CA ILE BB 209 79.82 -72.26 -20.03
C ILE BB 209 81.31 -72.55 -19.84
N ASP BB 210 81.98 -72.90 -20.93
CA ASP BB 210 83.41 -73.18 -20.93
C ASP BB 210 84.06 -72.28 -21.97
N GLY BB 211 84.96 -71.40 -21.51
CA GLY BB 211 85.63 -70.49 -22.41
C GLY BB 211 85.26 -69.05 -22.17
N ALA BB 212 84.88 -68.34 -23.22
CA ALA BB 212 84.45 -66.95 -23.11
C ALA BB 212 83.60 -66.61 -24.32
N PHE BB 213 82.80 -65.55 -24.19
CA PHE BB 213 81.92 -65.14 -25.29
C PHE BB 213 81.83 -63.62 -25.32
N VAL BB 214 81.96 -63.03 -26.50
CA VAL BB 214 81.76 -61.60 -26.68
C VAL BB 214 80.58 -61.43 -27.64
N LEU BB 215 79.53 -60.75 -27.18
CA LEU BB 215 78.32 -60.69 -27.98
C LEU BB 215 77.64 -59.32 -27.85
N SER BB 216 76.81 -59.02 -28.84
CA SER BB 216 76.05 -57.78 -28.85
C SER BB 216 74.74 -57.95 -28.10
N THR BB 217 74.23 -56.84 -27.55
CA THR BB 217 72.98 -56.83 -26.82
C THR BB 217 72.00 -55.80 -27.38
N ARG BB 218 72.12 -55.49 -28.67
CA ARG BB 218 71.16 -54.60 -29.30
C ARG BB 218 69.75 -55.14 -29.21
N GLY BB 219 69.59 -56.45 -29.39
CA GLY BB 219 68.28 -57.08 -29.31
C GLY BB 219 67.85 -57.72 -30.61
N GLY BB 220 67.01 -58.73 -30.53
CA GLY BB 220 66.50 -59.40 -31.71
C GLY BB 220 67.37 -60.50 -32.27
N ASP BB 221 68.43 -60.90 -31.57
CA ASP BB 221 69.33 -61.93 -32.05
C ASP BB 221 69.24 -63.24 -31.27
N PHE BB 222 68.84 -63.20 -30.00
CA PHE BB 222 68.71 -64.40 -29.19
C PHE BB 222 67.36 -64.37 -28.50
N ASP BB 223 66.69 -65.52 -28.43
CA ASP BB 223 65.36 -65.62 -27.83
C ASP BB 223 65.30 -66.86 -26.95
N LEU BB 224 65.05 -66.65 -25.65
CA LEU BB 224 64.81 -67.75 -24.71
C LEU BB 224 63.31 -67.85 -24.51
N GLN BB 225 62.70 -68.88 -25.09
CA GLN BB 225 61.26 -69.08 -24.99
C GLN BB 225 60.95 -69.95 -23.79
N LEU BB 226 60.07 -69.46 -22.92
CA LEU BB 226 59.64 -70.18 -21.73
C LEU BB 226 58.16 -70.49 -21.82
N GLY BB 227 57.79 -71.74 -21.54
CA GLY BB 227 56.40 -72.09 -21.40
C GLY BB 227 55.93 -71.81 -19.99
N THR BB 228 56.70 -72.31 -19.03
CA THR BB 228 56.49 -72.02 -17.61
C THR BB 228 57.84 -71.73 -16.97
N ASP BB 229 57.87 -70.72 -16.10
CA ASP BB 229 59.11 -70.33 -15.45
C ASP BB 229 59.47 -71.36 -14.39
N VAL BB 230 60.54 -71.09 -13.64
CA VAL BB 230 61.00 -72.02 -12.62
C VAL BB 230 59.91 -72.19 -11.56
N SER BB 231 59.63 -73.44 -11.21
CA SER BB 231 58.62 -73.75 -10.21
C SER BB 231 59.13 -74.88 -9.33
N ILE BB 232 58.58 -74.97 -8.12
CA ILE BB 232 58.95 -76.00 -7.15
C ILE BB 232 57.71 -76.84 -6.86
N GLY BB 233 57.86 -78.16 -6.92
CA GLY BB 233 56.75 -79.08 -6.72
C GLY BB 233 57.01 -80.16 -5.70
N TYR BB 234 56.05 -81.06 -5.54
CA TYR BB 234 56.09 -82.11 -4.53
C TYR BB 234 55.78 -83.45 -5.19
N LEU BB 235 56.57 -84.48 -4.88
CA LEU BB 235 56.32 -85.82 -5.40
C LEU BB 235 55.75 -86.75 -4.33
N SER BB 236 56.46 -86.90 -3.22
CA SER BB 236 56.05 -87.81 -2.16
C SER BB 236 56.73 -87.37 -0.87
N HIS BB 237 56.44 -88.08 0.22
CA HIS BB 237 56.99 -87.71 1.52
C HIS BB 237 57.04 -88.96 2.40
N ASP BB 238 57.77 -88.82 3.50
CA ASP BB 238 58.02 -89.91 4.44
C ASP BB 238 58.01 -89.33 5.84
N ALA BB 239 58.18 -90.20 6.84
CA ALA BB 239 58.21 -89.74 8.22
C ALA BB 239 59.39 -88.84 8.52
N GLU BB 240 60.39 -88.79 7.65
CA GLU BB 240 61.60 -88.02 7.88
C GLU BB 240 61.89 -86.98 6.82
N VAL BB 241 61.51 -87.23 5.56
CA VAL BB 241 61.92 -86.39 4.44
C VAL BB 241 60.73 -86.12 3.54
N VAL BB 242 60.90 -85.11 2.67
CA VAL BB 242 59.96 -84.80 1.61
C VAL BB 242 60.75 -84.67 0.31
N HIS BB 243 60.21 -85.22 -0.77
CA HIS BB 243 60.86 -85.15 -2.07
C HIS BB 243 60.18 -84.09 -2.93
N LEU BB 244 60.97 -83.12 -3.40
CA LEU BB 244 60.50 -82.01 -4.21
C LEU BB 244 61.31 -81.97 -5.50
N TYR BB 245 60.89 -81.10 -6.42
CA TYR BB 245 61.60 -80.93 -7.67
C TYR BB 245 61.51 -79.48 -8.11
N MET BB 246 62.51 -79.04 -8.87
CA MET BB 246 62.47 -77.75 -9.53
C MET BB 246 62.34 -77.98 -11.02
N GLU BB 247 61.37 -77.30 -11.64
CA GLU BB 247 60.93 -77.59 -12.99
C GLU BB 247 60.89 -76.32 -13.82
N GLU BB 248 61.29 -76.44 -15.09
CA GLU BB 248 61.10 -75.34 -16.04
C GLU BB 248 61.03 -75.89 -17.46
N THR BB 249 60.15 -75.30 -18.27
CA THR BB 249 59.96 -75.71 -19.65
C THR BB 249 60.44 -74.59 -20.58
N MET BB 250 61.41 -74.90 -21.44
CA MET BB 250 62.10 -73.86 -22.18
C MET BB 250 62.58 -74.38 -23.53
N THR BB 251 63.01 -73.42 -24.35
CA THR BB 251 63.81 -73.67 -25.54
C THR BB 251 64.56 -72.38 -25.87
N PHE BB 252 65.57 -72.50 -26.72
CA PHE BB 252 66.42 -71.37 -27.09
C PHE BB 252 66.57 -71.29 -28.59
N LEU BB 253 66.55 -70.08 -29.13
CA LEU BB 253 66.71 -69.83 -30.55
C LEU BB 253 67.72 -68.71 -30.78
N CYS BB 254 68.61 -68.91 -31.76
CA CYS BB 254 69.52 -67.88 -32.22
C CYS BB 254 69.15 -67.52 -33.65
N TYR BB 255 68.99 -66.23 -33.92
CA TYR BB 255 68.58 -65.76 -35.23
C TYR BB 255 69.71 -65.10 -36.01
N THR BB 256 70.59 -64.37 -35.33
CA THR BB 256 71.71 -63.68 -35.97
C THR BB 256 72.99 -64.41 -35.60
N ALA BB 257 73.65 -64.99 -36.60
CA ALA BB 257 74.87 -65.76 -36.36
C ALA BB 257 76.10 -64.87 -36.24
N GLU BB 258 75.99 -63.59 -36.62
CA GLU BB 258 77.14 -62.69 -36.64
C GLU BB 258 77.21 -61.77 -35.44
N ALA BB 259 76.35 -61.94 -34.43
CA ALA BB 259 76.30 -61.06 -33.27
C ALA BB 259 77.10 -61.58 -32.08
N SER BB 260 77.87 -62.65 -32.27
CA SER BB 260 78.62 -63.24 -31.17
C SER BB 260 79.95 -63.80 -31.68
N VAL BB 261 80.90 -63.90 -30.76
CA VAL BB 261 82.21 -64.48 -31.01
C VAL BB 261 82.53 -65.39 -29.84
N ALA BB 262 83.01 -66.59 -30.12
CA ALA BB 262 83.29 -67.58 -29.09
C ALA BB 262 84.79 -67.77 -28.95
N LEU BB 263 85.24 -67.95 -27.71
CA LEU BB 263 86.65 -68.21 -27.41
C LEU BB 263 86.72 -69.50 -26.62
N THR BB 264 87.48 -70.46 -27.14
CA THR BB 264 87.55 -71.79 -26.56
C THR BB 264 88.78 -71.92 -25.66
N PRO BB 265 88.69 -72.70 -24.57
CA PRO BB 265 89.82 -72.84 -23.65
C PRO BB 265 91.08 -73.36 -24.34
N ASN CB 2 -70.92 -14.59 54.51
CA ASN CB 2 -70.77 -15.60 55.55
C ASN CB 2 -72.00 -15.64 56.44
N ASN CB 3 -71.93 -16.44 57.52
CA ASN CB 3 -73.08 -16.63 58.39
C ASN CB 3 -73.42 -15.41 59.23
N LEU CB 4 -72.53 -14.40 59.26
CA LEU CB 4 -72.84 -13.19 60.01
C LEU CB 4 -73.99 -12.42 59.37
N TYR CB 5 -74.08 -12.43 58.05
CA TYR CB 5 -75.13 -11.73 57.32
C TYR CB 5 -75.08 -10.23 57.61
N ARG CB 6 -73.87 -9.66 57.59
CA ARG CB 6 -73.72 -8.23 57.79
C ARG CB 6 -74.17 -7.42 56.59
N ASP CB 7 -74.03 -7.97 55.38
CA ASP CB 7 -74.44 -7.23 54.18
C ASP CB 7 -75.93 -6.91 54.19
N LEU CB 8 -76.72 -7.61 54.99
CA LEU CB 8 -78.15 -7.38 55.07
C LEU CB 8 -78.54 -6.35 56.13
N ALA CB 9 -77.58 -5.89 56.93
CA ALA CB 9 -77.91 -4.97 58.02
C ALA CB 9 -77.92 -3.53 57.51
N PRO CB 10 -78.83 -2.68 58.02
CA PRO CB 10 -78.86 -1.27 57.61
C PRO CB 10 -77.83 -0.43 58.36
N ILE CB 11 -76.56 -0.74 58.15
CA ILE CB 11 -75.46 -0.07 58.84
C ILE CB 11 -74.37 0.24 57.82
N THR CB 12 -73.78 1.43 57.93
CA THR CB 12 -72.75 1.87 57.02
C THR CB 12 -71.38 1.36 57.45
N GLU CB 13 -70.41 1.50 56.54
CA GLU CB 13 -69.06 1.03 56.83
C GLU CB 13 -68.45 1.79 58.01
N SER CB 14 -68.68 3.09 58.08
CA SER CB 14 -68.12 3.88 59.17
C SER CB 14 -68.69 3.45 60.52
N ALA CB 15 -70.01 3.25 60.59
CA ALA CB 15 -70.61 2.80 61.84
C ALA CB 15 -70.15 1.41 62.20
N TRP CB 16 -70.00 0.53 61.20
CA TRP CB 16 -69.45 -0.80 61.47
C TRP CB 16 -68.06 -0.69 62.08
N ALA CB 17 -67.22 0.18 61.52
CA ALA CB 17 -65.88 0.36 62.05
C ALA CB 17 -65.90 0.88 63.47
N GLU CB 18 -66.78 1.86 63.74
CA GLU CB 18 -66.88 2.40 65.10
C GLU CB 18 -67.29 1.32 66.08
N ILE CB 19 -68.29 0.52 65.73
CA ILE CB 19 -68.76 -0.53 66.63
C ILE CB 19 -67.67 -1.56 66.88
N GLU CB 20 -66.98 -1.98 65.81
CA GLU CB 20 -65.91 -2.96 65.97
C GLU CB 20 -64.81 -2.42 66.87
N LEU CB 21 -64.40 -1.16 66.66
CA LEU CB 21 -63.35 -0.56 67.46
C LEU CB 21 -63.76 -0.49 68.93
N GLU CB 22 -64.99 -0.04 69.19
CA GLU CB 22 -65.46 0.08 70.57
C GLU CB 22 -65.53 -1.26 71.26
N ALA CB 23 -66.01 -2.30 70.57
CA ALA CB 23 -66.07 -3.61 71.19
C ALA CB 23 -64.69 -4.19 71.44
N THR CB 24 -63.78 -4.04 70.47
CA THR CB 24 -62.43 -4.57 70.63
C THR CB 24 -61.73 -3.91 71.81
N ARG CB 25 -61.84 -2.59 71.92
CA ARG CB 25 -61.17 -1.88 73.01
C ARG CB 25 -61.67 -2.39 74.36
N THR CB 26 -62.99 -2.48 74.54
CA THR CB 26 -63.54 -2.88 75.82
C THR CB 26 -63.19 -4.32 76.16
N PHE CB 27 -63.28 -5.22 75.17
CA PHE CB 27 -62.94 -6.61 75.43
C PHE CB 27 -61.46 -6.75 75.82
N LYS CB 28 -60.58 -6.08 75.09
CA LYS CB 28 -59.16 -6.16 75.40
C LYS CB 28 -58.86 -5.54 76.76
N ARG CB 29 -59.69 -4.57 77.18
CA ARG CB 29 -59.55 -4.03 78.53
C ARG CB 29 -59.95 -5.07 79.58
N HIS CB 30 -61.10 -5.71 79.40
CA HIS CB 30 -61.69 -6.52 80.45
C HIS CB 30 -61.22 -7.96 80.44
N ILE CB 31 -60.40 -8.36 79.47
CA ILE CB 31 -59.95 -9.74 79.34
C ILE CB 31 -58.59 -9.89 80.01
N ALA CB 32 -58.38 -11.01 80.71
CA ALA CB 32 -57.15 -11.26 81.44
C ALA CB 32 -56.50 -12.60 81.14
N GLY CB 33 -57.27 -13.66 80.94
CA GLY CB 33 -56.67 -14.98 80.74
C GLY CB 33 -55.78 -15.05 79.51
N ARG CB 34 -56.15 -14.33 78.45
CA ARG CB 34 -55.40 -14.33 77.22
C ARG CB 34 -53.98 -13.81 77.41
N ARG CB 35 -53.71 -13.08 78.49
CA ARG CB 35 -52.38 -12.55 78.78
C ARG CB 35 -51.50 -13.53 79.52
N VAL CB 36 -52.05 -14.64 80.03
CA VAL CB 36 -51.27 -15.59 80.82
C VAL CB 36 -51.47 -17.02 80.35
N VAL CB 37 -52.24 -17.21 79.27
CA VAL CB 37 -52.49 -18.54 78.75
C VAL CB 37 -52.12 -18.57 77.27
N ASP CB 38 -51.52 -19.68 76.84
CA ASP CB 38 -51.25 -19.88 75.42
C ASP CB 38 -52.56 -19.97 74.66
N VAL CB 39 -52.58 -19.37 73.47
CA VAL CB 39 -53.77 -19.31 72.64
C VAL CB 39 -53.49 -20.04 71.34
N SER CB 40 -54.30 -21.05 71.04
CA SER CB 40 -54.24 -21.73 69.75
C SER CB 40 -55.15 -20.99 68.78
N GLY CB 41 -54.54 -20.34 67.80
CA GLY CB 41 -55.27 -19.46 66.90
C GLY CB 41 -56.47 -20.14 66.28
N PRO CB 42 -57.38 -19.35 65.70
CA PRO CB 42 -58.59 -19.93 65.11
C PRO CB 42 -58.24 -20.99 64.08
N ASN CB 43 -58.88 -22.15 64.20
CA ASN CB 43 -58.69 -23.25 63.29
C ASN CB 43 -59.81 -23.37 62.25
N GLY CB 44 -60.78 -22.45 62.28
CA GLY CB 44 -61.83 -22.42 61.29
C GLY CB 44 -63.17 -22.86 61.84
N PRO CB 45 -64.25 -22.49 61.14
CA PRO CB 45 -65.59 -22.90 61.59
C PRO CB 45 -65.80 -24.41 61.57
N THR CB 46 -65.01 -25.15 60.79
CA THR CB 46 -65.14 -26.60 60.74
C THR CB 46 -64.64 -27.29 62.00
N THR CB 47 -63.89 -26.59 62.85
CA THR CB 47 -63.35 -27.19 64.06
C THR CB 47 -64.43 -27.33 65.12
N ALA CB 48 -64.54 -28.52 65.70
CA ALA CB 48 -65.58 -28.82 66.67
C ALA CB 48 -65.07 -29.41 67.98
N SER CB 49 -63.87 -30.00 67.99
CA SER CB 49 -63.38 -30.66 69.19
C SER CB 49 -61.86 -30.66 69.16
N VAL CB 50 -61.27 -30.92 70.32
CA VAL CB 50 -59.82 -30.99 70.49
C VAL CB 50 -59.48 -32.37 71.04
N SER CB 51 -58.63 -33.11 70.32
CA SER CB 51 -58.23 -34.44 70.76
C SER CB 51 -57.35 -34.33 71.99
N THR CB 52 -57.50 -35.29 72.91
CA THR CB 52 -56.63 -35.36 74.08
C THR CB 52 -55.58 -36.45 73.97
N GLY CB 53 -55.69 -37.35 73.01
CA GLY CB 53 -54.74 -38.43 72.86
C GLY CB 53 -54.97 -39.60 73.80
N HIS CB 54 -56.01 -39.54 74.62
CA HIS CB 54 -56.35 -40.62 75.54
C HIS CB 54 -57.35 -41.57 74.91
N LEU CB 55 -57.50 -42.72 75.54
CA LEU CB 55 -58.41 -43.77 75.08
C LEU CB 55 -59.39 -44.13 76.18
N LEU CB 56 -60.59 -44.53 75.78
CA LEU CB 56 -61.64 -44.93 76.71
C LEU CB 56 -62.11 -46.34 76.36
N ASP CB 57 -62.32 -47.15 77.39
CA ASP CB 57 -62.75 -48.53 77.18
C ASP CB 57 -64.20 -48.57 76.70
N VAL CB 58 -64.50 -49.56 75.86
CA VAL CB 58 -65.82 -49.69 75.26
C VAL CB 58 -66.07 -51.15 74.92
N SER CB 59 -67.35 -51.53 74.92
CA SER CB 59 -67.72 -52.91 74.66
C SER CB 59 -67.29 -53.31 73.25
N PRO CB 60 -66.71 -54.49 73.06
CA PRO CB 60 -66.22 -54.85 71.73
C PRO CB 60 -67.36 -55.20 70.79
N PRO CB 61 -67.17 -55.05 69.48
CA PRO CB 61 -68.18 -55.57 68.54
C PRO CB 61 -68.37 -57.06 68.64
N GLY CB 62 -67.32 -57.81 68.91
CA GLY CB 62 -67.41 -59.25 68.92
C GLY CB 62 -66.22 -59.88 69.59
N ASP CB 63 -66.12 -61.21 69.43
CA ASP CB 63 -65.08 -61.97 70.10
C ASP CB 63 -63.72 -61.71 69.47
N GLY CB 64 -62.68 -61.72 70.30
CA GLY CB 64 -61.33 -61.53 69.82
C GLY CB 64 -61.00 -60.14 69.37
N VAL CB 65 -61.80 -59.14 69.76
CA VAL CB 65 -61.62 -57.77 69.33
C VAL CB 65 -61.55 -56.87 70.56
N ILE CB 66 -60.56 -55.99 70.58
CA ILE CB 66 -60.39 -55.02 71.65
C ILE CB 66 -60.72 -53.64 71.08
N ALA CB 67 -61.63 -52.94 71.74
CA ALA CB 67 -62.16 -51.67 71.24
C ALA CB 67 -61.88 -50.56 72.24
N HIS CB 68 -61.47 -49.40 71.72
CA HIS CB 68 -61.25 -48.21 72.53
C HIS CB 68 -61.75 -46.99 71.78
N LEU CB 69 -62.24 -46.00 72.53
CA LEU CB 69 -62.75 -44.77 71.94
C LEU CB 69 -61.75 -43.63 72.18
N ARG CB 70 -61.51 -42.85 71.14
CA ARG CB 70 -60.65 -41.68 71.25
C ARG CB 70 -61.37 -40.58 72.01
N ASP CB 71 -60.62 -39.83 72.82
CA ASP CB 71 -61.18 -38.85 73.72
C ASP CB 71 -60.96 -37.44 73.19
N ALA CB 72 -62.02 -36.64 73.17
CA ALA CB 72 -61.96 -35.29 72.65
C ALA CB 72 -62.78 -34.38 73.55
N LYS CB 73 -62.39 -33.10 73.56
CA LYS CB 73 -63.06 -32.05 74.31
C LYS CB 73 -63.88 -31.21 73.34
N PRO CB 74 -65.20 -31.11 73.50
CA PRO CB 74 -65.99 -30.30 72.56
C PRO CB 74 -65.79 -28.81 72.79
N LEU CB 75 -66.06 -28.05 71.74
CA LEU CB 75 -66.02 -26.60 71.77
C LEU CB 75 -67.41 -26.05 72.02
N VAL CB 76 -67.48 -24.93 72.75
CA VAL CB 76 -68.74 -24.31 73.11
C VAL CB 76 -68.79 -22.93 72.48
N ARG CB 77 -69.96 -22.58 71.93
CA ARG CB 77 -70.18 -21.29 71.29
C ARG CB 77 -70.95 -20.38 72.25
N LEU CB 78 -70.40 -19.20 72.50
CA LEU CB 78 -71.02 -18.21 73.38
C LEU CB 78 -71.48 -17.05 72.50
N ARG CB 79 -72.77 -16.70 72.63
CA ARG CB 79 -73.40 -15.64 71.87
C ARG CB 79 -74.10 -14.69 72.83
N VAL CB 80 -73.77 -13.41 72.73
CA VAL CB 80 -74.37 -12.38 73.58
C VAL CB 80 -75.09 -11.38 72.67
N PRO CB 81 -76.42 -11.27 72.75
CA PRO CB 81 -77.13 -10.32 71.89
C PRO CB 81 -77.24 -8.93 72.50
N PHE CB 82 -77.35 -7.95 71.62
CA PHE CB 82 -77.56 -6.57 72.02
C PHE CB 82 -78.29 -5.82 70.91
N THR CB 83 -78.76 -4.63 71.24
CA THR CB 83 -79.59 -3.83 70.36
C THR CB 83 -78.97 -2.45 70.17
N VAL CB 84 -79.05 -1.92 68.95
CA VAL CB 84 -78.49 -0.62 68.61
C VAL CB 84 -79.54 0.23 67.92
N ALA CB 85 -79.39 1.54 68.04
CA ALA CB 85 -80.36 2.49 67.52
C ALA CB 85 -79.96 3.00 66.14
N ARG CB 86 -80.91 2.93 65.20
CA ARG CB 86 -80.68 3.38 63.85
C ARG CB 86 -80.39 4.87 63.75
N ARG CB 87 -80.89 5.67 64.70
CA ARG CB 87 -80.54 7.09 64.72
C ARG CB 87 -79.07 7.32 65.02
N ASP CB 88 -78.54 6.63 66.04
CA ASP CB 88 -77.11 6.70 66.31
C ASP CB 88 -76.30 6.15 65.14
N ILE CB 89 -76.80 5.10 64.48
CA ILE CB 89 -76.11 4.60 63.30
C ILE CB 89 -76.07 5.66 62.21
N ASP CB 90 -77.20 6.31 61.94
CA ASP CB 90 -77.27 7.25 60.82
C ASP CB 90 -76.45 8.51 61.10
N ASP CB 91 -76.39 8.94 62.35
CA ASP CB 91 -75.68 10.18 62.67
C ASP CB 91 -74.20 10.11 62.29
N VAL CB 92 -73.62 8.91 62.19
CA VAL CB 92 -72.19 8.81 61.94
C VAL CB 92 -71.83 9.41 60.59
N GLU CB 93 -72.61 9.09 59.55
CA GLU CB 93 -72.30 9.61 58.22
C GLU CB 93 -72.46 11.12 58.14
N ARG CB 94 -73.12 11.73 59.14
CA ARG CB 94 -73.21 13.18 59.26
C ARG CB 94 -72.04 13.78 60.02
N GLY CB 95 -70.94 13.06 60.15
CA GLY CB 95 -69.80 13.54 60.91
C GLY CB 95 -70.06 13.65 62.40
N SER CB 96 -70.94 12.80 62.93
CA SER CB 96 -71.16 12.75 64.37
C SER CB 96 -70.19 11.76 64.99
N GLN CB 97 -69.60 12.16 66.11
CA GLN CB 97 -68.66 11.31 66.84
C GLN CB 97 -68.89 11.34 68.35
N ASP CB 98 -70.15 11.39 68.77
CA ASP CB 98 -70.53 11.16 70.17
C ASP CB 98 -71.62 10.10 70.27
N SER CB 99 -71.72 9.20 69.28
CA SER CB 99 -72.79 8.22 69.25
C SER CB 99 -72.70 7.25 70.42
N ASP CB 100 -73.85 6.74 70.85
CA ASP CB 100 -73.94 5.87 72.00
C ASP CB 100 -73.67 4.42 71.58
N TRP CB 101 -72.67 3.80 72.20
CA TRP CB 101 -72.32 2.39 71.96
C TRP CB 101 -72.28 1.62 73.28
N ASP CB 102 -73.03 2.10 74.26
CA ASP CB 102 -73.06 1.46 75.57
C ASP CB 102 -73.52 0.01 75.51
N PRO CB 103 -74.57 -0.34 74.76
CA PRO CB 103 -74.90 -1.77 74.64
C PRO CB 103 -73.76 -2.60 74.08
N VAL CB 104 -73.02 -2.06 73.11
CA VAL CB 104 -71.85 -2.75 72.58
C VAL CB 104 -70.84 -3.01 73.70
N LYS CB 105 -70.55 -1.97 74.48
CA LYS CB 105 -69.57 -2.12 75.55
C LYS CB 105 -70.04 -3.13 76.59
N ASP CB 106 -71.33 -3.10 76.93
CA ASP CB 106 -71.87 -4.04 77.91
C ASP CB 106 -71.77 -5.48 77.40
N ALA CB 107 -72.12 -5.71 76.13
CA ALA CB 107 -72.02 -7.05 75.58
C ALA CB 107 -70.58 -7.54 75.56
N ALA CB 108 -69.65 -6.67 75.19
CA ALA CB 108 -68.24 -7.05 75.21
C ALA CB 108 -67.80 -7.41 76.62
N LYS CB 109 -68.21 -6.62 77.62
CA LYS CB 109 -67.88 -6.92 79.00
C LYS CB 109 -68.44 -8.28 79.40
N LYS CB 110 -69.69 -8.55 79.04
CA LYS CB 110 -70.31 -9.81 79.39
C LYS CB 110 -69.57 -10.99 78.79
N LEU CB 111 -69.20 -10.89 77.51
CA LEU CB 111 -68.48 -11.97 76.85
C LEU CB 111 -67.11 -12.19 77.49
N ALA CB 112 -66.39 -11.10 77.78
CA ALA CB 112 -65.10 -11.25 78.43
C ALA CB 112 -65.25 -11.90 79.79
N PHE CB 113 -66.28 -11.52 80.54
CA PHE CB 113 -66.47 -12.08 81.87
C PHE CB 113 -66.76 -13.57 81.81
N VAL CB 114 -67.63 -13.98 80.88
CA VAL CB 114 -67.93 -15.41 80.77
C VAL CB 114 -66.69 -16.19 80.36
N GLU CB 115 -65.91 -15.66 79.41
CA GLU CB 115 -64.70 -16.35 78.99
C GLU CB 115 -63.72 -16.51 80.16
N ASP CB 116 -63.47 -15.43 80.88
CA ASP CB 116 -62.51 -15.48 81.98
C ASP CB 116 -63.00 -16.38 83.10
N ARG CB 117 -64.31 -16.34 83.39
CA ARG CB 117 -64.86 -17.21 84.42
C ARG CB 117 -64.82 -18.67 84.03
N ALA CB 118 -65.03 -19.01 82.76
CA ALA CB 118 -64.83 -20.38 82.32
C ALA CB 118 -63.38 -20.80 82.44
N ILE CB 119 -62.45 -19.90 82.11
CA ILE CB 119 -61.02 -20.24 82.20
C ILE CB 119 -60.63 -20.50 83.65
N PHE CB 120 -61.05 -19.64 84.57
CA PHE CB 120 -60.51 -19.63 85.93
C PHE CB 120 -61.38 -20.35 86.95
N GLU CB 121 -62.62 -20.69 86.62
CA GLU CB 121 -63.54 -21.28 87.57
C GLU CB 121 -64.23 -22.53 87.06
N GLY CB 122 -64.42 -22.66 85.76
CA GLY CB 122 -64.98 -23.87 85.17
C GLY CB 122 -66.40 -23.65 84.67
N TYR CB 123 -66.72 -24.29 83.55
CA TYR CB 123 -68.06 -24.31 82.97
C TYR CB 123 -68.38 -25.78 82.73
N ALA CB 124 -69.04 -26.40 83.71
CA ALA CB 124 -69.14 -27.86 83.73
C ALA CB 124 -69.87 -28.40 82.52
N ALA CB 125 -71.00 -27.78 82.15
CA ALA CB 125 -71.80 -28.31 81.05
C ALA CB 125 -71.00 -28.39 79.76
N ALA CB 126 -69.98 -27.54 79.61
CA ALA CB 126 -69.07 -27.61 78.48
C ALA CB 126 -67.87 -28.50 78.75
N SER CB 127 -67.89 -29.26 79.85
CA SER CB 127 -66.80 -30.15 80.24
C SER CB 127 -65.51 -29.38 80.47
N ILE CB 128 -65.62 -28.12 80.88
CA ILE CB 128 -64.47 -27.26 81.12
C ILE CB 128 -64.18 -27.27 82.62
N GLU CB 129 -63.05 -27.86 82.99
CA GLU CB 129 -62.58 -27.82 84.37
C GLU CB 129 -61.61 -26.65 84.53
N GLY CB 130 -61.91 -25.76 85.46
CA GLY CB 130 -61.15 -24.54 85.62
C GLY CB 130 -59.81 -24.76 86.30
N ILE CB 131 -59.00 -23.69 86.26
CA ILE CB 131 -57.70 -23.73 86.91
C ILE CB 131 -57.84 -23.95 88.41
N ARG CB 132 -58.85 -23.35 89.03
CA ARG CB 132 -59.05 -23.51 90.47
C ARG CB 132 -59.23 -24.98 90.85
N SER CB 133 -60.10 -25.69 90.15
CA SER CB 133 -60.33 -27.10 90.46
C SER CB 133 -59.15 -27.97 90.04
N SER CB 134 -58.60 -27.71 88.85
CA SER CB 134 -57.51 -28.54 88.35
C SER CB 134 -56.22 -28.34 89.13
N SER CB 135 -56.10 -27.27 89.90
CA SER CB 135 -54.88 -27.01 90.64
C SER CB 135 -54.67 -28.08 91.70
N SER CB 136 -53.43 -28.56 91.83
CA SER CB 136 -53.07 -29.56 92.82
C SER CB 136 -52.47 -28.95 94.09
N ASN CB 137 -51.80 -27.80 93.96
CA ASN CB 137 -51.24 -27.16 95.14
C ASN CB 137 -52.36 -26.69 96.06
N PRO CB 138 -52.15 -26.72 97.38
CA PRO CB 138 -53.23 -26.34 98.30
C PRO CB 138 -53.67 -24.91 98.10
N ALA CB 139 -54.97 -24.69 98.26
CA ALA CB 139 -55.53 -23.35 98.11
C ALA CB 139 -55.36 -22.56 99.40
N LEU CB 140 -55.27 -21.24 99.27
CA LEU CB 140 -55.10 -20.34 100.40
C LEU CB 140 -56.33 -19.44 100.54
N ALA CB 141 -56.35 -18.68 101.62
CA ALA CB 141 -57.44 -17.77 101.93
C ALA CB 141 -56.92 -16.33 101.90
N LEU CB 142 -57.64 -15.47 101.19
CA LEU CB 142 -57.25 -14.07 101.08
C LEU CB 142 -57.67 -13.35 102.36
N PRO CB 143 -56.75 -12.75 103.11
CA PRO CB 143 -57.15 -12.09 104.35
C PRO CB 143 -58.10 -10.93 104.10
N ASP CB 144 -59.00 -10.72 105.06
CA ASP CB 144 -59.94 -9.62 104.95
C ASP CB 144 -59.21 -8.28 104.88
N ASP CB 145 -58.17 -8.12 105.68
CA ASP CB 145 -57.35 -6.91 105.63
C ASP CB 145 -56.45 -6.94 104.41
N ALA CB 146 -56.06 -5.76 103.94
CA ALA CB 146 -55.21 -5.65 102.76
C ALA CB 146 -53.73 -5.70 103.09
N ARG CB 147 -53.36 -5.64 104.37
CA ARG CB 147 -51.95 -5.55 104.73
C ARG CB 147 -51.26 -6.91 104.72
N GLU CB 148 -52.02 -7.99 104.87
CA GLU CB 148 -51.46 -9.34 104.97
C GLU CB 148 -51.45 -10.08 103.64
N ILE CB 149 -51.99 -9.47 102.57
CA ILE CB 149 -52.05 -10.15 101.28
C ILE CB 149 -50.65 -10.52 100.78
N PRO CB 150 -49.64 -9.64 100.86
CA PRO CB 150 -48.31 -10.02 100.34
C PRO CB 150 -47.74 -11.25 101.01
N ASP CB 151 -48.01 -11.46 102.30
CA ASP CB 151 -47.52 -12.66 102.97
C ASP CB 151 -48.13 -13.91 102.35
N VAL CB 152 -49.44 -13.87 102.05
CA VAL CB 152 -50.09 -15.02 101.43
C VAL CB 152 -49.56 -15.25 100.03
N ILE CB 153 -49.28 -14.17 99.30
CA ILE CB 153 -48.70 -14.33 97.95
C ILE CB 153 -47.31 -14.95 98.04
N ALA CB 154 -46.52 -14.55 99.04
CA ALA CB 154 -45.21 -15.16 99.22
C ALA CB 154 -45.35 -16.64 99.57
N GLN CB 155 -46.34 -16.99 100.38
CA GLN CB 155 -46.60 -18.40 100.68
C GLN CB 155 -46.95 -19.18 99.41
N ALA CB 156 -47.80 -18.60 98.56
CA ALA CB 156 -48.17 -19.28 97.31
C ALA CB 156 -46.99 -19.45 96.39
N LEU CB 157 -46.14 -18.42 96.29
CA LEU CB 157 -44.92 -18.57 95.51
C LEU CB 157 -44.05 -19.66 96.10
N SER CB 158 -43.95 -19.74 97.43
CA SER CB 158 -43.20 -20.81 98.06
C SER CB 158 -43.78 -22.17 97.68
N GLU CB 159 -45.11 -22.28 97.61
CA GLU CB 159 -45.70 -23.57 97.26
C GLU CB 159 -45.38 -23.98 95.82
N LEU CB 160 -45.67 -23.11 94.86
CA LEU CB 160 -45.31 -23.38 93.47
C LEU CB 160 -43.84 -23.76 93.36
N ARG CB 161 -43.01 -22.93 93.99
CA ARG CB 161 -41.57 -22.94 93.80
C ARG CB 161 -40.91 -24.05 94.61
N LEU CB 162 -41.63 -24.58 95.59
CA LEU CB 162 -41.34 -25.90 96.13
C LEU CB 162 -41.67 -26.98 95.11
N ALA CB 163 -42.88 -26.91 94.53
CA ALA CB 163 -43.34 -27.96 93.64
C ALA CB 163 -42.43 -28.12 92.43
N GLY CB 164 -41.68 -27.09 92.09
CA GLY CB 164 -40.65 -27.22 91.08
C GLY CB 164 -40.92 -26.52 89.76
N VAL CB 165 -41.89 -25.63 89.73
CA VAL CB 165 -42.21 -24.91 88.50
C VAL CB 165 -41.34 -23.66 88.40
N ASP CB 166 -40.99 -23.30 87.16
CA ASP CB 166 -40.13 -22.16 86.89
C ASP CB 166 -40.78 -21.20 85.92
N GLY CB 167 -40.03 -20.20 85.46
CA GLY CB 167 -40.52 -19.20 84.56
C GLY CB 167 -41.14 -18.03 85.29
N PRO CB 168 -41.39 -16.93 84.59
CA PRO CB 168 -41.95 -15.75 85.25
C PRO CB 168 -43.27 -16.07 85.93
N TYR CB 169 -43.47 -15.50 87.11
CA TYR CB 169 -44.69 -15.68 87.88
C TYR CB 169 -45.55 -14.43 87.79
N SER CB 170 -46.87 -14.64 87.86
CA SER CB 170 -47.82 -13.56 87.65
C SER CB 170 -48.97 -13.71 88.64
N VAL CB 171 -49.51 -12.56 89.06
CA VAL CB 171 -50.60 -12.49 90.02
C VAL CB 171 -51.79 -11.86 89.32
N LEU CB 172 -52.91 -12.58 89.30
CA LEU CB 172 -54.17 -12.07 88.76
C LEU CB 172 -55.08 -11.79 89.96
N LEU CB 173 -55.52 -10.55 90.09
CA LEU CB 173 -56.32 -10.13 91.23
C LEU CB 173 -57.74 -9.78 90.80
N SER CB 174 -58.68 -10.01 91.72
CA SER CB 174 -60.08 -9.74 91.46
C SER CB 174 -60.32 -8.23 91.42
N ALA CB 175 -61.52 -7.82 91.01
CA ALA CB 175 -61.86 -6.41 91.05
C ALA CB 175 -61.86 -5.89 92.48
N GLU CB 176 -62.50 -6.62 93.40
CA GLU CB 176 -62.64 -6.15 94.77
C GLU CB 176 -61.28 -6.15 95.46
N THR CB 177 -60.45 -7.16 95.20
CA THR CB 177 -59.12 -7.21 95.80
C THR CB 177 -58.18 -6.16 95.22
N TYR CB 178 -58.23 -5.94 93.91
CA TYR CB 178 -57.41 -4.93 93.28
C TYR CB 178 -57.78 -3.53 93.75
N THR CB 179 -59.08 -3.24 93.86
CA THR CB 179 -59.51 -1.98 94.44
C THR CB 179 -58.95 -1.81 95.85
N LYS CB 180 -58.98 -2.88 96.65
CA LYS CB 180 -58.49 -2.80 98.02
C LYS CB 180 -57.00 -2.49 98.05
N VAL CB 181 -56.20 -3.26 97.31
CA VAL CB 181 -54.76 -3.06 97.35
C VAL CB 181 -54.39 -1.72 96.74
N SER CB 182 -55.20 -1.21 95.82
CA SER CB 182 -54.90 0.09 95.20
C SER CB 182 -55.22 1.23 96.16
N GLU CB 183 -56.43 1.25 96.71
CA GLU CB 183 -56.81 2.33 97.63
C GLU CB 183 -55.94 2.31 98.88
N THR CB 184 -55.71 1.12 99.43
CA THR CB 184 -54.89 1.00 100.64
C THR CB 184 -53.44 1.37 100.33
N THR CB 185 -52.78 1.99 101.30
CA THR CB 185 -51.42 2.48 101.14
C THR CB 185 -50.61 2.19 102.39
N ALA CB 186 -49.29 2.16 102.22
CA ALA CB 186 -48.38 1.92 103.34
C ALA CB 186 -47.04 2.56 103.02
N HIS CB 187 -46.51 3.35 103.96
CA HIS CB 187 -45.21 4.00 103.80
C HIS CB 187 -45.15 4.83 102.53
N GLY CB 188 -46.30 5.34 102.09
CA GLY CB 188 -46.33 6.14 100.89
C GLY CB 188 -46.33 5.37 99.59
N TYR CB 189 -46.59 4.07 99.63
CA TYR CB 189 -46.80 3.28 98.42
C TYR CB 189 -48.03 2.39 98.56
N PRO CB 190 -48.76 2.14 97.48
CA PRO CB 190 -49.90 1.22 97.56
C PRO CB 190 -49.48 -0.21 97.88
N ILE CB 191 -50.41 -0.92 98.51
CA ILE CB 191 -50.22 -2.34 98.77
C ILE CB 191 -50.06 -3.09 97.47
N ARG CB 192 -50.61 -2.57 96.37
CA ARG CB 192 -50.40 -3.20 95.07
C ARG CB 192 -48.95 -3.14 94.65
N GLU CB 193 -48.29 -1.99 94.84
CA GLU CB 193 -46.85 -1.93 94.57
C GLU CB 193 -46.09 -2.85 95.51
N HIS CB 194 -46.50 -2.89 96.78
CA HIS CB 194 -45.91 -3.87 97.69
C HIS CB 194 -45.96 -5.27 97.10
N ILE CB 195 -47.12 -5.66 96.56
CA ILE CB 195 -47.25 -6.98 95.94
C ILE CB 195 -46.32 -7.10 94.73
N ASN CB 196 -46.35 -6.10 93.85
CA ASN CB 196 -45.56 -6.14 92.63
C ASN CB 196 -44.09 -6.37 92.93
N ARG CB 197 -43.59 -5.83 94.04
CA ARG CB 197 -42.18 -5.94 94.35
C ARG CB 197 -41.67 -7.39 94.37
N LEU CB 198 -42.56 -8.35 94.67
CA LEU CB 198 -42.13 -9.73 94.86
C LEU CB 198 -41.95 -10.48 93.54
N VAL CB 199 -42.94 -10.40 92.65
CA VAL CB 199 -42.95 -11.23 91.46
C VAL CB 199 -42.03 -10.65 90.40
N ASP CB 200 -41.70 -11.49 89.41
CA ASP CB 200 -40.90 -11.10 88.27
C ASP CB 200 -41.74 -10.70 87.07
N GLY CB 201 -43.00 -11.15 87.01
CA GLY CB 201 -43.86 -10.87 85.88
C GLY CB 201 -44.66 -9.60 86.03
N GLU CB 202 -45.99 -9.72 85.99
CA GLU CB 202 -46.88 -8.57 86.00
C GLU CB 202 -48.03 -8.81 86.96
N ILE CB 203 -48.68 -7.71 87.34
CA ILE CB 203 -49.92 -7.74 88.11
C ILE CB 203 -51.07 -7.51 87.12
N ILE CB 204 -52.10 -8.35 87.17
CA ILE CB 204 -53.16 -8.35 86.18
C ILE CB 204 -54.52 -8.19 86.84
N TRP CB 205 -55.39 -7.39 86.20
CA TRP CB 205 -56.79 -7.26 86.56
C TRP CB 205 -57.56 -8.51 86.13
N ALA CB 206 -58.33 -9.07 87.05
CA ALA CB 206 -59.21 -10.18 86.72
C ALA CB 206 -60.59 -9.95 87.32
N PRO CB 207 -61.40 -9.05 86.76
CA PRO CB 207 -62.69 -8.74 87.41
C PRO CB 207 -63.64 -9.91 87.43
N ALA CB 208 -63.61 -10.72 86.38
CA ALA CB 208 -64.51 -11.85 86.26
C ALA CB 208 -64.28 -12.89 87.35
N ILE CB 209 -63.01 -13.11 87.71
CA ILE CB 209 -62.68 -14.14 88.69
C ILE CB 209 -62.99 -13.61 90.08
N ASP CB 210 -63.02 -14.51 91.06
CA ASP CB 210 -63.26 -14.16 92.46
C ASP CB 210 -62.10 -14.69 93.27
N GLY CB 211 -61.38 -13.78 93.93
CA GLY CB 211 -60.24 -14.16 94.74
C GLY CB 211 -58.93 -13.66 94.18
N ALA CB 212 -57.95 -14.55 94.04
CA ALA CB 212 -56.66 -14.20 93.47
C ALA CB 212 -56.00 -15.48 92.96
N PHE CB 213 -55.02 -15.31 92.06
CA PHE CB 213 -54.34 -16.47 91.48
C PHE CB 213 -52.88 -16.12 91.26
N VAL CB 214 -51.98 -17.02 91.67
CA VAL CB 214 -50.56 -16.86 91.39
C VAL CB 214 -50.13 -18.04 90.51
N LEU CB 215 -49.63 -17.75 89.31
CA LEU CB 215 -49.36 -18.82 88.37
C LEU CB 215 -48.09 -18.54 87.56
N SER CB 216 -47.54 -19.61 87.01
CA SER CB 216 -46.35 -19.51 86.16
C SER CB 216 -46.74 -19.25 84.72
N THR CB 217 -45.84 -18.60 83.98
CA THR CB 217 -46.05 -18.29 82.57
C THR CB 217 -44.92 -18.83 81.71
N ARG CB 218 -44.26 -19.90 82.14
CA ARG CB 218 -43.23 -20.52 81.32
C ARG CB 218 -43.80 -20.99 79.99
N GLY CB 219 -45.01 -21.55 80.01
CA GLY CB 219 -45.65 -22.03 78.80
C GLY CB 219 -45.90 -23.52 78.82
N GLY CB 220 -46.91 -23.96 78.08
CA GLY CB 220 -47.22 -25.38 77.98
C GLY CB 220 -48.11 -25.92 79.08
N ASP CB 221 -48.68 -25.07 79.93
CA ASP CB 221 -49.53 -25.53 81.03
C ASP CB 221 -51.00 -25.18 80.85
N PHE CB 222 -51.32 -24.12 80.11
CA PHE CB 222 -52.71 -23.73 79.87
C PHE CB 222 -52.89 -23.49 78.38
N ASP CB 223 -54.02 -23.93 77.83
CA ASP CB 223 -54.30 -23.79 76.40
C ASP CB 223 -55.74 -23.33 76.22
N LEU CB 224 -55.91 -22.16 75.61
CA LEU CB 224 -57.23 -21.66 75.22
C LEU CB 224 -57.40 -21.94 73.73
N GLN CB 225 -58.23 -22.92 73.40
CA GLN CB 225 -58.47 -23.31 72.02
C GLN CB 225 -59.65 -22.52 71.47
N LEU CB 226 -59.43 -21.85 70.34
CA LEU CB 226 -60.47 -21.08 69.67
C LEU CB 226 -60.76 -21.67 68.31
N GLY CB 227 -62.04 -21.86 68.00
CA GLY CB 227 -62.43 -22.24 66.66
C GLY CB 227 -62.57 -21.00 65.80
N THR CB 228 -63.31 -20.02 66.31
CA THR CB 228 -63.43 -18.71 65.69
C THR CB 228 -63.31 -17.65 66.77
N ASP CB 229 -62.58 -16.57 66.47
CA ASP CB 229 -62.38 -15.50 67.43
C ASP CB 229 -63.66 -14.69 67.58
N VAL CB 230 -63.60 -13.62 68.36
CA VAL CB 230 -64.78 -12.80 68.61
C VAL CB 230 -65.25 -12.19 67.30
N SER CB 231 -66.55 -12.28 67.04
CA SER CB 231 -67.14 -11.74 65.83
C SER CB 231 -68.47 -11.08 66.17
N ILE CB 232 -68.90 -10.15 65.33
CA ILE CB 232 -70.16 -9.43 65.50
C ILE CB 232 -71.06 -9.75 64.32
N GLY CB 233 -72.31 -10.11 64.60
CA GLY CB 233 -73.26 -10.49 63.57
C GLY CB 233 -74.58 -9.77 63.64
N TYR CB 234 -75.50 -10.14 62.77
CA TYR CB 234 -76.80 -9.49 62.62
C TYR CB 234 -77.90 -10.53 62.63
N LEU CB 235 -78.96 -10.30 63.40
CA LEU CB 235 -80.11 -11.20 63.43
C LEU CB 235 -81.31 -10.64 62.69
N SER CB 236 -81.76 -9.45 63.06
CA SER CB 236 -82.93 -8.83 62.46
C SER CB 236 -82.86 -7.33 62.71
N HIS CB 237 -83.86 -6.60 62.20
CA HIS CB 237 -83.86 -5.15 62.32
C HIS CB 237 -85.30 -4.65 62.25
N ASP CB 238 -85.47 -3.39 62.63
CA ASP CB 238 -86.78 -2.76 62.72
C ASP CB 238 -86.62 -1.31 62.26
N ALA CB 239 -87.72 -0.58 62.22
CA ALA CB 239 -87.68 0.83 61.82
C ALA CB 239 -86.88 1.68 62.78
N GLU CB 240 -86.57 1.19 63.98
CA GLU CB 240 -85.89 1.97 65.00
C GLU CB 240 -84.58 1.35 65.47
N VAL CB 241 -84.48 0.02 65.47
CA VAL CB 241 -83.35 -0.68 66.10
C VAL CB 241 -82.85 -1.78 65.19
N VAL CB 242 -81.64 -2.25 65.50
CA VAL CB 242 -81.05 -3.42 64.86
C VAL CB 242 -80.55 -4.35 65.97
N HIS CB 243 -80.78 -5.65 65.81
CA HIS CB 243 -80.35 -6.63 66.78
C HIS CB 243 -79.09 -7.34 66.27
N LEU CB 244 -78.03 -7.29 67.07
CA LEU CB 244 -76.74 -7.87 66.74
C LEU CB 244 -76.32 -8.81 67.87
N TYR CB 245 -75.23 -9.54 67.64
CA TYR CB 245 -74.71 -10.44 68.65
C TYR CB 245 -73.20 -10.48 68.54
N MET CB 246 -72.54 -10.77 69.67
CA MET CB 246 -71.12 -11.05 69.70
C MET CB 246 -70.93 -12.52 70.01
N GLU CB 247 -70.11 -13.19 69.19
CA GLU CB 247 -70.02 -14.64 69.17
C GLU CB 247 -68.56 -15.07 69.25
N GLU CB 248 -68.32 -16.15 69.99
CA GLU CB 248 -67.00 -16.79 69.97
C GLU CB 248 -67.12 -18.26 70.35
N THR CB 249 -66.35 -19.10 69.68
CA THR CB 249 -66.35 -20.54 69.93
C THR CB 249 -65.01 -20.95 70.53
N MET CB 250 -65.05 -21.55 71.72
CA MET CB 250 -63.84 -21.75 72.49
C MET CB 250 -63.95 -22.98 73.38
N THR CB 251 -62.79 -23.35 73.93
CA THR CB 251 -62.69 -24.28 75.05
C THR CB 251 -61.35 -24.02 75.73
N PHE CB 252 -61.21 -24.53 76.95
CA PHE CB 252 -60.01 -24.32 77.75
C PHE CB 252 -59.51 -25.64 78.31
N LEU CB 253 -58.20 -25.82 78.32
CA LEU CB 253 -57.56 -27.01 78.85
C LEU CB 253 -56.40 -26.63 79.77
N CYS CB 254 -56.31 -27.32 80.91
CA CYS CB 254 -55.18 -27.20 81.82
C CYS CB 254 -54.44 -28.53 81.83
N TYR CB 255 -53.13 -28.49 81.63
CA TYR CB 255 -52.31 -29.68 81.55
C TYR CB 255 -51.45 -29.89 82.79
N THR CB 256 -50.92 -28.82 83.37
CA THR CB 256 -50.07 -28.89 84.55
C THR CB 256 -50.86 -28.37 85.74
N ALA CB 257 -51.13 -29.25 86.71
CA ALA CB 257 -51.91 -28.87 87.88
C ALA CB 257 -51.08 -28.16 88.94
N GLU CB 258 -49.75 -28.21 88.82
CA GLU CB 258 -48.86 -27.65 89.84
C GLU CB 258 -48.31 -26.28 89.49
N ALA CB 259 -48.77 -25.66 88.41
CA ALA CB 259 -48.26 -24.38 87.95
C ALA CB 259 -49.08 -23.18 88.43
N SER CB 260 -50.04 -23.41 89.32
CA SER CB 260 -50.91 -22.34 89.78
C SER CB 260 -51.28 -22.56 91.25
N VAL CB 261 -51.63 -21.47 91.92
CA VAL CB 261 -52.10 -21.47 93.30
C VAL CB 261 -53.29 -20.53 93.36
N ALA CB 262 -54.36 -20.97 94.01
CA ALA CB 262 -55.60 -20.21 94.08
C ALA CB 262 -55.80 -19.69 95.49
N LEU CB 263 -56.32 -18.46 95.60
CA LEU CB 263 -56.63 -17.84 96.88
C LEU CB 263 -58.09 -17.44 96.85
N THR CB 264 -58.86 -17.95 97.82
CA THR CB 264 -60.29 -17.75 97.85
C THR CB 264 -60.66 -16.60 98.78
N PRO CB 265 -61.71 -15.84 98.47
CA PRO CB 265 -62.09 -14.70 99.31
C PRO CB 265 -62.38 -15.09 100.75
N ASN DB 2 -47.26 -63.58 -44.03
CA ASN DB 2 -46.84 -63.90 -45.39
C ASN DB 2 -47.66 -65.06 -45.95
N ASN DB 3 -47.28 -65.53 -47.14
CA ASN DB 3 -48.05 -66.57 -47.81
C ASN DB 3 -47.92 -67.93 -47.15
N LEU DB 4 -47.00 -68.10 -46.21
CA LEU DB 4 -46.87 -69.38 -45.51
C LEU DB 4 -48.09 -69.64 -44.64
N TYR DB 5 -48.65 -68.59 -44.04
CA TYR DB 5 -49.81 -68.73 -43.16
C TYR DB 5 -49.51 -69.63 -41.96
N ARG DB 6 -48.34 -69.42 -41.37
CA ARG DB 6 -47.96 -70.19 -40.18
C ARG DB 6 -48.73 -69.76 -38.94
N ASP DB 7 -49.11 -68.49 -38.85
CA ASP DB 7 -49.84 -68.00 -37.69
C ASP DB 7 -51.18 -68.71 -37.51
N LEU DB 8 -51.69 -69.33 -38.57
CA LEU DB 8 -52.97 -70.03 -38.52
C LEU DB 8 -52.83 -71.51 -38.14
N ALA DB 9 -51.61 -72.01 -38.04
CA ALA DB 9 -51.42 -73.42 -37.75
C ALA DB 9 -51.46 -73.69 -36.25
N PRO DB 10 -52.03 -74.82 -35.82
CA PRO DB 10 -52.05 -75.16 -34.38
C PRO DB 10 -50.74 -75.76 -33.90
N ILE DB 11 -49.67 -74.99 -33.97
CA ILE DB 11 -48.33 -75.44 -33.62
C ILE DB 11 -47.67 -74.35 -32.78
N THR DB 12 -46.96 -74.77 -31.74
CA THR DB 12 -46.28 -73.85 -30.83
C THR DB 12 -44.91 -73.45 -31.38
N GLU DB 13 -44.32 -72.44 -30.75
CA GLU DB 13 -43.02 -71.94 -31.19
C GLU DB 13 -41.96 -73.02 -31.02
N SER DB 14 -42.00 -73.76 -29.91
CA SER DB 14 -41.00 -74.80 -29.68
C SER DB 14 -41.08 -75.90 -30.74
N ALA DB 15 -42.30 -76.34 -31.06
CA ALA DB 15 -42.45 -77.38 -32.08
C ALA DB 15 -42.04 -76.86 -33.44
N TRP DB 16 -42.35 -75.60 -33.75
CA TRP DB 16 -41.89 -75.00 -34.98
C TRP DB 16 -40.37 -75.03 -35.06
N ALA DB 17 -39.70 -74.65 -33.97
CA ALA DB 17 -38.24 -74.67 -33.94
C ALA DB 17 -37.70 -76.07 -34.14
N GLU DB 18 -38.30 -77.05 -33.48
CA GLU DB 18 -37.84 -78.43 -33.64
C GLU DB 18 -37.98 -78.88 -35.09
N ILE DB 19 -39.13 -78.61 -35.72
CA ILE DB 19 -39.34 -79.03 -37.09
C ILE DB 19 -38.35 -78.34 -38.03
N GLU DB 20 -38.14 -77.04 -37.85
CA GLU DB 20 -37.20 -76.31 -38.69
C GLU DB 20 -35.79 -76.88 -38.54
N LEU DB 21 -35.37 -77.13 -37.30
CA LEU DB 21 -34.03 -77.68 -37.07
C LEU DB 21 -33.87 -79.04 -37.72
N GLU DB 22 -34.87 -79.91 -37.55
CA GLU DB 22 -34.78 -81.26 -38.11
C GLU DB 22 -34.73 -81.22 -39.63
N ALA DB 23 -35.54 -80.37 -40.26
CA ALA DB 23 -35.52 -80.29 -41.71
C ALA DB 23 -34.20 -79.71 -42.22
N THR DB 24 -33.71 -78.65 -41.56
CA THR DB 24 -32.45 -78.04 -41.99
C THR DB 24 -31.30 -79.04 -41.91
N ARG DB 25 -31.22 -79.78 -40.80
CA ARG DB 25 -30.14 -80.74 -40.63
C ARG DB 25 -30.15 -81.78 -41.74
N THR DB 26 -31.32 -82.36 -42.01
CA THR DB 26 -31.40 -83.42 -43.01
C THR DB 26 -31.11 -82.91 -44.41
N PHE DB 27 -31.64 -81.73 -44.74
CA PHE DB 27 -31.38 -81.17 -46.07
C PHE DB 27 -29.90 -80.86 -46.25
N LYS DB 28 -29.27 -80.25 -45.25
CA LYS DB 28 -27.85 -79.94 -45.34
C LYS DB 28 -27.02 -81.22 -45.40
N ARG DB 29 -27.53 -82.31 -44.81
CA ARG DB 29 -26.85 -83.60 -44.96
C ARG DB 29 -26.95 -84.11 -46.38
N HIS DB 30 -28.14 -84.11 -46.96
CA HIS DB 30 -28.40 -84.79 -48.22
C HIS DB 30 -28.11 -83.94 -49.45
N ILE DB 31 -27.75 -82.67 -49.28
CA ILE DB 31 -27.52 -81.77 -50.40
C ILE DB 31 -26.03 -81.74 -50.73
N ALA DB 32 -25.71 -81.71 -52.03
CA ALA DB 32 -24.33 -81.73 -52.49
C ALA DB 32 -23.97 -80.63 -53.47
N GLY DB 33 -24.88 -80.26 -54.37
CA GLY DB 33 -24.54 -79.27 -55.40
C GLY DB 33 -24.18 -77.93 -54.81
N ARG DB 34 -24.83 -77.54 -53.72
CA ARG DB 34 -24.58 -76.25 -53.08
C ARG DB 34 -23.14 -76.12 -52.60
N ARG DB 35 -22.42 -77.23 -52.43
CA ARG DB 35 -21.04 -77.21 -52.00
C ARG DB 35 -20.05 -77.03 -53.13
N VAL DB 36 -20.49 -77.14 -54.39
CA VAL DB 36 -19.58 -77.05 -55.52
C VAL DB 36 -20.10 -76.09 -56.59
N VAL DB 37 -21.22 -75.42 -56.32
CA VAL DB 37 -21.78 -74.47 -57.28
C VAL DB 37 -21.99 -73.13 -56.58
N ASP DB 38 -21.69 -72.05 -57.31
CA ASP DB 38 -21.98 -70.71 -56.81
C ASP DB 38 -23.48 -70.54 -56.63
N VAL DB 39 -23.87 -69.87 -55.55
CA VAL DB 39 -25.28 -69.67 -55.21
C VAL DB 39 -25.57 -68.18 -55.23
N SER DB 40 -26.53 -67.78 -56.04
CA SER DB 40 -27.02 -66.39 -56.05
C SER DB 40 -28.14 -66.29 -55.01
N GLY DB 41 -27.87 -65.58 -53.93
CA GLY DB 41 -28.77 -65.53 -52.80
C GLY DB 41 -30.19 -65.16 -53.22
N PRO DB 42 -31.14 -65.40 -52.32
CA PRO DB 42 -32.55 -65.10 -52.65
C PRO DB 42 -32.72 -63.65 -53.08
N ASN DB 43 -33.38 -63.46 -54.22
CA ASN DB 43 -33.67 -62.13 -54.75
C ASN DB 43 -35.08 -61.67 -54.45
N GLY DB 44 -35.88 -62.47 -53.74
CA GLY DB 44 -37.20 -62.07 -53.33
C GLY DB 44 -38.29 -62.81 -54.09
N PRO DB 45 -39.50 -62.81 -53.53
CA PRO DB 45 -40.62 -63.49 -54.22
C PRO DB 45 -40.98 -62.86 -55.55
N THR DB 46 -40.62 -61.60 -55.77
CA THR DB 46 -40.90 -60.94 -57.03
C THR DB 46 -40.06 -61.46 -58.19
N THR DB 47 -38.98 -62.18 -57.91
CA THR DB 47 -38.10 -62.67 -58.96
C THR DB 47 -38.73 -63.87 -59.66
N ALA DB 48 -38.75 -63.83 -60.99
CA ALA DB 48 -39.39 -64.87 -61.79
C ALA DB 48 -38.51 -65.45 -62.88
N SER DB 49 -37.45 -64.75 -63.30
CA SER DB 49 -36.63 -65.23 -64.40
C SER DB 49 -35.23 -64.64 -64.27
N VAL DB 50 -34.29 -65.24 -64.99
CA VAL DB 50 -32.90 -64.81 -65.01
C VAL DB 50 -32.52 -64.48 -66.45
N SER DB 51 -32.09 -63.25 -66.70
CA SER DB 51 -31.70 -62.85 -68.03
C SER DB 51 -30.42 -63.57 -68.45
N THR DB 52 -30.32 -63.91 -69.74
CA THR DB 52 -29.10 -64.51 -70.26
C THR DB 52 -28.28 -63.53 -71.09
N GLY DB 53 -28.84 -62.37 -71.44
CA GLY DB 53 -28.13 -61.41 -72.25
C GLY DB 53 -28.12 -61.71 -73.73
N HIS DB 54 -28.78 -62.79 -74.15
CA HIS DB 54 -28.86 -63.16 -75.56
C HIS DB 54 -30.13 -62.59 -76.18
N LEU DB 55 -30.16 -62.62 -77.51
CA LEU DB 55 -31.28 -62.10 -78.29
C LEU DB 55 -31.82 -63.19 -79.20
N LEU DB 56 -33.12 -63.14 -79.47
CA LEU DB 56 -33.79 -64.09 -80.34
C LEU DB 56 -34.50 -63.33 -81.45
N ASP DB 57 -34.41 -63.87 -82.67
CA ASP DB 57 -35.03 -63.22 -83.82
C ASP DB 57 -36.54 -63.35 -83.75
N VAL DB 58 -37.25 -62.34 -84.25
CA VAL DB 58 -38.69 -62.27 -84.19
C VAL DB 58 -39.21 -61.43 -85.35
N SER DB 59 -40.42 -61.73 -85.79
CA SER DB 59 -41.01 -61.02 -86.91
C SER DB 59 -41.18 -59.54 -86.58
N PRO DB 60 -40.83 -58.62 -87.48
CA PRO DB 60 -40.90 -57.20 -87.13
C PRO DB 60 -42.33 -56.71 -87.10
N PRO DB 61 -42.62 -55.66 -86.35
CA PRO DB 61 -43.95 -55.04 -86.44
C PRO DB 61 -44.25 -54.49 -87.83
N GLY DB 62 -43.26 -53.98 -88.53
CA GLY DB 62 -43.50 -53.36 -89.81
C GLY DB 62 -42.21 -53.16 -90.58
N ASP DB 63 -42.32 -52.39 -91.67
CA ASP DB 63 -41.20 -52.19 -92.57
C ASP DB 63 -40.14 -51.30 -91.93
N GLY DB 64 -38.88 -51.58 -92.24
CA GLY DB 64 -37.78 -50.77 -91.75
C GLY DB 64 -37.50 -50.93 -90.27
N VAL DB 65 -37.99 -52.00 -89.64
CA VAL DB 65 -37.83 -52.22 -88.22
C VAL DB 65 -37.22 -53.59 -87.99
N ILE DB 66 -36.21 -53.66 -87.14
CA ILE DB 66 -35.55 -54.90 -86.77
C ILE DB 66 -35.93 -55.20 -85.32
N ALA DB 67 -36.46 -56.40 -85.08
CA ALA DB 67 -36.99 -56.77 -83.78
C ALA DB 67 -36.24 -57.99 -83.24
N HIS DB 68 -35.94 -57.96 -81.94
CA HIS DB 68 -35.30 -59.06 -81.25
C HIS DB 68 -35.91 -59.20 -79.86
N LEU DB 69 -36.00 -60.44 -79.39
CA LEU DB 69 -36.53 -60.73 -78.07
C LEU DB 69 -35.40 -61.07 -77.10
N ARG DB 70 -35.49 -60.50 -75.90
CA ARG DB 70 -34.53 -60.81 -74.85
C ARG DB 70 -34.79 -62.20 -74.29
N ASP DB 71 -33.72 -62.91 -73.95
CA ASP DB 71 -33.81 -64.31 -73.55
C ASP DB 71 -33.65 -64.44 -72.04
N ALA DB 72 -34.56 -65.19 -71.42
CA ALA DB 72 -34.55 -65.37 -69.97
C ALA DB 72 -34.88 -66.82 -69.65
N LYS DB 73 -34.38 -67.26 -68.50
CA LYS DB 73 -34.61 -68.60 -67.99
C LYS DB 73 -35.63 -68.51 -66.86
N PRO DB 74 -36.78 -69.17 -66.95
CA PRO DB 74 -37.78 -69.08 -65.87
C PRO DB 74 -37.35 -69.88 -64.64
N LEU DB 75 -37.91 -69.48 -63.51
CA LEU DB 75 -37.69 -70.16 -62.24
C LEU DB 75 -38.84 -71.13 -61.98
N VAL DB 76 -38.51 -72.25 -61.35
CA VAL DB 76 -39.48 -73.30 -61.07
C VAL DB 76 -39.61 -73.45 -59.56
N ARG DB 77 -40.84 -73.60 -59.09
CA ARG DB 77 -41.15 -73.76 -57.68
C ARG DB 77 -41.42 -75.23 -57.38
N LEU DB 78 -40.69 -75.79 -56.41
CA LEU DB 78 -40.84 -77.17 -55.99
C LEU DB 78 -41.47 -77.17 -54.61
N ARG DB 79 -42.57 -77.90 -54.47
CA ARG DB 79 -43.32 -78.02 -53.23
C ARG DB 79 -43.52 -79.49 -52.89
N VAL DB 80 -43.11 -79.88 -51.70
CA VAL DB 80 -43.25 -81.26 -51.23
C VAL DB 80 -44.14 -81.25 -49.99
N PRO DB 81 -45.34 -81.86 -50.03
CA PRO DB 81 -46.21 -81.87 -48.86
C PRO DB 81 -45.93 -83.03 -47.94
N PHE DB 82 -46.26 -82.83 -46.66
CA PHE DB 82 -46.15 -83.87 -45.65
C PHE DB 82 -47.15 -83.58 -44.54
N THR DB 83 -47.34 -84.57 -43.67
CA THR DB 83 -48.34 -84.53 -42.62
C THR DB 83 -47.69 -84.79 -41.27
N VAL DB 84 -48.16 -84.07 -40.25
CA VAL DB 84 -47.62 -84.19 -38.90
C VAL DB 84 -48.76 -84.41 -37.91
N ALA DB 85 -48.43 -85.06 -36.80
CA ALA DB 85 -49.43 -85.44 -35.79
C ALA DB 85 -49.50 -84.40 -34.67
N ARG DB 86 -50.73 -83.97 -34.38
CA ARG DB 86 -50.96 -82.99 -33.33
C ARG DB 86 -50.57 -83.51 -31.96
N ARG DB 87 -50.59 -84.82 -31.73
CA ARG DB 87 -50.13 -85.36 -30.46
C ARG DB 87 -48.62 -85.17 -30.28
N ASP DB 88 -47.83 -85.47 -31.31
CA ASP DB 88 -46.40 -85.18 -31.26
C ASP DB 88 -46.14 -83.69 -31.13
N ILE DB 89 -46.96 -82.86 -31.79
CA ILE DB 89 -46.81 -81.42 -31.63
C ILE DB 89 -47.05 -81.00 -30.19
N ASP DB 90 -48.12 -81.51 -29.58
CA ASP DB 90 -48.50 -81.08 -28.24
C ASP DB 90 -47.51 -81.57 -27.19
N ASP DB 91 -46.95 -82.76 -27.38
CA ASP DB 91 -46.05 -83.32 -26.38
C ASP DB 91 -44.82 -82.44 -26.14
N VAL DB 92 -44.45 -81.59 -27.10
CA VAL DB 92 -43.23 -80.80 -26.97
C VAL DB 92 -43.33 -79.86 -25.77
N GLU DB 93 -44.46 -79.16 -25.63
CA GLU DB 93 -44.60 -78.22 -24.53
C GLU DB 93 -44.61 -78.91 -23.18
N ARG DB 94 -44.80 -80.24 -23.16
CA ARG DB 94 -44.68 -81.03 -21.94
C ARG DB 94 -43.26 -81.49 -21.67
N GLY DB 95 -42.27 -80.85 -22.28
CA GLY DB 95 -40.90 -81.27 -22.12
C GLY DB 95 -40.57 -82.60 -22.73
N SER DB 96 -41.28 -82.98 -23.80
CA SER DB 96 -40.97 -84.20 -24.53
C SER DB 96 -39.95 -83.89 -25.61
N GLN DB 97 -38.94 -84.75 -25.74
CA GLN DB 97 -37.90 -84.60 -26.74
C GLN DB 97 -37.57 -85.92 -27.44
N ASP DB 98 -38.57 -86.75 -27.69
CA ASP DB 98 -38.44 -87.90 -28.58
C ASP DB 98 -39.53 -87.90 -29.65
N SER DB 99 -40.06 -86.73 -30.00
CA SER DB 99 -41.18 -86.65 -30.93
C SER DB 99 -40.77 -87.13 -32.32
N ASP DB 100 -41.73 -87.66 -33.07
CA ASP DB 100 -41.48 -88.23 -34.39
C ASP DB 100 -41.55 -87.12 -35.43
N TRP DB 101 -40.46 -86.95 -36.19
CA TRP DB 101 -40.37 -85.99 -37.28
C TRP DB 101 -39.94 -86.68 -38.57
N ASP DB 102 -40.22 -87.97 -38.67
CA ASP DB 102 -39.84 -88.75 -39.85
C ASP DB 102 -40.44 -88.20 -41.14
N PRO DB 103 -41.72 -87.81 -41.18
CA PRO DB 103 -42.22 -87.19 -42.41
C PRO DB 103 -41.46 -85.93 -42.79
N VAL DB 104 -41.08 -85.12 -41.80
CA VAL DB 104 -40.26 -83.95 -42.08
C VAL DB 104 -38.95 -84.35 -42.73
N LYS DB 105 -38.28 -85.35 -42.16
CA LYS DB 105 -37.00 -85.79 -42.71
C LYS DB 105 -37.17 -86.33 -44.12
N ASP DB 106 -38.23 -87.10 -44.36
CA ASP DB 106 -38.47 -87.65 -45.69
C ASP DB 106 -38.72 -86.55 -46.71
N ALA DB 107 -39.53 -85.55 -46.35
CA ALA DB 107 -39.78 -84.45 -47.27
C ALA DB 107 -38.50 -83.68 -47.58
N ALA DB 108 -37.69 -83.43 -46.56
CA ALA DB 108 -36.42 -82.75 -46.80
C ALA DB 108 -35.53 -83.56 -47.73
N LYS DB 109 -35.47 -84.87 -47.52
CA LYS DB 109 -34.68 -85.73 -48.41
C LYS DB 109 -35.19 -85.64 -49.84
N LYS DB 110 -36.52 -85.68 -50.00
CA LYS DB 110 -37.11 -85.63 -51.34
C LYS DB 110 -36.76 -84.32 -52.04
N LEU DB 111 -36.88 -83.20 -51.31
CA LEU DB 111 -36.56 -81.90 -51.91
C LEU DB 111 -35.09 -81.81 -52.29
N ALA DB 112 -34.20 -82.27 -51.40
CA ALA DB 112 -32.78 -82.25 -51.73
C ALA DB 112 -32.49 -83.10 -52.95
N PHE DB 113 -33.13 -84.27 -53.05
CA PHE DB 113 -32.87 -85.15 -54.18
C PHE DB 113 -33.34 -84.53 -55.48
N VAL DB 114 -34.53 -83.91 -55.49
CA VAL DB 114 -34.99 -83.28 -56.72
C VAL DB 114 -34.08 -82.13 -57.11
N GLU DB 115 -33.64 -81.33 -56.14
CA GLU DB 115 -32.75 -80.21 -56.45
C GLU DB 115 -31.44 -80.71 -57.06
N ASP DB 116 -30.83 -81.71 -56.41
CA ASP DB 116 -29.54 -82.20 -56.89
C ASP DB 116 -29.68 -82.88 -58.26
N ARG DB 117 -30.78 -83.61 -58.46
CA ARG DB 117 -31.01 -84.26 -59.75
C ARG DB 117 -31.27 -83.26 -60.86
N ALA DB 118 -31.96 -82.15 -60.58
CA ALA DB 118 -32.09 -81.09 -61.56
C ALA DB 118 -30.73 -80.46 -61.87
N ILE DB 119 -29.90 -80.26 -60.85
CA ILE DB 119 -28.59 -79.65 -61.07
C ILE DB 119 -27.72 -80.55 -61.94
N PHE DB 120 -27.68 -81.85 -61.64
CA PHE DB 120 -26.69 -82.74 -62.23
C PHE DB 120 -27.20 -83.56 -63.41
N GLU DB 121 -28.50 -83.59 -63.65
CA GLU DB 121 -29.08 -84.44 -64.69
C GLU DB 121 -30.04 -83.70 -65.62
N GLY DB 122 -30.70 -82.66 -65.14
CA GLY DB 122 -31.56 -81.84 -65.97
C GLY DB 122 -33.03 -82.07 -65.67
N TYR DB 123 -33.80 -80.98 -65.74
CA TYR DB 123 -35.25 -81.00 -65.59
C TYR DB 123 -35.79 -80.25 -66.81
N ALA DB 124 -36.11 -81.00 -67.86
CA ALA DB 124 -36.35 -80.39 -69.17
C ALA DB 124 -37.53 -79.44 -69.14
N ALA DB 125 -38.64 -79.84 -68.52
CA ALA DB 125 -39.83 -79.00 -68.54
C ALA DB 125 -39.58 -77.63 -67.95
N ALA DB 126 -38.60 -77.51 -67.04
CA ALA DB 126 -38.18 -76.24 -66.50
C ALA DB 126 -37.06 -75.60 -67.32
N SER DB 127 -36.77 -76.14 -68.50
CA SER DB 127 -35.71 -75.65 -69.36
C SER DB 127 -34.34 -75.70 -68.69
N ILE DB 128 -34.17 -76.66 -67.78
CA ILE DB 128 -32.93 -76.83 -67.04
C ILE DB 128 -32.11 -77.91 -67.72
N GLU DB 129 -31.00 -77.53 -68.33
CA GLU DB 129 -30.04 -78.48 -68.88
C GLU DB 129 -28.98 -78.79 -67.85
N GLY DB 130 -28.81 -80.06 -67.53
CA GLY DB 130 -27.92 -80.47 -66.46
C GLY DB 130 -26.46 -80.42 -66.86
N ILE DB 131 -25.61 -80.57 -65.84
CA ILE DB 131 -24.17 -80.61 -66.07
C ILE DB 131 -23.78 -81.76 -66.97
N ARG DB 132 -24.42 -82.92 -66.82
CA ARG DB 132 -24.10 -84.08 -67.64
C ARG DB 132 -24.28 -83.78 -69.13
N SER DB 133 -25.43 -83.21 -69.50
CA SER DB 133 -25.67 -82.90 -70.90
C SER DB 133 -24.82 -81.72 -71.37
N SER DB 134 -24.71 -80.67 -70.55
CA SER DB 134 -23.98 -79.48 -70.97
C SER DB 134 -22.48 -79.71 -71.04
N SER DB 135 -21.98 -80.79 -70.44
CA SER DB 135 -20.54 -81.06 -70.47
C SER DB 135 -20.09 -81.35 -71.89
N SER DB 136 -18.94 -80.76 -72.26
CA SER DB 136 -18.35 -80.97 -73.57
C SER DB 136 -17.27 -82.05 -73.56
N ASN DB 137 -16.57 -82.23 -72.45
CA ASN DB 137 -15.56 -83.27 -72.39
C ASN DB 137 -16.21 -84.65 -72.49
N PRO DB 138 -15.54 -85.62 -73.11
CA PRO DB 138 -16.16 -86.93 -73.31
C PRO DB 138 -16.49 -87.59 -71.98
N ALA DB 139 -17.61 -88.31 -71.95
CA ALA DB 139 -18.04 -89.02 -70.76
C ALA DB 139 -17.32 -90.35 -70.65
N LEU DB 140 -17.14 -90.81 -69.41
CA LEU DB 140 -16.49 -92.09 -69.14
C LEU DB 140 -17.47 -93.06 -68.51
N ALA DB 141 -17.02 -94.30 -68.35
CA ALA DB 141 -17.82 -95.37 -67.76
C ALA DB 141 -17.19 -95.80 -66.44
N LEU DB 142 -18.03 -95.90 -65.42
CA LEU DB 142 -17.56 -96.31 -64.10
C LEU DB 142 -17.40 -97.82 -64.09
N PRO DB 143 -16.20 -98.36 -63.84
CA PRO DB 143 -16.06 -99.82 -63.86
C PRO DB 143 -16.91 -100.51 -62.81
N ASP DB 144 -17.36 -101.71 -63.15
CA ASP DB 144 -18.16 -102.48 -62.19
C ASP DB 144 -17.37 -102.77 -60.92
N ASP DB 145 -16.09 -103.10 -61.07
CA ASP DB 145 -15.22 -103.31 -59.92
C ASP DB 145 -14.84 -101.98 -59.29
N ALA DB 146 -14.53 -102.00 -58.01
CA ALA DB 146 -14.16 -100.79 -57.29
C ALA DB 146 -12.67 -100.48 -57.37
N ARG DB 147 -11.86 -101.40 -57.88
CA ARG DB 147 -10.41 -101.21 -57.85
C ARG DB 147 -9.93 -100.32 -59.00
N GLU DB 148 -10.69 -100.22 -60.08
CA GLU DB 148 -10.28 -99.47 -61.27
C GLU DB 148 -10.84 -98.05 -61.29
N ILE DB 149 -11.66 -97.67 -60.31
CA ILE DB 149 -12.25 -96.33 -60.31
C ILE DB 149 -11.19 -95.25 -60.29
N PRO DB 150 -10.13 -95.34 -59.46
CA PRO DB 150 -9.13 -94.26 -59.45
C PRO DB 150 -8.48 -94.02 -60.81
N ASP DB 151 -8.29 -95.07 -61.60
CA ASP DB 151 -7.72 -94.88 -62.94
C ASP DB 151 -8.65 -94.02 -63.80
N VAL DB 152 -9.96 -94.28 -63.74
CA VAL DB 152 -10.91 -93.50 -64.51
C VAL DB 152 -10.95 -92.06 -64.03
N ILE DB 153 -10.85 -91.87 -62.71
CA ILE DB 153 -10.81 -90.51 -62.17
C ILE DB 153 -9.56 -89.78 -62.65
N ALA DB 154 -8.42 -90.47 -62.69
CA ALA DB 154 -7.22 -89.85 -63.22
C ALA DB 154 -7.37 -89.49 -64.69
N GLN DB 155 -8.03 -90.36 -65.46
CA GLN DB 155 -8.31 -90.04 -66.85
C GLN DB 155 -9.18 -88.79 -66.98
N ALA DB 156 -10.22 -88.68 -66.15
CA ALA DB 156 -11.10 -87.51 -66.20
C ALA DB 156 -10.34 -86.24 -65.83
N LEU DB 157 -9.50 -86.32 -64.79
CA LEU DB 157 -8.66 -85.17 -64.47
C LEU DB 157 -7.76 -84.82 -65.63
N SER DB 158 -7.19 -85.82 -66.30
CA SER DB 158 -6.38 -85.56 -67.49
C SER DB 158 -7.20 -84.85 -68.56
N GLU DB 159 -8.46 -85.23 -68.73
CA GLU DB 159 -9.27 -84.57 -69.76
C GLU DB 159 -9.55 -83.11 -69.42
N LEU DB 160 -10.09 -82.84 -68.23
CA LEU DB 160 -10.28 -81.46 -67.79
C LEU DB 160 -9.00 -80.65 -67.95
N ARG DB 161 -7.92 -81.22 -67.45
CA ARG DB 161 -6.66 -80.55 -67.25
C ARG DB 161 -5.87 -80.44 -68.55
N LEU DB 162 -6.23 -81.25 -69.53
CA LEU DB 162 -5.90 -80.96 -70.92
C LEU DB 162 -6.70 -79.78 -71.42
N ALA DB 163 -8.02 -79.79 -71.19
CA ALA DB 163 -8.89 -78.75 -71.75
C ALA DB 163 -8.50 -77.38 -71.25
N GLY DB 164 -7.81 -77.29 -70.11
CA GLY DB 164 -7.25 -76.03 -69.68
C GLY DB 164 -7.91 -75.40 -68.48
N VAL DB 165 -8.72 -76.13 -67.74
CA VAL DB 165 -9.39 -75.61 -66.57
C VAL DB 165 -8.50 -75.77 -65.36
N ASP DB 166 -8.59 -74.80 -64.44
CA ASP DB 166 -7.76 -74.79 -63.24
C ASP DB 166 -8.62 -74.69 -61.98
N GLY DB 167 -7.98 -74.50 -60.83
CA GLY DB 167 -8.67 -74.42 -59.57
C GLY DB 167 -8.84 -75.78 -58.93
N PRO DB 168 -9.22 -75.80 -57.66
CA PRO DB 168 -9.37 -77.09 -56.96
C PRO DB 168 -10.37 -77.98 -57.67
N TYR DB 169 -10.06 -79.27 -57.74
CA TYR DB 169 -10.92 -80.26 -58.36
C TYR DB 169 -11.62 -81.08 -57.28
N SER DB 170 -12.83 -81.54 -57.61
CA SER DB 170 -13.68 -82.22 -56.64
C SER DB 170 -14.40 -83.37 -57.31
N VAL DB 171 -14.62 -84.43 -56.55
CA VAL DB 171 -15.27 -85.64 -57.02
C VAL DB 171 -16.57 -85.82 -56.23
N LEU DB 172 -17.69 -85.88 -56.94
CA LEU DB 172 -18.99 -86.15 -56.36
C LEU DB 172 -19.37 -87.58 -56.75
N LEU DB 173 -19.60 -88.42 -55.75
CA LEU DB 173 -19.87 -89.83 -55.98
C LEU DB 173 -21.30 -90.17 -55.58
N SER DB 174 -21.87 -91.16 -56.29
CA SER DB 174 -23.24 -91.59 -56.05
C SER DB 174 -23.30 -92.34 -54.72
N ALA DB 175 -24.51 -92.65 -54.27
CA ALA DB 175 -24.66 -93.45 -53.07
C ALA DB 175 -24.09 -94.84 -53.27
N GLU DB 176 -24.43 -95.49 -54.39
CA GLU DB 176 -24.00 -96.85 -54.63
C GLU DB 176 -22.49 -96.91 -54.84
N THR DB 177 -21.92 -95.93 -55.54
CA THR DB 177 -20.48 -95.90 -55.76
C THR DB 177 -19.72 -95.56 -54.48
N TYR DB 178 -20.22 -94.63 -53.68
CA TYR DB 178 -19.58 -94.28 -52.43
C TYR DB 178 -19.60 -95.45 -51.45
N THR DB 179 -20.74 -96.15 -51.35
CA THR DB 179 -20.79 -97.36 -50.54
C THR DB 179 -19.74 -98.36 -51.00
N LYS DB 180 -19.59 -98.53 -52.32
CA LYS DB 180 -18.63 -99.48 -52.85
C LYS DB 180 -17.21 -99.11 -52.46
N VAL DB 181 -16.82 -97.85 -52.74
CA VAL DB 181 -15.44 -97.45 -52.46
C VAL DB 181 -15.18 -97.42 -50.96
N SER DB 182 -16.21 -97.23 -50.14
CA SER DB 182 -16.02 -97.22 -48.70
C SER DB 182 -15.84 -98.63 -48.16
N GLU DB 183 -16.76 -99.54 -48.49
CA GLU DB 183 -16.66 -100.91 -48.00
C GLU DB 183 -15.41 -101.59 -48.53
N THR DB 184 -15.11 -101.40 -49.82
CA THR DB 184 -13.94 -102.01 -50.41
C THR DB 184 -12.67 -101.40 -49.83
N THR DB 185 -11.63 -102.22 -49.68
CA THR DB 185 -10.39 -101.81 -49.06
C THR DB 185 -9.21 -102.38 -49.83
N ALA DB 186 -8.06 -101.74 -49.68
CA ALA DB 186 -6.83 -102.20 -50.32
C ALA DB 186 -5.64 -101.73 -49.51
N HIS DB 187 -4.73 -102.66 -49.20
CA HIS DB 187 -3.51 -102.35 -48.45
C HIS DB 187 -3.83 -101.67 -47.12
N GLY DB 188 -4.99 -101.99 -46.56
CA GLY DB 188 -5.38 -101.41 -45.30
C GLY DB 188 -5.94 -100.01 -45.37
N TYR DB 189 -6.31 -99.52 -46.56
CA TYR DB 189 -7.01 -98.27 -46.71
C TYR DB 189 -8.20 -98.43 -47.67
N PRO DB 190 -9.30 -97.71 -47.44
CA PRO DB 190 -10.42 -97.77 -48.39
C PRO DB 190 -10.07 -97.21 -49.76
N ILE DB 191 -10.78 -97.75 -50.75
CA ILE DB 191 -10.64 -97.24 -52.10
C ILE DB 191 -11.05 -95.78 -52.16
N ARG DB 192 -11.92 -95.34 -51.24
CA ARG DB 192 -12.26 -93.92 -51.16
C ARG DB 192 -11.05 -93.07 -50.79
N GLU DB 193 -10.26 -93.51 -49.82
CA GLU DB 193 -9.02 -92.78 -49.51
C GLU DB 193 -8.08 -92.84 -50.70
N HIS DB 194 -7.99 -93.99 -51.36
CA HIS DB 194 -7.22 -94.06 -52.60
C HIS DB 194 -7.63 -92.96 -53.57
N ILE DB 195 -8.94 -92.78 -53.76
CA ILE DB 195 -9.43 -91.71 -54.64
C ILE DB 195 -9.02 -90.34 -54.11
N ASN DB 196 -9.26 -90.10 -52.82
CA ASN DB 196 -8.99 -88.80 -52.22
C ASN DB 196 -7.54 -88.38 -52.44
N ARG DB 197 -6.62 -89.35 -52.44
CA ARG DB 197 -5.21 -89.02 -52.57
C ARG DB 197 -4.90 -88.20 -53.81
N LEU DB 198 -5.70 -88.32 -54.86
CA LEU DB 198 -5.39 -87.68 -56.15
C LEU DB 198 -5.78 -86.21 -56.18
N VAL DB 199 -7.00 -85.89 -55.77
CA VAL DB 199 -7.54 -84.55 -55.95
C VAL DB 199 -7.01 -83.62 -54.86
N ASP DB 200 -7.15 -82.32 -55.13
CA ASP DB 200 -6.78 -81.28 -54.18
C ASP DB 200 -7.97 -80.80 -53.35
N GLY DB 201 -9.20 -81.02 -53.82
CA GLY DB 201 -10.37 -80.55 -53.11
C GLY DB 201 -10.94 -81.56 -52.14
N GLU DB 202 -12.20 -81.96 -52.33
CA GLU DB 202 -12.88 -82.82 -51.38
C GLU DB 202 -13.62 -83.92 -52.14
N ILE DB 203 -13.97 -84.98 -51.40
CA ILE DB 203 -14.84 -86.03 -51.88
C ILE DB 203 -16.23 -85.78 -51.32
N ILE DB 204 -17.25 -85.82 -52.17
CA ILE DB 204 -18.61 -85.40 -51.79
C ILE DB 204 -19.60 -86.52 -52.07
N TRP DB 205 -20.55 -86.68 -51.15
CA TRP DB 205 -21.71 -87.56 -51.30
C TRP DB 205 -22.70 -86.92 -52.27
N ALA DB 206 -23.14 -87.69 -53.26
CA ALA DB 206 -24.21 -87.24 -54.16
C ALA DB 206 -25.24 -88.35 -54.35
N PRO DB 207 -26.09 -88.61 -53.36
CA PRO DB 207 -27.01 -89.76 -53.49
C PRO DB 207 -28.00 -89.59 -54.61
N ALA DB 208 -28.45 -88.36 -54.84
CA ALA DB 208 -29.45 -88.07 -55.86
C ALA DB 208 -28.94 -88.39 -57.25
N ILE DB 209 -27.67 -88.11 -57.52
CA ILE DB 209 -27.12 -88.30 -58.85
C ILE DB 209 -26.82 -89.78 -59.05
N ASP DB 210 -26.59 -90.16 -60.30
CA ASP DB 210 -26.27 -91.55 -60.66
C ASP DB 210 -24.95 -91.53 -61.42
N GLY DB 211 -23.95 -92.20 -60.86
CA GLY DB 211 -22.64 -92.27 -61.48
C GLY DB 211 -21.58 -91.55 -60.67
N ALA DB 212 -20.83 -90.68 -61.31
CA ALA DB 212 -19.80 -89.89 -60.63
C ALA DB 212 -19.51 -88.65 -61.47
N PHE DB 213 -18.92 -87.64 -60.82
CA PHE DB 213 -18.63 -86.39 -61.51
C PHE DB 213 -17.32 -85.83 -60.98
N VAL DB 214 -16.43 -85.42 -61.89
CA VAL DB 214 -15.20 -84.72 -61.51
C VAL DB 214 -15.25 -83.32 -62.09
N LEU DB 215 -15.19 -82.30 -61.25
CA LEU DB 215 -15.40 -80.94 -61.73
C LEU DB 215 -14.50 -79.95 -61.00
N SER DB 216 -14.30 -78.81 -61.64
CA SER DB 216 -13.50 -77.74 -61.07
C SER DB 216 -14.37 -76.83 -60.20
N THR DB 217 -13.73 -76.20 -59.22
CA THR DB 217 -14.40 -75.29 -58.30
C THR DB 217 -13.73 -73.91 -58.27
N ARG DB 218 -13.08 -73.54 -59.37
CA ARG DB 218 -12.48 -72.21 -59.45
C ARG DB 218 -13.55 -71.13 -59.29
N GLY DB 219 -14.72 -71.33 -59.89
CA GLY DB 219 -15.80 -70.38 -59.80
C GLY DB 219 -16.19 -69.80 -61.14
N GLY DB 220 -17.45 -69.37 -61.28
CA GLY DB 220 -17.92 -68.76 -62.51
C GLY DB 220 -18.38 -69.72 -63.57
N ASP DB 221 -18.52 -71.02 -63.27
CA ASP DB 221 -18.95 -72.00 -64.24
C ASP DB 221 -20.34 -72.56 -63.97
N PHE DB 222 -20.80 -72.58 -62.72
CA PHE DB 222 -22.12 -73.07 -62.39
C PHE DB 222 -22.81 -72.05 -61.49
N ASP DB 223 -24.10 -71.83 -61.72
CA ASP DB 223 -24.86 -70.84 -60.96
C ASP DB 223 -26.22 -71.44 -60.57
N LEU DB 224 -26.47 -71.54 -59.28
CA LEU DB 224 -27.77 -71.95 -58.76
C LEU DB 224 -28.52 -70.69 -58.33
N GLN DB 225 -29.51 -70.28 -59.12
CA GLN DB 225 -30.27 -69.07 -58.83
C GLN DB 225 -31.48 -69.43 -57.98
N LEU DB 226 -31.62 -68.74 -56.85
CA LEU DB 226 -32.74 -68.95 -55.94
C LEU DB 226 -33.57 -67.68 -55.86
N GLY DB 227 -34.88 -67.82 -55.98
CA GLY DB 227 -35.78 -66.71 -55.72
C GLY DB 227 -36.09 -66.64 -54.24
N THR DB 228 -36.48 -67.77 -53.68
CA THR DB 228 -36.67 -67.92 -52.24
C THR DB 228 -36.06 -69.24 -51.81
N ASP DB 229 -35.39 -69.22 -50.65
CA ASP DB 229 -34.73 -70.41 -50.14
C ASP DB 229 -35.77 -71.38 -49.61
N VAL DB 230 -35.32 -72.48 -49.02
CA VAL DB 230 -36.23 -73.50 -48.50
C VAL DB 230 -37.08 -72.89 -47.40
N SER DB 231 -38.39 -73.13 -47.46
CA SER DB 231 -39.32 -72.62 -46.47
C SER DB 231 -40.36 -73.69 -46.17
N ILE DB 232 -40.96 -73.59 -44.98
CA ILE DB 232 -42.00 -74.53 -44.53
C ILE DB 232 -43.29 -73.77 -44.33
N GLY DB 233 -44.38 -74.30 -44.88
CA GLY DB 233 -45.67 -73.64 -44.82
C GLY DB 233 -46.80 -74.53 -44.33
N TYR DB 234 -48.00 -73.99 -44.32
CA TYR DB 234 -49.19 -74.65 -43.79
C TYR DB 234 -50.32 -74.59 -44.81
N LEU DB 235 -50.99 -75.71 -45.04
CA LEU DB 235 -52.14 -75.74 -45.94
C LEU DB 235 -53.45 -75.85 -45.19
N SER DB 236 -53.61 -76.87 -44.36
CA SER DB 236 -54.85 -77.10 -43.64
C SER DB 236 -54.53 -77.97 -42.42
N HIS DB 237 -55.56 -78.26 -41.62
CA HIS DB 237 -55.36 -79.03 -40.41
C HIS DB 237 -56.67 -79.73 -40.05
N ASP DB 238 -56.56 -80.68 -39.13
CA ASP DB 238 -57.67 -81.53 -38.72
C ASP DB 238 -57.53 -81.76 -37.21
N ALA DB 239 -58.49 -82.48 -36.64
CA ALA DB 239 -58.45 -82.79 -35.22
C ALA DB 239 -57.26 -83.66 -34.84
N GLU DB 240 -56.59 -84.28 -35.81
CA GLU DB 240 -55.51 -85.21 -35.54
C GLU DB 240 -54.20 -84.82 -36.20
N VAL DB 241 -54.23 -84.18 -37.37
CA VAL DB 241 -53.04 -83.95 -38.17
C VAL DB 241 -53.02 -82.51 -38.68
N VAL DB 242 -51.84 -82.11 -39.15
CA VAL DB 242 -51.65 -80.82 -39.83
C VAL DB 242 -50.89 -81.11 -41.12
N HIS DB 243 -51.30 -80.47 -42.21
CA HIS DB 243 -50.64 -80.64 -43.50
C HIS DB 243 -49.74 -79.44 -43.78
N LEU DB 244 -48.47 -79.71 -44.01
CA LEU DB 244 -47.46 -78.70 -44.26
C LEU DB 244 -46.76 -79.02 -45.58
N TYR DB 245 -45.91 -78.10 -46.03
CA TYR DB 245 -45.16 -78.31 -47.26
C TYR DB 245 -43.80 -77.64 -47.13
N MET DB 246 -42.81 -78.18 -47.85
CA MET DB 246 -41.51 -77.55 -47.99
C MET DB 246 -41.37 -77.04 -49.41
N GLU DB 247 -41.00 -75.78 -49.56
CA GLU DB 247 -41.07 -75.05 -50.82
C GLU DB 247 -39.74 -74.37 -51.11
N GLU DB 248 -39.36 -74.38 -52.39
CA GLU DB 248 -38.22 -73.59 -52.84
C GLU DB 248 -38.34 -73.27 -54.31
N THR DB 249 -37.97 -72.04 -54.69
CA THR DB 249 -38.03 -71.58 -56.07
C THR DB 249 -36.62 -71.39 -56.60
N MET DB 250 -36.28 -72.09 -57.69
CA MET DB 250 -34.90 -72.16 -58.12
C MET DB 250 -34.80 -72.36 -59.63
N THR DB 251 -33.58 -72.20 -60.11
CA THR DB 251 -33.17 -72.64 -61.44
C THR DB 251 -31.66 -72.81 -61.42
N PHE DB 252 -31.14 -73.50 -62.43
CA PHE DB 252 -29.71 -73.80 -62.52
C PHE DB 252 -29.20 -73.46 -63.90
N LEU DB 253 -27.98 -72.90 -63.96
CA LEU DB 253 -27.33 -72.54 -65.20
C LEU DB 253 -25.88 -73.03 -65.20
N CYS DB 254 -25.46 -73.60 -66.33
CA CYS DB 254 -24.07 -73.97 -66.55
C CYS DB 254 -23.51 -73.09 -67.67
N TYR DB 255 -22.38 -72.46 -67.43
CA TYR DB 255 -21.76 -71.54 -68.38
C TYR DB 255 -20.55 -72.13 -69.07
N THR DB 256 -19.74 -72.89 -68.34
CA THR DB 256 -18.52 -73.51 -68.89
C THR DB 256 -18.76 -75.00 -69.05
N ALA DB 257 -18.75 -75.46 -70.30
CA ALA DB 257 -19.01 -76.87 -70.57
C ALA DB 257 -17.78 -77.75 -70.37
N GLU DB 258 -16.60 -77.14 -70.25
CA GLU DB 258 -15.35 -77.89 -70.16
C GLU DB 258 -14.82 -78.03 -68.74
N ALA DB 259 -15.58 -77.61 -67.73
CA ALA DB 259 -15.12 -77.63 -66.34
C ALA DB 259 -15.59 -78.88 -65.59
N SER DB 260 -16.17 -79.85 -66.28
CA SER DB 260 -16.69 -81.05 -65.62
C SER DB 260 -16.52 -82.25 -66.52
N VAL DB 261 -16.49 -83.42 -65.90
CA VAL DB 261 -16.43 -84.72 -66.58
C VAL DB 261 -17.40 -85.63 -65.88
N ALA DB 262 -18.20 -86.36 -66.66
CA ALA DB 262 -19.24 -87.22 -66.13
C ALA DB 262 -18.86 -88.69 -66.34
N LEU DB 263 -19.16 -89.52 -65.35
CA LEU DB 263 -18.92 -90.95 -65.43
C LEU DB 263 -20.24 -91.67 -65.18
N THR DB 264 -20.65 -92.49 -66.14
CA THR DB 264 -21.94 -93.14 -66.10
C THR DB 264 -21.81 -94.56 -65.55
N PRO DB 265 -22.82 -95.05 -64.81
CA PRO DB 265 -22.75 -96.39 -64.23
C PRO DB 265 -22.53 -97.48 -65.27
N ASN EB 2 -49.24 -71.17 -26.94
CA ASN EB 2 -49.15 -72.38 -26.12
C ASN EB 2 -50.12 -73.44 -26.65
N ASN EB 3 -50.24 -74.54 -25.91
CA ASN EB 3 -51.05 -75.67 -26.36
C ASN EB 3 -52.55 -75.38 -26.30
N LEU EB 4 -52.96 -74.29 -25.66
CA LEU EB 4 -54.38 -73.95 -25.61
C LEU EB 4 -54.90 -73.57 -26.99
N TYR EB 5 -54.06 -72.91 -27.80
CA TYR EB 5 -54.45 -72.48 -29.13
C TYR EB 5 -55.65 -71.54 -29.09
N ARG EB 6 -55.61 -70.59 -28.16
CA ARG EB 6 -56.67 -69.59 -28.05
C ARG EB 6 -56.62 -68.56 -29.17
N ASP EB 7 -55.42 -68.25 -29.68
CA ASP EB 7 -55.30 -67.27 -30.76
C ASP EB 7 -56.05 -67.70 -32.01
N LEU EB 8 -56.34 -68.98 -32.15
CA LEU EB 8 -57.05 -69.49 -33.32
C LEU EB 8 -58.57 -69.50 -33.15
N ALA EB 9 -59.07 -69.17 -31.96
CA ALA EB 9 -60.50 -69.24 -31.72
C ALA EB 9 -61.18 -67.93 -32.17
N PRO EB 10 -62.39 -68.00 -32.72
CA PRO EB 10 -63.12 -66.78 -33.11
C PRO EB 10 -63.82 -66.13 -31.93
N ILE EB 11 -63.04 -65.66 -30.96
CA ILE EB 11 -63.55 -65.06 -29.74
C ILE EB 11 -62.74 -63.81 -29.44
N THR EB 12 -63.43 -62.75 -29.01
CA THR EB 12 -62.79 -61.48 -28.71
C THR EB 12 -62.24 -61.48 -27.28
N GLU EB 13 -61.43 -60.46 -26.99
CA GLU EB 13 -60.82 -60.34 -25.67
C GLU EB 13 -61.89 -60.17 -24.60
N SER EB 14 -62.91 -59.36 -24.88
CA SER EB 14 -63.96 -59.13 -23.89
C SER EB 14 -64.72 -60.41 -23.57
N ALA EB 15 -65.07 -61.18 -24.60
CA ALA EB 15 -65.78 -62.44 -24.36
C ALA EB 15 -64.88 -63.44 -23.63
N TRP EB 16 -63.60 -63.47 -23.97
CA TRP EB 16 -62.67 -64.31 -23.25
C TRP EB 16 -62.65 -63.94 -21.77
N ALA EB 17 -62.59 -62.64 -21.47
CA ALA EB 17 -62.60 -62.20 -20.08
C ALA EB 17 -63.88 -62.59 -19.37
N GLU EB 18 -65.02 -62.42 -20.04
CA GLU EB 18 -66.29 -62.80 -19.42
C GLU EB 18 -66.32 -64.29 -19.11
N ILE EB 19 -65.89 -65.13 -20.06
CA ILE EB 19 -65.91 -66.57 -19.84
C ILE EB 19 -64.97 -66.95 -18.69
N GLU EB 20 -63.77 -66.38 -18.67
CA GLU EB 20 -62.83 -66.69 -17.61
C GLU EB 20 -63.40 -66.28 -16.25
N LEU EB 21 -63.97 -65.09 -16.16
CA LEU EB 21 -64.55 -64.63 -14.90
C LEU EB 21 -65.67 -65.55 -14.43
N GLU EB 22 -66.57 -65.91 -15.35
CA GLU EB 22 -67.70 -66.76 -14.98
C GLU EB 22 -67.24 -68.13 -14.52
N ALA EB 23 -66.26 -68.72 -15.20
CA ALA EB 23 -65.77 -70.03 -14.79
C ALA EB 23 -65.05 -69.95 -13.44
N THR EB 24 -64.22 -68.92 -13.25
CA THR EB 24 -63.50 -68.79 -11.98
C THR EB 24 -64.46 -68.64 -10.82
N ARG EB 25 -65.49 -67.79 -10.97
CA ARG EB 25 -66.43 -67.57 -9.90
C ARG EB 25 -67.12 -68.87 -9.50
N THR EB 26 -67.62 -69.61 -10.49
CA THR EB 26 -68.36 -70.84 -10.19
C THR EB 26 -67.47 -71.90 -9.58
N PHE EB 27 -66.25 -72.05 -10.10
CA PHE EB 27 -65.33 -73.05 -9.53
C PHE EB 27 -64.97 -72.70 -8.09
N LYS EB 28 -64.66 -71.42 -7.83
CA LYS EB 28 -64.32 -71.02 -6.47
C LYS EB 28 -65.52 -71.17 -5.55
N ARG EB 29 -66.73 -71.06 -6.09
CA ARG EB 29 -67.92 -71.34 -5.29
C ARG EB 29 -68.02 -72.82 -4.93
N HIS EB 30 -67.86 -73.70 -5.91
CA HIS EB 30 -68.17 -75.10 -5.74
C HIS EB 30 -67.01 -75.93 -5.20
N ILE EB 31 -65.83 -75.33 -5.03
CA ILE EB 31 -64.64 -76.06 -4.58
C ILE EB 31 -64.51 -75.91 -3.07
N ALA EB 32 -64.11 -77.00 -2.41
CA ALA EB 32 -63.98 -77.03 -0.96
C ALA EB 32 -62.64 -77.53 -0.44
N GLY EB 33 -62.04 -78.53 -1.10
CA GLY EB 33 -60.81 -79.10 -0.57
C GLY EB 33 -59.67 -78.10 -0.52
N ARG EB 34 -59.62 -77.19 -1.49
CA ARG EB 34 -58.56 -76.19 -1.54
C ARG EB 34 -58.56 -75.29 -0.31
N ARG EB 35 -59.66 -75.22 0.43
CA ARG EB 35 -59.74 -74.41 1.63
C ARG EB 35 -59.23 -75.11 2.88
N VAL EB 36 -59.00 -76.42 2.81
CA VAL EB 36 -58.58 -77.17 3.99
C VAL EB 36 -57.36 -78.05 3.70
N VAL EB 37 -56.81 -77.96 2.49
CA VAL EB 37 -55.63 -78.74 2.13
C VAL EB 37 -54.54 -77.81 1.61
N ASP EB 38 -53.31 -78.11 1.99
CA ASP EB 38 -52.16 -77.38 1.45
C ASP EB 38 -52.07 -77.61 -0.04
N VAL EB 39 -51.73 -76.55 -0.78
CA VAL EB 39 -51.65 -76.60 -2.24
C VAL EB 39 -50.22 -76.30 -2.65
N SER EB 40 -49.62 -77.23 -3.38
CA SER EB 40 -48.30 -77.01 -3.98
C SER EB 40 -48.50 -76.36 -5.35
N GLY EB 41 -48.12 -75.10 -5.46
CA GLY EB 41 -48.40 -74.31 -6.64
C GLY EB 41 -47.95 -75.01 -7.91
N PRO EB 42 -48.44 -74.53 -9.06
CA PRO EB 42 -48.08 -75.18 -10.33
C PRO EB 42 -46.57 -75.23 -10.52
N ASN EB 43 -46.07 -76.42 -10.85
CA ASN EB 43 -44.65 -76.64 -11.10
C ASN EB 43 -44.32 -76.66 -12.58
N GLY EB 44 -45.29 -76.45 -13.46
CA GLY EB 44 -45.05 -76.36 -14.88
C GLY EB 44 -45.56 -77.57 -15.64
N PRO EB 45 -45.73 -77.42 -16.95
CA PRO EB 45 -46.20 -78.55 -17.76
C PRO EB 45 -45.22 -79.72 -17.80
N THR EB 46 -43.95 -79.48 -17.51
CA THR EB 46 -42.96 -80.55 -17.49
C THR EB 46 -43.12 -81.50 -16.32
N THR EB 47 -43.89 -81.12 -15.29
CA THR EB 47 -44.05 -81.95 -14.12
C THR EB 47 -45.01 -83.10 -14.41
N ALA EB 48 -44.60 -84.31 -14.06
CA ALA EB 48 -45.38 -85.51 -14.35
C ALA EB 48 -45.62 -86.41 -13.15
N SER EB 49 -44.82 -86.30 -12.10
CA SER EB 49 -44.96 -87.19 -10.95
C SER EB 49 -44.41 -86.50 -9.71
N VAL EB 50 -44.77 -87.05 -8.56
CA VAL EB 50 -44.33 -86.54 -7.26
C VAL EB 50 -43.61 -87.67 -6.53
N SER EB 51 -42.35 -87.45 -6.16
CA SER EB 51 -41.58 -88.45 -5.46
C SER EB 51 -42.14 -88.65 -4.05
N THR EB 52 -42.11 -89.90 -3.57
CA THR EB 52 -42.52 -90.18 -2.20
C THR EB 52 -41.34 -90.44 -1.27
N GLY EB 53 -40.13 -90.61 -1.82
CA GLY EB 53 -38.97 -90.89 -1.01
C GLY EB 53 -38.85 -92.34 -0.56
N HIS EB 54 -39.77 -93.20 -0.97
CA HIS EB 54 -39.74 -94.61 -0.62
C HIS EB 54 -39.02 -95.40 -1.71
N LEU EB 55 -38.68 -96.65 -1.37
CA LEU EB 55 -37.98 -97.55 -2.27
C LEU EB 55 -38.78 -98.84 -2.44
N LEU EB 56 -38.67 -99.45 -3.60
CA LEU EB 56 -39.34 -100.70 -3.92
C LEU EB 56 -38.31 -101.73 -4.36
N ASP EB 57 -38.48 -102.96 -3.89
CA ASP EB 57 -37.55 -104.03 -4.21
C ASP EB 57 -37.71 -104.45 -5.66
N VAL EB 58 -36.60 -104.84 -6.30
CA VAL EB 58 -36.58 -105.20 -7.70
C VAL EB 58 -35.45 -106.19 -7.95
N SER EB 59 -35.63 -107.02 -8.96
CA SER EB 59 -34.64 -108.04 -9.28
C SER EB 59 -33.32 -107.39 -9.67
N PRO EB 60 -32.18 -107.87 -9.17
CA PRO EB 60 -30.92 -107.21 -9.47
C PRO EB 60 -30.47 -107.46 -10.90
N PRO EB 61 -29.68 -106.57 -11.49
CA PRO EB 61 -29.07 -106.89 -12.78
C PRO EB 61 -28.16 -108.11 -12.74
N GLY EB 62 -27.46 -108.31 -11.64
CA GLY EB 62 -26.50 -109.40 -11.58
C GLY EB 62 -26.08 -109.68 -10.15
N ASP EB 63 -25.04 -110.51 -10.03
CA ASP EB 63 -24.58 -110.95 -8.72
C ASP EB 63 -23.89 -109.82 -7.97
N GLY EB 64 -24.06 -109.80 -6.66
CA GLY EB 64 -23.41 -108.82 -5.81
C GLY EB 64 -23.97 -107.42 -5.94
N VAL EB 65 -25.18 -107.27 -6.48
CA VAL EB 65 -25.78 -105.97 -6.71
C VAL EB 65 -27.16 -105.96 -6.05
N ILE EB 66 -27.45 -104.89 -5.32
CA ILE EB 66 -28.74 -104.68 -4.67
C ILE EB 66 -29.44 -103.55 -5.41
N ALA EB 67 -30.66 -103.80 -5.87
CA ALA EB 67 -31.40 -102.86 -6.71
C ALA EB 67 -32.70 -102.46 -6.03
N HIS EB 68 -33.03 -101.18 -6.10
CA HIS EB 68 -34.28 -100.65 -5.58
C HIS EB 68 -34.81 -99.59 -6.53
N LEU EB 69 -36.13 -99.51 -6.63
CA LEU EB 69 -36.79 -98.52 -7.48
C LEU EB 69 -37.38 -97.39 -6.64
N ARG EB 70 -37.17 -96.17 -7.11
CA ARG EB 70 -37.75 -95.01 -6.45
C ARG EB 70 -39.24 -94.94 -6.74
N ASP EB 71 -40.01 -94.50 -5.74
CA ASP EB 71 -41.46 -94.53 -5.81
C ASP EB 71 -42.01 -93.13 -6.05
N ALA EB 72 -42.91 -93.03 -7.03
CA ALA EB 72 -43.50 -91.75 -7.40
C ALA EB 72 -44.98 -91.93 -7.67
N LYS EB 73 -45.72 -90.84 -7.48
CA LYS EB 73 -47.16 -90.79 -7.71
C LYS EB 73 -47.40 -90.03 -9.01
N PRO EB 74 -48.02 -90.63 -10.02
CA PRO EB 74 -48.25 -89.91 -11.28
C PRO EB 74 -49.36 -88.86 -11.14
N LEU EB 75 -49.30 -87.88 -12.02
CA LEU EB 75 -50.31 -86.83 -12.11
C LEU EB 75 -51.32 -87.18 -13.18
N VAL EB 76 -52.58 -86.80 -12.94
CA VAL EB 76 -53.67 -87.12 -13.85
C VAL EB 76 -54.24 -85.80 -14.38
N ARG EB 77 -54.54 -85.78 -15.67
CA ARG EB 77 -55.09 -84.61 -16.34
C ARG EB 77 -56.59 -84.81 -16.54
N LEU EB 78 -57.38 -83.85 -16.06
CA LEU EB 78 -58.84 -83.88 -16.19
C LEU EB 78 -59.23 -82.79 -17.18
N ARG EB 79 -59.98 -83.18 -18.20
CA ARG EB 79 -60.46 -82.29 -19.25
C ARG EB 79 -61.97 -82.43 -19.39
N VAL EB 80 -62.67 -81.31 -19.30
CA VAL EB 80 -64.12 -81.29 -19.44
C VAL EB 80 -64.48 -80.41 -20.63
N PRO EB 81 -65.06 -80.96 -21.70
CA PRO EB 81 -65.41 -80.14 -22.87
C PRO EB 81 -66.79 -79.53 -22.75
N PHE EB 82 -66.95 -78.40 -23.44
CA PHE EB 82 -68.23 -77.71 -23.52
C PHE EB 82 -68.29 -76.91 -24.81
N THR EB 83 -69.48 -76.42 -25.13
CA THR EB 83 -69.75 -75.75 -26.39
C THR EB 83 -70.37 -74.38 -26.12
N VAL EB 84 -69.98 -73.39 -26.92
CA VAL EB 84 -70.46 -72.02 -26.76
C VAL EB 84 -70.97 -71.51 -28.10
N ALA EB 85 -71.89 -70.56 -28.04
CA ALA EB 85 -72.55 -70.03 -29.24
C ALA EB 85 -71.88 -68.75 -29.72
N ARG EB 86 -71.56 -68.73 -31.01
CA ARG EB 86 -70.92 -67.57 -31.62
C ARG EB 86 -71.80 -66.33 -31.58
N ARG EB 87 -73.12 -66.48 -31.54
CA ARG EB 87 -73.99 -65.32 -31.40
C ARG EB 87 -73.84 -64.66 -30.03
N ASP EB 88 -73.82 -65.46 -28.95
CA ASP EB 88 -73.55 -64.91 -27.63
C ASP EB 88 -72.15 -64.33 -27.56
N ILE EB 89 -71.18 -64.95 -28.23
CA ILE EB 89 -69.84 -64.38 -28.28
C ILE EB 89 -69.85 -63.01 -28.94
N ASP EB 90 -70.52 -62.90 -30.08
CA ASP EB 90 -70.48 -61.67 -30.86
C ASP EB 90 -71.24 -60.55 -30.17
N ASP EB 91 -72.32 -60.88 -29.46
CA ASP EB 91 -73.12 -59.84 -28.83
C ASP EB 91 -72.33 -59.02 -27.80
N VAL EB 92 -71.25 -59.57 -27.26
CA VAL EB 92 -70.51 -58.88 -26.21
C VAL EB 92 -69.94 -57.56 -26.72
N GLU EB 93 -69.33 -57.58 -27.91
CA GLU EB 93 -68.73 -56.36 -28.44
C GLU EB 93 -69.78 -55.30 -28.76
N ARG EB 94 -71.06 -55.69 -28.81
CA ARG EB 94 -72.16 -54.75 -28.97
C ARG EB 94 -72.66 -54.21 -27.64
N GLY EB 95 -71.86 -54.31 -26.59
CA GLY EB 95 -72.29 -53.86 -25.28
C GLY EB 95 -73.39 -54.69 -24.67
N SER EB 96 -73.47 -55.98 -25.01
CA SER EB 96 -74.43 -56.88 -24.40
C SER EB 96 -73.81 -57.49 -23.16
N GLN EB 97 -74.59 -57.54 -22.08
CA GLN EB 97 -74.15 -58.12 -20.81
C GLN EB 97 -75.21 -59.00 -20.17
N ASP EB 98 -75.96 -59.76 -20.99
CA ASP EB 98 -76.81 -60.84 -20.51
C ASP EB 98 -76.52 -62.14 -21.25
N SER EB 99 -75.31 -62.31 -21.78
CA SER EB 99 -74.98 -63.47 -22.59
C SER EB 99 -75.04 -64.75 -21.77
N ASP EB 100 -75.35 -65.86 -22.43
CA ASP EB 100 -75.52 -67.15 -21.77
C ASP EB 100 -74.16 -67.84 -21.65
N TRP EB 101 -73.78 -68.17 -20.42
CA TRP EB 101 -72.55 -68.89 -20.12
C TRP EB 101 -72.84 -70.13 -19.28
N ASP EB 102 -74.06 -70.65 -19.40
CA ASP EB 102 -74.47 -71.82 -18.63
C ASP EB 102 -73.59 -73.04 -18.90
N PRO EB 103 -73.22 -73.35 -20.15
CA PRO EB 103 -72.28 -74.47 -20.34
C PRO EB 103 -70.96 -74.25 -19.63
N VAL EB 104 -70.46 -73.01 -19.61
CA VAL EB 104 -69.24 -72.72 -18.87
C VAL EB 104 -69.43 -73.04 -17.40
N LYS EB 105 -70.54 -72.59 -16.82
CA LYS EB 105 -70.79 -72.83 -15.40
C LYS EB 105 -70.91 -74.32 -15.12
N ASP EB 106 -71.60 -75.06 -15.99
CA ASP EB 106 -71.76 -76.49 -15.79
C ASP EB 106 -70.42 -77.22 -15.86
N ALA EB 107 -69.57 -76.86 -16.83
CA ALA EB 107 -68.26 -77.49 -16.91
C ALA EB 107 -67.41 -77.19 -15.68
N ALA EB 108 -67.45 -75.95 -15.21
CA ALA EB 108 -66.71 -75.61 -13.99
C ALA EB 108 -67.22 -76.43 -12.81
N LYS EB 109 -68.54 -76.57 -12.68
CA LYS EB 109 -69.10 -77.37 -11.60
C LYS EB 109 -68.62 -78.82 -11.70
N LYS EB 110 -68.63 -79.37 -12.92
CA LYS EB 110 -68.21 -80.75 -13.12
C LYS EB 110 -66.75 -80.94 -12.72
N LEU EB 111 -65.88 -80.01 -13.14
CA LEU EB 111 -64.46 -80.13 -12.79
C LEU EB 111 -64.25 -80.02 -11.29
N ALA EB 112 -64.93 -79.06 -10.64
CA ALA EB 112 -64.80 -78.94 -9.20
C ALA EB 112 -65.27 -80.20 -8.50
N PHE EB 113 -66.37 -80.80 -8.97
CA PHE EB 113 -66.90 -81.99 -8.33
C PHE EB 113 -65.93 -83.16 -8.46
N VAL EB 114 -65.36 -83.35 -9.66
CA VAL EB 114 -64.41 -84.45 -9.82
C VAL EB 114 -63.19 -84.23 -8.95
N GLU EB 115 -62.69 -83.00 -8.88
CA GLU EB 115 -61.52 -82.73 -8.04
C GLU EB 115 -61.81 -83.04 -6.58
N ASP EB 116 -62.94 -82.53 -6.08
CA ASP EB 116 -63.26 -82.72 -4.66
C ASP EB 116 -63.53 -84.20 -4.36
N ARG EB 117 -64.18 -84.90 -5.28
CA ARG EB 117 -64.45 -86.32 -5.08
C ARG EB 117 -63.18 -87.16 -5.12
N ALA EB 118 -62.21 -86.80 -5.96
CA ALA EB 118 -60.91 -87.46 -5.91
C ALA EB 118 -60.20 -87.18 -4.59
N ILE EB 119 -60.29 -85.94 -4.10
CA ILE EB 119 -59.62 -85.61 -2.84
C ILE EB 119 -60.23 -86.39 -1.68
N PHE EB 120 -61.56 -86.45 -1.60
CA PHE EB 120 -62.24 -86.93 -0.41
C PHE EB 120 -62.70 -88.38 -0.49
N GLU EB 121 -62.68 -88.99 -1.67
CA GLU EB 121 -63.20 -90.34 -1.84
C GLU EB 121 -62.25 -91.28 -2.57
N GLY EB 122 -61.39 -90.75 -3.44
CA GLY EB 122 -60.39 -91.56 -4.10
C GLY EB 122 -60.71 -91.77 -5.57
N TYR EB 123 -59.66 -91.78 -6.39
CA TYR EB 123 -59.74 -92.07 -7.82
C TYR EB 123 -58.68 -93.15 -8.07
N ALA EB 124 -59.11 -94.41 -8.01
CA ALA EB 124 -58.16 -95.52 -7.93
C ALA EB 124 -57.26 -95.59 -9.16
N ALA EB 125 -57.84 -95.44 -10.35
CA ALA EB 125 -57.05 -95.59 -11.57
C ALA EB 125 -55.89 -94.61 -11.62
N ALA EB 126 -56.03 -93.46 -10.95
CA ALA EB 126 -54.95 -92.50 -10.82
C ALA EB 126 -54.09 -92.76 -9.58
N SER EB 127 -54.28 -93.89 -8.92
CA SER EB 127 -53.54 -94.25 -7.71
C SER EB 127 -53.77 -93.24 -6.59
N ILE EB 128 -54.94 -92.61 -6.59
CA ILE EB 128 -55.30 -91.60 -5.58
C ILE EB 128 -56.13 -92.29 -4.52
N GLU EB 129 -55.58 -92.42 -3.32
CA GLU EB 129 -56.33 -92.90 -2.16
C GLU EB 129 -56.90 -91.71 -1.41
N GLY EB 130 -58.21 -91.70 -1.21
CA GLY EB 130 -58.89 -90.58 -0.62
C GLY EB 130 -58.71 -90.50 0.89
N ILE EB 131 -59.13 -89.35 1.42
CA ILE EB 131 -59.08 -89.15 2.87
C ILE EB 131 -59.93 -90.17 3.60
N ARG EB 132 -61.09 -90.52 3.06
CA ARG EB 132 -61.97 -91.49 3.70
C ARG EB 132 -61.27 -92.83 3.92
N SER EB 133 -60.63 -93.36 2.87
CA SER EB 133 -59.94 -94.64 2.99
C SER EB 133 -58.67 -94.51 3.82
N SER EB 134 -57.88 -93.45 3.60
CA SER EB 134 -56.62 -93.29 4.30
C SER EB 134 -56.80 -92.98 5.78
N SER EB 135 -58.00 -92.58 6.20
CA SER EB 135 -58.23 -92.25 7.60
C SER EB 135 -58.10 -93.49 8.46
N SER EB 136 -57.42 -93.34 9.60
CA SER EB 136 -57.25 -94.43 10.55
C SER EB 136 -58.27 -94.39 11.68
N ASN EB 137 -58.74 -93.21 12.06
CA ASN EB 137 -59.74 -93.13 13.11
C ASN EB 137 -61.04 -93.79 12.65
N PRO EB 138 -61.80 -94.41 13.55
CA PRO EB 138 -63.01 -95.12 13.14
C PRO EB 138 -64.02 -94.17 12.52
N ALA EB 139 -64.73 -94.67 11.50
CA ALA EB 139 -65.75 -93.90 10.83
C ALA EB 139 -67.06 -93.94 11.61
N LEU EB 140 -67.84 -92.87 11.48
CA LEU EB 140 -69.13 -92.76 12.15
C LEU EB 140 -70.25 -92.73 11.12
N ALA EB 141 -71.49 -92.78 11.63
CA ALA EB 141 -72.68 -92.76 10.80
C ALA EB 141 -73.47 -91.49 11.08
N LEU EB 142 -73.86 -90.81 10.00
CA LEU EB 142 -74.62 -89.57 10.12
C LEU EB 142 -76.07 -89.91 10.41
N PRO EB 143 -76.64 -89.47 11.54
CA PRO EB 143 -78.04 -89.84 11.82
C PRO EB 143 -79.00 -89.31 10.78
N ASP EB 144 -80.06 -90.07 10.55
CA ASP EB 144 -81.08 -89.63 9.60
C ASP EB 144 -81.70 -88.31 10.04
N ASP EB 145 -81.97 -88.16 11.33
CA ASP EB 145 -82.48 -86.90 11.85
C ASP EB 145 -81.37 -85.86 11.92
N ALA EB 146 -81.75 -84.59 11.86
CA ALA EB 146 -80.79 -83.50 11.89
C ALA EB 146 -80.44 -83.06 13.31
N ARG EB 147 -81.17 -83.54 14.32
CA ARG EB 147 -80.98 -83.04 15.68
C ARG EB 147 -79.81 -83.71 16.38
N GLU EB 148 -79.41 -84.89 15.94
CA GLU EB 148 -78.36 -85.67 16.59
C GLU EB 148 -76.99 -85.48 15.93
N ILE EB 149 -76.92 -84.72 14.84
CA ILE EB 149 -75.64 -84.54 14.14
C ILE EB 149 -74.59 -83.91 15.05
N PRO EB 150 -74.90 -82.87 15.84
CA PRO EB 150 -73.85 -82.28 16.69
C PRO EB 150 -73.23 -83.28 17.67
N ASP EB 151 -74.01 -84.23 18.17
CA ASP EB 151 -73.44 -85.24 19.07
C ASP EB 151 -72.38 -86.08 18.34
N VAL EB 152 -72.68 -86.47 17.10
CA VAL EB 152 -71.72 -87.26 16.33
C VAL EB 152 -70.48 -86.44 16.02
N ILE EB 153 -70.66 -85.15 15.73
CA ILE EB 153 -69.50 -84.28 15.49
C ILE EB 153 -68.65 -84.16 16.74
N ALA EB 154 -69.29 -84.05 17.91
CA ALA EB 154 -68.53 -84.01 19.16
C ALA EB 154 -67.78 -85.31 19.39
N GLN EB 155 -68.40 -86.44 19.04
CA GLN EB 155 -67.71 -87.72 19.13
C GLN EB 155 -66.49 -87.76 18.22
N ALA EB 156 -66.63 -87.27 16.98
CA ALA EB 156 -65.50 -87.26 16.05
C ALA EB 156 -64.38 -86.37 16.55
N LEU EB 157 -64.74 -85.19 17.08
CA LEU EB 157 -63.71 -84.34 17.68
C LEU EB 157 -63.04 -85.06 18.84
N SER EB 158 -63.80 -85.77 19.65
CA SER EB 158 -63.21 -86.55 20.74
C SER EB 158 -62.24 -87.59 20.18
N GLU EB 159 -62.56 -88.21 19.06
CA GLU EB 159 -61.65 -89.22 18.51
C GLU EB 159 -60.35 -88.61 18.01
N LEU EB 160 -60.44 -87.60 17.14
CA LEU EB 160 -59.23 -86.88 16.70
C LEU EB 160 -58.40 -86.44 17.89
N ARG EB 161 -59.07 -85.82 18.85
CA ARG EB 161 -58.47 -85.09 19.93
C ARG EB 161 -57.99 -86.01 21.04
N LEU EB 162 -58.49 -87.24 21.04
CA LEU EB 162 -57.82 -88.35 21.71
C LEU EB 162 -56.56 -88.73 20.98
N ALA EB 163 -56.65 -88.90 19.65
CA ALA EB 163 -55.51 -89.39 18.88
C ALA EB 163 -54.33 -88.46 18.98
N GLY EB 164 -54.55 -87.19 19.31
CA GLY EB 164 -53.46 -86.29 19.62
C GLY EB 164 -53.19 -85.22 18.59
N VAL EB 165 -54.12 -84.97 17.68
CA VAL EB 165 -53.95 -83.95 16.66
C VAL EB 165 -54.44 -82.61 17.20
N ASP EB 166 -53.77 -81.55 16.76
CA ASP EB 166 -54.08 -80.20 17.22
C ASP EB 166 -54.35 -79.27 16.04
N GLY EB 167 -54.49 -77.97 16.31
CA GLY EB 167 -54.77 -76.99 15.29
C GLY EB 167 -56.26 -76.82 15.08
N PRO EB 168 -56.64 -75.77 14.37
CA PRO EB 168 -58.08 -75.51 14.15
C PRO EB 168 -58.75 -76.70 13.48
N TYR EB 169 -59.96 -77.00 13.91
CA TYR EB 169 -60.74 -78.09 13.35
C TYR EB 169 -61.84 -77.53 12.46
N SER EB 170 -62.21 -78.30 11.44
CA SER EB 170 -63.14 -77.84 10.43
C SER EB 170 -64.07 -78.98 10.03
N VAL EB 171 -65.31 -78.62 9.71
CA VAL EB 171 -66.34 -79.57 9.33
C VAL EB 171 -66.75 -79.27 7.89
N LEU EB 172 -66.62 -80.26 7.03
CA LEU EB 172 -67.06 -80.19 5.65
C LEU EB 172 -68.33 -81.03 5.53
N LEU EB 173 -69.42 -80.40 5.11
CA LEU EB 173 -70.71 -81.07 5.04
C LEU EB 173 -71.17 -81.22 3.60
N SER EB 174 -71.93 -82.29 3.35
CA SER EB 174 -72.42 -82.58 2.02
C SER EB 174 -73.52 -81.59 1.65
N ALA EB 175 -73.95 -81.61 0.40
CA ALA EB 175 -75.07 -80.76 0.00
C ALA EB 175 -76.34 -81.16 0.73
N GLU EB 176 -76.65 -82.45 0.77
CA GLU EB 176 -77.88 -82.90 1.39
C GLU EB 176 -77.87 -82.68 2.89
N THR EB 177 -76.72 -82.88 3.54
CA THR EB 177 -76.61 -82.65 4.97
C THR EB 177 -76.63 -81.17 5.31
N TYR EB 178 -75.96 -80.34 4.52
CA TYR EB 178 -75.98 -78.90 4.76
C TYR EB 178 -77.37 -78.32 4.57
N THR EB 179 -78.09 -78.75 3.52
CA THR EB 179 -79.48 -78.34 3.36
C THR EB 179 -80.30 -78.72 4.59
N LYS EB 180 -80.08 -79.93 5.11
CA LYS EB 180 -80.83 -80.39 6.27
C LYS EB 180 -80.57 -79.52 7.48
N VAL EB 181 -79.28 -79.33 7.81
CA VAL EB 181 -78.95 -78.56 9.02
C VAL EB 181 -79.35 -77.10 8.84
N SER EB 182 -79.40 -76.60 7.61
CA SER EB 182 -79.80 -75.21 7.39
C SER EB 182 -81.31 -75.04 7.55
N GLU EB 183 -82.09 -75.85 6.85
CA GLU EB 183 -83.54 -75.74 6.93
C GLU EB 183 -84.03 -76.04 8.34
N THR EB 184 -83.48 -77.08 8.97
CA THR EB 184 -83.89 -77.44 10.31
C THR EB 184 -83.45 -76.38 11.30
N THR EB 185 -84.27 -76.16 12.34
CA THR EB 185 -84.03 -75.11 13.31
C THR EB 185 -84.35 -75.63 14.70
N ALA EB 186 -83.76 -74.97 15.71
CA ALA EB 186 -84.01 -75.32 17.10
C ALA EB 186 -83.77 -74.11 17.97
N HIS EB 187 -84.74 -73.80 18.85
CA HIS EB 187 -84.64 -72.67 19.77
C HIS EB 187 -84.36 -71.37 19.03
N GLY EB 188 -84.84 -71.28 17.79
CA GLY EB 188 -84.64 -70.08 17.02
C GLY EB 188 -83.28 -69.94 16.37
N TYR EB 189 -82.49 -71.01 16.30
CA TYR EB 189 -81.25 -71.02 15.55
C TYR EB 189 -81.15 -72.29 14.70
N PRO EB 190 -80.54 -72.22 13.52
CA PRO EB 190 -80.35 -73.43 12.72
C PRO EB 190 -79.42 -74.44 13.38
N ILE EB 191 -79.66 -75.70 13.03
CA ILE EB 191 -78.79 -76.77 13.48
C ILE EB 191 -77.38 -76.55 12.97
N ARG EB 192 -77.23 -75.84 11.85
CA ARG EB 192 -75.90 -75.50 11.36
C ARG EB 192 -75.16 -74.58 12.33
N GLU EB 193 -75.85 -73.57 12.87
CA GLU EB 193 -75.23 -72.73 13.89
C GLU EB 193 -74.93 -73.56 15.13
N HIS EB 194 -75.85 -74.45 15.51
CA HIS EB 194 -75.56 -75.38 16.59
C HIS EB 194 -74.23 -76.10 16.37
N ILE EB 195 -74.02 -76.60 15.15
CA ILE EB 195 -72.76 -77.27 14.83
C ILE EB 195 -71.59 -76.30 14.94
N ASN EB 196 -71.73 -75.12 14.33
CA ASN EB 196 -70.64 -74.15 14.31
C ASN EB 196 -70.16 -73.82 15.71
N ARG EB 197 -71.07 -73.81 16.68
CA ARG EB 197 -70.71 -73.42 18.04
C ARG EB 197 -69.56 -74.25 18.60
N LEU EB 198 -69.39 -75.49 18.14
CA LEU EB 198 -68.41 -76.40 18.73
C LEU EB 198 -67.00 -76.16 18.22
N VAL EB 199 -66.83 -76.05 16.91
CA VAL EB 199 -65.50 -76.02 16.32
C VAL EB 199 -64.90 -74.62 16.44
N ASP EB 200 -63.58 -74.56 16.26
CA ASP EB 200 -62.84 -73.31 16.25
C ASP EB 200 -62.64 -72.77 14.83
N GLY EB 201 -62.73 -73.62 13.81
CA GLY EB 201 -62.50 -73.19 12.45
C GLY EB 201 -63.74 -72.72 11.73
N GLU EB 202 -64.09 -73.37 10.63
CA GLU EB 202 -65.19 -72.94 9.78
C GLU EB 202 -66.04 -74.14 9.40
N ILE EB 203 -67.27 -73.85 8.96
CA ILE EB 203 -68.16 -74.82 8.36
C ILE EB 203 -68.09 -74.65 6.84
N ILE EB 204 -67.89 -75.74 6.11
CA ILE EB 204 -67.62 -75.68 4.67
C ILE EB 204 -68.63 -76.52 3.90
N TRP EB 205 -69.06 -76.00 2.75
CA TRP EB 205 -69.88 -76.72 1.77
C TRP EB 205 -69.00 -77.72 1.03
N ALA EB 206 -69.47 -78.97 0.96
CA ALA EB 206 -68.79 -79.98 0.15
C ALA EB 206 -69.82 -80.76 -0.68
N PRO EB 207 -70.36 -80.16 -1.75
CA PRO EB 207 -71.44 -80.86 -2.49
C PRO EB 207 -70.97 -82.13 -3.13
N ALA EB 208 -69.73 -82.15 -3.62
CA ALA EB 208 -69.18 -83.30 -4.32
C ALA EB 208 -69.09 -84.51 -3.42
N ILE EB 209 -68.73 -84.31 -2.15
CA ILE EB 209 -68.53 -85.43 -1.23
C ILE EB 209 -69.89 -85.91 -0.76
N ASP EB 210 -69.91 -87.10 -0.15
CA ASP EB 210 -71.13 -87.70 0.38
C ASP EB 210 -70.88 -88.01 1.86
N GLY EB 211 -71.67 -87.37 2.73
CA GLY EB 211 -71.54 -87.58 4.15
C GLY EB 211 -71.07 -86.34 4.88
N ALA EB 212 -70.04 -86.47 5.69
CA ALA EB 212 -69.46 -85.34 6.41
C ALA EB 212 -68.03 -85.69 6.81
N PHE EB 213 -67.24 -84.66 7.09
CA PHE EB 213 -65.84 -84.87 7.45
C PHE EB 213 -65.44 -83.85 8.50
N VAL EB 214 -64.77 -84.31 9.56
CA VAL EB 214 -64.20 -83.42 10.57
C VAL EB 214 -62.69 -83.60 10.54
N LEU EB 215 -61.95 -82.54 10.27
CA LEU EB 215 -60.50 -82.68 10.08
C LEU EB 215 -59.75 -81.49 10.64
N SER EB 216 -58.47 -81.71 10.91
CA SER EB 216 -57.60 -80.67 11.41
C SER EB 216 -56.98 -79.88 10.26
N THR EB 217 -56.64 -78.63 10.53
CA THR EB 217 -56.04 -77.74 9.54
C THR EB 217 -54.72 -77.15 10.05
N ARG EB 218 -54.04 -77.87 10.94
CA ARG EB 218 -52.73 -77.41 11.41
C ARG EB 218 -51.76 -77.29 10.24
N GLY EB 219 -51.80 -78.24 9.32
CA GLY EB 219 -50.92 -78.23 8.16
C GLY EB 219 -49.99 -79.42 8.11
N GLY EB 220 -49.56 -79.80 6.91
CA GLY EB 220 -48.64 -80.90 6.74
C GLY EB 220 -49.26 -82.27 6.68
N ASP EB 221 -50.59 -82.38 6.59
CA ASP EB 221 -51.27 -83.65 6.54
C ASP EB 221 -51.90 -83.96 5.19
N PHE EB 222 -52.27 -82.96 4.40
CA PHE EB 222 -52.86 -83.17 3.09
C PHE EB 222 -52.14 -82.27 2.09
N ASP EB 223 -51.88 -82.81 0.90
CA ASP EB 223 -51.15 -82.07 -0.14
C ASP EB 223 -51.85 -82.27 -1.48
N LEU EB 224 -52.32 -81.18 -2.08
CA LEU EB 224 -52.87 -81.20 -3.43
C LEU EB 224 -51.79 -80.69 -4.37
N GLN EB 225 -51.20 -81.60 -5.14
CA GLN EB 225 -50.13 -81.23 -6.06
C GLN EB 225 -50.72 -80.90 -7.42
N LEU EB 226 -50.38 -79.72 -7.94
CA LEU EB 226 -50.85 -79.27 -9.24
C LEU EB 226 -49.66 -79.10 -10.17
N GLY EB 227 -49.79 -79.64 -11.38
CA GLY EB 227 -48.81 -79.37 -12.41
C GLY EB 227 -49.15 -78.08 -13.13
N THR EB 228 -50.40 -77.97 -13.55
CA THR EB 228 -50.95 -76.75 -14.13
C THR EB 228 -52.34 -76.53 -13.54
N ASP EB 229 -52.64 -75.26 -13.22
CA ASP EB 229 -53.91 -74.92 -12.61
C ASP EB 229 -55.01 -74.99 -13.67
N VAL EB 230 -56.22 -74.61 -13.30
CA VAL EB 230 -57.35 -74.67 -14.21
C VAL EB 230 -57.10 -73.74 -15.39
N SER EB 231 -57.32 -74.25 -16.60
CA SER EB 231 -57.13 -73.48 -17.81
C SER EB 231 -58.25 -73.79 -18.79
N ILE EB 232 -58.50 -72.85 -19.71
CA ILE EB 232 -59.54 -72.99 -20.73
C ILE EB 232 -58.88 -72.98 -22.09
N GLY EB 233 -59.25 -73.95 -22.93
CA GLY EB 233 -58.65 -74.10 -24.24
C GLY EB 233 -59.65 -74.21 -25.38
N TYR EB 234 -59.15 -74.41 -26.59
CA TYR EB 234 -59.95 -74.45 -27.80
C TYR EB 234 -59.62 -75.70 -28.60
N LEU EB 235 -60.64 -76.41 -29.08
CA LEU EB 235 -60.43 -77.58 -29.92
C LEU EB 235 -60.76 -77.31 -31.38
N SER EB 236 -61.98 -76.85 -31.66
CA SER EB 236 -62.42 -76.62 -33.03
C SER EB 236 -63.59 -75.64 -32.98
N HIS EB 237 -64.10 -75.28 -34.16
CA HIS EB 237 -65.18 -74.31 -34.23
C HIS EB 237 -65.98 -74.56 -35.52
N ASP EB 238 -67.14 -73.93 -35.58
CA ASP EB 238 -68.09 -74.10 -36.67
C ASP EB 238 -68.73 -72.74 -36.94
N ALA EB 239 -69.59 -72.69 -37.95
CA ALA EB 239 -70.29 -71.45 -38.27
C ALA EB 239 -71.21 -70.98 -37.15
N GLU EB 240 -71.53 -71.84 -36.19
CA GLU EB 240 -72.48 -71.53 -35.14
C GLU EB 240 -71.91 -71.65 -33.74
N VAL EB 241 -70.96 -72.56 -33.51
CA VAL EB 241 -70.50 -72.89 -32.17
C VAL EB 241 -68.98 -72.96 -32.15
N VAL EB 242 -68.44 -72.94 -30.93
CA VAL EB 242 -67.02 -73.17 -30.68
C VAL EB 242 -66.93 -74.21 -29.56
N HIS EB 243 -66.01 -75.16 -29.71
CA HIS EB 243 -65.80 -76.20 -28.71
C HIS EB 243 -64.56 -75.88 -27.88
N LEU EB 244 -64.73 -75.78 -26.58
CA LEU EB 244 -63.68 -75.45 -25.63
C LEU EB 244 -63.61 -76.54 -24.57
N TYR EB 245 -62.59 -76.47 -23.72
CA TYR EB 245 -62.43 -77.42 -22.64
C TYR EB 245 -61.81 -76.73 -21.45
N MET EB 246 -62.11 -77.24 -20.25
CA MET EB 246 -61.45 -76.82 -19.03
C MET EB 246 -60.56 -77.95 -18.55
N GLU EB 247 -59.30 -77.65 -18.27
CA GLU EB 247 -58.26 -78.63 -18.05
C GLU EB 247 -57.50 -78.34 -16.76
N GLU EB 248 -57.14 -79.39 -16.04
CA GLU EB 248 -56.25 -79.26 -14.91
C GLU EB 248 -55.53 -80.57 -14.64
N THR EB 249 -54.24 -80.47 -14.29
CA THR EB 249 -53.41 -81.64 -14.01
C THR EB 249 -53.05 -81.66 -12.53
N MET EB 250 -53.42 -82.74 -11.84
CA MET EB 250 -53.35 -82.76 -10.39
C MET EB 250 -53.11 -84.17 -9.87
N THR EB 251 -52.81 -84.21 -8.58
CA THR EB 251 -52.85 -85.43 -7.77
C THR EB 251 -53.00 -85.02 -6.31
N PHE EB 252 -53.38 -85.98 -5.47
CA PHE EB 252 -53.62 -85.71 -4.06
C PHE EB 252 -52.90 -86.74 -3.21
N LEU EB 253 -52.33 -86.29 -2.09
CA LEU EB 253 -51.63 -87.15 -1.15
C LEU EB 253 -52.08 -86.85 0.28
N CYS EB 254 -52.30 -87.91 1.05
CA CYS EB 254 -52.57 -87.80 2.48
C CYS EB 254 -51.41 -88.44 3.23
N TYR EB 255 -50.86 -87.72 4.19
CA TYR EB 255 -49.70 -88.16 4.96
C TYR EB 255 -50.06 -88.60 6.37
N THR EB 256 -50.99 -87.90 7.02
CA THR EB 256 -51.39 -88.20 8.38
C THR EB 256 -52.79 -88.82 8.34
N ALA EB 257 -52.89 -90.08 8.74
CA ALA EB 257 -54.17 -90.78 8.71
C ALA EB 257 -55.04 -90.47 9.91
N GLU EB 258 -54.48 -89.85 10.94
CA GLU EB 258 -55.21 -89.60 12.18
C GLU EB 258 -55.74 -88.18 12.31
N ALA EB 259 -55.63 -87.36 11.26
CA ALA EB 259 -56.03 -85.96 11.31
C ALA EB 259 -57.45 -85.73 10.77
N SER EB 260 -58.20 -86.80 10.50
CA SER EB 260 -59.53 -86.66 9.93
C SER EB 260 -60.44 -87.76 10.46
N VAL EB 261 -61.73 -87.49 10.43
CA VAL EB 261 -62.78 -88.44 10.80
C VAL EB 261 -63.87 -88.32 9.76
N ALA EB 262 -64.36 -89.47 9.29
CA ALA EB 262 -65.35 -89.51 8.22
C ALA EB 262 -66.69 -89.99 8.79
N LEU EB 263 -67.77 -89.38 8.30
CA LEU EB 263 -69.12 -89.77 8.68
C LEU EB 263 -69.89 -90.12 7.42
N THR EB 264 -70.41 -91.34 7.37
CA THR EB 264 -71.07 -91.85 6.19
C THR EB 264 -72.58 -91.68 6.30
N PRO EB 265 -73.28 -91.43 5.17
CA PRO EB 265 -74.73 -91.22 5.21
C PRO EB 265 -75.48 -92.41 5.81
N ASN FB 2 -62.94 36.18 -54.26
CA ASN FB 2 -62.70 36.12 -55.70
C ASN FB 2 -63.89 36.67 -56.47
N ASN FB 3 -63.85 36.54 -57.80
CA ASN FB 3 -64.89 37.12 -58.65
C ASN FB 3 -66.21 36.38 -58.54
N LEU FB 4 -66.24 35.21 -57.90
CA LEU FB 4 -67.51 34.49 -57.75
C LEU FB 4 -68.45 35.23 -56.81
N TYR FB 5 -67.90 35.90 -55.79
CA TYR FB 5 -68.70 36.63 -54.82
C TYR FB 5 -69.70 35.71 -54.11
N ARG FB 6 -69.22 34.54 -53.70
CA ARG FB 6 -70.06 33.61 -52.96
C ARG FB 6 -70.30 34.06 -51.53
N ASP FB 7 -69.35 34.77 -50.92
CA ASP FB 7 -69.52 35.22 -49.54
C ASP FB 7 -70.71 36.16 -49.39
N LEU FB 8 -71.18 36.76 -50.49
CA LEU FB 8 -72.31 37.67 -50.46
C LEU FB 8 -73.66 36.96 -50.66
N ALA FB 9 -73.65 35.67 -50.97
CA ALA FB 9 -74.90 34.98 -51.25
C ALA FB 9 -75.54 34.48 -49.95
N PRO FB 10 -76.88 34.51 -49.86
CA PRO FB 10 -77.56 34.00 -48.66
C PRO FB 10 -77.71 32.48 -48.68
N ILE FB 11 -76.58 31.78 -48.66
CA ILE FB 11 -76.55 30.32 -48.76
C ILE FB 11 -75.56 29.81 -47.72
N THR FB 12 -75.92 28.72 -47.05
CA THR FB 12 -75.09 28.13 -46.02
C THR FB 12 -74.06 27.18 -46.63
N GLU FB 13 -73.09 26.79 -45.80
CA GLU FB 13 -72.04 25.89 -46.26
C GLU FB 13 -72.61 24.54 -46.69
N SER FB 14 -73.57 24.02 -45.93
CA SER FB 14 -74.15 22.72 -46.28
C SER FB 14 -74.88 22.78 -47.61
N ALA FB 15 -75.66 23.83 -47.84
CA ALA FB 15 -76.36 23.95 -49.12
C ALA FB 15 -75.38 24.16 -50.26
N TRP FB 16 -74.32 24.92 -50.03
CA TRP FB 16 -73.28 25.07 -51.04
C TRP FB 16 -72.68 23.71 -51.40
N ALA FB 17 -72.39 22.90 -50.38
CA ALA FB 17 -71.83 21.58 -50.63
C ALA FB 17 -72.81 20.71 -51.42
N GLU FB 18 -74.08 20.74 -51.06
CA GLU FB 18 -75.07 19.95 -51.78
C GLU FB 18 -75.15 20.37 -53.24
N ILE FB 19 -75.18 21.68 -53.50
CA ILE FB 19 -75.27 22.15 -54.88
C ILE FB 19 -74.03 21.76 -55.66
N GLU FB 20 -72.85 21.93 -55.07
CA GLU FB 20 -71.63 21.55 -55.77
C GLU FB 20 -71.61 20.06 -56.09
N LEU FB 21 -71.99 19.23 -55.12
CA LEU FB 21 -72.01 17.78 -55.35
C LEU FB 21 -72.98 17.42 -56.46
N GLU FB 22 -74.19 18.00 -56.43
CA GLU FB 22 -75.18 17.67 -57.43
C GLU FB 22 -74.74 18.10 -58.83
N ALA FB 23 -74.13 19.29 -58.95
CA ALA FB 23 -73.66 19.73 -60.26
C ALA FB 23 -72.51 18.87 -60.76
N THR FB 24 -71.55 18.55 -59.88
CA THR FB 24 -70.41 17.74 -60.28
C THR FB 24 -70.87 16.37 -60.77
N ARG FB 25 -71.78 15.73 -60.03
CA ARG FB 25 -72.24 14.40 -60.43
C ARG FB 25 -72.88 14.43 -61.81
N THR FB 26 -73.78 15.38 -62.05
CA THR FB 26 -74.49 15.44 -63.33
C THR FB 26 -73.54 15.75 -64.47
N PHE FB 27 -72.62 16.70 -64.27
CA PHE FB 27 -71.67 17.04 -65.33
C PHE FB 27 -70.78 15.85 -65.67
N LYS FB 28 -70.25 15.17 -64.64
CA LYS FB 28 -69.40 14.02 -64.88
C LYS FB 28 -70.19 12.89 -65.55
N ARG FB 29 -71.50 12.84 -65.30
CA ARG FB 29 -72.34 11.87 -66.01
C ARG FB 29 -72.45 12.22 -67.49
N HIS FB 30 -72.75 13.48 -67.79
CA HIS FB 30 -73.13 13.88 -69.14
C HIS FB 30 -71.94 14.26 -70.02
N ILE FB 31 -70.73 14.27 -69.48
CA ILE FB 31 -69.55 14.70 -70.23
C ILE FB 31 -68.86 13.45 -70.79
N ALA FB 32 -68.35 13.57 -72.03
CA ALA FB 32 -67.71 12.45 -72.71
C ALA FB 32 -66.34 12.78 -73.29
N GLY FB 33 -66.13 13.99 -73.82
CA GLY FB 33 -64.87 14.28 -74.46
C GLY FB 33 -63.68 14.19 -73.52
N ARG FB 34 -63.89 14.58 -72.25
CA ARG FB 34 -62.83 14.55 -71.26
C ARG FB 34 -62.27 13.15 -71.03
N ARG FB 35 -63.01 12.12 -71.41
CA ARG FB 35 -62.57 10.74 -71.26
C ARG FB 35 -61.72 10.25 -72.42
N VAL FB 36 -61.66 10.99 -73.52
CA VAL FB 36 -60.92 10.54 -74.71
C VAL FB 36 -60.00 11.63 -75.23
N VAL FB 37 -59.92 12.76 -74.55
CA VAL FB 37 -59.06 13.86 -74.97
C VAL FB 37 -58.13 14.24 -73.83
N ASP FB 38 -56.88 14.54 -74.16
CA ASP FB 38 -55.95 15.06 -73.18
C ASP FB 38 -56.42 16.42 -72.68
N VAL FB 39 -56.27 16.65 -71.38
CA VAL FB 39 -56.73 17.87 -70.72
C VAL FB 39 -55.53 18.60 -70.16
N SER FB 40 -55.34 19.84 -70.58
CA SER FB 40 -54.31 20.71 -70.01
C SER FB 40 -54.93 21.43 -68.82
N GLY FB 41 -54.49 21.08 -67.61
CA GLY FB 41 -55.09 21.58 -66.40
C GLY FB 41 -55.21 23.09 -66.38
N PRO FB 42 -56.03 23.62 -65.47
CA PRO FB 42 -56.23 25.06 -65.42
C PRO FB 42 -54.91 25.80 -65.26
N ASN FB 43 -54.70 26.81 -66.11
CA ASN FB 43 -53.50 27.63 -66.07
C ASN FB 43 -53.72 28.97 -65.37
N GLY FB 44 -54.93 29.21 -64.86
CA GLY FB 44 -55.21 30.41 -64.10
C GLY FB 44 -56.08 31.39 -64.85
N PRO FB 45 -56.72 32.31 -64.12
CA PRO FB 45 -57.56 33.32 -64.78
C PRO FB 45 -56.80 34.24 -65.71
N THR FB 46 -55.49 34.36 -65.54
CA THR FB 46 -54.68 35.23 -66.40
C THR FB 46 -54.50 34.65 -67.80
N THR FB 47 -54.80 33.36 -68.00
CA THR FB 47 -54.61 32.73 -69.30
C THR FB 47 -55.72 33.15 -70.25
N ALA FB 48 -55.34 33.57 -71.45
CA ALA FB 48 -56.29 34.06 -72.44
C ALA FB 48 -56.18 33.42 -73.80
N SER FB 49 -55.04 32.82 -74.14
CA SER FB 49 -54.85 32.26 -75.47
C SER FB 49 -53.81 31.14 -75.39
N VAL FB 50 -53.79 30.33 -76.44
CA VAL FB 50 -52.85 29.21 -76.56
C VAL FB 50 -52.04 29.41 -77.84
N SER FB 51 -50.72 29.48 -77.70
CA SER FB 51 -49.85 29.66 -78.86
C SER FB 51 -49.88 28.40 -79.73
N THR FB 52 -49.81 28.60 -81.04
CA THR FB 52 -49.72 27.48 -81.97
C THR FB 52 -48.32 27.29 -82.53
N GLY FB 53 -47.42 28.25 -82.33
CA GLY FB 53 -46.08 28.16 -82.86
C GLY FB 53 -45.95 28.51 -84.33
N HIS FB 54 -47.05 28.89 -84.98
CA HIS FB 54 -47.04 29.27 -86.38
C HIS FB 54 -46.87 30.79 -86.52
N LEU FB 55 -46.55 31.21 -87.74
CA LEU FB 55 -46.33 32.61 -88.06
C LEU FB 55 -47.27 33.03 -89.18
N LEU FB 56 -47.65 34.30 -89.17
CA LEU FB 56 -48.52 34.88 -90.18
C LEU FB 56 -47.84 36.09 -90.80
N ASP FB 57 -47.95 36.22 -92.12
CA ASP FB 57 -47.32 37.32 -92.84
C ASP FB 57 -48.06 38.62 -92.54
N VAL FB 58 -47.29 39.72 -92.51
CA VAL FB 58 -47.83 41.03 -92.16
C VAL FB 58 -46.98 42.10 -92.83
N SER FB 59 -47.61 43.24 -93.11
CA SER FB 59 -46.91 44.33 -93.78
C SER FB 59 -45.76 44.83 -92.90
N PRO FB 60 -44.58 45.08 -93.48
CA PRO FB 60 -43.44 45.48 -92.64
C PRO FB 60 -43.59 46.92 -92.17
N PRO FB 61 -42.97 47.27 -91.05
CA PRO FB 61 -42.91 48.69 -90.67
C PRO FB 61 -42.18 49.55 -91.69
N GLY FB 62 -41.16 49.02 -92.33
CA GLY FB 62 -40.36 49.82 -93.24
C GLY FB 62 -39.48 48.96 -94.11
N ASP FB 63 -38.57 49.62 -94.81
CA ASP FB 63 -37.72 48.94 -95.77
C ASP FB 63 -36.68 48.07 -95.06
N GLY FB 64 -36.35 46.95 -95.69
CA GLY FB 64 -35.34 46.06 -95.15
C GLY FB 64 -35.76 45.30 -93.90
N VAL FB 65 -37.05 45.23 -93.62
CA VAL FB 65 -37.57 44.59 -92.42
C VAL FB 65 -38.60 43.55 -92.82
N ILE FB 66 -38.48 42.35 -92.25
CA ILE FB 66 -39.42 41.25 -92.47
C ILE FB 66 -40.21 41.07 -91.18
N ALA FB 67 -41.53 41.11 -91.29
CA ALA FB 67 -42.42 41.07 -90.13
C ALA FB 67 -43.34 39.86 -90.20
N HIS FB 68 -43.53 39.20 -89.06
CA HIS FB 68 -44.44 38.07 -88.94
C HIS FB 68 -45.18 38.17 -87.62
N LEU FB 69 -46.43 37.71 -87.60
CA LEU FB 69 -47.24 37.70 -86.40
C LEU FB 69 -47.35 36.29 -85.84
N ARG FB 70 -47.20 36.17 -84.53
CA ARG FB 70 -47.36 34.89 -83.85
C ARG FB 70 -48.84 34.54 -83.78
N ASP FB 71 -49.15 33.25 -83.92
CA ASP FB 71 -50.51 32.78 -84.03
C ASP FB 71 -50.96 32.13 -82.73
N ALA FB 72 -52.14 32.53 -82.26
CA ALA FB 72 -52.68 32.03 -81.01
C ALA FB 72 -54.18 31.77 -81.17
N LYS FB 73 -54.67 30.85 -80.36
CA LYS FB 73 -56.08 30.49 -80.32
C LYS FB 73 -56.70 31.08 -79.07
N PRO FB 74 -57.71 31.95 -79.17
CA PRO FB 74 -58.31 32.55 -77.98
C PRO FB 74 -59.16 31.54 -77.21
N LEU FB 75 -59.33 31.82 -75.93
CA LEU FB 75 -60.17 31.03 -75.05
C LEU FB 75 -61.55 31.68 -74.94
N VAL FB 76 -62.58 30.86 -74.82
CA VAL FB 76 -63.96 31.32 -74.76
C VAL FB 76 -64.54 30.94 -73.42
N ARG FB 77 -65.28 31.86 -72.81
CA ARG FB 77 -65.91 31.66 -71.51
C ARG FB 77 -67.39 31.35 -71.73
N LEU FB 78 -67.85 30.23 -71.16
CA LEU FB 78 -69.24 29.81 -71.25
C LEU FB 78 -69.85 29.95 -69.86
N ARG FB 79 -70.97 30.67 -69.80
CA ARG FB 79 -71.69 30.94 -68.56
C ARG FB 79 -73.16 30.56 -68.74
N VAL FB 80 -73.65 29.71 -67.85
CA VAL FB 80 -75.05 29.27 -67.89
C VAL FB 80 -75.72 29.70 -66.59
N PRO FB 81 -76.71 30.60 -66.63
CA PRO FB 81 -77.36 31.03 -65.40
C PRO FB 81 -78.53 30.13 -65.01
N PHE FB 82 -78.81 30.11 -63.71
CA PHE FB 82 -79.95 29.38 -63.17
C PHE FB 82 -80.38 30.04 -61.87
N THR FB 83 -81.56 29.64 -61.39
CA THR FB 83 -82.20 30.24 -60.24
C THR FB 83 -82.52 29.16 -59.20
N VAL FB 84 -82.35 29.50 -57.93
CA VAL FB 84 -82.58 28.57 -56.84
C VAL FB 84 -83.50 29.22 -55.81
N ALA FB 85 -84.23 28.40 -55.06
CA ALA FB 85 -85.22 28.87 -54.10
C ALA FB 85 -84.64 28.92 -52.69
N ARG FB 86 -84.81 30.07 -52.04
CA ARG FB 86 -84.32 30.27 -50.70
C ARG FB 86 -84.98 29.34 -49.69
N ARG FB 87 -86.21 28.90 -49.94
CA ARG FB 87 -86.84 27.91 -49.07
C ARG FB 87 -86.12 26.57 -49.10
N ASP FB 88 -85.81 26.07 -50.30
CA ASP FB 88 -85.02 24.85 -50.42
C ASP FB 88 -83.63 25.04 -49.82
N ILE FB 89 -83.05 26.23 -49.98
CA ILE FB 89 -81.76 26.49 -49.34
C ILE FB 89 -81.86 26.41 -47.83
N ASP FB 90 -82.90 27.02 -47.25
CA ASP FB 90 -83.01 27.10 -45.80
C ASP FB 90 -83.33 25.74 -45.20
N ASP FB 91 -84.11 24.92 -45.92
CA ASP FB 91 -84.51 23.63 -45.36
C ASP FB 91 -83.32 22.73 -45.04
N VAL FB 92 -82.18 22.95 -45.70
CA VAL FB 92 -81.04 22.05 -45.51
C VAL FB 92 -80.56 22.07 -44.07
N GLU FB 93 -80.43 23.26 -43.49
CA GLU FB 93 -79.94 23.35 -42.11
C GLU FB 93 -80.91 22.74 -41.12
N ARG FB 94 -82.16 22.48 -41.53
CA ARG FB 94 -83.14 21.77 -40.73
C ARG FB 94 -83.06 20.26 -40.90
N GLY FB 95 -81.94 19.76 -41.42
CA GLY FB 95 -81.81 18.33 -41.67
C GLY FB 95 -82.71 17.82 -42.77
N SER FB 96 -83.03 18.66 -43.76
CA SER FB 96 -83.79 18.22 -44.92
C SER FB 96 -82.83 17.73 -45.98
N GLN FB 97 -83.17 16.60 -46.59
CA GLN FB 97 -82.35 16.00 -47.65
C GLN FB 97 -83.20 15.50 -48.82
N ASP FB 98 -84.26 16.23 -49.16
CA ASP FB 98 -84.99 16.02 -50.41
C ASP FB 98 -85.14 17.33 -51.20
N SER FB 99 -84.23 18.28 -51.00
CA SER FB 99 -84.35 19.59 -51.61
C SER FB 99 -84.23 19.49 -53.12
N ASP FB 100 -84.89 20.42 -53.82
CA ASP FB 100 -84.94 20.41 -55.28
C ASP FB 100 -83.72 21.14 -55.83
N TRP FB 101 -82.94 20.43 -56.66
CA TRP FB 101 -81.77 20.99 -57.34
C TRP FB 101 -81.86 20.77 -58.85
N ASP FB 102 -83.09 20.65 -59.35
CA ASP FB 102 -83.31 20.42 -60.77
C ASP FB 102 -82.73 21.53 -61.64
N PRO FB 103 -82.88 22.82 -61.32
CA PRO FB 103 -82.20 23.84 -62.13
C PRO FB 103 -80.69 23.66 -62.16
N VAL FB 104 -80.09 23.26 -61.04
CA VAL FB 104 -78.66 22.98 -61.02
C VAL FB 104 -78.33 21.86 -62.00
N LYS FB 105 -79.10 20.78 -61.96
CA LYS FB 105 -78.83 19.66 -62.86
C LYS FB 105 -79.00 20.07 -64.32
N ASP FB 106 -80.03 20.85 -64.61
CA ASP FB 106 -80.27 21.30 -65.99
C ASP FB 106 -79.13 22.18 -66.48
N ALA FB 107 -78.65 23.10 -65.64
CA ALA FB 107 -77.54 23.96 -66.05
C ALA FB 107 -76.28 23.14 -66.28
N ALA FB 108 -76.02 22.16 -65.42
CA ALA FB 108 -74.85 21.31 -65.62
C ALA FB 108 -74.97 20.53 -66.94
N LYS FB 109 -76.16 20.01 -67.23
CA LYS FB 109 -76.37 19.31 -68.49
C LYS FB 109 -76.12 20.23 -69.67
N LYS FB 110 -76.62 21.45 -69.60
CA LYS FB 110 -76.46 22.41 -70.69
C LYS FB 110 -74.99 22.72 -70.93
N LEU FB 111 -74.24 22.95 -69.84
CA LEU FB 111 -72.81 23.25 -69.98
C LEU FB 111 -72.05 22.07 -70.57
N ALA FB 112 -72.34 20.86 -70.09
CA ALA FB 112 -71.69 19.68 -70.63
C ALA FB 112 -71.99 19.53 -72.11
N PHE FB 113 -73.25 19.78 -72.50
CA PHE FB 113 -73.63 19.61 -73.90
C PHE FB 113 -72.92 20.62 -74.79
N VAL FB 114 -72.83 21.87 -74.35
CA VAL FB 114 -72.14 22.87 -75.16
C VAL FB 114 -70.67 22.51 -75.29
N GLU FB 115 -70.04 22.07 -74.19
CA GLU FB 115 -68.63 21.71 -74.24
C GLU FB 115 -68.39 20.56 -75.22
N ASP FB 116 -69.20 19.50 -75.10
CA ASP FB 116 -69.01 18.33 -75.95
C ASP FB 116 -69.31 18.66 -77.41
N ARG FB 117 -70.32 19.49 -77.66
CA ARG FB 117 -70.64 19.89 -79.03
C ARG FB 117 -69.57 20.76 -79.64
N ALA FB 118 -68.94 21.65 -78.86
CA ALA FB 118 -67.79 22.39 -79.37
C ALA FB 118 -66.62 21.47 -79.67
N ILE FB 119 -66.39 20.46 -78.81
CA ILE FB 119 -65.28 19.55 -79.04
C ILE FB 119 -65.51 18.74 -80.32
N PHE FB 120 -66.71 18.21 -80.51
CA PHE FB 120 -66.95 17.22 -81.55
C PHE FB 120 -67.56 17.78 -82.83
N GLU FB 121 -68.04 19.02 -82.82
CA GLU FB 121 -68.74 19.58 -83.98
C GLU FB 121 -68.21 20.95 -84.38
N GLY FB 122 -67.69 21.73 -83.45
CA GLY FB 122 -67.09 23.01 -83.77
C GLY FB 122 -67.94 24.18 -83.30
N TYR FB 123 -67.27 25.23 -82.83
CA TYR FB 123 -67.89 26.49 -82.43
C TYR FB 123 -67.12 27.58 -83.18
N ALA FB 124 -67.63 27.95 -84.36
CA ALA FB 124 -66.83 28.75 -85.29
C ALA FB 124 -66.46 30.10 -84.71
N ALA FB 125 -67.42 30.78 -84.07
CA ALA FB 125 -67.15 32.13 -83.57
C ALA FB 125 -65.99 32.14 -82.59
N ALA FB 126 -65.75 31.02 -81.90
CA ALA FB 126 -64.60 30.88 -81.03
C ALA FB 126 -63.39 30.32 -81.75
N SER FB 127 -63.44 30.24 -83.08
CA SER FB 127 -62.35 29.70 -83.89
C SER FB 127 -62.05 28.24 -83.55
N ILE FB 128 -63.06 27.52 -83.09
CA ILE FB 128 -62.92 26.12 -82.70
C ILE FB 128 -63.38 25.26 -83.87
N GLU FB 129 -62.44 24.55 -84.49
CA GLU FB 129 -62.76 23.57 -85.52
C GLU FB 129 -62.89 22.20 -84.87
N GLY FB 130 -64.03 21.56 -85.07
CA GLY FB 130 -64.32 20.31 -84.39
C GLY FB 130 -63.60 19.12 -85.01
N ILE FB 131 -63.67 18.00 -84.29
CA ILE FB 131 -63.08 16.76 -84.78
C ILE FB 131 -63.70 16.33 -86.08
N ARG FB 132 -65.02 16.50 -86.24
CA ARG FB 132 -65.69 16.10 -87.46
C ARG FB 132 -65.11 16.80 -88.69
N SER FB 133 -64.95 18.13 -88.62
CA SER FB 133 -64.40 18.87 -89.74
C SER FB 133 -62.91 18.60 -89.91
N SER FB 134 -62.16 18.60 -88.81
CA SER FB 134 -60.72 18.43 -88.89
C SER FB 134 -60.31 17.02 -89.33
N SER FB 135 -61.23 16.06 -89.25
CA SER FB 135 -60.89 14.70 -89.64
C SER FB 135 -60.59 14.62 -91.13
N SER FB 136 -59.52 13.88 -91.46
CA SER FB 136 -59.14 13.67 -92.85
C SER FB 136 -59.66 12.37 -93.44
N ASN FB 137 -59.84 11.34 -92.61
CA ASN FB 137 -60.37 10.08 -93.09
C ASN FB 137 -61.81 10.28 -93.57
N PRO FB 138 -62.24 9.56 -94.61
CA PRO FB 138 -63.59 9.78 -95.14
C PRO FB 138 -64.66 9.46 -94.10
N ALA FB 139 -65.73 10.25 -94.12
CA ALA FB 139 -66.84 10.05 -93.20
C ALA FB 139 -67.77 8.96 -93.71
N LEU FB 140 -68.43 8.28 -92.78
CA LEU FB 140 -69.36 7.22 -93.10
C LEU FB 140 -70.79 7.61 -92.69
N ALA FB 141 -71.73 6.76 -93.07
CA ALA FB 141 -73.15 6.98 -92.77
C ALA FB 141 -73.63 5.88 -91.83
N LEU FB 142 -74.31 6.29 -90.76
CA LEU FB 142 -74.84 5.34 -89.79
C LEU FB 142 -76.12 4.72 -90.36
N PRO FB 143 -76.19 3.40 -90.54
CA PRO FB 143 -77.41 2.82 -91.10
C PRO FB 143 -78.63 3.06 -90.23
N ASP FB 144 -79.78 3.20 -90.88
CA ASP FB 144 -81.03 3.39 -90.14
C ASP FB 144 -81.29 2.21 -89.22
N ASP FB 145 -81.05 0.99 -89.71
CA ASP FB 145 -81.20 -0.20 -88.89
C ASP FB 145 -80.03 -0.32 -87.92
N ALA FB 146 -80.28 -0.99 -86.80
CA ALA FB 146 -79.25 -1.16 -85.78
C ALA FB 146 -78.37 -2.38 -86.01
N ARG FB 147 -78.73 -3.25 -86.97
CA ARG FB 147 -78.01 -4.50 -87.14
C ARG FB 147 -76.73 -4.33 -87.96
N GLU FB 148 -76.66 -3.28 -88.78
CA GLU FB 148 -75.52 -3.06 -89.67
C GLU FB 148 -74.49 -2.11 -89.09
N ILE FB 149 -74.73 -1.54 -87.90
CA ILE FB 149 -73.78 -0.60 -87.32
C ILE FB 149 -72.42 -1.23 -87.10
N PRO FB 150 -72.30 -2.45 -86.58
CA PRO FB 150 -70.96 -3.03 -86.36
C PRO FB 150 -70.14 -3.13 -87.64
N ASP FB 151 -70.77 -3.38 -88.78
CA ASP FB 151 -70.02 -3.42 -90.03
C ASP FB 151 -69.41 -2.07 -90.35
N VAL FB 152 -70.17 -0.99 -90.14
CA VAL FB 152 -69.66 0.34 -90.41
C VAL FB 152 -68.53 0.68 -89.43
N ILE FB 153 -68.66 0.25 -88.18
CA ILE FB 153 -67.59 0.48 -87.21
C ILE FB 153 -66.33 -0.27 -87.62
N ALA FB 154 -66.48 -1.50 -88.11
CA ALA FB 154 -65.32 -2.25 -88.59
C ALA FB 154 -64.68 -1.55 -89.78
N GLN FB 155 -65.50 -0.99 -90.68
CA GLN FB 155 -64.97 -0.21 -91.79
C GLN FB 155 -64.17 0.99 -91.30
N ALA FB 156 -64.70 1.71 -90.30
CA ALA FB 156 -64.00 2.88 -89.78
C ALA FB 156 -62.69 2.48 -89.12
N LEU FB 157 -62.70 1.38 -88.36
CA LEU FB 157 -61.45 0.88 -87.81
C LEU FB 157 -60.47 0.54 -88.91
N SER FB 158 -60.96 -0.08 -89.99
CA SER FB 158 -60.09 -0.37 -91.13
C SER FB 158 -59.50 0.91 -91.71
N GLU FB 159 -60.29 1.99 -91.76
CA GLU FB 159 -59.77 3.23 -92.32
C GLU FB 159 -58.66 3.82 -91.44
N LEU FB 160 -58.95 4.03 -90.16
CA LEU FB 160 -57.92 4.51 -89.22
C LEU FB 160 -56.67 3.65 -89.32
N ARG FB 161 -56.88 2.34 -89.27
CA ARG FB 161 -55.84 1.36 -89.08
C ARG FB 161 -55.10 1.08 -90.36
N LEU FB 162 -55.69 1.45 -91.49
CA LEU FB 162 -54.95 1.66 -92.72
C LEU FB 162 -54.08 2.90 -92.62
N ALA FB 163 -54.67 4.01 -92.17
CA ALA FB 163 -53.96 5.29 -92.14
C ALA FB 163 -52.72 5.22 -91.27
N GLY FB 164 -52.68 4.29 -90.32
CA GLY FB 164 -51.45 4.03 -89.58
C GLY FB 164 -51.48 4.46 -88.14
N VAL FB 165 -52.64 4.74 -87.58
CA VAL FB 165 -52.74 5.15 -86.18
C VAL FB 165 -52.85 3.92 -85.29
N ASP FB 166 -52.28 4.03 -84.09
CA ASP FB 166 -52.27 2.93 -83.14
C ASP FB 166 -52.84 3.35 -81.80
N GLY FB 167 -52.73 2.48 -80.80
CA GLY FB 167 -53.25 2.75 -79.49
C GLY FB 167 -54.70 2.29 -79.35
N PRO FB 168 -55.20 2.23 -78.12
CA PRO FB 168 -56.58 1.76 -77.93
C PRO FB 168 -57.57 2.61 -78.71
N TYR FB 169 -58.57 1.94 -79.28
CA TYR FB 169 -59.61 2.60 -80.03
C TYR FB 169 -60.90 2.65 -79.22
N SER FB 170 -61.68 3.70 -79.45
CA SER FB 170 -62.87 3.96 -78.66
C SER FB 170 -63.99 4.46 -79.55
N VAL FB 171 -65.22 4.09 -79.18
CA VAL FB 171 -66.41 4.45 -79.93
C VAL FB 171 -67.27 5.31 -79.03
N LEU FB 172 -67.58 6.52 -79.50
CA LEU FB 172 -68.50 7.44 -78.82
C LEU FB 172 -69.80 7.45 -79.62
N LEU FB 173 -70.90 7.09 -78.96
CA LEU FB 173 -72.19 6.98 -79.62
C LEU FB 173 -73.15 8.04 -79.12
N SER FB 174 -74.05 8.46 -80.00
CA SER FB 174 -75.03 9.48 -79.69
C SER FB 174 -76.07 8.91 -78.73
N ALA FB 175 -76.93 9.76 -78.20
CA ALA FB 175 -78.02 9.29 -77.36
C ALA FB 175 -78.97 8.40 -78.15
N GLU FB 176 -79.37 8.85 -79.33
CA GLU FB 176 -80.35 8.11 -80.13
C GLU FB 176 -79.75 6.80 -80.62
N THR FB 177 -78.48 6.80 -81.01
CA THR FB 177 -77.83 5.58 -81.47
C THR FB 177 -77.57 4.61 -80.32
N TYR FB 178 -77.16 5.11 -79.16
CA TYR FB 178 -76.93 4.25 -78.01
C TYR FB 178 -78.22 3.63 -77.52
N THR FB 179 -79.31 4.40 -77.48
CA THR FB 179 -80.61 3.82 -77.15
C THR FB 179 -80.97 2.71 -78.13
N LYS FB 180 -80.70 2.92 -79.42
CA LYS FB 180 -81.03 1.92 -80.42
C LYS FB 180 -80.24 0.64 -80.20
N VAL FB 181 -78.91 0.76 -80.07
CA VAL FB 181 -78.09 -0.44 -79.93
C VAL FB 181 -78.36 -1.12 -78.59
N SER FB 182 -78.81 -0.38 -77.59
CA SER FB 182 -79.10 -0.98 -76.29
C SER FB 182 -80.42 -1.74 -76.33
N GLU FB 183 -81.49 -1.10 -76.80
CA GLU FB 183 -82.79 -1.77 -76.85
C GLU FB 183 -82.76 -2.94 -77.81
N THR FB 184 -82.14 -2.76 -78.98
CA THR FB 184 -82.06 -3.84 -79.96
C THR FB 184 -81.18 -4.96 -79.44
N THR FB 185 -81.53 -6.19 -79.79
CA THR FB 185 -80.84 -7.38 -79.30
C THR FB 185 -80.69 -8.38 -80.43
N ALA FB 186 -79.72 -9.27 -80.28
CA ALA FB 186 -79.46 -10.33 -81.26
C ALA FB 186 -78.80 -11.50 -80.56
N HIS FB 187 -79.33 -12.71 -80.79
CA HIS FB 187 -78.79 -13.93 -80.21
C HIS FB 187 -78.66 -13.84 -78.69
N GLY FB 188 -79.54 -13.05 -78.07
CA GLY FB 188 -79.52 -12.90 -76.64
C GLY FB 188 -78.48 -11.94 -76.11
N TYR FB 189 -77.89 -11.10 -76.95
CA TYR FB 189 -77.02 -10.03 -76.51
C TYR FB 189 -77.38 -8.73 -77.22
N PRO FB 190 -77.23 -7.58 -76.57
CA PRO FB 190 -77.48 -6.30 -77.25
C PRO FB 190 -76.49 -6.03 -78.36
N ILE FB 191 -76.97 -5.25 -79.34
CA ILE FB 191 -76.11 -4.81 -80.42
C ILE FB 191 -74.98 -3.96 -79.87
N ARG FB 192 -75.17 -3.33 -78.71
CA ARG FB 192 -74.08 -2.60 -78.07
C ARG FB 192 -72.95 -3.54 -77.65
N GLU FB 193 -73.28 -4.69 -77.07
CA GLU FB 193 -72.24 -5.67 -76.76
C GLU FB 193 -71.60 -6.18 -78.03
N HIS FB 194 -72.40 -6.42 -79.07
CA HIS FB 194 -71.84 -6.76 -80.38
C HIS FB 194 -70.78 -5.75 -80.79
N ILE FB 195 -71.07 -4.45 -80.66
CA ILE FB 195 -70.10 -3.42 -81.00
C ILE FB 195 -68.87 -3.52 -80.09
N ASN FB 196 -69.10 -3.63 -78.78
CA ASN FB 196 -68.00 -3.65 -77.82
C ASN FB 196 -67.01 -4.76 -78.14
N ARG FB 197 -67.50 -5.89 -78.66
CA ARG FB 197 -66.62 -7.02 -78.92
C ARG FB 197 -65.44 -6.67 -79.81
N LEU FB 198 -65.58 -5.67 -80.68
CA LEU FB 198 -64.57 -5.36 -81.68
C LEU FB 198 -63.42 -4.54 -81.12
N VAL FB 199 -63.72 -3.46 -80.40
CA VAL FB 199 -62.70 -2.51 -79.98
C VAL FB 199 -61.96 -3.02 -78.77
N ASP FB 200 -60.80 -2.41 -78.51
CA ASP FB 200 -59.99 -2.70 -77.35
C ASP FB 200 -60.26 -1.75 -76.19
N GLY FB 201 -60.81 -0.56 -76.47
CA GLY FB 201 -61.04 0.43 -75.45
C GLY FB 201 -62.40 0.32 -74.80
N GLU FB 202 -63.19 1.39 -74.89
CA GLU FB 202 -64.48 1.47 -74.21
C GLU FB 202 -65.54 2.01 -75.15
N ILE FB 203 -66.80 1.78 -74.79
CA ILE FB 203 -67.95 2.38 -75.45
C ILE FB 203 -68.41 3.54 -74.57
N ILE FB 204 -68.62 4.71 -75.18
CA ILE FB 204 -68.89 5.95 -74.44
C ILE FB 204 -70.19 6.58 -74.91
N TRP FB 205 -70.96 7.11 -73.95
CA TRP FB 205 -72.13 7.92 -74.19
C TRP FB 205 -71.72 9.32 -74.66
N ALA FB 206 -72.29 9.77 -75.76
CA ALA FB 206 -72.08 11.14 -76.22
C ALA FB 206 -73.41 11.78 -76.60
N PRO FB 207 -74.24 12.18 -75.64
CA PRO FB 207 -75.57 12.68 -76.00
C PRO FB 207 -75.51 13.97 -76.78
N ALA FB 208 -74.55 14.82 -76.46
CA ALA FB 208 -74.42 16.12 -77.11
C ALA FB 208 -74.13 15.98 -78.59
N ILE FB 209 -73.31 15.01 -78.98
CA ILE FB 209 -72.91 14.85 -80.37
C ILE FB 209 -74.05 14.19 -81.13
N ASP FB 210 -73.97 14.24 -82.46
CA ASP FB 210 -74.96 13.64 -83.33
C ASP FB 210 -74.25 12.68 -84.27
N GLY FB 211 -74.59 11.39 -84.18
CA GLY FB 211 -73.96 10.39 -85.02
C GLY FB 211 -73.14 9.41 -84.21
N ALA FB 212 -71.89 9.19 -84.64
CA ALA FB 212 -70.98 8.31 -83.91
C ALA FB 212 -69.55 8.68 -84.29
N PHE FB 213 -68.60 8.27 -83.45
CA PHE FB 213 -67.19 8.60 -83.69
C PHE FB 213 -66.33 7.43 -83.24
N VAL FB 214 -65.38 7.04 -84.08
CA VAL FB 214 -64.40 6.02 -83.72
C VAL FB 214 -63.02 6.69 -83.76
N LEU FB 215 -62.32 6.69 -82.62
CA LEU FB 215 -61.08 7.45 -82.54
C LEU FB 215 -60.05 6.71 -81.69
N SER FB 216 -58.78 7.08 -81.90
CA SER FB 216 -57.68 6.52 -81.15
C SER FB 216 -57.45 7.32 -79.87
N THR FB 217 -56.90 6.65 -78.86
CA THR FB 217 -56.60 7.26 -77.57
C THR FB 217 -55.15 7.08 -77.18
N ARG FB 218 -54.27 6.94 -78.17
CA ARG FB 218 -52.84 6.84 -77.88
C ARG FB 218 -52.34 8.09 -77.15
N GLY FB 219 -52.82 9.25 -77.56
CA GLY FB 219 -52.43 10.50 -76.94
C GLY FB 219 -51.72 11.44 -77.89
N GLY FB 220 -51.80 12.74 -77.63
CA GLY FB 220 -51.12 13.72 -78.44
C GLY FB 220 -51.87 14.18 -79.68
N ASP FB 221 -53.14 13.79 -79.84
CA ASP FB 221 -53.92 14.18 -81.00
C ASP FB 221 -55.03 15.18 -80.70
N PHE FB 222 -55.55 15.21 -79.47
CA PHE FB 222 -56.61 16.14 -79.10
C PHE FB 222 -56.22 16.81 -77.79
N ASP FB 223 -56.46 18.11 -77.68
CA ASP FB 223 -56.09 18.87 -76.48
C ASP FB 223 -57.25 19.80 -76.10
N LEU FB 224 -57.78 19.60 -74.90
CA LEU FB 224 -58.79 20.49 -74.34
C LEU FB 224 -58.07 21.42 -73.35
N GLN FB 225 -57.90 22.68 -73.75
CA GLN FB 225 -57.21 23.65 -72.91
C GLN FB 225 -58.23 24.37 -72.03
N LEU FB 226 -57.97 24.38 -70.73
CA LEU FB 226 -58.83 25.04 -69.76
C LEU FB 226 -58.05 26.16 -69.09
N GLY FB 227 -58.66 27.34 -69.01
CA GLY FB 227 -58.11 28.41 -68.21
C GLY FB 227 -58.56 28.27 -66.77
N THR FB 228 -59.86 28.09 -66.58
CA THR FB 228 -60.44 27.79 -65.28
C THR FB 228 -61.48 26.70 -65.47
N ASP FB 229 -61.50 25.75 -64.53
CA ASP FB 229 -62.43 24.63 -64.61
C ASP FB 229 -63.84 25.11 -64.27
N VAL FB 230 -64.78 24.17 -64.20
CA VAL FB 230 -66.17 24.52 -63.92
C VAL FB 230 -66.27 25.14 -62.54
N SER FB 231 -66.98 26.27 -62.45
CA SER FB 231 -67.15 26.97 -61.18
C SER FB 231 -68.58 27.48 -61.09
N ILE FB 232 -69.05 27.70 -59.86
CA ILE FB 232 -70.39 28.20 -59.60
C ILE FB 232 -70.28 29.55 -58.90
N GLY FB 233 -71.03 30.53 -59.40
CA GLY FB 233 -70.97 31.87 -58.86
C GLY FB 233 -72.33 32.47 -58.52
N TYR FB 234 -72.32 33.72 -58.10
CA TYR FB 234 -73.52 34.42 -57.62
C TYR FB 234 -73.63 35.76 -58.33
N LEU FB 235 -74.83 36.10 -58.82
CA LEU FB 235 -75.06 37.39 -59.44
C LEU FB 235 -75.88 38.32 -58.56
N SER FB 236 -77.05 37.89 -58.12
CA SER FB 236 -77.93 38.72 -57.32
C SER FB 236 -78.89 37.80 -56.57
N HIS FB 237 -79.76 38.39 -55.75
CA HIS FB 237 -80.69 37.61 -54.94
C HIS FB 237 -81.91 38.45 -54.63
N ASP FB 238 -82.95 37.78 -54.15
CA ASP FB 238 -84.23 38.39 -53.86
C ASP FB 238 -84.79 37.75 -52.59
N ALA FB 239 -85.94 38.21 -52.15
CA ALA FB 239 -86.57 37.65 -50.96
C ALA FB 239 -86.98 36.19 -51.15
N GLU FB 240 -87.01 35.69 -52.38
CA GLU FB 240 -87.47 34.34 -52.66
C GLU FB 240 -86.45 33.48 -53.38
N VAL FB 241 -85.58 34.07 -54.20
CA VAL FB 241 -84.69 33.32 -55.08
C VAL FB 241 -83.29 33.89 -55.05
N VAL FB 242 -82.34 33.10 -55.54
CA VAL FB 242 -80.97 33.54 -55.75
C VAL FB 242 -80.58 33.14 -57.17
N HIS FB 243 -79.88 34.04 -57.86
CA HIS FB 243 -79.44 33.79 -59.23
C HIS FB 243 -77.95 33.44 -59.22
N LEU FB 244 -77.63 32.26 -59.77
CA LEU FB 244 -76.27 31.75 -59.83
C LEU FB 244 -75.94 31.41 -61.27
N TYR FB 245 -74.67 31.08 -61.52
CA TYR FB 245 -74.23 30.70 -62.85
C TYR FB 245 -73.15 29.64 -62.74
N MET FB 246 -73.05 28.81 -63.77
CA MET FB 246 -71.94 27.88 -63.92
C MET FB 246 -71.07 28.35 -65.08
N GLU FB 247 -69.77 28.44 -64.82
CA GLU FB 247 -68.83 29.11 -65.70
C GLU FB 247 -67.63 28.21 -65.99
N GLU FB 248 -67.15 28.25 -67.23
CA GLU FB 248 -65.88 27.60 -67.55
C GLU FB 248 -65.26 28.26 -68.78
N THR FB 249 -63.94 28.41 -68.76
CA THR FB 249 -63.19 29.04 -69.84
C THR FB 249 -62.32 27.99 -70.52
N MET FB 250 -62.53 27.79 -71.82
CA MET FB 250 -61.94 26.65 -72.50
C MET FB 250 -61.67 26.96 -73.97
N THR FB 251 -60.92 26.05 -74.59
CA THR FB 251 -60.80 25.95 -76.04
C THR FB 251 -60.37 24.52 -76.36
N PHE FB 252 -60.51 24.15 -77.64
CA PHE FB 252 -60.19 22.80 -78.07
C PHE FB 252 -59.31 22.85 -79.32
N LEU FB 253 -58.33 21.95 -79.39
CA LEU FB 253 -57.43 21.85 -80.53
C LEU FB 253 -57.30 20.40 -80.96
N CYS FB 254 -57.34 20.18 -82.28
CA CYS FB 254 -57.05 18.88 -82.87
C CYS FB 254 -55.77 19.00 -83.69
N TYR FB 255 -54.84 18.08 -83.45
CA TYR FB 255 -53.54 18.11 -84.11
C TYR FB 255 -53.39 17.04 -85.17
N THR FB 256 -53.94 15.86 -84.94
CA THR FB 256 -53.85 14.74 -85.87
C THR FB 256 -55.23 14.53 -86.50
N ALA FB 257 -55.30 14.75 -87.83
CA ALA FB 257 -56.58 14.64 -88.53
C ALA FB 257 -56.91 13.19 -88.88
N GLU FB 258 -55.95 12.28 -88.76
CA GLU FB 258 -56.14 10.90 -89.19
C GLU FB 258 -56.43 9.95 -88.03
N ALA FB 259 -56.63 10.45 -86.82
CA ALA FB 259 -56.84 9.61 -85.64
C ALA FB 259 -58.31 9.42 -85.30
N SER FB 260 -59.22 9.86 -86.18
CA SER FB 260 -60.65 9.76 -85.90
C SER FB 260 -61.40 9.50 -87.20
N VAL FB 261 -62.60 8.91 -87.05
CA VAL FB 261 -63.52 8.67 -88.15
C VAL FB 261 -64.91 9.05 -87.64
N ALA FB 262 -65.64 9.78 -88.47
CA ALA FB 262 -66.96 10.28 -88.09
C ALA FB 262 -68.04 9.56 -88.89
N LEU FB 263 -69.15 9.27 -88.23
CA LEU FB 263 -70.30 8.63 -88.84
C LEU FB 263 -71.51 9.52 -88.63
N THR FB 264 -72.15 9.93 -89.73
CA THR FB 264 -73.24 10.89 -89.68
C THR FB 264 -74.58 10.16 -89.71
N PRO FB 265 -75.60 10.69 -89.02
CA PRO FB 265 -76.91 10.03 -88.98
C PRO FB 265 -77.51 9.81 -90.36
N ASN GB 2 49.17 -58.70 -48.49
CA ASN GB 2 49.51 -59.97 -47.85
C ASN GB 2 50.24 -60.88 -48.83
N ASN GB 3 50.49 -62.12 -48.41
CA ASN GB 3 51.27 -63.05 -49.21
C ASN GB 3 50.52 -63.55 -50.45
N LEU GB 4 49.21 -63.28 -50.54
CA LEU GB 4 48.46 -63.70 -51.72
C LEU GB 4 48.91 -62.92 -52.95
N TYR GB 5 49.26 -61.64 -52.78
CA TYR GB 5 49.68 -60.79 -53.88
C TYR GB 5 48.58 -60.67 -54.95
N ARG GB 6 47.35 -60.47 -54.49
CA ARG GB 6 46.24 -60.28 -55.41
C ARG GB 6 46.26 -58.92 -56.08
N ASP GB 7 46.79 -57.89 -55.42
CA ASP GB 7 46.83 -56.56 -56.00
C ASP GB 7 47.67 -56.52 -57.27
N LEU GB 8 48.55 -57.51 -57.47
CA LEU GB 8 49.40 -57.56 -58.65
C LEU GB 8 48.77 -58.33 -59.81
N ALA GB 9 47.61 -58.96 -59.59
CA ALA GB 9 47.01 -59.77 -60.64
C ALA GB 9 46.17 -58.90 -61.57
N PRO GB 10 46.15 -59.20 -62.88
CA PRO GB 10 45.31 -58.43 -63.82
C PRO GB 10 43.86 -58.90 -63.81
N ILE GB 11 43.19 -58.74 -62.67
CA ILE GB 11 41.82 -59.19 -62.48
C ILE GB 11 41.05 -58.10 -61.77
N THR GB 12 39.81 -57.87 -62.20
CA THR GB 12 38.97 -56.83 -61.64
C THR GB 12 38.24 -57.34 -60.39
N GLU GB 13 37.64 -56.40 -59.66
CA GLU GB 13 36.92 -56.75 -58.44
C GLU GB 13 35.74 -57.68 -58.74
N SER GB 14 35.02 -57.40 -59.82
CA SER GB 14 33.86 -58.23 -60.16
C SER GB 14 34.28 -59.66 -60.49
N ALA GB 15 35.34 -59.82 -61.27
CA ALA GB 15 35.81 -61.16 -61.60
C ALA GB 15 36.34 -61.87 -60.36
N TRP GB 16 37.03 -61.14 -59.48
CA TRP GB 16 37.47 -61.73 -58.22
C TRP GB 16 36.27 -62.24 -57.42
N ALA GB 17 35.21 -61.43 -57.35
CA ALA GB 17 34.02 -61.86 -56.62
C ALA GB 17 33.39 -63.10 -57.25
N GLU GB 18 33.30 -63.13 -58.58
CA GLU GB 18 32.74 -64.29 -59.25
C GLU GB 18 33.55 -65.55 -58.95
N ILE GB 19 34.88 -65.44 -59.03
CA ILE GB 19 35.72 -66.61 -58.78
C ILE GB 19 35.57 -67.08 -57.34
N GLU GB 20 35.59 -66.14 -56.39
CA GLU GB 20 35.44 -66.52 -54.99
C GLU GB 20 34.10 -67.21 -54.75
N LEU GB 21 33.02 -66.65 -55.30
CA LEU GB 21 31.70 -67.24 -55.12
C LEU GB 21 31.65 -68.65 -55.70
N GLU GB 22 32.18 -68.83 -56.92
CA GLU GB 22 32.14 -70.13 -57.56
C GLU GB 22 32.94 -71.16 -56.79
N ALA GB 23 34.13 -70.78 -56.29
CA ALA GB 23 34.93 -71.73 -55.52
C ALA GB 23 34.26 -72.08 -54.20
N THR GB 24 33.72 -71.07 -53.50
CA THR GB 24 33.07 -71.32 -52.22
C THR GB 24 31.89 -72.26 -52.39
N ARG GB 25 31.05 -72.02 -53.40
CA ARG GB 25 29.88 -72.87 -53.61
C ARG GB 25 30.29 -74.33 -53.84
N THR GB 26 31.26 -74.55 -54.72
CA THR GB 26 31.66 -75.92 -55.05
C THR GB 26 32.30 -76.61 -53.85
N PHE GB 27 33.16 -75.90 -53.12
CA PHE GB 27 33.80 -76.51 -51.95
C PHE GB 27 32.76 -76.87 -50.90
N LYS GB 28 31.83 -75.96 -50.61
CA LYS GB 28 30.80 -76.23 -49.62
C LYS GB 28 29.90 -77.38 -50.08
N ARG GB 29 29.75 -77.55 -51.40
CA ARG GB 29 29.02 -78.70 -51.91
C ARG GB 29 29.77 -80.00 -51.64
N HIS GB 30 31.07 -80.03 -51.96
CA HIS GB 30 31.82 -81.28 -51.99
C HIS GB 30 32.44 -81.63 -50.64
N ILE GB 31 32.32 -80.78 -49.63
CA ILE GB 31 32.95 -81.01 -48.34
C ILE GB 31 31.92 -81.65 -47.41
N ALA GB 32 32.39 -82.61 -46.59
CA ALA GB 32 31.52 -83.34 -45.68
C ALA GB 32 32.02 -83.39 -44.25
N GLY GB 33 33.33 -83.49 -44.01
CA GLY GB 33 33.81 -83.63 -42.65
C GLY GB 33 33.47 -82.44 -41.77
N ARG GB 34 33.48 -81.24 -42.35
CA ARG GB 34 33.19 -80.02 -41.62
C ARG GB 34 31.79 -80.02 -41.02
N ARG GB 35 30.89 -80.86 -41.52
CA ARG GB 35 29.53 -80.95 -41.01
C ARG GB 35 29.40 -81.90 -39.83
N VAL GB 36 30.42 -82.70 -39.53
CA VAL GB 36 30.33 -83.69 -38.46
C VAL GB 36 31.54 -83.62 -37.53
N VAL GB 37 32.43 -82.66 -37.75
CA VAL GB 37 33.62 -82.51 -36.91
C VAL GB 37 33.68 -81.09 -36.38
N ASP GB 38 34.07 -80.94 -35.12
CA ASP GB 38 34.30 -79.63 -34.55
C ASP GB 38 35.46 -78.95 -35.27
N VAL GB 39 35.33 -77.65 -35.51
CA VAL GB 39 36.30 -76.86 -36.25
C VAL GB 39 36.86 -75.79 -35.33
N SER GB 40 38.17 -75.79 -35.15
CA SER GB 40 38.86 -74.74 -34.40
C SER GB 40 39.21 -73.64 -35.39
N GLY GB 41 38.55 -72.50 -35.27
CA GLY GB 41 38.67 -71.42 -36.23
C GLY GB 41 40.11 -71.04 -36.50
N PRO GB 42 40.35 -70.31 -37.58
CA PRO GB 42 41.72 -69.94 -37.92
C PRO GB 42 42.40 -69.20 -36.77
N ASN GB 43 43.61 -69.66 -36.43
CA ASN GB 43 44.40 -69.05 -35.37
C ASN GB 43 45.49 -68.12 -35.91
N GLY GB 44 45.57 -67.94 -37.22
CA GLY GB 44 46.49 -67.01 -37.81
C GLY GB 44 47.63 -67.69 -38.54
N PRO GB 45 48.30 -66.96 -39.44
CA PRO GB 45 49.44 -67.55 -40.15
C PRO GB 45 50.60 -67.94 -39.25
N THR GB 46 50.69 -67.36 -38.06
CA THR GB 46 51.77 -67.69 -37.12
C THR GB 46 51.61 -69.07 -36.51
N THR GB 47 50.43 -69.68 -36.62
CA THR GB 47 50.19 -70.98 -36.02
C THR GB 47 50.84 -72.07 -36.86
N ALA GB 48 51.60 -72.96 -36.20
CA ALA GB 48 52.33 -74.01 -36.88
C ALA GB 48 52.10 -75.40 -36.33
N SER GB 49 51.64 -75.53 -35.09
CA SER GB 49 51.47 -76.85 -34.49
C SER GB 49 50.39 -76.77 -33.41
N VAL GB 50 49.90 -77.95 -33.02
CA VAL GB 50 48.88 -78.08 -31.99
C VAL GB 50 49.44 -78.96 -30.88
N SER GB 51 49.48 -78.43 -29.66
CA SER GB 51 49.99 -79.19 -28.52
C SER GB 51 49.03 -80.33 -28.19
N THR GB 52 49.59 -81.46 -27.78
CA THR GB 52 48.78 -82.59 -27.32
C THR GB 52 48.77 -82.74 -25.81
N GLY GB 53 49.65 -82.04 -25.10
CA GLY GB 53 49.73 -82.15 -23.66
C GLY GB 53 50.47 -83.37 -23.16
N HIS GB 54 51.02 -84.19 -24.07
CA HIS GB 54 51.77 -85.37 -23.70
C HIS GB 54 53.27 -85.05 -23.64
N LEU GB 55 54.02 -85.96 -23.04
CA LEU GB 55 55.46 -85.82 -22.87
C LEU GB 55 56.16 -87.01 -23.50
N LEU GB 56 57.38 -86.78 -23.99
CA LEU GB 56 58.21 -87.81 -24.60
C LEU GB 56 59.55 -87.86 -23.88
N ASP GB 57 60.04 -89.08 -23.63
CA ASP GB 57 61.30 -89.25 -22.94
C ASP GB 57 62.46 -88.85 -23.85
N VAL GB 58 63.52 -88.31 -23.23
CA VAL GB 58 64.67 -87.80 -23.96
C VAL GB 58 65.89 -87.87 -23.06
N SER GB 59 67.06 -88.02 -23.69
CA SER GB 59 68.30 -88.14 -22.95
C SER GB 59 68.56 -86.86 -22.14
N PRO GB 60 68.97 -86.98 -20.88
CA PRO GB 60 69.13 -85.77 -20.06
C PRO GB 60 70.38 -85.01 -20.46
N PRO GB 61 70.41 -83.69 -20.21
CA PRO GB 61 71.67 -82.95 -20.40
C PRO GB 61 72.79 -83.45 -19.50
N GLY GB 62 72.47 -83.87 -18.29
CA GLY GB 62 73.51 -84.26 -17.35
C GLY GB 62 72.93 -85.04 -16.19
N ASP GB 63 73.78 -85.23 -15.19
CA ASP GB 63 73.42 -86.05 -14.03
C ASP GB 63 72.39 -85.32 -13.16
N GLY GB 64 71.49 -86.10 -12.57
CA GLY GB 64 70.50 -85.54 -11.67
C GLY GB 64 69.42 -84.72 -12.34
N VAL GB 65 69.25 -84.86 -13.65
CA VAL GB 65 68.29 -84.08 -14.42
C VAL GB 65 67.39 -85.03 -15.19
N ILE GB 66 66.08 -84.78 -15.12
CA ILE GB 66 65.08 -85.55 -15.85
C ILE GB 66 64.53 -84.65 -16.95
N ALA GB 67 64.58 -85.13 -18.19
CA ALA GB 67 64.21 -84.33 -19.36
C ALA GB 67 63.05 -84.99 -20.10
N HIS GB 68 62.10 -84.18 -20.54
CA HIS GB 68 60.97 -84.63 -21.34
C HIS GB 68 60.67 -83.61 -22.41
N LEU GB 69 60.22 -84.08 -23.58
CA LEU GB 69 59.86 -83.21 -24.69
C LEU GB 69 58.36 -83.11 -24.82
N ARG GB 70 57.87 -81.89 -25.02
CA ARG GB 70 56.45 -81.65 -25.25
C ARG GB 70 56.07 -82.12 -26.65
N ASP GB 71 54.87 -82.68 -26.78
CA ASP GB 71 54.43 -83.30 -28.01
C ASP GB 71 53.44 -82.41 -28.74
N ALA GB 72 53.68 -82.22 -30.04
CA ALA GB 72 52.84 -81.36 -30.85
C ALA GB 72 52.62 -82.02 -32.22
N LYS GB 73 51.50 -81.67 -32.83
CA LYS GB 73 51.12 -82.14 -34.15
C LYS GB 73 51.33 -81.01 -35.14
N PRO GB 74 52.18 -81.17 -36.16
CA PRO GB 74 52.41 -80.09 -37.12
C PRO GB 74 51.21 -79.91 -38.05
N LEU GB 75 51.12 -78.70 -38.60
CA LEU GB 75 50.11 -78.35 -39.58
C LEU GB 75 50.68 -78.48 -40.99
N VAL GB 76 49.84 -78.91 -41.92
CA VAL GB 76 50.25 -79.12 -43.31
C VAL GB 76 49.50 -78.16 -44.19
N ARG GB 77 50.20 -77.58 -45.16
CA ARG GB 77 49.64 -76.62 -46.10
C ARG GB 77 49.39 -77.33 -47.43
N LEU GB 78 48.15 -77.25 -47.92
CA LEU GB 78 47.75 -77.85 -49.19
C LEU GB 78 47.49 -76.71 -50.17
N ARG GB 79 48.15 -76.80 -51.33
CA ARG GB 79 48.05 -75.80 -52.38
C ARG GB 79 47.72 -76.49 -53.70
N VAL GB 80 46.64 -76.04 -54.34
CA VAL GB 80 46.21 -76.61 -55.63
C VAL GB 80 46.25 -75.51 -56.67
N PRO GB 81 47.11 -75.58 -57.68
CA PRO GB 81 47.17 -74.53 -58.69
C PRO GB 81 46.19 -74.76 -59.83
N PHE GB 82 45.80 -73.65 -60.46
CA PHE GB 82 44.93 -73.68 -61.63
C PHE GB 82 45.19 -72.44 -62.47
N THR GB 83 44.66 -72.45 -63.68
CA THR GB 83 44.89 -71.42 -64.68
C THR GB 83 43.58 -70.85 -65.17
N VAL GB 84 43.54 -69.54 -65.39
CA VAL GB 84 42.33 -68.86 -65.83
C VAL GB 84 42.66 -68.01 -67.06
N ALA GB 85 41.65 -67.75 -67.88
CA ALA GB 85 41.82 -67.04 -69.14
C ALA GB 85 41.48 -65.56 -68.99
N ARG GB 86 42.40 -64.71 -69.44
CA ARG GB 86 42.22 -63.27 -69.36
C ARG GB 86 41.03 -62.78 -70.18
N ARG GB 87 40.66 -63.50 -71.24
CA ARG GB 87 39.46 -63.14 -72.00
C ARG GB 87 38.19 -63.32 -71.18
N ASP GB 88 38.05 -64.46 -70.49
CA ASP GB 88 36.93 -64.66 -69.59
C ASP GB 88 36.96 -63.65 -68.45
N ILE GB 89 38.16 -63.31 -67.96
CA ILE GB 89 38.25 -62.28 -66.93
C ILE GB 89 37.73 -60.94 -67.45
N ASP GB 90 38.16 -60.55 -68.65
CA ASP GB 90 37.82 -59.23 -69.17
C ASP GB 90 36.33 -59.13 -69.52
N ASP GB 91 35.74 -60.24 -69.99
CA ASP GB 91 34.34 -60.19 -70.40
C ASP GB 91 33.40 -59.79 -69.27
N VAL GB 92 33.82 -59.99 -68.01
CA VAL GB 92 32.92 -59.73 -66.90
C VAL GB 92 32.53 -58.26 -66.84
N GLU GB 93 33.51 -57.37 -66.99
CA GLU GB 93 33.22 -55.93 -66.91
C GLU GB 93 32.34 -55.47 -68.06
N ARG GB 94 32.19 -56.28 -69.11
CA ARG GB 94 31.27 -56.02 -70.20
C ARG GB 94 29.87 -56.56 -69.93
N GLY GB 95 29.55 -56.85 -68.68
CA GLY GB 95 28.25 -57.41 -68.34
C GLY GB 95 28.06 -58.82 -68.85
N SER GB 96 29.14 -59.60 -68.97
CA SER GB 96 29.04 -61.00 -69.33
C SER GB 96 28.88 -61.83 -68.06
N GLN GB 97 27.96 -62.79 -68.11
CA GLN GB 97 27.69 -63.68 -66.98
C GLN GB 97 27.53 -65.13 -67.42
N ASP GB 98 28.31 -65.57 -68.41
CA ASP GB 98 28.45 -66.99 -68.74
C ASP GB 98 29.93 -67.40 -68.78
N SER GB 99 30.79 -66.70 -68.06
CA SER GB 99 32.22 -66.95 -68.12
C SER GB 99 32.56 -68.33 -67.58
N ASP GB 100 33.63 -68.92 -68.10
CA ASP GB 100 34.04 -70.27 -67.75
C ASP GB 100 34.91 -70.23 -66.49
N TRP GB 101 34.47 -70.95 -65.45
CA TRP GB 101 35.21 -71.09 -64.20
C TRP GB 101 35.42 -72.55 -63.85
N ASP GB 102 35.43 -73.41 -64.87
CA ASP GB 102 35.62 -74.84 -64.67
C ASP GB 102 36.93 -75.18 -63.98
N PRO GB 103 38.07 -74.58 -64.33
CA PRO GB 103 39.29 -74.85 -63.54
C PRO GB 103 39.14 -74.49 -62.08
N VAL GB 104 38.45 -73.39 -61.78
CA VAL GB 104 38.19 -73.02 -60.38
C VAL GB 104 37.40 -74.13 -59.70
N LYS GB 105 36.34 -74.61 -60.34
CA LYS GB 105 35.53 -75.65 -59.73
C LYS GB 105 36.33 -76.93 -59.52
N ASP GB 106 37.15 -77.29 -60.51
CA ASP GB 106 37.96 -78.50 -60.39
C ASP GB 106 38.96 -78.40 -59.25
N ALA GB 107 39.61 -77.24 -59.11
CA ALA GB 107 40.56 -77.06 -58.02
C ALA GB 107 39.86 -77.13 -56.66
N ALA GB 108 38.68 -76.51 -56.56
CA ALA GB 108 37.93 -76.58 -55.31
C ALA GB 108 37.56 -78.03 -54.99
N LYS GB 109 37.13 -78.78 -55.99
CA LYS GB 109 36.80 -80.19 -55.78
C LYS GB 109 38.02 -80.96 -55.30
N LYS GB 110 39.17 -80.71 -55.91
CA LYS GB 110 40.40 -81.41 -55.55
C LYS GB 110 40.78 -81.11 -54.10
N LEU GB 111 40.70 -79.84 -53.71
CA LEU GB 111 41.05 -79.47 -52.34
C LEU GB 111 40.10 -80.10 -51.33
N ALA GB 112 38.79 -80.06 -51.63
CA ALA GB 112 37.82 -80.69 -50.74
C ALA GB 112 38.09 -82.18 -50.60
N PHE GB 113 38.42 -82.83 -51.72
CA PHE GB 113 38.65 -84.27 -51.68
C PHE GB 113 39.88 -84.61 -50.85
N VAL GB 114 40.96 -83.85 -51.01
CA VAL GB 114 42.15 -84.13 -50.21
C VAL GB 114 41.86 -83.91 -48.74
N GLU GB 115 41.14 -82.84 -48.41
CA GLU GB 115 40.83 -82.57 -47.01
C GLU GB 115 40.00 -83.70 -46.40
N ASP GB 116 38.94 -84.10 -47.11
CA ASP GB 116 38.06 -85.14 -46.58
C ASP GB 116 38.79 -86.48 -46.49
N ARG GB 117 39.64 -86.79 -47.46
CA ARG GB 117 40.40 -88.03 -47.43
C ARG GB 117 41.43 -88.04 -46.31
N ALA GB 118 42.06 -86.91 -46.02
CA ALA GB 118 42.93 -86.84 -44.84
C ALA GB 118 42.14 -87.02 -43.55
N ILE GB 119 40.95 -86.43 -43.47
CA ILE GB 119 40.14 -86.57 -42.27
C ILE GB 119 39.73 -88.02 -42.05
N PHE GB 120 39.25 -88.69 -43.10
CA PHE GB 120 38.59 -89.98 -42.95
C PHE GB 120 39.48 -91.18 -43.23
N GLU GB 121 40.66 -90.99 -43.80
CA GLU GB 121 41.52 -92.10 -44.20
C GLU GB 121 42.96 -91.96 -43.71
N GLY GB 122 43.44 -90.75 -43.55
CA GLY GB 122 44.77 -90.52 -43.01
C GLY GB 122 45.75 -90.03 -44.06
N TYR GB 123 46.64 -89.12 -43.65
CA TYR GB 123 47.72 -88.60 -44.47
C TYR GB 123 48.99 -88.77 -43.64
N ALA GB 124 49.67 -89.91 -43.82
CA ALA GB 124 50.71 -90.32 -42.88
C ALA GB 124 51.85 -89.32 -42.82
N ALA GB 125 52.31 -88.83 -43.97
CA ALA GB 125 53.46 -87.93 -43.98
C ALA GB 125 53.22 -86.69 -43.15
N ALA GB 126 51.95 -86.28 -43.01
CA ALA GB 126 51.58 -85.18 -42.14
C ALA GB 126 51.26 -85.64 -40.72
N SER GB 127 51.57 -86.90 -40.39
CA SER GB 127 51.29 -87.47 -39.08
C SER GB 127 49.80 -87.45 -38.75
N ILE GB 128 48.97 -87.52 -39.77
CA ILE GB 128 47.51 -87.49 -39.60
C ILE GB 128 47.00 -88.92 -39.65
N GLU GB 129 46.51 -89.41 -38.51
CA GLU GB 129 45.86 -90.71 -38.44
C GLU GB 129 44.36 -90.51 -38.61
N GLY GB 130 43.78 -91.20 -39.59
CA GLY GB 130 42.40 -91.00 -39.93
C GLY GB 130 41.44 -91.67 -38.96
N ILE GB 131 40.16 -91.32 -39.12
CA ILE GB 131 39.11 -91.93 -38.30
C ILE GB 131 39.05 -93.43 -38.49
N ARG GB 132 39.24 -93.90 -39.73
CA ARG GB 132 39.20 -95.34 -39.99
C ARG GB 132 40.22 -96.10 -39.16
N SER GB 133 41.48 -95.64 -39.16
CA SER GB 133 42.51 -96.31 -38.39
C SER GB 133 42.33 -96.10 -36.88
N SER GB 134 42.02 -94.87 -36.48
CA SER GB 134 41.90 -94.57 -35.06
C SER GB 134 40.67 -95.22 -34.42
N SER GB 135 39.72 -95.68 -35.22
CA SER GB 135 38.53 -96.29 -34.66
C SER GB 135 38.87 -97.60 -33.95
N SER GB 136 38.27 -97.79 -32.78
CA SER GB 136 38.47 -99.00 -32.00
C SER GB 136 37.38 -100.04 -32.22
N ASN GB 137 36.16 -99.60 -32.52
CA ASN GB 137 35.08 -100.54 -32.78
C ASN GB 137 35.38 -101.35 -34.04
N PRO GB 138 34.98 -102.62 -34.09
CA PRO GB 138 35.32 -103.44 -35.25
C PRO GB 138 34.71 -102.88 -36.54
N ALA GB 139 35.45 -103.02 -37.62
CA ALA GB 139 34.99 -102.55 -38.93
C ALA GB 139 34.07 -103.58 -39.57
N LEU GB 140 33.15 -103.10 -40.39
CA LEU GB 140 32.21 -103.94 -41.10
C LEU GB 140 32.45 -103.88 -42.61
N ALA GB 141 31.73 -104.73 -43.33
CA ALA GB 141 31.84 -104.81 -44.79
C ALA GB 141 30.52 -104.39 -45.41
N LEU GB 142 30.60 -103.49 -46.39
CA LEU GB 142 29.41 -103.01 -47.07
C LEU GB 142 28.96 -104.07 -48.08
N PRO GB 143 27.75 -104.61 -47.98
CA PRO GB 143 27.33 -105.63 -48.93
C PRO GB 143 27.30 -105.13 -50.36
N ASP GB 144 27.60 -106.02 -51.29
CA ASP GB 144 27.56 -105.66 -52.71
C ASP GB 144 26.16 -105.21 -53.11
N ASP GB 145 25.13 -105.91 -52.63
CA ASP GB 145 23.76 -105.52 -52.89
C ASP GB 145 23.39 -104.32 -52.03
N ALA GB 146 22.42 -103.54 -52.51
CA ALA GB 146 21.99 -102.34 -51.79
C ALA GB 146 20.89 -102.63 -50.77
N ARG GB 147 20.32 -103.83 -50.77
CA ARG GB 147 19.18 -104.11 -49.91
C ARG GB 147 19.59 -104.45 -48.48
N GLU GB 148 20.83 -104.90 -48.28
CA GLU GB 148 21.31 -105.33 -46.97
C GLU GB 148 22.07 -104.23 -46.23
N ILE GB 149 22.27 -103.07 -46.85
CA ILE GB 149 23.03 -102.01 -46.19
C ILE GB 149 22.38 -101.57 -44.89
N PRO GB 150 21.06 -101.38 -44.81
CA PRO GB 150 20.47 -100.94 -43.53
C PRO GB 150 20.74 -101.90 -42.38
N ASP GB 151 20.81 -103.20 -42.64
CA ASP GB 151 21.13 -104.14 -41.58
C ASP GB 151 22.53 -103.89 -41.03
N VAL GB 152 23.49 -103.64 -41.92
CA VAL GB 152 24.85 -103.38 -41.48
C VAL GB 152 24.92 -102.06 -40.70
N ILE GB 153 24.15 -101.07 -41.14
CA ILE GB 153 24.11 -99.80 -40.41
C ILE GB 153 23.52 -100.00 -39.01
N ALA GB 154 22.48 -100.82 -38.91
CA ALA GB 154 21.91 -101.13 -37.59
C ALA GB 154 22.92 -101.85 -36.72
N GLN GB 155 23.71 -102.76 -37.31
CA GLN GB 155 24.78 -103.42 -36.56
C GLN GB 155 25.80 -102.42 -36.05
N ALA GB 156 26.20 -101.47 -36.90
CA ALA GB 156 27.18 -100.47 -36.49
C ALA GB 156 26.64 -99.59 -35.38
N LEU GB 157 25.36 -99.18 -35.49
CA LEU GB 157 24.75 -98.44 -34.40
C LEU GB 157 24.74 -99.26 -33.13
N SER GB 158 24.44 -100.55 -33.24
CA SER GB 158 24.49 -101.43 -32.07
C SER GB 158 25.89 -101.45 -31.46
N GLU GB 159 26.93 -101.44 -32.30
CA GLU GB 159 28.29 -101.47 -31.77
C GLU GB 159 28.63 -100.18 -31.01
N LEU GB 160 28.46 -99.03 -31.66
CA LEU GB 160 28.67 -97.75 -30.99
C LEU GB 160 27.89 -97.69 -29.68
N ARG GB 161 26.61 -98.06 -29.77
CA ARG GB 161 25.63 -97.84 -28.74
C ARG GB 161 25.73 -98.88 -27.64
N LEU GB 162 26.40 -99.99 -27.93
CA LEU GB 162 26.96 -100.84 -26.90
C LEU GB 162 28.13 -100.17 -26.21
N ALA GB 163 29.06 -99.63 -27.01
CA ALA GB 163 30.29 -99.06 -26.46
C ALA GB 163 30.00 -97.91 -25.51
N GLY GB 164 28.83 -97.28 -25.64
CA GLY GB 164 28.39 -96.30 -24.66
C GLY GB 164 28.40 -94.87 -25.12
N VAL GB 165 28.50 -94.62 -26.41
CA VAL GB 165 28.50 -93.26 -26.93
C VAL GB 165 27.07 -92.81 -27.17
N ASP GB 166 26.84 -91.51 -26.97
CA ASP GB 166 25.52 -90.92 -27.12
C ASP GB 166 25.54 -89.74 -28.08
N GLY GB 167 24.43 -89.03 -28.17
CA GLY GB 167 24.30 -87.90 -29.06
C GLY GB 167 23.81 -88.32 -30.44
N PRO GB 168 23.41 -87.36 -31.25
CA PRO GB 168 22.87 -87.70 -32.58
C PRO GB 168 23.89 -88.49 -33.39
N TYR GB 169 23.40 -89.48 -34.12
CA TYR GB 169 24.24 -90.30 -34.97
C TYR GB 169 24.04 -89.93 -36.43
N SER GB 170 25.10 -90.09 -37.21
CA SER GB 170 25.11 -89.64 -38.60
C SER GB 170 25.82 -90.65 -39.47
N VAL GB 171 25.36 -90.77 -40.71
CA VAL GB 171 25.89 -91.72 -41.68
C VAL GB 171 26.46 -90.91 -42.83
N LEU GB 172 27.74 -91.12 -43.11
CA LEU GB 172 28.43 -90.52 -44.26
C LEU GB 172 28.64 -91.62 -45.28
N LEU GB 173 28.10 -91.44 -46.48
CA LEU GB 173 28.16 -92.45 -47.52
C LEU GB 173 29.03 -92.00 -48.68
N SER GB 174 29.66 -92.96 -49.34
CA SER GB 174 30.54 -92.69 -50.46
C SER GB 174 29.71 -92.27 -51.66
N ALA GB 175 30.38 -91.81 -52.71
CA ALA GB 175 29.66 -91.48 -53.95
C ALA GB 175 29.02 -92.72 -54.55
N GLU GB 176 29.78 -93.80 -54.65
CA GLU GB 176 29.28 -95.02 -55.29
C GLU GB 176 28.16 -95.64 -54.46
N THR GB 177 28.29 -95.62 -53.13
CA THR GB 177 27.26 -96.18 -52.27
C THR GB 177 26.01 -95.30 -52.25
N TYR GB 178 26.17 -93.98 -52.23
CA TYR GB 178 25.03 -93.09 -52.25
C TYR GB 178 24.28 -93.19 -53.56
N THR GB 179 24.99 -93.26 -54.68
CA THR GB 179 24.33 -93.49 -55.96
C THR GB 179 23.52 -94.80 -55.93
N LYS GB 180 24.09 -95.84 -55.34
CA LYS GB 180 23.42 -97.13 -55.28
C LYS GB 180 22.13 -97.03 -54.46
N VAL GB 181 22.23 -96.49 -53.24
CA VAL GB 181 21.05 -96.43 -52.38
C VAL GB 181 20.01 -95.47 -52.94
N SER GB 182 20.44 -94.48 -53.72
CA SER GB 182 19.50 -93.54 -54.31
C SER GB 182 18.76 -94.16 -55.48
N GLU GB 183 19.50 -94.73 -56.44
CA GLU GB 183 18.85 -95.34 -57.60
C GLU GB 183 17.99 -96.53 -57.20
N THR GB 184 18.51 -97.37 -56.30
CA THR GB 184 17.75 -98.53 -55.84
C THR GB 184 16.54 -98.09 -55.04
N THR GB 185 15.45 -98.84 -55.17
CA THR GB 185 14.18 -98.51 -54.53
C THR GB 185 13.53 -99.77 -53.97
N ALA GB 186 12.65 -99.58 -53.00
CA ALA GB 186 11.92 -100.68 -52.39
C ALA GB 186 10.60 -100.16 -51.84
N HIS GB 187 9.50 -100.84 -52.17
CA HIS GB 187 8.17 -100.48 -51.69
C HIS GB 187 7.83 -99.03 -52.01
N GLY GB 188 8.41 -98.50 -53.10
CA GLY GB 188 8.15 -97.14 -53.49
C GLY GB 188 8.93 -96.09 -52.73
N TYR GB 189 9.99 -96.48 -52.01
CA TYR GB 189 10.90 -95.53 -51.40
C TYR GB 189 12.34 -95.94 -51.68
N PRO GB 190 13.26 -94.99 -51.82
CA PRO GB 190 14.68 -95.35 -51.99
C PRO GB 190 15.27 -96.01 -50.76
N ILE GB 191 16.28 -96.85 -51.02
CA ILE GB 191 17.02 -97.46 -49.94
C ILE GB 191 17.69 -96.40 -49.09
N ARG GB 192 17.97 -95.23 -49.65
CA ARG GB 192 18.50 -94.13 -48.86
C ARG GB 192 17.50 -93.66 -47.81
N GLU GB 193 16.22 -93.53 -48.18
CA GLU GB 193 15.22 -93.19 -47.18
C GLU GB 193 15.09 -94.31 -46.16
N HIS GB 194 15.15 -95.57 -46.62
CA HIS GB 194 15.19 -96.69 -45.68
C HIS GB 194 16.29 -96.49 -44.65
N ILE GB 195 17.49 -96.11 -45.09
CA ILE GB 195 18.59 -95.87 -44.16
C ILE GB 195 18.25 -94.70 -43.23
N ASN GB 196 17.79 -93.59 -43.80
CA ASN GB 196 17.50 -92.39 -43.02
C ASN GB 196 16.54 -92.70 -41.87
N ARG GB 197 15.60 -93.61 -42.09
CA ARG GB 197 14.60 -93.89 -41.08
C ARG GB 197 15.21 -94.28 -39.73
N LEU GB 198 16.41 -94.84 -39.72
CA LEU GB 198 17.00 -95.38 -38.50
C LEU GB 198 17.64 -94.30 -37.63
N VAL GB 199 18.46 -93.46 -38.22
CA VAL GB 199 19.28 -92.52 -37.46
C VAL GB 199 18.46 -91.32 -37.04
N ASP GB 200 18.98 -90.58 -36.06
CA ASP GB 200 18.38 -89.36 -35.58
C ASP GB 200 18.97 -88.12 -36.25
N GLY GB 201 20.18 -88.22 -36.81
CA GLY GB 201 20.85 -87.09 -37.41
C GLY GB 201 20.54 -86.92 -38.88
N GLU GB 202 21.58 -86.95 -39.71
CA GLU GB 202 21.45 -86.69 -41.14
C GLU GB 202 22.22 -87.71 -41.94
N ILE GB 203 21.88 -87.82 -43.22
CA ILE GB 203 22.62 -88.60 -44.20
C ILE GB 203 23.49 -87.62 -45.00
N ILE GB 204 24.79 -87.93 -45.13
CA ILE GB 204 25.75 -87.00 -45.71
C ILE GB 204 26.48 -87.64 -46.89
N TRP GB 205 26.70 -86.85 -47.94
CA TRP GB 205 27.53 -87.21 -49.07
C TRP GB 205 29.01 -87.14 -48.67
N ALA GB 206 29.75 -88.20 -48.96
CA ALA GB 206 31.20 -88.20 -48.75
C ALA GB 206 31.90 -88.77 -49.99
N PRO GB 207 32.00 -88.02 -51.08
CA PRO GB 207 32.56 -88.61 -52.30
C PRO GB 207 34.02 -88.96 -52.15
N ALA GB 208 34.76 -88.17 -51.39
CA ALA GB 208 36.19 -88.38 -51.22
C ALA GB 208 36.48 -89.69 -50.52
N ILE GB 209 35.67 -90.06 -49.53
CA ILE GB 209 35.91 -91.26 -48.75
C ILE GB 209 35.48 -92.47 -49.56
N ASP GB 210 35.90 -93.66 -49.12
CA ASP GB 210 35.56 -94.91 -49.77
C ASP GB 210 34.91 -95.81 -48.74
N GLY GB 211 33.64 -96.17 -48.96
CA GLY GB 211 32.92 -97.03 -48.04
C GLY GB 211 31.77 -96.31 -47.38
N ALA GB 212 31.70 -96.39 -46.05
CA ALA GB 212 30.65 -95.69 -45.30
C ALA GB 212 31.13 -95.52 -43.86
N PHE GB 213 30.52 -94.57 -43.15
CA PHE GB 213 30.93 -94.30 -41.77
C PHE GB 213 29.68 -93.94 -40.96
N VAL GB 214 29.55 -94.55 -39.78
CA VAL GB 214 28.50 -94.19 -38.84
C VAL GB 214 29.16 -93.64 -37.58
N LEU GB 215 28.85 -92.39 -37.23
CA LEU GB 215 29.57 -91.76 -36.13
C LEU GB 215 28.64 -90.87 -35.32
N SER GB 216 29.07 -90.59 -34.09
CA SER GB 216 28.33 -89.72 -33.18
C SER GB 216 28.75 -88.27 -33.40
N THR GB 217 27.82 -87.36 -33.09
CA THR GB 217 28.05 -85.92 -33.22
C THR GB 217 27.78 -85.20 -31.92
N ARG GB 218 27.94 -85.88 -30.79
CA ARG GB 218 27.78 -85.22 -29.50
C ARG GB 218 28.78 -84.07 -29.35
N GLY GB 219 30.01 -84.28 -29.80
CA GLY GB 219 31.03 -83.26 -29.71
C GLY GB 219 32.21 -83.68 -28.85
N GLY GB 220 33.38 -83.12 -29.13
CA GLY GB 220 34.57 -83.40 -28.35
C GLY GB 220 35.35 -84.64 -28.76
N ASP GB 221 35.00 -85.26 -29.90
CA ASP GB 221 35.69 -86.46 -30.36
C ASP GB 221 36.55 -86.24 -31.59
N PHE GB 222 36.23 -85.25 -32.44
CA PHE GB 222 37.00 -84.97 -33.64
C PHE GB 222 37.28 -83.48 -33.69
N ASP GB 223 38.50 -83.10 -34.08
CA ASP GB 223 38.90 -81.69 -34.13
C ASP GB 223 39.66 -81.44 -35.43
N LEU GB 224 39.12 -80.55 -36.26
CA LEU GB 224 39.81 -80.09 -37.46
C LEU GB 224 40.43 -78.72 -37.14
N GLN GB 225 41.75 -78.71 -36.98
CA GLN GB 225 42.46 -77.48 -36.65
C GLN GB 225 42.89 -76.78 -37.93
N LEU GB 226 42.53 -75.51 -38.04
CA LEU GB 226 42.89 -74.69 -39.20
C LEU GB 226 43.78 -73.55 -38.75
N GLY GB 227 44.88 -73.34 -39.47
CA GLY GB 227 45.69 -72.16 -39.26
C GLY GB 227 45.15 -71.01 -40.07
N THR GB 228 44.91 -71.26 -41.36
CA THR GB 228 44.24 -70.32 -42.24
C THR GB 228 43.23 -71.09 -43.08
N ASP GB 229 42.06 -70.48 -43.28
CA ASP GB 229 41.00 -71.12 -44.03
C ASP GB 229 41.35 -71.10 -45.53
N VAL GB 230 40.41 -71.56 -46.36
CA VAL GB 230 40.66 -71.62 -47.79
C VAL GB 230 40.86 -70.22 -48.32
N SER GB 231 41.90 -70.04 -49.14
CA SER GB 231 42.22 -68.74 -49.72
C SER GB 231 42.67 -68.94 -51.16
N ILE GB 232 42.53 -67.89 -51.97
CA ILE GB 232 42.91 -67.91 -53.37
C ILE GB 232 44.01 -66.89 -53.59
N GLY GB 233 45.08 -67.29 -54.26
CA GLY GB 233 46.22 -66.43 -54.48
C GLY GB 233 46.68 -66.36 -55.93
N TYR GB 234 47.76 -65.63 -56.16
CA TYR GB 234 48.28 -65.36 -57.49
C TYR GB 234 49.77 -65.69 -57.53
N LEU GB 235 50.22 -66.40 -58.58
CA LEU GB 235 51.63 -66.70 -58.74
C LEU GB 235 52.26 -65.88 -59.85
N SER GB 236 51.71 -65.94 -61.07
CA SER GB 236 52.27 -65.24 -62.21
C SER GB 236 51.16 -65.07 -63.25
N HIS GB 237 51.49 -64.42 -64.36
CA HIS GB 237 50.51 -64.16 -65.40
C HIS GB 237 51.21 -64.00 -66.73
N ASP GB 238 50.41 -64.04 -67.80
CA ASP GB 238 50.90 -64.00 -69.16
C ASP GB 238 49.92 -63.17 -69.98
N ALA GB 239 50.23 -62.97 -71.26
CA ALA GB 239 49.34 -62.22 -72.13
C ALA GB 239 47.99 -62.90 -72.33
N GLU GB 240 47.86 -64.16 -71.98
CA GLU GB 240 46.64 -64.92 -72.21
C GLU GB 240 46.02 -65.51 -70.95
N VAL GB 241 46.83 -65.85 -69.95
CA VAL GB 241 46.37 -66.60 -68.79
C VAL GB 241 46.93 -66.00 -67.50
N VAL GB 242 46.32 -66.39 -66.39
CA VAL GB 242 46.82 -66.06 -65.06
C VAL GB 242 46.84 -67.36 -64.26
N HIS GB 243 47.91 -67.55 -63.48
CA HIS GB 243 48.06 -68.74 -62.65
C HIS GB 243 47.74 -68.39 -61.20
N LEU GB 244 46.77 -69.11 -60.63
CA LEU GB 244 46.31 -68.90 -59.27
C LEU GB 244 46.40 -70.22 -58.51
N TYR GB 245 46.16 -70.16 -57.20
CA TYR GB 245 46.18 -71.36 -56.38
C TYR GB 245 45.15 -71.22 -55.27
N MET GB 246 44.64 -72.36 -54.81
CA MET GB 246 43.80 -72.42 -53.63
C MET GB 246 44.58 -73.10 -52.51
N GLU GB 247 44.62 -72.46 -51.35
CA GLU GB 247 45.52 -72.83 -50.27
C GLU GB 247 44.76 -72.97 -48.96
N GLU GB 248 45.15 -73.95 -48.16
CA GLU GB 248 44.63 -74.05 -46.79
C GLU GB 248 45.62 -74.82 -45.92
N THR GB 249 45.77 -74.37 -44.68
CA THR GB 249 46.69 -74.99 -43.72
C THR GB 249 45.88 -75.63 -42.61
N MET GB 250 46.06 -76.94 -42.42
CA MET GB 250 45.16 -77.69 -41.56
C MET GB 250 45.88 -78.88 -40.93
N THR GB 251 45.19 -79.47 -39.94
CA THR GB 251 45.50 -80.79 -39.42
C THR GB 251 44.23 -81.34 -38.78
N PHE GB 252 44.22 -82.65 -38.52
CA PHE GB 252 43.06 -83.32 -37.97
C PHE GB 252 43.47 -84.19 -36.80
N LEU GB 253 42.64 -84.21 -35.75
CA LEU GB 253 42.87 -85.02 -34.57
C LEU GB 253 41.60 -85.76 -34.19
N CYS GB 254 41.76 -87.04 -33.83
CA CYS GB 254 40.69 -87.84 -33.27
C CYS GB 254 41.04 -88.19 -31.84
N TYR GB 255 40.11 -87.93 -30.92
CA TYR GB 255 40.34 -88.15 -29.50
C TYR GB 255 39.61 -89.37 -28.96
N THR GB 256 38.41 -89.63 -29.44
CA THR GB 256 37.59 -90.76 -28.99
C THR GB 256 37.56 -91.80 -30.11
N ALA GB 257 38.14 -92.98 -29.83
CA ALA GB 257 38.21 -94.03 -30.85
C ALA GB 257 36.92 -94.83 -30.93
N GLU GB 258 36.02 -94.68 -29.95
CA GLU GB 258 34.82 -95.50 -29.89
C GLU GB 258 33.58 -94.77 -30.40
N ALA GB 259 33.71 -93.58 -30.98
CA ALA GB 259 32.58 -92.78 -31.42
C ALA GB 259 32.28 -92.95 -32.91
N SER GB 260 32.92 -93.92 -33.57
CA SER GB 260 32.74 -94.10 -35.01
C SER GB 260 32.85 -95.58 -35.35
N VAL GB 261 32.22 -95.95 -36.47
CA VAL GB 261 32.29 -97.30 -37.03
C VAL GB 261 32.50 -97.14 -38.53
N ALA GB 262 33.41 -97.92 -39.07
CA ALA GB 262 33.78 -97.83 -40.48
C ALA GB 262 33.29 -99.07 -41.23
N LEU GB 263 32.82 -98.87 -42.44
CA LEU GB 263 32.36 -99.93 -43.31
C LEU GB 263 33.14 -99.85 -44.61
N THR GB 264 33.83 -100.94 -44.95
CA THR GB 264 34.72 -100.97 -46.10
C THR GB 264 34.01 -101.58 -47.30
N PRO GB 265 34.32 -101.10 -48.52
CA PRO GB 265 33.66 -101.63 -49.73
C PRO GB 265 33.83 -103.13 -49.89
N ASN HB 2 -22.43 -84.23 24.83
CA ASN HB 2 -23.09 -84.39 26.13
C ASN HB 2 -23.49 -85.84 26.35
N ASN HB 3 -24.21 -86.10 27.44
CA ASN HB 3 -24.57 -87.46 27.80
C ASN HB 3 -25.62 -88.06 26.88
N LEU HB 4 -26.26 -87.27 26.02
CA LEU HB 4 -27.24 -87.80 25.09
C LEU HB 4 -26.58 -88.71 24.05
N TYR HB 5 -25.36 -88.37 23.64
CA TYR HB 5 -24.62 -89.15 22.64
C TYR HB 5 -25.39 -89.23 21.33
N ARG HB 6 -25.93 -88.08 20.89
CA ARG HB 6 -26.63 -88.02 19.63
C ARG HB 6 -25.68 -88.08 18.44
N ASP HB 7 -24.46 -87.57 18.57
CA ASP HB 7 -23.52 -87.58 17.47
C ASP HB 7 -23.19 -89.00 17.03
N LEU HB 8 -23.42 -90.00 17.88
CA LEU HB 8 -23.14 -91.38 17.55
C LEU HB 8 -24.31 -92.09 16.89
N ALA HB 9 -25.47 -91.45 16.79
CA ALA HB 9 -26.64 -92.12 16.25
C ALA HB 9 -26.65 -92.00 14.73
N PRO HB 10 -27.12 -93.03 14.01
CA PRO HB 10 -27.22 -92.96 12.54
C PRO HB 10 -28.48 -92.24 12.08
N ILE HB 11 -28.57 -90.96 12.42
CA ILE HB 11 -29.74 -90.14 12.11
C ILE HB 11 -29.26 -88.79 11.59
N THR HB 12 -29.93 -88.29 10.55
CA THR HB 12 -29.58 -87.03 9.93
C THR HB 12 -30.20 -85.85 10.68
N GLU HB 13 -29.73 -84.65 10.35
CA GLU HB 13 -30.24 -83.44 11.00
C GLU HB 13 -31.73 -83.26 10.72
N SER HB 14 -32.16 -83.52 9.48
CA SER HB 14 -33.57 -83.34 9.14
C SER HB 14 -34.45 -84.31 9.92
N ALA HB 15 -34.04 -85.57 10.02
CA ALA HB 15 -34.84 -86.53 10.79
C ALA HB 15 -34.84 -86.19 12.27
N TRP HB 16 -33.70 -85.72 12.79
CA TRP HB 16 -33.67 -85.26 14.17
C TRP HB 16 -34.67 -84.14 14.38
N ALA HB 17 -34.71 -83.17 13.46
CA ALA HB 17 -35.65 -82.05 13.58
C ALA HB 17 -37.08 -82.56 13.54
N GLU HB 18 -37.38 -83.47 12.62
CA GLU HB 18 -38.75 -84.00 12.54
C GLU HB 18 -39.15 -84.69 13.85
N ILE HB 19 -38.26 -85.52 14.40
CA ILE HB 19 -38.58 -86.23 15.63
C ILE HB 19 -38.79 -85.24 16.77
N GLU HB 20 -37.90 -84.26 16.89
CA GLU HB 20 -38.05 -83.27 17.96
C GLU HB 20 -39.36 -82.52 17.83
N LEU HB 21 -39.71 -82.09 16.62
CA LEU HB 21 -40.95 -81.35 16.40
C LEU HB 21 -42.15 -82.21 16.77
N GLU HB 22 -42.16 -83.46 16.32
CA GLU HB 22 -43.29 -84.34 16.60
C GLU HB 22 -43.45 -84.60 18.08
N ALA HB 23 -42.35 -84.83 18.80
CA ALA HB 23 -42.44 -85.07 20.24
C ALA HB 23 -42.90 -83.81 20.98
N THR HB 24 -42.35 -82.65 20.61
CA THR HB 24 -42.73 -81.41 21.28
C THR HB 24 -44.21 -81.13 21.09
N ARG HB 25 -44.73 -81.29 19.87
CA ARG HB 25 -46.14 -81.02 19.62
C ARG HB 25 -47.02 -81.90 20.49
N THR HB 26 -46.75 -83.20 20.50
CA THR HB 26 -47.60 -84.13 21.24
C THR HB 26 -47.53 -83.88 22.74
N PHE HB 27 -46.32 -83.64 23.27
CA PHE HB 27 -46.19 -83.37 24.70
C PHE HB 27 -46.94 -82.10 25.08
N LYS HB 28 -46.78 -81.03 24.30
CA LYS HB 28 -47.47 -79.78 24.59
C LYS HB 28 -48.97 -79.94 24.47
N ARG HB 29 -49.42 -80.87 23.62
CA ARG HB 29 -50.84 -81.18 23.55
C ARG HB 29 -51.32 -81.86 24.82
N HIS HB 30 -50.60 -82.90 25.26
CA HIS HB 30 -51.08 -83.77 26.32
C HIS HB 30 -50.74 -83.29 27.72
N ILE HB 31 -49.99 -82.21 27.87
CA ILE HB 31 -49.56 -81.72 29.17
C ILE HB 31 -50.52 -80.63 29.63
N ALA HB 32 -50.83 -80.64 30.94
CA ALA HB 32 -51.78 -79.70 31.51
C ALA HB 32 -51.26 -78.96 32.74
N GLY HB 33 -50.49 -79.61 33.61
CA GLY HB 33 -50.07 -78.97 34.84
C GLY HB 33 -49.22 -77.73 34.59
N ARG HB 34 -48.40 -77.77 33.54
CA ARG HB 34 -47.51 -76.64 33.22
C ARG HB 34 -48.29 -75.37 32.92
N ARG HB 35 -49.58 -75.47 32.60
CA ARG HB 35 -50.40 -74.31 32.31
C ARG HB 35 -51.02 -73.69 33.55
N VAL HB 36 -50.94 -74.35 34.71
CA VAL HB 36 -51.57 -73.84 35.92
C VAL HB 36 -50.61 -73.87 37.11
N VAL HB 37 -49.35 -74.26 36.87
CA VAL HB 37 -48.36 -74.30 37.95
C VAL HB 37 -47.14 -73.49 37.53
N ASP HB 38 -46.58 -72.76 38.49
CA ASP HB 38 -45.34 -72.06 38.25
C ASP HB 38 -44.22 -73.06 37.98
N VAL HB 39 -43.35 -72.70 37.04
CA VAL HB 39 -42.26 -73.59 36.60
C VAL HB 39 -40.95 -72.89 36.89
N SER HB 40 -40.10 -73.54 37.68
CA SER HB 40 -38.74 -73.08 37.93
C SER HB 40 -37.84 -73.65 36.83
N GLY HB 41 -37.37 -72.78 35.95
CA GLY HB 41 -36.63 -73.19 34.78
C GLY HB 41 -35.49 -74.13 35.12
N PRO HB 42 -34.96 -74.82 34.11
CA PRO HB 42 -33.87 -75.77 34.35
C PRO HB 42 -32.70 -75.10 35.06
N ASN HB 43 -32.24 -75.73 36.13
CA ASN HB 43 -31.10 -75.24 36.90
C ASN HB 43 -29.82 -75.97 36.57
N GLY HB 44 -29.84 -76.92 35.64
CA GLY HB 44 -28.65 -77.60 35.19
C GLY HB 44 -28.59 -79.04 35.65
N PRO HB 45 -27.76 -79.85 34.99
CA PRO HB 45 -27.63 -81.25 35.41
C PRO HB 45 -27.05 -81.42 36.80
N THR HB 46 -26.35 -80.42 37.33
CA THR HB 46 -25.78 -80.50 38.67
C THR HB 46 -26.83 -80.41 39.77
N THR HB 47 -28.04 -79.98 39.45
CA THR HB 47 -29.09 -79.83 40.44
C THR HB 47 -29.67 -81.20 40.80
N ALA HB 48 -29.75 -81.46 42.11
CA ALA HB 48 -30.21 -82.76 42.61
C ALA HB 48 -31.34 -82.66 43.63
N SER HB 49 -31.51 -81.53 44.30
CA SER HB 49 -32.52 -81.43 45.35
C SER HB 49 -32.96 -79.97 45.48
N VAL HB 50 -34.08 -79.77 46.14
CA VAL HB 50 -34.65 -78.45 46.40
C VAL HB 50 -34.79 -78.28 47.90
N SER HB 51 -34.15 -77.24 48.45
CA SER HB 51 -34.23 -76.97 49.87
C SER HB 51 -35.63 -76.53 50.25
N THR HB 52 -36.08 -76.94 51.44
CA THR HB 52 -37.37 -76.49 51.95
C THR HB 52 -37.24 -75.43 53.03
N GLY HB 53 -36.03 -75.21 53.56
CA GLY HB 53 -35.84 -74.26 54.62
C GLY HB 53 -36.22 -74.75 56.00
N HIS HB 54 -36.66 -75.99 56.12
CA HIS HB 54 -37.02 -76.59 57.40
C HIS HB 54 -35.84 -77.33 58.01
N LEU HB 55 -35.97 -77.64 59.29
CA LEU HB 55 -34.94 -78.34 60.04
C LEU HB 55 -35.52 -79.62 60.65
N LEU HB 56 -34.66 -80.62 60.79
CA LEU HB 56 -35.04 -81.91 61.37
C LEU HB 56 -34.12 -82.21 62.55
N ASP HB 57 -34.71 -82.72 63.63
CA ASP HB 57 -33.94 -83.05 64.82
C ASP HB 57 -33.06 -84.27 64.58
N VAL HB 58 -31.89 -84.27 65.21
CA VAL HB 58 -30.91 -85.33 65.02
C VAL HB 58 -30.04 -85.44 66.27
N SER HB 59 -29.54 -86.64 66.52
CA SER HB 59 -28.73 -86.89 67.70
C SER HB 59 -27.46 -86.04 67.66
N PRO HB 60 -27.08 -85.41 68.78
CA PRO HB 60 -25.92 -84.51 68.73
C PRO HB 60 -24.62 -85.30 68.66
N PRO HB 61 -23.56 -84.71 68.11
CA PRO HB 61 -22.25 -85.36 68.20
C PRO HB 61 -21.78 -85.55 69.64
N GLY HB 62 -22.09 -84.61 70.52
CA GLY HB 62 -21.59 -84.68 71.88
C GLY HB 62 -22.33 -83.75 72.80
N ASP HB 63 -21.79 -83.60 74.00
CA ASP HB 63 -22.45 -82.80 75.03
C ASP HB 63 -22.38 -81.32 74.70
N GLY HB 64 -23.44 -80.60 75.07
CA GLY HB 64 -23.48 -79.15 74.86
C GLY HB 64 -23.64 -78.72 73.43
N VAL HB 65 -24.07 -79.62 72.55
CA VAL HB 65 -24.20 -79.34 71.12
C VAL HB 65 -25.61 -79.68 70.69
N ILE HB 66 -26.23 -78.76 69.94
CA ILE HB 66 -27.56 -78.96 69.38
C ILE HB 66 -27.41 -79.12 67.87
N ALA HB 67 -27.95 -80.20 67.34
CA ALA HB 67 -27.77 -80.57 65.94
C ALA HB 67 -29.11 -80.63 65.24
N HIS HB 68 -29.15 -80.11 64.01
CA HIS HB 68 -30.34 -80.16 63.16
C HIS HB 68 -29.92 -80.42 61.73
N LEU HB 69 -30.76 -81.15 60.99
CA LEU HB 69 -30.50 -81.45 59.59
C LEU HB 69 -31.39 -80.61 58.69
N ARG HB 70 -30.79 -80.06 57.64
CA ARG HB 70 -31.53 -79.30 56.64
C ARG HB 70 -32.37 -80.24 55.79
N ASP HB 71 -33.56 -79.79 55.41
CA ASP HB 71 -34.52 -80.63 54.71
C ASP HB 71 -34.58 -80.27 53.23
N ALA HB 72 -34.50 -81.29 52.39
CA ALA HB 72 -34.50 -81.10 50.95
C ALA HB 72 -35.37 -82.17 50.30
N LYS HB 73 -35.92 -81.83 49.14
CA LYS HB 73 -36.73 -82.72 48.33
C LYS HB 73 -35.90 -83.19 47.14
N PRO HB 74 -35.67 -84.49 46.99
CA PRO HB 74 -34.86 -84.97 45.86
C PRO HB 74 -35.61 -84.87 44.55
N LEU HB 75 -34.84 -84.82 43.46
CA LEU HB 75 -35.37 -84.81 42.11
C LEU HB 75 -35.35 -86.21 41.53
N VAL HB 76 -36.35 -86.53 40.72
CA VAL HB 76 -36.50 -87.86 40.14
C VAL HB 76 -36.38 -87.73 38.62
N ARG HB 77 -35.66 -88.67 38.01
CA ARG HB 77 -35.44 -88.70 36.57
C ARG HB 77 -36.36 -89.73 35.95
N LEU HB 78 -37.15 -89.32 34.96
CA LEU HB 78 -38.08 -90.20 34.25
C LEU HB 78 -37.52 -90.38 32.84
N ARG HB 79 -37.38 -91.65 32.45
CA ARG HB 79 -36.86 -92.03 31.15
C ARG HB 79 -37.82 -93.01 30.48
N VAL HB 80 -38.26 -92.68 29.27
CA VAL HB 80 -39.16 -93.54 28.51
C VAL HB 80 -38.47 -93.97 27.23
N PRO HB 81 -38.17 -95.24 27.03
CA PRO HB 81 -37.50 -95.67 25.80
C PRO HB 81 -38.48 -95.98 24.68
N PHE HB 82 -37.98 -95.84 23.46
CA PHE HB 82 -38.74 -96.18 22.26
C PHE HB 82 -37.77 -96.53 21.14
N THR HB 83 -38.32 -97.10 20.06
CA THR HB 83 -37.54 -97.63 18.96
C THR HB 83 -38.02 -97.00 17.66
N VAL HB 84 -37.08 -96.71 16.76
CA VAL HB 84 -37.38 -96.08 15.49
C VAL HB 84 -36.72 -96.88 14.36
N ALA HB 85 -37.30 -96.79 13.17
CA ALA HB 85 -36.85 -97.57 12.02
C ALA HB 85 -35.91 -96.76 11.13
N ARG HB 86 -34.78 -97.37 10.82
CA ARG HB 86 -33.77 -96.72 9.98
C ARG HB 86 -34.28 -96.45 8.57
N ARG HB 87 -35.23 -97.23 8.08
CA ARG HB 87 -35.82 -96.94 6.78
C ARG HB 87 -36.61 -95.64 6.79
N ASP HB 88 -37.46 -95.43 7.81
CA ASP HB 88 -38.16 -94.16 7.96
C ASP HB 88 -37.18 -93.02 8.17
N ILE HB 89 -36.09 -93.28 8.91
CA ILE HB 89 -35.07 -92.24 9.07
C ILE HB 89 -34.46 -91.86 7.72
N ASP HB 90 -34.09 -92.86 6.92
CA ASP HB 90 -33.39 -92.60 5.68
C ASP HB 90 -34.30 -91.94 4.64
N ASP HB 91 -35.59 -92.27 4.65
CA ASP HB 91 -36.49 -91.72 3.65
C ASP HB 91 -36.58 -90.20 3.71
N VAL HB 92 -36.26 -89.60 4.87
CA VAL HB 92 -36.44 -88.15 5.01
C VAL HB 92 -35.54 -87.40 4.04
N GLU HB 93 -34.27 -87.80 3.94
CA GLU HB 93 -33.34 -87.11 3.05
C GLU HB 93 -33.73 -87.26 1.59
N ARG HB 94 -34.62 -88.20 1.27
CA ARG HB 94 -35.18 -88.35 -0.06
C ARG HB 94 -36.42 -87.49 -0.29
N GLY HB 95 -36.62 -86.48 0.55
CA GLY HB 95 -37.80 -85.64 0.44
C GLY HB 95 -39.09 -86.36 0.79
N SER HB 96 -39.03 -87.35 1.67
CA SER HB 96 -40.23 -88.01 2.16
C SER HB 96 -40.75 -87.28 3.38
N GLN HB 97 -42.06 -87.07 3.42
CA GLN HB 97 -42.72 -86.39 4.52
C GLN HB 97 -44.01 -87.09 4.97
N ASP HB 98 -44.02 -88.43 4.94
CA ASP HB 98 -45.07 -89.21 5.57
C ASP HB 98 -44.48 -90.27 6.51
N SER HB 99 -43.28 -90.03 7.03
CA SER HB 99 -42.59 -91.02 7.84
C SER HB 99 -43.36 -91.28 9.15
N ASP HB 100 -43.21 -92.50 9.66
CA ASP HB 100 -43.93 -92.94 10.85
C ASP HB 100 -43.16 -92.53 12.10
N TRP HB 101 -43.80 -91.76 12.97
CA TRP HB 101 -43.23 -91.33 14.24
C TRP HB 101 -44.16 -91.69 15.40
N ASP HB 102 -44.98 -92.73 15.19
CA ASP HB 102 -45.93 -93.15 16.22
C ASP HB 102 -45.25 -93.56 17.52
N PRO HB 103 -44.15 -94.30 17.53
CA PRO HB 103 -43.47 -94.56 18.80
C PRO HB 103 -43.04 -93.28 19.51
N VAL HB 104 -42.58 -92.28 18.75
CA VAL HB 104 -42.22 -91.00 19.34
C VAL HB 104 -43.43 -90.39 20.03
N LYS HB 105 -44.57 -90.37 19.33
CA LYS HB 105 -45.78 -89.78 19.90
C LYS HB 105 -46.22 -90.53 21.15
N ASP HB 106 -46.16 -91.87 21.12
CA ASP HB 106 -46.56 -92.66 22.26
C ASP HB 106 -45.65 -92.40 23.47
N ALA HB 107 -44.34 -92.32 23.25
CA ALA HB 107 -43.43 -92.04 24.35
C ALA HB 107 -43.69 -90.65 24.93
N ALA HB 108 -43.93 -89.67 24.07
CA ALA HB 108 -44.24 -88.33 24.56
C ALA HB 108 -45.52 -88.35 25.40
N LYS HB 109 -46.55 -89.06 24.93
CA LYS HB 109 -47.79 -89.18 25.69
C LYS HB 109 -47.53 -89.81 27.05
N LYS HB 110 -46.73 -90.88 27.07
CA LYS HB 110 -46.44 -91.57 28.33
C LYS HB 110 -45.74 -90.65 29.31
N LEU HB 111 -44.74 -89.90 28.83
CA LEU HB 111 -44.01 -88.99 29.71
C LEU HB 111 -44.92 -87.89 30.24
N ALA HB 112 -45.75 -87.32 29.37
CA ALA HB 112 -46.68 -86.29 29.83
C ALA HB 112 -47.64 -86.85 30.88
N PHE HB 113 -48.11 -88.07 30.66
CA PHE HB 113 -49.07 -88.66 31.60
C PHE HB 113 -48.42 -88.90 32.96
N VAL HB 114 -47.20 -89.42 32.97
CA VAL HB 114 -46.54 -89.65 34.25
C VAL HB 114 -46.29 -88.33 34.97
N GLU HB 115 -45.86 -87.30 34.23
CA GLU HB 115 -45.61 -86.00 34.86
C GLU HB 115 -46.90 -85.44 35.47
N ASP HB 116 -47.99 -85.45 34.70
CA ASP HB 116 -49.24 -84.87 35.19
C ASP HB 116 -49.79 -85.69 36.35
N ARG HB 117 -49.66 -87.01 36.30
CA ARG HB 117 -50.14 -87.85 37.38
C ARG HB 117 -49.32 -87.67 38.65
N ALA HB 118 -48.01 -87.46 38.54
CA ALA HB 118 -47.22 -87.11 39.71
C ALA HB 118 -47.63 -85.76 40.28
N ILE HB 119 -47.91 -84.79 39.41
CA ILE HB 119 -48.31 -83.47 39.88
C ILE HB 119 -49.64 -83.54 40.63
N PHE HB 120 -50.62 -84.24 40.06
CA PHE HB 120 -52.00 -84.16 40.54
C PHE HB 120 -52.41 -85.29 41.47
N GLU HB 121 -51.62 -86.36 41.58
CA GLU HB 121 -52.00 -87.53 42.35
C GLU HB 121 -50.92 -87.99 43.31
N GLY HB 122 -49.66 -87.76 43.00
CA GLY HB 122 -48.56 -88.10 43.91
C GLY HB 122 -47.77 -89.29 43.42
N TYR HB 123 -46.45 -89.22 43.63
CA TYR HB 123 -45.52 -90.31 43.34
C TYR HB 123 -44.72 -90.52 44.62
N ALA HB 124 -45.19 -91.44 45.47
CA ALA HB 124 -44.71 -91.52 46.84
C ALA HB 124 -43.21 -91.83 46.90
N ALA HB 125 -42.75 -92.78 46.09
CA ALA HB 125 -41.35 -93.19 46.17
C ALA HB 125 -40.42 -92.02 45.90
N ALA HB 126 -40.86 -91.03 45.15
CA ALA HB 126 -40.11 -89.81 44.93
C ALA HB 126 -40.42 -88.73 45.97
N SER HB 127 -41.14 -89.09 47.03
CA SER HB 127 -41.52 -88.16 48.09
C SER HB 127 -42.38 -87.02 47.55
N ILE HB 128 -43.13 -87.28 46.48
CA ILE HB 128 -43.97 -86.27 45.85
C ILE HB 128 -45.40 -86.48 46.37
N GLU HB 129 -45.88 -85.51 47.15
CA GLU HB 129 -47.27 -85.50 47.58
C GLU HB 129 -48.08 -84.65 46.61
N GLY HB 130 -49.13 -85.24 46.06
CA GLY HB 130 -49.90 -84.58 45.02
C GLY HB 130 -50.84 -83.53 45.56
N ILE HB 131 -51.40 -82.76 44.62
CA ILE HB 131 -52.37 -81.73 44.98
C ILE HB 131 -53.59 -82.33 45.65
N ARG HB 132 -54.05 -83.50 45.20
CA ARG HB 132 -55.21 -84.14 45.78
C ARG HB 132 -55.02 -84.40 47.27
N SER HB 133 -53.89 -85.00 47.65
CA SER HB 133 -53.63 -85.29 49.06
C SER HB 133 -53.33 -84.02 49.84
N SER HB 134 -52.52 -83.13 49.28
CA SER HB 134 -52.11 -81.93 50.00
C SER HB 134 -53.27 -80.95 50.17
N SER HB 135 -54.35 -81.10 49.41
CA SER HB 135 -55.47 -80.17 49.52
C SER HB 135 -56.13 -80.30 50.89
N SER HB 136 -56.45 -79.15 51.48
CA SER HB 136 -57.12 -79.10 52.77
C SER HB 136 -58.63 -78.94 52.65
N ASN HB 137 -59.11 -78.29 51.60
CA ASN HB 137 -60.55 -78.13 51.41
C ASN HB 137 -61.19 -79.50 51.17
N PRO HB 138 -62.41 -79.71 51.63
CA PRO HB 138 -63.03 -81.03 51.48
C PRO HB 138 -63.20 -81.41 50.02
N ALA HB 139 -63.02 -82.70 49.74
CA ALA HB 139 -63.17 -83.21 48.39
C ALA HB 139 -64.63 -83.47 48.07
N LEU HB 140 -64.97 -83.35 46.79
CA LEU HB 140 -66.33 -83.58 46.32
C LEU HB 140 -66.38 -84.79 45.41
N ALA HB 141 -67.60 -85.17 45.03
CA ALA HB 141 -67.85 -86.32 44.17
C ALA HB 141 -68.45 -85.84 42.85
N LEU HB 142 -67.88 -86.30 41.74
CA LEU HB 142 -68.37 -85.93 40.43
C LEU HB 142 -69.62 -86.74 40.12
N PRO HB 143 -70.77 -86.11 39.87
CA PRO HB 143 -71.98 -86.89 39.61
C PRO HB 143 -71.85 -87.74 38.35
N ASP HB 144 -72.51 -88.90 38.38
CA ASP HB 144 -72.49 -89.78 37.22
C ASP HB 144 -73.08 -89.08 36.00
N ASP HB 145 -74.18 -88.35 36.20
CA ASP HB 145 -74.78 -87.58 35.12
C ASP HB 145 -73.95 -86.33 34.83
N ALA HB 146 -74.04 -85.84 33.60
CA ALA HB 146 -73.28 -84.66 33.20
C ALA HB 146 -74.00 -83.36 33.49
N ARG HB 147 -75.28 -83.41 33.88
CA ARG HB 147 -76.06 -82.19 34.03
C ARG HB 147 -75.82 -81.51 35.37
N GLU HB 148 -75.36 -82.26 36.38
CA GLU HB 148 -75.16 -81.74 37.72
C GLU HB 148 -73.73 -81.30 37.99
N ILE HB 149 -72.81 -81.49 37.03
CA ILE HB 149 -71.42 -81.12 37.26
C ILE HB 149 -71.27 -79.63 37.57
N PRO HB 150 -71.93 -78.71 36.85
CA PRO HB 150 -71.75 -77.29 37.17
C PRO HB 150 -72.12 -76.93 38.59
N ASP HB 151 -73.11 -77.59 39.18
CA ASP HB 151 -73.46 -77.32 40.57
C ASP HB 151 -72.31 -77.68 41.49
N VAL HB 152 -71.66 -78.82 41.25
CA VAL HB 152 -70.54 -79.24 42.08
C VAL HB 152 -69.37 -78.28 41.90
N ILE HB 153 -69.15 -77.80 40.66
CA ILE HB 153 -68.08 -76.83 40.44
C ILE HB 153 -68.37 -75.53 41.18
N ALA HB 154 -69.64 -75.10 41.18
CA ALA HB 154 -69.99 -73.91 41.94
C ALA HB 154 -69.77 -74.11 43.43
N GLN HB 155 -70.08 -75.31 43.94
CA GLN HB 155 -69.80 -75.63 45.33
C GLN HB 155 -68.30 -75.55 45.64
N ALA HB 156 -67.47 -76.09 44.74
CA ALA HB 156 -66.02 -76.05 44.95
C ALA HB 156 -65.50 -74.62 44.92
N LEU HB 157 -66.00 -73.80 43.99
CA LEU HB 157 -65.64 -72.40 43.99
C LEU HB 157 -66.05 -71.75 45.30
N SER HB 158 -67.25 -72.07 45.79
CA SER HB 158 -67.69 -71.54 47.08
C SER HB 158 -66.73 -71.94 48.19
N GLU HB 159 -66.22 -73.18 48.15
CA GLU HB 159 -65.30 -73.61 49.21
C GLU HB 159 -63.98 -72.84 49.16
N LEU HB 160 -63.32 -72.83 48.00
CA LEU HB 160 -62.09 -72.04 47.84
C LEU HB 160 -62.32 -70.61 48.30
N ARG HB 161 -63.41 -70.04 47.80
CA ARG HB 161 -63.67 -68.62 47.88
C ARG HB 161 -64.22 -68.22 49.24
N LEU HB 162 -64.71 -69.20 49.99
CA LEU HB 162 -64.83 -69.07 51.43
C LEU HB 162 -63.47 -69.05 52.09
N ALA HB 163 -62.62 -70.01 51.73
CA ALA HB 163 -61.33 -70.16 52.40
C ALA HB 163 -60.47 -68.91 52.24
N GLY HB 164 -60.73 -68.11 51.23
CA GLY HB 164 -60.10 -66.81 51.12
C GLY HB 164 -59.07 -66.67 50.02
N VAL HB 165 -59.04 -67.58 49.07
CA VAL HB 165 -58.09 -67.52 47.98
C VAL HB 165 -58.66 -66.68 46.85
N ASP HB 166 -57.79 -65.97 46.15
CA ASP HB 166 -58.19 -65.09 45.06
C ASP HB 166 -57.44 -65.41 43.78
N GLY HB 167 -57.59 -64.57 42.77
CA GLY HB 167 -56.96 -64.77 41.48
C GLY HB 167 -57.82 -65.61 40.56
N PRO HB 168 -57.48 -65.64 39.29
CA PRO HB 168 -58.29 -66.40 38.32
C PRO HB 168 -58.40 -67.86 38.73
N TYR HB 169 -59.58 -68.43 38.54
CA TYR HB 169 -59.84 -69.83 38.86
C TYR HB 169 -59.91 -70.64 37.57
N SER HB 170 -59.51 -71.90 37.68
CA SER HB 170 -59.39 -72.76 36.51
C SER HB 170 -59.87 -74.16 36.85
N VAL HB 171 -60.46 -74.82 35.86
CA VAL HB 171 -61.01 -76.16 36.00
C VAL HB 171 -60.24 -77.08 35.07
N LEU HB 172 -59.64 -78.12 35.64
CA LEU HB 172 -58.96 -79.16 34.88
C LEU HB 172 -59.84 -80.41 34.93
N LEU HB 173 -60.24 -80.88 33.75
CA LEU HB 173 -61.15 -82.01 33.65
C LEU HB 173 -60.46 -83.23 33.06
N SER HB 174 -60.91 -84.40 33.48
CA SER HB 174 -60.34 -85.66 33.02
C SER HB 174 -60.74 -85.90 31.57
N ALA HB 175 -60.15 -86.91 30.94
CA ALA HB 175 -60.55 -87.26 29.59
C ALA HB 175 -62.00 -87.73 29.55
N GLU HB 176 -62.37 -88.62 30.48
CA GLU HB 176 -63.72 -89.18 30.46
C GLU HB 176 -64.76 -88.12 30.80
N THR HB 177 -64.43 -87.22 31.74
CA THR HB 177 -65.35 -86.15 32.10
C THR HB 177 -65.46 -85.10 31.01
N TYR HB 178 -64.34 -84.74 30.38
CA TYR HB 178 -64.37 -83.77 29.30
C TYR HB 178 -65.15 -84.30 28.10
N THR HB 179 -64.94 -85.57 27.75
CA THR HB 179 -65.75 -86.19 26.69
C THR HB 179 -67.24 -86.11 27.03
N LYS HB 180 -67.58 -86.36 28.30
CA LYS HB 180 -68.98 -86.33 28.71
C LYS HB 180 -69.57 -84.94 28.55
N VAL HB 181 -68.90 -83.93 29.13
CA VAL HB 181 -69.43 -82.57 29.07
C VAL HB 181 -69.44 -82.05 27.65
N SER HB 182 -68.54 -82.54 26.79
CA SER HB 182 -68.52 -82.09 25.41
C SER HB 182 -69.65 -82.70 24.60
N GLU HB 183 -69.78 -84.03 24.65
CA GLU HB 183 -70.85 -84.70 23.89
C GLU HB 183 -72.22 -84.27 24.39
N THR HB 184 -72.40 -84.20 25.70
CA THR HB 184 -73.67 -83.81 26.27
C THR HB 184 -73.96 -82.34 25.95
N THR HB 185 -75.24 -82.03 25.74
CA THR HB 185 -75.67 -80.70 25.35
C THR HB 185 -76.93 -80.31 26.10
N ALA HB 186 -77.17 -79.01 26.19
CA ALA HB 186 -78.36 -78.49 26.85
C ALA HB 186 -78.69 -77.13 26.26
N HIS HB 187 -79.95 -76.94 25.88
CA HIS HB 187 -80.43 -75.66 25.32
C HIS HB 187 -79.57 -75.21 24.15
N GLY HB 188 -79.01 -76.17 23.41
CA GLY HB 188 -78.20 -75.85 22.27
C GLY HB 188 -76.77 -75.43 22.58
N TYR HB 189 -76.30 -75.67 23.80
CA TYR HB 189 -74.89 -75.47 24.14
C TYR HB 189 -74.36 -76.66 24.91
N PRO HB 190 -73.09 -77.01 24.75
CA PRO HB 190 -72.51 -78.10 25.54
C PRO HB 190 -72.44 -77.77 27.02
N ILE HB 191 -72.49 -78.85 27.81
CA ILE HB 191 -72.32 -78.73 29.25
C ILE HB 191 -70.95 -78.15 29.56
N ARG HB 192 -69.98 -78.35 28.68
CA ARG HB 192 -68.67 -77.72 28.86
C ARG HB 192 -68.75 -76.20 28.80
N GLU HB 193 -69.51 -75.66 27.84
CA GLU HB 193 -69.72 -74.22 27.82
C GLU HB 193 -70.48 -73.77 29.06
N HIS HB 194 -71.48 -74.56 29.47
CA HIS HB 194 -72.15 -74.27 30.73
C HIS HB 194 -71.14 -74.11 31.87
N ILE HB 195 -70.18 -75.03 31.96
CA ILE HB 195 -69.15 -74.93 32.99
C ILE HB 195 -68.31 -73.67 32.80
N ASN HB 196 -67.85 -73.44 31.57
CA ASN HB 196 -66.97 -72.30 31.29
C ASN HB 196 -67.61 -71.00 31.74
N ARG HB 197 -68.93 -70.89 31.63
CA ARG HB 197 -69.61 -69.64 31.96
C ARG HB 197 -69.29 -69.15 33.37
N LEU HB 198 -68.97 -70.06 34.29
CA LEU HB 198 -68.82 -69.71 35.70
C LEU HB 198 -67.45 -69.10 36.00
N VAL HB 199 -66.38 -69.75 35.55
CA VAL HB 199 -65.03 -69.38 35.96
C VAL HB 199 -64.55 -68.18 35.15
N ASP HB 200 -63.50 -67.54 35.66
CA ASP HB 200 -62.85 -66.42 34.99
C ASP HB 200 -61.65 -66.86 34.16
N GLY HB 201 -61.07 -68.03 34.46
CA GLY HB 201 -59.90 -68.49 33.75
C GLY HB 201 -60.21 -69.32 32.52
N GLU HB 202 -59.72 -70.57 32.52
CA GLU HB 202 -59.84 -71.43 31.35
C GLU HB 202 -60.28 -72.82 31.77
N ILE HB 203 -60.79 -73.57 30.81
CA ILE HB 203 -61.08 -74.99 30.96
C ILE HB 203 -59.95 -75.78 30.33
N ILE HB 204 -59.39 -76.75 31.05
CA ILE HB 204 -58.17 -77.45 30.64
C ILE HB 204 -58.42 -78.96 30.57
N TRP HB 205 -57.85 -79.58 29.55
CA TRP HB 205 -57.78 -81.04 29.41
C TRP HB 205 -56.75 -81.61 30.38
N ALA HB 206 -57.15 -82.62 31.14
CA ALA HB 206 -56.22 -83.34 32.00
C ALA HB 206 -56.42 -84.84 31.85
N PRO HB 207 -55.97 -85.45 30.75
CA PRO HB 207 -56.28 -86.87 30.54
C PRO HB 207 -55.62 -87.75 31.57
N ALA HB 208 -54.41 -87.39 32.01
CA ALA HB 208 -53.66 -88.20 32.95
C ALA HB 208 -54.36 -88.29 34.29
N ILE HB 209 -54.99 -87.21 34.74
CA ILE HB 209 -55.62 -87.18 36.06
C ILE HB 209 -56.95 -87.92 35.97
N ASP HB 210 -57.52 -88.24 37.12
CA ASP HB 210 -58.80 -88.92 37.22
C ASP HB 210 -59.72 -88.07 38.09
N GLY HB 211 -60.83 -87.59 37.50
CA GLY HB 211 -61.77 -86.77 38.22
C GLY HB 211 -61.83 -85.35 37.68
N ALA HB 212 -61.71 -84.37 38.57
CA ALA HB 212 -61.70 -82.97 38.17
C ALA HB 212 -61.03 -82.16 39.27
N PHE HB 213 -60.57 -80.95 38.92
CA PHE HB 213 -59.87 -80.11 39.89
C PHE HB 213 -60.24 -78.66 39.61
N VAL HB 214 -60.57 -77.92 40.67
CA VAL HB 214 -60.80 -76.48 40.56
C VAL HB 214 -59.76 -75.79 41.42
N LEU HB 215 -58.94 -74.93 40.82
CA LEU HB 215 -57.82 -74.36 41.56
C LEU HB 215 -57.58 -72.91 41.15
N SER HB 216 -56.89 -72.18 42.03
CA SER HB 216 -56.54 -70.81 41.77
C SER HB 216 -55.20 -70.73 41.03
N THR HB 217 -55.03 -69.64 40.27
CA THR HB 217 -53.81 -69.41 39.50
C THR HB 217 -53.21 -68.04 39.83
N ARG HB 218 -53.45 -67.54 41.04
CA ARG HB 218 -52.81 -66.30 41.46
C ARG HB 218 -51.30 -66.41 41.43
N GLY HB 219 -50.76 -67.55 41.85
CA GLY HB 219 -49.33 -67.77 41.86
C GLY HB 219 -48.78 -67.99 43.25
N GLY HB 220 -47.67 -68.71 43.34
CA GLY HB 220 -47.02 -68.96 44.61
C GLY HB 220 -47.54 -70.12 45.41
N ASP HB 221 -48.42 -70.95 44.82
CA ASP HB 221 -48.98 -72.09 45.52
C ASP HB 221 -48.49 -73.44 45.01
N PHE HB 222 -48.09 -73.53 43.75
CA PHE HB 222 -47.58 -74.78 43.18
C PHE HB 222 -46.29 -74.48 42.45
N ASP HB 223 -45.31 -75.38 42.59
CA ASP HB 223 -43.99 -75.20 41.99
C ASP HB 223 -43.53 -76.52 41.36
N LEU HB 224 -43.33 -76.50 40.04
CA LEU HB 224 -42.74 -77.63 39.33
C LEU HB 224 -41.27 -77.32 39.11
N GLN HB 225 -40.41 -77.99 39.86
CA GLN HB 225 -38.98 -77.78 39.76
C GLN HB 225 -38.38 -78.74 38.73
N LEU HB 226 -37.65 -78.19 37.76
CA LEU HB 226 -37.00 -78.97 36.72
C LEU HB 226 -35.49 -78.80 36.83
N GLY HB 227 -34.77 -79.92 36.80
CA GLY HB 227 -33.33 -79.87 36.68
C GLY HB 227 -32.93 -79.74 35.23
N THR HB 228 -33.48 -80.63 34.40
CA THR HB 228 -33.33 -80.56 32.96
C THR HB 228 -34.69 -80.81 32.31
N ASP HB 229 -34.99 -80.05 31.27
CA ASP HB 229 -36.27 -80.17 30.59
C ASP HB 229 -36.28 -81.45 29.75
N VAL HB 230 -37.36 -81.66 28.99
CA VAL HB 230 -37.50 -82.86 28.19
C VAL HB 230 -36.38 -82.90 27.15
N SER HB 231 -35.72 -84.07 27.04
CA SER HB 231 -34.64 -84.25 26.09
C SER HB 231 -34.76 -85.63 25.47
N ILE HB 232 -34.18 -85.79 24.28
CA ILE HB 232 -34.20 -87.06 23.54
C ILE HB 232 -32.76 -87.53 23.38
N GLY HB 233 -32.52 -88.80 23.70
CA GLY HB 233 -31.19 -89.37 23.65
C GLY HB 233 -31.09 -90.66 22.87
N TYR HB 234 -29.90 -91.25 22.85
CA TYR HB 234 -29.59 -92.44 22.07
C TYR HB 234 -28.93 -93.48 22.97
N LEU HB 235 -29.37 -94.73 22.90
CA LEU HB 235 -28.75 -95.81 23.66
C LEU HB 235 -27.91 -96.73 22.78
N SER HB 236 -28.50 -97.28 21.73
CA SER HB 236 -27.82 -98.22 20.86
C SER HB 236 -28.55 -98.26 19.53
N HIS HB 237 -28.04 -99.06 18.59
CA HIS HB 237 -28.63 -99.12 17.26
C HIS HB 237 -28.29 -100.47 16.64
N ASP HB 238 -29.00 -100.78 15.55
CA ASP HB 238 -28.90 -102.05 14.87
C ASP HB 238 -29.01 -101.78 13.37
N ALA HB 239 -28.88 -102.83 12.56
CA ALA HB 239 -29.00 -102.69 11.12
C ALA HB 239 -30.39 -102.23 10.68
N GLU HB 240 -31.38 -102.32 11.57
CA GLU HB 240 -32.77 -102.00 11.22
C GLU HB 240 -33.38 -100.91 12.08
N VAL HB 241 -32.97 -100.78 13.34
CA VAL HB 241 -33.64 -99.91 14.28
C VAL HB 241 -32.62 -99.12 15.09
N VAL HB 242 -33.10 -98.06 15.75
CA VAL HB 242 -32.32 -97.28 16.69
C VAL HB 242 -33.16 -97.14 17.96
N HIS HB 243 -32.51 -97.29 19.11
CA HIS HB 243 -33.19 -97.17 20.40
C HIS HB 243 -32.88 -95.81 21.02
N LEU HB 244 -33.93 -95.05 21.31
CA LEU HB 244 -33.83 -93.71 21.87
C LEU HB 244 -34.66 -93.66 23.15
N TYR HB 245 -34.53 -92.54 23.87
CA TYR HB 245 -35.31 -92.35 25.08
C TYR HB 245 -35.65 -90.88 25.23
N MET HB 246 -36.76 -90.61 25.91
CA MET HB 246 -37.13 -89.26 26.31
C MET HB 246 -36.98 -89.15 27.82
N GLU HB 247 -36.27 -88.11 28.27
CA GLU HB 247 -35.80 -87.99 29.64
C GLU HB 247 -36.16 -86.62 30.20
N GLU HB 248 -36.54 -86.60 31.48
CA GLU HB 248 -36.72 -85.34 32.19
C GLU HB 248 -36.54 -85.54 33.69
N THR HB 249 -35.88 -84.59 34.34
CA THR HB 249 -35.62 -84.64 35.78
C THR HB 249 -36.44 -83.56 36.48
N MET HB 250 -37.29 -83.96 37.41
CA MET HB 250 -38.29 -83.05 37.96
C MET HB 250 -38.63 -83.41 39.39
N THR HB 251 -39.35 -82.48 40.03
CA THR HB 251 -40.08 -82.72 41.26
C THR HB 251 -41.19 -81.67 41.36
N PHE HB 252 -42.14 -81.91 42.25
CA PHE HB 252 -43.30 -81.03 42.40
C PHE HB 252 -43.50 -80.71 43.88
N LEU HB 253 -43.85 -79.46 44.16
CA LEU HB 253 -44.12 -79.01 45.52
C LEU HB 253 -45.43 -78.20 45.55
N CYS HB 254 -46.24 -78.47 46.57
CA CYS HB 254 -47.44 -77.67 46.85
C CYS HB 254 -47.22 -76.96 48.18
N TYR HB 255 -47.46 -75.64 48.18
CA TYR HB 255 -47.24 -74.82 49.37
C TYR HB 255 -48.54 -74.40 50.03
N THR HB 256 -49.58 -74.10 49.26
CA THR HB 256 -50.86 -73.66 49.77
C THR HB 256 -51.87 -74.80 49.59
N ALA HB 257 -52.36 -75.34 50.70
CA ALA HB 257 -53.28 -76.46 50.65
C ALA HB 257 -54.72 -76.02 50.40
N GLU HB 258 -55.00 -74.72 50.51
CA GLU HB 258 -56.36 -74.21 50.40
C GLU HB 258 -56.67 -73.59 49.04
N ALA HB 259 -55.76 -73.70 48.07
CA ALA HB 259 -55.94 -73.09 46.77
C ALA HB 259 -56.51 -74.04 45.72
N SER HB 260 -56.95 -75.23 46.13
CA SER HB 260 -57.45 -76.22 45.18
C SER HB 260 -58.58 -77.03 45.83
N VAL HB 261 -59.43 -77.58 44.99
CA VAL HB 261 -60.52 -78.47 45.38
C VAL HB 261 -60.52 -79.64 44.41
N ALA HB 262 -60.63 -80.85 44.94
CA ALA HB 262 -60.57 -82.06 44.13
C ALA HB 262 -61.95 -82.71 44.08
N LEU HB 263 -62.30 -83.24 42.91
CA LEU HB 263 -63.54 -83.96 42.70
C LEU HB 263 -63.21 -85.35 42.18
N THR HB 264 -63.68 -86.36 42.90
CA THR HB 264 -63.34 -87.74 42.60
C THR HB 264 -64.45 -88.40 41.78
N PRO HB 265 -64.10 -89.31 40.85
CA PRO HB 265 -65.11 -89.95 40.01
C PRO HB 265 -66.18 -90.68 40.82
#